data_4V4C
#
_entry.id   4V4C
#
_cell.length_a   174.022
_cell.length_b   179.641
_cell.length_c   181.225
_cell.angle_alpha   63.69
_cell.angle_beta   63.98
_cell.angle_gamma   64.90
#
_symmetry.space_group_name_H-M   'P 1'
#
loop_
_entity.id
_entity.type
_entity.pdbx_description
1 polymer 'Pyrogallol hydroxytransferase large subunit'
2 polymer 'Pyrogallol hydroxytransferase small subunit'
3 non-polymer 'ACETATE ION'
4 non-polymer 'CALCIUM ION'
5 non-polymer '2-AMINO-5,6-DIMERCAPTO-7-METHYL-3,7,8A,9-TETRAHYDRO-8-OXA-1,3,9,10-TETRAAZA-ANTHRACEN-4-ONE GUANOSINE DINUCLEOTIDE'
6 non-polymer 'MOLYBDENUM(IV) ION'
7 non-polymer 'IRON/SULFUR CLUSTER'
8 water water
#
loop_
_entity_poly.entity_id
_entity_poly.type
_entity_poly.pdbx_seq_one_letter_code
_entity_poly.pdbx_strand_id
1 'polypeptide(L)'
;MGEVVRLTNSSTGGPVFVYVKDGKIIRMTPMDFDDAVDAPSWKIEARGKTFTPPRKTSIAPYTAGFKSMIYSDLRIPYPM
KRKSFDPNGERNPQLRGAGLSKQDPWSDYERISWDEATDIVVAEINRIKHAYGPSAILSTPSSHHMWGNVGYRHSTYFRF
MNMMGFTYADHNPDSWEGWHWGGMHMWGFSWRLGNPEQYDLLEDGLKHAEMIVFWSSDPETNSGIYAGFESNIRRQWLKD
LGVDFVFIDPHMNHTARLVADKWFSPKIGTDHALSFAIAYTWLKEDSYDKEYVAANAHGFEEWADYVLGKTDGTPKTCEW
AEEESGVPACEIRALARQWAKKNTYLAAGGLGGWGGACRASHGIEWARGMIALATMQGMGKPGSNMWSTTQGVPLDYEFY
FPGYAEGGISGDCENSAAGFKFAWRMFDGKTTFPSPSNLNTSAGQHIPRLKIPECIMGGKFQWSGKGFAGGDISHQLHQY
EYPAPGYSKIKMFWKYGGPHLGTMTATNRYAKMYTHDSLEFVVSQSIWFEGEVPFADIILPACTNFERWDISEFANCSGY
IPDNYQLCNHRVISLQAKCIEPVGESMSDYEIYRLFAKKLNIEEMFSEGKDELAWCEQYFNATDMPKYMTWDEFFKKGYF
VVPDNPNRKKTVALRWFAEGREKDTPDWGPRLNNQVCRKGLQTTTGKVEFIATSLKNFEEQGYIDEHRPSMHTYVPAWES
QKHSPLAVKYPLGMLSPHPRFSMHTMGDGKNSYMNYIKDHRVEVDGYKYWIMRVNSIDAEARGIKNGDLIRAYNDRGSVI
LAAQVTECLQPGTVHSYESCAVYDPLGTAGKSADRGGCINILTPDRYISKYACGMANNTALVEIEKWDGDKYEIY
;
A,C,E,G,I,K,M,O,Q,S,U,W
2 'polypeptide(L)'
;MEQYYMVIDVAKCQDCNNCFMGCMDEHELNEWPGYTASMQRGHRWMNIERRERGTYPRNDINYRPTPCMHCENAPCVAKG
NGAVYQREDGIVLIDPEKAKGKKELLDTCPYGVMYWNEEENVAQKCTMCAHLLDDESWAPKMPRCAHNCGSFVYEFLKTT
PEAMAKKVEEEGLEVIKPELGTKPRVYYKNLYRFEKNYVTAGILVQGDCFEGAKVVLKSGGKEVASAETNFFGEFKFDAL
DNGEYTVEIDADGKSYSDTVVIDDKSVDLGFIKL
;
B,D,F,H,J,L,N,P,R,T,V,X
#
# COMPACT_ATOMS: atom_id res chain seq x y z
N MET A 1 69.25 -41.71 6.31
CA MET A 1 70.14 -42.91 6.34
C MET A 1 70.31 -43.41 7.78
N GLY A 2 69.97 -42.56 8.75
CA GLY A 2 70.08 -42.93 10.15
C GLY A 2 69.06 -42.26 11.06
N GLU A 3 69.32 -42.32 12.36
CA GLU A 3 68.41 -41.72 13.33
C GLU A 3 68.85 -40.32 13.75
N VAL A 4 67.97 -39.64 14.47
CA VAL A 4 68.26 -38.31 14.97
C VAL A 4 69.04 -38.45 16.27
N VAL A 5 70.03 -37.58 16.46
CA VAL A 5 70.84 -37.63 17.67
C VAL A 5 70.89 -36.24 18.30
N ARG A 6 70.77 -36.19 19.63
CA ARG A 6 70.81 -34.93 20.34
C ARG A 6 72.25 -34.65 20.77
N LEU A 7 72.81 -33.55 20.29
CA LEU A 7 74.16 -33.16 20.64
C LEU A 7 74.15 -31.84 21.38
N THR A 8 75.33 -31.39 21.80
CA THR A 8 75.43 -30.14 22.54
C THR A 8 76.40 -29.19 21.85
N ASN A 9 76.17 -27.90 22.05
CA ASN A 9 77.02 -26.86 21.52
C ASN A 9 76.52 -25.60 22.18
N SER A 10 77.22 -24.49 21.96
CA SER A 10 76.80 -23.25 22.56
C SER A 10 76.96 -22.12 21.57
N SER A 11 76.69 -20.90 22.02
CA SER A 11 76.81 -19.73 21.18
C SER A 11 76.90 -18.51 22.08
N THR A 12 77.00 -17.34 21.45
CA THR A 12 77.07 -16.09 22.19
C THR A 12 75.68 -15.78 22.74
N GLY A 13 74.68 -16.54 22.29
CA GLY A 13 73.32 -16.34 22.73
C GLY A 13 72.81 -17.45 23.63
N GLY A 14 73.74 -18.25 24.16
CA GLY A 14 73.36 -19.33 25.06
C GLY A 14 73.62 -20.74 24.58
N PRO A 15 73.70 -21.71 25.50
CA PRO A 15 73.94 -23.11 25.19
C PRO A 15 72.72 -23.67 24.47
N VAL A 16 72.91 -24.72 23.70
CA VAL A 16 71.79 -25.30 22.97
C VAL A 16 71.93 -26.78 22.77
N PHE A 17 70.79 -27.42 22.57
CA PHE A 17 70.76 -28.84 22.29
C PHE A 17 70.59 -28.82 20.77
N VAL A 18 71.42 -29.58 20.07
CA VAL A 18 71.36 -29.62 18.62
C VAL A 18 70.95 -31.02 18.14
N TYR A 19 69.90 -31.09 17.35
CA TYR A 19 69.44 -32.38 16.85
C TYR A 19 69.98 -32.58 15.44
N VAL A 20 70.69 -33.70 15.25
CA VAL A 20 71.30 -34.01 13.97
C VAL A 20 70.83 -35.35 13.41
N LYS A 21 70.78 -35.43 12.08
CA LYS A 21 70.37 -36.64 11.38
C LYS A 21 71.02 -36.61 10.00
N ASP A 22 71.73 -37.69 9.66
CA ASP A 22 72.39 -37.81 8.37
C ASP A 22 73.31 -36.64 8.02
N GLY A 23 74.09 -36.19 9.01
CA GLY A 23 75.01 -35.09 8.79
C GLY A 23 74.33 -33.74 8.58
N LYS A 24 73.08 -33.64 9.00
CA LYS A 24 72.36 -32.39 8.84
C LYS A 24 71.75 -31.91 10.16
N ILE A 25 71.87 -30.62 10.43
CA ILE A 25 71.30 -30.05 11.65
C ILE A 25 69.81 -29.85 11.39
N ILE A 26 68.99 -30.46 12.25
CA ILE A 26 67.53 -30.37 12.11
C ILE A 26 66.94 -29.23 12.93
N ARG A 27 67.47 -29.01 14.13
CA ARG A 27 66.98 -27.94 15.00
C ARG A 27 67.94 -27.65 16.16
N MET A 28 67.75 -26.49 16.78
CA MET A 28 68.55 -26.08 17.93
C MET A 28 67.56 -25.56 18.94
N THR A 29 67.75 -25.93 20.20
CA THR A 29 66.80 -25.53 21.24
C THR A 29 67.45 -25.18 22.57
N PRO A 30 66.66 -24.59 23.50
CA PRO A 30 67.16 -24.22 24.82
C PRO A 30 67.39 -25.56 25.52
N MET A 31 68.11 -25.55 26.64
CA MET A 31 68.40 -26.78 27.36
C MET A 31 67.58 -27.03 28.61
N ASP A 32 67.04 -28.24 28.69
CA ASP A 32 66.29 -28.69 29.83
C ASP A 32 67.15 -29.51 30.77
N PHE A 33 67.08 -29.30 32.05
CA PHE A 33 67.92 -30.07 32.96
C PHE A 33 67.25 -31.40 33.31
N ASP A 34 68.06 -32.45 33.46
CA ASP A 34 67.57 -33.77 33.84
C ASP A 34 67.93 -33.90 35.31
N ASP A 35 66.95 -33.65 36.17
CA ASP A 35 67.15 -33.68 37.62
C ASP A 35 67.67 -35.00 38.19
N ALA A 36 67.84 -36.00 37.35
CA ALA A 36 68.36 -37.28 37.80
C ALA A 36 69.88 -37.25 37.77
N VAL A 37 70.43 -36.33 36.98
CA VAL A 37 71.87 -36.21 36.85
C VAL A 37 72.41 -34.78 36.95
N ASP A 38 71.52 -33.79 37.03
CA ASP A 38 71.94 -32.41 37.12
C ASP A 38 71.65 -31.83 38.49
N ALA A 39 72.70 -31.31 39.12
CA ALA A 39 72.63 -30.73 40.47
C ALA A 39 71.48 -29.74 40.69
N PRO A 40 70.93 -29.72 41.91
CA PRO A 40 69.84 -28.84 42.34
C PRO A 40 70.24 -27.38 42.22
N SER A 41 69.25 -26.50 42.08
CA SER A 41 69.51 -25.06 41.96
C SER A 41 69.55 -24.39 43.30
N TRP A 42 70.11 -23.18 43.32
CA TRP A 42 70.19 -22.38 44.52
C TRP A 42 68.78 -21.95 44.88
N LYS A 43 68.62 -21.42 46.09
CA LYS A 43 67.35 -20.92 46.56
C LYS A 43 67.67 -19.66 47.33
N ILE A 44 66.75 -18.71 47.31
CA ILE A 44 66.93 -17.47 48.04
C ILE A 44 65.63 -17.16 48.76
N GLU A 45 65.70 -17.00 50.07
CA GLU A 45 64.52 -16.66 50.85
C GLU A 45 64.64 -15.17 51.13
N ALA A 46 63.63 -14.42 50.74
CA ALA A 46 63.65 -12.98 50.93
C ALA A 46 62.23 -12.49 51.02
N ARG A 47 62.02 -11.53 51.90
CA ARG A 47 60.70 -10.95 52.12
C ARG A 47 59.56 -11.95 52.10
N GLY A 48 59.72 -13.03 52.88
CA GLY A 48 58.69 -14.05 52.99
C GLY A 48 58.52 -15.08 51.90
N LYS A 49 59.30 -15.00 50.84
CA LYS A 49 59.15 -15.98 49.75
C LYS A 49 60.40 -16.81 49.51
N THR A 50 60.26 -17.77 48.61
CA THR A 50 61.38 -18.63 48.24
C THR A 50 61.58 -18.49 46.74
N PHE A 51 62.74 -17.99 46.36
CA PHE A 51 63.05 -17.79 44.96
C PHE A 51 64.08 -18.80 44.47
N THR A 52 63.71 -19.55 43.44
CA THR A 52 64.60 -20.54 42.85
C THR A 52 64.39 -20.49 41.33
N PRO A 53 65.48 -20.52 40.55
CA PRO A 53 65.40 -20.47 39.10
C PRO A 53 64.79 -21.70 38.43
N PRO A 54 64.38 -21.55 37.16
CA PRO A 54 63.78 -22.65 36.39
C PRO A 54 64.88 -23.65 36.03
N ARG A 55 64.53 -24.94 36.05
CA ARG A 55 65.49 -25.99 35.71
C ARG A 55 65.74 -25.97 34.21
N LYS A 56 66.05 -24.80 33.66
CA LYS A 56 66.25 -24.69 32.22
C LYS A 56 67.07 -23.47 31.81
N THR A 57 67.73 -23.56 30.66
CA THR A 57 68.52 -22.45 30.13
C THR A 57 67.62 -21.69 29.16
N SER A 58 68.11 -20.56 28.65
CA SER A 58 67.35 -19.74 27.72
C SER A 58 68.26 -19.25 26.60
N ILE A 59 67.68 -18.85 25.47
CA ILE A 59 68.48 -18.39 24.35
C ILE A 59 68.05 -17.03 23.81
N ALA A 60 68.95 -16.41 23.05
CA ALA A 60 68.66 -15.14 22.43
C ALA A 60 68.11 -15.38 21.03
N PRO A 61 67.45 -14.38 20.45
CA PRO A 61 66.86 -14.46 19.11
C PRO A 61 67.85 -14.95 18.04
N TYR A 62 69.00 -14.30 17.96
CA TYR A 62 70.01 -14.62 16.97
C TYR A 62 70.54 -16.04 17.09
N THR A 63 70.37 -16.65 18.26
CA THR A 63 70.80 -18.03 18.43
C THR A 63 69.65 -18.94 18.00
N ALA A 64 68.43 -18.54 18.32
CA ALA A 64 67.26 -19.34 17.97
C ALA A 64 67.20 -19.59 16.47
N GLY A 65 67.71 -18.63 15.69
CA GLY A 65 67.70 -18.77 14.25
C GLY A 65 69.09 -18.98 13.66
N PHE A 66 70.04 -19.33 14.51
CA PHE A 66 71.42 -19.53 14.07
C PHE A 66 71.61 -20.53 12.93
N LYS A 67 70.75 -21.53 12.85
CA LYS A 67 70.88 -22.52 11.79
C LYS A 67 70.92 -21.86 10.42
N SER A 68 70.13 -20.80 10.24
CA SER A 68 70.09 -20.10 8.96
C SER A 68 71.39 -19.35 8.63
N MET A 69 72.26 -19.16 9.61
CA MET A 69 73.53 -18.48 9.37
C MET A 69 74.56 -19.53 8.96
N ILE A 70 74.51 -20.67 9.62
CA ILE A 70 75.42 -21.78 9.33
C ILE A 70 75.27 -22.25 7.88
N TYR A 71 74.04 -22.32 7.42
CA TYR A 71 73.75 -22.77 6.08
C TYR A 71 73.48 -21.62 5.12
N SER A 72 74.01 -20.46 5.46
CA SER A 72 73.82 -19.27 4.65
C SER A 72 74.41 -19.38 3.24
N ASP A 73 73.78 -18.71 2.29
CA ASP A 73 74.30 -18.73 0.93
C ASP A 73 75.33 -17.60 0.75
N LEU A 74 75.45 -16.73 1.76
CA LEU A 74 76.44 -15.65 1.73
C LEU A 74 77.69 -16.18 2.44
N ARG A 75 77.58 -17.42 2.89
CA ARG A 75 78.65 -18.14 3.56
C ARG A 75 79.78 -18.30 2.52
N ILE A 76 81.01 -17.94 2.88
CA ILE A 76 82.12 -18.06 1.93
C ILE A 76 82.29 -19.54 1.53
N PRO A 77 82.15 -19.83 0.23
CA PRO A 77 82.23 -21.17 -0.40
C PRO A 77 83.57 -21.88 -0.39
N TYR A 78 84.62 -21.17 -0.80
CA TYR A 78 85.94 -21.76 -0.89
C TYR A 78 86.92 -20.59 -0.99
N PRO A 79 88.23 -20.87 -0.92
CA PRO A 79 89.20 -19.77 -1.02
C PRO A 79 88.92 -18.97 -2.29
N MET A 80 89.06 -17.65 -2.19
CA MET A 80 88.79 -16.77 -3.32
C MET A 80 89.94 -15.80 -3.56
N LYS A 81 90.09 -15.36 -4.81
CA LYS A 81 91.15 -14.43 -5.18
C LYS A 81 90.59 -13.30 -6.05
N ARG A 82 90.98 -12.07 -5.75
CA ARG A 82 90.52 -10.93 -6.52
C ARG A 82 91.14 -11.06 -7.90
N LYS A 83 90.30 -11.07 -8.94
CA LYS A 83 90.77 -11.21 -10.31
C LYS A 83 91.82 -10.17 -10.67
N SER A 84 91.56 -8.90 -10.33
CA SER A 84 92.48 -7.81 -10.65
C SER A 84 93.77 -7.83 -9.83
N PHE A 85 93.94 -8.84 -8.97
CA PHE A 85 95.14 -8.93 -8.14
C PHE A 85 96.18 -9.90 -8.69
N ASP A 86 97.38 -9.39 -8.97
CA ASP A 86 98.46 -10.23 -9.48
C ASP A 86 99.69 -10.07 -8.58
N PRO A 87 100.01 -11.10 -7.77
CA PRO A 87 101.16 -11.04 -6.88
C PRO A 87 102.43 -10.59 -7.60
N ASN A 88 102.69 -11.19 -8.76
CA ASN A 88 103.89 -10.88 -9.53
C ASN A 88 103.73 -9.88 -10.67
N GLY A 89 102.66 -9.08 -10.62
CA GLY A 89 102.44 -8.10 -11.66
C GLY A 89 101.67 -6.91 -11.12
N GLU A 90 100.62 -6.52 -11.83
CA GLU A 90 99.79 -5.39 -11.40
C GLU A 90 98.95 -5.84 -10.22
N ARG A 91 99.19 -5.21 -9.06
CA ARG A 91 98.43 -5.56 -7.87
C ARG A 91 97.11 -4.80 -7.86
N ASN A 92 97.05 -3.73 -8.63
CA ASN A 92 95.86 -2.90 -8.74
C ASN A 92 95.19 -2.63 -7.40
N PRO A 93 95.88 -1.90 -6.51
CA PRO A 93 95.32 -1.58 -5.20
C PRO A 93 94.03 -0.78 -5.35
N GLN A 94 94.03 0.11 -6.32
CA GLN A 94 92.88 0.96 -6.58
C GLN A 94 91.61 0.23 -7.00
N LEU A 95 91.69 -1.08 -7.21
CA LEU A 95 90.52 -1.83 -7.64
C LEU A 95 89.92 -2.70 -6.54
N ARG A 96 90.38 -2.48 -5.30
CA ARG A 96 89.83 -3.23 -4.18
C ARG A 96 88.45 -2.63 -3.96
N GLY A 97 87.43 -3.49 -3.97
CA GLY A 97 86.08 -3.01 -3.78
C GLY A 97 85.46 -2.48 -5.06
N ALA A 98 86.07 -2.75 -6.20
CA ALA A 98 85.52 -2.27 -7.47
C ALA A 98 84.15 -2.90 -7.71
N GLY A 99 84.03 -4.19 -7.44
CA GLY A 99 82.74 -4.86 -7.63
C GLY A 99 81.66 -4.22 -6.78
N LEU A 100 82.02 -3.92 -5.54
CA LEU A 100 81.10 -3.30 -4.60
C LEU A 100 80.66 -1.94 -5.13
N SER A 101 81.57 -1.27 -5.84
CA SER A 101 81.30 0.05 -6.41
C SER A 101 80.37 0.00 -7.61
N LYS A 102 80.18 -1.20 -8.16
CA LYS A 102 79.28 -1.38 -9.30
C LYS A 102 78.16 -2.32 -8.88
N GLN A 103 77.95 -2.40 -7.58
CA GLN A 103 76.91 -3.22 -6.98
C GLN A 103 76.92 -4.70 -7.34
N ASP A 104 78.13 -5.26 -7.45
CA ASP A 104 78.29 -6.68 -7.76
C ASP A 104 79.64 -7.13 -7.19
N PRO A 105 79.71 -7.34 -5.86
CA PRO A 105 80.90 -7.77 -5.12
C PRO A 105 81.48 -9.10 -5.60
N TRP A 106 80.61 -10.10 -5.68
CA TRP A 106 81.01 -11.44 -6.08
C TRP A 106 81.80 -11.53 -7.37
N SER A 107 81.49 -10.67 -8.35
CA SER A 107 82.17 -10.73 -9.64
C SER A 107 83.63 -10.29 -9.60
N ASP A 108 84.08 -9.79 -8.47
CA ASP A 108 85.47 -9.34 -8.33
C ASP A 108 86.36 -10.54 -8.04
N TYR A 109 85.76 -11.65 -7.61
CA TYR A 109 86.54 -12.83 -7.26
C TYR A 109 86.39 -14.09 -8.11
N GLU A 110 87.41 -14.92 -8.05
CA GLU A 110 87.45 -16.18 -8.76
C GLU A 110 87.83 -17.23 -7.72
N ARG A 111 87.58 -18.49 -8.04
CA ARG A 111 87.89 -19.57 -7.12
C ARG A 111 89.30 -20.12 -7.29
N ILE A 112 89.93 -20.45 -6.16
CA ILE A 112 91.27 -21.03 -6.16
C ILE A 112 91.32 -22.08 -5.05
N SER A 113 92.33 -22.95 -5.11
CA SER A 113 92.48 -24.01 -4.11
C SER A 113 93.05 -23.48 -2.81
N TRP A 114 93.00 -24.31 -1.77
CA TRP A 114 93.54 -23.93 -0.48
C TRP A 114 95.05 -23.90 -0.61
N ASP A 115 95.59 -24.89 -1.31
CA ASP A 115 97.02 -24.99 -1.50
C ASP A 115 97.58 -23.74 -2.15
N GLU A 116 96.81 -23.14 -3.06
CA GLU A 116 97.28 -21.94 -3.73
C GLU A 116 97.06 -20.68 -2.92
N ALA A 117 95.91 -20.60 -2.27
CA ALA A 117 95.59 -19.44 -1.45
C ALA A 117 96.68 -19.26 -0.41
N THR A 118 97.06 -20.34 0.26
CA THR A 118 98.08 -20.26 1.30
C THR A 118 99.48 -20.06 0.71
N ASP A 119 99.73 -20.61 -0.48
CA ASP A 119 101.02 -20.44 -1.12
C ASP A 119 101.23 -18.95 -1.41
N ILE A 120 100.17 -18.30 -1.85
CA ILE A 120 100.22 -16.89 -2.17
C ILE A 120 100.43 -16.05 -0.91
N VAL A 121 99.66 -16.35 0.13
CA VAL A 121 99.76 -15.62 1.38
C VAL A 121 101.15 -15.76 2.03
N VAL A 122 101.67 -16.99 2.02
CA VAL A 122 102.97 -17.27 2.60
C VAL A 122 104.08 -16.50 1.89
N ALA A 123 104.00 -16.45 0.57
CA ALA A 123 105.01 -15.73 -0.21
C ALA A 123 105.00 -14.25 0.14
N GLU A 124 103.83 -13.71 0.44
CA GLU A 124 103.73 -12.30 0.81
C GLU A 124 104.33 -12.08 2.19
N ILE A 125 104.00 -12.99 3.10
CA ILE A 125 104.51 -12.91 4.46
C ILE A 125 106.04 -12.94 4.50
N ASN A 126 106.62 -13.95 3.86
CA ASN A 126 108.07 -14.07 3.84
C ASN A 126 108.77 -12.92 3.13
N ARG A 127 108.17 -12.42 2.06
CA ARG A 127 108.74 -11.29 1.33
C ARG A 127 108.75 -10.06 2.26
N ILE A 128 107.59 -9.71 2.77
CA ILE A 128 107.45 -8.57 3.65
C ILE A 128 108.35 -8.64 4.88
N LYS A 129 108.39 -9.80 5.53
CA LYS A 129 109.23 -9.96 6.71
C LYS A 129 110.71 -9.67 6.45
N HIS A 130 111.29 -10.35 5.46
CA HIS A 130 112.70 -10.13 5.14
C HIS A 130 113.03 -8.75 4.58
N ALA A 131 112.03 -8.01 4.13
CA ALA A 131 112.28 -6.69 3.57
C ALA A 131 111.96 -5.56 4.55
N TYR A 132 110.84 -5.70 5.27
CA TYR A 132 110.41 -4.67 6.20
C TYR A 132 110.33 -5.16 7.64
N GLY A 133 110.10 -6.46 7.80
CA GLY A 133 110.01 -7.03 9.13
C GLY A 133 108.59 -7.40 9.52
N PRO A 134 108.42 -8.18 10.61
CA PRO A 134 107.14 -8.65 11.14
C PRO A 134 106.14 -7.52 11.44
N SER A 135 106.64 -6.34 11.77
CA SER A 135 105.77 -5.22 12.09
C SER A 135 105.05 -4.69 10.86
N ALA A 136 105.56 -5.01 9.68
CA ALA A 136 104.95 -4.55 8.44
C ALA A 136 103.65 -5.32 8.16
N ILE A 137 103.40 -6.36 8.94
CA ILE A 137 102.19 -7.15 8.78
C ILE A 137 101.16 -6.77 9.83
N LEU A 138 100.16 -6.02 9.40
CA LEU A 138 99.08 -5.58 10.27
C LEU A 138 98.01 -6.66 10.30
N SER A 139 97.32 -6.77 11.44
CA SER A 139 96.26 -7.73 11.56
C SER A 139 95.37 -7.43 12.75
N THR A 140 94.12 -7.84 12.64
CA THR A 140 93.16 -7.63 13.71
C THR A 140 91.83 -8.31 13.43
N PRO A 141 91.29 -8.97 14.45
CA PRO A 141 90.00 -9.65 14.30
C PRO A 141 89.12 -8.52 14.75
N SER A 142 88.26 -8.79 15.73
CA SER A 142 87.43 -7.73 16.25
C SER A 142 86.96 -8.10 17.65
N SER A 143 86.06 -7.30 18.21
CA SER A 143 85.60 -7.58 19.56
C SER A 143 85.01 -8.96 19.78
N HIS A 144 83.98 -9.32 19.03
CA HIS A 144 83.35 -10.62 19.24
C HIS A 144 83.70 -11.76 18.31
N HIS A 145 83.51 -12.96 18.83
CA HIS A 145 83.88 -14.17 18.11
C HIS A 145 82.86 -15.28 18.32
N MET A 146 82.85 -16.26 17.43
CA MET A 146 81.97 -17.41 17.54
C MET A 146 82.30 -18.07 18.89
N TRP A 147 81.27 -18.50 19.62
CA TRP A 147 81.50 -19.10 20.92
C TRP A 147 82.43 -20.31 20.83
N GLY A 148 83.22 -20.51 21.88
CA GLY A 148 84.17 -21.60 21.92
C GLY A 148 85.48 -21.08 22.49
N ASN A 149 85.86 -21.56 23.67
CA ASN A 149 87.08 -21.09 24.33
C ASN A 149 88.39 -21.39 23.60
N VAL A 150 88.63 -22.66 23.30
CA VAL A 150 89.86 -23.04 22.62
C VAL A 150 90.08 -22.36 21.27
N GLY A 151 89.00 -22.03 20.57
CA GLY A 151 89.13 -21.40 19.27
C GLY A 151 88.85 -19.92 19.25
N TYR A 152 88.71 -19.31 20.43
CA TYR A 152 88.43 -17.89 20.51
C TYR A 152 89.69 -17.11 20.10
N ARG A 153 89.49 -15.89 19.56
CA ARG A 153 90.60 -15.06 19.12
C ARG A 153 91.74 -14.89 20.13
N HIS A 154 91.39 -14.85 21.40
CA HIS A 154 92.39 -14.72 22.46
C HIS A 154 93.27 -15.97 22.51
N SER A 155 92.74 -17.07 21.98
CA SER A 155 93.41 -18.37 22.02
C SER A 155 94.08 -18.86 20.73
N THR A 156 93.29 -19.22 19.72
CA THR A 156 93.84 -19.71 18.46
C THR A 156 94.52 -18.61 17.66
N TYR A 157 93.83 -17.52 17.42
CA TYR A 157 94.38 -16.40 16.68
C TYR A 157 95.74 -15.96 17.26
N PHE A 158 95.74 -15.51 18.52
CA PHE A 158 96.97 -15.06 19.18
C PHE A 158 98.08 -16.11 19.16
N ARG A 159 97.72 -17.38 19.39
CA ARG A 159 98.76 -18.40 19.39
C ARG A 159 99.47 -18.50 18.05
N PHE A 160 98.74 -18.34 16.95
CA PHE A 160 99.37 -18.42 15.64
C PHE A 160 100.01 -17.11 15.20
N MET A 161 99.28 -16.02 15.35
CA MET A 161 99.79 -14.72 14.96
C MET A 161 101.06 -14.32 15.73
N ASN A 162 101.10 -14.66 17.01
CA ASN A 162 102.28 -14.33 17.80
C ASN A 162 103.51 -15.04 17.24
N MET A 163 103.29 -16.15 16.56
CA MET A 163 104.39 -16.91 15.98
C MET A 163 104.76 -16.50 14.56
N MET A 164 103.94 -15.65 13.95
CA MET A 164 104.19 -15.23 12.58
C MET A 164 104.60 -13.75 12.41
N GLY A 165 103.82 -12.83 12.97
CA GLY A 165 104.13 -11.40 12.83
C GLY A 165 104.44 -10.76 14.18
N PHE A 166 103.84 -9.60 14.48
CA PHE A 166 102.88 -8.88 13.64
C PHE A 166 102.49 -7.59 14.36
N THR A 167 101.96 -6.61 13.62
CA THR A 167 101.51 -5.37 14.25
C THR A 167 100.02 -5.52 14.49
N TYR A 168 99.64 -5.45 15.76
CA TYR A 168 98.24 -5.60 16.19
C TYR A 168 97.51 -4.28 16.22
N ALA A 169 96.29 -4.29 15.68
CA ALA A 169 95.45 -3.10 15.70
C ALA A 169 94.66 -3.30 16.99
N ASP A 170 95.28 -3.00 18.12
CA ASP A 170 94.62 -3.19 19.40
C ASP A 170 93.28 -2.48 19.50
N HIS A 171 92.31 -3.17 20.12
CA HIS A 171 90.95 -2.64 20.27
C HIS A 171 90.73 -1.58 21.35
N ASN A 172 90.01 -0.53 20.97
CA ASN A 172 89.66 0.51 21.92
C ASN A 172 88.66 -0.15 22.87
N PRO A 173 88.61 0.29 24.14
CA PRO A 173 87.69 -0.31 25.10
C PRO A 173 86.23 0.08 24.83
N ASP A 174 85.77 -0.26 23.62
CA ASP A 174 84.43 0.06 23.16
C ASP A 174 83.29 -0.04 24.18
N SER A 175 83.11 -1.21 24.78
CA SER A 175 82.04 -1.44 25.75
C SER A 175 82.12 -0.58 27.00
N TRP A 176 83.35 -0.29 27.43
CA TRP A 176 83.61 0.47 28.65
C TRP A 176 83.94 1.96 28.50
N GLU A 177 84.24 2.42 27.29
CA GLU A 177 84.66 3.80 27.06
C GLU A 177 84.60 4.75 28.26
N GLY A 178 83.40 5.25 28.56
CA GLY A 178 83.24 6.18 29.66
C GLY A 178 83.78 5.74 31.00
N TRP A 179 83.52 4.49 31.38
CA TRP A 179 84.01 3.99 32.66
C TRP A 179 85.52 3.84 32.61
N HIS A 180 86.02 3.47 31.44
CA HIS A 180 87.45 3.25 31.22
C HIS A 180 88.27 4.54 31.21
N TRP A 181 87.92 5.50 30.34
CA TRP A 181 88.69 6.74 30.26
C TRP A 181 88.33 7.79 31.31
N GLY A 182 87.19 7.61 31.97
CA GLY A 182 86.79 8.59 32.96
C GLY A 182 86.54 8.06 34.35
N GLY A 183 85.62 7.11 34.46
CA GLY A 183 85.29 6.54 35.76
C GLY A 183 86.45 5.93 36.51
N MET A 184 87.35 5.31 35.76
CA MET A 184 88.51 4.65 36.33
C MET A 184 89.31 5.57 37.25
N HIS A 185 89.48 6.82 36.84
CA HIS A 185 90.23 7.81 37.59
C HIS A 185 89.50 8.19 38.88
N MET A 186 88.19 7.99 38.87
CA MET A 186 87.34 8.33 40.00
C MET A 186 87.26 7.22 41.07
N TRP A 187 87.21 5.95 40.66
CA TRP A 187 87.12 4.90 41.66
C TRP A 187 87.95 3.65 41.41
N GLY A 188 88.79 3.69 40.39
CA GLY A 188 89.63 2.55 40.10
C GLY A 188 88.93 1.49 39.27
N PHE A 189 89.04 0.23 39.69
CA PHE A 189 88.44 -0.89 38.98
C PHE A 189 89.01 -1.01 37.57
N SER A 190 90.32 -0.78 37.43
CA SER A 190 90.95 -0.86 36.12
C SER A 190 90.89 -2.28 35.57
N TRP A 191 91.00 -3.28 36.46
CA TRP A 191 90.95 -4.68 36.05
C TRP A 191 89.56 -5.08 35.51
N ARG A 192 88.64 -4.12 35.52
CA ARG A 192 87.29 -4.32 34.99
C ARG A 192 87.03 -3.14 34.06
N LEU A 193 88.12 -2.51 33.63
CA LEU A 193 88.07 -1.36 32.74
C LEU A 193 87.10 -0.27 33.21
N GLY A 194 87.04 -0.08 34.53
CA GLY A 194 86.17 0.94 35.09
C GLY A 194 84.80 0.50 35.56
N ASN A 195 84.43 -0.75 35.30
CA ASN A 195 83.14 -1.27 35.73
C ASN A 195 83.16 -1.78 37.17
N PRO A 196 82.00 -1.77 37.84
CA PRO A 196 81.94 -2.22 39.22
C PRO A 196 81.76 -3.71 39.46
N GLU A 197 82.12 -4.11 40.66
CA GLU A 197 82.04 -5.47 41.17
C GLU A 197 80.52 -5.72 41.33
N GLN A 198 80.07 -6.97 41.24
CA GLN A 198 78.62 -7.25 41.35
C GLN A 198 78.21 -8.44 42.24
N TYR A 199 79.20 -9.14 42.78
CA TYR A 199 78.95 -10.32 43.61
C TYR A 199 77.81 -10.28 44.62
N ASP A 200 77.06 -11.39 44.67
CA ASP A 200 75.97 -11.59 45.63
C ASP A 200 74.93 -10.51 45.76
N LEU A 201 74.67 -9.78 44.67
CA LEU A 201 73.69 -8.71 44.73
C LEU A 201 72.24 -9.14 44.58
N LEU A 202 71.99 -10.30 43.98
CA LEU A 202 70.62 -10.73 43.80
C LEU A 202 69.87 -10.90 45.14
N GLU A 203 70.44 -11.67 46.06
CA GLU A 203 69.79 -11.85 47.35
C GLU A 203 69.64 -10.54 48.10
N ASP A 204 70.64 -9.67 48.01
CA ASP A 204 70.59 -8.38 48.68
C ASP A 204 69.46 -7.52 48.10
N GLY A 205 69.32 -7.55 46.79
CA GLY A 205 68.26 -6.78 46.14
C GLY A 205 66.88 -7.31 46.47
N LEU A 206 66.70 -8.62 46.38
CA LEU A 206 65.40 -9.21 46.70
C LEU A 206 65.02 -8.87 48.15
N LYS A 207 65.98 -8.96 49.06
CA LYS A 207 65.72 -8.65 50.47
C LYS A 207 65.49 -7.18 50.77
N HIS A 208 66.18 -6.30 50.05
CA HIS A 208 66.10 -4.87 50.34
C HIS A 208 65.56 -3.88 49.31
N ALA A 209 65.63 -4.20 48.03
CA ALA A 209 65.18 -3.26 47.00
C ALA A 209 63.76 -2.72 47.15
N GLU A 210 63.60 -1.42 46.93
CA GLU A 210 62.29 -0.78 46.97
C GLU A 210 62.15 -0.08 45.63
N MET A 211 63.30 0.29 45.07
CA MET A 211 63.34 0.96 43.79
C MET A 211 64.65 0.69 43.07
N ILE A 212 64.57 0.68 41.74
CA ILE A 212 65.72 0.45 40.88
C ILE A 212 65.64 1.44 39.73
N VAL A 213 66.72 2.20 39.53
CA VAL A 213 66.80 3.17 38.45
C VAL A 213 67.67 2.65 37.31
N PHE A 214 67.01 2.30 36.21
CA PHE A 214 67.66 1.79 35.01
C PHE A 214 68.07 2.98 34.15
N TRP A 215 69.37 3.28 34.15
CA TRP A 215 69.91 4.42 33.41
C TRP A 215 70.77 3.90 32.27
N SER A 216 70.34 4.14 31.04
CA SER A 216 71.05 3.65 29.85
C SER A 216 71.19 2.14 30.00
N SER A 217 70.11 1.51 30.42
CA SER A 217 70.09 0.08 30.66
C SER A 217 68.87 -0.59 30.03
N ASP A 218 69.09 -1.68 29.32
CA ASP A 218 68.04 -2.46 28.67
C ASP A 218 68.43 -3.93 28.81
N PRO A 219 68.32 -4.48 30.03
CA PRO A 219 68.65 -5.88 30.34
C PRO A 219 68.04 -6.94 29.41
N GLU A 220 66.77 -6.77 29.06
CA GLU A 220 66.13 -7.76 28.18
C GLU A 220 66.87 -7.89 26.85
N THR A 221 67.27 -6.78 26.27
CA THR A 221 67.98 -6.79 25.01
C THR A 221 69.42 -7.27 25.13
N ASN A 222 70.16 -6.68 26.05
CA ASN A 222 71.57 -7.02 26.21
C ASN A 222 71.90 -8.21 27.07
N SER A 223 71.03 -8.52 28.04
CA SER A 223 71.24 -9.64 28.93
C SER A 223 72.58 -9.46 29.66
N GLY A 224 73.09 -8.23 29.67
CA GLY A 224 74.40 -7.98 30.24
C GLY A 224 75.24 -8.28 29.02
N ILE A 225 75.41 -9.58 28.74
CA ILE A 225 76.13 -10.08 27.57
C ILE A 225 76.17 -11.60 27.60
N TYR A 226 75.90 -12.21 26.45
CA TYR A 226 75.93 -13.66 26.30
C TYR A 226 74.93 -14.45 27.14
N ALA A 227 74.05 -13.78 27.87
CA ALA A 227 73.15 -14.50 28.76
C ALA A 227 71.69 -14.75 28.34
N GLY A 228 71.41 -14.78 27.05
CA GLY A 228 70.03 -15.01 26.61
C GLY A 228 69.01 -14.20 27.38
N PHE A 229 68.07 -14.89 28.04
CA PHE A 229 67.07 -14.18 28.83
C PHE A 229 67.03 -14.67 30.28
N GLU A 230 68.19 -15.08 30.76
CA GLU A 230 68.33 -15.60 32.12
C GLU A 230 67.77 -14.75 33.26
N SER A 231 67.92 -13.44 33.17
CA SER A 231 67.47 -12.55 34.23
C SER A 231 66.02 -12.10 34.19
N ASN A 232 65.31 -12.49 33.14
CA ASN A 232 63.91 -12.07 33.00
C ASN A 232 63.02 -12.37 34.21
N ILE A 233 63.18 -13.54 34.80
CA ILE A 233 62.36 -13.93 35.96
C ILE A 233 62.76 -13.17 37.25
N ARG A 234 64.00 -12.73 37.33
CA ARG A 234 64.48 -12.00 38.50
C ARG A 234 63.79 -10.65 38.60
N ARG A 235 63.55 -9.99 37.47
CA ARG A 235 62.89 -8.71 37.50
C ARG A 235 61.40 -8.95 37.76
N GLN A 236 60.91 -10.11 37.36
CA GLN A 236 59.52 -10.48 37.60
C GLN A 236 59.35 -10.53 39.13
N TRP A 237 60.27 -11.24 39.79
CA TRP A 237 60.25 -11.36 41.24
C TRP A 237 60.24 -10.00 41.91
N LEU A 238 61.16 -9.12 41.50
CA LEU A 238 61.25 -7.78 42.07
C LEU A 238 59.95 -7.02 41.85
N LYS A 239 59.41 -7.15 40.65
CA LYS A 239 58.17 -6.49 40.27
C LYS A 239 57.03 -6.94 41.20
N ASP A 240 56.93 -8.24 41.43
CA ASP A 240 55.89 -8.79 42.29
C ASP A 240 56.14 -8.51 43.77
N LEU A 241 57.32 -7.98 44.09
CA LEU A 241 57.67 -7.63 45.47
C LEU A 241 57.31 -6.17 45.73
N GLY A 242 56.86 -5.48 44.68
CA GLY A 242 56.47 -4.08 44.84
C GLY A 242 57.56 -3.06 44.53
N VAL A 243 58.65 -3.51 43.93
CA VAL A 243 59.76 -2.62 43.57
C VAL A 243 59.42 -1.78 42.33
N ASP A 244 59.61 -0.47 42.44
CA ASP A 244 59.34 0.43 41.32
C ASP A 244 60.51 0.44 40.35
N PHE A 245 60.20 0.42 39.06
CA PHE A 245 61.20 0.43 37.98
C PHE A 245 61.11 1.76 37.24
N VAL A 246 62.23 2.48 37.17
CA VAL A 246 62.26 3.76 36.46
C VAL A 246 63.32 3.72 35.37
N PHE A 247 62.95 4.17 34.17
CA PHE A 247 63.89 4.16 33.05
C PHE A 247 64.25 5.53 32.51
N ILE A 248 65.56 5.76 32.32
CA ILE A 248 66.09 7.00 31.78
C ILE A 248 66.88 6.56 30.54
N ASP A 249 66.30 6.83 29.38
CA ASP A 249 66.89 6.39 28.11
C ASP A 249 66.19 7.20 27.00
N PRO A 250 66.96 7.78 26.06
CA PRO A 250 66.35 8.56 24.98
C PRO A 250 65.24 7.76 24.30
N HIS A 251 65.47 6.46 24.17
CA HIS A 251 64.51 5.58 23.54
C HIS A 251 63.87 4.69 24.60
N MET A 252 62.55 4.55 24.53
CA MET A 252 61.83 3.69 25.47
C MET A 252 62.23 2.27 25.06
N ASN A 253 63.32 1.78 25.65
CA ASN A 253 63.83 0.45 25.31
C ASN A 253 62.89 -0.70 25.65
N HIS A 254 63.32 -1.89 25.26
CA HIS A 254 62.54 -3.10 25.45
C HIS A 254 62.28 -3.52 26.90
N THR A 255 63.22 -3.27 27.80
CA THR A 255 62.99 -3.63 29.19
C THR A 255 61.92 -2.68 29.70
N ALA A 256 62.07 -1.40 29.36
CA ALA A 256 61.11 -0.41 29.77
C ALA A 256 59.72 -0.73 29.20
N ARG A 257 59.65 -1.00 27.90
CA ARG A 257 58.37 -1.32 27.27
C ARG A 257 57.64 -2.46 27.98
N LEU A 258 58.41 -3.32 28.64
CA LEU A 258 57.83 -4.47 29.34
C LEU A 258 57.43 -4.26 30.80
N VAL A 259 58.24 -3.51 31.56
CA VAL A 259 57.96 -3.33 32.98
C VAL A 259 58.21 -1.95 33.60
N ALA A 260 58.23 -0.90 32.78
CA ALA A 260 58.49 0.43 33.30
C ALA A 260 57.35 1.05 34.08
N ASP A 261 57.69 1.68 35.19
CA ASP A 261 56.70 2.37 35.99
C ASP A 261 56.77 3.83 35.59
N LYS A 262 57.90 4.22 35.02
CA LYS A 262 58.11 5.59 34.56
C LYS A 262 59.28 5.64 33.58
N TRP A 263 59.15 6.45 32.54
CA TRP A 263 60.20 6.56 31.53
C TRP A 263 60.55 8.02 31.25
N PHE A 264 61.85 8.30 31.19
CA PHE A 264 62.36 9.65 30.90
C PHE A 264 63.14 9.56 29.60
N SER A 265 62.93 10.53 28.71
CA SER A 265 63.64 10.54 27.44
C SER A 265 64.55 11.77 27.32
N PRO A 266 65.75 11.71 27.93
CA PRO A 266 66.68 12.84 27.87
C PRO A 266 67.25 12.99 26.46
N LYS A 267 67.55 14.23 26.06
CA LYS A 267 68.13 14.46 24.74
C LYS A 267 69.51 13.82 24.74
N ILE A 268 70.00 13.37 23.59
CA ILE A 268 71.32 12.74 23.56
C ILE A 268 72.39 13.67 24.16
N GLY A 269 73.34 13.06 24.87
CA GLY A 269 74.43 13.81 25.48
C GLY A 269 74.08 14.72 26.63
N THR A 270 72.92 14.52 27.27
CA THR A 270 72.55 15.39 28.39
C THR A 270 72.28 14.71 29.74
N ASP A 271 72.48 13.39 29.83
CA ASP A 271 72.25 12.67 31.08
C ASP A 271 72.90 13.26 32.32
N HIS A 272 74.16 13.69 32.20
CA HIS A 272 74.87 14.24 33.33
C HIS A 272 74.23 15.50 33.86
N ALA A 273 73.33 16.09 33.08
CA ALA A 273 72.62 17.28 33.53
C ALA A 273 71.61 16.80 34.56
N LEU A 274 71.00 15.64 34.30
CA LEU A 274 70.03 15.07 35.22
C LEU A 274 70.69 14.66 36.54
N SER A 275 71.82 13.95 36.45
CA SER A 275 72.54 13.51 37.63
C SER A 275 73.03 14.69 38.48
N PHE A 276 73.34 15.81 37.83
CA PHE A 276 73.79 16.99 38.56
C PHE A 276 72.62 17.64 39.29
N ALA A 277 71.45 17.63 38.65
CA ALA A 277 70.26 18.21 39.26
C ALA A 277 69.76 17.34 40.41
N ILE A 278 70.02 16.04 40.31
CA ILE A 278 69.62 15.09 41.35
C ILE A 278 70.52 15.26 42.58
N ALA A 279 71.80 15.48 42.34
CA ALA A 279 72.76 15.67 43.42
C ALA A 279 72.49 17.02 44.07
N TYR A 280 72.17 18.01 43.23
CA TYR A 280 71.87 19.34 43.72
C TYR A 280 70.75 19.27 44.76
N THR A 281 69.69 18.55 44.41
CA THR A 281 68.54 18.39 45.28
C THR A 281 68.91 17.73 46.60
N TRP A 282 69.71 16.68 46.52
CA TRP A 282 70.16 15.97 47.71
C TRP A 282 70.92 16.93 48.64
N LEU A 283 71.79 17.76 48.05
CA LEU A 283 72.58 18.72 48.81
C LEU A 283 71.69 19.80 49.45
N LYS A 284 70.72 20.31 48.70
CA LYS A 284 69.82 21.34 49.23
C LYS A 284 68.89 20.80 50.31
N GLU A 285 68.62 19.50 50.27
CA GLU A 285 67.71 18.90 51.24
C GLU A 285 68.39 17.99 52.27
N ASP A 286 69.71 17.90 52.22
CA ASP A 286 70.45 17.06 53.15
C ASP A 286 69.97 15.62 53.06
N SER A 287 69.57 15.22 51.87
CA SER A 287 69.04 13.88 51.66
C SER A 287 70.01 12.90 51.05
N TYR A 288 71.16 12.72 51.70
CA TYR A 288 72.17 11.77 51.25
C TYR A 288 72.97 11.24 52.46
N ASP A 289 73.79 10.21 52.23
CA ASP A 289 74.56 9.61 53.31
C ASP A 289 75.83 10.39 53.69
N LYS A 290 75.65 11.54 54.32
CA LYS A 290 76.78 12.38 54.73
C LYS A 290 77.90 11.63 55.45
N GLU A 291 77.54 10.72 56.35
CA GLU A 291 78.52 9.94 57.11
C GLU A 291 79.37 9.10 56.16
N TYR A 292 78.71 8.47 55.19
CA TYR A 292 79.37 7.64 54.19
C TYR A 292 80.38 8.46 53.41
N VAL A 293 79.91 9.59 52.91
CA VAL A 293 80.72 10.49 52.09
C VAL A 293 81.93 11.08 52.83
N ALA A 294 81.76 11.42 54.10
CA ALA A 294 82.85 12.00 54.88
C ALA A 294 84.01 11.01 54.95
N ALA A 295 83.67 9.72 55.01
CA ALA A 295 84.67 8.66 55.11
C ALA A 295 85.20 8.08 53.80
N ASN A 296 84.40 8.14 52.74
CA ASN A 296 84.82 7.53 51.48
C ASN A 296 85.02 8.43 50.27
N ALA A 297 84.65 9.70 50.36
CA ALA A 297 84.80 10.63 49.25
C ALA A 297 86.03 11.51 49.42
N HIS A 298 86.51 12.05 48.30
CA HIS A 298 87.66 12.93 48.28
C HIS A 298 87.31 14.10 47.36
N GLY A 299 87.57 15.32 47.84
CA GLY A 299 87.26 16.50 47.05
C GLY A 299 85.77 16.76 46.91
N PHE A 300 84.98 16.18 47.82
CA PHE A 300 83.53 16.36 47.76
C PHE A 300 83.10 17.78 48.10
N GLU A 301 83.77 18.40 49.06
CA GLU A 301 83.44 19.77 49.46
C GLU A 301 83.48 20.71 48.24
N GLU A 302 84.57 20.63 47.48
CA GLU A 302 84.74 21.45 46.29
C GLU A 302 83.75 21.07 45.18
N TRP A 303 83.52 19.78 44.99
CA TRP A 303 82.59 19.32 43.97
C TRP A 303 81.20 19.86 44.32
N ALA A 304 80.87 19.77 45.62
CA ALA A 304 79.60 20.25 46.14
C ALA A 304 79.38 21.72 45.79
N ASP A 305 80.42 22.55 45.98
CA ASP A 305 80.32 23.97 45.68
C ASP A 305 80.02 24.23 44.20
N TYR A 306 80.52 23.35 43.34
CA TYR A 306 80.29 23.50 41.91
C TYR A 306 78.84 23.17 41.58
N VAL A 307 78.34 22.09 42.19
CA VAL A 307 76.98 21.66 41.97
C VAL A 307 76.00 22.73 42.45
N LEU A 308 76.40 23.46 43.49
CA LEU A 308 75.55 24.51 44.04
C LEU A 308 75.68 25.80 43.25
N GLY A 309 76.62 25.83 42.31
CA GLY A 309 76.83 27.00 41.46
C GLY A 309 77.65 28.13 42.04
N LYS A 310 78.36 27.89 43.14
CA LYS A 310 79.16 28.93 43.76
C LYS A 310 80.35 29.34 42.90
N THR A 311 81.06 28.35 42.35
CA THR A 311 82.22 28.66 41.55
C THR A 311 82.01 29.02 40.07
N ASP A 312 80.86 28.67 39.49
CA ASP A 312 80.60 28.99 38.10
C ASP A 312 79.38 29.87 37.90
N GLY A 313 78.69 30.19 39.00
CA GLY A 313 77.52 31.03 38.92
C GLY A 313 76.28 30.39 38.33
N THR A 314 76.22 29.06 38.33
CA THR A 314 75.05 28.36 37.80
C THR A 314 74.65 27.17 38.66
N PRO A 315 73.71 27.38 39.60
CA PRO A 315 73.26 26.27 40.46
C PRO A 315 72.67 25.23 39.53
N LYS A 316 73.00 23.96 39.76
CA LYS A 316 72.51 22.88 38.92
C LYS A 316 71.11 22.45 39.35
N THR A 317 70.15 23.33 39.15
CA THR A 317 68.76 23.07 39.52
C THR A 317 68.07 22.14 38.52
N CYS A 318 66.91 21.63 38.92
CA CYS A 318 66.12 20.73 38.06
C CYS A 318 65.60 21.49 36.84
N GLU A 319 65.35 22.77 37.00
CA GLU A 319 64.88 23.60 35.91
C GLU A 319 66.00 23.77 34.88
N TRP A 320 67.22 23.98 35.38
CA TRP A 320 68.40 24.14 34.52
C TRP A 320 68.60 22.85 33.72
N ALA A 321 68.38 21.71 34.38
CA ALA A 321 68.52 20.40 33.75
C ALA A 321 67.42 20.14 32.74
N GLU A 322 66.24 20.69 33.00
CA GLU A 322 65.13 20.50 32.07
C GLU A 322 65.45 21.19 30.76
N GLU A 323 65.91 22.44 30.86
CA GLU A 323 66.24 23.20 29.66
C GLU A 323 67.33 22.53 28.85
N GLU A 324 68.14 21.70 29.50
CA GLU A 324 69.21 20.99 28.80
C GLU A 324 68.75 19.69 28.15
N SER A 325 67.97 18.89 28.88
CA SER A 325 67.53 17.57 28.43
C SER A 325 66.11 17.38 27.92
N GLY A 326 65.23 18.33 28.20
CA GLY A 326 63.84 18.18 27.76
C GLY A 326 62.98 17.47 28.80
N VAL A 327 63.61 16.84 29.79
CA VAL A 327 62.90 16.13 30.85
C VAL A 327 62.37 17.11 31.88
N PRO A 328 61.06 17.04 32.18
CA PRO A 328 60.38 17.93 33.15
C PRO A 328 61.10 18.05 34.50
N ALA A 329 61.23 19.29 34.96
CA ALA A 329 61.88 19.59 36.23
C ALA A 329 61.26 18.86 37.42
N CYS A 330 59.95 18.97 37.55
CA CYS A 330 59.24 18.32 38.66
C CYS A 330 59.50 16.81 38.73
N GLU A 331 59.62 16.15 37.58
CA GLU A 331 59.86 14.71 37.58
C GLU A 331 61.28 14.37 37.99
N ILE A 332 62.23 15.27 37.69
CA ILE A 332 63.61 15.04 38.08
C ILE A 332 63.70 15.18 39.60
N ARG A 333 62.99 16.17 40.13
CA ARG A 333 63.00 16.40 41.57
C ARG A 333 62.29 15.26 42.32
N ALA A 334 61.19 14.77 41.75
CA ALA A 334 60.42 13.69 42.36
C ALA A 334 61.28 12.42 42.47
N LEU A 335 62.01 12.12 41.40
CA LEU A 335 62.88 10.94 41.36
C LEU A 335 63.98 11.07 42.41
N ALA A 336 64.53 12.27 42.54
CA ALA A 336 65.60 12.53 43.50
C ALA A 336 65.16 12.29 44.95
N ARG A 337 63.97 12.79 45.30
CA ARG A 337 63.46 12.62 46.66
C ARG A 337 63.09 11.19 46.97
N GLN A 338 62.61 10.48 45.96
CA GLN A 338 62.20 9.08 46.12
C GLN A 338 63.45 8.22 46.28
N TRP A 339 64.45 8.55 45.47
CA TRP A 339 65.72 7.85 45.46
C TRP A 339 66.38 7.97 46.84
N ALA A 340 66.44 9.19 47.35
CA ALA A 340 67.03 9.45 48.66
C ALA A 340 66.36 8.67 49.80
N LYS A 341 65.02 8.69 49.83
CA LYS A 341 64.30 7.99 50.89
C LYS A 341 63.99 6.52 50.70
N LYS A 342 64.29 5.97 49.53
CA LYS A 342 64.03 4.56 49.28
C LYS A 342 65.32 3.79 49.08
N ASN A 343 65.27 2.48 49.31
CA ASN A 343 66.43 1.65 49.09
C ASN A 343 66.45 1.47 47.57
N THR A 344 67.20 2.34 46.91
CA THR A 344 67.33 2.37 45.46
C THR A 344 68.65 1.82 44.92
N TYR A 345 68.55 0.99 43.88
CA TYR A 345 69.74 0.46 43.24
C TYR A 345 69.87 1.21 41.91
N LEU A 346 71.09 1.57 41.56
CA LEU A 346 71.33 2.28 40.32
C LEU A 346 71.77 1.32 39.23
N ALA A 347 70.86 1.04 38.30
CA ALA A 347 71.20 0.15 37.21
C ALA A 347 71.76 1.00 36.07
N ALA A 348 73.03 1.36 36.19
CA ALA A 348 73.70 2.13 35.15
C ALA A 348 74.19 1.11 34.15
N GLY A 349 73.64 1.14 32.94
CA GLY A 349 74.04 0.16 31.94
C GLY A 349 73.33 -1.15 32.18
N GLY A 350 73.49 -2.10 31.26
CA GLY A 350 72.81 -3.37 31.41
C GLY A 350 73.64 -4.48 32.04
N LEU A 351 74.88 -4.19 32.39
CA LEU A 351 75.75 -5.19 33.00
C LEU A 351 76.07 -4.88 34.45
N GLY A 352 76.02 -3.60 34.77
CA GLY A 352 76.42 -3.13 36.09
C GLY A 352 77.66 -2.44 35.56
N GLY A 353 77.43 -1.30 34.94
CA GLY A 353 78.49 -0.59 34.26
C GLY A 353 78.09 -0.68 32.80
N TRP A 354 78.93 -0.21 31.88
CA TRP A 354 78.59 -0.20 30.46
C TRP A 354 77.46 0.78 30.22
N GLY A 355 76.61 0.46 29.25
CA GLY A 355 75.53 1.36 28.92
C GLY A 355 75.94 2.19 27.73
N GLY A 356 75.05 2.31 26.75
CA GLY A 356 75.35 3.09 25.57
C GLY A 356 75.78 4.51 25.90
N ALA A 357 75.33 5.02 27.04
CA ALA A 357 75.65 6.38 27.43
C ALA A 357 77.14 6.60 27.62
N CYS A 358 77.88 5.53 27.94
CA CYS A 358 79.31 5.64 28.17
C CYS A 358 80.15 5.81 26.91
N ARG A 359 79.63 5.37 25.77
CA ARG A 359 80.37 5.55 24.53
C ARG A 359 79.64 6.58 23.69
N ALA A 360 79.64 7.79 24.23
CA ALA A 360 79.01 8.97 23.64
C ALA A 360 79.93 10.15 23.99
N SER A 361 79.66 11.33 23.45
CA SER A 361 80.53 12.46 23.72
C SER A 361 80.41 12.97 25.15
N HIS A 362 79.44 12.45 25.89
CA HIS A 362 79.26 12.85 27.27
C HIS A 362 79.51 11.64 28.15
N GLY A 363 80.07 10.60 27.53
CA GLY A 363 80.34 9.34 28.21
C GLY A 363 81.18 9.38 29.48
N ILE A 364 82.14 10.29 29.54
CA ILE A 364 83.01 10.41 30.70
C ILE A 364 82.29 10.99 31.91
N GLU A 365 81.53 12.06 31.68
CA GLU A 365 80.79 12.71 32.75
C GLU A 365 79.62 11.85 33.21
N TRP A 366 79.04 11.07 32.30
CA TRP A 366 77.92 10.23 32.67
C TRP A 366 78.34 9.14 33.65
N ALA A 367 79.43 8.46 33.32
CA ALA A 367 79.97 7.40 34.16
C ALA A 367 80.34 7.94 35.54
N ARG A 368 80.99 9.10 35.58
CA ARG A 368 81.38 9.71 36.85
C ARG A 368 80.14 10.22 37.58
N GLY A 369 79.15 10.66 36.81
CA GLY A 369 77.92 11.13 37.41
C GLY A 369 77.23 9.97 38.09
N MET A 370 77.26 8.80 37.44
CA MET A 370 76.65 7.60 37.98
C MET A 370 77.33 7.21 39.30
N ILE A 371 78.66 7.25 39.30
CA ILE A 371 79.44 6.91 40.48
C ILE A 371 79.12 7.92 41.58
N ALA A 372 78.96 9.19 41.20
CA ALA A 372 78.64 10.25 42.15
C ALA A 372 77.35 9.91 42.90
N LEU A 373 76.26 9.76 42.16
CA LEU A 373 74.96 9.45 42.73
C LEU A 373 75.03 8.25 43.66
N ALA A 374 75.53 7.13 43.15
CA ALA A 374 75.64 5.92 43.95
C ALA A 374 76.44 6.15 45.23
N THR A 375 77.48 6.96 45.12
CA THR A 375 78.35 7.28 46.24
C THR A 375 77.60 8.07 47.33
N MET A 376 76.92 9.14 46.92
CA MET A 376 76.17 9.99 47.84
C MET A 376 75.12 9.20 48.61
N GLN A 377 74.64 8.12 48.00
CA GLN A 377 73.63 7.28 48.62
C GLN A 377 74.25 6.10 49.39
N GLY A 378 75.57 6.03 49.37
CA GLY A 378 76.29 4.99 50.10
C GLY A 378 76.32 3.59 49.53
N MET A 379 76.81 3.42 48.30
CA MET A 379 76.88 2.10 47.70
C MET A 379 77.66 1.13 48.58
N GLY A 380 77.12 -0.08 48.74
CA GLY A 380 77.76 -1.08 49.57
C GLY A 380 76.94 -1.42 50.79
N LYS A 381 76.08 -0.49 51.20
CA LYS A 381 75.24 -0.76 52.36
C LYS A 381 73.96 -1.47 51.94
N PRO A 382 73.38 -2.28 52.83
CA PRO A 382 72.15 -3.02 52.54
C PRO A 382 71.10 -2.16 51.87
N GLY A 383 70.63 -2.58 50.71
CA GLY A 383 69.61 -1.84 50.01
C GLY A 383 70.06 -0.59 49.28
N SER A 384 71.37 -0.42 49.09
CA SER A 384 71.91 0.73 48.37
C SER A 384 73.17 0.30 47.65
N ASN A 385 73.15 0.37 46.32
CA ASN A 385 74.30 -0.06 45.54
C ASN A 385 74.06 0.17 44.07
N MET A 386 75.06 -0.16 43.28
CA MET A 386 74.96 -0.05 41.85
C MET A 386 74.74 -1.50 41.45
N TRP A 387 73.59 -1.78 40.83
CA TRP A 387 73.21 -3.11 40.39
C TRP A 387 72.22 -3.02 39.23
N SER A 388 72.49 -3.76 38.16
CA SER A 388 71.62 -3.74 36.99
C SER A 388 70.67 -4.94 36.91
N THR A 389 70.63 -5.74 37.98
CA THR A 389 69.78 -6.92 38.10
C THR A 389 70.12 -8.07 37.18
N THR A 390 71.25 -7.98 36.48
CA THR A 390 71.66 -9.05 35.58
C THR A 390 72.72 -9.95 36.19
N GLN A 391 73.59 -9.38 37.02
CA GLN A 391 74.62 -10.17 37.68
C GLN A 391 74.19 -10.34 39.15
N GLY A 392 75.07 -10.89 39.98
CA GLY A 392 74.75 -11.08 41.39
C GLY A 392 74.11 -12.39 41.80
N VAL A 393 73.98 -13.33 40.85
CA VAL A 393 73.38 -14.63 41.12
C VAL A 393 74.32 -15.44 42.02
N PRO A 394 73.77 -16.06 43.07
CA PRO A 394 74.47 -16.89 44.07
C PRO A 394 75.14 -18.16 43.56
N LEU A 395 75.90 -18.06 42.47
CA LEU A 395 76.57 -19.23 41.93
C LEU A 395 77.86 -19.51 42.71
N ASP A 396 78.46 -20.68 42.48
CA ASP A 396 79.68 -21.05 43.20
C ASP A 396 80.91 -20.32 42.68
N TYR A 397 81.18 -19.16 43.27
CA TYR A 397 82.34 -18.35 42.90
C TYR A 397 83.64 -19.11 43.16
N GLU A 398 83.60 -20.10 44.05
CA GLU A 398 84.80 -20.86 44.37
C GLU A 398 85.21 -21.83 43.27
N PHE A 399 84.23 -22.36 42.54
CA PHE A 399 84.51 -23.29 41.45
C PHE A 399 85.23 -22.53 40.33
N TYR A 400 86.31 -23.09 39.81
CA TYR A 400 87.04 -22.42 38.74
C TYR A 400 86.98 -23.09 37.37
N PHE A 401 86.61 -22.29 36.38
CA PHE A 401 86.56 -22.71 34.98
C PHE A 401 86.86 -21.44 34.19
N PRO A 402 87.85 -21.50 33.28
CA PRO A 402 88.28 -20.37 32.46
C PRO A 402 87.24 -19.76 31.52
N GLY A 403 87.38 -18.45 31.31
CA GLY A 403 86.51 -17.75 30.39
C GLY A 403 87.38 -17.63 29.14
N TYR A 404 86.78 -17.28 28.00
CA TYR A 404 87.59 -17.17 26.78
C TYR A 404 88.69 -16.12 26.94
N ALA A 405 88.40 -15.05 27.67
CA ALA A 405 89.36 -13.97 27.87
C ALA A 405 90.65 -14.42 28.57
N GLU A 406 90.67 -15.64 29.08
CA GLU A 406 91.87 -16.12 29.75
C GLU A 406 92.90 -16.76 28.82
N GLY A 407 92.77 -16.49 27.52
CA GLY A 407 93.76 -16.97 26.54
C GLY A 407 93.75 -18.37 25.96
N GLY A 408 93.01 -19.29 26.54
CA GLY A 408 92.98 -20.63 26.01
C GLY A 408 94.34 -21.24 25.76
N ILE A 409 94.64 -21.59 24.51
CA ILE A 409 95.93 -22.19 24.17
C ILE A 409 97.06 -21.24 23.79
N SER A 410 96.79 -19.94 23.77
CA SER A 410 97.85 -18.99 23.43
C SER A 410 98.77 -18.78 24.62
N GLY A 411 98.20 -18.52 25.79
CA GLY A 411 99.01 -18.30 26.96
C GLY A 411 99.62 -16.90 26.92
N ASP A 412 99.07 -16.05 26.06
CA ASP A 412 99.55 -14.68 25.92
C ASP A 412 99.17 -13.89 27.17
N CYS A 413 100.14 -13.73 28.09
CA CYS A 413 99.91 -13.00 29.32
C CYS A 413 99.79 -11.48 29.11
N GLU A 414 100.21 -11.00 27.95
CA GLU A 414 100.14 -9.58 27.68
C GLU A 414 98.83 -9.15 27.03
N ASN A 415 98.19 -10.07 26.31
CA ASN A 415 96.96 -9.72 25.62
C ASN A 415 95.71 -10.52 25.98
N SER A 416 95.83 -11.37 27.00
CA SER A 416 94.71 -12.16 27.50
C SER A 416 94.85 -12.11 29.02
N ALA A 417 93.86 -12.60 29.75
CA ALA A 417 93.93 -12.59 31.21
C ALA A 417 94.61 -13.86 31.70
N ALA A 418 95.31 -14.54 30.80
CA ALA A 418 96.02 -15.79 31.11
C ALA A 418 96.96 -15.70 32.32
N GLY A 419 97.54 -14.52 32.52
CA GLY A 419 98.48 -14.35 33.63
C GLY A 419 97.90 -14.44 35.02
N PHE A 420 96.60 -14.29 35.14
CA PHE A 420 95.97 -14.35 36.45
C PHE A 420 95.96 -15.74 37.07
N LYS A 421 95.51 -16.74 36.31
CA LYS A 421 95.44 -18.09 36.85
C LYS A 421 95.59 -19.22 35.84
N PHE A 422 94.89 -19.10 34.70
CA PHE A 422 94.92 -20.18 33.70
C PHE A 422 96.26 -20.58 33.10
N ALA A 423 97.11 -19.60 32.82
CA ALA A 423 98.41 -19.88 32.25
C ALA A 423 99.12 -20.90 33.14
N TRP A 424 99.15 -20.60 34.42
CA TRP A 424 99.79 -21.47 35.40
C TRP A 424 99.24 -22.87 35.39
N ARG A 425 97.95 -23.01 35.08
CA ARG A 425 97.32 -24.31 35.05
C ARG A 425 97.47 -25.07 33.72
N MET A 426 97.38 -24.34 32.62
CA MET A 426 97.47 -24.92 31.28
C MET A 426 98.87 -25.39 30.86
N PHE A 427 99.89 -24.62 31.19
CA PHE A 427 101.25 -24.99 30.79
C PHE A 427 102.17 -25.40 31.96
N ASP A 428 103.01 -26.40 31.69
CA ASP A 428 103.91 -26.95 32.70
C ASP A 428 105.40 -26.70 32.50
N GLY A 429 105.75 -25.91 31.49
CA GLY A 429 107.15 -25.63 31.23
C GLY A 429 107.97 -26.87 30.91
N LYS A 430 107.29 -27.96 30.56
CA LYS A 430 107.96 -29.22 30.22
C LYS A 430 107.48 -29.85 28.89
N THR A 431 106.17 -30.04 28.75
CA THR A 431 105.61 -30.65 27.54
C THR A 431 104.70 -29.76 26.67
N THR A 432 104.22 -28.67 27.23
CA THR A 432 103.35 -27.76 26.50
C THR A 432 103.73 -26.32 26.84
N PHE A 433 103.93 -25.50 25.81
CA PHE A 433 104.35 -24.11 26.01
C PHE A 433 103.48 -23.04 25.35
N PRO A 434 103.47 -21.83 25.95
CA PRO A 434 102.71 -20.67 25.50
C PRO A 434 103.27 -20.08 24.23
N SER A 435 102.59 -19.08 23.68
CA SER A 435 103.03 -18.39 22.47
C SER A 435 103.06 -16.87 22.73
N PRO A 436 104.19 -16.37 23.24
CA PRO A 436 104.37 -14.94 23.53
C PRO A 436 104.52 -14.10 22.29
N SER A 437 104.34 -12.80 22.46
CA SER A 437 104.49 -11.85 21.37
C SER A 437 105.40 -10.70 21.81
N ASN A 438 106.53 -10.55 21.12
CA ASN A 438 107.47 -9.50 21.45
C ASN A 438 107.22 -8.22 20.64
N LEU A 439 106.08 -8.17 19.96
CA LEU A 439 105.70 -6.98 19.17
C LEU A 439 104.41 -6.36 19.70
N ASN A 440 103.45 -7.23 20.05
CA ASN A 440 102.17 -6.77 20.57
C ASN A 440 102.32 -6.45 22.04
N THR A 441 103.17 -5.47 22.32
CA THR A 441 103.45 -5.03 23.67
C THR A 441 103.70 -3.51 23.60
N SER A 442 103.70 -2.84 24.74
CA SER A 442 103.89 -1.40 24.76
C SER A 442 105.17 -0.87 24.10
N ALA A 443 106.29 -1.54 24.33
CA ALA A 443 107.55 -1.13 23.75
C ALA A 443 107.73 -1.67 22.33
N GLY A 444 106.68 -2.30 21.81
CA GLY A 444 106.71 -2.83 20.46
C GLY A 444 105.93 -1.88 19.56
N GLN A 445 105.04 -2.42 18.73
CA GLN A 445 104.22 -1.59 17.86
C GLN A 445 102.80 -2.11 17.65
N HIS A 446 101.83 -1.24 17.89
CA HIS A 446 100.43 -1.54 17.70
C HIS A 446 99.82 -0.24 17.21
N ILE A 447 98.57 -0.28 16.77
CA ILE A 447 97.90 0.94 16.34
C ILE A 447 96.46 0.86 16.85
N PRO A 448 95.82 2.01 17.06
CA PRO A 448 94.43 1.98 17.56
C PRO A 448 93.47 1.48 16.48
N ARG A 449 92.59 0.56 16.85
CA ARG A 449 91.61 0.04 15.91
C ARG A 449 90.77 1.19 15.34
N LEU A 450 90.46 2.17 16.18
CA LEU A 450 89.66 3.31 15.78
C LEU A 450 90.33 4.25 14.81
N LYS A 451 91.64 4.10 14.62
CA LYS A 451 92.35 5.00 13.73
C LYS A 451 93.19 4.28 12.69
N ILE A 452 92.77 3.07 12.35
CA ILE A 452 93.47 2.28 11.34
C ILE A 452 93.54 3.05 10.01
N PRO A 453 92.41 3.66 9.58
CA PRO A 453 92.38 4.41 8.32
C PRO A 453 93.40 5.52 8.20
N GLU A 454 93.58 6.29 9.29
CA GLU A 454 94.52 7.39 9.29
C GLU A 454 95.96 6.90 9.24
N CYS A 455 96.22 5.74 9.84
CA CYS A 455 97.55 5.15 9.85
C CYS A 455 97.96 4.67 8.47
N ILE A 456 97.04 3.99 7.78
CA ILE A 456 97.32 3.48 6.44
C ILE A 456 97.37 4.58 5.39
N MET A 457 96.36 5.46 5.38
CA MET A 457 96.34 6.54 4.40
C MET A 457 97.24 7.70 4.78
N GLY A 458 97.46 7.88 6.08
CA GLY A 458 98.29 8.99 6.53
C GLY A 458 99.75 8.64 6.81
N GLY A 459 100.00 7.40 7.24
CA GLY A 459 101.36 6.98 7.51
C GLY A 459 101.92 7.49 8.83
N LYS A 460 101.06 8.00 9.70
CA LYS A 460 101.53 8.52 10.96
C LYS A 460 100.38 8.85 11.93
N PHE A 461 100.62 8.66 13.22
CA PHE A 461 99.62 8.96 14.21
C PHE A 461 100.21 8.90 15.62
N GLN A 462 99.59 9.59 16.57
CA GLN A 462 100.07 9.63 17.95
C GLN A 462 98.84 9.58 18.85
N TRP A 463 98.86 8.76 19.89
CA TRP A 463 97.71 8.63 20.76
C TRP A 463 98.05 8.23 22.19
N SER A 464 97.01 8.04 23.00
CA SER A 464 97.15 7.67 24.40
C SER A 464 96.63 6.25 24.67
N GLY A 465 97.43 5.47 25.41
CA GLY A 465 97.04 4.12 25.76
C GLY A 465 97.12 3.07 24.68
N LYS A 466 97.20 1.82 25.11
CA LYS A 466 97.25 0.67 24.22
C LYS A 466 96.09 -0.26 24.53
N GLY A 467 95.10 -0.31 23.63
CA GLY A 467 93.95 -1.18 23.81
C GLY A 467 93.31 -1.05 25.18
N PHE A 468 93.05 -2.18 25.83
CA PHE A 468 92.46 -2.16 27.15
C PHE A 468 93.57 -1.82 28.15
N ALA A 469 93.55 -0.61 28.68
CA ALA A 469 94.56 -0.21 29.64
C ALA A 469 94.06 -0.55 31.04
N GLY A 470 93.97 -1.85 31.34
CA GLY A 470 93.47 -2.28 32.63
C GLY A 470 94.49 -2.59 33.72
N GLY A 471 95.78 -2.40 33.43
CA GLY A 471 96.80 -2.69 34.42
C GLY A 471 96.69 -1.79 35.64
N ASP A 472 96.56 -0.50 35.41
CA ASP A 472 96.45 0.48 36.47
C ASP A 472 95.76 1.71 35.91
N ILE A 473 95.23 2.52 36.81
CA ILE A 473 94.52 3.73 36.44
C ILE A 473 95.21 4.59 35.38
N SER A 474 96.52 4.74 35.49
CA SER A 474 97.27 5.59 34.55
C SER A 474 97.87 4.97 33.28
N HIS A 475 97.75 3.66 33.10
CA HIS A 475 98.31 3.03 31.90
C HIS A 475 97.75 3.63 30.61
N GLN A 476 96.48 4.02 30.64
CA GLN A 476 95.82 4.62 29.49
C GLN A 476 96.45 5.97 29.13
N LEU A 477 97.15 6.58 30.08
CA LEU A 477 97.76 7.89 29.88
C LEU A 477 99.09 7.87 29.11
N HIS A 478 99.70 6.70 29.01
CA HIS A 478 100.96 6.55 28.30
C HIS A 478 100.82 6.92 26.82
N GLN A 479 101.85 7.57 26.26
CA GLN A 479 101.82 8.03 24.87
C GLN A 479 102.49 7.11 23.85
N TYR A 480 101.81 6.88 22.74
CA TYR A 480 102.35 6.02 21.69
C TYR A 480 102.27 6.75 20.37
N GLU A 481 103.06 6.27 19.40
CA GLU A 481 103.12 6.86 18.07
C GLU A 481 103.22 5.77 16.99
N TYR A 482 102.94 6.15 15.75
CA TYR A 482 103.02 5.23 14.60
C TYR A 482 103.64 5.93 13.40
N PRO A 483 104.66 5.33 12.80
CA PRO A 483 105.22 4.05 13.23
C PRO A 483 105.98 4.17 14.56
N ALA A 484 106.03 3.06 15.31
CA ALA A 484 106.74 3.05 16.58
C ALA A 484 108.23 3.12 16.25
N PRO A 485 109.03 3.81 17.10
CA PRO A 485 110.48 3.92 16.86
C PRO A 485 111.17 2.63 16.44
N GLY A 486 111.79 2.66 15.27
CA GLY A 486 112.49 1.50 14.76
C GLY A 486 111.64 0.48 14.03
N TYR A 487 110.32 0.59 14.13
CA TYR A 487 109.43 -0.33 13.45
C TYR A 487 108.99 0.18 12.09
N SER A 488 108.46 -0.70 11.26
CA SER A 488 108.03 -0.34 9.92
C SER A 488 106.56 -0.01 9.72
N LYS A 489 106.28 0.80 8.71
CA LYS A 489 104.91 1.15 8.36
C LYS A 489 104.23 -0.12 7.87
N ILE A 490 102.90 -0.15 7.91
CA ILE A 490 102.11 -1.30 7.47
C ILE A 490 102.20 -1.53 5.96
N LYS A 491 102.51 -2.76 5.57
CA LYS A 491 102.61 -3.11 4.16
C LYS A 491 101.53 -4.11 3.79
N MET A 492 101.18 -4.95 4.76
CA MET A 492 100.19 -6.00 4.56
C MET A 492 99.13 -5.91 5.65
N PHE A 493 97.94 -6.45 5.36
CA PHE A 493 96.83 -6.43 6.30
C PHE A 493 96.08 -7.76 6.31
N TRP A 494 96.19 -8.49 7.42
CA TRP A 494 95.53 -9.78 7.58
C TRP A 494 94.26 -9.59 8.41
N LYS A 495 93.11 -9.53 7.75
CA LYS A 495 91.85 -9.34 8.47
C LYS A 495 91.14 -10.63 8.87
N TYR A 496 90.57 -10.58 10.07
CA TYR A 496 89.82 -11.70 10.65
C TYR A 496 88.42 -11.10 10.76
N GLY A 497 87.56 -11.45 9.80
CA GLY A 497 86.22 -10.90 9.77
C GLY A 497 86.28 -9.55 9.07
N GLY A 498 85.15 -8.86 8.95
CA GLY A 498 85.12 -7.55 8.29
C GLY A 498 83.86 -6.76 8.66
N PRO A 499 83.71 -6.41 9.94
CA PRO A 499 82.54 -5.66 10.41
C PRO A 499 82.69 -4.17 10.68
N HIS A 500 83.89 -3.64 10.56
CA HIS A 500 84.10 -2.23 10.89
C HIS A 500 83.23 -1.17 10.23
N LEU A 501 82.73 -1.42 9.02
CA LEU A 501 81.89 -0.45 8.34
C LEU A 501 80.62 -0.18 9.14
N GLY A 502 80.12 -1.20 9.84
CA GLY A 502 78.92 -1.02 10.63
C GLY A 502 79.19 -0.88 12.13
N THR A 503 80.43 -1.14 12.56
CA THR A 503 80.73 -1.08 13.99
C THR A 503 81.62 0.03 14.54
N MET A 504 82.42 0.68 13.69
CA MET A 504 83.29 1.74 14.17
C MET A 504 82.65 3.12 14.03
N THR A 505 83.43 4.15 13.76
CA THR A 505 82.89 5.51 13.66
C THR A 505 83.19 6.15 12.30
N ALA A 506 82.28 6.99 11.80
CA ALA A 506 82.44 7.66 10.50
C ALA A 506 83.10 6.67 9.56
N THR A 507 82.51 5.49 9.45
CA THR A 507 83.06 4.39 8.67
C THR A 507 83.37 4.49 7.19
N ASN A 508 82.97 5.55 6.48
CA ASN A 508 83.33 5.61 5.07
C ASN A 508 84.85 5.55 4.93
N ARG A 509 85.56 6.10 5.92
CA ARG A 509 87.00 6.11 5.90
C ARG A 509 87.60 4.69 5.88
N TYR A 510 86.91 3.72 6.49
CA TYR A 510 87.43 2.35 6.47
C TYR A 510 87.31 1.75 5.07
N ALA A 511 86.36 2.25 4.29
CA ALA A 511 86.20 1.75 2.94
C ALA A 511 87.29 2.37 2.05
N LYS A 512 87.66 3.61 2.36
CA LYS A 512 88.68 4.32 1.59
C LYS A 512 90.11 3.81 1.73
N MET A 513 90.48 3.37 2.93
CA MET A 513 91.83 2.89 3.20
C MET A 513 92.25 1.69 2.35
N TYR A 514 91.29 0.89 1.92
CA TYR A 514 91.62 -0.31 1.14
C TYR A 514 92.24 -0.09 -0.23
N THR A 515 92.02 1.08 -0.81
CA THR A 515 92.55 1.37 -2.14
C THR A 515 93.84 2.21 -2.11
N HIS A 516 94.34 2.48 -0.90
CA HIS A 516 95.56 3.27 -0.76
C HIS A 516 96.74 2.42 -1.25
N ASP A 517 97.56 2.99 -2.14
CA ASP A 517 98.69 2.26 -2.70
C ASP A 517 99.73 1.79 -1.68
N SER A 518 99.62 2.23 -0.43
CA SER A 518 100.60 1.78 0.56
C SER A 518 100.31 0.33 0.95
N LEU A 519 99.05 -0.07 0.82
CA LEU A 519 98.62 -1.43 1.13
C LEU A 519 98.97 -2.37 0.00
N GLU A 520 100.01 -3.16 0.18
CA GLU A 520 100.46 -4.10 -0.84
C GLU A 520 99.65 -5.38 -0.91
N PHE A 521 99.07 -5.79 0.22
CA PHE A 521 98.32 -7.04 0.25
C PHE A 521 97.27 -7.06 1.35
N VAL A 522 96.14 -7.70 1.06
CA VAL A 522 95.04 -7.80 2.02
C VAL A 522 94.43 -9.19 2.03
N VAL A 523 94.61 -9.91 3.12
CA VAL A 523 94.04 -11.25 3.26
C VAL A 523 92.83 -11.09 4.14
N SER A 524 91.83 -11.95 3.96
CA SER A 524 90.64 -11.88 4.80
C SER A 524 90.25 -13.28 5.20
N GLN A 525 90.27 -13.54 6.50
CA GLN A 525 89.90 -14.84 7.04
C GLN A 525 88.55 -14.62 7.72
N SER A 526 87.49 -15.00 7.02
CA SER A 526 86.14 -14.80 7.52
C SER A 526 85.20 -15.98 7.26
N ILE A 527 83.96 -15.85 7.70
CA ILE A 527 82.97 -16.91 7.53
C ILE A 527 81.96 -16.54 6.45
N TRP A 528 81.51 -15.29 6.46
CA TRP A 528 80.52 -14.82 5.50
C TRP A 528 81.05 -13.74 4.57
N PHE A 529 80.57 -13.75 3.32
CA PHE A 529 80.96 -12.77 2.32
C PHE A 529 80.13 -11.53 2.57
N GLU A 530 80.67 -10.59 3.33
CA GLU A 530 79.94 -9.38 3.65
C GLU A 530 80.87 -8.31 4.19
N GLY A 531 80.29 -7.17 4.57
CA GLY A 531 81.06 -6.08 5.13
C GLY A 531 82.33 -5.71 4.38
N GLU A 532 83.48 -5.91 5.02
CA GLU A 532 84.79 -5.56 4.45
C GLU A 532 85.42 -6.64 3.60
N VAL A 533 84.91 -7.86 3.69
CA VAL A 533 85.46 -8.98 2.94
C VAL A 533 85.63 -8.72 1.43
N PRO A 534 84.66 -8.03 0.81
CA PRO A 534 84.77 -7.75 -0.63
C PRO A 534 85.82 -6.70 -1.00
N PHE A 535 86.81 -6.49 -0.13
CA PHE A 535 87.88 -5.54 -0.41
C PHE A 535 89.21 -6.28 -0.46
N ALA A 536 89.20 -7.51 0.04
CA ALA A 536 90.42 -8.32 0.09
C ALA A 536 90.96 -8.82 -1.25
N ASP A 537 92.20 -9.30 -1.21
CA ASP A 537 92.89 -9.85 -2.36
C ASP A 537 92.74 -11.37 -2.31
N ILE A 538 92.78 -11.91 -1.10
CA ILE A 538 92.64 -13.35 -0.87
C ILE A 538 91.62 -13.53 0.25
N ILE A 539 90.70 -14.47 0.09
CA ILE A 539 89.68 -14.74 1.08
C ILE A 539 89.72 -16.21 1.51
N LEU A 540 89.90 -16.44 2.81
CA LEU A 540 89.96 -17.80 3.35
C LEU A 540 88.68 -18.14 4.11
N PRO A 541 88.01 -19.25 3.73
CA PRO A 541 86.76 -19.73 4.33
C PRO A 541 86.90 -20.35 5.72
N ALA A 542 86.40 -19.65 6.74
CA ALA A 542 86.42 -20.16 8.10
C ALA A 542 85.03 -20.75 8.37
N CYS A 543 84.93 -21.68 9.32
CA CYS A 543 83.64 -22.30 9.65
C CYS A 543 83.12 -21.84 11.01
N THR A 544 81.82 -22.06 11.27
CA THR A 544 81.23 -21.67 12.55
C THR A 544 81.60 -22.72 13.60
N ASN A 545 81.32 -22.42 14.87
CA ASN A 545 81.67 -23.36 15.94
C ASN A 545 80.83 -24.63 15.92
N PHE A 546 79.86 -24.72 15.01
CA PHE A 546 79.03 -25.91 14.92
C PHE A 546 79.67 -26.94 13.99
N GLU A 547 80.80 -26.57 13.40
CA GLU A 547 81.51 -27.43 12.46
C GLU A 547 82.91 -27.77 12.98
N ARG A 548 83.10 -27.66 14.29
CA ARG A 548 84.38 -27.96 14.92
C ARG A 548 84.17 -28.29 16.39
N TRP A 549 85.19 -28.85 17.03
CA TRP A 549 85.07 -29.21 18.44
C TRP A 549 85.59 -28.10 19.33
N ASP A 550 84.94 -27.92 20.46
CA ASP A 550 85.40 -26.91 21.40
C ASP A 550 84.79 -27.14 22.76
N ILE A 551 84.96 -26.18 23.66
CA ILE A 551 84.42 -26.31 25.01
C ILE A 551 84.27 -24.92 25.59
N SER A 552 83.25 -24.72 26.41
CA SER A 552 83.00 -23.42 26.99
C SER A 552 82.02 -23.50 28.13
N GLU A 553 81.73 -22.34 28.72
CA GLU A 553 80.77 -22.21 29.80
C GLU A 553 79.79 -21.12 29.43
N PHE A 554 78.54 -21.30 29.83
CA PHE A 554 77.48 -20.36 29.55
C PHE A 554 77.91 -18.92 29.92
N ALA A 555 78.00 -18.08 28.90
CA ALA A 555 78.37 -16.66 29.04
C ALA A 555 79.67 -16.37 29.78
N ASN A 556 80.56 -17.35 29.89
CA ASN A 556 81.80 -17.09 30.61
C ASN A 556 82.88 -16.41 29.78
N CYS A 557 83.08 -15.12 30.07
CA CYS A 557 84.09 -14.29 29.42
C CYS A 557 85.30 -14.21 30.34
N SER A 558 85.05 -13.76 31.57
CA SER A 558 86.08 -13.60 32.59
C SER A 558 87.03 -12.47 32.21
N GLY A 559 88.30 -12.59 32.59
CA GLY A 559 89.27 -11.55 32.28
C GLY A 559 88.84 -10.19 32.82
N TYR A 560 88.63 -9.24 31.92
N TYR A 560 88.63 -9.24 31.92
CA TYR A 560 88.22 -7.89 32.30
CA TYR A 560 88.22 -7.89 32.30
C TYR A 560 86.81 -7.87 32.89
C TYR A 560 86.81 -7.87 32.89
N ILE A 561 86.23 -9.06 33.06
CA ILE A 561 84.90 -9.19 33.65
C ILE A 561 84.95 -10.48 34.48
N PRO A 562 85.71 -10.47 35.58
CA PRO A 562 85.86 -11.62 36.47
C PRO A 562 84.54 -12.24 36.92
N ASP A 563 84.44 -13.56 36.79
CA ASP A 563 83.25 -14.32 37.19
C ASP A 563 81.94 -13.77 36.61
N ASN A 564 81.88 -13.52 35.31
CA ASN A 564 80.66 -12.96 34.73
C ASN A 564 79.56 -13.99 34.44
N TYR A 565 79.86 -15.26 34.72
CA TYR A 565 78.88 -16.32 34.53
C TYR A 565 77.75 -16.11 35.55
N GLN A 566 77.95 -15.16 36.45
CA GLN A 566 76.93 -14.84 37.46
C GLN A 566 75.78 -14.12 36.80
N LEU A 567 75.83 -14.06 35.47
CA LEU A 567 74.78 -13.45 34.68
C LEU A 567 73.69 -14.48 34.49
N CYS A 568 74.07 -15.75 34.56
CA CYS A 568 73.17 -16.87 34.36
C CYS A 568 72.55 -17.42 35.65
N ASN A 569 71.47 -18.17 35.51
CA ASN A 569 70.79 -18.76 36.66
C ASN A 569 71.55 -20.01 37.09
N HIS A 570 72.41 -20.50 36.21
CA HIS A 570 73.22 -21.69 36.48
C HIS A 570 74.56 -21.56 35.75
N ARG A 571 75.55 -22.31 36.22
CA ARG A 571 76.85 -22.32 35.57
C ARG A 571 76.83 -23.61 34.76
N VAL A 572 76.58 -23.47 33.47
CA VAL A 572 76.51 -24.60 32.56
C VAL A 572 77.80 -24.70 31.76
N ILE A 573 78.47 -25.83 31.86
CA ILE A 573 79.71 -26.05 31.12
C ILE A 573 79.36 -27.09 30.05
N SER A 574 79.62 -26.76 28.80
CA SER A 574 79.27 -27.70 27.76
C SER A 574 80.30 -27.98 26.69
N LEU A 575 80.30 -29.23 26.23
CA LEU A 575 81.21 -29.64 25.18
C LEU A 575 80.55 -29.15 23.91
N GLN A 576 81.27 -28.40 23.10
CA GLN A 576 80.69 -27.93 21.85
C GLN A 576 81.03 -28.99 20.81
N ALA A 577 80.10 -29.92 20.61
CA ALA A 577 80.32 -30.99 19.66
C ALA A 577 80.34 -30.52 18.22
N LYS A 578 81.16 -31.18 17.41
CA LYS A 578 81.23 -30.87 15.99
C LYS A 578 79.98 -31.59 15.52
N CYS A 579 78.92 -30.82 15.28
CA CYS A 579 77.64 -31.40 14.87
C CYS A 579 77.60 -31.80 13.39
N ILE A 580 78.31 -31.06 12.55
CA ILE A 580 78.35 -31.35 11.12
C ILE A 580 79.74 -31.03 10.56
N GLU A 581 80.02 -31.60 9.40
CA GLU A 581 81.29 -31.36 8.73
C GLU A 581 81.26 -29.92 8.24
N PRO A 582 82.43 -29.27 8.18
CA PRO A 582 82.54 -27.88 7.73
C PRO A 582 81.78 -27.68 6.42
N VAL A 583 81.02 -26.58 6.34
CA VAL A 583 80.22 -26.29 5.16
C VAL A 583 81.03 -25.80 3.96
N GLY A 584 80.81 -26.45 2.82
CA GLY A 584 81.53 -26.07 1.61
C GLY A 584 82.98 -26.45 1.77
N GLU A 585 83.88 -25.57 1.32
CA GLU A 585 85.30 -25.85 1.44
C GLU A 585 85.94 -25.07 2.60
N SER A 586 85.12 -24.66 3.56
CA SER A 586 85.64 -23.91 4.71
C SER A 586 86.28 -24.86 5.71
N MET A 587 87.12 -24.31 6.57
CA MET A 587 87.75 -25.11 7.62
C MET A 587 87.89 -24.27 8.86
N SER A 588 88.15 -24.91 9.99
CA SER A 588 88.28 -24.17 11.25
C SER A 588 89.50 -23.26 11.24
N ASP A 589 89.44 -22.19 12.03
CA ASP A 589 90.58 -21.27 12.11
C ASP A 589 91.85 -21.99 12.53
N TYR A 590 91.73 -22.94 13.47
CA TYR A 590 92.91 -23.68 13.92
C TYR A 590 93.52 -24.55 12.84
N GLU A 591 92.70 -25.18 12.02
CA GLU A 591 93.24 -26.01 10.96
C GLU A 591 93.84 -25.11 9.87
N ILE A 592 93.30 -23.92 9.69
CA ILE A 592 93.84 -22.97 8.72
C ILE A 592 95.24 -22.58 9.21
N TYR A 593 95.33 -22.21 10.48
CA TYR A 593 96.61 -21.82 11.07
C TYR A 593 97.60 -22.99 11.08
N ARG A 594 97.09 -24.20 11.23
CA ARG A 594 97.96 -25.37 11.24
C ARG A 594 98.56 -25.57 9.85
N LEU A 595 97.79 -25.29 8.81
CA LEU A 595 98.28 -25.43 7.45
C LEU A 595 99.36 -24.39 7.18
N PHE A 596 99.14 -23.16 7.64
CA PHE A 596 100.14 -22.11 7.46
C PHE A 596 101.41 -22.48 8.24
N ALA A 597 101.23 -22.97 9.47
CA ALA A 597 102.38 -23.36 10.30
C ALA A 597 103.26 -24.34 9.55
N LYS A 598 102.64 -25.31 8.87
CA LYS A 598 103.37 -26.30 8.11
C LYS A 598 104.15 -25.63 6.98
N LYS A 599 103.52 -24.66 6.35
CA LYS A 599 104.13 -23.90 5.25
C LYS A 599 105.22 -22.93 5.75
N LEU A 600 105.05 -22.42 6.97
CA LEU A 600 106.01 -21.50 7.57
C LEU A 600 107.05 -22.26 8.39
N ASN A 601 106.99 -23.59 8.29
CA ASN A 601 107.94 -24.46 8.96
C ASN A 601 107.90 -24.42 10.49
N ILE A 602 106.72 -24.15 11.04
CA ILE A 602 106.57 -24.07 12.49
C ILE A 602 105.42 -24.92 12.99
N GLU A 603 104.99 -25.91 12.21
CA GLU A 603 103.88 -26.77 12.61
C GLU A 603 104.01 -27.38 14.00
N GLU A 604 105.15 -27.99 14.27
CA GLU A 604 105.40 -28.64 15.56
C GLU A 604 105.20 -27.66 16.74
N MET A 605 105.87 -26.51 16.68
CA MET A 605 105.78 -25.52 17.74
C MET A 605 104.35 -24.97 17.93
N PHE A 606 103.63 -24.79 16.84
CA PHE A 606 102.27 -24.25 16.92
C PHE A 606 101.20 -25.25 17.39
N SER A 607 101.21 -26.46 16.82
CA SER A 607 100.21 -27.47 17.15
C SER A 607 100.62 -28.46 18.23
N GLU A 608 101.92 -28.58 18.49
CA GLU A 608 102.39 -29.54 19.47
C GLU A 608 101.80 -30.93 19.18
N GLY A 609 101.50 -31.18 17.91
CA GLY A 609 100.95 -32.45 17.47
C GLY A 609 99.50 -32.71 17.83
N LYS A 610 98.81 -31.67 18.28
CA LYS A 610 97.43 -31.81 18.70
C LYS A 610 96.41 -31.24 17.73
N ASP A 611 95.25 -31.89 17.67
CA ASP A 611 94.16 -31.39 16.84
C ASP A 611 93.31 -30.61 17.85
N GLU A 612 92.28 -29.94 17.36
CA GLU A 612 91.44 -29.16 18.27
C GLU A 612 90.94 -29.97 19.47
N LEU A 613 90.50 -31.20 19.24
CA LEU A 613 89.98 -32.02 20.33
C LEU A 613 91.03 -32.35 21.40
N ALA A 614 92.28 -32.58 20.98
CA ALA A 614 93.34 -32.89 21.93
C ALA A 614 93.60 -31.67 22.82
N TRP A 615 93.47 -30.48 22.25
CA TRP A 615 93.67 -29.26 23.01
C TRP A 615 92.52 -29.08 23.99
N CYS A 616 91.35 -29.62 23.63
CA CYS A 616 90.19 -29.52 24.50
C CYS A 616 90.37 -30.32 25.79
N GLU A 617 90.87 -31.54 25.66
CA GLU A 617 91.11 -32.41 26.81
C GLU A 617 92.16 -31.78 27.72
N GLN A 618 93.22 -31.24 27.13
CA GLN A 618 94.28 -30.61 27.91
C GLN A 618 93.69 -29.39 28.63
N TYR A 619 92.80 -28.68 27.94
CA TYR A 619 92.14 -27.52 28.51
C TYR A 619 91.30 -27.97 29.69
N PHE A 620 90.51 -29.02 29.45
CA PHE A 620 89.63 -29.59 30.47
C PHE A 620 90.38 -29.86 31.76
N ASN A 621 91.47 -30.62 31.65
CA ASN A 621 92.25 -30.97 32.82
C ASN A 621 92.94 -29.81 33.54
N ALA A 622 92.87 -28.62 32.96
CA ALA A 622 93.49 -27.46 33.60
C ALA A 622 92.47 -26.66 34.40
N THR A 623 91.24 -27.17 34.45
CA THR A 623 90.17 -26.53 35.20
C THR A 623 89.86 -27.37 36.43
N ASP A 624 88.76 -27.04 37.12
CA ASP A 624 88.36 -27.78 38.31
C ASP A 624 87.41 -28.92 37.96
N MET A 625 87.01 -29.01 36.69
CA MET A 625 86.10 -30.07 36.23
C MET A 625 86.49 -31.47 36.65
N PRO A 626 87.77 -31.83 36.53
CA PRO A 626 88.19 -33.18 36.93
C PRO A 626 87.74 -33.59 38.32
N LYS A 627 87.49 -32.60 39.17
CA LYS A 627 87.06 -32.86 40.53
C LYS A 627 85.69 -33.52 40.52
N TYR A 628 84.95 -33.33 39.44
CA TYR A 628 83.60 -33.90 39.33
C TYR A 628 83.47 -35.03 38.32
N MET A 629 84.20 -34.94 37.21
CA MET A 629 84.12 -35.98 36.20
C MET A 629 85.27 -35.94 35.22
N THR A 630 85.69 -37.11 34.78
CA THR A 630 86.79 -37.25 33.84
C THR A 630 86.42 -36.66 32.48
N TRP A 631 87.42 -36.51 31.62
CA TRP A 631 87.20 -35.99 30.28
C TRP A 631 86.22 -36.89 29.55
N ASP A 632 86.53 -38.19 29.51
CA ASP A 632 85.69 -39.18 28.84
C ASP A 632 84.22 -39.09 29.23
N GLU A 633 83.97 -39.08 30.53
CA GLU A 633 82.60 -39.00 31.03
C GLU A 633 81.94 -37.70 30.60
N PHE A 634 82.71 -36.62 30.63
CA PHE A 634 82.17 -35.32 30.24
C PHE A 634 81.87 -35.28 28.74
N PHE A 635 82.78 -35.83 27.95
CA PHE A 635 82.61 -35.86 26.50
C PHE A 635 81.29 -36.57 26.18
N LYS A 636 81.05 -37.65 26.91
CA LYS A 636 79.85 -38.45 26.74
C LYS A 636 78.57 -37.71 27.12
N LYS A 637 78.56 -37.05 28.27
CA LYS A 637 77.39 -36.32 28.72
C LYS A 637 77.08 -35.11 27.85
N GLY A 638 78.12 -34.33 27.52
CA GLY A 638 77.92 -33.16 26.68
C GLY A 638 77.84 -31.82 27.42
N TYR A 639 77.32 -31.84 28.63
CA TYR A 639 77.22 -30.62 29.43
C TYR A 639 77.23 -30.98 30.91
N PHE A 640 77.50 -29.99 31.76
CA PHE A 640 77.56 -30.21 33.20
C PHE A 640 77.05 -28.99 33.93
N VAL A 641 76.09 -29.21 34.84
CA VAL A 641 75.54 -28.12 35.62
C VAL A 641 76.26 -28.08 36.96
N VAL A 642 77.10 -27.07 37.15
CA VAL A 642 77.86 -26.92 38.37
C VAL A 642 76.96 -26.93 39.61
N PRO A 643 77.30 -27.75 40.61
CA PRO A 643 76.49 -27.82 41.82
C PRO A 643 76.48 -26.48 42.57
N ASP A 644 75.43 -26.28 43.37
CA ASP A 644 75.29 -25.09 44.17
C ASP A 644 76.19 -25.22 45.40
N ASN A 645 76.64 -24.09 45.93
CA ASN A 645 77.49 -24.07 47.11
C ASN A 645 76.73 -23.25 48.15
N PRO A 646 75.74 -23.87 48.82
CA PRO A 646 74.87 -23.28 49.84
C PRO A 646 75.55 -22.59 51.02
N ASN A 647 76.65 -23.16 51.50
CA ASN A 647 77.30 -22.59 52.68
C ASN A 647 78.17 -21.36 52.57
N ARG A 648 79.08 -21.30 51.59
CA ARG A 648 79.98 -20.16 51.45
C ARG A 648 79.38 -18.85 51.98
N LYS A 649 80.18 -18.09 52.73
CA LYS A 649 79.69 -16.82 53.27
C LYS A 649 79.51 -15.83 52.13
N LYS A 650 78.46 -15.03 52.21
CA LYS A 650 78.18 -14.05 51.17
C LYS A 650 79.01 -12.79 51.33
N THR A 651 79.47 -12.26 50.20
CA THR A 651 80.27 -11.04 50.17
C THR A 651 79.68 -10.11 49.12
N VAL A 652 78.77 -9.24 49.55
CA VAL A 652 78.13 -8.32 48.64
C VAL A 652 79.11 -7.31 48.06
N ALA A 653 78.92 -6.99 46.77
CA ALA A 653 79.77 -6.05 46.08
C ALA A 653 79.93 -4.73 46.83
N LEU A 654 81.15 -4.23 46.87
CA LEU A 654 81.46 -2.96 47.52
C LEU A 654 81.07 -2.79 48.99
N ARG A 655 80.59 -3.84 49.64
CA ARG A 655 80.21 -3.70 51.04
C ARG A 655 81.44 -3.54 51.93
N TRP A 656 82.52 -4.23 51.59
CA TRP A 656 83.75 -4.14 52.33
C TRP A 656 84.29 -2.70 52.26
N PHE A 657 84.03 -2.02 51.15
CA PHE A 657 84.48 -0.63 50.95
C PHE A 657 83.58 0.34 51.72
N ALA A 658 82.29 0.04 51.74
CA ALA A 658 81.33 0.90 52.43
C ALA A 658 81.63 0.90 53.94
N GLU A 659 81.97 -0.27 54.46
CA GLU A 659 82.24 -0.44 55.87
C GLU A 659 83.69 -0.21 56.30
N GLY A 660 84.48 0.39 55.41
CA GLY A 660 85.86 0.71 55.70
C GLY A 660 86.79 -0.43 56.12
N ARG A 661 86.50 -1.65 55.66
CA ARG A 661 87.32 -2.81 55.99
C ARG A 661 87.96 -3.45 54.76
N GLU A 662 88.80 -4.46 54.98
CA GLU A 662 89.51 -5.16 53.92
C GLU A 662 88.60 -5.81 52.87
N LYS A 663 89.08 -5.82 51.63
CA LYS A 663 88.37 -6.39 50.49
C LYS A 663 88.22 -7.91 50.69
N ASP A 664 86.98 -8.40 50.69
CA ASP A 664 86.72 -9.83 50.92
C ASP A 664 86.06 -10.62 49.78
N THR A 665 85.78 -9.98 48.66
CA THR A 665 85.13 -10.68 47.54
C THR A 665 86.15 -11.41 46.66
N PRO A 666 85.67 -12.18 45.67
CA PRO A 666 86.58 -12.91 44.78
C PRO A 666 87.12 -12.03 43.65
N ASP A 667 86.87 -10.73 43.71
CA ASP A 667 87.31 -9.84 42.64
C ASP A 667 88.80 -9.97 42.38
N TRP A 668 89.21 -9.71 41.14
CA TRP A 668 90.61 -9.82 40.76
C TRP A 668 91.49 -8.63 41.17
N GLY A 669 90.90 -7.69 41.89
CA GLY A 669 91.64 -6.52 42.35
C GLY A 669 90.92 -5.78 43.46
N PRO A 670 91.46 -4.65 43.95
CA PRO A 670 92.72 -4.04 43.46
C PRO A 670 93.93 -4.87 43.86
N ARG A 671 95.07 -4.59 43.22
CA ARG A 671 96.29 -5.33 43.55
C ARG A 671 96.80 -4.79 44.88
N LEU A 672 97.39 -5.69 45.66
CA LEU A 672 97.90 -5.34 46.99
C LEU A 672 98.63 -4.01 47.07
N ASN A 673 99.53 -3.75 46.13
CA ASN A 673 100.31 -2.52 46.11
C ASN A 673 99.47 -1.27 45.81
N ASN A 674 98.20 -1.47 45.45
CA ASN A 674 97.31 -0.35 45.17
C ASN A 674 96.37 -0.08 46.34
N GLN A 675 96.68 -0.67 47.48
CA GLN A 675 95.90 -0.49 48.69
C GLN A 675 96.84 -0.37 49.89
N VAL A 676 96.33 0.25 50.94
CA VAL A 676 97.08 0.37 52.18
C VAL A 676 96.45 -0.68 53.10
N CYS A 677 97.18 -1.78 53.32
CA CYS A 677 96.70 -2.88 54.16
C CYS A 677 95.39 -3.44 53.60
N ARG A 678 95.38 -3.60 52.29
CA ARG A 678 94.25 -4.06 51.49
C ARG A 678 92.87 -3.55 51.89
N LYS A 679 92.82 -2.24 52.06
CA LYS A 679 91.60 -1.51 52.37
C LYS A 679 91.49 -0.40 51.33
N GLY A 680 90.28 0.03 51.05
CA GLY A 680 90.07 1.10 50.10
C GLY A 680 90.16 0.72 48.63
N LEU A 681 89.70 1.63 47.77
CA LEU A 681 89.73 1.43 46.33
C LEU A 681 91.15 1.58 45.82
N GLN A 682 91.33 1.27 44.54
CA GLN A 682 92.61 1.35 43.86
C GLN A 682 93.14 2.78 43.67
N THR A 683 92.29 3.78 43.87
CA THR A 683 92.73 5.16 43.74
C THR A 683 93.82 5.47 44.78
N THR A 684 94.52 6.58 44.60
CA THR A 684 95.58 6.98 45.51
C THR A 684 95.11 7.11 46.97
N THR A 685 94.00 7.82 47.17
CA THR A 685 93.44 8.04 48.48
C THR A 685 92.64 6.85 49.00
N GLY A 686 92.35 5.90 48.09
CA GLY A 686 91.57 4.74 48.47
C GLY A 686 90.11 5.11 48.55
N LYS A 687 89.82 6.35 48.18
CA LYS A 687 88.46 6.86 48.22
C LYS A 687 87.93 7.15 46.82
N VAL A 688 86.64 7.48 46.76
CA VAL A 688 86.01 7.84 45.50
C VAL A 688 86.46 9.29 45.31
N GLU A 689 87.21 9.53 44.25
CA GLU A 689 87.76 10.86 43.99
C GLU A 689 86.99 11.74 43.00
N PHE A 690 86.24 12.71 43.54
CA PHE A 690 85.45 13.65 42.72
C PHE A 690 86.37 14.60 41.97
N ILE A 691 87.60 14.70 42.48
CA ILE A 691 88.66 15.49 41.87
C ILE A 691 89.70 14.38 41.76
N ALA A 692 89.81 13.78 40.59
CA ALA A 692 90.72 12.66 40.36
C ALA A 692 92.20 13.05 40.50
N THR A 693 92.92 12.34 41.36
CA THR A 693 94.34 12.65 41.57
C THR A 693 95.17 12.25 40.35
N SER A 694 94.76 11.18 39.67
CA SER A 694 95.48 10.73 38.48
C SER A 694 95.42 11.81 37.40
N LEU A 695 94.22 12.33 37.13
CA LEU A 695 94.05 13.36 36.11
C LEU A 695 94.68 14.70 36.52
N LYS A 696 94.67 15.00 37.81
CA LYS A 696 95.25 16.25 38.27
C LYS A 696 96.77 16.22 38.03
N ASN A 697 97.37 15.03 38.14
CA ASN A 697 98.81 14.91 37.90
C ASN A 697 99.06 15.06 36.41
N PHE A 698 98.24 14.36 35.62
CA PHE A 698 98.33 14.39 34.18
C PHE A 698 98.26 15.82 33.66
N GLU A 699 97.22 16.55 34.06
CA GLU A 699 97.09 17.93 33.61
C GLU A 699 98.17 18.88 34.14
N GLU A 700 98.78 18.56 35.27
CA GLU A 700 99.83 19.42 35.82
C GLU A 700 101.16 19.09 35.15
N GLN A 701 101.22 17.93 34.51
CA GLN A 701 102.42 17.51 33.81
C GLN A 701 102.40 18.13 32.40
N GLY A 702 101.34 18.88 32.11
CA GLY A 702 101.23 19.54 30.82
C GLY A 702 100.17 19.03 29.86
N TYR A 703 99.54 17.92 30.18
CA TYR A 703 98.51 17.36 29.29
C TYR A 703 97.15 17.98 29.53
N ILE A 704 96.94 19.16 28.95
CA ILE A 704 95.70 19.91 29.08
C ILE A 704 94.60 19.31 28.21
N ASP A 705 93.48 18.96 28.84
CA ASP A 705 92.36 18.37 28.15
C ASP A 705 91.03 18.87 28.72
N GLU A 706 90.51 19.92 28.10
CA GLU A 706 89.27 20.57 28.50
C GLU A 706 88.05 19.65 28.58
N HIS A 707 88.02 18.58 27.78
CA HIS A 707 86.88 17.67 27.80
C HIS A 707 87.08 16.48 28.73
N ARG A 708 88.00 16.62 29.66
CA ARG A 708 88.25 15.55 30.62
C ARG A 708 88.97 16.16 31.82
N PRO A 709 88.29 17.06 32.53
CA PRO A 709 88.82 17.75 33.71
C PRO A 709 89.04 16.78 34.87
N SER A 710 89.91 17.13 35.80
CA SER A 710 90.16 16.26 36.93
C SER A 710 88.92 16.21 37.81
N MET A 711 88.13 17.28 37.81
CA MET A 711 86.91 17.31 38.61
C MET A 711 85.67 17.06 37.76
N HIS A 712 84.89 16.06 38.16
CA HIS A 712 83.66 15.73 37.48
C HIS A 712 82.81 16.98 37.43
N THR A 713 82.56 17.49 36.22
CA THR A 713 81.78 18.71 36.04
C THR A 713 80.87 18.56 34.83
N TYR A 714 80.01 19.55 34.62
CA TYR A 714 79.12 19.50 33.48
C TYR A 714 79.79 20.04 32.24
N VAL A 715 80.50 19.16 31.52
CA VAL A 715 81.14 19.57 30.28
C VAL A 715 80.08 19.32 29.22
N PRO A 716 79.66 20.36 28.49
CA PRO A 716 78.64 20.14 27.46
C PRO A 716 79.15 19.17 26.39
N ALA A 717 78.34 18.18 26.04
CA ALA A 717 78.72 17.21 25.01
C ALA A 717 79.03 17.95 23.69
N TRP A 718 80.19 17.70 23.09
CA TRP A 718 80.56 18.38 21.85
C TRP A 718 79.75 17.96 20.62
N GLU A 719 78.91 16.95 20.79
CA GLU A 719 78.04 16.50 19.71
C GLU A 719 76.65 16.32 20.33
N SER A 720 76.04 17.45 20.68
CA SER A 720 74.70 17.49 21.26
C SER A 720 73.99 18.58 20.46
N GLN A 721 72.66 18.64 20.58
CA GLN A 721 71.87 19.59 19.83
C GLN A 721 71.99 21.06 20.20
N LYS A 722 72.17 21.37 21.47
CA LYS A 722 72.29 22.77 21.85
C LYS A 722 73.72 23.31 22.01
N HIS A 723 74.72 22.46 21.85
CA HIS A 723 76.09 22.94 22.00
C HIS A 723 76.98 22.72 20.78
N SER A 724 76.40 22.25 19.68
CA SER A 724 77.19 22.02 18.48
C SER A 724 76.70 22.89 17.33
N PRO A 725 77.60 23.63 16.68
CA PRO A 725 77.24 24.50 15.55
C PRO A 725 76.60 23.61 14.49
N LEU A 726 77.01 22.34 14.50
CA LEU A 726 76.53 21.32 13.58
C LEU A 726 75.00 21.14 13.58
N ALA A 727 74.36 21.39 14.72
CA ALA A 727 72.92 21.24 14.86
C ALA A 727 72.12 22.19 13.98
N VAL A 728 72.78 23.20 13.42
CA VAL A 728 72.08 24.14 12.56
C VAL A 728 71.64 23.40 11.30
N LYS A 729 72.54 22.56 10.77
CA LYS A 729 72.27 21.79 9.58
C LYS A 729 71.68 20.41 9.88
N TYR A 730 72.09 19.83 11.01
CA TYR A 730 71.65 18.51 11.42
C TYR A 730 71.05 18.62 12.82
N PRO A 731 69.78 19.04 12.90
CA PRO A 731 69.00 19.24 14.14
C PRO A 731 68.54 18.02 14.93
N LEU A 732 68.56 16.84 14.31
CA LEU A 732 68.12 15.63 14.99
C LEU A 732 69.22 14.90 15.74
N GLY A 733 68.93 14.54 16.99
CA GLY A 733 69.91 13.84 17.81
C GLY A 733 69.76 12.34 17.67
N MET A 734 70.83 11.68 17.24
CA MET A 734 70.78 10.24 17.04
C MET A 734 71.64 9.40 17.98
N LEU A 735 71.07 8.29 18.45
CA LEU A 735 71.79 7.34 19.30
C LEU A 735 71.65 6.02 18.57
N SER A 736 72.70 5.21 18.57
CA SER A 736 72.66 3.94 17.87
C SER A 736 73.18 2.78 18.72
N PRO A 737 72.36 2.26 19.63
CA PRO A 737 72.73 1.15 20.51
C PRO A 737 72.87 -0.19 19.80
N HIS A 738 73.18 -1.22 20.56
CA HIS A 738 73.35 -2.56 20.01
C HIS A 738 72.05 -3.15 19.50
N PRO A 739 72.12 -3.89 18.38
CA PRO A 739 70.98 -4.54 17.71
C PRO A 739 70.22 -5.51 18.61
N ARG A 740 68.91 -5.39 18.57
CA ARG A 740 68.01 -6.23 19.35
C ARG A 740 67.99 -7.69 18.90
N PHE A 741 67.94 -7.91 17.59
CA PHE A 741 67.87 -9.28 17.06
C PHE A 741 69.13 -9.85 16.44
N SER A 742 70.28 -9.34 16.87
CA SER A 742 71.57 -9.82 16.38
C SER A 742 72.68 -9.53 17.39
N MET A 743 73.72 -10.36 17.39
CA MET A 743 74.86 -10.14 18.28
C MET A 743 75.76 -9.31 17.38
N HIS A 744 75.56 -8.00 17.38
CA HIS A 744 76.31 -7.12 16.50
C HIS A 744 76.09 -7.56 15.05
N THR A 745 77.15 -7.89 14.32
CA THR A 745 76.95 -8.25 12.93
C THR A 745 76.54 -9.70 12.74
N MET A 746 76.78 -10.53 13.76
CA MET A 746 76.46 -11.94 13.71
C MET A 746 74.99 -12.23 13.99
N GLY A 747 74.18 -12.09 12.95
CA GLY A 747 72.75 -12.33 13.06
C GLY A 747 72.07 -11.58 11.93
N ASP A 748 72.52 -10.36 11.68
CA ASP A 748 71.96 -9.55 10.61
C ASP A 748 72.48 -10.00 9.25
N GLY A 749 71.82 -9.55 8.18
CA GLY A 749 72.23 -9.93 6.84
C GLY A 749 72.37 -11.43 6.67
N LYS A 750 73.32 -11.85 5.84
CA LYS A 750 73.58 -13.27 5.58
C LYS A 750 72.37 -14.08 5.15
N ASN A 751 71.28 -13.39 4.83
N ASN A 751 71.28 -13.39 4.83
CA ASN A 751 70.06 -14.06 4.41
CA ASN A 751 70.06 -14.06 4.41
C ASN A 751 69.55 -14.95 5.55
C ASN A 751 69.55 -14.95 5.55
N SER A 752 69.71 -14.48 6.78
CA SER A 752 69.29 -15.22 7.97
C SER A 752 67.80 -15.05 8.25
N TYR A 753 67.28 -15.88 9.15
CA TYR A 753 65.87 -15.79 9.49
C TYR A 753 65.57 -14.47 10.22
N MET A 754 66.54 -13.95 10.95
CA MET A 754 66.32 -12.71 11.69
C MET A 754 65.88 -11.55 10.80
N ASN A 755 66.22 -11.60 9.53
CA ASN A 755 65.83 -10.53 8.61
C ASN A 755 64.32 -10.45 8.37
N TYR A 756 63.57 -11.44 8.83
CA TYR A 756 62.11 -11.42 8.65
C TYR A 756 61.38 -10.90 9.87
N ILE A 757 62.14 -10.54 10.91
CA ILE A 757 61.57 -9.99 12.14
C ILE A 757 61.10 -8.57 11.83
N LYS A 758 59.83 -8.30 12.13
CA LYS A 758 59.24 -7.01 11.87
C LYS A 758 60.03 -5.80 12.36
N ASP A 759 60.53 -5.87 13.59
CA ASP A 759 61.26 -4.76 14.17
C ASP A 759 62.77 -4.78 13.89
N HIS A 760 63.20 -5.65 12.98
CA HIS A 760 64.62 -5.73 12.61
C HIS A 760 64.91 -5.07 11.27
N ARG A 761 64.20 -5.51 10.23
CA ARG A 761 64.36 -4.96 8.89
C ARG A 761 62.99 -4.90 8.20
N VAL A 762 62.84 -3.98 7.26
CA VAL A 762 61.58 -3.81 6.54
C VAL A 762 61.75 -3.99 5.03
N GLU A 763 61.00 -4.92 4.47
CA GLU A 763 61.07 -5.17 3.04
C GLU A 763 60.28 -4.11 2.28
N VAL A 764 60.92 -3.52 1.28
CA VAL A 764 60.26 -2.53 0.45
C VAL A 764 60.77 -2.74 -0.96
N ASP A 765 59.90 -3.26 -1.82
CA ASP A 765 60.24 -3.52 -3.20
C ASP A 765 61.38 -4.52 -3.33
N GLY A 766 61.26 -5.65 -2.63
CA GLY A 766 62.27 -6.68 -2.70
C GLY A 766 63.51 -6.58 -1.82
N TYR A 767 63.78 -5.40 -1.28
CA TYR A 767 64.98 -5.22 -0.44
C TYR A 767 64.61 -4.96 1.03
N LYS A 768 65.28 -5.65 1.94
CA LYS A 768 65.02 -5.47 3.37
C LYS A 768 65.89 -4.35 3.96
N TYR A 769 65.26 -3.20 4.22
CA TYR A 769 65.97 -2.03 4.76
C TYR A 769 66.09 -1.96 6.29
N TRP A 770 67.16 -1.32 6.73
CA TRP A 770 67.44 -1.12 8.15
C TRP A 770 66.42 -0.11 8.67
N ILE A 771 66.09 -0.18 9.96
CA ILE A 771 65.10 0.71 10.56
C ILE A 771 65.64 1.88 11.37
N MET A 772 64.96 3.02 11.25
CA MET A 772 65.26 4.21 12.02
C MET A 772 63.95 4.67 12.63
N ARG A 773 63.91 4.72 13.96
CA ARG A 773 62.74 5.14 14.68
C ARG A 773 62.69 6.66 14.76
N VAL A 774 61.56 7.21 14.36
CA VAL A 774 61.34 8.66 14.33
C VAL A 774 60.06 9.00 15.09
N ASN A 775 60.09 10.10 15.84
CA ASN A 775 58.91 10.52 16.59
C ASN A 775 57.90 11.15 15.65
N SER A 776 56.64 10.76 15.81
CA SER A 776 55.54 11.25 14.97
C SER A 776 55.59 12.73 14.61
N ILE A 777 55.94 13.58 15.57
CA ILE A 777 56.01 15.03 15.31
C ILE A 777 57.11 15.42 14.32
N ASP A 778 58.23 14.70 14.37
CA ASP A 778 59.35 15.00 13.46
C ASP A 778 59.11 14.44 12.06
N ALA A 779 58.39 13.31 12.01
CA ALA A 779 58.07 12.66 10.74
C ALA A 779 57.04 13.50 10.00
N GLU A 780 56.00 13.90 10.71
CA GLU A 780 54.95 14.70 10.12
C GLU A 780 55.53 15.98 9.56
N ALA A 781 56.39 16.63 10.34
CA ALA A 781 57.01 17.88 9.91
C ALA A 781 57.84 17.71 8.63
N ARG A 782 58.21 16.47 8.32
CA ARG A 782 59.00 16.17 7.14
C ARG A 782 58.22 15.40 6.06
N GLY A 783 56.93 15.19 6.29
CA GLY A 783 56.13 14.46 5.32
C GLY A 783 56.47 12.99 5.30
N ILE A 784 57.08 12.50 6.38
CA ILE A 784 57.47 11.10 6.48
C ILE A 784 56.39 10.25 7.13
N LYS A 785 56.10 9.11 6.54
CA LYS A 785 55.10 8.18 7.07
C LYS A 785 55.77 6.86 7.39
N ASN A 786 55.10 6.03 8.17
CA ASN A 786 55.62 4.74 8.54
C ASN A 786 55.90 3.89 7.30
N GLY A 787 57.07 3.27 7.25
CA GLY A 787 57.43 2.44 6.10
C GLY A 787 58.11 3.17 4.96
N ASP A 788 58.16 4.50 5.01
CA ASP A 788 58.82 5.28 3.96
C ASP A 788 60.33 5.12 3.99
N LEU A 789 60.95 5.17 2.82
CA LEU A 789 62.39 5.08 2.72
C LEU A 789 62.87 6.51 2.97
N ILE A 790 63.75 6.66 3.96
CA ILE A 790 64.27 7.98 4.28
C ILE A 790 65.77 7.97 4.14
N ARG A 791 66.35 9.15 4.07
CA ARG A 791 67.79 9.30 3.96
C ARG A 791 68.30 10.00 5.22
N ALA A 792 69.15 9.32 5.99
CA ALA A 792 69.75 9.91 7.20
C ALA A 792 71.12 10.44 6.77
N TYR A 793 71.45 11.69 7.09
CA TYR A 793 72.72 12.22 6.63
C TYR A 793 73.31 13.40 7.41
N ASN A 794 74.60 13.63 7.16
CA ASN A 794 75.36 14.74 7.73
C ASN A 794 76.64 14.85 6.90
N ASP A 795 77.66 15.54 7.39
CA ASP A 795 78.89 15.69 6.62
C ASP A 795 79.68 14.41 6.40
N ARG A 796 79.32 13.33 7.08
CA ARG A 796 80.06 12.07 6.96
C ARG A 796 79.55 11.10 5.91
N GLY A 797 78.27 11.16 5.60
CA GLY A 797 77.71 10.26 4.60
C GLY A 797 76.20 10.23 4.57
N SER A 798 75.66 9.25 3.85
CA SER A 798 74.22 9.10 3.73
C SER A 798 73.86 7.65 3.92
N VAL A 799 72.75 7.40 4.59
CA VAL A 799 72.32 6.04 4.82
C VAL A 799 70.83 5.97 4.52
N ILE A 800 70.45 4.98 3.72
CA ILE A 800 69.06 4.80 3.33
C ILE A 800 68.38 3.85 4.30
N LEU A 801 67.28 4.29 4.89
CA LEU A 801 66.56 3.48 5.88
C LEU A 801 65.06 3.53 5.71
N ALA A 802 64.38 2.57 6.34
CA ALA A 802 62.92 2.53 6.31
C ALA A 802 62.50 3.20 7.62
N ALA A 803 61.54 4.11 7.54
CA ALA A 803 61.08 4.83 8.73
C ALA A 803 60.05 4.09 9.58
N GLN A 804 60.20 4.22 10.90
CA GLN A 804 59.28 3.63 11.87
C GLN A 804 58.85 4.78 12.77
N VAL A 805 57.69 5.35 12.49
CA VAL A 805 57.15 6.45 13.28
C VAL A 805 56.66 5.89 14.60
N THR A 806 57.13 6.46 15.70
CA THR A 806 56.77 5.98 17.03
C THR A 806 56.71 7.10 18.06
N GLU A 807 56.31 6.74 19.29
CA GLU A 807 56.22 7.69 20.39
C GLU A 807 57.33 7.43 21.41
N CYS A 808 58.06 6.34 21.20
CA CYS A 808 59.13 5.95 22.10
C CYS A 808 60.42 6.75 21.96
N LEU A 809 60.27 8.03 21.63
CA LEU A 809 61.40 8.93 21.48
C LEU A 809 60.90 10.34 21.69
N GLN A 810 61.62 11.13 22.47
CA GLN A 810 61.21 12.52 22.69
C GLN A 810 61.36 13.21 21.34
N PRO A 811 60.42 14.09 20.99
CA PRO A 811 60.57 14.76 19.70
C PRO A 811 61.95 15.41 19.59
N GLY A 812 62.60 15.24 18.45
CA GLY A 812 63.92 15.80 18.24
C GLY A 812 64.99 14.73 18.30
N THR A 813 64.61 13.53 18.73
CA THR A 813 65.54 12.41 18.86
C THR A 813 65.15 11.27 17.94
N VAL A 814 66.14 10.65 17.29
CA VAL A 814 65.90 9.53 16.41
C VAL A 814 66.78 8.37 16.86
N HIS A 815 66.34 7.15 16.55
CA HIS A 815 67.08 5.98 16.98
C HIS A 815 67.24 4.93 15.88
N SER A 816 68.45 4.37 15.79
CA SER A 816 68.72 3.32 14.81
C SER A 816 69.86 2.46 15.32
N TYR A 817 69.63 1.16 15.41
CA TYR A 817 70.64 0.24 15.90
C TYR A 817 71.89 0.23 15.02
N GLU A 818 73.02 -0.11 15.64
CA GLU A 818 74.28 -0.18 14.92
C GLU A 818 74.59 -1.64 14.66
N SER A 819 75.79 -1.90 14.15
CA SER A 819 76.26 -3.25 13.86
C SER A 819 75.64 -3.90 12.63
N CYS A 820 75.24 -3.10 11.65
CA CYS A 820 74.68 -3.65 10.42
C CYS A 820 75.76 -4.53 9.79
N ALA A 821 75.36 -5.71 9.33
CA ALA A 821 76.30 -6.65 8.72
C ALA A 821 76.45 -6.41 7.22
N VAL A 822 75.47 -5.73 6.64
CA VAL A 822 75.46 -5.48 5.21
C VAL A 822 75.96 -4.11 4.75
N TYR A 823 77.06 -4.11 4.01
CA TYR A 823 77.55 -2.86 3.48
C TYR A 823 77.24 -2.93 1.99
N ASP A 824 76.34 -2.07 1.52
CA ASP A 824 75.92 -2.07 0.12
C ASP A 824 75.77 -0.66 -0.43
N PRO A 825 76.87 -0.10 -0.96
CA PRO A 825 76.91 1.26 -1.53
C PRO A 825 76.11 1.41 -2.81
N LEU A 826 75.43 2.54 -2.96
CA LEU A 826 74.65 2.82 -4.14
C LEU A 826 75.56 3.34 -5.27
N GLY A 827 76.72 3.84 -4.89
CA GLY A 827 77.68 4.35 -5.86
C GLY A 827 79.07 3.83 -5.53
N THR A 828 80.08 4.64 -5.76
CA THR A 828 81.46 4.24 -5.45
C THR A 828 81.53 3.92 -3.96
N ALA A 829 82.31 2.90 -3.61
CA ALA A 829 82.48 2.50 -2.23
C ALA A 829 83.12 3.61 -1.41
N GLY A 830 82.54 3.91 -0.24
CA GLY A 830 83.07 4.93 0.63
C GLY A 830 82.82 6.37 0.22
N LYS A 831 82.24 6.57 -0.96
CA LYS A 831 81.95 7.92 -1.45
C LYS A 831 80.48 8.15 -1.74
N SER A 832 79.66 7.13 -1.53
CA SER A 832 78.22 7.21 -1.80
C SER A 832 77.32 6.65 -0.70
N ALA A 833 76.03 6.96 -0.80
CA ALA A 833 75.05 6.51 0.17
C ALA A 833 74.98 5.00 0.25
N ASP A 834 74.80 4.51 1.47
CA ASP A 834 74.71 3.09 1.72
C ASP A 834 73.24 2.75 1.94
N ARG A 835 72.84 1.56 1.51
CA ARG A 835 71.45 1.15 1.72
C ARG A 835 71.44 -0.12 2.55
N GLY A 836 72.63 -0.62 2.89
CA GLY A 836 72.71 -1.81 3.70
C GLY A 836 72.19 -1.50 5.09
N GLY A 837 72.48 -0.28 5.56
CA GLY A 837 72.02 0.12 6.88
C GLY A 837 73.11 0.46 7.88
N CYS A 838 74.31 0.77 7.40
CA CYS A 838 75.44 1.09 8.28
C CYS A 838 75.37 2.47 8.91
N ILE A 839 74.52 2.58 9.93
CA ILE A 839 74.30 3.82 10.66
C ILE A 839 75.61 4.47 11.16
N ASN A 840 76.65 3.66 11.35
CA ASN A 840 77.91 4.18 11.82
C ASN A 840 78.70 5.02 10.84
N ILE A 841 78.19 5.12 9.62
CA ILE A 841 78.80 5.95 8.60
C ILE A 841 78.60 7.39 9.08
N LEU A 842 77.53 7.60 9.86
CA LEU A 842 77.17 8.93 10.37
C LEU A 842 77.68 9.32 11.76
N THR A 843 78.26 8.39 12.50
CA THR A 843 78.74 8.72 13.85
C THR A 843 80.09 9.44 13.86
N PRO A 844 80.28 10.33 14.85
CA PRO A 844 81.52 11.11 14.99
C PRO A 844 82.75 10.27 15.25
N ASP A 845 83.84 10.58 14.57
CA ASP A 845 85.09 9.84 14.77
C ASP A 845 86.06 10.56 15.72
N ARG A 846 85.67 11.75 16.17
CA ARG A 846 86.49 12.50 17.10
C ARG A 846 86.55 11.74 18.43
N TYR A 847 87.76 11.60 18.99
CA TYR A 847 87.92 10.89 20.27
C TYR A 847 87.05 11.60 21.31
N ILE A 848 86.61 10.88 22.34
CA ILE A 848 85.77 11.47 23.38
C ILE A 848 86.39 12.76 23.94
N SER A 849 87.70 12.76 24.12
CA SER A 849 88.42 13.94 24.60
C SER A 849 89.78 13.87 23.93
N LYS A 850 90.58 14.91 24.11
CA LYS A 850 91.90 14.94 23.50
C LYS A 850 92.72 13.72 23.87
N TYR A 851 92.72 13.32 25.13
CA TYR A 851 93.50 12.17 25.53
C TYR A 851 92.67 10.92 25.82
N ALA A 852 91.35 11.08 25.83
CA ALA A 852 90.45 9.94 26.03
C ALA A 852 90.21 9.36 24.62
N CYS A 853 91.04 8.42 24.22
CA CYS A 853 90.95 7.84 22.89
C CYS A 853 89.92 6.73 22.69
N GLY A 854 88.66 7.05 22.98
CA GLY A 854 87.58 6.10 22.81
C GLY A 854 86.52 6.60 21.85
N MET A 855 85.59 5.73 21.47
CA MET A 855 84.52 6.09 20.53
C MET A 855 83.35 6.82 21.21
N ALA A 856 82.81 7.84 20.53
CA ALA A 856 81.72 8.66 21.07
C ALA A 856 80.42 8.52 20.27
N ASN A 857 80.30 7.40 19.59
CA ASN A 857 79.17 7.05 18.73
C ASN A 857 77.74 7.44 19.11
N ASN A 858 77.30 7.13 20.33
CA ASN A 858 75.92 7.41 20.69
C ASN A 858 75.44 8.86 20.78
N THR A 859 76.29 9.80 20.37
CA THR A 859 75.89 11.21 20.29
C THR A 859 76.21 11.62 18.85
N ALA A 860 75.23 11.55 17.97
CA ALA A 860 75.45 11.92 16.58
C ALA A 860 74.34 12.82 16.07
N LEU A 861 74.72 13.94 15.47
CA LEU A 861 73.73 14.87 14.92
C LEU A 861 73.51 14.51 13.46
N VAL A 862 72.23 14.38 13.08
CA VAL A 862 71.87 14.06 11.69
C VAL A 862 70.63 14.83 11.28
N GLU A 863 70.24 14.61 10.02
CA GLU A 863 69.04 15.22 9.44
C GLU A 863 68.42 14.15 8.55
N ILE A 864 67.10 14.07 8.52
CA ILE A 864 66.45 13.07 7.67
C ILE A 864 65.48 13.75 6.71
N GLU A 865 65.12 13.01 5.66
CA GLU A 865 64.18 13.46 4.64
C GLU A 865 63.78 12.23 3.82
N LYS A 866 62.68 12.33 3.09
CA LYS A 866 62.26 11.22 2.26
C LYS A 866 63.34 11.09 1.21
N TRP A 867 63.70 9.87 0.86
CA TRP A 867 64.75 9.64 -0.12
C TRP A 867 64.24 9.81 -1.55
N ASP A 868 64.87 10.73 -2.29
CA ASP A 868 64.47 10.97 -3.67
C ASP A 868 65.07 9.97 -4.64
N GLY A 869 65.70 8.93 -4.11
CA GLY A 869 66.28 7.90 -4.97
C GLY A 869 67.70 8.11 -5.45
N ASP A 870 68.26 9.30 -5.23
CA ASP A 870 69.62 9.62 -5.65
C ASP A 870 70.64 8.77 -4.90
N LYS A 871 71.85 8.62 -5.47
CA LYS A 871 72.88 7.82 -4.83
C LYS A 871 73.83 8.64 -3.96
N TYR A 872 73.70 9.96 -4.05
CA TYR A 872 74.53 10.88 -3.29
C TYR A 872 76.01 10.53 -3.19
N GLU A 873 76.68 10.46 -4.34
CA GLU A 873 78.10 10.15 -4.36
C GLU A 873 78.85 11.47 -4.21
N ILE A 874 78.85 11.99 -2.98
CA ILE A 874 79.49 13.26 -2.68
C ILE A 874 80.50 13.16 -1.53
N TYR A 875 80.71 11.94 -1.03
CA TYR A 875 81.63 11.76 0.09
C TYR A 875 83.01 11.22 -0.33
N MET B 1 39.41 -38.26 25.59
CA MET B 1 39.58 -37.39 24.39
C MET B 1 40.14 -36.04 24.82
N GLU B 2 41.27 -36.10 25.53
CA GLU B 2 41.96 -34.90 26.02
C GLU B 2 42.43 -34.05 24.85
N GLN B 3 42.26 -32.73 24.97
CA GLN B 3 42.66 -31.81 23.90
C GLN B 3 43.79 -30.85 24.24
N TYR B 4 44.35 -30.25 23.20
CA TYR B 4 45.43 -29.29 23.33
C TYR B 4 44.88 -27.87 23.44
N TYR B 5 45.53 -27.06 24.27
CA TYR B 5 45.15 -25.66 24.46
C TYR B 5 46.43 -24.86 24.69
N MET B 6 46.39 -23.58 24.34
CA MET B 6 47.54 -22.71 24.52
C MET B 6 47.11 -21.37 25.10
N VAL B 7 47.81 -20.93 26.14
CA VAL B 7 47.47 -19.67 26.78
C VAL B 7 48.63 -18.70 26.65
N ILE B 8 48.33 -17.51 26.16
CA ILE B 8 49.32 -16.47 25.93
C ILE B 8 49.03 -15.27 26.82
N ASP B 9 50.06 -14.79 27.51
CA ASP B 9 49.92 -13.64 28.38
C ASP B 9 50.52 -12.42 27.72
N VAL B 10 49.67 -11.57 27.17
CA VAL B 10 50.13 -10.37 26.49
C VAL B 10 51.04 -9.47 27.34
N ALA B 11 50.69 -9.26 28.61
CA ALA B 11 51.49 -8.39 29.49
C ALA B 11 52.94 -8.83 29.54
N LYS B 12 53.18 -10.09 29.20
CA LYS B 12 54.53 -10.62 29.22
C LYS B 12 55.30 -10.66 27.89
N CYS B 13 54.66 -10.32 26.75
CA CYS B 13 55.40 -10.35 25.48
C CYS B 13 56.39 -9.20 25.40
N GLN B 14 57.62 -9.49 24.99
CA GLN B 14 58.62 -8.43 24.83
C GLN B 14 59.07 -8.34 23.38
N ASP B 15 58.43 -9.13 22.51
CA ASP B 15 58.71 -9.12 21.08
C ASP B 15 60.17 -9.47 20.69
N CYS B 16 60.80 -10.41 21.39
CA CYS B 16 62.17 -10.82 21.06
C CYS B 16 62.16 -11.73 19.85
N ASN B 17 60.99 -12.25 19.51
CA ASN B 17 60.82 -13.14 18.35
C ASN B 17 61.47 -14.51 18.45
N ASN B 18 61.64 -15.02 19.65
CA ASN B 18 62.21 -16.35 19.79
C ASN B 18 61.23 -17.38 19.19
N CYS B 19 59.92 -17.14 19.32
CA CYS B 19 58.87 -18.05 18.76
C CYS B 19 59.12 -18.26 17.31
N PHE B 20 58.90 -17.14 16.61
CA PHE B 20 59.02 -17.02 15.18
C PHE B 20 60.30 -17.64 14.69
N MET B 21 61.40 -17.38 15.38
CA MET B 21 62.66 -17.96 14.97
C MET B 21 62.57 -19.46 15.25
N GLY B 22 61.61 -19.80 16.10
CA GLY B 22 61.36 -21.18 16.43
C GLY B 22 60.71 -21.96 15.31
N CYS B 23 59.66 -21.44 14.65
CA CYS B 23 59.08 -22.19 13.53
C CYS B 23 60.07 -22.32 12.43
N MET B 24 60.63 -21.17 12.04
CA MET B 24 61.60 -21.14 10.97
C MET B 24 62.65 -22.21 11.17
N ASP B 25 63.11 -22.37 12.40
CA ASP B 25 64.13 -23.37 12.66
C ASP B 25 63.56 -24.75 12.46
N GLU B 26 62.28 -24.90 12.80
CA GLU B 26 61.60 -26.17 12.69
C GLU B 26 61.04 -26.46 11.31
N HIS B 27 60.63 -25.42 10.59
CA HIS B 27 59.98 -25.63 9.29
C HIS B 27 60.59 -25.11 7.98
N GLU B 28 61.55 -24.19 8.05
CA GLU B 28 62.13 -23.64 6.83
C GLU B 28 63.03 -24.58 6.02
N LEU B 29 63.92 -25.31 6.70
CA LEU B 29 64.84 -26.23 6.04
C LEU B 29 64.42 -27.68 6.22
N ASN B 30 63.30 -27.91 6.88
CA ASN B 30 62.82 -29.26 7.11
C ASN B 30 61.47 -29.51 6.48
N GLU B 31 61.21 -30.78 6.21
CA GLU B 31 59.96 -31.22 5.63
C GLU B 31 59.42 -32.28 6.57
N TRP B 32 58.13 -32.23 6.84
CA TRP B 32 57.54 -33.20 7.74
C TRP B 32 56.40 -33.91 7.03
N PRO B 33 56.71 -35.04 6.37
CA PRO B 33 55.73 -35.84 5.64
C PRO B 33 54.48 -36.12 6.48
N GLY B 34 53.33 -35.75 5.94
CA GLY B 34 52.07 -35.95 6.63
C GLY B 34 51.58 -34.70 7.33
N TYR B 35 52.50 -33.77 7.61
CA TYR B 35 52.13 -32.54 8.30
C TYR B 35 52.26 -31.30 7.43
N THR B 36 53.42 -31.11 6.83
CA THR B 36 53.64 -29.92 6.02
C THR B 36 54.97 -29.94 5.28
N ALA B 37 54.99 -29.33 4.10
CA ALA B 37 56.20 -29.22 3.30
C ALA B 37 56.96 -28.04 3.93
N SER B 38 58.23 -27.86 3.57
CA SER B 38 59.01 -26.78 4.16
C SER B 38 58.31 -25.43 4.05
N MET B 39 58.54 -24.57 5.05
CA MET B 39 57.96 -23.23 5.13
C MET B 39 58.61 -22.27 4.13
N GLN B 40 57.83 -21.32 3.62
CA GLN B 40 58.35 -20.32 2.68
C GLN B 40 58.82 -19.06 3.43
N ARG B 41 60.05 -18.65 3.18
CA ARG B 41 60.60 -17.45 3.83
C ARG B 41 59.64 -16.27 3.64
N GLY B 42 59.33 -15.58 4.71
CA GLY B 42 58.43 -14.45 4.62
C GLY B 42 57.07 -14.68 5.27
N HIS B 43 56.71 -15.94 5.46
CA HIS B 43 55.44 -16.29 6.09
C HIS B 43 55.53 -16.15 7.60
N ARG B 44 54.38 -15.95 8.24
CA ARG B 44 54.35 -15.79 9.69
C ARG B 44 53.30 -16.68 10.32
N TRP B 45 53.57 -17.99 10.35
CA TRP B 45 52.64 -18.92 10.96
C TRP B 45 52.44 -18.36 12.35
N MET B 46 53.55 -17.93 12.94
CA MET B 46 53.56 -17.30 14.25
C MET B 46 53.68 -15.84 13.86
N ASN B 47 52.63 -15.07 14.08
CA ASN B 47 52.64 -13.66 13.74
C ASN B 47 52.51 -12.87 15.03
N ILE B 48 53.49 -12.04 15.32
CA ILE B 48 53.45 -11.24 16.54
C ILE B 48 52.99 -9.84 16.17
N GLU B 49 51.77 -9.50 16.60
CA GLU B 49 51.22 -8.18 16.31
C GLU B 49 51.80 -7.16 17.28
N ARG B 50 51.98 -5.94 16.77
CA ARG B 50 52.55 -4.85 17.57
C ARG B 50 51.59 -3.68 17.58
N ARG B 51 51.35 -3.10 18.76
CA ARG B 51 50.47 -1.94 18.86
C ARG B 51 50.92 -0.92 19.89
N GLU B 52 51.19 0.29 19.43
CA GLU B 52 51.61 1.39 20.30
C GLU B 52 50.38 2.20 20.69
N ARG B 53 50.30 2.60 21.95
CA ARG B 53 49.16 3.39 22.42
C ARG B 53 49.65 4.67 23.04
N GLY B 54 48.80 5.70 22.99
CA GLY B 54 49.13 6.98 23.58
C GLY B 54 50.16 7.77 22.81
N THR B 55 50.60 8.86 23.41
CA THR B 55 51.58 9.75 22.79
C THR B 55 52.66 10.13 23.80
N TYR B 56 53.87 10.40 23.32
CA TYR B 56 54.96 10.80 24.18
C TYR B 56 54.45 11.91 25.11
N PRO B 57 54.82 11.87 26.40
CA PRO B 57 55.68 10.87 27.05
C PRO B 57 54.98 9.77 27.84
N ARG B 58 53.65 9.77 27.85
CA ARG B 58 52.91 8.77 28.61
C ARG B 58 52.33 7.69 27.71
N ASN B 59 53.15 7.22 26.79
CA ASN B 59 52.76 6.20 25.83
C ASN B 59 53.21 4.82 26.28
N ASP B 60 52.78 3.80 25.55
CA ASP B 60 53.17 2.44 25.85
C ASP B 60 52.97 1.55 24.62
N ILE B 61 53.32 0.28 24.75
CA ILE B 61 53.19 -0.64 23.65
C ILE B 61 53.05 -2.05 24.17
N ASN B 62 52.30 -2.85 23.44
CA ASN B 62 52.05 -4.24 23.82
C ASN B 62 52.06 -5.11 22.57
N TYR B 63 52.35 -6.38 22.76
CA TYR B 63 52.44 -7.31 21.64
C TYR B 63 51.51 -8.50 21.77
N ARG B 64 51.12 -9.08 20.63
CA ARG B 64 50.23 -10.21 20.63
C ARG B 64 50.67 -11.29 19.67
N PRO B 65 51.32 -12.34 20.19
CA PRO B 65 51.79 -13.47 19.38
C PRO B 65 50.53 -14.15 18.88
N THR B 66 50.44 -14.35 17.56
CA THR B 66 49.26 -14.95 16.96
C THR B 66 49.52 -16.17 16.08
N PRO B 67 49.46 -17.38 16.65
CA PRO B 67 49.68 -18.59 15.88
C PRO B 67 48.32 -18.93 15.29
N CYS B 68 48.10 -20.18 14.93
CA CYS B 68 46.79 -20.56 14.41
C CYS B 68 45.85 -20.76 15.59
N MET B 69 44.61 -20.29 15.47
CA MET B 69 43.64 -20.41 16.55
C MET B 69 43.19 -21.85 16.79
N HIS B 70 43.29 -22.69 15.76
CA HIS B 70 42.87 -24.09 15.84
C HIS B 70 41.51 -24.22 16.52
N CYS B 71 40.61 -23.31 16.20
CA CYS B 71 39.29 -23.25 16.80
C CYS B 71 38.43 -24.52 16.69
N GLU B 72 37.58 -24.71 17.68
CA GLU B 72 36.69 -25.86 17.76
C GLU B 72 35.68 -25.94 16.63
N ASN B 73 35.28 -24.77 16.15
CA ASN B 73 34.29 -24.66 15.07
C ASN B 73 34.98 -24.06 13.84
N ALA B 74 36.08 -24.69 13.43
CA ALA B 74 36.89 -24.23 12.30
C ALA B 74 36.20 -24.06 10.95
N PRO B 75 36.04 -22.81 10.50
CA PRO B 75 35.40 -22.54 9.22
C PRO B 75 36.08 -23.25 8.04
N CYS B 76 37.40 -23.12 7.94
CA CYS B 76 38.09 -23.75 6.82
C CYS B 76 38.06 -25.25 6.81
N VAL B 77 37.61 -25.85 7.89
CA VAL B 77 37.49 -27.29 7.92
C VAL B 77 36.13 -27.52 7.26
N ALA B 78 35.17 -26.67 7.64
CA ALA B 78 33.81 -26.75 7.12
C ALA B 78 33.71 -26.35 5.65
N LYS B 79 34.72 -25.64 5.14
CA LYS B 79 34.68 -25.21 3.76
C LYS B 79 35.94 -25.58 2.99
N GLY B 80 36.75 -26.45 3.58
CA GLY B 80 37.98 -26.87 2.96
C GLY B 80 37.81 -28.06 2.02
N ASN B 81 36.60 -28.62 1.98
CA ASN B 81 36.31 -29.76 1.13
C ASN B 81 37.24 -30.96 1.37
N GLY B 82 37.64 -31.16 2.62
CA GLY B 82 38.52 -32.27 2.93
C GLY B 82 40.00 -31.93 2.82
N ALA B 83 40.30 -30.67 2.49
CA ALA B 83 41.69 -30.23 2.37
C ALA B 83 42.23 -29.83 3.75
N VAL B 84 41.32 -29.70 4.71
CA VAL B 84 41.66 -29.35 6.08
C VAL B 84 40.85 -30.24 7.03
N TYR B 85 41.50 -30.81 8.03
CA TYR B 85 40.78 -31.66 8.97
C TYR B 85 41.11 -31.37 10.43
N GLN B 86 40.18 -31.73 11.29
CA GLN B 86 40.32 -31.51 12.73
C GLN B 86 40.59 -32.85 13.39
N ARG B 87 41.66 -32.91 14.18
CA ARG B 87 42.01 -34.15 14.87
C ARG B 87 41.22 -34.20 16.17
N GLU B 88 41.20 -35.37 16.80
CA GLU B 88 40.47 -35.54 18.06
C GLU B 88 41.01 -34.65 19.19
N ASP B 89 42.31 -34.38 19.18
CA ASP B 89 42.93 -33.55 20.21
C ASP B 89 42.70 -32.07 19.94
N GLY B 90 41.99 -31.79 18.85
CA GLY B 90 41.68 -30.40 18.53
C GLY B 90 42.57 -29.69 17.52
N ILE B 91 43.67 -30.31 17.14
CA ILE B 91 44.57 -29.68 16.18
C ILE B 91 43.97 -29.65 14.77
N VAL B 92 43.95 -28.48 14.14
CA VAL B 92 43.41 -28.34 12.79
C VAL B 92 44.61 -28.36 11.84
N LEU B 93 44.62 -29.33 10.92
CA LEU B 93 45.71 -29.47 9.97
C LEU B 93 45.30 -29.44 8.50
N ILE B 94 46.14 -28.83 7.68
CA ILE B 94 45.88 -28.77 6.25
C ILE B 94 46.55 -30.01 5.64
N ASP B 95 45.83 -30.74 4.79
CA ASP B 95 46.43 -31.91 4.15
C ASP B 95 47.39 -31.37 3.08
N PRO B 96 48.70 -31.56 3.29
CA PRO B 96 49.77 -31.11 2.38
C PRO B 96 49.56 -31.45 0.91
N GLU B 97 48.99 -32.63 0.64
CA GLU B 97 48.77 -33.05 -0.73
C GLU B 97 47.40 -32.66 -1.30
N LYS B 98 46.35 -32.81 -0.51
CA LYS B 98 45.01 -32.47 -0.97
C LYS B 98 44.83 -30.97 -1.14
N ALA B 99 45.57 -30.20 -0.37
CA ALA B 99 45.45 -28.75 -0.43
C ALA B 99 46.21 -28.12 -1.58
N LYS B 100 47.11 -28.89 -2.19
CA LYS B 100 47.91 -28.37 -3.31
C LYS B 100 47.05 -27.86 -4.47
N GLY B 101 47.47 -26.74 -5.04
CA GLY B 101 46.75 -26.15 -6.16
C GLY B 101 45.49 -25.38 -5.82
N LYS B 102 45.24 -25.14 -4.53
CA LYS B 102 44.03 -24.42 -4.12
C LYS B 102 44.29 -23.13 -3.34
N LYS B 103 44.35 -22.01 -4.06
CA LYS B 103 44.58 -20.70 -3.44
C LYS B 103 43.41 -20.27 -2.56
N GLU B 104 42.21 -20.66 -2.98
CA GLU B 104 40.99 -20.29 -2.27
C GLU B 104 40.95 -20.66 -0.79
N LEU B 105 41.70 -21.68 -0.39
CA LEU B 105 41.71 -22.09 1.00
C LEU B 105 41.93 -20.92 1.96
N LEU B 106 42.87 -20.05 1.60
CA LEU B 106 43.21 -18.89 2.42
C LEU B 106 42.03 -18.04 2.86
N ASP B 107 41.11 -17.78 1.94
CA ASP B 107 39.95 -16.93 2.21
C ASP B 107 38.94 -17.52 3.19
N THR B 108 39.06 -18.79 3.50
CA THR B 108 38.12 -19.42 4.42
C THR B 108 38.53 -19.15 5.86
N CYS B 109 39.60 -18.38 6.06
CA CYS B 109 40.06 -18.08 7.41
C CYS B 109 39.62 -16.73 7.94
N PRO B 110 38.91 -16.71 9.08
CA PRO B 110 38.51 -15.41 9.60
C PRO B 110 39.70 -14.70 10.23
N TYR B 111 40.74 -15.47 10.55
CA TYR B 111 41.92 -14.89 11.18
C TYR B 111 43.10 -14.55 10.26
N GLY B 112 43.07 -15.09 9.05
CA GLY B 112 44.14 -14.82 8.10
C GLY B 112 45.48 -15.39 8.56
N VAL B 113 45.47 -16.63 9.03
CA VAL B 113 46.68 -17.27 9.52
C VAL B 113 47.38 -18.14 8.49
N MET B 114 46.70 -18.52 7.41
CA MET B 114 47.37 -19.34 6.41
C MET B 114 48.05 -18.52 5.34
N TYR B 115 49.17 -19.05 4.84
CA TYR B 115 49.97 -18.38 3.84
C TYR B 115 50.17 -19.25 2.61
N TRP B 116 50.30 -18.62 1.45
CA TRP B 116 50.50 -19.33 0.20
C TRP B 116 51.99 -19.54 -0.09
N ASN B 117 52.39 -20.80 -0.22
CA ASN B 117 53.77 -21.14 -0.52
C ASN B 117 53.84 -21.30 -2.03
N GLU B 118 54.49 -20.35 -2.71
CA GLU B 118 54.62 -20.36 -4.17
C GLU B 118 55.22 -21.65 -4.75
N GLU B 119 56.45 -21.97 -4.32
CA GLU B 119 57.15 -23.16 -4.80
C GLU B 119 56.37 -24.46 -4.61
N GLU B 120 55.68 -24.59 -3.48
CA GLU B 120 54.91 -25.80 -3.20
C GLU B 120 53.48 -25.72 -3.72
N ASN B 121 53.06 -24.52 -4.12
CA ASN B 121 51.70 -24.32 -4.62
C ASN B 121 50.71 -24.91 -3.62
N VAL B 122 50.67 -24.34 -2.42
CA VAL B 122 49.78 -24.83 -1.37
C VAL B 122 49.72 -23.87 -0.19
N ALA B 123 48.55 -23.84 0.46
CA ALA B 123 48.36 -23.01 1.63
C ALA B 123 49.08 -23.71 2.77
N GLN B 124 49.67 -22.91 3.64
CA GLN B 124 50.39 -23.45 4.79
C GLN B 124 50.05 -22.62 6.00
N LYS B 125 50.29 -23.17 7.17
CA LYS B 125 50.03 -22.43 8.38
C LYS B 125 50.41 -23.24 9.59
N CYS B 126 50.10 -22.67 10.75
CA CYS B 126 50.36 -23.28 12.04
C CYS B 126 49.88 -24.73 12.22
N THR B 127 50.80 -25.63 12.54
CA THR B 127 50.44 -27.03 12.77
C THR B 127 50.60 -27.38 14.23
N MET B 128 50.97 -26.39 15.05
CA MET B 128 51.18 -26.62 16.47
C MET B 128 52.19 -27.76 16.61
N CYS B 129 53.16 -27.80 15.71
CA CYS B 129 54.17 -28.87 15.63
C CYS B 129 53.58 -30.19 16.06
N ALA B 130 52.47 -30.53 15.42
CA ALA B 130 51.79 -31.79 15.70
C ALA B 130 52.80 -32.91 15.49
N HIS B 131 53.74 -32.71 14.57
CA HIS B 131 54.73 -33.74 14.29
C HIS B 131 55.61 -33.96 15.51
N LEU B 132 55.73 -32.94 16.35
CA LEU B 132 56.55 -33.06 17.56
C LEU B 132 55.71 -33.61 18.70
N LEU B 133 54.46 -33.14 18.79
CA LEU B 133 53.56 -33.58 19.83
C LEU B 133 53.26 -35.08 19.69
N ASP B 134 53.35 -35.59 18.46
CA ASP B 134 53.10 -37.00 18.20
C ASP B 134 54.33 -37.87 18.47
N ASP B 135 55.47 -37.25 18.75
CA ASP B 135 56.68 -38.02 19.01
C ASP B 135 57.07 -38.03 20.49
N GLU B 136 57.27 -39.22 21.03
CA GLU B 136 57.66 -39.37 22.43
C GLU B 136 59.08 -38.85 22.64
N SER B 137 59.93 -39.07 21.64
CA SER B 137 61.32 -38.64 21.70
C SER B 137 61.49 -37.16 22.02
N TRP B 138 60.50 -36.34 21.67
CA TRP B 138 60.56 -34.91 21.94
C TRP B 138 60.08 -34.66 23.38
N ALA B 139 61.03 -34.75 24.31
CA ALA B 139 60.77 -34.58 25.74
C ALA B 139 59.96 -33.35 26.18
N PRO B 140 60.21 -32.17 25.58
CA PRO B 140 59.45 -30.97 25.96
C PRO B 140 57.93 -31.14 25.89
N LYS B 141 57.47 -31.85 24.87
CA LYS B 141 56.04 -32.10 24.69
C LYS B 141 55.24 -30.82 24.54
N MET B 142 55.82 -29.87 23.81
CA MET B 142 55.17 -28.59 23.58
C MET B 142 55.71 -28.00 22.28
N PRO B 143 54.96 -27.07 21.67
CA PRO B 143 55.39 -26.43 20.42
C PRO B 143 56.72 -25.71 20.56
N ARG B 144 57.30 -25.29 19.43
CA ARG B 144 58.57 -24.58 19.45
C ARG B 144 58.50 -23.17 20.06
N CYS B 145 57.41 -22.43 19.83
CA CYS B 145 57.32 -21.07 20.41
C CYS B 145 57.47 -21.19 21.90
N ALA B 146 56.45 -21.80 22.49
CA ALA B 146 56.38 -22.00 23.93
C ALA B 146 57.69 -22.47 24.53
N HIS B 147 58.34 -23.42 23.86
CA HIS B 147 59.61 -23.95 24.34
C HIS B 147 60.76 -22.97 24.14
N ASN B 148 60.63 -22.05 23.19
CA ASN B 148 61.68 -21.07 22.91
C ASN B 148 61.56 -19.82 23.80
N CYS B 149 60.37 -19.56 24.34
CA CYS B 149 60.17 -18.40 25.21
C CYS B 149 61.14 -18.28 26.35
N GLY B 150 61.53 -17.04 26.63
CA GLY B 150 62.42 -16.77 27.75
C GLY B 150 61.70 -15.75 28.62
N SER B 151 60.42 -15.52 28.32
CA SER B 151 59.61 -14.54 29.05
C SER B 151 58.37 -15.12 29.73
N PHE B 152 58.26 -16.44 29.69
CA PHE B 152 57.14 -17.14 30.33
C PHE B 152 55.78 -16.65 29.85
N VAL B 153 55.66 -16.46 28.55
CA VAL B 153 54.41 -15.98 27.96
C VAL B 153 53.42 -17.13 27.74
N TYR B 154 53.93 -18.28 27.34
CA TYR B 154 53.09 -19.44 27.06
C TYR B 154 52.87 -20.46 28.15
N GLU B 155 51.68 -21.04 28.12
CA GLU B 155 51.26 -22.07 29.04
C GLU B 155 50.53 -23.07 28.14
N PHE B 156 51.25 -24.09 27.68
CA PHE B 156 50.71 -25.12 26.80
C PHE B 156 50.18 -26.31 27.61
N LEU B 157 48.91 -26.64 27.42
CA LEU B 157 48.32 -27.74 28.18
C LEU B 157 47.40 -28.68 27.40
N LYS B 158 47.36 -29.93 27.86
CA LYS B 158 46.53 -30.95 27.27
C LYS B 158 45.59 -31.43 28.38
N THR B 159 44.33 -31.03 28.29
CA THR B 159 43.34 -31.40 29.30
C THR B 159 41.92 -31.45 28.75
N THR B 160 40.95 -31.59 29.65
CA THR B 160 39.55 -31.66 29.26
C THR B 160 38.94 -30.27 29.14
N PRO B 161 37.82 -30.15 28.40
CA PRO B 161 37.09 -28.90 28.17
C PRO B 161 36.60 -28.29 29.48
N GLU B 162 36.32 -29.16 30.46
CA GLU B 162 35.85 -28.72 31.78
C GLU B 162 36.99 -28.03 32.51
N ALA B 163 38.18 -28.60 32.41
CA ALA B 163 39.35 -28.04 33.08
C ALA B 163 39.72 -26.69 32.47
N MET B 164 39.68 -26.62 31.14
CA MET B 164 40.03 -25.40 30.43
C MET B 164 39.01 -24.30 30.69
N ALA B 165 37.72 -24.66 30.68
CA ALA B 165 36.66 -23.70 30.93
C ALA B 165 36.80 -23.11 32.33
N LYS B 166 37.09 -23.96 33.30
CA LYS B 166 37.26 -23.52 34.67
C LYS B 166 38.40 -22.49 34.70
N LYS B 167 39.51 -22.84 34.05
CA LYS B 167 40.67 -21.97 33.99
C LYS B 167 40.36 -20.64 33.30
N VAL B 168 39.56 -20.70 32.23
CA VAL B 168 39.20 -19.49 31.50
C VAL B 168 38.52 -18.49 32.45
N GLU B 169 37.66 -19.00 33.32
CA GLU B 169 36.93 -18.17 34.27
C GLU B 169 37.75 -17.68 35.48
N GLU B 170 38.67 -18.52 35.96
CA GLU B 170 39.49 -18.14 37.10
C GLU B 170 40.49 -17.04 36.73
N GLU B 171 40.98 -17.09 35.49
CA GLU B 171 41.97 -16.13 35.04
C GLU B 171 41.43 -15.06 34.09
N GLY B 172 40.16 -15.19 33.70
CA GLY B 172 39.55 -14.21 32.82
C GLY B 172 40.09 -14.24 31.40
N LEU B 173 40.48 -15.43 30.93
CA LEU B 173 41.03 -15.60 29.59
C LEU B 173 40.01 -15.19 28.53
N GLU B 174 40.52 -14.73 27.38
CA GLU B 174 39.68 -14.28 26.26
C GLU B 174 40.25 -14.73 24.90
N VAL B 175 39.45 -14.62 23.85
CA VAL B 175 39.88 -15.02 22.52
C VAL B 175 39.70 -13.86 21.54
N ILE B 176 40.37 -13.96 20.40
CA ILE B 176 40.28 -12.94 19.36
C ILE B 176 39.00 -13.15 18.57
N LYS B 177 38.27 -12.07 18.32
CA LYS B 177 37.00 -12.14 17.58
C LYS B 177 36.02 -13.20 18.09
N PRO B 178 35.65 -13.12 19.38
CA PRO B 178 34.72 -14.06 20.00
C PRO B 178 33.36 -14.09 19.30
N GLU B 179 32.98 -12.95 18.74
CA GLU B 179 31.70 -12.80 18.05
C GLU B 179 31.51 -13.67 16.82
N LEU B 180 32.60 -14.25 16.31
CA LEU B 180 32.49 -15.09 15.11
C LEU B 180 32.05 -16.50 15.45
N GLY B 181 32.20 -16.88 16.71
CA GLY B 181 31.78 -18.20 17.16
C GLY B 181 32.58 -19.39 16.68
N THR B 182 33.89 -19.22 16.46
CA THR B 182 34.71 -20.34 16.01
C THR B 182 35.31 -21.07 17.21
N LYS B 183 35.29 -20.42 18.37
CA LYS B 183 35.82 -20.99 19.60
C LYS B 183 37.28 -21.44 19.54
N PRO B 184 38.21 -20.48 19.50
CA PRO B 184 39.64 -20.78 19.43
C PRO B 184 40.09 -21.52 20.69
N ARG B 185 41.09 -22.39 20.55
CA ARG B 185 41.60 -23.12 21.71
C ARG B 185 42.88 -22.41 22.16
N VAL B 186 43.09 -21.20 21.64
CA VAL B 186 44.24 -20.38 22.00
C VAL B 186 43.68 -19.18 22.76
N TYR B 187 43.98 -19.10 24.04
CA TYR B 187 43.48 -18.01 24.86
C TYR B 187 44.53 -16.96 25.19
N TYR B 188 44.05 -15.74 25.45
CA TYR B 188 44.91 -14.63 25.77
C TYR B 188 44.62 -14.09 27.16
N LYS B 189 45.69 -13.79 27.87
CA LYS B 189 45.62 -13.25 29.23
C LYS B 189 46.06 -11.79 29.12
N ASN B 190 45.36 -10.90 29.81
CA ASN B 190 45.67 -9.47 29.79
C ASN B 190 45.53 -8.92 28.37
N LEU B 191 44.60 -9.49 27.61
CA LEU B 191 44.37 -9.06 26.24
C LEU B 191 43.96 -7.58 26.16
N TYR B 192 43.50 -7.03 27.26
CA TYR B 192 43.07 -5.63 27.28
C TYR B 192 44.21 -4.70 26.92
N ARG B 193 45.44 -5.12 27.25
CA ARG B 193 46.64 -4.34 26.94
C ARG B 193 46.67 -4.07 25.45
N PHE B 194 46.35 -5.11 24.68
CA PHE B 194 46.36 -5.00 23.23
C PHE B 194 45.08 -4.41 22.64
N GLU B 195 43.92 -4.84 23.14
CA GLU B 195 42.65 -4.40 22.58
C GLU B 195 41.93 -3.19 23.16
N LYS B 196 42.27 -2.78 24.37
CA LYS B 196 41.60 -1.62 24.94
C LYS B 196 42.49 -0.39 25.04
N ASN B 197 41.97 0.63 25.71
CA ASN B 197 42.72 1.87 25.86
C ASN B 197 42.71 2.41 27.28
N TYR B 198 43.49 3.45 27.50
CA TYR B 198 43.60 4.03 28.82
C TYR B 198 43.64 5.54 28.77
N VAL B 199 43.57 6.15 29.95
CA VAL B 199 43.65 7.59 30.08
C VAL B 199 44.62 7.83 31.22
N THR B 200 45.59 8.71 31.00
CA THR B 200 46.57 8.97 32.03
C THR B 200 46.86 10.46 32.13
N ALA B 201 47.59 10.85 33.18
CA ALA B 201 47.94 12.24 33.40
C ALA B 201 48.91 12.34 34.57
N GLY B 202 49.34 13.56 34.87
CA GLY B 202 50.24 13.81 35.98
C GLY B 202 49.76 15.02 36.74
N ILE B 203 49.53 14.86 38.05
CA ILE B 203 49.04 15.96 38.88
C ILE B 203 50.17 16.70 39.61
N LEU B 204 50.11 18.03 39.53
CA LEU B 204 51.11 18.88 40.18
C LEU B 204 50.45 19.83 41.17
N VAL B 205 51.02 19.94 42.36
CA VAL B 205 50.50 20.85 43.37
C VAL B 205 51.64 21.80 43.69
N GLN B 206 51.45 23.09 43.39
CA GLN B 206 52.46 24.11 43.63
C GLN B 206 53.83 23.80 43.00
N GLY B 207 53.80 23.34 41.76
CA GLY B 207 55.02 23.06 41.05
C GLY B 207 55.67 21.70 41.20
N ASP B 208 55.17 20.87 42.10
CA ASP B 208 55.76 19.55 42.29
C ASP B 208 54.77 18.40 42.08
N CYS B 209 55.30 17.23 41.72
CA CYS B 209 54.44 16.07 41.52
C CYS B 209 53.77 15.77 42.86
N PHE B 210 52.44 15.65 42.84
CA PHE B 210 51.68 15.38 44.04
C PHE B 210 51.27 13.92 44.15
N GLU B 211 51.76 13.24 45.19
CA GLU B 211 51.44 11.85 45.43
C GLU B 211 50.25 11.73 46.36
N GLY B 212 49.45 10.68 46.17
CA GLY B 212 48.31 10.46 47.05
C GLY B 212 47.04 11.20 46.70
N ALA B 213 47.01 11.86 45.54
CA ALA B 213 45.80 12.55 45.14
C ALA B 213 44.82 11.44 44.80
N LYS B 214 43.54 11.64 45.09
CA LYS B 214 42.53 10.63 44.78
C LYS B 214 41.88 10.96 43.45
N VAL B 215 41.86 9.97 42.57
CA VAL B 215 41.30 10.13 41.24
C VAL B 215 40.19 9.13 40.96
N VAL B 216 39.12 9.59 40.33
CA VAL B 216 37.99 8.74 40.00
C VAL B 216 37.59 8.84 38.52
N LEU B 217 37.31 7.69 37.91
CA LEU B 217 36.88 7.65 36.52
C LEU B 217 35.38 7.35 36.47
N LYS B 218 34.65 8.17 35.72
CA LYS B 218 33.21 7.99 35.59
C LYS B 218 32.71 7.90 34.15
N SER B 219 31.62 7.16 33.98
CA SER B 219 30.97 7.00 32.69
C SER B 219 29.48 7.05 32.98
N GLY B 220 28.77 7.92 32.25
CA GLY B 220 27.34 8.05 32.47
C GLY B 220 27.06 8.82 33.74
N GLY B 221 28.03 8.82 34.65
CA GLY B 221 27.87 9.53 35.91
C GLY B 221 28.29 8.70 37.11
N LYS B 222 28.52 7.41 36.88
CA LYS B 222 28.93 6.51 37.95
C LYS B 222 30.38 6.05 37.90
N GLU B 223 30.96 5.89 39.08
CA GLU B 223 32.34 5.46 39.22
C GLU B 223 32.58 4.16 38.46
N VAL B 224 33.68 4.14 37.70
CA VAL B 224 34.07 2.97 36.93
C VAL B 224 35.45 2.54 37.40
N ALA B 225 36.19 3.47 37.97
CA ALA B 225 37.53 3.18 38.46
C ALA B 225 38.04 4.25 39.42
N SER B 226 38.94 3.87 40.31
CA SER B 226 39.50 4.82 41.26
C SER B 226 40.99 4.48 41.49
N ALA B 227 41.75 5.47 41.93
CA ALA B 227 43.17 5.26 42.19
C ALA B 227 43.80 6.47 42.85
N GLU B 228 45.01 6.27 43.39
CA GLU B 228 45.73 7.34 44.03
C GLU B 228 47.02 7.54 43.22
N THR B 229 47.43 8.78 43.06
CA THR B 229 48.63 9.09 42.27
C THR B 229 49.92 8.65 42.92
N ASN B 230 50.82 8.06 42.13
CA ASN B 230 52.11 7.60 42.64
C ASN B 230 53.04 8.80 42.92
N PHE B 231 54.31 8.55 43.22
CA PHE B 231 55.22 9.65 43.52
C PHE B 231 55.58 10.55 42.33
N PHE B 232 55.04 10.24 41.15
CA PHE B 232 55.27 11.05 39.96
C PHE B 232 53.98 11.82 39.64
N GLY B 233 52.99 11.67 40.53
CA GLY B 233 51.70 12.32 40.37
C GLY B 233 50.83 11.73 39.28
N GLU B 234 51.21 10.54 38.81
CA GLU B 234 50.45 9.92 37.74
C GLU B 234 49.48 8.82 38.14
N PHE B 235 48.44 8.68 37.32
CA PHE B 235 47.43 7.66 37.47
C PHE B 235 47.20 7.11 36.07
N LYS B 236 46.60 5.93 35.96
CA LYS B 236 46.35 5.33 34.66
C LYS B 236 45.22 4.31 34.70
N PHE B 237 44.13 4.63 33.99
CA PHE B 237 42.97 3.74 33.94
C PHE B 237 42.96 3.01 32.60
N ASP B 238 43.30 1.73 32.61
CA ASP B 238 43.35 0.92 31.39
C ASP B 238 42.09 0.08 31.20
N ALA B 239 42.12 -0.80 30.20
CA ALA B 239 41.00 -1.67 29.87
C ALA B 239 39.71 -0.88 29.70
N LEU B 240 39.79 0.24 28.97
CA LEU B 240 38.63 1.09 28.74
C LEU B 240 38.02 0.87 27.35
N ASP B 241 36.70 0.76 27.32
CA ASP B 241 35.98 0.59 26.05
C ASP B 241 35.79 1.99 25.48
N ASN B 242 35.54 2.07 24.17
CA ASN B 242 35.33 3.37 23.55
C ASN B 242 34.16 4.05 24.24
N GLY B 243 34.20 5.38 24.30
CA GLY B 243 33.12 6.10 24.93
C GLY B 243 33.62 7.39 25.57
N GLU B 244 32.73 8.08 26.26
CA GLU B 244 33.07 9.31 26.94
C GLU B 244 33.23 9.06 28.43
N TYR B 245 34.24 9.69 29.03
CA TYR B 245 34.47 9.52 30.45
C TYR B 245 34.76 10.85 31.12
N THR B 246 34.60 10.86 32.45
CA THR B 246 34.87 12.05 33.24
C THR B 246 35.89 11.69 34.29
N VAL B 247 36.95 12.49 34.39
CA VAL B 247 37.98 12.24 35.40
C VAL B 247 37.85 13.32 36.46
N GLU B 248 37.68 12.90 37.70
CA GLU B 248 37.55 13.82 38.83
C GLU B 248 38.76 13.63 39.71
N ILE B 249 39.44 14.74 40.01
CA ILE B 249 40.65 14.70 40.82
C ILE B 249 40.51 15.53 42.09
N ASP B 250 40.94 14.94 43.21
CA ASP B 250 40.89 15.62 44.50
C ASP B 250 42.24 15.57 45.22
N ALA B 251 42.85 16.74 45.39
CA ALA B 251 44.16 16.82 46.06
C ALA B 251 44.23 18.04 46.96
N ASP B 252 44.63 17.83 48.21
CA ASP B 252 44.75 18.92 49.18
C ASP B 252 43.45 19.71 49.31
N GLY B 253 42.33 19.05 49.06
CA GLY B 253 41.05 19.73 49.15
C GLY B 253 40.73 20.46 47.85
N LYS B 254 41.68 20.46 46.93
CA LYS B 254 41.49 21.12 45.64
C LYS B 254 40.96 20.15 44.59
N SER B 255 39.86 20.53 43.97
CA SER B 255 39.20 19.69 42.97
C SER B 255 39.39 20.10 41.51
N TYR B 256 39.48 19.08 40.65
CA TYR B 256 39.63 19.27 39.21
C TYR B 256 38.84 18.17 38.52
N SER B 257 38.29 18.48 37.35
CA SER B 257 37.53 17.46 36.63
C SER B 257 37.48 17.80 35.16
N ASP B 258 37.45 16.76 34.33
CA ASP B 258 37.40 16.96 32.89
C ASP B 258 36.92 15.72 32.15
N THR B 259 36.44 15.94 30.94
CA THR B 259 35.93 14.87 30.10
C THR B 259 37.04 14.31 29.23
N VAL B 260 36.85 13.08 28.76
CA VAL B 260 37.83 12.42 27.91
C VAL B 260 37.12 11.50 26.92
N VAL B 261 37.51 11.58 25.65
CA VAL B 261 36.92 10.73 24.63
C VAL B 261 37.85 9.60 24.22
N ILE B 262 37.40 8.37 24.39
CA ILE B 262 38.18 7.19 24.02
C ILE B 262 37.63 6.62 22.73
N ASP B 263 38.42 6.72 21.65
CA ASP B 263 38.01 6.20 20.35
C ASP B 263 39.17 5.41 19.75
N ASP B 264 39.32 4.17 20.18
CA ASP B 264 40.40 3.31 19.71
C ASP B 264 41.77 3.98 19.90
N LYS B 265 41.85 4.88 20.87
CA LYS B 265 43.10 5.60 21.17
C LYS B 265 43.20 5.90 22.65
N SER B 266 44.40 5.79 23.20
CA SER B 266 44.62 6.09 24.61
C SER B 266 44.92 7.59 24.74
N VAL B 267 44.51 8.20 25.84
CA VAL B 267 44.70 9.64 26.04
C VAL B 267 45.61 10.06 27.19
N ASP B 268 46.46 11.04 26.92
CA ASP B 268 47.37 11.57 27.93
C ASP B 268 46.97 13.02 28.18
N LEU B 269 46.35 13.27 29.32
CA LEU B 269 45.91 14.61 29.66
C LEU B 269 47.03 15.59 30.00
N GLY B 270 48.27 15.12 30.07
CA GLY B 270 49.38 16.01 30.39
C GLY B 270 49.46 16.36 31.87
N PHE B 271 50.09 17.50 32.17
CA PHE B 271 50.21 17.96 33.55
C PHE B 271 49.01 18.78 34.00
N ILE B 272 48.39 18.37 35.08
CA ILE B 272 47.27 19.10 35.62
C ILE B 272 47.83 19.86 36.82
N LYS B 273 47.94 21.17 36.67
CA LYS B 273 48.49 22.03 37.70
C LYS B 273 47.45 22.49 38.71
N LEU B 274 47.52 21.94 39.92
CA LEU B 274 46.60 22.30 40.98
C LEU B 274 47.33 23.13 42.03
N MET C 1 -33.32 27.93 -80.46
CA MET C 1 -32.05 28.72 -80.45
C MET C 1 -31.97 29.67 -81.64
N GLY C 2 -32.68 29.34 -82.72
CA GLY C 2 -32.66 30.18 -83.90
C GLY C 2 -33.96 30.23 -84.69
N GLU C 3 -33.86 30.65 -85.94
CA GLU C 3 -35.01 30.75 -86.83
C GLU C 3 -35.15 29.56 -87.77
N VAL C 4 -36.36 29.38 -88.28
CA VAL C 4 -36.65 28.29 -89.21
C VAL C 4 -36.05 28.62 -90.56
N VAL C 5 -35.47 27.62 -91.20
CA VAL C 5 -34.86 27.82 -92.51
C VAL C 5 -35.42 26.83 -93.51
N ARG C 6 -35.77 27.33 -94.69
CA ARG C 6 -36.32 26.50 -95.77
C ARG C 6 -35.18 26.02 -96.66
N LEU C 7 -34.87 24.73 -96.57
CA LEU C 7 -33.80 24.14 -97.37
C LEU C 7 -34.41 23.23 -98.46
N THR C 8 -33.54 22.62 -99.26
CA THR C 8 -34.02 21.74 -100.32
C THR C 8 -33.34 20.38 -100.24
N ASN C 9 -33.99 19.38 -100.83
CA ASN C 9 -33.47 18.02 -100.91
C ASN C 9 -34.48 17.26 -101.77
N SER C 10 -34.28 15.95 -101.93
CA SER C 10 -35.20 15.18 -102.75
C SER C 10 -35.18 13.73 -102.33
N SER C 11 -36.02 12.91 -102.96
CA SER C 11 -36.10 11.51 -102.61
C SER C 11 -36.66 10.66 -103.75
N THR C 12 -36.80 9.36 -103.48
CA THR C 12 -37.34 8.43 -104.47
C THR C 12 -38.83 8.69 -104.58
N GLY C 13 -39.30 9.75 -103.94
CA GLY C 13 -40.70 10.10 -103.97
C GLY C 13 -40.93 11.54 -104.40
N GLY C 14 -39.88 12.22 -104.85
CA GLY C 14 -40.03 13.59 -105.31
C GLY C 14 -39.26 14.64 -104.53
N PRO C 15 -38.97 15.80 -105.16
CA PRO C 15 -38.23 16.88 -104.49
C PRO C 15 -39.04 17.43 -103.31
N VAL C 16 -38.36 18.01 -102.33
CA VAL C 16 -39.04 18.56 -101.16
C VAL C 16 -38.36 19.79 -100.58
N PHE C 17 -39.16 20.62 -99.92
CA PHE C 17 -38.66 21.80 -99.24
C PHE C 17 -38.53 21.28 -97.83
N VAL C 18 -37.36 21.44 -97.23
CA VAL C 18 -37.15 20.97 -95.87
C VAL C 18 -36.95 22.16 -94.92
N TYR C 19 -37.90 22.34 -94.01
CA TYR C 19 -37.81 23.42 -93.03
C TYR C 19 -37.06 22.91 -91.80
N VAL C 20 -35.94 23.56 -91.50
CA VAL C 20 -35.12 23.16 -90.36
C VAL C 20 -34.99 24.24 -89.30
N LYS C 21 -34.72 23.81 -88.07
CA LYS C 21 -34.55 24.72 -86.94
C LYS C 21 -33.73 24.04 -85.86
N ASP C 22 -32.65 24.69 -85.45
CA ASP C 22 -31.78 24.14 -84.40
C ASP C 22 -31.34 22.70 -84.68
N GLY C 23 -30.87 22.46 -85.90
CA GLY C 23 -30.40 21.14 -86.27
C GLY C 23 -31.45 20.05 -86.30
N LYS C 24 -32.72 20.42 -86.46
CA LYS C 24 -33.80 19.43 -86.50
C LYS C 24 -34.80 19.70 -87.63
N ILE C 25 -35.20 18.65 -88.33
CA ILE C 25 -36.17 18.79 -89.40
C ILE C 25 -37.57 18.96 -88.82
N ILE C 26 -38.24 20.04 -89.22
CA ILE C 26 -39.58 20.35 -88.74
C ILE C 26 -40.68 19.73 -89.61
N ARG C 27 -40.52 19.84 -90.92
CA ARG C 27 -41.50 19.30 -91.85
C ARG C 27 -40.90 19.23 -93.25
N MET C 28 -41.54 18.44 -94.10
CA MET C 28 -41.11 18.29 -95.50
C MET C 28 -42.38 18.42 -96.33
N THR C 29 -42.29 19.18 -97.40
CA THR C 29 -43.46 19.41 -98.24
C THR C 29 -43.10 19.45 -99.72
N PRO C 30 -44.11 19.37 -100.60
CA PRO C 30 -43.87 19.42 -102.04
C PRO C 30 -43.37 20.83 -102.35
N MET C 31 -42.86 21.04 -103.56
CA MET C 31 -42.34 22.35 -103.93
C MET C 31 -43.27 23.27 -104.71
N ASP C 32 -43.31 24.52 -104.27
CA ASP C 32 -44.06 25.56 -104.90
C ASP C 32 -43.18 26.41 -105.79
N PHE C 33 -43.62 26.74 -106.98
CA PHE C 33 -42.81 27.54 -107.89
C PHE C 33 -43.06 29.03 -107.68
N ASP C 34 -41.99 29.82 -107.78
CA ASP C 34 -42.07 31.26 -107.64
C ASP C 34 -41.97 31.80 -109.06
N ASP C 35 -43.09 32.30 -109.59
CA ASP C 35 -43.13 32.80 -110.95
C ASP C 35 -42.18 33.97 -111.21
N ALA C 36 -41.60 34.51 -110.13
CA ALA C 36 -40.66 35.63 -110.25
C ALA C 36 -39.25 35.14 -110.60
N VAL C 37 -38.96 33.88 -110.28
CA VAL C 37 -37.64 33.33 -110.54
C VAL C 37 -37.64 32.00 -111.29
N ASP C 38 -38.77 31.30 -111.27
CA ASP C 38 -38.87 30.01 -111.96
C ASP C 38 -39.54 30.12 -113.34
N ALA C 39 -38.87 29.60 -114.36
CA ALA C 39 -39.35 29.63 -115.75
C ALA C 39 -40.79 29.14 -115.92
N PRO C 40 -41.50 29.64 -116.95
CA PRO C 40 -42.90 29.26 -117.24
C PRO C 40 -43.01 27.81 -117.69
N SER C 41 -44.20 27.25 -117.58
CA SER C 41 -44.43 25.87 -117.97
C SER C 41 -44.80 25.76 -119.45
N TRP C 42 -44.78 24.53 -119.96
CA TRP C 42 -45.14 24.26 -121.33
C TRP C 42 -46.65 24.33 -121.44
N LYS C 43 -47.15 24.41 -122.68
CA LYS C 43 -48.58 24.46 -122.95
C LYS C 43 -48.86 23.51 -124.10
N ILE C 44 -50.06 22.94 -124.12
CA ILE C 44 -50.45 22.04 -125.18
C ILE C 44 -51.85 22.36 -125.69
N GLU C 45 -51.94 22.72 -126.97
CA GLU C 45 -53.22 23.01 -127.58
C GLU C 45 -53.71 21.72 -128.23
N ALA C 46 -54.88 21.25 -127.79
CA ALA C 46 -55.44 20.03 -128.32
C ALA C 46 -56.95 20.02 -128.18
N ARG C 47 -57.63 19.80 -129.30
CA ARG C 47 -59.08 19.74 -129.34
C ARG C 47 -59.80 20.95 -128.74
N GLY C 48 -59.40 22.15 -129.18
CA GLY C 48 -60.02 23.37 -128.72
C GLY C 48 -59.68 23.81 -127.31
N LYS C 49 -58.87 23.03 -126.61
CA LYS C 49 -58.51 23.38 -125.24
C LYS C 49 -57.01 23.64 -125.08
N THR C 50 -56.65 24.22 -123.94
CA THR C 50 -55.26 24.53 -123.65
C THR C 50 -54.86 23.88 -122.33
N PHE C 51 -53.83 23.06 -122.37
CA PHE C 51 -53.37 22.38 -121.17
C PHE C 51 -52.01 22.88 -120.71
N THR C 52 -51.93 23.15 -119.40
CA THR C 52 -50.72 23.65 -118.79
C THR C 52 -50.66 23.00 -117.42
N PRO C 53 -49.49 22.55 -116.99
CA PRO C 53 -49.34 21.89 -115.69
C PRO C 53 -49.37 22.80 -114.46
N PRO C 54 -49.58 22.21 -113.28
CA PRO C 54 -49.62 22.97 -112.03
C PRO C 54 -48.24 23.55 -111.79
N ARG C 55 -48.18 24.78 -111.29
CA ARG C 55 -46.90 25.42 -111.00
C ARG C 55 -46.40 24.88 -109.67
N LYS C 56 -46.39 23.56 -109.56
CA LYS C 56 -45.98 22.89 -108.33
C LYS C 56 -45.56 21.44 -108.58
N THR C 57 -44.84 20.85 -107.64
CA THR C 57 -44.40 19.47 -107.75
C THR C 57 -45.21 18.63 -106.76
N SER C 58 -45.30 17.33 -107.00
CA SER C 58 -46.04 16.43 -106.12
C SER C 58 -45.12 15.40 -105.48
N ILE C 59 -45.58 14.73 -104.43
CA ILE C 59 -44.75 13.73 -103.75
C ILE C 59 -45.53 12.46 -103.42
N ALA C 60 -44.80 11.37 -103.23
CA ALA C 60 -45.39 10.09 -102.91
C ALA C 60 -45.66 10.04 -101.40
N PRO C 61 -46.45 9.04 -100.97
CA PRO C 61 -46.78 8.89 -99.55
C PRO C 61 -45.53 8.69 -98.67
N TYR C 62 -44.68 7.75 -99.08
CA TYR C 62 -43.46 7.42 -98.34
C TYR C 62 -42.48 8.59 -98.18
N THR C 63 -42.61 9.59 -99.04
CA THR C 63 -41.76 10.77 -98.97
C THR C 63 -42.40 11.75 -97.97
N ALA C 64 -43.73 11.79 -98.01
CA ALA C 64 -44.49 12.67 -97.12
C ALA C 64 -44.17 12.38 -95.65
N GLY C 65 -44.05 11.10 -95.31
CA GLY C 65 -43.76 10.72 -93.94
C GLY C 65 -42.33 10.31 -93.77
N PHE C 66 -41.48 10.69 -94.72
CA PHE C 66 -40.08 10.30 -94.67
C PHE C 66 -39.35 10.65 -93.36
N LYS C 67 -39.77 11.74 -92.71
CA LYS C 67 -39.11 12.17 -91.48
C LYS C 67 -39.08 11.08 -90.40
N SER C 68 -40.10 10.24 -90.38
CA SER C 68 -40.16 9.15 -89.39
C SER C 68 -39.13 8.07 -89.70
N MET C 69 -38.52 8.15 -90.88
CA MET C 69 -37.51 7.16 -91.26
C MET C 69 -36.13 7.69 -90.88
N ILE C 70 -35.95 8.99 -91.01
CA ILE C 70 -34.69 9.64 -90.67
C ILE C 70 -34.39 9.48 -89.19
N TYR C 71 -35.41 9.66 -88.37
CA TYR C 71 -35.26 9.52 -86.92
C TYR C 71 -35.84 8.21 -86.42
N SER C 72 -35.80 7.18 -87.26
CA SER C 72 -36.32 5.88 -86.87
C SER C 72 -35.58 5.33 -85.66
N ASP C 73 -36.31 4.68 -84.75
CA ASP C 73 -35.67 4.10 -83.59
C ASP C 73 -35.00 2.80 -84.02
N LEU C 74 -35.26 2.37 -85.25
CA LEU C 74 -34.66 1.15 -85.79
C LEU C 74 -33.39 1.51 -86.55
N ARG C 75 -33.15 2.82 -86.62
CA ARG C 75 -31.97 3.35 -87.30
C ARG C 75 -30.73 2.72 -86.63
N ILE C 76 -29.77 2.26 -87.43
CA ILE C 76 -28.55 1.66 -86.86
C ILE C 76 -27.79 2.76 -86.11
N PRO C 77 -27.75 2.67 -84.77
CA PRO C 77 -27.10 3.59 -83.84
C PRO C 77 -25.60 3.84 -84.00
N TYR C 78 -24.86 2.75 -84.16
CA TYR C 78 -23.41 2.82 -84.28
C TYR C 78 -22.91 1.48 -84.81
N PRO C 79 -21.59 1.37 -85.03
CA PRO C 79 -21.02 0.11 -85.52
C PRO C 79 -21.30 -1.03 -84.55
N MET C 80 -21.77 -2.16 -85.09
CA MET C 80 -22.09 -3.31 -84.29
C MET C 80 -21.29 -4.52 -84.74
N LYS C 81 -21.04 -5.43 -83.82
CA LYS C 81 -20.28 -6.65 -84.09
C LYS C 81 -20.98 -7.84 -83.47
N ARG C 82 -21.02 -8.96 -84.21
CA ARG C 82 -21.65 -10.17 -83.71
C ARG C 82 -20.79 -10.71 -82.58
N LYS C 83 -21.35 -10.74 -81.37
CA LYS C 83 -20.63 -11.23 -80.19
C LYS C 83 -20.00 -12.61 -80.39
N SER C 84 -20.75 -13.50 -81.01
CA SER C 84 -20.29 -14.87 -81.26
C SER C 84 -19.23 -14.96 -82.36
N PHE C 85 -18.95 -13.83 -83.02
CA PHE C 85 -17.96 -13.80 -84.08
C PHE C 85 -16.58 -13.32 -83.65
N ASP C 86 -15.61 -14.23 -83.63
CA ASP C 86 -14.25 -13.89 -83.27
C ASP C 86 -13.35 -14.14 -84.48
N PRO C 87 -12.78 -13.06 -85.04
CA PRO C 87 -11.90 -13.08 -86.21
C PRO C 87 -10.72 -14.04 -86.07
N ASN C 88 -10.14 -14.10 -84.87
CA ASN C 88 -8.98 -14.95 -84.64
C ASN C 88 -9.29 -16.22 -83.88
N GLY C 89 -10.57 -16.50 -83.70
CA GLY C 89 -10.98 -17.71 -83.00
C GLY C 89 -12.17 -18.32 -83.72
N GLU C 90 -13.14 -18.80 -82.96
CA GLU C 90 -14.33 -19.41 -83.54
C GLU C 90 -15.22 -18.34 -84.17
N ARG C 91 -15.35 -18.41 -85.49
CA ARG C 91 -16.17 -17.45 -86.22
C ARG C 91 -17.65 -17.82 -86.10
N ASN C 92 -17.90 -19.07 -85.73
CA ASN C 92 -19.26 -19.57 -85.55
C ASN C 92 -20.24 -19.13 -86.64
N PRO C 93 -20.01 -19.55 -87.88
CA PRO C 93 -20.87 -19.19 -89.02
C PRO C 93 -22.30 -19.65 -88.76
N GLN C 94 -22.41 -20.78 -88.07
CA GLN C 94 -23.70 -21.37 -87.76
C GLN C 94 -24.56 -20.56 -86.79
N LEU C 95 -23.99 -19.52 -86.20
CA LEU C 95 -24.74 -18.70 -85.24
C LEU C 95 -25.24 -17.37 -85.82
N ARG C 96 -24.98 -17.13 -87.10
CA ARG C 96 -25.45 -15.91 -87.73
C ARG C 96 -26.97 -15.97 -87.72
N GLY C 97 -27.62 -14.88 -87.30
CA GLY C 97 -29.06 -14.84 -87.24
C GLY C 97 -29.64 -15.61 -86.06
N ALA C 98 -28.77 -16.06 -85.16
CA ALA C 98 -29.19 -16.81 -83.97
C ALA C 98 -30.15 -16.01 -83.08
N GLY C 99 -29.91 -14.71 -82.97
CA GLY C 99 -30.79 -13.90 -82.16
C GLY C 99 -32.16 -13.83 -82.79
N LEU C 100 -32.17 -13.80 -84.12
CA LEU C 100 -33.39 -13.73 -84.91
C LEU C 100 -34.19 -15.01 -84.69
N SER C 101 -33.51 -16.14 -84.64
CA SER C 101 -34.14 -17.44 -84.44
C SER C 101 -34.80 -17.58 -83.06
N LYS C 102 -34.53 -16.62 -82.17
CA LYS C 102 -35.11 -16.63 -80.83
C LYS C 102 -35.86 -15.33 -80.60
N GLN C 103 -36.14 -14.65 -81.71
CA GLN C 103 -36.88 -13.38 -81.71
C GLN C 103 -36.23 -12.20 -80.99
N ASP C 104 -34.91 -12.23 -80.85
CA ASP C 104 -34.20 -11.13 -80.18
C ASP C 104 -32.99 -10.72 -81.01
N PRO C 105 -33.22 -10.14 -82.20
CA PRO C 105 -32.22 -9.68 -83.15
C PRO C 105 -31.03 -8.92 -82.56
N TRP C 106 -31.32 -7.84 -81.85
CA TRP C 106 -30.26 -7.02 -81.28
C TRP C 106 -29.32 -7.74 -80.30
N SER C 107 -29.86 -8.65 -79.49
CA SER C 107 -29.05 -9.36 -78.51
C SER C 107 -27.80 -10.03 -79.10
N ASP C 108 -27.80 -10.25 -80.40
CA ASP C 108 -26.67 -10.88 -81.08
C ASP C 108 -25.48 -9.94 -81.21
N TYR C 109 -25.76 -8.63 -81.14
CA TYR C 109 -24.71 -7.64 -81.33
C TYR C 109 -24.28 -6.77 -80.15
N GLU C 110 -23.04 -6.30 -80.25
CA GLU C 110 -22.43 -5.43 -79.25
C GLU C 110 -21.84 -4.22 -80.00
N ARG C 111 -21.70 -3.12 -79.29
CA ARG C 111 -21.17 -1.88 -79.87
C ARG C 111 -19.65 -1.76 -79.97
N ILE C 112 -19.16 -1.37 -81.14
CA ILE C 112 -17.73 -1.19 -81.38
C ILE C 112 -17.51 0.15 -82.09
N SER C 113 -16.26 0.61 -82.12
CA SER C 113 -15.94 1.88 -82.76
C SER C 113 -15.70 1.76 -84.26
N TRP C 114 -15.81 2.88 -84.97
CA TRP C 114 -15.56 2.90 -86.40
C TRP C 114 -14.14 2.41 -86.66
N ASP C 115 -13.20 2.92 -85.88
CA ASP C 115 -11.80 2.54 -86.04
C ASP C 115 -11.61 1.03 -85.88
N GLU C 116 -12.27 0.44 -84.89
CA GLU C 116 -12.14 -1.00 -84.67
C GLU C 116 -12.85 -1.79 -85.76
N ALA C 117 -14.11 -1.45 -86.01
CA ALA C 117 -14.91 -2.11 -87.04
C ALA C 117 -14.17 -2.11 -88.38
N THR C 118 -13.62 -0.96 -88.77
CA THR C 118 -12.90 -0.85 -90.02
C THR C 118 -11.59 -1.64 -90.03
N ASP C 119 -10.96 -1.76 -88.87
CA ASP C 119 -9.72 -2.53 -88.77
C ASP C 119 -10.01 -4.01 -89.02
N ILE C 120 -11.15 -4.48 -88.51
CA ILE C 120 -11.55 -5.87 -88.67
C ILE C 120 -11.87 -6.22 -90.12
N VAL C 121 -12.58 -5.34 -90.81
CA VAL C 121 -12.96 -5.56 -92.20
C VAL C 121 -11.74 -5.59 -93.11
N VAL C 122 -10.88 -4.60 -92.98
CA VAL C 122 -9.65 -4.50 -93.76
C VAL C 122 -8.79 -5.75 -93.58
N ALA C 123 -8.61 -6.19 -92.34
CA ALA C 123 -7.80 -7.38 -92.07
C ALA C 123 -8.36 -8.59 -92.82
N GLU C 124 -9.68 -8.76 -92.79
CA GLU C 124 -10.34 -9.85 -93.48
C GLU C 124 -10.14 -9.75 -94.99
N ILE C 125 -10.28 -8.54 -95.51
CA ILE C 125 -10.11 -8.27 -96.93
C ILE C 125 -8.71 -8.58 -97.44
N ASN C 126 -7.69 -8.15 -96.69
CA ASN C 126 -6.32 -8.39 -97.11
C ASN C 126 -5.91 -9.83 -96.95
N ARG C 127 -6.47 -10.51 -95.95
CA ARG C 127 -6.15 -11.91 -95.72
C ARG C 127 -6.72 -12.73 -96.88
N ILE C 128 -7.94 -12.38 -97.27
CA ILE C 128 -8.63 -13.07 -98.36
C ILE C 128 -8.02 -12.78 -99.73
N LYS C 129 -7.67 -11.52 -99.98
CA LYS C 129 -7.06 -11.15 -101.26
C LYS C 129 -5.72 -11.85 -101.49
N HIS C 130 -4.97 -12.05 -100.42
CA HIS C 130 -3.68 -12.72 -100.56
C HIS C 130 -3.75 -14.24 -100.52
N ALA C 131 -4.83 -14.78 -100.01
CA ALA C 131 -4.99 -16.23 -99.96
C ALA C 131 -5.75 -16.76 -101.17
N TYR C 132 -6.82 -16.06 -101.54
CA TYR C 132 -7.67 -16.47 -102.67
C TYR C 132 -7.78 -15.49 -103.84
N GLY C 133 -7.58 -14.20 -103.57
CA GLY C 133 -7.69 -13.20 -104.61
C GLY C 133 -8.89 -12.29 -104.38
N PRO C 134 -9.03 -11.20 -105.14
CA PRO C 134 -10.16 -10.27 -104.98
C PRO C 134 -11.51 -10.86 -105.33
N SER C 135 -11.53 -11.89 -106.17
CA SER C 135 -12.80 -12.52 -106.56
C SER C 135 -13.48 -13.25 -105.41
N ALA C 136 -12.72 -13.67 -104.41
CA ALA C 136 -13.29 -14.37 -103.27
C ALA C 136 -14.13 -13.44 -102.38
N ILE C 137 -14.15 -12.15 -102.73
CA ILE C 137 -14.91 -11.15 -101.98
C ILE C 137 -16.20 -10.80 -102.71
N LEU C 138 -17.29 -11.44 -102.32
CA LEU C 138 -18.59 -11.18 -102.95
C LEU C 138 -19.16 -9.88 -102.40
N SER C 139 -19.94 -9.20 -103.23
CA SER C 139 -20.56 -7.95 -102.82
C SER C 139 -21.72 -7.61 -103.72
N THR C 140 -22.69 -6.90 -103.15
CA THR C 140 -23.84 -6.50 -103.91
C THR C 140 -24.76 -5.61 -103.12
N PRO C 141 -25.13 -4.47 -103.70
CA PRO C 141 -26.04 -3.59 -102.99
C PRO C 141 -27.40 -4.13 -103.40
N SER C 142 -28.31 -3.26 -103.77
CA SER C 142 -29.63 -3.71 -104.20
C SER C 142 -30.01 -2.82 -105.38
N SER C 143 -31.17 -3.06 -105.97
CA SER C 143 -31.57 -2.26 -107.11
C SER C 143 -31.74 -0.79 -106.78
N HIS C 144 -32.59 -0.48 -105.81
CA HIS C 144 -32.80 0.91 -105.48
C HIS C 144 -31.97 1.48 -104.34
N HIS C 145 -32.06 2.78 -104.16
CA HIS C 145 -31.19 3.42 -103.19
C HIS C 145 -31.67 4.85 -102.91
N MET C 146 -31.19 5.45 -101.82
CA MET C 146 -31.57 6.83 -101.48
C MET C 146 -31.21 7.72 -102.66
N TRP C 147 -32.07 8.71 -102.95
CA TRP C 147 -31.87 9.63 -104.06
C TRP C 147 -30.61 10.47 -103.85
N GLY C 148 -29.92 10.78 -104.95
CA GLY C 148 -28.68 11.54 -104.88
C GLY C 148 -27.69 10.97 -105.89
N ASN C 149 -27.44 11.71 -106.97
CA ASN C 149 -26.55 11.26 -108.03
C ASN C 149 -25.11 10.90 -107.64
N VAL C 150 -24.45 11.73 -106.84
CA VAL C 150 -23.07 11.42 -106.47
C VAL C 150 -22.98 10.25 -105.48
N GLY C 151 -23.97 10.15 -104.60
CA GLY C 151 -23.98 9.08 -103.62
C GLY C 151 -24.62 7.78 -104.09
N TYR C 152 -25.29 7.81 -105.23
CA TYR C 152 -25.96 6.62 -105.74
C TYR C 152 -25.02 5.43 -105.90
N ARG C 153 -25.57 4.22 -105.80
CA ARG C 153 -24.77 3.00 -105.90
C ARG C 153 -23.92 2.88 -107.17
N HIS C 154 -24.42 3.40 -108.29
CA HIS C 154 -23.69 3.34 -109.56
C HIS C 154 -22.47 4.26 -109.52
N SER C 155 -22.47 5.20 -108.58
CA SER C 155 -21.38 6.17 -108.45
C SER C 155 -20.38 5.88 -107.31
N THR C 156 -20.77 6.17 -106.08
CA THR C 156 -19.89 5.97 -104.95
C THR C 156 -19.50 4.51 -104.73
N TYR C 157 -20.50 3.66 -104.54
CA TYR C 157 -20.27 2.22 -104.32
C TYR C 157 -19.26 1.66 -105.33
N PHE C 158 -19.55 1.83 -106.62
CA PHE C 158 -18.65 1.31 -107.65
C PHE C 158 -17.26 1.91 -107.60
N ARG C 159 -17.15 3.22 -107.40
CA ARG C 159 -15.82 3.82 -107.36
C ARG C 159 -14.90 3.12 -106.37
N PHE C 160 -15.42 2.81 -105.19
CA PHE C 160 -14.63 2.14 -104.17
C PHE C 160 -14.47 0.64 -104.39
N MET C 161 -15.58 -0.06 -104.64
CA MET C 161 -15.53 -1.50 -104.86
C MET C 161 -14.62 -1.90 -106.00
N ASN C 162 -14.66 -1.11 -107.08
CA ASN C 162 -13.83 -1.37 -108.26
C ASN C 162 -12.35 -1.25 -107.92
N MET C 163 -12.05 -0.51 -106.86
CA MET C 163 -10.67 -0.32 -106.43
C MET C 163 -10.27 -1.27 -105.32
N MET C 164 -11.23 -2.01 -104.79
CA MET C 164 -10.96 -2.93 -103.69
C MET C 164 -10.98 -4.43 -104.09
N GLY C 165 -12.11 -4.87 -104.65
CA GLY C 165 -12.24 -6.26 -105.05
C GLY C 165 -12.47 -6.40 -106.55
N PHE C 166 -13.46 -7.19 -106.97
CA PHE C 166 -14.37 -7.95 -106.12
C PHE C 166 -15.28 -8.76 -107.04
N THR C 167 -16.05 -9.69 -106.49
CA THR C 167 -16.98 -10.47 -107.29
C THR C 167 -18.37 -9.90 -107.09
N TYR C 168 -18.91 -9.31 -108.15
CA TYR C 168 -20.21 -8.69 -108.12
C TYR C 168 -21.36 -9.66 -108.36
N ALA C 169 -22.47 -9.45 -107.65
CA ALA C 169 -23.67 -10.26 -107.82
C ALA C 169 -24.53 -9.36 -108.67
N ASP C 170 -24.26 -9.36 -109.98
CA ASP C 170 -25.00 -8.52 -110.91
C ASP C 170 -26.50 -8.76 -110.79
N HIS C 171 -27.26 -7.68 -110.77
CA HIS C 171 -28.70 -7.79 -110.64
C HIS C 171 -29.37 -8.30 -111.91
N ASN C 172 -30.44 -9.07 -111.74
CA ASN C 172 -31.22 -9.58 -112.86
C ASN C 172 -32.07 -8.38 -113.24
N PRO C 173 -32.51 -8.30 -114.51
CA PRO C 173 -33.34 -7.16 -114.91
C PRO C 173 -34.78 -7.26 -114.40
N ASP C 174 -34.91 -7.28 -113.07
CA ASP C 174 -36.21 -7.39 -112.38
C ASP C 174 -37.39 -6.60 -112.93
N SER C 175 -37.25 -5.28 -113.04
CA SER C 175 -38.33 -4.44 -113.54
C SER C 175 -38.74 -4.76 -114.98
N TRP C 176 -37.78 -5.23 -115.78
CA TRP C 176 -37.98 -5.53 -117.20
C TRP C 176 -38.19 -7.00 -117.57
N GLU C 177 -37.73 -7.90 -116.71
CA GLU C 177 -37.79 -9.35 -116.95
C GLU C 177 -38.37 -9.78 -118.29
N GLY C 178 -39.70 -9.78 -118.41
CA GLY C 178 -40.36 -10.19 -119.63
C GLY C 178 -39.93 -9.45 -120.88
N TRP C 179 -39.85 -8.13 -120.80
CA TRP C 179 -39.43 -7.31 -121.94
C TRP C 179 -37.97 -7.54 -122.25
N HIS C 180 -37.21 -7.82 -121.20
CA HIS C 180 -35.78 -8.05 -121.33
C HIS C 180 -35.40 -9.39 -121.94
N TRP C 181 -35.96 -10.48 -121.41
CA TRP C 181 -35.64 -11.81 -121.95
C TRP C 181 -36.58 -12.26 -123.07
N GLY C 182 -37.61 -11.46 -123.36
CA GLY C 182 -38.54 -11.84 -124.40
C GLY C 182 -38.77 -10.81 -125.49
N GLY C 183 -39.35 -9.67 -125.12
CA GLY C 183 -39.63 -8.63 -126.09
C GLY C 183 -38.44 -8.14 -126.89
N MET C 184 -37.25 -8.19 -126.30
CA MET C 184 -36.04 -7.73 -126.97
C MET C 184 -35.82 -8.49 -128.27
N HIS C 185 -36.04 -9.80 -128.22
CA HIS C 185 -35.86 -10.65 -129.39
C HIS C 185 -36.91 -10.32 -130.45
N MET C 186 -38.01 -9.71 -130.02
CA MET C 186 -39.09 -9.38 -130.92
C MET C 186 -38.98 -8.02 -131.62
N TRP C 187 -38.66 -6.96 -130.88
CA TRP C 187 -38.56 -5.65 -131.49
C TRP C 187 -37.28 -4.90 -131.12
N GLY C 188 -36.38 -5.57 -130.41
CA GLY C 188 -35.12 -4.94 -130.02
C GLY C 188 -35.22 -4.05 -128.79
N PHE C 189 -34.68 -2.84 -128.90
CA PHE C 189 -34.69 -1.88 -127.79
C PHE C 189 -33.85 -2.39 -126.60
N SER C 190 -32.72 -3.03 -126.88
CA SER C 190 -31.88 -3.57 -125.82
C SER C 190 -31.42 -2.50 -124.82
N TRP C 191 -31.12 -1.30 -125.32
CA TRP C 191 -30.68 -0.20 -124.47
C TRP C 191 -31.74 0.24 -123.45
N ARG C 192 -32.97 -0.22 -123.66
CA ARG C 192 -34.08 0.08 -122.75
C ARG C 192 -34.51 -1.25 -122.13
N LEU C 193 -33.66 -2.25 -122.30
CA LEU C 193 -33.92 -3.59 -121.78
C LEU C 193 -35.27 -4.14 -122.23
N GLY C 194 -35.66 -3.79 -123.45
CA GLY C 194 -36.92 -4.28 -123.99
C GLY C 194 -38.09 -3.33 -123.99
N ASN C 195 -37.98 -2.22 -123.25
CA ASN C 195 -39.05 -1.25 -123.17
C ASN C 195 -39.10 -0.33 -124.39
N PRO C 196 -40.28 0.25 -124.66
CA PRO C 196 -40.49 1.16 -125.79
C PRO C 196 -40.12 2.61 -125.51
N GLU C 197 -39.97 3.34 -126.60
CA GLU C 197 -39.64 4.75 -126.64
C GLU C 197 -40.95 5.47 -126.29
N GLN C 198 -40.88 6.66 -125.68
CA GLN C 198 -42.10 7.37 -125.30
C GLN C 198 -42.12 8.87 -125.60
N TYR C 199 -41.03 9.39 -126.16
CA TYR C 199 -40.97 10.83 -126.44
C TYR C 199 -42.25 11.41 -127.03
N ASP C 200 -42.52 12.66 -126.68
CA ASP C 200 -43.64 13.46 -127.18
C ASP C 200 -45.02 12.82 -127.36
N LEU C 201 -45.36 11.85 -126.52
CA LEU C 201 -46.67 11.19 -126.64
C LEU C 201 -47.84 11.92 -125.95
N LEU C 202 -47.55 12.74 -124.94
CA LEU C 202 -48.61 13.46 -124.24
C LEU C 202 -49.44 14.33 -125.17
N GLU C 203 -48.77 15.12 -126.01
CA GLU C 203 -49.52 15.98 -126.94
C GLU C 203 -50.25 15.09 -127.93
N ASP C 204 -49.62 13.99 -128.32
CA ASP C 204 -50.19 13.04 -129.28
C ASP C 204 -51.50 12.46 -128.74
N GLY C 205 -51.50 12.11 -127.46
CA GLY C 205 -52.68 11.54 -126.83
C GLY C 205 -53.81 12.53 -126.66
N LEU C 206 -53.48 13.72 -126.16
CA LEU C 206 -54.49 14.75 -125.94
C LEU C 206 -55.15 15.14 -127.27
N LYS C 207 -54.45 14.89 -128.36
CA LYS C 207 -54.96 15.22 -129.68
C LYS C 207 -55.71 14.10 -130.40
N HIS C 208 -55.32 12.85 -130.15
CA HIS C 208 -55.95 11.74 -130.85
C HIS C 208 -56.54 10.62 -130.03
N ALA C 209 -56.31 10.63 -128.73
CA ALA C 209 -56.80 9.55 -127.86
C ALA C 209 -58.33 9.43 -127.73
N GLU C 210 -58.83 8.21 -127.93
CA GLU C 210 -60.26 7.92 -127.78
C GLU C 210 -60.41 6.86 -126.69
N MET C 211 -59.40 6.01 -126.58
CA MET C 211 -59.40 4.95 -125.58
C MET C 211 -57.98 4.54 -125.19
N ILE C 212 -57.81 4.19 -123.91
CA ILE C 212 -56.53 3.75 -123.40
C ILE C 212 -56.73 2.46 -122.62
N VAL C 213 -55.95 1.43 -122.97
CA VAL C 213 -56.03 0.14 -122.30
C VAL C 213 -54.86 0.00 -121.32
N PHE C 214 -55.17 0.07 -120.04
CA PHE C 214 -54.16 -0.07 -118.99
C PHE C 214 -54.05 -1.56 -118.64
N TRP C 215 -53.04 -2.21 -119.20
CA TRP C 215 -52.81 -3.63 -119.00
C TRP C 215 -51.67 -3.84 -118.01
N SER C 216 -51.98 -4.39 -116.84
CA SER C 216 -50.96 -4.60 -115.82
C SER C 216 -50.32 -3.23 -115.57
N SER C 217 -51.16 -2.21 -115.53
CA SER C 217 -50.68 -0.84 -115.35
C SER C 217 -51.41 -0.08 -114.24
N ASP C 218 -50.65 0.39 -113.26
CA ASP C 218 -51.21 1.14 -112.14
C ASP C 218 -50.45 2.46 -112.02
N PRO C 219 -50.77 3.41 -112.92
CA PRO C 219 -50.15 4.75 -112.99
C PRO C 219 -50.04 5.48 -111.64
N GLU C 220 -51.17 5.60 -110.95
CA GLU C 220 -51.18 6.30 -109.66
C GLU C 220 -50.14 5.72 -108.70
N THR C 221 -50.27 4.44 -108.39
CA THR C 221 -49.36 3.78 -107.47
C THR C 221 -47.88 3.86 -107.82
N ASN C 222 -47.53 3.47 -109.05
CA ASN C 222 -46.13 3.47 -109.47
C ASN C 222 -45.62 4.76 -110.07
N SER C 223 -46.51 5.51 -110.74
CA SER C 223 -46.16 6.79 -111.37
C SER C 223 -45.03 6.60 -112.38
N GLY C 224 -44.88 5.37 -112.86
CA GLY C 224 -43.79 5.07 -113.76
C GLY C 224 -42.74 4.74 -112.74
N ILE C 225 -42.12 5.77 -112.17
CA ILE C 225 -41.12 5.59 -111.12
C ILE C 225 -40.54 6.94 -110.71
N TYR C 226 -40.42 7.15 -109.40
CA TYR C 226 -39.86 8.37 -108.83
C TYR C 226 -40.64 9.66 -109.11
N ALA C 227 -41.78 9.57 -109.78
CA ALA C 227 -42.54 10.78 -110.12
C ALA C 227 -43.75 11.15 -109.28
N GLY C 228 -43.82 10.70 -108.03
CA GLY C 228 -44.95 11.05 -107.18
C GLY C 228 -46.33 10.90 -107.80
N PHE C 229 -46.98 12.04 -108.08
CA PHE C 229 -48.32 12.04 -108.68
C PHE C 229 -48.40 13.06 -109.82
N GLU C 230 -47.26 13.29 -110.47
CA GLU C 230 -47.17 14.25 -111.56
C GLU C 230 -48.19 14.10 -112.68
N SER C 231 -48.54 12.87 -113.03
CA SER C 231 -49.49 12.63 -114.12
C SER C 231 -50.98 12.53 -113.78
N ASN C 232 -51.32 12.62 -112.51
CA ASN C 232 -52.73 12.54 -112.10
C ASN C 232 -53.63 13.48 -112.91
N ILE C 233 -53.18 14.71 -113.12
CA ILE C 233 -53.96 15.68 -113.86
C ILE C 233 -54.04 15.38 -115.35
N ARG C 234 -53.01 14.75 -115.89
CA ARG C 234 -52.98 14.41 -117.32
C ARG C 234 -54.12 13.45 -117.66
N ARG C 235 -54.36 12.48 -116.79
CA ARG C 235 -55.43 11.52 -117.01
C ARG C 235 -56.77 12.21 -116.80
N GLN C 236 -56.78 13.26 -115.98
CA GLN C 236 -58.01 14.02 -115.75
C GLN C 236 -58.39 14.70 -117.07
N TRP C 237 -57.39 15.30 -117.71
CA TRP C 237 -57.60 15.97 -118.98
C TRP C 237 -58.20 15.03 -120.01
N LEU C 238 -57.64 13.83 -120.11
CA LEU C 238 -58.11 12.82 -121.04
C LEU C 238 -59.52 12.38 -120.70
N LYS C 239 -59.77 12.16 -119.42
CA LYS C 239 -61.09 11.73 -118.97
C LYS C 239 -62.15 12.74 -119.38
N ASP C 240 -61.88 14.03 -119.14
CA ASP C 240 -62.82 15.09 -119.48
C ASP C 240 -62.93 15.26 -121.00
N LEU C 241 -61.93 14.81 -121.74
CA LEU C 241 -61.95 14.90 -123.19
C LEU C 241 -62.79 13.74 -123.72
N GLY C 242 -63.28 12.92 -122.79
CA GLY C 242 -64.12 11.79 -123.15
C GLY C 242 -63.39 10.50 -123.47
N VAL C 243 -62.12 10.41 -123.08
CA VAL C 243 -61.34 9.21 -123.35
C VAL C 243 -61.70 8.06 -122.41
N ASP C 244 -61.92 6.88 -123.00
CA ASP C 244 -62.28 5.71 -122.21
C ASP C 244 -61.08 4.99 -121.63
N PHE C 245 -61.20 4.61 -120.36
CA PHE C 245 -60.13 3.90 -119.66
C PHE C 245 -60.56 2.49 -119.32
N VAL C 246 -59.82 1.52 -119.83
CA VAL C 246 -60.10 0.12 -119.58
C VAL C 246 -58.91 -0.45 -118.82
N PHE C 247 -59.20 -1.16 -117.73
CA PHE C 247 -58.14 -1.75 -116.92
C PHE C 247 -58.19 -3.26 -116.88
N ILE C 248 -57.05 -3.90 -117.16
CA ILE C 248 -56.95 -5.36 -117.13
C ILE C 248 -55.89 -5.69 -116.08
N ASP C 249 -56.34 -6.17 -114.94
CA ASP C 249 -55.45 -6.45 -113.81
C ASP C 249 -56.15 -7.40 -112.83
N PRO C 250 -55.45 -8.47 -112.39
CA PRO C 250 -56.08 -9.41 -111.46
C PRO C 250 -56.65 -8.65 -110.25
N HIS C 251 -55.95 -7.58 -109.87
CA HIS C 251 -56.36 -6.74 -108.74
C HIS C 251 -56.89 -5.43 -109.28
N MET C 252 -58.03 -4.99 -108.77
CA MET C 252 -58.56 -3.72 -109.25
C MET C 252 -57.65 -2.67 -108.61
N ASN C 253 -56.54 -2.37 -109.27
CA ASN C 253 -55.56 -1.41 -108.76
C ASN C 253 -56.06 -0.01 -108.48
N HIS C 254 -55.24 0.75 -107.75
CA HIS C 254 -55.59 2.10 -107.33
C HIS C 254 -55.93 3.11 -108.42
N THR C 255 -55.40 2.93 -109.62
CA THR C 255 -55.71 3.84 -110.72
C THR C 255 -57.11 3.47 -111.22
N ALA C 256 -57.38 2.16 -111.23
CA ALA C 256 -58.65 1.63 -111.69
C ALA C 256 -59.79 2.03 -110.75
N ARG C 257 -59.49 2.07 -109.45
CA ARG C 257 -60.48 2.43 -108.46
C ARG C 257 -60.93 3.87 -108.61
N LEU C 258 -60.08 4.68 -109.23
CA LEU C 258 -60.37 6.10 -109.41
C LEU C 258 -60.96 6.52 -110.75
N VAL C 259 -60.56 5.89 -111.84
CA VAL C 259 -61.07 6.30 -113.14
C VAL C 259 -61.45 5.19 -114.12
N ALA C 260 -61.51 3.96 -113.66
CA ALA C 260 -61.84 2.86 -114.55
C ALA C 260 -63.25 2.93 -115.10
N ASP C 261 -63.39 2.70 -116.40
CA ASP C 261 -64.71 2.69 -117.03
C ASP C 261 -65.10 1.22 -117.18
N LYS C 262 -64.12 0.35 -116.97
CA LYS C 262 -64.31 -1.09 -117.03
C LYS C 262 -63.04 -1.75 -116.51
N TRP C 263 -63.18 -2.86 -115.79
CA TRP C 263 -62.05 -3.57 -115.21
C TRP C 263 -62.14 -5.09 -115.40
N PHE C 264 -61.07 -5.68 -115.96
CA PHE C 264 -60.98 -7.11 -116.19
C PHE C 264 -60.02 -7.70 -115.16
N SER C 265 -60.35 -8.88 -114.62
CA SER C 265 -59.47 -9.52 -113.66
C SER C 265 -59.14 -10.95 -114.06
N PRO C 266 -58.13 -11.10 -114.93
CA PRO C 266 -57.74 -12.45 -115.37
C PRO C 266 -56.98 -13.18 -114.27
N LYS C 267 -57.05 -14.51 -114.28
CA LYS C 267 -56.36 -15.33 -113.30
C LYS C 267 -54.86 -15.13 -113.52
N ILE C 268 -54.05 -15.35 -112.48
CA ILE C 268 -52.62 -15.17 -112.63
C ILE C 268 -52.07 -15.97 -113.82
N GLY C 269 -51.16 -15.34 -114.56
CA GLY C 269 -50.52 -15.97 -115.69
C GLY C 269 -51.35 -16.36 -116.88
N THR C 270 -52.43 -15.62 -117.16
CA THR C 270 -53.29 -15.96 -118.30
C THR C 270 -53.49 -14.77 -119.24
N ASP C 271 -52.80 -13.67 -118.99
CA ASP C 271 -52.95 -12.48 -119.84
C ASP C 271 -52.73 -12.71 -121.33
N HIS C 272 -51.68 -13.44 -121.69
CA HIS C 272 -51.39 -13.69 -123.09
C HIS C 272 -52.52 -14.45 -123.80
N ALA C 273 -53.40 -15.04 -123.00
CA ALA C 273 -54.54 -15.76 -123.54
C ALA C 273 -55.51 -14.70 -124.09
N LEU C 274 -55.64 -13.58 -123.38
CA LEU C 274 -56.54 -12.51 -123.82
C LEU C 274 -55.97 -11.80 -125.04
N SER C 275 -54.66 -11.63 -125.10
CA SER C 275 -54.03 -10.96 -126.23
C SER C 275 -54.12 -11.82 -127.49
N PHE C 276 -54.05 -13.14 -127.34
CA PHE C 276 -54.16 -14.03 -128.50
C PHE C 276 -55.59 -14.01 -129.06
N ALA C 277 -56.57 -13.87 -128.17
CA ALA C 277 -57.97 -13.85 -128.58
C ALA C 277 -58.27 -12.50 -129.24
N ILE C 278 -57.70 -11.42 -128.69
CA ILE C 278 -57.91 -10.11 -129.26
C ILE C 278 -57.34 -10.09 -130.67
N ALA C 279 -56.19 -10.72 -130.86
CA ALA C 279 -55.55 -10.78 -132.17
C ALA C 279 -56.35 -11.73 -133.08
N TYR C 280 -56.92 -12.77 -132.48
CA TYR C 280 -57.74 -13.72 -133.24
C TYR C 280 -58.93 -12.97 -133.83
N THR C 281 -59.63 -12.23 -132.98
CA THR C 281 -60.78 -11.45 -133.42
C THR C 281 -60.39 -10.55 -134.59
N TRP C 282 -59.31 -9.80 -134.42
CA TRP C 282 -58.85 -8.90 -135.45
C TRP C 282 -58.59 -9.63 -136.77
N LEU C 283 -57.89 -10.76 -136.72
CA LEU C 283 -57.61 -11.50 -137.95
C LEU C 283 -58.89 -12.00 -138.59
N LYS C 284 -59.79 -12.53 -137.77
CA LYS C 284 -61.07 -13.03 -138.25
C LYS C 284 -61.91 -11.95 -138.94
N GLU C 285 -61.80 -10.73 -138.45
CA GLU C 285 -62.56 -9.60 -138.98
C GLU C 285 -61.78 -8.60 -139.83
N ASP C 286 -60.51 -8.88 -140.10
CA ASP C 286 -59.66 -7.99 -140.88
C ASP C 286 -59.66 -6.59 -140.27
N SER C 287 -59.76 -6.52 -138.95
CA SER C 287 -59.80 -5.23 -138.27
C SER C 287 -58.48 -4.74 -137.70
N TYR C 288 -57.44 -4.70 -138.52
CA TYR C 288 -56.15 -4.18 -138.09
C TYR C 288 -55.46 -3.50 -139.27
N ASP C 289 -54.22 -3.06 -139.06
CA ASP C 289 -53.47 -2.36 -140.09
C ASP C 289 -52.62 -3.30 -140.94
N LYS C 290 -53.22 -3.84 -142.01
CA LYS C 290 -52.54 -4.76 -142.90
C LYS C 290 -51.32 -4.16 -143.62
N GLU C 291 -51.43 -2.90 -144.01
CA GLU C 291 -50.33 -2.22 -144.70
C GLU C 291 -49.10 -2.17 -143.80
N TYR C 292 -49.32 -1.70 -142.57
CA TYR C 292 -48.25 -1.58 -141.59
C TYR C 292 -47.60 -2.93 -141.28
N VAL C 293 -48.41 -3.97 -141.14
CA VAL C 293 -47.88 -5.29 -140.83
C VAL C 293 -47.10 -5.90 -141.99
N ALA C 294 -47.56 -5.64 -143.22
CA ALA C 294 -46.88 -6.15 -144.39
C ALA C 294 -45.50 -5.51 -144.53
N ALA C 295 -45.38 -4.29 -143.99
CA ALA C 295 -44.13 -3.56 -144.07
C ALA C 295 -43.19 -3.74 -142.89
N ASN C 296 -43.74 -3.78 -141.68
CA ASN C 296 -42.92 -3.87 -140.49
C ASN C 296 -42.90 -5.14 -139.65
N ALA C 297 -43.48 -6.21 -140.16
CA ALA C 297 -43.49 -7.47 -139.40
C ALA C 297 -42.81 -8.60 -140.15
N HIS C 298 -42.17 -9.49 -139.40
CA HIS C 298 -41.50 -10.63 -139.99
C HIS C 298 -42.11 -11.88 -139.39
N GLY C 299 -42.42 -12.86 -140.24
CA GLY C 299 -43.00 -14.10 -139.77
C GLY C 299 -44.44 -13.99 -139.30
N PHE C 300 -45.13 -12.93 -139.72
CA PHE C 300 -46.52 -12.73 -139.32
C PHE C 300 -47.47 -13.79 -139.89
N GLU C 301 -47.25 -14.17 -141.15
CA GLU C 301 -48.07 -15.16 -141.82
C GLU C 301 -48.17 -16.45 -141.02
N GLU C 302 -47.01 -16.98 -140.62
CA GLU C 302 -46.97 -18.21 -139.86
C GLU C 302 -47.56 -18.02 -138.48
N TRP C 303 -47.45 -16.82 -137.95
CA TRP C 303 -47.98 -16.51 -136.63
C TRP C 303 -49.51 -16.50 -136.67
N ALA C 304 -50.06 -15.83 -137.68
CA ALA C 304 -51.50 -15.76 -137.87
C ALA C 304 -52.08 -17.18 -137.97
N ASP C 305 -51.37 -18.06 -138.67
CA ASP C 305 -51.78 -19.45 -138.82
C ASP C 305 -51.85 -20.12 -137.45
N TYR C 306 -50.93 -19.75 -136.56
CA TYR C 306 -50.92 -20.32 -135.21
C TYR C 306 -52.12 -19.79 -134.41
N VAL C 307 -52.34 -18.48 -134.47
CA VAL C 307 -53.46 -17.86 -133.76
C VAL C 307 -54.79 -18.44 -134.24
N LEU C 308 -54.87 -18.70 -135.53
CA LEU C 308 -56.08 -19.26 -136.12
C LEU C 308 -56.27 -20.73 -135.76
N GLY C 309 -55.25 -21.35 -135.19
CA GLY C 309 -55.35 -22.75 -134.78
C GLY C 309 -54.98 -23.79 -135.82
N LYS C 310 -54.29 -23.38 -136.88
CA LYS C 310 -53.91 -24.31 -137.93
C LYS C 310 -52.71 -25.19 -137.61
N THR C 311 -51.88 -24.79 -136.66
CA THR C 311 -50.71 -25.59 -136.34
C THR C 311 -50.85 -26.46 -135.09
N ASP C 312 -51.63 -26.00 -134.12
CA ASP C 312 -51.82 -26.77 -132.89
C ASP C 312 -53.25 -27.31 -132.76
N GLY C 313 -54.13 -26.93 -133.66
CA GLY C 313 -55.50 -27.41 -133.61
C GLY C 313 -56.37 -26.73 -132.56
N THR C 314 -55.96 -25.56 -132.08
CA THR C 314 -56.72 -24.85 -131.07
C THR C 314 -56.90 -23.37 -131.40
N PRO C 315 -58.00 -23.02 -132.07
CA PRO C 315 -58.23 -21.61 -132.41
C PRO C 315 -58.22 -20.77 -131.13
N LYS C 316 -57.49 -19.66 -131.12
CA LYS C 316 -57.42 -18.82 -129.92
C LYS C 316 -58.59 -17.86 -129.82
N THR C 317 -59.79 -18.42 -129.71
CA THR C 317 -61.01 -17.65 -129.60
C THR C 317 -61.23 -17.03 -128.22
N CYS C 318 -62.21 -16.14 -128.13
CA CYS C 318 -62.55 -15.49 -126.86
C CYS C 318 -63.06 -16.51 -125.85
N GLU C 319 -63.76 -17.55 -126.33
CA GLU C 319 -64.26 -18.59 -125.43
C GLU C 319 -63.06 -19.32 -124.82
N TRP C 320 -62.13 -19.72 -125.68
CA TRP C 320 -60.92 -20.40 -125.25
C TRP C 320 -60.18 -19.55 -124.20
N ALA C 321 -60.19 -18.23 -124.40
CA ALA C 321 -59.54 -17.30 -123.50
C ALA C 321 -60.31 -17.16 -122.18
N GLU C 322 -61.64 -17.20 -122.26
CA GLU C 322 -62.46 -17.12 -121.06
C GLU C 322 -62.15 -18.34 -120.18
N GLU C 323 -62.04 -19.49 -120.84
CA GLU C 323 -61.76 -20.76 -120.19
C GLU C 323 -60.41 -20.70 -119.46
N GLU C 324 -59.47 -19.95 -120.01
CA GLU C 324 -58.15 -19.82 -119.41
C GLU C 324 -58.06 -18.73 -118.34
N SER C 325 -58.71 -17.60 -118.58
CA SER C 325 -58.62 -16.45 -117.67
C SER C 325 -59.76 -16.13 -116.72
N GLY C 326 -60.96 -16.63 -117.01
CA GLY C 326 -62.10 -16.33 -116.16
C GLY C 326 -62.81 -15.08 -116.64
N VAL C 327 -62.16 -14.35 -117.56
CA VAL C 327 -62.73 -13.13 -118.13
C VAL C 327 -63.73 -13.56 -119.21
N PRO C 328 -64.96 -13.00 -119.18
CA PRO C 328 -66.06 -13.27 -120.12
C PRO C 328 -65.68 -13.13 -121.60
N ALA C 329 -66.08 -14.11 -122.39
CA ALA C 329 -65.78 -14.11 -123.81
C ALA C 329 -66.31 -12.86 -124.52
N CYS C 330 -67.53 -12.47 -124.18
CA CYS C 330 -68.18 -11.31 -124.78
C CYS C 330 -67.48 -9.98 -124.48
N GLU C 331 -66.90 -9.86 -123.29
CA GLU C 331 -66.20 -8.63 -122.93
C GLU C 331 -64.84 -8.57 -123.62
N ILE C 332 -64.19 -9.72 -123.78
CA ILE C 332 -62.90 -9.76 -124.47
C ILE C 332 -63.12 -9.32 -125.94
N ARG C 333 -64.17 -9.85 -126.56
CA ARG C 333 -64.50 -9.53 -127.93
C ARG C 333 -64.95 -8.08 -128.07
N ALA C 334 -65.71 -7.59 -127.10
CA ALA C 334 -66.18 -6.22 -127.13
C ALA C 334 -64.99 -5.29 -127.17
N LEU C 335 -64.06 -5.51 -126.24
CA LEU C 335 -62.85 -4.71 -126.17
C LEU C 335 -62.07 -4.77 -127.48
N ALA C 336 -61.97 -5.97 -128.05
CA ALA C 336 -61.24 -6.17 -129.29
C ALA C 336 -61.80 -5.32 -130.42
N ARG C 337 -63.11 -5.37 -130.62
CA ARG C 337 -63.72 -4.59 -131.69
C ARG C 337 -63.58 -3.09 -131.46
N GLN C 338 -63.77 -2.67 -130.20
CA GLN C 338 -63.65 -1.25 -129.88
C GLN C 338 -62.23 -0.77 -130.16
N TRP C 339 -61.26 -1.55 -129.69
CA TRP C 339 -59.84 -1.25 -129.87
C TRP C 339 -59.52 -1.05 -131.35
N ALA C 340 -60.08 -1.91 -132.20
CA ALA C 340 -59.83 -1.83 -133.63
C ALA C 340 -60.33 -0.54 -134.28
N LYS C 341 -61.57 -0.16 -134.00
CA LYS C 341 -62.14 1.03 -134.61
C LYS C 341 -61.85 2.37 -133.96
N LYS C 342 -61.29 2.36 -132.76
CA LYS C 342 -60.99 3.61 -132.04
C LYS C 342 -59.49 3.84 -131.92
N ASN C 343 -59.11 5.11 -131.81
CA ASN C 343 -57.71 5.48 -131.64
C ASN C 343 -57.40 4.95 -130.26
N THR C 344 -56.71 3.82 -130.20
CA THR C 344 -56.40 3.20 -128.93
C THR C 344 -54.93 3.09 -128.58
N TYR C 345 -54.59 3.54 -127.38
CA TYR C 345 -53.24 3.45 -126.88
C TYR C 345 -53.19 2.32 -125.87
N LEU C 346 -52.13 1.51 -125.95
CA LEU C 346 -51.97 0.40 -125.05
C LEU C 346 -51.01 0.81 -123.94
N ALA C 347 -51.51 0.85 -122.72
CA ALA C 347 -50.68 1.23 -121.58
C ALA C 347 -50.21 -0.04 -120.88
N ALA C 348 -49.25 -0.73 -121.49
CA ALA C 348 -48.71 -1.94 -120.90
C ALA C 348 -47.66 -1.51 -119.90
N GLY C 349 -47.93 -1.73 -118.62
CA GLY C 349 -47.00 -1.32 -117.58
C GLY C 349 -47.34 0.10 -117.17
N GLY C 350 -46.82 0.54 -116.02
CA GLY C 350 -47.13 1.89 -115.58
C GLY C 350 -46.13 2.91 -116.08
N LEU C 351 -45.11 2.42 -116.78
CA LEU C 351 -44.07 3.29 -117.31
C LEU C 351 -44.14 3.45 -118.82
N GLY C 352 -44.61 2.39 -119.47
CA GLY C 352 -44.63 2.33 -120.92
C GLY C 352 -43.58 1.23 -121.00
N GLY C 353 -44.02 0.03 -120.65
CA GLY C 353 -43.12 -1.10 -120.59
C GLY C 353 -43.22 -1.45 -119.11
N TRP C 354 -42.50 -2.47 -118.67
CA TRP C 354 -42.58 -2.89 -117.28
C TRP C 354 -43.97 -3.47 -117.05
N GLY C 355 -44.40 -3.50 -115.79
CA GLY C 355 -45.69 -4.07 -115.46
C GLY C 355 -45.46 -5.37 -114.69
N GLY C 356 -46.21 -5.57 -113.62
CA GLY C 356 -46.08 -6.78 -112.83
C GLY C 356 -46.23 -8.03 -113.66
N ALA C 357 -46.86 -7.91 -114.82
CA ALA C 357 -47.07 -9.07 -115.69
C ALA C 357 -45.77 -9.57 -116.31
N CYS C 358 -44.85 -8.66 -116.59
CA CYS C 358 -43.59 -9.06 -117.21
C CYS C 358 -42.70 -9.92 -116.31
N ARG C 359 -42.88 -9.82 -115.01
CA ARG C 359 -42.05 -10.63 -114.11
C ARG C 359 -42.86 -11.71 -113.39
N ALA C 360 -43.31 -12.67 -114.20
CA ALA C 360 -44.09 -13.79 -113.75
C ALA C 360 -43.84 -14.91 -114.74
N SER C 361 -44.32 -16.12 -114.46
CA SER C 361 -44.08 -17.26 -115.33
C SER C 361 -44.66 -17.15 -116.74
N HIS C 362 -45.21 -16.00 -117.11
CA HIS C 362 -45.76 -15.83 -118.46
C HIS C 362 -45.35 -14.49 -119.03
N GLY C 363 -44.44 -13.82 -118.34
CA GLY C 363 -43.98 -12.50 -118.78
C GLY C 363 -43.43 -12.41 -120.20
N ILE C 364 -42.65 -13.40 -120.60
CA ILE C 364 -42.09 -13.38 -121.95
C ILE C 364 -43.22 -13.28 -122.96
N GLU C 365 -44.22 -14.13 -122.82
CA GLU C 365 -45.36 -14.13 -123.73
C GLU C 365 -46.29 -12.95 -123.52
N TRP C 366 -46.28 -12.36 -122.32
CA TRP C 366 -47.15 -11.21 -122.09
C TRP C 366 -46.60 -10.01 -122.86
N ALA C 367 -45.31 -9.74 -122.68
CA ALA C 367 -44.68 -8.61 -123.36
C ALA C 367 -44.73 -8.79 -124.88
N ARG C 368 -44.40 -9.99 -125.36
CA ARG C 368 -44.46 -10.21 -126.79
C ARG C 368 -45.90 -10.08 -127.30
N GLY C 369 -46.86 -10.30 -126.40
CA GLY C 369 -48.25 -10.17 -126.77
C GLY C 369 -48.62 -8.71 -126.88
N MET C 370 -48.14 -7.92 -125.92
CA MET C 370 -48.41 -6.49 -125.93
C MET C 370 -47.80 -5.88 -127.19
N ILE C 371 -46.66 -6.41 -127.60
CA ILE C 371 -45.99 -5.94 -128.81
C ILE C 371 -46.81 -6.34 -130.04
N ALA C 372 -47.30 -7.59 -130.04
CA ALA C 372 -48.10 -8.12 -131.16
C ALA C 372 -49.29 -7.19 -131.41
N LEU C 373 -50.05 -6.93 -130.36
CA LEU C 373 -51.22 -6.08 -130.43
C LEU C 373 -50.90 -4.67 -130.93
N ALA C 374 -50.02 -3.96 -130.24
CA ALA C 374 -49.67 -2.60 -130.64
C ALA C 374 -49.12 -2.56 -132.06
N THR C 375 -48.53 -3.66 -132.51
CA THR C 375 -47.97 -3.73 -133.86
C THR C 375 -49.09 -3.84 -134.89
N MET C 376 -50.00 -4.78 -134.69
CA MET C 376 -51.12 -4.98 -135.62
C MET C 376 -51.94 -3.70 -135.80
N GLN C 377 -51.95 -2.84 -134.78
CA GLN C 377 -52.70 -1.59 -134.84
C GLN C 377 -51.88 -0.40 -135.32
N GLY C 378 -50.66 -0.66 -135.77
CA GLY C 378 -49.80 0.39 -136.30
C GLY C 378 -49.21 1.39 -135.32
N MET C 379 -48.54 0.90 -134.29
CA MET C 379 -47.94 1.78 -133.30
C MET C 379 -47.00 2.79 -133.96
N GLY C 380 -47.15 4.05 -133.62
CA GLY C 380 -46.31 5.08 -134.19
C GLY C 380 -47.10 6.15 -134.92
N LYS C 381 -48.17 5.74 -135.58
CA LYS C 381 -49.01 6.68 -136.30
C LYS C 381 -49.91 7.41 -135.30
N PRO C 382 -50.41 8.59 -135.68
CA PRO C 382 -51.30 9.38 -134.81
C PRO C 382 -52.48 8.59 -134.24
N GLY C 383 -52.62 8.63 -132.92
CA GLY C 383 -53.72 7.94 -132.27
C GLY C 383 -53.57 6.44 -132.05
N SER C 384 -52.39 5.91 -132.37
CA SER C 384 -52.13 4.50 -132.19
C SER C 384 -50.70 4.33 -131.71
N ASN C 385 -50.53 3.76 -130.52
CA ASN C 385 -49.19 3.59 -130.00
C ASN C 385 -49.22 2.94 -128.63
N MET C 386 -48.06 2.61 -128.11
CA MET C 386 -47.98 2.03 -126.78
C MET C 386 -47.67 3.23 -125.89
N TRP C 387 -48.59 3.58 -125.00
CA TRP C 387 -48.40 4.73 -124.11
C TRP C 387 -49.18 4.54 -122.82
N SER C 388 -48.49 4.66 -121.68
CA SER C 388 -49.14 4.47 -120.38
C SER C 388 -49.56 5.74 -119.67
N THR C 389 -49.42 6.88 -120.35
CA THR C 389 -49.76 8.21 -119.83
C THR C 389 -48.83 8.80 -118.77
N THR C 390 -47.74 8.11 -118.44
CA THR C 390 -46.82 8.65 -117.46
C THR C 390 -45.66 9.41 -118.12
N GLN C 391 -45.22 8.95 -119.29
CA GLN C 391 -44.14 9.62 -120.01
C GLN C 391 -44.72 10.38 -121.20
N GLY C 392 -43.88 11.08 -121.96
CA GLY C 392 -44.37 11.82 -123.10
C GLY C 392 -44.49 13.33 -122.93
N VAL C 393 -44.24 13.83 -121.72
CA VAL C 393 -44.32 15.26 -121.43
C VAL C 393 -43.34 16.04 -122.32
N PRO C 394 -43.82 17.13 -122.96
CA PRO C 394 -43.10 18.03 -123.86
C PRO C 394 -41.91 18.76 -123.26
N LEU C 395 -41.13 18.07 -122.42
CA LEU C 395 -39.98 18.71 -121.79
C LEU C 395 -38.83 18.87 -122.77
N ASP C 396 -37.91 19.77 -122.45
CA ASP C 396 -36.75 20.05 -123.30
C ASP C 396 -35.75 18.90 -123.30
N TYR C 397 -35.88 18.02 -124.29
CA TYR C 397 -35.01 16.85 -124.43
C TYR C 397 -33.59 17.26 -124.81
N GLU C 398 -33.44 18.46 -125.38
CA GLU C 398 -32.13 18.95 -125.79
C GLU C 398 -31.25 19.35 -124.61
N PHE C 399 -31.86 19.72 -123.49
CA PHE C 399 -31.09 20.10 -122.31
C PHE C 399 -30.52 18.83 -121.66
N TYR C 400 -29.23 18.82 -121.40
CA TYR C 400 -28.63 17.64 -120.82
C TYR C 400 -28.32 17.72 -119.32
N PHE C 401 -28.78 16.72 -118.59
CA PHE C 401 -28.50 16.60 -117.17
C PHE C 401 -28.53 15.12 -116.86
N PRO C 402 -27.40 14.56 -116.40
CA PRO C 402 -27.16 13.16 -116.04
C PRO C 402 -28.13 12.53 -115.07
N GLY C 403 -28.43 11.25 -115.31
CA GLY C 403 -29.30 10.51 -114.41
C GLY C 403 -28.34 9.77 -113.51
N TYR C 404 -28.81 9.18 -112.42
CA TYR C 404 -27.89 8.47 -111.53
C TYR C 404 -27.28 7.26 -112.22
N ALA C 405 -28.03 6.68 -113.15
CA ALA C 405 -27.56 5.50 -113.87
C ALA C 405 -26.33 5.77 -114.76
N GLU C 406 -25.99 7.05 -114.94
CA GLU C 406 -24.86 7.38 -115.77
C GLU C 406 -23.50 7.33 -115.09
N GLY C 407 -23.46 6.67 -113.93
CA GLY C 407 -22.21 6.48 -113.21
C GLY C 407 -21.72 7.46 -112.17
N GLY C 408 -22.23 8.69 -112.18
CA GLY C 408 -21.79 9.67 -111.20
C GLY C 408 -20.28 9.87 -111.22
N ILE C 409 -19.63 9.55 -110.11
CA ILE C 409 -18.18 9.74 -110.00
C ILE C 409 -17.34 8.47 -110.22
N SER C 410 -17.99 7.35 -110.54
CA SER C 410 -17.26 6.11 -110.77
C SER C 410 -16.74 6.04 -112.20
N GLY C 411 -17.56 6.50 -113.14
CA GLY C 411 -17.18 6.44 -114.52
C GLY C 411 -17.05 5.02 -115.01
N ASP C 412 -17.70 4.07 -114.33
CA ASP C 412 -17.65 2.65 -114.70
C ASP C 412 -18.47 2.46 -115.99
N CYS C 413 -17.80 2.51 -117.14
CA CYS C 413 -18.46 2.38 -118.44
C CYS C 413 -19.10 1.02 -118.71
N GLU C 414 -18.70 -0.01 -117.98
CA GLU C 414 -19.28 -1.32 -118.22
C GLU C 414 -20.47 -1.64 -117.33
N ASN C 415 -20.55 -0.98 -116.18
CA ASN C 415 -21.63 -1.24 -115.25
C ASN C 415 -22.59 -0.07 -115.02
N SER C 416 -22.47 0.96 -115.86
CA SER C 416 -23.34 2.12 -115.81
C SER C 416 -23.44 2.62 -117.24
N ALA C 417 -24.26 3.63 -117.47
CA ALA C 417 -24.43 4.19 -118.80
C ALA C 417 -23.53 5.40 -119.02
N ALA C 418 -22.50 5.53 -118.18
CA ALA C 418 -21.57 6.64 -118.28
C ALA C 418 -20.89 6.73 -119.64
N GLY C 419 -20.61 5.58 -120.23
CA GLY C 419 -19.94 5.54 -121.51
C GLY C 419 -20.66 6.22 -122.65
N PHE C 420 -21.92 6.55 -122.45
CA PHE C 420 -22.68 7.20 -123.50
C PHE C 420 -22.41 8.69 -123.63
N LYS C 421 -22.18 9.38 -122.51
CA LYS C 421 -21.95 10.81 -122.56
C LYS C 421 -21.28 11.41 -121.32
N PHE C 422 -21.86 11.18 -120.15
CA PHE C 422 -21.33 11.75 -118.91
C PHE C 422 -19.83 11.58 -118.71
N ALA C 423 -19.35 10.34 -118.76
CA ALA C 423 -17.93 10.05 -118.58
C ALA C 423 -17.06 11.03 -119.35
N TRP C 424 -17.36 11.19 -120.64
CA TRP C 424 -16.60 12.07 -121.51
C TRP C 424 -16.61 13.52 -121.03
N ARG C 425 -17.66 13.89 -120.29
CA ARG C 425 -17.76 15.24 -119.77
C ARG C 425 -17.17 15.34 -118.36
N MET C 426 -17.32 14.27 -117.58
CA MET C 426 -16.86 14.23 -116.21
C MET C 426 -15.34 14.09 -116.00
N PHE C 427 -14.66 13.38 -116.88
CA PHE C 427 -13.22 13.18 -116.74
C PHE C 427 -12.40 13.74 -117.90
N ASP C 428 -11.29 14.37 -117.54
CA ASP C 428 -10.40 14.98 -118.52
C ASP C 428 -9.20 14.12 -118.87
N GLY C 429 -8.86 13.17 -117.99
CA GLY C 429 -7.71 12.33 -118.24
C GLY C 429 -6.45 13.12 -117.97
N LYS C 430 -6.55 14.06 -117.04
CA LYS C 430 -5.43 14.91 -116.67
C LYS C 430 -5.36 15.12 -115.17
N THR C 431 -6.52 15.47 -114.60
CA THR C 431 -6.62 15.76 -113.17
C THR C 431 -7.65 14.93 -112.42
N THR C 432 -8.53 14.25 -113.14
CA THR C 432 -9.57 13.44 -112.50
C THR C 432 -9.80 12.16 -113.31
N PHE C 433 -9.70 11.00 -112.64
CA PHE C 433 -9.85 9.73 -113.33
C PHE C 433 -10.96 8.80 -112.84
N PRO C 434 -11.49 7.98 -113.76
CA PRO C 434 -12.57 7.02 -113.48
C PRO C 434 -12.01 5.81 -112.72
N SER C 435 -12.89 4.94 -112.25
CA SER C 435 -12.47 3.74 -111.53
C SER C 435 -13.10 2.52 -112.22
N PRO C 436 -12.34 1.87 -113.12
CA PRO C 436 -12.79 0.69 -113.88
C PRO C 436 -12.58 -0.62 -113.12
N SER C 437 -13.35 -1.64 -113.48
CA SER C 437 -13.23 -2.95 -112.84
C SER C 437 -12.88 -4.03 -113.83
N ASN C 438 -11.77 -4.74 -113.59
CA ASN C 438 -11.33 -5.81 -114.47
C ASN C 438 -11.84 -7.18 -114.01
N LEU C 439 -12.78 -7.18 -113.07
CA LEU C 439 -13.37 -8.43 -112.57
C LEU C 439 -14.88 -8.45 -112.81
N ASN C 440 -15.51 -7.28 -112.70
CA ASN C 440 -16.94 -7.19 -112.93
C ASN C 440 -17.14 -6.96 -114.42
N THR C 441 -16.72 -7.97 -115.18
CA THR C 441 -16.78 -7.97 -116.64
C THR C 441 -17.06 -9.39 -117.09
N SER C 442 -17.59 -9.55 -118.30
CA SER C 442 -17.92 -10.88 -118.82
C SER C 442 -16.80 -11.91 -118.72
N ALA C 443 -15.56 -11.46 -118.93
CA ALA C 443 -14.40 -12.34 -118.87
C ALA C 443 -13.86 -12.51 -117.45
N GLY C 444 -14.47 -11.82 -116.48
CA GLY C 444 -14.03 -11.95 -115.10
C GLY C 444 -14.92 -12.89 -114.32
N GLN C 445 -15.47 -12.44 -113.20
CA GLN C 445 -16.38 -13.25 -112.41
C GLN C 445 -17.49 -12.44 -111.76
N HIS C 446 -18.70 -12.96 -111.86
CA HIS C 446 -19.87 -12.35 -111.27
C HIS C 446 -20.83 -13.50 -111.04
N ILE C 447 -21.89 -13.26 -110.29
CA ILE C 447 -22.87 -14.31 -110.06
C ILE C 447 -24.23 -13.66 -110.10
N PRO C 448 -25.26 -14.43 -110.46
CA PRO C 448 -26.62 -13.90 -110.53
C PRO C 448 -27.15 -13.55 -109.14
N ARG C 449 -27.76 -12.38 -108.99
CA ARG C 449 -28.31 -11.98 -107.70
C ARG C 449 -29.40 -12.96 -107.24
N LEU C 450 -30.13 -13.54 -108.20
CA LEU C 450 -31.21 -14.48 -107.88
C LEU C 450 -30.73 -15.87 -107.48
N LYS C 451 -29.43 -16.12 -107.61
CA LYS C 451 -28.87 -17.43 -107.29
C LYS C 451 -27.64 -17.40 -106.36
N ILE C 452 -27.53 -16.35 -105.54
CA ILE C 452 -26.43 -16.24 -104.60
C ILE C 452 -26.43 -17.42 -103.62
N PRO C 453 -27.61 -17.80 -103.09
CA PRO C 453 -27.73 -18.91 -102.13
C PRO C 453 -27.20 -20.24 -102.65
N GLU C 454 -27.50 -20.56 -103.91
CA GLU C 454 -27.04 -21.81 -104.49
C GLU C 454 -25.55 -21.75 -104.74
N CYS C 455 -25.05 -20.56 -105.07
CA CYS C 455 -23.62 -20.40 -105.32
C CYS C 455 -22.86 -20.61 -104.01
N ILE C 456 -23.36 -20.00 -102.93
CA ILE C 456 -22.72 -20.12 -101.62
C ILE C 456 -22.82 -21.55 -101.06
N MET C 457 -24.05 -22.06 -100.99
CA MET C 457 -24.27 -23.40 -100.45
C MET C 457 -23.91 -24.53 -101.41
N GLY C 458 -24.10 -24.29 -102.70
CA GLY C 458 -23.77 -25.32 -103.68
C GLY C 458 -22.34 -25.25 -104.15
N GLY C 459 -21.76 -24.05 -104.10
CA GLY C 459 -20.38 -23.87 -104.52
C GLY C 459 -20.21 -23.96 -106.03
N LYS C 460 -21.31 -23.93 -106.77
CA LYS C 460 -21.23 -24.03 -108.23
C LYS C 460 -22.55 -23.67 -108.92
N PHE C 461 -22.44 -23.02 -110.08
CA PHE C 461 -23.63 -22.66 -110.87
C PHE C 461 -23.28 -22.34 -112.33
N GLN C 462 -24.29 -22.37 -113.19
CA GLN C 462 -24.13 -22.12 -114.64
C GLN C 462 -25.39 -21.39 -115.09
N TRP C 463 -25.24 -20.34 -115.89
CA TRP C 463 -26.40 -19.59 -116.35
C TRP C 463 -26.19 -18.85 -117.66
N SER C 464 -27.14 -17.98 -118.00
CA SER C 464 -27.07 -17.19 -119.22
C SER C 464 -27.16 -15.71 -118.91
N GLY C 465 -26.34 -14.90 -119.58
CA GLY C 465 -26.38 -13.47 -119.39
C GLY C 465 -25.77 -12.94 -118.11
N LYS C 466 -25.29 -11.71 -118.15
CA LYS C 466 -24.70 -11.06 -116.99
C LYS C 466 -25.49 -9.80 -116.67
N GLY C 467 -26.20 -9.82 -115.54
CA GLY C 467 -26.99 -8.67 -115.12
C GLY C 467 -27.94 -8.16 -116.19
N PHE C 468 -27.90 -6.85 -116.42
CA PHE C 468 -28.74 -6.17 -117.43
C PHE C 468 -28.03 -6.33 -118.76
N ALA C 469 -28.42 -7.30 -119.57
CA ALA C 469 -27.75 -7.52 -120.86
C ALA C 469 -28.30 -6.62 -121.98
N GLY C 470 -28.09 -5.30 -121.87
CA GLY C 470 -28.60 -4.37 -122.86
C GLY C 470 -27.73 -3.95 -124.04
N GLY C 471 -26.52 -4.48 -124.17
CA GLY C 471 -25.65 -4.10 -125.27
C GLY C 471 -26.17 -4.44 -126.65
N ASP C 472 -26.74 -5.65 -126.77
CA ASP C 472 -27.31 -6.13 -128.01
C ASP C 472 -28.32 -7.23 -127.67
N ILE C 473 -29.17 -7.58 -128.61
CA ILE C 473 -30.18 -8.61 -128.38
C ILE C 473 -29.62 -9.95 -127.89
N SER C 474 -28.54 -10.43 -128.49
CA SER C 474 -27.98 -11.73 -128.09
C SER C 474 -27.05 -11.80 -126.89
N HIS C 475 -26.71 -10.65 -126.31
CA HIS C 475 -25.80 -10.68 -125.16
C HIS C 475 -26.29 -11.56 -124.02
N GLN C 476 -27.60 -11.54 -123.78
CA GLN C 476 -28.19 -12.34 -122.71
C GLN C 476 -28.06 -13.84 -122.92
N LEU C 477 -27.76 -14.26 -124.15
CA LEU C 477 -27.63 -15.67 -124.47
C LEU C 477 -26.26 -16.24 -124.12
N HIS C 478 -25.28 -15.36 -123.88
CA HIS C 478 -23.93 -15.79 -123.56
C HIS C 478 -23.91 -16.61 -122.27
N GLN C 479 -23.13 -17.70 -122.28
CA GLN C 479 -23.02 -18.61 -121.14
C GLN C 479 -21.93 -18.29 -120.12
N TYR C 480 -22.31 -18.37 -118.84
CA TYR C 480 -21.40 -18.12 -117.71
C TYR C 480 -21.45 -19.25 -116.68
N GLU C 481 -20.38 -19.40 -115.91
CA GLU C 481 -20.31 -20.45 -114.88
C GLU C 481 -19.73 -19.90 -113.57
N TYR C 482 -19.95 -20.63 -112.49
CA TYR C 482 -19.41 -20.24 -111.19
C TYR C 482 -18.84 -21.47 -110.50
N PRO C 483 -17.57 -21.41 -110.06
CA PRO C 483 -16.69 -20.24 -110.20
C PRO C 483 -16.16 -20.09 -111.62
N ALA C 484 -15.96 -18.83 -112.03
CA ALA C 484 -15.44 -18.56 -113.37
C ALA C 484 -14.04 -19.14 -113.50
N PRO C 485 -13.67 -19.61 -114.71
CA PRO C 485 -12.35 -20.20 -114.96
C PRO C 485 -11.18 -19.42 -114.37
N GLY C 486 -10.43 -20.07 -113.48
CA GLY C 486 -9.30 -19.40 -112.88
C GLY C 486 -9.62 -18.58 -111.63
N TYR C 487 -10.89 -18.25 -111.42
CA TYR C 487 -11.25 -17.46 -110.23
C TYR C 487 -11.61 -18.30 -109.02
N SER C 488 -11.65 -17.66 -107.86
CA SER C 488 -11.95 -18.35 -106.62
C SER C 488 -13.39 -18.24 -106.14
N LYS C 489 -13.81 -19.24 -105.36
CA LYS C 489 -15.15 -19.26 -104.79
C LYS C 489 -15.20 -18.11 -103.78
N ILE C 490 -16.39 -17.85 -103.24
CA ILE C 490 -16.58 -16.77 -102.28
C ILE C 490 -16.19 -17.15 -100.84
N LYS C 491 -15.58 -16.21 -100.14
CA LYS C 491 -15.16 -16.44 -98.76
C LYS C 491 -15.74 -15.35 -97.88
N MET C 492 -15.97 -14.18 -98.48
CA MET C 492 -16.49 -13.01 -97.79
C MET C 492 -17.62 -12.37 -98.57
N PHE C 493 -18.63 -11.88 -97.85
CA PHE C 493 -19.78 -11.24 -98.49
C PHE C 493 -20.00 -9.84 -97.92
N TRP C 494 -19.74 -8.82 -98.72
CA TRP C 494 -19.92 -7.45 -98.27
C TRP C 494 -21.27 -6.94 -98.78
N LYS C 495 -22.30 -7.02 -97.95
CA LYS C 495 -23.61 -6.54 -98.35
C LYS C 495 -23.78 -5.05 -98.12
N TYR C 496 -24.65 -4.45 -98.92
CA TYR C 496 -24.97 -3.03 -98.88
C TYR C 496 -26.51 -3.04 -98.83
N GLY C 497 -27.06 -2.93 -97.62
CA GLY C 497 -28.49 -2.99 -97.44
C GLY C 497 -28.81 -4.45 -97.18
N GLY C 498 -30.07 -4.78 -96.88
CA GLY C 498 -30.42 -6.17 -96.64
C GLY C 498 -31.91 -6.41 -96.81
N PRO C 499 -32.45 -6.19 -98.02
CA PRO C 499 -33.87 -6.37 -98.33
C PRO C 499 -34.29 -7.65 -99.04
N HIS C 500 -33.31 -8.41 -99.52
CA HIS C 500 -33.61 -9.63 -100.28
C HIS C 500 -34.61 -10.64 -99.72
N LEU C 501 -34.81 -10.67 -98.41
CA LEU C 501 -35.76 -11.63 -97.85
C LEU C 501 -37.19 -11.26 -98.23
N GLY C 502 -37.40 -9.98 -98.54
CA GLY C 502 -38.72 -9.53 -98.93
C GLY C 502 -38.80 -9.08 -100.38
N THR C 503 -37.69 -9.15 -101.10
CA THR C 503 -37.68 -8.70 -102.49
C THR C 503 -37.34 -9.73 -103.56
N MET C 504 -36.60 -10.78 -103.19
CA MET C 504 -36.23 -11.80 -104.18
C MET C 504 -37.24 -12.95 -104.27
N THR C 505 -36.79 -14.13 -104.69
CA THR C 505 -37.70 -15.29 -104.83
C THR C 505 -37.42 -16.42 -103.83
N ALA C 506 -38.49 -17.12 -103.42
CA ALA C 506 -38.40 -18.23 -102.46
C ALA C 506 -37.33 -17.86 -101.43
N THR C 507 -37.44 -16.64 -100.93
CA THR C 507 -36.47 -16.06 -100.01
C THR C 507 -35.97 -16.82 -98.78
N ASN C 508 -36.66 -17.87 -98.35
CA ASN C 508 -36.17 -18.60 -97.18
C ASN C 508 -34.73 -19.03 -97.41
N ARG C 509 -34.39 -19.32 -98.67
CA ARG C 509 -33.04 -19.76 -99.03
C ARG C 509 -31.98 -18.68 -98.78
N TYR C 510 -32.39 -17.41 -98.76
CA TYR C 510 -31.44 -16.33 -98.49
C TYR C 510 -31.08 -16.30 -97.01
N ALA C 511 -32.01 -16.74 -96.17
CA ALA C 511 -31.75 -16.76 -94.73
C ALA C 511 -30.88 -17.98 -94.39
N LYS C 512 -31.00 -19.04 -95.17
CA LYS C 512 -30.23 -20.25 -94.93
C LYS C 512 -28.75 -20.17 -95.32
N MET C 513 -28.43 -19.37 -96.33
CA MET C 513 -27.05 -19.25 -96.80
C MET C 513 -26.10 -18.61 -95.80
N TYR C 514 -26.60 -17.66 -95.02
CA TYR C 514 -25.75 -16.97 -94.07
C TYR C 514 -25.06 -17.87 -93.05
N THR C 515 -25.60 -19.04 -92.80
CA THR C 515 -24.99 -19.94 -91.83
C THR C 515 -24.10 -21.01 -92.44
N HIS C 516 -23.85 -20.93 -93.74
CA HIS C 516 -23.00 -21.90 -94.42
C HIS C 516 -21.56 -21.64 -94.01
N ASP C 517 -20.87 -22.69 -93.59
CA ASP C 517 -19.50 -22.55 -93.13
C ASP C 517 -18.48 -22.06 -94.17
N SER C 518 -18.89 -21.95 -95.44
CA SER C 518 -17.96 -21.47 -96.45
C SER C 518 -17.85 -19.95 -96.35
N LEU C 519 -18.83 -19.32 -95.69
CA LEU C 519 -18.83 -17.87 -95.51
C LEU C 519 -17.99 -17.48 -94.30
N GLU C 520 -16.70 -17.25 -94.51
CA GLU C 520 -15.81 -16.90 -93.42
C GLU C 520 -16.11 -15.53 -92.81
N PHE C 521 -16.77 -14.65 -93.56
CA PHE C 521 -17.03 -13.31 -93.03
C PHE C 521 -18.16 -12.57 -93.74
N VAL C 522 -18.97 -11.85 -92.97
CA VAL C 522 -20.06 -11.08 -93.53
C VAL C 522 -20.12 -9.66 -92.98
N VAL C 523 -20.13 -8.69 -93.90
CA VAL C 523 -20.18 -7.27 -93.54
C VAL C 523 -21.44 -6.65 -94.12
N SER C 524 -22.15 -5.86 -93.32
CA SER C 524 -23.36 -5.20 -93.78
C SER C 524 -23.26 -3.71 -93.54
N GLN C 525 -23.30 -2.96 -94.63
CA GLN C 525 -23.21 -1.51 -94.62
C GLN C 525 -24.61 -1.02 -94.99
N SER C 526 -25.41 -0.73 -93.98
CA SER C 526 -26.79 -0.30 -94.19
C SER C 526 -27.22 0.85 -93.30
N ILE C 527 -28.47 1.27 -93.50
CA ILE C 527 -29.02 2.37 -92.73
C ILE C 527 -29.88 1.91 -91.55
N TRP C 528 -30.84 1.04 -91.80
CA TRP C 528 -31.72 0.54 -90.73
C TRP C 528 -31.39 -0.89 -90.33
N PHE C 529 -31.64 -1.22 -89.06
CA PHE C 529 -31.38 -2.57 -88.55
C PHE C 529 -32.61 -3.39 -88.88
N GLU C 530 -32.65 -3.92 -90.10
CA GLU C 530 -33.79 -4.69 -90.58
C GLU C 530 -33.43 -5.77 -91.59
N GLY C 531 -34.44 -6.54 -92.00
CA GLY C 531 -34.25 -7.58 -92.99
C GLY C 531 -33.09 -8.54 -92.84
N GLU C 532 -32.00 -8.28 -93.57
CA GLU C 532 -30.82 -9.15 -93.57
C GLU C 532 -29.69 -8.67 -92.65
N VAL C 533 -29.80 -7.45 -92.15
CA VAL C 533 -28.77 -6.90 -91.28
C VAL C 533 -28.43 -7.78 -90.09
N PRO C 534 -29.44 -8.39 -89.43
CA PRO C 534 -29.17 -9.25 -88.26
C PRO C 534 -28.45 -10.58 -88.54
N PHE C 535 -27.83 -10.72 -89.71
CA PHE C 535 -27.10 -11.94 -90.03
C PHE C 535 -25.62 -11.59 -90.18
N ALA C 536 -25.33 -10.31 -90.32
CA ALA C 536 -23.95 -9.86 -90.51
C ALA C 536 -23.04 -10.00 -89.28
N ASP C 537 -21.74 -10.12 -89.52
CA ASP C 537 -20.76 -10.24 -88.45
C ASP C 537 -20.35 -8.84 -88.03
N ILE C 538 -20.39 -7.90 -88.97
CA ILE C 538 -20.05 -6.51 -88.72
C ILE C 538 -21.05 -5.61 -89.46
N ILE C 539 -21.66 -4.68 -88.72
CA ILE C 539 -22.64 -3.77 -89.29
C ILE C 539 -22.13 -2.32 -89.26
N LEU C 540 -22.16 -1.68 -90.42
CA LEU C 540 -21.69 -0.29 -90.59
C LEU C 540 -22.84 0.69 -90.80
N PRO C 541 -23.03 1.64 -89.86
CA PRO C 541 -24.06 2.68 -89.86
C PRO C 541 -23.99 3.74 -90.94
N ALA C 542 -24.83 3.62 -91.96
CA ALA C 542 -24.85 4.63 -93.02
C ALA C 542 -26.04 5.57 -92.77
N CYS C 543 -25.96 6.78 -93.29
CA CYS C 543 -27.01 7.77 -93.09
C CYS C 543 -27.87 7.96 -94.35
N THR C 544 -28.95 8.73 -94.20
CA THR C 544 -29.87 9.02 -95.30
C THR C 544 -29.35 10.20 -96.11
N ASN C 545 -29.99 10.49 -97.24
CA ASN C 545 -29.56 11.61 -98.07
C ASN C 545 -29.94 12.96 -97.49
N PHE C 546 -30.58 12.97 -96.33
CA PHE C 546 -30.94 14.25 -95.70
C PHE C 546 -29.87 14.62 -94.68
N GLU C 547 -28.84 13.78 -94.58
CA GLU C 547 -27.75 14.00 -93.65
C GLU C 547 -26.41 14.21 -94.37
N ARG C 548 -26.48 14.50 -95.68
CA ARG C 548 -25.28 14.74 -96.48
C ARG C 548 -25.57 15.62 -97.70
N TRP C 549 -24.53 15.96 -98.45
CA TRP C 549 -24.69 16.78 -99.64
C TRP C 549 -24.77 15.97 -100.93
N ASP C 550 -25.60 16.43 -101.86
CA ASP C 550 -25.74 15.77 -103.15
C ASP C 550 -26.55 16.64 -104.09
N ILE C 551 -26.61 16.21 -105.35
CA ILE C 551 -27.33 16.91 -106.41
C ILE C 551 -28.09 15.86 -107.20
N SER C 552 -29.21 16.24 -107.80
CA SER C 552 -30.01 15.30 -108.58
C SER C 552 -31.13 15.99 -109.34
N GLU C 553 -31.95 15.20 -110.02
CA GLU C 553 -33.08 15.74 -110.78
C GLU C 553 -34.32 14.89 -110.59
N PHE C 554 -35.45 15.55 -110.41
CA PHE C 554 -36.73 14.89 -110.22
C PHE C 554 -36.88 13.69 -111.16
N ALA C 555 -37.03 12.51 -110.56
CA ALA C 555 -37.19 11.24 -111.28
C ALA C 555 -36.19 10.93 -112.38
N ASN C 556 -35.02 11.56 -112.40
CA ASN C 556 -34.06 11.29 -113.47
C ASN C 556 -33.13 10.11 -113.20
N CYS C 557 -33.41 8.99 -113.86
CA CYS C 557 -32.62 7.77 -113.76
C CYS C 557 -31.71 7.66 -114.98
N SER C 558 -32.31 7.85 -116.15
CA SER C 558 -31.63 7.77 -117.44
C SER C 558 -31.02 6.39 -117.63
N GLY C 559 -29.95 6.30 -118.43
CA GLY C 559 -29.32 5.02 -118.66
C GLY C 559 -30.26 4.10 -119.43
N TYR C 560 -30.61 2.97 -118.83
N TYR C 560 -30.61 2.97 -118.83
CA TYR C 560 -31.51 2.03 -119.47
CA TYR C 560 -31.51 2.03 -119.47
C TYR C 560 -32.93 2.57 -119.57
C TYR C 560 -32.93 2.57 -119.57
N ILE C 561 -33.09 3.84 -119.22
CA ILE C 561 -34.39 4.52 -119.31
C ILE C 561 -34.07 5.95 -119.73
N PRO C 562 -33.48 6.13 -120.93
CA PRO C 562 -33.12 7.45 -121.43
C PRO C 562 -34.23 8.50 -121.35
N ASP C 563 -33.87 9.68 -120.85
CA ASP C 563 -34.77 10.81 -120.71
C ASP C 563 -36.07 10.53 -119.97
N ASN C 564 -36.01 9.70 -118.94
CA ASN C 564 -37.22 9.36 -118.20
C ASN C 564 -37.68 10.50 -117.27
N TYR C 565 -36.99 11.63 -117.31
CA TYR C 565 -37.41 12.77 -116.50
C TYR C 565 -38.75 13.26 -117.07
N GLN C 566 -39.09 12.79 -118.27
CA GLN C 566 -40.35 13.17 -118.92
C GLN C 566 -41.58 12.62 -118.17
N LEU C 567 -41.33 11.94 -117.05
CA LEU C 567 -42.39 11.39 -116.23
C LEU C 567 -43.01 12.52 -115.42
N CYS C 568 -42.26 13.61 -115.28
CA CYS C 568 -42.70 14.74 -114.50
C CYS C 568 -43.28 15.89 -115.33
N ASN C 569 -43.95 16.82 -114.66
CA ASN C 569 -44.56 17.97 -115.32
C ASN C 569 -43.54 19.04 -115.63
N HIS C 570 -42.41 19.02 -114.91
CA HIS C 570 -41.33 19.98 -115.10
C HIS C 570 -39.99 19.32 -114.79
N ARG C 571 -38.93 19.81 -115.42
CA ARG C 571 -37.59 19.29 -115.16
C ARG C 571 -37.05 20.09 -113.98
N VAL C 572 -36.98 19.45 -112.82
CA VAL C 572 -36.49 20.12 -111.62
C VAL C 572 -35.16 19.55 -111.15
N ILE C 573 -34.15 20.41 -111.14
CA ILE C 573 -32.83 20.02 -110.72
C ILE C 573 -32.65 20.63 -109.35
N SER C 574 -32.31 19.83 -108.36
CA SER C 574 -32.18 20.39 -107.03
C SER C 574 -30.99 19.94 -106.21
N LEU C 575 -30.48 20.89 -105.44
CA LEU C 575 -29.36 20.65 -104.57
C LEU C 575 -29.93 19.90 -103.37
N GLN C 576 -29.33 18.77 -103.04
CA GLN C 576 -29.78 18.00 -101.88
C GLN C 576 -28.90 18.50 -100.74
N ALA C 577 -29.39 19.55 -100.10
CA ALA C 577 -28.69 20.21 -99.00
C ALA C 577 -28.65 19.39 -97.71
N LYS C 578 -27.47 19.27 -97.13
CA LYS C 578 -27.33 18.55 -95.88
C LYS C 578 -28.21 19.32 -94.90
N CYS C 579 -29.37 18.74 -94.59
CA CYS C 579 -30.32 19.39 -93.71
C CYS C 579 -29.96 19.26 -92.24
N ILE C 580 -29.52 18.08 -91.84
CA ILE C 580 -29.14 17.86 -90.45
C ILE C 580 -27.86 17.04 -90.33
N GLU C 581 -27.33 16.98 -89.12
CA GLU C 581 -26.12 16.23 -88.85
C GLU C 581 -26.43 14.74 -88.84
N PRO C 582 -25.50 13.91 -89.35
CA PRO C 582 -25.73 12.46 -89.38
C PRO C 582 -26.29 11.97 -88.04
N VAL C 583 -27.41 11.26 -88.11
CA VAL C 583 -28.05 10.72 -86.91
C VAL C 583 -27.17 9.66 -86.24
N GLY C 584 -27.21 9.64 -84.91
CA GLY C 584 -26.41 8.68 -84.18
C GLY C 584 -24.97 8.80 -84.59
N GLU C 585 -24.31 7.66 -84.75
CA GLU C 585 -22.90 7.64 -85.10
C GLU C 585 -22.71 7.22 -86.56
N SER C 586 -23.72 7.46 -87.39
CA SER C 586 -23.65 7.08 -88.79
C SER C 586 -22.91 8.11 -89.63
N MET C 587 -22.61 7.72 -90.87
CA MET C 587 -21.92 8.60 -91.79
C MET C 587 -22.22 8.19 -93.23
N SER C 588 -21.99 9.11 -94.17
CA SER C 588 -22.25 8.85 -95.58
C SER C 588 -21.43 7.69 -96.12
N ASP C 589 -21.92 7.08 -97.21
CA ASP C 589 -21.22 5.96 -97.80
C ASP C 589 -19.88 6.43 -98.34
N TYR C 590 -19.87 7.63 -98.88
CA TYR C 590 -18.65 8.18 -99.41
C TYR C 590 -17.63 8.24 -98.27
N GLU C 591 -18.02 8.86 -97.16
CA GLU C 591 -17.13 8.96 -96.01
C GLU C 591 -16.69 7.60 -95.48
N ILE C 592 -17.62 6.66 -95.43
CA ILE C 592 -17.26 5.33 -94.95
C ILE C 592 -16.20 4.78 -95.90
N TYR C 593 -16.45 4.88 -97.21
CA TYR C 593 -15.52 4.39 -98.22
C TYR C 593 -14.20 5.13 -98.18
N ARG C 594 -14.27 6.43 -97.94
CA ARG C 594 -13.07 7.25 -97.87
C ARG C 594 -12.21 6.80 -96.69
N LEU C 595 -12.87 6.32 -95.63
CA LEU C 595 -12.16 5.83 -94.45
C LEU C 595 -11.45 4.53 -94.81
N PHE C 596 -12.15 3.62 -95.49
CA PHE C 596 -11.55 2.35 -95.90
C PHE C 596 -10.40 2.63 -96.88
N ALA C 597 -10.60 3.60 -97.76
CA ALA C 597 -9.58 3.95 -98.74
C ALA C 597 -8.27 4.36 -98.06
N LYS C 598 -8.38 5.10 -96.96
CA LYS C 598 -7.20 5.53 -96.25
C LYS C 598 -6.44 4.32 -95.69
N LYS C 599 -7.18 3.38 -95.10
CA LYS C 599 -6.57 2.19 -94.52
C LYS C 599 -6.16 1.14 -95.54
N LEU C 600 -6.66 1.26 -96.77
CA LEU C 600 -6.27 0.32 -97.81
C LEU C 600 -5.11 0.96 -98.58
N ASN C 601 -4.69 2.13 -98.12
CA ASN C 601 -3.58 2.86 -98.70
C ASN C 601 -3.86 3.37 -100.11
N ILE C 602 -5.12 3.74 -100.37
CA ILE C 602 -5.52 4.24 -101.68
C ILE C 602 -6.44 5.46 -101.62
N GLU C 603 -6.48 6.13 -100.47
CA GLU C 603 -7.34 7.30 -100.30
C GLU C 603 -7.23 8.36 -101.39
N GLU C 604 -6.03 8.59 -101.90
CA GLU C 604 -5.83 9.60 -102.92
C GLU C 604 -6.49 9.24 -104.25
N MET C 605 -6.29 8.01 -104.71
CA MET C 605 -6.85 7.56 -105.97
C MET C 605 -8.37 7.56 -105.90
N PHE C 606 -8.92 7.21 -104.74
CA PHE C 606 -10.36 7.16 -104.57
C PHE C 606 -11.00 8.53 -104.41
N SER C 607 -10.54 9.28 -103.41
CA SER C 607 -11.11 10.59 -103.12
C SER C 607 -10.63 11.72 -104.01
N GLU C 608 -9.40 11.63 -104.47
CA GLU C 608 -8.81 12.68 -105.29
C GLU C 608 -8.84 14.00 -104.51
N GLY C 609 -8.69 13.87 -103.19
CA GLY C 609 -8.68 15.02 -102.30
C GLY C 609 -10.02 15.74 -102.12
N LYS C 610 -11.08 15.16 -102.65
CA LYS C 610 -12.40 15.81 -102.57
C LYS C 610 -13.38 15.19 -101.57
N ASP C 611 -14.24 16.03 -101.02
CA ASP C 611 -15.28 15.54 -100.13
C ASP C 611 -16.52 15.52 -101.02
N GLU C 612 -17.64 15.05 -100.49
CA GLU C 612 -18.85 14.97 -101.27
C GLU C 612 -19.26 16.25 -102.01
N LEU C 613 -19.22 17.39 -101.33
CA LEU C 613 -19.62 18.66 -101.96
C LEU C 613 -18.72 19.07 -103.11
N ALA C 614 -17.43 18.75 -103.01
CA ALA C 614 -16.49 19.09 -104.05
C ALA C 614 -16.88 18.28 -105.30
N TRP C 615 -17.05 16.97 -105.14
CA TRP C 615 -17.44 16.13 -106.27
C TRP C 615 -18.70 16.71 -106.91
N CYS C 616 -19.64 17.12 -106.07
CA CYS C 616 -20.90 17.70 -106.55
C CYS C 616 -20.69 18.86 -107.48
N GLU C 617 -19.80 19.78 -107.10
CA GLU C 617 -19.51 20.92 -107.93
C GLU C 617 -18.89 20.49 -109.25
N GLN C 618 -18.03 19.48 -109.18
CA GLN C 618 -17.38 18.97 -110.39
C GLN C 618 -18.44 18.27 -111.24
N TYR C 619 -19.42 17.68 -110.57
CA TYR C 619 -20.52 17.00 -111.22
C TYR C 619 -21.32 18.04 -112.00
N PHE C 620 -21.75 19.07 -111.26
CA PHE C 620 -22.54 20.18 -111.77
C PHE C 620 -21.99 20.76 -113.06
N ASN C 621 -20.70 21.09 -113.03
CA ASN C 621 -20.04 21.69 -114.18
C ASN C 621 -19.93 20.79 -115.41
N ALA C 622 -20.16 19.49 -115.22
CA ALA C 622 -20.07 18.54 -116.32
C ALA C 622 -21.42 18.37 -117.01
N THR C 623 -22.40 19.17 -116.60
CA THR C 623 -23.73 19.10 -117.19
C THR C 623 -23.97 20.36 -118.01
N ASP C 624 -25.22 20.61 -118.37
CA ASP C 624 -25.57 21.80 -119.13
C ASP C 624 -26.03 22.93 -118.21
N MET C 625 -26.09 22.65 -116.91
CA MET C 625 -26.53 23.64 -115.94
C MET C 625 -25.79 24.97 -116.02
N PRO C 626 -24.48 24.94 -116.31
CA PRO C 626 -23.72 26.19 -116.40
C PRO C 626 -24.29 27.21 -117.40
N LYS C 627 -25.03 26.75 -118.40
CA LYS C 627 -25.62 27.65 -119.39
C LYS C 627 -26.67 28.58 -118.79
N TYR C 628 -27.09 28.30 -117.56
CA TYR C 628 -28.08 29.12 -116.90
C TYR C 628 -27.57 29.76 -115.61
N MET C 629 -26.77 29.03 -114.84
CA MET C 629 -26.22 29.59 -113.60
C MET C 629 -24.99 28.85 -113.07
N THR C 630 -24.09 29.60 -112.43
CA THR C 630 -22.88 29.02 -111.87
C THR C 630 -23.22 28.16 -110.67
N TRP C 631 -22.21 27.45 -110.17
CA TRP C 631 -22.38 26.58 -109.03
C TRP C 631 -22.80 27.34 -107.77
N ASP C 632 -22.16 28.48 -107.52
CA ASP C 632 -22.49 29.28 -106.35
C ASP C 632 -23.93 29.75 -106.33
N GLU C 633 -24.39 30.32 -107.45
CA GLU C 633 -25.76 30.82 -107.54
C GLU C 633 -26.72 29.66 -107.29
N PHE C 634 -26.52 28.57 -108.03
CA PHE C 634 -27.36 27.39 -107.91
C PHE C 634 -27.39 26.94 -106.45
N PHE C 635 -26.21 26.70 -105.90
CA PHE C 635 -26.09 26.27 -104.50
C PHE C 635 -26.93 27.14 -103.58
N LYS C 636 -27.03 28.42 -103.89
CA LYS C 636 -27.80 29.36 -103.07
C LYS C 636 -29.32 29.25 -103.28
N LYS C 637 -29.76 29.20 -104.54
CA LYS C 637 -31.19 29.11 -104.82
C LYS C 637 -31.79 27.80 -104.29
N GLY C 638 -31.00 26.73 -104.35
CA GLY C 638 -31.48 25.44 -103.87
C GLY C 638 -32.08 24.54 -104.93
N TYR C 639 -32.77 25.12 -105.90
CA TYR C 639 -33.40 24.34 -106.96
C TYR C 639 -33.55 25.13 -108.26
N PHE C 640 -33.59 24.42 -109.38
CA PHE C 640 -33.72 25.04 -110.69
C PHE C 640 -34.80 24.37 -111.55
N VAL C 641 -35.72 25.19 -112.06
CA VAL C 641 -36.78 24.70 -112.92
C VAL C 641 -36.27 24.92 -114.34
N VAL C 642 -36.06 23.84 -115.08
CA VAL C 642 -35.56 23.99 -116.44
C VAL C 642 -36.58 24.70 -117.30
N PRO C 643 -36.14 25.68 -118.11
CA PRO C 643 -37.04 26.44 -118.99
C PRO C 643 -37.66 25.52 -120.03
N ASP C 644 -38.67 26.03 -120.72
CA ASP C 644 -39.36 25.27 -121.77
C ASP C 644 -38.73 25.64 -123.12
N ASN C 645 -38.56 24.64 -123.99
CA ASN C 645 -38.01 24.85 -125.33
C ASN C 645 -39.16 24.54 -126.28
N PRO C 646 -40.13 25.48 -126.38
CA PRO C 646 -41.34 25.42 -127.20
C PRO C 646 -41.21 25.07 -128.68
N ASN C 647 -40.24 25.68 -129.34
CA ASN C 647 -40.05 25.48 -130.77
C ASN C 647 -39.38 24.19 -131.27
N ARG C 648 -38.71 23.45 -130.40
CA ARG C 648 -38.05 22.21 -130.85
C ARG C 648 -39.06 21.33 -131.55
N LYS C 649 -38.67 20.70 -132.65
CA LYS C 649 -39.59 19.85 -133.38
C LYS C 649 -39.96 18.64 -132.53
N LYS C 650 -41.19 18.17 -132.70
CA LYS C 650 -41.67 17.02 -131.95
C LYS C 650 -41.37 15.75 -132.71
N THR C 651 -40.92 14.72 -132.00
CA THR C 651 -40.61 13.43 -132.60
C THR C 651 -41.25 12.36 -131.74
N VAL C 652 -42.49 12.01 -132.06
CA VAL C 652 -43.23 11.01 -131.32
C VAL C 652 -42.57 9.64 -131.45
N ALA C 653 -42.52 8.92 -130.35
CA ALA C 653 -41.92 7.59 -130.31
C ALA C 653 -42.45 6.66 -131.41
N LEU C 654 -41.51 6.01 -132.10
CA LEU C 654 -41.79 5.06 -133.18
C LEU C 654 -42.50 5.60 -134.41
N ARG C 655 -42.75 6.89 -134.49
CA ARG C 655 -43.42 7.43 -135.66
C ARG C 655 -42.54 7.24 -136.90
N TRP C 656 -41.22 7.33 -136.70
CA TRP C 656 -40.26 7.16 -137.80
C TRP C 656 -40.32 5.71 -138.29
N PHE C 657 -40.51 4.80 -137.34
CA PHE C 657 -40.58 3.39 -137.67
C PHE C 657 -41.85 3.07 -138.47
N ALA C 658 -42.95 3.71 -138.08
CA ALA C 658 -44.23 3.51 -138.75
C ALA C 658 -44.21 4.10 -140.15
N GLU C 659 -43.51 5.23 -140.31
CA GLU C 659 -43.43 5.89 -141.60
C GLU C 659 -42.27 5.39 -142.46
N GLY C 660 -41.52 4.43 -141.93
CA GLY C 660 -40.41 3.85 -142.66
C GLY C 660 -39.22 4.76 -142.96
N ARG C 661 -38.97 5.73 -142.11
CA ARG C 661 -37.84 6.63 -142.33
C ARG C 661 -36.80 6.48 -141.23
N GLU C 662 -35.81 7.38 -141.23
CA GLU C 662 -34.74 7.33 -140.26
C GLU C 662 -35.12 7.73 -138.84
N LYS C 663 -34.62 6.98 -137.86
CA LYS C 663 -34.85 7.24 -136.45
C LYS C 663 -34.50 8.72 -136.22
N ASP C 664 -35.43 9.48 -135.65
CA ASP C 664 -35.21 10.91 -135.45
C ASP C 664 -35.45 11.41 -134.02
N THR C 665 -35.66 10.50 -133.09
CA THR C 665 -35.90 10.86 -131.71
C THR C 665 -34.59 10.91 -130.94
N PRO C 666 -34.65 11.32 -129.66
CA PRO C 666 -33.42 11.40 -128.86
C PRO C 666 -32.99 10.05 -128.25
N ASP C 667 -33.77 9.00 -128.50
CA ASP C 667 -33.45 7.68 -127.96
C ASP C 667 -32.01 7.27 -128.22
N TRP C 668 -31.44 6.52 -127.28
CA TRP C 668 -30.05 6.08 -127.37
C TRP C 668 -29.87 4.88 -128.27
N GLY C 669 -30.86 4.60 -129.11
CA GLY C 669 -30.75 3.46 -129.99
C GLY C 669 -31.73 3.53 -131.14
N PRO C 670 -31.62 2.61 -132.12
CA PRO C 670 -30.58 1.58 -132.08
C PRO C 670 -29.25 2.10 -132.62
N ARG C 671 -28.17 1.38 -132.32
CA ARG C 671 -26.87 1.77 -132.81
C ARG C 671 -26.82 1.60 -134.32
N LEU C 672 -26.05 2.46 -134.98
CA LEU C 672 -25.94 2.43 -136.43
C LEU C 672 -25.63 1.05 -137.01
N ASN C 673 -24.85 0.24 -136.29
CA ASN C 673 -24.48 -1.08 -136.78
C ASN C 673 -25.62 -2.10 -136.77
N ASN C 674 -26.71 -1.78 -136.07
CA ASN C 674 -27.87 -2.67 -136.01
C ASN C 674 -28.98 -2.15 -136.92
N GLN C 675 -28.61 -1.27 -137.84
CA GLN C 675 -29.57 -0.71 -138.79
C GLN C 675 -28.98 -0.69 -140.18
N VAL C 676 -29.85 -0.62 -141.17
CA VAL C 676 -29.41 -0.51 -142.54
C VAL C 676 -29.84 0.90 -142.91
N CYS C 677 -28.86 1.82 -142.96
CA CYS C 677 -29.09 3.22 -143.29
C CYS C 677 -30.01 3.88 -142.25
N ARG C 678 -29.75 3.54 -140.99
CA ARG C 678 -30.51 4.03 -139.84
C ARG C 678 -32.03 4.02 -139.92
N LYS C 679 -32.57 2.94 -140.45
CA LYS C 679 -34.01 2.74 -140.56
C LYS C 679 -34.32 1.40 -139.94
N GLY C 680 -35.51 1.26 -139.38
CA GLY C 680 -35.89 -0.01 -138.79
C GLY C 680 -35.43 -0.26 -137.38
N LEU C 681 -35.81 -1.41 -136.83
CA LEU C 681 -35.46 -1.77 -135.47
C LEU C 681 -34.12 -2.48 -135.37
N GLN C 682 -33.61 -2.57 -134.15
CA GLN C 682 -32.33 -3.22 -133.86
C GLN C 682 -32.27 -4.67 -134.38
N THR C 683 -33.42 -5.34 -134.40
CA THR C 683 -33.49 -6.72 -134.87
C THR C 683 -32.88 -6.88 -136.26
N THR C 684 -32.45 -8.11 -136.57
CA THR C 684 -31.84 -8.43 -137.85
C THR C 684 -32.61 -7.93 -139.07
N THR C 685 -33.90 -8.19 -139.12
CA THR C 685 -34.72 -7.79 -140.27
C THR C 685 -35.09 -6.32 -140.25
N GLY C 686 -34.99 -5.69 -139.08
CA GLY C 686 -35.35 -4.30 -138.95
C GLY C 686 -36.83 -4.18 -138.65
N LYS C 687 -37.51 -5.33 -138.59
CA LYS C 687 -38.95 -5.40 -138.35
C LYS C 687 -39.31 -6.03 -137.01
N VAL C 688 -40.62 -6.10 -136.74
CA VAL C 688 -41.12 -6.73 -135.54
C VAL C 688 -41.12 -8.21 -135.93
N GLU C 689 -40.33 -9.00 -135.20
CA GLU C 689 -40.20 -10.42 -135.48
C GLU C 689 -41.03 -11.34 -134.58
N PHE C 690 -42.18 -11.77 -135.09
CA PHE C 690 -43.06 -12.68 -134.36
C PHE C 690 -42.37 -14.03 -134.24
N ILE C 691 -41.35 -14.23 -135.09
CA ILE C 691 -40.53 -15.43 -135.09
C ILE C 691 -39.12 -14.85 -134.93
N ALA C 692 -38.64 -14.79 -133.70
CA ALA C 692 -37.33 -14.22 -133.39
C ALA C 692 -36.14 -14.87 -134.08
N THR C 693 -35.42 -14.10 -134.90
CA THR C 693 -34.25 -14.63 -135.59
C THR C 693 -33.18 -15.00 -134.56
N SER C 694 -32.98 -14.13 -133.58
CA SER C 694 -32.01 -14.40 -132.53
C SER C 694 -32.34 -15.74 -131.85
N LEU C 695 -33.57 -15.87 -131.35
CA LEU C 695 -33.97 -17.10 -130.67
C LEU C 695 -33.92 -18.31 -131.60
N LYS C 696 -34.24 -18.10 -132.87
CA LYS C 696 -34.19 -19.19 -133.84
C LYS C 696 -32.76 -19.68 -133.98
N ASN C 697 -31.80 -18.75 -134.00
CA ASN C 697 -30.39 -19.10 -134.10
C ASN C 697 -30.01 -19.91 -132.87
N PHE C 698 -30.38 -19.38 -131.71
CA PHE C 698 -30.11 -19.98 -130.41
C PHE C 698 -30.53 -21.45 -130.36
N GLU C 699 -31.76 -21.74 -130.80
CA GLU C 699 -32.22 -23.13 -130.78
C GLU C 699 -31.55 -24.00 -131.84
N GLU C 700 -31.33 -23.45 -133.03
CA GLU C 700 -30.68 -24.24 -134.09
C GLU C 700 -29.26 -24.53 -133.67
N GLN C 701 -28.85 -23.92 -132.57
CA GLN C 701 -27.51 -24.14 -132.03
C GLN C 701 -27.56 -25.19 -130.93
N GLY C 702 -28.74 -25.77 -130.72
CA GLY C 702 -28.90 -26.80 -129.70
C GLY C 702 -29.46 -26.39 -128.36
N TYR C 703 -29.76 -25.10 -128.18
CA TYR C 703 -30.30 -24.61 -126.92
C TYR C 703 -31.83 -24.64 -126.90
N ILE C 704 -32.39 -25.82 -126.78
CA ILE C 704 -33.83 -26.00 -126.79
C ILE C 704 -34.49 -25.54 -125.49
N ASP C 705 -35.38 -24.56 -125.61
CA ASP C 705 -36.06 -23.99 -124.45
C ASP C 705 -37.57 -23.89 -124.63
N GLU C 706 -38.26 -24.96 -124.27
CA GLU C 706 -39.71 -25.04 -124.37
C GLU C 706 -40.49 -23.80 -123.89
N HIS C 707 -40.05 -23.19 -122.79
CA HIS C 707 -40.76 -22.02 -122.28
C HIS C 707 -40.36 -20.68 -122.89
N ARG C 708 -39.63 -20.72 -124.00
CA ARG C 708 -39.23 -19.50 -124.68
C ARG C 708 -38.95 -19.81 -126.16
N PRO C 709 -39.98 -20.24 -126.90
CA PRO C 709 -39.84 -20.56 -128.32
C PRO C 709 -39.53 -19.31 -129.13
N SER C 710 -38.95 -19.50 -130.31
CA SER C 710 -38.62 -18.37 -131.18
C SER C 710 -39.88 -17.63 -131.61
N MET C 711 -40.95 -18.38 -131.81
CA MET C 711 -42.21 -17.76 -132.20
C MET C 711 -43.04 -17.47 -130.97
N HIS C 712 -43.69 -16.30 -130.97
CA HIS C 712 -44.55 -15.91 -129.86
C HIS C 712 -45.78 -16.80 -129.93
N THR C 713 -45.89 -17.71 -128.98
CA THR C 713 -47.01 -18.66 -128.91
C THR C 713 -47.64 -18.71 -127.52
N TYR C 714 -48.70 -19.49 -127.37
CA TYR C 714 -49.34 -19.59 -126.07
C TYR C 714 -48.64 -20.62 -125.20
N VAL C 715 -47.58 -20.21 -124.54
CA VAL C 715 -46.88 -21.13 -123.65
C VAL C 715 -47.60 -21.04 -122.31
N PRO C 716 -48.17 -22.15 -121.83
CA PRO C 716 -48.87 -22.14 -120.54
C PRO C 716 -47.91 -21.78 -119.40
N ALA C 717 -48.29 -20.82 -118.57
CA ALA C 717 -47.45 -20.42 -117.46
C ALA C 717 -47.19 -21.62 -116.54
N TRP C 718 -45.93 -21.94 -116.28
CA TRP C 718 -45.60 -23.08 -115.44
C TRP C 718 -46.01 -22.96 -113.96
N GLU C 719 -46.51 -21.80 -113.55
CA GLU C 719 -47.01 -21.65 -112.19
C GLU C 719 -48.34 -20.95 -112.27
N SER C 720 -49.31 -21.63 -112.88
CA SER C 720 -50.64 -21.09 -113.05
C SER C 720 -51.62 -22.12 -112.52
N GLN C 721 -52.84 -21.66 -112.23
CA GLN C 721 -53.87 -22.53 -111.69
C GLN C 721 -54.29 -23.71 -112.54
N LYS C 722 -54.51 -23.53 -113.84
CA LYS C 722 -54.95 -24.69 -114.61
C LYS C 722 -53.86 -25.59 -115.17
N HIS C 723 -52.66 -25.06 -115.36
CA HIS C 723 -51.58 -25.86 -115.93
C HIS C 723 -50.56 -26.46 -114.97
N SER C 724 -50.31 -25.78 -113.85
CA SER C 724 -49.33 -26.24 -112.87
C SER C 724 -49.80 -27.43 -112.02
N PRO C 725 -49.01 -28.52 -111.97
CA PRO C 725 -49.38 -29.70 -111.18
C PRO C 725 -49.49 -29.33 -109.69
N LEU C 726 -48.95 -28.16 -109.35
CA LEU C 726 -48.92 -27.62 -108.00
C LEU C 726 -50.29 -27.06 -107.55
N ALA C 727 -51.09 -26.61 -108.51
CA ALA C 727 -52.39 -26.03 -108.20
C ALA C 727 -53.38 -26.98 -107.52
N VAL C 728 -53.15 -28.29 -107.62
CA VAL C 728 -54.04 -29.26 -107.00
C VAL C 728 -53.97 -29.13 -105.47
N LYS C 729 -52.81 -28.76 -104.97
CA LYS C 729 -52.60 -28.58 -103.53
C LYS C 729 -52.86 -27.13 -103.15
N TYR C 730 -52.30 -26.23 -103.95
CA TYR C 730 -52.41 -24.80 -103.73
C TYR C 730 -53.20 -24.16 -104.86
N PRO C 731 -54.54 -24.14 -104.73
CA PRO C 731 -55.50 -23.59 -105.70
C PRO C 731 -55.64 -22.09 -105.86
N LEU C 732 -55.14 -21.31 -104.91
CA LEU C 732 -55.26 -19.86 -105.01
C LEU C 732 -54.07 -19.21 -105.72
N GLY C 733 -54.38 -18.36 -106.69
CA GLY C 733 -53.34 -17.66 -107.43
C GLY C 733 -53.01 -16.35 -106.73
N MET C 734 -51.71 -16.11 -106.50
CA MET C 734 -51.28 -14.88 -105.83
C MET C 734 -50.36 -14.02 -106.65
N LEU C 735 -50.69 -12.73 -106.74
CA LEU C 735 -49.86 -11.76 -107.43
C LEU C 735 -49.35 -10.84 -106.31
N SER C 736 -48.11 -10.38 -106.42
CA SER C 736 -47.53 -9.54 -105.38
C SER C 736 -46.76 -8.37 -105.94
N PRO C 737 -47.47 -7.35 -106.42
CA PRO C 737 -46.88 -6.14 -107.01
C PRO C 737 -46.13 -5.27 -106.00
N HIS C 738 -45.70 -4.11 -106.47
CA HIS C 738 -44.96 -3.17 -105.64
C HIS C 738 -45.86 -2.47 -104.63
N PRO C 739 -45.38 -2.35 -103.37
CA PRO C 739 -46.12 -1.71 -102.28
C PRO C 739 -46.60 -0.29 -102.57
N ARG C 740 -47.89 -0.07 -102.31
CA ARG C 740 -48.53 1.22 -102.53
C ARG C 740 -47.95 2.38 -101.73
N PHE C 741 -47.74 2.18 -100.43
CA PHE C 741 -47.23 3.25 -99.58
C PHE C 741 -45.75 3.21 -99.24
N SER C 742 -44.96 2.55 -100.07
CA SER C 742 -43.53 2.46 -99.79
C SER C 742 -42.68 2.12 -101.01
N MET C 743 -41.57 2.83 -101.17
CA MET C 743 -40.67 2.54 -102.28
C MET C 743 -39.95 1.26 -101.85
N HIS C 744 -40.57 0.13 -102.18
CA HIS C 744 -40.04 -1.17 -101.80
C HIS C 744 -39.83 -1.20 -100.29
N THR C 745 -38.66 -1.60 -99.80
CA THR C 745 -38.48 -1.64 -98.34
C THR C 745 -38.32 -0.27 -97.69
N MET C 746 -37.98 0.73 -98.50
CA MET C 746 -37.78 2.09 -97.99
C MET C 746 -39.08 2.84 -97.75
N GLY C 747 -39.69 2.53 -96.61
CA GLY C 747 -40.95 3.15 -96.23
C GLY C 747 -41.64 2.27 -95.20
N ASP C 748 -41.64 0.97 -95.44
CA ASP C 748 -42.26 0.01 -94.52
C ASP C 748 -41.40 -0.20 -93.26
N GLY C 749 -41.99 -0.84 -92.24
CA GLY C 749 -41.27 -1.08 -91.00
C GLY C 749 -40.58 0.17 -90.48
N LYS C 750 -39.50 -0.03 -89.73
CA LYS C 750 -38.74 1.10 -89.18
C LYS C 750 -39.57 1.96 -88.24
N ASN C 751 -40.74 1.46 -87.87
N ASN C 751 -40.74 1.46 -87.87
CA ASN C 751 -41.64 2.20 -86.98
CA ASN C 751 -41.64 2.20 -86.98
C ASN C 751 -42.00 3.55 -87.59
C ASN C 751 -42.00 3.55 -87.59
N SER C 752 -41.98 3.62 -88.91
CA SER C 752 -42.31 4.86 -89.62
C SER C 752 -43.79 5.13 -89.52
N TYR C 753 -44.21 6.31 -89.96
CA TYR C 753 -45.62 6.69 -89.91
C TYR C 753 -46.49 5.88 -90.86
N MET C 754 -45.93 5.46 -91.99
CA MET C 754 -46.69 4.69 -92.98
C MET C 754 -47.30 3.42 -92.37
N ASN C 755 -46.69 2.93 -91.29
CA ASN C 755 -47.17 1.73 -90.62
C ASN C 755 -48.54 1.91 -89.98
N TYR C 756 -49.05 3.14 -90.00
CA TYR C 756 -50.36 3.44 -89.44
C TYR C 756 -51.41 3.60 -90.55
N ILE C 757 -50.96 3.58 -91.80
CA ILE C 757 -51.88 3.70 -92.93
C ILE C 757 -52.74 2.44 -92.86
N LYS C 758 -54.05 2.60 -92.95
CA LYS C 758 -54.98 1.47 -92.86
C LYS C 758 -54.78 0.38 -93.90
N ASP C 759 -54.58 0.77 -95.15
CA ASP C 759 -54.40 -0.19 -96.23
C ASP C 759 -52.95 -0.62 -96.44
N HIS C 760 -52.11 -0.42 -95.42
CA HIS C 760 -50.71 -0.83 -95.47
C HIS C 760 -50.48 -2.00 -94.50
N ARG C 761 -50.77 -1.77 -93.23
CA ARG C 761 -50.65 -2.79 -92.19
C ARG C 761 -51.84 -2.67 -91.27
N VAL C 762 -52.24 -3.79 -90.66
CA VAL C 762 -53.38 -3.81 -89.76
C VAL C 762 -52.91 -4.26 -88.38
N GLU C 763 -53.16 -3.44 -87.38
CA GLU C 763 -52.75 -3.76 -86.01
C GLU C 763 -53.66 -4.82 -85.40
N VAL C 764 -53.07 -5.93 -85.00
CA VAL C 764 -53.83 -7.02 -84.38
C VAL C 764 -53.08 -7.59 -83.18
N ASP C 765 -53.61 -7.33 -81.99
CA ASP C 765 -53.01 -7.81 -80.76
C ASP C 765 -51.63 -7.19 -80.55
N GLY C 766 -51.54 -5.88 -80.71
CA GLY C 766 -50.27 -5.19 -80.52
C GLY C 766 -49.23 -5.26 -81.63
N TYR C 767 -49.49 -6.03 -82.67
CA TYR C 767 -48.54 -6.17 -83.78
C TYR C 767 -49.18 -5.74 -85.10
N LYS C 768 -48.42 -5.01 -85.93
CA LYS C 768 -48.93 -4.56 -87.23
C LYS C 768 -48.56 -5.56 -88.32
N TYR C 769 -49.53 -6.35 -88.74
CA TYR C 769 -49.33 -7.37 -89.76
C TYR C 769 -49.48 -6.86 -91.19
N TRP C 770 -48.71 -7.46 -92.09
CA TRP C 770 -48.76 -7.13 -93.50
C TRP C 770 -50.13 -7.60 -94.00
N ILE C 771 -50.62 -7.00 -95.07
CA ILE C 771 -51.95 -7.33 -95.60
C ILE C 771 -52.05 -8.25 -96.80
N MET C 772 -53.09 -9.09 -96.79
CA MET C 772 -53.38 -9.95 -97.93
C MET C 772 -54.85 -9.78 -98.25
N ARG C 773 -55.15 -9.43 -99.50
CA ARG C 773 -56.52 -9.23 -99.93
C ARG C 773 -57.06 -10.55 -100.47
N VAL C 774 -58.29 -10.87 -100.11
CA VAL C 774 -58.93 -12.11 -100.53
C VAL C 774 -60.35 -11.80 -100.96
N ASN C 775 -60.85 -12.53 -101.95
CA ASN C 775 -62.22 -12.32 -102.43
C ASN C 775 -63.17 -12.89 -101.38
N SER C 776 -64.31 -12.24 -101.21
CA SER C 776 -65.31 -12.66 -100.24
C SER C 776 -65.65 -14.15 -100.32
N ILE C 777 -65.78 -14.67 -101.53
CA ILE C 777 -66.11 -16.08 -101.73
C ILE C 777 -65.01 -17.04 -101.24
N ASP C 778 -63.75 -16.68 -101.45
CA ASP C 778 -62.64 -17.53 -101.02
C ASP C 778 -62.47 -17.45 -99.51
N ALA C 779 -62.66 -16.26 -98.96
CA ALA C 779 -62.54 -16.04 -97.53
C ALA C 779 -63.67 -16.74 -96.77
N GLU C 780 -64.89 -16.67 -97.33
CA GLU C 780 -66.04 -17.30 -96.69
C GLU C 780 -65.90 -18.82 -96.71
N ALA C 781 -65.37 -19.35 -97.79
CA ALA C 781 -65.20 -20.79 -97.91
C ALA C 781 -64.19 -21.30 -96.88
N ARG C 782 -63.42 -20.39 -96.30
CA ARG C 782 -62.40 -20.77 -95.32
C ARG C 782 -62.68 -20.22 -93.92
N GLY C 783 -63.87 -19.66 -93.72
CA GLY C 783 -64.21 -19.13 -92.42
C GLY C 783 -63.38 -17.91 -92.09
N ILE C 784 -62.80 -17.29 -93.11
CA ILE C 784 -61.97 -16.12 -92.90
C ILE C 784 -62.73 -14.81 -92.99
N LYS C 785 -62.58 -13.97 -91.98
CA LYS C 785 -63.24 -12.67 -91.95
C LYS C 785 -62.23 -11.53 -91.97
N ASN C 786 -62.70 -10.36 -92.35
CA ASN C 786 -61.85 -9.18 -92.43
C ASN C 786 -61.17 -8.89 -91.10
N GLY C 787 -59.85 -8.82 -91.12
CA GLY C 787 -59.10 -8.52 -89.91
C GLY C 787 -58.48 -9.77 -89.29
N ASP C 788 -58.98 -10.95 -89.69
CA ASP C 788 -58.45 -12.20 -89.16
C ASP C 788 -56.99 -12.42 -89.54
N LEU C 789 -56.31 -13.23 -88.74
CA LEU C 789 -54.92 -13.54 -89.02
C LEU C 789 -54.93 -14.84 -89.81
N ILE C 790 -54.26 -14.84 -90.94
CA ILE C 790 -54.22 -16.01 -91.80
C ILE C 790 -52.79 -16.42 -92.09
N ARG C 791 -52.62 -17.67 -92.51
CA ARG C 791 -51.33 -18.21 -92.85
C ARG C 791 -51.38 -18.51 -94.35
N ALA C 792 -50.47 -17.92 -95.12
CA ALA C 792 -50.41 -18.17 -96.55
C ALA C 792 -49.24 -19.10 -96.77
N TYR C 793 -49.43 -20.19 -97.50
CA TYR C 793 -48.33 -21.13 -97.67
C TYR C 793 -48.32 -22.03 -98.90
N ASN C 794 -47.18 -22.69 -99.07
CA ASN C 794 -46.92 -23.68 -100.12
C ASN C 794 -45.65 -24.40 -99.71
N ASP C 795 -44.97 -25.09 -100.64
CA ASP C 795 -43.76 -25.81 -100.29
C ASP C 795 -42.61 -24.94 -99.77
N ARG C 796 -42.59 -23.69 -100.19
CA ARG C 796 -41.51 -22.77 -99.82
C ARG C 796 -41.55 -22.14 -98.43
N GLY C 797 -42.72 -22.00 -97.85
CA GLY C 797 -42.80 -21.41 -96.52
C GLY C 797 -44.21 -21.06 -96.10
N SER C 798 -44.31 -20.24 -95.06
CA SER C 798 -45.59 -19.77 -94.54
C SER C 798 -45.39 -18.33 -94.10
N VAL C 799 -46.43 -17.51 -94.30
CA VAL C 799 -46.36 -16.13 -93.91
C VAL C 799 -47.67 -15.79 -93.21
N ILE C 800 -47.57 -15.14 -92.06
CA ILE C 800 -48.74 -14.75 -91.29
C ILE C 800 -49.09 -13.33 -91.70
N LEU C 801 -50.35 -13.12 -92.07
CA LEU C 801 -50.80 -11.81 -92.51
C LEU C 801 -52.18 -11.45 -91.97
N ALA C 802 -52.56 -10.20 -92.17
CA ALA C 802 -53.87 -9.71 -91.77
C ALA C 802 -54.70 -9.77 -93.05
N ALA C 803 -55.89 -10.36 -92.97
CA ALA C 803 -56.74 -10.49 -94.14
C ALA C 803 -57.65 -9.29 -94.37
N GLN C 804 -57.79 -8.91 -95.63
CA GLN C 804 -58.65 -7.79 -96.02
C GLN C 804 -59.60 -8.38 -97.05
N VAL C 805 -60.83 -8.70 -96.63
CA VAL C 805 -61.79 -9.27 -97.55
C VAL C 805 -62.20 -8.16 -98.50
N THR C 806 -62.37 -8.50 -99.78
CA THR C 806 -62.72 -7.49 -100.77
C THR C 806 -63.38 -8.07 -102.02
N GLU C 807 -63.83 -7.16 -102.89
CA GLU C 807 -64.45 -7.55 -104.16
C GLU C 807 -63.53 -7.19 -105.32
N CYS C 808 -62.38 -6.62 -105.01
CA CYS C 808 -61.39 -6.19 -106.00
C CYS C 808 -60.49 -7.29 -106.58
N LEU C 809 -60.98 -8.52 -106.58
CA LEU C 809 -60.22 -9.67 -107.09
C LEU C 809 -61.18 -10.75 -107.56
N GLN C 810 -60.88 -11.39 -108.69
CA GLN C 810 -61.75 -12.47 -109.15
C GLN C 810 -61.55 -13.66 -108.23
N PRO C 811 -62.65 -14.29 -107.80
CA PRO C 811 -62.57 -15.46 -106.91
C PRO C 811 -61.45 -16.44 -107.32
N GLY C 812 -60.57 -16.77 -106.39
CA GLY C 812 -59.49 -17.70 -106.67
C GLY C 812 -58.15 -16.98 -106.78
N THR C 813 -58.21 -15.65 -106.70
CA THR C 813 -57.01 -14.81 -106.79
C THR C 813 -56.78 -14.05 -105.48
N VAL C 814 -55.55 -14.08 -104.97
CA VAL C 814 -55.21 -13.37 -103.75
C VAL C 814 -54.14 -12.35 -104.10
N HIS C 815 -54.13 -11.24 -103.37
CA HIS C 815 -53.18 -10.16 -103.61
C HIS C 815 -52.49 -9.68 -102.33
N SER C 816 -51.18 -9.51 -102.42
CA SER C 816 -50.37 -9.04 -101.30
C SER C 816 -49.07 -8.44 -101.84
N TYR C 817 -48.88 -7.15 -101.60
CA TYR C 817 -47.69 -6.47 -102.07
C TYR C 817 -46.39 -7.09 -101.57
N GLU C 818 -45.31 -6.88 -102.32
CA GLU C 818 -44.01 -7.40 -101.93
C GLU C 818 -43.20 -6.25 -101.32
N SER C 819 -41.91 -6.48 -101.12
CA SER C 819 -41.04 -5.45 -100.56
C SER C 819 -41.17 -5.23 -99.05
N CYS C 820 -41.77 -6.19 -98.36
CA CYS C 820 -41.91 -6.07 -96.91
C CYS C 820 -40.50 -5.91 -96.34
N ALA C 821 -40.28 -4.85 -95.57
CA ALA C 821 -38.95 -4.61 -94.99
C ALA C 821 -38.73 -5.37 -93.68
N VAL C 822 -39.79 -5.97 -93.16
CA VAL C 822 -39.70 -6.69 -91.90
C VAL C 822 -39.63 -8.22 -91.97
N TYR C 823 -38.50 -8.77 -91.53
CA TYR C 823 -38.36 -10.22 -91.50
C TYR C 823 -38.40 -10.60 -90.03
N ASP C 824 -39.49 -11.26 -89.63
CA ASP C 824 -39.72 -11.66 -88.23
C ASP C 824 -40.13 -13.13 -88.16
N PRO C 825 -39.15 -14.04 -88.22
CA PRO C 825 -39.43 -15.47 -88.15
C PRO C 825 -40.01 -15.82 -86.78
N LEU C 826 -40.90 -16.82 -86.74
CA LEU C 826 -41.50 -17.26 -85.49
C LEU C 826 -40.63 -18.33 -84.83
N GLY C 827 -39.70 -18.88 -85.61
CA GLY C 827 -38.81 -19.91 -85.11
C GLY C 827 -37.43 -19.67 -85.69
N THR C 828 -36.76 -20.75 -86.08
CA THR C 828 -35.42 -20.65 -86.66
C THR C 828 -35.48 -19.92 -88.00
N ALA C 829 -34.59 -18.95 -88.17
CA ALA C 829 -34.53 -18.16 -89.41
C ALA C 829 -34.37 -19.07 -90.62
N GLY C 830 -35.16 -18.83 -91.65
CA GLY C 830 -35.09 -19.63 -92.87
C GLY C 830 -35.71 -21.01 -92.76
N LYS C 831 -36.32 -21.32 -91.62
CA LYS C 831 -36.92 -22.63 -91.43
C LYS C 831 -38.35 -22.61 -90.87
N SER C 832 -38.85 -21.43 -90.55
CA SER C 832 -40.19 -21.31 -89.99
C SER C 832 -41.00 -20.15 -90.58
N ALA C 833 -42.27 -20.07 -90.22
CA ALA C 833 -43.17 -19.03 -90.71
C ALA C 833 -42.69 -17.64 -90.32
N ASP C 834 -43.06 -16.66 -91.13
CA ASP C 834 -42.70 -15.27 -90.89
C ASP C 834 -43.94 -14.41 -90.77
N ARG C 835 -43.99 -13.56 -89.75
CA ARG C 835 -45.13 -12.67 -89.58
C ARG C 835 -44.75 -11.26 -89.97
N GLY C 836 -43.49 -11.06 -90.32
CA GLY C 836 -43.05 -9.73 -90.72
C GLY C 836 -43.85 -9.33 -91.96
N GLY C 837 -44.11 -10.32 -92.83
CA GLY C 837 -44.88 -10.05 -94.03
C GLY C 837 -44.13 -10.28 -95.35
N CYS C 838 -42.98 -10.96 -95.28
CA CYS C 838 -42.18 -11.21 -96.48
C CYS C 838 -42.85 -12.21 -97.43
N ILE C 839 -43.79 -11.73 -98.23
CA ILE C 839 -44.50 -12.57 -99.17
C ILE C 839 -43.61 -13.30 -100.16
N ASN C 840 -42.44 -12.74 -100.45
CA ASN C 840 -41.55 -13.41 -101.40
C ASN C 840 -40.99 -14.73 -100.90
N ILE C 841 -41.47 -15.17 -99.75
CA ILE C 841 -41.06 -16.44 -99.20
C ILE C 841 -41.80 -17.52 -99.98
N LEU C 842 -42.99 -17.17 -100.48
CA LEU C 842 -43.84 -18.09 -101.22
C LEU C 842 -43.70 -18.06 -102.74
N THR C 843 -42.98 -17.08 -103.28
CA THR C 843 -42.81 -16.98 -104.73
C THR C 843 -41.78 -17.96 -105.30
N PRO C 844 -41.99 -18.41 -106.53
CA PRO C 844 -41.10 -19.37 -107.20
C PRO C 844 -39.74 -18.79 -107.54
N ASP C 845 -38.69 -19.55 -107.25
CA ASP C 845 -37.33 -19.13 -107.54
C ASP C 845 -36.86 -19.72 -108.86
N ARG C 846 -37.72 -20.50 -109.48
CA ARG C 846 -37.43 -21.12 -110.77
C ARG C 846 -37.37 -20.03 -111.84
N TYR C 847 -36.35 -20.07 -112.68
CA TYR C 847 -36.19 -19.08 -113.74
C TYR C 847 -37.40 -19.08 -114.68
N ILE C 848 -37.70 -17.92 -115.27
CA ILE C 848 -38.82 -17.78 -116.19
C ILE C 848 -38.80 -18.87 -117.27
N SER C 849 -37.60 -19.22 -117.74
CA SER C 849 -37.45 -20.29 -118.73
C SER C 849 -36.07 -20.89 -118.48
N LYS C 850 -35.72 -21.92 -119.23
CA LYS C 850 -34.42 -22.55 -119.03
C LYS C 850 -33.24 -21.60 -119.24
N TYR C 851 -33.37 -20.68 -120.20
CA TYR C 851 -32.28 -19.75 -120.47
C TYR C 851 -32.63 -18.30 -120.14
N ALA C 852 -33.91 -18.03 -119.92
CA ALA C 852 -34.37 -16.70 -119.54
C ALA C 852 -34.23 -16.67 -118.02
N CYS C 853 -33.03 -16.36 -117.57
CA CYS C 853 -32.71 -16.34 -116.14
C CYS C 853 -33.27 -15.15 -115.37
N GLY C 854 -34.58 -14.97 -115.44
CA GLY C 854 -35.22 -13.88 -114.74
C GLY C 854 -36.21 -14.39 -113.71
N MET C 855 -36.71 -13.48 -112.86
CA MET C 855 -37.65 -13.84 -111.80
C MET C 855 -39.09 -13.92 -112.30
N ALA C 856 -39.80 -14.95 -111.85
CA ALA C 856 -41.19 -15.18 -112.24
C ALA C 856 -42.13 -15.00 -111.05
N ASN C 857 -41.79 -14.07 -110.18
CA ASN C 857 -42.54 -13.77 -108.96
C ASN C 857 -44.07 -13.65 -108.97
N ASN C 858 -44.63 -12.86 -109.88
CA ASN C 858 -46.07 -12.64 -109.86
C ASN C 858 -47.05 -13.76 -110.20
N THR C 859 -46.56 -14.99 -110.31
CA THR C 859 -47.42 -16.14 -110.52
C THR C 859 -46.98 -17.12 -109.44
N ALA C 860 -47.76 -17.17 -108.37
CA ALA C 860 -47.46 -18.05 -107.26
C ALA C 860 -48.75 -18.68 -106.72
N LEU C 861 -48.73 -20.01 -106.65
CA LEU C 861 -49.86 -20.77 -106.16
C LEU C 861 -49.69 -20.97 -104.65
N VAL C 862 -50.76 -20.73 -103.91
CA VAL C 862 -50.72 -20.86 -102.47
C VAL C 862 -52.06 -21.29 -101.92
N GLU C 863 -52.08 -21.58 -100.63
CA GLU C 863 -53.30 -21.94 -99.92
C GLU C 863 -53.29 -21.04 -98.71
N ILE C 864 -54.46 -20.59 -98.29
CA ILE C 864 -54.55 -19.72 -97.11
C ILE C 864 -55.50 -20.32 -96.08
N GLU C 865 -55.23 -20.05 -94.81
CA GLU C 865 -56.07 -20.57 -93.73
C GLU C 865 -55.96 -19.72 -92.49
N LYS C 866 -56.98 -19.76 -91.66
CA LYS C 866 -56.97 -19.01 -90.42
C LYS C 866 -55.79 -19.55 -89.64
N TRP C 867 -54.93 -18.64 -89.18
CA TRP C 867 -53.74 -19.04 -88.45
C TRP C 867 -54.04 -19.59 -87.05
N ASP C 868 -53.59 -20.82 -86.79
CA ASP C 868 -53.81 -21.49 -85.51
C ASP C 868 -52.75 -21.14 -84.46
N GLY C 869 -51.85 -20.23 -84.78
CA GLY C 869 -50.82 -19.85 -83.82
C GLY C 869 -49.57 -20.71 -83.76
N ASP C 870 -49.39 -21.62 -84.70
CA ASP C 870 -48.20 -22.47 -84.73
C ASP C 870 -47.09 -21.75 -85.49
N LYS C 871 -45.84 -22.05 -85.16
CA LYS C 871 -44.70 -21.40 -85.83
C LYS C 871 -44.26 -22.11 -87.12
N TYR C 872 -44.76 -23.31 -87.34
CA TYR C 872 -44.43 -24.10 -88.53
C TYR C 872 -42.97 -24.14 -88.94
N GLU C 873 -42.12 -24.69 -88.09
CA GLU C 873 -40.71 -24.80 -88.44
C GLU C 873 -40.52 -26.13 -89.17
N ILE C 874 -40.89 -26.15 -90.44
CA ILE C 874 -40.76 -27.37 -91.24
C ILE C 874 -40.10 -27.12 -92.59
N TYR C 875 -39.51 -25.95 -92.76
CA TYR C 875 -38.87 -25.61 -94.03
C TYR C 875 -37.35 -25.71 -93.93
N MET D 1 -65.49 39.94 -91.25
CA MET D 1 -65.16 38.66 -90.54
C MET D 1 -65.15 37.51 -91.52
N GLU D 2 -64.22 37.56 -92.46
CA GLU D 2 -64.08 36.53 -93.48
C GLU D 2 -63.67 35.22 -92.80
N GLN D 3 -64.39 34.14 -93.09
CA GLN D 3 -64.10 32.85 -92.46
C GLN D 3 -63.39 31.83 -93.36
N TYR D 4 -62.97 30.73 -92.75
CA TYR D 4 -62.28 29.65 -93.44
C TYR D 4 -63.24 28.51 -93.77
N TYR D 5 -63.08 27.94 -94.97
CA TYR D 5 -63.91 26.80 -95.38
C TYR D 5 -63.05 25.84 -96.20
N MET D 6 -63.49 24.59 -96.31
CA MET D 6 -62.75 23.61 -97.08
C MET D 6 -63.69 22.67 -97.82
N VAL D 7 -63.42 22.47 -99.10
CA VAL D 7 -64.23 21.58 -99.92
C VAL D 7 -63.42 20.33 -100.29
N ILE D 8 -63.97 19.17 -99.95
CA ILE D 8 -63.31 17.90 -100.23
C ILE D 8 -64.07 17.15 -101.30
N ASP D 9 -63.42 16.89 -102.43
CA ASP D 9 -64.04 16.16 -103.53
C ASP D 9 -63.80 14.66 -103.36
N VAL D 10 -64.88 13.93 -103.04
CA VAL D 10 -64.81 12.49 -102.84
C VAL D 10 -64.54 11.68 -104.11
N ALA D 11 -64.90 12.23 -105.27
CA ALA D 11 -64.68 11.53 -106.52
C ALA D 11 -63.19 11.47 -106.85
N LYS D 12 -62.41 12.28 -106.14
CA LYS D 12 -60.98 12.34 -106.39
C LYS D 12 -60.05 11.70 -105.36
N CYS D 13 -60.57 11.24 -104.22
CA CYS D 13 -59.66 10.61 -103.26
C CYS D 13 -59.18 9.27 -103.76
N GLN D 14 -57.88 9.02 -103.65
CA GLN D 14 -57.33 7.74 -104.07
C GLN D 14 -56.67 7.03 -102.90
N ASP D 15 -56.89 7.55 -101.69
CA ASP D 15 -56.35 6.95 -100.48
C ASP D 15 -54.84 6.70 -100.50
N CYS D 16 -54.05 7.60 -101.07
CA CYS D 16 -52.60 7.43 -101.09
C CYS D 16 -52.08 7.91 -99.74
N ASN D 17 -52.98 8.48 -98.93
CA ASN D 17 -52.66 8.99 -97.60
C ASN D 17 -51.57 10.05 -97.48
N ASN D 18 -51.56 11.00 -98.39
CA ASN D 18 -50.59 12.09 -98.32
C ASN D 18 -51.02 13.10 -97.23
N CYS D 19 -52.30 13.06 -96.84
CA CYS D 19 -52.83 13.96 -95.80
C CYS D 19 -52.27 13.50 -94.47
N PHE D 20 -52.69 12.28 -94.13
CA PHE D 20 -52.31 11.62 -92.90
C PHE D 20 -50.82 11.81 -92.61
N MET D 21 -49.99 11.45 -93.59
CA MET D 21 -48.55 11.58 -93.47
C MET D 21 -48.27 13.08 -93.26
N GLY D 22 -49.21 13.91 -93.73
CA GLY D 22 -49.11 15.34 -93.59
C GLY D 22 -49.25 15.81 -92.15
N CYS D 23 -50.34 15.46 -91.45
CA CYS D 23 -50.51 15.88 -90.05
C CYS D 23 -49.42 15.30 -89.17
N MET D 24 -49.14 14.01 -89.38
CA MET D 24 -48.11 13.35 -88.57
C MET D 24 -46.78 14.07 -88.73
N ASP D 25 -46.47 14.50 -89.95
CA ASP D 25 -45.21 15.19 -90.20
C ASP D 25 -45.19 16.55 -89.51
N GLU D 26 -46.37 17.15 -89.39
CA GLU D 26 -46.51 18.46 -88.78
C GLU D 26 -46.78 18.41 -87.28
N HIS D 27 -47.38 17.31 -86.80
CA HIS D 27 -47.74 17.20 -85.39
C HIS D 27 -47.10 16.11 -84.54
N GLU D 28 -46.73 14.99 -85.15
CA GLU D 28 -46.14 13.88 -84.41
C GLU D 28 -44.85 14.20 -83.62
N LEU D 29 -43.92 14.90 -84.24
CA LEU D 29 -42.66 15.25 -83.55
C LEU D 29 -42.56 16.73 -83.23
N ASN D 30 -43.64 17.48 -83.44
CA ASN D 30 -43.63 18.90 -83.15
C ASN D 30 -44.69 19.29 -82.11
N GLU D 31 -44.31 20.21 -81.24
CA GLU D 31 -45.18 20.71 -80.19
C GLU D 31 -45.45 22.18 -80.50
N TRP D 32 -46.72 22.53 -80.71
CA TRP D 32 -47.08 23.90 -81.02
C TRP D 32 -47.83 24.59 -79.90
N PRO D 33 -47.09 25.32 -79.05
CA PRO D 33 -47.65 26.05 -77.90
C PRO D 33 -48.84 26.92 -78.31
N GLY D 34 -49.93 26.82 -77.56
CA GLY D 34 -51.10 27.62 -77.87
C GLY D 34 -52.15 26.89 -78.69
N TYR D 35 -51.72 25.92 -79.49
CA TYR D 35 -52.65 25.18 -80.33
C TYR D 35 -52.80 23.72 -79.95
N THR D 36 -51.66 23.02 -79.85
CA THR D 36 -51.68 21.60 -79.51
C THR D 36 -50.29 21.07 -79.17
N ALA D 37 -50.26 19.91 -78.53
CA ALA D 37 -49.00 19.26 -78.16
C ALA D 37 -48.73 18.19 -79.21
N SER D 38 -47.64 17.46 -79.05
CA SER D 38 -47.30 16.40 -80.01
C SER D 38 -48.45 15.40 -80.13
N MET D 39 -48.78 15.07 -81.37
CA MET D 39 -49.84 14.11 -81.68
C MET D 39 -49.41 12.71 -81.24
N GLN D 40 -50.37 11.84 -80.92
CA GLN D 40 -50.03 10.49 -80.51
C GLN D 40 -50.16 9.51 -81.66
N ARG D 41 -49.14 8.67 -81.84
CA ARG D 41 -49.14 7.67 -82.90
C ARG D 41 -50.38 6.79 -82.74
N GLY D 42 -51.04 6.48 -83.85
CA GLY D 42 -52.23 5.65 -83.80
C GLY D 42 -53.50 6.47 -83.97
N HIS D 43 -53.39 7.76 -83.71
CA HIS D 43 -54.53 8.67 -83.84
C HIS D 43 -54.70 9.03 -85.31
N ARG D 44 -55.84 9.60 -85.64
CA ARG D 44 -56.13 9.99 -87.00
C ARG D 44 -56.92 11.29 -87.02
N TRP D 45 -56.27 12.42 -86.75
CA TRP D 45 -56.97 13.70 -86.78
C TRP D 45 -57.54 13.77 -88.20
N MET D 46 -56.78 13.22 -89.14
CA MET D 46 -57.20 13.15 -90.54
C MET D 46 -57.55 11.68 -90.77
N ASN D 47 -58.81 11.35 -90.59
CA ASN D 47 -59.26 9.98 -90.79
C ASN D 47 -59.87 9.85 -92.18
N ILE D 48 -59.37 8.89 -92.95
CA ILE D 48 -59.86 8.66 -94.31
C ILE D 48 -60.68 7.36 -94.29
N GLU D 49 -61.99 7.50 -94.48
CA GLU D 49 -62.86 6.33 -94.49
C GLU D 49 -62.87 5.65 -95.84
N ARG D 50 -62.96 4.33 -95.81
CA ARG D 50 -62.95 3.52 -97.02
C ARG D 50 -64.22 2.70 -97.10
N ARG D 51 -64.92 2.78 -98.24
CA ARG D 51 -66.16 2.02 -98.41
C ARG D 51 -66.34 1.37 -99.78
N GLU D 52 -66.37 0.05 -99.81
CA GLU D 52 -66.56 -0.68 -101.05
C GLU D 52 -68.07 -0.83 -101.34
N ARG D 53 -68.42 -0.86 -102.62
CA ARG D 53 -69.81 -1.01 -103.02
C ARG D 53 -69.96 -2.10 -104.09
N GLY D 54 -71.10 -2.76 -104.08
CA GLY D 54 -71.35 -3.79 -105.07
C GLY D 54 -70.59 -5.08 -104.84
N THR D 55 -70.52 -5.89 -105.89
CA THR D 55 -69.83 -7.17 -105.84
C THR D 55 -69.10 -7.44 -107.15
N TYR D 56 -68.02 -8.21 -107.07
CA TYR D 56 -67.24 -8.58 -108.25
C TYR D 56 -68.22 -9.16 -109.27
N PRO D 57 -68.04 -8.83 -110.55
CA PRO D 57 -66.99 -7.96 -111.09
C PRO D 57 -67.43 -6.52 -111.37
N ARG D 58 -68.57 -6.11 -110.84
CA ARG D 58 -69.07 -4.75 -111.07
C ARG D 58 -69.14 -3.97 -109.77
N ASN D 59 -68.08 -4.08 -108.99
CA ASN D 59 -67.95 -3.43 -107.70
C ASN D 59 -67.09 -2.20 -107.85
N ASP D 60 -67.10 -1.34 -106.84
CA ASP D 60 -66.30 -0.14 -106.87
C ASP D 60 -65.97 0.26 -105.44
N ILE D 61 -65.14 1.28 -105.29
CA ILE D 61 -64.79 1.71 -103.96
C ILE D 61 -64.47 3.21 -103.97
N ASN D 62 -64.87 3.89 -102.90
CA ASN D 62 -64.64 5.32 -102.77
C ASN D 62 -64.13 5.59 -101.37
N TYR D 63 -63.47 6.73 -101.20
CA TYR D 63 -62.91 7.10 -99.91
C TYR D 63 -63.37 8.49 -99.48
N ARG D 64 -63.43 8.73 -98.18
CA ARG D 64 -63.86 10.03 -97.68
C ARG D 64 -62.88 10.64 -96.69
N PRO D 65 -62.13 11.65 -97.13
CA PRO D 65 -61.18 12.33 -96.25
C PRO D 65 -61.99 12.99 -95.15
N THR D 66 -61.77 12.59 -93.90
CA THR D 66 -62.54 13.16 -92.80
C THR D 66 -61.71 13.80 -91.68
N PRO D 67 -61.50 15.12 -91.76
CA PRO D 67 -60.74 15.81 -90.72
C PRO D 67 -61.78 16.19 -89.65
N CYS D 68 -61.58 17.30 -88.97
CA CYS D 68 -62.56 17.72 -87.99
C CYS D 68 -63.47 18.73 -88.70
N MET D 69 -64.78 18.55 -88.57
CA MET D 69 -65.76 19.39 -89.23
C MET D 69 -65.77 20.87 -88.87
N HIS D 70 -65.14 21.24 -87.75
CA HIS D 70 -65.12 22.64 -87.32
C HIS D 70 -66.47 23.32 -87.56
N CYS D 71 -67.56 22.58 -87.35
CA CYS D 71 -68.91 23.09 -87.56
C CYS D 71 -69.25 24.35 -86.76
N GLU D 72 -70.17 25.15 -87.31
CA GLU D 72 -70.60 26.41 -86.71
C GLU D 72 -71.31 26.23 -85.36
N ASN D 73 -72.15 25.20 -85.29
CA ASN D 73 -72.88 24.89 -84.07
C ASN D 73 -72.15 23.73 -83.38
N ALA D 74 -70.92 24.01 -82.96
CA ALA D 74 -70.06 23.00 -82.32
C ALA D 74 -70.60 22.53 -80.97
N PRO D 75 -70.99 21.25 -80.87
CA PRO D 75 -71.52 20.69 -79.62
C PRO D 75 -70.50 20.72 -78.48
N CYS D 76 -69.23 20.43 -78.79
CA CYS D 76 -68.19 20.41 -77.77
C CYS D 76 -67.60 21.77 -77.40
N VAL D 77 -68.16 22.84 -77.98
CA VAL D 77 -67.74 24.20 -77.65
C VAL D 77 -68.83 24.68 -76.68
N ALA D 78 -70.01 24.07 -76.80
CA ALA D 78 -71.16 24.40 -75.96
C ALA D 78 -71.17 23.45 -74.76
N LYS D 79 -70.42 22.37 -74.87
CA LYS D 79 -70.34 21.38 -73.81
C LYS D 79 -68.90 21.17 -73.33
N GLY D 80 -68.02 22.11 -73.68
CA GLY D 80 -66.62 22.00 -73.28
C GLY D 80 -66.31 22.76 -72.02
N ASN D 81 -67.28 23.54 -71.54
CA ASN D 81 -67.13 24.34 -70.32
C ASN D 81 -65.98 25.34 -70.41
N GLY D 82 -65.43 25.50 -71.60
CA GLY D 82 -64.33 26.43 -71.79
C GLY D 82 -63.07 25.74 -72.27
N ALA D 83 -63.12 24.41 -72.35
CA ALA D 83 -61.97 23.64 -72.82
C ALA D 83 -61.84 23.79 -74.33
N VAL D 84 -62.96 24.00 -75.01
CA VAL D 84 -62.97 24.19 -76.46
C VAL D 84 -63.56 25.55 -76.79
N TYR D 85 -62.86 26.30 -77.65
CA TYR D 85 -63.31 27.63 -78.03
C TYR D 85 -63.40 27.80 -79.54
N GLN D 86 -64.22 28.77 -79.95
CA GLN D 86 -64.43 29.06 -81.37
C GLN D 86 -63.91 30.46 -81.68
N ARG D 87 -63.03 30.54 -82.68
CA ARG D 87 -62.45 31.82 -83.09
C ARG D 87 -63.35 32.48 -84.13
N GLU D 88 -63.10 33.77 -84.38
CA GLU D 88 -63.88 34.55 -85.35
C GLU D 88 -63.91 33.98 -86.75
N ASP D 89 -62.87 33.24 -87.13
CA ASP D 89 -62.81 32.66 -88.47
C ASP D 89 -63.51 31.31 -88.60
N GLY D 90 -64.03 30.81 -87.48
CA GLY D 90 -64.75 29.54 -87.49
C GLY D 90 -63.97 28.33 -86.99
N ILE D 91 -62.65 28.44 -86.92
CA ILE D 91 -61.80 27.35 -86.47
C ILE D 91 -62.03 27.00 -84.99
N VAL D 92 -62.57 25.80 -84.75
CA VAL D 92 -62.84 25.31 -83.40
C VAL D 92 -61.60 24.63 -82.83
N LEU D 93 -60.97 25.25 -81.83
CA LEU D 93 -59.77 24.67 -81.23
C LEU D 93 -59.94 24.28 -79.77
N ILE D 94 -59.23 23.23 -79.38
CA ILE D 94 -59.25 22.76 -78.00
C ILE D 94 -58.14 23.54 -77.29
N ASP D 95 -58.36 23.88 -76.03
CA ASP D 95 -57.35 24.60 -75.27
C ASP D 95 -56.44 23.57 -74.63
N PRO D 96 -55.21 23.43 -75.14
CA PRO D 96 -54.21 22.48 -74.65
C PRO D 96 -54.05 22.39 -73.13
N GLU D 97 -54.12 23.54 -72.46
CA GLU D 97 -53.97 23.58 -71.01
C GLU D 97 -55.27 23.33 -70.24
N LYS D 98 -56.33 24.03 -70.62
CA LYS D 98 -57.62 23.90 -69.96
C LYS D 98 -58.32 22.55 -70.12
N ALA D 99 -58.05 21.87 -71.24
CA ALA D 99 -58.67 20.58 -71.51
C ALA D 99 -57.97 19.40 -70.83
N LYS D 100 -56.73 19.62 -70.39
CA LYS D 100 -55.97 18.56 -69.74
C LYS D 100 -56.72 17.81 -68.64
N GLY D 101 -56.65 16.49 -68.70
CA GLY D 101 -57.32 15.64 -67.71
C GLY D 101 -58.82 15.48 -67.87
N LYS D 102 -59.33 15.71 -69.08
CA LYS D 102 -60.77 15.60 -69.33
C LYS D 102 -61.14 14.71 -70.51
N LYS D 103 -61.21 13.40 -70.27
CA LYS D 103 -61.56 12.42 -71.31
C LYS D 103 -62.97 12.64 -71.87
N GLU D 104 -63.88 13.12 -71.03
CA GLU D 104 -65.27 13.34 -71.41
C GLU D 104 -65.46 14.23 -72.64
N LEU D 105 -64.48 15.08 -72.93
CA LEU D 105 -64.56 15.97 -74.10
C LEU D 105 -64.81 15.20 -75.39
N LEU D 106 -64.42 13.93 -75.41
CA LEU D 106 -64.59 13.09 -76.59
C LEU D 106 -66.05 12.71 -76.83
N ASP D 107 -66.81 12.57 -75.75
CA ASP D 107 -68.22 12.20 -75.84
C ASP D 107 -69.12 13.36 -76.27
N THR D 108 -68.55 14.54 -76.40
CA THR D 108 -69.30 15.73 -76.80
C THR D 108 -69.27 15.91 -78.32
N CYS D 109 -68.50 15.06 -79.00
CA CYS D 109 -68.39 15.16 -80.46
C CYS D 109 -69.28 14.15 -81.16
N PRO D 110 -70.03 14.61 -82.17
CA PRO D 110 -70.93 13.73 -82.94
C PRO D 110 -70.21 12.91 -83.99
N TYR D 111 -69.09 13.44 -84.50
CA TYR D 111 -68.32 12.77 -85.53
C TYR D 111 -67.14 11.95 -85.00
N GLY D 112 -66.81 12.14 -83.72
CA GLY D 112 -65.71 11.40 -83.11
C GLY D 112 -64.37 11.67 -83.77
N VAL D 113 -64.10 12.94 -84.08
CA VAL D 113 -62.86 13.32 -84.74
C VAL D 113 -61.73 13.62 -83.74
N MET D 114 -62.04 13.58 -82.46
CA MET D 114 -61.01 13.85 -81.44
C MET D 114 -60.58 12.59 -80.69
N TYR D 115 -59.29 12.51 -80.39
CA TYR D 115 -58.71 11.38 -79.68
C TYR D 115 -58.06 11.80 -78.37
N TRP D 116 -57.88 10.83 -77.47
CA TRP D 116 -57.27 11.10 -76.17
C TRP D 116 -55.80 10.70 -76.17
N ASN D 117 -54.92 11.66 -75.87
CA ASN D 117 -53.48 11.40 -75.83
C ASN D 117 -53.06 10.93 -74.43
N GLU D 118 -52.79 9.64 -74.31
CA GLU D 118 -52.36 9.03 -73.05
C GLU D 118 -51.13 9.71 -72.45
N GLU D 119 -50.20 10.15 -73.30
CA GLU D 119 -48.96 10.78 -72.85
C GLU D 119 -49.07 12.24 -72.46
N GLU D 120 -50.05 12.96 -73.01
CA GLU D 120 -50.24 14.37 -72.72
C GLU D 120 -51.46 14.59 -71.85
N ASN D 121 -52.19 13.50 -71.58
CA ASN D 121 -53.42 13.55 -70.79
C ASN D 121 -54.24 14.79 -71.14
N VAL D 122 -54.79 14.75 -72.34
CA VAL D 122 -55.61 15.83 -72.87
C VAL D 122 -56.14 15.34 -74.21
N ALA D 123 -57.38 15.68 -74.52
CA ALA D 123 -57.98 15.25 -75.77
C ALA D 123 -57.37 16.10 -76.90
N GLN D 124 -57.02 15.45 -78.00
CA GLN D 124 -56.44 16.13 -79.14
C GLN D 124 -57.34 15.99 -80.34
N LYS D 125 -57.05 16.76 -81.39
CA LYS D 125 -57.84 16.69 -82.60
C LYS D 125 -57.32 17.65 -83.66
N CYS D 126 -58.02 17.65 -84.79
CA CYS D 126 -57.69 18.46 -85.94
C CYS D 126 -57.75 19.97 -85.63
N THR D 127 -56.62 20.65 -85.83
CA THR D 127 -56.52 22.08 -85.56
C THR D 127 -56.46 22.94 -86.81
N MET D 128 -56.66 22.32 -87.97
CA MET D 128 -56.59 23.03 -89.24
C MET D 128 -55.29 23.84 -89.29
N CYS D 129 -54.26 23.29 -88.63
CA CYS D 129 -52.95 23.92 -88.50
C CYS D 129 -53.10 25.43 -88.56
N ALA D 130 -53.89 25.93 -87.61
CA ALA D 130 -54.14 27.35 -87.46
C ALA D 130 -52.81 28.01 -87.15
N HIS D 131 -51.88 27.26 -86.57
CA HIS D 131 -50.58 27.82 -86.24
C HIS D 131 -49.86 28.17 -87.54
N LEU D 132 -50.12 27.37 -88.58
CA LEU D 132 -49.53 27.62 -89.90
C LEU D 132 -50.30 28.75 -90.55
N LEU D 133 -51.61 28.75 -90.34
CA LEU D 133 -52.49 29.77 -90.90
C LEU D 133 -52.30 31.13 -90.23
N ASP D 134 -51.77 31.13 -89.00
CA ASP D 134 -51.54 32.37 -88.27
C ASP D 134 -50.09 32.81 -88.46
N ASP D 135 -49.48 32.37 -89.57
CA ASP D 135 -48.10 32.70 -89.90
C ASP D 135 -47.98 33.05 -91.38
N GLU D 136 -47.44 34.24 -91.68
CA GLU D 136 -47.27 34.69 -93.06
C GLU D 136 -46.12 34.00 -93.78
N SER D 137 -45.21 33.40 -92.99
CA SER D 137 -44.07 32.69 -93.56
C SER D 137 -44.56 31.49 -94.36
N TRP D 138 -45.62 30.84 -93.88
CA TRP D 138 -46.18 29.68 -94.56
C TRP D 138 -46.85 30.16 -95.84
N ALA D 139 -46.04 30.32 -96.89
CA ALA D 139 -46.50 30.78 -98.19
C ALA D 139 -47.79 30.10 -98.66
N PRO D 140 -47.87 28.76 -98.56
CA PRO D 140 -49.06 28.03 -98.99
C PRO D 140 -50.38 28.57 -98.41
N LYS D 141 -50.33 29.02 -97.16
CA LYS D 141 -51.51 29.56 -96.50
C LYS D 141 -52.67 28.57 -96.60
N MET D 142 -52.38 27.31 -96.30
CA MET D 142 -53.39 26.27 -96.34
C MET D 142 -52.90 25.08 -95.50
N PRO D 143 -53.84 24.23 -95.06
CA PRO D 143 -53.54 23.04 -94.25
C PRO D 143 -52.53 22.12 -94.92
N ARG D 144 -51.87 21.28 -94.12
CA ARG D 144 -50.88 20.35 -94.63
C ARG D 144 -51.46 19.33 -95.59
N CYS D 145 -52.58 18.70 -95.25
CA CYS D 145 -53.14 17.71 -96.17
C CYS D 145 -53.59 18.31 -97.49
N ALA D 146 -54.21 19.48 -97.42
CA ALA D 146 -54.68 20.17 -98.62
C ALA D 146 -53.48 20.53 -99.48
N HIS D 147 -52.34 20.79 -98.83
CA HIS D 147 -51.13 21.15 -99.56
C HIS D 147 -50.32 19.92 -99.94
N ASN D 148 -50.60 18.79 -99.29
CA ASN D 148 -49.90 17.55 -99.57
C ASN D 148 -50.63 16.76 -100.65
N CYS D 149 -51.78 17.27 -101.12
CA CYS D 149 -52.52 16.57 -102.17
C CYS D 149 -51.85 16.61 -103.51
N GLY D 150 -51.94 15.49 -104.20
CA GLY D 150 -51.40 15.39 -105.54
C GLY D 150 -52.56 14.94 -106.41
N SER D 151 -53.76 14.91 -105.83
CA SER D 151 -54.96 14.47 -106.55
C SER D 151 -56.04 15.55 -106.66
N PHE D 152 -55.69 16.77 -106.29
CA PHE D 152 -56.60 17.92 -106.38
C PHE D 152 -57.96 17.67 -105.73
N VAL D 153 -57.93 17.08 -104.54
CA VAL D 153 -59.15 16.77 -103.82
C VAL D 153 -59.62 17.99 -103.01
N TYR D 154 -58.68 18.75 -102.45
CA TYR D 154 -59.02 19.89 -101.64
C TYR D 154 -59.11 21.25 -102.33
N GLU D 155 -60.01 22.06 -101.79
CA GLU D 155 -60.23 23.42 -102.27
C GLU D 155 -60.41 24.23 -101.00
N PHE D 156 -59.29 24.73 -100.47
CA PHE D 156 -59.29 25.51 -99.25
C PHE D 156 -59.49 26.99 -99.53
N LEU D 157 -60.54 27.57 -98.94
CA LEU D 157 -60.81 28.98 -99.16
C LEU D 157 -61.25 29.77 -97.92
N LYS D 158 -60.96 31.06 -97.95
CA LYS D 158 -61.33 31.96 -96.87
C LYS D 158 -62.17 33.06 -97.51
N THR D 159 -63.46 33.06 -97.20
CA THR D 159 -64.37 34.05 -97.77
C THR D 159 -65.52 34.36 -96.81
N THR D 160 -66.66 34.79 -97.34
CA THR D 160 -67.81 35.12 -96.52
C THR D 160 -68.88 34.02 -96.60
N PRO D 161 -69.76 33.94 -95.60
CA PRO D 161 -70.83 32.94 -95.58
C PRO D 161 -71.72 33.02 -96.83
N GLU D 162 -71.92 34.23 -97.33
CA GLU D 162 -72.75 34.42 -98.52
C GLU D 162 -72.05 33.83 -99.73
N ALA D 163 -70.74 34.00 -99.78
CA ALA D 163 -69.94 33.46 -100.87
C ALA D 163 -69.96 31.94 -100.81
N MET D 164 -69.75 31.41 -99.61
CA MET D 164 -69.75 29.96 -99.41
C MET D 164 -71.12 29.40 -99.70
N ALA D 165 -72.15 30.06 -99.17
CA ALA D 165 -73.53 29.65 -99.36
C ALA D 165 -73.88 29.53 -100.84
N LYS D 166 -73.49 30.52 -101.62
CA LYS D 166 -73.76 30.51 -103.05
C LYS D 166 -73.04 29.32 -103.70
N LYS D 167 -71.77 29.14 -103.32
CA LYS D 167 -70.97 28.04 -103.86
C LYS D 167 -71.59 26.70 -103.53
N VAL D 168 -72.03 26.55 -102.28
CA VAL D 168 -72.66 25.30 -101.83
C VAL D 168 -73.77 24.89 -102.80
N GLU D 169 -74.54 25.86 -103.26
CA GLU D 169 -75.65 25.59 -104.18
C GLU D 169 -75.21 25.29 -105.60
N GLU D 170 -74.31 26.12 -106.14
CA GLU D 170 -73.82 25.92 -107.50
C GLU D 170 -73.17 24.55 -107.70
N GLU D 171 -72.59 24.02 -106.64
CA GLU D 171 -71.90 22.74 -106.71
C GLU D 171 -72.59 21.59 -105.97
N GLY D 172 -73.72 21.88 -105.33
CA GLY D 172 -74.43 20.85 -104.61
C GLY D 172 -73.65 20.27 -103.46
N LEU D 173 -72.77 21.08 -102.88
CA LEU D 173 -71.95 20.63 -101.76
C LEU D 173 -72.84 20.17 -100.60
N GLU D 174 -72.38 19.15 -99.88
CA GLU D 174 -73.13 18.59 -98.76
C GLU D 174 -72.21 18.43 -97.55
N VAL D 175 -72.78 18.11 -96.40
CA VAL D 175 -72.01 17.91 -95.18
C VAL D 175 -72.39 16.58 -94.52
N ILE D 176 -71.44 15.99 -93.80
CA ILE D 176 -71.69 14.71 -93.13
C ILE D 176 -72.72 14.88 -92.00
N LYS D 177 -73.73 14.01 -92.01
CA LYS D 177 -74.78 14.05 -90.99
C LYS D 177 -75.42 15.44 -90.87
N PRO D 178 -76.24 15.83 -91.87
CA PRO D 178 -76.90 17.14 -91.83
C PRO D 178 -77.95 17.22 -90.72
N GLU D 179 -78.62 16.09 -90.48
CA GLU D 179 -79.66 16.00 -89.46
C GLU D 179 -79.21 16.54 -88.10
N LEU D 180 -77.90 16.53 -87.86
CA LEU D 180 -77.35 17.01 -86.60
C LEU D 180 -77.41 18.53 -86.48
N GLY D 181 -77.36 19.22 -87.61
CA GLY D 181 -77.45 20.67 -87.59
C GLY D 181 -76.34 21.45 -86.91
N THR D 182 -75.14 20.89 -86.85
CA THR D 182 -74.02 21.60 -86.24
C THR D 182 -73.37 22.51 -87.28
N LYS D 183 -73.76 22.29 -88.55
CA LYS D 183 -73.27 23.08 -89.67
C LYS D 183 -71.74 23.08 -89.82
N PRO D 184 -71.17 21.95 -90.27
CA PRO D 184 -69.71 21.84 -90.47
C PRO D 184 -69.20 22.76 -91.58
N ARG D 185 -67.98 23.30 -91.40
CA ARG D 185 -67.39 24.18 -92.40
C ARG D 185 -66.56 23.39 -93.40
N VAL D 186 -66.68 22.07 -93.35
CA VAL D 186 -65.97 21.21 -94.28
C VAL D 186 -67.03 20.58 -95.18
N TYR D 187 -67.05 21.01 -96.44
CA TYR D 187 -68.03 20.51 -97.39
C TYR D 187 -67.50 19.40 -98.29
N TYR D 188 -68.42 18.52 -98.69
CA TYR D 188 -68.10 17.38 -99.55
C TYR D 188 -68.79 17.46 -100.92
N LYS D 189 -68.00 17.25 -101.96
CA LYS D 189 -68.50 17.28 -103.33
C LYS D 189 -68.64 15.82 -103.78
N ASN D 190 -69.72 15.52 -104.49
CA ASN D 190 -69.96 14.17 -104.96
C ASN D 190 -69.89 13.19 -103.79
N LEU D 191 -70.58 13.55 -102.72
CA LEU D 191 -70.62 12.72 -101.53
C LEU D 191 -71.49 11.47 -101.71
N TYR D 192 -72.25 11.43 -102.80
CA TYR D 192 -73.12 10.29 -103.08
C TYR D 192 -72.30 9.02 -103.30
N ARG D 193 -71.08 9.19 -103.81
CA ARG D 193 -70.19 8.06 -104.08
C ARG D 193 -70.00 7.27 -102.79
N PHE D 194 -69.83 7.98 -101.69
CA PHE D 194 -69.60 7.36 -100.40
C PHE D 194 -70.87 6.94 -99.67
N GLU D 195 -71.86 7.83 -99.62
CA GLU D 195 -73.10 7.54 -98.90
C GLU D 195 -74.23 6.84 -99.64
N LYS D 196 -74.33 7.06 -100.94
CA LYS D 196 -75.41 6.43 -101.72
C LYS D 196 -75.00 5.07 -102.29
N ASN D 197 -75.85 4.54 -103.15
CA ASN D 197 -75.63 3.26 -103.80
C ASN D 197 -76.06 3.28 -105.26
N TYR D 198 -75.84 2.17 -105.96
CA TYR D 198 -76.18 2.08 -107.37
C TYR D 198 -76.64 0.69 -107.80
N VAL D 199 -77.14 0.63 -109.02
CA VAL D 199 -77.57 -0.63 -109.61
C VAL D 199 -76.93 -0.62 -111.01
N THR D 200 -76.39 -1.77 -111.41
CA THR D 200 -75.75 -1.88 -112.72
C THR D 200 -75.91 -3.29 -113.28
N ALA D 201 -75.56 -3.45 -114.56
CA ALA D 201 -75.69 -4.75 -115.22
C ALA D 201 -75.09 -4.73 -116.62
N GLY D 202 -74.99 -5.91 -117.23
CA GLY D 202 -74.45 -6.03 -118.58
C GLY D 202 -75.49 -6.59 -119.52
N ILE D 203 -75.80 -5.86 -120.59
CA ILE D 203 -76.80 -6.30 -121.57
C ILE D 203 -76.18 -6.97 -122.78
N LEU D 204 -76.52 -8.24 -123.00
CA LEU D 204 -76.01 -8.98 -124.15
C LEU D 204 -77.16 -9.26 -125.12
N VAL D 205 -76.84 -9.33 -126.40
CA VAL D 205 -77.82 -9.63 -127.44
C VAL D 205 -77.23 -10.71 -128.33
N GLN D 206 -77.74 -11.92 -128.19
CA GLN D 206 -77.26 -13.06 -128.96
C GLN D 206 -75.82 -13.38 -128.57
N GLY D 207 -75.55 -13.31 -127.27
CA GLY D 207 -74.24 -13.64 -126.75
C GLY D 207 -73.15 -12.57 -126.71
N ASP D 208 -73.41 -11.39 -127.27
CA ASP D 208 -72.40 -10.33 -127.26
C ASP D 208 -72.89 -9.04 -126.61
N CYS D 209 -71.93 -8.24 -126.13
CA CYS D 209 -72.24 -6.97 -125.48
C CYS D 209 -72.97 -6.05 -126.45
N PHE D 210 -74.15 -5.59 -126.04
CA PHE D 210 -74.96 -4.73 -126.89
C PHE D 210 -74.86 -3.27 -126.50
N GLU D 211 -74.57 -2.43 -127.49
CA GLU D 211 -74.46 -0.99 -127.26
C GLU D 211 -75.64 -0.24 -127.87
N GLY D 212 -76.08 0.80 -127.17
CA GLY D 212 -77.20 1.60 -127.66
C GLY D 212 -78.54 1.18 -127.08
N ALA D 213 -78.52 0.30 -126.08
CA ALA D 213 -79.76 -0.16 -125.45
C ALA D 213 -80.26 0.92 -124.49
N LYS D 214 -81.56 1.20 -124.53
CA LYS D 214 -82.15 2.23 -123.68
C LYS D 214 -82.59 1.68 -122.33
N VAL D 215 -82.00 2.22 -121.27
CA VAL D 215 -82.32 1.77 -119.92
C VAL D 215 -82.96 2.89 -119.11
N VAL D 216 -84.01 2.53 -118.37
CA VAL D 216 -84.72 3.50 -117.54
C VAL D 216 -84.92 2.99 -116.12
N LEU D 217 -84.73 3.88 -115.14
CA LEU D 217 -84.90 3.51 -113.74
C LEU D 217 -86.13 4.25 -113.18
N LYS D 218 -87.12 3.48 -112.77
CA LYS D 218 -88.35 4.04 -112.22
C LYS D 218 -88.54 3.66 -110.76
N SER D 219 -89.26 4.52 -110.05
CA SER D 219 -89.55 4.31 -108.64
C SER D 219 -90.98 4.79 -108.40
N GLY D 220 -91.86 3.86 -108.01
CA GLY D 220 -93.24 4.23 -107.76
C GLY D 220 -94.03 4.28 -109.06
N GLY D 221 -93.32 4.39 -110.18
CA GLY D 221 -94.00 4.43 -111.46
C GLY D 221 -93.45 5.47 -112.43
N LYS D 222 -92.74 6.45 -111.89
CA LYS D 222 -92.16 7.51 -112.72
C LYS D 222 -90.64 7.37 -112.85
N GLU D 223 -90.12 7.81 -113.99
CA GLU D 223 -88.69 7.73 -114.27
C GLU D 223 -87.84 8.55 -113.31
N VAL D 224 -86.70 7.97 -112.91
CA VAL D 224 -85.78 8.62 -111.99
C VAL D 224 -84.49 8.93 -112.73
N ALA D 225 -84.19 8.12 -113.73
CA ALA D 225 -82.98 8.30 -114.54
C ALA D 225 -83.00 7.39 -115.76
N SER D 226 -82.11 7.67 -116.71
CA SER D 226 -82.03 6.87 -117.92
C SER D 226 -80.66 7.00 -118.57
N ALA D 227 -80.29 6.00 -119.37
CA ALA D 227 -79.01 6.01 -120.05
C ALA D 227 -78.96 4.89 -121.07
N GLU D 228 -77.98 4.96 -121.96
CA GLU D 228 -77.80 3.94 -122.97
C GLU D 228 -76.50 3.20 -122.69
N THR D 229 -76.52 1.90 -122.92
CA THR D 229 -75.36 1.05 -122.69
C THR D 229 -74.16 1.43 -123.55
N ASN D 230 -72.96 1.27 -123.00
CA ASN D 230 -71.72 1.55 -123.72
C ASN D 230 -71.38 0.30 -124.52
N PHE D 231 -70.18 0.21 -125.10
CA PHE D 231 -69.84 -0.97 -125.88
C PHE D 231 -69.70 -2.27 -125.08
N PHE D 232 -69.65 -2.17 -123.76
CA PHE D 232 -69.58 -3.37 -122.92
C PHE D 232 -71.02 -3.73 -122.52
N GLY D 233 -71.97 -2.97 -123.03
CA GLY D 233 -73.38 -3.21 -122.74
C GLY D 233 -73.79 -2.85 -121.32
N GLU D 234 -72.97 -2.07 -120.62
CA GLU D 234 -73.27 -1.70 -119.24
C GLU D 234 -73.88 -0.32 -119.06
N PHE D 235 -74.53 -0.14 -117.92
CA PHE D 235 -75.16 1.12 -117.53
C PHE D 235 -75.00 1.18 -116.00
N LYS D 236 -75.21 2.34 -115.40
CA LYS D 236 -75.06 2.46 -113.96
C LYS D 236 -75.77 3.67 -113.39
N PHE D 237 -76.75 3.40 -112.53
CA PHE D 237 -77.52 4.46 -111.89
C PHE D 237 -77.04 4.61 -110.45
N ASP D 238 -76.27 5.67 -110.19
CA ASP D 238 -75.72 5.92 -108.87
C ASP D 238 -76.53 6.99 -108.13
N ALA D 239 -76.06 7.34 -106.94
CA ALA D 239 -76.69 8.35 -106.09
C ALA D 239 -78.10 7.96 -105.66
N LEU D 240 -78.37 6.66 -105.64
CA LEU D 240 -79.68 6.15 -105.26
C LEU D 240 -79.88 6.05 -103.75
N ASP D 241 -80.99 6.59 -103.27
CA ASP D 241 -81.34 6.52 -101.86
C ASP D 241 -82.00 5.15 -101.77
N ASN D 242 -82.14 4.62 -100.55
CA ASN D 242 -82.75 3.31 -100.40
C ASN D 242 -84.18 3.29 -100.92
N GLY D 243 -84.66 2.10 -101.29
CA GLY D 243 -86.01 1.97 -101.80
C GLY D 243 -86.11 0.97 -102.93
N GLU D 244 -87.34 0.64 -103.31
CA GLU D 244 -87.56 -0.30 -104.39
C GLU D 244 -87.71 0.43 -105.72
N TYR D 245 -86.94 0.01 -106.70
CA TYR D 245 -86.96 0.61 -108.04
C TYR D 245 -87.34 -0.41 -109.10
N THR D 246 -87.50 0.08 -110.33
CA THR D 246 -87.84 -0.77 -111.47
C THR D 246 -86.94 -0.39 -112.64
N VAL D 247 -86.30 -1.39 -113.24
CA VAL D 247 -85.43 -1.14 -114.38
C VAL D 247 -86.04 -1.68 -115.66
N GLU D 248 -86.23 -0.80 -116.64
CA GLU D 248 -86.81 -1.19 -117.91
C GLU D 248 -85.79 -1.05 -119.03
N ILE D 249 -85.61 -2.11 -119.79
CA ILE D 249 -84.64 -2.14 -120.87
C ILE D 249 -85.25 -2.41 -122.23
N ASP D 250 -84.77 -1.69 -123.24
CA ASP D 250 -85.25 -1.85 -124.61
C ASP D 250 -84.08 -1.84 -125.59
N ALA D 251 -83.99 -2.88 -126.42
CA ALA D 251 -82.92 -2.98 -127.40
C ALA D 251 -83.27 -3.97 -128.50
N ASP D 252 -83.36 -3.48 -129.74
CA ASP D 252 -83.66 -4.35 -130.88
C ASP D 252 -85.11 -4.84 -130.84
N GLY D 253 -86.04 -3.94 -130.55
CA GLY D 253 -87.44 -4.32 -130.48
C GLY D 253 -87.74 -5.19 -129.28
N LYS D 254 -86.68 -5.71 -128.66
CA LYS D 254 -86.80 -6.57 -127.50
C LYS D 254 -86.80 -5.73 -126.22
N SER D 255 -87.56 -6.18 -125.23
CA SER D 255 -87.63 -5.46 -123.96
C SER D 255 -87.33 -6.37 -122.79
N TYR D 256 -87.17 -5.77 -121.61
CA TYR D 256 -86.87 -6.53 -120.40
C TYR D 256 -87.04 -5.62 -119.18
N SER D 257 -87.54 -6.18 -118.08
CA SER D 257 -87.73 -5.40 -116.87
C SER D 257 -87.62 -6.28 -115.63
N ASP D 258 -87.31 -5.66 -114.51
CA ASP D 258 -87.20 -6.37 -113.24
C ASP D 258 -87.21 -5.38 -112.09
N THR D 259 -87.56 -5.85 -110.90
CA THR D 259 -87.60 -4.97 -109.74
C THR D 259 -86.30 -5.10 -108.97
N VAL D 260 -85.78 -3.99 -108.48
CA VAL D 260 -84.53 -4.01 -107.74
C VAL D 260 -84.60 -3.21 -106.45
N VAL D 261 -84.31 -3.89 -105.33
CA VAL D 261 -84.34 -3.26 -104.02
C VAL D 261 -82.98 -2.69 -103.61
N ILE D 262 -82.97 -1.43 -103.20
CA ILE D 262 -81.74 -0.77 -102.76
C ILE D 262 -81.80 -0.54 -101.25
N ASP D 263 -80.95 -1.24 -100.50
CA ASP D 263 -80.93 -1.08 -99.06
C ASP D 263 -79.51 -0.97 -98.53
N ASP D 264 -78.90 0.19 -98.75
CA ASP D 264 -77.54 0.46 -98.29
C ASP D 264 -76.55 -0.44 -99.00
N LYS D 265 -76.90 -0.87 -100.20
CA LYS D 265 -76.04 -1.72 -101.01
C LYS D 265 -76.25 -1.46 -102.48
N SER D 266 -75.18 -1.63 -103.26
CA SER D 266 -75.25 -1.44 -104.69
C SER D 266 -75.48 -2.82 -105.28
N VAL D 267 -76.27 -2.88 -106.35
CA VAL D 267 -76.61 -4.17 -106.94
C VAL D 267 -76.07 -4.36 -108.35
N ASP D 268 -75.65 -5.59 -108.62
CA ASP D 268 -75.14 -5.94 -109.94
C ASP D 268 -76.12 -6.99 -110.45
N LEU D 269 -76.98 -6.57 -111.39
CA LEU D 269 -77.96 -7.48 -111.95
C LEU D 269 -77.32 -8.57 -112.78
N GLY D 270 -76.03 -8.39 -113.10
CA GLY D 270 -75.31 -9.36 -113.90
C GLY D 270 -75.57 -9.24 -115.39
N PHE D 271 -75.39 -10.34 -116.11
CA PHE D 271 -75.64 -10.36 -117.54
C PHE D 271 -77.13 -10.53 -117.82
N ILE D 272 -77.68 -9.59 -118.59
CA ILE D 272 -79.09 -9.65 -118.97
C ILE D 272 -79.13 -10.07 -120.43
N LYS D 273 -79.48 -11.34 -120.66
CA LYS D 273 -79.51 -11.87 -122.01
C LYS D 273 -80.83 -11.64 -122.73
N LEU D 274 -80.75 -10.98 -123.88
CA LEU D 274 -81.91 -10.67 -124.68
C LEU D 274 -81.79 -11.21 -126.11
N MET E 1 30.57 -38.79 98.59
CA MET E 1 30.77 -40.22 98.97
C MET E 1 29.76 -41.15 98.31
N GLY E 2 28.90 -40.62 97.44
CA GLY E 2 27.90 -41.45 96.78
C GLY E 2 27.27 -40.90 95.51
N GLU E 3 26.12 -41.47 95.16
CA GLU E 3 25.39 -41.07 93.96
C GLU E 3 24.10 -40.30 94.27
N VAL E 4 23.48 -39.77 93.23
CA VAL E 4 22.24 -39.03 93.40
C VAL E 4 21.05 -39.99 93.37
N VAL E 5 20.22 -39.90 94.40
CA VAL E 5 19.03 -40.73 94.50
C VAL E 5 17.78 -39.86 94.40
N ARG E 6 16.81 -40.31 93.62
CA ARG E 6 15.56 -39.56 93.47
C ARG E 6 14.58 -40.11 94.52
N LEU E 7 14.09 -39.23 95.39
CA LEU E 7 13.15 -39.65 96.42
C LEU E 7 11.84 -38.88 96.33
N THR E 8 10.91 -39.21 97.22
CA THR E 8 9.62 -38.57 97.25
C THR E 8 9.30 -37.93 98.59
N ASN E 9 8.56 -36.83 98.52
CA ASN E 9 8.09 -36.12 99.70
C ASN E 9 7.01 -35.18 99.18
N SER E 10 6.41 -34.42 100.09
CA SER E 10 5.36 -33.49 99.68
C SER E 10 5.36 -32.21 100.50
N SER E 11 4.40 -31.32 100.19
CA SER E 11 4.29 -30.05 100.89
C SER E 11 2.92 -29.45 100.67
N THR E 12 2.70 -28.28 101.27
CA THR E 12 1.44 -27.57 101.14
C THR E 12 1.34 -26.94 99.75
N GLY E 13 2.39 -27.14 98.95
CA GLY E 13 2.41 -26.60 97.61
C GLY E 13 2.37 -27.73 96.58
N GLY E 14 2.31 -28.96 97.07
CA GLY E 14 2.25 -30.09 96.16
C GLY E 14 3.34 -31.11 96.40
N PRO E 15 3.18 -32.33 95.86
CA PRO E 15 4.18 -33.39 96.01
C PRO E 15 5.41 -33.01 95.21
N VAL E 16 6.54 -33.61 95.54
CA VAL E 16 7.77 -33.32 94.81
C VAL E 16 8.69 -34.53 94.76
N PHE E 17 9.52 -34.55 93.74
CA PHE E 17 10.53 -35.59 93.62
C PHE E 17 11.71 -34.85 94.25
N VAL E 18 12.44 -35.53 95.12
CA VAL E 18 13.58 -34.90 95.77
C VAL E 18 14.84 -35.67 95.42
N TYR E 19 15.81 -34.98 94.84
CA TYR E 19 17.08 -35.60 94.47
C TYR E 19 18.07 -35.37 95.59
N VAL E 20 18.57 -36.46 96.15
CA VAL E 20 19.51 -36.40 97.25
C VAL E 20 20.84 -37.10 96.95
N LYS E 21 21.93 -36.50 97.42
CA LYS E 21 23.26 -37.03 97.23
C LYS E 21 24.11 -36.76 98.46
N ASP E 22 24.68 -37.81 99.03
CA ASP E 22 25.52 -37.69 100.22
C ASP E 22 24.80 -36.96 101.36
N GLY E 23 23.53 -37.30 101.57
CA GLY E 23 22.76 -36.70 102.63
C GLY E 23 22.50 -35.22 102.45
N LYS E 24 22.44 -34.76 101.21
CA LYS E 24 22.19 -33.35 100.93
C LYS E 24 21.17 -33.18 99.81
N ILE E 25 20.19 -32.32 100.03
CA ILE E 25 19.17 -32.08 99.02
C ILE E 25 19.72 -31.23 97.89
N ILE E 26 19.70 -31.78 96.68
CA ILE E 26 20.19 -31.06 95.51
C ILE E 26 19.05 -30.26 94.90
N ARG E 27 17.91 -30.90 94.67
CA ARG E 27 16.77 -30.19 94.11
C ARG E 27 15.46 -30.88 94.43
N MET E 28 14.37 -30.16 94.18
CA MET E 28 13.02 -30.66 94.42
C MET E 28 12.18 -30.19 93.24
N THR E 29 11.55 -31.12 92.53
CA THR E 29 10.75 -30.78 91.36
C THR E 29 9.35 -31.36 91.39
N PRO E 30 8.47 -30.89 90.49
CA PRO E 30 7.10 -31.41 90.42
C PRO E 30 7.24 -32.88 90.00
N MET E 31 6.14 -33.60 89.87
CA MET E 31 6.24 -35.00 89.48
C MET E 31 5.69 -35.37 88.12
N ASP E 32 6.50 -36.09 87.35
CA ASP E 32 6.08 -36.61 86.09
C ASP E 32 5.68 -38.06 86.19
N PHE E 33 4.51 -38.41 85.70
CA PHE E 33 4.03 -39.77 85.80
C PHE E 33 4.77 -40.69 84.84
N ASP E 34 4.75 -41.99 85.16
CA ASP E 34 5.41 -43.01 84.34
C ASP E 34 4.31 -43.94 83.84
N ASP E 35 3.75 -43.63 82.68
CA ASP E 35 2.67 -44.41 82.09
C ASP E 35 2.85 -45.93 82.08
N ALA E 36 4.05 -46.40 82.39
CA ALA E 36 4.29 -47.84 82.41
C ALA E 36 3.85 -48.42 83.75
N VAL E 37 3.80 -47.56 84.77
CA VAL E 37 3.41 -48.00 86.10
C VAL E 37 2.29 -47.19 86.76
N ASP E 38 2.07 -45.96 86.30
CA ASP E 38 1.03 -45.11 86.88
C ASP E 38 -0.24 -45.13 86.04
N ALA E 39 -1.36 -45.45 86.70
CA ALA E 39 -2.67 -45.52 86.06
C ALA E 39 -2.99 -44.32 85.17
N PRO E 40 -3.84 -44.54 84.14
CA PRO E 40 -4.28 -43.52 83.18
C PRO E 40 -5.22 -42.47 83.79
N SER E 41 -5.24 -41.28 83.20
CA SER E 41 -6.08 -40.20 83.69
C SER E 41 -7.53 -40.29 83.21
N TRP E 42 -8.39 -39.48 83.82
CA TRP E 42 -9.79 -39.44 83.46
C TRP E 42 -9.92 -38.62 82.20
N LYS E 43 -11.11 -38.64 81.62
CA LYS E 43 -11.38 -37.87 80.40
C LYS E 43 -12.80 -37.34 80.53
N ILE E 44 -13.05 -36.19 79.89
CA ILE E 44 -14.37 -35.58 79.92
C ILE E 44 -14.75 -35.11 78.51
N GLU E 45 -15.79 -35.71 77.94
CA GLU E 45 -16.25 -35.31 76.62
C GLU E 45 -17.28 -34.21 76.77
N ALA E 46 -17.03 -33.07 76.12
CA ALA E 46 -17.94 -31.94 76.20
C ALA E 46 -17.85 -31.09 74.95
N ARG E 47 -19.00 -30.57 74.53
CA ARG E 47 -19.11 -29.73 73.34
C ARG E 47 -18.20 -30.15 72.18
N GLY E 48 -18.22 -31.44 71.87
CA GLY E 48 -17.42 -31.95 70.76
C GLY E 48 -15.95 -32.24 71.03
N LYS E 49 -15.40 -31.65 72.10
CA LYS E 49 -14.00 -31.85 72.42
C LYS E 49 -13.81 -32.86 73.55
N THR E 50 -12.59 -33.36 73.68
CA THR E 50 -12.25 -34.29 74.74
C THR E 50 -11.20 -33.60 75.61
N PHE E 51 -11.41 -33.61 76.92
CA PHE E 51 -10.48 -32.96 77.84
C PHE E 51 -9.91 -33.97 78.83
N THR E 52 -8.59 -34.00 78.91
CA THR E 52 -7.88 -34.90 79.80
C THR E 52 -6.71 -34.11 80.39
N PRO E 53 -6.32 -34.43 81.64
CA PRO E 53 -5.21 -33.74 82.31
C PRO E 53 -3.81 -34.15 81.92
N PRO E 54 -2.82 -33.30 82.25
CA PRO E 54 -1.42 -33.58 81.94
C PRO E 54 -0.94 -34.67 82.89
N ARG E 55 -0.04 -35.54 82.42
CA ARG E 55 0.49 -36.62 83.23
C ARG E 55 1.54 -36.04 84.17
N LYS E 56 1.15 -35.04 84.94
CA LYS E 56 2.09 -34.39 85.83
C LYS E 56 1.43 -33.58 86.97
N THR E 57 2.17 -33.38 88.05
CA THR E 57 1.68 -32.61 89.18
C THR E 57 2.26 -31.22 89.01
N SER E 58 1.77 -30.27 89.81
CA SER E 58 2.25 -28.90 89.75
C SER E 58 2.56 -28.46 91.17
N ILE E 59 3.37 -27.41 91.30
CA ILE E 59 3.73 -26.91 92.63
C ILE E 59 3.52 -25.42 92.75
N ALA E 60 3.56 -24.93 93.98
CA ALA E 60 3.40 -23.50 94.23
C ALA E 60 4.79 -22.87 94.36
N PRO E 61 4.87 -21.54 94.32
CA PRO E 61 6.14 -20.81 94.43
C PRO E 61 6.95 -21.16 95.68
N TYR E 62 6.29 -21.14 96.83
CA TYR E 62 6.94 -21.43 98.10
C TYR E 62 7.40 -22.88 98.26
N THR E 63 7.08 -23.72 97.28
CA THR E 63 7.53 -25.11 97.32
C THR E 63 8.69 -25.23 96.35
N ALA E 64 8.67 -24.41 95.30
CA ALA E 64 9.73 -24.42 94.29
C ALA E 64 11.07 -24.09 94.95
N GLY E 65 11.03 -23.22 95.96
CA GLY E 65 12.25 -22.84 96.65
C GLY E 65 12.20 -23.17 98.13
N PHE E 66 11.56 -24.29 98.48
CA PHE E 66 11.44 -24.70 99.87
C PHE E 66 12.77 -25.14 100.47
N LYS E 67 13.71 -25.54 99.62
CA LYS E 67 15.01 -25.97 100.10
C LYS E 67 15.70 -24.86 100.89
N SER E 68 15.45 -23.62 100.52
CA SER E 68 16.05 -22.47 101.20
C SER E 68 15.43 -22.25 102.57
N MET E 69 14.34 -22.96 102.86
CA MET E 69 13.69 -22.85 104.16
C MET E 69 14.22 -23.96 105.05
N ILE E 70 14.49 -25.11 104.44
CA ILE E 70 15.03 -26.24 105.16
C ILE E 70 16.42 -25.89 105.70
N TYR E 71 17.23 -25.23 104.87
CA TYR E 71 18.58 -24.86 105.26
C TYR E 71 18.72 -23.41 105.71
N SER E 72 17.60 -22.75 105.97
CA SER E 72 17.62 -21.36 106.40
C SER E 72 18.56 -21.14 107.59
N ASP E 73 19.16 -19.96 107.68
CA ASP E 73 20.06 -19.67 108.79
C ASP E 73 19.26 -19.10 109.97
N LEU E 74 17.95 -18.95 109.78
CA LEU E 74 17.06 -18.46 110.83
C LEU E 74 16.41 -19.69 111.48
N ARG E 75 16.89 -20.85 111.05
CA ARG E 75 16.44 -22.14 111.54
C ARG E 75 16.89 -22.20 113.01
N ILE E 76 16.05 -22.69 113.91
CA ILE E 76 16.43 -22.78 115.32
C ILE E 76 17.50 -23.86 115.38
N PRO E 77 18.73 -23.48 115.79
CA PRO E 77 19.92 -24.32 115.92
C PRO E 77 19.87 -25.48 116.88
N TYR E 78 19.36 -25.21 118.07
CA TYR E 78 19.32 -26.21 119.13
C TYR E 78 18.46 -25.65 120.26
N PRO E 79 18.32 -26.39 121.36
CA PRO E 79 17.52 -25.90 122.49
C PRO E 79 18.09 -24.58 123.03
N MET E 80 17.22 -23.59 123.20
CA MET E 80 17.62 -22.29 123.69
C MET E 80 16.85 -21.90 124.93
N LYS E 81 17.48 -21.11 125.77
CA LYS E 81 16.85 -20.63 127.01
C LYS E 81 17.05 -19.13 127.12
N ARG E 82 16.04 -18.44 127.64
CA ARG E 82 16.13 -16.99 127.84
C ARG E 82 17.08 -16.76 129.02
N LYS E 83 18.09 -15.93 128.81
CA LYS E 83 19.10 -15.66 129.84
C LYS E 83 18.52 -15.12 131.15
N SER E 84 17.60 -14.18 131.03
CA SER E 84 16.98 -13.52 132.18
C SER E 84 15.90 -14.35 132.88
N PHE E 85 15.68 -15.56 132.40
CA PHE E 85 14.67 -16.41 133.01
C PHE E 85 15.26 -17.44 133.95
N ASP E 86 14.92 -17.34 135.24
CA ASP E 86 15.41 -18.29 136.24
C ASP E 86 14.23 -19.03 136.88
N PRO E 87 14.03 -20.31 136.53
CA PRO E 87 12.94 -21.13 137.08
C PRO E 87 12.89 -21.11 138.60
N ASN E 88 14.05 -21.26 139.23
CA ASN E 88 14.09 -21.28 140.70
C ASN E 88 14.38 -19.91 141.31
N GLY E 89 14.16 -18.85 140.54
CA GLY E 89 14.41 -17.50 141.04
C GLY E 89 13.63 -16.43 140.32
N GLU E 90 14.33 -15.38 139.89
CA GLU E 90 13.69 -14.27 139.17
C GLU E 90 13.29 -14.69 137.76
N ARG E 91 11.98 -14.80 137.53
CA ARG E 91 11.51 -15.21 136.21
C ARG E 91 11.57 -14.05 135.22
N ASN E 92 11.49 -12.83 135.74
CA ASN E 92 11.56 -11.63 134.92
C ASN E 92 10.64 -11.65 133.72
N PRO E 93 9.33 -11.80 133.97
CA PRO E 93 8.35 -11.84 132.87
C PRO E 93 8.47 -10.58 132.01
N GLN E 94 8.67 -9.45 132.70
CA GLN E 94 8.76 -8.16 132.04
C GLN E 94 9.89 -8.09 131.02
N LEU E 95 10.74 -9.10 130.99
CA LEU E 95 11.87 -9.11 130.06
C LEU E 95 11.74 -9.99 128.82
N ARG E 96 10.56 -10.58 128.60
CA ARG E 96 10.36 -11.39 127.42
C ARG E 96 10.30 -10.50 126.19
N GLY E 97 11.16 -10.79 125.21
CA GLY E 97 11.20 -9.97 124.01
C GLY E 97 12.00 -8.71 124.20
N ALA E 98 12.76 -8.63 125.30
CA ALA E 98 13.57 -7.45 125.59
C ALA E 98 14.56 -7.24 124.45
N GLY E 99 15.13 -8.35 123.97
CA GLY E 99 16.07 -8.27 122.88
C GLY E 99 15.39 -7.74 121.64
N LEU E 100 14.13 -8.15 121.44
CA LEU E 100 13.38 -7.72 120.28
C LEU E 100 13.18 -6.21 120.40
N SER E 101 13.07 -5.73 121.64
CA SER E 101 12.89 -4.30 121.91
C SER E 101 14.15 -3.51 121.61
N LYS E 102 15.29 -4.19 121.56
CA LYS E 102 16.53 -3.50 121.26
C LYS E 102 17.08 -4.00 119.92
N GLN E 103 16.18 -4.47 119.08
CA GLN E 103 16.54 -4.97 117.76
C GLN E 103 17.68 -5.98 117.76
N ASP E 104 17.71 -6.85 118.77
CA ASP E 104 18.74 -7.88 118.85
C ASP E 104 18.20 -9.15 119.51
N PRO E 105 17.15 -9.75 118.90
CA PRO E 105 16.44 -10.96 119.32
C PRO E 105 17.29 -12.10 119.87
N TRP E 106 18.29 -12.54 119.11
CA TRP E 106 19.13 -13.64 119.56
C TRP E 106 19.88 -13.40 120.88
N SER E 107 20.33 -12.17 121.08
CA SER E 107 21.09 -11.83 122.28
C SER E 107 20.36 -12.23 123.56
N ASP E 108 19.05 -12.45 123.46
CA ASP E 108 18.23 -12.85 124.61
C ASP E 108 18.40 -14.30 125.06
N TYR E 109 18.86 -15.16 124.16
CA TYR E 109 18.96 -16.58 124.51
C TYR E 109 20.33 -17.22 124.59
N GLU E 110 20.39 -18.31 125.33
CA GLU E 110 21.62 -19.07 125.50
C GLU E 110 21.33 -20.51 125.15
N ARG E 111 22.36 -21.22 124.72
CA ARG E 111 22.23 -22.61 124.33
C ARG E 111 22.24 -23.58 125.50
N ILE E 112 21.33 -24.55 125.47
CA ILE E 112 21.25 -25.59 126.49
C ILE E 112 20.90 -26.88 125.76
N SER E 113 21.19 -28.01 126.40
CA SER E 113 20.91 -29.30 125.82
C SER E 113 19.42 -29.67 125.85
N TRP E 114 19.09 -30.77 125.17
CA TRP E 114 17.73 -31.26 125.13
C TRP E 114 17.36 -31.76 126.52
N ASP E 115 18.26 -32.55 127.11
CA ASP E 115 18.04 -33.11 128.43
C ASP E 115 17.71 -32.05 129.49
N GLU E 116 18.42 -30.93 129.48
CA GLU E 116 18.15 -29.88 130.47
C GLU E 116 16.87 -29.13 130.13
N ALA E 117 16.68 -28.84 128.83
CA ALA E 117 15.50 -28.12 128.38
C ALA E 117 14.22 -28.87 128.76
N THR E 118 14.18 -30.18 128.48
CA THR E 118 13.00 -30.97 128.80
C THR E 118 12.80 -31.13 130.32
N ASP E 119 13.89 -31.17 131.08
CA ASP E 119 13.75 -31.30 132.53
C ASP E 119 13.08 -30.04 133.06
N ILE E 120 13.44 -28.89 132.48
CA ILE E 120 12.88 -27.61 132.88
C ILE E 120 11.39 -27.56 132.56
N VAL E 121 11.04 -27.92 131.34
CA VAL E 121 9.63 -27.90 130.93
C VAL E 121 8.82 -28.87 131.78
N VAL E 122 9.34 -30.08 131.96
CA VAL E 122 8.67 -31.09 132.77
C VAL E 122 8.45 -30.55 134.18
N ALA E 123 9.51 -30.02 134.78
CA ALA E 123 9.41 -29.47 136.13
C ALA E 123 8.32 -28.41 136.22
N GLU E 124 8.11 -27.66 135.13
CA GLU E 124 7.08 -26.62 135.13
C GLU E 124 5.69 -27.23 134.97
N ILE E 125 5.61 -28.28 134.15
CA ILE E 125 4.34 -28.95 133.90
C ILE E 125 3.81 -29.58 135.18
N ASN E 126 4.68 -30.28 135.90
CA ASN E 126 4.28 -30.94 137.13
C ASN E 126 3.92 -30.01 138.28
N ARG E 127 4.68 -28.94 138.46
CA ARG E 127 4.38 -27.99 139.53
C ARG E 127 2.99 -27.39 139.30
N ILE E 128 2.76 -26.90 138.09
CA ILE E 128 1.50 -26.27 137.73
C ILE E 128 0.32 -27.25 137.79
N LYS E 129 0.52 -28.50 137.38
CA LYS E 129 -0.57 -29.47 137.42
C LYS E 129 -1.02 -29.77 138.86
N HIS E 130 -0.08 -29.88 139.78
CA HIS E 130 -0.43 -30.18 141.16
C HIS E 130 -0.92 -28.99 141.96
N ALA E 131 -0.56 -27.79 141.53
CA ALA E 131 -1.00 -26.60 142.26
C ALA E 131 -2.24 -25.99 141.64
N TYR E 132 -2.40 -26.16 140.32
CA TYR E 132 -3.54 -25.61 139.62
C TYR E 132 -4.32 -26.60 138.77
N GLY E 133 -3.63 -27.61 138.25
CA GLY E 133 -4.29 -28.59 137.40
C GLY E 133 -3.98 -28.37 135.94
N PRO E 134 -4.24 -29.36 135.06
CA PRO E 134 -3.98 -29.30 133.62
C PRO E 134 -4.51 -28.07 132.89
N SER E 135 -5.60 -27.49 133.37
CA SER E 135 -6.17 -26.32 132.70
C SER E 135 -5.28 -25.09 132.77
N ALA E 136 -4.41 -25.02 133.78
CA ALA E 136 -3.51 -23.88 133.93
C ALA E 136 -2.45 -23.90 132.83
N ILE E 137 -2.38 -25.01 132.11
CA ILE E 137 -1.44 -25.15 131.01
C ILE E 137 -2.14 -24.85 129.70
N LEU E 138 -1.79 -23.71 129.12
CA LEU E 138 -2.35 -23.28 127.85
C LEU E 138 -1.47 -23.72 126.70
N SER E 139 -2.09 -23.94 125.54
CA SER E 139 -1.32 -24.37 124.37
C SER E 139 -2.09 -24.15 123.08
N THR E 140 -1.36 -23.86 122.02
CA THR E 140 -2.00 -23.68 120.74
C THR E 140 -1.04 -23.63 119.57
N PRO E 141 -1.29 -24.45 118.55
CA PRO E 141 -0.46 -24.50 117.34
C PRO E 141 -1.13 -23.41 116.51
N SER E 142 -1.25 -23.62 115.21
CA SER E 142 -1.95 -22.63 114.40
C SER E 142 -2.72 -23.35 113.32
N SER E 143 -3.33 -22.60 112.40
CA SER E 143 -4.12 -23.23 111.37
C SER E 143 -3.35 -24.21 110.51
N HIS E 144 -2.17 -23.83 110.05
CA HIS E 144 -1.41 -24.73 109.20
C HIS E 144 -0.21 -25.42 109.79
N HIS E 145 0.34 -26.37 109.04
CA HIS E 145 1.41 -27.19 109.55
C HIS E 145 2.17 -27.82 108.38
N MET E 146 3.37 -28.34 108.64
CA MET E 146 4.15 -29.00 107.58
C MET E 146 3.31 -30.18 107.07
N TRP E 147 3.30 -30.39 105.76
CA TRP E 147 2.52 -31.47 105.19
C TRP E 147 2.99 -32.79 105.80
N GLY E 148 2.03 -33.67 106.06
CA GLY E 148 2.34 -34.96 106.65
C GLY E 148 1.16 -35.37 107.52
N ASN E 149 0.47 -36.42 107.12
CA ASN E 149 -0.70 -36.87 107.87
C ASN E 149 -0.43 -37.37 109.29
N VAL E 150 0.59 -38.19 109.46
CA VAL E 150 0.90 -38.72 110.80
C VAL E 150 1.43 -37.67 111.76
N GLY E 151 2.21 -36.72 111.26
CA GLY E 151 2.78 -35.71 112.15
C GLY E 151 2.01 -34.41 112.25
N TYR E 152 0.95 -34.28 111.46
CA TYR E 152 0.15 -33.05 111.48
C TYR E 152 -0.31 -32.75 112.90
N ARG E 153 -0.73 -31.51 113.14
CA ARG E 153 -1.17 -31.11 114.47
C ARG E 153 -2.40 -31.87 114.97
N HIS E 154 -3.28 -32.26 114.04
CA HIS E 154 -4.49 -33.02 114.41
C HIS E 154 -4.14 -34.41 114.89
N SER E 155 -2.92 -34.86 114.57
CA SER E 155 -2.46 -36.20 114.91
C SER E 155 -1.47 -36.32 116.07
N THR E 156 -0.21 -36.00 115.80
CA THR E 156 0.85 -36.10 116.82
C THR E 156 0.68 -35.10 117.98
N TYR E 157 0.39 -33.86 117.64
CA TYR E 157 0.21 -32.81 118.62
C TYR E 157 -0.89 -33.21 119.63
N PHE E 158 -2.10 -33.43 119.12
CA PHE E 158 -3.22 -33.82 119.99
C PHE E 158 -3.00 -35.10 120.78
N ARG E 159 -2.40 -36.11 120.14
CA ARG E 159 -2.18 -37.37 120.85
C ARG E 159 -1.39 -37.18 122.13
N PHE E 160 -0.28 -36.45 122.04
CA PHE E 160 0.55 -36.17 123.22
C PHE E 160 -0.13 -35.18 124.16
N MET E 161 -0.52 -34.02 123.63
CA MET E 161 -1.16 -32.99 124.45
C MET E 161 -2.43 -33.41 125.20
N ASN E 162 -3.24 -34.28 124.60
CA ASN E 162 -4.46 -34.77 125.26
C ASN E 162 -4.05 -35.65 126.43
N MET E 163 -2.83 -36.14 126.37
CA MET E 163 -2.29 -37.03 127.39
C MET E 163 -1.49 -36.29 128.47
N MET E 164 -1.33 -34.98 128.31
CA MET E 164 -0.54 -34.17 129.24
C MET E 164 -1.31 -33.07 129.99
N GLY E 165 -1.94 -32.16 129.25
CA GLY E 165 -2.70 -31.07 129.85
C GLY E 165 -4.19 -31.23 129.57
N PHE E 166 -4.90 -30.17 129.16
CA PHE E 166 -4.36 -28.83 128.91
C PHE E 166 -5.52 -27.94 128.45
N THR E 167 -5.30 -26.64 128.35
CA THR E 167 -6.34 -25.73 127.89
C THR E 167 -5.99 -25.33 126.46
N TYR E 168 -6.87 -25.67 125.54
CA TYR E 168 -6.64 -25.37 124.14
C TYR E 168 -7.22 -24.05 123.74
N ALA E 169 -6.47 -23.27 122.97
CA ALA E 169 -6.97 -21.99 122.47
C ALA E 169 -7.52 -22.36 121.09
N ASP E 170 -8.75 -22.90 121.08
CA ASP E 170 -9.39 -23.33 119.86
C ASP E 170 -9.41 -22.27 118.76
N HIS E 171 -9.02 -22.67 117.56
CA HIS E 171 -8.96 -21.75 116.43
C HIS E 171 -10.34 -21.36 115.96
N ASN E 172 -10.48 -20.09 115.61
CA ASN E 172 -11.74 -19.57 115.09
C ASN E 172 -11.73 -20.02 113.62
N PRO E 173 -12.91 -20.35 113.06
CA PRO E 173 -12.95 -20.79 111.67
C PRO E 173 -12.56 -19.64 110.75
N ASP E 174 -11.30 -19.22 110.84
CA ASP E 174 -10.75 -18.10 110.06
C ASP E 174 -11.06 -18.13 108.57
N SER E 175 -10.83 -19.27 107.93
CA SER E 175 -11.06 -19.43 106.51
C SER E 175 -12.52 -19.27 106.13
N TRP E 176 -13.41 -19.72 107.03
CA TRP E 176 -14.85 -19.69 106.82
C TRP E 176 -15.62 -18.47 107.32
N GLU E 177 -15.22 -17.92 108.45
CA GLU E 177 -15.88 -16.77 109.07
C GLU E 177 -17.31 -16.46 108.58
N GLY E 178 -17.42 -15.61 107.56
CA GLY E 178 -18.72 -15.26 107.02
C GLY E 178 -19.65 -16.42 106.72
N TRP E 179 -19.14 -17.52 106.17
CA TRP E 179 -19.99 -18.67 105.87
C TRP E 179 -20.38 -19.39 107.15
N HIS E 180 -19.42 -19.49 108.06
CA HIS E 180 -19.61 -20.16 109.34
C HIS E 180 -20.64 -19.46 110.24
N TRP E 181 -20.38 -18.20 110.59
CA TRP E 181 -21.30 -17.46 111.45
C TRP E 181 -22.46 -16.86 110.67
N GLY E 182 -22.40 -16.95 109.34
CA GLY E 182 -23.47 -16.36 108.54
C GLY E 182 -24.26 -17.26 107.60
N GLY E 183 -23.59 -17.84 106.61
CA GLY E 183 -24.27 -18.70 105.66
C GLY E 183 -24.89 -19.95 106.25
N MET E 184 -24.22 -20.53 107.24
CA MET E 184 -24.70 -21.74 107.89
C MET E 184 -26.17 -21.61 108.32
N HIS E 185 -26.55 -20.44 108.80
CA HIS E 185 -27.91 -20.18 109.24
C HIS E 185 -28.89 -20.06 108.07
N MET E 186 -28.35 -19.76 106.89
CA MET E 186 -29.18 -19.60 105.71
C MET E 186 -29.38 -20.91 104.94
N TRP E 187 -28.37 -21.77 104.90
CA TRP E 187 -28.50 -23.03 104.17
C TRP E 187 -27.85 -24.26 104.77
N GLY E 188 -27.42 -24.18 106.03
CA GLY E 188 -26.80 -25.33 106.66
C GLY E 188 -25.34 -25.54 106.30
N PHE E 189 -24.99 -26.75 105.87
CA PHE E 189 -23.62 -27.10 105.50
C PHE E 189 -22.67 -26.89 106.68
N SER E 190 -23.16 -27.19 107.88
CA SER E 190 -22.34 -27.01 109.08
C SER E 190 -21.08 -27.88 109.02
N TRP E 191 -21.21 -29.10 108.49
CA TRP E 191 -20.07 -30.01 108.40
C TRP E 191 -19.00 -29.50 107.42
N ARG E 192 -19.29 -28.41 106.75
CA ARG E 192 -18.34 -27.82 105.83
C ARG E 192 -18.16 -26.37 106.28
N LEU E 193 -18.46 -26.14 107.55
CA LEU E 193 -18.40 -24.83 108.19
C LEU E 193 -19.01 -23.73 107.34
N GLY E 194 -20.11 -24.06 106.67
CA GLY E 194 -20.80 -23.09 105.84
C GLY E 194 -20.55 -23.14 104.34
N ASN E 195 -19.47 -23.78 103.90
CA ASN E 195 -19.16 -23.85 102.47
C ASN E 195 -19.98 -24.90 101.73
N PRO E 196 -20.07 -24.76 100.40
CA PRO E 196 -20.81 -25.69 99.56
C PRO E 196 -20.11 -26.92 99.06
N GLU E 197 -20.94 -27.89 98.72
CA GLU E 197 -20.55 -29.17 98.16
C GLU E 197 -20.06 -28.79 96.74
N GLN E 198 -19.15 -29.55 96.15
CA GLN E 198 -18.66 -29.21 94.81
C GLN E 198 -18.46 -30.40 93.85
N TYR E 199 -18.83 -31.61 94.27
CA TYR E 199 -18.65 -32.81 93.44
C TYR E 199 -19.14 -32.74 92.00
N ASP E 200 -18.35 -33.31 91.09
CA ASP E 200 -18.65 -33.40 89.66
C ASP E 200 -19.09 -32.11 88.97
N LEU E 201 -18.51 -30.99 89.35
CA LEU E 201 -18.87 -29.73 88.72
C LEU E 201 -18.05 -29.39 87.48
N LEU E 202 -16.87 -29.99 87.35
CA LEU E 202 -16.02 -29.71 86.19
C LEU E 202 -16.71 -30.09 84.89
N GLU E 203 -17.16 -31.34 84.77
CA GLU E 203 -17.84 -31.76 83.55
C GLU E 203 -19.06 -30.90 83.32
N ASP E 204 -19.81 -30.63 84.38
CA ASP E 204 -21.01 -29.81 84.27
C ASP E 204 -20.67 -28.46 83.64
N GLY E 205 -19.61 -27.83 84.13
CA GLY E 205 -19.19 -26.54 83.62
C GLY E 205 -18.68 -26.58 82.20
N LEU E 206 -17.87 -27.60 81.89
CA LEU E 206 -17.33 -27.71 80.54
C LEU E 206 -18.46 -27.89 79.52
N LYS E 207 -19.55 -28.54 79.95
CA LYS E 207 -20.69 -28.77 79.07
C LYS E 207 -21.67 -27.62 78.97
N HIS E 208 -21.97 -26.98 80.11
CA HIS E 208 -22.96 -25.91 80.11
C HIS E 208 -22.52 -24.50 80.42
N ALA E 209 -21.35 -24.33 81.04
CA ALA E 209 -20.88 -22.99 81.41
C ALA E 209 -20.78 -21.99 80.26
N GLU E 210 -21.26 -20.77 80.49
CA GLU E 210 -21.18 -19.72 79.48
C GLU E 210 -20.46 -18.51 80.07
N MET E 211 -20.58 -18.36 81.38
CA MET E 211 -19.95 -17.27 82.10
C MET E 211 -19.68 -17.68 83.54
N ILE E 212 -18.63 -17.11 84.11
CA ILE E 212 -18.27 -17.40 85.48
C ILE E 212 -17.96 -16.10 86.18
N VAL E 213 -18.55 -15.91 87.35
CA VAL E 213 -18.31 -14.71 88.12
C VAL E 213 -17.40 -15.07 89.28
N PHE E 214 -16.17 -14.58 89.22
CA PHE E 214 -15.18 -14.80 90.26
C PHE E 214 -15.35 -13.62 91.23
N TRP E 215 -16.06 -13.89 92.33
CA TRP E 215 -16.32 -12.87 93.35
C TRP E 215 -15.42 -13.18 94.54
N SER E 216 -14.45 -12.31 94.80
CA SER E 216 -13.50 -12.50 95.90
C SER E 216 -12.76 -13.80 95.68
N SER E 217 -12.47 -14.09 94.40
CA SER E 217 -11.80 -15.33 94.03
C SER E 217 -10.58 -15.11 93.13
N ASP E 218 -9.45 -15.67 93.57
CA ASP E 218 -8.19 -15.60 92.84
C ASP E 218 -7.63 -17.01 92.85
N PRO E 219 -8.21 -17.92 92.03
CA PRO E 219 -7.79 -19.32 91.94
C PRO E 219 -6.31 -19.54 91.67
N GLU E 220 -5.73 -18.81 90.72
CA GLU E 220 -4.31 -18.99 90.41
C GLU E 220 -3.45 -18.86 91.67
N THR E 221 -3.75 -17.85 92.49
CA THR E 221 -2.99 -17.59 93.71
C THR E 221 -3.29 -18.57 94.83
N ASN E 222 -4.56 -18.74 95.16
CA ASN E 222 -4.95 -19.61 96.25
C ASN E 222 -5.09 -21.10 95.90
N SER E 223 -5.36 -21.38 94.62
CA SER E 223 -5.52 -22.75 94.13
C SER E 223 -6.55 -23.53 94.95
N GLY E 224 -7.41 -22.80 95.65
CA GLY E 224 -8.37 -23.45 96.51
C GLY E 224 -7.51 -23.55 97.75
N ILE E 225 -6.64 -24.56 97.76
CA ILE E 225 -5.69 -24.76 98.84
C ILE E 225 -4.91 -26.05 98.64
N TYR E 226 -3.60 -25.99 98.86
CA TYR E 226 -2.70 -27.13 98.74
C TYR E 226 -2.56 -27.75 97.35
N ALA E 227 -2.97 -27.05 96.28
CA ALA E 227 -2.88 -27.66 94.96
C ALA E 227 -2.05 -26.97 93.87
N GLY E 228 -0.95 -26.34 94.25
CA GLY E 228 -0.10 -25.67 93.27
C GLY E 228 -0.87 -24.97 92.17
N PHE E 229 -0.73 -25.44 90.94
CA PHE E 229 -1.45 -24.84 89.81
C PHE E 229 -2.22 -25.89 89.02
N GLU E 230 -2.82 -26.82 89.74
CA GLU E 230 -3.58 -27.91 89.14
C GLU E 230 -4.76 -27.46 88.27
N SER E 231 -5.49 -26.43 88.71
CA SER E 231 -6.66 -25.97 87.98
C SER E 231 -6.40 -25.02 86.82
N ASN E 232 -5.18 -24.54 86.66
CA ASN E 232 -4.88 -23.60 85.59
C ASN E 232 -5.31 -24.08 84.19
N ILE E 233 -5.09 -25.34 83.88
CA ILE E 233 -5.44 -25.87 82.58
C ILE E 233 -6.96 -25.87 82.34
N ARG E 234 -7.72 -26.11 83.41
CA ARG E 234 -9.17 -26.14 83.33
C ARG E 234 -9.74 -24.80 82.88
N ARG E 235 -9.23 -23.71 83.44
CA ARG E 235 -9.71 -22.39 83.07
C ARG E 235 -9.31 -22.07 81.63
N GLN E 236 -8.27 -22.74 81.15
CA GLN E 236 -7.84 -22.54 79.77
C GLN E 236 -8.91 -23.16 78.86
N TRP E 237 -9.31 -24.39 79.19
CA TRP E 237 -10.35 -25.07 78.42
C TRP E 237 -11.62 -24.23 78.34
N LEU E 238 -12.01 -23.68 79.47
CA LEU E 238 -13.21 -22.85 79.55
C LEU E 238 -13.09 -21.59 78.68
N LYS E 239 -11.93 -20.93 78.77
CA LYS E 239 -11.70 -19.72 78.01
C LYS E 239 -11.81 -19.97 76.51
N ASP E 240 -11.29 -21.13 76.07
CA ASP E 240 -11.32 -21.46 74.65
C ASP E 240 -12.69 -21.96 74.20
N LEU E 241 -13.59 -22.18 75.16
CA LEU E 241 -14.95 -22.62 74.85
C LEU E 241 -15.88 -21.41 74.77
N GLY E 242 -15.31 -20.22 74.85
CA GLY E 242 -16.11 -19.01 74.77
C GLY E 242 -16.62 -18.48 76.10
N VAL E 243 -16.37 -19.22 77.18
CA VAL E 243 -16.83 -18.82 78.52
C VAL E 243 -16.28 -17.48 78.97
N ASP E 244 -17.18 -16.55 79.32
CA ASP E 244 -16.78 -15.23 79.79
C ASP E 244 -16.37 -15.24 81.25
N PHE E 245 -15.30 -14.50 81.57
CA PHE E 245 -14.78 -14.40 82.93
C PHE E 245 -14.88 -12.98 83.47
N VAL E 246 -15.64 -12.83 84.55
CA VAL E 246 -15.82 -11.52 85.20
C VAL E 246 -15.29 -11.62 86.63
N PHE E 247 -14.62 -10.57 87.10
CA PHE E 247 -14.06 -10.56 88.44
C PHE E 247 -14.50 -9.36 89.27
N ILE E 248 -14.90 -9.64 90.51
CA ILE E 248 -15.31 -8.61 91.46
C ILE E 248 -14.31 -8.74 92.60
N ASP E 249 -13.39 -7.78 92.69
CA ASP E 249 -12.33 -7.79 93.68
C ASP E 249 -11.75 -6.38 93.81
N PRO E 250 -11.55 -5.89 95.05
CA PRO E 250 -11.00 -4.54 95.22
C PRO E 250 -9.67 -4.45 94.52
N HIS E 251 -8.97 -5.58 94.49
CA HIS E 251 -7.67 -5.67 93.85
C HIS E 251 -7.74 -6.56 92.62
N MET E 252 -7.26 -6.06 91.48
CA MET E 252 -7.23 -6.85 90.26
C MET E 252 -6.27 -8.00 90.55
N ASN E 253 -6.80 -9.06 91.15
CA ASN E 253 -5.99 -10.21 91.54
C ASN E 253 -5.24 -10.89 90.41
N HIS E 254 -4.40 -11.85 90.77
CA HIS E 254 -3.55 -12.56 89.82
C HIS E 254 -4.27 -13.42 88.78
N THR E 255 -5.44 -13.95 89.13
CA THR E 255 -6.18 -14.75 88.17
C THR E 255 -6.76 -13.77 87.17
N ALA E 256 -7.31 -12.67 87.68
CA ALA E 256 -7.90 -11.64 86.84
C ALA E 256 -6.85 -11.02 85.90
N ARG E 257 -5.66 -10.77 86.43
CA ARG E 257 -4.60 -10.17 85.61
C ARG E 257 -4.29 -11.06 84.40
N LEU E 258 -4.55 -12.36 84.57
CA LEU E 258 -4.29 -13.35 83.52
C LEU E 258 -5.41 -13.62 82.53
N VAL E 259 -6.63 -13.82 83.02
CA VAL E 259 -7.74 -14.16 82.14
C VAL E 259 -9.07 -13.43 82.33
N ALA E 260 -9.04 -12.22 82.86
CA ALA E 260 -10.27 -11.50 83.10
C ALA E 260 -10.80 -10.79 81.86
N ASP E 261 -12.12 -10.86 81.66
CA ASP E 261 -12.77 -10.20 80.54
C ASP E 261 -13.29 -8.86 81.06
N LYS E 262 -13.47 -8.78 82.37
CA LYS E 262 -13.94 -7.56 83.02
C LYS E 262 -13.61 -7.64 84.50
N TRP E 263 -13.21 -6.51 85.08
CA TRP E 263 -12.85 -6.44 86.49
C TRP E 263 -13.58 -5.31 87.21
N PHE E 264 -14.25 -5.67 88.30
CA PHE E 264 -14.97 -4.69 89.13
C PHE E 264 -14.17 -4.51 90.40
N SER E 265 -13.99 -3.26 90.83
CA SER E 265 -13.23 -2.97 92.04
C SER E 265 -14.09 -2.31 93.11
N PRO E 266 -14.80 -3.11 93.91
CA PRO E 266 -15.63 -2.50 94.96
C PRO E 266 -14.82 -2.01 96.17
N LYS E 267 -15.25 -0.89 96.74
CA LYS E 267 -14.59 -0.35 97.93
C LYS E 267 -14.71 -1.40 99.03
N ILE E 268 -13.74 -1.47 99.93
CA ILE E 268 -13.80 -2.46 101.00
C ILE E 268 -15.13 -2.41 101.72
N GLY E 269 -15.67 -3.60 102.02
CA GLY E 269 -16.93 -3.71 102.71
C GLY E 269 -18.21 -3.31 102.01
N THR E 270 -18.21 -3.24 100.67
CA THR E 270 -19.42 -2.85 99.94
C THR E 270 -19.94 -3.89 98.93
N ASP E 271 -19.40 -5.10 98.97
CA ASP E 271 -19.84 -6.16 98.05
C ASP E 271 -21.33 -6.46 98.08
N HIS E 272 -21.86 -6.64 99.28
CA HIS E 272 -23.29 -6.96 99.40
C HIS E 272 -24.18 -5.87 98.83
N ALA E 273 -23.62 -4.70 98.53
CA ALA E 273 -24.43 -3.65 97.93
C ALA E 273 -24.65 -4.03 96.47
N LEU E 274 -23.71 -4.75 95.88
CA LEU E 274 -23.81 -5.18 94.49
C LEU E 274 -24.79 -6.36 94.37
N SER E 275 -24.67 -7.33 95.28
CA SER E 275 -25.56 -8.49 95.26
C SER E 275 -27.02 -8.06 95.42
N PHE E 276 -27.25 -6.99 96.19
CA PHE E 276 -28.60 -6.48 96.39
C PHE E 276 -29.09 -5.77 95.13
N ALA E 277 -28.20 -5.07 94.44
CA ALA E 277 -28.57 -4.36 93.22
C ALA E 277 -28.82 -5.37 92.10
N ILE E 278 -28.11 -6.50 92.14
CA ILE E 278 -28.26 -7.53 91.14
C ILE E 278 -29.59 -8.25 91.42
N ALA E 279 -29.90 -8.43 92.69
CA ALA E 279 -31.14 -9.09 93.07
C ALA E 279 -32.29 -8.16 92.66
N TYR E 280 -32.19 -6.90 93.06
CA TYR E 280 -33.20 -5.91 92.73
C TYR E 280 -33.50 -5.90 91.23
N THR E 281 -32.46 -5.98 90.40
CA THR E 281 -32.64 -5.99 88.95
C THR E 281 -33.43 -7.21 88.48
N TRP E 282 -33.04 -8.39 88.97
CA TRP E 282 -33.72 -9.63 88.61
C TRP E 282 -35.17 -9.58 89.06
N LEU E 283 -35.41 -8.99 90.23
CA LEU E 283 -36.76 -8.89 90.75
C LEU E 283 -37.60 -7.96 89.86
N LYS E 284 -37.08 -6.79 89.56
CA LYS E 284 -37.78 -5.82 88.73
C LYS E 284 -38.05 -6.30 87.30
N GLU E 285 -37.20 -7.20 86.82
CA GLU E 285 -37.32 -7.73 85.47
C GLU E 285 -37.72 -9.20 85.43
N ASP E 286 -38.20 -9.72 86.56
CA ASP E 286 -38.64 -11.10 86.69
C ASP E 286 -37.66 -12.07 86.05
N SER E 287 -36.37 -11.74 86.07
CA SER E 287 -35.37 -12.59 85.46
C SER E 287 -34.66 -13.56 86.40
N TYR E 288 -35.38 -14.57 86.87
CA TYR E 288 -34.80 -15.61 87.72
C TYR E 288 -35.71 -16.83 87.82
N ASP E 289 -35.21 -17.91 88.40
CA ASP E 289 -35.97 -19.16 88.52
C ASP E 289 -37.03 -19.13 89.64
N LYS E 290 -38.19 -18.55 89.34
CA LYS E 290 -39.29 -18.45 90.30
C LYS E 290 -39.82 -19.79 90.79
N GLU E 291 -39.84 -20.80 89.92
CA GLU E 291 -40.32 -22.12 90.31
C GLU E 291 -39.39 -22.69 91.37
N TYR E 292 -38.10 -22.48 91.15
CA TYR E 292 -37.05 -22.96 92.06
C TYR E 292 -37.15 -22.29 93.41
N VAL E 293 -37.30 -20.96 93.39
CA VAL E 293 -37.40 -20.16 94.61
C VAL E 293 -38.65 -20.50 95.41
N ALA E 294 -39.79 -20.58 94.73
CA ALA E 294 -41.06 -20.88 95.39
C ALA E 294 -41.05 -22.23 96.09
N ALA E 295 -40.10 -23.09 95.72
CA ALA E 295 -40.02 -24.41 96.32
C ALA E 295 -38.84 -24.61 97.28
N ASN E 296 -37.76 -23.88 97.06
CA ASN E 296 -36.57 -24.03 97.88
C ASN E 296 -36.21 -22.87 98.81
N ALA E 297 -36.99 -21.80 98.78
CA ALA E 297 -36.71 -20.64 99.61
C ALA E 297 -37.73 -20.45 100.73
N HIS E 298 -37.29 -19.76 101.79
CA HIS E 298 -38.13 -19.48 102.94
C HIS E 298 -37.98 -18.00 103.25
N GLY E 299 -39.11 -17.31 103.44
CA GLY E 299 -39.06 -15.89 103.74
C GLY E 299 -38.61 -15.02 102.58
N PHE E 300 -38.71 -15.55 101.36
CA PHE E 300 -38.29 -14.78 100.19
C PHE E 300 -39.17 -13.57 99.94
N GLU E 301 -40.47 -13.71 100.20
CA GLU E 301 -41.42 -12.63 100.00
C GLU E 301 -41.02 -11.39 100.80
N GLU E 302 -40.76 -11.56 102.09
CA GLU E 302 -40.37 -10.43 102.93
C GLU E 302 -39.06 -9.87 102.42
N TRP E 303 -38.10 -10.76 102.18
CA TRP E 303 -36.80 -10.34 101.69
C TRP E 303 -36.96 -9.49 100.43
N ALA E 304 -37.78 -9.96 99.50
CA ALA E 304 -38.01 -9.23 98.25
C ALA E 304 -38.53 -7.82 98.50
N ASP E 305 -39.44 -7.66 99.45
CA ASP E 305 -39.98 -6.35 99.78
C ASP E 305 -38.85 -5.45 100.26
N TYR E 306 -37.93 -6.03 101.02
CA TYR E 306 -36.79 -5.30 101.55
C TYR E 306 -35.90 -4.84 100.40
N VAL E 307 -35.63 -5.74 99.46
CA VAL E 307 -34.80 -5.42 98.31
C VAL E 307 -35.47 -4.33 97.48
N LEU E 308 -36.80 -4.38 97.39
CA LEU E 308 -37.55 -3.40 96.61
C LEU E 308 -37.66 -2.07 97.33
N GLY E 309 -37.10 -2.02 98.54
CA GLY E 309 -37.12 -0.78 99.31
C GLY E 309 -38.48 -0.40 99.86
N LYS E 310 -39.39 -1.36 99.90
CA LYS E 310 -40.72 -1.07 100.42
C LYS E 310 -40.69 -0.90 101.94
N THR E 311 -40.18 -1.90 102.63
CA THR E 311 -40.12 -1.89 104.08
C THR E 311 -39.17 -0.88 104.74
N ASP E 312 -38.13 -0.44 104.03
CA ASP E 312 -37.18 0.52 104.59
C ASP E 312 -37.12 1.83 103.80
N GLY E 313 -37.91 1.92 102.73
CA GLY E 313 -37.93 3.13 101.93
C GLY E 313 -36.76 3.36 101.00
N THR E 314 -35.86 2.38 100.89
CA THR E 314 -34.68 2.52 100.02
C THR E 314 -34.49 1.35 99.06
N PRO E 315 -34.93 1.51 97.79
CA PRO E 315 -34.83 0.50 96.75
C PRO E 315 -33.35 0.25 96.44
N LYS E 316 -32.92 -1.01 96.51
CA LYS E 316 -31.52 -1.33 96.24
C LYS E 316 -31.19 -1.27 94.76
N THR E 317 -31.20 -0.07 94.20
CA THR E 317 -30.90 0.14 92.78
C THR E 317 -29.40 0.07 92.48
N CYS E 318 -29.06 -0.04 91.20
CA CYS E 318 -27.66 -0.10 90.78
C CYS E 318 -27.02 1.26 91.05
N GLU E 319 -27.81 2.32 90.92
CA GLU E 319 -27.33 3.68 91.17
C GLU E 319 -27.04 3.83 92.66
N TRP E 320 -27.75 3.07 93.49
CA TRP E 320 -27.58 3.09 94.94
C TRP E 320 -26.30 2.34 95.28
N ALA E 321 -26.10 1.19 94.64
CA ALA E 321 -24.93 0.35 94.88
C ALA E 321 -23.67 1.03 94.38
N GLU E 322 -23.83 1.91 93.39
CA GLU E 322 -22.70 2.61 92.85
C GLU E 322 -22.21 3.63 93.88
N GLU E 323 -23.16 4.29 94.54
CA GLU E 323 -22.78 5.27 95.55
C GLU E 323 -22.15 4.59 96.78
N GLU E 324 -22.37 3.29 96.93
CA GLU E 324 -21.80 2.54 98.05
C GLU E 324 -20.41 1.99 97.71
N SER E 325 -20.36 1.21 96.65
CA SER E 325 -19.14 0.52 96.20
C SER E 325 -18.19 1.27 95.28
N GLY E 326 -18.70 2.22 94.51
CA GLY E 326 -17.84 2.93 93.58
C GLY E 326 -17.94 2.31 92.20
N VAL E 327 -18.44 1.09 92.10
CA VAL E 327 -18.59 0.41 90.82
C VAL E 327 -19.75 1.04 90.05
N PRO E 328 -19.53 1.38 88.77
CA PRO E 328 -20.54 2.00 87.91
C PRO E 328 -21.89 1.29 87.85
N ALA E 329 -22.96 2.07 87.92
CA ALA E 329 -24.32 1.55 87.86
C ALA E 329 -24.54 0.66 86.63
N CYS E 330 -24.31 1.24 85.46
CA CYS E 330 -24.50 0.51 84.21
C CYS E 330 -23.78 -0.84 84.17
N GLU E 331 -22.53 -0.87 84.61
CA GLU E 331 -21.79 -2.14 84.60
C GLU E 331 -22.42 -3.16 85.53
N ILE E 332 -22.99 -2.70 86.64
CA ILE E 332 -23.63 -3.60 87.58
C ILE E 332 -24.88 -4.21 86.93
N ARG E 333 -25.66 -3.36 86.28
CA ARG E 333 -26.88 -3.81 85.62
C ARG E 333 -26.54 -4.74 84.46
N ALA E 334 -25.55 -4.36 83.66
CA ALA E 334 -25.13 -5.17 82.53
C ALA E 334 -24.78 -6.59 82.98
N LEU E 335 -24.13 -6.71 84.13
CA LEU E 335 -23.75 -8.01 84.65
C LEU E 335 -24.98 -8.77 85.13
N ALA E 336 -25.87 -8.05 85.82
CA ALA E 336 -27.09 -8.65 86.35
C ALA E 336 -27.90 -9.26 85.21
N ARG E 337 -28.10 -8.49 84.15
CA ARG E 337 -28.84 -8.97 82.99
C ARG E 337 -28.18 -10.19 82.36
N GLN E 338 -26.88 -10.07 82.09
CA GLN E 338 -26.13 -11.16 81.47
C GLN E 338 -26.17 -12.43 82.32
N TRP E 339 -26.02 -12.25 83.63
CA TRP E 339 -26.03 -13.36 84.58
C TRP E 339 -27.35 -14.13 84.47
N ALA E 340 -28.43 -13.39 84.29
CA ALA E 340 -29.74 -13.99 84.18
C ALA E 340 -29.92 -14.84 82.91
N LYS E 341 -29.66 -14.25 81.75
CA LYS E 341 -29.85 -14.98 80.49
C LYS E 341 -28.79 -15.99 80.08
N LYS E 342 -27.67 -16.04 80.78
CA LYS E 342 -26.62 -17.00 80.43
C LYS E 342 -26.42 -18.05 81.51
N ASN E 343 -25.87 -19.19 81.14
CA ASN E 343 -25.59 -20.24 82.12
C ASN E 343 -24.37 -19.75 82.87
N THR E 344 -24.62 -19.12 84.01
CA THR E 344 -23.57 -18.53 84.83
C THR E 344 -23.26 -19.27 86.13
N TYR E 345 -22.00 -19.65 86.32
CA TYR E 345 -21.58 -20.31 87.56
C TYR E 345 -21.01 -19.24 88.46
N LEU E 346 -21.28 -19.34 89.76
CA LEU E 346 -20.77 -18.36 90.72
C LEU E 346 -19.58 -18.88 91.50
N ALA E 347 -18.43 -18.25 91.29
CA ALA E 347 -17.22 -18.63 91.99
C ALA E 347 -17.02 -17.71 93.17
N ALA E 348 -17.65 -18.04 94.29
CA ALA E 348 -17.52 -17.25 95.51
C ALA E 348 -16.31 -17.80 96.26
N GLY E 349 -15.22 -17.04 96.26
CA GLY E 349 -14.01 -17.51 96.90
C GLY E 349 -13.26 -18.37 95.89
N GLY E 350 -12.10 -18.89 96.26
CA GLY E 350 -11.33 -19.70 95.35
C GLY E 350 -11.54 -21.20 95.49
N LEU E 351 -12.13 -21.61 96.60
CA LEU E 351 -12.38 -23.03 96.88
C LEU E 351 -13.79 -23.49 96.49
N GLY E 352 -14.69 -22.52 96.36
CA GLY E 352 -16.08 -22.84 96.11
C GLY E 352 -16.47 -22.61 97.57
N GLY E 353 -16.50 -21.33 97.92
CA GLY E 353 -16.78 -20.93 99.28
C GLY E 353 -15.58 -20.08 99.67
N TRP E 354 -15.45 -19.74 100.95
CA TRP E 354 -14.35 -18.90 101.43
C TRP E 354 -14.34 -17.56 100.71
N GLY E 355 -13.14 -17.01 100.53
CA GLY E 355 -13.04 -15.70 99.89
C GLY E 355 -12.78 -14.63 100.93
N GLY E 356 -11.76 -13.81 100.67
CA GLY E 356 -11.38 -12.75 101.58
C GLY E 356 -12.54 -11.98 102.13
N ALA E 357 -13.50 -11.67 101.27
CA ALA E 357 -14.70 -10.94 101.65
C ALA E 357 -15.45 -11.57 102.82
N CYS E 358 -15.27 -12.86 103.07
CA CYS E 358 -16.01 -13.49 104.17
C CYS E 358 -15.43 -13.22 105.55
N ARG E 359 -14.14 -12.87 105.62
CA ARG E 359 -13.53 -12.55 106.90
C ARG E 359 -13.26 -11.05 106.99
N ALA E 360 -14.35 -10.30 106.88
CA ALA E 360 -14.33 -8.84 106.93
C ALA E 360 -15.57 -8.42 107.73
N SER E 361 -15.69 -7.14 108.04
CA SER E 361 -16.83 -6.69 108.83
C SER E 361 -18.17 -6.90 108.11
N HIS E 362 -18.11 -7.13 106.81
CA HIS E 362 -19.32 -7.36 106.02
C HIS E 362 -19.35 -8.81 105.54
N GLY E 363 -18.51 -9.64 106.15
CA GLY E 363 -18.42 -11.04 105.77
C GLY E 363 -19.70 -11.85 105.78
N ILE E 364 -20.53 -11.65 106.80
CA ILE E 364 -21.78 -12.39 106.91
C ILE E 364 -22.75 -12.06 105.78
N GLU E 365 -22.98 -10.78 105.55
CA GLU E 365 -23.89 -10.36 104.49
C GLU E 365 -23.35 -10.70 103.11
N TRP E 366 -22.03 -10.77 102.96
CA TRP E 366 -21.47 -11.12 101.66
C TRP E 366 -21.80 -12.58 101.35
N ALA E 367 -21.55 -13.45 102.33
CA ALA E 367 -21.80 -14.87 102.16
C ALA E 367 -23.30 -15.13 101.90
N ARG E 368 -24.16 -14.61 102.77
CA ARG E 368 -25.59 -14.79 102.59
C ARG E 368 -26.03 -14.20 101.26
N GLY E 369 -25.30 -13.20 100.79
CA GLY E 369 -25.62 -12.59 99.51
C GLY E 369 -25.20 -13.49 98.35
N MET E 370 -24.13 -14.26 98.55
CA MET E 370 -23.66 -15.16 97.51
C MET E 370 -24.69 -16.28 97.43
N ILE E 371 -25.01 -16.83 98.59
CA ILE E 371 -26.00 -17.90 98.66
C ILE E 371 -27.30 -17.42 98.01
N ALA E 372 -27.68 -16.17 98.28
CA ALA E 372 -28.90 -15.60 97.73
C ALA E 372 -28.94 -15.55 96.20
N LEU E 373 -27.94 -14.93 95.58
CA LEU E 373 -27.88 -14.83 94.12
C LEU E 373 -27.90 -16.20 93.45
N ALA E 374 -27.11 -17.13 93.98
CA ALA E 374 -27.04 -18.46 93.43
C ALA E 374 -28.40 -19.14 93.53
N THR E 375 -29.10 -18.89 94.63
CA THR E 375 -30.42 -19.48 94.87
C THR E 375 -31.44 -18.96 93.86
N MET E 376 -31.42 -17.65 93.65
CA MET E 376 -32.36 -17.04 92.71
C MET E 376 -32.20 -17.57 91.29
N GLN E 377 -31.02 -18.08 90.96
CA GLN E 377 -30.75 -18.61 89.63
C GLN E 377 -30.86 -20.13 89.54
N GLY E 378 -31.36 -20.75 90.60
CA GLY E 378 -31.53 -22.19 90.61
C GLY E 378 -30.29 -23.07 90.71
N MET E 379 -29.41 -22.78 91.66
CA MET E 379 -28.21 -23.58 91.85
C MET E 379 -28.53 -25.06 91.97
N GLY E 380 -27.76 -25.89 91.27
CA GLY E 380 -27.99 -27.32 91.29
C GLY E 380 -28.37 -27.84 89.91
N LYS E 381 -29.02 -27.00 89.12
CA LYS E 381 -29.41 -27.40 87.78
C LYS E 381 -28.24 -27.17 86.82
N PRO E 382 -28.24 -27.85 85.67
CA PRO E 382 -27.17 -27.71 84.68
C PRO E 382 -26.98 -26.28 84.21
N GLY E 383 -25.73 -25.82 84.17
CA GLY E 383 -25.46 -24.45 83.73
C GLY E 383 -25.73 -23.36 84.75
N SER E 384 -25.95 -23.76 86.00
CA SER E 384 -26.22 -22.79 87.05
C SER E 384 -25.95 -23.36 88.44
N ASN E 385 -24.87 -22.91 89.05
CA ASN E 385 -24.50 -23.40 90.36
C ASN E 385 -23.37 -22.52 90.90
N MET E 386 -22.93 -22.83 92.11
CA MET E 386 -21.83 -22.10 92.73
C MET E 386 -20.62 -23.00 92.50
N TRP E 387 -19.61 -22.48 91.82
CA TRP E 387 -18.40 -23.25 91.50
C TRP E 387 -17.23 -22.31 91.28
N SER E 388 -16.08 -22.61 91.88
CA SER E 388 -14.91 -21.75 91.76
C SER E 388 -13.91 -22.24 90.73
N THR E 389 -14.24 -23.37 90.10
CA THR E 389 -13.43 -24.00 89.07
C THR E 389 -12.17 -24.69 89.60
N THR E 390 -12.09 -24.84 90.92
CA THR E 390 -10.93 -25.50 91.55
C THR E 390 -11.25 -26.91 92.00
N GLN E 391 -12.52 -27.17 92.29
CA GLN E 391 -12.95 -28.51 92.71
C GLN E 391 -13.93 -29.03 91.65
N GLY E 392 -14.43 -30.25 91.85
CA GLY E 392 -15.37 -30.81 90.91
C GLY E 392 -14.74 -31.70 89.87
N VAL E 393 -13.53 -32.19 90.14
CA VAL E 393 -12.79 -33.07 89.25
C VAL E 393 -13.25 -34.51 89.43
N PRO E 394 -13.54 -35.22 88.32
CA PRO E 394 -14.01 -36.61 88.27
C PRO E 394 -13.05 -37.66 88.83
N LEU E 395 -12.56 -37.42 90.05
CA LEU E 395 -11.66 -38.36 90.68
C LEU E 395 -12.50 -39.48 91.28
N ASP E 396 -11.88 -40.51 91.82
CA ASP E 396 -12.64 -41.61 92.40
C ASP E 396 -13.03 -41.36 93.85
N TYR E 397 -14.23 -40.83 94.02
CA TYR E 397 -14.76 -40.51 95.33
C TYR E 397 -14.97 -41.75 96.21
N GLU E 398 -15.03 -42.92 95.58
CA GLU E 398 -15.24 -44.17 96.32
C GLU E 398 -13.99 -44.77 96.92
N PHE E 399 -12.82 -44.29 96.52
CA PHE E 399 -11.56 -44.79 97.07
C PHE E 399 -11.35 -44.03 98.36
N TYR E 400 -10.98 -44.72 99.42
CA TYR E 400 -10.79 -44.06 100.70
C TYR E 400 -9.35 -43.86 101.16
N PHE E 401 -9.00 -42.60 101.38
CA PHE E 401 -7.70 -42.25 101.91
C PHE E 401 -7.93 -41.00 102.75
N PRO E 402 -7.54 -41.06 104.04
CA PRO E 402 -7.71 -39.96 104.98
C PRO E 402 -6.96 -38.66 104.69
N GLY E 403 -7.58 -37.55 105.08
CA GLY E 403 -6.97 -36.26 104.94
C GLY E 403 -6.35 -36.07 106.32
N TYR E 404 -5.50 -35.06 106.50
CA TYR E 404 -4.88 -34.86 107.81
C TYR E 404 -5.88 -34.54 108.91
N ALA E 405 -6.96 -33.86 108.53
CA ALA E 405 -7.99 -33.47 109.48
C ALA E 405 -8.69 -34.65 110.15
N GLU E 406 -8.50 -35.84 109.61
CA GLU E 406 -9.14 -37.00 110.20
C GLU E 406 -8.42 -37.54 111.43
N GLY E 407 -7.54 -36.72 111.99
CA GLY E 407 -6.85 -37.08 113.22
C GLY E 407 -5.64 -37.99 113.31
N GLY E 408 -5.24 -38.61 112.22
CA GLY E 408 -4.08 -39.49 112.27
C GLY E 408 -4.04 -40.43 113.46
N ILE E 409 -2.94 -40.40 114.22
CA ILE E 409 -2.78 -41.30 115.36
C ILE E 409 -3.40 -40.85 116.69
N SER E 410 -4.10 -39.72 116.70
CA SER E 410 -4.72 -39.25 117.94
C SER E 410 -6.10 -39.89 118.14
N GLY E 411 -6.91 -39.93 117.10
CA GLY E 411 -8.24 -40.50 117.21
C GLY E 411 -9.16 -39.61 118.04
N ASP E 412 -8.81 -38.33 118.15
CA ASP E 412 -9.60 -37.36 118.91
C ASP E 412 -10.86 -37.03 118.12
N CYS E 413 -11.92 -37.78 118.40
CA CYS E 413 -13.20 -37.61 117.72
C CYS E 413 -13.91 -36.30 117.98
N GLU E 414 -13.41 -35.50 118.92
CA GLU E 414 -14.05 -34.23 119.21
C GLU E 414 -13.36 -33.02 118.61
N ASN E 415 -12.05 -33.13 118.36
CA ASN E 415 -11.30 -32.01 117.81
C ASN E 415 -10.75 -32.27 116.40
N SER E 416 -11.05 -33.45 115.87
CA SER E 416 -10.65 -33.83 114.52
C SER E 416 -11.84 -34.57 113.93
N ALA E 417 -11.81 -34.84 112.64
CA ALA E 417 -12.90 -35.54 111.97
C ALA E 417 -12.70 -37.06 111.99
N ALA E 418 -11.93 -37.53 112.95
CA ALA E 418 -11.66 -38.95 113.08
C ALA E 418 -12.92 -39.78 113.33
N GLY E 419 -13.87 -39.19 114.04
CA GLY E 419 -15.10 -39.91 114.36
C GLY E 419 -15.91 -40.33 113.16
N PHE E 420 -15.67 -39.70 112.02
CA PHE E 420 -16.41 -40.01 110.80
C PHE E 420 -16.12 -41.40 110.23
N LYS E 421 -14.86 -41.78 110.16
CA LYS E 421 -14.52 -43.08 109.60
C LYS E 421 -13.13 -43.62 109.96
N PHE E 422 -12.11 -42.77 109.91
CA PHE E 422 -10.75 -43.21 110.18
C PHE E 422 -10.52 -43.81 111.56
N ALA E 423 -11.12 -43.22 112.58
CA ALA E 423 -10.94 -43.74 113.93
C ALA E 423 -11.34 -45.21 113.98
N TRP E 424 -12.45 -45.55 113.33
CA TRP E 424 -12.96 -46.91 113.33
C TRP E 424 -12.06 -47.89 112.59
N ARG E 425 -11.31 -47.38 111.61
CA ARG E 425 -10.40 -48.22 110.84
C ARG E 425 -9.01 -48.31 111.46
N MET E 426 -8.58 -47.23 112.09
CA MET E 426 -7.27 -47.15 112.71
C MET E 426 -7.16 -47.89 114.05
N PHE E 427 -8.20 -47.82 114.87
CA PHE E 427 -8.14 -48.49 116.17
C PHE E 427 -9.05 -49.71 116.27
N ASP E 428 -8.57 -50.72 116.98
CA ASP E 428 -9.30 -51.98 117.15
C ASP E 428 -9.81 -52.25 118.56
N GLY E 429 -9.39 -51.43 119.52
CA GLY E 429 -9.83 -51.62 120.90
C GLY E 429 -9.17 -52.82 121.55
N LYS E 430 -8.07 -53.28 120.97
CA LYS E 430 -7.35 -54.44 121.51
C LYS E 430 -5.86 -54.19 121.69
N THR E 431 -5.21 -53.60 120.70
CA THR E 431 -3.78 -53.35 120.78
C THR E 431 -3.32 -51.92 120.46
N THR E 432 -4.23 -51.12 119.91
CA THR E 432 -3.90 -49.73 119.58
C THR E 432 -5.10 -48.87 120.02
N PHE E 433 -4.83 -47.79 120.76
CA PHE E 433 -5.91 -46.94 121.27
C PHE E 433 -5.78 -45.44 120.99
N PRO E 434 -6.92 -44.74 120.99
CA PRO E 434 -6.99 -43.28 120.75
C PRO E 434 -6.45 -42.49 121.92
N SER E 435 -6.40 -41.17 121.76
CA SER E 435 -5.92 -40.27 122.80
C SER E 435 -6.95 -39.14 123.01
N PRO E 436 -8.01 -39.42 123.79
CA PRO E 436 -9.09 -38.48 124.08
C PRO E 436 -8.71 -37.42 125.12
N SER E 437 -9.32 -36.26 124.99
CA SER E 437 -9.09 -35.16 125.92
C SER E 437 -10.37 -34.83 126.67
N ASN E 438 -10.32 -34.88 127.99
CA ASN E 438 -11.49 -34.56 128.81
C ASN E 438 -11.45 -33.10 129.28
N LEU E 439 -10.67 -32.27 128.60
CA LEU E 439 -10.60 -30.85 128.93
C LEU E 439 -10.94 -30.02 127.70
N ASN E 440 -10.46 -30.47 126.54
CA ASN E 440 -10.72 -29.77 125.29
C ASN E 440 -12.07 -30.23 124.74
N THR E 441 -13.11 -29.87 125.49
CA THR E 441 -14.49 -30.21 125.16
C THR E 441 -15.36 -29.08 125.73
N SER E 442 -16.58 -28.95 125.25
CA SER E 442 -17.47 -27.88 125.70
C SER E 442 -17.68 -27.81 127.22
N ALA E 443 -17.69 -28.96 127.87
CA ALA E 443 -17.89 -28.99 129.31
C ALA E 443 -16.58 -28.78 130.06
N GLY E 444 -15.50 -28.63 129.31
CA GLY E 444 -14.19 -28.39 129.90
C GLY E 444 -13.80 -26.92 129.82
N GLN E 445 -12.58 -26.64 129.39
CA GLN E 445 -12.15 -25.26 129.27
C GLN E 445 -11.31 -25.02 128.03
N HIS E 446 -11.60 -23.91 127.35
CA HIS E 446 -10.87 -23.52 126.16
C HIS E 446 -11.04 -22.01 126.04
N ILE E 447 -10.14 -21.35 125.33
CA ILE E 447 -10.25 -19.91 125.15
C ILE E 447 -10.23 -19.68 123.64
N PRO E 448 -10.80 -18.56 123.18
CA PRO E 448 -10.81 -18.27 121.74
C PRO E 448 -9.42 -17.80 121.33
N ARG E 449 -8.94 -18.27 120.18
CA ARG E 449 -7.61 -17.87 119.73
C ARG E 449 -7.52 -16.36 119.48
N LEU E 450 -8.62 -15.76 119.02
CA LEU E 450 -8.63 -14.33 118.73
C LEU E 450 -8.63 -13.47 119.97
N LYS E 451 -8.76 -14.08 121.14
CA LYS E 451 -8.79 -13.32 122.37
C LYS E 451 -7.85 -13.86 123.44
N ILE E 452 -6.80 -14.56 123.01
CA ILE E 452 -5.80 -15.09 123.93
C ILE E 452 -5.21 -13.96 124.79
N PRO E 453 -4.89 -12.81 124.16
CA PRO E 453 -4.33 -11.66 124.88
C PRO E 453 -5.21 -11.15 126.02
N GLU E 454 -6.48 -10.89 125.72
CA GLU E 454 -7.42 -10.41 126.72
C GLU E 454 -7.58 -11.40 127.86
N CYS E 455 -7.55 -12.69 127.55
CA CYS E 455 -7.67 -13.72 128.56
C CYS E 455 -6.50 -13.68 129.53
N ILE E 456 -5.29 -13.57 129.00
CA ILE E 456 -4.09 -13.53 129.82
C ILE E 456 -3.94 -12.23 130.61
N MET E 457 -4.08 -11.09 129.93
CA MET E 457 -3.94 -9.78 130.58
C MET E 457 -5.16 -9.39 131.41
N GLY E 458 -6.36 -9.68 130.91
CA GLY E 458 -7.56 -9.33 131.63
C GLY E 458 -7.98 -10.36 132.66
N GLY E 459 -7.64 -11.62 132.42
CA GLY E 459 -8.00 -12.69 133.34
C GLY E 459 -9.44 -13.14 133.24
N LYS E 460 -10.17 -12.62 132.25
CA LYS E 460 -11.56 -12.96 132.09
C LYS E 460 -12.15 -12.67 130.70
N PHE E 461 -13.09 -13.51 130.27
CA PHE E 461 -13.73 -13.31 128.98
C PHE E 461 -14.98 -14.17 128.84
N GLN E 462 -15.85 -13.74 127.93
CA GLN E 462 -17.11 -14.42 127.66
C GLN E 462 -17.33 -14.33 126.14
N TRP E 463 -17.75 -15.44 125.52
CA TRP E 463 -17.94 -15.47 124.07
C TRP E 463 -18.92 -16.56 123.58
N SER E 464 -19.14 -16.57 122.27
CA SER E 464 -20.06 -17.53 121.63
C SER E 464 -19.34 -18.62 120.85
N GLY E 465 -19.84 -19.85 120.98
CA GLY E 465 -19.27 -20.99 120.26
C GLY E 465 -17.86 -21.39 120.61
N LYS E 466 -17.50 -22.63 120.27
CA LYS E 466 -16.17 -23.17 120.54
C LYS E 466 -15.47 -23.59 119.26
N GLY E 467 -14.44 -22.84 118.88
CA GLY E 467 -13.67 -23.16 117.68
C GLY E 467 -14.52 -23.32 116.43
N PHE E 468 -14.38 -24.48 115.79
CA PHE E 468 -15.16 -24.79 114.59
C PHE E 468 -16.46 -25.43 115.08
N ALA E 469 -17.56 -24.70 115.03
CA ALA E 469 -18.84 -25.24 115.50
C ALA E 469 -19.59 -25.84 114.32
N GLY E 470 -19.16 -27.01 113.87
CA GLY E 470 -19.79 -27.64 112.73
C GLY E 470 -20.72 -28.81 112.98
N GLY E 471 -21.01 -29.12 114.24
CA GLY E 471 -21.91 -30.23 114.53
C GLY E 471 -23.31 -29.95 114.01
N ASP E 472 -23.85 -28.79 114.39
CA ASP E 472 -25.17 -28.38 113.96
C ASP E 472 -25.19 -26.85 113.83
N ILE E 473 -26.13 -26.32 113.06
CA ILE E 473 -26.23 -24.89 112.84
C ILE E 473 -26.16 -24.02 114.12
N SER E 474 -26.83 -24.45 115.17
CA SER E 474 -26.86 -23.68 116.42
C SER E 474 -25.70 -23.84 117.40
N HIS E 475 -24.79 -24.78 117.14
CA HIS E 475 -23.66 -25.02 118.03
C HIS E 475 -22.80 -23.79 118.32
N GLN E 476 -22.63 -22.94 117.31
CA GLN E 476 -21.83 -21.72 117.45
C GLN E 476 -22.49 -20.70 118.39
N LEU E 477 -23.77 -20.91 118.67
CA LEU E 477 -24.53 -20.00 119.52
C LEU E 477 -24.35 -20.27 121.02
N HIS E 478 -23.80 -21.42 121.35
CA HIS E 478 -23.59 -21.79 122.75
C HIS E 478 -22.65 -20.79 123.43
N GLN E 479 -22.92 -20.48 124.71
CA GLN E 479 -22.11 -19.51 125.45
C GLN E 479 -21.04 -20.13 126.35
N TYR E 480 -19.86 -19.51 126.35
CA TYR E 480 -18.75 -19.99 127.17
C TYR E 480 -18.13 -18.82 127.94
N GLU E 481 -17.27 -19.16 128.88
CA GLU E 481 -16.61 -18.14 129.70
C GLU E 481 -15.24 -18.58 130.13
N TYR E 482 -14.41 -17.60 130.51
CA TYR E 482 -13.06 -17.87 131.00
C TYR E 482 -12.82 -16.98 132.22
N PRO E 483 -12.36 -17.58 133.32
CA PRO E 483 -12.10 -19.02 133.39
C PRO E 483 -13.38 -19.85 133.38
N ALA E 484 -13.30 -21.08 132.88
CA ALA E 484 -14.46 -21.95 132.84
C ALA E 484 -14.78 -22.37 134.26
N PRO E 485 -16.08 -22.55 134.57
CA PRO E 485 -16.51 -22.95 135.92
C PRO E 485 -15.69 -24.10 136.50
N GLY E 486 -15.02 -23.83 137.63
CA GLY E 486 -14.23 -24.85 138.28
C GLY E 486 -12.80 -24.98 137.79
N TYR E 487 -12.51 -24.42 136.61
CA TYR E 487 -11.16 -24.51 136.08
C TYR E 487 -10.27 -23.33 136.45
N SER E 488 -8.97 -23.50 136.25
CA SER E 488 -8.00 -22.48 136.60
C SER E 488 -7.54 -21.56 135.48
N LYS E 489 -7.23 -20.31 135.83
CA LYS E 489 -6.74 -19.34 134.86
C LYS E 489 -5.40 -19.84 134.35
N ILE E 490 -4.97 -19.31 133.21
CA ILE E 490 -3.70 -19.73 132.60
C ILE E 490 -2.43 -19.24 133.33
N LYS E 491 -1.54 -20.18 133.59
CA LYS E 491 -0.28 -19.88 134.26
C LYS E 491 0.88 -20.13 133.29
N MET E 492 0.68 -21.08 132.39
CA MET E 492 1.72 -21.46 131.43
C MET E 492 1.22 -21.44 129.98
N PHE E 493 2.15 -21.25 129.05
CA PHE E 493 1.81 -21.22 127.63
C PHE E 493 2.82 -22.02 126.82
N TRP E 494 2.36 -23.12 126.23
CA TRP E 494 3.22 -23.96 125.41
C TRP E 494 2.84 -23.70 123.96
N LYS E 495 3.62 -22.87 123.27
CA LYS E 495 3.33 -22.57 121.87
C LYS E 495 4.00 -23.49 120.88
N TYR E 496 3.29 -23.72 119.78
CA TYR E 496 3.74 -24.56 118.68
C TYR E 496 3.78 -23.59 117.51
N GLY E 497 4.97 -23.10 117.20
CA GLY E 497 5.10 -22.11 116.13
C GLY E 497 4.86 -20.74 116.76
N GLY E 498 4.88 -19.68 115.97
CA GLY E 498 4.64 -18.35 116.51
C GLY E 498 4.37 -17.35 115.42
N PRO E 499 3.24 -17.49 114.70
CA PRO E 499 2.87 -16.59 113.60
C PRO E 499 1.86 -15.48 113.88
N HIS E 500 1.16 -15.60 115.00
CA HIS E 500 0.09 -14.66 115.33
C HIS E 500 0.28 -13.16 115.17
N LEU E 501 1.52 -12.68 115.18
CA LEU E 501 1.76 -11.26 115.00
C LEU E 501 1.48 -10.87 113.55
N GLY E 502 1.55 -11.85 112.65
CA GLY E 502 1.30 -11.56 111.25
C GLY E 502 -0.02 -12.13 110.76
N THR E 503 -0.69 -12.94 111.56
CA THR E 503 -1.94 -13.55 111.12
C THR E 503 -3.24 -13.32 111.90
N MET E 504 -3.17 -12.77 113.10
CA MET E 504 -4.39 -12.53 113.87
C MET E 504 -4.90 -11.11 113.66
N THR E 505 -5.48 -10.50 114.69
CA THR E 505 -6.01 -9.14 114.56
C THR E 505 -5.39 -8.15 115.55
N ALA E 506 -5.29 -6.88 115.13
CA ALA E 506 -4.70 -5.80 115.95
C ALA E 506 -3.62 -6.43 116.82
N THR E 507 -2.71 -7.14 116.16
CA THR E 507 -1.66 -7.90 116.81
C THR E 507 -0.71 -7.32 117.86
N ASN E 508 -0.61 -6.00 118.00
CA ASN E 508 0.27 -5.45 119.04
C ASN E 508 -0.09 -6.08 120.39
N ARG E 509 -1.38 -6.35 120.61
CA ARG E 509 -1.87 -6.93 121.85
C ARG E 509 -1.26 -8.32 122.15
N TYR E 510 -0.85 -9.04 121.11
CA TYR E 510 -0.24 -10.36 121.29
C TYR E 510 1.20 -10.23 121.77
N ALA E 511 1.86 -9.16 121.37
CA ALA E 511 3.24 -8.93 121.80
C ALA E 511 3.18 -8.49 123.26
N LYS E 512 2.19 -7.67 123.59
CA LYS E 512 2.02 -7.16 124.94
C LYS E 512 1.73 -8.22 125.99
N MET E 513 1.05 -9.30 125.60
CA MET E 513 0.67 -10.36 126.53
C MET E 513 1.83 -11.15 127.13
N TYR E 514 2.91 -11.34 126.37
CA TYR E 514 4.04 -12.12 126.87
C TYR E 514 4.74 -11.57 128.11
N THR E 515 4.61 -10.27 128.35
CA THR E 515 5.27 -9.66 129.50
C THR E 515 4.42 -9.64 130.77
N HIS E 516 3.13 -9.97 130.66
CA HIS E 516 2.22 -9.98 131.80
C HIS E 516 2.71 -10.95 132.88
N ASP E 517 2.81 -10.50 134.13
CA ASP E 517 3.32 -11.38 135.19
C ASP E 517 2.48 -12.60 135.60
N SER E 518 1.30 -12.76 135.01
CA SER E 518 0.47 -13.93 135.32
C SER E 518 0.99 -15.12 134.50
N LEU E 519 1.78 -14.83 133.47
CA LEU E 519 2.38 -15.87 132.62
C LEU E 519 3.71 -16.27 133.25
N GLU E 520 3.67 -17.30 134.07
CA GLU E 520 4.87 -17.77 134.77
C GLU E 520 5.87 -18.52 133.91
N PHE E 521 5.45 -19.00 132.75
CA PHE E 521 6.36 -19.77 131.90
C PHE E 521 5.87 -19.86 130.45
N VAL E 522 6.80 -19.77 129.50
CA VAL E 522 6.45 -19.86 128.09
C VAL E 522 7.40 -20.74 127.28
N VAL E 523 6.83 -21.78 126.67
CA VAL E 523 7.61 -22.70 125.83
C VAL E 523 7.21 -22.48 124.37
N SER E 524 8.19 -22.61 123.48
CA SER E 524 7.96 -22.44 122.06
C SER E 524 8.58 -23.62 121.32
N GLN E 525 7.73 -24.45 120.74
CA GLN E 525 8.18 -25.61 119.98
C GLN E 525 8.02 -25.21 118.52
N SER E 526 9.11 -24.73 117.93
CA SER E 526 9.09 -24.26 116.55
C SER E 526 10.26 -24.71 115.69
N ILE E 527 10.21 -24.31 114.41
CA ILE E 527 11.23 -24.66 113.44
C ILE E 527 12.16 -23.48 113.16
N TRP E 528 11.59 -22.28 113.04
CA TRP E 528 12.38 -21.08 112.74
C TRP E 528 12.30 -20.02 113.85
N PHE E 529 13.43 -19.34 114.07
CA PHE E 529 13.50 -18.29 115.09
C PHE E 529 12.94 -17.02 114.44
N GLU E 530 11.62 -16.84 114.57
CA GLU E 530 10.92 -15.70 113.98
C GLU E 530 9.59 -15.43 114.71
N GLY E 531 8.90 -14.37 114.30
CA GLY E 531 7.62 -14.03 114.90
C GLY E 531 7.53 -13.88 116.41
N GLU E 532 6.84 -14.81 117.06
CA GLU E 532 6.64 -14.79 118.52
C GLU E 532 7.67 -15.60 119.29
N VAL E 533 8.43 -16.42 118.60
CA VAL E 533 9.43 -17.26 119.23
C VAL E 533 10.37 -16.54 120.20
N PRO E 534 10.81 -15.32 119.86
CA PRO E 534 11.71 -14.55 120.73
C PRO E 534 11.14 -14.04 122.06
N PHE E 535 9.91 -14.41 122.39
CA PHE E 535 9.30 -13.99 123.67
C PHE E 535 9.28 -15.18 124.63
N ALA E 536 9.74 -16.34 124.17
CA ALA E 536 9.70 -17.55 124.99
C ALA E 536 10.83 -17.71 126.00
N ASP E 537 10.58 -18.52 127.03
CA ASP E 537 11.59 -18.77 128.05
C ASP E 537 12.43 -19.96 127.62
N ILE E 538 11.79 -20.94 126.98
CA ILE E 538 12.46 -22.14 126.47
C ILE E 538 12.07 -22.34 125.01
N ILE E 539 13.05 -22.67 124.16
CA ILE E 539 12.78 -22.89 122.74
C ILE E 539 13.24 -24.29 122.32
N LEU E 540 12.33 -25.06 121.74
CA LEU E 540 12.64 -26.43 121.31
C LEU E 540 12.63 -26.53 119.79
N PRO E 541 13.75 -27.01 119.20
CA PRO E 541 13.93 -27.19 117.76
C PRO E 541 13.18 -28.34 117.10
N ALA E 542 12.20 -28.01 116.27
CA ALA E 542 11.45 -29.02 115.54
C ALA E 542 12.02 -29.04 114.12
N CYS E 543 11.94 -30.18 113.44
CA CYS E 543 12.46 -30.28 112.09
C CYS E 543 11.35 -30.22 111.05
N THR E 544 11.71 -30.17 109.77
CA THR E 544 10.71 -30.11 108.71
C THR E 544 10.30 -31.51 108.26
N ASN E 545 9.25 -31.61 107.43
CA ASN E 545 8.79 -32.92 106.97
C ASN E 545 9.78 -33.59 106.02
N PHE E 546 10.79 -32.85 105.57
CA PHE E 546 11.79 -33.44 104.69
C PHE E 546 12.88 -34.14 105.52
N GLU E 547 12.79 -33.99 106.83
CA GLU E 547 13.74 -34.57 107.76
C GLU E 547 13.14 -35.69 108.62
N ARG E 548 11.95 -36.16 108.25
CA ARG E 548 11.29 -37.22 108.98
C ARG E 548 10.40 -38.08 108.09
N TRP E 549 9.99 -39.23 108.60
CA TRP E 549 9.13 -40.14 107.85
C TRP E 549 7.64 -39.82 108.00
N ASP E 550 6.90 -39.87 106.90
CA ASP E 550 5.47 -39.59 106.95
C ASP E 550 4.75 -40.15 105.72
N ILE E 551 3.49 -39.76 105.53
CA ILE E 551 2.70 -40.23 104.40
C ILE E 551 1.53 -39.27 104.18
N SER E 552 1.07 -39.15 102.93
CA SER E 552 -0.03 -38.23 102.65
C SER E 552 -0.58 -38.28 101.22
N GLU E 553 -1.62 -37.49 100.99
CA GLU E 553 -2.23 -37.38 99.68
C GLU E 553 -2.25 -35.92 99.23
N PHE E 554 -1.90 -35.73 97.96
CA PHE E 554 -1.84 -34.42 97.36
C PHE E 554 -3.07 -33.57 97.68
N ALA E 555 -2.88 -32.60 98.58
CA ALA E 555 -3.92 -31.65 98.96
C ALA E 555 -5.08 -32.22 99.77
N ASN E 556 -4.91 -33.40 100.34
CA ASN E 556 -6.02 -33.97 101.09
C ASN E 556 -6.12 -33.56 102.55
N CYS E 557 -7.15 -32.77 102.83
CA CYS E 557 -7.44 -32.27 104.16
C CYS E 557 -8.60 -33.08 104.74
N SER E 558 -9.70 -33.10 104.00
CA SER E 558 -10.92 -33.81 104.38
C SER E 558 -11.58 -33.17 105.61
N GLY E 559 -12.35 -33.95 106.36
CA GLY E 559 -13.02 -33.42 107.54
C GLY E 559 -13.95 -32.28 107.18
N TYR E 560 -13.57 -31.06 107.53
N TYR E 560 -13.57 -31.06 107.53
CA TYR E 560 -14.39 -29.88 107.24
CA TYR E 560 -14.39 -29.88 107.24
C TYR E 560 -14.39 -29.51 105.76
C TYR E 560 -14.39 -29.51 105.76
N ILE E 561 -13.71 -30.31 104.95
CA ILE E 561 -13.68 -30.09 103.50
C ILE E 561 -13.61 -31.48 102.89
N PRO E 562 -14.67 -32.27 103.09
CA PRO E 562 -14.77 -33.64 102.57
C PRO E 562 -14.29 -33.82 101.13
N ASP E 563 -13.47 -34.84 100.92
CA ASP E 563 -12.97 -35.16 99.59
C ASP E 563 -12.42 -33.95 98.85
N ASN E 564 -11.64 -33.12 99.52
CA ASN E 564 -11.10 -31.94 98.86
C ASN E 564 -9.94 -32.25 97.92
N TYR E 565 -9.57 -33.53 97.82
CA TYR E 565 -8.50 -33.91 96.90
C TYR E 565 -8.95 -33.64 95.46
N GLN E 566 -10.26 -33.39 95.30
CA GLN E 566 -10.84 -33.10 93.99
C GLN E 566 -10.36 -31.76 93.46
N LEU E 567 -9.37 -31.18 94.13
CA LEU E 567 -8.79 -29.90 93.72
C LEU E 567 -7.70 -30.20 92.70
N CYS E 568 -7.15 -31.41 92.79
CA CYS E 568 -6.08 -31.87 91.92
C CYS E 568 -6.59 -32.61 90.69
N ASN E 569 -5.72 -32.74 89.70
CA ASN E 569 -6.08 -33.44 88.47
C ASN E 569 -5.97 -34.93 88.67
N HIS E 570 -5.24 -35.33 89.71
CA HIS E 570 -5.07 -36.75 90.02
C HIS E 570 -4.97 -36.93 91.52
N ARG E 571 -5.38 -38.09 92.00
CA ARG E 571 -5.29 -38.39 93.42
C ARG E 571 -3.92 -39.05 93.56
N VAL E 572 -3.00 -38.34 94.21
CA VAL E 572 -1.64 -38.84 94.39
C VAL E 572 -1.34 -39.13 95.84
N ILE E 573 -0.96 -40.37 96.13
CA ILE E 573 -0.62 -40.76 97.50
C ILE E 573 0.88 -41.04 97.54
N SER E 574 1.60 -40.22 98.30
CA SER E 574 3.05 -40.39 98.36
C SER E 574 3.63 -40.64 99.73
N LEU E 575 4.80 -41.27 99.71
CA LEU E 575 5.56 -41.55 100.91
C LEU E 575 6.44 -40.33 101.07
N GLN E 576 6.45 -39.74 102.25
CA GLN E 576 7.30 -38.59 102.49
C GLN E 576 8.51 -39.19 103.18
N ALA E 577 9.52 -39.50 102.39
CA ALA E 577 10.72 -40.12 102.93
C ALA E 577 11.60 -39.17 103.68
N LYS E 578 12.34 -39.71 104.64
CA LYS E 578 13.28 -38.93 105.43
C LYS E 578 14.48 -38.72 104.50
N CYS E 579 14.44 -37.64 103.73
CA CYS E 579 15.50 -37.32 102.77
C CYS E 579 16.86 -37.01 103.37
N ILE E 580 16.87 -36.28 104.49
CA ILE E 580 18.11 -35.91 105.15
C ILE E 580 17.95 -35.98 106.67
N GLU E 581 19.08 -35.94 107.37
CA GLU E 581 19.07 -35.96 108.83
C GLU E 581 18.61 -34.59 109.29
N PRO E 582 17.83 -34.51 110.37
CA PRO E 582 17.37 -33.22 110.88
C PRO E 582 18.52 -32.20 110.92
N VAL E 583 18.22 -30.96 110.56
CA VAL E 583 19.22 -29.90 110.54
C VAL E 583 19.55 -29.37 111.94
N GLY E 584 20.83 -29.28 112.24
CA GLY E 584 21.25 -28.80 113.55
C GLY E 584 20.83 -29.83 114.58
N GLU E 585 20.44 -29.37 115.77
CA GLU E 585 20.01 -30.28 116.84
C GLU E 585 18.48 -30.43 116.89
N SER E 586 17.81 -30.14 115.78
CA SER E 586 16.37 -30.25 115.72
C SER E 586 15.94 -31.70 115.59
N MET E 587 14.71 -31.98 116.01
CA MET E 587 14.15 -33.32 115.92
C MET E 587 12.67 -33.20 115.61
N SER E 588 12.06 -34.31 115.21
CA SER E 588 10.65 -34.30 114.87
C SER E 588 9.74 -34.05 116.05
N ASP E 589 8.62 -33.38 115.80
CA ASP E 589 7.67 -33.11 116.87
C ASP E 589 7.35 -34.41 117.62
N TYR E 590 7.21 -35.52 116.89
CA TYR E 590 6.92 -36.80 117.51
C TYR E 590 8.02 -37.29 118.47
N GLU E 591 9.28 -37.12 118.08
CA GLU E 591 10.38 -37.55 118.93
C GLU E 591 10.49 -36.68 120.18
N ILE E 592 10.16 -35.41 120.03
CA ILE E 592 10.16 -34.46 121.13
C ILE E 592 9.15 -34.93 122.17
N TYR E 593 7.94 -35.20 121.70
CA TYR E 593 6.86 -35.67 122.55
C TYR E 593 7.18 -37.03 123.15
N ARG E 594 7.83 -37.89 122.36
CA ARG E 594 8.18 -39.21 122.83
C ARG E 594 9.19 -39.09 123.97
N LEU E 595 10.03 -38.06 123.89
CA LEU E 595 11.04 -37.78 124.89
C LEU E 595 10.34 -37.27 126.15
N PHE E 596 9.41 -36.33 125.97
CA PHE E 596 8.64 -35.80 127.10
C PHE E 596 7.85 -36.92 127.74
N ALA E 597 7.25 -37.76 126.91
CA ALA E 597 6.44 -38.88 127.38
C ALA E 597 7.23 -39.79 128.31
N LYS E 598 8.50 -40.00 127.98
CA LYS E 598 9.36 -40.85 128.79
C LYS E 598 9.69 -40.19 130.13
N LYS E 599 9.72 -38.86 130.13
CA LYS E 599 10.03 -38.12 131.34
C LYS E 599 8.79 -37.85 132.19
N LEU E 600 7.61 -37.99 131.58
CA LEU E 600 6.35 -37.79 132.30
C LEU E 600 5.81 -39.16 132.67
N ASN E 601 6.59 -40.18 132.35
CA ASN E 601 6.26 -41.56 132.68
C ASN E 601 5.05 -42.15 131.96
N ILE E 602 4.88 -41.78 130.69
CA ILE E 602 3.77 -42.29 129.89
C ILE E 602 4.23 -42.62 128.48
N GLU E 603 5.49 -43.03 128.33
CA GLU E 603 6.03 -43.35 127.01
C GLU E 603 5.26 -44.48 126.32
N GLU E 604 5.06 -45.57 127.04
CA GLU E 604 4.35 -46.71 126.47
C GLU E 604 2.98 -46.33 125.95
N MET E 605 2.24 -45.55 126.74
CA MET E 605 0.91 -45.12 126.35
C MET E 605 0.93 -44.24 125.10
N PHE E 606 1.81 -43.25 125.09
CA PHE E 606 1.89 -42.35 123.94
C PHE E 606 2.45 -43.00 122.66
N SER E 607 3.58 -43.68 122.78
CA SER E 607 4.20 -44.30 121.60
C SER E 607 3.68 -45.68 121.26
N GLU E 608 3.32 -46.46 122.26
CA GLU E 608 2.86 -47.83 122.03
C GLU E 608 4.04 -48.60 121.44
N GLY E 609 5.23 -48.07 121.70
CA GLY E 609 6.45 -48.67 121.21
C GLY E 609 6.72 -48.51 119.73
N LYS E 610 6.14 -47.48 119.13
CA LYS E 610 6.29 -47.24 117.69
C LYS E 610 6.98 -45.92 117.33
N ASP E 611 7.76 -45.96 116.26
CA ASP E 611 8.44 -44.78 115.76
C ASP E 611 7.59 -44.30 114.62
N GLU E 612 7.84 -43.09 114.13
CA GLU E 612 7.05 -42.56 113.04
C GLU E 612 6.80 -43.54 111.90
N LEU E 613 7.82 -44.30 111.52
CA LEU E 613 7.72 -45.27 110.44
C LEU E 613 6.71 -46.38 110.73
N ALA E 614 6.73 -46.88 111.97
CA ALA E 614 5.79 -47.91 112.35
C ALA E 614 4.37 -47.36 112.24
N TRP E 615 4.10 -46.23 112.89
CA TRP E 615 2.79 -45.60 112.84
C TRP E 615 2.33 -45.39 111.40
N CYS E 616 3.26 -45.00 110.53
CA CYS E 616 2.92 -44.81 109.12
C CYS E 616 2.41 -46.11 108.50
N GLU E 617 2.96 -47.25 108.92
CA GLU E 617 2.51 -48.51 108.35
C GLU E 617 1.11 -48.86 108.84
N GLN E 618 0.85 -48.61 110.12
CA GLN E 618 -0.46 -48.88 110.68
C GLN E 618 -1.45 -48.00 109.92
N TYR E 619 -1.10 -46.72 109.76
CA TYR E 619 -1.92 -45.75 109.05
C TYR E 619 -2.25 -46.26 107.64
N PHE E 620 -1.23 -46.84 106.99
CA PHE E 620 -1.39 -47.36 105.63
C PHE E 620 -2.46 -48.45 105.60
N ASN E 621 -2.36 -49.40 106.51
CA ASN E 621 -3.29 -50.51 106.59
C ASN E 621 -4.73 -50.13 106.97
N ALA E 622 -4.96 -48.86 107.31
CA ALA E 622 -6.29 -48.42 107.67
C ALA E 622 -6.98 -47.66 106.53
N THR E 623 -6.34 -47.67 105.36
CA THR E 623 -6.90 -46.99 104.19
C THR E 623 -7.25 -48.06 103.16
N ASP E 624 -7.60 -47.63 101.94
CA ASP E 624 -7.94 -48.55 100.87
C ASP E 624 -6.73 -48.97 100.05
N MET E 625 -5.56 -48.43 100.38
CA MET E 625 -4.32 -48.75 99.68
C MET E 625 -3.99 -50.24 99.61
N PRO E 626 -4.20 -50.97 100.73
CA PRO E 626 -3.90 -52.41 100.72
C PRO E 626 -4.53 -53.17 99.54
N LYS E 627 -5.55 -52.58 98.93
CA LYS E 627 -6.24 -53.19 97.80
C LYS E 627 -5.42 -53.11 96.51
N TYR E 628 -4.56 -52.11 96.40
CA TYR E 628 -3.76 -51.95 95.19
C TYR E 628 -2.30 -52.37 95.35
N MET E 629 -1.79 -52.34 96.57
CA MET E 629 -0.41 -52.75 96.82
C MET E 629 -0.11 -52.84 98.30
N THR E 630 0.86 -53.65 98.65
CA THR E 630 1.23 -53.81 100.06
C THR E 630 2.08 -52.62 100.50
N TRP E 631 2.33 -52.54 101.80
CA TRP E 631 3.12 -51.45 102.36
C TRP E 631 4.52 -51.41 101.76
N ASP E 632 5.23 -52.53 101.78
CA ASP E 632 6.57 -52.58 101.22
C ASP E 632 6.61 -52.06 99.79
N GLU E 633 5.70 -52.56 98.96
CA GLU E 633 5.65 -52.14 97.56
C GLU E 633 5.46 -50.62 97.47
N PHE E 634 4.60 -50.08 98.32
CA PHE E 634 4.34 -48.64 98.32
C PHE E 634 5.59 -47.90 98.79
N PHE E 635 6.22 -48.41 99.83
CA PHE E 635 7.43 -47.79 100.37
C PHE E 635 8.49 -47.68 99.28
N LYS E 636 8.74 -48.80 98.60
CA LYS E 636 9.73 -48.85 97.54
C LYS E 636 9.39 -47.98 96.32
N LYS E 637 8.12 -47.91 95.96
CA LYS E 637 7.72 -47.10 94.82
C LYS E 637 7.81 -45.62 95.17
N GLY E 638 7.24 -45.26 96.31
CA GLY E 638 7.29 -43.87 96.74
C GLY E 638 6.01 -43.11 96.57
N TYR E 639 5.28 -43.40 95.49
CA TYR E 639 4.02 -42.72 95.24
C TYR E 639 3.08 -43.62 94.46
N PHE E 640 1.78 -43.33 94.56
CA PHE E 640 0.77 -44.09 93.87
C PHE E 640 -0.32 -43.19 93.29
N VAL E 641 -0.53 -43.28 91.97
CA VAL E 641 -1.56 -42.49 91.31
C VAL E 641 -2.84 -43.35 91.24
N VAL E 642 -3.79 -43.05 92.11
CA VAL E 642 -5.04 -43.81 92.17
C VAL E 642 -5.72 -43.94 90.82
N PRO E 643 -6.18 -45.16 90.50
CA PRO E 643 -6.86 -45.44 89.22
C PRO E 643 -8.16 -44.65 89.04
N ASP E 644 -8.50 -44.39 87.79
CA ASP E 644 -9.73 -43.67 87.46
C ASP E 644 -10.92 -44.62 87.67
N ASN E 645 -12.08 -44.04 87.98
CA ASN E 645 -13.31 -44.82 88.19
C ASN E 645 -14.30 -44.23 87.16
N PRO E 646 -14.16 -44.64 85.89
CA PRO E 646 -14.95 -44.24 84.72
C PRO E 646 -16.46 -44.36 84.79
N ASN E 647 -16.95 -45.39 85.49
CA ASN E 647 -18.39 -45.62 85.55
C ASN E 647 -19.14 -45.20 86.80
N ARG E 648 -18.45 -44.82 87.87
CA ARG E 648 -19.17 -44.40 89.08
C ARG E 648 -20.14 -43.33 88.63
N LYS E 649 -21.34 -43.31 89.19
CA LYS E 649 -22.29 -42.30 88.77
C LYS E 649 -21.89 -40.92 89.26
N LYS E 650 -22.02 -39.94 88.39
CA LYS E 650 -21.68 -38.56 88.71
C LYS E 650 -22.87 -37.97 89.44
N THR E 651 -22.60 -37.23 90.51
CA THR E 651 -23.64 -36.59 91.30
C THR E 651 -23.27 -35.14 91.52
N VAL E 652 -23.65 -34.29 90.57
CA VAL E 652 -23.34 -32.87 90.62
C VAL E 652 -23.84 -32.24 91.92
N ALA E 653 -22.97 -31.48 92.56
CA ALA E 653 -23.28 -30.81 93.82
C ALA E 653 -24.63 -30.08 93.83
N LEU E 654 -25.38 -30.29 94.90
CA LEU E 654 -26.69 -29.66 95.10
C LEU E 654 -27.76 -29.94 94.05
N ARG E 655 -27.51 -30.87 93.13
CA ARG E 655 -28.52 -31.19 92.11
C ARG E 655 -29.72 -31.88 92.77
N TRP E 656 -29.44 -32.80 93.70
CA TRP E 656 -30.51 -33.50 94.41
C TRP E 656 -31.43 -32.46 95.05
N PHE E 657 -30.85 -31.35 95.50
CA PHE E 657 -31.61 -30.28 96.13
C PHE E 657 -32.47 -29.53 95.13
N ALA E 658 -31.86 -29.12 94.01
CA ALA E 658 -32.57 -28.38 92.98
C ALA E 658 -33.73 -29.20 92.42
N GLU E 659 -33.62 -30.53 92.52
CA GLU E 659 -34.65 -31.43 92.04
C GLU E 659 -35.49 -32.05 93.15
N GLY E 660 -35.37 -31.48 94.34
CA GLY E 660 -36.14 -31.94 95.48
C GLY E 660 -36.15 -33.43 95.77
N ARG E 661 -35.01 -34.09 95.65
CA ARG E 661 -34.96 -35.52 95.92
C ARG E 661 -33.89 -35.82 96.96
N GLU E 662 -33.87 -37.06 97.47
CA GLU E 662 -32.90 -37.46 98.48
C GLU E 662 -31.47 -37.15 98.07
N LYS E 663 -30.66 -36.70 99.04
CA LYS E 663 -29.26 -36.37 98.83
C LYS E 663 -28.53 -37.61 98.27
N ASP E 664 -27.88 -37.44 97.12
CA ASP E 664 -27.20 -38.57 96.46
C ASP E 664 -25.68 -38.46 96.33
N THR E 665 -25.13 -37.31 96.67
CA THR E 665 -23.69 -37.07 96.58
C THR E 665 -22.96 -37.81 97.69
N PRO E 666 -21.62 -37.72 97.72
CA PRO E 666 -20.87 -38.41 98.78
C PRO E 666 -20.61 -37.50 99.98
N ASP E 667 -21.28 -36.34 100.02
CA ASP E 667 -21.09 -35.38 101.11
C ASP E 667 -21.28 -36.00 102.49
N TRP E 668 -20.65 -35.39 103.49
CA TRP E 668 -20.72 -35.87 104.87
C TRP E 668 -21.96 -35.40 105.61
N GLY E 669 -22.88 -34.78 104.89
CA GLY E 669 -24.10 -34.29 105.50
C GLY E 669 -25.11 -33.89 104.46
N PRO E 670 -26.30 -33.43 104.87
CA PRO E 670 -26.72 -33.30 106.27
C PRO E 670 -27.00 -34.64 106.94
N ARG E 671 -26.88 -34.67 108.26
CA ARG E 671 -27.15 -35.89 109.01
C ARG E 671 -28.64 -36.19 108.94
N LEU E 672 -28.99 -37.48 108.88
CA LEU E 672 -30.36 -37.92 108.78
C LEU E 672 -31.35 -37.15 109.67
N ASN E 673 -30.99 -36.99 110.94
CA ASN E 673 -31.86 -36.29 111.88
C ASN E 673 -32.11 -34.84 111.51
N ASN E 674 -31.33 -34.30 110.56
CA ASN E 674 -31.55 -32.92 110.15
C ASN E 674 -32.34 -32.82 108.86
N GLN E 675 -32.90 -33.95 108.43
CA GLN E 675 -33.71 -34.00 107.23
C GLN E 675 -34.99 -34.79 107.45
N VAL E 676 -35.98 -34.49 106.63
CA VAL E 676 -37.24 -35.22 106.67
C VAL E 676 -37.11 -36.13 105.45
N CYS E 677 -37.00 -37.45 105.69
CA CYS E 677 -36.87 -38.43 104.61
C CYS E 677 -35.67 -38.09 103.72
N ARG E 678 -34.60 -37.67 104.37
CA ARG E 678 -33.35 -37.25 103.74
C ARG E 678 -33.42 -36.41 102.48
N LYS E 679 -34.28 -35.39 102.53
CA LYS E 679 -34.42 -34.44 101.43
C LYS E 679 -34.23 -33.07 102.07
N GLY E 680 -33.82 -32.08 101.28
CA GLY E 680 -33.65 -30.74 101.80
C GLY E 680 -32.36 -30.47 102.56
N LEU E 681 -32.07 -29.18 102.74
CA LEU E 681 -30.88 -28.77 103.47
C LEU E 681 -31.02 -29.07 104.95
N GLN E 682 -29.95 -28.83 105.69
CA GLN E 682 -29.89 -29.07 107.15
C GLN E 682 -30.75 -28.07 107.96
N THR E 683 -31.25 -27.02 107.32
CA THR E 683 -32.06 -26.04 108.03
C THR E 683 -33.39 -26.66 108.40
N THR E 684 -34.08 -26.06 109.36
CA THR E 684 -35.37 -26.57 109.82
C THR E 684 -36.33 -26.85 108.65
N THR E 685 -36.63 -25.82 107.87
CA THR E 685 -37.52 -25.94 106.73
C THR E 685 -36.92 -26.78 105.60
N GLY E 686 -35.62 -27.04 105.69
CA GLY E 686 -34.94 -27.80 104.66
C GLY E 686 -34.71 -26.92 103.43
N LYS E 687 -34.99 -25.64 103.57
CA LYS E 687 -34.85 -24.68 102.48
C LYS E 687 -33.82 -23.60 102.76
N VAL E 688 -33.58 -22.76 101.75
CA VAL E 688 -32.66 -21.64 101.85
C VAL E 688 -33.45 -20.57 102.59
N GLU E 689 -33.11 -20.36 103.85
CA GLU E 689 -33.79 -19.40 104.70
C GLU E 689 -33.29 -17.96 104.65
N PHE E 690 -33.90 -17.13 103.80
CA PHE E 690 -33.50 -15.73 103.68
C PHE E 690 -33.74 -15.04 105.02
N ILE E 691 -34.53 -15.71 105.85
CA ILE E 691 -34.83 -15.26 107.20
C ILE E 691 -34.48 -16.50 108.00
N ALA E 692 -33.27 -16.54 108.52
CA ALA E 692 -32.79 -17.69 109.29
C ALA E 692 -33.68 -17.97 110.49
N THR E 693 -34.10 -19.23 110.63
CA THR E 693 -34.95 -19.60 111.76
C THR E 693 -34.11 -19.77 113.03
N SER E 694 -32.88 -20.25 112.88
CA SER E 694 -32.00 -20.42 114.03
C SER E 694 -31.66 -19.07 114.65
N LEU E 695 -31.46 -18.06 113.80
CA LEU E 695 -31.13 -16.73 114.28
C LEU E 695 -32.38 -16.03 114.83
N LYS E 696 -33.53 -16.33 114.25
CA LYS E 696 -34.76 -15.71 114.72
C LYS E 696 -35.05 -16.26 116.11
N ASN E 697 -34.71 -17.53 116.31
CA ASN E 697 -34.92 -18.15 117.61
C ASN E 697 -34.00 -17.45 118.59
N PHE E 698 -32.73 -17.34 118.18
CA PHE E 698 -31.67 -16.70 118.96
C PHE E 698 -32.05 -15.31 119.43
N GLU E 699 -32.44 -14.45 118.49
CA GLU E 699 -32.80 -13.08 118.84
C GLU E 699 -34.00 -12.99 119.77
N GLU E 700 -34.97 -13.89 119.61
CA GLU E 700 -36.14 -13.86 120.47
C GLU E 700 -35.84 -14.41 121.86
N GLN E 701 -34.73 -15.12 121.98
CA GLN E 701 -34.32 -15.66 123.27
C GLN E 701 -33.63 -14.58 124.09
N GLY E 702 -33.41 -13.42 123.47
CA GLY E 702 -32.78 -12.30 124.16
C GLY E 702 -31.45 -11.84 123.59
N TYR E 703 -30.81 -12.69 122.81
CA TYR E 703 -29.54 -12.34 122.20
C TYR E 703 -29.68 -11.40 121.02
N ILE E 704 -29.81 -10.11 121.31
CA ILE E 704 -29.95 -9.10 120.27
C ILE E 704 -28.59 -8.80 119.68
N ASP E 705 -28.52 -8.71 118.35
CA ASP E 705 -27.28 -8.45 117.64
C ASP E 705 -27.55 -7.75 116.31
N GLU E 706 -27.58 -6.43 116.34
CA GLU E 706 -27.85 -5.62 115.15
C GLU E 706 -27.03 -5.97 113.89
N HIS E 707 -25.80 -6.46 114.07
CA HIS E 707 -24.96 -6.77 112.90
C HIS E 707 -25.05 -8.22 112.42
N ARG E 708 -26.05 -8.93 112.91
CA ARG E 708 -26.27 -10.29 112.49
C ARG E 708 -27.76 -10.52 112.56
N PRO E 709 -28.53 -9.70 111.82
CA PRO E 709 -29.99 -9.82 111.79
C PRO E 709 -30.39 -11.17 111.21
N SER E 710 -31.58 -11.64 111.57
CA SER E 710 -32.07 -12.92 111.07
C SER E 710 -32.31 -12.85 109.55
N MET E 711 -32.62 -11.67 109.05
CA MET E 711 -32.84 -11.48 107.62
C MET E 711 -31.60 -10.91 106.96
N HIS E 712 -31.20 -11.51 105.84
CA HIS E 712 -30.05 -11.02 105.09
C HIS E 712 -30.45 -9.63 104.60
N THR E 713 -29.78 -8.62 105.12
CA THR E 713 -30.07 -7.24 104.76
C THR E 713 -28.79 -6.47 104.55
N TYR E 714 -28.91 -5.23 104.11
CA TYR E 714 -27.74 -4.41 103.87
C TYR E 714 -27.24 -3.76 105.16
N VAL E 715 -26.55 -4.55 105.98
CA VAL E 715 -25.99 -4.02 107.21
C VAL E 715 -24.69 -3.29 106.85
N PRO E 716 -24.66 -1.96 107.04
CA PRO E 716 -23.42 -1.24 106.69
C PRO E 716 -22.23 -1.84 107.45
N ALA E 717 -21.13 -2.11 106.73
CA ALA E 717 -19.93 -2.69 107.37
C ALA E 717 -19.41 -1.70 108.41
N TRP E 718 -19.16 -2.17 109.63
CA TRP E 718 -18.69 -1.25 110.66
C TRP E 718 -17.32 -0.64 110.43
N GLU E 719 -16.49 -1.27 109.60
CA GLU E 719 -15.18 -0.70 109.25
C GLU E 719 -15.11 -0.51 107.73
N SER E 720 -15.99 0.34 107.21
CA SER E 720 -16.03 0.66 105.80
C SER E 720 -15.71 2.15 105.76
N GLN E 721 -15.48 2.70 104.59
CA GLN E 721 -15.11 4.11 104.48
C GLN E 721 -16.21 5.15 104.66
N LYS E 722 -17.46 4.79 104.38
CA LYS E 722 -18.51 5.80 104.55
C LYS E 722 -19.36 5.59 105.80
N HIS E 723 -19.21 4.45 106.47
CA HIS E 723 -20.01 4.17 107.65
C HIS E 723 -19.21 4.15 108.96
N SER E 724 -17.93 4.51 108.89
CA SER E 724 -17.11 4.52 110.08
C SER E 724 -16.55 5.91 110.36
N PRO E 725 -16.75 6.42 111.58
CA PRO E 725 -16.26 7.75 111.95
C PRO E 725 -14.73 7.77 111.86
N LEU E 726 -14.14 6.59 111.86
CA LEU E 726 -12.71 6.37 111.78
C LEU E 726 -12.12 6.82 110.42
N ALA E 727 -12.94 6.80 109.37
CA ALA E 727 -12.49 7.18 108.04
C ALA E 727 -12.06 8.64 107.95
N VAL E 728 -12.46 9.45 108.93
CA VAL E 728 -12.09 10.86 108.92
C VAL E 728 -10.58 11.01 109.06
N LYS E 729 -9.99 10.19 109.92
CA LYS E 729 -8.56 10.21 110.16
C LYS E 729 -7.84 9.25 109.22
N TYR E 730 -8.51 8.15 108.90
CA TYR E 730 -7.95 7.12 108.03
C TYR E 730 -8.91 6.84 106.88
N PRO E 731 -8.86 7.69 105.84
CA PRO E 731 -9.68 7.63 104.62
C PRO E 731 -9.48 6.44 103.71
N LEU E 732 -8.31 5.82 103.76
CA LEU E 732 -8.00 4.69 102.89
C LEU E 732 -8.46 3.33 103.41
N GLY E 733 -9.19 2.59 102.57
CA GLY E 733 -9.66 1.27 102.96
C GLY E 733 -8.67 0.20 102.56
N MET E 734 -8.19 -0.57 103.53
CA MET E 734 -7.22 -1.61 103.25
C MET E 734 -7.74 -3.03 103.38
N LEU E 735 -7.40 -3.86 102.39
CA LEU E 735 -7.76 -5.28 102.42
C LEU E 735 -6.43 -6.00 102.44
N SER E 736 -6.36 -7.13 103.14
CA SER E 736 -5.11 -7.87 103.24
C SER E 736 -5.27 -9.38 103.06
N PRO E 737 -5.42 -9.83 101.80
CA PRO E 737 -5.60 -11.25 101.46
C PRO E 737 -4.35 -12.07 101.76
N HIS E 738 -4.41 -13.36 101.42
CA HIS E 738 -3.31 -14.29 101.64
C HIS E 738 -2.11 -14.06 100.74
N PRO E 739 -0.88 -14.21 101.30
CA PRO E 739 0.37 -14.02 100.56
C PRO E 739 0.48 -14.83 99.28
N ARG E 740 0.77 -14.15 98.17
CA ARG E 740 0.91 -14.77 96.86
C ARG E 740 2.10 -15.72 96.75
N PHE E 741 3.25 -15.27 97.26
CA PHE E 741 4.45 -16.09 97.17
C PHE E 741 4.83 -16.86 98.44
N SER E 742 3.85 -17.11 99.30
CA SER E 742 4.11 -17.85 100.53
C SER E 742 2.85 -18.52 101.08
N MET E 743 3.01 -19.62 101.82
CA MET E 743 1.87 -20.30 102.43
C MET E 743 1.83 -19.67 103.81
N HIS E 744 1.13 -18.54 103.92
CA HIS E 744 1.06 -17.79 105.15
C HIS E 744 2.48 -17.47 105.60
N THR E 745 2.84 -17.73 106.86
CA THR E 745 4.18 -17.40 107.32
C THR E 745 5.25 -18.35 106.81
N MET E 746 4.82 -19.53 106.37
CA MET E 746 5.75 -20.53 105.86
C MET E 746 6.16 -20.21 104.42
N GLY E 747 7.16 -19.35 104.29
CA GLY E 747 7.64 -18.95 102.98
C GLY E 747 8.34 -17.61 103.08
N ASP E 748 7.72 -16.67 103.79
CA ASP E 748 8.30 -15.35 103.94
C ASP E 748 9.43 -15.41 104.96
N GLY E 749 10.28 -14.38 104.96
CA GLY E 749 11.40 -14.33 105.87
C GLY E 749 12.32 -15.54 105.75
N LYS E 750 13.01 -15.86 106.84
CA LYS E 750 13.93 -17.00 106.89
C LYS E 750 15.06 -16.95 105.86
N ASN E 751 15.23 -15.80 105.21
N ASN E 751 15.23 -15.80 105.21
CA ASN E 751 16.26 -15.64 104.19
CA ASN E 751 16.26 -15.64 104.19
C ASN E 751 16.04 -16.68 103.10
C ASN E 751 16.04 -16.68 103.10
N SER E 752 14.77 -16.92 102.80
CA SER E 752 14.37 -17.88 101.78
C SER E 752 14.51 -17.27 100.39
N TYR E 753 14.48 -18.09 99.35
CA TYR E 753 14.62 -17.57 97.99
C TYR E 753 13.42 -16.71 97.64
N MET E 754 12.30 -16.97 98.29
CA MET E 754 11.08 -16.22 98.06
C MET E 754 11.29 -14.73 98.21
N ASN E 755 12.14 -14.35 99.16
CA ASN E 755 12.41 -12.93 99.42
C ASN E 755 13.00 -12.13 98.26
N TYR E 756 13.54 -12.80 97.25
CA TYR E 756 14.10 -12.06 96.11
C TYR E 756 13.09 -11.91 94.98
N ILE E 757 11.85 -12.30 95.25
CA ILE E 757 10.79 -12.18 94.25
C ILE E 757 10.34 -10.72 94.20
N LYS E 758 10.37 -10.15 93.00
CA LYS E 758 10.00 -8.74 92.80
C LYS E 758 8.69 -8.32 93.45
N ASP E 759 7.66 -9.15 93.33
CA ASP E 759 6.36 -8.80 93.89
C ASP E 759 6.12 -9.31 95.31
N HIS E 760 7.20 -9.70 95.99
CA HIS E 760 7.10 -10.16 97.37
C HIS E 760 7.63 -9.04 98.27
N ARG E 761 8.95 -8.88 98.32
CA ARG E 761 9.57 -7.83 99.12
C ARG E 761 10.43 -6.96 98.22
N VAL E 762 10.63 -5.71 98.63
CA VAL E 762 11.46 -4.78 97.87
C VAL E 762 12.63 -4.32 98.73
N GLU E 763 13.85 -4.64 98.29
CA GLU E 763 15.04 -4.26 99.04
C GLU E 763 15.33 -2.76 98.93
N VAL E 764 15.49 -2.13 100.09
CA VAL E 764 15.77 -0.70 100.15
C VAL E 764 16.87 -0.45 101.18
N ASP E 765 18.07 -0.14 100.69
CA ASP E 765 19.22 0.11 101.55
C ASP E 765 19.54 -1.10 102.42
N GLY E 766 19.64 -2.27 101.81
CA GLY E 766 19.97 -3.48 102.52
C GLY E 766 18.87 -4.24 103.23
N TYR E 767 17.69 -3.64 103.36
CA TYR E 767 16.59 -4.31 104.05
C TYR E 767 15.44 -4.59 103.10
N LYS E 768 14.92 -5.82 103.12
CA LYS E 768 13.81 -6.19 102.25
C LYS E 768 12.48 -5.90 102.93
N TYR E 769 11.80 -4.87 102.46
CA TYR E 769 10.52 -4.49 103.04
C TYR E 769 9.32 -5.16 102.38
N TRP E 770 8.24 -5.24 103.15
CA TRP E 770 6.98 -5.81 102.71
C TRP E 770 6.34 -4.76 101.81
N ILE E 771 5.53 -5.19 100.86
CA ILE E 771 4.92 -4.26 99.90
C ILE E 771 3.47 -3.88 100.20
N MET E 772 3.12 -2.64 99.82
CA MET E 772 1.76 -2.16 99.93
C MET E 772 1.41 -1.53 98.59
N ARG E 773 0.39 -2.04 97.93
CA ARG E 773 0.00 -1.51 96.64
C ARG E 773 -0.89 -0.29 96.83
N VAL E 774 -0.64 0.74 96.05
CA VAL E 774 -1.36 1.99 96.16
C VAL E 774 -1.68 2.54 94.77
N ASN E 775 -2.89 3.07 94.60
CA ASN E 775 -3.30 3.62 93.33
C ASN E 775 -2.62 4.96 93.05
N SER E 776 -2.09 5.08 91.83
CA SER E 776 -1.40 6.27 91.36
C SER E 776 -1.95 7.59 91.88
N ILE E 777 -3.27 7.68 91.95
CA ILE E 777 -3.90 8.92 92.41
C ILE E 777 -3.72 9.18 93.90
N ASP E 778 -3.75 8.14 94.72
CA ASP E 778 -3.58 8.32 96.16
C ASP E 778 -2.12 8.59 96.49
N ALA E 779 -1.21 8.03 95.69
CA ALA E 779 0.21 8.22 95.89
C ALA E 779 0.57 9.67 95.56
N GLU E 780 0.20 10.10 94.37
CA GLU E 780 0.46 11.46 93.91
C GLU E 780 -0.04 12.49 94.90
N ALA E 781 -1.17 12.21 95.52
CA ALA E 781 -1.77 13.13 96.50
C ALA E 781 -0.94 13.22 97.78
N ARG E 782 -0.07 12.23 97.99
CA ARG E 782 0.77 12.19 99.18
C ARG E 782 2.26 12.29 98.83
N GLY E 783 2.56 12.52 97.56
CA GLY E 783 3.95 12.62 97.14
C GLY E 783 4.70 11.30 97.22
N ILE E 784 3.95 10.20 97.12
CA ILE E 784 4.52 8.85 97.19
C ILE E 784 4.88 8.31 95.80
N LYS E 785 6.11 7.84 95.64
CA LYS E 785 6.56 7.28 94.37
C LYS E 785 6.89 5.81 94.54
N ASN E 786 6.74 5.06 93.45
CA ASN E 786 7.01 3.63 93.47
C ASN E 786 8.34 3.34 94.18
N GLY E 787 8.34 2.39 95.11
CA GLY E 787 9.57 2.07 95.81
C GLY E 787 9.81 2.86 97.10
N ASP E 788 9.16 4.00 97.25
CA ASP E 788 9.31 4.81 98.45
C ASP E 788 8.90 4.03 99.69
N LEU E 789 9.56 4.30 100.81
CA LEU E 789 9.21 3.67 102.08
C LEU E 789 8.09 4.50 102.68
N ILE E 790 6.96 3.86 102.92
CA ILE E 790 5.82 4.56 103.50
C ILE E 790 5.47 4.00 104.87
N ARG E 791 4.63 4.74 105.58
CA ARG E 791 4.18 4.33 106.91
C ARG E 791 2.66 4.21 106.86
N ALA E 792 2.14 2.99 107.07
CA ALA E 792 0.70 2.77 107.09
C ALA E 792 0.29 2.72 108.57
N TYR E 793 -0.71 3.50 108.96
CA TYR E 793 -1.09 3.53 110.37
C TYR E 793 -2.54 3.88 110.70
N ASN E 794 -2.93 3.58 111.94
CA ASN E 794 -4.24 3.91 112.48
C ASN E 794 -4.13 3.82 114.01
N ASP E 795 -5.25 3.88 114.73
CA ASP E 795 -5.19 3.85 116.18
C ASP E 795 -4.50 2.64 116.77
N ARG E 796 -4.35 1.59 115.97
CA ARG E 796 -3.76 0.33 116.43
C ARG E 796 -2.26 0.16 116.25
N GLY E 797 -1.66 0.95 115.37
CA GLY E 797 -0.22 0.81 115.18
C GLY E 797 0.32 1.46 113.93
N SER E 798 1.58 1.15 113.64
CA SER E 798 2.25 1.66 112.48
C SER E 798 3.08 0.53 111.91
N VAL E 799 3.18 0.50 110.59
CA VAL E 799 3.95 -0.51 109.90
C VAL E 799 4.70 0.20 108.78
N ILE E 800 5.99 -0.07 108.68
CA ILE E 800 6.82 0.52 107.63
C ILE E 800 6.80 -0.44 106.42
N LEU E 801 6.53 0.12 105.24
CA LEU E 801 6.44 -0.71 104.04
C LEU E 801 6.95 0.01 102.79
N ALA E 802 7.19 -0.77 101.74
CA ALA E 802 7.64 -0.22 100.47
C ALA E 802 6.41 -0.10 99.56
N ALA E 803 6.24 1.06 98.96
CA ALA E 803 5.08 1.31 98.09
C ALA E 803 5.20 0.80 96.65
N GLN E 804 4.07 0.37 96.11
CA GLN E 804 3.97 -0.10 94.73
C GLN E 804 2.81 0.68 94.12
N VAL E 805 3.12 1.68 93.30
CA VAL E 805 2.09 2.48 92.68
C VAL E 805 1.52 1.71 91.47
N THR E 806 0.21 1.47 91.51
CA THR E 806 -0.46 0.71 90.47
C THR E 806 -1.84 1.27 90.12
N GLU E 807 -2.47 0.67 89.12
CA GLU E 807 -3.82 1.05 88.68
C GLU E 807 -4.74 -0.09 89.08
N CYS E 808 -4.14 -1.17 89.56
CA CYS E 808 -4.87 -2.37 89.97
C CYS E 808 -5.70 -2.24 91.25
N LEU E 809 -6.15 -1.02 91.54
CA LEU E 809 -6.98 -0.74 92.71
C LEU E 809 -7.73 0.54 92.43
N GLN E 810 -8.96 0.63 92.91
CA GLN E 810 -9.74 1.84 92.72
C GLN E 810 -9.21 2.90 93.70
N PRO E 811 -9.16 4.18 93.27
CA PRO E 811 -8.68 5.27 94.12
C PRO E 811 -9.35 5.22 95.50
N GLY E 812 -8.54 5.22 96.56
CA GLY E 812 -9.07 5.17 97.90
C GLY E 812 -8.82 3.84 98.57
N THR E 813 -8.42 2.85 97.78
CA THR E 813 -8.15 1.51 98.29
C THR E 813 -6.67 1.15 98.25
N VAL E 814 -6.19 0.50 99.29
CA VAL E 814 -4.79 0.09 99.36
C VAL E 814 -4.79 -1.41 99.62
N HIS E 815 -3.71 -2.09 99.26
CA HIS E 815 -3.66 -3.53 99.42
C HIS E 815 -2.29 -4.03 99.84
N SER E 816 -2.27 -4.93 100.81
CA SER E 816 -1.04 -5.53 101.30
C SER E 816 -1.40 -6.88 101.91
N TYR E 817 -0.76 -7.94 101.46
CA TYR E 817 -1.01 -9.29 101.99
C TYR E 817 -0.70 -9.41 103.47
N GLU E 818 -1.25 -10.45 104.09
CA GLU E 818 -1.03 -10.72 105.51
C GLU E 818 -0.07 -11.88 105.61
N SER E 819 0.08 -12.40 106.83
CA SER E 819 0.95 -13.56 107.08
C SER E 819 2.44 -13.28 107.10
N CYS E 820 2.82 -12.01 107.25
CA CYS E 820 4.22 -11.63 107.34
C CYS E 820 4.82 -12.51 108.43
N ALA E 821 5.94 -13.16 108.14
CA ALA E 821 6.59 -14.04 109.11
C ALA E 821 7.65 -13.33 109.92
N VAL E 822 7.89 -12.06 109.59
CA VAL E 822 8.92 -11.27 110.26
C VAL E 822 8.42 -10.13 111.15
N TYR E 823 8.55 -10.30 112.47
CA TYR E 823 8.15 -9.23 113.38
C TYR E 823 9.44 -8.52 113.79
N ASP E 824 9.64 -7.32 113.25
CA ASP E 824 10.86 -6.57 113.54
C ASP E 824 10.58 -5.14 114.00
N PRO E 825 10.29 -4.96 115.30
CA PRO E 825 9.99 -3.68 115.96
C PRO E 825 11.14 -2.68 115.85
N LEU E 826 10.83 -1.41 115.65
CA LEU E 826 11.85 -0.37 115.54
C LEU E 826 12.12 0.21 116.94
N GLY E 827 11.23 -0.11 117.87
CA GLY E 827 11.34 0.35 119.24
C GLY E 827 10.92 -0.80 120.16
N THR E 828 10.30 -0.46 121.29
CA THR E 828 9.85 -1.48 122.23
C THR E 828 8.84 -2.39 121.54
N ALA E 829 8.87 -3.67 121.90
CA ALA E 829 7.96 -4.65 121.33
C ALA E 829 6.51 -4.30 121.66
N GLY E 830 5.66 -4.38 120.62
CA GLY E 830 4.25 -4.09 120.79
C GLY E 830 3.89 -2.64 121.00
N LYS E 831 4.88 -1.76 121.07
CA LYS E 831 4.61 -0.35 121.30
C LYS E 831 5.18 0.59 120.24
N SER E 832 5.80 0.03 119.20
CA SER E 832 6.39 0.86 118.17
C SER E 832 6.10 0.35 116.76
N ALA E 833 6.50 1.13 115.75
CA ALA E 833 6.30 0.75 114.38
C ALA E 833 7.12 -0.49 114.09
N ASP E 834 6.54 -1.40 113.32
CA ASP E 834 7.21 -2.62 112.93
C ASP E 834 7.60 -2.47 111.48
N ARG E 835 8.82 -2.88 111.13
CA ARG E 835 9.26 -2.76 109.75
C ARG E 835 9.35 -4.14 109.10
N GLY E 836 9.00 -5.17 109.87
CA GLY E 836 9.02 -6.53 109.35
C GLY E 836 7.97 -6.69 108.28
N GLY E 837 6.79 -6.10 108.51
CA GLY E 837 5.71 -6.18 107.54
C GLY E 837 4.42 -6.79 108.04
N CYS E 838 4.21 -6.77 109.36
CA CYS E 838 3.00 -7.34 109.96
C CYS E 838 1.79 -6.42 109.85
N ILE E 839 1.18 -6.42 108.67
CA ILE E 839 0.01 -5.60 108.37
C ILE E 839 -1.18 -5.87 109.30
N ASN E 840 -1.28 -7.06 109.86
CA ASN E 840 -2.38 -7.34 110.76
C ASN E 840 -2.28 -6.58 112.08
N ILE E 841 -1.31 -5.69 112.15
CA ILE E 841 -1.12 -4.85 113.33
C ILE E 841 -2.20 -3.77 113.24
N LEU E 842 -2.60 -3.46 112.02
CA LEU E 842 -3.61 -2.42 111.75
C LEU E 842 -5.05 -2.93 111.60
N THR E 843 -5.22 -4.24 111.58
CA THR E 843 -6.55 -4.82 111.41
C THR E 843 -7.36 -4.82 112.71
N PRO E 844 -8.65 -4.43 112.63
CA PRO E 844 -9.55 -4.37 113.79
C PRO E 844 -9.73 -5.71 114.49
N ASP E 845 -9.71 -5.71 115.82
CA ASP E 845 -9.87 -6.94 116.59
C ASP E 845 -11.32 -7.18 117.06
N ARG E 846 -12.20 -6.24 116.75
CA ARG E 846 -13.61 -6.38 117.11
C ARG E 846 -14.21 -7.55 116.32
N TYR E 847 -15.01 -8.37 116.99
CA TYR E 847 -15.66 -9.51 116.33
C TYR E 847 -16.59 -9.00 115.21
N ILE E 848 -16.85 -9.84 114.21
CA ILE E 848 -17.72 -9.43 113.10
C ILE E 848 -19.07 -8.92 113.62
N SER E 849 -19.60 -9.56 114.67
CA SER E 849 -20.85 -9.12 115.29
C SER E 849 -20.73 -9.43 116.78
N LYS E 850 -21.69 -8.99 117.58
CA LYS E 850 -21.65 -9.23 119.01
C LYS E 850 -21.52 -10.71 119.37
N TYR E 851 -22.17 -11.58 118.59
CA TYR E 851 -22.12 -13.02 118.86
C TYR E 851 -21.41 -13.83 117.79
N ALA E 852 -21.13 -13.21 116.65
CA ALA E 852 -20.41 -13.88 115.57
C ALA E 852 -18.94 -13.59 115.88
N CYS E 853 -18.34 -14.49 116.67
CA CYS E 853 -16.96 -14.33 117.11
C CYS E 853 -15.85 -14.70 116.12
N GLY E 854 -15.87 -14.05 114.96
CA GLY E 854 -14.88 -14.31 113.93
C GLY E 854 -14.08 -13.05 113.61
N MET E 855 -13.00 -13.21 112.85
CA MET E 855 -12.14 -12.08 112.47
C MET E 855 -12.67 -11.33 111.24
N ALA E 856 -12.57 -10.00 111.27
CA ALA E 856 -13.04 -9.16 110.18
C ALA E 856 -11.88 -8.38 109.56
N ASN E 857 -10.72 -9.03 109.53
CA ASN E 857 -9.49 -8.44 109.02
C ASN E 857 -9.51 -7.68 107.71
N ASN E 858 -10.20 -8.20 106.71
CA ASN E 858 -10.20 -7.55 105.41
C ASN E 858 -10.94 -6.23 105.19
N THR E 859 -11.31 -5.59 106.29
CA THR E 859 -11.95 -4.27 106.25
C THR E 859 -11.22 -3.49 107.33
N ALA E 860 -10.22 -2.72 106.92
CA ALA E 860 -9.44 -1.92 107.87
C ALA E 860 -9.15 -0.53 107.35
N LEU E 861 -9.45 0.49 108.14
CA LEU E 861 -9.19 1.87 107.76
C LEU E 861 -7.78 2.30 108.16
N VAL E 862 -7.05 2.88 107.21
CA VAL E 862 -5.70 3.33 107.48
C VAL E 862 -5.38 4.60 106.72
N GLU E 863 -4.24 5.18 107.06
CA GLU E 863 -3.74 6.38 106.40
C GLU E 863 -2.30 6.04 106.11
N ILE E 864 -1.71 6.66 105.09
CA ILE E 864 -0.33 6.39 104.77
C ILE E 864 0.38 7.68 104.46
N GLU E 865 1.71 7.65 104.56
CA GLU E 865 2.55 8.80 104.29
C GLU E 865 3.96 8.28 104.07
N LYS E 866 4.84 9.14 103.56
CA LYS E 866 6.22 8.74 103.38
C LYS E 866 6.75 8.64 104.80
N TRP E 867 7.55 7.61 105.07
CA TRP E 867 8.08 7.43 106.41
C TRP E 867 9.20 8.43 106.74
N ASP E 868 8.99 9.21 107.80
CA ASP E 868 9.98 10.21 108.21
C ASP E 868 11.15 9.59 108.95
N GLY E 869 11.12 8.27 109.13
CA GLY E 869 12.21 7.60 109.81
C GLY E 869 12.01 7.41 111.30
N ASP E 870 10.93 7.95 111.86
CA ASP E 870 10.68 7.83 113.28
C ASP E 870 10.28 6.39 113.64
N LYS E 871 10.38 6.03 114.92
CA LYS E 871 10.04 4.70 115.36
C LYS E 871 8.63 4.60 115.92
N TYR E 872 7.96 5.73 116.03
CA TYR E 872 6.59 5.80 116.54
C TYR E 872 6.30 4.87 117.71
N GLU E 873 6.98 5.08 118.83
CA GLU E 873 6.73 4.27 120.00
C GLU E 873 5.63 4.97 120.79
N ILE E 874 4.41 4.86 120.28
CA ILE E 874 3.25 5.51 120.88
C ILE E 874 2.07 4.56 121.14
N TYR E 875 2.30 3.25 121.05
CA TYR E 875 1.22 2.30 121.26
C TYR E 875 1.38 1.48 122.54
N MET F 1 23.43 -31.69 63.41
CA MET F 1 23.73 -30.77 64.55
C MET F 1 22.44 -30.04 65.00
N GLU F 2 21.67 -30.73 65.84
CA GLU F 2 20.42 -30.19 66.34
C GLU F 2 20.67 -29.14 67.44
N GLN F 3 20.00 -28.00 67.31
CA GLN F 3 20.13 -26.89 68.25
C GLN F 3 18.95 -26.82 69.22
N TYR F 4 19.16 -26.16 70.36
CA TYR F 4 18.11 -26.00 71.36
C TYR F 4 17.41 -24.67 71.09
N TYR F 5 16.11 -24.60 71.39
CA TYR F 5 15.33 -23.39 71.20
C TYR F 5 14.28 -23.29 72.31
N MET F 6 13.79 -22.08 72.57
CA MET F 6 12.78 -21.91 73.61
C MET F 6 11.75 -20.88 73.19
N VAL F 7 10.48 -21.18 73.47
CA VAL F 7 9.41 -20.26 73.13
C VAL F 7 8.64 -19.94 74.40
N ILE F 8 8.37 -18.65 74.60
CA ILE F 8 7.68 -18.18 75.79
C ILE F 8 6.42 -17.43 75.40
N ASP F 9 5.28 -17.87 75.92
CA ASP F 9 4.01 -17.20 75.61
C ASP F 9 3.67 -16.16 76.67
N VAL F 10 3.93 -14.90 76.33
CA VAL F 10 3.64 -13.79 77.23
C VAL F 10 2.22 -13.85 77.79
N ALA F 11 1.24 -14.04 76.91
CA ALA F 11 -0.17 -14.09 77.32
C ALA F 11 -0.46 -15.13 78.41
N LYS F 12 0.50 -15.98 78.70
CA LYS F 12 0.30 -16.99 79.74
C LYS F 12 1.11 -16.80 81.03
N CYS F 13 1.97 -15.78 81.11
CA CYS F 13 2.74 -15.57 82.35
C CYS F 13 1.84 -15.00 83.43
N GLN F 14 1.93 -15.56 84.63
CA GLN F 14 1.15 -15.03 85.75
C GLN F 14 2.08 -14.50 86.83
N ASP F 15 3.38 -14.49 86.54
CA ASP F 15 4.40 -13.98 87.46
C ASP F 15 4.40 -14.67 88.83
N CYS F 16 4.25 -15.99 88.84
CA CYS F 16 4.24 -16.72 90.10
C CYS F 16 5.65 -17.08 90.53
N ASN F 17 6.61 -16.81 89.64
CA ASN F 17 8.02 -17.06 89.89
C ASN F 17 8.50 -18.49 90.08
N ASN F 18 7.81 -19.47 89.52
CA ASN F 18 8.30 -20.84 89.64
C ASN F 18 9.61 -20.99 88.88
N CYS F 19 9.80 -20.22 87.79
CA CYS F 19 11.04 -20.28 87.02
C CYS F 19 12.16 -20.02 87.96
N PHE F 20 12.17 -18.75 88.35
CA PHE F 20 13.13 -18.13 89.25
C PHE F 20 13.50 -19.02 90.42
N MET F 21 12.52 -19.48 91.17
CA MET F 21 12.82 -20.34 92.30
C MET F 21 13.49 -21.59 91.78
N GLY F 22 13.25 -21.87 90.50
CA GLY F 22 13.83 -23.01 89.84
C GLY F 22 15.33 -22.88 89.72
N CYS F 23 15.85 -21.78 89.15
CA CYS F 23 17.32 -21.63 89.06
C CYS F 23 17.89 -21.69 90.44
N MET F 24 17.38 -20.82 91.30
CA MET F 24 17.87 -20.72 92.66
C MET F 24 18.02 -22.11 93.25
N ASP F 25 16.93 -22.87 93.22
CA ASP F 25 16.95 -24.23 93.76
C ASP F 25 18.07 -25.06 93.14
N GLU F 26 18.36 -24.84 91.86
CA GLU F 26 19.39 -25.58 91.16
C GLU F 26 20.79 -25.00 91.28
N HIS F 27 20.87 -23.67 91.31
CA HIS F 27 22.16 -22.99 91.34
C HIS F 27 22.65 -22.23 92.59
N GLU F 28 21.78 -22.02 93.57
CA GLU F 28 22.19 -21.26 94.76
C GLU F 28 23.06 -22.03 95.75
N LEU F 29 22.72 -23.29 96.00
CA LEU F 29 23.48 -24.13 96.93
C LEU F 29 24.26 -25.23 96.23
N ASN F 30 24.22 -25.24 94.90
CA ASN F 30 24.94 -26.25 94.12
C ASN F 30 26.02 -25.67 93.24
N GLU F 31 27.11 -26.41 93.12
CA GLU F 31 28.23 -26.01 92.28
C GLU F 31 28.26 -27.01 91.13
N TRP F 32 28.38 -26.50 89.91
CA TRP F 32 28.42 -27.37 88.74
C TRP F 32 29.73 -27.25 87.98
N PRO F 33 30.73 -28.05 88.38
CA PRO F 33 32.07 -28.06 87.75
C PRO F 33 31.99 -28.12 86.23
N GLY F 34 32.54 -27.10 85.58
CA GLY F 34 32.54 -27.06 84.13
C GLY F 34 31.47 -26.15 83.55
N TYR F 35 30.44 -25.85 84.36
CA TYR F 35 29.35 -25.00 83.89
C TYR F 35 29.19 -23.69 84.65
N THR F 36 29.21 -23.77 85.97
CA THR F 36 29.03 -22.56 86.78
C THR F 36 29.23 -22.82 88.27
N ALA F 37 29.67 -21.78 88.97
CA ALA F 37 29.87 -21.86 90.41
C ALA F 37 28.50 -21.57 91.00
N SER F 38 28.37 -21.63 92.32
CA SER F 38 27.07 -21.37 92.93
C SER F 38 26.60 -19.94 92.64
N MET F 39 25.29 -19.80 92.44
CA MET F 39 24.65 -18.52 92.14
C MET F 39 24.65 -17.54 93.32
N GLN F 40 24.68 -16.25 93.02
CA GLN F 40 24.65 -15.24 94.07
C GLN F 40 23.23 -14.79 94.38
N ARG F 41 22.89 -14.73 95.65
CA ARG F 41 21.58 -14.28 96.06
C ARG F 41 21.35 -12.87 95.56
N GLY F 42 20.18 -12.64 94.96
CA GLY F 42 19.87 -11.33 94.42
C GLY F 42 19.96 -11.31 92.90
N HIS F 43 20.75 -12.23 92.35
CA HIS F 43 20.93 -12.33 90.90
C HIS F 43 19.67 -12.84 90.20
N ARG F 44 19.45 -12.37 88.97
CA ARG F 44 18.28 -12.79 88.21
C ARG F 44 18.62 -13.40 86.84
N TRP F 45 19.10 -14.64 86.84
CA TRP F 45 19.43 -15.32 85.58
C TRP F 45 18.12 -15.39 84.81
N MET F 46 17.04 -15.58 85.56
CA MET F 46 15.70 -15.61 85.00
C MET F 46 15.09 -14.32 85.54
N ASN F 47 15.01 -13.30 84.70
CA ASN F 47 14.47 -12.01 85.10
C ASN F 47 13.10 -11.81 84.48
N ILE F 48 12.06 -11.79 85.33
CA ILE F 48 10.70 -11.64 84.85
C ILE F 48 10.25 -10.18 84.86
N GLU F 49 10.23 -9.58 83.67
CA GLU F 49 9.81 -8.19 83.55
C GLU F 49 8.30 -8.08 83.76
N ARG F 50 7.90 -7.04 84.48
CA ARG F 50 6.51 -6.79 84.79
C ARG F 50 6.11 -5.46 84.15
N ARG F 51 5.00 -5.44 83.42
CA ARG F 51 4.56 -4.20 82.82
C ARG F 51 3.05 -3.98 82.92
N GLU F 52 2.68 -2.80 83.41
CA GLU F 52 1.28 -2.40 83.56
C GLU F 52 0.93 -1.40 82.46
N ARG F 53 -0.28 -1.49 81.92
CA ARG F 53 -0.68 -0.56 80.88
C ARG F 53 -2.00 0.12 81.20
N GLY F 54 -2.21 1.29 80.62
CA GLY F 54 -3.45 2.02 80.83
C GLY F 54 -3.72 2.49 82.24
N THR F 55 -4.93 3.00 82.46
CA THR F 55 -5.35 3.51 83.75
C THR F 55 -6.67 2.95 84.27
N TYR F 56 -6.76 2.79 85.58
CA TYR F 56 -7.95 2.29 86.24
C TYR F 56 -9.18 2.98 85.64
N PRO F 57 -10.26 2.22 85.37
CA PRO F 57 -10.47 0.78 85.58
C PRO F 57 -10.19 -0.12 84.37
N ARG F 58 -9.89 0.48 83.21
CA ARG F 58 -9.61 -0.32 82.01
C ARG F 58 -8.11 -0.44 81.77
N ASN F 59 -7.43 -1.01 82.75
CA ASN F 59 -5.99 -1.18 82.70
C ASN F 59 -5.70 -2.67 82.64
N ASP F 60 -4.43 -3.02 82.59
CA ASP F 60 -4.04 -4.42 82.56
C ASP F 60 -2.54 -4.57 82.83
N ILE F 61 -2.07 -5.79 82.97
CA ILE F 61 -0.66 -6.04 83.24
C ILE F 61 -0.19 -7.30 82.52
N ASN F 62 1.08 -7.29 82.10
CA ASN F 62 1.65 -8.44 81.41
C ASN F 62 3.09 -8.67 81.85
N TYR F 63 3.52 -9.93 81.80
CA TYR F 63 4.85 -10.30 82.23
C TYR F 63 5.68 -10.93 81.12
N ARG F 64 7.00 -10.73 81.18
CA ARG F 64 7.90 -11.28 80.18
C ARG F 64 9.08 -12.02 80.77
N PRO F 65 8.94 -13.34 80.99
CA PRO F 65 10.07 -14.09 81.55
C PRO F 65 11.27 -13.89 80.63
N THR F 66 12.39 -13.45 81.20
CA THR F 66 13.59 -13.18 80.41
C THR F 66 14.89 -13.85 80.89
N PRO F 67 15.29 -14.95 80.25
CA PRO F 67 16.52 -15.65 80.63
C PRO F 67 17.59 -15.13 79.67
N CYS F 68 18.58 -15.97 79.37
CA CYS F 68 19.60 -15.55 78.44
C CYS F 68 19.07 -15.91 77.03
N MET F 69 19.34 -15.05 76.05
CA MET F 69 18.87 -15.31 74.69
C MET F 69 19.70 -16.38 73.96
N HIS F 70 20.95 -16.57 74.40
CA HIS F 70 21.85 -17.53 73.77
C HIS F 70 21.83 -17.33 72.26
N CYS F 71 21.80 -16.08 71.84
CA CYS F 71 21.74 -15.75 70.42
C CYS F 71 22.79 -16.49 69.58
N GLU F 72 22.48 -16.66 68.30
CA GLU F 72 23.37 -17.36 67.37
C GLU F 72 24.61 -16.56 67.01
N ASN F 73 24.47 -15.25 67.03
CA ASN F 73 25.55 -14.32 66.73
C ASN F 73 25.87 -13.59 68.04
N ALA F 74 26.24 -14.36 69.06
CA ALA F 74 26.53 -13.82 70.39
C ALA F 74 27.65 -12.79 70.50
N PRO F 75 27.30 -11.54 70.80
CA PRO F 75 28.24 -10.43 70.96
C PRO F 75 29.33 -10.64 72.03
N CYS F 76 28.99 -11.24 73.15
CA CYS F 76 30.02 -11.43 74.15
C CYS F 76 30.93 -12.60 73.84
N VAL F 77 30.56 -13.39 72.84
CA VAL F 77 31.41 -14.49 72.45
C VAL F 77 32.43 -13.89 71.49
N ALA F 78 31.99 -12.91 70.72
CA ALA F 78 32.83 -12.22 69.74
C ALA F 78 33.89 -11.36 70.42
N LYS F 79 33.55 -10.81 71.58
CA LYS F 79 34.48 -9.94 72.31
C LYS F 79 34.76 -10.45 73.71
N GLY F 80 34.51 -11.73 73.95
CA GLY F 80 34.75 -12.31 75.25
C GLY F 80 36.17 -12.81 75.41
N ASN F 81 36.97 -12.60 74.39
CA ASN F 81 38.38 -13.01 74.40
C ASN F 81 38.57 -14.45 74.83
N GLY F 82 37.58 -15.30 74.57
CA GLY F 82 37.70 -16.70 74.93
C GLY F 82 37.11 -17.08 76.28
N ALA F 83 36.62 -16.11 77.04
CA ALA F 83 36.02 -16.37 78.35
C ALA F 83 34.59 -16.86 78.17
N VAL F 84 34.06 -16.67 76.97
CA VAL F 84 32.70 -17.09 76.64
C VAL F 84 32.75 -17.89 75.34
N TYR F 85 32.10 -19.05 75.32
CA TYR F 85 32.09 -19.85 74.11
C TYR F 85 30.69 -20.32 73.72
N GLN F 86 30.56 -20.83 72.52
CA GLN F 86 29.28 -21.30 72.00
C GLN F 86 29.36 -22.74 71.56
N ARG F 87 28.38 -23.53 71.98
CA ARG F 87 28.36 -24.94 71.64
C ARG F 87 27.55 -25.18 70.37
N GLU F 88 27.83 -26.30 69.71
CA GLU F 88 27.15 -26.66 68.47
C GLU F 88 25.63 -26.64 68.57
N ASP F 89 25.12 -26.98 69.75
CA ASP F 89 23.68 -27.00 69.97
C ASP F 89 23.10 -25.62 70.26
N GLY F 90 23.95 -24.60 70.28
CA GLY F 90 23.49 -23.23 70.52
C GLY F 90 23.76 -22.65 71.89
N ILE F 91 23.92 -23.51 72.89
CA ILE F 91 24.15 -23.05 74.25
C ILE F 91 25.41 -22.19 74.43
N VAL F 92 25.20 -20.92 74.75
CA VAL F 92 26.27 -19.97 74.98
C VAL F 92 26.61 -20.02 76.48
N LEU F 93 27.83 -20.46 76.80
CA LEU F 93 28.26 -20.57 78.19
C LEU F 93 29.51 -19.77 78.53
N ILE F 94 29.57 -19.34 79.79
CA ILE F 94 30.72 -18.59 80.30
C ILE F 94 31.66 -19.62 80.92
N ASP F 95 32.93 -19.60 80.51
CA ASP F 95 33.90 -20.52 81.10
C ASP F 95 34.02 -20.09 82.56
N PRO F 96 33.53 -20.93 83.49
CA PRO F 96 33.56 -20.67 84.93
C PRO F 96 34.88 -20.12 85.43
N GLU F 97 35.98 -20.64 84.89
CA GLU F 97 37.30 -20.19 85.31
C GLU F 97 37.85 -19.03 84.49
N LYS F 98 38.05 -19.25 83.19
CA LYS F 98 38.58 -18.21 82.32
C LYS F 98 38.01 -16.81 82.59
N ALA F 99 36.73 -16.74 82.92
CA ALA F 99 36.07 -15.47 83.15
C ALA F 99 36.35 -14.82 84.51
N LYS F 100 36.99 -15.54 85.42
CA LYS F 100 37.28 -14.99 86.75
C LYS F 100 38.04 -13.67 86.69
N GLY F 101 37.58 -12.70 87.47
CA GLY F 101 38.23 -11.41 87.53
C GLY F 101 37.95 -10.44 86.40
N LYS F 102 36.95 -10.72 85.57
CA LYS F 102 36.64 -9.83 84.44
C LYS F 102 35.26 -9.16 84.45
N LYS F 103 35.12 -8.09 85.23
CA LYS F 103 33.86 -7.36 85.29
C LYS F 103 33.50 -6.82 83.91
N GLU F 104 34.50 -6.71 83.04
CA GLU F 104 34.29 -6.19 81.70
C GLU F 104 33.31 -7.00 80.86
N LEU F 105 33.27 -8.31 81.10
CA LEU F 105 32.37 -9.19 80.35
C LEU F 105 30.92 -8.73 80.35
N LEU F 106 30.46 -8.24 81.50
CA LEU F 106 29.09 -7.78 81.64
C LEU F 106 28.63 -6.84 80.53
N ASP F 107 29.45 -5.85 80.22
CA ASP F 107 29.11 -4.85 79.20
C ASP F 107 29.06 -5.37 77.76
N THR F 108 29.57 -6.57 77.53
CA THR F 108 29.57 -7.16 76.18
C THR F 108 28.20 -7.69 75.82
N CYS F 109 27.26 -7.59 76.75
CA CYS F 109 25.93 -8.09 76.53
C CYS F 109 24.95 -6.98 76.23
N PRO F 110 24.20 -7.08 75.12
CA PRO F 110 23.26 -6.01 74.84
C PRO F 110 21.97 -6.22 75.62
N TYR F 111 21.77 -7.43 76.12
CA TYR F 111 20.55 -7.74 76.86
C TYR F 111 20.71 -7.61 78.38
N GLY F 112 21.95 -7.53 78.86
CA GLY F 112 22.18 -7.39 80.28
C GLY F 112 21.62 -8.57 81.06
N VAL F 113 21.99 -9.77 80.65
CA VAL F 113 21.51 -10.98 81.31
C VAL F 113 22.53 -11.57 82.29
N MET F 114 23.75 -11.05 82.29
CA MET F 114 24.74 -11.58 83.22
C MET F 114 24.98 -10.68 84.42
N TYR F 115 25.25 -11.30 85.56
CA TYR F 115 25.47 -10.60 86.81
C TYR F 115 26.83 -10.94 87.39
N TRP F 116 27.39 -10.00 88.14
CA TRP F 116 28.69 -10.21 88.77
C TRP F 116 28.55 -10.88 90.13
N ASN F 117 29.23 -12.00 90.31
CA ASN F 117 29.19 -12.72 91.58
C ASN F 117 30.39 -12.25 92.42
N GLU F 118 30.11 -11.43 93.42
CA GLU F 118 31.13 -10.88 94.32
C GLU F 118 32.08 -11.91 94.93
N GLU F 119 31.53 -12.96 95.51
CA GLU F 119 32.35 -13.98 96.16
C GLU F 119 33.21 -14.82 95.21
N GLU F 120 32.72 -15.08 94.01
CA GLU F 120 33.46 -15.86 93.04
C GLU F 120 34.23 -14.96 92.08
N ASN F 121 34.04 -13.65 92.21
CA ASN F 121 34.72 -12.68 91.36
C ASN F 121 34.60 -13.11 89.91
N VAL F 122 33.36 -13.29 89.45
CA VAL F 122 33.14 -13.71 88.08
C VAL F 122 31.74 -13.40 87.59
N ALA F 123 31.62 -13.27 86.28
CA ALA F 123 30.33 -13.00 85.68
C ALA F 123 29.56 -14.30 85.60
N GLN F 124 28.27 -14.24 85.89
CA GLN F 124 27.46 -15.44 85.82
C GLN F 124 26.19 -15.09 85.09
N LYS F 125 25.54 -16.12 84.56
CA LYS F 125 24.28 -15.89 83.89
C LYS F 125 23.64 -17.18 83.48
N CYS F 126 22.55 -17.03 82.76
CA CYS F 126 21.80 -18.16 82.28
C CYS F 126 22.66 -19.18 81.56
N THR F 127 22.52 -20.44 81.95
CA THR F 127 23.29 -21.52 81.35
C THR F 127 22.41 -22.52 80.61
N MET F 128 21.10 -22.36 80.73
CA MET F 128 20.15 -23.28 80.11
C MET F 128 20.40 -24.68 80.70
N CYS F 129 20.72 -24.71 81.99
CA CYS F 129 21.07 -25.93 82.74
C CYS F 129 21.65 -26.97 81.82
N ALA F 130 22.71 -26.57 81.12
CA ALA F 130 23.39 -27.45 80.19
C ALA F 130 23.87 -28.71 80.92
N HIS F 131 24.12 -28.59 82.22
CA HIS F 131 24.57 -29.74 82.99
C HIS F 131 23.46 -30.79 83.06
N LEU F 132 22.22 -30.31 83.11
CA LEU F 132 21.08 -31.21 83.17
C LEU F 132 20.78 -31.76 81.77
N LEU F 133 20.98 -30.92 80.75
CA LEU F 133 20.72 -31.34 79.37
C LEU F 133 21.81 -32.31 78.92
N ASP F 134 22.95 -32.28 79.60
CA ASP F 134 24.07 -33.17 79.27
C ASP F 134 24.01 -34.48 80.05
N ASP F 135 22.97 -34.65 80.86
CA ASP F 135 22.84 -35.88 81.63
C ASP F 135 21.57 -36.63 81.24
N GLU F 136 21.71 -37.92 80.94
CA GLU F 136 20.58 -38.76 80.54
C GLU F 136 19.61 -38.98 81.70
N SER F 137 20.16 -39.21 82.89
CA SER F 137 19.38 -39.45 84.09
C SER F 137 18.28 -38.41 84.35
N TRP F 138 18.48 -37.20 83.85
CA TRP F 138 17.49 -36.14 84.03
C TRP F 138 16.36 -36.32 83.01
N ALA F 139 15.43 -37.21 83.35
CA ALA F 139 14.28 -37.56 82.52
C ALA F 139 13.62 -36.40 81.77
N PRO F 140 13.27 -35.31 82.46
CA PRO F 140 12.63 -34.18 81.80
C PRO F 140 13.29 -33.65 80.53
N LYS F 141 14.63 -33.73 80.47
CA LYS F 141 15.38 -33.27 79.31
C LYS F 141 15.00 -31.83 78.95
N MET F 142 14.81 -31.00 79.96
CA MET F 142 14.44 -29.60 79.74
C MET F 142 14.95 -28.81 80.93
N PRO F 143 15.12 -27.49 80.76
CA PRO F 143 15.61 -26.61 81.82
C PRO F 143 14.68 -26.63 83.05
N ARG F 144 15.08 -25.95 84.12
CA ARG F 144 14.26 -25.91 85.33
C ARG F 144 13.05 -24.97 85.24
N CYS F 145 13.21 -23.76 84.69
CA CYS F 145 12.03 -22.89 84.62
C CYS F 145 10.93 -23.53 83.81
N ALA F 146 11.30 -24.08 82.66
CA ALA F 146 10.33 -24.71 81.78
C ALA F 146 9.64 -25.87 82.48
N HIS F 147 10.40 -26.65 83.23
CA HIS F 147 9.84 -27.79 83.94
C HIS F 147 9.01 -27.36 85.17
N ASN F 148 9.37 -26.23 85.77
CA ASN F 148 8.66 -25.75 86.95
C ASN F 148 7.33 -25.03 86.65
N CYS F 149 7.13 -24.57 85.43
CA CYS F 149 5.87 -23.90 85.09
C CYS F 149 4.65 -24.73 85.44
N GLY F 150 3.55 -24.02 85.64
CA GLY F 150 2.29 -24.66 85.94
C GLY F 150 1.30 -23.85 85.13
N SER F 151 1.83 -23.09 84.18
CA SER F 151 1.01 -22.22 83.34
C SER F 151 1.22 -22.48 81.85
N PHE F 152 1.95 -23.54 81.53
CA PHE F 152 2.21 -23.91 80.15
C PHE F 152 2.73 -22.73 79.34
N VAL F 153 3.63 -21.96 79.96
CA VAL F 153 4.21 -20.80 79.31
C VAL F 153 5.36 -21.23 78.40
N TYR F 154 6.11 -22.25 78.81
CA TYR F 154 7.27 -22.71 78.07
C TYR F 154 7.12 -23.86 77.10
N GLU F 155 7.93 -23.79 76.05
CA GLU F 155 7.97 -24.80 75.02
C GLU F 155 9.46 -24.95 74.69
N PHE F 156 10.06 -26.00 75.23
CA PHE F 156 11.46 -26.27 75.02
C PHE F 156 11.63 -27.36 73.97
N LEU F 157 12.36 -27.05 72.91
CA LEU F 157 12.56 -28.02 71.84
C LEU F 157 14.00 -28.11 71.36
N LYS F 158 14.33 -29.25 70.75
CA LYS F 158 15.65 -29.49 70.21
C LYS F 158 15.42 -29.97 68.78
N THR F 159 15.58 -29.06 67.83
CA THR F 159 15.33 -29.39 66.43
C THR F 159 16.28 -28.65 65.48
N THR F 160 16.00 -28.75 64.19
CA THR F 160 16.81 -28.11 63.17
C THR F 160 16.41 -26.65 62.99
N PRO F 161 17.30 -25.83 62.42
CA PRO F 161 17.04 -24.41 62.18
C PRO F 161 15.87 -24.23 61.24
N GLU F 162 15.70 -25.18 60.32
CA GLU F 162 14.61 -25.14 59.35
C GLU F 162 13.27 -25.33 60.06
N ALA F 163 13.23 -26.32 60.95
CA ALA F 163 12.02 -26.62 61.71
C ALA F 163 11.60 -25.41 62.54
N MET F 164 12.56 -24.80 63.22
CA MET F 164 12.26 -23.64 64.05
C MET F 164 11.77 -22.49 63.19
N ALA F 165 12.43 -22.27 62.06
CA ALA F 165 12.05 -21.18 61.16
C ALA F 165 10.59 -21.28 60.72
N LYS F 166 10.10 -22.50 60.54
CA LYS F 166 8.72 -22.70 60.12
C LYS F 166 7.79 -22.34 61.28
N LYS F 167 8.20 -22.73 62.48
CA LYS F 167 7.43 -22.45 63.70
C LYS F 167 7.32 -20.95 63.91
N VAL F 168 8.47 -20.28 63.91
CA VAL F 168 8.51 -18.83 64.10
C VAL F 168 7.48 -18.14 63.23
N GLU F 169 7.45 -18.52 61.95
CA GLU F 169 6.53 -17.94 60.98
C GLU F 169 5.09 -18.40 61.24
N GLU F 170 4.90 -19.68 61.55
CA GLU F 170 3.58 -20.20 61.82
C GLU F 170 2.91 -19.54 63.01
N GLU F 171 3.67 -19.37 64.09
CA GLU F 171 3.13 -18.75 65.30
C GLU F 171 3.39 -17.25 65.41
N GLY F 172 4.06 -16.69 64.41
CA GLY F 172 4.37 -15.27 64.44
C GLY F 172 5.25 -14.93 65.62
N LEU F 173 6.21 -15.80 65.89
CA LEU F 173 7.15 -15.61 66.99
C LEU F 173 8.06 -14.41 66.78
N GLU F 174 8.55 -13.85 67.88
CA GLU F 174 9.42 -12.69 67.83
C GLU F 174 10.50 -12.77 68.90
N VAL F 175 11.54 -11.97 68.73
CA VAL F 175 12.64 -11.92 69.68
C VAL F 175 12.78 -10.48 70.17
N ILE F 176 13.50 -10.30 71.26
CA ILE F 176 13.71 -8.98 71.82
C ILE F 176 14.78 -8.25 71.01
N LYS F 177 14.60 -6.96 70.80
CA LYS F 177 15.56 -6.15 70.04
C LYS F 177 16.12 -6.87 68.82
N PRO F 178 15.25 -7.16 67.83
CA PRO F 178 15.70 -7.85 66.62
C PRO F 178 16.76 -7.05 65.88
N GLU F 179 16.56 -5.74 65.84
CA GLU F 179 17.46 -4.81 65.16
C GLU F 179 18.96 -4.99 65.42
N LEU F 180 19.32 -5.66 66.51
CA LEU F 180 20.74 -5.85 66.83
C LEU F 180 21.38 -6.97 66.02
N GLY F 181 20.55 -7.81 65.40
CA GLY F 181 21.06 -8.90 64.59
C GLY F 181 21.78 -10.02 65.33
N THR F 182 21.59 -10.11 66.64
CA THR F 182 22.25 -11.15 67.43
C THR F 182 21.59 -12.52 67.28
N LYS F 183 20.33 -12.51 66.83
CA LYS F 183 19.54 -13.73 66.61
C LYS F 183 19.37 -14.63 67.83
N PRO F 184 18.52 -14.22 68.78
CA PRO F 184 18.27 -15.00 69.99
C PRO F 184 17.61 -16.32 69.62
N ARG F 185 17.83 -17.37 70.41
CA ARG F 185 17.20 -18.65 70.14
C ARG F 185 16.02 -18.83 71.09
N VAL F 186 15.72 -17.78 71.85
CA VAL F 186 14.60 -17.77 72.77
C VAL F 186 13.55 -16.88 72.14
N TYR F 187 12.36 -17.44 71.91
CA TYR F 187 11.30 -16.68 71.26
C TYR F 187 10.13 -16.32 72.16
N TYR F 188 9.33 -15.37 71.70
CA TYR F 188 8.17 -14.90 72.44
C TYR F 188 6.90 -14.90 71.61
N LYS F 189 5.86 -15.48 72.20
CA LYS F 189 4.55 -15.58 71.60
C LYS F 189 3.69 -14.50 72.28
N ASN F 190 2.89 -13.79 71.50
CA ASN F 190 2.04 -12.72 72.03
C ASN F 190 2.85 -11.61 72.70
N LEU F 191 4.03 -11.32 72.14
CA LEU F 191 4.90 -10.28 72.68
C LEU F 191 4.28 -8.88 72.69
N TYR F 192 3.25 -8.67 71.88
CA TYR F 192 2.58 -7.37 71.81
C TYR F 192 1.96 -6.99 73.14
N ARG F 193 1.67 -7.99 73.96
CA ARG F 193 1.08 -7.75 75.28
C ARG F 193 2.06 -6.97 76.15
N PHE F 194 3.34 -7.23 75.93
CA PHE F 194 4.39 -6.58 76.70
C PHE F 194 5.02 -5.35 76.03
N GLU F 195 5.32 -5.45 74.74
CA GLU F 195 5.95 -4.34 74.04
C GLU F 195 5.02 -3.36 73.35
N LYS F 196 3.74 -3.70 73.24
CA LYS F 196 2.80 -2.81 72.57
C LYS F 196 1.74 -2.18 73.48
N ASN F 197 0.89 -1.36 72.89
CA ASN F 197 -0.17 -0.68 73.62
C ASN F 197 -1.55 -0.85 72.98
N TYR F 198 -2.58 -0.44 73.71
CA TYR F 198 -3.95 -0.57 73.25
C TYR F 198 -4.79 0.67 73.51
N VAL F 199 -5.94 0.74 72.86
CA VAL F 199 -6.89 1.83 73.04
C VAL F 199 -8.20 1.14 73.39
N THR F 200 -8.91 1.65 74.39
CA THR F 200 -10.16 1.05 74.83
C THR F 200 -11.16 2.07 75.36
N ALA F 201 -12.39 1.62 75.58
CA ALA F 201 -13.46 2.46 76.08
C ALA F 201 -14.74 1.67 76.33
N GLY F 202 -15.78 2.36 76.79
CA GLY F 202 -17.07 1.73 77.05
C GLY F 202 -18.16 2.61 76.49
N ILE F 203 -19.02 2.04 75.65
CA ILE F 203 -20.11 2.82 75.04
C ILE F 203 -21.42 2.64 75.79
N LEU F 204 -22.17 3.73 75.91
CA LEU F 204 -23.47 3.71 76.58
C LEU F 204 -24.53 4.39 75.72
N VAL F 205 -25.68 3.73 75.58
CA VAL F 205 -26.78 4.32 74.83
C VAL F 205 -27.94 4.43 75.82
N GLN F 206 -28.27 5.66 76.19
CA GLN F 206 -29.33 5.93 77.15
C GLN F 206 -29.09 5.29 78.51
N GLY F 207 -27.91 5.51 79.06
CA GLY F 207 -27.59 4.97 80.37
C GLY F 207 -27.19 3.53 80.53
N ASP F 208 -27.23 2.72 79.47
CA ASP F 208 -26.84 1.32 79.64
C ASP F 208 -25.76 0.84 78.67
N CYS F 209 -24.98 -0.13 79.12
CA CYS F 209 -23.90 -0.69 78.31
C CYS F 209 -24.46 -1.22 77.00
N PHE F 210 -24.03 -0.62 75.90
CA PHE F 210 -24.53 -1.01 74.58
C PHE F 210 -23.71 -2.11 73.92
N GLU F 211 -24.34 -3.25 73.70
CA GLU F 211 -23.68 -4.38 73.08
C GLU F 211 -23.89 -4.34 71.57
N GLY F 212 -22.89 -4.81 70.82
CA GLY F 212 -23.01 -4.83 69.37
C GLY F 212 -22.61 -3.57 68.64
N ALA F 213 -22.23 -2.51 69.36
CA ALA F 213 -21.82 -1.28 68.71
C ALA F 213 -20.66 -1.58 67.78
N LYS F 214 -20.69 -1.02 66.58
CA LYS F 214 -19.62 -1.25 65.61
C LYS F 214 -18.51 -0.22 65.79
N VAL F 215 -17.31 -0.70 66.06
CA VAL F 215 -16.16 0.17 66.29
C VAL F 215 -15.06 -0.08 65.27
N VAL F 216 -14.44 1.01 64.83
CA VAL F 216 -13.38 0.94 63.82
C VAL F 216 -12.17 1.82 64.18
N LEU F 217 -10.99 1.23 64.09
CA LEU F 217 -9.75 1.96 64.36
C LEU F 217 -9.05 2.31 63.05
N LYS F 218 -8.76 3.59 62.86
CA LYS F 218 -8.09 4.03 61.65
C LYS F 218 -6.78 4.75 61.93
N SER F 219 -5.86 4.67 60.98
CA SER F 219 -4.57 5.35 61.10
C SER F 219 -4.31 5.99 59.74
N GLY F 220 -4.05 7.29 59.75
CA GLY F 220 -3.80 7.98 58.49
C GLY F 220 -5.08 8.25 57.73
N GLY F 221 -6.01 7.30 57.77
CA GLY F 221 -7.27 7.46 57.08
C GLY F 221 -7.90 6.12 56.76
N LYS F 222 -7.08 5.09 56.68
CA LYS F 222 -7.56 3.74 56.36
C LYS F 222 -7.72 2.87 57.60
N GLU F 223 -8.73 2.00 57.56
CA GLU F 223 -9.03 1.10 58.66
C GLU F 223 -7.83 0.22 59.01
N VAL F 224 -7.60 0.06 60.32
CA VAL F 224 -6.50 -0.75 60.82
C VAL F 224 -7.07 -1.98 61.55
N ALA F 225 -8.22 -1.79 62.18
CA ALA F 225 -8.87 -2.87 62.92
C ALA F 225 -10.33 -2.49 63.19
N SER F 226 -11.12 -3.45 63.65
CA SER F 226 -12.52 -3.20 63.95
C SER F 226 -13.09 -4.30 64.83
N ALA F 227 -14.18 -4.00 65.51
CA ALA F 227 -14.81 -4.99 66.38
C ALA F 227 -16.14 -4.48 66.89
N GLU F 228 -16.84 -5.35 67.59
CA GLU F 228 -18.13 -5.01 68.18
C GLU F 228 -17.99 -5.06 69.70
N THR F 229 -18.67 -4.14 70.37
CA THR F 229 -18.62 -4.07 71.82
C THR F 229 -19.29 -5.28 72.47
N ASN F 230 -18.70 -5.78 73.55
CA ASN F 230 -19.28 -6.92 74.26
C ASN F 230 -20.49 -6.45 75.07
N PHE F 231 -20.99 -7.28 75.98
CA PHE F 231 -22.16 -6.86 76.75
C PHE F 231 -21.90 -5.78 77.79
N PHE F 232 -20.65 -5.31 77.89
CA PHE F 232 -20.30 -4.24 78.82
C PHE F 232 -20.09 -2.97 77.99
N GLY F 233 -20.31 -3.09 76.68
CA GLY F 233 -20.14 -1.96 75.77
C GLY F 233 -18.69 -1.62 75.52
N GLU F 234 -17.81 -2.60 75.72
CA GLU F 234 -16.38 -2.35 75.56
C GLU F 234 -15.71 -3.01 74.34
N PHE F 235 -14.63 -2.38 73.89
CA PHE F 235 -13.84 -2.87 72.76
C PHE F 235 -12.40 -2.61 73.16
N LYS F 236 -11.47 -3.35 72.58
CA LYS F 236 -10.05 -3.17 72.91
C LYS F 236 -9.13 -3.47 71.72
N PHE F 237 -8.40 -2.45 71.27
CA PHE F 237 -7.48 -2.61 70.15
C PHE F 237 -6.01 -2.65 70.62
N ASP F 238 -5.50 -3.85 70.82
CA ASP F 238 -4.12 -4.04 71.28
C ASP F 238 -3.13 -4.02 70.11
N ALA F 239 -1.86 -4.33 70.41
CA ALA F 239 -0.80 -4.37 69.41
C ALA F 239 -0.70 -3.11 68.56
N LEU F 240 -0.74 -1.94 69.20
CA LEU F 240 -0.66 -0.68 68.48
C LEU F 240 0.71 -0.02 68.62
N ASP F 241 1.35 0.29 67.49
CA ASP F 241 2.63 0.97 67.50
C ASP F 241 2.30 2.39 67.92
N ASN F 242 3.32 3.20 68.19
CA ASN F 242 3.09 4.58 68.60
C ASN F 242 2.63 5.43 67.41
N GLY F 243 1.67 6.30 67.66
CA GLY F 243 1.16 7.15 66.60
C GLY F 243 -0.20 7.72 66.92
N GLU F 244 -0.84 8.32 65.91
CA GLU F 244 -2.17 8.88 66.08
C GLU F 244 -3.20 8.00 65.38
N TYR F 245 -4.34 7.79 66.04
CA TYR F 245 -5.40 6.98 65.48
C TYR F 245 -6.73 7.71 65.65
N THR F 246 -7.73 7.22 64.95
CA THR F 246 -9.06 7.79 65.03
C THR F 246 -10.05 6.65 65.20
N VAL F 247 -10.83 6.73 66.29
CA VAL F 247 -11.82 5.71 66.59
C VAL F 247 -13.20 6.16 66.15
N GLU F 248 -13.86 5.35 65.32
CA GLU F 248 -15.20 5.69 64.85
C GLU F 248 -16.17 4.65 65.38
N ILE F 249 -17.25 5.14 65.99
CA ILE F 249 -18.24 4.26 66.59
C ILE F 249 -19.65 4.50 66.03
N ASP F 250 -20.37 3.40 65.86
CA ASP F 250 -21.73 3.46 65.35
C ASP F 250 -22.65 2.51 66.13
N ALA F 251 -23.71 3.09 66.70
CA ALA F 251 -24.68 2.32 67.48
C ALA F 251 -26.01 3.02 67.48
N ASP F 252 -27.07 2.27 67.18
CA ASP F 252 -28.43 2.83 67.14
C ASP F 252 -28.53 3.99 66.17
N GLY F 253 -27.84 3.87 65.04
CA GLY F 253 -27.87 4.94 64.06
C GLY F 253 -27.16 6.19 64.53
N LYS F 254 -26.57 6.11 65.72
CA LYS F 254 -25.85 7.24 66.29
C LYS F 254 -24.34 6.99 66.19
N SER F 255 -23.64 7.93 65.58
CA SER F 255 -22.19 7.80 65.40
C SER F 255 -21.37 8.62 66.39
N TYR F 256 -20.08 8.30 66.46
CA TYR F 256 -19.15 8.98 67.35
C TYR F 256 -17.72 8.76 66.86
N SER F 257 -16.88 9.77 66.99
CA SER F 257 -15.48 9.64 66.57
C SER F 257 -14.60 10.55 67.40
N ASP F 258 -13.33 10.16 67.56
CA ASP F 258 -12.38 10.95 68.33
C ASP F 258 -10.97 10.44 67.99
N THR F 259 -9.96 11.23 68.35
CA THR F 259 -8.58 10.87 68.07
C THR F 259 -7.86 10.34 69.31
N VAL F 260 -6.87 9.47 69.09
CA VAL F 260 -6.11 8.89 70.20
C VAL F 260 -4.62 8.80 69.91
N VAL F 261 -3.81 9.42 70.78
CA VAL F 261 -2.36 9.38 70.62
C VAL F 261 -1.77 8.27 71.50
N ILE F 262 -1.06 7.35 70.86
CA ILE F 262 -0.43 6.23 71.55
C ILE F 262 1.07 6.48 71.62
N ASP F 263 1.56 6.95 72.76
CA ASP F 263 2.97 7.23 72.95
C ASP F 263 3.55 6.35 74.06
N ASP F 264 3.75 5.07 73.73
CA ASP F 264 4.26 4.07 74.66
C ASP F 264 3.36 3.94 75.89
N LYS F 265 2.08 4.23 75.68
CA LYS F 265 1.06 4.14 76.73
C LYS F 265 -0.26 3.70 76.13
N SER F 266 -1.02 2.90 76.88
CA SER F 266 -2.33 2.44 76.43
C SER F 266 -3.34 3.48 76.93
N VAL F 267 -4.32 3.81 76.10
CA VAL F 267 -5.32 4.82 76.46
C VAL F 267 -6.72 4.28 76.72
N ASP F 268 -7.40 4.87 77.69
CA ASP F 268 -8.78 4.51 78.02
C ASP F 268 -9.60 5.77 77.84
N LEU F 269 -10.54 5.74 76.90
CA LEU F 269 -11.37 6.89 76.60
C LEU F 269 -12.51 7.08 77.59
N GLY F 270 -12.67 6.13 78.50
CA GLY F 270 -13.73 6.22 79.48
C GLY F 270 -15.08 5.85 78.88
N PHE F 271 -16.16 6.35 79.50
CA PHE F 271 -17.51 6.06 79.01
C PHE F 271 -17.89 6.99 77.88
N ILE F 272 -18.25 6.41 76.75
CA ILE F 272 -18.70 7.16 75.59
C ILE F 272 -20.22 7.06 75.63
N LYS F 273 -20.87 8.18 75.93
CA LYS F 273 -22.32 8.21 76.06
C LYS F 273 -22.99 8.66 74.77
N LEU F 274 -23.80 7.78 74.20
CA LEU F 274 -24.51 8.06 72.96
C LEU F 274 -26.03 8.02 73.15
N MET G 1 1.13 51.98 89.60
CA MET G 1 0.95 53.46 89.66
C MET G 1 1.55 54.18 88.45
N GLY G 2 2.52 53.54 87.79
CA GLY G 2 3.15 54.16 86.63
C GLY G 2 3.44 53.25 85.46
N GLU G 3 4.30 53.73 84.57
CA GLU G 3 4.67 52.97 83.39
C GLU G 3 6.01 52.27 83.52
N VAL G 4 6.24 51.27 82.67
CA VAL G 4 7.50 50.54 82.71
C VAL G 4 8.58 51.42 82.10
N VAL G 5 9.68 51.57 82.82
CA VAL G 5 10.80 52.38 82.34
C VAL G 5 12.05 51.52 82.24
N ARG G 6 12.79 51.72 81.15
CA ARG G 6 14.02 50.97 80.89
C ARG G 6 15.21 51.74 81.44
N LEU G 7 16.03 51.08 82.26
CA LEU G 7 17.21 51.73 82.85
C LEU G 7 18.46 50.90 82.59
N THR G 8 19.60 51.42 83.01
CA THR G 8 20.85 50.72 82.82
C THR G 8 21.56 50.38 84.12
N ASN G 9 22.39 49.34 84.06
CA ASN G 9 23.19 48.90 85.19
C ASN G 9 24.09 47.79 84.68
N SER G 10 24.99 47.32 85.53
CA SER G 10 25.88 46.25 85.12
C SER G 10 26.08 45.29 86.30
N SER G 11 27.02 44.37 86.13
CA SER G 11 27.31 43.38 87.16
C SER G 11 28.59 42.64 86.82
N THR G 12 28.94 41.66 87.64
CA THR G 12 30.14 40.87 87.40
C THR G 12 29.87 39.87 86.28
N GLY G 13 28.65 39.89 85.75
CA GLY G 13 28.31 38.98 84.68
C GLY G 13 27.93 39.71 83.40
N GLY G 14 28.21 41.02 83.36
CA GLY G 14 27.89 41.80 82.17
C GLY G 14 26.90 42.92 82.43
N PRO G 15 26.82 43.91 81.53
CA PRO G 15 25.88 45.02 81.72
C PRO G 15 24.46 44.56 81.43
N VAL G 16 23.49 45.34 81.88
CA VAL G 16 22.10 44.99 81.65
C VAL G 16 21.18 46.20 81.50
N PHE G 17 20.06 45.93 80.86
CA PHE G 17 19.00 46.90 80.69
C PHE G 17 18.06 46.42 81.79
N VAL G 18 17.58 47.33 82.62
CA VAL G 18 16.68 46.95 83.69
C VAL G 18 15.33 47.63 83.49
N TYR G 19 14.27 46.84 83.42
CA TYR G 19 12.93 47.38 83.24
C TYR G 19 12.28 47.55 84.60
N VAL G 20 11.89 48.78 84.90
CA VAL G 20 11.27 49.11 86.18
C VAL G 20 9.88 49.69 86.07
N LYS G 21 9.01 49.26 86.99
CA LYS G 21 7.64 49.74 87.06
C LYS G 21 7.22 49.84 88.52
N ASP G 22 6.81 51.04 88.93
CA ASP G 22 6.38 51.26 90.30
C ASP G 22 7.38 50.78 91.33
N GLY G 23 8.63 51.20 91.17
CA GLY G 23 9.70 50.84 92.09
C GLY G 23 10.04 49.36 92.20
N LYS G 24 9.58 48.57 91.24
CA LYS G 24 9.86 47.14 91.25
C LYS G 24 10.57 46.72 89.97
N ILE G 25 11.59 45.89 90.11
CA ILE G 25 12.33 45.41 88.95
C ILE G 25 11.55 44.28 88.26
N ILE G 26 11.22 44.50 86.99
CA ILE G 26 10.46 43.53 86.22
C ILE G 26 11.34 42.49 85.54
N ARG G 27 12.45 42.94 84.93
CA ARG G 27 13.35 42.02 84.26
C ARG G 27 14.71 42.66 83.97
N MET G 28 15.70 41.80 83.68
CA MET G 28 17.06 42.23 83.36
C MET G 28 17.48 41.45 82.12
N THR G 29 17.96 42.16 81.10
CA THR G 29 18.35 41.50 79.86
C THR G 29 19.68 42.00 79.30
N PRO G 30 20.25 41.24 78.35
CA PRO G 30 21.52 41.66 77.73
C PRO G 30 21.21 42.95 76.96
N MET G 31 22.24 43.68 76.58
CA MET G 31 22.06 44.94 75.87
C MET G 31 22.15 44.89 74.34
N ASP G 32 21.15 45.44 73.69
CA ASP G 32 21.09 45.59 72.27
C ASP G 32 21.52 46.98 71.83
N PHE G 33 22.46 47.09 70.94
CA PHE G 33 22.92 48.40 70.51
C PHE G 33 21.91 49.05 69.56
N ASP G 34 21.95 50.38 69.49
CA ASP G 34 21.07 51.14 68.59
C ASP G 34 21.99 51.80 67.57
N ASP G 35 22.12 51.18 66.40
CA ASP G 35 22.99 51.68 65.35
C ASP G 35 22.81 53.17 65.03
N ALA G 36 21.71 53.76 65.46
CA ALA G 36 21.45 55.18 65.20
C ALA G 36 22.25 56.09 66.13
N VAL G 37 22.53 55.60 67.34
CA VAL G 37 23.26 56.40 68.31
C VAL G 37 24.53 55.74 68.83
N ASP G 38 24.70 54.45 68.56
CA ASP G 38 25.88 53.73 69.02
C ASP G 38 26.91 53.50 67.93
N ALA G 39 28.14 53.86 68.24
CA ALA G 39 29.28 53.71 67.33
C ALA G 39 29.36 52.32 66.69
N PRO G 40 29.84 52.26 65.43
CA PRO G 40 30.00 51.01 64.68
C PRO G 40 31.12 50.15 65.24
N SER G 41 31.02 48.85 65.05
CA SER G 41 32.01 47.90 65.55
C SER G 41 33.28 47.83 64.72
N TRP G 42 34.24 47.04 65.19
CA TRP G 42 35.48 46.85 64.49
C TRP G 42 35.28 45.71 63.50
N LYS G 43 36.26 45.50 62.63
CA LYS G 43 36.17 44.41 61.66
C LYS G 43 37.55 43.80 61.48
N ILE G 44 37.60 42.49 61.35
CA ILE G 44 38.87 41.82 61.12
C ILE G 44 38.74 40.95 59.90
N GLU G 45 39.51 41.27 58.86
CA GLU G 45 39.48 40.48 57.64
C GLU G 45 40.65 39.51 57.75
N ALA G 46 40.36 38.22 57.54
CA ALA G 46 41.40 37.21 57.63
C ALA G 46 40.95 35.96 56.88
N ARG G 47 41.94 35.25 56.35
CA ARG G 47 41.70 34.02 55.59
C ARG G 47 40.44 33.99 54.73
N GLY G 48 40.24 35.05 53.96
CA GLY G 48 39.09 35.13 53.08
C GLY G 48 37.73 35.43 53.71
N LYS G 49 37.74 35.92 54.94
CA LYS G 49 36.48 36.23 55.61
C LYS G 49 36.60 37.52 56.40
N THR G 50 35.47 38.14 56.68
CA THR G 50 35.42 39.39 57.44
C THR G 50 34.70 39.12 58.76
N PHE G 51 35.43 39.24 59.85
CA PHE G 51 34.84 38.99 61.16
C PHE G 51 34.46 40.27 61.90
N THR G 52 33.20 40.34 62.29
CA THR G 52 32.64 41.48 63.02
C THR G 52 31.75 40.90 64.12
N PRO G 53 31.76 41.53 65.31
CA PRO G 53 30.95 41.07 66.45
C PRO G 53 29.48 41.45 66.40
N PRO G 54 28.64 40.77 67.20
CA PRO G 54 27.21 41.08 67.23
C PRO G 54 27.04 42.45 67.87
N ARG G 55 26.07 43.22 67.37
CA ARG G 55 25.79 44.55 67.90
C ARG G 55 25.01 44.35 69.20
N LYS G 56 25.62 43.64 70.14
CA LYS G 56 24.94 43.32 71.39
C LYS G 56 25.92 42.77 72.43
N THR G 57 25.53 42.87 73.70
CA THR G 57 26.34 42.37 74.80
C THR G 57 25.81 40.99 75.20
N SER G 58 26.49 40.34 76.13
CA SER G 58 26.05 39.03 76.62
C SER G 58 26.22 39.03 78.14
N ILE G 59 25.51 38.12 78.80
CA ILE G 59 25.58 38.04 80.25
C ILE G 59 25.87 36.63 80.72
N ALA G 60 26.17 36.49 82.00
CA ALA G 60 26.46 35.20 82.59
C ALA G 60 25.17 34.64 83.21
N PRO G 61 25.17 33.37 83.58
CA PRO G 61 23.99 32.74 84.19
C PRO G 61 23.57 33.43 85.49
N TYR G 62 24.53 33.73 86.34
CA TYR G 62 24.26 34.37 87.61
C TYR G 62 23.79 35.82 87.48
N THR G 63 23.89 36.40 86.29
CA THR G 63 23.43 37.77 86.09
C THR G 63 21.99 37.67 85.61
N ALA G 64 21.71 36.67 84.78
CA ALA G 64 20.36 36.47 84.25
C ALA G 64 19.33 36.23 85.36
N GLY G 65 19.79 35.71 86.50
CA GLY G 65 18.88 35.45 87.60
C GLY G 65 19.12 36.34 88.81
N PHE G 66 20.00 37.32 88.64
CA PHE G 66 20.34 38.23 89.73
C PHE G 66 19.15 38.84 90.46
N LYS G 67 18.03 38.98 89.77
CA LYS G 67 16.85 39.57 90.40
C LYS G 67 16.42 38.77 91.63
N SER G 68 16.58 37.45 91.59
CA SER G 68 16.19 36.64 92.72
C SER G 68 17.13 36.86 93.91
N MET G 69 18.32 37.38 93.65
CA MET G 69 19.28 37.66 94.72
C MET G 69 18.97 38.99 95.39
N ILE G 70 18.54 39.95 94.59
CA ILE G 70 18.17 41.27 95.11
C ILE G 70 17.00 41.11 96.08
N TYR G 71 15.96 40.41 95.64
CA TYR G 71 14.77 40.22 96.48
C TYR G 71 14.85 38.91 97.25
N SER G 72 16.07 38.49 97.58
CA SER G 72 16.26 37.24 98.31
C SER G 72 15.72 37.36 99.72
N ASP G 73 15.21 36.26 100.26
CA ASP G 73 14.67 36.29 101.61
C ASP G 73 15.78 35.97 102.60
N LEU G 74 17.00 35.75 102.09
CA LEU G 74 18.17 35.49 102.94
C LEU G 74 18.94 36.79 103.03
N ARG G 75 18.31 37.84 102.50
CA ARG G 75 18.84 39.19 102.49
C ARG G 75 18.74 39.72 103.93
N ILE G 76 19.82 40.31 104.45
CA ILE G 76 19.78 40.85 105.80
C ILE G 76 18.74 41.97 105.81
N PRO G 77 17.64 41.79 106.56
CA PRO G 77 16.53 42.74 106.66
C PRO G 77 16.76 44.08 107.37
N TYR G 78 17.56 44.07 108.43
CA TYR G 78 17.81 45.28 109.21
C TYR G 78 19.00 45.04 110.13
N PRO G 79 19.53 46.10 110.77
CA PRO G 79 20.66 45.88 111.68
C PRO G 79 20.30 44.78 112.68
N MET G 80 21.25 43.91 112.96
CA MET G 80 20.99 42.82 113.88
C MET G 80 22.07 42.73 114.95
N LYS G 81 21.70 42.16 116.10
CA LYS G 81 22.66 42.00 117.19
C LYS G 81 22.58 40.61 117.79
N ARG G 82 23.73 40.06 118.16
CA ARG G 82 23.78 38.74 118.77
C ARG G 82 23.25 38.92 120.18
N LYS G 83 22.15 38.22 120.47
CA LYS G 83 21.50 38.28 121.78
C LYS G 83 22.45 38.08 122.94
N SER G 84 23.32 37.08 122.82
CA SER G 84 24.27 36.74 123.86
C SER G 84 25.43 37.72 123.94
N PHE G 85 25.39 38.79 123.16
CA PHE G 85 26.45 39.78 123.19
C PHE G 85 26.04 41.03 123.96
N ASP G 86 26.78 41.34 125.02
CA ASP G 86 26.52 42.51 125.84
C ASP G 86 27.79 43.36 125.89
N PRO G 87 27.79 44.50 125.20
CA PRO G 87 28.96 45.39 125.18
C PRO G 87 29.51 45.71 126.57
N ASN G 88 28.64 45.91 127.56
CA ASN G 88 29.10 46.25 128.90
C ASN G 88 29.03 45.13 129.92
N GLY G 89 28.66 43.93 129.47
CA GLY G 89 28.58 42.79 130.36
C GLY G 89 29.29 41.60 129.77
N GLU G 90 28.72 40.41 129.93
CA GLU G 90 29.33 39.20 129.38
C GLU G 90 29.26 39.26 127.85
N ARG G 91 30.42 39.18 127.20
CA ARG G 91 30.48 39.22 125.75
C ARG G 91 30.25 37.82 125.16
N ASN G 92 30.56 36.80 125.93
CA ASN G 92 30.36 35.43 125.51
C ASN G 92 30.94 35.13 124.12
N PRO G 93 32.27 35.21 123.97
CA PRO G 93 32.90 34.94 122.68
C PRO G 93 32.58 33.52 122.21
N GLN G 94 32.58 32.60 123.18
CA GLN G 94 32.32 31.20 122.91
C GLN G 94 30.94 30.87 122.36
N LEU G 95 30.04 31.86 122.36
CA LEU G 95 28.70 31.61 121.86
C LEU G 95 28.46 32.08 120.43
N ARG G 96 29.51 32.57 119.76
CA ARG G 96 29.38 33.00 118.38
C ARG G 96 29.14 31.79 117.50
N GLY G 97 28.01 31.80 116.79
CA GLY G 97 27.71 30.66 115.93
C GLY G 97 26.97 29.57 116.67
N ALA G 98 26.42 29.91 117.83
CA ALA G 98 25.68 28.96 118.64
C ALA G 98 24.48 28.47 117.84
N GLY G 99 23.83 29.39 117.15
CA GLY G 99 22.68 29.05 116.32
C GLY G 99 23.11 28.09 115.24
N LEU G 100 24.25 28.37 114.61
CA LEU G 100 24.75 27.50 113.55
C LEU G 100 24.96 26.10 114.13
N SER G 101 25.46 26.05 115.36
CA SER G 101 25.71 24.79 116.03
C SER G 101 24.45 23.99 116.29
N LYS G 102 23.30 24.65 116.36
CA LYS G 102 22.03 23.95 116.58
C LYS G 102 21.10 24.12 115.40
N GLN G 103 21.70 24.32 114.22
CA GLN G 103 20.96 24.47 112.97
C GLN G 103 19.85 25.52 113.01
N ASP G 104 20.08 26.61 113.74
CA ASP G 104 19.13 27.69 113.85
C ASP G 104 19.94 28.99 113.85
N PRO G 105 20.44 29.40 112.67
CA PRO G 105 21.24 30.62 112.52
C PRO G 105 20.57 31.89 113.00
N TRP G 106 19.36 32.15 112.50
CA TRP G 106 18.60 33.35 112.84
C TRP G 106 18.22 33.51 114.32
N SER G 107 18.19 32.42 115.08
CA SER G 107 17.79 32.51 116.47
C SER G 107 18.80 33.20 117.40
N ASP G 108 19.99 33.48 116.90
CA ASP G 108 21.01 34.14 117.71
C ASP G 108 20.88 35.65 117.67
N TYR G 109 20.12 36.15 116.71
CA TYR G 109 20.01 37.58 116.58
C TYR G 109 18.66 38.24 116.86
N GLU G 110 18.73 39.51 117.22
CA GLU G 110 17.57 40.33 117.51
C GLU G 110 17.72 41.59 116.68
N ARG G 111 16.63 42.32 116.51
CA ARG G 111 16.63 43.54 115.72
C ARG G 111 16.94 44.81 116.49
N ILE G 112 17.89 45.59 115.98
CA ILE G 112 18.25 46.87 116.60
C ILE G 112 18.26 47.91 115.49
N SER G 113 18.14 49.18 115.87
CA SER G 113 18.13 50.28 114.90
C SER G 113 19.52 50.57 114.36
N TRP G 114 19.56 51.44 113.35
CA TRP G 114 20.83 51.82 112.76
C TRP G 114 21.61 52.65 113.76
N ASP G 115 20.90 53.57 114.40
CA ASP G 115 21.52 54.44 115.39
C ASP G 115 22.17 53.67 116.52
N GLU G 116 21.53 52.60 116.98
CA GLU G 116 22.11 51.81 118.08
C GLU G 116 23.24 50.90 117.64
N ALA G 117 23.12 50.32 116.44
CA ALA G 117 24.16 49.44 115.95
C ALA G 117 25.44 50.25 115.74
N THR G 118 25.31 51.45 115.17
CA THR G 118 26.46 52.29 114.92
C THR G 118 27.04 52.90 116.19
N ASP G 119 26.21 53.11 117.22
CA ASP G 119 26.71 53.65 118.48
C ASP G 119 27.58 52.58 119.13
N ILE G 120 27.14 51.32 119.04
CA ILE G 120 27.88 50.21 119.63
C ILE G 120 29.25 50.00 118.96
N VAL G 121 29.28 50.06 117.63
CA VAL G 121 30.52 49.87 116.88
C VAL G 121 31.51 51.01 117.19
N VAL G 122 31.03 52.24 117.14
CA VAL G 122 31.85 53.41 117.43
C VAL G 122 32.47 53.30 118.81
N ALA G 123 31.64 52.96 119.80
CA ALA G 123 32.11 52.82 121.18
C ALA G 123 33.21 51.77 121.29
N GLU G 124 33.15 50.75 120.44
CA GLU G 124 34.16 49.68 120.43
C GLU G 124 35.42 50.17 119.71
N ILE G 125 35.23 50.91 118.63
CA ILE G 125 36.34 51.44 117.86
C ILE G 125 37.19 52.41 118.67
N ASN G 126 36.53 53.36 119.31
CA ASN G 126 37.23 54.35 120.12
C ASN G 126 37.88 53.79 121.38
N ARG G 127 37.26 52.78 121.99
CA ARG G 127 37.86 52.20 123.19
C ARG G 127 39.12 51.45 122.81
N ILE G 128 39.04 50.69 121.72
CA ILE G 128 40.17 49.92 121.25
C ILE G 128 41.31 50.80 120.74
N LYS G 129 40.98 51.86 120.02
CA LYS G 129 42.00 52.77 119.50
C LYS G 129 42.75 53.47 120.63
N HIS G 130 42.03 53.91 121.66
CA HIS G 130 42.67 54.58 122.79
C HIS G 130 43.36 53.63 123.76
N ALA G 131 43.11 52.33 123.63
CA ALA G 131 43.75 51.37 124.53
C ALA G 131 44.76 50.49 123.82
N TYR G 132 44.61 50.32 122.51
CA TYR G 132 45.52 49.46 121.76
C TYR G 132 46.03 50.10 120.48
N GLY G 133 45.29 51.06 119.96
CA GLY G 133 45.69 51.72 118.73
C GLY G 133 44.94 51.16 117.53
N PRO G 134 44.92 51.88 116.40
CA PRO G 134 44.24 51.45 115.16
C PRO G 134 44.58 50.02 114.72
N SER G 135 45.83 49.63 114.87
CA SER G 135 46.27 48.30 114.46
C SER G 135 45.48 47.18 115.12
N ALA G 136 44.77 47.48 116.21
CA ALA G 136 43.98 46.47 116.91
C ALA G 136 42.66 46.14 116.21
N ILE G 137 42.31 46.98 115.23
CA ILE G 137 41.09 46.78 114.47
C ILE G 137 41.42 46.07 113.16
N LEU G 138 41.06 44.79 113.08
CA LEU G 138 41.30 43.99 111.89
C LEU G 138 40.10 44.06 110.95
N SER G 139 40.35 44.16 109.64
CA SER G 139 39.28 44.22 108.66
C SER G 139 39.68 43.61 107.32
N THR G 140 38.69 43.10 106.59
CA THR G 140 38.97 42.51 105.29
C THR G 140 37.72 42.14 104.52
N PRO G 141 37.60 42.65 103.29
CA PRO G 141 36.43 42.31 102.50
C PRO G 141 36.94 41.04 101.83
N SER G 142 36.68 40.86 100.56
CA SER G 142 37.25 39.70 99.92
C SER G 142 37.61 40.03 98.49
N SER G 143 38.11 39.05 97.75
CA SER G 143 38.51 39.29 96.38
C SER G 143 37.51 40.02 95.52
N HIS G 144 36.28 39.52 95.46
CA HIS G 144 35.28 40.15 94.63
C HIS G 144 34.18 40.93 95.32
N HIS G 145 33.59 41.84 94.55
CA HIS G 145 32.59 42.77 95.07
C HIS G 145 31.52 43.05 94.01
N MET G 146 30.40 43.64 94.42
CA MET G 146 29.33 44.00 93.51
C MET G 146 29.87 44.99 92.48
N TRP G 147 29.46 44.85 91.24
CA TRP G 147 29.94 45.76 90.20
C TRP G 147 29.55 47.21 90.48
N GLY G 148 30.50 48.11 90.25
CA GLY G 148 30.30 49.53 90.50
C GLY G 148 31.66 50.07 90.91
N ASN G 149 32.21 50.94 90.08
CA ASN G 149 33.53 51.50 90.33
C ASN G 149 33.66 52.34 91.61
N VAL G 150 32.84 53.37 91.73
CA VAL G 150 32.90 54.24 92.91
C VAL G 150 32.69 53.47 94.22
N GLY G 151 31.77 52.52 94.19
CA GLY G 151 31.46 51.75 95.39
C GLY G 151 32.31 50.53 95.66
N TYR G 152 33.22 50.20 94.75
CA TYR G 152 34.07 49.02 94.92
C TYR G 152 34.95 49.13 96.16
N ARG G 153 35.39 48.00 96.68
CA ARG G 153 36.22 47.95 97.87
C ARG G 153 37.54 48.72 97.74
N HIS G 154 38.02 48.89 96.52
CA HIS G 154 39.27 49.62 96.27
C HIS G 154 39.01 51.12 96.44
N SER G 155 37.75 51.51 96.31
CA SER G 155 37.32 52.90 96.36
C SER G 155 36.67 53.36 97.66
N THR G 156 35.43 52.94 97.89
CA THR G 156 34.68 53.32 99.08
C THR G 156 35.21 52.71 100.37
N TYR G 157 35.40 51.39 100.36
CA TYR G 157 35.91 50.68 101.53
C TYR G 157 37.23 51.29 102.01
N PHE G 158 38.23 51.33 101.14
CA PHE G 158 39.53 51.89 101.50
C PHE G 158 39.50 53.35 101.91
N ARG G 159 38.61 54.13 101.30
CA ARG G 159 38.56 55.54 101.65
C ARG G 159 38.17 55.76 103.11
N PHE G 160 37.21 54.96 103.58
CA PHE G 160 36.75 55.06 104.96
C PHE G 160 37.74 54.45 105.96
N MET G 161 38.03 53.16 105.77
CA MET G 161 38.93 52.43 106.67
C MET G 161 40.26 53.13 106.89
N ASN G 162 40.83 53.65 105.81
CA ASN G 162 42.11 54.34 105.87
C ASN G 162 42.04 55.57 106.76
N MET G 163 40.82 56.00 107.04
CA MET G 163 40.56 57.18 107.85
C MET G 163 40.13 56.79 109.26
N MET G 164 39.94 55.50 109.47
CA MET G 164 39.47 54.99 110.75
C MET G 164 40.44 54.03 111.44
N GLY G 165 40.92 53.02 110.70
CA GLY G 165 41.84 52.04 111.26
C GLY G 165 43.21 52.05 110.61
N PHE G 166 43.84 50.90 110.37
CA PHE G 166 43.31 49.57 110.69
C PHE G 166 44.36 48.55 110.23
N THR G 167 44.15 47.29 110.58
CA THR G 167 45.06 46.23 110.15
C THR G 167 44.31 45.46 109.08
N TYR G 168 44.86 45.48 107.87
CA TYR G 168 44.24 44.82 106.73
C TYR G 168 44.79 43.43 106.55
N ALA G 169 43.89 42.45 106.47
CA ALA G 169 44.34 41.09 106.21
C ALA G 169 44.45 41.11 104.68
N ASP G 170 45.62 41.52 104.18
CA ASP G 170 45.83 41.61 102.73
C ASP G 170 45.61 40.30 101.99
N HIS G 171 44.93 40.41 100.85
CA HIS G 171 44.62 39.23 100.03
C HIS G 171 45.79 38.57 99.33
N ASN G 172 45.82 37.24 99.39
CA ASN G 172 46.84 36.48 98.71
C ASN G 172 46.40 36.51 97.25
N PRO G 173 47.35 36.56 96.30
CA PRO G 173 46.97 36.59 94.88
C PRO G 173 46.38 35.26 94.41
N ASP G 174 45.25 34.88 95.01
CA ASP G 174 44.55 33.63 94.71
C ASP G 174 44.46 33.27 93.22
N SER G 175 43.99 34.20 92.40
CA SER G 175 43.83 33.99 90.96
C SER G 175 45.12 33.71 90.20
N TRP G 176 46.21 34.32 90.66
CA TRP G 176 47.53 34.21 90.04
C TRP G 176 48.54 33.23 90.64
N GLU G 177 48.33 32.83 91.89
CA GLU G 177 49.25 31.94 92.61
C GLU G 177 50.51 31.48 91.85
N GLY G 178 50.37 30.39 91.12
CA GLY G 178 51.48 29.84 90.37
C GLY G 178 52.26 30.85 89.56
N TRP G 179 51.57 31.66 88.77
CA TRP G 179 52.23 32.68 87.95
C TRP G 179 52.90 33.74 88.80
N HIS G 180 52.30 34.03 89.95
CA HIS G 180 52.83 35.04 90.85
C HIS G 180 54.02 34.57 91.68
N TRP G 181 53.90 33.42 92.33
CA TRP G 181 54.97 32.91 93.17
C TRP G 181 56.07 32.14 92.40
N GLY G 182 55.81 31.82 91.14
CA GLY G 182 56.77 31.09 90.35
C GLY G 182 57.07 31.72 89.00
N GLY G 183 56.03 31.86 88.18
CA GLY G 183 56.18 32.45 86.85
C GLY G 183 56.92 33.78 86.81
N MET G 184 56.60 34.65 87.75
CA MET G 184 57.20 35.98 87.83
C MET G 184 58.73 35.93 87.85
N HIS G 185 59.28 34.96 88.57
CA HIS G 185 60.73 34.81 88.68
C HIS G 185 61.35 34.35 87.35
N MET G 186 60.51 33.80 86.48
CA MET G 186 60.99 33.30 85.21
C MET G 186 60.95 34.37 84.11
N TRP G 187 59.85 35.13 84.01
CA TRP G 187 59.76 36.14 82.97
C TRP G 187 59.27 37.52 83.38
N GLY G 188 59.31 37.81 84.68
CA GLY G 188 58.86 39.11 85.17
C GLY G 188 57.35 39.27 85.13
N PHE G 189 56.87 40.36 84.54
CA PHE G 189 55.44 40.63 84.45
C PHE G 189 54.82 40.82 85.84
N SER G 190 55.57 41.42 86.75
CA SER G 190 55.08 41.62 88.10
C SER G 190 53.80 42.45 88.13
N TRP G 191 53.76 43.53 87.36
CA TRP G 191 52.58 44.38 87.30
C TRP G 191 51.34 43.63 86.81
N ARG G 192 51.53 42.36 86.45
CA ARG G 192 50.42 41.51 86.01
C ARG G 192 50.45 40.25 86.85
N LEU G 193 51.22 40.31 87.94
CA LEU G 193 51.37 39.20 88.88
C LEU G 193 51.74 37.88 88.18
N GLY G 194 52.63 37.97 87.19
CA GLY G 194 53.06 36.79 86.47
C GLY G 194 52.28 36.45 85.21
N ASN G 195 51.16 37.13 84.99
CA ASN G 195 50.34 36.88 83.80
C ASN G 195 50.85 37.61 82.55
N PRO G 196 50.74 36.98 81.38
CA PRO G 196 51.19 37.58 80.13
C PRO G 196 50.27 38.65 79.56
N GLU G 197 50.88 39.55 78.81
CA GLU G 197 50.21 40.65 78.13
C GLU G 197 49.40 39.98 77.00
N GLN G 198 48.35 40.62 76.50
CA GLN G 198 47.53 40.00 75.44
C GLN G 198 47.05 40.87 74.26
N TYR G 199 47.52 42.11 74.16
CA TYR G 199 47.07 43.00 73.10
C TYR G 199 47.12 42.49 71.66
N ASP G 200 46.07 42.85 70.91
CA ASP G 200 45.90 42.52 69.50
C ASP G 200 46.12 41.08 69.07
N LEU G 201 45.71 40.13 69.89
CA LEU G 201 45.90 38.73 69.54
C LEU G 201 44.75 38.09 68.78
N LEU G 202 43.59 38.73 68.77
CA LEU G 202 42.46 38.15 68.06
C LEU G 202 42.72 38.07 66.55
N GLU G 203 43.28 39.14 65.99
CA GLU G 203 43.57 39.17 64.57
C GLU G 203 44.72 38.21 64.29
N ASP G 204 45.80 38.36 65.05
CA ASP G 204 46.98 37.51 64.90
C ASP G 204 46.55 36.05 64.83
N GLY G 205 45.63 35.65 65.70
CA GLY G 205 45.18 34.27 65.71
C GLY G 205 44.27 33.93 64.56
N LEU G 206 43.39 34.84 64.18
CA LEU G 206 42.48 34.57 63.08
C LEU G 206 43.27 34.36 61.81
N LYS G 207 44.33 35.15 61.63
CA LYS G 207 45.16 35.03 60.44
C LYS G 207 46.14 33.87 60.45
N HIS G 208 46.72 33.56 61.62
CA HIS G 208 47.73 32.50 61.70
C HIS G 208 47.41 31.17 62.38
N ALA G 209 46.52 31.17 63.37
CA ALA G 209 46.19 29.96 64.10
C ALA G 209 45.87 28.70 63.28
N GLU G 210 46.44 27.58 63.71
CA GLU G 210 46.20 26.29 63.07
C GLU G 210 45.80 25.32 64.17
N MET G 211 46.12 25.70 65.41
CA MET G 211 45.78 24.88 66.57
C MET G 211 45.89 25.67 67.86
N ILE G 212 45.05 25.30 68.83
CA ILE G 212 45.06 25.95 70.13
C ILE G 212 44.98 24.91 71.23
N VAL G 213 45.93 24.94 72.15
CA VAL G 213 45.93 23.98 73.26
C VAL G 213 45.37 24.68 74.50
N PHE G 214 44.19 24.25 74.94
CA PHE G 214 43.55 24.81 76.12
C PHE G 214 44.02 24.00 77.32
N TRP G 215 44.96 24.57 78.09
CA TRP G 215 45.53 23.90 79.25
C TRP G 215 44.95 24.57 80.50
N SER G 216 44.18 23.81 81.28
CA SER G 216 43.54 24.34 82.48
C SER G 216 42.72 25.56 82.08
N SER G 217 42.04 25.45 80.93
CA SER G 217 41.25 26.55 80.42
C SER G 217 39.81 26.20 80.06
N ASP G 218 38.86 26.94 80.64
CA ASP G 218 37.44 26.76 80.36
C ASP G 218 36.86 28.15 80.08
N PRO G 219 37.20 28.72 78.91
CA PRO G 219 36.76 30.04 78.46
C PRO G 219 35.24 30.30 78.54
N GLU G 220 34.44 29.29 78.22
CA GLU G 220 32.99 29.46 78.28
C GLU G 220 32.55 29.71 79.72
N THR G 221 33.03 28.89 80.65
CA THR G 221 32.68 29.05 82.05
C THR G 221 33.17 30.35 82.69
N ASN G 222 34.48 30.55 82.65
CA ASN G 222 35.11 31.71 83.26
C ASN G 222 35.07 33.02 82.47
N SER G 223 35.00 32.89 81.14
CA SER G 223 34.95 34.05 80.24
C SER G 223 36.15 34.97 80.43
N GLY G 224 37.19 34.45 81.08
CA GLY G 224 38.32 35.29 81.39
C GLY G 224 37.86 35.78 82.75
N ILE G 225 36.89 36.69 82.73
CA ILE G 225 36.28 37.23 83.94
C ILE G 225 35.44 38.46 83.62
N TYR G 226 34.22 38.49 84.17
CA TYR G 226 33.30 39.61 83.96
C TYR G 226 32.81 39.80 82.52
N ALA G 227 33.05 38.83 81.65
CA ALA G 227 32.66 39.00 80.24
C ALA G 227 31.55 38.11 79.67
N GLY G 228 30.62 37.66 80.50
CA GLY G 228 29.53 36.81 80.01
C GLY G 228 29.98 35.75 79.01
N PHE G 229 29.47 35.85 77.79
CA PHE G 229 29.85 34.91 76.73
C PHE G 229 30.28 35.67 75.49
N GLU G 230 31.04 36.74 75.72
CA GLU G 230 31.54 37.58 74.65
C GLU G 230 32.44 36.84 73.65
N SER G 231 33.27 35.94 74.16
CA SER G 231 34.21 35.23 73.29
C SER G 231 33.70 33.98 72.57
N ASN G 232 32.51 33.52 72.89
CA ASN G 232 31.99 32.31 72.26
C ASN G 232 31.99 32.34 70.74
N ILE G 233 31.70 33.50 70.15
CA ILE G 233 31.66 33.61 68.70
C ILE G 233 33.06 33.53 68.10
N ARG G 234 34.04 34.00 68.85
CA ARG G 234 35.44 34.00 68.39
C ARG G 234 35.97 32.61 68.15
N ARG G 235 35.72 31.70 69.09
CA ARG G 235 36.20 30.34 68.91
C ARG G 235 35.40 29.68 67.78
N GLN G 236 34.19 30.17 67.56
CA GLN G 236 33.34 29.64 66.49
C GLN G 236 34.05 29.93 65.18
N TRP G 237 34.54 31.17 65.04
CA TRP G 237 35.26 31.58 63.84
C TRP G 237 36.52 30.74 63.65
N LEU G 238 37.28 30.54 64.72
CA LEU G 238 38.50 29.73 64.65
C LEU G 238 38.14 28.31 64.20
N LYS G 239 37.04 27.82 64.74
CA LYS G 239 36.56 26.49 64.42
C LYS G 239 36.19 26.39 62.95
N ASP G 240 35.51 27.42 62.44
CA ASP G 240 35.09 27.43 61.04
C ASP G 240 36.28 27.58 60.07
N LEU G 241 37.42 27.98 60.61
CA LEU G 241 38.64 28.15 59.83
C LEU G 241 39.49 26.89 59.84
N GLY G 242 38.97 25.83 60.47
CA GLY G 242 39.72 24.58 60.54
C GLY G 242 40.70 24.43 61.71
N VAL G 243 40.69 25.38 62.65
CA VAL G 243 41.60 25.32 63.80
C VAL G 243 41.29 24.18 64.77
N ASP G 244 42.26 23.30 65.00
CA ASP G 244 42.05 22.18 65.92
C ASP G 244 42.11 22.64 67.38
N PHE G 245 41.20 22.11 68.21
CA PHE G 245 41.12 22.44 69.63
C PHE G 245 41.47 21.27 70.55
N VAL G 246 42.47 21.47 71.39
CA VAL G 246 42.88 20.42 72.33
C VAL G 246 42.71 20.92 73.77
N PHE G 247 42.19 20.05 74.63
CA PHE G 247 41.95 20.40 76.03
C PHE G 247 42.62 19.44 76.99
N ILE G 248 43.39 20.01 77.92
CA ILE G 248 44.10 19.24 78.93
C ILE G 248 43.56 19.72 80.27
N ASP G 249 42.67 18.91 80.84
CA ASP G 249 42.00 19.25 82.08
C ASP G 249 41.52 17.94 82.72
N PRO G 250 41.74 17.75 84.03
CA PRO G 250 41.30 16.52 84.70
C PRO G 250 39.81 16.32 84.47
N HIS G 251 39.10 17.41 84.30
CA HIS G 251 37.66 17.40 84.05
C HIS G 251 37.40 17.86 82.61
N MET G 252 36.52 17.16 81.92
CA MET G 252 36.18 17.55 80.56
C MET G 252 35.34 18.81 80.78
N ASN G 253 36.02 19.95 80.90
CA ASN G 253 35.32 21.20 81.17
C ASN G 253 34.27 21.58 80.13
N HIS G 254 33.53 22.64 80.42
CA HIS G 254 32.45 23.08 79.56
C HIS G 254 32.79 23.57 78.15
N THR G 255 34.01 24.06 77.95
CA THR G 255 34.40 24.52 76.64
C THR G 255 34.71 23.27 75.82
N ALA G 256 35.35 22.29 76.46
CA ALA G 256 35.71 21.04 75.81
C ALA G 256 34.49 20.19 75.46
N ARG G 257 33.44 20.29 76.26
CA ARG G 257 32.23 19.53 76.03
C ARG G 257 31.52 20.07 74.79
N LEU G 258 31.84 21.31 74.45
CA LEU G 258 31.22 21.99 73.30
C LEU G 258 32.01 21.96 71.99
N VAL G 259 33.31 22.25 72.04
CA VAL G 259 34.13 22.28 70.82
C VAL G 259 35.45 21.51 70.81
N ALA G 260 35.68 20.64 71.78
CA ALA G 260 36.94 19.91 71.84
C ALA G 260 37.16 18.91 70.71
N ASP G 261 38.38 18.91 70.17
CA ASP G 261 38.73 17.97 69.11
C ASP G 261 39.39 16.77 69.76
N LYS G 262 39.90 16.98 70.97
CA LYS G 262 40.56 15.94 71.76
C LYS G 262 40.66 16.38 73.21
N TRP G 263 40.57 15.45 74.15
CA TRP G 263 40.63 15.77 75.56
C TRP G 263 41.58 14.87 76.35
N PHE G 264 42.44 15.51 77.14
CA PHE G 264 43.41 14.80 77.98
C PHE G 264 43.01 15.01 79.43
N SER G 265 42.97 13.95 80.22
CA SER G 265 42.61 14.07 81.63
C SER G 265 43.76 13.62 82.52
N PRO G 266 44.68 14.53 82.83
CA PRO G 266 45.82 14.16 83.69
C PRO G 266 45.40 14.06 85.16
N LYS G 267 46.02 13.14 85.90
CA LYS G 267 45.70 13.02 87.33
C LYS G 267 46.06 14.37 87.94
N ILE G 268 45.46 14.72 89.07
CA ILE G 268 45.75 16.01 89.67
C ILE G 268 47.20 16.16 90.08
N GLY G 269 47.71 17.37 89.90
CA GLY G 269 49.08 17.69 90.25
C GLY G 269 50.14 17.05 89.37
N THR G 270 49.81 16.75 88.11
CA THR G 270 50.78 16.10 87.23
C THR G 270 50.96 16.76 85.86
N ASP G 271 50.32 17.90 85.65
CA ASP G 271 50.43 18.59 84.37
C ASP G 271 51.87 18.84 83.92
N HIS G 272 52.73 19.25 84.85
CA HIS G 272 54.11 19.53 84.50
C HIS G 272 54.87 18.31 84.00
N ALA G 273 54.30 17.12 84.16
CA ALA G 273 54.96 15.93 83.64
C ALA G 273 54.72 15.98 82.12
N LEU G 274 53.52 16.41 81.72
CA LEU G 274 53.18 16.51 80.30
C LEU G 274 54.07 17.51 79.60
N SER G 275 54.25 18.70 80.19
CA SER G 275 55.10 19.73 79.59
C SER G 275 56.56 19.29 79.45
N PHE G 276 57.08 18.58 80.45
CA PHE G 276 58.46 18.10 80.36
C PHE G 276 58.63 17.06 79.25
N ALA G 277 57.62 16.22 79.07
CA ALA G 277 57.63 15.18 78.06
C ALA G 277 57.51 15.79 76.68
N ILE G 278 56.83 16.92 76.61
CA ILE G 278 56.67 17.63 75.36
C ILE G 278 57.96 18.35 75.03
N ALA G 279 58.59 18.94 76.05
CA ALA G 279 59.84 19.64 75.84
C ALA G 279 60.87 18.57 75.46
N TYR G 280 60.81 17.44 76.16
CA TYR G 280 61.72 16.34 75.91
C TYR G 280 61.67 15.93 74.44
N THR G 281 60.47 15.85 73.90
CA THR G 281 60.27 15.46 72.51
C THR G 281 60.81 16.49 71.53
N TRP G 282 60.62 17.77 71.81
CA TRP G 282 61.12 18.81 70.92
C TRP G 282 62.65 18.80 70.91
N LEU G 283 63.26 18.51 72.06
CA LEU G 283 64.71 18.48 72.16
C LEU G 283 65.30 17.27 71.43
N LYS G 284 64.64 16.13 71.50
CA LYS G 284 65.13 14.93 70.84
C LYS G 284 64.97 14.99 69.32
N GLU G 285 63.95 15.69 68.86
CA GLU G 285 63.68 15.81 67.44
C GLU G 285 64.08 17.19 66.89
N ASP G 286 64.69 18.02 67.73
CA ASP G 286 65.12 19.36 67.33
C ASP G 286 63.95 20.14 66.74
N SER G 287 62.75 19.85 67.24
CA SER G 287 61.55 20.50 66.74
C SER G 287 61.12 21.75 67.52
N TYR G 288 61.94 22.79 67.48
CA TYR G 288 61.61 24.04 68.15
C TYR G 288 62.49 25.18 67.62
N ASP G 289 62.13 26.42 67.95
CA ASP G 289 62.87 27.57 67.49
C ASP G 289 64.17 27.81 68.25
N LYS G 290 65.23 27.09 67.87
CA LYS G 290 66.54 27.22 68.52
C LYS G 290 67.13 28.64 68.50
N GLU G 291 66.94 29.35 67.38
CA GLU G 291 67.48 30.72 67.25
C GLU G 291 66.82 31.62 68.27
N TYR G 292 65.50 31.46 68.42
CA TYR G 292 64.72 32.24 69.36
C TYR G 292 65.25 31.99 70.77
N VAL G 293 65.42 30.72 71.11
CA VAL G 293 65.90 30.34 72.42
C VAL G 293 67.32 30.81 72.69
N ALA G 294 68.17 30.79 71.67
CA ALA G 294 69.55 31.22 71.84
C ALA G 294 69.61 32.71 72.18
N ALA G 295 68.60 33.45 71.75
CA ALA G 295 68.54 34.89 71.97
C ALA G 295 67.74 35.37 73.18
N ASN G 296 66.61 34.73 73.47
CA ASN G 296 65.75 35.15 74.57
C ASN G 296 65.68 34.30 75.83
N ALA G 297 66.44 33.21 75.90
CA ALA G 297 66.40 32.36 77.08
C ALA G 297 67.70 32.39 77.85
N HIS G 298 67.61 32.11 79.15
CA HIS G 298 68.76 32.08 80.03
C HIS G 298 68.80 30.76 80.79
N GLY G 299 69.96 30.12 80.82
CA GLY G 299 70.10 28.86 81.52
C GLY G 299 69.39 27.70 80.83
N PHE G 300 69.12 27.82 79.53
CA PHE G 300 68.43 26.76 78.80
C PHE G 300 69.23 25.48 78.67
N GLU G 301 70.54 25.59 78.46
CA GLU G 301 71.41 24.44 78.33
C GLU G 301 71.33 23.53 79.56
N GLU G 302 71.45 24.11 80.75
CA GLU G 302 71.37 23.31 81.97
C GLU G 302 69.99 22.68 82.06
N TRP G 303 68.94 23.47 81.88
CA TRP G 303 67.57 22.97 81.94
C TRP G 303 67.37 21.79 80.98
N ALA G 304 67.95 21.90 79.78
CA ALA G 304 67.84 20.85 78.78
C ALA G 304 68.53 19.55 79.25
N ASP G 305 69.66 19.69 79.94
CA ASP G 305 70.36 18.49 80.43
C ASP G 305 69.47 17.76 81.43
N TYR G 306 68.72 18.53 82.22
CA TYR G 306 67.80 17.97 83.22
C TYR G 306 66.64 17.25 82.54
N VAL G 307 66.05 17.88 81.52
CA VAL G 307 64.92 17.29 80.80
C VAL G 307 65.35 15.97 80.14
N LEU G 308 66.56 15.96 79.58
CA LEU G 308 67.10 14.77 78.92
C LEU G 308 67.57 13.75 79.93
N GLY G 309 67.37 14.04 81.22
CA GLY G 309 67.76 13.12 82.28
C GLY G 309 69.24 12.96 82.56
N LYS G 310 70.08 13.76 81.92
CA LYS G 310 71.52 13.66 82.14
C LYS G 310 71.91 13.89 83.60
N THR G 311 71.35 14.92 84.21
CA THR G 311 71.65 15.28 85.59
C THR G 311 70.98 14.50 86.73
N ASP G 312 69.71 14.15 86.58
CA ASP G 312 68.99 13.40 87.62
C ASP G 312 68.92 11.92 87.28
N GLY G 313 69.26 11.57 86.04
CA GLY G 313 69.24 10.18 85.62
C GLY G 313 67.89 9.68 85.14
N THR G 314 66.90 10.58 85.06
CA THR G 314 65.57 10.17 84.60
C THR G 314 65.07 10.96 83.38
N PRO G 315 65.22 10.38 82.17
CA PRO G 315 64.76 11.04 80.93
C PRO G 315 63.25 11.26 80.99
N LYS G 316 62.83 12.51 80.87
CA LYS G 316 61.40 12.84 80.94
C LYS G 316 60.68 12.43 79.65
N THR G 317 60.58 11.13 79.43
CA THR G 317 59.90 10.60 78.23
C THR G 317 58.38 10.63 78.36
N CYS G 318 57.71 10.47 77.23
CA CYS G 318 56.24 10.44 77.20
C CYS G 318 55.74 9.26 78.01
N GLU G 319 56.50 8.17 78.04
CA GLU G 319 56.10 7.01 78.82
C GLU G 319 56.22 7.32 80.31
N TRP G 320 57.25 8.09 80.66
CA TRP G 320 57.47 8.51 82.04
C TRP G 320 56.29 9.40 82.45
N ALA G 321 55.91 10.32 81.57
CA ALA G 321 54.80 11.23 81.85
C ALA G 321 53.48 10.49 81.93
N GLU G 322 53.39 9.35 81.26
CA GLU G 322 52.18 8.55 81.28
C GLU G 322 52.04 7.93 82.67
N GLU G 323 53.13 7.33 83.14
CA GLU G 323 53.11 6.71 84.45
C GLU G 323 52.72 7.72 85.52
N GLU G 324 53.09 8.98 85.33
CA GLU G 324 52.77 10.03 86.28
C GLU G 324 51.31 10.51 86.19
N SER G 325 50.90 10.90 84.98
CA SER G 325 49.56 11.45 84.72
C SER G 325 48.42 10.48 84.40
N GLY G 326 48.74 9.40 83.69
CA GLY G 326 47.69 8.48 83.29
C GLY G 326 47.35 8.76 81.83
N VAL G 327 47.86 9.85 81.28
CA VAL G 327 47.62 10.19 79.88
C VAL G 327 48.52 9.33 79.01
N PRO G 328 47.95 8.64 78.00
CA PRO G 328 48.71 7.78 77.09
C PRO G 328 49.94 8.41 76.46
N ALA G 329 51.07 7.73 76.56
CA ALA G 329 52.34 8.22 76.02
C ALA G 329 52.25 8.54 74.51
N CYS G 330 51.51 7.72 73.77
CA CYS G 330 51.39 7.95 72.34
C CYS G 330 50.65 9.26 72.06
N GLU G 331 49.62 9.55 72.86
CA GLU G 331 48.84 10.78 72.68
C GLU G 331 49.63 12.03 73.03
N ILE G 332 50.47 11.94 74.06
CA ILE G 332 51.29 13.07 74.48
C ILE G 332 52.29 13.45 73.39
N ARG G 333 52.95 12.44 72.84
CA ARG G 333 53.94 12.65 71.79
C ARG G 333 53.30 13.22 70.53
N ALA G 334 52.14 12.70 70.17
CA ALA G 334 51.45 13.19 68.97
C ALA G 334 51.19 14.68 69.12
N LEU G 335 50.74 15.09 70.30
CA LEU G 335 50.46 16.50 70.55
C LEU G 335 51.76 17.32 70.47
N ALA G 336 52.84 16.79 70.99
CA ALA G 336 54.12 17.49 70.94
C ALA G 336 54.47 17.78 69.47
N ARG G 337 54.45 16.73 68.65
CA ARG G 337 54.76 16.83 67.24
C ARG G 337 53.90 17.79 66.46
N GLN G 338 52.59 17.74 66.66
CA GLN G 338 51.69 18.62 65.93
C GLN G 338 51.91 20.05 66.40
N TRP G 339 52.07 20.23 67.70
CA TRP G 339 52.31 21.54 68.30
C TRP G 339 53.56 22.15 67.65
N ALA G 340 54.56 21.31 67.41
CA ALA G 340 55.79 21.77 66.80
C ALA G 340 55.60 22.24 65.35
N LYS G 341 55.00 21.39 64.51
CA LYS G 341 54.83 21.76 63.11
C LYS G 341 53.69 22.72 62.77
N LYS G 342 52.72 22.87 63.66
CA LYS G 342 51.60 23.77 63.38
C LYS G 342 51.69 25.09 64.13
N ASN G 343 51.02 26.11 63.60
CA ASN G 343 51.00 27.40 64.25
C ASN G 343 50.09 27.19 65.45
N THR G 344 50.70 26.90 66.59
CA THR G 344 49.97 26.61 67.81
C THR G 344 49.96 27.72 68.87
N TYR G 345 48.79 27.97 69.43
CA TYR G 345 48.66 28.95 70.49
C TYR G 345 48.39 28.21 71.77
N LEU G 346 49.09 28.59 72.83
CA LEU G 346 48.92 27.95 74.13
C LEU G 346 47.94 28.74 74.98
N ALA G 347 46.79 28.14 75.24
CA ALA G 347 45.78 28.77 76.06
C ALA G 347 45.93 28.27 77.49
N ALA G 348 46.86 28.87 78.24
CA ALA G 348 47.08 28.50 79.63
C ALA G 348 46.10 29.33 80.46
N GLY G 349 45.13 28.65 81.07
CA GLY G 349 44.13 29.37 81.86
C GLY G 349 43.12 30.01 80.93
N GLY G 350 42.02 30.51 81.50
CA GLY G 350 40.97 31.10 80.67
C GLY G 350 41.12 32.54 80.24
N LEU G 351 42.11 33.24 80.79
CA LEU G 351 42.32 34.64 80.45
C LEU G 351 43.62 34.91 79.72
N GLY G 352 44.50 33.93 79.72
CA GLY G 352 45.82 34.13 79.16
C GLY G 352 46.51 34.30 80.50
N GLY G 353 46.89 33.17 81.09
CA GLY G 353 47.49 33.18 82.41
C GLY G 353 46.39 32.66 83.33
N TRP G 354 46.68 32.53 84.62
CA TRP G 354 45.73 32.01 85.59
C TRP G 354 45.53 30.51 85.37
N GLY G 355 44.29 30.05 85.49
CA GLY G 355 44.02 28.63 85.33
C GLY G 355 44.05 27.94 86.69
N GLY G 356 43.06 27.10 86.94
CA GLY G 356 42.97 26.38 88.19
C GLY G 356 44.26 25.68 88.58
N ALA G 357 45.03 25.28 87.59
CA ALA G 357 46.30 24.60 87.82
C ALA G 357 47.35 25.46 88.52
N CYS G 358 47.23 26.78 88.42
CA CYS G 358 48.21 27.65 89.05
C CYS G 358 48.04 27.74 90.57
N ARG G 359 46.88 27.35 91.08
CA ARG G 359 46.67 27.39 92.53
C ARG G 359 46.44 25.95 93.00
N ALA G 360 47.53 25.19 92.98
CA ALA G 360 47.56 23.79 93.37
C ALA G 360 48.97 23.52 93.89
N SER G 361 49.20 22.34 94.45
CA SER G 361 50.52 22.05 94.97
C SER G 361 51.60 22.05 93.90
N HIS G 362 51.22 21.85 92.64
CA HIS G 362 52.18 21.84 91.55
C HIS G 362 52.09 23.12 90.71
N GLY G 363 51.37 24.11 91.24
CA GLY G 363 51.15 25.37 90.55
C GLY G 363 52.33 26.18 90.07
N ILE G 364 53.45 26.12 90.78
CA ILE G 364 54.62 26.88 90.36
C ILE G 364 55.23 26.29 89.10
N GLU G 365 55.36 24.98 89.08
CA GLU G 365 55.93 24.29 87.93
C GLU G 365 55.00 24.26 86.70
N TRP G 366 53.69 24.24 86.93
CA TRP G 366 52.78 24.25 85.79
C TRP G 366 52.98 25.58 85.07
N ALA G 367 52.92 26.67 85.82
CA ALA G 367 53.10 28.00 85.27
C ALA G 367 54.45 28.13 84.55
N ARG G 368 55.53 27.75 85.23
CA ARG G 368 56.84 27.83 84.59
C ARG G 368 56.88 26.89 83.38
N GLY G 369 56.20 25.75 83.49
CA GLY G 369 56.16 24.79 82.39
C GLY G 369 55.46 25.37 81.18
N MET G 370 54.41 26.16 81.42
CA MET G 370 53.65 26.78 80.34
C MET G 370 54.50 27.84 79.64
N ILE G 371 55.35 28.51 80.42
CA ILE G 371 56.24 29.54 79.90
C ILE G 371 57.36 28.88 79.10
N ALA G 372 57.87 27.76 79.61
CA ALA G 372 58.96 27.05 78.95
C ALA G 372 58.53 26.53 77.58
N LEU G 373 57.30 26.03 77.52
CA LEU G 373 56.75 25.49 76.27
C LEU G 373 56.49 26.58 75.24
N ALA G 374 55.86 27.67 75.67
CA ALA G 374 55.57 28.79 74.77
C ALA G 374 56.85 29.45 74.27
N THR G 375 57.84 29.54 75.14
CA THR G 375 59.13 30.16 74.79
C THR G 375 59.86 29.33 73.75
N MET G 376 59.83 28.01 73.91
CA MET G 376 60.52 27.14 72.97
C MET G 376 59.92 27.22 71.58
N GLN G 377 58.66 27.62 71.49
CA GLN G 377 58.00 27.73 70.18
C GLN G 377 58.01 29.17 69.67
N GLY G 378 58.81 30.00 70.32
CA GLY G 378 58.94 31.39 69.93
C GLY G 378 57.73 32.30 70.09
N MET G 379 57.28 32.50 71.33
CA MET G 379 56.11 33.36 71.58
C MET G 379 56.38 34.79 71.12
N GLY G 380 55.40 35.37 70.41
CA GLY G 380 55.56 36.72 69.92
C GLY G 380 55.63 36.81 68.41
N LYS G 381 56.03 35.71 67.77
CA LYS G 381 56.12 35.69 66.33
C LYS G 381 54.76 35.24 65.79
N PRO G 382 54.44 35.60 64.54
CA PRO G 382 53.17 35.24 63.90
C PRO G 382 52.84 33.75 63.94
N GLY G 383 51.68 33.43 64.51
CA GLY G 383 51.26 32.05 64.58
C GLY G 383 51.82 31.28 65.77
N SER G 384 52.41 31.97 66.73
CA SER G 384 52.97 31.32 67.91
C SER G 384 52.99 32.25 69.11
N ASN G 385 52.11 31.99 70.08
CA ASN G 385 52.04 32.81 71.27
C ASN G 385 51.21 32.11 72.34
N MET G 386 51.14 32.73 73.50
CA MET G 386 50.34 32.22 74.60
C MET G 386 49.07 33.06 74.45
N TRP G 387 47.95 32.42 74.14
CA TRP G 387 46.67 33.11 73.96
C TRP G 387 45.52 32.17 74.32
N SER G 388 44.59 32.65 75.14
CA SER G 388 43.46 31.83 75.58
C SER G 388 42.15 32.09 74.83
N THR G 389 42.22 32.96 73.83
CA THR G 389 41.10 33.35 72.97
C THR G 389 40.04 34.23 73.64
N THR G 390 40.33 34.70 74.85
CA THR G 390 39.40 35.56 75.56
C THR G 390 39.78 37.03 75.45
N GLN G 391 41.07 37.30 75.28
CA GLN G 391 41.54 38.67 75.16
C GLN G 391 42.09 38.94 73.75
N GLY G 392 42.52 40.18 73.51
CA GLY G 392 43.09 40.50 72.21
C GLY G 392 42.20 41.26 71.24
N VAL G 393 40.93 41.45 71.59
CA VAL G 393 40.01 42.17 70.73
C VAL G 393 40.62 43.53 70.41
N PRO G 394 40.55 43.96 69.14
CA PRO G 394 41.08 45.24 68.61
C PRO G 394 40.37 46.51 69.11
N LEU G 395 40.14 46.60 70.41
CA LEU G 395 39.47 47.78 70.96
C LEU G 395 40.44 48.96 71.04
N ASP G 396 39.90 50.16 71.17
CA ASP G 396 40.72 51.37 71.24
C ASP G 396 41.48 51.51 72.54
N TYR G 397 42.65 50.88 72.59
CA TYR G 397 43.52 50.92 73.75
C TYR G 397 43.91 52.34 74.13
N GLU G 398 43.84 53.26 73.17
CA GLU G 398 44.20 54.66 73.43
C GLU G 398 43.16 55.39 74.27
N PHE G 399 41.91 54.94 74.20
CA PHE G 399 40.84 55.57 74.98
C PHE G 399 41.00 55.19 76.44
N TYR G 400 40.96 56.17 77.32
CA TYR G 400 41.13 55.89 78.74
C TYR G 400 39.91 56.01 79.63
N PHE G 401 39.57 54.89 80.26
CA PHE G 401 38.50 54.87 81.25
C PHE G 401 39.07 54.02 82.36
N PRO G 402 38.89 54.43 83.62
CA PRO G 402 39.41 53.69 84.76
C PRO G 402 38.71 52.37 85.06
N GLY G 403 39.46 51.42 85.61
CA GLY G 403 38.90 50.14 86.01
C GLY G 403 38.69 50.25 87.51
N TYR G 404 37.96 49.33 88.12
CA TYR G 404 37.73 49.42 89.56
C TYR G 404 38.99 49.36 90.40
N ALA G 405 39.96 48.56 89.98
CA ALA G 405 41.21 48.42 90.74
C ALA G 405 42.04 49.70 90.82
N GLU G 406 41.67 50.73 90.05
CA GLU G 406 42.44 51.97 90.08
C GLU G 406 42.12 52.91 91.25
N GLY G 407 41.47 52.38 92.27
CA GLY G 407 41.18 53.16 93.46
C GLY G 407 39.93 54.01 93.61
N GLY G 408 39.26 54.33 92.52
CA GLY G 408 38.07 55.16 92.63
C GLY G 408 38.28 56.44 93.43
N ILE G 409 37.45 56.64 94.46
CA ILE G 409 37.54 57.83 95.28
C ILE G 409 38.46 57.71 96.49
N SER G 410 39.29 56.68 96.52
CA SER G 410 40.20 56.50 97.65
C SER G 410 41.58 57.08 97.34
N GLY G 411 42.00 57.01 96.08
CA GLY G 411 43.30 57.52 95.72
C GLY G 411 44.42 56.85 96.49
N ASP G 412 44.19 55.61 96.93
CA ASP G 412 45.18 54.85 97.68
C ASP G 412 46.24 54.28 96.72
N CYS G 413 47.33 55.02 96.52
CA CYS G 413 48.39 54.59 95.60
C CYS G 413 49.15 53.35 96.07
N GLU G 414 48.90 52.87 97.27
CA GLU G 414 49.61 51.69 97.76
C GLU G 414 48.81 50.40 97.70
N ASN G 415 47.50 50.50 97.86
CA ASN G 415 46.67 49.30 97.83
C ASN G 415 45.74 49.25 96.62
N SER G 416 46.03 50.09 95.64
CA SER G 416 45.25 50.14 94.40
C SER G 416 46.18 50.60 93.29
N ALA G 417 45.71 50.52 92.06
CA ALA G 417 46.50 50.92 90.90
C ALA G 417 46.30 52.40 90.58
N ALA G 418 45.74 53.13 91.53
CA ALA G 418 45.47 54.56 91.35
C ALA G 418 46.70 55.39 91.01
N GLY G 419 47.85 54.98 91.54
CA GLY G 419 49.09 55.69 91.29
C GLY G 419 49.59 55.68 89.86
N PHE G 420 49.05 54.78 89.04
CA PHE G 420 49.50 54.72 87.66
C PHE G 420 49.01 55.92 86.83
N LYS G 421 47.73 56.27 86.96
CA LYS G 421 47.21 57.39 86.19
C LYS G 421 45.96 58.06 86.77
N PHE G 422 44.98 57.27 87.20
CA PHE G 422 43.74 57.83 87.72
C PHE G 422 43.88 58.80 88.90
N ALA G 423 44.81 58.53 89.81
CA ALA G 423 44.99 59.40 90.95
C ALA G 423 45.36 60.81 90.55
N TRP G 424 46.20 60.95 89.54
CA TRP G 424 46.64 62.26 89.08
C TRP G 424 45.52 63.00 88.35
N ARG G 425 44.51 62.26 87.89
CA ARG G 425 43.39 62.88 87.19
C ARG G 425 42.24 63.24 88.14
N MET G 426 41.97 62.35 89.09
CA MET G 426 40.89 62.54 90.02
C MET G 426 41.12 63.57 91.14
N PHE G 427 42.38 63.83 91.49
CA PHE G 427 42.66 64.79 92.56
C PHE G 427 43.55 65.93 92.14
N ASP G 428 43.22 67.12 92.61
CA ASP G 428 43.95 68.34 92.27
C ASP G 428 44.75 68.95 93.42
N GLY G 429 44.67 68.34 94.60
CA GLY G 429 45.41 68.88 95.73
C GLY G 429 45.00 70.30 96.07
N LYS G 430 43.72 70.61 95.89
CA LYS G 430 43.18 71.93 96.17
C LYS G 430 41.76 71.88 96.72
N THR G 431 40.91 71.01 96.16
CA THR G 431 39.53 70.92 96.58
C THR G 431 39.05 69.50 96.89
N THR G 432 39.79 68.50 96.43
CA THR G 432 39.42 67.11 96.67
C THR G 432 40.69 66.30 96.92
N PHE G 433 40.70 65.50 97.97
CA PHE G 433 41.90 64.73 98.33
C PHE G 433 41.70 63.22 98.51
N PRO G 434 42.79 62.45 98.37
CA PRO G 434 42.78 60.99 98.51
C PRO G 434 42.75 60.61 99.98
N SER G 435 42.68 59.31 100.25
CA SER G 435 42.65 58.80 101.61
C SER G 435 43.75 57.76 101.77
N PRO G 436 44.98 58.20 102.08
CA PRO G 436 46.15 57.34 102.28
C PRO G 436 46.04 56.55 103.57
N SER G 437 46.87 55.52 103.70
CA SER G 437 46.87 54.67 104.88
C SER G 437 48.29 54.44 105.38
N ASN G 438 48.58 54.88 106.60
CA ASN G 438 49.91 54.70 107.15
C ASN G 438 50.07 53.41 107.95
N LEU G 439 49.10 52.51 107.83
CA LEU G 439 49.18 51.23 108.52
C LEU G 439 49.15 50.09 107.50
N ASN G 440 48.32 50.22 106.47
CA ASN G 440 48.27 49.18 105.45
C ASN G 440 49.38 49.47 104.46
N THR G 441 50.61 49.24 104.93
CA THR G 441 51.82 49.46 104.15
C THR G 441 52.88 48.52 104.71
N SER G 442 53.91 48.21 103.93
CA SER G 442 54.94 47.29 104.39
C SER G 442 55.62 47.63 105.73
N ALA G 443 55.65 48.92 106.09
CA ALA G 443 56.28 49.33 107.34
C ALA G 443 55.27 49.38 108.48
N GLY G 444 54.00 49.10 108.16
CA GLY G 444 52.96 49.09 109.16
C GLY G 444 52.62 47.65 109.52
N GLN G 445 51.33 47.35 109.63
CA GLN G 445 50.93 45.99 109.97
C GLN G 445 49.77 45.48 109.13
N HIS G 446 49.90 44.22 108.71
CA HIS G 446 48.89 43.54 107.93
C HIS G 446 49.11 42.06 108.18
N ILE G 447 48.08 41.26 107.97
CA ILE G 447 48.23 39.82 108.14
C ILE G 447 47.75 39.17 106.84
N PRO G 448 48.17 37.91 106.61
CA PRO G 448 47.78 37.17 105.40
C PRO G 448 46.33 36.69 105.52
N ARG G 449 45.53 36.89 104.48
CA ARG G 449 44.14 36.45 104.51
C ARG G 449 44.06 34.94 104.72
N LEU G 450 45.04 34.21 104.20
CA LEU G 450 45.08 32.75 104.31
C LEU G 450 45.46 32.23 105.70
N LYS G 451 45.90 33.12 106.57
CA LYS G 451 46.30 32.68 107.91
C LYS G 451 45.67 33.50 109.02
N ILE G 452 44.55 34.15 108.69
CA ILE G 452 43.81 34.96 109.66
C ILE G 452 43.54 34.13 110.92
N PRO G 453 43.09 32.86 110.76
CA PRO G 453 42.81 32.02 111.93
C PRO G 453 44.02 31.85 112.85
N GLU G 454 45.15 31.43 112.27
CA GLU G 454 46.38 31.23 113.01
C GLU G 454 46.81 32.47 113.79
N CYS G 455 46.62 33.63 113.19
CA CYS G 455 46.98 34.89 113.84
C CYS G 455 46.08 35.16 115.04
N ILE G 456 44.78 34.97 114.87
CA ILE G 456 43.82 35.20 115.94
C ILE G 456 43.91 34.17 117.07
N MET G 457 43.94 32.88 116.71
CA MET G 457 44.01 31.83 117.72
C MET G 457 45.43 31.63 118.27
N GLY G 458 46.43 31.74 117.41
CA GLY G 458 47.80 31.55 117.84
C GLY G 458 48.44 32.79 118.42
N GLY G 459 48.08 33.94 117.86
CA GLY G 459 48.62 35.20 118.33
C GLY G 459 49.92 35.61 117.68
N LYS G 460 50.44 34.76 116.80
CA LYS G 460 51.70 35.06 116.13
C LYS G 460 51.86 34.35 114.80
N PHE G 461 52.63 34.96 113.88
CA PHE G 461 52.87 34.36 112.58
C PHE G 461 53.95 35.12 111.81
N GLN G 462 54.62 34.41 110.90
CA GLN G 462 55.70 34.98 110.11
C GLN G 462 55.56 34.45 108.68
N TRP G 463 55.66 35.32 107.68
CA TRP G 463 55.50 34.91 106.30
C TRP G 463 56.27 35.78 105.30
N SER G 464 56.15 35.43 104.03
CA SER G 464 56.82 36.18 102.97
C SER G 464 55.83 36.99 102.15
N GLY G 465 56.21 38.24 101.84
CA GLY G 465 55.38 39.10 101.01
C GLY G 465 54.13 39.72 101.61
N LYS G 466 53.68 40.81 101.00
CA LYS G 466 52.48 41.52 101.45
C LYS G 466 51.44 41.58 100.34
N GLY G 467 50.43 40.72 100.46
CA GLY G 467 49.37 40.68 99.47
C GLY G 467 49.85 40.46 98.06
N PHE G 468 49.38 41.30 97.13
CA PHE G 468 49.79 41.23 95.73
C PHE G 468 51.12 41.98 95.66
N ALA G 469 52.22 41.26 95.56
CA ALA G 469 53.54 41.89 95.50
C ALA G 469 53.92 42.13 94.05
N GLY G 470 53.19 43.01 93.36
CA GLY G 470 53.47 43.28 91.97
C GLY G 470 54.42 44.43 91.66
N GLY G 471 54.95 45.08 92.69
CA GLY G 471 55.87 46.19 92.49
C GLY G 471 57.11 45.77 91.72
N ASP G 472 57.66 44.62 92.10
CA ASP G 472 58.84 44.07 91.45
C ASP G 472 58.94 42.59 91.78
N ILE G 473 59.67 41.85 90.96
CA ILE G 473 59.83 40.41 91.14
C ILE G 473 60.16 39.94 92.56
N SER G 474 61.08 40.62 93.24
CA SER G 474 61.49 40.22 94.58
C SER G 474 60.69 40.79 95.76
N HIS G 475 59.67 41.60 95.49
CA HIS G 475 58.89 42.17 96.58
C HIS G 475 58.21 41.08 97.43
N GLN G 476 57.75 40.02 96.76
CA GLN G 476 57.10 38.91 97.42
C GLN G 476 58.04 38.17 98.36
N LEU G 477 59.35 38.41 98.23
CA LEU G 477 60.34 37.72 99.05
C LEU G 477 60.63 38.42 100.39
N HIS G 478 60.07 39.61 100.58
CA HIS G 478 60.26 40.36 101.81
C HIS G 478 59.59 39.65 102.99
N GLN G 479 60.24 39.68 104.14
CA GLN G 479 59.71 38.99 105.34
C GLN G 479 58.89 39.82 106.31
N TYR G 480 57.71 39.32 106.66
CA TYR G 480 56.81 40.01 107.59
C TYR G 480 56.48 39.14 108.80
N GLU G 481 55.99 39.80 109.84
CA GLU G 481 55.66 39.12 111.09
C GLU G 481 54.41 39.73 111.77
N TYR G 482 53.73 38.91 112.57
CA TYR G 482 52.56 39.35 113.32
C TYR G 482 52.67 38.90 114.78
N PRO G 483 52.51 39.83 115.72
CA PRO G 483 52.24 41.23 115.39
C PRO G 483 53.46 41.92 114.82
N ALA G 484 53.25 43.05 114.16
CA ALA G 484 54.35 43.80 113.59
C ALA G 484 55.03 44.57 114.72
N PRO G 485 56.35 44.81 114.60
CA PRO G 485 57.08 45.54 115.63
C PRO G 485 56.36 46.83 116.03
N GLY G 486 56.07 46.97 117.32
CA GLY G 486 55.41 48.17 117.80
C GLY G 486 53.90 48.17 117.73
N TYR G 487 53.34 47.31 116.87
CA TYR G 487 51.89 47.24 116.72
C TYR G 487 51.22 46.22 117.63
N SER G 488 49.90 46.35 117.77
CA SER G 488 49.13 45.48 118.64
C SER G 488 48.42 44.30 117.99
N LYS G 489 48.08 43.31 118.81
CA LYS G 489 47.34 42.15 118.33
C LYS G 489 45.91 42.57 118.00
N ILE G 490 45.20 41.75 117.26
CA ILE G 490 43.83 42.07 116.91
C ILE G 490 42.86 41.90 118.09
N LYS G 491 41.98 42.88 118.25
CA LYS G 491 40.98 42.86 119.32
C LYS G 491 39.59 42.90 118.70
N MET G 492 39.51 43.47 117.50
CA MET G 492 38.25 43.62 116.78
C MET G 492 38.37 43.17 115.33
N PHE G 493 37.30 42.57 114.82
CA PHE G 493 37.29 42.10 113.44
C PHE G 493 36.08 42.70 112.70
N TRP G 494 36.34 43.62 111.79
CA TRP G 494 35.28 44.25 111.02
C TRP G 494 35.22 43.58 109.63
N LYS G 495 34.39 42.56 109.49
CA LYS G 495 34.26 41.85 108.22
C LYS G 495 33.32 42.49 107.21
N TYR G 496 33.71 42.39 105.95
CA TYR G 496 32.94 42.92 104.82
C TYR G 496 32.59 41.66 104.02
N GLY G 497 31.40 41.12 104.28
CA GLY G 497 30.98 39.89 103.62
C GLY G 497 31.44 38.71 104.46
N GLY G 498 31.11 37.49 104.05
CA GLY G 498 31.54 36.32 104.81
C GLY G 498 31.57 35.08 103.95
N PRO G 499 32.50 35.00 102.98
CA PRO G 499 32.59 33.83 102.10
C PRO G 499 33.71 32.83 102.36
N HIS G 500 34.61 33.16 103.28
CA HIS G 500 35.78 32.32 103.54
C HIS G 500 35.62 30.83 103.82
N LEU G 501 34.50 30.42 104.41
CA LEU G 501 34.31 28.99 104.67
C LEU G 501 34.18 28.20 103.38
N GLY G 502 33.78 28.88 102.31
CA GLY G 502 33.64 28.22 101.03
C GLY G 502 34.69 28.63 100.02
N THR G 503 35.54 29.59 100.37
CA THR G 503 36.56 30.07 99.45
C THR G 503 38.05 30.00 99.81
N MET G 504 38.38 29.81 101.08
CA MET G 504 39.79 29.72 101.47
C MET G 504 40.27 28.27 101.53
N THR G 505 41.11 27.92 102.49
CA THR G 505 41.63 26.54 102.60
C THR G 505 41.39 25.91 103.97
N ALA G 506 41.18 24.59 103.97
CA ALA G 506 40.91 23.82 105.21
C ALA G 506 40.08 24.71 106.15
N THR G 507 39.03 25.28 105.55
CA THR G 507 38.13 26.23 106.18
C THR G 507 37.50 26.03 107.55
N ASN G 508 37.53 24.82 108.10
CA ASN G 508 36.94 24.63 109.43
C ASN G 508 37.66 25.54 110.44
N ARG G 509 38.90 25.90 110.12
CA ARG G 509 39.68 26.76 111.00
C ARG G 509 39.13 28.19 111.05
N TYR G 510 38.46 28.63 109.99
CA TYR G 510 37.87 29.97 109.95
C TYR G 510 36.66 30.04 110.88
N ALA G 511 35.97 28.92 111.03
CA ALA G 511 34.80 28.88 111.91
C ALA G 511 35.28 28.93 113.36
N LYS G 512 36.34 28.18 113.66
CA LYS G 512 36.88 28.12 115.03
C LYS G 512 37.43 29.44 115.57
N MET G 513 38.09 30.22 114.73
CA MET G 513 38.68 31.49 115.14
C MET G 513 37.68 32.47 115.75
N TYR G 514 36.40 32.31 115.43
CA TYR G 514 35.38 33.21 115.94
C TYR G 514 35.05 33.09 117.43
N THR G 515 35.25 31.92 118.01
CA THR G 515 34.95 31.72 119.42
C THR G 515 36.15 31.97 120.33
N HIS G 516 37.28 32.35 119.74
CA HIS G 516 38.49 32.62 120.52
C HIS G 516 38.26 33.89 121.34
N ASP G 517 38.56 33.81 122.64
CA ASP G 517 38.35 34.96 123.52
C ASP G 517 39.21 36.19 123.26
N SER G 518 40.20 36.08 122.39
CA SER G 518 41.05 37.23 122.09
C SER G 518 40.25 38.22 121.23
N LEU G 519 39.17 37.72 120.63
CA LEU G 519 38.30 38.53 119.79
C LEU G 519 37.21 39.14 120.64
N GLU G 520 37.37 40.40 120.99
CA GLU G 520 36.40 41.10 121.82
C GLU G 520 35.17 41.60 121.07
N PHE G 521 35.27 41.74 119.76
CA PHE G 521 34.16 42.26 118.98
C PHE G 521 34.21 41.88 117.50
N VAL G 522 33.06 41.64 116.90
CA VAL G 522 32.98 41.25 115.49
C VAL G 522 31.81 41.89 114.72
N VAL G 523 32.14 42.72 113.73
CA VAL G 523 31.11 43.39 112.93
C VAL G 523 31.12 42.82 111.51
N SER G 524 29.93 42.54 110.99
CA SER G 524 29.81 42.03 109.63
C SER G 524 28.97 43.03 108.84
N GLN G 525 29.56 43.58 107.78
CA GLN G 525 28.88 44.53 106.90
C GLN G 525 28.66 43.73 105.63
N SER G 526 27.46 43.19 105.50
CA SER G 526 27.13 42.34 104.36
C SER G 526 25.75 42.58 103.78
N ILE G 527 25.45 41.84 102.71
CA ILE G 527 24.17 41.96 102.03
C ILE G 527 23.23 40.81 102.39
N TRP G 528 23.77 39.60 102.42
CA TRP G 528 22.98 38.40 102.71
C TRP G 528 23.38 37.66 103.99
N PHE G 529 22.40 37.10 104.67
CA PHE G 529 22.64 36.34 105.89
C PHE G 529 23.08 34.93 105.47
N GLU G 530 24.38 34.75 105.27
CA GLU G 530 24.90 33.46 104.85
C GLU G 530 26.38 33.32 105.22
N GLY G 531 26.94 32.14 104.97
CA GLY G 531 28.33 31.89 105.26
C GLY G 531 28.83 32.21 106.66
N GLU G 532 29.66 33.24 106.77
CA GLU G 532 30.27 33.67 108.03
C GLU G 532 29.48 34.68 108.85
N VAL G 533 28.52 35.34 108.21
CA VAL G 533 27.72 36.36 108.88
C VAL G 533 27.16 35.92 110.24
N PRO G 534 26.57 34.71 110.33
CA PRO G 534 26.00 34.22 111.60
C PRO G 534 26.98 34.04 112.75
N PHE G 535 28.20 34.57 112.60
CA PHE G 535 29.19 34.48 113.66
C PHE G 535 29.38 35.87 114.27
N ALA G 536 28.94 36.89 113.55
CA ALA G 536 29.08 38.28 113.97
C ALA G 536 28.30 38.72 115.21
N ASP G 537 28.79 39.78 115.85
CA ASP G 537 28.14 40.33 117.03
C ASP G 537 27.16 41.41 116.58
N ILE G 538 27.54 42.17 115.55
CA ILE G 538 26.69 43.21 114.99
C ILE G 538 26.64 43.03 113.46
N ILE G 539 25.44 43.05 112.89
CA ILE G 539 25.30 42.89 111.44
C ILE G 539 24.71 44.13 110.77
N LEU G 540 25.43 44.67 109.79
CA LEU G 540 24.98 45.85 109.05
C LEU G 540 24.61 45.44 107.62
N PRO G 541 23.37 45.74 107.20
CA PRO G 541 22.87 45.41 105.86
C PRO G 541 23.29 46.37 104.75
N ALA G 542 24.05 45.86 103.81
CA ALA G 542 24.49 46.66 102.67
C ALA G 542 23.51 46.31 101.55
N CYS G 543 23.39 47.18 100.54
CA CYS G 543 22.48 46.90 99.43
C CYS G 543 23.24 46.50 98.17
N THR G 544 22.53 45.92 97.20
CA THR G 544 23.14 45.52 95.94
C THR G 544 23.39 46.77 95.11
N ASN G 545 24.11 46.63 93.98
CA ASN G 545 24.38 47.80 93.14
C ASN G 545 23.17 48.29 92.34
N PHE G 546 22.05 47.59 92.47
CA PHE G 546 20.84 47.99 91.77
C PHE G 546 20.04 48.94 92.67
N GLU G 547 20.57 49.17 93.88
CA GLU G 547 19.92 50.03 94.88
C GLU G 547 20.69 51.30 95.18
N ARG G 548 21.68 51.61 94.35
CA ARG G 548 22.49 52.82 94.53
C ARG G 548 23.03 53.28 93.19
N TRP G 549 23.62 54.48 93.16
CA TRP G 549 24.18 55.05 91.93
C TRP G 549 25.67 54.75 91.77
N ASP G 550 26.10 54.54 90.53
CA ASP G 550 27.50 54.27 90.25
C ASP G 550 27.82 54.41 88.76
N ILE G 551 29.01 53.96 88.39
CA ILE G 551 29.47 54.02 87.01
C ILE G 551 30.54 52.95 86.79
N SER G 552 30.56 52.37 85.59
CA SER G 552 31.55 51.33 85.31
C SER G 552 31.63 51.01 83.82
N GLU G 553 32.59 50.15 83.49
CA GLU G 553 32.80 49.70 82.12
C GLU G 553 32.77 48.19 82.09
N PHE G 554 32.16 47.65 81.06
CA PHE G 554 32.04 46.22 80.87
C PHE G 554 33.36 45.49 81.12
N ALA G 555 33.39 44.71 82.21
CA ALA G 555 34.56 43.90 82.58
C ALA G 555 35.86 44.65 82.91
N ASN G 556 35.83 45.96 82.93
CA ASN G 556 37.04 46.72 83.22
C ASN G 556 37.53 46.65 84.68
N CYS G 557 38.64 45.96 84.89
CA CYS G 557 39.26 45.81 86.19
C CYS G 557 40.53 46.65 86.18
N SER G 558 41.26 46.54 85.08
CA SER G 558 42.51 47.26 84.88
C SER G 558 43.49 46.95 86.03
N GLY G 559 44.27 47.95 86.41
CA GLY G 559 45.23 47.75 87.49
C GLY G 559 46.19 46.62 87.23
N TYR G 560 46.07 45.55 88.01
N TYR G 560 46.07 45.55 88.01
CA TYR G 560 46.93 44.38 87.85
CA TYR G 560 46.93 44.38 87.85
C TYR G 560 46.56 43.53 86.63
C TYR G 560 46.56 43.53 86.63
N ILE G 561 45.63 44.04 85.83
CA ILE G 561 45.20 43.38 84.60
C ILE G 561 44.91 44.55 83.66
N PRO G 562 45.96 45.29 83.27
CA PRO G 562 45.80 46.44 82.38
C PRO G 562 44.98 46.17 81.14
N ASP G 563 44.05 47.08 80.84
CA ASP G 563 43.21 46.99 79.66
C ASP G 563 42.53 45.64 79.46
N ASN G 564 41.99 45.05 80.53
CA ASN G 564 41.36 43.75 80.39
C ASN G 564 39.98 43.82 79.75
N TYR G 565 39.55 45.02 79.39
CA TYR G 565 38.23 45.16 78.76
C TYR G 565 38.29 44.50 77.39
N GLN G 566 39.50 44.18 76.94
CA GLN G 566 39.71 43.55 75.64
C GLN G 566 39.17 42.13 75.65
N LEU G 567 38.39 41.81 76.68
CA LEU G 567 37.77 40.51 76.84
C LEU G 567 36.41 40.62 76.19
N CYS G 568 35.98 41.85 75.97
CA CYS G 568 34.69 42.13 75.38
C CYS G 568 34.77 42.52 73.91
N ASN G 569 33.65 42.38 73.21
CA ASN G 569 33.60 42.73 71.80
C ASN G 569 33.50 44.23 71.66
N HIS G 570 32.96 44.88 72.70
CA HIS G 570 32.83 46.33 72.70
C HIS G 570 33.18 46.90 74.07
N ARG G 571 33.64 48.15 74.07
CA ARG G 571 33.95 48.82 75.32
C ARG G 571 32.66 49.52 75.68
N VAL G 572 31.97 48.99 76.68
CA VAL G 572 30.71 49.58 77.11
C VAL G 572 30.85 50.27 78.45
N ILE G 573 30.75 51.59 78.43
CA ILE G 573 30.80 52.37 79.64
C ILE G 573 29.34 52.63 79.98
N SER G 574 28.94 52.27 81.19
CA SER G 574 27.55 52.45 81.56
C SER G 574 27.31 53.10 82.91
N LEU G 575 26.12 53.69 83.04
CA LEU G 575 25.71 54.34 84.27
C LEU G 575 24.92 53.31 85.05
N GLN G 576 25.34 53.03 86.27
CA GLN G 576 24.61 52.08 87.10
C GLN G 576 23.60 52.91 87.86
N ALA G 577 22.40 53.03 87.30
CA ALA G 577 21.32 53.80 87.91
C ALA G 577 20.65 53.11 89.09
N LYS G 578 20.23 53.90 90.07
CA LYS G 578 19.54 53.39 91.24
C LYS G 578 18.13 53.01 90.76
N CYS G 579 17.96 51.74 90.40
CA CYS G 579 16.70 51.23 89.88
C CYS G 579 15.53 51.18 90.88
N ILE G 580 15.85 50.87 92.13
CA ILE G 580 14.85 50.75 93.17
C ILE G 580 15.38 51.25 94.51
N GLU G 581 14.50 51.44 95.48
CA GLU G 581 14.93 51.87 96.81
C GLU G 581 15.58 50.68 97.48
N PRO G 582 16.63 50.90 98.29
CA PRO G 582 17.30 49.78 98.97
C PRO G 582 16.28 48.86 99.63
N VAL G 583 16.41 47.56 99.42
CA VAL G 583 15.49 46.59 99.99
C VAL G 583 15.62 46.52 101.51
N GLY G 584 14.49 46.60 102.20
CA GLY G 584 14.51 46.56 103.65
C GLY G 584 15.17 47.80 104.22
N GLU G 585 15.79 47.66 105.38
CA GLU G 585 16.48 48.78 106.02
C GLU G 585 17.96 48.74 105.71
N SER G 586 18.29 48.24 104.52
CA SER G 586 19.68 48.17 104.09
C SER G 586 20.02 49.49 103.44
N MET G 587 21.32 49.79 103.37
CA MET G 587 21.78 51.02 102.73
C MET G 587 23.11 50.75 102.05
N SER G 588 23.55 51.68 101.20
CA SER G 588 24.81 51.49 100.49
C SER G 588 26.03 51.61 101.41
N ASP G 589 27.06 50.83 101.11
CA ASP G 589 28.29 50.85 101.90
C ASP G 589 28.78 52.28 102.10
N TYR G 590 28.58 53.12 101.10
CA TYR G 590 29.02 54.51 101.19
C TYR G 590 28.23 55.32 102.23
N GLU G 591 26.92 55.12 102.26
CA GLU G 591 26.07 55.82 103.21
C GLU G 591 26.28 55.28 104.62
N ILE G 592 26.65 53.99 104.69
CA ILE G 592 26.94 53.38 105.97
C ILE G 592 28.18 54.12 106.49
N TYR G 593 29.23 54.17 105.69
CA TYR G 593 30.47 54.84 106.08
C TYR G 593 30.27 56.32 106.37
N ARG G 594 29.38 56.95 105.62
CA ARG G 594 29.10 58.36 105.81
C ARG G 594 28.47 58.54 107.18
N LEU G 595 27.67 57.56 107.60
CA LEU G 595 27.02 57.60 108.90
C LEU G 595 28.09 57.44 109.98
N PHE G 596 28.98 56.45 109.81
CA PHE G 596 30.04 56.24 110.79
C PHE G 596 30.93 57.47 110.85
N ALA G 597 31.30 58.00 109.70
CA ALA G 597 32.18 59.16 109.65
C ALA G 597 31.62 60.31 110.50
N LYS G 598 30.33 60.57 110.38
CA LYS G 598 29.69 61.64 111.14
C LYS G 598 29.85 61.39 112.63
N LYS G 599 29.66 60.14 113.05
CA LYS G 599 29.78 59.79 114.45
C LYS G 599 31.24 59.72 114.91
N LEU G 600 32.16 59.65 113.97
CA LEU G 600 33.58 59.59 114.30
C LEU G 600 34.21 60.98 114.13
N ASN G 601 33.36 61.93 113.78
CA ASN G 601 33.78 63.32 113.62
C ASN G 601 34.76 63.54 112.46
N ILE G 602 34.53 62.83 111.36
CA ILE G 602 35.39 62.98 110.18
C ILE G 602 34.55 62.93 108.92
N GLU G 603 33.28 63.32 109.04
CA GLU G 603 32.35 63.31 107.92
C GLU G 603 32.80 64.23 106.79
N GLU G 604 33.17 65.45 107.14
CA GLU G 604 33.61 66.42 106.16
C GLU G 604 34.79 65.89 105.34
N MET G 605 35.77 65.29 106.01
CA MET G 605 36.96 64.76 105.35
C MET G 605 36.66 63.53 104.48
N PHE G 606 35.74 62.69 104.91
CA PHE G 606 35.39 61.49 104.17
C PHE G 606 34.50 61.72 102.96
N SER G 607 33.46 62.53 103.14
CA SER G 607 32.51 62.79 102.07
C SER G 607 32.79 64.03 101.23
N GLU G 608 33.52 64.98 101.80
CA GLU G 608 33.81 66.23 101.12
C GLU G 608 32.50 66.86 100.68
N GLY G 609 31.43 66.46 101.35
CA GLY G 609 30.09 66.97 101.07
C GLY G 609 29.38 66.40 99.85
N LYS G 610 29.89 65.29 99.34
CA LYS G 610 29.31 64.67 98.14
C LYS G 610 28.58 63.37 98.41
N ASP G 611 27.49 63.13 97.70
CA ASP G 611 26.75 61.89 97.82
C ASP G 611 27.29 61.00 96.69
N GLU G 612 26.87 59.74 96.67
CA GLU G 612 27.35 58.81 95.66
C GLU G 612 27.31 59.29 94.20
N LEU G 613 26.32 60.12 93.87
CA LEU G 613 26.17 60.63 92.52
C LEU G 613 27.13 61.78 92.26
N ALA G 614 27.42 62.57 93.28
CA ALA G 614 28.34 63.69 93.15
C ALA G 614 29.72 63.14 92.81
N TRP G 615 30.14 62.10 93.55
CA TRP G 615 31.42 61.46 93.31
C TRP G 615 31.43 60.86 91.90
N CYS G 616 30.28 60.36 91.46
CA CYS G 616 30.19 59.78 90.13
C CYS G 616 30.49 60.83 89.07
N GLU G 617 29.88 62.00 89.22
CA GLU G 617 30.09 63.07 88.27
C GLU G 617 31.56 63.52 88.29
N GLN G 618 32.20 63.45 89.45
CA GLN G 618 33.60 63.86 89.55
C GLN G 618 34.47 62.78 88.88
N TYR G 619 34.10 61.53 89.11
CA TYR G 619 34.81 60.37 88.54
C TYR G 619 34.74 60.46 87.01
N PHE G 620 33.53 60.72 86.51
CA PHE G 620 33.28 60.84 85.07
C PHE G 620 34.21 61.84 84.40
N ASN G 621 34.33 63.02 85.00
CA ASN G 621 35.17 64.07 84.44
C ASN G 621 36.67 63.83 84.60
N ALA G 622 37.05 62.73 85.25
CA ALA G 622 38.46 62.41 85.42
C ALA G 622 38.88 61.39 84.37
N THR G 623 37.98 61.11 83.44
CA THR G 623 38.23 60.14 82.38
C THR G 623 38.23 60.82 81.03
N ASP G 624 38.25 60.02 79.97
CA ASP G 624 38.26 60.54 78.60
C ASP G 624 36.84 60.80 78.06
N MET G 625 35.84 60.34 78.79
CA MET G 625 34.45 60.50 78.39
C MET G 625 34.02 61.92 78.00
N PRO G 626 34.49 62.94 78.75
CA PRO G 626 34.11 64.32 78.41
C PRO G 626 34.36 64.68 76.95
N LYS G 627 35.23 63.91 76.30
CA LYS G 627 35.55 64.15 74.89
C LYS G 627 34.37 63.80 73.98
N TYR G 628 33.57 62.83 74.40
CA TYR G 628 32.41 62.39 73.62
C TYR G 628 31.06 62.90 74.10
N MET G 629 30.93 63.17 75.39
CA MET G 629 29.67 63.68 75.92
C MET G 629 29.80 64.15 77.36
N THR G 630 28.97 65.11 77.74
CA THR G 630 28.99 65.66 79.09
C THR G 630 28.28 64.72 80.07
N TRP G 631 28.45 65.00 81.36
CA TRP G 631 27.82 64.19 82.38
C TRP G 631 26.32 64.11 82.16
N ASP G 632 25.69 65.28 82.01
CA ASP G 632 24.25 65.32 81.79
C ASP G 632 23.81 64.46 80.62
N GLU G 633 24.53 64.54 79.51
CA GLU G 633 24.20 63.75 78.32
C GLU G 633 24.40 62.26 78.60
N PHE G 634 25.51 61.95 79.28
CA PHE G 634 25.82 60.56 79.62
C PHE G 634 24.79 60.00 80.58
N PHE G 635 24.42 60.80 81.57
CA PHE G 635 23.45 60.39 82.56
C PHE G 635 22.12 59.99 81.92
N LYS G 636 21.68 60.79 80.97
CA LYS G 636 20.43 60.54 80.26
C LYS G 636 20.50 59.30 79.36
N LYS G 637 21.54 59.21 78.54
CA LYS G 637 21.65 58.05 77.64
C LYS G 637 21.76 56.77 78.45
N GLY G 638 22.58 56.79 79.50
CA GLY G 638 22.73 55.63 80.35
C GLY G 638 23.86 54.68 80.00
N TYR G 639 24.30 54.70 78.74
CA TYR G 639 25.39 53.85 78.31
C TYR G 639 26.08 54.40 77.06
N PHE G 640 27.36 54.14 76.95
CA PHE G 640 28.14 54.62 75.82
C PHE G 640 28.99 53.49 75.24
N VAL G 641 28.99 53.38 73.92
CA VAL G 641 29.78 52.37 73.23
C VAL G 641 30.96 53.12 72.63
N VAL G 642 32.15 52.85 73.12
CA VAL G 642 33.35 53.52 72.65
C VAL G 642 33.60 53.24 71.17
N PRO G 643 33.82 54.29 70.38
CA PRO G 643 34.08 54.20 68.94
C PRO G 643 35.28 53.30 68.62
N ASP G 644 35.30 52.77 67.40
CA ASP G 644 36.41 51.94 66.96
C ASP G 644 37.52 52.91 66.55
N ASN G 645 38.76 52.45 66.62
CA ASN G 645 39.91 53.28 66.23
C ASN G 645 40.70 52.48 65.20
N PRO G 646 40.15 52.37 63.98
CA PRO G 646 40.70 51.65 62.82
C PRO G 646 42.17 51.85 62.50
N ASN G 647 42.65 53.07 62.65
CA ASN G 647 44.03 53.37 62.31
C ASN G 647 45.14 53.03 63.30
N ARG G 648 44.85 53.05 64.60
CA ARG G 648 45.88 52.75 65.59
C ARG G 648 46.71 51.55 65.15
N LYS G 649 48.03 51.65 65.32
CA LYS G 649 48.92 50.57 64.92
C LYS G 649 48.75 49.36 65.83
N LYS G 650 48.73 48.17 65.24
CA LYS G 650 48.58 46.95 66.00
C LYS G 650 49.91 46.57 66.65
N THR G 651 49.86 46.24 67.94
CA THR G 651 51.03 45.85 68.71
C THR G 651 50.76 44.51 69.38
N VAL G 652 51.04 43.43 68.66
CA VAL G 652 50.80 42.10 69.19
C VAL G 652 51.61 41.84 70.45
N ALA G 653 51.00 41.11 71.38
CA ALA G 653 51.63 40.77 72.65
C ALA G 653 52.96 40.05 72.50
N LEU G 654 53.95 40.53 73.24
CA LEU G 654 55.29 39.97 73.25
C LEU G 654 56.07 39.97 71.93
N ARG G 655 55.48 40.51 70.86
CA ARG G 655 56.20 40.52 69.59
C ARG G 655 57.49 41.34 69.71
N TRP G 656 57.40 42.53 70.30
CA TRP G 656 58.58 43.38 70.48
C TRP G 656 59.70 42.54 71.11
N PHE G 657 59.29 41.63 71.99
CA PHE G 657 60.24 40.75 72.69
C PHE G 657 60.84 39.72 71.74
N ALA G 658 59.98 39.00 71.02
CA ALA G 658 60.43 37.98 70.07
C ALA G 658 61.41 38.55 69.07
N GLU G 659 61.25 39.83 68.75
CA GLU G 659 62.10 40.50 67.80
C GLU G 659 63.24 41.29 68.44
N GLY G 660 63.32 41.24 69.76
CA GLY G 660 64.39 41.92 70.47
C GLY G 660 64.49 43.42 70.31
N ARG G 661 63.36 44.12 70.33
CA ARG G 661 63.38 45.58 70.20
C ARG G 661 62.68 46.20 71.41
N GLU G 662 62.51 47.52 71.38
CA GLU G 662 61.87 48.24 72.48
C GLU G 662 60.39 47.86 72.67
N LYS G 663 59.95 47.80 73.92
CA LYS G 663 58.57 47.47 74.23
C LYS G 663 57.67 48.52 73.55
N ASP G 664 56.70 48.06 72.75
CA ASP G 664 55.84 49.00 72.03
C ASP G 664 54.34 48.85 72.26
N THR G 665 53.94 48.05 73.24
CA THR G 665 52.53 47.85 73.53
C THR G 665 52.09 48.85 74.59
N PRO G 666 50.79 48.85 74.94
CA PRO G 666 50.27 49.77 75.95
C PRO G 666 50.41 49.22 77.38
N ASP G 667 51.09 48.09 77.52
CA ASP G 667 51.24 47.46 78.84
C ASP G 667 51.86 48.39 79.89
N TRP G 668 51.45 48.18 81.13
CA TRP G 668 51.91 49.00 82.24
C TRP G 668 53.32 48.72 82.74
N GLY G 669 54.07 47.93 81.97
CA GLY G 669 55.44 47.62 82.34
C GLY G 669 56.17 46.89 81.23
N PRO G 670 57.44 46.51 81.44
CA PRO G 670 58.16 46.76 82.70
C PRO G 670 58.58 48.22 82.83
N ARG G 671 58.80 48.66 84.06
CA ARG G 671 59.22 50.04 84.29
C ARG G 671 60.62 50.18 83.72
N LEU G 672 60.94 51.37 83.22
CA LEU G 672 62.24 51.64 82.59
C LEU G 672 63.46 51.13 83.32
N ASN G 673 63.49 51.29 84.64
CA ASN G 673 64.64 50.85 85.44
C ASN G 673 64.88 49.34 85.43
N ASN G 674 63.89 48.59 84.99
CA ASN G 674 64.00 47.14 84.94
C ASN G 674 64.40 46.63 83.56
N GLN G 675 64.92 47.54 82.74
CA GLN G 675 65.37 47.19 81.39
C GLN G 675 66.59 48.00 81.00
N VAL G 676 67.26 47.53 79.96
CA VAL G 676 68.42 48.23 79.41
C VAL G 676 67.96 48.80 78.08
N CYS G 677 67.93 50.12 77.99
CA CYS G 677 67.48 50.81 76.79
C CYS G 677 66.09 50.31 76.42
N ARG G 678 65.32 50.04 77.46
CA ARG G 678 63.95 49.54 77.39
C ARG G 678 63.64 48.42 76.39
N LYS G 679 64.44 47.36 76.48
CA LYS G 679 64.29 46.16 75.66
C LYS G 679 64.31 45.02 76.65
N GLY G 680 63.69 43.91 76.29
CA GLY G 680 63.68 42.75 77.16
C GLY G 680 62.66 42.73 78.30
N LEU G 681 62.61 41.57 78.95
CA LEU G 681 61.73 41.33 80.09
C LEU G 681 62.26 42.02 81.36
N GLN G 682 61.42 42.05 82.38
CA GLN G 682 61.74 42.68 83.68
C GLN G 682 62.85 41.94 84.44
N THR G 683 63.06 40.67 84.11
CA THR G 683 64.08 39.88 84.78
C THR G 683 65.45 40.52 84.59
N THR G 684 66.36 40.28 85.52
CA THR G 684 67.70 40.83 85.46
C THR G 684 68.35 40.76 84.07
N THR G 685 68.41 39.56 83.50
CA THR G 685 69.02 39.35 82.19
C THR G 685 68.16 39.86 81.05
N GLY G 686 66.88 40.03 81.33
CA GLY G 686 65.95 40.50 80.31
C GLY G 686 65.45 39.35 79.45
N LYS G 687 65.79 38.12 79.82
CA LYS G 687 65.38 36.94 79.06
C LYS G 687 64.53 36.01 79.93
N VAL G 688 64.00 34.95 79.31
CA VAL G 688 63.22 33.95 80.04
C VAL G 688 64.23 33.07 80.78
N GLU G 689 64.29 33.27 82.10
CA GLU G 689 65.23 32.55 82.95
C GLU G 689 64.80 31.18 83.47
N PHE G 690 65.21 30.13 82.76
CA PHE G 690 64.87 28.77 83.14
C PHE G 690 65.49 28.46 84.50
N ILE G 691 66.41 29.34 84.88
CA ILE G 691 67.04 29.28 86.18
C ILE G 691 66.86 30.74 86.59
N ALA G 692 65.84 31.01 87.39
CA ALA G 692 65.56 32.37 87.84
C ALA G 692 66.69 32.94 88.69
N THR G 693 67.14 34.15 88.34
CA THR G 693 68.23 34.81 89.07
C THR G 693 67.76 35.33 90.42
N SER G 694 66.50 35.72 90.51
CA SER G 694 65.95 36.22 91.76
C SER G 694 65.87 35.10 92.80
N LEU G 695 65.38 33.93 92.39
CA LEU G 695 65.29 32.82 93.31
C LEU G 695 66.67 32.30 93.67
N LYS G 696 67.57 32.35 92.70
CA LYS G 696 68.94 31.89 92.94
C LYS G 696 69.62 32.76 94.00
N ASN G 697 69.40 34.08 93.92
CA ASN G 697 69.97 35.00 94.90
C ASN G 697 69.41 34.66 96.27
N PHE G 698 68.08 34.50 96.29
CA PHE G 698 67.30 34.18 97.48
C PHE G 698 67.83 32.95 98.20
N GLU G 699 67.95 31.83 97.49
CA GLU G 699 68.43 30.60 98.13
C GLU G 699 69.88 30.71 98.60
N GLU G 700 70.69 31.49 97.88
CA GLU G 700 72.09 31.68 98.26
C GLU G 700 72.17 32.60 99.48
N GLN G 701 71.06 33.27 99.78
CA GLN G 701 70.99 34.15 100.93
C GLN G 701 70.56 33.35 102.16
N GLY G 702 70.24 32.08 101.95
CA GLY G 702 69.85 31.23 103.06
C GLY G 702 68.41 30.73 103.03
N TYR G 703 67.58 31.32 102.18
CA TYR G 703 66.18 30.90 102.12
C TYR G 703 65.98 29.68 101.23
N ILE G 704 66.25 28.52 101.82
CA ILE G 704 66.13 27.22 101.15
C ILE G 704 64.67 26.77 101.04
N ASP G 705 64.23 26.46 99.83
CA ASP G 705 62.86 26.05 99.58
C ASP G 705 62.82 24.95 98.50
N GLU G 706 62.87 23.70 98.96
CA GLU G 706 62.87 22.55 98.07
C GLU G 706 61.69 22.50 97.10
N HIS G 707 60.55 23.07 97.51
CA HIS G 707 59.37 23.05 96.66
C HIS G 707 59.25 24.26 95.77
N ARG G 708 60.33 25.02 95.68
CA ARG G 708 60.37 26.20 94.83
C ARG G 708 61.81 26.44 94.40
N PRO G 709 62.40 25.46 93.68
CA PRO G 709 63.79 25.55 93.21
C PRO G 709 64.02 26.70 92.22
N SER G 710 65.25 27.16 92.11
CA SER G 710 65.56 28.24 91.18
C SER G 710 65.39 27.73 89.75
N MET G 711 65.68 26.44 89.54
CA MET G 711 65.54 25.84 88.23
C MET G 711 64.21 25.11 88.07
N HIS G 712 63.48 25.42 86.99
CA HIS G 712 62.21 24.76 86.71
C HIS G 712 62.56 23.29 86.58
N THR G 713 61.92 22.46 87.40
CA THR G 713 62.20 21.02 87.39
C THR G 713 60.93 20.29 87.73
N TYR G 714 60.97 18.95 87.72
CA TYR G 714 59.77 18.20 88.04
C TYR G 714 59.63 17.89 89.52
N VAL G 715 59.14 18.86 90.28
CA VAL G 715 58.93 18.70 91.70
C VAL G 715 57.62 17.95 91.91
N PRO G 716 57.68 16.76 92.54
CA PRO G 716 56.44 16.00 92.75
C PRO G 716 55.48 16.82 93.62
N ALA G 717 54.25 17.01 93.15
CA ALA G 717 53.25 17.78 93.89
C ALA G 717 53.12 17.19 95.30
N TRP G 718 53.20 18.02 96.33
CA TRP G 718 53.11 17.48 97.69
C TRP G 718 51.75 16.87 98.06
N GLU G 719 50.72 17.16 97.28
CA GLU G 719 49.41 16.55 97.53
C GLU G 719 48.91 15.90 96.24
N SER G 720 49.61 14.88 95.80
CA SER G 720 49.24 14.14 94.60
C SER G 720 49.01 12.70 95.03
N GLN G 721 48.41 11.89 94.15
CA GLN G 721 48.10 10.51 94.49
C GLN G 721 49.25 9.53 94.62
N LYS G 722 50.39 9.78 93.97
CA LYS G 722 51.48 8.83 94.12
C LYS G 722 52.64 9.34 94.96
N HIS G 723 52.63 10.63 95.31
CA HIS G 723 53.73 11.20 96.10
C HIS G 723 53.35 11.58 97.54
N SER G 724 52.08 11.47 97.89
CA SER G 724 51.62 11.82 99.23
C SER G 724 51.18 10.58 100.02
N PRO G 725 51.69 10.44 101.26
CA PRO G 725 51.36 9.31 102.15
C PRO G 725 49.87 9.31 102.50
N LEU G 726 49.24 10.46 102.28
CA LEU G 726 47.82 10.63 102.54
C LEU G 726 46.98 9.81 101.56
N ALA G 727 47.59 9.45 100.43
CA ALA G 727 46.89 8.70 99.39
C ALA G 727 46.51 7.28 99.79
N VAL G 728 47.00 6.80 100.93
CA VAL G 728 46.62 5.45 101.35
C VAL G 728 45.22 5.51 101.91
N LYS G 729 44.92 6.57 102.66
CA LYS G 729 43.60 6.75 103.26
C LYS G 729 42.66 7.52 102.35
N TYR G 730 43.21 8.45 101.57
CA TYR G 730 42.42 9.27 100.67
C TYR G 730 43.03 9.18 99.28
N PRO G 731 42.68 8.11 98.54
CA PRO G 731 43.13 7.78 97.18
C PRO G 731 42.53 8.53 96.01
N LEU G 732 41.51 9.35 96.25
CA LEU G 732 40.91 10.09 95.15
C LEU G 732 41.46 11.51 95.09
N GLY G 733 41.90 11.92 93.90
CA GLY G 733 42.43 13.26 93.72
C GLY G 733 41.30 14.17 93.31
N MET G 734 41.08 15.21 94.10
CA MET G 734 40.00 16.15 93.84
C MET G 734 40.49 17.54 93.48
N LEU G 735 39.87 18.13 92.46
CA LEU G 735 40.18 19.49 92.03
C LEU G 735 38.86 20.22 92.23
N SER G 736 38.92 21.52 92.47
CA SER G 736 37.70 22.27 92.73
C SER G 736 37.72 23.66 92.12
N PRO G 737 37.57 23.75 90.78
CA PRO G 737 37.57 25.00 90.00
C PRO G 737 36.46 25.96 90.41
N HIS G 738 36.33 27.06 89.67
CA HIS G 738 35.32 28.06 89.97
C HIS G 738 33.92 27.60 89.59
N PRO G 739 32.92 27.98 90.41
CA PRO G 739 31.51 27.61 90.18
C PRO G 739 31.01 28.04 88.79
N ARG G 740 30.39 27.11 88.11
CA ARG G 740 29.87 27.34 86.76
C ARG G 740 28.69 28.30 86.70
N PHE G 741 27.74 28.18 87.63
CA PHE G 741 26.58 29.05 87.60
C PHE G 741 26.53 30.14 88.67
N SER G 742 27.69 30.55 89.16
CA SER G 742 27.74 31.58 90.20
C SER G 742 29.09 32.30 90.17
N MET G 743 29.10 33.61 90.44
CA MET G 743 30.37 34.34 90.50
C MET G 743 30.81 34.07 91.93
N HIS G 744 31.47 32.94 92.12
CA HIS G 744 31.91 32.51 93.45
C HIS G 744 30.68 32.34 94.33
N THR G 745 30.60 33.09 95.42
CA THR G 745 29.45 32.95 96.32
C THR G 745 28.26 33.81 95.92
N MET G 746 28.52 34.81 95.08
CA MET G 746 27.45 35.70 94.62
C MET G 746 26.66 35.05 93.50
N GLY G 747 25.85 34.06 93.88
CA GLY G 747 25.03 33.36 92.91
C GLY G 747 24.40 32.16 93.58
N ASP G 748 25.19 31.42 94.33
CA ASP G 748 24.72 30.25 95.04
C ASP G 748 23.85 30.62 96.25
N GLY G 749 23.10 29.63 96.74
CA GLY G 749 22.25 29.81 97.89
C GLY G 749 21.33 31.01 97.77
N LYS G 750 21.10 31.68 98.89
CA LYS G 750 20.27 32.87 98.91
C LYS G 750 18.91 32.62 98.26
N ASN G 751 18.52 31.35 98.20
N ASN G 751 18.52 31.35 98.20
CA ASN G 751 17.23 30.96 97.62
CA ASN G 751 17.23 30.96 97.62
C ASN G 751 17.09 31.56 96.22
C ASN G 751 17.09 31.56 96.22
N SER G 752 18.21 31.69 95.50
CA SER G 752 18.22 32.26 94.15
C SER G 752 17.72 31.28 93.09
N TYR G 753 17.43 31.80 91.90
CA TYR G 753 16.94 30.95 90.83
C TYR G 753 17.99 29.95 90.35
N MET G 754 19.27 30.25 90.57
CA MET G 754 20.35 29.37 90.14
C MET G 754 20.34 28.00 90.80
N ASN G 755 19.75 27.91 91.98
CA ASN G 755 19.71 26.64 92.70
C ASN G 755 18.82 25.60 92.04
N TYR G 756 18.01 26.01 91.06
CA TYR G 756 17.13 25.08 90.37
C TYR G 756 17.81 24.56 89.11
N ILE G 757 19.03 25.02 88.85
CA ILE G 757 19.78 24.57 87.68
C ILE G 757 20.18 23.11 87.93
N LYS G 758 19.91 22.26 86.95
CA LYS G 758 20.20 20.82 87.07
C LYS G 758 21.61 20.48 87.48
N ASP G 759 22.59 21.15 86.88
CA ASP G 759 24.00 20.85 87.16
C ASP G 759 24.64 21.77 88.20
N HIS G 760 23.81 22.41 89.02
CA HIS G 760 24.31 23.29 90.08
C HIS G 760 24.09 22.65 91.45
N ARG G 761 22.85 22.32 91.76
CA ARG G 761 22.49 21.68 93.02
C ARG G 761 21.42 20.63 92.76
N VAL G 762 21.42 19.57 93.56
CA VAL G 762 20.42 18.50 93.42
C VAL G 762 19.57 18.39 94.68
N GLU G 763 18.27 18.56 94.52
CA GLU G 763 17.34 18.47 95.64
C GLU G 763 17.07 17.01 95.99
N VAL G 764 17.32 16.68 97.25
CA VAL G 764 17.10 15.32 97.75
C VAL G 764 16.36 15.44 99.09
N ASP G 765 15.08 15.09 99.10
CA ASP G 765 14.24 15.17 100.29
C ASP G 765 14.07 16.59 100.82
N GLY G 766 13.76 17.53 99.92
CA GLY G 766 13.56 18.90 100.34
C GLY G 766 14.78 19.78 100.52
N TYR G 767 15.98 19.20 100.42
CA TYR G 767 17.21 19.96 100.56
C TYR G 767 18.04 19.92 99.29
N LYS G 768 18.48 21.09 98.83
CA LYS G 768 19.28 21.17 97.61
C LYS G 768 20.77 21.03 97.93
N TYR G 769 21.33 19.87 97.61
CA TYR G 769 22.74 19.58 97.89
C TYR G 769 23.72 20.01 96.80
N TRP G 770 24.98 20.21 97.21
CA TRP G 770 26.05 20.60 96.31
C TRP G 770 26.53 19.33 95.62
N ILE G 771 26.90 19.48 94.35
CA ILE G 771 27.32 18.36 93.53
C ILE G 771 28.80 18.03 93.46
N MET G 772 29.09 16.72 93.42
CA MET G 772 30.46 16.26 93.23
C MET G 772 30.34 15.27 92.07
N ARG G 773 31.24 15.36 91.12
CA ARG G 773 31.23 14.47 89.97
C ARG G 773 32.21 13.33 90.19
N VAL G 774 31.79 12.12 89.85
CA VAL G 774 32.61 10.93 90.04
C VAL G 774 32.56 10.00 88.84
N ASN G 775 33.72 9.49 88.44
CA ASN G 775 33.78 8.57 87.31
C ASN G 775 33.02 7.29 87.63
N SER G 776 32.26 6.81 86.66
CA SER G 776 31.45 5.60 86.82
C SER G 776 32.17 4.42 87.49
N ILE G 777 33.45 4.23 87.15
CA ILE G 777 34.23 3.14 87.72
C ILE G 777 34.51 3.29 89.21
N ASP G 778 34.75 4.51 89.68
CA ASP G 778 35.00 4.73 91.11
C ASP G 778 33.70 4.62 91.89
N ALA G 779 32.61 5.09 91.30
CA ALA G 779 31.30 5.04 91.94
C ALA G 779 30.87 3.60 92.14
N GLU G 780 30.87 2.84 91.04
CA GLU G 780 30.48 1.45 91.10
C GLU G 780 31.28 0.75 92.20
N ALA G 781 32.56 1.06 92.30
CA ALA G 781 33.41 0.44 93.31
C ALA G 781 32.93 0.73 94.73
N ARG G 782 32.16 1.81 94.90
CA ARG G 782 31.64 2.21 96.20
C ARG G 782 30.12 2.06 96.35
N GLY G 783 29.48 1.37 95.41
CA GLY G 783 28.04 1.20 95.49
C GLY G 783 27.31 2.53 95.38
N ILE G 784 27.98 3.54 94.81
CA ILE G 784 27.38 4.85 94.67
C ILE G 784 26.66 5.01 93.33
N LYS G 785 25.40 5.42 93.39
CA LYS G 785 24.62 5.63 92.18
C LYS G 785 24.33 7.10 91.98
N ASN G 786 24.15 7.47 90.72
CA ASN G 786 23.87 8.84 90.34
C ASN G 786 22.75 9.38 91.22
N GLY G 787 23.03 10.45 91.96
CA GLY G 787 22.01 11.03 92.82
C GLY G 787 22.10 10.70 94.30
N ASP G 788 22.94 9.74 94.67
CA ASP G 788 23.07 9.40 96.08
C ASP G 788 23.73 10.52 96.86
N LEU G 789 23.52 10.53 98.18
CA LEU G 789 24.14 11.51 99.05
C LEU G 789 25.45 10.87 99.46
N ILE G 790 26.56 11.51 99.12
CA ILE G 790 27.85 10.97 99.47
C ILE G 790 28.55 11.89 100.44
N ARG G 791 29.53 11.32 101.14
CA ARG G 791 30.31 12.05 102.12
C ARG G 791 31.76 12.13 101.65
N ALA G 792 32.22 13.34 101.36
CA ALA G 792 33.60 13.56 100.91
C ALA G 792 34.39 13.93 102.17
N TYR G 793 35.46 13.19 102.45
CA TYR G 793 36.22 13.48 103.67
C TYR G 793 37.71 13.15 103.64
N ASN G 794 38.41 13.74 104.61
CA ASN G 794 39.83 13.52 104.85
C ASN G 794 40.10 14.04 106.26
N ASP G 795 41.36 14.15 106.66
CA ASP G 795 41.66 14.62 108.01
C ASP G 795 41.10 16.02 108.33
N ARG G 796 40.75 16.78 107.30
CA ARG G 796 40.26 18.15 107.52
C ARG G 796 38.77 18.33 107.77
N GLY G 797 37.98 17.32 107.40
CA GLY G 797 36.54 17.43 107.62
C GLY G 797 35.70 16.50 106.74
N SER G 798 34.39 16.70 106.80
CA SER G 798 33.46 15.93 106.00
C SER G 798 32.49 16.90 105.34
N VAL G 799 32.11 16.59 104.11
CA VAL G 799 31.17 17.41 103.36
C VAL G 799 30.17 16.50 102.65
N ILE G 800 28.89 16.67 102.96
CA ILE G 800 27.82 15.88 102.35
C ILE G 800 27.50 16.45 100.97
N LEU G 801 27.52 15.59 99.96
CA LEU G 801 27.27 16.03 98.60
C LEU G 801 26.42 15.05 97.80
N ALA G 802 25.81 15.55 96.72
CA ALA G 802 25.01 14.70 95.84
C ALA G 802 25.97 14.27 94.73
N ALA G 803 26.07 12.97 94.50
CA ALA G 803 26.97 12.47 93.49
C ALA G 803 26.40 12.52 92.07
N GLN G 804 27.27 12.87 91.13
CA GLN G 804 26.90 12.91 89.72
C GLN G 804 27.90 11.98 89.03
N VAL G 805 27.45 10.77 88.70
CA VAL G 805 28.30 9.79 88.02
C VAL G 805 28.47 10.24 86.58
N THR G 806 29.71 10.34 86.14
CA THR G 806 30.03 10.83 84.80
C THR G 806 31.23 10.10 84.17
N GLU G 807 31.55 10.49 82.94
CA GLU G 807 32.71 9.93 82.23
C GLU G 807 33.68 11.08 81.98
N CYS G 808 33.27 12.28 82.36
CA CYS G 808 34.07 13.47 82.17
C CYS G 808 35.24 13.62 83.14
N LEU G 809 35.81 12.50 83.56
CA LEU G 809 36.94 12.49 84.49
C LEU G 809 37.63 11.14 84.42
N GLN G 810 38.96 11.13 84.51
CA GLN G 810 39.71 9.88 84.50
C GLN G 810 39.46 9.20 85.85
N PRO G 811 39.26 7.88 85.85
CA PRO G 811 39.02 7.14 87.10
C PRO G 811 40.07 7.53 88.15
N GLY G 812 39.61 7.72 89.39
CA GLY G 812 40.52 8.08 90.45
C GLY G 812 40.46 9.57 90.74
N THR G 813 39.77 10.30 89.86
CA THR G 813 39.60 11.75 89.96
C THR G 813 38.13 12.11 90.22
N VAL G 814 37.92 13.10 91.08
CA VAL G 814 36.58 13.58 91.42
C VAL G 814 36.62 15.10 91.30
N HIS G 815 35.48 15.70 90.98
CA HIS G 815 35.43 17.14 90.79
C HIS G 815 34.24 17.80 91.49
N SER G 816 34.49 18.94 92.13
CA SER G 816 33.44 19.67 92.82
C SER G 816 33.83 21.13 92.96
N TYR G 817 33.03 22.01 92.39
CA TYR G 817 33.28 23.45 92.43
C TYR G 817 33.38 24.02 93.85
N GLU G 818 34.20 25.05 94.01
CA GLU G 818 34.36 25.73 95.28
C GLU G 818 33.39 26.91 95.29
N SER G 819 33.52 27.78 96.29
CA SER G 819 32.70 28.98 96.41
C SER G 819 31.24 28.75 96.80
N CYS G 820 30.97 27.68 97.52
CA CYS G 820 29.62 27.41 97.99
C CYS G 820 29.31 28.55 98.97
N ALA G 821 28.16 29.20 98.80
CA ALA G 821 27.76 30.31 99.67
C ALA G 821 27.08 29.87 100.96
N VAL G 822 26.74 28.59 101.02
CA VAL G 822 26.03 28.03 102.16
C VAL G 822 26.90 27.23 103.13
N TYR G 823 26.96 27.70 104.38
CA TYR G 823 27.69 26.95 105.39
C TYR G 823 26.59 26.42 106.30
N ASP G 824 26.37 25.10 106.24
CA ASP G 824 25.31 24.49 107.03
C ASP G 824 25.76 23.23 107.78
N PRO G 825 26.38 23.43 108.95
CA PRO G 825 26.92 22.40 109.85
C PRO G 825 25.83 21.45 110.36
N LEU G 826 26.09 20.15 110.31
CA LEU G 826 25.11 19.19 110.81
C LEU G 826 25.31 19.04 112.31
N GLY G 827 26.38 19.65 112.80
CA GLY G 827 26.70 19.61 114.22
C GLY G 827 27.33 20.93 114.68
N THR G 828 28.23 20.85 115.64
CA THR G 828 28.88 22.06 116.15
C THR G 828 29.64 22.76 115.02
N ALA G 829 29.44 24.07 114.90
CA ALA G 829 30.11 24.84 113.86
C ALA G 829 31.61 24.62 113.87
N GLY G 830 32.16 24.27 112.71
CA GLY G 830 33.60 24.04 112.60
C GLY G 830 34.10 22.71 113.13
N LYS G 831 33.21 21.87 113.65
CA LYS G 831 33.61 20.57 114.21
C LYS G 831 32.79 19.41 113.66
N SER G 832 32.00 19.64 112.62
CA SER G 832 31.17 18.58 112.05
C SER G 832 31.01 18.68 110.53
N ALA G 833 30.50 17.59 109.96
CA ALA G 833 30.26 17.52 108.53
C ALA G 833 29.36 18.67 108.09
N ASP G 834 29.69 19.27 106.95
CA ASP G 834 28.87 20.35 106.41
C ASP G 834 28.05 19.80 105.27
N ARG G 835 26.78 20.21 105.19
CA ARG G 835 25.94 19.75 104.09
C ARG G 835 25.66 20.90 103.13
N GLY G 836 26.12 22.09 103.50
CA GLY G 836 25.92 23.25 102.64
C GLY G 836 26.63 23.07 101.32
N GLY G 837 27.81 22.44 101.37
CA GLY G 837 28.59 22.18 100.16
C GLY G 837 29.99 22.79 100.12
N CYS G 838 30.47 23.31 101.24
CA CYS G 838 31.79 23.94 101.29
C CYS G 838 32.96 23.00 101.14
N ILE G 839 33.23 22.62 99.89
CA ILE G 839 34.33 21.73 99.55
C ILE G 839 35.69 22.23 100.05
N ASN G 840 35.83 23.55 100.19
CA ASN G 840 37.10 24.10 100.68
C ASN G 840 37.39 23.73 102.12
N ILE G 841 36.53 22.92 102.69
CA ILE G 841 36.71 22.42 104.04
C ILE G 841 37.74 21.30 103.93
N LEU G 842 37.82 20.70 102.74
CA LEU G 842 38.72 19.58 102.48
C LEU G 842 40.06 19.94 101.87
N THR G 843 40.18 21.16 101.36
CA THR G 843 41.41 21.59 100.71
C THR G 843 42.56 21.91 101.66
N PRO G 844 43.79 21.55 101.25
CA PRO G 844 45.01 21.79 102.05
C PRO G 844 45.27 23.26 102.32
N ASP G 845 45.61 23.57 103.56
CA ASP G 845 45.90 24.96 103.92
C ASP G 845 47.40 25.23 103.87
N ARG G 846 48.17 24.18 103.62
CA ARG G 846 49.62 24.34 103.52
C ARG G 846 49.99 25.19 102.32
N TYR G 847 50.89 26.14 102.53
CA TYR G 847 51.38 27.02 101.49
C TYR G 847 52.03 26.22 100.36
N ILE G 848 51.92 26.72 99.13
CA ILE G 848 52.50 26.02 97.98
C ILE G 848 53.94 25.59 98.28
N SER G 849 54.78 26.54 98.71
CA SER G 849 56.15 26.21 99.08
C SER G 849 56.43 26.85 100.44
N LYS G 850 57.65 26.71 100.94
CA LYS G 850 57.98 27.29 102.24
C LYS G 850 57.88 28.82 102.24
N TYR G 851 58.21 29.44 101.11
CA TYR G 851 58.16 30.90 101.01
C TYR G 851 57.12 31.40 100.01
N ALA G 852 56.62 30.50 99.16
CA ALA G 852 55.58 30.85 98.21
C ALA G 852 54.30 30.73 99.02
N CYS G 853 53.87 31.85 99.59
CA CYS G 853 52.71 31.86 100.47
C CYS G 853 51.34 32.02 99.80
N GLY G 854 51.00 31.07 98.93
CA GLY G 854 49.72 31.09 98.25
C GLY G 854 48.92 29.82 98.48
N MET G 855 47.67 29.82 98.06
CA MET G 855 46.80 28.67 98.24
C MET G 855 47.05 27.60 97.16
N ALA G 856 46.96 26.34 97.58
CA ALA G 856 47.19 25.19 96.69
C ALA G 856 45.96 24.28 96.63
N ASN G 857 44.78 24.89 96.72
CA ASN G 857 43.51 24.19 96.74
C ASN G 857 43.22 23.08 95.74
N ASN G 858 43.49 23.33 94.46
CA ASN G 858 43.16 22.36 93.42
C ASN G 858 43.84 20.98 93.36
N THR G 859 44.64 20.67 94.37
CA THR G 859 45.25 19.36 94.48
C THR G 859 44.88 18.95 95.90
N ALA G 860 43.79 18.19 96.01
CA ALA G 860 43.33 17.75 97.31
C ALA G 860 42.96 16.28 97.28
N LEU G 861 43.49 15.52 98.23
CA LEU G 861 43.22 14.11 98.33
C LEU G 861 41.98 13.87 99.21
N VAL G 862 41.06 13.05 98.73
CA VAL G 862 39.85 12.75 99.50
C VAL G 862 39.43 11.31 99.29
N GLU G 863 38.39 10.92 100.01
CA GLU G 863 37.81 9.59 99.90
C GLU G 863 36.32 9.85 99.99
N ILE G 864 35.53 9.05 99.27
CA ILE G 864 34.10 9.24 99.33
C ILE G 864 33.44 7.92 99.65
N GLU G 865 32.18 8.01 100.08
CA GLU G 865 31.37 6.84 100.44
C GLU G 865 29.93 7.33 100.57
N LYS G 866 28.97 6.41 100.44
CA LYS G 866 27.58 6.80 100.60
C LYS G 866 27.45 7.35 102.03
N TRP G 867 26.65 8.38 102.20
CA TRP G 867 26.49 8.97 103.52
C TRP G 867 25.56 8.14 104.41
N ASP G 868 26.07 7.76 105.59
CA ASP G 868 25.29 6.96 106.54
C ASP G 868 24.30 7.78 107.35
N GLY G 869 24.41 9.10 107.29
CA GLY G 869 23.48 9.94 108.04
C GLY G 869 24.08 10.57 109.29
N ASP G 870 25.25 10.10 109.69
CA ASP G 870 25.91 10.63 110.87
C ASP G 870 26.32 12.09 110.62
N LYS G 871 26.50 12.85 111.69
CA LYS G 871 26.89 14.25 111.54
C LYS G 871 28.39 14.41 111.60
N TYR G 872 29.06 13.36 112.03
CA TYR G 872 30.52 13.35 112.14
C TYR G 872 31.11 14.55 112.88
N GLU G 873 30.82 14.64 114.17
CA GLU G 873 31.36 15.72 114.96
C GLU G 873 32.67 15.18 115.52
N ILE G 874 33.70 15.17 114.69
CA ILE G 874 35.01 14.65 115.06
C ILE G 874 36.17 15.58 114.70
N TYR G 875 35.87 16.80 114.25
CA TYR G 875 36.94 17.71 113.86
C TYR G 875 37.18 18.88 114.83
N MET H 1 -1.71 35.72 57.88
CA MET H 1 -1.65 34.70 58.96
C MET H 1 -0.24 34.10 59.03
N GLU H 2 0.71 34.92 59.50
CA GLU H 2 2.10 34.50 59.62
C GLU H 2 2.28 33.84 61.00
N GLN H 3 2.99 32.73 61.03
CA GLN H 3 3.22 31.98 62.26
C GLN H 3 4.65 32.02 62.80
N TYR H 4 4.79 31.81 64.11
CA TYR H 4 6.09 31.80 64.77
C TYR H 4 6.67 30.40 64.79
N TYR H 5 7.99 30.31 64.64
CA TYR H 5 8.69 29.02 64.68
C TYR H 5 9.99 29.23 65.44
N MET H 6 10.54 28.14 65.96
CA MET H 6 11.80 28.22 66.71
C MET H 6 12.67 27.04 66.35
N VAL H 7 13.92 27.35 65.98
CA VAL H 7 14.89 26.33 65.62
C VAL H 7 16.00 26.37 66.66
N ILE H 8 16.32 25.20 67.19
CA ILE H 8 17.36 25.08 68.21
C ILE H 8 18.48 24.18 67.73
N ASP H 9 19.70 24.71 67.72
CA ASP H 9 20.88 23.97 67.30
C ASP H 9 21.58 23.27 68.47
N VAL H 10 21.31 21.97 68.63
CA VAL H 10 21.90 21.20 69.71
C VAL H 10 23.43 21.29 69.83
N ALA H 11 24.11 21.21 68.69
CA ALA H 11 25.58 21.27 68.67
C ALA H 11 26.14 22.55 69.26
N LYS H 12 25.27 23.48 69.59
CA LYS H 12 25.71 24.74 70.17
C LYS H 12 25.33 24.93 71.64
N CYS H 13 24.60 23.98 72.24
CA CYS H 13 24.24 24.13 73.66
C CYS H 13 25.38 23.82 74.60
N GLN H 14 25.62 24.70 75.55
CA GLN H 14 26.66 24.46 76.53
C GLN H 14 26.08 24.32 77.93
N ASP H 15 24.75 24.41 78.04
CA ASP H 15 24.06 24.25 79.31
C ASP H 15 24.41 25.31 80.37
N CYS H 16 24.50 26.59 79.99
CA CYS H 16 24.82 27.65 80.95
C CYS H 16 23.53 28.04 81.65
N ASN H 17 22.40 27.61 81.08
CA ASN H 17 21.08 27.87 81.63
C ASN H 17 20.60 29.31 81.58
N ASN H 18 21.14 30.11 80.66
CA ASN H 18 20.70 31.48 80.53
C ASN H 18 19.21 31.51 80.15
N CYS H 19 18.71 30.46 79.47
CA CYS H 19 17.28 30.37 79.08
C CYS H 19 16.47 30.36 80.34
N PHE H 20 16.59 29.20 80.98
CA PHE H 20 15.92 28.89 82.23
C PHE H 20 15.88 30.11 83.11
N MET H 21 17.03 30.76 83.31
CA MET H 21 17.08 31.95 84.14
C MET H 21 16.30 33.11 83.53
N GLY H 22 16.01 32.99 82.23
CA GLY H 22 15.23 33.98 81.52
C GLY H 22 13.76 33.87 81.89
N CYS H 23 13.15 32.69 81.77
CA CYS H 23 11.73 32.54 82.16
C CYS H 23 11.57 32.99 83.58
N MET H 24 12.28 32.29 84.46
CA MET H 24 12.23 32.57 85.89
C MET H 24 12.21 34.07 86.11
N ASP H 25 13.10 34.76 85.42
CA ASP H 25 13.18 36.19 85.56
C ASP H 25 11.91 36.89 85.07
N GLU H 26 11.31 36.31 84.03
CA GLU H 26 10.11 36.89 83.43
C GLU H 26 8.82 36.44 84.11
N HIS H 27 8.82 35.20 84.62
CA HIS H 27 7.62 34.63 85.21
C HIS H 27 7.56 34.36 86.73
N GLU H 28 8.70 34.09 87.37
CA GLU H 28 8.69 33.78 88.81
C GLU H 28 8.11 34.85 89.71
N LEU H 29 8.55 36.10 89.54
CA LEU H 29 8.05 37.20 90.36
C LEU H 29 7.07 38.12 89.62
N ASN H 30 6.64 37.71 88.43
CA ASN H 30 5.72 38.54 87.67
C ASN H 30 4.42 37.82 87.33
N GLU H 31 3.36 38.60 87.19
CA GLU H 31 2.06 38.08 86.83
C GLU H 31 1.63 38.74 85.52
N TRP H 32 1.21 37.93 84.56
CA TRP H 32 0.79 38.46 83.26
C TRP H 32 -0.67 38.16 82.97
N PRO H 33 -1.56 39.12 83.30
CA PRO H 33 -3.01 39.04 83.12
C PRO H 33 -3.40 38.67 81.69
N GLY H 34 -4.00 37.50 81.54
CA GLY H 34 -4.41 37.04 80.23
C GLY H 34 -3.48 35.98 79.65
N TYR H 35 -2.31 35.80 80.27
CA TYR H 35 -1.35 34.82 79.78
C TYR H 35 -0.97 33.75 80.80
N THR H 36 -0.61 34.19 82.01
CA THR H 36 -0.22 33.25 83.04
C THR H 36 0.00 33.89 84.40
N ALA H 37 -0.10 33.08 85.45
CA ALA H 37 0.13 33.53 86.81
C ALA H 37 1.63 33.37 86.99
N SER H 38 2.15 33.72 88.17
CA SER H 38 3.58 33.57 88.39
C SER H 38 3.95 32.09 88.38
N MET H 39 5.15 31.82 87.88
CA MET H 39 5.70 30.48 87.78
C MET H 39 6.02 29.91 89.17
N GLN H 40 6.00 28.58 89.29
CA GLN H 40 6.31 27.95 90.55
C GLN H 40 7.79 27.59 90.55
N ARG H 41 8.46 27.86 91.67
CA ARG H 41 9.88 27.54 91.79
C ARG H 41 10.05 26.05 91.55
N GLY H 42 11.03 25.67 90.74
CA GLY H 42 11.24 24.26 90.46
C GLY H 42 10.65 23.80 89.14
N HIS H 43 9.67 24.55 88.62
CA HIS H 43 9.06 24.20 87.33
C HIS H 43 10.03 24.44 86.19
N ARG H 44 9.91 23.65 85.13
CA ARG H 44 10.81 23.80 84.00
C ARG H 44 10.09 24.00 82.66
N TRP H 45 9.48 25.17 82.48
CA TRP H 45 8.80 25.48 81.21
C TRP H 45 9.86 25.28 80.14
N MET H 46 11.08 25.68 80.46
CA MET H 46 12.22 25.52 79.59
C MET H 46 13.01 24.41 80.27
N ASN H 47 12.97 23.22 79.70
CA ASN H 47 13.66 22.07 80.26
C ASN H 47 14.86 21.67 79.40
N ILE H 48 16.05 21.99 79.88
CA ILE H 48 17.29 21.67 79.16
C ILE H 48 17.75 20.26 79.48
N GLU H 49 17.46 19.31 78.59
CA GLU H 49 17.87 17.93 78.80
C GLU H 49 19.38 17.77 78.64
N ARG H 50 19.92 16.71 79.24
CA ARG H 50 21.36 16.45 79.17
C ARG H 50 21.58 15.00 78.80
N ARG H 51 22.64 14.72 78.06
CA ARG H 51 22.93 13.34 77.69
C ARG H 51 24.39 13.07 77.35
N GLU H 52 25.01 12.23 78.16
CA GLU H 52 26.39 11.84 77.96
C GLU H 52 26.42 10.56 77.14
N ARG H 53 27.40 10.45 76.25
CA ARG H 53 27.54 9.27 75.42
C ARG H 53 28.93 8.71 75.52
N GLY H 54 29.05 7.41 75.32
CA GLY H 54 30.35 6.77 75.37
C GLY H 54 30.97 6.60 76.74
N THR H 55 32.19 6.08 76.75
CA THR H 55 32.92 5.85 77.98
C THR H 55 34.28 6.54 77.93
N TYR H 56 34.81 6.89 79.10
CA TYR H 56 36.10 7.53 79.19
C TYR H 56 37.09 6.62 78.44
N PRO H 57 38.03 7.19 77.68
CA PRO H 57 38.30 8.61 77.44
C PRO H 57 37.74 9.19 76.14
N ARG H 58 36.90 8.44 75.43
CA ARG H 58 36.35 8.96 74.17
C ARG H 58 34.85 9.18 74.28
N ASN H 59 34.47 9.81 75.39
CA ASN H 59 33.09 10.11 75.70
C ASN H 59 32.77 11.53 75.29
N ASP H 60 31.49 11.87 75.29
CA ASP H 60 31.06 13.23 74.99
C ASP H 60 29.69 13.52 75.62
N ILE H 61 29.18 14.72 75.41
CA ILE H 61 27.88 15.09 75.97
C ILE H 61 27.22 16.17 75.11
N ASN H 62 25.89 16.22 75.15
CA ASN H 62 25.14 17.21 74.38
C ASN H 62 23.87 17.56 75.13
N TYR H 63 23.36 18.76 74.90
CA TYR H 63 22.17 19.22 75.57
C TYR H 63 21.04 19.59 74.60
N ARG H 64 19.80 19.43 75.07
CA ARG H 64 18.64 19.71 74.23
C ARG H 64 17.63 20.62 74.92
N PRO H 65 17.71 21.93 74.67
CA PRO H 65 16.75 22.83 75.30
C PRO H 65 15.36 22.38 74.86
N THR H 66 14.46 22.17 75.81
CA THR H 66 13.13 21.71 75.49
C THR H 66 12.00 22.54 76.06
N PRO H 67 11.50 23.54 75.30
CA PRO H 67 10.40 24.37 75.78
C PRO H 67 9.13 23.64 75.34
N CYS H 68 8.03 24.36 75.21
CA CYS H 68 6.82 23.71 74.75
C CYS H 68 6.87 23.67 73.23
N MET H 69 6.52 22.55 72.65
CA MET H 69 6.55 22.38 71.19
C MET H 69 5.55 23.23 70.43
N HIS H 70 4.49 23.70 71.10
CA HIS H 70 3.45 24.50 70.47
C HIS H 70 3.07 23.92 69.09
N CYS H 71 2.92 22.59 69.04
CA CYS H 71 2.59 21.92 67.79
C CYS H 71 1.27 22.35 67.11
N GLU H 72 1.20 22.11 65.80
CA GLU H 72 0.06 22.49 64.97
C GLU H 72 -1.21 21.70 65.24
N ASN H 73 -1.06 20.42 65.53
CA ASN H 73 -2.17 19.52 65.81
C ASN H 73 -2.05 19.10 67.29
N ALA H 74 -2.17 20.10 68.16
CA ALA H 74 -2.05 19.92 69.61
C ALA H 74 -3.03 18.97 70.30
N PRO H 75 -2.51 17.92 70.94
CA PRO H 75 -3.37 16.96 71.63
C PRO H 75 -4.14 17.63 72.78
N CYS H 76 -3.45 18.40 73.61
CA CYS H 76 -4.14 19.04 74.72
C CYS H 76 -5.16 20.11 74.35
N VAL H 77 -5.12 20.59 73.13
CA VAL H 77 -6.10 21.58 72.73
C VAL H 77 -7.36 20.80 72.34
N ALA H 78 -7.16 19.67 71.68
CA ALA H 78 -8.26 18.82 71.23
C ALA H 78 -9.00 18.20 72.41
N LYS H 79 -8.24 17.83 73.44
CA LYS H 79 -8.82 17.23 74.63
C LYS H 79 -8.65 18.12 75.85
N GLY H 80 -8.63 19.42 75.61
CA GLY H 80 -8.47 20.38 76.70
C GLY H 80 -9.76 21.07 77.04
N ASN H 81 -10.86 20.55 76.49
CA ASN H 81 -12.20 21.07 76.72
C ASN H 81 -12.24 22.59 76.93
N GLY H 82 -11.53 23.33 76.09
CA GLY H 82 -11.54 24.78 76.21
C GLY H 82 -10.57 25.41 77.18
N ALA H 83 -9.87 24.60 77.98
CA ALA H 83 -8.91 25.14 78.94
C ALA H 83 -7.60 25.51 78.24
N VAL H 84 -7.49 25.09 76.98
CA VAL H 84 -6.30 25.35 76.17
C VAL H 84 -6.73 25.77 74.75
N TYR H 85 -6.16 26.87 74.26
CA TYR H 85 -6.48 27.33 72.92
C TYR H 85 -5.25 27.50 72.04
N GLN H 86 -5.48 27.82 70.77
CA GLN H 86 -4.41 27.98 69.80
C GLN H 86 -4.63 29.26 69.01
N ARG H 87 -3.59 30.10 68.92
CA ARG H 87 -3.71 31.36 68.19
C ARG H 87 -3.30 31.19 66.75
N GLU H 88 -3.78 32.10 65.89
CA GLU H 88 -3.45 32.04 64.48
C GLU H 88 -1.94 31.99 64.25
N ASP H 89 -1.19 32.78 65.03
CA ASP H 89 0.27 32.81 64.90
C ASP H 89 0.90 31.49 65.31
N GLY H 90 0.07 30.55 65.74
CA GLY H 90 0.55 29.24 66.13
C GLY H 90 0.75 29.02 67.61
N ILE H 91 0.86 30.10 68.38
CA ILE H 91 1.07 29.98 69.80
C ILE H 91 -0.03 29.26 70.55
N VAL H 92 0.34 28.21 71.28
CA VAL H 92 -0.60 27.43 72.08
C VAL H 92 -0.53 27.94 73.53
N LEU H 93 -1.68 28.35 74.06
CA LEU H 93 -1.75 28.89 75.42
C LEU H 93 -2.81 28.26 76.31
N ILE H 94 -2.45 28.05 77.57
CA ILE H 94 -3.38 27.50 78.55
C ILE H 94 -4.16 28.69 79.09
N ASP H 95 -5.48 28.57 79.22
CA ASP H 95 -6.25 29.68 79.75
C ASP H 95 -6.01 29.70 81.25
N PRO H 96 -5.31 30.73 81.76
CA PRO H 96 -4.99 30.90 83.17
C PRO H 96 -6.14 30.61 84.12
N GLU H 97 -7.33 31.10 83.78
CA GLU H 97 -8.49 30.91 84.62
C GLU H 97 -9.28 29.63 84.36
N LYS H 98 -9.62 29.35 83.09
CA LYS H 98 -10.39 28.15 82.77
C LYS H 98 -9.72 26.86 83.21
N ALA H 99 -8.38 26.85 83.20
CA ALA H 99 -7.64 25.66 83.58
C ALA H 99 -7.56 25.45 85.09
N LYS H 100 -7.93 26.47 85.86
CA LYS H 100 -7.89 26.37 87.31
C LYS H 100 -8.65 25.16 87.87
N GLY H 101 -7.93 24.32 88.61
CA GLY H 101 -8.53 23.15 89.21
C GLY H 101 -8.57 21.91 88.34
N LYS H 102 -7.66 21.80 87.39
CA LYS H 102 -7.65 20.63 86.51
C LYS H 102 -6.28 20.01 86.23
N LYS H 103 -5.81 19.16 87.14
CA LYS H 103 -4.53 18.50 86.98
C LYS H 103 -4.53 17.65 85.71
N GLU H 104 -5.72 17.20 85.33
CA GLU H 104 -5.91 16.35 84.16
C GLU H 104 -5.16 16.81 82.91
N LEU H 105 -5.15 18.12 82.67
CA LEU H 105 -4.48 18.68 81.50
C LEU H 105 -3.04 18.19 81.30
N LEU H 106 -2.34 17.91 82.39
CA LEU H 106 -0.95 17.45 82.29
C LEU H 106 -0.85 16.15 81.49
N ASP H 107 -1.83 15.26 81.69
CA ASP H 107 -1.83 13.97 81.01
C ASP H 107 -2.16 14.02 79.52
N THR H 108 -2.62 15.18 79.05
CA THR H 108 -2.97 15.33 77.65
C THR H 108 -1.78 15.73 76.79
N CYS H 109 -0.62 15.86 77.42
CA CYS H 109 0.59 16.27 76.72
C CYS H 109 1.54 15.11 76.50
N PRO H 110 1.84 14.78 75.24
CA PRO H 110 2.74 13.67 74.93
C PRO H 110 4.19 14.03 75.31
N TYR H 111 4.49 15.32 75.29
CA TYR H 111 5.84 15.77 75.61
C TYR H 111 6.08 16.01 77.10
N GLY H 112 5.02 16.28 77.85
CA GLY H 112 5.15 16.52 79.28
C GLY H 112 5.86 17.82 79.59
N VAL H 113 5.47 18.88 78.89
CA VAL H 113 6.09 20.18 79.10
C VAL H 113 5.35 21.06 80.10
N MET H 114 4.15 20.65 80.52
CA MET H 114 3.43 21.47 81.50
C MET H 114 3.57 20.96 82.93
N TYR H 115 3.51 21.89 83.88
CA TYR H 115 3.67 21.58 85.29
C TYR H 115 2.54 22.13 86.14
N TRP H 116 2.20 21.40 87.20
CA TRP H 116 1.13 21.81 88.09
C TRP H 116 1.60 22.81 89.14
N ASN H 117 0.92 23.95 89.22
CA ASN H 117 1.26 25.00 90.18
C ASN H 117 0.36 24.87 91.41
N GLU H 118 0.97 24.53 92.55
CA GLU H 118 0.25 24.36 93.81
C GLU H 118 -0.55 25.56 94.30
N GLU H 119 0.13 26.69 94.47
CA GLU H 119 -0.52 27.92 94.94
C GLU H 119 -1.68 28.36 94.04
N GLU H 120 -1.44 28.39 92.73
CA GLU H 120 -2.46 28.82 91.77
C GLU H 120 -3.42 27.72 91.34
N ASN H 121 -3.14 26.48 91.75
CA ASN H 121 -3.98 25.34 91.40
C ASN H 121 -4.34 25.33 89.91
N VAL H 122 -3.33 25.46 89.06
CA VAL H 122 -3.57 25.47 87.62
C VAL H 122 -2.34 24.93 86.91
N ALA H 123 -2.55 24.39 85.73
CA ALA H 123 -1.46 23.85 84.95
C ALA H 123 -0.74 25.04 84.32
N GLN H 124 0.58 24.94 84.20
CA GLN H 124 1.35 26.00 83.61
C GLN H 124 2.41 25.40 82.70
N LYS H 125 2.89 26.21 81.76
CA LYS H 125 3.91 25.76 80.85
C LYS H 125 4.34 26.89 79.95
N CYS H 126 5.12 26.53 78.94
CA CYS H 126 5.65 27.48 77.98
C CYS H 126 4.60 28.32 77.24
N THR H 127 4.70 29.63 77.36
CA THR H 127 3.76 30.53 76.70
C THR H 127 4.45 31.27 75.56
N MET H 128 5.74 31.03 75.40
CA MET H 128 6.54 31.69 74.37
C MET H 128 6.50 33.21 74.58
N CYS H 129 6.33 33.61 75.83
CA CYS H 129 6.20 35.01 76.23
C CYS H 129 5.39 35.77 75.21
N ALA H 130 4.22 35.20 74.89
CA ALA H 130 3.32 35.82 73.94
C ALA H 130 3.01 37.23 74.39
N HIS H 131 3.05 37.47 75.70
CA HIS H 131 2.78 38.81 76.23
C HIS H 131 3.85 39.79 75.76
N LEU H 132 5.04 39.27 75.50
CA LEU H 132 6.14 40.10 75.02
C LEU H 132 6.05 40.25 73.50
N LEU H 133 5.63 39.18 72.82
CA LEU H 133 5.50 39.20 71.38
C LEU H 133 4.32 40.06 70.95
N ASP H 134 3.33 40.17 71.83
CA ASP H 134 2.15 40.98 71.54
C ASP H 134 2.41 42.42 71.91
N ASP H 135 3.62 42.74 72.34
CA ASP H 135 3.96 44.11 72.71
C ASP H 135 5.05 44.68 71.80
N GLU H 136 4.78 45.83 71.22
CA GLU H 136 5.71 46.53 70.33
C GLU H 136 6.92 47.06 71.09
N SER H 137 6.66 47.58 72.29
CA SER H 137 7.71 48.15 73.12
C SER H 137 8.87 47.19 73.31
N TRP H 138 8.57 45.89 73.34
CA TRP H 138 9.60 44.87 73.49
C TRP H 138 10.38 44.82 72.17
N ALA H 139 11.40 45.67 72.06
CA ALA H 139 12.22 45.77 70.87
C ALA H 139 12.74 44.44 70.29
N PRO H 140 13.38 43.59 71.13
CA PRO H 140 13.92 42.30 70.68
C PRO H 140 12.97 41.46 69.83
N LYS H 141 11.69 41.47 70.18
CA LYS H 141 10.67 40.74 69.44
C LYS H 141 10.98 39.25 69.33
N MET H 142 11.36 38.66 70.45
CA MET H 142 11.68 37.26 70.51
C MET H 142 11.58 36.81 71.97
N PRO H 143 11.38 35.50 72.20
CA PRO H 143 11.25 34.91 73.54
C PRO H 143 12.47 35.24 74.41
N ARG H 144 12.31 35.17 75.73
CA ARG H 144 13.43 35.45 76.62
C ARG H 144 14.62 34.50 76.51
N CYS H 145 14.40 33.19 76.34
CA CYS H 145 15.57 32.31 76.24
C CYS H 145 16.36 32.56 74.97
N ALA H 146 15.65 32.93 73.91
CA ALA H 146 16.31 33.20 72.64
C ALA H 146 17.15 34.44 72.81
N HIS H 147 16.56 35.45 73.43
CA HIS H 147 17.25 36.71 73.66
C HIS H 147 18.34 36.61 74.73
N ASN H 148 18.18 35.67 75.67
CA ASN H 148 19.17 35.50 76.74
C ASN H 148 20.39 34.70 76.29
N CYS H 149 20.30 33.95 75.19
CA CYS H 149 21.44 33.18 74.68
C CYS H 149 22.65 34.01 74.33
N GLY H 150 23.82 33.40 74.53
CA GLY H 150 25.08 34.02 74.19
C GLY H 150 25.88 32.99 73.40
N SER H 151 25.20 31.92 73.01
CA SER H 151 25.82 30.83 72.26
C SER H 151 25.21 30.62 70.87
N PHE H 152 24.35 31.54 70.45
CA PHE H 152 23.70 31.50 69.13
C PHE H 152 23.01 30.16 68.83
N VAL H 153 22.28 29.66 69.83
CA VAL H 153 21.59 28.39 69.69
C VAL H 153 20.20 28.58 69.07
N TYR H 154 19.56 29.69 69.38
CA TYR H 154 18.21 29.95 68.90
C TYR H 154 18.10 30.76 67.65
N GLU H 155 16.98 30.54 66.97
CA GLU H 155 16.66 31.22 65.74
C GLU H 155 15.12 31.33 65.78
N PHE H 156 14.64 32.49 66.23
CA PHE H 156 13.22 32.72 66.34
C PHE H 156 12.74 33.53 65.13
N LEU H 157 11.72 33.00 64.45
CA LEU H 157 11.19 33.69 63.28
C LEU H 157 9.69 33.55 63.14
N LYS H 158 9.10 34.48 62.39
CA LYS H 158 7.67 34.49 62.14
C LYS H 158 7.56 34.48 60.63
N THR H 159 7.21 33.33 60.07
CA THR H 159 7.11 33.21 58.62
C THR H 159 5.96 32.30 58.17
N THR H 160 5.84 32.17 56.85
CA THR H 160 4.81 31.34 56.25
C THR H 160 5.22 29.87 56.36
N PRO H 161 4.23 28.96 56.37
CA PRO H 161 4.54 27.53 56.46
C PRO H 161 5.46 27.09 55.33
N GLU H 162 5.26 27.68 54.15
CA GLU H 162 6.08 27.36 52.97
C GLU H 162 7.54 27.68 53.22
N ALA H 163 7.77 28.84 53.83
CA ALA H 163 9.14 29.29 54.14
C ALA H 163 9.81 28.37 55.15
N MET H 164 9.09 28.02 56.21
CA MET H 164 9.65 27.14 57.24
C MET H 164 9.90 25.76 56.65
N ALA H 165 8.95 25.26 55.86
CA ALA H 165 9.07 23.95 55.24
C ALA H 165 10.36 23.87 54.43
N LYS H 166 10.66 24.95 53.71
CA LYS H 166 11.87 25.02 52.88
C LYS H 166 13.11 24.98 53.78
N LYS H 167 13.07 25.74 54.86
CA LYS H 167 14.19 25.80 55.80
C LYS H 167 14.39 24.38 56.38
N VAL H 168 13.27 23.73 56.71
CA VAL H 168 13.33 22.37 57.26
C VAL H 168 14.17 21.45 56.38
N GLU H 169 13.83 21.37 55.09
CA GLU H 169 14.54 20.50 54.16
C GLU H 169 15.97 20.95 53.87
N GLU H 170 16.18 22.24 53.68
CA GLU H 170 17.51 22.77 53.40
C GLU H 170 18.49 22.47 54.53
N GLU H 171 18.00 22.58 55.76
CA GLU H 171 18.85 22.36 56.93
C GLU H 171 18.61 21.07 57.69
N GLY H 172 17.87 20.14 57.09
CA GLY H 172 17.59 18.86 57.74
C GLY H 172 17.02 18.96 59.15
N LEU H 173 16.23 19.99 59.42
CA LEU H 173 15.63 20.18 60.72
C LEU H 173 14.73 18.99 61.08
N GLU H 174 14.73 18.63 62.36
CA GLU H 174 13.91 17.51 62.83
C GLU H 174 13.12 17.92 64.07
N VAL H 175 12.16 17.11 64.45
CA VAL H 175 11.35 17.39 65.63
C VAL H 175 11.34 16.21 66.58
N ILE H 176 10.92 16.45 67.82
CA ILE H 176 10.86 15.40 68.82
C ILE H 176 9.62 14.54 68.63
N LYS H 177 9.80 13.22 68.69
CA LYS H 177 8.69 12.29 68.54
C LYS H 177 7.81 12.60 67.32
N PRO H 178 8.37 12.50 66.10
CA PRO H 178 7.65 12.78 64.86
C PRO H 178 6.43 11.89 64.66
N GLU H 179 6.62 10.59 64.88
CA GLU H 179 5.58 9.58 64.71
C GLU H 179 4.24 9.89 65.36
N LEU H 180 4.23 10.75 66.38
CA LEU H 180 3.00 11.10 67.07
C LEU H 180 2.09 12.01 66.25
N GLY H 181 2.66 12.61 65.22
CA GLY H 181 1.90 13.49 64.34
C GLY H 181 1.32 14.78 64.89
N THR H 182 1.94 15.36 65.91
CA THR H 182 1.44 16.61 66.46
C THR H 182 2.00 17.81 65.71
N LYS H 183 3.14 17.62 65.06
CA LYS H 183 3.82 18.67 64.29
C LYS H 183 4.30 19.87 65.11
N PRO H 184 5.37 19.68 65.88
CA PRO H 184 5.94 20.75 66.71
C PRO H 184 6.43 21.89 65.82
N ARG H 185 6.33 23.12 66.31
CA ARG H 185 6.83 24.25 65.53
C ARG H 185 8.20 24.67 66.05
N VAL H 186 8.74 23.82 66.93
CA VAL H 186 10.06 24.03 67.49
C VAL H 186 10.90 22.95 66.83
N TYR H 187 11.87 23.36 66.01
CA TYR H 187 12.71 22.40 65.31
C TYR H 187 14.11 22.30 65.88
N TYR H 188 14.76 21.17 65.63
CA TYR H 188 16.12 20.94 66.12
C TYR H 188 17.10 20.69 64.99
N LYS H 189 18.25 21.38 65.09
CA LYS H 189 19.32 21.28 64.13
C LYS H 189 20.41 20.44 64.79
N ASN H 190 20.96 19.48 64.06
CA ASN H 190 22.00 18.58 64.57
C ASN H 190 21.46 17.74 65.73
N LEU H 191 20.21 17.36 65.61
CA LEU H 191 19.53 16.57 66.62
C LEU H 191 20.12 15.18 66.84
N TYR H 192 20.99 14.76 65.93
CA TYR H 192 21.62 13.44 66.05
C TYR H 192 22.55 13.36 67.26
N ARG H 193 23.12 14.50 67.65
CA ARG H 193 24.03 14.56 68.79
C ARG H 193 23.38 13.97 70.04
N PHE H 194 22.07 14.19 70.16
CA PHE H 194 21.30 13.75 71.31
C PHE H 194 20.59 12.42 71.14
N GLU H 195 19.94 12.22 70.01
CA GLU H 195 19.18 10.99 69.78
C GLU H 195 19.95 9.82 69.20
N LYS H 196 21.05 10.09 68.52
CA LYS H 196 21.81 9.01 67.93
C LYS H 196 23.09 8.68 68.67
N ASN H 197 23.88 7.79 68.11
CA ASN H 197 25.14 7.38 68.71
C ASN H 197 26.26 7.31 67.69
N TYR H 198 27.44 6.95 68.17
CA TYR H 198 28.63 6.86 67.32
C TYR H 198 29.55 5.75 67.77
N VAL H 199 30.61 5.56 67.00
CA VAL H 199 31.64 4.56 67.31
C VAL H 199 32.94 5.30 67.05
N THR H 200 33.93 5.06 67.89
CA THR H 200 35.21 5.75 67.77
C THR H 200 36.36 4.83 68.19
N ALA H 201 37.57 5.23 67.83
CA ALA H 201 38.74 4.44 68.18
C ALA H 201 40.02 5.23 67.91
N GLY H 202 41.15 4.63 68.23
CA GLY H 202 42.43 5.26 68.00
C GLY H 202 43.35 4.24 67.36
N ILE H 203 43.85 4.55 66.18
CA ILE H 203 44.74 3.62 65.48
C ILE H 203 46.20 3.90 65.77
N LEU H 204 46.95 2.85 66.10
CA LEU H 204 48.36 2.94 66.39
C LEU H 204 49.20 2.04 65.47
N VAL H 205 50.31 2.58 64.99
CA VAL H 205 51.21 1.83 64.14
C VAL H 205 52.61 1.88 64.76
N GLN H 206 53.10 0.71 65.14
CA GLN H 206 54.42 0.60 65.75
C GLN H 206 54.56 1.47 67.00
N GLY H 207 53.45 1.65 67.71
CA GLY H 207 53.51 2.43 68.93
C GLY H 207 53.09 3.88 68.92
N ASP H 208 52.84 4.46 67.75
CA ASP H 208 52.43 5.86 67.70
C ASP H 208 51.11 6.09 66.97
N CYS H 209 50.45 7.21 67.28
CA CYS H 209 49.19 7.57 66.66
C CYS H 209 49.43 7.63 65.15
N PHE H 210 48.52 7.02 64.38
CA PHE H 210 48.68 7.00 62.93
C PHE H 210 47.68 7.91 62.21
N GLU H 211 48.21 8.96 61.59
CA GLU H 211 47.41 9.93 60.86
C GLU H 211 47.23 9.50 59.40
N GLY H 212 45.99 9.58 58.90
CA GLY H 212 45.75 9.20 57.52
C GLY H 212 45.26 7.79 57.28
N ALA H 213 45.06 7.01 58.34
CA ALA H 213 44.56 5.65 58.15
C ALA H 213 43.16 5.73 57.56
N LYS H 214 42.86 4.81 56.64
CA LYS H 214 41.56 4.78 56.00
C LYS H 214 40.58 3.93 56.78
N VAL H 215 39.47 4.51 57.19
CA VAL H 215 38.48 3.79 57.97
C VAL H 215 37.14 3.76 57.26
N VAL H 216 36.52 2.58 57.27
CA VAL H 216 35.25 2.36 56.63
C VAL H 216 34.22 1.75 57.60
N LEU H 217 33.00 2.28 57.57
CA LEU H 217 31.93 1.76 58.40
C LEU H 217 30.90 1.08 57.50
N LYS H 218 30.67 -0.20 57.74
CA LYS H 218 29.70 -0.96 56.94
C LYS H 218 28.59 -1.56 57.79
N SER H 219 27.41 -1.65 57.19
CA SER H 219 26.25 -2.24 57.85
C SER H 219 25.57 -3.11 56.81
N GLY H 220 25.44 -4.39 57.12
CA GLY H 220 24.82 -5.30 56.19
C GLY H 220 25.82 -5.74 55.14
N GLY H 221 26.97 -5.08 55.12
CA GLY H 221 28.00 -5.43 54.15
C GLY H 221 28.36 -4.28 53.23
N LYS H 222 27.52 -3.26 53.19
CA LYS H 222 27.77 -2.10 52.33
C LYS H 222 28.15 -0.84 53.11
N GLU H 223 29.16 -0.14 52.61
CA GLU H 223 29.65 1.08 53.22
C GLU H 223 28.50 1.97 53.70
N VAL H 224 28.74 2.68 54.79
CA VAL H 224 27.72 3.57 55.36
C VAL H 224 28.36 4.93 55.65
N ALA H 225 29.66 4.91 55.92
CA ALA H 225 30.42 6.12 56.20
C ALA H 225 31.89 5.78 56.07
N SER H 226 32.72 6.79 55.88
CA SER H 226 34.15 6.56 55.75
C SER H 226 34.90 7.80 56.19
N ALA H 227 36.18 7.63 56.50
CA ALA H 227 36.99 8.75 56.94
C ALA H 227 38.45 8.37 57.08
N GLU H 228 39.28 9.39 57.30
CA GLU H 228 40.71 9.20 57.50
C GLU H 228 41.01 9.66 58.92
N THR H 229 41.90 8.95 59.60
CA THR H 229 42.24 9.28 60.98
C THR H 229 43.05 10.57 61.15
N ASN H 230 42.72 11.35 62.19
CA ASN H 230 43.43 12.59 62.46
C ASN H 230 44.79 12.30 63.08
N PHE H 231 45.56 13.35 63.39
CA PHE H 231 46.90 13.16 63.94
C PHE H 231 46.95 12.45 65.30
N PHE H 232 45.79 12.17 65.86
CA PHE H 232 45.72 11.44 67.12
C PHE H 232 45.35 10.00 66.76
N GLY H 233 45.25 9.74 65.45
CA GLY H 233 44.90 8.42 64.95
C GLY H 233 43.46 8.02 65.21
N GLU H 234 42.59 9.00 65.45
CA GLU H 234 41.19 8.69 65.76
C GLU H 234 40.15 9.02 64.69
N PHE H 235 39.04 8.31 64.77
CA PHE H 235 37.93 8.51 63.86
C PHE H 235 36.64 8.48 64.68
N LYS H 236 35.58 9.08 64.17
CA LYS H 236 34.32 9.11 64.89
C LYS H 236 33.13 9.18 63.95
N PHE H 237 32.38 8.08 63.87
CA PHE H 237 31.20 8.00 63.01
C PHE H 237 29.96 8.22 63.87
N ASP H 238 29.39 9.43 63.78
CA ASP H 238 28.21 9.77 64.56
C ASP H 238 26.90 9.62 63.77
N ALA H 239 25.78 9.77 64.47
CA ALA H 239 24.44 9.68 63.87
C ALA H 239 24.07 8.26 63.43
N LEU H 240 24.50 7.27 64.21
CA LEU H 240 24.21 5.88 63.91
C LEU H 240 22.95 5.40 64.60
N ASP H 241 22.12 4.66 63.87
CA ASP H 241 20.89 4.09 64.44
C ASP H 241 21.36 2.83 65.15
N ASN H 242 20.49 2.21 65.92
CA ASN H 242 20.89 0.98 66.59
C ASN H 242 21.02 -0.13 65.56
N GLY H 243 21.86 -1.11 65.84
CA GLY H 243 22.05 -2.20 64.91
C GLY H 243 23.49 -2.64 64.92
N GLU H 244 23.86 -3.53 64.01
CA GLU H 244 25.22 -4.02 63.95
C GLU H 244 26.02 -3.34 62.84
N TYR H 245 27.31 -3.17 63.07
CA TYR H 245 28.18 -2.54 62.08
C TYR H 245 29.53 -3.23 62.04
N THR H 246 30.26 -2.96 60.98
CA THR H 246 31.59 -3.51 60.82
C THR H 246 32.54 -2.37 60.50
N VAL H 247 33.65 -2.32 61.23
CA VAL H 247 34.65 -1.28 61.01
C VAL H 247 35.83 -1.93 60.32
N GLU H 248 36.26 -1.32 59.22
CA GLU H 248 37.39 -1.84 58.46
C GLU H 248 38.47 -0.76 58.40
N ILE H 249 39.69 -1.15 58.75
CA ILE H 249 40.80 -0.22 58.79
C ILE H 249 41.96 -0.64 57.91
N ASP H 250 42.54 0.34 57.23
CA ASP H 250 43.70 0.13 56.37
C ASP H 250 44.73 1.22 56.66
N ALA H 251 45.89 0.80 57.18
CA ALA H 251 46.97 1.72 57.51
C ALA H 251 48.31 1.07 57.23
N ASP H 252 49.15 1.75 56.46
CA ASP H 252 50.47 1.22 56.11
C ASP H 252 50.39 -0.07 55.30
N GLY H 253 49.19 -0.41 54.83
CA GLY H 253 49.03 -1.63 54.07
C GLY H 253 48.58 -2.76 54.98
N LYS H 254 48.38 -2.44 56.25
CA LYS H 254 47.93 -3.43 57.23
C LYS H 254 46.44 -3.21 57.46
N SER H 255 45.69 -4.30 57.51
CA SER H 255 44.25 -4.21 57.70
C SER H 255 43.77 -4.64 59.09
N TYR H 256 42.54 -4.26 59.40
CA TYR H 256 41.92 -4.60 60.68
C TYR H 256 40.42 -4.39 60.55
N SER H 257 39.63 -5.35 61.05
CA SER H 257 38.19 -5.22 61.02
C SER H 257 37.56 -5.85 62.25
N ASP H 258 36.61 -5.14 62.83
CA ASP H 258 35.92 -5.65 64.00
C ASP H 258 34.44 -5.29 63.89
N THR H 259 33.61 -5.95 64.70
CA THR H 259 32.19 -5.69 64.67
C THR H 259 31.79 -4.89 65.90
N VAL H 260 30.78 -4.03 65.73
CA VAL H 260 30.31 -3.22 66.84
C VAL H 260 28.79 -3.22 66.90
N VAL H 261 28.25 -3.15 68.11
CA VAL H 261 26.82 -3.13 68.31
C VAL H 261 26.38 -1.83 68.95
N ILE H 262 25.54 -1.08 68.24
CA ILE H 262 25.01 0.18 68.71
C ILE H 262 23.62 -0.07 69.27
N ASP H 263 23.46 0.09 70.58
CA ASP H 263 22.17 -0.12 71.22
C ASP H 263 21.92 1.00 72.20
N ASP H 264 21.58 2.17 71.66
CA ASP H 264 21.31 3.35 72.46
C ASP H 264 22.51 3.72 73.31
N LYS H 265 23.68 3.22 72.89
CA LYS H 265 24.94 3.48 73.57
C LYS H 265 26.03 3.65 72.51
N SER H 266 26.89 4.65 72.71
CA SER H 266 27.99 4.89 71.78
C SER H 266 29.16 4.05 72.29
N VAL H 267 29.95 3.52 71.37
CA VAL H 267 31.08 2.65 71.71
C VAL H 267 32.48 3.18 71.40
N ASP H 268 33.44 2.72 72.19
CA ASP H 268 34.84 3.08 72.02
C ASP H 268 35.61 1.78 71.89
N LEU H 269 36.33 1.62 70.79
CA LEU H 269 37.10 0.40 70.54
C LEU H 269 38.50 0.48 71.14
N GLY H 270 38.81 1.61 71.77
CA GLY H 270 40.12 1.79 72.38
C GLY H 270 41.24 1.89 71.35
N PHE H 271 42.45 1.56 71.78
CA PHE H 271 43.61 1.60 70.90
C PHE H 271 43.70 0.35 70.07
N ILE H 272 43.68 0.52 68.75
CA ILE H 272 43.81 -0.60 67.83
C ILE H 272 45.27 -0.57 67.40
N LYS H 273 46.03 -1.57 67.85
CA LYS H 273 47.45 -1.64 67.54
C LYS H 273 47.78 -2.39 66.27
N LEU H 274 48.21 -1.66 65.26
CA LEU H 274 48.58 -2.24 63.97
C LEU H 274 50.09 -2.13 63.79
N MET I 1 -57.72 21.88 15.41
CA MET I 1 -58.52 23.13 15.34
C MET I 1 -58.33 23.97 16.61
N GLY I 2 -57.62 23.43 17.59
CA GLY I 2 -57.40 24.15 18.83
C GLY I 2 -56.18 23.69 19.60
N GLU I 3 -56.03 24.18 20.83
CA GLU I 3 -54.89 23.83 21.66
C GLU I 3 -55.18 22.65 22.57
N VAL I 4 -54.12 22.04 23.09
CA VAL I 4 -54.25 20.91 24.01
C VAL I 4 -54.65 21.43 25.39
N VAL I 5 -55.72 20.88 25.95
CA VAL I 5 -56.18 21.29 27.27
C VAL I 5 -55.99 20.13 28.24
N ARG I 6 -55.49 20.43 29.43
CA ARG I 6 -55.27 19.40 30.44
C ARG I 6 -56.48 19.32 31.35
N LEU I 7 -57.15 18.18 31.34
CA LEU I 7 -58.34 17.96 32.16
C LEU I 7 -58.09 16.91 33.25
N THR I 8 -59.07 16.70 34.11
CA THR I 8 -58.94 15.74 35.20
C THR I 8 -59.96 14.60 35.15
N ASN I 9 -59.54 13.44 35.60
CA ASN I 9 -60.41 12.28 35.67
C ASN I 9 -59.78 11.22 36.57
N SER I 10 -60.44 10.08 36.70
CA SER I 10 -59.93 9.02 37.53
C SER I 10 -60.29 7.65 36.96
N SER I 11 -59.99 6.61 37.73
CA SER I 11 -60.26 5.23 37.33
C SER I 11 -59.93 4.29 38.48
N THR I 12 -60.18 3.00 38.25
CA THR I 12 -59.89 1.98 39.24
C THR I 12 -58.39 1.78 39.32
N GLY I 13 -57.65 2.50 38.48
CA GLY I 13 -56.21 2.40 38.47
C GLY I 13 -55.57 3.68 39.00
N GLY I 14 -56.40 4.57 39.52
CA GLY I 14 -55.90 5.82 40.07
C GLY I 14 -56.27 7.06 39.27
N PRO I 15 -56.11 8.25 39.85
CA PRO I 15 -56.44 9.52 39.19
C PRO I 15 -55.49 9.78 38.04
N VAL I 16 -55.92 10.61 37.08
CA VAL I 16 -55.09 10.95 35.92
C VAL I 16 -55.39 12.33 35.35
N PHE I 17 -54.38 12.90 34.71
CA PHE I 17 -54.54 14.17 34.02
C PHE I 17 -54.81 13.67 32.61
N VAL I 18 -55.82 14.24 31.95
CA VAL I 18 -56.11 13.81 30.60
C VAL I 18 -55.91 14.98 29.65
N TYR I 19 -54.97 14.83 28.72
CA TYR I 19 -54.72 15.90 27.75
C TYR I 19 -55.63 15.70 26.56
N VAL I 20 -56.43 16.73 26.30
CA VAL I 20 -57.40 16.71 25.20
C VAL I 20 -57.13 17.78 24.16
N LYS I 21 -57.47 17.47 22.91
CA LYS I 21 -57.29 18.39 21.80
C LYS I 21 -58.29 18.07 20.69
N ASP I 22 -59.11 19.04 20.33
CA ASP I 22 -60.12 18.88 19.28
C ASP I 22 -61.06 17.70 19.49
N GLY I 23 -61.48 17.51 20.74
CA GLY I 23 -62.40 16.43 21.06
C GLY I 23 -61.81 15.04 21.00
N LYS I 24 -60.50 14.94 21.18
CA LYS I 24 -59.83 13.64 21.17
C LYS I 24 -58.78 13.54 22.27
N ILE I 25 -58.82 12.44 23.02
CA ILE I 25 -57.86 12.21 24.09
C ILE I 25 -56.46 11.96 23.51
N ILE I 26 -55.51 12.80 23.87
CA ILE I 26 -54.14 12.66 23.38
C ILE I 26 -53.32 11.72 24.26
N ARG I 27 -53.44 11.86 25.58
CA ARG I 27 -52.72 11.00 26.51
C ARG I 27 -53.31 11.08 27.90
N MET I 28 -52.90 10.14 28.76
CA MET I 28 -53.35 10.10 30.14
C MET I 28 -52.10 9.86 30.96
N THR I 29 -51.97 10.59 32.06
CA THR I 29 -50.79 10.47 32.90
C THR I 29 -51.09 10.55 34.39
N PRO I 30 -50.11 10.17 35.24
CA PRO I 30 -50.29 10.23 36.69
C PRO I 30 -50.34 11.73 37.01
N MET I 31 -50.56 12.09 38.27
CA MET I 31 -50.63 13.50 38.61
C MET I 31 -49.49 14.05 39.46
N ASP I 32 -48.91 15.13 38.99
CA ASP I 32 -47.93 15.85 39.74
C ASP I 32 -48.56 16.96 40.56
N PHE I 33 -48.24 17.10 41.80
CA PHE I 33 -48.89 18.13 42.60
C PHE I 33 -48.22 19.48 42.36
N ASP I 34 -49.01 20.56 42.47
CA ASP I 34 -48.51 21.92 42.32
C ASP I 34 -48.36 22.42 43.75
N ASP I 35 -47.12 22.51 44.22
CA ASP I 35 -46.87 22.95 45.58
C ASP I 35 -47.36 24.36 45.91
N ALA I 36 -47.77 25.10 44.88
CA ALA I 36 -48.27 26.45 45.11
C ALA I 36 -49.72 26.43 45.57
N VAL I 37 -50.46 25.41 45.18
CA VAL I 37 -51.88 25.31 45.54
C VAL I 37 -52.31 24.00 46.21
N ASP I 38 -51.42 23.01 46.23
CA ASP I 38 -51.76 21.73 46.84
C ASP I 38 -51.09 21.57 48.20
N ALA I 39 -51.90 21.34 49.23
CA ALA I 39 -51.41 21.18 50.59
C ALA I 39 -50.21 20.27 50.73
N PRO I 40 -49.31 20.58 51.68
CA PRO I 40 -48.11 19.78 51.94
C PRO I 40 -48.50 18.39 52.44
N SER I 41 -47.61 17.43 52.25
CA SER I 41 -47.88 16.05 52.67
C SER I 41 -47.54 15.82 54.13
N TRP I 42 -47.94 14.66 54.63
CA TRP I 42 -47.68 14.28 56.01
C TRP I 42 -46.23 13.82 56.15
N LYS I 43 -45.82 13.57 57.37
CA LYS I 43 -44.47 13.12 57.63
C LYS I 43 -44.49 12.14 58.78
N ILE I 44 -43.45 11.32 58.86
CA ILE I 44 -43.35 10.35 59.94
C ILE I 44 -41.90 10.27 60.42
N GLU I 45 -41.71 10.39 61.72
CA GLU I 45 -40.36 10.30 62.28
C GLU I 45 -40.22 8.96 63.00
N ALA I 46 -39.42 8.08 62.42
CA ALA I 46 -39.18 6.76 62.98
C ALA I 46 -37.69 6.39 62.84
N ARG I 47 -37.17 5.72 63.86
CA ARG I 47 -35.78 5.28 63.88
C ARG I 47 -34.77 6.29 63.33
N GLY I 48 -34.84 7.52 63.84
CA GLY I 48 -33.92 8.56 63.42
C GLY I 48 -34.03 9.06 61.99
N LYS I 49 -35.10 8.72 61.29
CA LYS I 49 -35.25 9.16 59.91
C LYS I 49 -36.58 9.86 59.70
N THR I 50 -36.67 10.64 58.64
CA THR I 50 -37.90 11.34 58.31
C THR I 50 -38.49 10.71 57.05
N PHE I 51 -39.74 10.26 57.14
CA PHE I 51 -40.40 9.65 55.99
C PHE I 51 -41.58 10.49 55.53
N THR I 52 -41.51 10.95 54.29
CA THR I 52 -42.58 11.72 53.68
C THR I 52 -42.75 11.23 52.24
N PRO I 53 -44.00 11.13 51.77
CA PRO I 53 -44.28 10.66 50.41
C PRO I 53 -43.91 11.55 49.23
N PRO I 54 -43.96 11.00 48.02
CA PRO I 54 -43.65 11.70 46.76
C PRO I 54 -44.82 12.62 46.44
N ARG I 55 -44.53 13.86 46.04
CA ARG I 55 -45.58 14.82 45.71
C ARG I 55 -46.22 14.45 44.38
N LYS I 56 -46.65 13.21 44.26
CA LYS I 56 -47.24 12.72 43.01
C LYS I 56 -48.10 11.48 43.25
N THR I 57 -49.00 11.19 42.31
CA THR I 57 -49.85 10.01 42.41
C THR I 57 -49.25 8.93 41.50
N SER I 58 -49.85 7.74 41.51
CA SER I 58 -49.36 6.65 40.69
C SER I 58 -50.54 5.93 40.07
N ILE I 59 -50.30 5.23 38.96
CA ILE I 59 -51.37 4.51 38.28
C ILE I 59 -50.98 3.08 37.92
N ALA I 60 -51.99 2.22 37.78
CA ALA I 60 -51.78 0.83 37.42
C ALA I 60 -51.65 0.74 35.91
N PRO I 61 -51.13 -0.37 35.39
CA PRO I 61 -50.95 -0.57 33.95
C PRO I 61 -52.22 -0.38 33.13
N TYR I 62 -53.28 -1.09 33.51
CA TYR I 62 -54.56 -1.02 32.81
C TYR I 62 -55.15 0.40 32.78
N THR I 63 -54.55 1.30 33.53
CA THR I 63 -55.02 2.68 33.50
C THR I 63 -54.12 3.39 32.48
N ALA I 64 -52.84 3.02 32.48
CA ALA I 64 -51.88 3.62 31.55
C ALA I 64 -52.31 3.38 30.10
N GLY I 65 -52.91 2.22 29.83
CA GLY I 65 -53.33 1.91 28.47
C GLY I 65 -54.82 2.06 28.25
N PHE I 66 -55.51 2.60 29.24
CA PHE I 66 -56.95 2.77 29.16
C PHE I 66 -57.48 3.49 27.93
N LYS I 67 -56.66 4.32 27.30
CA LYS I 67 -57.14 5.04 26.13
C LYS I 67 -57.56 4.06 25.04
N SER I 68 -56.87 2.93 24.96
CA SER I 68 -57.16 1.91 23.96
C SER I 68 -58.42 1.10 24.26
N MET I 69 -59.05 1.37 25.39
CA MET I 69 -60.30 0.68 25.75
C MET I 69 -61.45 1.59 25.39
N ILE I 70 -61.21 2.89 25.48
CA ILE I 70 -62.18 3.91 25.15
C ILE I 70 -62.43 3.91 23.65
N TYR I 71 -61.35 3.84 22.87
CA TYR I 71 -61.45 3.85 21.42
C TYR I 71 -61.40 2.45 20.83
N SER I 72 -61.66 1.45 21.67
CA SER I 72 -61.65 0.05 21.24
C SER I 72 -62.61 -0.23 20.08
N ASP I 73 -62.24 -1.16 19.21
CA ASP I 73 -63.11 -1.52 18.10
C ASP I 73 -64.09 -2.61 18.54
N LEU I 74 -63.97 -3.06 19.79
CA LEU I 74 -64.89 -4.05 20.33
C LEU I 74 -65.91 -3.33 21.19
N ARG I 75 -65.88 -2.01 21.07
CA ARG I 75 -66.78 -1.11 21.76
C ARG I 75 -68.16 -1.29 21.12
N ILE I 76 -69.21 -1.39 21.92
CA ILE I 76 -70.55 -1.54 21.35
C ILE I 76 -70.83 -0.23 20.59
N PRO I 77 -71.11 -0.33 19.29
CA PRO I 77 -71.37 0.83 18.42
C PRO I 77 -72.67 1.58 18.65
N TYR I 78 -73.76 0.82 18.72
CA TYR I 78 -75.09 1.38 18.86
C TYR I 78 -76.02 0.30 19.38
N PRO I 79 -77.29 0.64 19.63
CA PRO I 79 -78.24 -0.37 20.12
C PRO I 79 -78.29 -1.49 19.10
N MET I 80 -78.31 -2.72 19.59
CA MET I 80 -78.34 -3.88 18.71
C MET I 80 -79.48 -4.81 19.10
N LYS I 81 -79.90 -5.65 18.17
CA LYS I 81 -80.96 -6.60 18.43
C LYS I 81 -80.62 -7.95 17.80
N ARG I 82 -80.96 -9.02 18.50
CA ARG I 82 -80.70 -10.36 17.98
C ARG I 82 -81.66 -10.60 16.81
N LYS I 83 -81.10 -10.94 15.64
CA LYS I 83 -81.90 -11.17 14.43
C LYS I 83 -82.96 -12.24 14.59
N SER I 84 -82.58 -13.36 15.17
CA SER I 84 -83.49 -14.49 15.39
C SER I 84 -84.49 -14.21 16.51
N PHE I 85 -84.45 -13.01 17.07
CA PHE I 85 -85.37 -12.67 18.15
C PHE I 85 -86.57 -11.84 17.72
N ASP I 86 -87.75 -12.43 17.80
CA ASP I 86 -88.98 -11.73 17.45
C ASP I 86 -89.82 -11.60 18.71
N PRO I 87 -90.02 -10.36 19.18
CA PRO I 87 -90.81 -10.09 20.39
C PRO I 87 -92.27 -10.48 20.22
N ASN I 88 -92.81 -10.23 19.03
CA ASN I 88 -94.20 -10.53 18.75
C ASN I 88 -94.43 -11.87 18.05
N GLY I 89 -93.37 -12.66 17.89
CA GLY I 89 -93.49 -13.96 17.25
C GLY I 89 -92.55 -14.96 17.88
N GLU I 90 -91.76 -15.65 17.06
CA GLU I 90 -90.82 -16.64 17.57
C GLU I 90 -89.67 -15.93 18.28
N ARG I 91 -89.47 -16.22 19.57
CA ARG I 91 -88.39 -15.60 20.32
C ARG I 91 -87.10 -16.37 20.17
N ASN I 92 -87.21 -17.66 19.85
CA ASN I 92 -86.05 -18.52 19.65
C ASN I 92 -85.00 -18.44 20.73
N PRO I 93 -85.35 -18.81 21.97
CA PRO I 93 -84.40 -18.77 23.08
C PRO I 93 -83.19 -19.66 22.80
N GLN I 94 -83.46 -20.82 22.21
CA GLN I 94 -82.41 -21.78 21.88
C GLN I 94 -81.35 -21.23 20.94
N LEU I 95 -81.60 -20.06 20.34
CA LEU I 95 -80.62 -19.49 19.43
C LEU I 95 -79.72 -18.39 20.02
N ARG I 96 -79.88 -18.10 21.31
CA ARG I 96 -79.02 -17.10 21.94
C ARG I 96 -77.60 -17.66 21.99
N GLY I 97 -76.64 -16.90 21.46
CA GLY I 97 -75.26 -17.36 21.44
C GLY I 97 -74.97 -18.24 20.25
N ALA I 98 -75.91 -18.30 19.31
CA ALA I 98 -75.76 -19.10 18.09
C ALA I 98 -74.51 -18.69 17.31
N GLY I 99 -74.33 -17.38 17.13
CA GLY I 99 -73.19 -16.87 16.42
C GLY I 99 -71.90 -17.27 17.12
N LEU I 100 -71.94 -17.19 18.45
CA LEU I 100 -70.78 -17.57 19.25
C LEU I 100 -70.45 -19.04 19.00
N SER I 101 -71.50 -19.85 18.80
CA SER I 101 -71.32 -21.28 18.55
C SER I 101 -70.71 -21.55 17.19
N LYS I 102 -70.82 -20.58 16.27
CA LYS I 102 -70.22 -20.77 14.96
C LYS I 102 -69.07 -19.78 14.79
N GLN I 103 -68.52 -19.35 15.92
CA GLN I 103 -67.39 -18.44 15.94
C GLN I 103 -67.59 -17.16 15.13
N ASP I 104 -68.79 -16.61 15.19
CA ASP I 104 -69.12 -15.38 14.47
C ASP I 104 -70.22 -14.66 15.26
N PRO I 105 -69.87 -14.12 16.44
CA PRO I 105 -70.75 -13.39 17.35
C PRO I 105 -71.54 -12.24 16.75
N TRP I 106 -70.84 -11.31 16.10
CA TRP I 106 -71.48 -10.15 15.51
C TRP I 106 -72.58 -10.45 14.50
N SER I 107 -72.44 -11.53 13.74
CA SER I 107 -73.43 -11.86 12.72
C SER I 107 -74.82 -12.14 13.28
N ASP I 108 -74.91 -12.33 14.59
CA ASP I 108 -76.18 -12.61 15.26
C ASP I 108 -77.00 -11.35 15.43
N TYR I 109 -76.35 -10.19 15.37
CA TYR I 109 -77.03 -8.95 15.60
C TYR I 109 -77.18 -7.95 14.44
N GLU I 110 -78.22 -7.13 14.55
CA GLU I 110 -78.51 -6.09 13.58
C GLU I 110 -78.59 -4.78 14.36
N ARG I 111 -78.55 -3.66 13.64
CA ARG I 111 -78.61 -2.35 14.28
C ARG I 111 -80.03 -1.82 14.39
N ILE I 112 -80.30 -1.14 15.51
CA ILE I 112 -81.59 -0.52 15.74
C ILE I 112 -81.37 0.79 16.51
N SER I 113 -82.37 1.68 16.46
CA SER I 113 -82.28 2.96 17.13
C SER I 113 -82.58 2.89 18.62
N TRP I 114 -82.21 3.94 19.35
CA TRP I 114 -82.45 4.01 20.78
C TRP I 114 -83.94 4.00 21.08
N ASP I 115 -84.72 4.64 20.22
CA ASP I 115 -86.16 4.70 20.40
C ASP I 115 -86.78 3.31 20.29
N GLU I 116 -86.31 2.51 19.34
CA GLU I 116 -86.86 1.16 19.18
C GLU I 116 -86.36 0.22 20.26
N ALA I 117 -85.06 0.29 20.54
CA ALA I 117 -84.46 -0.55 21.56
C ALA I 117 -85.18 -0.36 22.89
N THR I 118 -85.25 0.88 23.36
CA THR I 118 -85.92 1.18 24.63
C THR I 118 -87.43 0.94 24.57
N ASP I 119 -87.98 0.94 23.37
CA ASP I 119 -89.41 0.71 23.20
C ASP I 119 -89.68 -0.77 23.42
N ILE I 120 -88.78 -1.61 22.90
CA ILE I 120 -88.91 -3.06 23.03
C ILE I 120 -88.73 -3.52 24.48
N VAL I 121 -87.75 -2.94 25.16
CA VAL I 121 -87.50 -3.28 26.55
C VAL I 121 -88.70 -2.89 27.43
N VAL I 122 -89.21 -1.68 27.22
CA VAL I 122 -90.36 -1.20 27.99
C VAL I 122 -91.58 -2.10 27.86
N ALA I 123 -91.88 -2.54 26.63
CA ALA I 123 -93.02 -3.41 26.41
C ALA I 123 -92.84 -4.72 27.17
N GLU I 124 -91.60 -5.20 27.24
CA GLU I 124 -91.30 -6.43 27.96
C GLU I 124 -91.47 -6.24 29.47
N ILE I 125 -90.99 -5.12 29.99
CA ILE I 125 -91.10 -4.83 31.42
C ILE I 125 -92.55 -4.73 31.89
N ASN I 126 -93.36 -3.95 31.17
CA ASN I 126 -94.76 -3.78 31.53
C ASN I 126 -95.59 -5.06 31.44
N ARG I 127 -95.39 -5.83 30.39
CA ARG I 127 -96.11 -7.08 30.21
C ARG I 127 -95.78 -8.02 31.37
N ILE I 128 -94.49 -8.16 31.68
CA ILE I 128 -94.07 -9.04 32.75
C ILE I 128 -94.54 -8.55 34.12
N LYS I 129 -94.51 -7.26 34.37
CA LYS I 129 -94.96 -6.75 35.66
C LYS I 129 -96.46 -7.03 35.88
N HIS I 130 -97.30 -6.68 34.91
CA HIS I 130 -98.74 -6.91 35.03
C HIS I 130 -99.14 -8.39 35.02
N ALA I 131 -98.27 -9.26 34.54
CA ALA I 131 -98.60 -10.68 34.50
C ALA I 131 -97.94 -11.48 35.62
N TYR I 132 -96.70 -11.16 35.95
CA TYR I 132 -95.98 -11.88 36.99
C TYR I 132 -95.52 -11.03 38.16
N GLY I 133 -95.35 -9.73 37.91
CA GLY I 133 -94.90 -8.81 38.95
C GLY I 133 -93.44 -8.40 38.74
N PRO I 134 -92.98 -7.36 39.44
CA PRO I 134 -91.60 -6.85 39.34
C PRO I 134 -90.54 -7.93 39.59
N SER I 135 -90.86 -8.87 40.48
CA SER I 135 -89.92 -9.95 40.82
C SER I 135 -89.55 -10.86 39.65
N ALA I 136 -90.38 -10.87 38.61
CA ALA I 136 -90.12 -11.70 37.44
C ALA I 136 -88.98 -11.11 36.60
N ILE I 137 -88.55 -9.91 36.96
CA ILE I 137 -87.45 -9.25 36.25
C ILE I 137 -86.15 -9.37 37.03
N LEU I 138 -85.24 -10.20 36.55
CA LEU I 138 -83.95 -10.39 37.19
C LEU I 138 -82.92 -9.46 36.58
N SER I 139 -82.02 -8.96 37.41
CA SER I 139 -80.97 -8.07 36.94
C SER I 139 -79.80 -8.11 37.91
N THR I 140 -78.61 -7.88 37.37
CA THR I 140 -77.42 -7.88 38.20
C THR I 140 -76.23 -7.31 37.46
N PRO I 141 -75.54 -6.35 38.08
CA PRO I 141 -74.38 -5.80 37.39
C PRO I 141 -73.33 -6.75 37.92
N SER I 142 -72.12 -6.27 38.17
CA SER I 142 -71.12 -7.16 38.73
C SER I 142 -70.42 -6.46 39.87
N SER I 143 -69.37 -7.06 40.40
CA SER I 143 -68.65 -6.47 41.51
C SER I 143 -68.06 -5.11 41.21
N HIS I 144 -67.33 -4.99 40.10
CA HIS I 144 -66.70 -3.73 39.76
C HIS I 144 -67.31 -2.90 38.67
N HIS I 145 -67.01 -1.61 38.73
CA HIS I 145 -67.59 -0.62 37.84
C HIS I 145 -66.58 0.45 37.46
N MET I 146 -66.87 1.18 36.39
CA MET I 146 -66.00 2.27 35.95
C MET I 146 -66.01 3.28 37.12
N TRP I 147 -64.88 3.91 37.38
CA TRP I 147 -64.79 4.85 38.49
C TRP I 147 -65.72 6.05 38.34
N GLY I 148 -66.20 6.56 39.48
CA GLY I 148 -67.11 7.70 39.48
C GLY I 148 -68.24 7.43 40.46
N ASN I 149 -68.29 8.20 41.55
CA ASN I 149 -69.29 8.01 42.60
C ASN I 149 -70.76 8.12 42.20
N VAL I 150 -71.10 9.13 41.40
CA VAL I 150 -72.48 9.32 41.00
C VAL I 150 -72.99 8.26 40.01
N GLY I 151 -72.12 7.79 39.13
CA GLY I 151 -72.54 6.81 38.16
C GLY I 151 -72.29 5.37 38.54
N TYR I 152 -71.71 5.13 39.71
CA TYR I 152 -71.41 3.78 40.16
C TYR I 152 -72.68 2.95 40.33
N ARG I 153 -72.55 1.63 40.22
CA ARG I 153 -73.72 0.75 40.34
C ARG I 153 -74.52 0.92 41.62
N HIS I 154 -73.87 1.32 42.71
CA HIS I 154 -74.57 1.52 43.99
C HIS I 154 -75.40 2.79 43.93
N SER I 155 -75.07 3.67 43.00
CA SER I 155 -75.76 4.95 42.89
C SER I 155 -76.84 5.00 41.82
N THR I 156 -76.42 5.17 40.57
CA THR I 156 -77.35 5.27 39.44
C THR I 156 -78.15 3.99 39.14
N TYR I 157 -77.48 2.85 39.06
CA TYR I 157 -78.14 1.58 38.80
C TYR I 157 -79.28 1.32 39.80
N PHE I 158 -78.97 1.39 41.09
CA PHE I 158 -79.95 1.15 42.14
C PHE I 158 -81.08 2.19 42.19
N ARG I 159 -80.78 3.45 41.89
CA ARG I 159 -81.84 4.45 41.94
C ARG I 159 -82.92 4.17 40.90
N PHE I 160 -82.51 3.70 39.73
CA PHE I 160 -83.46 3.39 38.67
C PHE I 160 -84.11 2.03 38.88
N MET I 161 -83.30 1.00 39.10
CA MET I 161 -83.83 -0.34 39.28
C MET I 161 -84.85 -0.39 40.41
N ASN I 162 -84.55 0.29 41.51
CA ASN I 162 -85.47 0.30 42.64
C ASN I 162 -86.84 0.87 42.27
N MET I 163 -86.90 1.74 41.25
CA MET I 163 -88.19 2.31 40.86
C MET I 163 -88.82 1.53 39.72
N MET I 164 -88.14 0.50 39.22
CA MET I 164 -88.64 -0.28 38.11
C MET I 164 -89.04 -1.73 38.48
N GLY I 165 -88.08 -2.50 38.99
CA GLY I 165 -88.33 -3.88 39.36
C GLY I 165 -88.21 -4.11 40.87
N PHE I 166 -87.54 -5.18 41.30
CA PHE I 166 -86.88 -6.17 40.45
C PHE I 166 -86.30 -7.23 41.39
N THR I 167 -85.82 -8.34 40.82
CA THR I 167 -85.20 -9.39 41.60
C THR I 167 -83.70 -9.26 41.41
N TYR I 168 -82.99 -8.99 42.50
CA TYR I 168 -81.55 -8.80 42.43
C TYR I 168 -80.76 -10.08 42.64
N ALA I 169 -79.68 -10.23 41.88
CA ALA I 169 -78.81 -11.38 42.01
C ALA I 169 -77.71 -10.84 42.92
N ASP I 170 -78.02 -10.75 44.21
CA ASP I 170 -77.07 -10.23 45.18
C ASP I 170 -75.74 -10.94 45.08
N HIS I 171 -74.67 -10.15 45.07
CA HIS I 171 -73.32 -10.69 44.94
C HIS I 171 -72.81 -11.38 46.20
N ASN I 172 -72.15 -12.52 46.00
CA ASN I 172 -71.55 -13.23 47.11
C ASN I 172 -70.35 -12.36 47.49
N PRO I 173 -69.92 -12.41 48.76
CA PRO I 173 -68.77 -11.61 49.19
C PRO I 173 -67.46 -12.20 48.67
N ASP I 174 -67.34 -12.25 47.34
CA ASP I 174 -66.16 -12.80 46.66
C ASP I 174 -64.81 -12.42 47.26
N SER I 175 -64.56 -11.13 47.36
CA SER I 175 -63.29 -10.64 47.89
C SER I 175 -63.02 -11.14 49.31
N TRP I 176 -64.08 -11.33 50.09
CA TRP I 176 -63.96 -11.76 51.48
C TRP I 176 -64.23 -13.22 51.86
N GLU I 177 -64.84 -14.00 50.97
CA GLU I 177 -65.21 -15.38 51.27
C GLU I 177 -64.78 -15.95 52.63
N GLY I 178 -63.54 -16.38 52.75
CA GLY I 178 -63.06 -16.96 54.00
C GLY I 178 -63.19 -16.09 55.24
N TRP I 179 -62.98 -14.78 55.09
CA TRP I 179 -63.09 -13.88 56.22
C TRP I 179 -64.54 -13.67 56.57
N HIS I 180 -65.37 -13.65 55.54
CA HIS I 180 -66.80 -13.45 55.68
C HIS I 180 -67.51 -14.63 56.33
N TRP I 181 -67.42 -15.79 55.69
CA TRP I 181 -68.07 -17.01 56.19
C TRP I 181 -67.27 -17.70 57.30
N GLY I 182 -66.01 -17.31 57.48
CA GLY I 182 -65.18 -17.95 58.49
C GLY I 182 -64.68 -17.06 59.62
N GLY I 183 -63.73 -16.19 59.30
CA GLY I 183 -63.16 -15.30 60.30
C GLY I 183 -64.17 -14.56 61.14
N MET I 184 -65.21 -14.03 60.50
CA MET I 184 -66.26 -13.27 61.16
C MET I 184 -66.77 -13.90 62.46
N HIS I 185 -66.99 -15.22 62.45
CA HIS I 185 -67.48 -15.92 63.63
C HIS I 185 -66.40 -16.01 64.69
N MET I 186 -65.15 -15.85 64.27
CA MET I 186 -64.03 -15.92 65.18
C MET I 186 -63.72 -14.59 65.88
N TRP I 187 -63.81 -13.47 65.15
CA TRP I 187 -63.52 -12.18 65.78
C TRP I 187 -64.46 -11.02 65.47
N GLY I 188 -65.44 -11.26 64.60
CA GLY I 188 -66.38 -10.19 64.28
C GLY I 188 -66.03 -9.38 63.06
N PHE I 189 -66.04 -8.06 63.20
CA PHE I 189 -65.74 -7.15 62.09
C PHE I 189 -66.74 -7.41 60.96
N SER I 190 -68.00 -7.65 61.31
CA SER I 190 -69.00 -7.93 60.31
C SER I 190 -69.10 -6.78 59.31
N TRP I 191 -69.00 -5.54 59.80
CA TRP I 191 -69.08 -4.35 58.95
C TRP I 191 -67.93 -4.25 57.95
N ARG I 192 -66.92 -5.11 58.10
CA ARG I 192 -65.80 -5.13 57.17
C ARG I 192 -65.75 -6.52 56.56
N LEU I 193 -66.87 -7.23 56.68
CA LEU I 193 -67.03 -8.58 56.17
C LEU I 193 -65.92 -9.54 56.62
N GLY I 194 -65.41 -9.32 57.83
CA GLY I 194 -64.39 -10.19 58.37
C GLY I 194 -62.97 -9.68 58.30
N ASN I 195 -62.73 -8.64 57.52
CA ASN I 195 -61.40 -8.07 57.41
C ASN I 195 -61.08 -7.23 58.64
N PRO I 196 -59.79 -7.12 58.98
CA PRO I 196 -59.31 -6.34 60.13
C PRO I 196 -59.25 -4.85 59.86
N GLU I 197 -59.20 -4.12 60.96
CA GLU I 197 -59.11 -2.66 60.97
C GLU I 197 -57.63 -2.36 60.63
N GLN I 198 -57.32 -1.17 60.12
CA GLN I 198 -55.92 -0.86 59.75
C GLN I 198 -55.40 0.56 60.06
N TYR I 199 -56.26 1.42 60.62
CA TYR I 199 -55.86 2.79 60.92
C TYR I 199 -54.51 3.00 61.59
N ASP I 200 -53.79 4.02 61.14
CA ASP I 200 -52.49 4.41 61.69
C ASP I 200 -51.43 3.32 61.83
N LEU I 201 -51.41 2.34 60.92
CA LEU I 201 -50.41 1.27 61.01
C LEU I 201 -49.08 1.57 60.33
N LEU I 202 -49.06 2.54 59.42
CA LEU I 202 -47.82 2.88 58.74
C LEU I 202 -46.74 3.39 59.70
N GLU I 203 -47.10 4.24 60.65
CA GLU I 203 -46.13 4.76 61.61
C GLU I 203 -45.68 3.70 62.60
N ASP I 204 -46.62 2.86 63.03
CA ASP I 204 -46.30 1.79 63.99
C ASP I 204 -45.32 0.81 63.36
N GLY I 205 -45.46 0.61 62.05
CA GLY I 205 -44.59 -0.32 61.35
C GLY I 205 -43.20 0.23 61.14
N LEU I 206 -43.13 1.46 60.64
CA LEU I 206 -41.84 2.10 60.40
C LEU I 206 -41.05 2.19 61.71
N LYS I 207 -41.75 2.27 62.83
CA LYS I 207 -41.12 2.37 64.14
C LYS I 207 -40.76 1.05 64.80
N HIS I 208 -41.58 0.02 64.59
CA HIS I 208 -41.34 -1.25 65.25
C HIS I 208 -41.14 -2.50 64.40
N ALA I 209 -41.45 -2.43 63.11
CA ALA I 209 -41.30 -3.62 62.27
C ALA I 209 -39.88 -4.19 62.23
N GLU I 210 -39.79 -5.52 62.24
CA GLU I 210 -38.51 -6.20 62.16
C GLU I 210 -38.69 -7.28 61.10
N MET I 211 -39.92 -7.72 60.94
CA MET I 211 -40.23 -8.75 59.95
C MET I 211 -41.69 -8.64 59.55
N ILE I 212 -41.95 -8.90 58.27
CA ILE I 212 -43.30 -8.87 57.73
C ILE I 212 -43.54 -10.15 56.96
N VAL I 213 -44.58 -10.89 57.34
CA VAL I 213 -44.92 -12.14 56.67
C VAL I 213 -46.09 -11.95 55.71
N PHE I 214 -45.78 -11.95 54.41
CA PHE I 214 -46.79 -11.81 53.37
C PHE I 214 -47.33 -13.21 53.08
N TRP I 215 -48.60 -13.44 53.40
CA TRP I 215 -49.24 -14.73 53.19
C TRP I 215 -50.40 -14.51 52.22
N SER I 216 -50.32 -15.16 51.05
CA SER I 216 -51.36 -14.97 50.03
C SER I 216 -51.53 -13.47 49.84
N SER I 217 -50.41 -12.77 49.73
CA SER I 217 -50.40 -11.32 49.59
C SER I 217 -49.47 -10.81 48.48
N ASP I 218 -50.01 -10.01 47.56
CA ASP I 218 -49.23 -9.45 46.46
C ASP I 218 -49.57 -7.96 46.28
N PRO I 219 -49.05 -7.10 47.17
CA PRO I 219 -49.26 -5.64 47.17
C PRO I 219 -49.01 -4.92 45.84
N GLU I 220 -47.87 -5.17 45.21
CA GLU I 220 -47.57 -4.49 43.94
C GLU I 220 -48.68 -4.78 42.92
N THR I 221 -49.01 -6.06 42.76
CA THR I 221 -50.05 -6.46 41.84
C THR I 221 -51.42 -5.89 42.19
N ASN I 222 -51.91 -6.23 43.37
CA ASN I 222 -53.24 -5.80 43.84
C ASN I 222 -53.38 -4.40 44.43
N SER I 223 -52.31 -3.86 44.99
CA SER I 223 -52.31 -2.52 45.58
C SER I 223 -53.40 -2.36 46.63
N GLY I 224 -53.90 -3.49 47.13
CA GLY I 224 -54.99 -3.45 48.07
C GLY I 224 -56.18 -3.41 47.13
N ILE I 225 -56.31 -2.30 46.41
CA ILE I 225 -57.35 -2.09 45.40
C ILE I 225 -57.52 -0.61 45.04
N TYR I 226 -57.57 -0.32 43.75
CA TYR I 226 -57.77 1.04 43.25
C TYR I 226 -56.60 2.01 43.52
N ALA I 227 -55.51 1.53 44.11
CA ALA I 227 -54.40 2.42 44.48
C ALA I 227 -53.08 2.36 43.68
N GLY I 228 -53.15 2.16 42.36
CA GLY I 228 -51.93 2.10 41.57
C GLY I 228 -50.74 1.46 42.27
N PHE I 229 -49.66 2.23 42.47
CA PHE I 229 -48.48 1.71 43.15
C PHE I 229 -48.08 2.61 44.32
N GLU I 230 -49.07 3.17 44.99
CA GLU I 230 -48.85 4.05 46.13
C GLU I 230 -47.94 3.49 47.24
N SER I 231 -48.17 2.25 47.64
CA SER I 231 -47.41 1.63 48.71
C SER I 231 -45.98 1.19 48.40
N ASN I 232 -45.61 1.18 47.12
CA ASN I 232 -44.27 0.74 46.76
C ASN I 232 -43.15 1.37 47.60
N ILE I 233 -43.17 2.70 47.73
CA ILE I 233 -42.13 3.40 48.48
C ILE I 233 -42.12 3.03 49.97
N ARG I 234 -43.27 2.63 50.50
CA ARG I 234 -43.38 2.26 51.89
C ARG I 234 -42.60 0.97 52.20
N ARG I 235 -42.62 0.03 51.27
CA ARG I 235 -41.89 -1.21 51.48
C ARG I 235 -40.40 -0.97 51.28
N GLN I 236 -40.07 0.01 50.44
CA GLN I 236 -38.69 0.37 50.20
C GLN I 236 -38.10 0.91 51.52
N TRP I 237 -38.88 1.74 52.22
CA TRP I 237 -38.44 2.30 53.49
C TRP I 237 -38.23 1.21 54.51
N LEU I 238 -39.17 0.27 54.58
CA LEU I 238 -39.08 -0.83 55.53
C LEU I 238 -37.87 -1.68 55.19
N LYS I 239 -37.69 -1.96 53.91
CA LYS I 239 -36.59 -2.78 53.43
C LYS I 239 -35.26 -2.12 53.80
N ASP I 240 -35.15 -0.81 53.58
CA ASP I 240 -33.93 -0.08 53.90
C ASP I 240 -33.74 0.02 55.43
N LEU I 241 -34.80 -0.26 56.19
CA LEU I 241 -34.71 -0.22 57.65
C LEU I 241 -34.28 -1.60 58.17
N GLY I 242 -33.99 -2.52 57.25
CA GLY I 242 -33.57 -3.85 57.65
C GLY I 242 -34.68 -4.84 57.93
N VAL I 243 -35.91 -4.52 57.56
CA VAL I 243 -37.02 -5.44 57.81
C VAL I 243 -37.03 -6.60 56.82
N ASP I 244 -37.09 -7.81 57.34
CA ASP I 244 -37.11 -9.00 56.47
C ASP I 244 -38.50 -9.29 55.90
N PHE I 245 -38.52 -9.67 54.62
CA PHE I 245 -39.76 -9.98 53.92
C PHE I 245 -39.87 -11.47 53.58
N VAL I 246 -40.90 -12.13 54.08
CA VAL I 246 -41.11 -13.55 53.80
C VAL I 246 -42.43 -13.75 53.09
N PHE I 247 -42.38 -14.45 51.95
CA PHE I 247 -43.57 -14.70 51.15
C PHE I 247 -44.03 -16.16 51.11
N ILE I 248 -45.29 -16.37 51.46
CA ILE I 248 -45.91 -17.69 51.44
C ILE I 248 -47.01 -17.61 50.39
N ASP I 249 -46.76 -18.28 49.27
CA ASP I 249 -47.69 -18.22 48.15
C ASP I 249 -47.25 -19.31 47.17
N PRO I 250 -48.20 -20.13 46.68
CA PRO I 250 -47.86 -21.19 45.72
C PRO I 250 -47.05 -20.67 44.55
N HIS I 251 -47.33 -19.43 44.17
CA HIS I 251 -46.66 -18.76 43.07
C HIS I 251 -45.76 -17.67 43.63
N MET I 252 -44.54 -17.56 43.13
CA MET I 252 -43.64 -16.51 43.57
C MET I 252 -44.24 -15.26 42.93
N ASN I 253 -45.08 -14.55 43.66
CA ASN I 253 -45.76 -13.37 43.12
C ASN I 253 -44.86 -12.17 42.82
N HIS I 254 -45.41 -11.20 42.11
CA HIS I 254 -44.68 -10.02 41.69
C HIS I 254 -44.06 -9.19 42.80
N THR I 255 -44.62 -9.27 44.00
CA THR I 255 -44.05 -8.55 45.13
C THR I 255 -42.85 -9.35 45.59
N ALA I 256 -43.00 -10.67 45.62
CA ALA I 256 -41.92 -11.55 46.04
C ALA I 256 -40.76 -11.51 45.04
N ARG I 257 -41.07 -11.33 43.76
CA ARG I 257 -40.03 -11.28 42.74
C ARG I 257 -39.19 -10.01 42.87
N LEU I 258 -39.77 -9.02 43.56
CA LEU I 258 -39.09 -7.74 43.74
C LEU I 258 -38.33 -7.60 45.05
N VAL I 259 -38.93 -8.05 46.14
CA VAL I 259 -38.29 -7.87 47.44
C VAL I 259 -38.35 -9.03 48.43
N ALA I 260 -38.40 -10.26 47.92
CA ALA I 260 -38.48 -11.38 48.84
C ALA I 260 -37.14 -11.78 49.44
N ASP I 261 -37.13 -12.02 50.75
CA ASP I 261 -35.92 -12.49 51.42
C ASP I 261 -36.01 -14.02 51.41
N LYS I 262 -37.24 -14.52 51.51
CA LYS I 262 -37.50 -15.95 51.46
C LYS I 262 -38.89 -16.17 50.89
N TRP I 263 -39.08 -17.30 50.21
CA TRP I 263 -40.35 -17.62 49.58
C TRP I 263 -40.74 -19.10 49.77
N PHE I 264 -41.99 -19.32 50.16
CA PHE I 264 -42.52 -20.68 50.36
C PHE I 264 -43.60 -20.95 49.32
N SER I 265 -43.57 -22.14 48.72
CA SER I 265 -44.59 -22.49 47.74
C SER I 265 -45.40 -23.69 48.21
N PRO I 266 -46.48 -23.43 48.98
CA PRO I 266 -47.34 -24.48 49.50
C PRO I 266 -48.33 -24.99 48.46
N LYS I 267 -48.61 -26.30 48.47
CA LYS I 267 -49.57 -26.89 47.56
C LYS I 267 -50.93 -26.22 47.78
N ILE I 268 -51.72 -26.13 46.72
CA ILE I 268 -53.05 -25.52 46.84
C ILE I 268 -53.85 -26.17 47.97
N GLY I 269 -54.54 -25.33 48.74
CA GLY I 269 -55.37 -25.81 49.83
C GLY I 269 -54.70 -26.35 51.08
N THR I 270 -53.43 -26.04 51.30
CA THR I 270 -52.74 -26.54 52.49
C THR I 270 -52.15 -25.47 53.41
N ASP I 271 -52.48 -24.21 53.18
CA ASP I 271 -51.96 -23.12 53.99
C ASP I 271 -52.19 -23.28 55.49
N HIS I 272 -53.34 -23.82 55.87
CA HIS I 272 -53.64 -23.99 57.29
C HIS I 272 -52.82 -25.11 57.94
N ALA I 273 -52.10 -25.89 57.12
CA ALA I 273 -51.26 -26.93 57.66
C ALA I 273 -50.07 -26.18 58.27
N LEU I 274 -49.60 -25.16 57.55
CA LEU I 274 -48.48 -24.35 58.02
C LEU I 274 -48.83 -23.54 59.27
N SER I 275 -49.99 -22.87 59.27
CA SER I 275 -50.39 -22.09 60.42
C SER I 275 -50.54 -22.98 61.65
N PHE I 276 -51.07 -24.19 61.46
CA PHE I 276 -51.21 -25.11 62.58
C PHE I 276 -49.85 -25.55 63.12
N ALA I 277 -48.90 -25.78 62.21
CA ALA I 277 -47.57 -26.20 62.61
C ALA I 277 -46.82 -25.04 63.28
N ILE I 278 -47.12 -23.81 62.88
CA ILE I 278 -46.50 -22.63 63.47
C ILE I 278 -47.02 -22.40 64.88
N ALA I 279 -48.29 -22.70 65.10
CA ALA I 279 -48.89 -22.55 66.42
C ALA I 279 -48.40 -23.68 67.31
N TYR I 280 -48.22 -24.85 66.70
CA TYR I 280 -47.73 -26.01 67.44
C TYR I 280 -46.37 -25.69 68.04
N THR I 281 -45.49 -25.11 67.22
CA THR I 281 -44.15 -24.74 67.65
C THR I 281 -44.19 -23.75 68.80
N TRP I 282 -45.01 -22.71 68.66
CA TRP I 282 -45.14 -21.71 69.70
C TRP I 282 -45.62 -22.33 71.01
N LEU I 283 -46.57 -23.26 70.91
CA LEU I 283 -47.10 -23.93 72.09
C LEU I 283 -46.04 -24.81 72.74
N LYS I 284 -45.36 -25.63 71.94
CA LYS I 284 -44.33 -26.51 72.49
C LYS I 284 -43.14 -25.75 73.05
N GLU I 285 -43.02 -24.48 72.69
CA GLU I 285 -41.90 -23.68 73.15
C GLU I 285 -42.31 -22.46 73.97
N ASP I 286 -43.59 -22.37 74.31
CA ASP I 286 -44.11 -21.25 75.10
C ASP I 286 -43.69 -19.93 74.46
N SER I 287 -43.51 -19.93 73.14
CA SER I 287 -43.08 -18.72 72.45
C SER I 287 -44.20 -17.84 71.93
N TYR I 288 -45.06 -17.37 72.84
CA TYR I 288 -46.16 -16.48 72.47
C TYR I 288 -46.68 -15.68 73.68
N ASP I 289 -47.44 -14.63 73.41
CA ASP I 289 -47.98 -13.77 74.46
C ASP I 289 -49.14 -14.44 75.20
N LYS I 290 -48.81 -15.23 76.21
CA LYS I 290 -49.82 -15.93 77.01
C LYS I 290 -50.76 -14.99 77.76
N GLU I 291 -50.25 -13.85 78.22
CA GLU I 291 -51.07 -12.88 78.95
C GLU I 291 -52.21 -12.40 78.08
N TYR I 292 -51.88 -12.05 76.84
CA TYR I 292 -52.84 -11.55 75.87
C TYR I 292 -53.91 -12.61 75.62
N VAL I 293 -53.47 -13.83 75.34
CA VAL I 293 -54.38 -14.94 75.08
C VAL I 293 -55.33 -15.21 76.23
N ALA I 294 -54.81 -15.22 77.45
CA ALA I 294 -55.62 -15.48 78.65
C ALA I 294 -56.77 -14.49 78.78
N ALA I 295 -56.53 -13.25 78.39
CA ALA I 295 -57.56 -12.21 78.49
C ALA I 295 -58.36 -11.93 77.22
N ASN I 296 -57.86 -12.34 76.06
CA ASN I 296 -58.58 -12.06 74.81
C ASN I 296 -59.03 -13.25 73.98
N ALA I 297 -58.75 -14.46 74.43
CA ALA I 297 -59.14 -15.65 73.69
C ALA I 297 -60.30 -16.38 74.35
N HIS I 298 -60.94 -17.26 73.59
CA HIS I 298 -62.06 -18.04 74.07
C HIS I 298 -61.92 -19.44 73.50
N GLY I 299 -61.99 -20.44 74.37
CA GLY I 299 -61.88 -21.82 73.93
C GLY I 299 -60.45 -22.20 73.53
N PHE I 300 -59.50 -21.34 73.87
CA PHE I 300 -58.10 -21.61 73.52
C PHE I 300 -57.56 -22.89 74.14
N GLU I 301 -57.94 -23.18 75.38
CA GLU I 301 -57.47 -24.38 76.05
C GLU I 301 -57.74 -25.61 75.20
N GLU I 302 -58.98 -25.74 74.72
CA GLU I 302 -59.36 -26.90 73.92
C GLU I 302 -58.72 -26.88 72.54
N TRP I 303 -58.60 -25.69 71.96
CA TRP I 303 -57.98 -25.55 70.65
C TRP I 303 -56.55 -26.08 70.70
N ALA I 304 -55.80 -25.65 71.72
CA ALA I 304 -54.42 -26.07 71.92
C ALA I 304 -54.30 -27.58 72.08
N ASP I 305 -55.29 -28.22 72.70
CA ASP I 305 -55.23 -29.67 72.85
C ASP I 305 -55.32 -30.34 71.48
N TYR I 306 -56.03 -29.67 70.56
CA TYR I 306 -56.21 -30.19 69.21
C TYR I 306 -54.91 -30.01 68.42
N VAL I 307 -54.30 -28.83 68.54
CA VAL I 307 -53.06 -28.57 67.82
C VAL I 307 -51.98 -29.51 68.32
N LEU I 308 -52.01 -29.83 69.61
CA LEU I 308 -51.04 -30.74 70.21
C LEU I 308 -51.35 -32.21 69.91
N GLY I 309 -52.43 -32.43 69.17
CA GLY I 309 -52.81 -33.79 68.79
C GLY I 309 -53.40 -34.66 69.89
N LYS I 310 -53.76 -34.07 71.03
CA LYS I 310 -54.33 -34.86 72.12
C LYS I 310 -55.68 -35.47 71.76
N THR I 311 -56.57 -34.63 71.25
CA THR I 311 -57.92 -35.07 70.93
C THR I 311 -58.15 -35.86 69.63
N ASP I 312 -57.25 -35.74 68.65
CA ASP I 312 -57.43 -36.47 67.39
C ASP I 312 -56.29 -37.43 67.05
N GLY I 313 -55.29 -37.51 67.93
CA GLY I 313 -54.18 -38.41 67.70
C GLY I 313 -53.13 -38.01 66.67
N THR I 314 -53.05 -36.72 66.32
CA THR I 314 -52.07 -36.27 65.32
C THR I 314 -51.47 -34.87 65.56
N PRO I 315 -50.32 -34.82 66.25
CA PRO I 315 -49.61 -33.57 66.56
C PRO I 315 -49.35 -32.78 65.29
N LYS I 316 -49.84 -31.54 65.23
CA LYS I 316 -49.64 -30.70 64.05
C LYS I 316 -48.20 -30.21 63.97
N THR I 317 -47.27 -31.13 63.75
CA THR I 317 -45.86 -30.82 63.65
C THR I 317 -45.48 -30.27 62.28
N CYS I 318 -44.29 -29.67 62.20
CA CYS I 318 -43.79 -29.11 60.95
C CYS I 318 -43.55 -30.21 59.91
N GLU I 319 -43.15 -31.40 60.36
CA GLU I 319 -42.93 -32.53 59.45
C GLU I 319 -44.27 -32.95 58.85
N TRP I 320 -45.31 -32.92 59.67
CA TRP I 320 -46.67 -33.26 59.25
C TRP I 320 -47.14 -32.20 58.26
N ALA I 321 -46.80 -30.95 58.55
CA ALA I 321 -47.18 -29.83 57.70
C ALA I 321 -46.46 -29.94 56.36
N GLU I 322 -45.22 -30.43 56.41
CA GLU I 322 -44.43 -30.60 55.21
C GLU I 322 -45.07 -31.63 54.29
N GLU I 323 -45.36 -32.81 54.84
CA GLU I 323 -45.97 -33.86 54.05
C GLU I 323 -47.27 -33.41 53.41
N GLU I 324 -47.96 -32.47 54.06
CA GLU I 324 -49.23 -31.95 53.54
C GLU I 324 -49.05 -30.89 52.44
N SER I 325 -48.18 -29.93 52.70
CA SER I 325 -47.97 -28.80 51.78
C SER I 325 -46.78 -28.85 50.84
N GLY I 326 -45.74 -29.60 51.18
CA GLY I 326 -44.56 -29.64 50.35
C GLY I 326 -43.50 -28.66 50.82
N VAL I 327 -43.84 -27.82 51.79
CA VAL I 327 -42.90 -26.84 52.34
C VAL I 327 -42.02 -27.52 53.41
N PRO I 328 -40.69 -27.48 53.25
CA PRO I 328 -39.75 -28.10 54.20
C PRO I 328 -40.05 -27.83 55.69
N ALA I 329 -40.02 -28.88 56.49
CA ALA I 329 -40.28 -28.75 57.92
C ALA I 329 -39.31 -27.77 58.60
N CYS I 330 -38.02 -27.90 58.32
CA CYS I 330 -37.03 -27.02 58.94
C CYS I 330 -37.32 -25.53 58.68
N GLU I 331 -37.78 -25.20 57.48
CA GLU I 331 -38.09 -23.81 57.18
C GLU I 331 -39.31 -23.30 57.94
N ILE I 332 -40.35 -24.13 58.02
CA ILE I 332 -41.56 -23.75 58.74
C ILE I 332 -41.20 -23.43 60.20
N ARG I 333 -40.41 -24.32 60.81
CA ARG I 333 -40.01 -24.17 62.18
C ARG I 333 -39.15 -22.92 62.39
N ALA I 334 -38.23 -22.67 61.48
CA ALA I 334 -37.35 -21.51 61.58
C ALA I 334 -38.15 -20.21 61.54
N LEU I 335 -39.11 -20.14 60.62
CA LEU I 335 -39.95 -18.95 60.49
C LEU I 335 -40.76 -18.75 61.76
N ALA I 336 -41.26 -19.86 62.30
CA ALA I 336 -42.05 -19.83 63.52
C ALA I 336 -41.25 -19.23 64.68
N ARG I 337 -40.05 -19.75 64.89
CA ARG I 337 -39.18 -19.28 65.97
C ARG I 337 -38.82 -17.81 65.80
N GLN I 338 -38.58 -17.42 64.55
CA GLN I 338 -38.21 -16.05 64.23
C GLN I 338 -39.43 -15.15 64.42
N TRP I 339 -40.58 -15.63 63.97
CA TRP I 339 -41.84 -14.89 64.09
C TRP I 339 -42.10 -14.56 65.56
N ALA I 340 -41.87 -15.55 66.42
CA ALA I 340 -42.08 -15.39 67.85
C ALA I 340 -41.20 -14.32 68.51
N LYS I 341 -39.90 -14.37 68.26
CA LYS I 341 -39.00 -13.40 68.88
C LYS I 341 -38.87 -12.02 68.26
N LYS I 342 -39.17 -11.89 66.96
CA LYS I 342 -39.08 -10.60 66.30
C LYS I 342 -40.45 -9.91 66.27
N ASN I 343 -40.44 -8.59 66.12
CA ASN I 343 -41.69 -7.82 66.04
C ASN I 343 -42.19 -8.09 64.62
N THR I 344 -43.20 -8.95 64.50
CA THR I 344 -43.74 -9.35 63.20
C THR I 344 -45.17 -8.94 62.89
N TYR I 345 -45.38 -8.41 61.69
CA TYR I 345 -46.70 -8.02 61.25
C TYR I 345 -47.14 -9.03 60.19
N LEU I 346 -48.32 -9.62 60.40
CA LEU I 346 -48.84 -10.60 59.46
C LEU I 346 -49.58 -9.92 58.33
N ALA I 347 -49.05 -10.05 57.12
CA ALA I 347 -49.69 -9.46 55.96
C ALA I 347 -50.54 -10.53 55.29
N ALA I 348 -51.69 -10.82 55.90
CA ALA I 348 -52.63 -11.81 55.37
C ALA I 348 -53.43 -11.07 54.33
N GLY I 349 -53.25 -11.44 53.06
CA GLY I 349 -53.96 -10.75 51.99
C GLY I 349 -53.21 -9.51 51.54
N GLY I 350 -53.65 -8.90 50.46
CA GLY I 350 -52.98 -7.71 49.95
C GLY I 350 -53.58 -6.40 50.40
N LEU I 351 -54.62 -6.47 51.22
CA LEU I 351 -55.27 -5.27 51.73
C LEU I 351 -55.20 -5.18 53.24
N GLY I 352 -54.94 -6.31 53.87
CA GLY I 352 -54.95 -6.37 55.32
C GLY I 352 -56.27 -7.11 55.39
N GLY I 353 -56.21 -8.39 55.07
CA GLY I 353 -57.41 -9.20 55.00
C GLY I 353 -57.43 -9.62 53.54
N TRP I 354 -58.51 -10.26 53.10
CA TRP I 354 -58.61 -10.74 51.74
C TRP I 354 -57.53 -11.79 51.45
N GLY I 355 -57.07 -11.84 50.20
CA GLY I 355 -56.08 -12.83 49.82
C GLY I 355 -56.77 -13.96 49.07
N GLY I 356 -56.17 -14.38 47.96
CA GLY I 356 -56.72 -15.43 47.14
C GLY I 356 -57.03 -16.68 47.94
N ALA I 357 -56.33 -16.87 49.06
CA ALA I 357 -56.54 -18.06 49.89
C ALA I 357 -57.91 -18.07 50.55
N CYS I 358 -58.45 -16.89 50.86
CA CYS I 358 -59.75 -16.84 51.50
C CYS I 358 -60.89 -17.35 50.61
N ARG I 359 -60.68 -17.37 49.29
CA ARG I 359 -61.71 -17.88 48.41
C ARG I 359 -61.22 -19.17 47.73
N ALA I 360 -61.09 -20.20 48.55
CA ALA I 360 -60.62 -21.51 48.12
C ALA I 360 -61.31 -22.55 49.01
N SER I 361 -61.21 -23.82 48.65
CA SER I 361 -61.87 -24.84 49.44
C SER I 361 -61.37 -24.85 50.89
N HIS I 362 -60.22 -24.24 51.14
CA HIS I 362 -59.69 -24.19 52.51
C HIS I 362 -59.74 -22.75 53.03
N GLY I 363 -60.51 -21.92 52.31
CA GLY I 363 -60.65 -20.50 52.64
C GLY I 363 -61.08 -20.10 54.03
N ILE I 364 -61.94 -20.89 54.66
CA ILE I 364 -62.42 -20.57 55.99
C ILE I 364 -61.32 -20.84 57.00
N GLU I 365 -60.70 -22.01 56.89
CA GLU I 365 -59.63 -22.37 57.81
C GLU I 365 -58.39 -21.51 57.65
N TRP I 366 -58.19 -20.96 56.46
CA TRP I 366 -57.03 -20.11 56.25
C TRP I 366 -57.19 -18.80 56.99
N ALA I 367 -58.36 -18.19 56.87
CA ALA I 367 -58.63 -16.93 57.52
C ALA I 367 -58.64 -17.07 59.05
N ARG I 368 -59.16 -18.19 59.55
CA ARG I 368 -59.19 -18.39 60.98
C ARG I 368 -57.78 -18.68 61.50
N GLY I 369 -56.99 -19.32 60.66
CA GLY I 369 -55.62 -19.63 61.02
C GLY I 369 -54.78 -18.36 61.12
N MET I 370 -55.03 -17.41 60.22
CA MET I 370 -54.30 -16.15 60.24
C MET I 370 -54.68 -15.40 61.52
N ILE I 371 -55.97 -15.39 61.84
CA ILE I 371 -56.46 -14.72 63.04
C ILE I 371 -55.87 -15.41 64.28
N ALA I 372 -55.71 -16.73 64.20
CA ALA I 372 -55.17 -17.48 65.32
C ALA I 372 -53.71 -17.08 65.59
N LEU I 373 -52.91 -17.01 64.53
CA LEU I 373 -51.51 -16.64 64.65
C LEU I 373 -51.35 -15.21 65.16
N ALA I 374 -52.03 -14.26 64.51
CA ALA I 374 -51.94 -12.86 64.90
C ALA I 374 -52.38 -12.69 66.35
N THR I 375 -53.44 -13.42 66.72
CA THR I 375 -53.96 -13.36 68.07
C THR I 375 -52.93 -13.85 69.08
N MET I 376 -52.29 -14.98 68.77
CA MET I 376 -51.29 -15.56 69.66
C MET I 376 -50.08 -14.66 69.90
N GLN I 377 -49.73 -13.84 68.91
CA GLN I 377 -48.60 -12.93 69.07
C GLN I 377 -49.04 -11.56 69.64
N GLY I 378 -50.30 -11.49 70.04
CA GLY I 378 -50.85 -10.27 70.63
C GLY I 378 -51.11 -9.10 69.71
N MET I 379 -51.81 -9.32 68.60
CA MET I 379 -52.10 -8.24 67.67
C MET I 379 -52.68 -7.00 68.37
N GLY I 380 -52.29 -5.82 67.90
CA GLY I 380 -52.78 -4.60 68.50
C GLY I 380 -51.69 -3.88 69.29
N LYS I 381 -50.76 -4.63 69.83
CA LYS I 381 -49.67 -4.04 70.60
C LYS I 381 -48.57 -3.56 69.67
N PRO I 382 -47.71 -2.65 70.14
CA PRO I 382 -46.59 -2.10 69.37
C PRO I 382 -45.69 -3.17 68.77
N GLY I 383 -45.51 -3.14 67.46
CA GLY I 383 -44.65 -4.12 66.82
C GLY I 383 -45.27 -5.48 66.50
N SER I 384 -46.51 -5.69 66.91
CA SER I 384 -47.19 -6.96 66.63
C SER I 384 -48.63 -6.70 66.19
N ASN I 385 -48.95 -7.07 64.96
CA ASN I 385 -50.29 -6.87 64.44
C ASN I 385 -50.47 -7.50 63.07
N MET I 386 -51.65 -7.29 62.50
CA MET I 386 -51.98 -7.78 61.17
C MET I 386 -51.91 -6.53 60.30
N TRP I 387 -50.99 -6.52 59.34
CA TRP I 387 -50.84 -5.36 58.47
C TRP I 387 -50.20 -5.81 57.15
N SER I 388 -50.85 -5.45 56.04
CA SER I 388 -50.34 -5.85 54.73
C SER I 388 -49.44 -4.81 54.08
N THR I 389 -49.20 -3.73 54.84
CA THR I 389 -48.36 -2.60 54.45
C THR I 389 -48.99 -1.70 53.39
N THR I 390 -50.26 -1.95 53.05
CA THR I 390 -50.94 -1.13 52.06
C THR I 390 -51.82 -0.04 52.66
N GLN I 391 -52.32 -0.26 53.87
CA GLN I 391 -53.14 0.75 54.52
C GLN I 391 -52.40 1.23 55.75
N GLY I 392 -53.04 2.10 56.53
CA GLY I 392 -52.41 2.60 57.74
C GLY I 392 -51.71 3.94 57.53
N VAL I 393 -51.94 4.54 56.37
CA VAL I 393 -51.34 5.83 56.05
C VAL I 393 -51.98 6.94 56.88
N PRO I 394 -51.16 7.82 57.47
CA PRO I 394 -51.53 8.97 58.31
C PRO I 394 -52.38 10.06 57.68
N LEU I 395 -53.42 9.69 56.94
CA LEU I 395 -54.27 10.69 56.31
C LEU I 395 -55.24 11.23 57.36
N ASP I 396 -55.98 12.28 57.02
CA ASP I 396 -56.92 12.86 57.97
C ASP I 396 -58.25 12.11 58.03
N TYR I 397 -58.36 11.23 59.02
CA TYR I 397 -59.58 10.43 59.20
C TYR I 397 -60.76 11.28 59.66
N GLU I 398 -60.50 12.54 60.00
CA GLU I 398 -61.56 13.45 60.43
C GLU I 398 -62.26 14.14 59.27
N PHE I 399 -61.60 14.23 58.12
CA PHE I 399 -62.21 14.85 56.95
C PHE I 399 -63.13 13.83 56.33
N TYR I 400 -64.34 14.27 55.97
CA TYR I 400 -65.31 13.35 55.40
C TYR I 400 -65.70 13.53 53.95
N PHE I 401 -65.46 12.48 53.16
CA PHE I 401 -65.85 12.44 51.76
C PHE I 401 -66.33 11.01 51.52
N PRO I 402 -67.47 10.85 50.84
CA PRO I 402 -68.08 9.56 50.54
C PRO I 402 -67.35 8.69 49.53
N GLY I 403 -67.38 7.39 49.76
CA GLY I 403 -66.80 6.44 48.83
C GLY I 403 -67.99 5.98 48.01
N TYR I 404 -67.75 5.36 46.86
CA TYR I 404 -68.87 4.91 46.02
C TYR I 404 -69.83 4.00 46.76
N ALA I 405 -69.29 3.18 47.65
CA ALA I 405 -70.11 2.24 48.42
C ALA I 405 -71.15 2.89 49.31
N GLU I 406 -71.04 4.20 49.53
CA GLU I 406 -72.01 4.89 50.37
C GLU I 406 -73.29 5.25 49.60
N GLY I 407 -73.47 4.65 48.43
CA GLY I 407 -74.69 4.83 47.66
C GLY I 407 -74.99 5.99 46.73
N GLY I 408 -74.20 7.06 46.76
CA GLY I 408 -74.47 8.17 45.87
C GLY I 408 -75.90 8.69 45.88
N ILE I 409 -76.52 8.76 44.70
CA ILE I 409 -77.88 9.29 44.58
C ILE I 409 -79.07 8.39 44.82
N SER I 410 -78.85 7.14 45.22
CA SER I 410 -79.99 6.26 45.47
C SER I 410 -80.45 6.27 46.94
N GLY I 411 -79.51 6.39 47.86
CA GLY I 411 -79.88 6.40 49.27
C GLY I 411 -80.44 5.06 49.71
N ASP I 412 -80.04 3.99 49.03
CA ASP I 412 -80.49 2.64 49.33
C ASP I 412 -79.81 2.20 50.64
N CYS I 413 -80.42 2.52 51.77
CA CYS I 413 -79.84 2.19 53.08
C CYS I 413 -79.71 0.69 53.35
N GLU I 414 -80.29 -0.15 52.50
CA GLU I 414 -80.19 -1.58 52.71
C GLU I 414 -79.22 -2.28 51.77
N ASN I 415 -78.98 -1.68 50.61
CA ASN I 415 -78.08 -2.28 49.64
C ASN I 415 -76.81 -1.47 49.36
N SER I 416 -76.61 -0.44 50.19
CA SER I 416 -75.43 0.41 50.11
C SER I 416 -75.18 0.91 51.54
N ALA I 417 -74.01 1.48 51.76
CA ALA I 417 -73.66 1.97 53.09
C ALA I 417 -74.10 3.41 53.31
N ALA I 418 -75.19 3.80 52.65
CA ALA I 418 -75.72 5.16 52.77
C ALA I 418 -76.30 5.47 54.15
N GLY I 419 -76.80 4.45 54.82
CA GLY I 419 -77.40 4.63 56.13
C GLY I 419 -76.44 4.97 57.24
N PHE I 420 -75.15 5.02 56.94
CA PHE I 420 -74.17 5.34 57.96
C PHE I 420 -74.03 6.84 58.15
N LYS I 421 -74.00 7.59 57.04
CA LYS I 421 -73.86 9.03 57.16
C LYS I 421 -74.28 9.82 55.91
N PHE I 422 -73.84 9.39 54.73
CA PHE I 422 -74.18 10.14 53.52
C PHE I 422 -75.65 10.39 53.24
N ALA I 423 -76.48 9.37 53.44
CA ALA I 423 -77.92 9.50 53.21
C ALA I 423 -78.48 10.70 53.96
N TRP I 424 -78.11 10.83 55.23
CA TRP I 424 -78.58 11.91 56.08
C TRP I 424 -78.09 13.28 55.61
N ARG I 425 -77.03 13.31 54.81
CA ARG I 425 -76.48 14.56 54.32
C ARG I 425 -76.97 14.87 52.90
N MET I 426 -77.11 13.82 52.09
CA MET I 426 -77.53 13.96 50.72
C MET I 426 -79.00 14.34 50.56
N PHE I 427 -79.85 13.91 51.49
CA PHE I 427 -81.28 14.20 51.39
C PHE I 427 -81.84 14.95 52.59
N ASP I 428 -82.91 15.70 52.35
CA ASP I 428 -83.53 16.54 53.37
C ASP I 428 -85.00 16.26 53.65
N GLY I 429 -85.60 15.37 52.88
CA GLY I 429 -87.01 15.07 53.08
C GLY I 429 -87.89 16.23 52.68
N LYS I 430 -87.38 17.12 51.85
CA LYS I 430 -88.15 18.28 51.39
C LYS I 430 -88.10 18.51 49.88
N THR I 431 -86.90 18.41 49.29
CA THR I 431 -86.75 18.65 47.85
C THR I 431 -86.11 17.55 47.04
N THR I 432 -85.36 16.67 47.68
CA THR I 432 -84.70 15.57 46.99
C THR I 432 -84.88 14.31 47.83
N PHE I 433 -85.30 13.22 47.20
CA PHE I 433 -85.55 12.00 47.95
C PHE I 433 -84.83 10.75 47.43
N PRO I 434 -84.56 9.80 48.33
CA PRO I 434 -83.88 8.55 48.01
C PRO I 434 -84.77 7.66 47.15
N SER I 435 -84.27 6.48 46.82
CA SER I 435 -85.01 5.53 46.02
C SER I 435 -84.87 4.15 46.66
N PRO I 436 -85.74 3.83 47.63
CA PRO I 436 -85.72 2.57 48.35
C PRO I 436 -86.23 1.43 47.47
N SER I 437 -86.00 0.20 47.93
CA SER I 437 -86.45 -0.98 47.22
C SER I 437 -87.13 -1.92 48.19
N ASN I 438 -88.39 -2.24 47.93
CA ASN I 438 -89.15 -3.15 48.77
C ASN I 438 -89.07 -4.59 48.29
N LEU I 439 -88.24 -4.85 47.28
CA LEU I 439 -88.08 -6.21 46.78
C LEU I 439 -86.67 -6.75 47.07
N ASN I 440 -85.70 -5.85 47.02
CA ASN I 440 -84.33 -6.23 47.28
C ASN I 440 -84.04 -6.09 48.77
N THR I 441 -84.80 -6.85 49.56
CA THR I 441 -84.70 -6.88 51.01
C THR I 441 -84.83 -8.35 51.40
N SER I 442 -84.47 -8.69 52.64
CA SER I 442 -84.55 -10.08 53.08
C SER I 442 -85.93 -10.71 52.93
N ALA I 443 -86.97 -9.96 53.25
CA ALA I 443 -88.34 -10.46 53.16
C ALA I 443 -88.91 -10.36 51.75
N GLY I 444 -88.08 -9.96 50.79
CA GLY I 444 -88.53 -9.87 49.41
C GLY I 444 -87.99 -11.05 48.62
N GLN I 445 -87.30 -10.77 47.52
CA GLN I 445 -86.71 -11.85 46.73
C GLN I 445 -85.40 -11.49 46.05
N HIS I 446 -84.40 -12.35 46.25
CA HIS I 446 -83.09 -12.21 45.64
C HIS I 446 -82.59 -13.62 45.34
N ILE I 447 -81.60 -13.75 44.48
CA ILE I 447 -81.03 -15.05 44.17
C ILE I 447 -79.51 -14.89 44.24
N PRO I 448 -78.80 -15.96 44.62
CA PRO I 448 -77.34 -15.83 44.71
C PRO I 448 -76.69 -15.70 43.33
N ARG I 449 -75.79 -14.73 43.19
CA ARG I 449 -75.11 -14.52 41.92
C ARG I 449 -74.41 -15.81 41.47
N LEU I 450 -73.85 -16.55 42.42
CA LEU I 450 -73.14 -17.79 42.12
C LEU I 450 -74.04 -18.94 41.68
N LYS I 451 -75.35 -18.75 41.83
CA LYS I 451 -76.27 -19.81 41.47
C LYS I 451 -77.36 -19.37 40.51
N ILE I 452 -77.06 -18.33 39.73
CA ILE I 452 -78.03 -17.85 38.76
C ILE I 452 -78.38 -18.96 37.78
N PRO I 453 -77.37 -19.68 37.27
CA PRO I 453 -77.60 -20.77 36.32
C PRO I 453 -78.61 -21.81 36.80
N GLU I 454 -78.47 -22.24 38.05
CA GLU I 454 -79.36 -23.25 38.63
C GLU I 454 -80.77 -22.73 38.83
N CYS I 455 -80.90 -21.51 39.34
CA CYS I 455 -82.22 -20.93 39.54
C CYS I 455 -82.98 -20.89 38.22
N ILE I 456 -82.33 -20.41 37.18
CA ILE I 456 -82.94 -20.30 35.87
C ILE I 456 -83.25 -21.64 35.22
N MET I 457 -82.27 -22.53 35.14
CA MET I 457 -82.51 -23.82 34.51
C MET I 457 -83.26 -24.82 35.37
N GLY I 458 -83.10 -24.71 36.68
CA GLY I 458 -83.78 -25.63 37.58
C GLY I 458 -85.10 -25.08 38.10
N GLY I 459 -85.18 -23.75 38.21
CA GLY I 459 -86.39 -23.11 38.68
C GLY I 459 -86.56 -23.17 40.19
N LYS I 460 -85.52 -23.59 40.90
CA LYS I 460 -85.62 -23.69 42.35
C LYS I 460 -84.26 -23.80 43.05
N PHE I 461 -84.15 -23.17 44.21
CA PHE I 461 -82.91 -23.23 44.98
C PHE I 461 -83.13 -22.80 46.44
N GLN I 462 -82.21 -23.20 47.32
CA GLN I 462 -82.30 -22.88 48.74
C GLN I 462 -80.87 -22.63 49.24
N TRP I 463 -80.66 -21.56 49.99
CA TRP I 463 -79.31 -21.25 50.46
C TRP I 463 -79.23 -20.45 51.77
N SER I 464 -78.01 -20.08 52.14
CA SER I 464 -77.78 -19.32 53.36
C SER I 464 -77.30 -17.91 53.08
N GLY I 465 -77.91 -16.94 53.76
CA GLY I 465 -77.52 -15.55 53.61
C GLY I 465 -77.90 -14.82 52.33
N LYS I 466 -77.91 -13.50 52.42
CA LYS I 466 -78.21 -12.62 51.31
C LYS I 466 -77.03 -11.69 51.03
N GLY I 467 -76.40 -11.87 49.87
CA GLY I 467 -75.28 -11.03 49.48
C GLY I 467 -74.26 -10.82 50.58
N PHE I 468 -73.86 -9.57 50.81
CA PHE I 468 -72.88 -9.25 51.85
C PHE I 468 -73.61 -9.18 53.18
N ALA I 469 -73.41 -10.18 54.04
CA ALA I 469 -74.08 -10.21 55.33
C ALA I 469 -73.26 -9.52 56.43
N GLY I 470 -73.04 -8.22 56.29
CA GLY I 470 -72.25 -7.49 57.28
C GLY I 470 -73.00 -6.80 58.41
N GLY I 471 -74.31 -7.01 58.49
CA GLY I 471 -75.10 -6.39 59.56
C GLY I 471 -74.70 -6.94 60.92
N ASP I 472 -74.53 -8.25 60.99
CA ASP I 472 -74.13 -8.90 62.23
C ASP I 472 -73.55 -10.27 61.89
N ILE I 473 -72.80 -10.83 62.83
CA ILE I 473 -72.18 -12.12 62.65
C ILE I 473 -73.10 -13.24 62.15
N SER I 474 -74.34 -13.27 62.64
CA SER I 474 -75.26 -14.35 62.25
C SER I 474 -76.22 -14.11 61.09
N HIS I 475 -76.23 -12.92 60.52
CA HIS I 475 -77.12 -12.61 59.41
C HIS I 475 -76.90 -13.56 58.22
N GLN I 476 -75.66 -13.96 58.00
CA GLN I 476 -75.31 -14.88 56.91
C GLN I 476 -75.90 -16.29 57.12
N LEU I 477 -76.37 -16.56 58.34
CA LEU I 477 -76.93 -17.88 58.65
C LEU I 477 -78.42 -18.02 58.32
N HIS I 478 -79.08 -16.89 58.09
CA HIS I 478 -80.49 -16.89 57.76
C HIS I 478 -80.73 -17.70 56.47
N GLN I 479 -81.82 -18.46 56.42
CA GLN I 479 -82.14 -19.30 55.26
C GLN I 479 -83.07 -18.62 54.26
N TYR I 480 -82.76 -18.78 52.97
CA TYR I 480 -83.57 -18.20 51.90
C TYR I 480 -83.86 -19.25 50.83
N GLU I 481 -84.88 -18.99 50.02
CA GLU I 481 -85.26 -19.93 48.96
C GLU I 481 -85.70 -19.17 47.72
N TYR I 482 -85.76 -19.89 46.59
CA TYR I 482 -86.21 -19.33 45.30
C TYR I 482 -87.11 -20.35 44.59
N PRO I 483 -88.29 -19.91 44.12
CA PRO I 483 -88.74 -18.51 44.25
C PRO I 483 -89.05 -18.20 45.70
N ALA I 484 -89.11 -16.92 46.06
CA ALA I 484 -89.41 -16.55 47.43
C ALA I 484 -90.92 -16.70 47.63
N PRO I 485 -91.36 -17.05 48.85
CA PRO I 485 -92.78 -17.22 49.15
C PRO I 485 -93.64 -16.10 48.56
N GLY I 486 -94.52 -16.46 47.64
CA GLY I 486 -95.40 -15.47 47.03
C GLY I 486 -94.84 -14.77 45.81
N TYR I 487 -93.53 -14.87 45.58
CA TYR I 487 -92.92 -14.22 44.42
C TYR I 487 -92.83 -15.11 43.18
N SER I 488 -92.56 -14.48 42.05
CA SER I 488 -92.49 -15.20 40.79
C SER I 488 -91.09 -15.61 40.32
N LYS I 489 -91.05 -16.70 39.56
CA LYS I 489 -89.78 -17.16 39.01
C LYS I 489 -89.38 -16.13 37.97
N ILE I 490 -88.12 -16.15 37.56
CA ILE I 490 -87.61 -15.20 36.59
C ILE I 490 -88.12 -15.40 35.15
N LYS I 491 -88.51 -14.30 34.52
CA LYS I 491 -89.00 -14.35 33.14
C LYS I 491 -88.09 -13.50 32.29
N MET I 492 -87.51 -12.48 32.90
CA MET I 492 -86.63 -11.53 32.22
C MET I 492 -85.28 -11.36 32.89
N PHE I 493 -84.27 -11.02 32.09
CA PHE I 493 -82.91 -10.83 32.59
C PHE I 493 -82.29 -9.56 32.04
N TRP I 494 -82.11 -8.56 32.91
CA TRP I 494 -81.51 -7.30 32.51
C TRP I 494 -80.07 -7.29 33.03
N LYS I 495 -79.12 -7.66 32.17
CA LYS I 495 -77.72 -7.68 32.58
C LYS I 495 -76.98 -6.35 32.39
N TYR I 496 -76.18 -6.00 33.38
CA TYR I 496 -75.38 -4.78 33.38
C TYR I 496 -73.96 -5.31 33.28
N GLY I 497 -73.39 -5.28 32.07
CA GLY I 497 -72.05 -5.82 31.88
C GLY I 497 -72.22 -7.31 31.62
N GLY I 498 -71.13 -8.06 31.51
CA GLY I 498 -71.24 -9.48 31.25
C GLY I 498 -69.90 -10.20 31.37
N PRO I 499 -69.35 -10.29 32.58
CA PRO I 499 -68.05 -10.93 32.83
C PRO I 499 -68.06 -12.34 33.45
N HIS I 500 -69.22 -12.78 33.89
CA HIS I 500 -69.36 -14.06 34.57
C HIS I 500 -68.66 -15.29 33.99
N LEU I 501 -68.54 -15.40 32.67
CA LEU I 501 -67.87 -16.56 32.12
C LEU I 501 -66.39 -16.55 32.52
N GLY I 502 -65.86 -15.38 32.82
CA GLY I 502 -64.48 -15.30 33.22
C GLY I 502 -64.29 -15.10 34.71
N THR I 503 -65.35 -14.73 35.43
CA THR I 503 -65.21 -14.45 36.85
C THR I 503 -65.93 -15.30 37.88
N MET I 504 -66.84 -16.18 37.46
CA MET I 504 -67.54 -17.01 38.43
C MET I 504 -66.93 -18.40 38.56
N THR I 505 -67.76 -19.42 38.77
CA THR I 505 -67.24 -20.79 38.92
C THR I 505 -67.83 -21.77 37.91
N ALA I 506 -67.03 -22.75 37.48
CA ALA I 506 -67.44 -23.77 36.49
C ALA I 506 -68.39 -23.12 35.49
N THR I 507 -67.94 -22.00 34.96
CA THR I 507 -68.71 -21.15 34.06
C THR I 507 -69.40 -21.65 32.79
N ASN I 508 -69.16 -22.89 32.36
CA ASN I 508 -69.86 -23.34 31.16
C ASN I 508 -71.36 -23.24 31.45
N ARG I 509 -71.72 -23.37 32.74
CA ARG I 509 -73.12 -23.30 33.14
C ARG I 509 -73.77 -21.93 32.91
N TYR I 510 -72.99 -20.84 32.97
CA TYR I 510 -73.57 -19.52 32.74
C TYR I 510 -73.88 -19.37 31.26
N ALA I 511 -73.06 -20.01 30.43
CA ALA I 511 -73.25 -20.00 28.99
C ALA I 511 -74.53 -20.80 28.67
N LYS I 512 -74.70 -21.93 29.34
CA LYS I 512 -75.86 -22.81 29.12
C LYS I 512 -77.24 -22.28 29.53
N MET I 513 -77.28 -21.32 30.44
CA MET I 513 -78.54 -20.79 30.93
C MET I 513 -79.26 -19.85 29.99
N TYR I 514 -78.54 -19.21 29.09
CA TYR I 514 -79.17 -18.27 28.18
C TYR I 514 -80.14 -18.89 27.19
N THR I 515 -80.00 -20.18 26.92
CA THR I 515 -80.90 -20.82 25.97
C THR I 515 -82.03 -21.62 26.63
N HIS I 516 -82.28 -21.37 27.91
CA HIS I 516 -83.36 -22.07 28.61
C HIS I 516 -84.66 -21.36 28.26
N ASP I 517 -85.67 -22.11 27.81
CA ASP I 517 -86.92 -21.51 27.40
C ASP I 517 -87.70 -20.77 28.48
N SER I 518 -87.26 -20.88 29.73
CA SER I 518 -87.93 -20.17 30.82
C SER I 518 -87.60 -18.68 30.69
N LEU I 519 -86.42 -18.39 30.12
CA LEU I 519 -85.94 -17.02 29.90
C LEU I 519 -86.57 -16.41 28.64
N GLU I 520 -87.58 -15.57 28.83
CA GLU I 520 -88.27 -14.97 27.70
C GLU I 520 -87.62 -13.74 27.07
N PHE I 521 -86.70 -13.11 27.79
CA PHE I 521 -86.08 -11.90 27.27
C PHE I 521 -84.80 -11.52 28.00
N VAL I 522 -83.78 -11.15 27.23
CA VAL I 522 -82.50 -10.75 27.80
C VAL I 522 -82.02 -9.40 27.27
N VAL I 523 -81.71 -8.50 28.19
CA VAL I 523 -81.21 -7.17 27.85
C VAL I 523 -79.81 -7.06 28.42
N SER I 524 -78.90 -6.51 27.62
CA SER I 524 -77.53 -6.33 28.06
C SER I 524 -77.17 -4.85 27.95
N GLN I 525 -76.83 -4.26 29.09
CA GLN I 525 -76.45 -2.85 29.13
C GLN I 525 -74.96 -2.84 29.46
N SER I 526 -74.14 -2.80 28.41
CA SER I 526 -72.69 -2.84 28.57
C SER I 526 -71.89 -1.82 27.76
N ILE I 527 -70.57 -1.91 27.86
CA ILE I 527 -69.68 -1.00 27.16
C ILE I 527 -69.01 -1.67 25.96
N TRP I 528 -68.49 -2.87 26.16
CA TRP I 528 -67.82 -3.60 25.09
C TRP I 528 -68.56 -4.88 24.73
N PHE I 529 -68.51 -5.24 23.45
CA PHE I 529 -69.14 -6.45 22.92
C PHE I 529 -68.21 -7.61 23.26
N GLU I 530 -68.42 -8.21 24.43
CA GLU I 530 -67.57 -9.31 24.90
C GLU I 530 -68.26 -10.15 25.95
N GLY I 531 -67.56 -11.19 26.40
CA GLY I 531 -68.07 -12.06 27.43
C GLY I 531 -69.45 -12.66 27.18
N GLU I 532 -70.41 -12.24 28.01
CA GLU I 532 -71.80 -12.73 27.95
C GLU I 532 -72.69 -11.89 27.04
N VAL I 533 -72.21 -10.72 26.63
CA VAL I 533 -73.01 -9.82 25.80
C VAL I 533 -73.59 -10.47 24.53
N PRO I 534 -72.82 -11.35 23.85
CA PRO I 534 -73.29 -12.00 22.64
C PRO I 534 -74.41 -13.03 22.85
N PHE I 535 -75.04 -13.00 24.03
CA PHE I 535 -76.13 -13.92 24.33
C PHE I 535 -77.45 -13.16 24.44
N ALA I 536 -77.36 -11.84 24.54
CA ALA I 536 -78.54 -10.99 24.72
C ALA I 536 -79.45 -10.83 23.50
N ASP I 537 -80.68 -10.40 23.75
CA ASP I 537 -81.66 -10.18 22.71
C ASP I 537 -81.60 -8.72 22.28
N ILE I 538 -81.32 -7.84 23.24
CA ILE I 538 -81.18 -6.41 23.00
C ILE I 538 -79.91 -5.95 23.72
N ILE I 539 -79.07 -5.20 23.02
CA ILE I 539 -77.83 -4.70 23.61
C ILE I 539 -77.84 -3.18 23.62
N LEU I 540 -77.63 -2.61 24.80
CA LEU I 540 -77.61 -1.15 24.96
C LEU I 540 -76.18 -0.69 25.25
N PRO I 541 -75.68 0.30 24.49
CA PRO I 541 -74.34 0.86 24.61
C PRO I 541 -74.12 1.89 25.73
N ALA I 542 -73.30 1.52 26.70
CA ALA I 542 -72.96 2.42 27.79
C ALA I 542 -71.59 3.02 27.49
N CYS I 543 -71.37 4.25 27.96
CA CYS I 543 -70.10 4.93 27.72
C CYS I 543 -69.19 4.79 28.92
N THR I 544 -67.90 5.06 28.72
CA THR I 544 -66.93 5.00 29.80
C THR I 544 -67.05 6.28 30.63
N ASN I 545 -66.40 6.29 31.80
CA ASN I 545 -66.45 7.45 32.67
C ASN I 545 -65.68 8.65 32.13
N PHE I 546 -65.03 8.49 30.97
CA PHE I 546 -64.29 9.60 30.36
C PHE I 546 -65.20 10.36 29.41
N GLU I 547 -66.44 9.91 29.27
CA GLU I 547 -67.41 10.51 28.37
C GLU I 547 -68.64 11.08 29.07
N ARG I 548 -68.53 11.24 30.39
CA ARG I 548 -69.61 11.77 31.21
C ARG I 548 -69.00 12.48 32.40
N TRP I 549 -69.81 13.24 33.13
CA TRP I 549 -69.34 13.97 34.31
C TRP I 549 -69.55 13.15 35.58
N ASP I 550 -68.62 13.28 36.53
CA ASP I 550 -68.75 12.56 37.79
C ASP I 550 -67.80 13.18 38.81
N ILE I 551 -67.62 12.51 39.94
CA ILE I 551 -66.75 13.00 41.00
C ILE I 551 -66.35 11.81 41.87
N SER I 552 -65.17 11.87 42.48
CA SER I 552 -64.73 10.75 43.31
C SER I 552 -63.44 11.03 44.06
N GLU I 553 -63.03 10.08 44.88
CA GLU I 553 -61.79 10.21 45.64
C GLU I 553 -60.89 9.04 45.26
N PHE I 554 -59.59 9.30 45.28
CA PHE I 554 -58.58 8.31 44.94
C PHE I 554 -58.81 7.02 45.75
N ALA I 555 -59.27 5.97 45.07
CA ALA I 555 -59.48 4.66 45.69
C ALA I 555 -60.47 4.60 46.86
N ASN I 556 -61.33 5.60 46.99
CA ASN I 556 -62.27 5.60 48.12
C ASN I 556 -63.52 4.75 47.89
N CYS I 557 -63.57 3.59 48.54
CA CYS I 557 -64.73 2.72 48.42
C CYS I 557 -65.60 2.92 49.65
N SER I 558 -64.97 2.85 50.83
CA SER I 558 -65.65 3.01 52.10
C SER I 558 -66.65 1.88 52.21
N GLY I 559 -67.76 2.13 52.89
CA GLY I 559 -68.80 1.12 53.05
C GLY I 559 -68.34 -0.09 53.85
N TYR I 560 -68.00 -1.15 53.13
N TYR I 560 -68.00 -1.15 53.13
CA TYR I 560 -67.53 -2.37 53.77
CA TYR I 560 -67.53 -2.37 53.77
C TYR I 560 -66.01 -2.40 53.98
C TYR I 560 -66.01 -2.40 53.98
N ILE I 561 -65.38 -1.26 53.71
CA ILE I 561 -63.94 -1.09 53.90
C ILE I 561 -63.81 0.38 54.30
N PRO I 562 -64.31 0.72 55.50
CA PRO I 562 -64.27 2.09 56.03
C PRO I 562 -62.94 2.80 55.85
N ASP I 563 -63.02 4.02 55.35
CA ASP I 563 -61.83 4.85 55.11
C ASP I 563 -60.70 4.07 54.45
N ASN I 564 -60.96 3.41 53.32
CA ASN I 564 -59.90 2.66 52.65
C ASN I 564 -59.02 3.57 51.78
N TYR I 565 -59.27 4.87 51.83
CA TYR I 565 -58.46 5.83 51.07
C TYR I 565 -57.07 5.86 51.69
N GLN I 566 -56.94 5.28 52.88
CA GLN I 566 -55.66 5.23 53.58
C GLN I 566 -54.69 4.34 52.80
N LEU I 567 -55.15 3.82 51.67
CA LEU I 567 -54.31 2.98 50.81
C LEU I 567 -53.39 3.91 50.03
N CYS I 568 -53.75 5.17 50.00
CA CYS I 568 -52.99 6.16 49.24
C CYS I 568 -52.08 7.06 50.08
N ASN I 569 -51.18 7.76 49.40
CA ASN I 569 -50.26 8.65 50.09
C ASN I 569 -50.93 9.99 50.37
N HIS I 570 -51.98 10.30 49.60
CA HIS I 570 -52.73 11.54 49.78
C HIS I 570 -54.19 11.33 49.44
N ARG I 571 -55.09 12.03 50.14
CA ARG I 571 -56.50 11.94 49.84
C ARG I 571 -56.71 12.89 48.68
N VAL I 572 -56.98 12.34 47.50
CA VAL I 572 -57.19 13.18 46.33
C VAL I 572 -58.62 13.12 45.82
N ILE I 573 -59.31 14.25 45.92
CA ILE I 573 -60.69 14.37 45.49
C ILE I 573 -60.66 15.09 44.16
N SER I 574 -60.92 14.36 43.07
CA SER I 574 -60.88 14.98 41.76
C SER I 574 -62.19 14.99 40.99
N LEU I 575 -62.33 15.98 40.13
CA LEU I 575 -63.51 16.09 39.30
C LEU I 575 -63.24 15.20 38.11
N GLN I 576 -64.19 14.34 37.78
CA GLN I 576 -64.04 13.48 36.62
C GLN I 576 -64.78 14.25 35.53
N ALA I 577 -64.02 14.98 34.72
CA ALA I 577 -64.60 15.79 33.67
C ALA I 577 -64.88 15.01 32.40
N LYS I 578 -65.99 15.36 31.75
CA LYS I 578 -66.40 14.76 30.48
C LYS I 578 -65.34 15.26 29.51
N CYS I 579 -64.36 14.42 29.22
CA CYS I 579 -63.26 14.80 28.34
C CYS I 579 -63.58 14.80 26.85
N ILE I 580 -64.46 13.91 26.44
CA ILE I 580 -64.83 13.81 25.04
C ILE I 580 -66.30 13.42 24.93
N GLU I 581 -66.83 13.46 23.71
CA GLU I 581 -68.22 13.08 23.47
C GLU I 581 -68.32 11.57 23.47
N PRO I 582 -69.46 11.02 23.91
CA PRO I 582 -69.66 9.57 23.94
C PRO I 582 -69.26 8.93 22.61
N VAL I 583 -68.49 7.86 22.68
CA VAL I 583 -68.03 7.17 21.47
C VAL I 583 -69.16 6.43 20.76
N GLY I 584 -69.30 6.70 19.46
CA GLY I 584 -70.35 6.07 18.69
C GLY I 584 -71.71 6.53 19.16
N GLU I 585 -72.63 5.59 19.35
CA GLU I 585 -73.98 5.94 19.79
C GLU I 585 -74.25 5.65 21.27
N SER I 586 -73.21 5.41 22.05
CA SER I 586 -73.40 5.12 23.46
C SER I 586 -73.77 6.38 24.24
N MET I 587 -74.25 6.17 25.47
CA MET I 587 -74.60 7.26 26.35
C MET I 587 -74.33 6.79 27.78
N SER I 588 -74.38 7.69 28.76
CA SER I 588 -74.11 7.28 30.13
C SER I 588 -75.25 6.46 30.67
N ASP I 589 -74.93 5.58 31.63
CA ASP I 589 -75.95 4.74 32.24
C ASP I 589 -77.11 5.60 32.76
N TYR I 590 -76.76 6.77 33.28
CA TYR I 590 -77.77 7.68 33.82
C TYR I 590 -78.72 8.20 32.74
N GLU I 591 -78.18 8.58 31.57
CA GLU I 591 -79.02 9.07 30.48
C GLU I 591 -79.86 7.93 29.90
N ILE I 592 -79.33 6.72 29.98
CA ILE I 592 -80.05 5.55 29.50
C ILE I 592 -81.24 5.39 30.42
N TYR I 593 -80.97 5.45 31.71
CA TYR I 593 -82.00 5.31 32.74
C TYR I 593 -82.98 6.48 32.73
N ARG I 594 -82.48 7.67 32.40
CA ARG I 594 -83.35 8.84 32.35
C ARG I 594 -84.34 8.65 31.20
N LEU I 595 -83.89 8.00 30.13
CA LEU I 595 -84.76 7.76 28.97
C LEU I 595 -85.83 6.72 29.30
N PHE I 596 -85.45 5.65 29.99
CA PHE I 596 -86.40 4.62 30.38
C PHE I 596 -87.41 5.21 31.37
N ALA I 597 -86.93 6.09 32.24
CA ALA I 597 -87.78 6.72 33.24
C ALA I 597 -88.85 7.57 32.57
N LYS I 598 -88.49 8.20 31.45
CA LYS I 598 -89.46 9.03 30.73
C LYS I 598 -90.52 8.13 30.12
N LYS I 599 -90.09 6.97 29.64
CA LYS I 599 -90.99 6.00 29.02
C LYS I 599 -91.76 5.14 30.02
N LEU I 600 -91.34 5.15 31.27
CA LEU I 600 -92.02 4.38 32.31
C LEU I 600 -92.83 5.37 33.16
N ASN I 601 -92.91 6.60 32.66
CA ASN I 601 -93.66 7.67 33.30
C ASN I 601 -93.20 8.02 34.72
N ILE I 602 -91.90 7.95 34.96
CA ILE I 602 -91.38 8.27 36.28
C ILE I 602 -90.13 9.14 36.20
N GLU I 603 -90.02 9.91 35.13
CA GLU I 603 -88.84 10.76 34.93
C GLU I 603 -88.56 11.75 36.07
N GLU I 604 -89.59 12.47 36.50
CA GLU I 604 -89.44 13.45 37.58
C GLU I 604 -88.91 12.79 38.86
N MET I 605 -89.56 11.70 39.27
CA MET I 605 -89.18 10.99 40.48
C MET I 605 -87.74 10.47 40.43
N PHE I 606 -87.34 9.98 39.25
CA PHE I 606 -86.00 9.43 39.07
C PHE I 606 -84.91 10.49 38.97
N SER I 607 -85.07 11.40 38.01
CA SER I 607 -84.07 12.44 37.78
C SER I 607 -84.25 13.70 38.60
N GLU I 608 -85.48 14.00 39.01
CA GLU I 608 -85.75 15.21 39.79
C GLU I 608 -85.30 16.43 38.98
N GLY I 609 -85.38 16.31 37.66
CA GLY I 609 -85.01 17.38 36.76
C GLY I 609 -83.53 17.68 36.70
N LYS I 610 -82.71 16.84 37.31
CA LYS I 610 -81.27 17.07 37.34
C LYS I 610 -80.47 16.17 36.40
N ASP I 611 -79.46 16.75 35.74
CA ASP I 611 -78.59 15.97 34.88
C ASP I 611 -77.42 15.53 35.74
N GLU I 612 -76.51 14.75 35.17
CA GLU I 612 -75.36 14.26 35.91
C GLU I 612 -74.54 15.34 36.64
N LEU I 613 -74.36 16.48 35.99
CA LEU I 613 -73.57 17.56 36.59
C LEU I 613 -74.31 18.21 37.77
N ALA I 614 -75.64 18.22 37.71
CA ALA I 614 -76.44 18.79 38.77
C ALA I 614 -76.37 17.90 40.01
N TRP I 615 -76.38 16.58 39.80
CA TRP I 615 -76.28 15.65 40.92
C TRP I 615 -74.91 15.74 41.57
N CYS I 616 -73.89 16.00 40.77
CA CYS I 616 -72.53 16.13 41.27
C CYS I 616 -72.40 17.30 42.22
N GLU I 617 -72.92 18.45 41.81
CA GLU I 617 -72.86 19.65 42.64
C GLU I 617 -73.53 19.34 43.97
N GLN I 618 -74.73 18.75 43.89
CA GLN I 618 -75.48 18.38 45.08
C GLN I 618 -74.69 17.39 45.94
N TYR I 619 -74.00 16.47 45.28
CA TYR I 619 -73.18 15.48 45.94
C TYR I 619 -72.04 16.19 46.67
N PHE I 620 -71.36 17.07 45.94
CA PHE I 620 -70.25 17.84 46.48
C PHE I 620 -70.62 18.53 47.80
N ASN I 621 -71.79 19.16 47.82
CA ASN I 621 -72.24 19.88 49.01
C ASN I 621 -72.56 19.02 50.22
N ALA I 622 -72.83 17.73 50.01
CA ALA I 622 -73.16 16.83 51.12
C ALA I 622 -71.89 16.31 51.78
N THR I 623 -70.75 16.76 51.28
CA THR I 623 -69.46 16.34 51.83
C THR I 623 -68.87 17.50 52.63
N ASP I 624 -67.64 17.33 53.08
CA ASP I 624 -66.97 18.38 53.86
C ASP I 624 -66.19 19.33 52.95
N MET I 625 -66.23 19.07 51.64
CA MET I 625 -65.52 19.91 50.67
C MET I 625 -65.81 21.40 50.84
N PRO I 626 -67.10 21.76 50.99
CA PRO I 626 -67.50 23.16 51.16
C PRO I 626 -66.63 23.96 52.14
N LYS I 627 -66.02 23.27 53.10
CA LYS I 627 -65.16 23.91 54.08
C LYS I 627 -63.87 24.43 53.43
N TYR I 628 -63.47 23.83 52.32
CA TYR I 628 -62.24 24.25 51.64
C TYR I 628 -62.48 25.03 50.36
N MET I 629 -63.57 24.75 49.67
CA MET I 629 -63.85 25.47 48.44
C MET I 629 -65.24 25.21 47.91
N THR I 630 -65.78 26.20 47.19
CA THR I 630 -67.11 26.10 46.63
C THR I 630 -67.09 25.16 45.44
N TRP I 631 -68.29 24.90 44.90
CA TRP I 631 -68.43 24.03 43.75
C TRP I 631 -67.61 24.57 42.58
N ASP I 632 -67.86 25.84 42.23
CA ASP I 632 -67.17 26.50 41.12
C ASP I 632 -65.65 26.43 41.18
N GLU I 633 -65.09 26.82 42.31
CA GLU I 633 -63.64 26.81 42.48
C GLU I 633 -63.13 25.37 42.33
N PHE I 634 -63.91 24.41 42.80
CA PHE I 634 -63.52 23.01 42.68
C PHE I 634 -63.62 22.58 41.22
N PHE I 635 -64.77 22.85 40.62
CA PHE I 635 -65.00 22.50 39.23
C PHE I 635 -63.87 23.03 38.38
N LYS I 636 -63.46 24.26 38.67
CA LYS I 636 -62.40 24.92 37.92
C LYS I 636 -61.03 24.29 38.11
N LYS I 637 -60.64 24.04 39.36
CA LYS I 637 -59.34 23.45 39.62
C LYS I 637 -59.23 22.03 39.05
N GLY I 638 -60.26 21.22 39.27
CA GLY I 638 -60.25 19.86 38.75
C GLY I 638 -59.89 18.81 39.79
N TYR I 639 -59.06 19.21 40.76
CA TYR I 639 -58.68 18.28 41.81
C TYR I 639 -58.36 19.03 43.09
N PHE I 640 -58.33 18.30 44.19
CA PHE I 640 -58.05 18.90 45.48
C PHE I 640 -57.30 17.88 46.32
N VAL I 641 -56.24 18.33 46.97
CA VAL I 641 -55.47 17.45 47.85
C VAL I 641 -55.79 17.84 49.29
N VAL I 642 -56.46 16.95 50.00
CA VAL I 642 -56.82 17.21 51.39
C VAL I 642 -55.58 17.49 52.23
N PRO I 643 -55.64 18.52 53.07
CA PRO I 643 -54.50 18.86 53.93
C PRO I 643 -54.24 17.80 54.99
N ASP I 644 -53.01 17.78 55.51
CA ASP I 644 -52.63 16.84 56.54
C ASP I 644 -53.17 17.36 57.87
N ASN I 645 -53.62 16.47 58.74
CA ASN I 645 -54.12 16.87 60.06
C ASN I 645 -53.11 16.37 61.09
N PRO I 646 -52.01 17.10 61.25
CA PRO I 646 -50.87 16.86 62.15
C PRO I 646 -51.19 16.51 63.59
N ASN I 647 -52.11 17.24 64.21
CA ASN I 647 -52.44 17.03 65.62
C ASN I 647 -53.43 15.94 66.00
N ARG I 648 -54.23 15.45 65.06
CA ARG I 648 -55.21 14.41 65.44
C ARG I 648 -54.46 13.30 66.17
N LYS I 649 -55.14 12.66 67.12
CA LYS I 649 -54.49 11.60 67.88
C LYS I 649 -54.42 10.33 67.05
N LYS I 650 -53.32 9.60 67.21
CA LYS I 650 -53.11 8.35 66.48
C LYS I 650 -53.80 7.19 67.18
N THR I 651 -54.67 6.52 66.45
CA THR I 651 -55.40 5.37 66.96
C THR I 651 -55.05 4.17 66.10
N VAL I 652 -54.08 3.38 66.56
CA VAL I 652 -53.63 2.21 65.85
C VAL I 652 -54.69 1.10 65.91
N ALA I 653 -54.86 0.40 64.79
CA ALA I 653 -55.85 -0.67 64.68
C ALA I 653 -55.72 -1.73 65.77
N LEU I 654 -56.86 -2.07 66.38
CA LEU I 654 -56.92 -3.09 67.42
C LEU I 654 -56.13 -2.83 68.70
N ARG I 655 -55.49 -1.67 68.81
CA ARG I 655 -54.74 -1.40 70.03
C ARG I 655 -55.69 -1.34 71.23
N TRP I 656 -56.84 -0.70 71.04
CA TRP I 656 -57.82 -0.60 72.10
C TRP I 656 -58.15 -2.00 72.62
N PHE I 657 -58.28 -2.94 71.68
CA PHE I 657 -58.60 -4.32 72.03
C PHE I 657 -57.43 -4.99 72.75
N ALA I 658 -56.22 -4.71 72.32
CA ALA I 658 -55.04 -5.31 72.94
C ALA I 658 -54.93 -4.87 74.40
N GLU I 659 -55.08 -3.58 74.63
CA GLU I 659 -54.99 -3.04 75.98
C GLU I 659 -56.27 -3.27 76.79
N GLY I 660 -57.32 -3.71 76.11
CA GLY I 660 -58.58 -3.98 76.78
C GLY I 660 -59.39 -2.78 77.21
N ARG I 661 -59.35 -1.70 76.45
CA ARG I 661 -60.13 -0.51 76.80
C ARG I 661 -61.16 -0.23 75.70
N GLU I 662 -61.89 0.87 75.84
CA GLU I 662 -62.92 1.23 74.88
C GLU I 662 -62.39 1.43 73.48
N LYS I 663 -63.18 0.99 72.50
CA LYS I 663 -62.85 1.12 71.09
C LYS I 663 -62.67 2.62 70.87
N ASP I 664 -61.55 3.01 70.25
CA ASP I 664 -61.26 4.43 70.04
C ASP I 664 -60.80 4.81 68.63
N THR I 665 -61.13 3.98 67.65
CA THR I 665 -60.76 4.25 66.27
C THR I 665 -61.94 4.84 65.52
N PRO I 666 -61.75 5.18 64.24
CA PRO I 666 -62.87 5.75 63.47
C PRO I 666 -63.74 4.65 62.84
N ASP I 667 -63.33 3.40 63.04
CA ASP I 667 -64.06 2.27 62.48
C ASP I 667 -65.57 2.37 62.68
N TRP I 668 -66.30 1.72 61.79
CA TRP I 668 -67.76 1.71 61.81
C TRP I 668 -68.38 0.63 62.69
N GLY I 669 -67.58 0.07 63.59
CA GLY I 669 -68.07 -0.96 64.48
C GLY I 669 -67.02 -1.34 65.50
N PRO I 670 -67.34 -2.20 66.48
CA PRO I 670 -68.67 -2.81 66.62
C PRO I 670 -69.75 -1.83 67.08
N ARG I 671 -71.00 -2.18 66.84
CA ARG I 671 -72.09 -1.32 67.26
C ARG I 671 -72.23 -1.45 68.78
N LEU I 672 -72.69 -0.38 69.42
CA LEU I 672 -72.84 -0.37 70.87
C LEU I 672 -73.48 -1.62 71.45
N ASN I 673 -74.56 -2.09 70.82
CA ASN I 673 -75.27 -3.27 71.31
C ASN I 673 -74.46 -4.56 71.18
N ASN I 674 -73.35 -4.53 70.46
CA ASN I 674 -72.51 -5.72 70.30
C ASN I 674 -71.29 -5.68 71.20
N GLN I 675 -71.30 -4.76 72.16
CA GLN I 675 -70.22 -4.60 73.11
C GLN I 675 -70.79 -4.38 74.50
N VAL I 676 -69.96 -4.66 75.50
CA VAL I 676 -70.34 -4.44 76.89
C VAL I 676 -69.50 -3.23 77.29
N CYS I 677 -70.14 -2.07 77.38
CA CYS I 677 -69.46 -0.82 77.75
C CYS I 677 -68.42 -0.39 76.73
N ARG I 678 -68.74 -0.59 75.45
CA ARG I 678 -67.86 -0.23 74.34
C ARG I 678 -66.50 -0.92 74.40
N LYS I 679 -66.46 -2.13 74.95
CA LYS I 679 -65.22 -2.88 75.04
C LYS I 679 -65.36 -4.26 74.39
N GLY I 680 -64.26 -4.77 73.85
CA GLY I 680 -64.27 -6.08 73.22
C GLY I 680 -64.76 -6.10 71.78
N LEU I 681 -64.50 -7.22 71.11
CA LEU I 681 -64.91 -7.41 69.73
C LEU I 681 -66.41 -7.61 69.67
N GLN I 682 -66.92 -7.79 68.46
CA GLN I 682 -68.35 -7.99 68.24
C GLN I 682 -68.88 -9.35 68.75
N THR I 683 -67.98 -10.32 68.86
CA THR I 683 -68.35 -11.66 69.34
C THR I 683 -69.05 -11.61 70.69
N THR I 684 -69.92 -12.58 70.93
CA THR I 684 -70.65 -12.66 72.19
C THR I 684 -69.75 -12.46 73.42
N THR I 685 -68.59 -13.10 73.43
CA THR I 685 -67.68 -13.00 74.56
C THR I 685 -66.77 -11.77 74.50
N GLY I 686 -66.82 -11.06 73.37
CA GLY I 686 -65.99 -9.89 73.21
C GLY I 686 -64.55 -10.26 72.93
N LYS I 687 -64.29 -11.56 72.87
CA LYS I 687 -62.96 -12.08 72.62
C LYS I 687 -62.82 -12.79 71.28
N VAL I 688 -61.60 -13.23 70.98
CA VAL I 688 -61.31 -13.98 69.76
C VAL I 688 -61.73 -15.41 70.08
N GLU I 689 -62.77 -15.88 69.42
CA GLU I 689 -63.32 -17.21 69.68
C GLU I 689 -62.78 -18.38 68.83
N PHE I 690 -61.88 -19.17 69.43
CA PHE I 690 -61.29 -20.31 68.74
C PHE I 690 -62.38 -21.36 68.54
N ILE I 691 -63.42 -21.24 69.34
CA ILE I 691 -64.60 -22.10 69.23
C ILE I 691 -65.67 -21.02 69.14
N ALA I 692 -66.12 -20.73 67.92
CA ALA I 692 -67.12 -19.68 67.73
C ALA I 692 -68.45 -20.02 68.37
N THR I 693 -68.97 -19.10 69.17
CA THR I 693 -70.25 -19.31 69.84
C THR I 693 -71.36 -19.36 68.80
N SER I 694 -71.31 -18.42 67.86
CA SER I 694 -72.34 -18.35 66.81
C SER I 694 -72.45 -19.66 66.02
N LEU I 695 -71.32 -20.19 65.56
CA LEU I 695 -71.36 -21.44 64.80
C LEU I 695 -71.73 -22.61 65.70
N LYS I 696 -71.53 -22.45 67.00
CA LYS I 696 -71.89 -23.51 67.92
C LYS I 696 -73.41 -23.53 68.11
N ASN I 697 -74.02 -22.35 68.11
CA ASN I 697 -75.48 -22.25 68.25
C ASN I 697 -76.09 -22.85 66.98
N PHE I 698 -75.54 -22.46 65.83
CA PHE I 698 -75.99 -22.93 64.52
C PHE I 698 -75.99 -24.46 64.43
N GLU I 699 -74.88 -25.08 64.79
CA GLU I 699 -74.82 -26.53 64.74
C GLU I 699 -75.74 -27.22 65.75
N GLU I 700 -75.91 -26.63 66.93
CA GLU I 700 -76.78 -27.22 67.94
C GLU I 700 -78.25 -27.00 67.61
N GLN I 701 -78.50 -26.16 66.60
CA GLN I 701 -79.85 -25.88 66.16
C GLN I 701 -80.22 -26.85 65.02
N GLY I 702 -79.28 -27.74 64.68
CA GLY I 702 -79.51 -28.72 63.63
C GLY I 702 -78.76 -28.53 62.32
N TYR I 703 -78.07 -27.40 62.16
CA TYR I 703 -77.34 -27.13 60.92
C TYR I 703 -75.93 -27.70 60.92
N ILE I 704 -75.83 -29.01 60.71
CA ILE I 704 -74.57 -29.72 60.68
C ILE I 704 -73.77 -29.36 59.41
N ASP I 705 -72.48 -29.07 59.58
CA ASP I 705 -71.62 -28.71 58.45
C ASP I 705 -70.18 -29.07 58.78
N GLU I 706 -69.80 -30.26 58.30
CA GLU I 706 -68.47 -30.84 58.49
C GLU I 706 -67.31 -29.97 57.99
N HIS I 707 -67.56 -29.13 56.98
CA HIS I 707 -66.49 -28.30 56.44
C HIS I 707 -66.46 -26.88 57.00
N ARG I 708 -67.20 -26.66 58.08
CA ARG I 708 -67.22 -25.37 58.72
C ARG I 708 -67.51 -25.61 60.19
N PRO I 709 -66.63 -26.37 60.87
CA PRO I 709 -66.77 -26.69 62.29
C PRO I 709 -66.70 -25.44 63.18
N SER I 710 -67.36 -25.50 64.33
CA SER I 710 -67.35 -24.37 65.24
C SER I 710 -65.92 -24.05 65.68
N MET I 711 -65.12 -25.10 65.86
CA MET I 711 -63.73 -24.92 66.26
C MET I 711 -62.80 -24.97 65.05
N HIS I 712 -61.95 -23.95 64.93
CA HIS I 712 -60.98 -23.84 63.86
C HIS I 712 -60.11 -25.09 63.94
N THR I 713 -60.14 -25.89 62.89
CA THR I 713 -59.39 -27.13 62.87
C THR I 713 -58.84 -27.41 61.48
N TYR I 714 -58.15 -28.53 61.33
CA TYR I 714 -57.59 -28.85 60.03
C TYR I 714 -58.57 -29.63 59.17
N VAL I 715 -59.45 -28.91 58.48
CA VAL I 715 -60.39 -29.58 57.61
C VAL I 715 -59.67 -29.76 56.27
N PRO I 716 -59.46 -31.01 55.85
CA PRO I 716 -58.77 -31.20 54.57
C PRO I 716 -59.55 -30.48 53.48
N ALA I 717 -58.85 -29.72 52.64
CA ALA I 717 -59.49 -28.98 51.55
C ALA I 717 -60.17 -30.00 50.62
N TRP I 718 -61.49 -29.91 50.45
CA TRP I 718 -62.17 -30.88 49.60
C TRP I 718 -61.66 -30.92 48.15
N GLU I 719 -61.01 -29.85 47.70
CA GLU I 719 -60.41 -29.89 46.36
C GLU I 719 -58.91 -29.62 46.49
N SER I 720 -58.17 -30.67 46.84
CA SER I 720 -56.72 -30.57 47.01
C SER I 720 -56.18 -31.84 46.36
N GLN I 721 -54.89 -31.87 46.07
CA GLN I 721 -54.28 -33.02 45.42
C GLN I 721 -54.25 -34.33 46.21
N LYS I 722 -54.19 -34.26 47.54
CA LYS I 722 -54.18 -35.50 48.32
C LYS I 722 -55.49 -35.85 49.04
N HIS I 723 -56.48 -34.96 49.01
CA HIS I 723 -57.73 -35.24 49.69
C HIS I 723 -58.94 -35.32 48.76
N SER I 724 -58.70 -35.23 47.46
CA SER I 724 -59.77 -35.32 46.48
C SER I 724 -59.62 -36.51 45.55
N PRO I 725 -60.71 -37.27 45.33
CA PRO I 725 -60.63 -38.43 44.44
C PRO I 725 -60.33 -37.92 43.03
N LEU I 726 -60.68 -36.66 42.80
CA LEU I 726 -60.50 -35.99 41.53
C LEU I 726 -59.04 -35.92 41.08
N ALA I 727 -58.11 -36.00 42.03
CA ALA I 727 -56.68 -35.90 41.73
C ALA I 727 -56.09 -37.07 40.95
N VAL I 728 -56.82 -38.18 40.87
CA VAL I 728 -56.34 -39.33 40.13
C VAL I 728 -56.27 -39.00 38.63
N LYS I 729 -57.25 -38.26 38.15
CA LYS I 729 -57.31 -37.87 36.74
C LYS I 729 -56.66 -36.51 36.53
N TYR I 730 -56.78 -35.64 37.53
CA TYR I 730 -56.25 -34.29 37.46
C TYR I 730 -55.31 -34.05 38.64
N PRO I 731 -54.05 -34.48 38.51
CA PRO I 731 -53.03 -34.36 39.55
C PRO I 731 -52.45 -32.96 39.77
N LEU I 732 -52.71 -32.04 38.87
CA LEU I 732 -52.20 -30.68 38.99
C LEU I 732 -53.12 -29.75 39.78
N GLY I 733 -52.54 -29.10 40.79
CA GLY I 733 -53.31 -28.16 41.60
C GLY I 733 -53.22 -26.80 40.94
N MET I 734 -54.34 -26.13 40.76
CA MET I 734 -54.33 -24.81 40.12
C MET I 734 -54.92 -23.67 40.93
N LEU I 735 -54.18 -22.57 41.01
CA LEU I 735 -54.67 -21.38 41.70
C LEU I 735 -54.82 -20.32 40.60
N SER I 736 -55.87 -19.52 40.68
CA SER I 736 -56.12 -18.50 39.66
C SER I 736 -56.46 -17.15 40.28
N PRO I 737 -55.42 -16.40 40.68
CA PRO I 737 -55.50 -15.08 41.31
C PRO I 737 -55.96 -13.97 40.36
N HIS I 738 -55.94 -12.74 40.85
CA HIS I 738 -56.36 -11.59 40.06
C HIS I 738 -55.35 -11.20 39.02
N PRO I 739 -55.82 -10.83 37.81
CA PRO I 739 -54.99 -10.43 36.67
C PRO I 739 -54.02 -9.29 36.98
N ARG I 740 -52.76 -9.52 36.64
CA ARG I 740 -51.72 -8.55 36.86
C ARG I 740 -51.90 -7.28 36.03
N PHE I 741 -52.22 -7.42 34.75
CA PHE I 741 -52.35 -6.24 33.89
C PHE I 741 -53.77 -5.84 33.49
N SER I 742 -54.73 -6.02 34.40
CA SER I 742 -56.10 -5.66 34.12
C SER I 742 -56.90 -5.66 35.41
N MET I 743 -57.94 -4.84 35.48
CA MET I 743 -58.81 -4.80 36.66
C MET I 743 -59.91 -5.79 36.30
N HIS I 744 -59.68 -7.06 36.63
CA HIS I 744 -60.59 -8.13 36.27
C HIS I 744 -60.82 -8.06 34.77
N THR I 745 -62.06 -8.05 34.30
CA THR I 745 -62.26 -8.03 32.86
C THR I 745 -61.88 -6.70 32.20
N MET I 746 -61.91 -5.61 32.97
CA MET I 746 -61.61 -4.29 32.43
C MET I 746 -60.14 -4.01 32.17
N GLY I 747 -59.69 -4.47 31.00
CA GLY I 747 -58.31 -4.29 30.61
C GLY I 747 -58.01 -5.33 29.56
N ASP I 748 -58.21 -6.60 29.92
CA ASP I 748 -57.95 -7.68 28.97
C ASP I 748 -58.84 -7.56 27.74
N GLY I 749 -58.52 -8.30 26.69
CA GLY I 749 -59.29 -8.25 25.46
C GLY I 749 -59.55 -6.84 24.97
N LYS I 750 -60.67 -6.67 24.27
CA LYS I 750 -61.08 -5.37 23.74
C LYS I 750 -60.02 -4.82 22.81
N ASN I 751 -59.10 -5.68 22.38
N ASN I 751 -59.10 -5.68 22.38
CA ASN I 751 -58.03 -5.27 21.49
CA ASN I 751 -58.03 -5.27 21.49
C ASN I 751 -57.32 -4.05 22.06
C ASN I 751 -57.32 -4.05 22.06
N SER I 752 -57.06 -4.08 23.37
CA SER I 752 -56.37 -2.99 24.04
C SER I 752 -54.86 -3.12 23.95
N TYR I 753 -54.16 -2.16 24.54
CA TYR I 753 -52.70 -2.17 24.52
C TYR I 753 -52.14 -3.20 25.49
N MET I 754 -52.88 -3.51 26.55
CA MET I 754 -52.42 -4.48 27.54
C MET I 754 -52.19 -5.87 26.95
N ASN I 755 -52.78 -6.13 25.79
CA ASN I 755 -52.64 -7.43 25.15
C ASN I 755 -51.28 -7.68 24.52
N TYR I 756 -50.44 -6.64 24.46
CA TYR I 756 -49.11 -6.81 23.88
C TYR I 756 -48.03 -6.97 24.97
N ILE I 757 -48.48 -7.05 26.22
CA ILE I 757 -47.56 -7.22 27.33
C ILE I 757 -47.11 -8.68 27.37
N LYS I 758 -45.80 -8.88 27.43
CA LYS I 758 -45.22 -10.21 27.43
C LYS I 758 -45.81 -11.21 28.43
N ASP I 759 -46.08 -10.77 29.65
CA ASP I 759 -46.59 -11.67 30.66
C ASP I 759 -48.12 -11.62 30.79
N HIS I 760 -48.79 -11.17 29.72
CA HIS I 760 -50.25 -11.09 29.71
C HIS I 760 -50.81 -12.14 28.76
N ARG I 761 -50.59 -11.94 27.46
CA ARG I 761 -51.04 -12.87 26.45
C ARG I 761 -49.89 -13.17 25.51
N VAL I 762 -49.92 -14.34 24.88
CA VAL I 762 -48.86 -14.74 23.96
C VAL I 762 -49.43 -15.01 22.57
N GLU I 763 -49.00 -14.22 21.60
CA GLU I 763 -49.47 -14.39 20.23
C GLU I 763 -48.86 -15.63 19.58
N VAL I 764 -49.72 -16.52 19.09
CA VAL I 764 -49.28 -17.74 18.43
C VAL I 764 -50.14 -17.93 17.20
N ASP I 765 -49.53 -17.74 16.03
CA ASP I 765 -50.22 -17.87 14.75
C ASP I 765 -51.37 -16.88 14.61
N GLY I 766 -51.11 -15.63 14.98
CA GLY I 766 -52.13 -14.59 14.86
C GLY I 766 -53.17 -14.47 15.95
N TYR I 767 -53.10 -15.28 16.99
CA TYR I 767 -54.09 -15.19 18.07
C TYR I 767 -53.36 -15.01 19.40
N LYS I 768 -53.87 -14.13 20.25
CA LYS I 768 -53.23 -13.91 21.54
C LYS I 768 -53.87 -14.79 22.62
N TYR I 769 -53.17 -15.85 22.99
CA TYR I 769 -53.66 -16.79 23.99
C TYR I 769 -53.31 -16.41 25.42
N TRP I 770 -54.24 -16.71 26.33
CA TRP I 770 -54.08 -16.45 27.75
C TRP I 770 -52.92 -17.35 28.19
N ILE I 771 -52.31 -17.02 29.33
CA ILE I 771 -51.17 -17.77 29.81
C ILE I 771 -51.36 -18.64 31.04
N MET I 772 -50.71 -19.82 31.02
CA MET I 772 -50.72 -20.73 32.17
C MET I 772 -49.26 -21.01 32.51
N ARG I 773 -48.90 -20.79 33.77
CA ARG I 773 -47.54 -20.99 34.23
C ARG I 773 -47.37 -22.41 34.72
N VAL I 774 -46.35 -23.08 34.19
CA VAL I 774 -46.10 -24.47 34.56
C VAL I 774 -44.64 -24.68 34.89
N ASN I 775 -44.40 -25.33 36.03
CA ASN I 775 -43.07 -25.63 36.50
C ASN I 775 -42.32 -26.55 35.54
N SER I 776 -41.09 -26.17 35.22
CA SER I 776 -40.24 -26.91 34.31
C SER I 776 -40.36 -28.43 34.38
N ILE I 777 -40.37 -29.00 35.58
CA ILE I 777 -40.47 -30.45 35.74
C ILE I 777 -41.79 -31.06 35.24
N ASP I 778 -42.88 -30.32 35.42
CA ASP I 778 -44.19 -30.82 34.98
C ASP I 778 -44.35 -30.72 33.47
N ALA I 779 -43.81 -29.65 32.90
CA ALA I 779 -43.90 -29.47 31.45
C ALA I 779 -43.08 -30.55 30.77
N GLU I 780 -41.89 -30.80 31.29
CA GLU I 780 -41.00 -31.79 30.74
C GLU I 780 -41.66 -33.17 30.74
N ALA I 781 -42.34 -33.51 31.82
CA ALA I 781 -42.98 -34.80 31.90
C ALA I 781 -44.07 -34.96 30.85
N ARG I 782 -44.56 -33.84 30.33
CA ARG I 782 -45.62 -33.84 29.33
C ARG I 782 -45.18 -33.34 27.96
N GLY I 783 -43.87 -33.23 27.74
CA GLY I 783 -43.39 -32.75 26.46
C GLY I 783 -43.85 -31.34 26.16
N ILE I 784 -44.08 -30.55 27.19
CA ILE I 784 -44.53 -29.17 27.00
C ILE I 784 -43.37 -28.19 27.05
N LYS I 785 -43.26 -27.36 26.02
CA LYS I 785 -42.20 -26.36 25.95
C LYS I 785 -42.79 -24.97 25.99
N ASN I 786 -41.98 -24.02 26.45
CA ASN I 786 -42.41 -22.64 26.56
C ASN I 786 -43.02 -22.18 25.23
N GLY I 787 -44.15 -21.48 25.30
CA GLY I 787 -44.81 -21.00 24.08
C GLY I 787 -45.77 -21.98 23.45
N ASP I 788 -45.75 -23.24 23.88
CA ASP I 788 -46.65 -24.24 23.32
C ASP I 788 -48.12 -24.02 23.70
N LEU I 789 -49.00 -24.38 22.79
CA LEU I 789 -50.43 -24.26 23.08
C LEU I 789 -50.78 -25.52 23.84
N ILE I 790 -51.38 -25.34 25.01
CA ILE I 790 -51.76 -26.47 25.82
C ILE I 790 -53.24 -26.46 26.13
N ARG I 791 -53.74 -27.60 26.58
CA ARG I 791 -55.13 -27.75 26.93
C ARG I 791 -55.26 -28.07 28.42
N ALA I 792 -55.91 -27.18 29.15
CA ALA I 792 -56.12 -27.36 30.58
C ALA I 792 -57.54 -27.89 30.74
N TYR I 793 -57.71 -29.03 31.40
CA TYR I 793 -59.04 -29.61 31.55
C TYR I 793 -59.32 -30.47 32.78
N ASN I 794 -60.60 -30.67 33.05
CA ASN I 794 -61.10 -31.50 34.13
C ASN I 794 -62.53 -31.86 33.74
N ASP I 795 -63.35 -32.30 34.69
CA ASP I 795 -64.72 -32.66 34.33
C ASP I 795 -65.59 -31.47 33.93
N ARG I 796 -65.17 -30.27 34.33
CA ARG I 796 -65.94 -29.06 34.03
C ARG I 796 -65.74 -28.47 32.65
N GLY I 797 -64.59 -28.74 32.04
CA GLY I 797 -64.37 -28.21 30.71
C GLY I 797 -62.95 -28.31 30.22
N SER I 798 -62.66 -27.54 29.19
CA SER I 798 -61.33 -27.48 28.58
C SER I 798 -61.07 -26.04 28.18
N VAL I 799 -59.84 -25.60 28.38
CA VAL I 799 -59.42 -24.25 28.04
C VAL I 799 -58.08 -24.30 27.31
N ILE I 800 -58.01 -23.67 26.14
CA ILE I 800 -56.79 -23.64 25.36
C ILE I 800 -55.92 -22.47 25.83
N LEU I 801 -54.65 -22.75 26.11
CA LEU I 801 -53.75 -21.73 26.63
C LEU I 801 -52.33 -21.87 26.13
N ALA I 802 -51.55 -20.82 26.35
CA ALA I 802 -50.14 -20.78 25.96
C ALA I 802 -49.34 -21.07 27.23
N ALA I 803 -48.39 -22.00 27.13
CA ALA I 803 -47.60 -22.36 28.29
C ALA I 803 -46.40 -21.43 28.53
N GLN I 804 -46.12 -21.18 29.81
CA GLN I 804 -44.99 -20.37 30.25
C GLN I 804 -44.27 -21.23 31.29
N VAL I 805 -43.22 -21.91 30.86
CA VAL I 805 -42.48 -22.78 31.76
C VAL I 805 -41.67 -21.92 32.72
N THR I 806 -41.80 -22.19 34.01
CA THR I 806 -41.13 -21.40 35.03
C THR I 806 -40.73 -22.17 36.30
N GLU I 807 -39.97 -21.50 37.16
CA GLU I 807 -39.51 -22.08 38.42
C GLU I 807 -40.30 -21.46 39.57
N CYS I 808 -41.15 -20.49 39.23
CA CYS I 808 -41.94 -19.76 40.22
C CYS I 808 -43.13 -20.49 40.80
N LEU I 809 -43.07 -21.82 40.77
CA LEU I 809 -44.15 -22.67 41.29
C LEU I 809 -43.54 -23.98 41.72
N GLN I 810 -44.10 -24.58 42.78
CA GLN I 810 -43.61 -25.88 43.22
C GLN I 810 -44.13 -26.90 42.20
N PRO I 811 -43.31 -27.90 41.84
CA PRO I 811 -43.78 -28.90 40.87
C PRO I 811 -45.13 -29.47 41.33
N GLY I 812 -46.05 -29.63 40.38
CA GLY I 812 -47.36 -30.15 40.72
C GLY I 812 -48.36 -29.02 40.81
N THR I 813 -47.87 -27.78 40.75
CA THR I 813 -48.73 -26.61 40.84
C THR I 813 -48.69 -25.79 39.54
N VAL I 814 -49.85 -25.32 39.10
CA VAL I 814 -49.97 -24.50 37.89
C VAL I 814 -50.72 -23.24 38.25
N HIS I 815 -50.43 -22.17 37.52
CA HIS I 815 -51.03 -20.86 37.79
C HIS I 815 -51.53 -20.17 36.52
N SER I 816 -52.72 -19.58 36.62
CA SER I 816 -53.31 -18.84 35.52
C SER I 816 -54.32 -17.82 36.08
N TYR I 817 -54.12 -16.55 35.75
CA TYR I 817 -55.00 -15.50 36.23
C TYR I 817 -56.43 -15.66 35.72
N GLU I 818 -57.39 -15.25 36.55
CA GLU I 818 -58.79 -15.31 36.18
C GLU I 818 -59.15 -13.96 35.61
N SER I 819 -60.44 -13.76 35.37
CA SER I 819 -60.94 -12.49 34.85
C SER I 819 -60.79 -12.26 33.36
N CYS I 820 -60.40 -13.30 32.62
CA CYS I 820 -60.28 -13.18 31.17
C CYS I 820 -61.57 -12.57 30.64
N ALA I 821 -61.47 -11.51 29.84
CA ALA I 821 -62.65 -10.83 29.30
C ALA I 821 -63.20 -11.41 28.02
N VAL I 822 -62.44 -12.31 27.40
CA VAL I 822 -62.85 -12.89 26.13
C VAL I 822 -63.36 -14.33 26.20
N TYR I 823 -64.61 -14.54 25.77
CA TYR I 823 -65.16 -15.88 25.73
C TYR I 823 -65.19 -16.24 24.24
N ASP I 824 -64.38 -17.22 23.85
CA ASP I 824 -64.26 -17.62 22.45
C ASP I 824 -64.29 -19.14 22.25
N PRO I 825 -65.50 -19.73 22.28
CA PRO I 825 -65.76 -21.17 22.11
C PRO I 825 -65.26 -21.71 20.78
N LEU I 826 -64.68 -22.91 20.81
CA LEU I 826 -64.20 -23.53 19.59
C LEU I 826 -65.34 -24.33 18.95
N GLY I 827 -66.41 -24.49 19.73
CA GLY I 827 -67.56 -25.22 19.25
C GLY I 827 -68.82 -24.60 19.83
N THR I 828 -69.83 -25.42 20.05
CA THR I 828 -71.08 -24.94 20.62
C THR I 828 -70.75 -24.24 21.93
N ALA I 829 -71.35 -23.06 22.11
CA ALA I 829 -71.14 -22.27 23.32
C ALA I 829 -71.54 -23.06 24.55
N GLY I 830 -70.68 -23.04 25.57
CA GLY I 830 -70.94 -23.73 26.82
C GLY I 830 -70.70 -25.22 26.81
N LYS I 831 -70.44 -25.78 25.63
CA LYS I 831 -70.22 -27.22 25.50
C LYS I 831 -68.89 -27.63 24.89
N SER I 832 -67.99 -26.67 24.68
CA SER I 832 -66.71 -26.98 24.07
C SER I 832 -65.53 -26.17 24.63
N ALA I 833 -64.33 -26.56 24.22
CA ALA I 833 -63.11 -25.90 24.65
C ALA I 833 -63.12 -24.42 24.29
N ASP I 834 -62.63 -23.62 25.22
CA ASP I 834 -62.55 -22.18 25.05
C ASP I 834 -61.09 -21.83 24.78
N ARG I 835 -60.85 -20.84 23.94
CA ARG I 835 -59.48 -20.43 23.64
C ARG I 835 -59.30 -18.97 23.98
N GLY I 836 -60.34 -18.38 24.55
CA GLY I 836 -60.27 -16.99 24.96
C GLY I 836 -59.42 -16.86 26.21
N GLY I 837 -59.52 -17.86 27.08
CA GLY I 837 -58.74 -17.85 28.31
C GLY I 837 -59.54 -17.86 29.60
N CYS I 838 -60.80 -18.26 29.54
CA CYS I 838 -61.65 -18.31 30.72
C CYS I 838 -61.32 -19.48 31.65
N ILE I 839 -60.24 -19.33 32.41
CA ILE I 839 -59.81 -20.35 33.34
C ILE I 839 -60.91 -20.75 34.32
N ASN I 840 -61.79 -19.82 34.68
CA ASN I 840 -62.83 -20.15 35.63
C ASN I 840 -63.81 -21.22 35.17
N ILE I 841 -63.64 -21.68 33.94
CA ILE I 841 -64.46 -22.75 33.39
C ILE I 841 -64.08 -24.00 34.18
N LEU I 842 -62.83 -24.02 34.65
CA LEU I 842 -62.30 -25.16 35.37
C LEU I 842 -62.51 -25.14 36.90
N THR I 843 -62.80 -23.97 37.44
CA THR I 843 -63.00 -23.83 38.90
C THR I 843 -64.29 -24.48 39.40
N PRO I 844 -64.22 -25.13 40.58
CA PRO I 844 -65.36 -25.81 41.20
C PRO I 844 -66.47 -24.86 41.63
N ASP I 845 -67.71 -25.25 41.34
CA ASP I 845 -68.86 -24.43 41.70
C ASP I 845 -69.43 -24.78 43.07
N ARG I 846 -68.93 -25.84 43.67
CA ARG I 846 -69.37 -26.25 45.00
C ARG I 846 -69.07 -25.15 46.03
N TYR I 847 -70.06 -24.82 46.86
CA TYR I 847 -69.91 -23.81 47.90
C TYR I 847 -68.77 -24.23 48.84
N ILE I 848 -68.02 -23.26 49.36
CA ILE I 848 -66.91 -23.58 50.28
C ILE I 848 -67.33 -24.65 51.28
N SER I 849 -68.55 -24.53 51.82
CA SER I 849 -69.09 -25.52 52.76
C SER I 849 -70.59 -25.58 52.53
N LYS I 850 -71.26 -26.52 53.19
CA LYS I 850 -72.70 -26.67 53.03
C LYS I 850 -73.49 -25.38 53.30
N TYR I 851 -73.12 -24.64 54.35
CA TYR I 851 -73.83 -23.42 54.66
C TYR I 851 -73.04 -22.14 54.38
N ALA I 852 -71.74 -22.28 54.15
CA ALA I 852 -70.88 -21.14 53.83
C ALA I 852 -70.96 -21.02 52.30
N CYS I 853 -72.00 -20.35 51.83
CA CYS I 853 -72.24 -20.18 50.40
C CYS I 853 -71.32 -19.21 49.67
N GLY I 854 -70.03 -19.52 49.67
CA GLY I 854 -69.05 -18.68 48.99
C GLY I 854 -68.29 -19.46 47.93
N MET I 855 -67.55 -18.75 47.07
CA MET I 855 -66.79 -19.37 45.99
C MET I 855 -65.44 -19.89 46.48
N ALA I 856 -65.01 -21.03 45.95
CA ALA I 856 -63.74 -21.66 46.33
C ALA I 856 -62.80 -21.84 45.13
N ASN I 857 -62.89 -20.93 44.18
CA ASN I 857 -62.10 -20.99 42.95
C ASN I 857 -60.61 -21.32 43.05
N ASN I 858 -59.92 -20.75 44.04
CA ASN I 858 -58.49 -20.96 44.14
C ASN I 858 -57.92 -22.35 44.48
N THR I 859 -58.78 -23.35 44.46
CA THR I 859 -58.34 -24.74 44.63
C THR I 859 -59.08 -25.46 43.50
N ALA I 860 -58.35 -25.83 42.45
CA ALA I 860 -58.97 -26.53 41.34
C ALA I 860 -57.99 -27.55 40.81
N LEU I 861 -58.45 -28.79 40.65
CA LEU I 861 -57.60 -29.85 40.14
C LEU I 861 -57.77 -29.90 38.63
N VAL I 862 -56.66 -30.00 37.90
CA VAL I 862 -56.70 -30.07 36.44
C VAL I 862 -55.57 -30.94 35.91
N GLU I 863 -55.58 -31.14 34.61
CA GLU I 863 -54.55 -31.89 33.92
C GLU I 863 -54.29 -31.05 32.67
N ILE I 864 -53.06 -31.09 32.18
CA ILE I 864 -52.73 -30.32 30.99
C ILE I 864 -51.97 -31.20 30.03
N GLU I 865 -52.00 -30.83 28.75
CA GLU I 865 -51.32 -31.56 27.70
C GLU I 865 -51.20 -30.65 26.49
N LYS I 866 -50.29 -30.99 25.57
CA LYS I 866 -50.15 -30.20 24.36
C LYS I 866 -51.49 -30.33 23.66
N TRP I 867 -52.01 -29.24 23.12
CA TRP I 867 -53.29 -29.25 22.43
C TRP I 867 -53.17 -29.84 21.03
N ASP I 868 -53.93 -30.91 20.77
CA ASP I 868 -53.90 -31.56 19.46
C ASP I 868 -54.76 -30.84 18.43
N GLY I 869 -55.44 -29.77 18.86
CA GLY I 869 -56.27 -29.01 17.94
C GLY I 869 -57.75 -29.36 17.91
N ASP I 870 -58.17 -30.34 18.70
CA ASP I 870 -59.59 -30.71 18.73
C ASP I 870 -60.39 -29.62 19.45
N LYS I 871 -61.70 -29.58 19.22
CA LYS I 871 -62.52 -28.57 19.85
C LYS I 871 -63.10 -29.07 21.17
N TYR I 872 -63.02 -30.38 21.38
CA TYR I 872 -63.52 -31.01 22.59
C TYR I 872 -64.96 -30.63 22.94
N GLU I 873 -65.87 -30.90 22.02
CA GLU I 873 -67.27 -30.60 22.26
C GLU I 873 -67.83 -31.80 22.99
N ILE I 874 -67.65 -31.80 24.31
CA ILE I 874 -68.10 -32.89 25.17
C ILE I 874 -68.64 -32.39 26.52
N TYR I 875 -69.00 -31.12 26.60
CA TYR I 875 -69.52 -30.58 27.86
C TYR I 875 -70.98 -30.18 27.77
N MET J 1 -23.68 22.93 25.80
CA MET J 1 -24.32 21.77 25.13
C MET J 1 -24.57 20.62 26.12
N GLU J 2 -25.60 20.79 26.93
CA GLU J 2 -25.98 19.80 27.92
C GLU J 2 -26.69 18.65 27.19
N GLN J 3 -26.37 17.42 27.58
CA GLN J 3 -26.97 16.24 26.94
C GLN J 3 -27.95 15.50 27.85
N TYR J 4 -28.69 14.56 27.27
CA TYR J 4 -29.64 13.76 28.03
C TYR J 4 -29.04 12.42 28.38
N TYR J 5 -29.38 11.92 29.56
CA TYR J 5 -28.90 10.63 30.02
C TYR J 5 -30.00 9.95 30.80
N MET J 6 -30.06 8.63 30.72
CA MET J 6 -31.09 7.88 31.42
C MET J 6 -30.48 6.72 32.18
N VAL J 7 -30.83 6.58 33.45
CA VAL J 7 -30.32 5.48 34.28
C VAL J 7 -31.46 4.59 34.75
N ILE J 8 -31.38 3.32 34.43
CA ILE J 8 -32.41 2.35 34.80
C ILE J 8 -31.88 1.41 35.88
N ASP J 9 -32.66 1.23 36.94
CA ASP J 9 -32.26 0.36 38.03
C ASP J 9 -32.96 -0.99 37.94
N VAL J 10 -32.24 -1.99 37.46
CA VAL J 10 -32.76 -3.33 37.29
C VAL J 10 -33.40 -3.86 38.57
N ALA J 11 -32.69 -3.75 39.68
CA ALA J 11 -33.18 -4.25 40.97
C ALA J 11 -34.55 -3.71 41.34
N LYS J 12 -34.97 -2.63 40.70
CA LYS J 12 -36.26 -2.06 41.00
C LYS J 12 -37.39 -2.37 40.01
N CYS J 13 -37.09 -3.03 38.88
CA CYS J 13 -38.16 -3.37 37.93
C CYS J 13 -39.04 -4.49 38.40
N GLN J 14 -40.36 -4.31 38.29
CA GLN J 14 -41.29 -5.37 38.67
C GLN J 14 -42.13 -5.80 37.47
N ASP J 15 -41.74 -5.32 36.28
CA ASP J 15 -42.40 -5.67 35.01
C ASP J 15 -43.92 -5.37 34.98
N CYS J 16 -44.35 -4.26 35.58
CA CYS J 16 -45.78 -3.92 35.56
C CYS J 16 -46.16 -3.34 34.20
N ASN J 17 -45.14 -2.99 33.42
CA ASN J 17 -45.32 -2.43 32.09
C ASN J 17 -45.96 -1.07 31.95
N ASN J 18 -45.88 -0.24 32.98
CA ASN J 18 -46.41 1.11 32.87
C ASN J 18 -45.70 1.82 31.70
N CYS J 19 -44.38 1.59 31.53
CA CYS J 19 -43.58 2.20 30.44
C CYS J 19 -44.26 1.98 29.13
N PHE J 20 -44.21 0.71 28.74
CA PHE J 20 -44.75 0.20 27.51
C PHE J 20 -46.08 0.83 27.18
N MET J 21 -47.00 0.81 28.13
CA MET J 21 -48.30 1.42 27.87
C MET J 21 -48.09 2.91 27.60
N GLY J 22 -47.10 3.48 28.28
CA GLY J 22 -46.78 4.88 28.09
C GLY J 22 -46.51 5.22 26.63
N CYS J 23 -45.55 4.54 25.98
CA CYS J 23 -45.29 4.86 24.57
C CYS J 23 -46.55 4.74 23.78
N MET J 24 -47.14 3.55 23.82
CA MET J 24 -48.37 3.27 23.09
C MET J 24 -49.37 4.40 23.27
N ASP J 25 -49.64 4.77 24.52
CA ASP J 25 -50.57 5.85 24.80
C ASP J 25 -50.13 7.12 24.08
N GLU J 26 -48.81 7.31 24.03
CA GLU J 26 -48.23 8.49 23.40
C GLU J 26 -48.05 8.37 21.89
N HIS J 27 -47.68 7.18 21.41
CA HIS J 27 -47.40 6.98 20.00
C HIS J 27 -48.31 6.12 19.11
N GLU J 28 -49.21 5.32 19.69
CA GLU J 28 -50.07 4.45 18.87
C GLU J 28 -51.18 5.16 18.11
N LEU J 29 -51.91 6.05 18.80
CA LEU J 29 -53.01 6.79 18.19
C LEU J 29 -52.61 8.23 17.82
N ASN J 30 -51.36 8.57 18.08
CA ASN J 30 -50.86 9.92 17.79
C ASN J 30 -49.76 9.93 16.75
N GLU J 31 -49.74 11.01 15.97
CA GLU J 31 -48.72 11.21 14.97
C GLU J 31 -47.97 12.45 15.44
N TRP J 32 -46.65 12.44 15.27
CA TRP J 32 -45.83 13.57 15.70
C TRP J 32 -44.94 14.02 14.55
N PRO J 33 -45.39 15.02 13.78
CA PRO J 33 -44.66 15.57 12.64
C PRO J 33 -43.23 15.96 12.96
N GLY J 34 -42.28 15.37 12.24
CA GLY J 34 -40.89 15.68 12.45
C GLY J 34 -40.17 14.64 13.29
N TYR J 35 -40.91 13.94 14.14
CA TYR J 35 -40.30 12.92 15.00
C TYR J 35 -40.69 11.51 14.60
N THR J 36 -41.99 11.26 14.50
CA THR J 36 -42.44 9.92 14.15
C THR J 36 -43.91 9.82 13.81
N ALA J 37 -44.24 8.84 12.97
CA ALA J 37 -45.62 8.57 12.58
C ALA J 37 -46.12 7.67 13.71
N SER J 38 -47.38 7.26 13.64
CA SER J 38 -47.93 6.41 14.68
C SER J 38 -47.22 5.06 14.80
N MET J 39 -47.14 4.56 16.02
CA MET J 39 -46.49 3.29 16.35
C MET J 39 -47.31 2.10 15.89
N GLN J 40 -46.64 1.04 15.45
CA GLN J 40 -47.33 -0.17 15.02
C GLN J 40 -47.59 -1.08 16.20
N ARG J 41 -48.85 -1.47 16.37
CA ARG J 41 -49.22 -2.38 17.45
C ARG J 41 -48.33 -3.61 17.33
N GLY J 42 -47.72 -4.01 18.46
CA GLY J 42 -46.84 -5.15 18.46
C GLY J 42 -45.36 -4.79 18.58
N HIS J 43 -45.01 -3.53 18.32
CA HIS J 43 -43.62 -3.08 18.41
C HIS J 43 -43.23 -2.83 19.86
N ARG J 44 -41.96 -3.02 20.15
CA ARG J 44 -41.46 -2.80 21.49
C ARG J 44 -40.36 -1.74 21.54
N TRP J 45 -40.71 -0.48 21.32
CA TRP J 45 -39.72 0.59 21.38
C TRP J 45 -39.10 0.47 22.76
N MET J 46 -39.96 0.25 23.75
CA MET J 46 -39.54 0.03 25.13
C MET J 46 -39.69 -1.50 25.27
N ASN J 47 -38.57 -2.21 25.22
CA ASN J 47 -38.58 -3.67 25.31
C ASN J 47 -38.09 -4.12 26.68
N ILE J 48 -39.00 -4.63 27.50
CA ILE J 48 -38.64 -5.10 28.83
C ILE J 48 -38.26 -6.58 28.78
N GLU J 49 -36.97 -6.85 28.91
CA GLU J 49 -36.49 -8.23 28.89
C GLU J 49 -36.78 -8.90 30.22
N ARG J 50 -37.00 -10.21 30.16
CA ARG J 50 -37.32 -10.97 31.36
C ARG J 50 -36.39 -12.16 31.46
N ARG J 51 -35.74 -12.33 32.61
CA ARG J 51 -34.85 -13.47 32.78
C ARG J 51 -34.94 -14.10 34.17
N GLU J 52 -35.27 -15.39 34.18
CA GLU J 52 -35.37 -16.16 35.40
C GLU J 52 -34.03 -16.84 35.59
N ARG J 53 -33.61 -17.00 36.84
CA ARG J 53 -32.35 -17.66 37.14
C ARG J 53 -32.59 -18.70 38.21
N GLY J 54 -31.76 -19.75 38.22
CA GLY J 54 -31.90 -20.78 39.22
C GLY J 54 -33.02 -21.77 39.01
N THR J 55 -33.18 -22.65 40.00
CA THR J 55 -34.20 -23.67 39.98
C THR J 55 -34.97 -23.66 41.29
N TYR J 56 -36.25 -24.05 41.23
CA TYR J 56 -37.10 -24.09 42.41
C TYR J 56 -36.39 -24.85 43.54
N PRO J 57 -36.48 -24.36 44.78
CA PRO J 57 -37.18 -23.16 45.23
C PRO J 57 -36.27 -21.95 45.50
N ARG J 58 -35.02 -22.03 45.06
CA ARG J 58 -34.10 -20.91 45.28
C ARG J 58 -33.81 -20.18 43.98
N ASN J 59 -34.86 -19.99 43.20
CA ASN J 59 -34.82 -19.31 41.92
C ASN J 59 -35.15 -17.87 42.17
N ASP J 60 -35.05 -17.04 41.13
CA ASP J 60 -35.40 -15.64 41.22
C ASP J 60 -35.54 -15.09 39.80
N ILE J 61 -36.01 -13.86 39.67
CA ILE J 61 -36.19 -13.27 38.35
C ILE J 61 -35.95 -11.76 38.36
N ASN J 62 -35.42 -11.26 37.24
CA ASN J 62 -35.12 -9.84 37.10
C ASN J 62 -35.47 -9.36 35.69
N TYR J 63 -35.82 -8.09 35.60
CA TYR J 63 -36.23 -7.49 34.34
C TYR J 63 -35.34 -6.36 33.89
N ARG J 64 -35.27 -6.16 32.58
CA ARG J 64 -34.43 -5.11 32.04
C ARG J 64 -35.14 -4.24 31.00
N PRO J 65 -35.72 -3.12 31.45
CA PRO J 65 -36.40 -2.26 30.47
C PRO J 65 -35.34 -1.82 29.46
N THR J 66 -35.60 -2.09 28.18
CA THR J 66 -34.66 -1.73 27.14
C THR J 66 -35.19 -0.84 26.03
N PRO J 67 -34.97 0.48 26.14
CA PRO J 67 -35.46 1.37 25.08
C PRO J 67 -34.29 1.52 24.12
N CYS J 68 -34.22 2.64 23.42
CA CYS J 68 -33.10 2.85 22.52
C CYS J 68 -31.93 3.37 23.33
N MET J 69 -30.72 2.96 22.96
CA MET J 69 -29.52 3.40 23.69
C MET J 69 -29.09 4.83 23.31
N HIS J 70 -29.52 5.30 22.14
CA HIS J 70 -29.15 6.64 21.66
C HIS J 70 -27.67 6.87 21.87
N CYS J 71 -26.87 5.84 21.62
CA CYS J 71 -25.43 5.90 21.83
C CYS J 71 -24.70 7.05 21.15
N GLU J 72 -23.63 7.52 21.79
CA GLU J 72 -22.82 8.63 21.30
C GLU J 72 -22.14 8.36 19.95
N ASN J 73 -21.78 7.10 19.70
CA ASN J 73 -21.16 6.69 18.46
C ASN J 73 -22.15 5.75 17.79
N ALA J 74 -23.30 6.28 17.40
CA ALA J 74 -24.36 5.48 16.78
C ALA J 74 -24.05 4.87 15.42
N PRO J 75 -24.05 3.53 15.34
CA PRO J 75 -23.78 2.77 14.10
C PRO J 75 -24.76 3.10 12.96
N CYS J 76 -26.05 3.20 13.27
CA CYS J 76 -26.99 3.49 12.20
C CYS J 76 -26.94 4.93 11.71
N VAL J 77 -26.41 5.82 12.53
CA VAL J 77 -26.27 7.20 12.09
C VAL J 77 -25.10 7.18 11.12
N ALA J 78 -24.10 6.35 11.44
CA ALA J 78 -22.90 6.22 10.61
C ALA J 78 -23.19 5.53 9.28
N LYS J 79 -24.15 4.62 9.27
CA LYS J 79 -24.48 3.89 8.05
C LYS J 79 -25.93 4.06 7.63
N GLY J 80 -26.56 5.15 8.08
CA GLY J 80 -27.95 5.39 7.73
C GLY J 80 -28.10 6.23 6.49
N ASN J 81 -27.02 6.86 6.07
CA ASN J 81 -27.01 7.69 4.87
C ASN J 81 -27.87 8.95 4.98
N GLY J 82 -27.98 9.48 6.19
CA GLY J 82 -28.76 10.69 6.40
C GLY J 82 -30.16 10.42 6.95
N ALA J 83 -30.58 9.15 6.88
CA ALA J 83 -31.89 8.74 7.35
C ALA J 83 -32.00 8.74 8.89
N VAL J 84 -30.85 8.88 9.55
CA VAL J 84 -30.80 8.92 11.01
C VAL J 84 -29.82 10.01 11.42
N TYR J 85 -30.27 10.95 12.24
CA TYR J 85 -29.40 12.01 12.69
C TYR J 85 -29.27 12.05 14.20
N GLN J 86 -28.20 12.68 14.68
CA GLN J 86 -27.94 12.82 16.12
C GLN J 86 -28.03 14.29 16.50
N ARG J 87 -28.82 14.59 17.52
CA ARG J 87 -28.98 15.97 17.97
C ARG J 87 -27.88 16.34 18.96
N GLU J 88 -27.67 17.64 19.17
CA GLU J 88 -26.66 18.13 20.10
C GLU J 88 -26.85 17.57 21.50
N ASP J 89 -28.10 17.37 21.90
CA ASP J 89 -28.40 16.84 23.22
C ASP J 89 -28.23 15.32 23.29
N GLY J 90 -27.67 14.74 22.24
CA GLY J 90 -27.42 13.31 22.22
C GLY J 90 -28.55 12.38 21.78
N ILE J 91 -29.72 12.93 21.50
CA ILE J 91 -30.86 12.12 21.08
C ILE J 91 -30.72 11.67 19.63
N VAL J 92 -30.71 10.37 19.41
CA VAL J 92 -30.62 9.84 18.05
C VAL J 92 -32.04 9.68 17.53
N LEU J 93 -32.32 10.31 16.39
CA LEU J 93 -33.65 10.24 15.80
C LEU J 93 -33.62 9.80 14.35
N ILE J 94 -34.68 9.10 13.95
CA ILE J 94 -34.85 8.63 12.58
C ILE J 94 -35.72 9.65 11.87
N ASP J 95 -35.31 10.07 10.68
CA ASP J 95 -36.11 11.03 9.92
C ASP J 95 -37.27 10.26 9.31
N PRO J 96 -38.48 10.46 9.85
CA PRO J 96 -39.72 9.81 9.42
C PRO J 96 -39.87 9.65 7.91
N GLU J 97 -39.46 10.67 7.15
CA GLU J 97 -39.60 10.64 5.71
C GLU J 97 -38.44 9.99 4.95
N LYS J 98 -37.23 10.49 5.15
CA LYS J 98 -36.07 9.93 4.46
C LYS J 98 -35.90 8.44 4.75
N ALA J 99 -36.44 7.98 5.87
CA ALA J 99 -36.31 6.57 6.24
C ALA J 99 -37.32 5.66 5.57
N LYS J 100 -38.29 6.25 4.86
CA LYS J 100 -39.30 5.43 4.20
C LYS J 100 -38.74 4.58 3.07
N GLY J 101 -39.13 3.31 3.04
CA GLY J 101 -38.69 2.38 2.02
C GLY J 101 -37.39 1.66 2.32
N LYS J 102 -36.81 1.90 3.50
CA LYS J 102 -35.54 1.27 3.86
C LYS J 102 -35.57 0.28 5.02
N LYS J 103 -35.91 -0.97 4.73
CA LYS J 103 -35.94 -2.01 5.76
C LYS J 103 -34.52 -2.34 6.19
N GLU J 104 -33.56 -1.87 5.38
CA GLU J 104 -32.14 -2.12 5.62
C GLU J 104 -31.61 -1.43 6.87
N LEU J 105 -32.23 -0.32 7.26
CA LEU J 105 -31.78 0.40 8.45
C LEU J 105 -31.78 -0.48 9.68
N LEU J 106 -32.75 -1.39 9.76
CA LEU J 106 -32.85 -2.28 10.92
C LEU J 106 -31.57 -3.01 11.26
N ASP J 107 -30.89 -3.56 10.24
CA ASP J 107 -29.66 -4.31 10.48
C ASP J 107 -28.50 -3.43 10.93
N THR J 108 -28.68 -2.12 10.86
CA THR J 108 -27.63 -1.20 11.26
C THR J 108 -27.64 -1.01 12.78
N CYS J 109 -28.53 -1.72 13.46
CA CYS J 109 -28.61 -1.59 14.92
C CYS J 109 -28.07 -2.82 15.64
N PRO J 110 -26.93 -2.66 16.34
CA PRO J 110 -26.33 -3.78 17.06
C PRO J 110 -27.23 -4.24 18.20
N TYR J 111 -28.12 -3.35 18.64
CA TYR J 111 -29.03 -3.67 19.73
C TYR J 111 -30.42 -4.14 19.30
N GLY J 112 -30.75 -3.94 18.03
CA GLY J 112 -32.06 -4.35 17.54
C GLY J 112 -33.22 -3.64 18.22
N VAL J 113 -33.15 -2.31 18.25
CA VAL J 113 -34.20 -1.52 18.88
C VAL J 113 -35.21 -0.96 17.88
N MET J 114 -34.94 -1.06 16.59
CA MET J 114 -35.92 -0.54 15.64
C MET J 114 -36.84 -1.63 15.08
N TYR J 115 -38.03 -1.20 14.72
CA TYR J 115 -39.04 -2.11 14.20
C TYR J 115 -39.60 -1.59 12.89
N TRP J 116 -39.97 -2.52 12.02
CA TRP J 116 -40.54 -2.14 10.74
C TRP J 116 -42.05 -1.98 10.83
N ASN J 117 -42.52 -0.79 10.51
CA ASN J 117 -43.93 -0.48 10.51
C ASN J 117 -44.42 -0.78 9.09
N GLU J 118 -45.24 -1.81 8.94
CA GLU J 118 -45.77 -2.20 7.64
C GLU J 118 -46.57 -1.12 6.93
N GLU J 119 -47.60 -0.63 7.60
CA GLU J 119 -48.48 0.39 7.04
C GLU J 119 -47.72 1.66 6.67
N GLU J 120 -46.62 1.92 7.36
CA GLU J 120 -45.81 3.10 7.12
C GLU J 120 -44.57 2.83 6.25
N ASN J 121 -44.26 1.56 6.02
CA ASN J 121 -43.09 1.19 5.23
C ASN J 121 -41.86 1.96 5.70
N VAL J 122 -41.66 2.04 7.01
CA VAL J 122 -40.52 2.76 7.54
C VAL J 122 -40.09 2.19 8.88
N ALA J 123 -38.80 2.29 9.16
CA ALA J 123 -38.26 1.80 10.42
C ALA J 123 -38.68 2.80 11.48
N GLN J 124 -38.93 2.30 12.69
CA GLN J 124 -39.33 3.17 13.78
C GLN J 124 -38.64 2.70 15.04
N LYS J 125 -38.62 3.57 16.04
CA LYS J 125 -38.02 3.21 17.30
C LYS J 125 -38.05 4.35 18.29
N CYS J 126 -37.42 4.11 19.41
CA CYS J 126 -37.33 5.08 20.49
C CYS J 126 -36.88 6.47 20.06
N THR J 127 -37.68 7.47 20.40
CA THR J 127 -37.34 8.86 20.07
C THR J 127 -37.14 9.61 21.38
N MET J 128 -37.35 8.92 22.50
CA MET J 128 -37.22 9.53 23.83
C MET J 128 -38.18 10.72 23.89
N CYS J 129 -39.36 10.54 23.30
CA CYS J 129 -40.40 11.58 23.18
C CYS J 129 -39.78 12.96 23.15
N ALA J 130 -38.90 13.13 22.16
CA ALA J 130 -38.20 14.38 21.93
C ALA J 130 -39.23 15.46 21.69
N HIS J 131 -40.39 15.09 21.18
CA HIS J 131 -41.43 16.08 20.93
C HIS J 131 -41.91 16.60 22.28
N LEU J 132 -41.86 15.75 23.29
CA LEU J 132 -42.26 16.15 24.62
C LEU J 132 -41.17 16.99 25.27
N LEU J 133 -39.92 16.59 25.05
CA LEU J 133 -38.80 17.33 25.63
C LEU J 133 -38.61 18.68 24.95
N ASP J 134 -39.06 18.80 23.70
CA ASP J 134 -38.92 20.06 22.96
C ASP J 134 -40.07 21.02 23.24
N ASP J 135 -40.95 20.64 24.17
CA ASP J 135 -42.07 21.49 24.52
C ASP J 135 -42.07 21.88 25.99
N GLU J 136 -42.23 23.17 26.24
CA GLU J 136 -42.25 23.74 27.59
C GLU J 136 -43.52 23.37 28.38
N SER J 137 -44.62 23.19 27.66
CA SER J 137 -45.89 22.86 28.27
C SER J 137 -45.92 21.50 28.96
N TRP J 138 -44.99 20.63 28.61
CA TRP J 138 -44.91 19.31 29.24
C TRP J 138 -44.11 19.47 30.54
N ALA J 139 -44.77 20.00 31.56
CA ALA J 139 -44.17 20.24 32.87
C ALA J 139 -43.22 19.15 33.38
N PRO J 140 -43.57 17.88 33.18
CA PRO J 140 -42.70 16.78 33.65
C PRO J 140 -41.27 16.83 33.11
N LYS J 141 -41.12 17.28 31.87
CA LYS J 141 -39.80 17.38 31.24
C LYS J 141 -39.04 16.05 31.26
N MET J 142 -39.73 14.98 30.91
CA MET J 142 -39.12 13.66 30.88
C MET J 142 -40.00 12.74 30.04
N PRO J 143 -39.42 11.67 29.49
CA PRO J 143 -40.16 10.71 28.66
C PRO J 143 -41.35 10.11 29.39
N ARG J 144 -42.20 9.40 28.66
CA ARG J 144 -43.39 8.77 29.24
C ARG J 144 -43.08 7.60 30.17
N CYS J 145 -42.08 6.77 29.84
CA CYS J 145 -41.75 5.65 30.74
C CYS J 145 -41.53 6.24 32.09
N ALA J 146 -40.40 6.93 32.17
CA ALA J 146 -39.93 7.59 33.37
C ALA J 146 -41.07 8.25 34.13
N HIS J 147 -41.95 8.95 33.44
CA HIS J 147 -43.03 9.60 34.14
C HIS J 147 -44.09 8.61 34.62
N ASN J 148 -44.26 7.51 33.88
CA ASN J 148 -45.25 6.51 34.24
C ASN J 148 -44.83 5.54 35.39
N CYS J 149 -43.54 5.38 35.65
CA CYS J 149 -43.12 4.47 36.73
C CYS J 149 -43.82 4.73 38.03
N GLY J 150 -43.85 3.68 38.84
CA GLY J 150 -44.44 3.76 40.15
C GLY J 150 -43.44 3.10 41.07
N SER J 151 -42.34 2.63 40.50
CA SER J 151 -41.32 1.93 41.27
C SER J 151 -39.95 2.63 41.34
N PHE J 152 -39.91 3.91 40.95
CA PHE J 152 -38.69 4.70 40.99
C PHE J 152 -37.50 4.02 40.32
N VAL J 153 -37.73 3.48 39.13
CA VAL J 153 -36.70 2.78 38.37
C VAL J 153 -35.86 3.73 37.54
N TYR J 154 -36.50 4.77 37.00
CA TYR J 154 -35.82 5.73 36.15
C TYR J 154 -35.30 7.01 36.81
N GLU J 155 -34.25 7.53 36.19
CA GLU J 155 -33.63 8.75 36.62
C GLU J 155 -33.27 9.43 35.29
N PHE J 156 -34.07 10.41 34.91
CA PHE J 156 -33.85 11.12 33.68
C PHE J 156 -33.16 12.44 34.00
N LEU J 157 -32.01 12.68 33.39
CA LEU J 157 -31.29 13.90 33.66
C LEU J 157 -30.64 14.52 32.43
N LYS J 158 -30.41 15.82 32.50
CA LYS J 158 -29.77 16.56 31.42
C LYS J 158 -28.58 17.27 32.01
N THR J 159 -27.38 16.78 31.71
CA THR J 159 -26.18 17.40 32.26
C THR J 159 -24.98 17.30 31.33
N THR J 160 -23.82 17.64 31.84
CA THR J 160 -22.58 17.61 31.07
C THR J 160 -21.99 16.21 31.15
N PRO J 161 -21.21 15.83 30.12
CA PRO J 161 -20.59 14.50 30.13
C PRO J 161 -19.78 14.28 31.40
N GLU J 162 -19.24 15.36 31.96
CA GLU J 162 -18.44 15.30 33.17
C GLU J 162 -19.27 14.84 34.35
N ALA J 163 -20.45 15.44 34.48
CA ALA J 163 -21.36 15.10 35.58
C ALA J 163 -21.85 13.66 35.48
N MET J 164 -21.97 13.16 34.26
CA MET J 164 -22.42 11.80 34.04
C MET J 164 -21.31 10.80 34.32
N ALA J 165 -20.12 11.10 33.81
CA ALA J 165 -18.96 10.23 34.00
C ALA J 165 -18.66 10.04 35.48
N LYS J 166 -18.81 11.10 36.27
CA LYS J 166 -18.55 11.00 37.70
C LYS J 166 -19.57 10.06 38.32
N LYS J 167 -20.84 10.25 37.95
CA LYS J 167 -21.94 9.44 38.45
C LYS J 167 -21.72 7.97 38.11
N VAL J 168 -21.41 7.71 36.84
CA VAL J 168 -21.17 6.35 36.36
C VAL J 168 -20.19 5.62 37.28
N GLU J 169 -19.17 6.34 37.73
CA GLU J 169 -18.16 5.76 38.61
C GLU J 169 -18.65 5.63 40.05
N GLU J 170 -19.40 6.62 40.52
CA GLU J 170 -19.92 6.61 41.89
C GLU J 170 -20.91 5.47 42.13
N GLU J 171 -21.75 5.20 41.14
CA GLU J 171 -22.77 4.17 41.28
C GLU J 171 -22.47 2.85 40.58
N GLY J 172 -21.36 2.81 39.84
CA GLY J 172 -21.01 1.58 39.15
C GLY J 172 -21.94 1.31 37.99
N LEU J 173 -22.39 2.38 37.34
CA LEU J 173 -23.30 2.24 36.21
C LEU J 173 -22.61 1.47 35.09
N GLU J 174 -23.41 0.72 34.32
CA GLU J 174 -22.89 -0.09 33.21
C GLU J 174 -23.79 0.04 31.98
N VAL J 175 -23.29 -0.39 30.83
CA VAL J 175 -24.08 -0.35 29.60
C VAL J 175 -24.14 -1.74 28.98
N ILE J 176 -25.04 -1.89 28.01
CA ILE J 176 -25.21 -3.17 27.33
C ILE J 176 -24.19 -3.25 26.20
N LYS J 177 -23.57 -4.41 26.05
CA LYS J 177 -22.56 -4.63 25.00
C LYS J 177 -21.54 -3.50 24.90
N PRO J 178 -20.75 -3.29 25.97
CA PRO J 178 -19.72 -2.26 26.05
C PRO J 178 -18.59 -2.48 25.04
N GLU J 179 -18.34 -3.74 24.73
CA GLU J 179 -17.29 -4.12 23.79
C GLU J 179 -17.44 -3.51 22.40
N LEU J 180 -18.67 -3.29 21.95
CA LEU J 180 -18.92 -2.74 20.62
C LEU J 180 -18.51 -1.28 20.47
N GLY J 181 -18.35 -0.59 21.60
CA GLY J 181 -17.92 0.80 21.59
C GLY J 181 -18.88 1.84 21.05
N THR J 182 -20.18 1.60 21.17
CA THR J 182 -21.16 2.57 20.67
C THR J 182 -21.41 3.66 21.71
N LYS J 183 -21.00 3.39 22.95
CA LYS J 183 -21.15 4.32 24.08
C LYS J 183 -22.57 4.79 24.33
N PRO J 184 -23.46 3.87 24.75
CA PRO J 184 -24.87 4.18 25.04
C PRO J 184 -25.01 5.29 26.08
N ARG J 185 -26.05 6.11 25.94
CA ARG J 185 -26.28 7.16 26.91
C ARG J 185 -27.35 6.71 27.92
N VAL J 186 -27.74 5.44 27.83
CA VAL J 186 -28.70 4.85 28.76
C VAL J 186 -27.90 3.90 29.65
N TYR J 187 -27.92 4.14 30.94
CA TYR J 187 -27.18 3.31 31.87
C TYR J 187 -28.03 2.42 32.73
N TYR J 188 -27.41 1.36 33.23
CA TYR J 188 -28.08 0.39 34.08
C TYR J 188 -27.38 0.29 35.42
N LYS J 189 -28.20 0.29 36.47
CA LYS J 189 -27.75 0.18 37.85
C LYS J 189 -28.15 -1.22 38.33
N ASN J 190 -27.22 -1.95 38.93
CA ASN J 190 -27.48 -3.30 39.41
C ASN J 190 -27.71 -4.26 38.25
N LEU J 191 -27.02 -4.01 37.14
CA LEU J 191 -27.14 -4.84 35.95
C LEU J 191 -26.70 -6.30 36.16
N TYR J 192 -26.01 -6.58 37.25
CA TYR J 192 -25.56 -7.95 37.51
C TYR J 192 -26.77 -8.86 37.68
N ARG J 193 -27.84 -8.30 38.24
CA ARG J 193 -29.08 -9.04 38.47
C ARG J 193 -29.53 -9.73 37.18
N PHE J 194 -29.39 -9.01 36.08
CA PHE J 194 -29.80 -9.50 34.78
C PHE J 194 -28.74 -10.27 33.99
N GLU J 195 -27.50 -9.78 34.02
CA GLU J 195 -26.41 -10.41 33.27
C GLU J 195 -25.50 -11.39 33.99
N LYS J 196 -25.57 -11.46 35.31
CA LYS J 196 -24.72 -12.41 36.05
C LYS J 196 -25.50 -13.52 36.73
N ASN J 197 -24.79 -14.43 37.36
CA ASN J 197 -25.40 -15.54 38.06
C ASN J 197 -24.92 -15.67 39.49
N TYR J 198 -25.54 -16.57 40.25
CA TYR J 198 -25.19 -16.74 41.64
C TYR J 198 -25.16 -18.21 42.07
N VAL J 199 -24.80 -18.42 43.32
CA VAL J 199 -24.78 -19.75 43.89
C VAL J 199 -25.47 -19.58 45.24
N THR J 200 -26.40 -20.48 45.54
CA THR J 200 -27.13 -20.37 46.78
C THR J 200 -27.30 -21.76 47.41
N ALA J 201 -27.71 -21.78 48.67
CA ALA J 201 -27.90 -23.03 49.39
C ALA J 201 -28.51 -22.77 50.76
N GLY J 202 -28.83 -23.85 51.47
CA GLY J 202 -29.40 -23.75 52.80
C GLY J 202 -28.66 -24.70 53.73
N ILE J 203 -28.08 -24.16 54.81
CA ILE J 203 -27.33 -24.98 55.75
C ILE J 203 -28.17 -25.54 56.89
N LEU J 204 -28.03 -26.84 57.09
CA LEU J 204 -28.74 -27.52 58.15
C LEU J 204 -27.81 -28.11 59.18
N VAL J 205 -28.14 -27.90 60.45
CA VAL J 205 -27.36 -28.43 61.57
C VAL J 205 -28.33 -29.12 62.52
N GLN J 206 -28.22 -30.44 62.62
CA GLN J 206 -29.08 -31.24 63.48
C GLN J 206 -30.54 -31.16 63.07
N GLY J 207 -30.78 -30.93 61.78
CA GLY J 207 -32.14 -30.88 61.29
C GLY J 207 -32.80 -29.52 61.20
N ASP J 208 -32.15 -28.48 61.70
CA ASP J 208 -32.73 -27.15 61.66
C ASP J 208 -31.83 -26.14 60.96
N CYS J 209 -32.46 -25.12 60.37
CA CYS J 209 -31.75 -24.08 59.67
C CYS J 209 -30.72 -23.48 60.60
N PHE J 210 -29.48 -23.40 60.13
CA PHE J 210 -28.41 -22.86 60.96
C PHE J 210 -28.05 -21.43 60.59
N GLU J 211 -28.17 -20.53 61.57
CA GLU J 211 -27.86 -19.12 61.37
C GLU J 211 -26.46 -18.79 61.88
N GLY J 212 -25.74 -17.96 61.14
CA GLY J 212 -24.41 -17.58 61.57
C GLY J 212 -23.28 -18.40 60.98
N ALA J 213 -23.60 -19.44 60.22
CA ALA J 213 -22.56 -20.26 59.63
C ALA J 213 -21.75 -19.35 58.69
N LYS J 214 -20.43 -19.49 58.71
CA LYS J 214 -19.57 -18.68 57.88
C LYS J 214 -19.37 -19.35 56.54
N VAL J 215 -19.70 -18.63 55.47
CA VAL J 215 -19.58 -19.15 54.12
C VAL J 215 -18.61 -18.31 53.31
N VAL J 216 -17.73 -18.98 52.58
CA VAL J 216 -16.76 -18.29 51.75
C VAL J 216 -16.77 -18.87 50.33
N LEU J 217 -16.61 -18.00 49.34
CA LEU J 217 -16.58 -18.40 47.94
C LEU J 217 -15.18 -18.11 47.41
N LYS J 218 -14.62 -19.05 46.66
CA LYS J 218 -13.28 -18.87 46.11
C LYS J 218 -13.15 -19.24 44.64
N SER J 219 -12.24 -18.53 43.95
CA SER J 219 -11.96 -18.78 42.56
C SER J 219 -10.44 -18.84 42.45
N GLY J 220 -9.92 -19.98 41.99
CA GLY J 220 -8.48 -20.14 41.88
C GLY J 220 -7.88 -20.34 43.25
N GLY J 221 -8.70 -20.28 44.28
CA GLY J 221 -8.19 -20.46 45.63
C GLY J 221 -8.18 -19.21 46.48
N LYS J 222 -8.64 -18.09 45.93
CA LYS J 222 -8.66 -16.85 46.70
C LYS J 222 -10.09 -16.32 46.90
N GLU J 223 -10.42 -16.05 48.16
CA GLU J 223 -11.73 -15.54 48.54
C GLU J 223 -12.25 -14.45 47.59
N VAL J 224 -13.43 -14.70 47.00
CA VAL J 224 -14.05 -13.77 46.08
C VAL J 224 -15.23 -13.09 46.77
N ALA J 225 -15.73 -13.72 47.83
CA ALA J 225 -16.84 -13.19 48.60
C ALA J 225 -17.04 -14.00 49.88
N SER J 226 -17.74 -13.43 50.84
CA SER J 226 -18.00 -14.12 52.09
C SER J 226 -19.31 -13.62 52.68
N ALA J 227 -19.95 -14.44 53.50
CA ALA J 227 -21.22 -14.06 54.11
C ALA J 227 -21.60 -15.03 55.24
N GLU J 228 -22.61 -14.64 56.01
CA GLU J 228 -23.11 -15.48 57.08
C GLU J 228 -24.56 -15.84 56.77
N THR J 229 -24.93 -17.08 57.03
CA THR J 229 -26.28 -17.54 56.77
C THR J 229 -27.31 -16.89 57.69
N ASN J 230 -28.44 -16.48 57.12
CA ASN J 230 -29.51 -15.85 57.89
C ASN J 230 -30.26 -16.94 58.68
N PHE J 231 -31.35 -16.57 59.35
CA PHE J 231 -32.10 -17.54 60.14
C PHE J 231 -32.68 -18.71 59.35
N PHE J 232 -32.62 -18.62 58.02
CA PHE J 232 -33.12 -19.70 57.16
C PHE J 232 -31.94 -20.59 56.75
N GLY J 233 -30.75 -20.23 57.22
CA GLY J 233 -29.55 -20.99 56.91
C GLY J 233 -29.08 -20.82 55.49
N GLU J 234 -29.50 -19.74 54.83
CA GLU J 234 -29.11 -19.51 53.46
C GLU J 234 -28.11 -18.38 53.22
N PHE J 235 -27.38 -18.51 52.11
CA PHE J 235 -26.41 -17.52 51.68
C PHE J 235 -26.62 -17.36 50.18
N LYS J 236 -26.18 -16.24 49.61
CA LYS J 236 -26.35 -16.02 48.19
C LYS J 236 -25.28 -15.10 47.62
N PHE J 237 -24.37 -15.68 46.85
CA PHE J 237 -23.29 -14.93 46.23
C PHE J 237 -23.66 -14.64 44.79
N ASP J 238 -24.03 -13.40 44.51
CA ASP J 238 -24.44 -12.98 43.17
C ASP J 238 -23.31 -12.26 42.42
N ALA J 239 -23.64 -11.80 41.21
CA ALA J 239 -22.70 -11.09 40.35
C ALA J 239 -21.48 -11.93 40.00
N LEU J 240 -21.69 -13.23 39.80
CA LEU J 240 -20.61 -14.13 39.47
C LEU J 240 -20.42 -14.32 37.97
N ASP J 241 -19.16 -14.29 37.53
CA ASP J 241 -18.80 -14.50 36.13
C ASP J 241 -18.68 -16.01 35.93
N ASN J 242 -18.76 -16.47 34.69
CA ASN J 242 -18.64 -17.90 34.41
C ASN J 242 -17.29 -18.44 34.85
N GLY J 243 -17.28 -19.70 35.27
CA GLY J 243 -16.04 -20.33 35.72
C GLY J 243 -16.27 -21.27 36.89
N GLU J 244 -15.20 -21.89 37.37
CA GLU J 244 -15.30 -22.80 38.50
C GLU J 244 -15.09 -22.09 39.84
N TYR J 245 -15.89 -22.47 40.84
CA TYR J 245 -15.77 -21.90 42.17
C TYR J 245 -15.77 -22.98 43.23
N THR J 246 -15.35 -22.61 44.44
CA THR J 246 -15.34 -23.53 45.56
C THR J 246 -16.06 -22.85 46.71
N VAL J 247 -17.00 -23.57 47.32
CA VAL J 247 -17.76 -23.02 48.44
C VAL J 247 -17.34 -23.72 49.74
N GLU J 248 -16.80 -22.91 50.65
CA GLU J 248 -16.34 -23.42 51.94
C GLU J 248 -17.30 -22.93 53.01
N ILE J 249 -17.69 -23.83 53.91
CA ILE J 249 -18.63 -23.51 54.97
C ILE J 249 -18.19 -24.04 56.33
N ASP J 250 -18.38 -23.22 57.36
CA ASP J 250 -18.02 -23.60 58.72
C ASP J 250 -19.17 -23.30 59.67
N ALA J 251 -19.57 -24.29 60.47
CA ALA J 251 -20.67 -24.12 61.40
C ALA J 251 -20.52 -25.04 62.60
N ASP J 252 -20.39 -24.47 63.80
CA ASP J 252 -20.22 -25.27 65.01
C ASP J 252 -18.97 -26.14 64.91
N GLY J 253 -17.89 -25.54 64.43
CA GLY J 253 -16.64 -26.29 64.29
C GLY J 253 -16.67 -27.26 63.12
N LYS J 254 -17.85 -27.50 62.57
CA LYS J 254 -18.00 -28.41 61.44
C LYS J 254 -17.77 -27.69 60.12
N SER J 255 -16.95 -28.29 59.26
CA SER J 255 -16.64 -27.69 57.97
C SER J 255 -17.23 -28.49 56.82
N TYR J 256 -17.46 -27.81 55.70
CA TYR J 256 -18.00 -28.43 54.50
C TYR J 256 -17.51 -27.64 53.31
N SER J 257 -17.16 -28.34 52.24
CA SER J 257 -16.69 -27.66 51.04
C SER J 257 -17.03 -28.46 49.80
N ASP J 258 -17.29 -27.74 48.71
CA ASP J 258 -17.59 -28.38 47.44
C ASP J 258 -17.39 -27.39 46.32
N THR J 259 -17.35 -27.91 45.10
CA THR J 259 -17.13 -27.10 43.91
C THR J 259 -18.43 -26.76 43.18
N VAL J 260 -18.41 -25.66 42.43
CA VAL J 260 -19.58 -25.23 41.68
C VAL J 260 -19.20 -24.59 40.34
N VAL J 261 -19.83 -25.07 39.28
CA VAL J 261 -19.58 -24.55 37.93
C VAL J 261 -20.67 -23.58 37.50
N ILE J 262 -20.29 -22.34 37.23
CA ILE J 262 -21.24 -21.32 36.78
C ILE J 262 -21.09 -21.13 35.27
N ASP J 263 -22.09 -21.58 34.51
CA ASP J 263 -22.08 -21.44 33.04
C ASP J 263 -23.39 -20.81 32.58
N ASP J 264 -23.48 -19.49 32.72
CA ASP J 264 -24.67 -18.74 32.34
C ASP J 264 -25.92 -19.24 33.03
N LYS J 265 -25.72 -19.89 34.16
CA LYS J 265 -26.82 -20.43 34.97
C LYS J 265 -26.47 -20.30 36.44
N SER J 266 -27.46 -19.96 37.24
CA SER J 266 -27.25 -19.83 38.67
C SER J 266 -27.50 -21.21 39.28
N VAL J 267 -26.81 -21.51 40.37
CA VAL J 267 -26.93 -22.81 40.99
C VAL J 267 -27.40 -22.85 42.44
N ASP J 268 -28.25 -23.83 42.74
CA ASP J 268 -28.78 -24.05 44.07
C ASP J 268 -28.22 -25.39 44.50
N LEU J 269 -27.44 -25.39 45.58
CA LEU J 269 -26.85 -26.63 46.07
C LEU J 269 -27.81 -27.43 46.93
N GLY J 270 -28.95 -26.84 47.24
CA GLY J 270 -29.94 -27.53 48.06
C GLY J 270 -29.55 -27.45 49.54
N PHE J 271 -30.11 -28.35 50.34
CA PHE J 271 -29.81 -28.37 51.76
C PHE J 271 -28.49 -29.08 52.04
N ILE J 272 -27.60 -28.36 52.71
CA ILE J 272 -26.30 -28.89 53.08
C ILE J 272 -26.48 -29.29 54.54
N LYS J 273 -26.59 -30.59 54.78
CA LYS J 273 -26.83 -31.10 56.12
C LYS J 273 -25.58 -31.30 56.94
N LEU J 274 -25.19 -30.24 57.65
CA LEU J 274 -24.03 -30.29 58.53
C LEU J 274 -24.47 -30.74 59.91
N MET K 1 51.43 87.13 -47.50
CA MET K 1 52.57 87.19 -46.53
C MET K 1 52.36 86.24 -45.33
N GLY K 2 51.09 86.02 -44.96
CA GLY K 2 50.79 85.14 -43.83
C GLY K 2 49.63 84.20 -44.06
N GLU K 3 49.20 83.55 -42.98
CA GLU K 3 48.09 82.60 -43.04
C GLU K 3 46.74 83.25 -42.80
N VAL K 4 45.71 82.41 -42.73
CA VAL K 4 44.34 82.88 -42.49
C VAL K 4 44.02 82.65 -41.02
N VAL K 5 43.50 83.67 -40.35
CA VAL K 5 43.15 83.55 -38.95
C VAL K 5 41.65 83.76 -38.71
N ARG K 6 41.06 82.87 -37.91
CA ARG K 6 39.64 82.96 -37.60
C ARG K 6 39.44 83.88 -36.41
N LEU K 7 38.66 84.93 -36.62
CA LEU K 7 38.36 85.89 -35.58
C LEU K 7 36.86 85.94 -35.30
N THR K 8 36.49 86.72 -34.28
CA THR K 8 35.08 86.86 -33.90
C THR K 8 34.66 88.31 -33.92
N ASN K 9 33.35 88.52 -34.00
CA ASN K 9 32.76 89.83 -33.98
C ASN K 9 31.25 89.59 -34.02
N SER K 10 30.47 90.65 -34.11
CA SER K 10 29.02 90.49 -34.13
C SER K 10 28.36 91.62 -34.91
N SER K 11 27.03 91.63 -34.89
CA SER K 11 26.28 92.65 -35.61
C SER K 11 24.82 92.65 -35.25
N THR K 12 24.09 93.58 -35.86
CA THR K 12 22.67 93.71 -35.65
C THR K 12 21.98 92.56 -36.41
N GLY K 13 22.80 91.72 -37.04
CA GLY K 13 22.28 90.57 -37.77
C GLY K 13 22.80 89.26 -37.21
N GLY K 14 23.44 89.33 -36.04
CA GLY K 14 23.97 88.12 -35.41
C GLY K 14 25.49 88.02 -35.40
N PRO K 15 26.05 87.25 -34.45
CA PRO K 15 27.50 87.02 -34.28
C PRO K 15 28.11 86.36 -35.52
N VAL K 16 29.43 86.52 -35.69
CA VAL K 16 30.11 85.92 -36.84
C VAL K 16 31.55 85.54 -36.56
N PHE K 17 32.05 84.65 -37.41
CA PHE K 17 33.43 84.21 -37.38
C PHE K 17 34.01 84.96 -38.55
N VAL K 18 35.14 85.65 -38.32
CA VAL K 18 35.78 86.42 -39.37
C VAL K 18 37.13 85.82 -39.74
N TYR K 19 37.29 85.48 -41.02
CA TYR K 19 38.55 84.93 -41.50
C TYR K 19 39.36 86.06 -42.13
N VAL K 20 40.47 86.41 -41.50
CA VAL K 20 41.31 87.49 -42.00
C VAL K 20 42.66 86.99 -42.46
N LYS K 21 43.19 87.62 -43.50
CA LYS K 21 44.50 87.27 -44.03
C LYS K 21 45.19 88.51 -44.54
N ASP K 22 46.39 88.76 -44.02
CA ASP K 22 47.19 89.91 -44.44
C ASP K 22 46.44 91.22 -44.34
N GLY K 23 45.79 91.44 -43.19
CA GLY K 23 45.06 92.66 -42.94
C GLY K 23 43.78 92.80 -43.75
N LYS K 24 43.33 91.71 -44.35
CA LYS K 24 42.13 91.74 -45.16
C LYS K 24 41.11 90.69 -44.75
N ILE K 25 39.84 91.08 -44.74
CA ILE K 25 38.74 90.19 -44.38
C ILE K 25 38.36 89.35 -45.60
N ILE K 26 38.43 88.03 -45.47
CA ILE K 26 38.12 87.12 -46.58
C ILE K 26 36.65 86.70 -46.60
N ARG K 27 36.08 86.41 -45.43
CA ARG K 27 34.69 85.99 -45.34
C ARG K 27 34.16 86.07 -43.91
N MET K 28 32.85 86.18 -43.78
CA MET K 28 32.19 86.24 -42.48
C MET K 28 31.17 85.13 -42.52
N THR K 29 31.09 84.31 -41.47
CA THR K 29 30.15 83.20 -41.47
C THR K 29 29.44 82.99 -40.13
N PRO K 30 28.35 82.20 -40.15
CA PRO K 30 27.62 81.92 -38.91
C PRO K 30 28.60 81.14 -38.04
N MET K 31 28.36 81.10 -36.73
CA MET K 31 29.26 80.38 -35.84
C MET K 31 28.88 78.94 -35.54
N ASP K 32 29.86 78.04 -35.61
CA ASP K 32 29.71 76.66 -35.30
C ASP K 32 30.14 76.35 -33.89
N PHE K 33 29.38 75.58 -33.16
CA PHE K 33 29.73 75.26 -31.78
C PHE K 33 30.67 74.07 -31.67
N ASP K 34 31.65 74.18 -30.77
CA ASP K 34 32.61 73.13 -30.53
C ASP K 34 32.15 72.42 -29.26
N ASP K 35 31.46 71.29 -29.42
CA ASP K 35 30.92 70.58 -28.28
C ASP K 35 31.96 70.18 -27.23
N ALA K 36 33.23 70.35 -27.56
CA ALA K 36 34.31 70.01 -26.63
C ALA K 36 34.60 71.14 -25.64
N VAL K 37 34.24 72.36 -26.00
CA VAL K 37 34.47 73.51 -25.12
C VAL K 37 33.25 74.42 -24.99
N ASP K 38 32.18 74.08 -25.68
CA ASP K 38 30.96 74.87 -25.61
C ASP K 38 29.83 74.10 -24.92
N ALA K 39 29.27 74.71 -23.88
CA ALA K 39 28.21 74.11 -23.08
C ALA K 39 27.05 73.52 -23.89
N PRO K 40 26.47 72.41 -23.41
CA PRO K 40 25.35 71.74 -24.08
C PRO K 40 24.11 72.65 -24.09
N SER K 41 23.25 72.48 -25.07
CA SER K 41 22.04 73.30 -25.19
C SER K 41 20.93 72.82 -24.26
N TRP K 42 19.82 73.56 -24.23
CA TRP K 42 18.67 73.19 -23.41
C TRP K 42 17.83 72.17 -24.16
N LYS K 43 16.82 71.63 -23.48
CA LYS K 43 15.92 70.64 -24.07
C LYS K 43 14.52 70.89 -23.55
N ILE K 44 13.53 70.50 -24.34
CA ILE K 44 12.13 70.65 -23.95
C ILE K 44 11.36 69.39 -24.26
N GLU K 45 10.74 68.80 -23.25
CA GLU K 45 9.92 67.62 -23.46
C GLU K 45 8.51 68.13 -23.68
N ALA K 46 7.96 67.88 -24.86
CA ALA K 46 6.62 68.35 -25.17
C ALA K 46 5.87 67.42 -26.10
N ARG K 47 4.66 67.06 -25.68
CA ARG K 47 3.79 66.18 -26.44
C ARG K 47 4.45 64.96 -27.05
N GLY K 48 5.21 64.23 -26.24
CA GLY K 48 5.88 63.02 -26.71
C GLY K 48 7.12 63.20 -27.55
N LYS K 49 7.75 64.37 -27.47
CA LYS K 49 8.97 64.62 -28.24
C LYS K 49 9.99 65.38 -27.41
N THR K 50 11.21 65.49 -27.94
CA THR K 50 12.29 66.19 -27.26
C THR K 50 12.83 67.28 -28.18
N PHE K 51 12.66 68.53 -27.77
CA PHE K 51 13.15 69.62 -28.59
C PHE K 51 14.45 70.20 -28.06
N THR K 52 15.43 70.28 -28.94
CA THR K 52 16.76 70.81 -28.63
C THR K 52 17.19 71.65 -29.84
N PRO K 53 17.80 72.81 -29.59
CA PRO K 53 18.26 73.71 -30.66
C PRO K 53 19.53 73.28 -31.39
N PRO K 54 19.68 73.73 -32.64
CA PRO K 54 20.86 73.42 -33.47
C PRO K 54 22.13 73.97 -32.80
N ARG K 55 23.20 73.20 -32.85
CA ARG K 55 24.47 73.60 -32.27
C ARG K 55 25.15 74.67 -33.12
N LYS K 56 24.44 75.76 -33.40
CA LYS K 56 24.98 76.80 -34.26
C LYS K 56 24.15 78.08 -34.20
N THR K 57 24.74 79.21 -34.59
CA THR K 57 24.02 80.48 -34.61
C THR K 57 23.62 80.78 -36.06
N SER K 58 22.68 81.72 -36.25
CA SER K 58 22.24 82.08 -37.59
C SER K 58 22.40 83.59 -37.81
N ILE K 59 22.65 84.00 -39.05
CA ILE K 59 22.83 85.41 -39.35
C ILE K 59 21.80 85.90 -40.35
N ALA K 60 21.57 87.20 -40.38
CA ALA K 60 20.60 87.78 -41.31
C ALA K 60 21.30 88.06 -42.64
N PRO K 61 20.53 88.40 -43.69
CA PRO K 61 21.09 88.68 -45.02
C PRO K 61 22.07 89.86 -45.06
N TYR K 62 21.71 90.95 -44.38
CA TYR K 62 22.54 92.14 -44.36
C TYR K 62 23.89 91.96 -43.64
N THR K 63 24.02 90.87 -42.89
CA THR K 63 25.26 90.58 -42.19
C THR K 63 26.08 89.66 -43.08
N ALA K 64 25.40 88.72 -43.72
CA ALA K 64 26.03 87.77 -44.63
C ALA K 64 26.81 88.51 -45.72
N GLY K 65 26.43 89.75 -45.99
CA GLY K 65 27.13 90.52 -47.00
C GLY K 65 27.70 91.82 -46.47
N PHE K 66 27.91 91.88 -45.15
CA PHE K 66 28.41 93.08 -44.50
C PHE K 66 29.79 93.54 -45.01
N LYS K 67 30.59 92.60 -45.49
CA LYS K 67 31.92 92.93 -45.98
C LYS K 67 31.85 94.01 -47.06
N SER K 68 30.80 93.96 -47.88
CA SER K 68 30.62 94.94 -48.95
C SER K 68 30.29 96.32 -48.39
N MET K 69 30.01 96.40 -47.11
CA MET K 69 29.70 97.69 -46.50
C MET K 69 30.95 98.30 -45.87
N ILE K 70 31.81 97.43 -45.33
CA ILE K 70 33.05 97.86 -44.71
C ILE K 70 33.97 98.43 -45.79
N TYR K 71 33.97 97.78 -46.96
CA TYR K 71 34.80 98.18 -48.07
C TYR K 71 34.04 98.97 -49.13
N SER K 72 32.94 99.57 -48.70
CA SER K 72 32.12 100.37 -49.60
C SER K 72 32.91 101.56 -50.14
N ASP K 73 32.58 101.96 -51.37
CA ASP K 73 33.26 103.11 -51.97
C ASP K 73 32.55 104.39 -51.55
N LEU K 74 31.36 104.25 -50.98
CA LEU K 74 30.60 105.41 -50.50
C LEU K 74 30.99 105.66 -49.04
N ARG K 75 31.99 104.91 -48.61
CA ARG K 75 32.54 105.01 -47.26
C ARG K 75 33.26 106.38 -47.17
N ILE K 76 32.96 107.16 -46.13
CA ILE K 76 33.61 108.47 -45.99
C ILE K 76 35.11 108.21 -45.86
N PRO K 77 35.88 108.68 -46.85
CA PRO K 77 37.34 108.51 -46.93
C PRO K 77 38.22 109.32 -45.98
N TYR K 78 37.74 110.49 -45.57
CA TYR K 78 38.52 111.34 -44.68
C TYR K 78 37.71 112.56 -44.29
N PRO K 79 38.18 113.33 -43.30
CA PRO K 79 37.43 114.53 -42.89
C PRO K 79 37.20 115.41 -44.11
N MET K 80 35.97 115.92 -44.23
CA MET K 80 35.60 116.77 -45.34
C MET K 80 35.01 118.08 -44.85
N LYS K 81 35.06 119.09 -45.71
CA LYS K 81 34.52 120.41 -45.39
C LYS K 81 33.76 120.95 -46.61
N ARG K 82 32.64 121.62 -46.37
CA ARG K 82 31.86 122.20 -47.46
C ARG K 82 32.63 123.40 -47.98
N LYS K 83 33.00 123.36 -49.25
CA LYS K 83 33.77 124.44 -49.87
C LYS K 83 33.11 125.81 -49.71
N SER K 84 31.79 125.86 -49.70
CA SER K 84 31.09 127.14 -49.57
C SER K 84 30.94 127.67 -48.14
N PHE K 85 31.47 126.93 -47.17
CA PHE K 85 31.38 127.30 -45.75
C PHE K 85 32.63 127.94 -45.16
N ASP K 86 32.56 129.23 -44.85
CA ASP K 86 33.71 129.91 -44.24
C ASP K 86 33.35 130.31 -42.82
N PRO K 87 33.89 129.60 -41.82
CA PRO K 87 33.63 129.90 -40.41
C PRO K 87 33.79 131.38 -40.09
N ASN K 88 34.84 132.00 -40.64
CA ASN K 88 35.12 133.40 -40.37
C ASN K 88 34.71 134.34 -41.50
N GLY K 89 33.73 133.94 -42.28
CA GLY K 89 33.24 134.77 -43.38
C GLY K 89 31.83 134.36 -43.75
N GLU K 90 31.56 134.27 -45.06
CA GLU K 90 30.24 133.87 -45.53
C GLU K 90 30.05 132.38 -45.28
N ARG K 91 29.13 132.04 -44.36
CA ARG K 91 28.87 130.64 -44.06
C ARG K 91 27.91 130.03 -45.09
N ASN K 92 27.23 130.89 -45.83
CA ASN K 92 26.29 130.47 -46.87
C ASN K 92 25.44 129.26 -46.51
N PRO K 93 24.57 129.39 -45.50
CA PRO K 93 23.70 128.29 -45.07
C PRO K 93 22.76 127.87 -46.21
N GLN K 94 22.42 128.82 -47.06
CA GLN K 94 21.51 128.52 -48.15
C GLN K 94 22.12 127.57 -49.18
N LEU K 95 23.42 127.31 -49.07
CA LEU K 95 24.10 126.42 -50.00
C LEU K 95 24.34 124.99 -49.50
N ARG K 96 23.82 124.68 -48.31
CA ARG K 96 23.97 123.33 -47.79
C ARG K 96 23.11 122.44 -48.66
N GLY K 97 23.67 121.36 -49.19
CA GLY K 97 22.90 120.47 -50.05
C GLY K 97 22.83 120.91 -51.51
N ALA K 98 23.58 121.95 -51.85
CA ALA K 98 23.61 122.47 -53.22
C ALA K 98 24.07 121.41 -54.21
N GLY K 99 25.12 120.68 -53.85
CA GLY K 99 25.62 119.63 -54.73
C GLY K 99 24.55 118.59 -54.98
N LEU K 100 23.79 118.27 -53.94
CA LEU K 100 22.72 117.30 -54.02
C LEU K 100 21.65 117.82 -54.99
N SER K 101 21.43 119.12 -54.96
CA SER K 101 20.44 119.74 -55.82
C SER K 101 20.83 119.75 -57.30
N LYS K 102 22.09 119.48 -57.61
CA LYS K 102 22.53 119.42 -58.98
C LYS K 102 23.06 118.02 -59.26
N GLN K 103 22.58 117.08 -58.46
CA GLN K 103 22.94 115.67 -58.57
C GLN K 103 24.43 115.34 -58.46
N ASP K 104 25.18 116.20 -57.79
CA ASP K 104 26.61 115.96 -57.59
C ASP K 104 26.99 116.20 -56.13
N PRO K 105 26.59 115.28 -55.25
CA PRO K 105 26.87 115.36 -53.81
C PRO K 105 28.33 115.66 -53.44
N TRP K 106 29.25 114.79 -53.86
CA TRP K 106 30.65 114.97 -53.52
C TRP K 106 31.28 116.31 -53.89
N SER K 107 30.93 116.85 -55.06
CA SER K 107 31.49 118.11 -55.52
C SER K 107 31.42 119.25 -54.51
N ASP K 108 30.50 119.15 -53.56
CA ASP K 108 30.32 120.19 -52.55
C ASP K 108 31.44 120.23 -51.52
N TYR K 109 32.17 119.12 -51.37
CA TYR K 109 33.20 119.05 -50.35
C TYR K 109 34.65 118.99 -50.77
N GLU K 110 35.51 119.45 -49.87
CA GLU K 110 36.95 119.45 -50.07
C GLU K 110 37.55 118.72 -48.87
N ARG K 111 38.72 118.13 -49.05
CA ARG K 111 39.40 117.39 -48.00
C ARG K 111 40.18 118.25 -47.02
N ILE K 112 40.20 117.84 -45.75
CA ILE K 112 40.94 118.54 -44.71
C ILE K 112 41.39 117.51 -43.68
N SER K 113 42.39 117.87 -42.90
CA SER K 113 42.91 116.96 -41.88
C SER K 113 42.03 116.88 -40.64
N TRP K 114 42.32 115.91 -39.79
CA TRP K 114 41.58 115.76 -38.55
C TRP K 114 41.86 116.94 -37.65
N ASP K 115 43.09 117.43 -37.69
CA ASP K 115 43.48 118.55 -36.87
C ASP K 115 42.68 119.82 -37.17
N GLU K 116 42.50 120.13 -38.45
CA GLU K 116 41.75 121.33 -38.82
C GLU K 116 40.25 121.15 -38.58
N ALA K 117 39.74 119.96 -38.90
CA ALA K 117 38.31 119.67 -38.74
C ALA K 117 37.87 119.82 -37.27
N THR K 118 38.63 119.21 -36.36
CA THR K 118 38.33 119.27 -34.94
C THR K 118 38.50 120.70 -34.39
N ASP K 119 39.48 121.43 -34.90
CA ASP K 119 39.69 122.80 -34.44
C ASP K 119 38.52 123.70 -34.86
N ILE K 120 38.01 123.45 -36.05
CA ILE K 120 36.88 124.23 -36.56
C ILE K 120 35.63 123.95 -35.72
N VAL K 121 35.40 122.68 -35.39
CA VAL K 121 34.25 122.28 -34.58
C VAL K 121 34.39 122.81 -33.14
N VAL K 122 35.59 122.71 -32.58
CA VAL K 122 35.84 123.19 -31.21
C VAL K 122 35.66 124.70 -31.12
N ALA K 123 36.18 125.42 -32.12
CA ALA K 123 36.04 126.87 -32.13
C ALA K 123 34.56 127.27 -32.15
N GLU K 124 33.74 126.48 -32.85
CA GLU K 124 32.30 126.74 -32.95
C GLU K 124 31.60 126.41 -31.65
N ILE K 125 31.96 125.29 -31.05
CA ILE K 125 31.38 124.85 -29.79
C ILE K 125 31.56 125.92 -28.70
N ASN K 126 32.79 126.34 -28.49
CA ASN K 126 33.07 127.33 -27.46
C ASN K 126 32.50 128.72 -27.74
N ARG K 127 32.53 129.15 -28.99
CA ARG K 127 31.97 130.45 -29.34
C ARG K 127 30.49 130.42 -28.92
N ILE K 128 29.83 129.31 -29.25
CA ILE K 128 28.41 129.17 -28.93
C ILE K 128 28.13 129.02 -27.44
N LYS K 129 28.90 128.19 -26.74
CA LYS K 129 28.67 128.02 -25.31
C LYS K 129 28.76 129.33 -24.56
N HIS K 130 29.75 130.16 -24.87
CA HIS K 130 29.93 131.43 -24.19
C HIS K 130 28.95 132.54 -24.58
N ALA K 131 28.33 132.40 -25.74
CA ALA K 131 27.37 133.40 -26.18
C ALA K 131 25.92 132.98 -25.92
N TYR K 132 25.65 131.69 -25.99
CA TYR K 132 24.29 131.19 -25.80
C TYR K 132 24.13 130.11 -24.75
N GLY K 133 25.19 129.35 -24.50
CA GLY K 133 25.12 128.28 -23.53
C GLY K 133 25.11 126.92 -24.21
N PRO K 134 25.31 125.82 -23.46
CA PRO K 134 25.32 124.47 -24.03
C PRO K 134 24.03 124.10 -24.76
N SER K 135 22.90 124.62 -24.30
CA SER K 135 21.63 124.27 -24.91
C SER K 135 21.54 124.69 -26.38
N ALA K 136 22.37 125.65 -26.79
CA ALA K 136 22.38 126.10 -28.19
C ALA K 136 23.00 125.05 -29.11
N ILE K 137 23.56 124.00 -28.54
CA ILE K 137 24.16 122.93 -29.34
C ILE K 137 23.22 121.74 -29.42
N LEU K 138 22.52 121.61 -30.54
CA LEU K 138 21.59 120.51 -30.75
C LEU K 138 22.34 119.29 -31.25
N SER K 139 21.97 118.11 -30.76
CA SER K 139 22.63 116.91 -31.23
C SER K 139 21.73 115.69 -31.15
N THR K 140 21.98 114.72 -32.02
CA THR K 140 21.20 113.52 -32.01
C THR K 140 21.73 112.46 -32.97
N PRO K 141 21.82 111.22 -32.50
CA PRO K 141 22.30 110.11 -33.34
C PRO K 141 20.95 109.64 -33.88
N SER K 142 20.73 108.35 -33.85
CA SER K 142 19.44 107.85 -34.30
C SER K 142 19.14 106.56 -33.55
N SER K 143 18.03 105.93 -33.87
CA SER K 143 17.66 104.71 -33.18
C SER K 143 18.68 103.60 -33.21
N HIS K 144 19.17 103.22 -34.39
CA HIS K 144 20.13 102.14 -34.41
C HIS K 144 21.58 102.47 -34.62
N HIS K 145 22.42 101.48 -34.35
CA HIS K 145 23.86 101.71 -34.37
C HIS K 145 24.65 100.41 -34.60
N MET K 146 25.91 100.54 -35.02
CA MET K 146 26.75 99.36 -35.22
C MET K 146 26.79 98.60 -33.89
N TRP K 147 26.75 97.27 -33.96
CA TRP K 147 26.76 96.44 -32.76
C TRP K 147 28.04 96.66 -31.95
N GLY K 148 27.94 96.53 -30.64
CA GLY K 148 29.08 96.73 -29.75
C GLY K 148 28.61 97.57 -28.58
N ASN K 149 28.57 96.96 -27.39
CA ASN K 149 28.09 97.62 -26.18
C ASN K 149 28.82 98.87 -25.70
N VAL K 150 30.14 98.89 -25.79
CA VAL K 150 30.90 100.05 -25.33
C VAL K 150 30.87 101.21 -26.31
N GLY K 151 30.89 100.92 -27.60
CA GLY K 151 30.85 101.98 -28.58
C GLY K 151 29.45 102.42 -28.92
N TYR K 152 28.45 101.71 -28.41
CA TYR K 152 27.05 102.02 -28.70
C TYR K 152 26.70 103.43 -28.21
N ARG K 153 25.85 104.12 -28.98
CA ARG K 153 25.45 105.48 -28.65
C ARG K 153 25.04 105.72 -27.19
N HIS K 154 24.51 104.70 -26.53
CA HIS K 154 24.11 104.84 -25.12
C HIS K 154 25.35 104.96 -24.24
N SER K 155 26.47 104.41 -24.71
CA SER K 155 27.73 104.41 -23.97
C SER K 155 28.68 105.58 -24.28
N THR K 156 29.45 105.43 -25.36
CA THR K 156 30.41 106.43 -25.79
C THR K 156 29.81 107.82 -26.08
N TYR K 157 28.85 107.84 -27.00
CA TYR K 157 28.17 109.08 -27.39
C TYR K 157 27.68 109.86 -26.18
N PHE K 158 26.95 109.21 -25.29
CA PHE K 158 26.43 109.89 -24.10
C PHE K 158 27.54 110.30 -23.13
N ARG K 159 28.52 109.43 -22.93
CA ARG K 159 29.60 109.80 -22.02
C ARG K 159 30.27 111.10 -22.45
N PHE K 160 30.47 111.27 -23.76
CA PHE K 160 31.11 112.49 -24.26
C PHE K 160 30.18 113.70 -24.30
N MET K 161 29.09 113.56 -25.03
CA MET K 161 28.12 114.65 -25.19
C MET K 161 27.69 115.27 -23.87
N ASN K 162 27.60 114.45 -22.83
CA ASN K 162 27.19 114.91 -21.51
C ASN K 162 28.19 115.88 -20.91
N MET K 163 29.45 115.73 -21.28
CA MET K 163 30.53 116.61 -20.78
C MET K 163 30.76 117.82 -21.67
N MET K 164 30.16 117.82 -22.85
CA MET K 164 30.33 118.90 -23.81
C MET K 164 29.13 119.87 -23.88
N GLY K 165 27.94 119.33 -24.17
CA GLY K 165 26.75 120.16 -24.29
C GLY K 165 25.65 119.84 -23.29
N PHE K 166 24.38 119.82 -23.70
CA PHE K 166 23.90 120.06 -25.07
C PHE K 166 22.39 119.86 -25.05
N THR K 167 21.73 120.16 -26.16
CA THR K 167 20.29 119.95 -26.29
C THR K 167 20.10 118.67 -27.10
N TYR K 168 19.48 117.68 -26.49
CA TYR K 168 19.24 116.42 -27.15
C TYR K 168 17.91 116.40 -27.88
N ALA K 169 17.90 115.78 -29.06
CA ALA K 169 16.68 115.63 -29.83
C ALA K 169 16.30 114.19 -29.46
N ASP K 170 15.59 114.05 -28.35
CA ASP K 170 15.21 112.74 -27.85
C ASP K 170 14.34 112.01 -28.86
N HIS K 171 14.51 110.70 -28.93
CA HIS K 171 13.76 109.88 -29.87
C HIS K 171 12.34 109.54 -29.43
N ASN K 172 11.40 109.68 -30.36
CA ASN K 172 10.02 109.33 -30.11
C ASN K 172 10.13 107.81 -29.99
N PRO K 173 9.19 107.16 -29.28
CA PRO K 173 9.27 105.69 -29.15
C PRO K 173 8.74 105.00 -30.41
N ASP K 174 9.46 105.20 -31.51
CA ASP K 174 9.09 104.64 -32.82
C ASP K 174 8.63 103.17 -32.85
N SER K 175 9.49 102.27 -32.41
CA SER K 175 9.17 100.85 -32.40
C SER K 175 7.91 100.50 -31.63
N TRP K 176 7.64 101.26 -30.56
CA TRP K 176 6.50 101.04 -29.66
C TRP K 176 5.27 101.94 -29.82
N GLU K 177 5.42 103.07 -30.52
CA GLU K 177 4.34 104.04 -30.66
C GLU K 177 2.99 103.60 -30.08
N GLY K 178 2.25 102.77 -30.81
CA GLY K 178 0.95 102.31 -30.34
C GLY K 178 0.85 101.78 -28.92
N TRP K 179 1.78 100.92 -28.54
CA TRP K 179 1.79 100.34 -27.20
C TRP K 179 2.23 101.38 -26.17
N HIS K 180 3.08 102.31 -26.58
CA HIS K 180 3.58 103.34 -25.69
C HIS K 180 2.54 104.40 -25.34
N TRP K 181 1.96 105.04 -26.34
CA TRP K 181 0.97 106.09 -26.11
C TRP K 181 -0.44 105.54 -25.92
N GLY K 182 -0.64 104.24 -26.17
CA GLY K 182 -1.95 103.66 -26.03
C GLY K 182 -2.06 102.50 -25.06
N GLY K 183 -1.42 101.37 -25.40
CA GLY K 183 -1.45 100.20 -24.55
C GLY K 183 -0.98 100.38 -23.12
N MET K 184 -0.01 101.27 -22.93
CA MET K 184 0.54 101.54 -21.60
C MET K 184 -0.55 101.93 -20.61
N HIS K 185 -1.52 102.71 -21.08
CA HIS K 185 -2.61 103.18 -20.22
C HIS K 185 -3.60 102.08 -19.91
N MET K 186 -3.63 101.06 -20.75
CA MET K 186 -4.54 99.95 -20.60
C MET K 186 -4.03 98.84 -19.65
N TRP K 187 -2.76 98.49 -19.74
CA TRP K 187 -2.23 97.44 -18.88
C TRP K 187 -0.85 97.73 -18.27
N GLY K 188 -0.37 98.95 -18.45
CA GLY K 188 0.92 99.33 -17.89
C GLY K 188 2.15 98.93 -18.69
N PHE K 189 3.07 98.21 -18.05
CA PHE K 189 4.30 97.77 -18.69
C PHE K 189 5.10 98.96 -19.22
N SER K 190 5.10 100.07 -18.48
CA SER K 190 5.83 101.25 -18.91
C SER K 190 7.32 100.97 -19.09
N TRP K 191 7.88 100.12 -18.23
CA TRP K 191 9.31 99.79 -18.31
C TRP K 191 9.64 98.97 -19.56
N ARG K 192 8.62 98.60 -20.33
CA ARG K 192 8.82 97.86 -21.57
C ARG K 192 8.15 98.67 -22.67
N LEU K 193 7.82 99.92 -22.31
CA LEU K 193 7.17 100.87 -23.19
C LEU K 193 5.86 100.37 -23.79
N GLY K 194 5.12 99.57 -23.02
CA GLY K 194 3.85 99.05 -23.49
C GLY K 194 3.84 97.58 -23.87
N ASN K 195 4.99 97.04 -24.28
CA ASN K 195 5.08 95.64 -24.66
C ASN K 195 5.03 94.73 -23.43
N PRO K 196 4.54 93.50 -23.60
CA PRO K 196 4.42 92.50 -22.54
C PRO K 196 5.68 91.67 -22.35
N GLU K 197 5.85 91.14 -21.14
CA GLU K 197 6.99 90.27 -20.85
C GLU K 197 6.71 88.98 -21.63
N GLN K 198 7.73 88.14 -21.83
CA GLN K 198 7.50 86.91 -22.61
C GLN K 198 8.17 85.67 -22.06
N TYR K 199 8.75 85.77 -20.86
CA TYR K 199 9.46 84.65 -20.26
C TYR K 199 8.84 83.25 -20.37
N ASP K 200 9.70 82.27 -20.66
CA ASP K 200 9.32 80.86 -20.75
C ASP K 200 8.06 80.48 -21.54
N LEU K 201 7.78 81.17 -22.64
CA LEU K 201 6.60 80.84 -23.43
C LEU K 201 6.86 79.75 -24.46
N LEU K 202 8.12 79.53 -24.82
CA LEU K 202 8.46 78.50 -25.81
C LEU K 202 7.92 77.13 -25.42
N GLU K 203 8.30 76.67 -24.23
CA GLU K 203 7.85 75.38 -23.73
C GLU K 203 6.33 75.36 -23.61
N ASP K 204 5.76 76.43 -23.06
CA ASP K 204 4.32 76.53 -22.87
C ASP K 204 3.61 76.29 -24.21
N GLY K 205 4.13 76.92 -25.26
CA GLY K 205 3.53 76.78 -26.57
C GLY K 205 3.68 75.39 -27.15
N LEU K 206 4.86 74.79 -26.96
CA LEU K 206 5.11 73.45 -27.47
C LEU K 206 4.18 72.42 -26.80
N LYS K 207 3.75 72.72 -25.59
CA LYS K 207 2.87 71.82 -24.84
C LYS K 207 1.38 72.06 -25.01
N HIS K 208 1.00 73.32 -25.24
CA HIS K 208 -0.42 73.67 -25.34
C HIS K 208 -0.90 74.37 -26.61
N ALA K 209 0.00 74.95 -27.39
CA ALA K 209 -0.43 75.65 -28.59
C ALA K 209 -1.20 74.78 -29.58
N GLU K 210 -2.30 75.30 -30.10
CA GLU K 210 -3.10 74.59 -31.10
C GLU K 210 -3.24 75.54 -32.29
N MET K 211 -3.14 76.83 -32.01
CA MET K 211 -3.23 77.84 -33.06
C MET K 211 -2.51 79.13 -32.67
N ILE K 212 -1.88 79.75 -33.66
CA ILE K 212 -1.17 81.01 -33.44
C ILE K 212 -1.62 82.05 -34.45
N VAL K 213 -2.12 83.18 -33.95
CA VAL K 213 -2.57 84.25 -34.81
C VAL K 213 -1.48 85.32 -34.92
N PHE K 214 -0.87 85.39 -36.11
CA PHE K 214 0.17 86.36 -36.37
C PHE K 214 -0.47 87.64 -36.90
N TRP K 215 -0.58 88.64 -36.03
CA TRP K 215 -1.20 89.92 -36.39
C TRP K 215 -0.11 90.98 -36.49
N SER K 216 0.06 91.54 -37.69
CA SER K 216 1.09 92.54 -37.94
C SER K 216 2.43 91.99 -37.45
N SER K 217 2.68 90.74 -37.81
CA SER K 217 3.88 90.01 -37.40
C SER K 217 4.56 89.22 -38.54
N ASP K 218 5.85 89.46 -38.72
CA ASP K 218 6.64 88.77 -39.74
C ASP K 218 7.96 88.32 -39.10
N PRO K 219 7.91 87.33 -38.19
CA PRO K 219 9.05 86.77 -37.45
C PRO K 219 10.31 86.46 -38.24
N GLU K 220 10.17 85.88 -39.43
CA GLU K 220 11.36 85.57 -40.24
C GLU K 220 12.08 86.87 -40.61
N THR K 221 11.34 87.85 -41.12
CA THR K 221 11.93 89.12 -41.52
C THR K 221 12.56 89.89 -40.34
N ASN K 222 11.75 90.18 -39.34
CA ASN K 222 12.19 90.94 -38.18
C ASN K 222 12.99 90.17 -37.13
N SER K 223 12.56 88.94 -36.85
CA SER K 223 13.23 88.07 -35.87
C SER K 223 13.17 88.68 -34.50
N GLY K 224 12.21 89.57 -34.28
CA GLY K 224 12.11 90.28 -33.03
C GLY K 224 13.00 91.47 -33.32
N ILE K 225 14.30 91.21 -33.33
CA ILE K 225 15.32 92.20 -33.64
C ILE K 225 16.68 91.64 -33.24
N TYR K 226 17.67 91.82 -34.12
CA TYR K 226 19.03 91.36 -33.88
C TYR K 226 19.22 89.84 -33.84
N ALA K 227 18.19 89.06 -34.11
CA ALA K 227 18.32 87.61 -33.99
C ALA K 227 18.37 86.73 -35.24
N GLY K 228 18.93 87.25 -36.33
CA GLY K 228 19.02 86.48 -37.56
C GLY K 228 17.80 85.62 -37.80
N PHE K 229 17.96 84.30 -37.77
CA PHE K 229 16.85 83.38 -37.99
C PHE K 229 16.75 82.31 -36.90
N GLU K 230 17.10 82.67 -35.67
CA GLU K 230 17.06 81.74 -34.55
C GLU K 230 15.73 81.01 -34.35
N SER K 231 14.60 81.70 -34.52
CA SER K 231 13.29 81.09 -34.29
C SER K 231 12.66 80.29 -35.44
N ASN K 232 13.38 80.11 -36.54
CA ASN K 232 12.84 79.37 -37.68
C ASN K 232 12.46 77.93 -37.35
N ILE K 233 13.36 77.21 -36.71
CA ILE K 233 13.11 75.83 -36.35
C ILE K 233 12.03 75.66 -35.28
N ARG K 234 11.78 76.71 -34.50
CA ARG K 234 10.75 76.65 -33.47
C ARG K 234 9.39 76.59 -34.14
N ARG K 235 9.17 77.45 -35.13
CA ARG K 235 7.91 77.45 -35.83
C ARG K 235 7.80 76.15 -36.63
N GLN K 236 8.93 75.58 -36.99
CA GLN K 236 8.93 74.33 -37.73
C GLN K 236 8.35 73.27 -36.79
N TRP K 237 8.77 73.31 -35.53
CA TRP K 237 8.27 72.37 -34.55
C TRP K 237 6.75 72.49 -34.36
N LEU K 238 6.28 73.71 -34.16
CA LEU K 238 4.85 73.93 -33.96
C LEU K 238 4.06 73.40 -35.15
N LYS K 239 4.56 73.68 -36.35
CA LYS K 239 3.92 73.26 -37.57
C LYS K 239 3.82 71.74 -37.65
N ASP K 240 4.90 71.06 -37.26
CA ASP K 240 4.91 69.61 -37.30
C ASP K 240 4.17 69.00 -36.10
N LEU K 241 3.61 69.87 -35.26
CA LEU K 241 2.82 69.43 -34.11
C LEU K 241 1.35 69.66 -34.46
N GLY K 242 1.09 70.08 -35.68
CA GLY K 242 -0.27 70.33 -36.13
C GLY K 242 -0.84 71.68 -35.73
N VAL K 243 0.03 72.63 -35.40
CA VAL K 243 -0.42 73.97 -35.02
C VAL K 243 -0.72 74.84 -36.23
N ASP K 244 -1.93 75.39 -36.29
CA ASP K 244 -2.33 76.26 -37.39
C ASP K 244 -1.81 77.68 -37.24
N PHE K 245 -1.46 78.29 -38.37
CA PHE K 245 -0.94 79.66 -38.40
C PHE K 245 -1.85 80.53 -39.25
N VAL K 246 -2.38 81.59 -38.64
CA VAL K 246 -3.26 82.52 -39.34
C VAL K 246 -2.52 83.86 -39.33
N PHE K 247 -2.41 84.49 -40.50
CA PHE K 247 -1.70 85.77 -40.62
C PHE K 247 -2.58 86.93 -41.06
N ILE K 248 -2.61 87.98 -40.25
CA ILE K 248 -3.37 89.18 -40.56
C ILE K 248 -2.31 90.26 -40.83
N ASP K 249 -2.19 90.62 -42.10
CA ASP K 249 -1.20 91.60 -42.56
C ASP K 249 -1.62 92.07 -43.97
N PRO K 250 -1.70 93.39 -44.19
CA PRO K 250 -2.11 93.86 -45.53
C PRO K 250 -1.26 93.21 -46.63
N HIS K 251 -0.01 92.90 -46.28
CA HIS K 251 0.94 92.28 -47.18
C HIS K 251 1.22 90.86 -46.71
N MET K 252 1.11 89.89 -47.63
CA MET K 252 1.37 88.50 -47.29
C MET K 252 2.87 88.42 -47.00
N ASN K 253 3.24 88.77 -45.78
CA ASN K 253 4.65 88.80 -45.38
C ASN K 253 5.41 87.49 -45.56
N HIS K 254 6.74 87.58 -45.49
CA HIS K 254 7.62 86.44 -45.70
C HIS K 254 7.43 85.25 -44.78
N THR K 255 6.81 85.46 -43.64
CA THR K 255 6.56 84.33 -42.75
C THR K 255 5.33 83.63 -43.30
N ALA K 256 4.31 84.44 -43.60
CA ALA K 256 3.05 83.92 -44.14
C ALA K 256 3.32 83.18 -45.45
N ARG K 257 4.29 83.66 -46.23
CA ARG K 257 4.62 83.02 -47.50
C ARG K 257 5.29 81.68 -47.26
N LEU K 258 5.81 81.51 -46.04
CA LEU K 258 6.50 80.29 -45.69
C LEU K 258 5.67 79.25 -44.94
N VAL K 259 4.84 79.69 -43.99
CA VAL K 259 4.06 78.76 -43.18
C VAL K 259 2.57 79.09 -42.97
N ALA K 260 2.02 79.99 -43.77
CA ALA K 260 0.63 80.35 -43.58
C ALA K 260 -0.36 79.24 -43.93
N ASP K 261 -1.44 79.20 -43.17
CA ASP K 261 -2.51 78.24 -43.39
C ASP K 261 -3.65 79.11 -43.88
N LYS K 262 -3.54 80.40 -43.54
CA LYS K 262 -4.54 81.37 -43.92
C LYS K 262 -3.99 82.77 -43.73
N TRP K 263 -4.33 83.66 -44.65
CA TRP K 263 -3.87 85.03 -44.62
C TRP K 263 -4.99 86.02 -44.95
N PHE K 264 -5.13 87.06 -44.12
CA PHE K 264 -6.12 88.11 -44.31
C PHE K 264 -5.34 89.38 -44.67
N SER K 265 -5.88 90.20 -45.57
CA SER K 265 -5.22 91.44 -45.94
C SER K 265 -6.11 92.65 -45.69
N PRO K 266 -6.23 93.06 -44.43
CA PRO K 266 -7.06 94.23 -44.10
C PRO K 266 -6.50 95.50 -44.71
N LYS K 267 -7.38 96.44 -45.03
CA LYS K 267 -6.97 97.72 -45.59
C LYS K 267 -6.19 98.46 -44.51
N ILE K 268 -5.38 99.44 -44.90
CA ILE K 268 -4.59 100.19 -43.92
C ILE K 268 -5.44 100.89 -42.86
N GLY K 269 -4.99 100.81 -41.61
CA GLY K 269 -5.71 101.46 -40.52
C GLY K 269 -7.09 100.94 -40.20
N THR K 270 -7.34 99.65 -40.44
CA THR K 270 -8.65 99.08 -40.13
C THR K 270 -8.54 97.80 -39.28
N ASP K 271 -7.37 97.53 -38.73
CA ASP K 271 -7.21 96.33 -37.90
C ASP K 271 -8.12 96.32 -36.68
N HIS K 272 -8.23 97.44 -35.96
CA HIS K 272 -9.07 97.48 -34.79
C HIS K 272 -10.54 97.14 -35.10
N ALA K 273 -10.88 97.12 -36.38
CA ALA K 273 -12.24 96.77 -36.79
C ALA K 273 -12.39 95.26 -36.62
N LEU K 274 -11.37 94.51 -37.06
CA LEU K 274 -11.40 93.05 -36.94
C LEU K 274 -11.39 92.61 -35.48
N SER K 275 -10.73 93.40 -34.63
CA SER K 275 -10.65 93.05 -33.22
C SER K 275 -12.00 93.26 -32.52
N PHE K 276 -12.68 94.35 -32.85
CA PHE K 276 -13.99 94.62 -32.26
C PHE K 276 -14.99 93.57 -32.75
N ALA K 277 -14.87 93.17 -34.02
CA ALA K 277 -15.75 92.17 -34.60
C ALA K 277 -15.51 90.80 -33.96
N ILE K 278 -14.27 90.52 -33.59
CA ILE K 278 -13.96 89.26 -32.96
C ILE K 278 -14.49 89.26 -31.53
N ALA K 279 -14.31 90.38 -30.82
CA ALA K 279 -14.80 90.49 -29.45
C ALA K 279 -16.33 90.44 -29.45
N TYR K 280 -16.94 91.13 -30.42
CA TYR K 280 -18.38 91.15 -30.57
C TYR K 280 -18.89 89.71 -30.66
N THR K 281 -18.20 88.91 -31.47
CA THR K 281 -18.58 87.52 -31.66
C THR K 281 -18.50 86.78 -30.34
N TRP K 282 -17.45 87.02 -29.57
CA TRP K 282 -17.29 86.34 -28.30
C TRP K 282 -18.34 86.79 -27.29
N LEU K 283 -18.74 88.05 -27.36
CA LEU K 283 -19.75 88.57 -26.46
C LEU K 283 -21.12 87.96 -26.78
N LYS K 284 -21.44 87.91 -28.06
CA LYS K 284 -22.72 87.37 -28.52
C LYS K 284 -22.85 85.87 -28.30
N GLU K 285 -21.72 85.17 -28.33
CA GLU K 285 -21.70 83.71 -28.16
C GLU K 285 -21.08 83.25 -26.83
N ASP K 286 -20.97 84.17 -25.88
CA ASP K 286 -20.40 83.88 -24.56
C ASP K 286 -19.17 82.99 -24.65
N SER K 287 -18.31 83.23 -25.63
CA SER K 287 -17.13 82.39 -25.79
C SER K 287 -15.80 83.04 -25.40
N TYR K 288 -15.64 83.30 -24.11
CA TYR K 288 -14.40 83.86 -23.59
C TYR K 288 -14.34 83.52 -22.10
N ASP K 289 -13.22 83.85 -21.45
CA ASP K 289 -13.03 83.56 -20.04
C ASP K 289 -13.71 84.60 -19.14
N LYS K 290 -14.97 84.36 -18.78
CA LYS K 290 -15.70 85.30 -17.95
C LYS K 290 -15.13 85.46 -16.54
N GLU K 291 -14.70 84.36 -15.94
CA GLU K 291 -14.14 84.42 -14.58
C GLU K 291 -12.90 85.31 -14.56
N TYR K 292 -12.00 85.06 -15.51
CA TYR K 292 -10.78 85.82 -15.66
C TYR K 292 -11.13 87.31 -15.82
N VAL K 293 -11.97 87.63 -16.79
CA VAL K 293 -12.36 89.01 -17.02
C VAL K 293 -13.01 89.68 -15.80
N ALA K 294 -13.82 88.93 -15.07
CA ALA K 294 -14.49 89.47 -13.90
C ALA K 294 -13.47 89.85 -12.83
N ALA K 295 -12.34 89.14 -12.80
CA ALA K 295 -11.29 89.40 -11.82
C ALA K 295 -10.17 90.34 -12.25
N ASN K 296 -9.71 90.24 -13.50
CA ASN K 296 -8.60 91.07 -13.98
C ASN K 296 -8.93 92.20 -14.96
N ALA K 297 -10.17 92.68 -15.01
CA ALA K 297 -10.52 93.74 -15.94
C ALA K 297 -11.32 94.85 -15.26
N HIS K 298 -11.14 96.07 -15.76
CA HIS K 298 -11.83 97.24 -15.23
C HIS K 298 -12.60 97.95 -16.34
N GLY K 299 -13.85 98.32 -16.05
CA GLY K 299 -14.67 99.01 -17.04
C GLY K 299 -15.14 98.15 -18.20
N PHE K 300 -15.07 96.82 -18.05
CA PHE K 300 -15.48 95.92 -19.10
C PHE K 300 -16.96 96.03 -19.44
N GLU K 301 -17.79 96.22 -18.42
CA GLU K 301 -19.22 96.33 -18.62
C GLU K 301 -19.52 97.43 -19.64
N GLU K 302 -18.98 98.62 -19.42
CA GLU K 302 -19.20 99.73 -20.34
C GLU K 302 -18.63 99.45 -21.72
N TRP K 303 -17.47 98.82 -21.77
CA TRP K 303 -16.84 98.51 -23.04
C TRP K 303 -17.74 97.55 -23.82
N ALA K 304 -18.20 96.50 -23.15
CA ALA K 304 -19.07 95.51 -23.77
C ALA K 304 -20.28 96.20 -24.43
N ASP K 305 -20.89 97.14 -23.73
CA ASP K 305 -22.05 97.84 -24.29
C ASP K 305 -21.65 98.60 -25.54
N TYR K 306 -20.45 99.17 -25.54
CA TYR K 306 -19.97 99.93 -26.69
C TYR K 306 -19.84 98.99 -27.90
N VAL K 307 -19.23 97.85 -27.67
CA VAL K 307 -19.01 96.83 -28.71
C VAL K 307 -20.33 96.31 -29.30
N LEU K 308 -21.34 96.18 -28.44
CA LEU K 308 -22.63 95.66 -28.87
C LEU K 308 -23.52 96.70 -29.56
N GLY K 309 -23.05 97.94 -29.63
CA GLY K 309 -23.80 98.99 -30.31
C GLY K 309 -24.67 99.87 -29.44
N LYS K 310 -24.80 99.54 -28.16
CA LYS K 310 -25.65 100.30 -27.24
C LYS K 310 -25.35 101.78 -27.07
N THR K 311 -24.08 102.16 -27.10
CA THR K 311 -23.76 103.57 -26.88
C THR K 311 -23.62 104.41 -28.14
N ASP K 312 -23.24 103.79 -29.26
CA ASP K 312 -23.06 104.55 -30.50
C ASP K 312 -24.08 104.20 -31.57
N GLY K 313 -24.90 103.18 -31.31
CA GLY K 313 -25.91 102.77 -32.28
C GLY K 313 -25.33 102.00 -33.46
N THR K 314 -24.16 101.40 -33.25
CA THR K 314 -23.51 100.65 -34.30
C THR K 314 -22.82 99.39 -33.79
N PRO K 315 -23.50 98.24 -33.89
CA PRO K 315 -22.96 96.95 -33.45
C PRO K 315 -21.70 96.62 -34.23
N LYS K 316 -20.65 96.16 -33.55
CA LYS K 316 -19.39 95.82 -34.20
C LYS K 316 -19.40 94.41 -34.79
N THR K 317 -20.36 94.17 -35.68
CA THR K 317 -20.51 92.88 -36.35
C THR K 317 -19.38 92.65 -37.34
N CYS K 318 -19.29 91.41 -37.85
CA CYS K 318 -18.28 91.07 -38.83
C CYS K 318 -18.64 91.71 -40.17
N GLU K 319 -19.93 91.94 -40.40
CA GLU K 319 -20.39 92.57 -41.63
C GLU K 319 -19.83 94.00 -41.66
N TRP K 320 -19.87 94.64 -40.50
CA TRP K 320 -19.37 96.00 -40.33
C TRP K 320 -17.85 96.01 -40.48
N ALA K 321 -17.19 94.98 -39.96
CA ALA K 321 -15.74 94.89 -40.05
C ALA K 321 -15.31 94.68 -41.50
N GLU K 322 -16.16 93.99 -42.27
CA GLU K 322 -15.85 93.74 -43.68
C GLU K 322 -15.99 95.04 -44.46
N GLU K 323 -16.92 95.87 -44.06
CA GLU K 323 -17.15 97.14 -44.72
C GLU K 323 -15.96 98.08 -44.47
N GLU K 324 -15.26 97.85 -43.36
CA GLU K 324 -14.12 98.68 -42.99
C GLU K 324 -12.80 98.15 -43.56
N SER K 325 -12.51 96.88 -43.28
CA SER K 325 -11.26 96.24 -43.69
C SER K 325 -11.19 95.64 -45.08
N GLY K 326 -12.30 95.11 -45.57
CA GLY K 326 -12.28 94.49 -46.87
C GLY K 326 -12.15 92.98 -46.71
N VAL K 327 -11.92 92.53 -45.47
CA VAL K 327 -11.79 91.10 -45.16
C VAL K 327 -13.19 90.49 -45.03
N PRO K 328 -13.46 89.40 -45.77
CA PRO K 328 -14.76 88.72 -45.76
C PRO K 328 -15.30 88.51 -44.35
N ALA K 329 -16.55 88.92 -44.14
CA ALA K 329 -17.19 88.78 -42.84
C ALA K 329 -17.17 87.34 -42.33
N CYS K 330 -17.48 86.39 -43.22
CA CYS K 330 -17.51 84.99 -42.82
C CYS K 330 -16.18 84.45 -42.33
N GLU K 331 -15.08 84.94 -42.90
CA GLU K 331 -13.76 84.48 -42.48
C GLU K 331 -13.41 85.03 -41.09
N ILE K 332 -13.85 86.26 -40.80
CA ILE K 332 -13.57 86.85 -39.49
C ILE K 332 -14.26 86.05 -38.39
N ARG K 333 -15.53 85.73 -38.62
CA ARG K 333 -16.31 84.97 -37.65
C ARG K 333 -15.70 83.58 -37.45
N ALA K 334 -15.20 82.99 -38.54
CA ALA K 334 -14.58 81.68 -38.47
C ALA K 334 -13.34 81.70 -37.57
N LEU K 335 -12.56 82.77 -37.67
CA LEU K 335 -11.36 82.91 -36.85
C LEU K 335 -11.72 83.09 -35.39
N ALA K 336 -12.66 83.98 -35.11
CA ALA K 336 -13.09 84.23 -33.75
C ALA K 336 -13.51 82.93 -33.05
N ARG K 337 -14.37 82.16 -33.71
CA ARG K 337 -14.84 80.90 -33.11
C ARG K 337 -13.73 79.88 -32.92
N GLN K 338 -12.80 79.81 -33.86
CA GLN K 338 -11.69 78.89 -33.75
C GLN K 338 -10.81 79.36 -32.60
N TRP K 339 -10.59 80.67 -32.56
CA TRP K 339 -9.78 81.32 -31.54
C TRP K 339 -10.31 81.00 -30.14
N ALA K 340 -11.61 81.18 -29.96
CA ALA K 340 -12.25 80.94 -28.67
C ALA K 340 -12.25 79.49 -28.17
N LYS K 341 -12.31 78.52 -29.07
CA LYS K 341 -12.35 77.13 -28.62
C LYS K 341 -11.02 76.39 -28.62
N LYS K 342 -10.00 77.02 -29.18
CA LYS K 342 -8.68 76.40 -29.24
C LYS K 342 -7.70 77.16 -28.35
N ASN K 343 -6.59 76.51 -28.01
CA ASN K 343 -5.57 77.18 -27.21
C ASN K 343 -4.90 78.06 -28.23
N THR K 344 -5.23 79.35 -28.19
CA THR K 344 -4.69 80.29 -29.17
C THR K 344 -3.77 81.36 -28.61
N TYR K 345 -2.58 81.44 -29.17
CA TYR K 345 -1.61 82.43 -28.77
C TYR K 345 -1.69 83.57 -29.76
N LEU K 346 -1.74 84.79 -29.23
CA LEU K 346 -1.80 85.98 -30.07
C LEU K 346 -0.40 86.51 -30.33
N ALA K 347 0.05 86.38 -31.57
CA ALA K 347 1.37 86.86 -31.97
C ALA K 347 1.23 88.26 -32.54
N ALA K 348 1.15 89.24 -31.65
CA ALA K 348 1.02 90.63 -32.06
C ALA K 348 2.44 91.16 -32.28
N GLY K 349 2.72 91.58 -33.53
CA GLY K 349 4.03 92.10 -33.85
C GLY K 349 5.00 90.94 -33.87
N GLY K 350 6.23 91.18 -34.33
CA GLY K 350 7.22 90.12 -34.41
C GLY K 350 8.01 89.81 -33.13
N LEU K 351 7.92 90.68 -32.15
CA LEU K 351 8.66 90.51 -30.88
C LEU K 351 7.82 89.99 -29.74
N GLY K 352 6.53 90.26 -29.81
CA GLY K 352 5.62 89.93 -28.72
C GLY K 352 5.44 91.38 -28.29
N GLY K 353 4.73 92.10 -29.14
CA GLY K 353 4.50 93.51 -28.97
C GLY K 353 5.04 94.07 -30.28
N TRP K 354 5.18 95.39 -30.38
CA TRP K 354 5.67 96.00 -31.61
C TRP K 354 4.72 95.68 -32.77
N GLY K 355 5.21 95.73 -33.99
CA GLY K 355 4.38 95.47 -35.16
C GLY K 355 4.14 96.76 -35.91
N GLY K 356 4.27 96.70 -37.24
CA GLY K 356 4.08 97.89 -38.05
C GLY K 356 2.76 98.60 -37.79
N ALA K 357 1.76 97.84 -37.38
CA ALA K 357 0.44 98.40 -37.10
C ALA K 357 0.41 99.37 -35.92
N CYS K 358 1.31 99.20 -34.94
CA CYS K 358 1.29 100.10 -33.80
C CYS K 358 1.71 101.54 -34.19
N ARG K 359 2.60 101.67 -35.16
CA ARG K 359 3.01 103.02 -35.58
C ARG K 359 2.28 103.41 -36.86
N ALA K 360 0.99 103.72 -36.69
CA ALA K 360 0.10 104.11 -37.76
C ALA K 360 -0.98 105.02 -37.15
N SER K 361 -1.80 105.66 -37.98
CA SER K 361 -2.83 106.54 -37.46
C SER K 361 -3.84 105.84 -36.55
N HIS K 362 -3.87 104.50 -36.59
CA HIS K 362 -4.79 103.73 -35.75
C HIS K 362 -3.99 102.87 -34.77
N GLY K 363 -2.69 103.19 -34.65
CA GLY K 363 -1.81 102.43 -33.77
C GLY K 363 -2.23 102.29 -32.33
N ILE K 364 -2.82 103.33 -31.76
CA ILE K 364 -3.27 103.29 -30.38
C ILE K 364 -4.37 102.25 -30.19
N GLU K 365 -5.38 102.27 -31.05
CA GLU K 365 -6.50 101.33 -30.93
C GLU K 365 -6.10 99.91 -31.33
N TRP K 366 -5.14 99.77 -32.24
CA TRP K 366 -4.72 98.43 -32.61
C TRP K 366 -4.12 97.72 -31.39
N ALA K 367 -3.15 98.37 -30.74
CA ALA K 367 -2.51 97.79 -29.57
C ALA K 367 -3.52 97.51 -28.46
N ARG K 368 -4.39 98.47 -28.19
CA ARG K 368 -5.40 98.27 -27.15
C ARG K 368 -6.32 97.12 -27.54
N GLY K 369 -6.45 96.89 -28.85
CA GLY K 369 -7.30 95.82 -29.34
C GLY K 369 -6.68 94.44 -29.14
N MET K 370 -5.36 94.35 -29.33
CA MET K 370 -4.69 93.08 -29.14
C MET K 370 -4.78 92.73 -27.67
N ILE K 371 -4.65 93.74 -26.81
CA ILE K 371 -4.72 93.54 -25.38
C ILE K 371 -6.14 93.12 -24.98
N ALA K 372 -7.15 93.76 -25.59
CA ALA K 372 -8.53 93.41 -25.28
C ALA K 372 -8.77 91.92 -25.58
N LEU K 373 -8.51 91.51 -26.81
CA LEU K 373 -8.70 90.12 -27.22
C LEU K 373 -7.92 89.12 -26.36
N ALA K 374 -6.65 89.40 -26.11
CA ALA K 374 -5.82 88.49 -25.32
C ALA K 374 -6.33 88.39 -23.87
N THR K 375 -6.93 89.47 -23.39
CA THR K 375 -7.47 89.51 -22.04
C THR K 375 -8.72 88.63 -21.93
N MET K 376 -9.64 88.81 -22.87
CA MET K 376 -10.89 88.05 -22.88
C MET K 376 -10.64 86.55 -22.89
N GLN K 377 -9.50 86.14 -23.44
CA GLN K 377 -9.18 84.71 -23.51
C GLN K 377 -8.30 84.27 -22.35
N GLY K 378 -8.21 85.09 -21.31
CA GLY K 378 -7.44 84.75 -20.13
C GLY K 378 -5.93 84.59 -20.31
N MET K 379 -5.28 85.59 -20.91
CA MET K 379 -3.84 85.53 -21.12
C MET K 379 -3.08 85.23 -19.82
N GLY K 380 -2.11 84.33 -19.92
CA GLY K 380 -1.32 83.96 -18.77
C GLY K 380 -1.50 82.51 -18.37
N LYS K 381 -2.68 81.96 -18.65
CA LYS K 381 -2.94 80.57 -18.30
C LYS K 381 -2.44 79.67 -19.42
N PRO K 382 -2.13 78.41 -19.11
CA PRO K 382 -1.64 77.48 -20.13
C PRO K 382 -2.55 77.44 -21.36
N GLY K 383 -1.93 77.48 -22.54
CA GLY K 383 -2.70 77.44 -23.77
C GLY K 383 -3.25 78.77 -24.24
N SER K 384 -3.14 79.78 -23.38
CA SER K 384 -3.64 81.11 -23.73
C SER K 384 -2.66 82.19 -23.27
N ASN K 385 -2.28 83.07 -24.19
CA ASN K 385 -1.34 84.13 -23.88
C ASN K 385 -1.00 84.96 -25.12
N MET K 386 -0.12 85.93 -24.93
CA MET K 386 0.33 86.74 -26.05
C MET K 386 1.77 86.26 -26.26
N TRP K 387 2.05 85.72 -27.44
CA TRP K 387 3.38 85.21 -27.74
C TRP K 387 3.58 85.25 -29.24
N SER K 388 4.75 85.70 -29.68
CA SER K 388 5.04 85.81 -31.11
C SER K 388 5.96 84.72 -31.66
N THR K 389 6.32 83.76 -30.81
CA THR K 389 7.19 82.64 -31.16
C THR K 389 8.67 83.00 -31.31
N THR K 390 9.01 84.28 -31.15
CA THR K 390 10.39 84.73 -31.26
C THR K 390 11.10 84.73 -29.91
N GLN K 391 10.36 85.06 -28.85
CA GLN K 391 10.96 85.06 -27.51
C GLN K 391 10.46 83.85 -26.71
N GLY K 392 10.77 83.85 -25.41
CA GLY K 392 10.34 82.77 -24.54
C GLY K 392 11.26 81.58 -24.38
N VAL K 393 12.41 81.60 -25.05
CA VAL K 393 13.36 80.50 -24.96
C VAL K 393 13.83 80.30 -23.51
N PRO K 394 14.09 79.03 -23.10
CA PRO K 394 14.54 78.62 -21.76
C PRO K 394 16.00 78.91 -21.37
N LEU K 395 16.48 80.11 -21.66
CA LEU K 395 17.86 80.46 -21.34
C LEU K 395 17.99 80.79 -19.86
N ASP K 396 19.22 80.79 -19.32
CA ASP K 396 19.40 81.09 -17.90
C ASP K 396 19.14 82.56 -17.57
N TYR K 397 17.91 82.84 -17.18
CA TYR K 397 17.49 84.19 -16.83
C TYR K 397 18.26 84.73 -15.65
N GLU K 398 18.84 83.82 -14.87
CA GLU K 398 19.61 84.20 -13.68
C GLU K 398 21.02 84.70 -13.96
N PHE K 399 21.57 84.36 -15.12
CA PHE K 399 22.90 84.81 -15.48
C PHE K 399 22.82 86.25 -15.95
N TYR K 400 23.66 87.13 -15.41
CA TYR K 400 23.59 88.53 -15.80
C TYR K 400 24.67 89.05 -16.75
N PHE K 401 24.23 89.63 -17.85
CA PHE K 401 25.13 90.24 -18.80
C PHE K 401 24.37 91.44 -19.35
N PRO K 402 24.95 92.63 -19.25
CA PRO K 402 24.36 93.89 -19.72
C PRO K 402 24.02 93.91 -21.18
N GLY K 403 22.97 94.67 -21.51
CA GLY K 403 22.57 94.85 -22.88
C GLY K 403 23.09 96.23 -23.20
N TYR K 404 23.12 96.61 -24.49
CA TYR K 404 23.64 97.93 -24.86
C TYR K 404 22.82 99.06 -24.26
N ALA K 405 21.55 98.81 -24.01
CA ALA K 405 20.68 99.84 -23.45
C ALA K 405 21.02 100.20 -21.99
N GLU K 406 21.87 99.41 -21.35
CA GLU K 406 22.22 99.70 -19.96
C GLU K 406 23.33 100.73 -19.74
N GLY K 407 23.69 101.44 -20.80
CA GLY K 407 24.67 102.52 -20.67
C GLY K 407 26.17 102.33 -20.84
N GLY K 408 26.66 101.10 -20.74
CA GLY K 408 28.08 100.89 -20.88
C GLY K 408 28.91 101.84 -20.03
N ILE K 409 29.77 102.62 -20.67
CA ILE K 409 30.66 103.56 -19.98
C ILE K 409 30.13 104.97 -19.69
N SER K 410 28.84 105.22 -19.90
CA SER K 410 28.29 106.56 -19.63
C SER K 410 27.69 106.67 -18.24
N GLY K 411 27.04 105.61 -17.77
CA GLY K 411 26.43 105.65 -16.46
C GLY K 411 25.24 106.60 -16.43
N ASP K 412 24.87 107.15 -17.58
CA ASP K 412 23.74 108.07 -17.65
C ASP K 412 22.48 107.34 -17.19
N CYS K 413 22.05 107.61 -15.96
CA CYS K 413 20.86 106.97 -15.38
C CYS K 413 19.55 107.55 -15.90
N GLU K 414 19.63 108.71 -16.54
CA GLU K 414 18.45 109.38 -17.06
C GLU K 414 18.11 108.97 -18.50
N ASN K 415 19.12 108.75 -19.32
CA ASN K 415 18.88 108.42 -20.71
C ASN K 415 19.27 107.02 -21.14
N SER K 416 19.47 106.14 -20.17
CA SER K 416 19.78 104.75 -20.44
C SER K 416 19.18 103.97 -19.27
N ALA K 417 19.21 102.65 -19.35
CA ALA K 417 18.64 101.82 -18.30
C ALA K 417 19.72 101.41 -17.29
N ALA K 418 20.77 102.22 -17.20
CA ALA K 418 21.91 101.99 -16.30
C ALA K 418 21.57 101.99 -14.81
N GLY K 419 20.54 102.73 -14.43
CA GLY K 419 20.17 102.79 -13.02
C GLY K 419 19.57 101.52 -12.46
N PHE K 420 19.12 100.62 -13.32
CA PHE K 420 18.52 99.39 -12.84
C PHE K 420 19.53 98.47 -12.15
N LYS K 421 20.68 98.25 -12.77
CA LYS K 421 21.68 97.36 -12.17
C LYS K 421 23.14 97.59 -12.59
N PHE K 422 23.37 97.87 -13.87
CA PHE K 422 24.73 98.02 -14.33
C PHE K 422 25.55 99.14 -13.72
N ALA K 423 25.00 100.35 -13.71
CA ALA K 423 25.70 101.50 -13.14
C ALA K 423 26.34 101.13 -11.80
N TRP K 424 25.61 100.39 -10.99
CA TRP K 424 26.06 99.98 -9.67
C TRP K 424 27.22 98.99 -9.70
N ARG K 425 27.39 98.29 -10.82
CA ARG K 425 28.48 97.34 -10.95
C ARG K 425 29.70 97.94 -11.63
N MET K 426 29.43 98.79 -12.62
CA MET K 426 30.47 99.43 -13.42
C MET K 426 31.29 100.48 -12.66
N PHE K 427 30.62 101.29 -11.85
CA PHE K 427 31.32 102.34 -11.12
C PHE K 427 31.42 102.09 -9.61
N ASP K 428 32.54 102.52 -9.03
CA ASP K 428 32.84 102.33 -7.62
C ASP K 428 32.82 103.60 -6.79
N GLY K 429 32.62 104.74 -7.42
CA GLY K 429 32.62 106.00 -6.70
C GLY K 429 34.00 106.29 -6.12
N LYS K 430 34.99 105.55 -6.58
CA LYS K 430 36.36 105.72 -6.11
C LYS K 430 37.37 106.03 -7.20
N THR K 431 37.48 105.15 -8.19
CA THR K 431 38.44 105.32 -9.28
C THR K 431 37.84 105.62 -10.66
N THR K 432 36.62 105.14 -10.89
CA THR K 432 35.96 105.34 -12.17
C THR K 432 34.61 106.03 -11.92
N PHE K 433 34.24 106.95 -12.81
CA PHE K 433 33.00 107.69 -12.62
C PHE K 433 32.13 107.83 -13.87
N PRO K 434 30.80 107.99 -13.65
CA PRO K 434 29.81 108.14 -14.73
C PRO K 434 29.78 109.57 -15.26
N SER K 435 29.08 109.77 -16.38
CA SER K 435 28.97 111.09 -16.99
C SER K 435 27.50 111.51 -17.11
N PRO K 436 26.97 112.18 -16.07
CA PRO K 436 25.58 112.63 -16.05
C PRO K 436 25.35 113.91 -16.85
N SER K 437 24.09 114.19 -17.17
CA SER K 437 23.73 115.38 -17.92
C SER K 437 22.64 116.20 -17.19
N ASN K 438 22.87 117.49 -17.04
CA ASN K 438 21.91 118.36 -16.37
C ASN K 438 21.04 119.15 -17.36
N LEU K 439 21.13 118.80 -18.64
CA LEU K 439 20.33 119.49 -19.66
C LEU K 439 19.36 118.52 -20.32
N ASN K 440 19.81 117.28 -20.55
CA ASN K 440 18.98 116.25 -21.17
C ASN K 440 18.20 115.60 -20.01
N THR K 441 17.35 116.41 -19.41
CA THR K 441 16.51 116.02 -18.28
C THR K 441 15.23 116.83 -18.42
N SER K 442 14.13 116.32 -17.87
CA SER K 442 12.86 117.02 -17.99
C SER K 442 12.94 118.51 -17.67
N ALA K 443 13.60 118.85 -16.58
CA ALA K 443 13.72 120.24 -16.17
C ALA K 443 14.70 121.06 -17.02
N GLY K 444 15.41 120.41 -17.93
CA GLY K 444 16.35 121.12 -18.79
C GLY K 444 15.70 121.41 -20.13
N GLN K 445 16.37 121.01 -21.22
CA GLN K 445 15.82 121.22 -22.56
C GLN K 445 16.16 120.11 -23.56
N HIS K 446 15.13 119.67 -24.28
CA HIS K 446 15.28 118.67 -25.32
C HIS K 446 14.21 118.97 -26.37
N ILE K 447 14.28 118.33 -27.53
CA ILE K 447 13.25 118.54 -28.55
C ILE K 447 12.90 117.18 -29.18
N PRO K 448 11.65 117.04 -29.64
CA PRO K 448 11.22 115.78 -30.26
C PRO K 448 11.94 115.55 -31.59
N ARG K 449 12.47 114.34 -31.77
CA ARG K 449 13.15 114.01 -33.01
C ARG K 449 12.24 114.19 -34.23
N LEU K 450 10.94 113.98 -34.04
CA LEU K 450 9.97 114.10 -35.12
C LEU K 450 9.63 115.53 -35.49
N LYS K 451 10.08 116.47 -34.68
CA LYS K 451 9.77 117.87 -34.94
C LYS K 451 10.98 118.77 -34.94
N ILE K 452 12.15 118.19 -35.20
CA ILE K 452 13.38 118.93 -35.26
C ILE K 452 13.22 120.07 -36.28
N PRO K 453 12.74 119.75 -37.50
CA PRO K 453 12.54 120.75 -38.56
C PRO K 453 11.67 121.93 -38.15
N GLU K 454 10.59 121.65 -37.44
CA GLU K 454 9.68 122.71 -36.98
C GLU K 454 10.37 123.59 -35.94
N CYS K 455 11.21 122.98 -35.11
CA CYS K 455 11.93 123.72 -34.09
C CYS K 455 12.98 124.65 -34.72
N ILE K 456 13.70 124.15 -35.71
CA ILE K 456 14.71 124.95 -36.38
C ILE K 456 14.11 126.08 -37.21
N MET K 457 13.20 125.74 -38.12
CA MET K 457 12.62 126.74 -39.00
C MET K 457 11.58 127.66 -38.37
N GLY K 458 10.84 127.18 -37.38
CA GLY K 458 9.84 128.01 -36.74
C GLY K 458 10.38 128.56 -35.43
N GLY K 459 11.41 127.91 -34.90
CA GLY K 459 12.01 128.34 -33.66
C GLY K 459 11.09 128.28 -32.46
N LYS K 460 10.12 127.37 -32.50
CA LYS K 460 9.20 127.24 -31.38
C LYS K 460 8.34 125.98 -31.47
N PHE K 461 8.08 125.36 -30.32
CA PHE K 461 7.24 124.17 -30.28
C PHE K 461 6.77 123.81 -28.86
N GLN K 462 5.68 123.06 -28.80
CA GLN K 462 5.11 122.64 -27.54
C GLN K 462 4.59 121.21 -27.79
N TRP K 463 4.90 120.28 -26.88
CA TRP K 463 4.46 118.89 -27.07
C TRP K 463 4.28 118.14 -25.76
N SER K 464 4.02 116.84 -25.86
CA SER K 464 3.82 115.98 -24.70
C SER K 464 4.88 114.90 -24.60
N GLY K 465 5.39 114.69 -23.38
CA GLY K 465 6.37 113.66 -23.12
C GLY K 465 7.80 113.94 -23.58
N LYS K 466 8.75 113.19 -23.03
CA LYS K 466 10.16 113.32 -23.38
C LYS K 466 10.70 111.96 -23.80
N GLY K 467 11.08 111.81 -25.07
CA GLY K 467 11.62 110.56 -25.55
C GLY K 467 10.79 109.37 -25.11
N PHE K 468 11.46 108.33 -24.63
CA PHE K 468 10.77 107.13 -24.13
C PHE K 468 10.37 107.41 -22.69
N ALA K 469 9.07 107.61 -22.45
CA ALA K 469 8.59 107.89 -21.10
C ALA K 469 8.20 106.59 -20.42
N GLY K 470 9.19 105.78 -20.06
CA GLY K 470 8.93 104.49 -19.45
C GLY K 470 8.95 104.41 -17.93
N GLY K 471 9.13 105.56 -17.26
CA GLY K 471 9.16 105.57 -15.82
C GLY K 471 7.82 105.20 -15.21
N ASP K 472 6.76 105.86 -15.69
CA ASP K 472 5.40 105.59 -15.21
C ASP K 472 4.42 105.85 -16.35
N ILE K 473 3.21 105.31 -16.21
CA ILE K 473 2.17 105.47 -17.22
C ILE K 473 1.93 106.93 -17.64
N SER K 474 1.86 107.82 -16.67
CA SER K 474 1.59 109.23 -16.95
C SER K 474 2.76 110.17 -17.31
N HIS K 475 4.00 109.68 -17.25
CA HIS K 475 5.14 110.54 -17.60
C HIS K 475 5.00 111.14 -19.00
N GLN K 476 4.44 110.36 -19.92
CA GLN K 476 4.26 110.82 -21.31
C GLN K 476 3.26 111.96 -21.39
N LEU K 477 2.57 112.23 -20.30
CA LEU K 477 1.57 113.30 -20.29
C LEU K 477 2.14 114.64 -19.85
N HIS K 478 3.42 114.68 -19.50
CA HIS K 478 4.03 115.93 -19.06
C HIS K 478 4.13 116.89 -20.25
N GLN K 479 3.92 118.19 -19.99
CA GLN K 479 3.98 119.22 -21.01
C GLN K 479 5.35 119.90 -21.15
N TYR K 480 5.89 119.91 -22.37
CA TYR K 480 7.19 120.52 -22.67
C TYR K 480 7.10 121.59 -23.77
N GLU K 481 8.08 122.50 -23.78
CA GLU K 481 8.13 123.58 -24.76
C GLU K 481 9.54 123.90 -25.23
N TYR K 482 9.64 124.51 -26.41
CA TYR K 482 10.93 124.91 -26.98
C TYR K 482 10.83 126.33 -27.52
N PRO K 483 11.76 127.20 -27.13
CA PRO K 483 12.87 126.87 -26.22
C PRO K 483 12.36 126.66 -24.80
N ALA K 484 12.99 125.72 -24.07
CA ALA K 484 12.61 125.46 -22.69
C ALA K 484 12.86 126.75 -21.92
N PRO K 485 12.04 127.06 -20.92
CA PRO K 485 12.21 128.29 -20.13
C PRO K 485 13.66 128.58 -19.70
N GLY K 486 14.16 129.75 -20.08
CA GLY K 486 15.51 130.13 -19.73
C GLY K 486 16.61 129.67 -20.66
N TYR K 487 16.36 128.65 -21.48
CA TYR K 487 17.39 128.16 -22.39
C TYR K 487 17.43 128.85 -23.74
N SER K 488 18.38 128.46 -24.57
CA SER K 488 18.56 129.07 -25.87
C SER K 488 18.14 128.24 -27.07
N LYS K 489 17.70 128.94 -28.11
CA LYS K 489 17.31 128.31 -29.36
C LYS K 489 18.56 127.66 -29.96
N ILE K 490 18.37 126.73 -30.88
CA ILE K 490 19.48 126.03 -31.50
C ILE K 490 20.25 126.93 -32.46
N LYS K 491 21.58 126.80 -32.45
CA LYS K 491 22.46 127.56 -33.32
C LYS K 491 23.35 126.57 -34.09
N MET K 492 23.62 125.44 -33.47
CA MET K 492 24.48 124.40 -34.03
C MET K 492 23.82 123.03 -33.99
N PHE K 493 24.14 122.18 -34.97
CA PHE K 493 23.57 120.83 -35.03
C PHE K 493 24.65 119.79 -35.32
N TRP K 494 24.94 118.97 -34.31
CA TRP K 494 25.95 117.91 -34.41
C TRP K 494 25.26 116.56 -34.67
N LYS K 495 25.19 116.15 -35.93
CA LYS K 495 24.55 114.89 -36.28
C LYS K 495 25.47 113.68 -36.19
N TYR K 496 24.91 112.58 -35.72
CA TYR K 496 25.63 111.32 -35.58
C TYR K 496 24.83 110.36 -36.48
N GLY K 497 25.27 110.22 -37.72
CA GLY K 497 24.58 109.39 -38.69
C GLY K 497 23.67 110.34 -39.45
N GLY K 498 22.98 109.88 -40.49
CA GLY K 498 22.09 110.77 -41.23
C GLY K 498 21.11 110.00 -42.10
N PRO K 499 20.18 109.26 -41.47
CA PRO K 499 19.17 108.45 -42.16
C PRO K 499 17.74 108.97 -42.14
N HIS K 500 17.52 110.09 -41.47
CA HIS K 500 16.19 110.63 -41.34
C HIS K 500 15.35 110.85 -42.59
N LEU K 501 15.98 111.17 -43.72
CA LEU K 501 15.20 111.37 -44.95
C LEU K 501 14.46 110.08 -45.29
N GLY K 502 15.05 108.96 -44.94
CA GLY K 502 14.41 107.68 -45.23
C GLY K 502 13.70 107.01 -44.07
N THR K 503 13.86 107.53 -42.85
CA THR K 503 13.25 106.89 -41.68
C THR K 503 12.19 107.66 -40.88
N MET K 504 12.08 108.98 -41.06
CA MET K 504 11.10 109.75 -40.31
C MET K 504 9.80 109.99 -41.09
N THR K 505 9.15 111.13 -40.85
CA THR K 505 7.88 111.44 -41.54
C THR K 505 7.90 112.66 -42.46
N ALA K 506 7.19 112.54 -43.59
CA ALA K 506 7.11 113.62 -44.59
C ALA K 506 8.48 114.28 -44.65
N THR K 507 9.48 113.42 -44.82
CA THR K 507 10.89 113.76 -44.81
C THR K 507 11.46 114.95 -45.58
N ASN K 508 10.73 115.51 -46.54
CA ASN K 508 11.29 116.66 -47.25
C ASN K 508 11.59 117.84 -46.33
N ARG K 509 10.86 117.94 -45.22
CA ARG K 509 11.07 119.02 -44.27
C ARG K 509 12.45 118.93 -43.62
N TYR K 510 13.00 117.73 -43.55
CA TYR K 510 14.33 117.52 -42.99
C TYR K 510 15.40 118.06 -43.94
N ALA K 511 15.16 117.90 -45.24
CA ALA K 511 16.10 118.40 -46.23
C ALA K 511 16.07 119.93 -46.20
N LYS K 512 14.89 120.49 -46.01
CA LYS K 512 14.70 121.93 -46.00
C LYS K 512 15.27 122.68 -44.80
N MET K 513 15.21 122.06 -43.63
CA MET K 513 15.69 122.73 -42.41
C MET K 513 17.15 123.13 -42.46
N TYR K 514 17.97 122.36 -43.19
CA TYR K 514 19.40 122.64 -43.28
C TYR K 514 19.78 123.99 -43.87
N THR K 515 18.94 124.52 -44.75
CA THR K 515 19.24 125.80 -45.39
C THR K 515 18.72 127.00 -44.60
N HIS K 516 18.14 126.76 -43.43
CA HIS K 516 17.64 127.85 -42.60
C HIS K 516 18.82 128.61 -41.99
N ASP K 517 18.81 129.94 -42.06
CA ASP K 517 19.94 130.71 -41.55
C ASP K 517 20.13 130.79 -40.05
N SER K 518 19.24 130.18 -39.27
CA SER K 518 19.39 130.18 -37.82
C SER K 518 20.44 129.13 -37.47
N LEU K 519 20.60 128.15 -38.37
CA LEU K 519 21.58 127.08 -38.18
C LEU K 519 22.94 127.59 -38.61
N GLU K 520 23.71 128.10 -37.66
CA GLU K 520 25.02 128.65 -37.98
C GLU K 520 26.07 127.59 -38.29
N PHE K 521 25.84 126.37 -37.84
CA PHE K 521 26.83 125.33 -38.08
C PHE K 521 26.28 123.90 -37.98
N VAL K 522 26.71 123.05 -38.91
CA VAL K 522 26.28 121.65 -38.94
C VAL K 522 27.49 120.74 -39.10
N VAL K 523 27.51 119.66 -38.33
CA VAL K 523 28.58 118.68 -38.39
C VAL K 523 27.96 117.29 -38.46
N SER K 524 28.53 116.43 -39.29
CA SER K 524 28.04 115.06 -39.40
C SER K 524 29.18 114.10 -39.10
N GLN K 525 28.96 113.23 -38.11
CA GLN K 525 29.92 112.21 -37.69
C GLN K 525 29.26 110.90 -38.12
N SER K 526 29.63 110.44 -39.31
CA SER K 526 29.02 109.24 -39.86
C SER K 526 30.04 108.33 -40.48
N ILE K 527 29.57 107.15 -40.91
CA ILE K 527 30.41 106.15 -41.53
C ILE K 527 30.35 106.20 -43.06
N TRP K 528 29.15 106.40 -43.61
CA TRP K 528 28.96 106.45 -45.07
C TRP K 528 28.44 107.80 -45.56
N PHE K 529 28.84 108.18 -46.77
CA PHE K 529 28.41 109.44 -47.38
C PHE K 529 27.11 109.15 -48.12
N GLU K 530 25.99 109.33 -47.41
CA GLU K 530 24.66 109.06 -47.95
C GLU K 530 23.64 109.88 -47.19
N GLY K 531 22.38 109.79 -47.62
CA GLY K 531 21.30 110.50 -46.96
C GLY K 531 21.47 111.97 -46.56
N GLU K 532 21.54 112.21 -45.25
CA GLU K 532 21.68 113.56 -44.73
C GLU K 532 23.10 114.10 -44.69
N VAL K 533 24.08 113.21 -44.74
CA VAL K 533 25.48 113.63 -44.64
C VAL K 533 25.89 114.78 -45.57
N PRO K 534 25.45 114.75 -46.85
CA PRO K 534 25.80 115.82 -47.81
C PRO K 534 25.16 117.20 -47.56
N PHE K 535 24.74 117.47 -46.32
CA PHE K 535 24.17 118.77 -45.99
C PHE K 535 25.05 119.41 -44.93
N ALA K 536 26.00 118.65 -44.42
CA ALA K 536 26.90 119.11 -43.36
C ALA K 536 28.01 120.06 -43.82
N ASP K 537 28.46 120.91 -42.91
CA ASP K 537 29.54 121.86 -43.18
C ASP K 537 30.88 121.18 -42.89
N ILE K 538 30.84 120.20 -41.98
CA ILE K 538 32.01 119.43 -41.59
C ILE K 538 31.60 117.96 -41.41
N ILE K 539 32.39 117.07 -42.00
CA ILE K 539 32.10 115.64 -41.93
C ILE K 539 33.27 114.88 -41.31
N LEU K 540 32.96 114.05 -40.33
CA LEU K 540 33.98 113.25 -39.61
C LEU K 540 33.71 111.77 -39.85
N PRO K 541 34.66 111.07 -40.49
CA PRO K 541 34.55 109.63 -40.80
C PRO K 541 34.74 108.71 -39.60
N ALA K 542 33.71 107.95 -39.27
CA ALA K 542 33.76 106.99 -38.17
C ALA K 542 33.97 105.63 -38.83
N CYS K 543 34.29 104.60 -38.04
CA CYS K 543 34.49 103.27 -38.58
C CYS K 543 33.44 102.27 -38.09
N THR K 544 33.39 101.10 -38.73
CA THR K 544 32.44 100.06 -38.35
C THR K 544 33.03 99.22 -37.22
N ASN K 545 32.17 98.50 -36.50
CA ASN K 545 32.66 97.68 -35.38
C ASN K 545 33.74 96.66 -35.75
N PHE K 546 33.96 96.43 -37.05
CA PHE K 546 35.00 95.47 -37.46
C PHE K 546 36.38 96.13 -37.52
N GLU K 547 36.42 97.43 -37.25
CA GLU K 547 37.69 98.15 -37.28
C GLU K 547 38.11 98.62 -35.89
N ARG K 548 37.41 98.15 -34.86
CA ARG K 548 37.69 98.53 -33.48
C ARG K 548 37.39 97.40 -32.47
N TRP K 549 37.75 97.62 -31.20
CA TRP K 549 37.50 96.60 -30.18
C TRP K 549 36.20 96.83 -29.42
N ASP K 550 35.45 95.77 -29.18
CA ASP K 550 34.23 95.88 -28.40
C ASP K 550 33.80 94.52 -27.88
N ILE K 551 32.72 94.49 -27.12
CA ILE K 551 32.19 93.25 -26.54
C ILE K 551 30.67 93.33 -26.53
N SER K 552 30.00 92.19 -26.69
CA SER K 552 28.54 92.19 -26.71
C SER K 552 27.95 90.80 -26.68
N GLU K 553 26.62 90.73 -26.58
CA GLU K 553 25.89 89.46 -26.56
C GLU K 553 24.84 89.42 -27.67
N PHE K 554 24.67 88.23 -28.25
CA PHE K 554 23.72 87.97 -29.33
C PHE K 554 22.38 88.66 -29.05
N ALA K 555 22.04 89.66 -29.87
CA ALA K 555 20.78 90.38 -29.78
C ALA K 555 20.46 91.02 -28.42
N ASN K 556 21.39 90.95 -27.48
CA ASN K 556 21.11 91.50 -26.16
C ASN K 556 21.06 93.02 -26.11
N CYS K 557 19.84 93.54 -26.01
CA CYS K 557 19.57 94.97 -25.93
C CYS K 557 19.28 95.38 -24.49
N SER K 558 18.37 94.63 -23.85
CA SER K 558 17.98 94.88 -22.47
C SER K 558 17.34 96.25 -22.32
N GLY K 559 17.37 96.80 -21.11
CA GLY K 559 16.79 98.11 -20.88
C GLY K 559 15.28 98.07 -21.08
N TYR K 560 14.81 98.71 -22.14
N TYR K 560 14.81 98.71 -22.14
CA TYR K 560 13.38 98.73 -22.41
CA TYR K 560 13.38 98.73 -22.41
C TYR K 560 12.86 97.42 -23.00
C TYR K 560 12.86 97.42 -23.00
N ILE K 561 13.76 96.45 -23.16
CA ILE K 561 13.40 95.13 -23.66
C ILE K 561 14.20 94.15 -22.81
N PRO K 562 13.90 94.07 -21.50
CA PRO K 562 14.57 93.20 -20.53
C PRO K 562 14.66 91.71 -20.88
N ASP K 563 15.88 91.21 -20.88
CA ASP K 563 16.16 89.81 -21.17
C ASP K 563 15.76 89.40 -22.58
N ASN K 564 15.85 90.33 -23.52
CA ASN K 564 15.46 90.04 -24.89
C ASN K 564 16.42 89.07 -25.57
N TYR K 565 17.47 88.67 -24.85
CA TYR K 565 18.41 87.71 -25.43
C TYR K 565 17.68 86.38 -25.58
N GLN K 566 16.46 86.30 -25.05
CA GLN K 566 15.67 85.08 -25.14
C GLN K 566 15.11 84.91 -26.55
N LEU K 567 15.56 85.79 -27.44
CA LEU K 567 15.16 85.76 -28.84
C LEU K 567 16.01 84.71 -29.54
N CYS K 568 17.13 84.36 -28.93
CA CYS K 568 18.05 83.39 -29.51
C CYS K 568 17.95 82.00 -28.88
N ASN K 569 18.51 81.00 -29.55
CA ASN K 569 18.48 79.63 -29.03
C ASN K 569 19.58 79.38 -27.98
N HIS K 570 20.57 80.27 -27.95
CA HIS K 570 21.67 80.18 -26.99
C HIS K 570 22.14 81.57 -26.63
N ARG K 571 22.58 81.76 -25.39
CA ARG K 571 23.11 83.07 -25.01
C ARG K 571 24.58 83.01 -25.41
N VAL K 572 24.93 83.79 -26.43
CA VAL K 572 26.31 83.83 -26.90
C VAL K 572 26.94 85.19 -26.64
N ILE K 573 27.98 85.18 -25.83
CA ILE K 573 28.69 86.40 -25.49
C ILE K 573 29.97 86.37 -26.28
N SER K 574 30.28 87.45 -26.99
CA SER K 574 31.49 87.44 -27.76
C SER K 574 32.28 88.75 -27.80
N LEU K 575 33.58 88.60 -28.05
CA LEU K 575 34.49 89.70 -28.15
C LEU K 575 34.45 90.16 -29.60
N GLN K 576 34.20 91.44 -29.83
CA GLN K 576 34.18 91.96 -31.18
C GLN K 576 35.62 92.40 -31.41
N ALA K 577 36.40 91.47 -31.96
CA ALA K 577 37.80 91.72 -32.21
C ALA K 577 38.05 92.72 -33.32
N LYS K 578 39.15 93.44 -33.21
CA LYS K 578 39.50 94.41 -34.25
C LYS K 578 40.07 93.55 -35.36
N CYS K 579 39.25 93.28 -36.37
CA CYS K 579 39.65 92.45 -37.51
C CYS K 579 40.61 93.13 -38.47
N ILE K 580 40.31 94.37 -38.81
CA ILE K 580 41.16 95.11 -39.73
C ILE K 580 41.37 96.54 -39.23
N GLU K 581 42.29 97.25 -39.86
CA GLU K 581 42.58 98.63 -39.49
C GLU K 581 41.54 99.54 -40.12
N PRO K 582 41.16 100.62 -39.41
CA PRO K 582 40.16 101.54 -39.95
C PRO K 582 40.38 101.81 -41.44
N VAL K 583 39.33 101.70 -42.23
CA VAL K 583 39.42 101.95 -43.66
C VAL K 583 39.58 103.44 -43.93
N GLY K 584 40.52 103.78 -44.80
CA GLY K 584 40.77 105.17 -45.12
C GLY K 584 41.28 105.90 -43.89
N GLU K 585 40.83 107.15 -43.73
CA GLU K 585 41.26 107.97 -42.60
C GLU K 585 40.19 107.99 -41.50
N SER K 586 39.36 106.96 -41.46
CA SER K 586 38.33 106.90 -40.44
C SER K 586 38.89 106.46 -39.10
N MET K 587 38.10 106.66 -38.05
CA MET K 587 38.48 106.27 -36.69
C MET K 587 37.23 106.07 -35.84
N SER K 588 37.37 105.31 -34.77
CA SER K 588 36.25 105.00 -33.90
C SER K 588 35.68 106.25 -33.25
N ASP K 589 34.36 106.24 -33.07
CA ASP K 589 33.66 107.36 -32.44
C ASP K 589 34.34 107.69 -31.10
N TYR K 590 34.84 106.65 -30.43
CA TYR K 590 35.51 106.85 -29.15
C TYR K 590 36.81 107.65 -29.32
N GLU K 591 37.64 107.25 -30.29
CA GLU K 591 38.88 107.98 -30.52
C GLU K 591 38.61 109.38 -31.03
N ILE K 592 37.50 109.56 -31.74
CA ILE K 592 37.15 110.89 -32.24
C ILE K 592 36.83 111.77 -31.06
N TYR K 593 36.02 111.26 -30.14
CA TYR K 593 35.63 111.99 -28.94
C TYR K 593 36.82 112.18 -28.02
N ARG K 594 37.77 111.25 -28.07
CA ARG K 594 38.93 111.36 -27.20
C ARG K 594 39.80 112.50 -27.67
N LEU K 595 39.82 112.69 -28.99
CA LEU K 595 40.58 113.76 -29.62
C LEU K 595 39.89 115.09 -29.31
N PHE K 596 38.56 115.08 -29.30
CA PHE K 596 37.80 116.28 -29.00
C PHE K 596 37.98 116.66 -27.52
N ALA K 597 37.88 115.65 -26.65
CA ALA K 597 38.03 115.86 -25.22
C ALA K 597 39.36 116.58 -24.93
N LYS K 598 40.42 116.10 -25.57
CA LYS K 598 41.74 116.70 -25.38
C LYS K 598 41.73 118.19 -25.71
N LYS K 599 41.11 118.55 -26.84
CA LYS K 599 41.05 119.95 -27.27
C LYS K 599 40.06 120.77 -26.45
N LEU K 600 39.11 120.12 -25.79
CA LEU K 600 38.13 120.81 -24.96
C LEU K 600 38.66 120.82 -23.52
N ASN K 601 39.87 120.30 -23.36
CA ASN K 601 40.57 120.25 -22.09
C ASN K 601 39.92 119.37 -21.03
N ILE K 602 39.32 118.26 -21.47
CA ILE K 602 38.67 117.33 -20.55
C ILE K 602 38.96 115.89 -20.92
N GLU K 603 40.17 115.64 -21.41
CA GLU K 603 40.55 114.30 -21.80
C GLU K 603 40.60 113.36 -20.62
N GLU K 604 41.19 113.81 -19.52
CA GLU K 604 41.29 112.98 -18.33
C GLU K 604 39.92 112.53 -17.85
N MET K 605 39.00 113.48 -17.70
CA MET K 605 37.66 113.14 -17.26
C MET K 605 36.94 112.18 -18.20
N PHE K 606 37.04 112.40 -19.51
CA PHE K 606 36.37 111.55 -20.47
C PHE K 606 36.96 110.17 -20.64
N SER K 607 38.27 110.10 -20.83
CA SER K 607 38.93 108.82 -21.07
C SER K 607 39.33 108.02 -19.83
N GLU K 608 39.65 108.72 -18.74
CA GLU K 608 40.11 108.07 -17.51
C GLU K 608 41.35 107.24 -17.90
N GLY K 609 42.05 107.71 -18.91
CA GLY K 609 43.26 107.04 -19.39
C GLY K 609 43.07 105.67 -20.04
N LYS K 610 41.82 105.30 -20.32
CA LYS K 610 41.58 103.99 -20.92
C LYS K 610 41.23 104.09 -22.40
N ASP K 611 41.67 103.11 -23.19
CA ASP K 611 41.29 103.12 -24.59
C ASP K 611 40.13 102.14 -24.66
N GLU K 612 39.58 101.94 -25.85
CA GLU K 612 38.44 101.05 -26.02
C GLU K 612 38.60 99.66 -25.39
N LEU K 613 39.77 99.06 -25.55
CA LEU K 613 40.00 97.72 -25.03
C LEU K 613 40.06 97.70 -23.50
N ALA K 614 40.63 98.73 -22.90
CA ALA K 614 40.72 98.80 -21.45
C ALA K 614 39.33 98.98 -20.86
N TRP K 615 38.47 99.71 -21.56
CA TRP K 615 37.11 99.92 -21.10
C TRP K 615 36.34 98.61 -21.20
N CYS K 616 36.65 97.82 -22.23
CA CYS K 616 36.00 96.53 -22.44
C CYS K 616 36.28 95.58 -21.28
N GLU K 617 37.53 95.58 -20.80
CA GLU K 617 37.92 94.72 -19.69
C GLU K 617 37.15 95.12 -18.43
N GLN K 618 37.06 96.42 -18.19
CA GLN K 618 36.35 96.96 -17.02
C GLN K 618 34.87 96.60 -17.12
N TYR K 619 34.35 96.61 -18.34
CA TYR K 619 32.97 96.27 -18.63
C TYR K 619 32.76 94.79 -18.33
N PHE K 620 33.64 93.96 -18.86
CA PHE K 620 33.60 92.51 -18.68
C PHE K 620 33.53 92.13 -17.21
N ASN K 621 34.39 92.73 -16.40
CA ASN K 621 34.43 92.42 -14.98
C ASN K 621 33.23 92.93 -14.18
N ALA K 622 32.40 93.75 -14.81
CA ALA K 622 31.22 94.28 -14.12
C ALA K 622 29.99 93.42 -14.42
N THR K 623 30.20 92.32 -15.14
CA THR K 623 29.12 91.39 -15.48
C THR K 623 29.33 90.09 -14.69
N ASP K 624 28.53 89.07 -14.99
CA ASP K 624 28.65 87.78 -14.31
C ASP K 624 29.71 86.90 -14.95
N MET K 625 30.14 87.25 -16.16
CA MET K 625 31.13 86.48 -16.88
C MET K 625 32.32 85.97 -16.06
N PRO K 626 32.84 86.79 -15.11
CA PRO K 626 33.97 86.34 -14.30
C PRO K 626 33.74 85.03 -13.55
N LYS K 627 32.48 84.62 -13.43
CA LYS K 627 32.16 83.39 -12.73
C LYS K 627 32.51 82.17 -13.56
N TYR K 628 32.63 82.34 -14.87
CA TYR K 628 32.96 81.26 -15.77
C TYR K 628 34.37 81.32 -16.32
N MET K 629 34.87 82.52 -16.61
CA MET K 629 36.22 82.65 -17.13
C MET K 629 36.78 84.06 -16.95
N THR K 630 38.11 84.16 -16.95
CA THR K 630 38.78 85.44 -16.78
C THR K 630 38.76 86.25 -18.07
N TRP K 631 39.21 87.49 -18.00
CA TRP K 631 39.24 88.36 -19.17
C TRP K 631 40.21 87.86 -20.25
N ASP K 632 41.36 87.34 -19.84
CA ASP K 632 42.35 86.84 -20.79
C ASP K 632 41.93 85.53 -21.43
N GLU K 633 41.24 84.68 -20.67
CA GLU K 633 40.80 83.39 -21.20
C GLU K 633 39.68 83.66 -22.21
N PHE K 634 38.82 84.62 -21.89
CA PHE K 634 37.72 84.99 -22.77
C PHE K 634 38.26 85.63 -24.03
N PHE K 635 39.15 86.60 -23.87
CA PHE K 635 39.76 87.30 -25.01
C PHE K 635 40.36 86.29 -25.98
N LYS K 636 41.04 85.30 -25.43
CA LYS K 636 41.66 84.29 -26.24
C LYS K 636 40.61 83.43 -26.97
N LYS K 637 39.58 83.00 -26.26
CA LYS K 637 38.55 82.18 -26.89
C LYS K 637 37.72 82.92 -27.93
N GLY K 638 37.36 84.17 -27.63
CA GLY K 638 36.59 84.96 -28.59
C GLY K 638 35.09 84.99 -28.35
N TYR K 639 34.50 83.83 -28.04
CA TYR K 639 33.07 83.76 -27.79
C TYR K 639 32.79 82.75 -26.69
N PHE K 640 31.71 82.99 -25.94
CA PHE K 640 31.32 82.12 -24.86
C PHE K 640 29.84 81.74 -24.98
N VAL K 641 29.55 80.45 -24.82
CA VAL K 641 28.18 79.95 -24.87
C VAL K 641 27.73 79.75 -23.42
N VAL K 642 26.79 80.55 -22.96
CA VAL K 642 26.30 80.46 -21.58
C VAL K 642 25.62 79.13 -21.30
N PRO K 643 26.05 78.44 -20.24
CA PRO K 643 25.46 77.15 -19.85
C PRO K 643 23.96 77.19 -19.61
N ASP K 644 23.32 76.04 -19.73
CA ASP K 644 21.89 75.93 -19.50
C ASP K 644 21.70 75.82 -17.97
N ASN K 645 20.51 76.16 -17.50
CA ASN K 645 20.18 76.06 -16.08
C ASN K 645 18.88 75.26 -16.04
N PRO K 646 18.97 73.94 -16.32
CA PRO K 646 17.86 72.98 -16.34
C PRO K 646 16.96 72.91 -15.11
N ASN K 647 17.46 73.37 -13.97
CA ASN K 647 16.69 73.27 -12.75
C ASN K 647 15.89 74.49 -12.28
N ARG K 648 16.25 75.68 -12.74
CA ARG K 648 15.51 76.87 -12.32
C ARG K 648 14.03 76.66 -12.59
N LYS K 649 13.18 77.12 -11.67
CA LYS K 649 11.74 76.97 -11.84
C LYS K 649 11.29 77.89 -12.96
N LYS K 650 10.33 77.43 -13.75
CA LYS K 650 9.85 78.23 -14.87
C LYS K 650 8.74 79.18 -14.41
N THR K 651 8.80 80.41 -14.91
CA THR K 651 7.80 81.42 -14.59
C THR K 651 7.28 82.01 -15.89
N VAL K 652 6.16 81.47 -16.38
CA VAL K 652 5.57 81.92 -17.62
C VAL K 652 4.98 83.32 -17.55
N ALA K 653 5.21 84.09 -18.61
CA ALA K 653 4.72 85.46 -18.72
C ALA K 653 3.25 85.58 -18.32
N LEU K 654 2.99 86.52 -17.42
CA LEU K 654 1.64 86.83 -16.92
C LEU K 654 0.86 85.74 -16.22
N ARG K 655 1.47 84.58 -15.95
CA ARG K 655 0.70 83.55 -15.26
C ARG K 655 0.41 83.97 -13.83
N TRP K 656 1.34 84.71 -13.22
CA TRP K 656 1.11 85.18 -11.85
C TRP K 656 -0.11 86.09 -11.85
N PHE K 657 -0.27 86.85 -12.92
CA PHE K 657 -1.40 87.77 -13.05
C PHE K 657 -2.71 87.02 -13.25
N ALA K 658 -2.70 86.05 -14.16
CA ALA K 658 -3.88 85.24 -14.43
C ALA K 658 -4.30 84.47 -13.19
N GLU K 659 -3.34 84.10 -12.35
CA GLU K 659 -3.63 83.35 -11.14
C GLU K 659 -3.83 84.22 -9.90
N GLY K 660 -3.86 85.53 -10.10
CA GLY K 660 -4.06 86.47 -9.01
C GLY K 660 -3.08 86.42 -7.84
N ARG K 661 -1.81 86.15 -8.11
CA ARG K 661 -0.82 86.11 -7.06
C ARG K 661 0.31 87.09 -7.32
N GLU K 662 1.31 87.12 -6.45
CA GLU K 662 2.44 88.04 -6.60
C GLU K 662 3.27 87.80 -7.84
N LYS K 663 3.71 88.89 -8.45
CA LYS K 663 4.57 88.85 -9.64
C LYS K 663 5.80 87.99 -9.30
N ASP K 664 6.03 86.94 -10.08
CA ASP K 664 7.15 86.03 -9.82
C ASP K 664 8.18 85.85 -10.94
N THR K 665 8.10 86.67 -11.99
CA THR K 665 9.05 86.56 -13.11
C THR K 665 10.22 87.53 -12.98
N PRO K 666 11.26 87.36 -13.83
CA PRO K 666 12.45 88.22 -13.83
C PRO K 666 12.18 89.65 -14.35
N ASP K 667 10.95 89.94 -14.76
CA ASP K 667 10.64 91.26 -15.31
C ASP K 667 11.04 92.43 -14.41
N TRP K 668 11.39 93.55 -15.04
CA TRP K 668 11.82 94.73 -14.33
C TRP K 668 10.66 95.59 -13.89
N GLY K 669 9.46 95.01 -13.87
CA GLY K 669 8.30 95.76 -13.44
C GLY K 669 7.17 94.81 -13.10
N PRO K 670 6.10 95.30 -12.47
CA PRO K 670 5.99 96.71 -12.12
C PRO K 670 6.69 97.06 -10.80
N ARG K 671 7.02 98.34 -10.61
CA ARG K 671 7.68 98.78 -9.38
C ARG K 671 6.77 98.61 -8.18
N LEU K 672 7.36 98.26 -7.05
CA LEU K 672 6.58 98.02 -5.84
C LEU K 672 5.49 99.04 -5.54
N ASN K 673 5.79 100.32 -5.75
CA ASN K 673 4.80 101.34 -5.47
C ASN K 673 3.63 101.37 -6.46
N ASN K 674 3.73 100.61 -7.55
CA ASN K 674 2.66 100.55 -8.53
C ASN K 674 1.84 99.25 -8.42
N GLN K 675 1.80 98.71 -7.21
CA GLN K 675 1.06 97.48 -6.92
C GLN K 675 0.61 97.47 -5.47
N VAL K 676 -0.40 96.65 -5.18
CA VAL K 676 -0.85 96.50 -3.81
C VAL K 676 -0.38 95.12 -3.41
N CYS K 677 0.56 95.08 -2.45
CA CYS K 677 1.14 93.83 -1.97
C CYS K 677 1.72 93.03 -3.12
N ARG K 678 2.37 93.75 -4.03
CA ARG K 678 2.99 93.23 -5.24
C ARG K 678 2.20 92.22 -6.08
N LYS K 679 0.94 92.57 -6.32
CA LYS K 679 0.03 91.78 -7.13
C LYS K 679 -0.62 92.76 -8.10
N GLY K 680 -1.00 92.28 -9.27
CA GLY K 680 -1.64 93.14 -10.25
C GLY K 680 -0.69 93.91 -11.15
N LEU K 681 -1.25 94.41 -12.25
CA LEU K 681 -0.49 95.18 -13.22
C LEU K 681 -0.07 96.53 -12.63
N GLN K 682 0.54 97.37 -13.47
CA GLN K 682 1.00 98.69 -13.07
C GLN K 682 -0.11 99.74 -12.97
N THR K 683 -1.23 99.47 -13.64
CA THR K 683 -2.35 100.41 -13.62
C THR K 683 -2.86 100.66 -12.19
N THR K 684 -3.59 101.77 -12.02
CA THR K 684 -4.16 102.12 -10.73
C THR K 684 -4.98 100.98 -10.13
N THR K 685 -5.89 100.41 -10.93
CA THR K 685 -6.72 99.33 -10.43
C THR K 685 -5.93 98.03 -10.30
N GLY K 686 -4.89 97.88 -11.11
CA GLY K 686 -4.08 96.67 -11.08
C GLY K 686 -4.64 95.67 -12.08
N LYS K 687 -5.59 96.12 -12.88
CA LYS K 687 -6.23 95.27 -13.88
C LYS K 687 -6.17 95.86 -15.30
N VAL K 688 -6.58 95.09 -16.29
CA VAL K 688 -6.61 95.60 -17.66
C VAL K 688 -7.76 96.60 -17.69
N GLU K 689 -7.43 97.87 -17.89
CA GLU K 689 -8.44 98.93 -17.90
C GLU K 689 -8.90 99.32 -19.31
N PHE K 690 -10.11 98.86 -19.68
CA PHE K 690 -10.66 99.17 -20.99
C PHE K 690 -11.06 100.65 -21.02
N ILE K 691 -11.13 101.24 -19.85
CA ILE K 691 -11.43 102.66 -19.67
C ILE K 691 -10.28 103.13 -18.78
N ALA K 692 -9.18 103.53 -19.40
CA ALA K 692 -7.96 103.96 -18.69
C ALA K 692 -8.11 105.10 -17.71
N THR K 693 -7.85 104.81 -16.44
CA THR K 693 -7.94 105.83 -15.39
C THR K 693 -6.96 106.97 -15.67
N SER K 694 -5.75 106.65 -16.12
CA SER K 694 -4.77 107.68 -16.44
C SER K 694 -5.35 108.68 -17.44
N LEU K 695 -5.74 108.21 -18.61
CA LEU K 695 -6.32 109.09 -19.61
C LEU K 695 -7.57 109.81 -19.12
N LYS K 696 -8.40 109.13 -18.34
CA LYS K 696 -9.61 109.80 -17.85
C LYS K 696 -9.25 110.98 -16.95
N ASN K 697 -8.18 110.84 -16.17
CA ASN K 697 -7.72 111.93 -15.31
C ASN K 697 -7.31 113.05 -16.26
N PHE K 698 -6.57 112.66 -17.29
CA PHE K 698 -6.07 113.58 -18.30
C PHE K 698 -7.19 114.39 -18.95
N GLU K 699 -8.29 113.73 -19.32
CA GLU K 699 -9.39 114.46 -19.94
C GLU K 699 -10.17 115.32 -18.95
N GLU K 700 -10.27 114.87 -17.72
CA GLU K 700 -10.98 115.66 -16.72
C GLU K 700 -10.14 116.88 -16.35
N GLN K 701 -8.84 116.81 -16.61
CA GLN K 701 -7.95 117.93 -16.33
C GLN K 701 -8.02 118.96 -17.46
N GLY K 702 -8.73 118.62 -18.53
CA GLY K 702 -8.88 119.55 -19.63
C GLY K 702 -8.24 119.17 -20.95
N TYR K 703 -7.53 118.06 -21.00
CA TYR K 703 -6.86 117.65 -22.23
C TYR K 703 -7.68 116.73 -23.14
N ILE K 704 -8.69 117.33 -23.76
CA ILE K 704 -9.59 116.63 -24.67
C ILE K 704 -8.88 116.18 -25.95
N ASP K 705 -8.80 114.86 -26.14
CA ASP K 705 -8.12 114.29 -27.30
C ASP K 705 -8.98 113.26 -28.05
N GLU K 706 -9.68 113.74 -29.08
CA GLU K 706 -10.55 112.92 -29.91
C GLU K 706 -9.93 111.60 -30.40
N HIS K 707 -8.65 111.63 -30.77
CA HIS K 707 -8.05 110.40 -31.26
C HIS K 707 -7.36 109.51 -30.23
N ARG K 708 -7.56 109.81 -28.95
CA ARG K 708 -7.03 108.97 -27.89
C ARG K 708 -7.96 109.06 -26.69
N PRO K 709 -9.13 108.39 -26.77
CA PRO K 709 -10.13 108.37 -25.69
C PRO K 709 -9.74 107.41 -24.58
N SER K 710 -10.18 107.73 -23.36
CA SER K 710 -9.86 106.88 -22.21
C SER K 710 -10.41 105.47 -22.40
N MET K 711 -11.57 105.34 -23.04
CA MET K 711 -12.12 104.00 -23.28
C MET K 711 -11.64 103.53 -24.66
N HIS K 712 -11.25 102.26 -24.76
CA HIS K 712 -10.80 101.68 -26.01
C HIS K 712 -12.02 101.61 -26.93
N THR K 713 -11.99 102.39 -28.00
CA THR K 713 -13.11 102.48 -28.94
C THR K 713 -12.67 102.45 -30.40
N TYR K 714 -13.63 102.43 -31.31
CA TYR K 714 -13.27 102.41 -32.72
C TYR K 714 -13.14 103.81 -33.26
N VAL K 715 -11.97 104.39 -33.09
CA VAL K 715 -11.72 105.72 -33.61
C VAL K 715 -11.22 105.45 -35.03
N PRO K 716 -11.90 106.04 -36.04
CA PRO K 716 -11.50 105.85 -37.44
C PRO K 716 -10.09 106.40 -37.63
N ALA K 717 -9.20 105.62 -38.26
CA ALA K 717 -7.83 106.06 -38.47
C ALA K 717 -7.88 107.33 -39.33
N TRP K 718 -7.25 108.41 -38.85
CA TRP K 718 -7.31 109.65 -39.60
C TRP K 718 -6.66 109.65 -40.98
N GLU K 719 -5.87 108.63 -41.28
CA GLU K 719 -5.28 108.52 -42.61
C GLU K 719 -5.62 107.13 -43.15
N SER K 720 -6.90 106.92 -43.43
CA SER K 720 -7.39 105.66 -43.97
C SER K 720 -8.20 105.95 -45.23
N GLN K 721 -8.44 104.92 -46.03
CA GLN K 721 -9.17 105.08 -47.27
C GLN K 721 -10.62 105.57 -47.18
N LYS K 722 -11.39 105.11 -46.19
CA LYS K 722 -12.77 105.57 -46.13
C LYS K 722 -13.10 106.70 -45.16
N HIS K 723 -12.18 107.00 -44.24
CA HIS K 723 -12.42 108.05 -43.27
C HIS K 723 -11.63 109.34 -43.49
N SER K 724 -10.58 109.26 -44.31
CA SER K 724 -9.74 110.42 -44.60
C SER K 724 -10.22 111.24 -45.82
N PRO K 725 -10.34 112.56 -45.65
CA PRO K 725 -10.79 113.45 -46.74
C PRO K 725 -9.79 113.46 -47.89
N LEU K 726 -8.61 112.89 -47.63
CA LEU K 726 -7.50 112.83 -48.57
C LEU K 726 -7.61 111.64 -49.53
N ALA K 727 -8.25 110.56 -49.08
CA ALA K 727 -8.42 109.35 -49.88
C ALA K 727 -9.14 109.63 -51.21
N VAL K 728 -9.80 110.76 -51.29
CA VAL K 728 -10.53 111.14 -52.50
C VAL K 728 -9.57 111.46 -53.65
N LYS K 729 -8.41 112.01 -53.31
CA LYS K 729 -7.38 112.34 -54.28
C LYS K 729 -6.38 111.20 -54.34
N TYR K 730 -6.04 110.68 -53.17
CA TYR K 730 -5.07 109.60 -53.05
C TYR K 730 -5.77 108.34 -52.52
N PRO K 731 -6.40 107.59 -53.43
CA PRO K 731 -7.16 106.34 -53.19
C PRO K 731 -6.39 105.11 -52.75
N LEU K 732 -5.09 105.06 -53.02
CA LEU K 732 -4.33 103.88 -52.63
C LEU K 732 -3.77 103.97 -51.22
N GLY K 733 -3.91 102.89 -50.46
CA GLY K 733 -3.40 102.84 -49.11
C GLY K 733 -2.03 102.18 -49.11
N MET K 734 -1.06 102.82 -48.46
CA MET K 734 0.30 102.30 -48.41
C MET K 734 0.82 102.04 -46.97
N LEU K 735 1.48 100.90 -46.79
CA LEU K 735 2.08 100.58 -45.51
C LEU K 735 3.55 100.42 -45.91
N SER K 736 4.47 100.78 -45.02
CA SER K 736 5.88 100.70 -45.35
C SER K 736 6.72 100.20 -44.17
N PRO K 737 6.62 98.89 -43.90
CA PRO K 737 7.33 98.20 -42.81
C PRO K 737 8.85 98.23 -42.99
N HIS K 738 9.54 97.55 -42.08
CA HIS K 738 10.99 97.50 -42.08
C HIS K 738 11.56 96.67 -43.23
N PRO K 739 12.68 97.12 -43.80
CA PRO K 739 13.35 96.42 -44.91
C PRO K 739 13.76 94.98 -44.60
N ARG K 740 13.46 94.10 -45.55
CA ARG K 740 13.74 92.68 -45.45
C ARG K 740 15.25 92.36 -45.50
N PHE K 741 15.93 92.91 -46.50
CA PHE K 741 17.35 92.64 -46.69
C PHE K 741 18.30 93.72 -46.14
N SER K 742 17.91 94.38 -45.05
CA SER K 742 18.73 95.43 -44.49
C SER K 742 18.22 95.88 -43.13
N MET K 743 19.14 96.22 -42.22
CA MET K 743 18.76 96.71 -40.89
C MET K 743 18.56 98.22 -41.10
N HIS K 744 17.32 98.61 -41.38
CA HIS K 744 17.00 99.99 -41.69
C HIS K 744 18.00 100.45 -42.77
N THR K 745 18.69 101.58 -42.59
CA THR K 745 19.61 102.05 -43.62
C THR K 745 20.94 101.31 -43.70
N MET K 746 21.26 100.54 -42.66
CA MET K 746 22.52 99.80 -42.64
C MET K 746 22.41 98.51 -43.47
N GLY K 747 22.86 98.60 -44.71
CA GLY K 747 22.80 97.46 -45.61
C GLY K 747 22.40 97.88 -47.00
N ASP K 748 21.50 98.87 -47.08
CA ASP K 748 21.05 99.37 -48.36
C ASP K 748 22.06 100.36 -48.92
N GLY K 749 22.00 100.59 -50.23
CA GLY K 749 22.93 101.51 -50.87
C GLY K 749 24.38 101.14 -50.62
N LYS K 750 25.25 102.13 -50.60
CA LYS K 750 26.68 101.92 -50.35
C LYS K 750 27.31 100.95 -51.34
N ASN K 751 26.61 100.70 -52.44
N ASN K 751 26.61 100.71 -52.44
CA ASN K 751 27.08 99.79 -53.47
CA ASN K 751 27.09 99.80 -53.48
C ASN K 751 27.38 98.42 -52.88
C ASN K 751 27.38 98.42 -52.88
N SER K 752 26.61 98.05 -51.86
CA SER K 752 26.80 96.76 -51.20
C SER K 752 26.17 95.65 -52.03
N TYR K 753 26.46 94.42 -51.65
CA TYR K 753 25.95 93.25 -52.33
C TYR K 753 24.43 93.12 -52.25
N MET K 754 23.85 93.66 -51.19
CA MET K 754 22.40 93.57 -51.00
C MET K 754 21.62 94.22 -52.14
N ASN K 755 22.25 95.14 -52.85
CA ASN K 755 21.59 95.83 -53.95
C ASN K 755 21.36 94.93 -55.17
N TYR K 756 21.93 93.72 -55.14
CA TYR K 756 21.76 92.81 -56.26
C TYR K 756 20.64 91.80 -56.00
N ILE K 757 20.06 91.86 -54.81
CA ILE K 757 18.98 90.94 -54.43
C ILE K 757 17.72 91.32 -55.21
N LYS K 758 17.11 90.33 -55.86
CA LYS K 758 15.90 90.54 -56.66
C LYS K 758 14.75 91.29 -56.01
N ASP K 759 14.45 90.96 -54.75
CA ASP K 759 13.32 91.59 -54.06
C ASP K 759 13.69 92.82 -53.21
N HIS K 760 14.86 93.39 -53.47
CA HIS K 760 15.31 94.58 -52.73
C HIS K 760 15.32 95.81 -53.64
N ARG K 761 16.08 95.73 -54.73
CA ARG K 761 16.16 96.81 -55.71
C ARG K 761 16.16 96.18 -57.09
N VAL K 762 15.54 96.86 -58.04
CA VAL K 762 15.45 96.39 -59.42
C VAL K 762 16.21 97.34 -60.34
N GLU K 763 17.12 96.77 -61.13
CA GLU K 763 17.89 97.59 -62.05
C GLU K 763 17.11 97.89 -63.31
N VAL K 764 16.87 99.18 -63.53
CA VAL K 764 16.15 99.63 -64.70
C VAL K 764 17.02 100.69 -65.34
N ASP K 765 17.39 100.48 -66.60
CA ASP K 765 18.22 101.44 -67.33
C ASP K 765 19.47 101.89 -66.58
N GLY K 766 20.21 100.93 -66.02
CA GLY K 766 21.44 101.25 -65.33
C GLY K 766 21.36 101.75 -63.89
N TYR K 767 20.15 101.95 -63.39
CA TYR K 767 19.99 102.43 -62.02
C TYR K 767 19.18 101.40 -61.23
N LYS K 768 19.53 101.17 -59.97
CA LYS K 768 18.80 100.21 -59.15
C LYS K 768 17.74 100.95 -58.33
N TYR K 769 16.49 100.81 -58.74
CA TYR K 769 15.39 101.49 -58.06
C TYR K 769 14.77 100.71 -56.90
N TRP K 770 14.26 101.46 -55.94
CA TRP K 770 13.60 100.90 -54.77
C TRP K 770 12.31 100.28 -55.32
N ILE K 771 11.80 99.26 -54.63
CA ILE K 771 10.62 98.55 -55.06
C ILE K 771 9.28 98.88 -54.38
N MET K 772 8.23 99.00 -55.19
CA MET K 772 6.88 99.21 -54.69
C MET K 772 6.03 98.06 -55.24
N ARG K 773 5.34 97.37 -54.36
CA ARG K 773 4.50 96.26 -54.77
C ARG K 773 3.08 96.78 -55.01
N VAL K 774 2.44 96.24 -56.03
CA VAL K 774 1.11 96.67 -56.41
C VAL K 774 0.29 95.49 -56.90
N ASN K 775 -0.97 95.43 -56.51
CA ASN K 775 -1.84 94.34 -56.96
C ASN K 775 -2.12 94.49 -58.44
N SER K 776 -2.11 93.37 -59.16
CA SER K 776 -2.36 93.39 -60.60
C SER K 776 -3.55 94.24 -61.00
N ILE K 777 -4.63 94.19 -60.23
CA ILE K 777 -5.82 94.96 -60.54
C ILE K 777 -5.56 96.47 -60.54
N ASP K 778 -4.77 96.95 -59.59
CA ASP K 778 -4.46 98.39 -59.53
C ASP K 778 -3.39 98.74 -60.57
N ALA K 779 -2.50 97.79 -60.84
CA ALA K 779 -1.44 98.01 -61.81
C ALA K 779 -2.04 98.09 -63.21
N GLU K 780 -2.86 97.10 -63.55
CA GLU K 780 -3.51 97.04 -64.86
C GLU K 780 -4.38 98.27 -65.13
N ALA K 781 -5.07 98.74 -64.09
CA ALA K 781 -5.95 99.90 -64.22
C ALA K 781 -5.16 101.16 -64.53
N ARG K 782 -3.84 101.11 -64.30
CA ARG K 782 -2.99 102.27 -64.55
C ARG K 782 -2.02 102.05 -65.70
N GLY K 783 -2.14 100.91 -66.38
CA GLY K 783 -1.26 100.59 -67.49
C GLY K 783 0.14 100.26 -67.00
N ILE K 784 0.24 99.87 -65.73
CA ILE K 784 1.50 99.51 -65.11
C ILE K 784 1.81 98.03 -65.22
N LYS K 785 3.04 97.70 -65.63
CA LYS K 785 3.47 96.32 -65.77
C LYS K 785 4.66 96.08 -64.85
N ASN K 786 4.94 94.81 -64.57
CA ASN K 786 6.05 94.46 -63.71
C ASN K 786 7.38 95.01 -64.23
N GLY K 787 8.08 95.76 -63.39
CA GLY K 787 9.37 96.30 -63.77
C GLY K 787 9.33 97.74 -64.28
N ASP K 788 8.13 98.29 -64.42
CA ASP K 788 7.98 99.67 -64.89
C ASP K 788 8.38 100.67 -63.81
N LEU K 789 8.83 101.84 -64.23
CA LEU K 789 9.21 102.90 -63.30
C LEU K 789 7.98 103.73 -63.03
N ILE K 790 7.54 103.74 -61.78
CA ILE K 790 6.36 104.48 -61.38
C ILE K 790 6.67 105.63 -60.44
N ARG K 791 5.68 106.50 -60.28
CA ARG K 791 5.80 107.64 -59.41
C ARG K 791 4.73 107.58 -58.32
N ALA K 792 5.18 107.46 -57.07
CA ALA K 792 4.27 107.44 -55.93
C ALA K 792 4.23 108.88 -55.43
N TYR K 793 3.03 109.41 -55.18
CA TYR K 793 2.93 110.77 -54.73
C TYR K 793 1.66 111.14 -53.99
N ASN K 794 1.70 112.30 -53.35
CA ASN K 794 0.60 112.90 -52.62
C ASN K 794 1.04 114.34 -52.37
N ASP K 795 0.42 115.03 -51.43
CA ASP K 795 0.77 116.42 -51.17
C ASP K 795 2.18 116.62 -50.61
N ARG K 796 2.77 115.58 -50.03
CA ARG K 796 4.09 115.68 -49.43
C ARG K 796 5.31 115.57 -50.34
N GLY K 797 5.16 114.87 -51.47
CA GLY K 797 6.26 114.75 -52.40
C GLY K 797 6.07 113.62 -53.38
N SER K 798 7.08 113.35 -54.19
CA SER K 798 6.99 112.27 -55.16
C SER K 798 8.23 111.39 -55.03
N VAL K 799 8.07 110.12 -55.36
CA VAL K 799 9.14 109.16 -55.30
C VAL K 799 9.06 108.27 -56.54
N ILE K 800 10.20 108.01 -57.16
CA ILE K 800 10.23 107.17 -58.35
C ILE K 800 10.70 105.77 -57.94
N LEU K 801 9.89 104.77 -58.27
CA LEU K 801 10.17 103.39 -57.90
C LEU K 801 9.97 102.39 -59.05
N ALA K 802 10.44 101.17 -58.82
CA ALA K 802 10.29 100.11 -59.79
C ALA K 802 9.11 99.30 -59.28
N ALA K 803 8.13 99.09 -60.15
CA ALA K 803 6.93 98.36 -59.76
C ALA K 803 7.08 96.85 -59.76
N GLN K 804 6.45 96.22 -58.78
CA GLN K 804 6.45 94.77 -58.69
C GLN K 804 4.98 94.38 -58.53
N VAL K 805 4.38 93.93 -59.65
CA VAL K 805 2.98 93.52 -59.65
C VAL K 805 2.87 92.20 -58.90
N THR K 806 1.96 92.13 -57.94
CA THR K 806 1.81 90.94 -57.12
C THR K 806 0.39 90.64 -56.65
N GLU K 807 0.19 89.44 -56.11
CA GLU K 807 -1.10 89.04 -55.57
C GLU K 807 -1.05 89.04 -54.04
N CYS K 808 0.06 89.47 -53.47
CA CYS K 808 0.24 89.49 -52.01
C CYS K 808 -0.28 90.74 -51.31
N LEU K 809 -1.26 91.41 -51.92
CA LEU K 809 -1.84 92.62 -51.35
C LEU K 809 -3.28 92.77 -51.82
N GLN K 810 -4.19 93.14 -50.92
CA GLN K 810 -5.56 93.33 -51.33
C GLN K 810 -5.64 94.53 -52.29
N PRO K 811 -6.50 94.44 -53.32
CA PRO K 811 -6.62 95.54 -54.27
C PRO K 811 -6.93 96.88 -53.60
N GLY K 812 -6.08 97.88 -53.86
CA GLY K 812 -6.28 99.18 -53.26
C GLY K 812 -5.18 99.44 -52.25
N THR K 813 -4.35 98.43 -52.02
CA THR K 813 -3.26 98.51 -51.07
C THR K 813 -1.90 98.35 -51.76
N VAL K 814 -0.98 99.28 -51.49
CA VAL K 814 0.37 99.21 -52.05
C VAL K 814 1.36 99.06 -50.90
N HIS K 815 2.50 98.45 -51.20
CA HIS K 815 3.51 98.19 -50.19
C HIS K 815 4.91 98.57 -50.65
N SER K 816 5.66 99.20 -49.77
CA SER K 816 7.02 99.62 -50.08
C SER K 816 7.77 99.80 -48.76
N TYR K 817 8.85 99.05 -48.59
CA TYR K 817 9.64 99.13 -47.37
C TYR K 817 10.23 100.53 -47.14
N GLU K 818 10.44 100.87 -45.88
CA GLU K 818 11.02 102.16 -45.51
C GLU K 818 12.52 101.97 -45.26
N SER K 819 13.15 103.01 -44.70
CA SER K 819 14.58 102.97 -44.35
C SER K 819 15.57 103.02 -45.50
N CYS K 820 15.11 103.41 -46.68
CA CYS K 820 16.01 103.52 -47.83
C CYS K 820 17.18 104.39 -47.38
N ALA K 821 18.40 104.03 -47.76
CA ALA K 821 19.57 104.79 -47.36
C ALA K 821 20.01 105.81 -48.41
N VAL K 822 19.50 105.66 -49.63
CA VAL K 822 19.85 106.54 -50.73
C VAL K 822 18.88 107.68 -50.99
N TYR K 823 19.31 108.92 -50.75
CA TYR K 823 18.47 110.08 -51.03
C TYR K 823 19.01 110.73 -52.30
N ASP K 824 18.25 110.59 -53.39
CA ASP K 824 18.68 111.12 -54.68
C ASP K 824 17.62 111.97 -55.40
N PRO K 825 17.56 113.27 -55.05
CA PRO K 825 16.61 114.24 -55.62
C PRO K 825 16.86 114.43 -57.12
N LEU K 826 15.79 114.51 -57.90
CA LEU K 826 15.94 114.72 -59.34
C LEU K 826 16.12 116.21 -59.61
N GLY K 827 15.73 117.01 -58.61
CA GLY K 827 15.85 118.46 -58.70
C GLY K 827 16.38 119.03 -57.38
N THR K 828 15.84 120.17 -56.95
CA THR K 828 16.27 120.80 -55.70
C THR K 828 15.96 119.92 -54.49
N ALA K 829 16.95 119.75 -53.62
CA ALA K 829 16.77 118.94 -52.42
C ALA K 829 15.58 119.41 -51.58
N GLY K 830 14.73 118.47 -51.19
CA GLY K 830 13.56 118.80 -50.39
C GLY K 830 12.44 119.48 -51.17
N LYS K 831 12.65 119.68 -52.46
CA LYS K 831 11.65 120.34 -53.31
C LYS K 831 11.39 119.61 -54.62
N SER K 832 11.88 118.39 -54.75
CA SER K 832 11.70 117.64 -55.98
C SER K 832 11.54 116.15 -55.72
N ALA K 833 11.29 115.40 -56.80
CA ALA K 833 11.11 113.96 -56.71
C ALA K 833 12.42 113.27 -56.36
N ASP K 834 12.33 112.23 -55.54
CA ASP K 834 13.48 111.45 -55.15
C ASP K 834 13.45 110.13 -55.89
N ARG K 835 14.61 109.58 -56.22
CA ARG K 835 14.66 108.29 -56.90
C ARG K 835 15.50 107.34 -56.09
N GLY K 836 15.97 107.80 -54.94
CA GLY K 836 16.76 106.95 -54.08
C GLY K 836 15.84 105.85 -53.59
N GLY K 837 14.63 106.24 -53.18
CA GLY K 837 13.64 105.29 -52.71
C GLY K 837 13.07 105.63 -51.34
N CYS K 838 13.19 106.90 -50.93
CA CYS K 838 12.71 107.33 -49.62
C CYS K 838 11.19 107.45 -49.51
N ILE K 839 10.54 106.32 -49.24
CA ILE K 839 9.10 106.24 -49.06
C ILE K 839 8.59 107.20 -47.99
N ASN K 840 9.40 107.44 -46.97
CA ASN K 840 8.99 108.34 -45.89
C ASN K 840 8.77 109.78 -46.28
N ILE K 841 9.00 110.10 -47.54
CA ILE K 841 8.74 111.44 -48.02
C ILE K 841 7.21 111.59 -48.11
N LEU K 842 6.54 110.45 -48.32
CA LEU K 842 5.08 110.40 -48.47
C LEU K 842 4.26 110.16 -47.20
N THR K 843 4.90 109.69 -46.13
CA THR K 843 4.18 109.41 -44.90
C THR K 843 3.76 110.66 -44.11
N PRO K 844 2.62 110.60 -43.42
CA PRO K 844 2.10 111.72 -42.63
C PRO K 844 2.96 112.07 -41.41
N ASP K 845 3.24 113.36 -41.23
CA ASP K 845 4.03 113.82 -40.09
C ASP K 845 3.15 114.21 -38.92
N ARG K 846 1.83 114.20 -39.13
CA ARG K 846 0.87 114.53 -38.08
C ARG K 846 0.99 113.50 -36.96
N TYR K 847 0.99 113.95 -35.71
CA TYR K 847 1.10 113.05 -34.56
C TYR K 847 -0.09 112.07 -34.48
N ILE K 848 0.19 110.84 -34.06
CA ILE K 848 -0.86 109.82 -33.96
C ILE K 848 -2.11 110.38 -33.29
N SER K 849 -1.91 111.38 -32.43
CA SER K 849 -3.01 112.01 -31.72
C SER K 849 -2.59 113.41 -31.31
N LYS K 850 -3.49 114.18 -30.75
CA LYS K 850 -3.13 115.52 -30.32
C LYS K 850 -2.03 115.52 -29.25
N TYR K 851 -2.13 114.60 -28.29
CA TYR K 851 -1.13 114.52 -27.22
C TYR K 851 -0.30 113.25 -27.27
N ALA K 852 -0.63 112.35 -28.19
CA ALA K 852 0.11 111.11 -28.38
C ALA K 852 1.13 111.42 -29.46
N CYS K 853 2.19 112.13 -29.06
CA CYS K 853 3.22 112.59 -29.97
C CYS K 853 4.12 111.53 -30.60
N GLY K 854 3.51 110.56 -31.30
CA GLY K 854 4.29 109.52 -31.94
C GLY K 854 4.11 109.51 -33.46
N MET K 855 4.89 108.69 -34.15
CA MET K 855 4.81 108.62 -35.61
C MET K 855 3.70 107.67 -36.09
N ALA K 856 3.01 108.07 -37.15
CA ALA K 856 1.93 107.26 -37.72
C ALA K 856 2.17 106.90 -39.19
N ASN K 857 3.44 106.66 -39.52
CA ASN K 857 3.84 106.32 -40.88
C ASN K 857 3.07 105.23 -41.63
N ASN K 858 2.85 104.08 -41.01
CA ASN K 858 2.19 102.97 -41.70
C ASN K 858 0.78 103.12 -42.25
N THR K 859 0.27 104.34 -42.28
CA THR K 859 -1.02 104.62 -42.89
C THR K 859 -0.81 105.89 -43.71
N ALA K 860 -0.51 105.71 -44.99
CA ALA K 860 -0.30 106.85 -45.87
C ALA K 860 -1.08 106.66 -47.16
N LEU K 861 -1.77 107.71 -47.58
CA LEU K 861 -2.57 107.69 -48.78
C LEU K 861 -1.78 108.23 -49.97
N VAL K 862 -1.78 107.49 -51.07
CA VAL K 862 -1.06 107.91 -52.25
C VAL K 862 -1.75 107.50 -53.54
N GLU K 863 -1.17 107.93 -54.65
CA GLU K 863 -1.64 107.60 -55.99
C GLU K 863 -0.36 107.23 -56.72
N ILE K 864 -0.45 106.32 -57.69
CA ILE K 864 0.74 105.94 -58.44
C ILE K 864 0.43 105.97 -59.92
N GLU K 865 1.42 106.34 -60.73
CA GLU K 865 1.25 106.42 -62.18
C GLU K 865 2.60 106.14 -62.82
N LYS K 866 2.58 105.73 -64.09
CA LYS K 866 3.84 105.50 -64.78
C LYS K 866 4.55 106.84 -64.79
N TRP K 867 5.85 106.83 -64.48
CA TRP K 867 6.63 108.05 -64.44
C TRP K 867 6.84 108.65 -65.84
N ASP K 868 6.34 109.86 -66.05
CA ASP K 868 6.46 110.54 -67.33
C ASP K 868 7.84 111.17 -67.54
N GLY K 869 8.64 111.22 -66.49
CA GLY K 869 9.97 111.79 -66.63
C GLY K 869 10.20 113.20 -66.10
N ASP K 870 9.16 113.83 -65.56
CA ASP K 870 9.35 115.18 -65.02
C ASP K 870 10.07 114.99 -63.68
N LYS K 871 10.76 116.01 -63.20
CA LYS K 871 11.48 115.91 -61.94
C LYS K 871 10.61 116.42 -60.80
N TYR K 872 9.42 116.94 -61.14
CA TYR K 872 8.48 117.46 -60.18
C TYR K 872 9.07 118.33 -59.09
N GLU K 873 9.62 119.48 -59.45
CA GLU K 873 10.15 120.39 -58.44
C GLU K 873 8.98 121.29 -58.11
N ILE K 874 8.10 120.78 -57.24
CA ILE K 874 6.91 121.50 -56.83
C ILE K 874 6.68 121.41 -55.32
N TYR K 875 7.62 120.82 -54.60
CA TYR K 875 7.48 120.68 -53.16
C TYR K 875 8.33 121.65 -52.35
N MET L 1 34.83 55.53 -55.35
CA MET L 1 34.78 56.92 -55.90
C MET L 1 33.55 57.64 -55.35
N GLU L 2 33.61 58.01 -54.07
CA GLU L 2 32.52 58.69 -53.40
C GLU L 2 32.38 60.10 -53.97
N GLN L 3 31.13 60.51 -54.19
CA GLN L 3 30.85 61.84 -54.77
C GLN L 3 29.98 62.73 -53.90
N TYR L 4 29.86 63.99 -54.31
CA TYR L 4 29.04 64.97 -53.61
C TYR L 4 27.67 65.09 -54.24
N TYR L 5 26.69 65.47 -53.42
CA TYR L 5 25.32 65.68 -53.87
C TYR L 5 24.74 66.78 -53.00
N MET L 6 23.76 67.50 -53.52
CA MET L 6 23.11 68.57 -52.77
C MET L 6 21.60 68.46 -52.94
N VAL L 7 20.88 68.45 -51.82
CA VAL L 7 19.43 68.36 -51.84
C VAL L 7 18.83 69.67 -51.32
N ILE L 8 17.99 70.27 -52.15
CA ILE L 8 17.35 71.55 -51.85
C ILE L 8 15.85 71.40 -51.60
N ASP L 9 15.41 71.77 -50.40
CA ASP L 9 13.99 71.67 -50.03
C ASP L 9 13.24 72.95 -50.37
N VAL L 10 12.61 72.97 -51.54
CA VAL L 10 11.84 74.11 -52.00
C VAL L 10 10.80 74.60 -51.00
N ALA L 11 10.10 73.66 -50.35
CA ALA L 11 9.08 74.01 -49.38
C ALA L 11 9.65 74.87 -48.26
N LYS L 12 10.96 74.85 -48.11
CA LYS L 12 11.58 75.65 -47.05
C LYS L 12 12.27 76.96 -47.44
N CYS L 13 12.23 77.38 -48.71
CA CYS L 13 12.86 78.65 -49.07
C CYS L 13 11.98 79.82 -48.69
N GLN L 14 12.59 80.87 -48.15
CA GLN L 14 11.84 82.06 -47.79
C GLN L 14 12.43 83.24 -48.58
N ASP L 15 13.46 82.96 -49.36
CA ASP L 15 14.12 83.96 -50.21
C ASP L 15 14.75 85.13 -49.43
N CYS L 16 15.52 84.82 -48.38
CA CYS L 16 16.17 85.88 -47.59
C CYS L 16 17.51 86.20 -48.24
N ASN L 17 17.93 85.32 -49.15
CA ASN L 17 19.17 85.52 -49.89
C ASN L 17 20.50 85.43 -49.12
N ASN L 18 20.53 84.61 -48.07
CA ASN L 18 21.76 84.41 -47.32
C ASN L 18 22.77 83.67 -48.22
N CYS L 19 22.30 82.74 -49.07
CA CYS L 19 23.21 81.98 -49.97
C CYS L 19 23.89 82.95 -50.88
N PHE L 20 23.04 83.54 -51.69
CA PHE L 20 23.45 84.49 -52.69
C PHE L 20 24.47 85.43 -52.10
N MET L 21 24.21 85.90 -50.89
CA MET L 21 25.15 86.80 -50.24
C MET L 21 26.40 86.04 -49.78
N GLY L 22 26.29 84.71 -49.74
CA GLY L 22 27.40 83.86 -49.37
C GLY L 22 28.42 83.77 -50.51
N CYS L 23 28.00 83.47 -51.73
CA CYS L 23 28.95 83.42 -52.86
C CYS L 23 29.62 84.77 -52.99
N MET L 24 28.81 85.81 -53.11
CA MET L 24 29.33 87.16 -53.25
C MET L 24 30.41 87.38 -52.21
N ASP L 25 30.13 87.00 -50.98
CA ASP L 25 31.10 87.17 -49.91
C ASP L 25 32.36 86.38 -50.24
N GLU L 26 32.18 85.20 -50.79
CA GLU L 26 33.28 84.31 -51.15
C GLU L 26 33.98 84.58 -52.49
N HIS L 27 33.23 85.04 -53.50
CA HIS L 27 33.84 85.25 -54.82
C HIS L 27 33.93 86.67 -55.38
N GLU L 28 33.22 87.63 -54.80
CA GLU L 28 33.28 88.99 -55.35
C GLU L 28 34.60 89.73 -55.09
N LEU L 29 35.14 89.60 -53.89
CA LEU L 29 36.40 90.26 -53.54
C LEU L 29 37.59 89.32 -53.52
N ASN L 30 37.33 88.01 -53.60
CA ASN L 30 38.42 87.05 -53.55
C ASN L 30 38.68 86.35 -54.89
N GLU L 31 39.88 85.78 -54.99
CA GLU L 31 40.31 85.05 -56.18
C GLU L 31 40.90 83.72 -55.70
N TRP L 32 40.50 82.63 -56.34
CA TRP L 32 40.99 81.32 -55.96
C TRP L 32 41.64 80.66 -57.17
N PRO L 33 42.94 80.94 -57.39
CA PRO L 33 43.71 80.39 -58.51
C PRO L 33 43.44 78.91 -58.78
N GLY L 34 43.27 78.59 -60.06
CA GLY L 34 43.02 77.21 -60.45
C GLY L 34 41.55 76.83 -60.37
N TYR L 35 40.77 77.65 -59.66
CA TYR L 35 39.34 77.41 -59.50
C TYR L 35 38.51 78.44 -60.24
N THR L 36 38.71 79.71 -59.89
CA THR L 36 37.98 80.80 -60.51
C THR L 36 38.57 82.17 -60.18
N ALA L 37 38.35 83.13 -61.08
CA ALA L 37 38.80 84.50 -60.86
C ALA L 37 37.65 85.12 -60.07
N SER L 38 37.87 86.28 -59.46
CA SER L 38 36.81 86.91 -58.67
C SER L 38 35.53 87.04 -59.48
N MET L 39 34.41 86.87 -58.77
CA MET L 39 33.07 86.96 -59.35
C MET L 39 32.71 88.39 -59.75
N GLN L 40 31.97 88.53 -60.85
CA GLN L 40 31.55 89.85 -61.32
C GLN L 40 30.18 90.24 -60.76
N ARG L 41 30.09 91.45 -60.22
CA ARG L 41 28.84 91.96 -59.66
C ARG L 41 27.69 91.83 -60.66
N GLY L 42 26.51 91.48 -60.15
CA GLY L 42 25.36 91.33 -61.02
C GLY L 42 25.12 89.88 -61.41
N HIS L 43 26.20 89.10 -61.47
CA HIS L 43 26.09 87.69 -61.82
C HIS L 43 25.29 86.94 -60.79
N ARG L 44 24.80 85.77 -61.16
CA ARG L 44 24.02 84.96 -60.24
C ARG L 44 24.41 83.48 -60.33
N TRP L 45 25.54 83.13 -59.72
CA TRP L 45 25.99 81.74 -59.70
C TRP L 45 24.92 81.01 -58.89
N MET L 46 24.39 81.75 -57.92
CA MET L 46 23.31 81.28 -57.07
C MET L 46 22.12 82.10 -57.52
N ASN L 47 21.23 81.47 -58.27
CA ASN L 47 20.04 82.14 -58.79
C ASN L 47 18.79 81.63 -58.09
N ILE L 48 18.21 82.48 -57.25
CA ILE L 48 17.00 82.09 -56.54
C ILE L 48 15.77 82.48 -57.37
N GLU L 49 15.14 81.48 -57.98
CA GLU L 49 13.96 81.73 -58.78
C GLU L 49 12.74 81.92 -57.90
N ARG L 50 11.88 82.86 -58.30
CA ARG L 50 10.69 83.16 -57.53
C ARG L 50 9.47 83.01 -58.44
N ARG L 51 8.46 82.29 -57.96
CA ARG L 51 7.25 82.11 -58.74
C ARG L 51 5.96 82.15 -57.92
N GLU L 52 5.16 83.19 -58.13
CA GLU L 52 3.88 83.33 -57.44
C GLU L 52 2.87 82.43 -58.15
N ARG L 53 1.82 82.02 -57.44
CA ARG L 53 0.79 81.19 -58.04
C ARG L 53 -0.58 81.67 -57.58
N GLY L 54 -1.59 81.38 -58.39
CA GLY L 54 -2.94 81.76 -58.05
C GLY L 54 -3.20 83.25 -58.05
N THR L 55 -4.33 83.62 -57.48
CA THR L 55 -4.75 85.01 -57.42
C THR L 55 -5.25 85.35 -56.02
N TYR L 56 -5.15 86.63 -55.66
CA TYR L 56 -5.61 87.10 -54.36
C TYR L 56 -7.09 86.78 -54.22
N PRO L 57 -7.52 86.36 -53.01
CA PRO L 57 -6.75 86.17 -51.77
C PRO L 57 -6.28 84.75 -51.52
N ARG L 58 -6.30 83.90 -52.54
CA ARG L 58 -5.88 82.51 -52.37
C ARG L 58 -4.60 82.18 -53.12
N ASN L 59 -3.75 83.19 -53.25
CA ASN L 59 -2.47 83.07 -53.92
C ASN L 59 -1.44 82.46 -52.97
N ASP L 60 -0.24 82.22 -53.50
CA ASP L 60 0.85 81.68 -52.72
C ASP L 60 2.11 81.92 -53.54
N ILE L 61 3.27 81.61 -52.97
CA ILE L 61 4.51 81.82 -53.69
C ILE L 61 5.60 80.90 -53.16
N ASN L 62 6.43 80.40 -54.08
CA ASN L 62 7.53 79.52 -53.71
C ASN L 62 8.81 79.94 -54.43
N TYR L 63 9.94 79.44 -53.93
CA TYR L 63 11.24 79.77 -54.49
C TYR L 63 12.05 78.53 -54.79
N ARG L 64 13.11 78.69 -55.57
CA ARG L 64 13.94 77.57 -55.93
C ARG L 64 15.41 77.97 -56.06
N PRO L 65 16.21 77.71 -55.02
CA PRO L 65 17.64 78.06 -55.08
C PRO L 65 18.27 77.25 -56.21
N THR L 66 18.62 77.93 -57.30
CA THR L 66 19.19 77.24 -58.44
C THR L 66 20.68 77.49 -58.70
N PRO L 67 21.54 76.65 -58.14
CA PRO L 67 22.99 76.80 -58.34
C PRO L 67 23.29 76.03 -59.63
N CYS L 68 24.54 75.66 -59.86
CA CYS L 68 24.85 74.90 -61.05
C CYS L 68 24.60 73.42 -60.74
N MET L 69 24.03 72.68 -61.69
CA MET L 69 23.70 71.27 -61.49
C MET L 69 24.86 70.28 -61.38
N HIS L 70 25.99 70.60 -62.02
CA HIS L 70 27.13 69.68 -61.99
C HIS L 70 26.66 68.30 -62.42
N CYS L 71 25.72 68.28 -63.36
CA CYS L 71 25.16 67.03 -63.87
C CYS L 71 26.24 66.10 -64.42
N GLU L 72 26.13 64.82 -64.04
CA GLU L 72 27.07 63.78 -64.45
C GLU L 72 27.29 63.72 -65.96
N ASN L 73 26.25 64.07 -66.71
CA ASN L 73 26.31 64.09 -68.18
C ASN L 73 26.32 65.56 -68.59
N ALA L 74 27.33 66.28 -68.11
CA ALA L 74 27.50 67.70 -68.38
C ALA L 74 27.67 68.02 -69.86
N PRO L 75 26.68 68.69 -70.46
CA PRO L 75 26.74 69.07 -71.87
C PRO L 75 27.95 69.93 -72.23
N CYS L 76 28.27 70.90 -71.38
CA CYS L 76 29.40 71.78 -71.68
C CYS L 76 30.78 71.17 -71.39
N VAL L 77 30.80 69.90 -70.99
CA VAL L 77 32.05 69.21 -70.74
C VAL L 77 32.36 68.38 -71.99
N ALA L 78 31.31 67.99 -72.70
CA ALA L 78 31.46 67.21 -73.93
C ALA L 78 31.75 68.17 -75.08
N LYS L 79 31.14 69.35 -75.04
CA LYS L 79 31.33 70.36 -76.06
C LYS L 79 32.15 71.51 -75.50
N GLY L 80 32.94 71.23 -74.47
CA GLY L 80 33.76 72.26 -73.87
C GLY L 80 35.14 72.37 -74.48
N ASN L 81 35.61 71.27 -75.08
CA ASN L 81 36.92 71.22 -75.71
C ASN L 81 38.03 71.38 -74.66
N GLY L 82 37.85 70.71 -73.53
CA GLY L 82 38.84 70.80 -72.45
C GLY L 82 38.69 72.05 -71.60
N ALA L 83 37.88 72.98 -72.07
CA ALA L 83 37.65 74.23 -71.34
C ALA L 83 36.90 73.97 -70.05
N VAL L 84 36.17 72.86 -70.00
CA VAL L 84 35.40 72.48 -68.81
C VAL L 84 35.64 70.99 -68.51
N TYR L 85 35.93 70.68 -67.25
CA TYR L 85 36.19 69.31 -66.87
C TYR L 85 35.36 68.83 -65.68
N GLN L 86 35.22 67.51 -65.56
CA GLN L 86 34.50 66.90 -64.47
C GLN L 86 35.48 66.14 -63.59
N ARG L 87 35.36 66.31 -62.27
CA ARG L 87 36.26 65.64 -61.34
C ARG L 87 35.66 64.30 -60.92
N GLU L 88 36.46 63.47 -60.26
CA GLU L 88 35.99 62.17 -59.81
C GLU L 88 34.89 62.26 -58.78
N ASP L 89 34.81 63.39 -58.08
CA ASP L 89 33.79 63.56 -57.06
C ASP L 89 32.48 64.16 -57.59
N GLY L 90 32.36 64.24 -58.91
CA GLY L 90 31.15 64.76 -59.52
C GLY L 90 31.14 66.25 -59.82
N ILE L 91 32.10 66.99 -59.26
CA ILE L 91 32.18 68.43 -59.46
C ILE L 91 32.55 68.79 -60.90
N VAL L 92 31.81 69.71 -61.49
CA VAL L 92 32.09 70.15 -62.85
C VAL L 92 32.67 71.57 -62.75
N LEU L 93 33.90 71.73 -63.22
CA LEU L 93 34.56 73.03 -63.15
C LEU L 93 35.06 73.55 -64.50
N ILE L 94 34.92 74.85 -64.70
CA ILE L 94 35.38 75.50 -65.91
C ILE L 94 36.87 75.75 -65.66
N ASP L 95 37.71 75.48 -66.64
CA ASP L 95 39.14 75.74 -66.47
C ASP L 95 39.26 77.26 -66.60
N PRO L 96 39.75 77.93 -65.55
CA PRO L 96 39.91 79.39 -65.56
C PRO L 96 40.58 79.94 -66.81
N GLU L 97 41.75 79.40 -67.12
CA GLU L 97 42.54 79.84 -68.27
C GLU L 97 42.09 79.30 -69.62
N LYS L 98 41.96 77.98 -69.73
CA LYS L 98 41.55 77.34 -70.98
C LYS L 98 40.23 77.87 -71.56
N ALA L 99 39.36 78.37 -70.68
CA ALA L 99 38.07 78.89 -71.12
C ALA L 99 38.14 80.37 -71.49
N LYS L 100 39.23 81.02 -71.12
CA LYS L 100 39.42 82.44 -71.42
C LYS L 100 39.26 82.74 -72.92
N GLY L 101 38.34 83.64 -73.24
CA GLY L 101 38.10 84.01 -74.62
C GLY L 101 37.11 83.14 -75.36
N LYS L 102 36.15 82.56 -74.63
CA LYS L 102 35.16 81.68 -75.24
C LYS L 102 33.74 81.90 -74.74
N LYS L 103 33.07 82.93 -75.25
CA LYS L 103 31.69 83.23 -74.87
C LYS L 103 30.78 82.06 -75.23
N GLU L 104 31.22 81.27 -76.21
CA GLU L 104 30.45 80.12 -76.71
C GLU L 104 30.00 79.14 -75.62
N LEU L 105 30.81 78.99 -74.58
CA LEU L 105 30.49 78.08 -73.49
C LEU L 105 29.11 78.36 -72.90
N LEU L 106 28.74 79.63 -72.82
CA LEU L 106 27.45 80.02 -72.27
C LEU L 106 26.28 79.29 -72.93
N ASP L 107 26.37 79.10 -74.25
CA ASP L 107 25.32 78.42 -74.99
C ASP L 107 25.22 76.91 -74.74
N THR L 108 26.31 76.29 -74.31
CA THR L 108 26.32 74.86 -74.06
C THR L 108 25.73 74.46 -72.70
N CYS L 109 24.98 75.36 -72.07
CA CYS L 109 24.39 75.06 -70.78
C CYS L 109 22.87 75.09 -70.84
N PRO L 110 22.23 73.91 -70.74
CA PRO L 110 20.76 73.78 -70.79
C PRO L 110 20.06 74.59 -69.70
N TYR L 111 20.77 74.87 -68.63
CA TYR L 111 20.18 75.61 -67.51
C TYR L 111 20.56 77.08 -67.48
N GLY L 112 21.57 77.45 -68.27
CA GLY L 112 22.01 78.84 -68.31
C GLY L 112 22.41 79.32 -66.92
N VAL L 113 23.33 78.59 -66.30
CA VAL L 113 23.81 78.92 -64.96
C VAL L 113 25.17 79.62 -64.99
N MET L 114 25.85 79.59 -66.12
CA MET L 114 27.14 80.26 -66.21
C MET L 114 27.02 81.63 -66.87
N TYR L 115 27.78 82.59 -66.36
CA TYR L 115 27.74 83.95 -66.87
C TYR L 115 29.07 84.36 -67.49
N TRP L 116 29.04 85.46 -68.24
CA TRP L 116 30.24 85.97 -68.89
C TRP L 116 30.85 87.11 -68.06
N ASN L 117 32.11 86.93 -67.66
CA ASN L 117 32.80 87.95 -66.87
C ASN L 117 33.53 88.91 -67.82
N GLU L 118 33.04 90.14 -67.88
CA GLU L 118 33.59 91.18 -68.75
C GLU L 118 35.07 91.50 -68.51
N GLU L 119 35.48 91.65 -67.24
CA GLU L 119 36.86 91.99 -66.90
C GLU L 119 37.83 90.82 -67.01
N GLU L 120 37.31 89.61 -67.00
CA GLU L 120 38.14 88.41 -67.09
C GLU L 120 37.99 87.72 -68.43
N ASN L 121 37.08 88.24 -69.26
CA ASN L 121 36.80 87.69 -70.58
C ASN L 121 36.81 86.15 -70.53
N VAL L 122 36.06 85.60 -69.58
CA VAL L 122 35.98 84.16 -69.42
C VAL L 122 34.63 83.80 -68.81
N ALA L 123 34.16 82.60 -69.13
CA ALA L 123 32.89 82.13 -68.60
C ALA L 123 33.04 81.70 -67.15
N GLN L 124 32.17 82.23 -66.30
CA GLN L 124 32.19 81.90 -64.87
C GLN L 124 30.87 81.31 -64.44
N LYS L 125 30.92 80.47 -63.42
CA LYS L 125 29.72 79.88 -62.90
C LYS L 125 30.00 79.20 -61.57
N CYS L 126 28.95 78.61 -61.01
CA CYS L 126 29.04 77.92 -59.76
C CYS L 126 30.17 76.89 -59.76
N THR L 127 30.86 76.74 -58.63
CA THR L 127 31.96 75.80 -58.53
C THR L 127 31.86 74.91 -57.28
N MET L 128 30.78 75.08 -56.52
CA MET L 128 30.57 74.31 -55.29
C MET L 128 31.76 74.53 -54.33
N CYS L 129 32.36 75.72 -54.43
CA CYS L 129 33.55 76.10 -53.66
C CYS L 129 34.44 74.90 -53.42
N ALA L 130 34.87 74.31 -54.53
CA ALA L 130 35.75 73.16 -54.53
C ALA L 130 36.99 73.49 -53.71
N HIS L 131 37.43 74.75 -53.79
CA HIS L 131 38.59 75.20 -53.05
C HIS L 131 38.38 75.04 -51.54
N LEU L 132 37.13 75.21 -51.10
CA LEU L 132 36.79 75.06 -49.69
C LEU L 132 36.73 73.57 -49.35
N LEU L 133 36.03 72.81 -50.17
CA LEU L 133 35.88 71.37 -49.97
C LEU L 133 37.23 70.65 -50.03
N ASP L 134 38.17 71.19 -50.80
CA ASP L 134 39.50 70.57 -50.91
C ASP L 134 40.43 71.14 -49.86
N ASP L 135 39.86 71.83 -48.89
CA ASP L 135 40.61 72.44 -47.80
C ASP L 135 40.07 71.96 -46.46
N GLU L 136 40.85 71.13 -45.76
CA GLU L 136 40.45 70.59 -44.46
C GLU L 136 40.11 71.66 -43.43
N SER L 137 40.85 72.77 -43.45
CA SER L 137 40.61 73.86 -42.50
C SER L 137 39.16 74.33 -42.50
N TRP L 138 38.51 74.29 -43.66
CA TRP L 138 37.10 74.69 -43.74
C TRP L 138 36.29 73.62 -43.00
N ALA L 139 36.18 73.79 -41.69
CA ALA L 139 35.46 72.85 -40.83
C ALA L 139 34.03 72.49 -41.25
N PRO L 140 33.24 73.46 -41.72
CA PRO L 140 31.86 73.18 -42.14
C PRO L 140 31.76 72.08 -43.20
N LYS L 141 32.82 71.92 -43.99
CA LYS L 141 32.86 70.91 -45.04
C LYS L 141 31.57 70.91 -45.86
N MET L 142 31.21 72.08 -46.36
CA MET L 142 30.02 72.26 -47.18
C MET L 142 30.13 73.64 -47.81
N PRO L 143 29.46 73.85 -48.95
CA PRO L 143 29.48 75.13 -49.66
C PRO L 143 28.97 76.28 -48.79
N ARG L 144 29.22 77.50 -49.23
CA ARG L 144 28.81 78.68 -48.48
C ARG L 144 27.29 78.87 -48.36
N CYS L 145 26.51 78.65 -49.42
CA CYS L 145 25.06 78.84 -49.30
C CYS L 145 24.46 77.86 -48.32
N ALA L 146 24.89 76.60 -48.41
CA ALA L 146 24.38 75.59 -47.52
C ALA L 146 24.71 75.96 -46.09
N HIS L 147 25.89 76.53 -45.86
CA HIS L 147 26.31 76.91 -44.53
C HIS L 147 25.62 78.17 -44.01
N ASN L 148 25.33 79.11 -44.91
CA ASN L 148 24.67 80.36 -44.56
C ASN L 148 23.16 80.25 -44.34
N CYS L 149 22.57 79.07 -44.55
CA CYS L 149 21.12 78.93 -44.35
C CYS L 149 20.68 79.03 -42.91
N GLY L 150 19.50 79.60 -42.73
CA GLY L 150 18.92 79.72 -41.41
C GLY L 150 17.56 79.08 -41.50
N SER L 151 17.26 78.50 -42.66
CA SER L 151 15.96 77.88 -42.89
C SER L 151 16.02 76.37 -43.17
N PHE L 152 17.18 75.77 -42.94
CA PHE L 152 17.39 74.33 -43.14
C PHE L 152 16.91 73.82 -44.50
N VAL L 153 17.23 74.57 -45.56
CA VAL L 153 16.82 74.20 -46.90
C VAL L 153 17.79 73.21 -47.55
N TYR L 154 19.06 73.33 -47.21
CA TYR L 154 20.09 72.47 -47.78
C TYR L 154 20.51 71.24 -46.99
N GLU L 155 20.81 70.18 -47.73
CA GLU L 155 21.27 68.92 -47.19
C GLU L 155 22.43 68.55 -48.09
N PHE L 156 23.63 68.96 -47.69
CA PHE L 156 24.83 68.67 -48.46
C PHE L 156 25.44 67.37 -47.98
N LEU L 157 25.80 66.50 -48.92
CA LEU L 157 26.36 65.21 -48.55
C LEU L 157 27.30 64.60 -49.58
N LYS L 158 28.19 63.73 -49.10
CA LYS L 158 29.15 63.04 -49.96
C LYS L 158 28.94 61.55 -49.74
N THR L 159 28.32 60.89 -50.71
CA THR L 159 28.05 59.47 -50.59
C THR L 159 28.12 58.71 -51.91
N THR L 160 27.77 57.43 -51.88
CA THR L 160 27.77 56.59 -53.07
C THR L 160 26.47 56.79 -53.83
N PRO L 161 26.42 56.35 -55.10
CA PRO L 161 25.20 56.50 -55.89
C PRO L 161 24.03 55.72 -55.29
N GLU L 162 24.34 54.56 -54.73
CA GLU L 162 23.33 53.69 -54.12
C GLU L 162 22.64 54.35 -52.94
N ALA L 163 23.43 55.01 -52.09
CA ALA L 163 22.88 55.70 -50.95
C ALA L 163 21.94 56.79 -51.44
N MET L 164 22.43 57.61 -52.36
CA MET L 164 21.65 58.70 -52.92
C MET L 164 20.42 58.17 -53.65
N ALA L 165 20.60 57.11 -54.42
CA ALA L 165 19.52 56.48 -55.17
C ALA L 165 18.40 56.03 -54.24
N LYS L 166 18.78 55.54 -53.07
CA LYS L 166 17.82 55.10 -52.08
C LYS L 166 17.06 56.32 -51.55
N LYS L 167 17.83 57.32 -51.10
CA LYS L 167 17.27 58.57 -50.57
C LYS L 167 16.36 59.24 -51.59
N VAL L 168 16.81 59.33 -52.83
CA VAL L 168 16.03 59.96 -53.87
C VAL L 168 14.67 59.30 -53.96
N GLU L 169 14.64 57.97 -53.86
CA GLU L 169 13.40 57.22 -53.95
C GLU L 169 12.56 57.30 -52.67
N GLU L 170 13.23 57.49 -51.54
CA GLU L 170 12.53 57.58 -50.26
C GLU L 170 11.82 58.92 -50.09
N GLU L 171 12.46 59.97 -50.59
CA GLU L 171 11.93 61.33 -50.47
C GLU L 171 11.32 61.90 -51.75
N GLY L 172 11.32 61.11 -52.82
CA GLY L 172 10.77 61.59 -54.07
C GLY L 172 11.48 62.84 -54.56
N LEU L 173 12.80 62.78 -54.56
CA LEU L 173 13.62 63.91 -55.00
C LEU L 173 13.53 64.01 -56.52
N GLU L 174 13.70 65.23 -57.05
CA GLU L 174 13.62 65.44 -58.49
C GLU L 174 14.73 66.35 -58.98
N VAL L 175 14.84 66.49 -60.30
CA VAL L 175 15.83 67.36 -60.92
C VAL L 175 15.15 68.23 -61.96
N ILE L 176 15.73 69.40 -62.24
CA ILE L 176 15.14 70.30 -63.23
C ILE L 176 15.39 69.76 -64.62
N LYS L 177 14.36 69.80 -65.46
CA LYS L 177 14.46 69.31 -66.84
C LYS L 177 15.08 67.92 -66.95
N PRO L 178 14.42 66.89 -66.41
CA PRO L 178 14.93 65.51 -66.45
C PRO L 178 15.10 65.00 -67.89
N GLU L 179 14.20 65.44 -68.77
CA GLU L 179 14.20 65.04 -70.18
C GLU L 179 15.56 65.24 -70.85
N LEU L 180 16.27 66.30 -70.47
CA LEU L 180 17.57 66.60 -71.05
C LEU L 180 18.50 65.41 -70.86
N GLY L 181 18.28 64.64 -69.79
CA GLY L 181 19.10 63.47 -69.52
C GLY L 181 20.53 63.73 -69.07
N THR L 182 20.78 64.92 -68.49
CA THR L 182 22.11 65.28 -68.03
C THR L 182 22.46 64.62 -66.69
N LYS L 183 21.44 64.24 -65.93
CA LYS L 183 21.62 63.60 -64.63
C LYS L 183 22.34 64.45 -63.58
N PRO L 184 21.74 65.58 -63.19
CA PRO L 184 22.31 66.51 -62.20
C PRO L 184 22.58 65.85 -60.85
N ARG L 185 23.39 66.51 -60.01
CA ARG L 185 23.70 65.99 -58.69
C ARG L 185 23.14 66.91 -57.60
N VAL L 186 22.29 67.83 -58.03
CA VAL L 186 21.63 68.76 -57.12
C VAL L 186 20.16 68.36 -57.20
N TYR L 187 19.64 67.74 -56.15
CA TYR L 187 18.25 67.32 -56.17
C TYR L 187 17.30 68.27 -55.44
N TYR L 188 16.04 68.22 -55.83
CA TYR L 188 15.01 69.07 -55.24
C TYR L 188 13.95 68.26 -54.53
N LYS L 189 13.50 68.77 -53.39
CA LYS L 189 12.48 68.15 -52.57
C LYS L 189 11.27 69.09 -52.64
N ASN L 190 10.07 68.54 -52.81
CA ASN L 190 8.86 69.34 -52.90
C ASN L 190 8.89 70.29 -54.10
N LEU L 191 9.56 69.87 -55.16
CA LEU L 191 9.69 70.66 -56.38
C LEU L 191 8.34 71.02 -57.00
N TYR L 192 7.28 70.32 -56.59
CA TYR L 192 5.95 70.57 -57.11
C TYR L 192 5.47 71.97 -56.75
N ARG L 193 5.90 72.46 -55.59
CA ARG L 193 5.53 73.80 -55.12
C ARG L 193 5.86 74.83 -56.17
N PHE L 194 6.99 74.63 -56.83
CA PHE L 194 7.47 75.53 -57.87
C PHE L 194 7.00 75.18 -59.28
N GLU L 195 7.16 73.91 -59.67
CA GLU L 195 6.77 73.48 -61.03
C GLU L 195 5.30 73.20 -61.31
N LYS L 196 4.57 72.63 -60.35
CA LYS L 196 3.18 72.31 -60.58
C LYS L 196 2.20 73.41 -60.18
N ASN L 197 0.92 73.08 -60.17
CA ASN L 197 -0.13 74.03 -59.81
C ASN L 197 -1.16 73.40 -58.89
N TYR L 198 -2.19 74.18 -58.54
CA TYR L 198 -3.22 73.71 -57.62
C TYR L 198 -4.57 74.36 -57.85
N VAL L 199 -5.60 73.78 -57.23
CA VAL L 199 -6.96 74.32 -57.29
C VAL L 199 -7.44 74.43 -55.85
N THR L 200 -8.05 75.55 -55.51
CA THR L 200 -8.52 75.78 -54.15
C THR L 200 -9.79 76.62 -54.14
N ALA L 201 -10.48 76.64 -53.01
CA ALA L 201 -11.70 77.43 -52.88
C ALA L 201 -12.18 77.43 -51.43
N GLY L 202 -13.25 78.19 -51.17
CA GLY L 202 -13.80 78.26 -49.83
C GLY L 202 -15.27 77.90 -49.81
N ILE L 203 -15.62 76.82 -49.12
CA ILE L 203 -17.02 76.42 -49.06
C ILE L 203 -17.79 77.12 -47.95
N LEU L 204 -18.95 77.66 -48.32
CA LEU L 204 -19.82 78.35 -47.36
C LEU L 204 -21.18 77.67 -47.28
N VAL L 205 -21.73 77.58 -46.07
CA VAL L 205 -23.05 76.99 -45.88
C VAL L 205 -23.89 78.01 -45.14
N GLN L 206 -24.98 78.44 -45.78
CA GLN L 206 -25.86 79.42 -45.19
C GLN L 206 -25.14 80.70 -44.80
N GLY L 207 -24.06 81.02 -45.52
CA GLY L 207 -23.32 82.24 -45.24
C GLY L 207 -22.06 82.14 -44.40
N ASP L 208 -21.75 80.95 -43.88
CA ASP L 208 -20.56 80.81 -43.05
C ASP L 208 -19.60 79.69 -43.48
N CYS L 209 -18.31 79.92 -43.25
CA CYS L 209 -17.31 78.93 -43.60
C CYS L 209 -17.73 77.60 -42.97
N PHE L 210 -17.84 76.57 -43.80
CA PHE L 210 -18.25 75.25 -43.34
C PHE L 210 -17.09 74.29 -43.28
N GLU L 211 -16.87 73.72 -42.10
CA GLU L 211 -15.79 72.77 -41.88
C GLU L 211 -16.29 71.33 -42.00
N GLY L 212 -15.45 70.44 -42.53
CA GLY L 212 -15.83 69.05 -42.67
C GLY L 212 -16.47 68.62 -43.98
N ALA L 213 -16.52 69.52 -44.96
CA ALA L 213 -17.11 69.18 -46.25
C ALA L 213 -16.16 68.25 -47.00
N LYS L 214 -16.71 67.22 -47.63
CA LYS L 214 -15.88 66.27 -48.37
C LYS L 214 -15.64 66.75 -49.80
N VAL L 215 -14.37 66.92 -50.16
CA VAL L 215 -14.00 67.38 -51.49
C VAL L 215 -13.21 66.32 -52.22
N VAL L 216 -13.57 66.08 -53.49
CA VAL L 216 -12.90 65.09 -54.31
C VAL L 216 -12.53 65.69 -55.66
N LEU L 217 -11.30 65.41 -56.10
CA LEU L 217 -10.82 65.91 -57.38
C LEU L 217 -10.65 64.70 -58.30
N LYS L 218 -11.30 64.76 -59.45
CA LYS L 218 -11.23 63.67 -60.41
C LYS L 218 -10.74 64.11 -61.77
N SER L 219 -10.03 63.20 -62.44
CA SER L 219 -9.51 63.46 -63.78
C SER L 219 -10.02 62.33 -64.67
N GLY L 220 -10.65 62.69 -65.77
CA GLY L 220 -11.18 61.69 -66.69
C GLY L 220 -12.47 61.09 -66.15
N GLY L 221 -12.48 60.74 -64.86
CA GLY L 221 -13.67 60.16 -64.27
C GLY L 221 -13.38 59.51 -62.93
N LYS L 222 -12.10 59.32 -62.63
CA LYS L 222 -11.70 58.70 -61.37
C LYS L 222 -10.99 59.69 -60.44
N GLU L 223 -11.10 59.42 -59.14
CA GLU L 223 -10.49 60.26 -58.12
C GLU L 223 -8.98 60.33 -58.23
N VAL L 224 -8.45 61.52 -57.96
CA VAL L 224 -7.01 61.79 -58.02
C VAL L 224 -6.54 62.27 -56.65
N ALA L 225 -7.49 62.86 -55.91
CA ALA L 225 -7.22 63.37 -54.57
C ALA L 225 -8.53 63.76 -53.88
N SER L 226 -8.51 63.75 -52.55
CA SER L 226 -9.69 64.12 -51.77
C SER L 226 -9.27 64.72 -50.43
N ALA L 227 -10.18 65.47 -49.82
CA ALA L 227 -9.90 66.07 -48.52
C ALA L 227 -11.17 66.67 -47.94
N GLU L 228 -11.08 67.13 -46.70
CA GLU L 228 -12.21 67.76 -46.03
C GLU L 228 -11.79 69.20 -45.75
N THR L 229 -12.75 70.11 -45.70
CA THR L 229 -12.45 71.51 -45.47
C THR L 229 -12.06 71.82 -44.02
N ASN L 230 -11.19 72.82 -43.85
CA ASN L 230 -10.74 73.25 -42.53
C ASN L 230 -11.78 74.24 -42.00
N PHE L 231 -11.55 74.82 -40.82
CA PHE L 231 -12.52 75.73 -40.24
C PHE L 231 -12.80 76.97 -41.09
N PHE L 232 -11.98 77.21 -42.10
CA PHE L 232 -12.24 78.35 -42.97
C PHE L 232 -12.98 77.88 -44.22
N GLY L 233 -13.30 76.58 -44.23
CA GLY L 233 -14.03 75.99 -45.34
C GLY L 233 -13.23 75.84 -46.63
N GLU L 234 -11.90 75.87 -46.51
CA GLU L 234 -11.05 75.77 -47.67
C GLU L 234 -10.40 74.41 -47.83
N PHE L 235 -9.96 74.14 -49.05
CA PHE L 235 -9.27 72.90 -49.38
C PHE L 235 -8.24 73.32 -50.43
N LYS L 236 -7.19 72.52 -50.60
CA LYS L 236 -6.16 72.83 -51.58
C LYS L 236 -5.50 71.58 -52.10
N PHE L 237 -5.61 71.38 -53.41
CA PHE L 237 -5.01 70.22 -54.09
C PHE L 237 -3.84 70.75 -54.90
N ASP L 238 -2.62 70.43 -54.46
CA ASP L 238 -1.41 70.90 -55.15
C ASP L 238 -0.77 69.80 -56.02
N ALA L 239 0.40 70.10 -56.56
CA ALA L 239 1.15 69.18 -57.39
C ALA L 239 0.33 68.63 -58.56
N LEU L 240 -0.51 69.46 -59.14
CA LEU L 240 -1.36 69.03 -60.24
C LEU L 240 -0.77 69.34 -61.62
N ASP L 241 -0.75 68.31 -62.48
CA ASP L 241 -0.25 68.46 -63.85
C ASP L 241 -1.30 69.23 -64.63
N ASN L 242 -0.92 69.70 -65.81
CA ASN L 242 -1.87 70.44 -66.63
C ASN L 242 -2.91 69.46 -67.16
N GLY L 243 -4.16 69.92 -67.29
CA GLY L 243 -5.21 69.06 -67.77
C GLY L 243 -6.56 69.50 -67.25
N GLU L 244 -7.61 68.80 -67.63
CA GLU L 244 -8.95 69.15 -67.16
C GLU L 244 -9.34 68.22 -66.02
N TYR L 245 -9.90 68.81 -64.97
CA TYR L 245 -10.34 68.06 -63.81
C TYR L 245 -11.77 68.41 -63.44
N THR L 246 -12.30 67.68 -62.46
CA THR L 246 -13.65 67.92 -61.97
C THR L 246 -13.62 67.91 -60.45
N VAL L 247 -14.19 68.97 -59.87
CA VAL L 247 -14.25 69.12 -58.42
C VAL L 247 -15.65 68.74 -57.93
N GLU L 248 -15.71 67.83 -56.96
CA GLU L 248 -17.00 67.43 -56.40
C GLU L 248 -17.01 67.64 -54.90
N ILE L 249 -18.01 68.39 -54.43
CA ILE L 249 -18.13 68.71 -53.01
C ILE L 249 -19.45 68.26 -52.40
N ASP L 250 -19.36 67.60 -51.25
CA ASP L 250 -20.51 67.11 -50.51
C ASP L 250 -20.46 67.71 -49.11
N ALA L 251 -21.46 68.51 -48.77
CA ALA L 251 -21.48 69.12 -47.45
C ALA L 251 -22.89 69.37 -46.95
N ASP L 252 -23.16 68.92 -45.73
CA ASP L 252 -24.46 69.10 -45.10
C ASP L 252 -25.58 68.44 -45.91
N GLY L 253 -25.21 67.51 -46.77
CA GLY L 253 -26.20 66.82 -47.58
C GLY L 253 -26.38 67.45 -48.94
N LYS L 254 -25.80 68.64 -49.11
CA LYS L 254 -25.87 69.34 -50.38
C LYS L 254 -24.61 69.03 -51.19
N SER L 255 -24.76 69.09 -52.51
CA SER L 255 -23.63 68.79 -53.38
C SER L 255 -23.31 69.94 -54.31
N TYR L 256 -22.18 69.83 -54.99
CA TYR L 256 -21.72 70.84 -55.92
C TYR L 256 -20.58 70.24 -56.71
N SER L 257 -20.59 70.48 -58.02
CA SER L 257 -19.53 69.97 -58.87
C SER L 257 -19.23 71.01 -59.94
N ASP L 258 -18.04 70.94 -60.50
CA ASP L 258 -17.61 71.89 -61.51
C ASP L 258 -16.30 71.42 -62.12
N THR L 259 -16.05 71.80 -63.37
CA THR L 259 -14.82 71.41 -64.04
C THR L 259 -13.80 72.55 -63.93
N VAL L 260 -12.54 72.18 -63.78
CA VAL L 260 -11.48 73.16 -63.66
C VAL L 260 -10.35 72.79 -64.61
N VAL L 261 -9.71 73.78 -65.20
CA VAL L 261 -8.62 73.50 -66.12
C VAL L 261 -7.29 74.09 -65.65
N ILE L 262 -6.29 73.22 -65.53
CA ILE L 262 -4.96 73.63 -65.11
C ILE L 262 -4.10 73.77 -66.37
N ASP L 263 -3.57 74.97 -66.59
CA ASP L 263 -2.74 75.25 -67.75
C ASP L 263 -1.62 76.19 -67.31
N ASP L 264 -0.65 75.63 -66.59
CA ASP L 264 0.50 76.36 -66.06
C ASP L 264 0.14 77.42 -65.02
N LYS L 265 -1.11 77.39 -64.55
CA LYS L 265 -1.58 78.34 -63.55
C LYS L 265 -2.33 77.62 -62.44
N SER L 266 -2.57 78.31 -61.34
CA SER L 266 -3.31 77.75 -60.22
C SER L 266 -4.63 78.49 -60.14
N VAL L 267 -5.71 77.77 -59.80
CA VAL L 267 -7.02 78.39 -59.76
C VAL L 267 -7.68 78.50 -58.40
N ASP L 268 -8.40 79.61 -58.22
CA ASP L 268 -9.15 79.87 -57.00
C ASP L 268 -10.59 80.05 -57.43
N LEU L 269 -11.41 79.03 -57.18
CA LEU L 269 -12.81 79.06 -57.55
C LEU L 269 -13.60 80.07 -56.71
N GLY L 270 -12.96 80.63 -55.69
CA GLY L 270 -13.62 81.61 -54.86
C GLY L 270 -14.54 81.01 -53.79
N PHE L 271 -15.62 81.72 -53.48
CA PHE L 271 -16.59 81.27 -52.49
C PHE L 271 -17.71 80.42 -53.09
N ILE L 272 -17.68 79.13 -52.80
CA ILE L 272 -18.73 78.25 -53.30
C ILE L 272 -19.79 78.16 -52.21
N LYS L 273 -20.93 78.82 -52.46
CA LYS L 273 -22.01 78.82 -51.48
C LYS L 273 -22.88 77.59 -51.62
N LEU L 274 -23.38 77.10 -50.49
CA LEU L 274 -24.25 75.92 -50.45
C LEU L 274 -25.31 76.06 -49.37
N MET M 1 -24.00 -67.36 19.95
CA MET M 1 -23.66 -68.79 19.74
C MET M 1 -22.30 -68.96 19.07
N GLY M 2 -21.70 -67.84 18.64
CA GLY M 2 -20.40 -67.90 17.98
C GLY M 2 -19.61 -66.61 18.05
N GLU M 3 -18.43 -66.60 17.42
CA GLU M 3 -17.55 -65.44 17.40
C GLU M 3 -17.79 -64.50 16.23
N VAL M 4 -17.25 -63.28 16.33
CA VAL M 4 -17.39 -62.28 15.27
C VAL M 4 -16.44 -62.59 14.12
N VAL M 5 -16.97 -62.58 12.91
CA VAL M 5 -16.18 -62.86 11.71
C VAL M 5 -16.27 -61.65 10.80
N ARG M 6 -15.14 -61.24 10.23
CA ARG M 6 -15.11 -60.09 9.33
C ARG M 6 -15.31 -60.61 7.92
N LEU M 7 -16.27 -60.03 7.21
CA LEU M 7 -16.56 -60.43 5.83
C LEU M 7 -16.42 -59.23 4.93
N THR M 8 -16.57 -59.46 3.63
CA THR M 8 -16.48 -58.39 2.65
C THR M 8 -17.78 -58.28 1.87
N ASN M 9 -18.00 -57.09 1.34
CA ASN M 9 -19.17 -56.81 0.53
C ASN M 9 -18.96 -55.39 0.04
N SER M 10 -19.89 -54.89 -0.76
CA SER M 10 -19.75 -53.54 -1.27
C SER M 10 -21.11 -52.89 -1.42
N SER M 11 -21.11 -51.68 -1.98
CA SER M 11 -22.34 -50.92 -2.16
C SER M 11 -22.13 -49.85 -3.20
N THR M 12 -23.15 -49.02 -3.39
CA THR M 12 -23.08 -47.90 -4.34
C THR M 12 -22.31 -46.79 -3.64
N GLY M 13 -21.96 -47.01 -2.38
CA GLY M 13 -21.23 -46.01 -1.62
C GLY M 13 -19.82 -46.46 -1.27
N GLY M 14 -19.38 -47.57 -1.86
CA GLY M 14 -18.05 -48.06 -1.59
C GLY M 14 -18.02 -49.44 -0.97
N PRO M 15 -16.87 -50.13 -1.02
CA PRO M 15 -16.74 -51.47 -0.44
C PRO M 15 -16.72 -51.35 1.09
N VAL M 16 -16.99 -52.45 1.78
CA VAL M 16 -16.98 -52.43 3.24
C VAL M 16 -16.54 -53.75 3.85
N PHE M 17 -16.14 -53.68 5.11
CA PHE M 17 -15.76 -54.86 5.88
C PHE M 17 -17.01 -55.03 6.75
N VAL M 18 -17.55 -56.24 6.77
CA VAL M 18 -18.75 -56.50 7.54
C VAL M 18 -18.49 -57.51 8.65
N TYR M 19 -18.62 -57.07 9.89
CA TYR M 19 -18.42 -57.94 11.04
C TYR M 19 -19.75 -58.61 11.39
N VAL M 20 -19.75 -59.93 11.31
CA VAL M 20 -20.95 -60.72 11.60
C VAL M 20 -20.78 -61.60 12.83
N LYS M 21 -21.89 -61.82 13.54
CA LYS M 21 -21.88 -62.66 14.73
C LYS M 21 -23.26 -63.31 14.89
N ASP M 22 -23.28 -64.63 14.89
CA ASP M 22 -24.52 -65.40 15.03
C ASP M 22 -25.56 -65.01 14.00
N GLY M 23 -25.15 -64.95 12.74
CA GLY M 23 -26.06 -64.60 11.66
C GLY M 23 -26.62 -63.19 11.74
N LYS M 24 -25.91 -62.30 12.42
CA LYS M 24 -26.34 -60.92 12.55
C LYS M 24 -25.21 -59.92 12.28
N ILE M 25 -25.47 -58.95 11.39
CA ILE M 25 -24.48 -57.93 11.07
C ILE M 25 -24.31 -57.00 12.27
N ILE M 26 -23.08 -56.88 12.77
CA ILE M 26 -22.80 -56.02 13.91
C ILE M 26 -22.40 -54.60 13.49
N ARG M 27 -21.58 -54.48 12.44
CA ARG M 27 -21.16 -53.17 11.95
C ARG M 27 -20.60 -53.20 10.53
N MET M 28 -20.58 -52.05 9.88
CA MET M 28 -20.04 -51.92 8.51
C MET M 28 -19.03 -50.76 8.50
N THR M 29 -17.84 -51.01 7.96
CA THR M 29 -16.78 -50.00 7.96
C THR M 29 -16.00 -49.87 6.64
N PRO M 30 -15.23 -48.78 6.48
CA PRO M 30 -14.44 -48.58 5.28
C PRO M 30 -13.34 -49.65 5.29
N MET M 31 -12.55 -49.76 4.23
CA MET M 31 -11.52 -50.79 4.16
C MET M 31 -10.05 -50.36 4.34
N ASP M 32 -9.39 -51.00 5.28
CA ASP M 32 -7.99 -50.83 5.52
C ASP M 32 -7.16 -51.85 4.77
N PHE M 33 -6.16 -51.45 4.04
CA PHE M 33 -5.34 -52.40 3.28
C PHE M 33 -4.30 -53.03 4.19
N ASP M 34 -3.96 -54.30 3.93
CA ASP M 34 -2.94 -55.01 4.69
C ASP M 34 -1.72 -55.09 3.77
N ASP M 35 -0.75 -54.23 4.05
CA ASP M 35 0.46 -54.13 3.25
C ASP M 35 1.30 -55.38 3.09
N ALA M 36 1.08 -56.37 3.94
CA ALA M 36 1.84 -57.60 3.81
C ALA M 36 1.25 -58.45 2.68
N VAL M 37 0.02 -58.14 2.27
CA VAL M 37 -0.65 -58.90 1.21
C VAL M 37 -1.27 -58.06 0.09
N ASP M 38 -1.51 -56.77 0.34
CA ASP M 38 -2.11 -55.91 -0.68
C ASP M 38 -1.07 -55.06 -1.42
N ALA M 39 -1.12 -55.13 -2.75
CA ALA M 39 -0.18 -54.41 -3.61
C ALA M 39 0.01 -52.93 -3.31
N PRO M 40 1.23 -52.40 -3.58
CA PRO M 40 1.62 -51.00 -3.35
C PRO M 40 0.83 -50.03 -4.21
N SER M 41 0.56 -48.85 -3.67
CA SER M 41 -0.18 -47.82 -4.38
C SER M 41 0.69 -47.19 -5.45
N TRP M 42 0.08 -46.30 -6.22
CA TRP M 42 0.79 -45.59 -7.28
C TRP M 42 1.33 -44.30 -6.69
N LYS M 43 2.31 -43.70 -7.37
CA LYS M 43 2.90 -42.46 -6.88
C LYS M 43 2.98 -41.49 -8.04
N ILE M 44 2.79 -40.21 -7.74
CA ILE M 44 2.87 -39.18 -8.75
C ILE M 44 3.81 -38.08 -8.25
N GLU M 45 4.84 -37.79 -9.04
CA GLU M 45 5.79 -36.73 -8.67
C GLU M 45 5.45 -35.49 -9.48
N ALA M 46 5.05 -34.43 -8.79
CA ALA M 46 4.70 -33.19 -9.48
C ALA M 46 5.10 -31.97 -8.65
N ARG M 47 5.49 -30.92 -9.35
CA ARG M 47 5.92 -29.66 -8.74
C ARG M 47 6.71 -29.83 -7.45
N GLY M 48 7.76 -30.65 -7.51
CA GLY M 48 8.61 -30.89 -6.37
C GLY M 48 8.01 -31.68 -5.22
N LYS M 49 7.05 -32.54 -5.52
CA LYS M 49 6.43 -33.34 -4.47
C LYS M 49 6.07 -34.74 -4.92
N THR M 50 5.85 -35.60 -3.95
CA THR M 50 5.47 -36.98 -4.22
C THR M 50 4.06 -37.19 -3.67
N PHE M 51 3.13 -37.55 -4.55
CA PHE M 51 1.75 -37.77 -4.13
C PHE M 51 1.39 -39.25 -4.23
N THR M 52 0.90 -39.79 -3.13
CA THR M 52 0.49 -41.18 -3.07
C THR M 52 -0.77 -41.20 -2.19
N PRO M 53 -1.80 -41.97 -2.58
CA PRO M 53 -3.04 -42.04 -1.80
C PRO M 53 -3.01 -42.83 -0.50
N PRO M 54 -4.06 -42.68 0.33
CA PRO M 54 -4.17 -43.38 1.61
C PRO M 54 -4.36 -44.88 1.36
N ARG M 55 -3.76 -45.70 2.22
CA ARG M 55 -3.86 -47.15 2.12
C ARG M 55 -5.22 -47.60 2.67
N LYS M 56 -6.28 -47.08 2.09
CA LYS M 56 -7.61 -47.40 2.59
C LYS M 56 -8.68 -46.90 1.62
N THR M 57 -9.91 -47.37 1.80
CA THR M 57 -11.02 -46.95 0.95
C THR M 57 -11.92 -46.05 1.80
N SER M 58 -12.89 -45.41 1.16
CA SER M 58 -13.82 -44.53 1.86
C SER M 58 -15.25 -44.87 1.49
N ILE M 59 -16.21 -44.45 2.33
CA ILE M 59 -17.62 -44.74 2.06
C ILE M 59 -18.49 -43.49 2.17
N ALA M 60 -19.63 -43.52 1.47
CA ALA M 60 -20.56 -42.40 1.50
C ALA M 60 -21.45 -42.50 2.74
N PRO M 61 -22.17 -41.43 3.08
CA PRO M 61 -23.06 -41.40 4.23
C PRO M 61 -24.08 -42.54 4.26
N TYR M 62 -24.75 -42.75 3.12
CA TYR M 62 -25.78 -43.78 3.01
C TYR M 62 -25.28 -45.21 3.14
N THR M 63 -23.99 -45.42 2.96
CA THR M 63 -23.42 -46.76 3.11
C THR M 63 -23.04 -46.97 4.57
N ALA M 64 -22.60 -45.89 5.23
CA ALA M 64 -22.20 -45.97 6.63
C ALA M 64 -23.36 -46.34 7.54
N GLY M 65 -24.59 -46.05 7.09
CA GLY M 65 -25.76 -46.39 7.88
C GLY M 65 -26.66 -47.39 7.17
N PHE M 66 -26.14 -48.03 6.13
CA PHE M 66 -26.91 -49.00 5.34
C PHE M 66 -27.55 -50.11 6.16
N LYS M 67 -26.95 -50.44 7.30
CA LYS M 67 -27.49 -51.51 8.13
C LYS M 67 -28.94 -51.25 8.51
N SER M 68 -29.27 -49.98 8.72
CA SER M 68 -30.63 -49.61 9.10
C SER M 68 -31.63 -49.83 7.95
N MET M 69 -31.13 -50.07 6.74
CA MET M 69 -32.02 -50.33 5.61
C MET M 69 -32.25 -51.83 5.45
N ILE M 70 -31.24 -52.61 5.79
CA ILE M 70 -31.32 -54.07 5.71
C ILE M 70 -32.33 -54.56 6.75
N TYR M 71 -32.20 -54.05 7.97
CA TYR M 71 -33.09 -54.42 9.06
C TYR M 71 -34.23 -53.43 9.20
N SER M 72 -34.63 -52.84 8.09
CA SER M 72 -35.72 -51.87 8.08
C SER M 72 -37.07 -52.50 8.39
N ASP M 73 -37.94 -51.75 9.08
CA ASP M 73 -39.26 -52.27 9.38
C ASP M 73 -40.25 -51.93 8.28
N LEU M 74 -39.78 -51.20 7.26
CA LEU M 74 -40.63 -50.86 6.12
C LEU M 74 -40.21 -51.81 5.00
N ARG M 75 -39.43 -52.81 5.41
CA ARG M 75 -38.94 -53.85 4.52
C ARG M 75 -40.13 -54.78 4.19
N ILE M 76 -40.33 -55.10 2.91
CA ILE M 76 -41.44 -55.99 2.52
C ILE M 76 -41.15 -57.34 3.20
N PRO M 77 -42.01 -57.74 4.15
CA PRO M 77 -41.91 -58.98 4.93
C PRO M 77 -42.15 -60.28 4.20
N TYR M 78 -43.09 -60.27 3.26
CA TYR M 78 -43.44 -61.48 2.54
C TYR M 78 -44.29 -61.14 1.32
N PRO M 79 -44.56 -62.13 0.46
CA PRO M 79 -45.38 -61.84 -0.71
C PRO M 79 -46.69 -61.23 -0.21
N MET M 80 -47.16 -60.21 -0.91
CA MET M 80 -48.38 -59.53 -0.54
C MET M 80 -49.34 -59.42 -1.70
N LYS M 81 -50.63 -59.42 -1.40
CA LYS M 81 -51.69 -59.32 -2.41
C LYS M 81 -52.66 -58.23 -2.03
N ARG M 82 -53.07 -57.43 -3.00
CA ARG M 82 -54.03 -56.38 -2.75
C ARG M 82 -55.36 -57.08 -2.49
N LYS M 83 -56.00 -56.76 -1.35
CA LYS M 83 -57.27 -57.39 -0.99
C LYS M 83 -58.38 -57.21 -2.01
N SER M 84 -58.46 -56.01 -2.59
CA SER M 84 -59.50 -55.69 -3.57
C SER M 84 -59.23 -56.25 -4.96
N PHE M 85 -58.16 -57.03 -5.10
CA PHE M 85 -57.78 -57.62 -6.38
C PHE M 85 -58.12 -59.10 -6.50
N ASP M 86 -59.03 -59.43 -7.42
CA ASP M 86 -59.41 -60.83 -7.65
C ASP M 86 -59.14 -61.26 -9.09
N PRO M 87 -58.11 -62.12 -9.28
CA PRO M 87 -57.77 -62.59 -10.62
C PRO M 87 -58.96 -63.11 -11.43
N ASN M 88 -59.82 -63.90 -10.79
CA ASN M 88 -60.98 -64.47 -11.47
C ASN M 88 -62.31 -63.77 -11.22
N GLY M 89 -62.26 -62.52 -10.77
CA GLY M 89 -63.48 -61.77 -10.52
C GLY M 89 -63.26 -60.28 -10.70
N GLU M 90 -63.71 -59.49 -9.73
CA GLU M 90 -63.53 -58.05 -9.78
C GLU M 90 -62.06 -57.69 -9.52
N ARG M 91 -61.42 -57.03 -10.49
CA ARG M 91 -60.02 -56.66 -10.31
C ARG M 91 -59.86 -55.29 -9.66
N ASN M 92 -60.91 -54.48 -9.75
CA ASN M 92 -60.92 -53.15 -9.16
C ASN M 92 -59.66 -52.33 -9.36
N PRO M 93 -59.37 -51.95 -10.61
CA PRO M 93 -58.18 -51.16 -10.93
C PRO M 93 -58.26 -49.80 -10.25
N GLN M 94 -59.48 -49.28 -10.13
CA GLN M 94 -59.69 -47.98 -9.51
C GLN M 94 -59.38 -47.96 -8.02
N LEU M 95 -59.03 -49.11 -7.47
CA LEU M 95 -58.73 -49.21 -6.04
C LEU M 95 -57.24 -49.35 -5.73
N ARG M 96 -56.41 -49.21 -6.75
CA ARG M 96 -54.97 -49.27 -6.55
C ARG M 96 -54.56 -47.98 -5.86
N GLY M 97 -53.85 -48.12 -4.74
CA GLY M 97 -53.41 -46.97 -3.99
C GLY M 97 -54.49 -46.40 -3.09
N ALA M 98 -55.59 -47.15 -2.95
CA ALA M 98 -56.68 -46.69 -2.11
C ALA M 98 -56.21 -46.44 -0.68
N GLY M 99 -55.44 -47.37 -0.13
CA GLY M 99 -54.95 -47.20 1.23
C GLY M 99 -54.13 -45.93 1.36
N LEU M 100 -53.39 -45.63 0.29
CA LEU M 100 -52.54 -44.45 0.22
C LEU M 100 -53.43 -43.21 0.27
N SER M 101 -54.60 -43.31 -0.35
CA SER M 101 -55.55 -42.21 -0.39
C SER M 101 -56.21 -41.99 0.97
N LYS M 102 -56.13 -42.97 1.85
CA LYS M 102 -56.71 -42.79 3.17
C LYS M 102 -55.60 -42.82 4.21
N GLN M 103 -54.38 -42.65 3.73
CA GLN M 103 -53.20 -42.62 4.57
C GLN M 103 -52.97 -43.87 5.40
N ASP M 104 -53.16 -45.03 4.76
CA ASP M 104 -52.95 -46.31 5.43
C ASP M 104 -52.72 -47.36 4.35
N PRO M 105 -51.54 -47.31 3.70
CA PRO M 105 -51.07 -48.19 2.62
C PRO M 105 -51.05 -49.67 2.93
N TRP M 106 -50.61 -50.05 4.12
CA TRP M 106 -50.53 -51.45 4.48
C TRP M 106 -51.89 -52.16 4.51
N SER M 107 -52.93 -51.43 4.91
CA SER M 107 -54.26 -52.02 5.00
C SER M 107 -54.82 -52.56 3.68
N ASP M 108 -54.24 -52.16 2.55
CA ASP M 108 -54.71 -52.64 1.25
C ASP M 108 -54.20 -54.05 0.95
N TYR M 109 -53.17 -54.47 1.68
CA TYR M 109 -52.61 -55.78 1.39
C TYR M 109 -52.79 -56.89 2.39
N GLU M 110 -52.70 -58.10 1.89
CA GLU M 110 -52.82 -59.31 2.68
C GLU M 110 -51.67 -60.24 2.33
N ARG M 111 -51.21 -61.00 3.32
CA ARG M 111 -50.11 -61.94 3.12
C ARG M 111 -50.52 -63.17 2.32
N ILE M 112 -49.59 -63.66 1.49
CA ILE M 112 -49.81 -64.85 0.68
C ILE M 112 -48.46 -65.55 0.51
N SER M 113 -48.49 -66.82 0.14
CA SER M 113 -47.26 -67.58 -0.03
C SER M 113 -46.55 -67.30 -1.35
N TRP M 114 -45.28 -67.72 -1.43
CA TRP M 114 -44.50 -67.53 -2.64
C TRP M 114 -45.15 -68.38 -3.72
N ASP M 115 -45.51 -69.60 -3.34
CA ASP M 115 -46.13 -70.53 -4.26
C ASP M 115 -47.36 -69.90 -4.90
N GLU M 116 -48.22 -69.32 -4.08
CA GLU M 116 -49.42 -68.71 -4.62
C GLU M 116 -49.12 -67.44 -5.41
N ALA M 117 -48.32 -66.54 -4.82
CA ALA M 117 -47.98 -65.31 -5.50
C ALA M 117 -47.42 -65.59 -6.90
N THR M 118 -46.58 -66.60 -7.01
CA THR M 118 -46.00 -66.90 -8.31
C THR M 118 -46.96 -67.58 -9.27
N ASP M 119 -47.89 -68.38 -8.74
CA ASP M 119 -48.87 -69.04 -9.60
C ASP M 119 -49.78 -67.97 -10.21
N ILE M 120 -50.10 -66.96 -9.41
CA ILE M 120 -50.95 -65.84 -9.85
C ILE M 120 -50.29 -65.05 -10.99
N VAL M 121 -49.01 -64.72 -10.83
CA VAL M 121 -48.29 -63.98 -11.85
C VAL M 121 -48.15 -64.85 -13.10
N VAL M 122 -47.76 -66.10 -12.90
CA VAL M 122 -47.60 -67.04 -14.00
C VAL M 122 -48.88 -67.16 -14.82
N ALA M 123 -50.02 -67.18 -14.16
CA ALA M 123 -51.30 -67.31 -14.86
C ALA M 123 -51.62 -66.02 -15.64
N GLU M 124 -51.22 -64.87 -15.11
CA GLU M 124 -51.46 -63.61 -15.79
C GLU M 124 -50.55 -63.48 -17.02
N ILE M 125 -49.31 -63.90 -16.86
CA ILE M 125 -48.35 -63.86 -17.96
C ILE M 125 -48.79 -64.74 -19.11
N ASN M 126 -49.05 -66.02 -18.83
CA ASN M 126 -49.46 -66.97 -19.86
C ASN M 126 -50.75 -66.62 -20.57
N ARG M 127 -51.67 -65.99 -19.84
CA ARG M 127 -52.94 -65.58 -20.42
C ARG M 127 -52.69 -64.43 -21.38
N ILE M 128 -51.98 -63.40 -20.90
CA ILE M 128 -51.69 -62.24 -21.71
C ILE M 128 -50.83 -62.55 -22.94
N LYS M 129 -49.87 -63.45 -22.80
CA LYS M 129 -49.01 -63.81 -23.92
C LYS M 129 -49.75 -64.51 -25.06
N HIS M 130 -50.77 -65.29 -24.72
CA HIS M 130 -51.55 -66.02 -25.72
C HIS M 130 -52.68 -65.19 -26.27
N ALA M 131 -53.09 -64.15 -25.55
CA ALA M 131 -54.16 -63.29 -26.00
C ALA M 131 -53.65 -62.03 -26.69
N TYR M 132 -52.48 -61.54 -26.29
CA TYR M 132 -51.94 -60.33 -26.87
C TYR M 132 -50.48 -60.44 -27.29
N GLY M 133 -49.78 -61.38 -26.68
CA GLY M 133 -48.38 -61.55 -27.01
C GLY M 133 -47.47 -60.95 -25.94
N PRO M 134 -46.19 -61.32 -25.95
CA PRO M 134 -45.14 -60.88 -25.02
C PRO M 134 -45.02 -59.37 -24.86
N SER M 135 -45.29 -58.63 -25.92
CA SER M 135 -45.18 -57.17 -25.88
C SER M 135 -46.24 -56.51 -25.01
N ALA M 136 -47.24 -57.27 -24.58
CA ALA M 136 -48.29 -56.71 -23.73
C ALA M 136 -47.84 -56.64 -22.27
N ILE M 137 -46.69 -57.26 -22.00
CA ILE M 137 -46.11 -57.25 -20.66
C ILE M 137 -45.03 -56.18 -20.61
N LEU M 138 -45.35 -55.06 -19.98
CA LEU M 138 -44.42 -53.96 -19.82
C LEU M 138 -43.65 -54.16 -18.53
N SER M 139 -42.35 -53.86 -18.56
CA SER M 139 -41.52 -53.99 -17.37
C SER M 139 -40.40 -52.98 -17.35
N THR M 140 -39.97 -52.61 -16.15
CA THR M 140 -38.90 -51.64 -16.01
C THR M 140 -38.41 -51.48 -14.59
N PRO M 141 -37.09 -51.49 -14.42
CA PRO M 141 -36.52 -51.32 -13.09
C PRO M 141 -36.25 -49.83 -13.20
N SER M 142 -35.14 -49.36 -12.64
CA SER M 142 -34.82 -47.96 -12.80
C SER M 142 -33.33 -47.80 -12.98
N SER M 143 -32.87 -46.57 -13.07
CA SER M 143 -31.45 -46.34 -13.28
C SER M 143 -30.50 -47.05 -12.31
N HIS M 144 -30.77 -46.98 -11.01
CA HIS M 144 -29.85 -47.60 -10.08
C HIS M 144 -30.28 -48.88 -9.39
N HIS M 145 -29.29 -49.59 -8.84
CA HIS M 145 -29.53 -50.90 -8.25
C HIS M 145 -28.59 -51.18 -7.08
N MET M 146 -28.86 -52.25 -6.34
CA MET M 146 -28.01 -52.67 -5.24
C MET M 146 -26.72 -53.17 -5.89
N TRP M 147 -25.58 -52.90 -5.26
CA TRP M 147 -24.29 -53.29 -5.80
C TRP M 147 -24.13 -54.79 -5.95
N GLY M 148 -23.50 -55.20 -7.04
CA GLY M 148 -23.27 -56.61 -7.35
C GLY M 148 -23.40 -56.75 -8.85
N ASN M 149 -22.35 -57.25 -9.51
CA ASN M 149 -22.36 -57.38 -10.96
C ASN M 149 -23.28 -58.47 -11.51
N VAL M 150 -23.17 -59.67 -10.97
CA VAL M 150 -24.00 -60.78 -11.44
C VAL M 150 -25.49 -60.57 -11.16
N GLY M 151 -25.81 -59.81 -10.11
CA GLY M 151 -27.21 -59.59 -9.77
C GLY M 151 -27.80 -58.25 -10.21
N TYR M 152 -27.00 -57.41 -10.85
CA TYR M 152 -27.45 -56.09 -11.31
C TYR M 152 -28.52 -56.27 -12.40
N ARG M 153 -29.37 -55.26 -12.57
CA ARG M 153 -30.44 -55.35 -13.56
C ARG M 153 -29.96 -55.69 -14.97
N HIS M 154 -28.77 -55.22 -15.32
CA HIS M 154 -28.20 -55.47 -16.64
C HIS M 154 -27.89 -56.95 -16.81
N SER M 155 -27.78 -57.67 -15.68
CA SER M 155 -27.41 -59.07 -15.69
C SER M 155 -28.53 -60.07 -15.41
N THR M 156 -29.05 -60.08 -14.19
CA THR M 156 -30.10 -61.01 -13.82
C THR M 156 -31.49 -60.65 -14.33
N TYR M 157 -31.84 -59.38 -14.25
CA TYR M 157 -33.14 -58.92 -14.70
C TYR M 157 -33.31 -59.25 -16.19
N PHE M 158 -32.36 -58.83 -17.01
CA PHE M 158 -32.39 -59.07 -18.45
C PHE M 158 -32.32 -60.53 -18.85
N ARG M 159 -31.53 -61.33 -18.14
CA ARG M 159 -31.41 -62.72 -18.53
C ARG M 159 -32.74 -63.44 -18.41
N PHE M 160 -33.56 -63.03 -17.45
CA PHE M 160 -34.86 -63.66 -17.25
C PHE M 160 -35.97 -63.03 -18.08
N MET M 161 -36.06 -61.70 -18.06
CA MET M 161 -37.10 -61.02 -18.80
C MET M 161 -36.99 -61.30 -20.30
N ASN M 162 -35.78 -61.33 -20.82
CA ASN M 162 -35.58 -61.59 -22.25
C ASN M 162 -36.16 -62.95 -22.65
N MET M 163 -36.23 -63.90 -21.71
CA MET M 163 -36.75 -65.23 -22.00
C MET M 163 -38.25 -65.34 -21.72
N MET M 164 -38.85 -64.24 -21.28
CA MET M 164 -40.25 -64.25 -20.90
C MET M 164 -41.16 -63.28 -21.68
N GLY M 165 -40.77 -62.01 -21.73
CA GLY M 165 -41.55 -61.02 -22.43
C GLY M 165 -40.79 -60.41 -23.60
N PHE M 166 -40.84 -59.10 -23.80
CA PHE M 166 -41.58 -58.15 -22.97
C PHE M 166 -41.40 -56.74 -23.55
N THR M 167 -42.22 -55.79 -23.12
CA THR M 167 -42.06 -54.40 -23.59
C THR M 167 -41.32 -53.65 -22.51
N TYR M 168 -40.11 -53.21 -22.84
CA TYR M 168 -39.27 -52.50 -21.91
C TYR M 168 -39.51 -51.00 -21.95
N ALA M 169 -39.62 -50.40 -20.77
CA ALA M 169 -39.78 -48.96 -20.68
C ALA M 169 -38.32 -48.51 -20.61
N ASP M 170 -37.71 -48.31 -21.78
CA ASP M 170 -36.30 -47.93 -21.85
C ASP M 170 -36.02 -46.63 -21.10
N HIS M 171 -34.88 -46.58 -20.43
CA HIS M 171 -34.50 -45.39 -19.65
C HIS M 171 -33.95 -44.25 -20.49
N ASN M 172 -34.43 -43.05 -20.18
CA ASN M 172 -33.94 -41.86 -20.84
C ASN M 172 -32.56 -41.62 -20.21
N PRO M 173 -31.61 -41.08 -20.98
CA PRO M 173 -30.27 -40.83 -20.42
C PRO M 173 -30.28 -39.70 -19.39
N ASP M 174 -31.04 -39.90 -18.30
CA ASP M 174 -31.16 -38.91 -17.23
C ASP M 174 -29.87 -38.20 -16.84
N SER M 175 -28.86 -38.97 -16.44
CA SER M 175 -27.58 -38.43 -16.02
C SER M 175 -26.89 -37.56 -17.09
N TRP M 176 -27.01 -37.98 -18.34
CA TRP M 176 -26.35 -37.29 -19.45
C TRP M 176 -27.17 -36.30 -20.27
N GLU M 177 -28.47 -36.20 -20.02
CA GLU M 177 -29.37 -35.36 -20.82
C GLU M 177 -28.74 -34.33 -21.75
N GLY M 178 -28.26 -33.22 -21.20
CA GLY M 178 -27.66 -32.17 -22.03
C GLY M 178 -26.51 -32.62 -22.91
N TRP M 179 -25.61 -33.43 -22.38
CA TRP M 179 -24.48 -33.92 -23.15
C TRP M 179 -24.94 -34.93 -24.21
N HIS M 180 -26.03 -35.63 -23.90
CA HIS M 180 -26.58 -36.64 -24.78
C HIS M 180 -27.32 -36.05 -25.99
N TRP M 181 -28.41 -35.35 -25.72
CA TRP M 181 -29.19 -34.76 -26.81
C TRP M 181 -28.58 -33.47 -27.39
N GLY M 182 -27.59 -32.89 -26.73
CA GLY M 182 -27.00 -31.66 -27.23
C GLY M 182 -25.52 -31.69 -27.58
N GLY M 183 -24.68 -31.92 -26.57
CA GLY M 183 -23.24 -31.95 -26.78
C GLY M 183 -22.73 -33.03 -27.73
N MET M 184 -23.40 -34.18 -27.74
CA MET M 184 -23.00 -35.30 -28.60
C MET M 184 -22.89 -34.84 -30.05
N HIS M 185 -23.80 -33.97 -30.46
CA HIS M 185 -23.84 -33.45 -31.82
C HIS M 185 -22.67 -32.49 -32.05
N MET M 186 -22.16 -31.91 -30.98
CA MET M 186 -21.07 -30.96 -31.11
C MET M 186 -19.68 -31.59 -31.17
N TRP M 187 -19.44 -32.63 -30.37
CA TRP M 187 -18.12 -33.27 -30.36
C TRP M 187 -18.12 -34.79 -30.34
N GLY M 188 -19.30 -35.39 -30.49
CA GLY M 188 -19.37 -36.85 -30.50
C GLY M 188 -19.42 -37.54 -29.15
N PHE M 189 -18.49 -38.46 -28.90
CA PHE M 189 -18.45 -39.22 -27.65
C PHE M 189 -19.78 -39.93 -27.42
N SER M 190 -20.42 -40.40 -28.49
CA SER M 190 -21.71 -41.09 -28.37
C SER M 190 -21.63 -42.26 -27.39
N TRP M 191 -20.52 -43.00 -27.43
CA TRP M 191 -20.30 -44.15 -26.55
C TRP M 191 -20.14 -43.78 -25.06
N ARG M 192 -20.17 -42.48 -24.77
CA ARG M 192 -20.09 -42.00 -23.39
C ARG M 192 -21.30 -41.07 -23.20
N LEU M 193 -22.25 -41.21 -24.11
CA LEU M 193 -23.48 -40.44 -24.13
C LEU M 193 -23.23 -38.94 -24.06
N GLY M 194 -22.15 -38.51 -24.69
CA GLY M 194 -21.82 -37.09 -24.72
C GLY M 194 -20.75 -36.61 -23.74
N ASN M 195 -20.39 -37.45 -22.79
CA ASN M 195 -19.37 -37.06 -21.81
C ASN M 195 -17.97 -37.22 -22.35
N PRO M 196 -17.02 -36.47 -21.78
CA PRO M 196 -15.63 -36.56 -22.23
C PRO M 196 -14.81 -37.65 -21.57
N GLU M 197 -13.75 -38.00 -22.27
CA GLU M 197 -12.75 -38.98 -21.89
C GLU M 197 -12.05 -38.31 -20.69
N GLN M 198 -11.46 -39.09 -19.78
CA GLN M 198 -10.80 -38.47 -18.62
C GLN M 198 -9.50 -39.16 -18.19
N TYR M 199 -9.01 -40.08 -19.00
CA TYR M 199 -7.78 -40.81 -18.69
C TYR M 199 -6.55 -39.97 -18.34
N ASP M 200 -5.82 -40.45 -17.33
CA ASP M 200 -4.57 -39.86 -16.84
C ASP M 200 -4.55 -38.36 -16.55
N LEU M 201 -5.69 -37.76 -16.23
CA LEU M 201 -5.72 -36.33 -15.94
C LEU M 201 -5.22 -35.88 -14.57
N LEU M 202 -5.30 -36.74 -13.56
CA LEU M 202 -4.81 -36.38 -12.23
C LEU M 202 -3.35 -35.89 -12.26
N GLU M 203 -2.45 -36.68 -12.84
CA GLU M 203 -1.06 -36.27 -12.90
C GLU M 203 -0.93 -34.97 -13.70
N ASP M 204 -1.73 -34.83 -14.75
CA ASP M 204 -1.67 -33.63 -15.58
C ASP M 204 -1.98 -32.39 -14.76
N GLY M 205 -3.12 -32.41 -14.06
CA GLY M 205 -3.50 -31.27 -13.26
C GLY M 205 -2.56 -30.99 -12.10
N LEU M 206 -2.10 -32.05 -11.44
CA LEU M 206 -1.18 -31.89 -10.32
C LEU M 206 0.07 -31.12 -10.73
N LYS M 207 0.50 -31.36 -11.97
CA LYS M 207 1.68 -30.72 -12.54
C LYS M 207 1.43 -29.34 -13.14
N HIS M 208 0.26 -29.15 -13.76
CA HIS M 208 0.00 -27.90 -14.45
C HIS M 208 -1.16 -27.00 -14.02
N ALA M 209 -2.09 -27.52 -13.23
CA ALA M 209 -3.22 -26.71 -12.82
C ALA M 209 -2.88 -25.46 -12.01
N GLU M 210 -3.47 -24.34 -12.39
CA GLU M 210 -3.30 -23.06 -11.69
C GLU M 210 -4.69 -22.65 -11.19
N MET M 211 -5.71 -23.17 -11.86
CA MET M 211 -7.08 -22.88 -11.49
C MET M 211 -8.06 -23.94 -11.99
N ILE M 212 -9.15 -24.10 -11.27
CA ILE M 212 -10.18 -25.05 -11.63
C ILE M 212 -11.53 -24.42 -11.43
N VAL M 213 -12.35 -24.45 -12.48
CA VAL M 213 -13.69 -23.88 -12.42
C VAL M 213 -14.69 -25.03 -12.32
N PHE M 214 -15.34 -25.13 -11.16
CA PHE M 214 -16.36 -26.16 -10.91
C PHE M 214 -17.71 -25.56 -11.28
N TRP M 215 -18.23 -25.96 -12.44
CA TRP M 215 -19.49 -25.44 -12.97
C TRP M 215 -20.52 -26.57 -12.83
N SER M 216 -21.57 -26.33 -12.05
CA SER M 216 -22.59 -27.35 -11.82
C SER M 216 -21.89 -28.62 -11.35
N SER M 217 -20.93 -28.44 -10.44
CA SER M 217 -20.14 -29.56 -9.94
C SER M 217 -19.97 -29.53 -8.41
N ASP M 218 -20.35 -30.63 -7.76
CA ASP M 218 -20.22 -30.79 -6.32
C ASP M 218 -19.63 -32.17 -6.11
N PRO M 219 -18.33 -32.31 -6.35
CA PRO M 219 -17.59 -33.58 -6.21
C PRO M 219 -17.75 -34.27 -4.85
N GLU M 220 -17.74 -33.51 -3.76
CA GLU M 220 -17.86 -34.12 -2.45
C GLU M 220 -19.20 -34.86 -2.31
N THR M 221 -20.25 -34.28 -2.85
CA THR M 221 -21.58 -34.89 -2.75
C THR M 221 -21.76 -36.08 -3.68
N ASN M 222 -21.59 -35.83 -4.98
CA ASN M 222 -21.77 -36.85 -6.00
C ASN M 222 -20.59 -37.80 -6.16
N SER M 223 -19.38 -37.30 -5.92
CA SER M 223 -18.17 -38.12 -6.03
C SER M 223 -18.03 -38.71 -7.44
N GLY M 224 -18.68 -38.11 -8.42
CA GLY M 224 -18.65 -38.69 -9.76
C GLY M 224 -19.79 -39.68 -9.61
N ILE M 225 -19.48 -40.84 -9.03
CA ILE M 225 -20.48 -41.86 -8.75
C ILE M 225 -19.89 -43.11 -8.15
N TYR M 226 -20.52 -43.59 -7.08
CA TYR M 226 -20.12 -44.81 -6.37
C TYR M 226 -18.73 -44.77 -5.74
N ALA M 227 -18.13 -43.59 -5.61
CA ALA M 227 -16.76 -43.57 -5.08
C ALA M 227 -16.50 -43.00 -3.68
N GLY M 228 -17.53 -42.91 -2.85
CA GLY M 228 -17.35 -42.41 -1.49
C GLY M 228 -16.74 -41.02 -1.44
N PHE M 229 -15.56 -40.90 -0.84
CA PHE M 229 -14.86 -39.62 -0.76
C PHE M 229 -13.40 -39.80 -1.19
N GLU M 230 -13.20 -40.66 -2.17
CA GLU M 230 -11.86 -40.96 -2.68
C GLU M 230 -11.07 -39.76 -3.19
N SER M 231 -11.76 -38.78 -3.76
CA SER M 231 -11.08 -37.61 -4.32
C SER M 231 -10.85 -36.45 -3.37
N ASN M 232 -11.38 -36.56 -2.16
CA ASN M 232 -11.22 -35.47 -1.18
C ASN M 232 -9.77 -35.03 -1.00
N ILE M 233 -8.85 -36.00 -0.98
CA ILE M 233 -7.45 -35.67 -0.80
C ILE M 233 -6.83 -35.04 -2.05
N ARG M 234 -7.28 -35.46 -3.23
CA ARG M 234 -6.75 -34.92 -4.48
C ARG M 234 -6.93 -33.41 -4.56
N ARG M 235 -8.10 -32.93 -4.16
CA ARG M 235 -8.36 -31.50 -4.20
C ARG M 235 -7.60 -30.81 -3.06
N GLN M 236 -7.27 -31.57 -2.02
CA GLN M 236 -6.51 -31.05 -0.89
C GLN M 236 -5.10 -30.82 -1.43
N TRP M 237 -4.64 -31.77 -2.24
CA TRP M 237 -3.32 -31.64 -2.84
C TRP M 237 -3.32 -30.40 -3.73
N LEU M 238 -4.32 -30.29 -4.61
CA LEU M 238 -4.39 -29.15 -5.51
C LEU M 238 -4.44 -27.83 -4.74
N LYS M 239 -5.21 -27.82 -3.65
CA LYS M 239 -5.34 -26.63 -2.80
C LYS M 239 -3.98 -26.21 -2.22
N ASP M 240 -3.28 -27.16 -1.64
CA ASP M 240 -1.99 -26.89 -1.04
C ASP M 240 -0.95 -26.46 -2.06
N LEU M 241 -1.21 -26.71 -3.35
CA LEU M 241 -0.31 -26.32 -4.41
C LEU M 241 -0.65 -24.92 -4.93
N GLY M 242 -1.67 -24.29 -4.36
CA GLY M 242 -2.04 -22.95 -4.77
C GLY M 242 -3.06 -22.83 -5.90
N VAL M 243 -3.75 -23.92 -6.23
CA VAL M 243 -4.76 -23.90 -7.28
C VAL M 243 -6.01 -23.19 -6.77
N ASP M 244 -6.51 -22.20 -7.52
CA ASP M 244 -7.71 -21.50 -7.11
C ASP M 244 -8.95 -22.29 -7.52
N PHE M 245 -9.95 -22.31 -6.64
CA PHE M 245 -11.19 -23.04 -6.88
C PHE M 245 -12.36 -22.07 -7.01
N VAL M 246 -12.96 -22.03 -8.18
CA VAL M 246 -14.12 -21.15 -8.40
C VAL M 246 -15.34 -22.03 -8.65
N PHE M 247 -16.43 -21.71 -7.95
CA PHE M 247 -17.67 -22.48 -8.07
C PHE M 247 -18.83 -21.68 -8.63
N ILE M 248 -19.42 -22.22 -9.69
CA ILE M 248 -20.59 -21.60 -10.32
C ILE M 248 -21.76 -22.56 -10.09
N ASP M 249 -22.62 -22.19 -9.15
CA ASP M 249 -23.76 -23.03 -8.79
C ASP M 249 -24.84 -22.18 -8.11
N PRO M 250 -26.11 -22.36 -8.50
CA PRO M 250 -27.19 -21.57 -7.87
C PRO M 250 -27.15 -21.74 -6.35
N HIS M 251 -26.71 -22.91 -5.92
CA HIS M 251 -26.60 -23.22 -4.49
C HIS M 251 -25.14 -23.39 -4.11
N MET M 252 -24.71 -22.78 -3.01
CA MET M 252 -23.34 -22.93 -2.57
C MET M 252 -23.25 -24.39 -2.15
N ASN M 253 -22.86 -25.26 -3.07
CA ASN M 253 -22.81 -26.69 -2.78
C ASN M 253 -21.76 -27.10 -1.76
N HIS M 254 -21.91 -28.33 -1.27
CA HIS M 254 -21.03 -28.86 -0.22
C HIS M 254 -19.54 -28.82 -0.52
N THR M 255 -19.14 -28.96 -1.78
CA THR M 255 -17.72 -28.89 -2.09
C THR M 255 -17.30 -27.42 -1.98
N ALA M 256 -18.15 -26.52 -2.46
CA ALA M 256 -17.86 -25.10 -2.40
C ALA M 256 -17.79 -24.62 -0.94
N ARG M 257 -18.69 -25.13 -0.10
CA ARG M 257 -18.73 -24.77 1.32
C ARG M 257 -17.42 -25.15 2.02
N LEU M 258 -16.69 -26.09 1.41
CA LEU M 258 -15.45 -26.55 2.00
C LEU M 258 -14.18 -25.87 1.48
N VAL M 259 -14.02 -25.82 0.15
CA VAL M 259 -12.81 -25.25 -0.47
C VAL M 259 -12.97 -24.10 -1.46
N ALA M 260 -14.14 -23.46 -1.53
CA ALA M 260 -14.33 -22.38 -2.49
C ALA M 260 -13.54 -21.10 -2.23
N ASP M 261 -12.98 -20.54 -3.30
CA ASP M 261 -12.25 -19.29 -3.19
C ASP M 261 -13.22 -18.21 -3.65
N LYS M 262 -14.20 -18.62 -4.45
CA LYS M 262 -15.23 -17.72 -4.97
C LYS M 262 -16.43 -18.57 -5.38
N TRP M 263 -17.63 -17.99 -5.23
CA TRP M 263 -18.87 -18.68 -5.56
C TRP M 263 -19.87 -17.77 -6.29
N PHE M 264 -20.34 -18.22 -7.45
CA PHE M 264 -21.33 -17.49 -8.23
C PHE M 264 -22.66 -18.23 -8.06
N SER M 265 -23.76 -17.48 -7.96
CA SER M 265 -25.08 -18.08 -7.82
C SER M 265 -25.99 -17.59 -8.95
N PRO M 266 -25.88 -18.21 -10.14
CA PRO M 266 -26.71 -17.81 -11.28
C PRO M 266 -28.15 -18.28 -11.09
N LYS M 267 -29.10 -17.46 -11.53
CA LYS M 267 -30.50 -17.81 -11.44
C LYS M 267 -30.65 -19.09 -12.26
N ILE M 268 -31.68 -19.89 -11.97
CA ILE M 268 -31.88 -21.14 -12.70
C ILE M 268 -32.00 -20.92 -14.21
N GLY M 269 -31.40 -21.83 -14.97
CA GLY M 269 -31.45 -21.75 -16.42
C GLY M 269 -30.77 -20.56 -17.11
N THR M 270 -29.72 -20.01 -16.51
CA THR M 270 -29.04 -18.87 -17.12
C THR M 270 -27.53 -19.09 -17.27
N ASP M 271 -27.08 -20.32 -17.06
CA ASP M 271 -25.66 -20.63 -17.16
C ASP M 271 -25.00 -20.30 -18.51
N HIS M 272 -25.67 -20.63 -19.61
CA HIS M 272 -25.10 -20.35 -20.92
C HIS M 272 -24.90 -18.84 -21.13
N ALA M 273 -25.66 -18.02 -20.41
CA ALA M 273 -25.49 -16.59 -20.52
C ALA M 273 -24.09 -16.24 -20.06
N LEU M 274 -23.57 -17.00 -19.09
CA LEU M 274 -22.22 -16.77 -18.58
C LEU M 274 -21.17 -17.33 -19.54
N SER M 275 -21.38 -18.53 -20.05
CA SER M 275 -20.43 -19.10 -20.98
C SER M 275 -20.31 -18.17 -22.17
N PHE M 276 -21.43 -17.59 -22.61
CA PHE M 276 -21.39 -16.66 -23.74
C PHE M 276 -20.61 -15.36 -23.43
N ALA M 277 -20.81 -14.79 -22.24
CA ALA M 277 -20.13 -13.55 -21.85
C ALA M 277 -18.62 -13.77 -21.70
N ILE M 278 -18.25 -14.97 -21.28
CA ILE M 278 -16.83 -15.31 -21.11
C ILE M 278 -16.22 -15.46 -22.50
N ALA M 279 -16.89 -16.20 -23.37
CA ALA M 279 -16.41 -16.39 -24.74
C ALA M 279 -16.33 -15.02 -25.43
N TYR M 280 -17.30 -14.15 -25.14
CA TYR M 280 -17.32 -12.81 -25.72
C TYR M 280 -16.03 -12.05 -25.33
N THR M 281 -15.73 -12.11 -24.04
CA THR M 281 -14.56 -11.45 -23.48
C THR M 281 -13.28 -11.93 -24.17
N TRP M 282 -13.18 -13.25 -24.35
CA TRP M 282 -12.02 -13.84 -24.99
C TRP M 282 -11.88 -13.38 -26.44
N LEU M 283 -13.01 -13.25 -27.14
CA LEU M 283 -12.99 -12.80 -28.53
C LEU M 283 -12.58 -11.32 -28.64
N LYS M 284 -13.08 -10.50 -27.71
CA LYS M 284 -12.78 -9.08 -27.70
C LYS M 284 -11.36 -8.76 -27.25
N GLU M 285 -10.71 -9.73 -26.63
CA GLU M 285 -9.35 -9.52 -26.14
C GLU M 285 -8.33 -10.51 -26.71
N ASP M 286 -8.78 -11.35 -27.63
CA ASP M 286 -7.93 -12.35 -28.26
C ASP M 286 -7.27 -13.26 -27.24
N SER M 287 -7.93 -13.49 -26.12
CA SER M 287 -7.37 -14.33 -25.09
C SER M 287 -7.81 -15.80 -25.19
N TYR M 288 -7.42 -16.45 -26.28
CA TYR M 288 -7.74 -17.88 -26.46
C TYR M 288 -6.79 -18.48 -27.49
N ASP M 289 -6.81 -19.81 -27.61
CA ASP M 289 -5.94 -20.53 -28.54
C ASP M 289 -6.46 -20.55 -29.98
N LYS M 290 -6.13 -19.52 -30.74
CA LYS M 290 -6.56 -19.40 -32.13
C LYS M 290 -6.10 -20.54 -33.04
N GLU M 291 -4.83 -20.94 -32.92
CA GLU M 291 -4.29 -22.02 -33.74
C GLU M 291 -5.11 -23.28 -33.53
N TYR M 292 -5.37 -23.59 -32.27
CA TYR M 292 -6.14 -24.77 -31.90
C TYR M 292 -7.55 -24.70 -32.48
N VAL M 293 -8.17 -23.53 -32.38
CA VAL M 293 -9.53 -23.34 -32.87
C VAL M 293 -9.64 -23.36 -34.39
N ALA M 294 -8.59 -22.90 -35.09
CA ALA M 294 -8.62 -22.89 -36.55
C ALA M 294 -8.41 -24.28 -37.09
N ALA M 295 -7.81 -25.14 -36.28
CA ALA M 295 -7.53 -26.50 -36.69
C ALA M 295 -8.52 -27.55 -36.18
N ASN M 296 -9.09 -27.31 -35.00
CA ASN M 296 -10.01 -28.29 -34.44
C ASN M 296 -11.49 -27.93 -34.40
N ALA M 297 -11.85 -26.71 -34.81
CA ALA M 297 -13.24 -26.29 -34.79
C ALA M 297 -13.88 -26.11 -36.16
N HIS M 298 -15.20 -26.30 -36.21
CA HIS M 298 -15.99 -26.17 -37.42
C HIS M 298 -17.10 -25.15 -37.18
N GLY M 299 -17.23 -24.19 -38.09
CA GLY M 299 -18.26 -23.18 -37.97
C GLY M 299 -17.99 -22.13 -36.89
N PHE M 300 -16.72 -21.97 -36.49
CA PHE M 300 -16.40 -20.99 -35.46
C PHE M 300 -16.57 -19.54 -35.91
N GLU M 301 -16.34 -19.27 -37.19
CA GLU M 301 -16.46 -17.90 -37.72
C GLU M 301 -17.88 -17.38 -37.54
N GLU M 302 -18.86 -18.21 -37.88
CA GLU M 302 -20.26 -17.82 -37.75
C GLU M 302 -20.71 -17.76 -36.29
N TRP M 303 -20.25 -18.70 -35.48
CA TRP M 303 -20.63 -18.69 -34.07
C TRP M 303 -20.08 -17.41 -33.47
N ALA M 304 -18.84 -17.11 -33.79
CA ALA M 304 -18.16 -15.91 -33.32
C ALA M 304 -18.97 -14.67 -33.69
N ASP M 305 -19.52 -14.62 -34.90
CA ASP M 305 -20.31 -13.45 -35.29
C ASP M 305 -21.52 -13.29 -34.38
N TYR M 306 -22.13 -14.42 -34.02
CA TYR M 306 -23.30 -14.42 -33.15
C TYR M 306 -22.96 -13.93 -31.75
N VAL M 307 -21.89 -14.47 -31.17
CA VAL M 307 -21.48 -14.08 -29.84
C VAL M 307 -21.19 -12.57 -29.78
N LEU M 308 -20.69 -12.02 -30.88
CA LEU M 308 -20.38 -10.59 -30.95
C LEU M 308 -21.60 -9.75 -31.28
N GLY M 309 -22.75 -10.40 -31.36
CA GLY M 309 -24.00 -9.72 -31.64
C GLY M 309 -24.23 -9.16 -33.03
N LYS M 310 -23.38 -9.51 -33.98
CA LYS M 310 -23.52 -9.02 -35.34
C LYS M 310 -24.80 -9.50 -36.00
N THR M 311 -24.99 -10.81 -36.00
CA THR M 311 -26.16 -11.39 -36.63
C THR M 311 -27.51 -11.21 -35.91
N ASP M 312 -27.51 -11.11 -34.59
CA ASP M 312 -28.77 -10.93 -33.86
C ASP M 312 -28.93 -9.54 -33.25
N GLY M 313 -27.87 -8.74 -33.28
CA GLY M 313 -27.95 -7.40 -32.75
C GLY M 313 -27.76 -7.24 -31.25
N THR M 314 -27.37 -8.33 -30.57
CA THR M 314 -27.16 -8.26 -29.12
C THR M 314 -25.80 -8.80 -28.67
N PRO M 315 -24.83 -7.90 -28.48
CA PRO M 315 -23.52 -8.40 -28.05
C PRO M 315 -23.71 -9.13 -26.72
N LYS M 316 -23.10 -10.30 -26.59
CA LYS M 316 -23.23 -11.08 -25.35
C LYS M 316 -22.24 -10.59 -24.29
N THR M 317 -22.41 -9.36 -23.83
CA THR M 317 -21.50 -8.77 -22.85
C THR M 317 -21.69 -9.31 -21.43
N CYS M 318 -20.77 -8.97 -20.54
CA CYS M 318 -20.85 -9.41 -19.15
C CYS M 318 -22.03 -8.71 -18.49
N GLU M 319 -22.33 -7.50 -18.92
CA GLU M 319 -23.46 -6.77 -18.35
C GLU M 319 -24.77 -7.45 -18.79
N TRP M 320 -24.81 -7.89 -20.05
CA TRP M 320 -25.97 -8.59 -20.59
C TRP M 320 -26.17 -9.90 -19.82
N ALA M 321 -25.06 -10.58 -19.52
CA ALA M 321 -25.12 -11.83 -18.77
C ALA M 321 -25.56 -11.60 -17.33
N GLU M 322 -25.19 -10.44 -16.77
CA GLU M 322 -25.57 -10.12 -15.41
C GLU M 322 -27.08 -9.93 -15.30
N GLU M 323 -27.64 -9.19 -16.24
CA GLU M 323 -29.06 -8.92 -16.25
C GLU M 323 -29.91 -10.18 -16.45
N GLU M 324 -29.28 -11.27 -16.89
CA GLU M 324 -29.97 -12.55 -17.11
C GLU M 324 -29.83 -13.47 -15.90
N SER M 325 -28.60 -13.58 -15.39
CA SER M 325 -28.29 -14.47 -14.27
C SER M 325 -28.21 -13.87 -12.88
N GLY M 326 -28.10 -12.56 -12.77
CA GLY M 326 -27.98 -11.95 -11.45
C GLY M 326 -26.54 -11.90 -10.97
N VAL M 327 -25.64 -12.60 -11.67
CA VAL M 327 -24.22 -12.61 -11.31
C VAL M 327 -23.55 -11.33 -11.81
N PRO M 328 -22.82 -10.62 -10.92
CA PRO M 328 -22.12 -9.36 -11.24
C PRO M 328 -21.23 -9.45 -12.49
N ALA M 329 -21.44 -8.53 -13.43
CA ALA M 329 -20.69 -8.48 -14.68
C ALA M 329 -19.17 -8.39 -14.48
N CYS M 330 -18.75 -7.54 -13.55
CA CYS M 330 -17.34 -7.36 -13.27
C CYS M 330 -16.69 -8.69 -12.87
N GLU M 331 -17.41 -9.48 -12.07
CA GLU M 331 -16.88 -10.76 -11.62
C GLU M 331 -16.81 -11.77 -12.76
N ILE M 332 -17.76 -11.69 -13.70
CA ILE M 332 -17.77 -12.58 -14.85
C ILE M 332 -16.50 -12.30 -15.67
N ARG M 333 -16.21 -11.01 -15.85
CA ARG M 333 -15.05 -10.57 -16.61
C ARG M 333 -13.75 -11.01 -15.93
N ALA M 334 -13.66 -10.81 -14.62
CA ALA M 334 -12.46 -11.23 -13.90
C ALA M 334 -12.17 -12.71 -14.16
N LEU M 335 -13.19 -13.56 -14.02
CA LEU M 335 -13.03 -14.99 -14.25
C LEU M 335 -12.57 -15.32 -15.67
N ALA M 336 -13.15 -14.64 -16.66
CA ALA M 336 -12.79 -14.87 -18.05
C ALA M 336 -11.31 -14.56 -18.27
N ARG M 337 -10.88 -13.39 -17.80
CA ARG M 337 -9.49 -12.97 -17.95
C ARG M 337 -8.52 -13.91 -17.25
N GLN M 338 -8.83 -14.25 -16.01
CA GLN M 338 -7.98 -15.16 -15.23
C GLN M 338 -7.97 -16.53 -15.88
N TRP M 339 -9.13 -16.97 -16.36
CA TRP M 339 -9.29 -18.26 -17.00
C TRP M 339 -8.36 -18.38 -18.22
N ALA M 340 -8.35 -17.33 -19.05
CA ALA M 340 -7.53 -17.32 -20.26
C ALA M 340 -6.02 -17.33 -19.99
N LYS M 341 -5.57 -16.56 -18.99
CA LYS M 341 -4.14 -16.52 -18.72
C LYS M 341 -3.60 -17.58 -17.76
N LYS M 342 -4.47 -18.34 -17.11
CA LYS M 342 -4.02 -19.37 -16.17
C LYS M 342 -4.32 -20.77 -16.68
N ASN M 343 -3.50 -21.74 -16.30
CA ASN M 343 -3.74 -23.12 -16.70
C ASN M 343 -5.02 -23.48 -15.96
N THR M 344 -6.14 -23.33 -16.67
CA THR M 344 -7.45 -23.58 -16.08
C THR M 344 -8.18 -24.84 -16.54
N TYR M 345 -8.54 -25.69 -15.58
CA TYR M 345 -9.28 -26.90 -15.90
C TYR M 345 -10.76 -26.65 -15.63
N LEU M 346 -11.58 -27.03 -16.61
CA LEU M 346 -13.02 -26.86 -16.50
C LEU M 346 -13.67 -28.10 -15.92
N ALA M 347 -14.11 -28.01 -14.68
CA ALA M 347 -14.78 -29.12 -14.02
C ALA M 347 -16.28 -28.94 -14.23
N ALA M 348 -16.75 -29.32 -15.42
CA ALA M 348 -18.16 -29.24 -15.75
C ALA M 348 -18.83 -30.50 -15.22
N GLY M 349 -19.68 -30.35 -14.21
CA GLY M 349 -20.33 -31.52 -13.63
C GLY M 349 -19.36 -32.19 -12.65
N GLY M 350 -19.87 -33.12 -11.85
CA GLY M 350 -19.01 -33.79 -10.89
C GLY M 350 -18.20 -34.97 -11.37
N LEU M 351 -18.51 -35.47 -12.56
CA LEU M 351 -17.79 -36.61 -13.11
C LEU M 351 -16.79 -36.22 -14.19
N GLY M 352 -17.04 -35.08 -14.81
CA GLY M 352 -16.24 -34.64 -15.93
C GLY M 352 -17.33 -34.93 -16.94
N GLY M 353 -18.32 -34.04 -16.95
CA GLY M 353 -19.49 -34.24 -17.78
C GLY M 353 -20.63 -34.25 -16.77
N TRP M 354 -21.82 -34.68 -17.17
CA TRP M 354 -22.97 -34.68 -16.25
C TRP M 354 -23.17 -33.28 -15.68
N GLY M 355 -23.59 -33.21 -14.42
CA GLY M 355 -23.85 -31.93 -13.79
C GLY M 355 -25.33 -31.61 -13.86
N GLY M 356 -25.93 -31.28 -12.71
CA GLY M 356 -27.35 -30.96 -12.68
C GLY M 356 -27.85 -30.06 -13.79
N ALA M 357 -27.04 -29.10 -14.23
CA ALA M 357 -27.43 -28.17 -15.28
C ALA M 357 -27.76 -28.84 -16.61
N CYS M 358 -27.24 -30.05 -16.83
CA CYS M 358 -27.47 -30.73 -18.08
C CYS M 358 -28.88 -31.30 -18.20
N ARG M 359 -29.56 -31.46 -17.07
CA ARG M 359 -30.93 -31.95 -17.09
C ARG M 359 -31.84 -30.85 -16.53
N ALA M 360 -32.08 -29.86 -17.39
CA ALA M 360 -32.87 -28.68 -17.10
C ALA M 360 -33.24 -28.08 -18.45
N SER M 361 -34.15 -27.11 -18.48
CA SER M 361 -34.57 -26.55 -19.76
C SER M 361 -33.50 -25.82 -20.58
N HIS M 362 -32.29 -25.68 -20.04
CA HIS M 362 -31.19 -25.03 -20.76
C HIS M 362 -29.99 -25.97 -20.84
N GLY M 363 -30.21 -27.23 -20.47
CA GLY M 363 -29.16 -28.23 -20.47
C GLY M 363 -28.40 -28.48 -21.77
N ILE M 364 -29.02 -28.22 -22.91
CA ILE M 364 -28.36 -28.45 -24.19
C ILE M 364 -27.32 -27.38 -24.47
N GLU M 365 -27.70 -26.12 -24.28
CA GLU M 365 -26.78 -25.01 -24.50
C GLU M 365 -25.69 -25.02 -23.44
N TRP M 366 -26.05 -25.33 -22.20
CA TRP M 366 -25.05 -25.38 -21.15
C TRP M 366 -23.97 -26.39 -21.54
N ALA M 367 -24.39 -27.60 -21.89
CA ALA M 367 -23.44 -28.62 -22.27
C ALA M 367 -22.57 -28.12 -23.44
N ARG M 368 -23.22 -27.53 -24.44
CA ARG M 368 -22.49 -27.03 -25.59
C ARG M 368 -21.63 -25.85 -25.22
N GLY M 369 -22.11 -25.06 -24.25
CA GLY M 369 -21.35 -23.91 -23.79
C GLY M 369 -20.03 -24.37 -23.18
N MET M 370 -20.11 -25.39 -22.32
CA MET M 370 -18.92 -25.92 -21.67
C MET M 370 -17.92 -26.43 -22.70
N ILE M 371 -18.42 -27.09 -23.74
CA ILE M 371 -17.59 -27.62 -24.81
C ILE M 371 -16.97 -26.46 -25.59
N ALA M 372 -17.72 -25.37 -25.74
CA ALA M 372 -17.24 -24.20 -26.46
C ALA M 372 -16.07 -23.54 -25.71
N LEU M 373 -16.22 -23.39 -24.40
CA LEU M 373 -15.20 -22.78 -23.58
C LEU M 373 -13.94 -23.60 -23.54
N ALA M 374 -14.08 -24.88 -23.19
CA ALA M 374 -12.94 -25.77 -23.10
C ALA M 374 -12.20 -25.89 -24.43
N THR M 375 -12.94 -25.70 -25.53
CA THR M 375 -12.37 -25.79 -26.86
C THR M 375 -11.58 -24.53 -27.21
N MET M 376 -12.09 -23.36 -26.83
CA MET M 376 -11.40 -22.12 -27.12
C MET M 376 -10.07 -22.05 -26.40
N GLN M 377 -9.97 -22.74 -25.27
CA GLN M 377 -8.72 -22.77 -24.50
C GLN M 377 -7.87 -23.99 -24.86
N GLY M 378 -8.15 -24.58 -26.02
CA GLY M 378 -7.40 -25.75 -26.49
C GLY M 378 -7.35 -26.96 -25.57
N MET M 379 -8.50 -27.56 -25.27
CA MET M 379 -8.53 -28.73 -24.38
C MET M 379 -7.68 -29.87 -24.94
N GLY M 380 -6.95 -30.54 -24.05
CA GLY M 380 -6.08 -31.63 -24.45
C GLY M 380 -4.61 -31.28 -24.26
N LYS M 381 -4.27 -30.01 -24.43
CA LYS M 381 -2.89 -29.60 -24.25
C LYS M 381 -2.61 -29.48 -22.73
N PRO M 382 -1.36 -29.70 -22.31
CA PRO M 382 -0.95 -29.63 -20.91
C PRO M 382 -1.42 -28.36 -20.18
N GLY M 383 -2.12 -28.56 -19.06
CA GLY M 383 -2.60 -27.41 -18.30
C GLY M 383 -3.95 -26.89 -18.75
N SER M 384 -4.55 -27.51 -19.77
CA SER M 384 -5.85 -27.08 -20.27
C SER M 384 -6.69 -28.28 -20.72
N ASN M 385 -7.80 -28.51 -20.01
CA ASN M 385 -8.66 -29.62 -20.35
C ASN M 385 -9.94 -29.53 -19.54
N MET M 386 -10.84 -30.48 -19.78
CA MET M 386 -12.08 -30.55 -19.05
C MET M 386 -11.78 -31.62 -18.01
N TRP M 387 -11.82 -31.26 -16.74
CA TRP M 387 -11.53 -32.21 -15.67
C TRP M 387 -12.23 -31.78 -14.39
N SER M 388 -12.93 -32.70 -13.75
CA SER M 388 -13.68 -32.38 -12.54
C SER M 388 -13.05 -32.89 -11.25
N THR M 389 -11.77 -33.26 -11.33
CA THR M 389 -10.97 -33.76 -10.20
C THR M 389 -11.37 -35.13 -9.65
N THR M 390 -12.42 -35.74 -10.20
CA THR M 390 -12.85 -37.04 -9.71
C THR M 390 -12.21 -38.22 -10.40
N GLN M 391 -11.98 -38.11 -11.71
CA GLN M 391 -11.38 -39.22 -12.45
C GLN M 391 -9.96 -38.84 -12.85
N GLY M 392 -9.31 -39.71 -13.61
CA GLY M 392 -7.96 -39.43 -14.05
C GLY M 392 -6.87 -40.11 -13.25
N VAL M 393 -7.25 -40.86 -12.22
CA VAL M 393 -6.26 -41.55 -11.39
C VAL M 393 -5.49 -42.56 -12.23
N PRO M 394 -4.15 -42.60 -12.07
CA PRO M 394 -3.22 -43.49 -12.79
C PRO M 394 -3.32 -44.97 -12.43
N LEU M 395 -4.51 -45.53 -12.55
CA LEU M 395 -4.69 -46.94 -12.25
C LEU M 395 -4.38 -47.76 -13.51
N ASP M 396 -4.17 -49.05 -13.34
CA ASP M 396 -3.83 -49.93 -14.46
C ASP M 396 -4.99 -50.15 -15.45
N TYR M 397 -5.01 -49.31 -16.49
CA TYR M 397 -6.04 -49.37 -17.52
C TYR M 397 -5.91 -50.63 -18.38
N GLU M 398 -4.80 -51.34 -18.24
CA GLU M 398 -4.55 -52.55 -19.01
C GLU M 398 -5.24 -53.77 -18.40
N PHE M 399 -5.37 -53.78 -17.08
CA PHE M 399 -6.00 -54.88 -16.36
C PHE M 399 -7.47 -54.86 -16.67
N TYR M 400 -8.04 -56.01 -17.01
CA TYR M 400 -9.45 -56.05 -17.33
C TYR M 400 -10.39 -56.74 -16.35
N PHE M 401 -11.35 -55.96 -15.86
CA PHE M 401 -12.39 -56.45 -14.98
C PHE M 401 -13.65 -55.73 -15.40
N PRO M 402 -14.71 -56.47 -15.68
CA PRO M 402 -16.00 -55.93 -16.12
C PRO M 402 -16.76 -55.08 -15.11
N GLY M 403 -17.49 -54.10 -15.65
CA GLY M 403 -18.33 -53.27 -14.81
C GLY M 403 -19.71 -53.90 -14.91
N TYR M 404 -20.67 -53.43 -14.11
CA TYR M 404 -22.01 -54.01 -14.16
C TYR M 404 -22.70 -53.79 -15.50
N ALA M 405 -22.41 -52.66 -16.14
CA ALA M 405 -23.02 -52.34 -17.42
C ALA M 405 -22.60 -53.27 -18.55
N GLU M 406 -21.62 -54.13 -18.31
CA GLU M 406 -21.16 -55.02 -19.35
C GLU M 406 -21.98 -56.30 -19.50
N GLY M 407 -23.16 -56.31 -18.90
CA GLY M 407 -24.05 -57.45 -19.04
C GLY M 407 -24.14 -58.57 -18.03
N GLY M 408 -23.04 -58.93 -17.38
CA GLY M 408 -23.10 -60.01 -16.42
C GLY M 408 -23.49 -61.33 -17.07
N ILE M 409 -24.54 -61.98 -16.56
CA ILE M 409 -24.96 -63.27 -17.10
C ILE M 409 -26.00 -63.19 -18.21
N SER M 410 -26.36 -61.99 -18.63
CA SER M 410 -27.35 -61.87 -19.69
C SER M 410 -26.73 -61.99 -21.09
N GLY M 411 -25.67 -61.24 -21.34
CA GLY M 411 -25.05 -61.28 -22.65
C GLY M 411 -25.93 -60.55 -23.65
N ASP M 412 -26.78 -59.64 -23.15
CA ASP M 412 -27.65 -58.85 -24.01
C ASP M 412 -26.79 -57.76 -24.65
N CYS M 413 -26.33 -58.01 -25.87
CA CYS M 413 -25.47 -57.07 -26.58
C CYS M 413 -26.21 -55.84 -27.11
N GLU M 414 -27.52 -55.80 -26.94
CA GLU M 414 -28.33 -54.69 -27.43
C GLU M 414 -28.66 -53.69 -26.31
N ASN M 415 -28.81 -54.20 -25.10
CA ASN M 415 -29.16 -53.36 -23.98
C ASN M 415 -28.12 -53.23 -22.88
N SER M 416 -26.93 -53.76 -23.13
CA SER M 416 -25.80 -53.65 -22.19
C SER M 416 -24.53 -53.57 -23.03
N ALA M 417 -23.40 -53.26 -22.40
CA ALA M 417 -22.14 -53.15 -23.14
C ALA M 417 -21.46 -54.50 -23.31
N ALA M 418 -22.20 -55.57 -23.04
CA ALA M 418 -21.66 -56.93 -23.16
C ALA M 418 -20.95 -57.18 -24.48
N GLY M 419 -21.47 -56.58 -25.55
CA GLY M 419 -20.90 -56.79 -26.87
C GLY M 419 -19.50 -56.26 -27.08
N PHE M 420 -19.02 -55.43 -26.17
CA PHE M 420 -17.68 -54.87 -26.34
C PHE M 420 -16.58 -55.88 -26.11
N LYS M 421 -16.60 -56.56 -24.98
CA LYS M 421 -15.56 -57.53 -24.65
C LYS M 421 -16.03 -58.70 -23.79
N PHE M 422 -16.81 -58.41 -22.75
CA PHE M 422 -17.27 -59.44 -21.83
C PHE M 422 -18.03 -60.60 -22.47
N ALA M 423 -18.99 -60.29 -23.34
CA ALA M 423 -19.76 -61.35 -23.98
C ALA M 423 -18.84 -62.42 -24.54
N TRP M 424 -17.86 -62.00 -25.32
CA TRP M 424 -16.91 -62.92 -25.94
C TRP M 424 -16.13 -63.72 -24.91
N ARG M 425 -15.93 -63.16 -23.72
CA ARG M 425 -15.19 -63.86 -22.68
C ARG M 425 -16.04 -64.81 -21.86
N MET M 426 -17.24 -64.36 -21.51
CA MET M 426 -18.16 -65.12 -20.67
C MET M 426 -18.83 -66.34 -21.31
N PHE M 427 -19.06 -66.31 -22.62
CA PHE M 427 -19.69 -67.46 -23.24
C PHE M 427 -18.83 -68.12 -24.31
N ASP M 428 -19.04 -69.42 -24.49
CA ASP M 428 -18.24 -70.19 -25.43
C ASP M 428 -19.01 -70.75 -26.61
N GLY M 429 -20.33 -70.61 -26.59
CA GLY M 429 -21.15 -71.13 -27.67
C GLY M 429 -21.16 -72.66 -27.64
N LYS M 430 -20.76 -73.23 -26.50
CA LYS M 430 -20.72 -74.68 -26.33
C LYS M 430 -21.42 -75.17 -25.07
N THR M 431 -21.13 -74.54 -23.93
CA THR M 431 -21.74 -74.96 -22.67
C THR M 431 -22.64 -73.92 -21.99
N THR M 432 -22.31 -72.65 -22.14
CA THR M 432 -23.10 -71.59 -21.53
C THR M 432 -23.50 -70.62 -22.65
N PHE M 433 -24.73 -70.12 -22.60
CA PHE M 433 -25.22 -69.23 -23.65
C PHE M 433 -25.94 -67.98 -23.14
N PRO M 434 -25.87 -66.88 -23.92
CA PRO M 434 -26.49 -65.61 -23.59
C PRO M 434 -28.02 -65.69 -23.59
N SER M 435 -28.66 -64.58 -23.28
CA SER M 435 -30.12 -64.50 -23.26
C SER M 435 -30.52 -63.22 -23.99
N PRO M 436 -30.67 -63.30 -25.32
CA PRO M 436 -31.04 -62.16 -26.17
C PRO M 436 -32.53 -61.82 -26.07
N SER M 437 -32.89 -60.66 -26.62
CA SER M 437 -34.27 -60.21 -26.63
C SER M 437 -34.64 -59.74 -28.04
N ASN M 438 -35.70 -60.29 -28.61
CA ASN M 438 -36.10 -59.88 -29.94
C ASN M 438 -37.18 -58.80 -29.93
N LEU M 439 -37.55 -58.35 -28.72
CA LEU M 439 -38.55 -57.30 -28.56
C LEU M 439 -37.91 -55.99 -28.09
N ASN M 440 -36.92 -56.10 -27.20
CA ASN M 440 -36.24 -54.92 -26.69
C ASN M 440 -35.16 -54.53 -27.70
N THR M 441 -35.62 -54.05 -28.84
CA THR M 441 -34.75 -53.66 -29.93
C THR M 441 -35.50 -52.58 -30.72
N SER M 442 -34.79 -51.85 -31.56
CA SER M 442 -35.40 -50.77 -32.33
C SER M 442 -36.58 -51.18 -33.21
N ALA M 443 -36.52 -52.37 -33.80
CA ALA M 443 -37.59 -52.86 -34.67
C ALA M 443 -38.64 -53.62 -33.89
N GLY M 444 -38.49 -53.66 -32.56
CA GLY M 444 -39.45 -54.32 -31.71
C GLY M 444 -40.32 -53.25 -31.09
N GLN M 445 -40.59 -53.35 -29.79
CA GLN M 445 -41.38 -52.33 -29.13
C GLN M 445 -40.81 -51.97 -27.77
N HIS M 446 -40.89 -50.68 -27.46
CA HIS M 446 -40.41 -50.16 -26.20
C HIS M 446 -41.10 -48.83 -26.01
N ILE M 447 -41.20 -48.35 -24.78
CA ILE M 447 -41.79 -47.05 -24.55
C ILE M 447 -40.80 -46.28 -23.67
N PRO M 448 -40.80 -44.94 -23.75
CA PRO M 448 -39.89 -44.10 -22.95
C PRO M 448 -40.28 -44.10 -21.49
N ARG M 449 -39.32 -44.28 -20.59
CA ARG M 449 -39.62 -44.27 -19.16
C ARG M 449 -40.35 -42.98 -18.77
N LEU M 450 -39.89 -41.86 -19.31
CA LEU M 450 -40.47 -40.56 -19.00
C LEU M 450 -41.91 -40.34 -19.43
N LYS M 451 -42.45 -41.23 -20.25
CA LYS M 451 -43.82 -41.07 -20.71
C LYS M 451 -44.70 -42.30 -20.51
N ILE M 452 -44.30 -43.18 -19.59
CA ILE M 452 -45.05 -44.38 -19.29
C ILE M 452 -46.52 -44.01 -19.01
N PRO M 453 -46.75 -42.95 -18.20
CA PRO M 453 -48.11 -42.51 -17.88
C PRO M 453 -48.95 -42.17 -19.12
N GLU M 454 -48.36 -41.43 -20.06
CA GLU M 454 -49.06 -41.07 -21.29
C GLU M 454 -49.41 -42.29 -22.13
N CYS M 455 -48.50 -43.26 -22.19
CA CYS M 455 -48.74 -44.46 -22.96
C CYS M 455 -49.87 -45.29 -22.35
N ILE M 456 -49.88 -45.41 -21.02
CA ILE M 456 -50.90 -46.20 -20.36
C ILE M 456 -52.28 -45.53 -20.35
N MET M 457 -52.31 -44.27 -19.95
CA MET M 457 -53.58 -43.56 -19.88
C MET M 457 -54.08 -43.03 -21.24
N GLY M 458 -53.16 -42.83 -22.17
CA GLY M 458 -53.55 -42.33 -23.48
C GLY M 458 -53.58 -43.38 -24.55
N GLY M 459 -52.82 -44.46 -24.35
CA GLY M 459 -52.78 -45.54 -25.31
C GLY M 459 -52.04 -45.24 -26.58
N LYS M 460 -51.27 -44.16 -26.59
CA LYS M 460 -50.52 -43.78 -27.78
C LYS M 460 -49.45 -42.71 -27.50
N PHE M 461 -48.35 -42.78 -28.24
CA PHE M 461 -47.29 -41.79 -28.09
C PHE M 461 -46.30 -41.90 -29.25
N GLN M 462 -45.57 -40.82 -29.49
CA GLN M 462 -44.59 -40.79 -30.57
C GLN M 462 -43.35 -40.01 -30.09
N TRP M 463 -42.16 -40.57 -30.30
CA TRP M 463 -40.97 -39.91 -29.81
C TRP M 463 -39.69 -40.15 -30.62
N SER M 464 -38.60 -39.57 -30.12
CA SER M 464 -37.30 -39.69 -30.76
C SER M 464 -36.30 -40.47 -29.91
N GLY M 465 -35.66 -41.45 -30.54
CA GLY M 465 -34.67 -42.25 -29.86
C GLY M 465 -35.18 -43.38 -29.00
N LYS M 466 -34.31 -44.32 -28.71
CA LYS M 466 -34.64 -45.46 -27.87
C LYS M 466 -33.62 -45.53 -26.73
N GLY M 467 -34.03 -45.07 -25.55
CA GLY M 467 -33.14 -45.11 -24.39
C GLY M 467 -31.83 -44.36 -24.58
N PHE M 468 -30.73 -45.04 -24.29
CA PHE M 468 -29.38 -44.47 -24.43
C PHE M 468 -28.96 -44.69 -25.87
N ALA M 469 -29.06 -43.66 -26.69
CA ALA M 469 -28.70 -43.82 -28.10
C ALA M 469 -27.22 -43.57 -28.28
N GLY M 470 -26.38 -44.48 -27.79
CA GLY M 470 -24.95 -44.30 -27.88
C GLY M 470 -24.23 -44.97 -29.04
N GLY M 471 -24.97 -45.62 -29.93
CA GLY M 471 -24.32 -46.26 -31.06
C GLY M 471 -23.62 -45.24 -31.93
N ASP M 472 -24.33 -44.15 -32.23
CA ASP M 472 -23.79 -43.10 -33.06
C ASP M 472 -24.53 -41.81 -32.76
N ILE M 473 -23.97 -40.68 -33.20
CA ILE M 473 -24.57 -39.38 -32.97
C ILE M 473 -26.03 -39.26 -33.42
N SER M 474 -26.39 -39.83 -34.57
CA SER M 474 -27.75 -39.72 -35.08
C SER M 474 -28.78 -40.77 -34.64
N HIS M 475 -28.35 -41.77 -33.87
CA HIS M 475 -29.28 -42.80 -33.42
C HIS M 475 -30.48 -42.22 -32.65
N GLN M 476 -30.21 -41.21 -31.81
CA GLN M 476 -31.25 -40.56 -31.02
C GLN M 476 -32.25 -39.82 -31.89
N LEU M 477 -31.94 -39.63 -33.16
CA LEU M 477 -32.85 -38.91 -34.05
C LEU M 477 -33.89 -39.83 -34.65
N HIS M 478 -33.69 -41.13 -34.51
CA HIS M 478 -34.61 -42.11 -35.07
C HIS M 478 -35.99 -41.97 -34.43
N GLN M 479 -37.04 -42.09 -35.24
CA GLN M 479 -38.41 -41.94 -34.76
C GLN M 479 -39.11 -43.25 -34.38
N TYR M 480 -39.84 -43.22 -33.27
CA TYR M 480 -40.56 -44.38 -32.76
C TYR M 480 -42.01 -44.04 -32.40
N GLU M 481 -42.84 -45.07 -32.22
CA GLU M 481 -44.25 -44.89 -31.89
C GLU M 481 -44.77 -45.99 -30.97
N TYR M 482 -45.85 -45.71 -30.27
CA TYR M 482 -46.49 -46.67 -29.39
C TYR M 482 -47.99 -46.66 -29.64
N PRO M 483 -48.58 -47.84 -29.90
CA PRO M 483 -47.83 -49.10 -29.96
C PRO M 483 -46.99 -49.22 -31.23
N ALA M 484 -45.89 -49.96 -31.16
CA ALA M 484 -45.04 -50.16 -32.32
C ALA M 484 -45.83 -50.97 -33.35
N PRO M 485 -45.59 -50.73 -34.66
CA PRO M 485 -46.28 -51.42 -35.74
C PRO M 485 -46.41 -52.93 -35.57
N GLY M 486 -47.64 -53.40 -35.38
CA GLY M 486 -47.88 -54.83 -35.22
C GLY M 486 -47.87 -55.36 -33.80
N TYR M 487 -47.47 -54.55 -32.82
CA TYR M 487 -47.44 -54.99 -31.43
C TYR M 487 -48.67 -54.57 -30.64
N SER M 488 -48.82 -55.13 -29.45
CA SER M 488 -49.96 -54.82 -28.61
C SER M 488 -49.69 -53.73 -27.58
N LYS M 489 -50.77 -53.21 -27.01
CA LYS M 489 -50.70 -52.21 -25.98
C LYS M 489 -50.41 -52.94 -24.67
N ILE M 490 -50.05 -52.18 -23.65
CA ILE M 490 -49.73 -52.75 -22.35
C ILE M 490 -50.97 -53.25 -21.60
N LYS M 491 -50.87 -54.46 -21.06
CA LYS M 491 -51.98 -55.05 -20.30
C LYS M 491 -51.54 -55.31 -18.86
N MET M 492 -50.26 -55.59 -18.69
CA MET M 492 -49.69 -55.90 -17.39
C MET M 492 -48.41 -55.10 -17.19
N PHE M 493 -48.11 -54.76 -15.94
CA PHE M 493 -46.93 -53.99 -15.60
C PHE M 493 -46.13 -54.67 -14.50
N TRP M 494 -44.94 -55.16 -14.87
CA TRP M 494 -44.04 -55.82 -13.93
C TRP M 494 -42.98 -54.81 -13.53
N LYS M 495 -43.22 -54.09 -12.44
CA LYS M 495 -42.27 -53.10 -11.96
C LYS M 495 -41.25 -53.69 -11.01
N TYR M 496 -39.99 -53.29 -11.21
CA TYR M 496 -38.87 -53.73 -10.40
C TYR M 496 -38.52 -52.48 -9.58
N GLY M 497 -39.01 -52.43 -8.35
CA GLY M 497 -38.79 -51.27 -7.50
C GLY M 497 -39.95 -50.32 -7.71
N GLY M 498 -39.94 -49.16 -7.05
CA GLY M 498 -41.01 -48.19 -7.21
C GLY M 498 -40.62 -46.80 -6.79
N PRO M 499 -39.61 -46.21 -7.45
CA PRO M 499 -39.15 -44.86 -7.09
C PRO M 499 -39.57 -43.67 -7.95
N HIS M 500 -40.26 -43.91 -9.05
CA HIS M 500 -40.61 -42.82 -9.96
C HIS M 500 -41.36 -41.59 -9.46
N LEU M 501 -42.17 -41.75 -8.41
CA LEU M 501 -42.90 -40.61 -7.86
C LEU M 501 -41.96 -39.52 -7.33
N GLY M 502 -40.74 -39.91 -7.01
CA GLY M 502 -39.79 -38.94 -6.50
C GLY M 502 -38.57 -38.76 -7.38
N THR M 503 -38.54 -39.44 -8.53
CA THR M 503 -37.38 -39.34 -9.41
C THR M 503 -37.61 -38.93 -10.86
N MET M 504 -38.85 -38.93 -11.32
CA MET M 504 -39.12 -38.55 -12.71
C MET M 504 -39.60 -37.11 -12.77
N THR M 505 -40.51 -36.81 -13.70
CA THR M 505 -41.01 -35.44 -13.84
C THR M 505 -42.54 -35.33 -13.61
N ALA M 506 -42.97 -34.18 -13.07
CA ALA M 506 -44.39 -33.89 -12.75
C ALA M 506 -45.07 -35.22 -12.37
N THR M 507 -44.50 -35.87 -11.37
CA THR M 507 -44.91 -37.19 -10.93
C THR M 507 -46.32 -37.52 -10.47
N ASN M 508 -47.20 -36.53 -10.26
CA ASN M 508 -48.56 -36.90 -9.86
C ASN M 508 -49.14 -37.84 -10.92
N ARG M 509 -48.72 -37.65 -12.18
CA ARG M 509 -49.20 -38.48 -13.28
C ARG M 509 -48.81 -39.94 -13.13
N TYR M 510 -47.70 -40.22 -12.48
CA TYR M 510 -47.29 -41.61 -12.28
C TYR M 510 -48.20 -42.31 -11.29
N ALA M 511 -48.78 -41.54 -10.39
CA ALA M 511 -49.70 -42.11 -9.40
C ALA M 511 -51.05 -42.33 -10.07
N LYS M 512 -51.46 -41.39 -10.90
CA LYS M 512 -52.74 -41.48 -11.61
C LYS M 512 -52.84 -42.64 -12.59
N MET M 513 -51.72 -43.05 -13.19
CA MET M 513 -51.75 -44.12 -14.17
C MET M 513 -52.17 -45.51 -13.66
N TYR M 514 -51.84 -45.84 -12.41
CA TYR M 514 -52.17 -47.15 -11.85
C TYR M 514 -53.66 -47.50 -11.74
N THR M 515 -54.52 -46.49 -11.75
CA THR M 515 -55.94 -46.75 -11.62
C THR M 515 -56.67 -46.76 -12.96
N HIS M 516 -55.93 -46.64 -14.06
CA HIS M 516 -56.53 -46.66 -15.39
C HIS M 516 -56.95 -48.11 -15.66
N ASP M 517 -58.17 -48.30 -16.17
CA ASP M 517 -58.69 -49.64 -16.41
C ASP M 517 -58.00 -50.48 -17.48
N SER M 518 -57.14 -49.88 -18.29
CA SER M 518 -56.44 -50.66 -19.32
C SER M 518 -55.37 -51.53 -18.67
N LEU M 519 -55.00 -51.18 -17.43
CA LEU M 519 -53.99 -51.92 -16.69
C LEU M 519 -54.60 -53.08 -15.93
N GLU M 520 -54.61 -54.26 -16.57
CA GLU M 520 -55.20 -55.46 -15.99
C GLU M 520 -54.45 -56.05 -14.80
N PHE M 521 -53.14 -55.84 -14.75
CA PHE M 521 -52.37 -56.43 -13.67
C PHE M 521 -51.07 -55.67 -13.40
N VAL M 522 -50.70 -55.57 -12.12
CA VAL M 522 -49.50 -54.89 -11.69
C VAL M 522 -48.73 -55.71 -10.65
N VAL M 523 -47.48 -56.03 -10.95
CA VAL M 523 -46.63 -56.79 -10.04
C VAL M 523 -45.47 -55.90 -9.61
N SER M 524 -45.18 -55.88 -8.32
CA SER M 524 -44.06 -55.09 -7.84
C SER M 524 -43.07 -56.04 -7.20
N GLN M 525 -41.88 -56.10 -7.77
CA GLN M 525 -40.80 -56.94 -7.26
C GLN M 525 -39.81 -55.96 -6.63
N SER M 526 -39.98 -55.72 -5.33
CA SER M 526 -39.14 -54.75 -4.64
C SER M 526 -38.56 -55.19 -3.29
N ILE M 527 -37.87 -54.27 -2.62
CA ILE M 527 -37.24 -54.56 -1.35
C ILE M 527 -37.94 -53.91 -0.17
N TRP M 528 -38.26 -52.62 -0.28
CA TRP M 528 -38.94 -51.88 0.78
C TRP M 528 -40.34 -51.45 0.37
N PHE M 529 -41.28 -51.45 1.32
CA PHE M 529 -42.64 -51.04 1.05
C PHE M 529 -42.64 -49.52 1.09
N GLU M 530 -42.65 -48.92 -0.10
CA GLU M 530 -42.60 -47.46 -0.20
C GLU M 530 -42.88 -46.97 -1.62
N GLY M 531 -42.90 -45.64 -1.78
CA GLY M 531 -43.13 -45.02 -3.08
C GLY M 531 -44.28 -45.56 -3.89
N GLU M 532 -43.96 -46.28 -4.97
CA GLU M 532 -44.97 -46.86 -5.86
C GLU M 532 -45.42 -48.26 -5.47
N VAL M 533 -44.68 -48.93 -4.61
CA VAL M 533 -45.06 -50.29 -4.22
C VAL M 533 -46.52 -50.47 -3.76
N PRO M 534 -47.08 -49.49 -3.03
CA PRO M 534 -48.47 -49.62 -2.56
C PRO M 534 -49.56 -49.44 -3.64
N PHE M 535 -49.19 -49.52 -4.92
CA PHE M 535 -50.16 -49.40 -6.00
C PHE M 535 -50.27 -50.75 -6.71
N ALA M 536 -49.50 -51.73 -6.28
CA ALA M 536 -49.49 -53.02 -6.95
C ALA M 536 -50.54 -54.04 -6.50
N ASP M 537 -50.75 -55.06 -7.35
CA ASP M 537 -51.72 -56.11 -7.06
C ASP M 537 -51.03 -57.27 -6.33
N ILE M 538 -49.78 -57.53 -6.72
CA ILE M 538 -48.95 -58.57 -6.13
C ILE M 538 -47.58 -57.95 -5.82
N ILE M 539 -47.08 -58.20 -4.61
CA ILE M 539 -45.78 -57.67 -4.19
C ILE M 539 -44.85 -58.81 -3.82
N LEU M 540 -43.66 -58.81 -4.43
CA LEU M 540 -42.69 -59.86 -4.19
C LEU M 540 -41.44 -59.35 -3.42
N PRO M 541 -41.11 -60.00 -2.30
CA PRO M 541 -39.99 -59.70 -1.41
C PRO M 541 -38.59 -59.99 -1.97
N ALA M 542 -37.86 -58.93 -2.32
CA ALA M 542 -36.51 -59.08 -2.83
C ALA M 542 -35.57 -58.74 -1.66
N CYS M 543 -34.32 -59.21 -1.71
CA CYS M 543 -33.37 -58.95 -0.62
C CYS M 543 -32.20 -58.06 -1.07
N THR M 544 -31.50 -57.46 -0.11
CA THR M 544 -30.35 -56.59 -0.44
C THR M 544 -29.12 -57.41 -0.79
N ASN M 545 -28.05 -56.74 -1.20
CA ASN M 545 -26.83 -57.44 -1.58
C ASN M 545 -26.01 -58.02 -0.42
N PHE M 546 -26.45 -57.80 0.82
CA PHE M 546 -25.73 -58.36 1.95
C PHE M 546 -26.36 -59.71 2.35
N GLU M 547 -27.41 -60.08 1.63
CA GLU M 547 -28.16 -61.30 1.89
C GLU M 547 -27.99 -62.35 0.78
N ARG M 548 -27.07 -62.07 -0.15
CA ARG M 548 -26.82 -62.98 -1.26
C ARG M 548 -25.35 -62.89 -1.71
N TRP M 549 -24.92 -63.83 -2.54
CA TRP M 549 -23.55 -63.83 -3.04
C TRP M 549 -23.44 -63.05 -4.34
N ASP M 550 -22.29 -62.39 -4.53
CA ASP M 550 -22.05 -61.63 -5.74
C ASP M 550 -20.57 -61.24 -5.88
N ILE M 551 -20.29 -60.39 -6.86
CA ILE M 551 -18.94 -59.94 -7.10
C ILE M 551 -18.96 -58.61 -7.86
N SER M 552 -17.93 -57.80 -7.67
CA SER M 552 -17.87 -56.50 -8.33
C SER M 552 -16.58 -55.76 -8.01
N GLU M 553 -16.43 -54.59 -8.62
CA GLU M 553 -15.27 -53.74 -8.42
C GLU M 553 -15.71 -52.38 -7.92
N PHE M 554 -14.91 -51.80 -7.04
CA PHE M 554 -15.19 -50.50 -6.46
C PHE M 554 -15.55 -49.47 -7.54
N ALA M 555 -16.80 -49.02 -7.54
CA ALA M 555 -17.30 -48.03 -8.49
C ALA M 555 -17.19 -48.35 -9.98
N ASN M 556 -17.04 -49.63 -10.32
CA ASN M 556 -16.90 -49.97 -11.73
C ASN M 556 -18.23 -50.16 -12.46
N CYS M 557 -18.60 -49.16 -13.24
CA CYS M 557 -19.81 -49.18 -14.04
C CYS M 557 -19.44 -49.69 -15.43
N SER M 558 -18.50 -48.98 -16.06
CA SER M 558 -18.03 -49.28 -17.39
C SER M 558 -19.13 -48.99 -18.40
N GLY M 559 -19.14 -49.73 -19.50
CA GLY M 559 -20.16 -49.52 -20.51
C GLY M 559 -20.16 -48.09 -21.01
N TYR M 560 -21.22 -47.35 -20.69
N TYR M 560 -21.22 -47.35 -20.69
CA TYR M 560 -21.34 -45.95 -21.12
CA TYR M 560 -21.34 -45.95 -21.12
C TYR M 560 -20.39 -44.98 -20.41
C TYR M 560 -20.39 -44.98 -20.41
N ILE M 561 -19.61 -45.50 -19.47
CA ILE M 561 -18.62 -44.71 -18.75
C ILE M 561 -17.40 -45.64 -18.67
N PRO M 562 -16.75 -45.88 -19.81
CA PRO M 562 -15.58 -46.76 -19.89
C PRO M 562 -14.52 -46.46 -18.83
N ASP M 563 -13.99 -47.51 -18.21
CA ASP M 563 -12.96 -47.40 -17.18
C ASP M 563 -13.23 -46.31 -16.14
N ASN M 564 -14.44 -46.29 -15.58
CA ASN M 564 -14.76 -45.27 -14.60
C ASN M 564 -14.26 -45.63 -13.19
N TYR M 565 -13.60 -46.76 -13.05
CA TYR M 565 -13.06 -47.12 -11.74
C TYR M 565 -11.92 -46.16 -11.40
N GLN M 566 -11.52 -45.36 -12.38
CA GLN M 566 -10.46 -44.37 -12.21
C GLN M 566 -10.95 -43.23 -11.33
N LEU M 567 -12.10 -43.46 -10.72
CA LEU M 567 -12.71 -42.50 -9.82
C LEU M 567 -12.15 -42.72 -8.42
N CYS M 568 -11.59 -43.92 -8.22
CA CYS M 568 -11.05 -44.35 -6.95
C CYS M 568 -9.52 -44.28 -6.85
N ASN M 569 -9.00 -44.33 -5.64
CA ASN M 569 -7.57 -44.29 -5.41
C ASN M 569 -6.94 -45.65 -5.73
N HIS M 570 -7.75 -46.71 -5.71
CA HIS M 570 -7.26 -48.04 -6.01
C HIS M 570 -8.35 -48.88 -6.63
N ARG M 571 -7.97 -49.81 -7.50
CA ARG M 571 -8.95 -50.70 -8.09
C ARG M 571 -9.11 -51.79 -7.04
N VAL M 572 -10.29 -51.86 -6.44
CA VAL M 572 -10.58 -52.84 -5.40
C VAL M 572 -11.67 -53.81 -5.84
N ILE M 573 -11.26 -55.04 -6.12
CA ILE M 573 -12.19 -56.08 -6.54
C ILE M 573 -12.55 -56.89 -5.32
N SER M 574 -13.84 -56.95 -4.99
CA SER M 574 -14.22 -57.71 -3.82
C SER M 574 -15.33 -58.74 -4.01
N LEU M 575 -15.35 -59.70 -3.09
CA LEU M 575 -16.36 -60.75 -3.10
C LEU M 575 -17.47 -60.23 -2.23
N GLN M 576 -18.68 -60.15 -2.78
CA GLN M 576 -19.81 -59.71 -1.99
C GLN M 576 -20.35 -60.97 -1.33
N ALA M 577 -19.96 -61.17 -0.08
CA ALA M 577 -20.35 -62.35 0.67
C ALA M 577 -21.77 -62.29 1.18
N LYS M 578 -22.44 -63.44 1.17
CA LYS M 578 -23.79 -63.53 1.68
C LYS M 578 -23.54 -63.48 3.18
N CYS M 579 -23.69 -62.30 3.77
CA CYS M 579 -23.42 -62.11 5.19
C CYS M 579 -24.47 -62.71 6.12
N ILE M 580 -25.74 -62.52 5.78
CA ILE M 580 -26.84 -63.02 6.58
C ILE M 580 -27.90 -63.69 5.71
N GLU M 581 -28.81 -64.41 6.36
CA GLU M 581 -29.91 -65.07 5.66
C GLU M 581 -30.89 -63.96 5.25
N PRO M 582 -31.52 -64.09 4.08
CA PRO M 582 -32.47 -63.07 3.64
C PRO M 582 -33.43 -62.71 4.77
N VAL M 583 -33.66 -61.42 4.97
CA VAL M 583 -34.54 -60.95 6.02
C VAL M 583 -36.01 -61.26 5.71
N GLY M 584 -36.73 -61.77 6.69
CA GLY M 584 -38.14 -62.10 6.49
C GLY M 584 -38.26 -63.22 5.47
N GLU M 585 -39.30 -63.13 4.63
CA GLU M 585 -39.53 -64.14 3.60
C GLU M 585 -39.07 -63.64 2.24
N SER M 586 -38.02 -62.82 2.23
CA SER M 586 -37.52 -62.29 0.97
C SER M 586 -36.46 -63.21 0.38
N MET M 587 -36.17 -63.04 -0.91
CA MET M 587 -35.16 -63.85 -1.57
C MET M 587 -34.49 -63.02 -2.67
N SER M 588 -33.36 -63.52 -3.17
CA SER M 588 -32.63 -62.79 -4.20
C SER M 588 -33.42 -62.74 -5.50
N ASP M 589 -33.32 -61.62 -6.21
CA ASP M 589 -34.02 -61.46 -7.48
C ASP M 589 -33.78 -62.68 -8.36
N TYR M 590 -32.56 -63.20 -8.33
CA TYR M 590 -32.19 -64.37 -9.14
C TYR M 590 -32.95 -65.63 -8.77
N GLU M 591 -33.18 -65.84 -7.48
CA GLU M 591 -33.89 -67.01 -7.02
C GLU M 591 -35.37 -66.89 -7.28
N ILE M 592 -35.84 -65.65 -7.36
CA ILE M 592 -37.24 -65.40 -7.66
C ILE M 592 -37.43 -65.82 -9.12
N TYR M 593 -36.56 -65.32 -9.99
CA TYR M 593 -36.61 -65.61 -11.42
C TYR M 593 -36.39 -67.08 -11.70
N ARG M 594 -35.60 -67.75 -10.87
CA ARG M 594 -35.35 -69.17 -11.07
C ARG M 594 -36.62 -69.93 -10.74
N LEU M 595 -37.44 -69.36 -9.85
CA LEU M 595 -38.71 -69.97 -9.46
C LEU M 595 -39.71 -69.79 -10.58
N PHE M 596 -39.75 -68.58 -11.13
CA PHE M 596 -40.65 -68.30 -12.24
C PHE M 596 -40.25 -69.15 -13.42
N ALA M 597 -38.94 -69.29 -13.64
CA ALA M 597 -38.44 -70.07 -14.78
C ALA M 597 -38.95 -71.50 -14.69
N LYS M 598 -38.89 -72.07 -13.49
CA LYS M 598 -39.34 -73.43 -13.27
C LYS M 598 -40.82 -73.54 -13.65
N LYS M 599 -41.65 -72.62 -13.14
CA LYS M 599 -43.06 -72.64 -13.43
C LYS M 599 -43.38 -72.18 -14.84
N LEU M 600 -42.35 -71.69 -15.54
CA LEU M 600 -42.51 -71.23 -16.90
C LEU M 600 -41.89 -72.28 -17.82
N ASN M 601 -41.51 -73.39 -17.22
CA ASN M 601 -40.92 -74.52 -17.94
C ASN M 601 -39.70 -74.12 -18.75
N ILE M 602 -38.86 -73.27 -18.17
CA ILE M 602 -37.65 -72.82 -18.86
C ILE M 602 -36.47 -72.68 -17.89
N GLU M 603 -36.51 -73.43 -16.78
CA GLU M 603 -35.45 -73.34 -15.78
C GLU M 603 -34.05 -73.68 -16.25
N GLU M 604 -33.92 -74.79 -16.98
CA GLU M 604 -32.60 -75.20 -17.48
C GLU M 604 -31.95 -74.13 -18.34
N MET M 605 -32.73 -73.55 -19.26
CA MET M 605 -32.22 -72.52 -20.16
C MET M 605 -31.81 -71.26 -19.38
N PHE M 606 -32.56 -70.94 -18.32
CA PHE M 606 -32.27 -69.76 -17.53
C PHE M 606 -31.09 -69.94 -16.59
N SER M 607 -31.22 -70.89 -15.66
CA SER M 607 -30.18 -71.15 -14.66
C SER M 607 -28.97 -71.95 -15.15
N GLU M 608 -29.17 -72.76 -16.19
CA GLU M 608 -28.09 -73.59 -16.71
C GLU M 608 -27.55 -74.49 -15.59
N GLY M 609 -28.41 -74.74 -14.60
CA GLY M 609 -28.05 -75.58 -13.47
C GLY M 609 -27.18 -74.88 -12.44
N LYS M 610 -27.03 -73.57 -12.57
CA LYS M 610 -26.20 -72.80 -11.66
C LYS M 610 -26.95 -71.96 -10.64
N ASP M 611 -26.38 -71.86 -9.45
CA ASP M 611 -26.94 -71.02 -8.41
C ASP M 611 -26.10 -69.75 -8.52
N GLU M 612 -26.40 -68.74 -7.72
CA GLU M 612 -25.68 -67.49 -7.79
C GLU M 612 -24.15 -67.61 -7.67
N LEU M 613 -23.69 -68.39 -6.70
CA LEU M 613 -22.26 -68.56 -6.48
C LEU M 613 -21.57 -69.23 -7.67
N ALA M 614 -22.28 -70.14 -8.32
CA ALA M 614 -21.74 -70.84 -9.48
C ALA M 614 -21.51 -69.86 -10.62
N TRP M 615 -22.44 -68.92 -10.80
CA TRP M 615 -22.32 -67.91 -11.84
C TRP M 615 -21.15 -66.96 -11.54
N CYS M 616 -20.98 -66.61 -10.28
CA CYS M 616 -19.89 -65.71 -9.90
C CYS M 616 -18.54 -66.32 -10.27
N GLU M 617 -18.40 -67.62 -10.06
CA GLU M 617 -17.15 -68.30 -10.38
C GLU M 617 -16.95 -68.25 -11.89
N GLN M 618 -17.99 -68.58 -12.64
CA GLN M 618 -17.86 -68.54 -14.09
C GLN M 618 -17.51 -67.10 -14.49
N TYR M 619 -18.11 -66.12 -13.82
CA TYR M 619 -17.87 -64.71 -14.09
C TYR M 619 -16.40 -64.38 -13.86
N PHE M 620 -15.89 -64.85 -12.72
CA PHE M 620 -14.51 -64.66 -12.28
C PHE M 620 -13.48 -65.06 -13.34
N ASN M 621 -13.62 -66.29 -13.85
CA ASN M 621 -12.70 -66.81 -14.84
C ASN M 621 -12.82 -66.15 -16.20
N ALA M 622 -13.83 -65.29 -16.35
CA ALA M 622 -14.02 -64.60 -17.61
C ALA M 622 -13.33 -63.22 -17.55
N THR M 623 -12.57 -62.98 -16.50
CA THR M 623 -11.86 -61.71 -16.36
C THR M 623 -10.34 -61.90 -16.34
N ASP M 624 -9.61 -60.86 -15.94
CA ASP M 624 -8.16 -60.95 -15.87
C ASP M 624 -7.69 -61.43 -14.50
N MET M 625 -8.62 -61.56 -13.55
CA MET M 625 -8.28 -62.01 -12.20
C MET M 625 -7.50 -63.34 -12.14
N PRO M 626 -7.84 -64.31 -12.98
CA PRO M 626 -7.13 -65.59 -12.95
C PRO M 626 -5.61 -65.48 -13.08
N LYS M 627 -5.14 -64.32 -13.54
CA LYS M 627 -3.71 -64.10 -13.69
C LYS M 627 -3.04 -63.86 -12.34
N TYR M 628 -3.80 -63.34 -11.38
CA TYR M 628 -3.25 -63.06 -10.07
C TYR M 628 -3.65 -64.08 -9.00
N MET M 629 -4.87 -64.58 -9.08
CA MET M 629 -5.32 -65.57 -8.12
C MET M 629 -6.51 -66.39 -8.62
N THR M 630 -6.58 -67.64 -8.15
CA THR M 630 -7.66 -68.55 -8.54
C THR M 630 -8.95 -68.21 -7.82
N TRP M 631 -10.04 -68.84 -8.24
CA TRP M 631 -11.34 -68.60 -7.63
C TRP M 631 -11.28 -68.91 -6.14
N ASP M 632 -10.72 -70.07 -5.80
CA ASP M 632 -10.61 -70.48 -4.41
C ASP M 632 -9.82 -69.49 -3.57
N GLU M 633 -8.67 -69.05 -4.05
CA GLU M 633 -7.83 -68.10 -3.31
C GLU M 633 -8.52 -66.74 -3.15
N PHE M 634 -9.17 -66.27 -4.22
CA PHE M 634 -9.86 -65.00 -4.17
C PHE M 634 -11.03 -65.08 -3.21
N PHE M 635 -11.79 -66.16 -3.32
CA PHE M 635 -12.95 -66.35 -2.45
C PHE M 635 -12.53 -66.25 -0.99
N LYS M 636 -11.46 -66.95 -0.65
CA LYS M 636 -10.97 -66.95 0.71
C LYS M 636 -10.54 -65.56 1.18
N LYS M 637 -9.77 -64.85 0.35
CA LYS M 637 -9.31 -63.52 0.74
C LYS M 637 -10.45 -62.50 0.86
N GLY M 638 -11.40 -62.56 -0.07
CA GLY M 638 -12.52 -61.64 -0.01
C GLY M 638 -12.39 -60.41 -0.88
N TYR M 639 -11.18 -59.90 -1.04
CA TYR M 639 -10.98 -58.73 -1.87
C TYR M 639 -9.61 -58.75 -2.50
N PHE M 640 -9.43 -57.93 -3.51
CA PHE M 640 -8.15 -57.85 -4.19
C PHE M 640 -7.87 -56.41 -4.63
N VAL M 641 -6.62 -56.00 -4.47
CA VAL M 641 -6.18 -54.66 -4.86
C VAL M 641 -5.30 -54.89 -6.09
N VAL M 642 -5.76 -54.40 -7.23
CA VAL M 642 -5.00 -54.57 -8.46
C VAL M 642 -3.69 -53.80 -8.33
N PRO M 643 -2.57 -54.45 -8.69
CA PRO M 643 -1.26 -53.80 -8.60
C PRO M 643 -1.14 -52.58 -9.51
N ASP M 644 -0.17 -51.72 -9.20
CA ASP M 644 0.09 -50.54 -10.01
C ASP M 644 0.80 -51.03 -11.28
N ASN M 645 0.78 -50.22 -12.34
CA ASN M 645 1.46 -50.56 -13.60
C ASN M 645 2.25 -49.31 -13.96
N PRO M 646 3.32 -49.04 -13.21
CA PRO M 646 4.22 -47.89 -13.36
C PRO M 646 4.66 -47.57 -14.77
N ASN M 647 4.95 -48.58 -15.57
CA ASN M 647 5.44 -48.36 -16.92
C ASN M 647 4.47 -47.99 -18.03
N ARG M 648 3.23 -48.46 -17.98
CA ARG M 648 2.28 -48.12 -19.06
C ARG M 648 2.38 -46.63 -19.35
N LYS M 649 2.45 -46.26 -20.62
CA LYS M 649 2.55 -44.86 -20.95
C LYS M 649 1.25 -44.13 -20.65
N LYS M 650 1.38 -42.90 -20.17
CA LYS M 650 0.22 -42.10 -19.82
C LYS M 650 -0.34 -41.40 -21.05
N THR M 651 -1.62 -41.63 -21.31
CA THR M 651 -2.29 -41.01 -22.44
C THR M 651 -3.39 -40.11 -21.89
N VAL M 652 -3.09 -38.83 -21.80
CA VAL M 652 -4.02 -37.83 -21.26
C VAL M 652 -5.25 -37.64 -22.13
N ALA M 653 -6.40 -37.46 -21.48
CA ALA M 653 -7.67 -37.26 -22.17
C ALA M 653 -7.62 -36.17 -23.22
N LEU M 654 -7.91 -36.56 -24.46
CA LEU M 654 -7.93 -35.64 -25.60
C LEU M 654 -6.62 -35.01 -26.08
N ARG M 655 -5.47 -35.44 -25.57
CA ARG M 655 -4.23 -34.84 -26.05
C ARG M 655 -3.99 -35.25 -27.51
N TRP M 656 -4.33 -36.49 -27.84
CA TRP M 656 -4.17 -36.97 -29.21
C TRP M 656 -4.92 -36.04 -30.17
N PHE M 657 -6.09 -35.57 -29.75
CA PHE M 657 -6.90 -34.68 -30.55
C PHE M 657 -6.27 -33.29 -30.61
N ALA M 658 -5.74 -32.82 -29.48
CA ALA M 658 -5.11 -31.51 -29.41
C ALA M 658 -3.88 -31.43 -30.32
N GLU M 659 -3.17 -32.56 -30.44
CA GLU M 659 -1.97 -32.64 -31.27
C GLU M 659 -2.26 -33.24 -32.65
N GLY M 660 -3.55 -33.38 -32.95
CA GLY M 660 -3.95 -33.93 -34.23
C GLY M 660 -3.33 -35.23 -34.70
N ARG M 661 -3.24 -36.20 -33.80
CA ARG M 661 -2.69 -37.50 -34.18
C ARG M 661 -3.69 -38.59 -33.87
N GLU M 662 -3.32 -39.84 -34.14
CA GLU M 662 -4.19 -40.98 -33.90
C GLU M 662 -4.59 -41.14 -32.43
N LYS M 663 -5.87 -41.45 -32.21
CA LYS M 663 -6.40 -41.65 -30.87
C LYS M 663 -5.56 -42.75 -30.22
N ASP M 664 -5.08 -42.49 -29.01
CA ASP M 664 -4.21 -43.43 -28.31
C ASP M 664 -4.59 -43.79 -26.88
N THR M 665 -5.80 -43.45 -26.48
CA THR M 665 -6.25 -43.74 -25.12
C THR M 665 -7.02 -45.07 -25.10
N PRO M 666 -7.39 -45.53 -23.89
CA PRO M 666 -8.14 -46.79 -23.85
C PRO M 666 -9.64 -46.61 -24.16
N ASP M 667 -10.06 -45.40 -24.55
CA ASP M 667 -11.47 -45.14 -24.83
C ASP M 667 -12.09 -46.11 -25.83
N TRP M 668 -13.35 -46.43 -25.60
CA TRP M 668 -14.10 -47.36 -26.43
C TRP M 668 -14.54 -46.78 -27.79
N GLY M 669 -14.11 -45.56 -28.07
CA GLY M 669 -14.45 -44.93 -29.33
C GLY M 669 -13.51 -43.75 -29.54
N PRO M 670 -13.59 -43.06 -30.69
CA PRO M 670 -14.53 -43.34 -31.77
C PRO M 670 -14.23 -44.62 -32.54
N ARG M 671 -15.28 -45.25 -33.06
CA ARG M 671 -15.09 -46.45 -33.85
C ARG M 671 -14.42 -46.07 -35.16
N LEU M 672 -13.53 -46.92 -35.63
CA LEU M 672 -12.78 -46.67 -36.86
C LEU M 672 -13.55 -46.02 -38.01
N ASN M 673 -14.78 -46.47 -38.25
CA ASN M 673 -15.59 -45.93 -39.34
C ASN M 673 -16.04 -44.49 -39.13
N ASN M 674 -15.87 -43.98 -37.91
CA ASN M 674 -16.27 -42.60 -37.62
C ASN M 674 -15.09 -41.65 -37.63
N GLN M 675 -13.95 -42.12 -38.13
CA GLN M 675 -12.73 -41.32 -38.23
C GLN M 675 -12.07 -41.53 -39.60
N VAL M 676 -11.17 -40.63 -39.94
CA VAL M 676 -10.41 -40.74 -41.17
C VAL M 676 -8.98 -41.05 -40.74
N CYS M 677 -8.59 -42.31 -40.88
CA CYS M 677 -7.24 -42.74 -40.50
C CYS M 677 -7.09 -42.56 -38.98
N ARG M 678 -8.16 -42.89 -38.28
CA ARG M 678 -8.29 -42.78 -36.83
C ARG M 678 -7.83 -41.49 -36.15
N LYS M 679 -8.06 -40.38 -36.83
CA LYS M 679 -7.75 -39.07 -36.29
C LYS M 679 -9.06 -38.31 -36.20
N GLY M 680 -9.12 -37.31 -35.32
CA GLY M 680 -10.32 -36.51 -35.18
C GLY M 680 -11.43 -37.15 -34.37
N LEU M 681 -12.43 -36.33 -34.03
CA LEU M 681 -13.56 -36.81 -33.25
C LEU M 681 -14.52 -37.64 -34.10
N GLN M 682 -15.58 -38.14 -33.46
CA GLN M 682 -16.60 -38.95 -34.11
C GLN M 682 -17.43 -38.17 -35.13
N THR M 683 -17.56 -36.87 -34.92
CA THR M 683 -18.33 -36.02 -35.82
C THR M 683 -17.86 -36.17 -37.27
N THR M 684 -18.72 -35.77 -38.20
CA THR M 684 -18.40 -35.86 -39.62
C THR M 684 -17.05 -35.18 -39.96
N THR M 685 -16.89 -33.94 -39.53
CA THR M 685 -15.67 -33.19 -39.80
C THR M 685 -14.48 -33.67 -38.98
N GLY M 686 -14.76 -34.31 -37.85
CA GLY M 686 -13.68 -34.76 -36.99
C GLY M 686 -13.31 -33.64 -36.04
N LYS M 687 -13.95 -32.49 -36.22
CA LYS M 687 -13.70 -31.32 -35.39
C LYS M 687 -14.85 -31.00 -34.47
N VAL M 688 -14.65 -30.01 -33.60
CA VAL M 688 -15.69 -29.56 -32.69
C VAL M 688 -16.59 -28.66 -33.51
N GLU M 689 -17.81 -29.14 -33.75
CA GLU M 689 -18.79 -28.43 -34.57
C GLU M 689 -19.75 -27.48 -33.85
N PHE M 690 -19.43 -26.19 -33.87
CA PHE M 690 -20.26 -25.16 -33.25
C PHE M 690 -21.60 -25.10 -33.97
N ILE M 691 -21.59 -25.55 -35.22
CA ILE M 691 -22.79 -25.66 -36.02
C ILE M 691 -22.73 -27.16 -36.28
N ALA M 692 -23.59 -27.93 -35.60
CA ALA M 692 -23.58 -29.38 -35.74
C ALA M 692 -24.10 -29.84 -37.09
N THR M 693 -23.33 -30.68 -37.78
CA THR M 693 -23.74 -31.19 -39.09
C THR M 693 -24.90 -32.17 -39.02
N SER M 694 -24.94 -32.98 -37.97
CA SER M 694 -26.02 -33.94 -37.81
C SER M 694 -27.34 -33.20 -37.63
N LEU M 695 -27.35 -32.24 -36.70
CA LEU M 695 -28.57 -31.48 -36.45
C LEU M 695 -28.96 -30.65 -37.66
N LYS M 696 -27.98 -30.24 -38.43
CA LYS M 696 -28.27 -29.44 -39.63
C LYS M 696 -28.96 -30.30 -40.68
N ASN M 697 -28.60 -31.58 -40.73
CA ASN M 697 -29.21 -32.51 -41.68
C ASN M 697 -30.64 -32.76 -41.23
N PHE M 698 -30.77 -32.87 -39.91
CA PHE M 698 -32.05 -33.14 -39.26
C PHE M 698 -33.06 -32.03 -39.55
N GLU M 699 -32.66 -30.79 -39.32
CA GLU M 699 -33.59 -29.68 -39.58
C GLU M 699 -33.92 -29.51 -41.07
N GLU M 700 -33.00 -29.87 -41.95
CA GLU M 700 -33.25 -29.74 -43.39
C GLU M 700 -34.11 -30.89 -43.89
N GLN M 701 -34.18 -31.95 -43.09
CA GLN M 701 -35.00 -33.12 -43.41
C GLN M 701 -36.43 -32.79 -42.99
N GLY M 702 -36.61 -31.60 -42.39
CA GLY M 702 -37.91 -31.16 -41.95
C GLY M 702 -38.16 -31.12 -40.46
N TYR M 703 -37.31 -31.76 -39.66
CA TYR M 703 -37.52 -31.76 -38.22
C TYR M 703 -37.12 -30.45 -37.58
N ILE M 704 -38.03 -29.48 -37.61
CA ILE M 704 -37.77 -28.15 -37.04
C ILE M 704 -37.96 -28.18 -35.53
N ASP M 705 -36.94 -27.71 -34.80
CA ASP M 705 -36.97 -27.68 -33.33
C ASP M 705 -36.25 -26.41 -32.85
N GLU M 706 -37.03 -25.41 -32.48
CA GLU M 706 -36.50 -24.12 -32.03
C GLU M 706 -35.61 -24.23 -30.78
N HIS M 707 -35.94 -25.14 -29.86
CA HIS M 707 -35.15 -25.29 -28.65
C HIS M 707 -33.96 -26.23 -28.76
N ARG M 708 -33.51 -26.44 -29.99
CA ARG M 708 -32.33 -27.27 -30.25
C ARG M 708 -31.77 -26.87 -31.61
N PRO M 709 -31.38 -25.61 -31.76
CA PRO M 709 -30.81 -25.10 -33.02
C PRO M 709 -29.52 -25.85 -33.34
N SER M 710 -29.21 -25.95 -34.63
CA SER M 710 -27.99 -26.64 -35.02
C SER M 710 -26.77 -25.86 -34.54
N MET M 711 -26.92 -24.54 -34.45
CA MET M 711 -25.81 -23.71 -33.97
C MET M 711 -26.01 -23.39 -32.50
N HIS M 712 -24.99 -23.64 -31.68
CA HIS M 712 -25.06 -23.34 -30.25
C HIS M 712 -25.30 -21.83 -30.12
N THR M 713 -26.42 -21.46 -29.51
CA THR M 713 -26.78 -20.06 -29.35
C THR M 713 -27.49 -19.88 -27.99
N TYR M 714 -27.90 -18.64 -27.70
CA TYR M 714 -28.57 -18.38 -26.44
C TYR M 714 -30.08 -18.56 -26.48
N VAL M 715 -30.52 -19.80 -26.32
CA VAL M 715 -31.95 -20.10 -26.31
C VAL M 715 -32.43 -19.88 -24.88
N PRO M 716 -33.30 -18.87 -24.67
CA PRO M 716 -33.80 -18.63 -23.30
C PRO M 716 -34.45 -19.90 -22.75
N ALA M 717 -34.12 -20.28 -21.51
CA ALA M 717 -34.68 -21.49 -20.91
C ALA M 717 -36.20 -21.38 -20.88
N TRP M 718 -36.90 -22.42 -21.32
CA TRP M 718 -38.35 -22.32 -21.33
C TRP M 718 -39.00 -22.31 -19.95
N GLU M 719 -38.28 -22.74 -18.92
CA GLU M 719 -38.82 -22.65 -17.57
C GLU M 719 -37.85 -21.84 -16.71
N SER M 720 -37.75 -20.54 -17.01
CA SER M 720 -36.88 -19.63 -16.27
C SER M 720 -37.73 -18.47 -15.76
N GLN M 721 -37.17 -17.68 -14.85
CA GLN M 721 -37.91 -16.56 -14.26
C GLN M 721 -38.25 -15.36 -15.13
N LYS M 722 -37.43 -15.06 -16.14
CA LYS M 722 -37.76 -13.91 -16.97
C LYS M 722 -38.24 -14.28 -18.37
N HIS M 723 -38.38 -15.56 -18.66
CA HIS M 723 -38.82 -15.95 -19.99
C HIS M 723 -40.09 -16.80 -20.02
N SER M 724 -40.52 -17.26 -18.85
CA SER M 724 -41.72 -18.10 -18.77
C SER M 724 -42.93 -17.36 -18.16
N PRO M 725 -44.09 -17.41 -18.85
CA PRO M 725 -45.29 -16.73 -18.34
C PRO M 725 -45.60 -17.14 -16.90
N LEU M 726 -45.27 -18.40 -16.57
CA LEU M 726 -45.48 -18.97 -15.23
C LEU M 726 -44.84 -18.20 -14.08
N ALA M 727 -43.75 -17.49 -14.36
CA ALA M 727 -43.05 -16.74 -13.32
C ALA M 727 -43.92 -15.74 -12.58
N VAL M 728 -45.04 -15.34 -13.19
CA VAL M 728 -45.93 -14.37 -12.56
C VAL M 728 -46.58 -14.96 -11.32
N LYS M 729 -47.08 -16.19 -11.43
CA LYS M 729 -47.71 -16.86 -10.30
C LYS M 729 -46.66 -17.50 -9.41
N TYR M 730 -45.65 -18.09 -10.04
CA TYR M 730 -44.58 -18.77 -9.33
C TYR M 730 -43.26 -18.08 -9.66
N PRO M 731 -42.92 -17.03 -8.90
CA PRO M 731 -41.70 -16.25 -9.08
C PRO M 731 -40.38 -16.84 -8.59
N LEU M 732 -40.44 -17.93 -7.83
CA LEU M 732 -39.23 -18.54 -7.30
C LEU M 732 -38.71 -19.65 -8.21
N GLY M 733 -37.42 -19.58 -8.55
CA GLY M 733 -36.82 -20.59 -9.39
C GLY M 733 -36.24 -21.70 -8.53
N MET M 734 -36.60 -22.94 -8.84
CA MET M 734 -36.15 -24.09 -8.07
C MET M 734 -35.29 -25.10 -8.80
N LEU M 735 -34.23 -25.55 -8.14
CA LEU M 735 -33.36 -26.59 -8.70
C LEU M 735 -33.38 -27.71 -7.68
N SER M 736 -33.35 -28.95 -8.15
CA SER M 736 -33.40 -30.10 -7.27
C SER M 736 -32.40 -31.19 -7.65
N PRO M 737 -31.12 -30.98 -7.31
CA PRO M 737 -29.99 -31.88 -7.57
C PRO M 737 -30.16 -33.20 -6.82
N HIS M 738 -29.11 -34.02 -6.81
CA HIS M 738 -29.15 -35.32 -6.15
C HIS M 738 -28.93 -35.23 -4.64
N PRO M 739 -29.70 -36.01 -3.86
CA PRO M 739 -29.62 -36.04 -2.40
C PRO M 739 -28.21 -36.23 -1.85
N ARG M 740 -27.90 -35.42 -0.85
CA ARG M 740 -26.60 -35.46 -0.19
C ARG M 740 -26.42 -36.74 0.66
N PHE M 741 -27.44 -37.11 1.44
CA PHE M 741 -27.31 -38.27 2.30
C PHE M 741 -28.04 -39.53 1.84
N SER M 742 -28.16 -39.71 0.52
CA SER M 742 -28.84 -40.89 0.02
C SER M 742 -28.44 -41.15 -1.43
N MET M 743 -28.38 -42.41 -1.80
CA MET M 743 -28.07 -42.79 -3.18
C MET M 743 -29.46 -42.78 -3.80
N HIS M 744 -29.89 -41.61 -4.24
CA HIS M 744 -31.23 -41.45 -4.78
C HIS M 744 -32.27 -41.91 -3.74
N THR M 745 -33.05 -42.95 -4.00
CA THR M 745 -34.05 -43.35 -3.00
C THR M 745 -33.49 -44.33 -1.98
N MET M 746 -32.36 -44.95 -2.33
CA MET M 746 -31.73 -45.93 -1.46
C MET M 746 -30.94 -45.25 -0.35
N GLY M 747 -31.65 -44.84 0.69
CA GLY M 747 -31.04 -44.18 1.82
C GLY M 747 -32.06 -43.39 2.62
N ASP M 748 -33.01 -42.78 1.91
CA ASP M 748 -34.04 -41.99 2.57
C ASP M 748 -35.23 -42.88 2.97
N GLY M 749 -36.06 -42.35 3.87
CA GLY M 749 -37.21 -43.11 4.33
C GLY M 749 -36.76 -44.42 4.93
N LYS M 750 -37.61 -45.44 4.82
CA LYS M 750 -37.28 -46.77 5.34
C LYS M 750 -36.93 -46.76 6.82
N ASN M 751 -37.16 -45.61 7.47
N ASN M 751 -37.16 -45.61 7.47
CA ASN M 751 -36.86 -45.48 8.89
CA ASN M 751 -36.86 -45.48 8.89
C ASN M 751 -35.37 -45.71 9.15
C ASN M 751 -35.37 -45.71 9.15
N SER M 752 -34.54 -45.36 8.16
CA SER M 752 -33.08 -45.53 8.27
C SER M 752 -32.43 -44.48 9.17
N TYR M 753 -31.14 -44.65 9.44
CA TYR M 753 -30.42 -43.72 10.31
C TYR M 753 -30.19 -42.37 9.65
N MET M 754 -30.13 -42.37 8.33
CA MET M 754 -29.91 -41.12 7.58
C MET M 754 -30.99 -40.09 7.82
N ASN M 755 -32.16 -40.55 8.24
CA ASN M 755 -33.27 -39.64 8.51
C ASN M 755 -33.05 -38.75 9.73
N TYR M 756 -32.07 -39.08 10.56
CA TYR M 756 -31.81 -38.28 11.76
C TYR M 756 -30.75 -37.19 11.49
N ILE M 757 -30.17 -37.23 10.30
CA ILE M 757 -29.17 -36.24 9.90
C ILE M 757 -29.85 -34.87 9.81
N LYS M 758 -29.30 -33.91 10.55
CA LYS M 758 -29.84 -32.56 10.61
C LYS M 758 -30.20 -31.94 9.26
N ASP M 759 -29.31 -32.08 8.28
CA ASP M 759 -29.57 -31.49 6.97
C ASP M 759 -30.21 -32.44 5.96
N HIS M 760 -30.88 -33.48 6.45
CA HIS M 760 -31.58 -34.43 5.58
C HIS M 760 -33.09 -34.21 5.69
N ARG M 761 -33.61 -34.35 6.90
CA ARG M 761 -35.03 -34.16 7.18
C ARG M 761 -35.15 -33.47 8.53
N VAL M 762 -36.25 -32.77 8.75
CA VAL M 762 -36.47 -32.08 10.01
C VAL M 762 -37.78 -32.55 10.66
N GLU M 763 -37.66 -33.02 11.89
CA GLU M 763 -38.82 -33.50 12.62
C GLU M 763 -39.62 -32.33 13.16
N VAL M 764 -40.92 -32.34 12.88
CA VAL M 764 -41.84 -31.31 13.33
C VAL M 764 -43.10 -32.02 13.79
N ASP M 765 -43.33 -32.06 15.10
CA ASP M 765 -44.48 -32.73 15.70
C ASP M 765 -44.57 -34.21 15.31
N GLY M 766 -43.44 -34.91 15.41
CA GLY M 766 -43.41 -36.33 15.11
C GLY M 766 -43.18 -36.75 13.67
N TYR M 767 -43.33 -35.84 12.72
CA TYR M 767 -43.11 -36.22 11.32
C TYR M 767 -41.84 -35.57 10.79
N LYS M 768 -40.96 -36.37 10.19
CA LYS M 768 -39.72 -35.85 9.63
C LYS M 768 -39.92 -35.40 8.19
N TYR M 769 -40.02 -34.08 8.00
CA TYR M 769 -40.25 -33.50 6.66
C TYR M 769 -39.00 -33.23 5.83
N TRP M 770 -39.19 -33.33 4.51
CA TRP M 770 -38.13 -33.07 3.55
C TRP M 770 -37.80 -31.59 3.64
N ILE M 771 -36.56 -31.25 3.31
CA ILE M 771 -36.10 -29.86 3.40
C ILE M 771 -36.08 -29.04 2.12
N MET M 772 -36.42 -27.76 2.26
CA MET M 772 -36.34 -26.81 1.16
C MET M 772 -35.58 -25.59 1.67
N ARG M 773 -34.47 -25.28 1.02
CA ARG M 773 -33.64 -24.16 1.39
C ARG M 773 -34.15 -22.88 0.71
N VAL M 774 -34.34 -21.84 1.52
CA VAL M 774 -34.83 -20.56 1.03
C VAL M 774 -33.94 -19.43 1.49
N ASN M 775 -33.72 -18.45 0.61
CA ASN M 775 -32.89 -17.31 0.98
C ASN M 775 -33.68 -16.48 2.00
N SER M 776 -32.98 -15.96 3.01
CA SER M 776 -33.60 -15.16 4.06
C SER M 776 -34.51 -14.04 3.57
N ILE M 777 -34.15 -13.41 2.45
CA ILE M 777 -34.96 -12.31 1.90
C ILE M 777 -36.34 -12.78 1.39
N ASP M 778 -36.37 -13.98 0.81
CA ASP M 778 -37.62 -14.53 0.30
C ASP M 778 -38.44 -15.10 1.45
N ALA M 779 -37.74 -15.70 2.40
CA ALA M 779 -38.38 -16.27 3.58
C ALA M 779 -39.03 -15.15 4.38
N GLU M 780 -38.27 -14.08 4.57
CA GLU M 780 -38.73 -12.93 5.34
C GLU M 780 -39.98 -12.29 4.74
N ALA M 781 -40.01 -12.14 3.42
CA ALA M 781 -41.16 -11.52 2.75
C ALA M 781 -42.41 -12.40 2.81
N ARG M 782 -42.23 -13.67 3.17
CA ARG M 782 -43.33 -14.61 3.25
C ARG M 782 -43.65 -15.02 4.69
N GLY M 783 -43.00 -14.37 5.64
CA GLY M 783 -43.23 -14.69 7.05
C GLY M 783 -42.72 -16.09 7.39
N ILE M 784 -41.73 -16.57 6.65
CA ILE M 784 -41.19 -17.90 6.90
C ILE M 784 -39.93 -17.88 7.75
N LYS M 785 -39.90 -18.76 8.74
CA LYS M 785 -38.76 -18.87 9.64
C LYS M 785 -38.21 -20.28 9.60
N ASN M 786 -36.93 -20.41 9.94
CA ASN M 786 -36.26 -21.69 9.97
C ASN M 786 -37.15 -22.70 10.70
N GLY M 787 -37.32 -23.88 10.12
CA GLY M 787 -38.15 -24.89 10.73
C GLY M 787 -39.63 -24.85 10.41
N ASP M 788 -40.10 -23.74 9.85
CA ASP M 788 -41.50 -23.60 9.49
C ASP M 788 -41.93 -24.59 8.41
N LEU M 789 -43.11 -25.16 8.55
CA LEU M 789 -43.64 -26.08 7.55
C LEU M 789 -44.16 -25.19 6.44
N ILE M 790 -43.66 -25.40 5.23
CA ILE M 790 -44.08 -24.58 4.10
C ILE M 790 -44.67 -25.43 2.99
N ARG M 791 -45.36 -24.76 2.07
CA ARG M 791 -46.00 -25.44 0.95
C ARG M 791 -45.44 -24.94 -0.39
N ALA M 792 -44.71 -25.79 -1.09
CA ALA M 792 -44.15 -25.43 -2.39
C ALA M 792 -45.16 -25.91 -3.42
N TYR M 793 -45.55 -25.03 -4.34
CA TYR M 793 -46.54 -25.41 -5.32
C TYR M 793 -46.49 -24.64 -6.64
N ASN M 794 -47.16 -25.22 -7.63
CA ASN M 794 -47.33 -24.66 -8.97
C ASN M 794 -48.52 -25.40 -9.60
N ASP M 795 -48.66 -25.38 -10.92
CA ASP M 795 -49.80 -26.06 -11.54
C ASP M 795 -49.79 -27.59 -11.45
N ARG M 796 -48.64 -28.16 -11.12
CA ARG M 796 -48.50 -29.62 -11.05
C ARG M 796 -48.79 -30.27 -9.70
N GLY M 797 -48.73 -29.51 -8.63
CA GLY M 797 -48.98 -30.10 -7.33
C GLY M 797 -48.51 -29.27 -6.15
N SER M 798 -48.57 -29.87 -4.97
CA SER M 798 -48.15 -29.20 -3.74
C SER M 798 -47.31 -30.18 -2.96
N VAL M 799 -46.24 -29.66 -2.36
CA VAL M 799 -45.37 -30.49 -1.55
C VAL M 799 -45.16 -29.73 -0.24
N ILE M 800 -45.30 -30.45 0.87
CA ILE M 800 -45.13 -29.85 2.19
C ILE M 800 -43.69 -30.09 2.60
N LEU M 801 -43.01 -29.01 3.00
CA LEU M 801 -41.61 -29.08 3.37
C LEU M 801 -41.26 -28.30 4.62
N ALA M 802 -40.10 -28.62 5.20
CA ALA M 802 -39.62 -27.89 6.37
C ALA M 802 -38.65 -26.89 5.78
N ALA M 803 -38.81 -25.62 6.12
CA ALA M 803 -37.94 -24.59 5.58
C ALA M 803 -36.61 -24.48 6.31
N GLN M 804 -35.59 -24.08 5.56
CA GLN M 804 -34.25 -23.86 6.11
C GLN M 804 -33.78 -22.55 5.49
N VAL M 805 -33.79 -21.49 6.30
CA VAL M 805 -33.38 -20.18 5.86
C VAL M 805 -31.85 -20.13 5.76
N THR M 806 -31.35 -19.78 4.58
CA THR M 806 -29.91 -19.76 4.35
C THR M 806 -29.47 -18.57 3.51
N GLU M 807 -28.16 -18.50 3.27
CA GLU M 807 -27.58 -17.43 2.46
C GLU M 807 -26.92 -18.10 1.26
N CYS M 808 -27.01 -19.42 1.19
CA CYS M 808 -26.40 -20.19 0.12
C CYS M 808 -27.22 -20.23 -1.17
N LEU M 809 -27.91 -19.14 -1.45
CA LEU M 809 -28.72 -19.07 -2.64
C LEU M 809 -28.97 -17.60 -2.94
N GLN M 810 -28.98 -17.24 -4.22
CA GLN M 810 -29.26 -15.86 -4.58
C GLN M 810 -30.75 -15.67 -4.32
N PRO M 811 -31.13 -14.51 -3.77
CA PRO M 811 -32.56 -14.28 -3.50
C PRO M 811 -33.39 -14.61 -4.75
N GLY M 812 -34.52 -15.26 -4.54
CA GLY M 812 -35.38 -15.62 -5.66
C GLY M 812 -35.15 -17.04 -6.13
N THR M 813 -34.26 -17.75 -5.44
CA THR M 813 -33.91 -19.13 -5.77
C THR M 813 -34.07 -20.01 -4.53
N VAL M 814 -34.62 -21.22 -4.74
CA VAL M 814 -34.81 -22.17 -3.65
C VAL M 814 -34.23 -23.52 -4.08
N HIS M 815 -33.85 -24.33 -3.10
CA HIS M 815 -33.22 -25.62 -3.37
C HIS M 815 -33.84 -26.75 -2.54
N SER M 816 -33.95 -27.92 -3.16
CA SER M 816 -34.50 -29.09 -2.47
C SER M 816 -34.12 -30.32 -3.27
N TYR M 817 -33.40 -31.24 -2.63
CA TYR M 817 -32.96 -32.45 -3.31
C TYR M 817 -34.10 -33.32 -3.81
N GLU M 818 -33.88 -33.99 -4.95
CA GLU M 818 -34.87 -34.88 -5.52
C GLU M 818 -34.61 -36.24 -4.89
N SER M 819 -35.19 -37.28 -5.48
CA SER M 819 -35.03 -38.66 -5.02
C SER M 819 -35.66 -39.04 -3.68
N CYS M 820 -36.70 -38.32 -3.28
CA CYS M 820 -37.41 -38.64 -2.03
C CYS M 820 -38.02 -40.03 -2.23
N ALA M 821 -37.77 -40.94 -1.30
CA ALA M 821 -38.28 -42.31 -1.40
C ALA M 821 -39.61 -42.48 -0.71
N VAL M 822 -40.09 -41.42 -0.07
CA VAL M 822 -41.35 -41.45 0.65
C VAL M 822 -42.49 -40.69 -0.02
N TYR M 823 -43.53 -41.43 -0.40
CA TYR M 823 -44.70 -40.80 -0.99
C TYR M 823 -45.80 -40.93 0.05
N ASP M 824 -46.24 -39.79 0.56
CA ASP M 824 -47.26 -39.77 1.61
C ASP M 824 -48.32 -38.70 1.36
N PRO M 825 -49.31 -39.00 0.49
CA PRO M 825 -50.41 -38.11 0.13
C PRO M 825 -51.24 -37.69 1.32
N LEU M 826 -51.62 -36.42 1.36
CA LEU M 826 -52.44 -35.90 2.44
C LEU M 826 -53.89 -36.20 2.12
N GLY M 827 -54.17 -36.32 0.83
CA GLY M 827 -55.52 -36.62 0.37
C GLY M 827 -55.49 -37.81 -0.59
N THR M 828 -56.25 -37.72 -1.66
CA THR M 828 -56.30 -38.79 -2.65
C THR M 828 -54.94 -38.87 -3.29
N ALA M 829 -54.51 -40.08 -3.61
CA ALA M 829 -53.22 -40.30 -4.25
C ALA M 829 -53.23 -39.66 -5.63
N GLY M 830 -52.18 -38.90 -5.93
CA GLY M 830 -52.06 -38.25 -7.22
C GLY M 830 -52.85 -36.96 -7.40
N LYS M 831 -53.76 -36.66 -6.48
CA LYS M 831 -54.58 -35.45 -6.60
C LYS M 831 -54.45 -34.50 -5.41
N SER M 832 -53.57 -34.84 -4.46
CA SER M 832 -53.39 -34.00 -3.27
C SER M 832 -51.94 -33.69 -2.88
N ALA M 833 -51.79 -32.76 -1.95
CA ALA M 833 -50.48 -32.36 -1.48
C ALA M 833 -49.77 -33.56 -0.87
N ASP M 834 -48.48 -33.66 -1.12
CA ASP M 834 -47.66 -34.74 -0.58
C ASP M 834 -46.79 -34.17 0.55
N ARG M 835 -46.65 -34.93 1.63
CA ARG M 835 -45.82 -34.49 2.75
C ARG M 835 -44.61 -35.40 2.90
N GLY M 836 -44.50 -36.39 2.02
CA GLY M 836 -43.33 -37.26 2.07
C GLY M 836 -42.16 -36.40 1.65
N GLY M 837 -42.40 -35.53 0.66
CA GLY M 837 -41.36 -34.64 0.18
C GLY M 837 -40.89 -34.88 -1.25
N CYS M 838 -41.76 -35.43 -2.11
CA CYS M 838 -41.40 -35.71 -3.50
C CYS M 838 -41.44 -34.43 -4.35
N ILE M 839 -40.33 -33.71 -4.35
CA ILE M 839 -40.20 -32.48 -5.11
C ILE M 839 -40.47 -32.67 -6.61
N ASN M 840 -40.20 -33.87 -7.11
CA ASN M 840 -40.43 -34.11 -8.53
C ASN M 840 -41.90 -34.03 -8.94
N ILE M 841 -42.77 -33.77 -7.98
CA ILE M 841 -44.19 -33.59 -8.25
C ILE M 841 -44.33 -32.20 -8.89
N LEU M 842 -43.36 -31.33 -8.62
CA LEU M 842 -43.36 -29.96 -9.10
C LEU M 842 -42.53 -29.64 -10.35
N THR M 843 -41.68 -30.58 -10.77
CA THR M 843 -40.83 -30.37 -11.93
C THR M 843 -41.57 -30.59 -13.27
N PRO M 844 -41.20 -29.82 -14.30
CA PRO M 844 -41.82 -29.90 -15.64
C PRO M 844 -41.59 -31.22 -16.38
N ASP M 845 -42.66 -31.79 -16.92
CA ASP M 845 -42.56 -33.04 -17.68
C ASP M 845 -42.34 -32.79 -19.18
N ARG M 846 -42.38 -31.52 -19.58
CA ARG M 846 -42.14 -31.18 -20.98
C ARG M 846 -40.68 -31.56 -21.33
N TYR M 847 -40.51 -32.23 -22.46
CA TYR M 847 -39.19 -32.63 -22.94
C TYR M 847 -38.27 -31.42 -23.09
N ILE M 848 -36.95 -31.62 -23.02
CA ILE M 848 -36.01 -30.52 -23.16
C ILE M 848 -36.29 -29.73 -24.47
N SER M 849 -36.55 -30.45 -25.55
CA SER M 849 -36.89 -29.81 -26.82
C SER M 849 -37.88 -30.72 -27.54
N LYS M 850 -38.41 -30.25 -28.66
CA LYS M 850 -39.37 -31.03 -29.43
C LYS M 850 -38.85 -32.44 -29.70
N TYR M 851 -37.59 -32.56 -30.11
CA TYR M 851 -37.03 -33.87 -30.40
C TYR M 851 -36.01 -34.39 -29.38
N ALA M 852 -35.54 -33.54 -28.49
CA ALA M 852 -34.59 -33.98 -27.46
C ALA M 852 -35.45 -34.48 -26.30
N CYS M 853 -35.80 -35.76 -26.37
CA CYS M 853 -36.68 -36.36 -25.39
C CYS M 853 -36.04 -36.74 -24.05
N GLY M 854 -35.59 -35.72 -23.33
CA GLY M 854 -34.96 -35.92 -22.03
C GLY M 854 -35.62 -35.07 -20.97
N MET M 855 -35.36 -35.37 -19.71
CA MET M 855 -35.95 -34.63 -18.60
C MET M 855 -35.27 -33.27 -18.38
N ALA M 856 -36.07 -32.26 -18.00
CA ALA M 856 -35.57 -30.90 -17.76
C ALA M 856 -35.83 -30.45 -16.33
N ASN M 857 -35.77 -31.39 -15.39
CA ASN M 857 -36.05 -31.12 -13.97
C ASN M 857 -35.45 -29.92 -13.25
N ASN M 858 -34.15 -29.71 -13.35
CA ASN M 858 -33.51 -28.62 -12.61
C ASN M 858 -33.82 -27.15 -12.94
N THR M 859 -34.91 -26.93 -13.69
CA THR M 859 -35.41 -25.59 -13.98
C THR M 859 -36.90 -25.75 -13.75
N ALA M 860 -37.38 -25.27 -12.61
CA ALA M 860 -38.80 -25.37 -12.27
C ALA M 860 -39.23 -24.15 -11.48
N LEU M 861 -40.29 -23.49 -11.94
CA LEU M 861 -40.82 -22.32 -11.26
C LEU M 861 -41.83 -22.72 -10.19
N VAL M 862 -41.73 -22.09 -9.01
CA VAL M 862 -42.63 -22.39 -7.91
C VAL M 862 -42.88 -21.16 -7.03
N GLU M 863 -43.82 -21.32 -6.11
CA GLU M 863 -44.16 -20.29 -5.14
C GLU M 863 -44.29 -21.03 -3.81
N ILE M 864 -43.84 -20.40 -2.73
CA ILE M 864 -43.93 -21.04 -1.43
C ILE M 864 -44.68 -20.13 -0.48
N GLU M 865 -45.21 -20.71 0.57
CA GLU M 865 -45.96 -19.99 1.59
C GLU M 865 -46.03 -20.90 2.80
N LYS M 866 -46.36 -20.34 3.95
CA LYS M 866 -46.49 -21.16 5.15
C LYS M 866 -47.67 -22.09 4.90
N TRP M 867 -47.57 -23.31 5.41
CA TRP M 867 -48.62 -24.29 5.23
C TRP M 867 -49.75 -24.06 6.23
N ASP M 868 -50.97 -23.86 5.72
CA ASP M 868 -52.13 -23.63 6.57
C ASP M 868 -52.73 -24.92 7.11
N GLY M 869 -52.27 -26.05 6.57
CA GLY M 869 -52.78 -27.33 7.03
C GLY M 869 -53.72 -28.03 6.06
N ASP M 870 -54.15 -27.32 5.02
CA ASP M 870 -55.07 -27.93 4.06
C ASP M 870 -54.34 -29.03 3.29
N LYS M 871 -55.12 -29.96 2.75
CA LYS M 871 -54.57 -31.07 2.00
C LYS M 871 -54.46 -30.75 0.51
N TYR M 872 -55.10 -29.66 0.10
CA TYR M 872 -55.10 -29.20 -1.29
C TYR M 872 -55.38 -30.29 -2.32
N GLU M 873 -56.54 -30.92 -2.19
CA GLU M 873 -56.87 -31.95 -3.14
C GLU M 873 -57.48 -31.26 -4.35
N ILE M 874 -56.61 -30.72 -5.20
CA ILE M 874 -57.07 -29.99 -6.39
C ILE M 874 -56.34 -30.41 -7.66
N TYR M 875 -55.61 -31.52 -7.61
CA TYR M 875 -54.86 -31.96 -8.78
C TYR M 875 -55.40 -33.24 -9.44
N MET N 1 1.43 -44.23 32.17
CA MET N 1 -0.03 -43.89 32.15
C MET N 1 -0.34 -43.03 30.93
N GLU N 2 -0.69 -43.69 29.84
CA GLU N 2 -0.99 -43.03 28.57
C GLU N 2 -2.49 -42.70 28.45
N GLN N 3 -2.79 -41.47 28.03
CA GLN N 3 -4.18 -41.02 27.88
C GLN N 3 -4.61 -40.80 26.43
N TYR N 4 -5.90 -40.95 26.18
CA TYR N 4 -6.45 -40.76 24.84
C TYR N 4 -6.79 -39.29 24.58
N TYR N 5 -6.58 -38.84 23.35
CA TYR N 5 -6.89 -37.47 22.98
C TYR N 5 -7.41 -37.45 21.54
N MET N 6 -8.32 -36.54 21.26
CA MET N 6 -8.89 -36.43 19.92
C MET N 6 -8.75 -34.98 19.46
N VAL N 7 -8.29 -34.81 18.21
CA VAL N 7 -8.15 -33.48 17.63
C VAL N 7 -9.04 -33.41 16.40
N ILE N 8 -9.88 -32.39 16.36
CA ILE N 8 -10.82 -32.18 15.27
C ILE N 8 -10.50 -30.89 14.52
N ASP N 9 -10.28 -30.99 13.22
CA ASP N 9 -9.98 -29.82 12.39
C ASP N 9 -11.27 -29.29 11.78
N VAL N 10 -11.82 -28.24 12.39
CA VAL N 10 -13.06 -27.64 11.90
C VAL N 10 -13.00 -27.23 10.43
N ALA N 11 -11.86 -26.72 9.99
CA ALA N 11 -11.71 -26.28 8.61
C ALA N 11 -11.94 -27.42 7.61
N LYS N 12 -11.96 -28.64 8.12
CA LYS N 12 -12.15 -29.80 7.26
C LYS N 12 -13.51 -30.50 7.32
N CYS N 13 -14.43 -30.08 8.19
CA CYS N 13 -15.75 -30.73 8.24
C CYS N 13 -16.59 -30.31 7.06
N GLN N 14 -17.22 -31.27 6.41
CA GLN N 14 -18.12 -30.95 5.31
C GLN N 14 -19.55 -31.40 5.65
N ASP N 15 -19.76 -31.87 6.88
CA ASP N 15 -21.08 -32.31 7.36
C ASP N 15 -21.71 -33.48 6.57
N CYS N 16 -20.91 -34.43 6.09
CA CYS N 16 -21.44 -35.58 5.33
C CYS N 16 -22.11 -36.57 6.30
N ASN N 17 -21.75 -36.45 7.57
CA ASN N 17 -22.29 -37.30 8.63
C ASN N 17 -21.82 -38.74 8.68
N ASN N 18 -20.61 -39.00 8.23
CA ASN N 18 -20.11 -40.37 8.30
C ASN N 18 -19.94 -40.74 9.79
N CYS N 19 -19.50 -39.79 10.64
CA CYS N 19 -19.31 -40.04 12.09
C CYS N 19 -20.58 -40.58 12.65
N PHE N 20 -21.51 -39.63 12.73
CA PHE N 20 -22.84 -39.81 13.24
C PHE N 20 -23.39 -41.15 12.80
N MET N 21 -23.34 -41.42 11.50
CA MET N 21 -23.83 -42.69 10.97
C MET N 21 -22.99 -43.82 11.55
N GLY N 22 -21.80 -43.46 11.99
CA GLY N 22 -20.90 -44.42 12.60
C GLY N 22 -21.33 -44.84 14.00
N CYS N 23 -21.72 -43.91 14.88
CA CYS N 23 -22.17 -44.36 16.20
C CYS N 23 -23.37 -45.22 16.02
N MET N 24 -24.35 -44.64 15.33
CA MET N 24 -25.61 -45.32 15.08
C MET N 24 -25.33 -46.75 14.67
N ASP N 25 -24.45 -46.93 13.69
CA ASP N 25 -24.11 -48.26 13.23
C ASP N 25 -23.61 -49.10 14.39
N GLU N 26 -22.85 -48.47 15.27
CA GLU N 26 -22.24 -49.15 16.40
C GLU N 26 -23.11 -49.32 17.64
N HIS N 27 -24.01 -48.37 17.90
CA HIS N 27 -24.81 -48.39 19.11
C HIS N 27 -26.33 -48.60 19.05
N GLU N 28 -26.95 -48.22 17.93
CA GLU N 28 -28.39 -48.31 17.80
C GLU N 28 -28.99 -49.72 17.93
N LEU N 29 -28.47 -50.67 17.16
CA LEU N 29 -28.95 -52.04 17.17
C LEU N 29 -28.06 -52.96 18.01
N ASN N 30 -27.07 -52.39 18.69
CA ASN N 30 -26.17 -53.21 19.49
C ASN N 30 -26.18 -52.81 20.95
N GLU N 31 -25.78 -53.76 21.78
CA GLU N 31 -25.70 -53.54 23.22
C GLU N 31 -24.30 -53.95 23.64
N TRP N 32 -23.67 -53.12 24.48
CA TRP N 32 -22.33 -53.41 24.95
C TRP N 32 -22.26 -53.44 26.48
N PRO N 33 -22.40 -54.63 27.07
CA PRO N 33 -22.36 -54.86 28.51
C PRO N 33 -21.11 -54.30 29.17
N GLY N 34 -21.30 -53.42 30.14
CA GLY N 34 -20.18 -52.82 30.84
C GLY N 34 -19.87 -51.43 30.30
N TYR N 35 -20.41 -51.13 29.12
CA TYR N 35 -20.17 -49.83 28.48
C TYR N 35 -21.44 -49.04 28.24
N THR N 36 -22.42 -49.65 27.58
CA THR N 36 -23.66 -48.95 27.29
C THR N 36 -24.72 -49.86 26.68
N ALA N 37 -25.98 -49.53 26.93
CA ALA N 37 -27.09 -50.26 26.37
C ALA N 37 -27.26 -49.66 24.97
N SER N 38 -28.22 -50.14 24.20
CA SER N 38 -28.43 -49.62 22.84
C SER N 38 -28.81 -48.13 22.83
N MET N 39 -28.35 -47.44 21.79
CA MET N 39 -28.62 -46.02 21.58
C MET N 39 -30.08 -45.73 21.19
N GLN N 40 -30.60 -44.59 21.61
CA GLN N 40 -31.98 -44.22 21.27
C GLN N 40 -32.02 -43.43 19.96
N ARG N 41 -32.88 -43.84 19.04
CA ARG N 41 -33.01 -43.13 17.78
C ARG N 41 -33.33 -41.67 18.07
N GLY N 42 -32.52 -40.77 17.53
CA GLY N 42 -32.74 -39.35 17.75
C GLY N 42 -31.64 -38.69 18.58
N HIS N 43 -30.93 -39.50 19.37
CA HIS N 43 -29.84 -38.98 20.22
C HIS N 43 -28.58 -38.66 19.40
N ARG N 44 -27.87 -37.63 19.82
CA ARG N 44 -26.66 -37.22 19.11
C ARG N 44 -25.41 -37.25 19.98
N TRP N 45 -24.89 -38.46 20.24
CA TRP N 45 -23.67 -38.59 21.03
C TRP N 45 -22.62 -37.81 20.26
N MET N 46 -22.71 -37.90 18.95
CA MET N 46 -21.85 -37.17 18.04
C MET N 46 -22.81 -36.11 17.53
N ASN N 47 -22.59 -34.88 17.94
CA ASN N 47 -23.46 -33.79 17.52
C ASN N 47 -22.68 -32.82 16.66
N ILE N 48 -23.04 -32.73 15.38
CA ILE N 48 -22.37 -31.87 14.43
C ILE N 48 -23.07 -30.51 14.35
N GLU N 49 -22.50 -29.51 14.99
CA GLU N 49 -23.05 -28.16 14.99
C GLU N 49 -22.86 -27.47 13.65
N ARG N 50 -23.83 -26.67 13.25
CA ARG N 50 -23.78 -25.99 11.97
C ARG N 50 -23.92 -24.49 12.11
N ARG N 51 -23.01 -23.74 11.52
CA ARG N 51 -23.09 -22.29 11.60
C ARG N 51 -22.74 -21.54 10.32
N GLU N 52 -23.69 -20.77 9.81
CA GLU N 52 -23.49 -19.97 8.62
C GLU N 52 -23.04 -18.58 9.06
N ARG N 53 -22.20 -17.94 8.25
CA ARG N 53 -21.72 -16.62 8.59
C ARG N 53 -21.88 -15.67 7.43
N GLY N 54 -22.20 -14.41 7.74
CA GLY N 54 -22.35 -13.39 6.73
C GLY N 54 -23.63 -13.42 5.94
N THR N 55 -23.67 -12.63 4.87
CA THR N 55 -24.84 -12.53 4.01
C THR N 55 -24.47 -12.70 2.55
N TYR N 56 -25.42 -13.20 1.76
CA TYR N 56 -25.21 -13.39 0.34
C TYR N 56 -24.73 -12.08 -0.25
N PRO N 57 -23.75 -12.12 -1.18
CA PRO N 57 -23.08 -13.30 -1.73
C PRO N 57 -21.73 -13.66 -1.12
N ARG N 58 -21.30 -12.93 -0.10
CA ARG N 58 -20.02 -13.21 0.53
C ARG N 58 -20.20 -13.88 1.90
N ASN N 59 -20.98 -14.96 1.89
CA ASN N 59 -21.27 -15.73 3.08
C ASN N 59 -20.44 -17.00 3.11
N ASP N 60 -20.47 -17.70 4.23
CA ASP N 60 -19.73 -18.96 4.35
C ASP N 60 -20.39 -19.82 5.42
N ILE N 61 -19.92 -21.06 5.58
CA ILE N 61 -20.49 -21.94 6.57
C ILE N 61 -19.44 -22.89 7.11
N ASN N 62 -19.55 -23.22 8.40
CA ASN N 62 -18.58 -24.11 9.02
C ASN N 62 -19.28 -25.08 9.98
N TYR N 63 -18.68 -26.25 10.19
CA TYR N 63 -19.26 -27.27 11.07
C TYR N 63 -18.34 -27.70 12.20
N ARG N 64 -18.92 -28.05 13.34
CA ARG N 64 -18.13 -28.48 14.49
C ARG N 64 -18.55 -29.84 15.05
N PRO N 65 -17.83 -30.91 14.69
CA PRO N 65 -18.19 -32.23 15.22
C PRO N 65 -18.05 -32.13 16.74
N THR N 66 -19.06 -32.58 17.49
CA THR N 66 -18.99 -32.47 18.95
C THR N 66 -19.41 -33.71 19.73
N PRO N 67 -18.45 -34.58 20.08
CA PRO N 67 -18.79 -35.78 20.85
C PRO N 67 -18.75 -35.38 22.33
N CYS N 68 -18.36 -36.30 23.20
CA CYS N 68 -18.25 -35.94 24.60
C CYS N 68 -16.83 -35.40 24.80
N MET N 69 -16.70 -34.30 25.55
CA MET N 69 -15.38 -33.72 25.77
C MET N 69 -14.51 -34.61 26.65
N HIS N 70 -15.13 -35.53 27.40
CA HIS N 70 -14.39 -36.42 28.31
C HIS N 70 -13.33 -35.65 29.09
N CYS N 71 -13.67 -34.44 29.55
CA CYS N 71 -12.72 -33.59 30.25
C CYS N 71 -12.04 -34.16 31.50
N GLU N 72 -10.78 -33.78 31.66
CA GLU N 72 -9.93 -34.20 32.76
C GLU N 72 -10.48 -33.84 34.14
N ASN N 73 -11.27 -32.77 34.19
CA ASN N 73 -11.87 -32.29 35.44
C ASN N 73 -13.38 -32.37 35.24
N ALA N 74 -13.91 -33.59 35.15
CA ALA N 74 -15.33 -33.81 34.88
C ALA N 74 -16.33 -33.46 35.98
N PRO N 75 -17.23 -32.50 35.70
CA PRO N 75 -18.24 -32.08 36.68
C PRO N 75 -19.19 -33.25 36.99
N CYS N 76 -19.79 -33.83 35.96
CA CYS N 76 -20.72 -34.92 36.21
C CYS N 76 -20.10 -36.13 36.87
N VAL N 77 -18.78 -36.24 36.83
CA VAL N 77 -18.18 -37.36 37.54
C VAL N 77 -18.18 -36.96 39.02
N ALA N 78 -17.93 -35.67 39.27
CA ALA N 78 -17.88 -35.11 40.63
C ALA N 78 -19.25 -35.02 41.29
N LYS N 79 -20.28 -34.80 40.49
CA LYS N 79 -21.64 -34.70 41.00
C LYS N 79 -22.52 -35.87 40.55
N GLY N 80 -21.87 -36.88 39.98
CA GLY N 80 -22.58 -38.05 39.50
C GLY N 80 -22.87 -39.04 40.59
N ASN N 81 -22.24 -38.83 41.74
CA ASN N 81 -22.44 -39.70 42.89
C ASN N 81 -22.18 -41.18 42.57
N GLY N 82 -21.13 -41.43 41.80
CA GLY N 82 -20.79 -42.81 41.46
C GLY N 82 -21.40 -43.31 40.16
N ALA N 83 -22.43 -42.63 39.66
CA ALA N 83 -23.09 -43.04 38.42
C ALA N 83 -22.17 -42.84 37.22
N VAL N 84 -21.17 -41.99 37.39
CA VAL N 84 -20.20 -41.69 36.34
C VAL N 84 -18.79 -41.86 36.90
N TYR N 85 -17.89 -42.39 36.09
CA TYR N 85 -16.52 -42.57 36.52
C TYR N 85 -15.53 -42.19 35.43
N GLN N 86 -14.26 -42.09 35.82
CA GLN N 86 -13.19 -41.73 34.91
C GLN N 86 -12.10 -42.79 34.94
N ARG N 87 -11.78 -43.33 33.78
CA ARG N 87 -10.74 -44.35 33.69
C ARG N 87 -9.39 -43.65 33.72
N GLU N 88 -8.31 -44.43 33.75
CA GLU N 88 -6.97 -43.86 33.80
C GLU N 88 -6.53 -43.30 32.45
N ASP N 89 -7.06 -43.87 31.37
CA ASP N 89 -6.71 -43.41 30.04
C ASP N 89 -7.48 -42.16 29.63
N GLY N 90 -8.23 -41.58 30.56
CA GLY N 90 -8.97 -40.37 30.26
C GLY N 90 -10.46 -40.52 29.94
N ILE N 91 -10.84 -41.63 29.30
CA ILE N 91 -12.23 -41.88 28.95
C ILE N 91 -13.20 -41.76 30.13
N VAL N 92 -14.20 -40.89 29.99
CA VAL N 92 -15.23 -40.70 31.02
C VAL N 92 -16.43 -41.57 30.61
N LEU N 93 -16.84 -42.48 31.48
CA LEU N 93 -17.96 -43.36 31.19
C LEU N 93 -19.08 -43.36 32.22
N ILE N 94 -20.31 -43.52 31.72
CA ILE N 94 -21.49 -43.58 32.56
C ILE N 94 -21.69 -45.05 32.89
N ASP N 95 -21.94 -45.37 34.16
CA ASP N 95 -22.19 -46.76 34.53
C ASP N 95 -23.63 -47.04 34.13
N PRO N 96 -23.82 -47.81 33.05
CA PRO N 96 -25.12 -48.21 32.46
C PRO N 96 -26.22 -48.57 33.46
N GLU N 97 -25.88 -49.29 34.52
CA GLU N 97 -26.88 -49.69 35.50
C GLU N 97 -27.03 -48.70 36.64
N LYS N 98 -25.92 -48.21 37.19
CA LYS N 98 -25.98 -47.25 38.30
C LYS N 98 -26.71 -45.96 37.90
N ALA N 99 -26.62 -45.61 36.63
CA ALA N 99 -27.25 -44.39 36.16
C ALA N 99 -28.76 -44.54 35.93
N LYS N 100 -29.23 -45.77 35.76
CA LYS N 100 -30.65 -46.00 35.55
C LYS N 100 -31.53 -45.27 36.55
N GLY N 101 -32.60 -44.68 36.04
CA GLY N 101 -33.54 -43.95 36.88
C GLY N 101 -33.10 -42.57 37.30
N LYS N 102 -31.98 -42.09 36.78
CA LYS N 102 -31.48 -40.78 37.17
C LYS N 102 -31.37 -39.72 36.08
N LYS N 103 -32.47 -39.02 35.82
CA LYS N 103 -32.51 -37.96 34.81
C LYS N 103 -31.65 -36.76 35.22
N GLU N 104 -31.38 -36.64 36.51
CA GLU N 104 -30.60 -35.52 37.03
C GLU N 104 -29.20 -35.46 36.44
N LEU N 105 -28.66 -36.61 36.02
CA LEU N 105 -27.32 -36.67 35.45
C LEU N 105 -27.11 -35.75 34.25
N LEU N 106 -28.17 -35.53 33.48
CA LEU N 106 -28.03 -34.68 32.31
C LEU N 106 -27.63 -33.26 32.66
N ASP N 107 -28.21 -32.73 33.73
CA ASP N 107 -27.93 -31.36 34.17
C ASP N 107 -26.51 -31.13 34.66
N THR N 108 -25.82 -32.19 35.05
CA THR N 108 -24.47 -32.05 35.55
C THR N 108 -23.47 -31.76 34.44
N CYS N 109 -23.94 -31.73 33.20
CA CYS N 109 -23.07 -31.48 32.06
C CYS N 109 -23.11 -30.06 31.51
N PRO N 110 -22.00 -29.34 31.58
CA PRO N 110 -21.99 -27.96 31.06
C PRO N 110 -22.14 -27.95 29.53
N TYR N 111 -21.77 -29.05 28.90
CA TYR N 111 -21.81 -29.14 27.44
C TYR N 111 -23.09 -29.72 26.84
N GLY N 112 -23.85 -30.46 27.64
CA GLY N 112 -25.09 -31.05 27.16
C GLY N 112 -24.87 -32.11 26.11
N VAL N 113 -23.97 -33.05 26.40
CA VAL N 113 -23.66 -34.10 25.45
C VAL N 113 -24.39 -35.41 25.78
N MET N 114 -24.95 -35.54 26.97
CA MET N 114 -25.65 -36.76 27.29
C MET N 114 -27.14 -36.66 26.99
N TYR N 115 -27.76 -37.79 26.68
CA TYR N 115 -29.17 -37.83 26.32
C TYR N 115 -29.97 -38.85 27.12
N TRP N 116 -31.21 -38.52 27.43
CA TRP N 116 -32.06 -39.42 28.20
C TRP N 116 -32.74 -40.48 27.34
N ASN N 117 -32.35 -41.73 27.52
CA ASN N 117 -32.96 -42.83 26.76
C ASN N 117 -34.24 -43.23 27.49
N GLU N 118 -35.38 -42.99 26.85
CA GLU N 118 -36.68 -43.31 27.44
C GLU N 118 -36.89 -44.78 27.76
N GLU N 119 -36.65 -45.65 26.78
CA GLU N 119 -36.83 -47.08 26.97
C GLU N 119 -35.90 -47.66 28.03
N GLU N 120 -34.64 -47.22 28.04
CA GLU N 120 -33.68 -47.73 29.01
C GLU N 120 -33.72 -46.96 30.34
N ASN N 121 -34.46 -45.86 30.37
CA ASN N 121 -34.57 -45.04 31.58
C ASN N 121 -33.20 -44.67 32.15
N VAL N 122 -32.29 -44.25 31.28
CA VAL N 122 -30.95 -43.89 31.72
C VAL N 122 -30.34 -42.82 30.83
N ALA N 123 -29.30 -42.16 31.34
CA ALA N 123 -28.62 -41.15 30.55
C ALA N 123 -27.63 -41.89 29.68
N GLN N 124 -27.42 -41.36 28.48
CA GLN N 124 -26.48 -41.98 27.55
C GLN N 124 -25.68 -40.91 26.84
N LYS N 125 -24.47 -41.28 26.44
CA LYS N 125 -23.65 -40.32 25.73
C LYS N 125 -22.41 -40.98 25.18
N CYS N 126 -21.57 -40.14 24.60
CA CYS N 126 -20.32 -40.57 24.03
C CYS N 126 -19.51 -41.45 24.98
N THR N 127 -19.08 -42.62 24.51
CA THR N 127 -18.27 -43.50 25.35
C THR N 127 -16.89 -43.63 24.72
N MET N 128 -16.73 -42.96 23.56
CA MET N 128 -15.48 -43.00 22.81
C MET N 128 -15.20 -44.45 22.44
N CYS N 129 -16.26 -45.19 22.13
CA CYS N 129 -16.21 -46.63 21.84
C CYS N 129 -15.08 -47.27 22.59
N ALA N 130 -15.11 -47.07 23.90
CA ALA N 130 -14.11 -47.63 24.78
C ALA N 130 -14.13 -49.14 24.59
N HIS N 131 -15.30 -49.69 24.27
CA HIS N 131 -15.43 -51.13 24.07
C HIS N 131 -14.64 -51.57 22.85
N LEU N 132 -14.42 -50.66 21.91
CA LEU N 132 -13.63 -50.99 20.74
C LEU N 132 -12.15 -50.84 21.09
N LEU N 133 -11.85 -49.78 21.82
CA LEU N 133 -10.49 -49.49 22.24
C LEU N 133 -9.91 -50.54 23.18
N ASP N 134 -10.78 -51.24 23.91
CA ASP N 134 -10.31 -52.27 24.83
C ASP N 134 -10.21 -53.63 24.13
N ASP N 135 -10.46 -53.66 22.81
CA ASP N 135 -10.37 -54.91 22.09
C ASP N 135 -9.28 -54.91 21.02
N GLU N 136 -8.27 -55.74 21.25
CA GLU N 136 -7.13 -55.88 20.35
C GLU N 136 -7.57 -56.22 18.93
N SER N 137 -8.61 -57.03 18.82
CA SER N 137 -9.15 -57.45 17.53
C SER N 137 -9.53 -56.27 16.64
N TRP N 138 -10.02 -55.19 17.23
CA TRP N 138 -10.38 -53.99 16.47
C TRP N 138 -9.06 -53.37 15.99
N ALA N 139 -8.62 -53.80 14.80
CA ALA N 139 -7.37 -53.33 14.21
C ALA N 139 -7.22 -51.81 14.07
N PRO N 140 -8.30 -51.09 13.74
CA PRO N 140 -8.20 -49.63 13.60
C PRO N 140 -7.72 -48.91 14.85
N LYS N 141 -8.08 -49.44 16.02
CA LYS N 141 -7.69 -48.86 17.29
C LYS N 141 -8.05 -47.39 17.39
N MET N 142 -9.23 -47.05 16.87
CA MET N 142 -9.73 -45.69 16.92
C MET N 142 -11.25 -45.77 16.92
N PRO N 143 -11.94 -44.71 17.38
CA PRO N 143 -13.40 -44.68 17.42
C PRO N 143 -14.03 -44.78 16.03
N ARG N 144 -15.35 -44.99 15.97
CA ARG N 144 -16.06 -45.09 14.70
C ARG N 144 -16.06 -43.80 13.86
N CYS N 145 -16.37 -42.65 14.45
CA CYS N 145 -16.36 -41.42 13.64
C CYS N 145 -14.99 -41.26 13.01
N ALA N 146 -13.99 -41.30 13.87
CA ALA N 146 -12.61 -41.13 13.45
C ALA N 146 -12.31 -42.04 12.28
N HIS N 147 -12.77 -43.28 12.38
CA HIS N 147 -12.52 -44.26 11.33
C HIS N 147 -13.40 -44.10 10.11
N ASN N 148 -14.63 -43.60 10.30
CA ASN N 148 -15.54 -43.43 9.20
C ASN N 148 -15.26 -42.17 8.35
N CYS N 149 -14.48 -41.22 8.87
CA CYS N 149 -14.15 -40.01 8.12
C CYS N 149 -13.51 -40.24 6.77
N GLY N 150 -13.93 -39.45 5.79
CA GLY N 150 -13.34 -39.52 4.47
C GLY N 150 -12.70 -38.18 4.20
N SER N 151 -12.81 -37.26 5.16
CA SER N 151 -12.26 -35.90 5.03
C SER N 151 -11.05 -35.55 5.91
N PHE N 152 -10.46 -36.55 6.57
CA PHE N 152 -9.29 -36.35 7.42
C PHE N 152 -9.48 -35.24 8.46
N VAL N 153 -10.63 -35.26 9.12
CA VAL N 153 -10.96 -34.26 10.14
C VAL N 153 -10.45 -34.71 11.52
N TYR N 154 -10.36 -36.02 11.73
CA TYR N 154 -9.93 -36.55 13.02
C TYR N 154 -8.49 -37.01 13.11
N GLU N 155 -7.94 -36.85 14.31
CA GLU N 155 -6.59 -37.27 14.61
C GLU N 155 -6.71 -37.85 16.01
N PHE N 156 -6.94 -39.15 16.08
CA PHE N 156 -7.07 -39.84 17.35
C PHE N 156 -5.71 -40.35 17.81
N LEU N 157 -5.30 -39.96 19.00
CA LEU N 157 -4.00 -40.39 19.52
C LEU N 157 -3.99 -40.74 20.99
N LYS N 158 -2.98 -41.51 21.39
CA LYS N 158 -2.81 -41.92 22.78
C LYS N 158 -1.36 -41.62 23.14
N THR N 159 -1.19 -40.61 23.98
CA THR N 159 0.15 -40.19 24.40
C THR N 159 0.15 -39.65 25.83
N THR N 160 1.27 -39.05 26.22
CA THR N 160 1.41 -38.48 27.54
C THR N 160 0.89 -37.06 27.50
N PRO N 161 0.47 -36.52 28.65
CA PRO N 161 -0.05 -35.15 28.70
C PRO N 161 1.01 -34.16 28.21
N GLU N 162 2.28 -34.54 28.31
CA GLU N 162 3.39 -33.70 27.87
C GLU N 162 3.40 -33.52 26.36
N ALA N 163 3.32 -34.63 25.63
CA ALA N 163 3.33 -34.58 24.18
C ALA N 163 2.09 -33.86 23.66
N MET N 164 0.95 -34.12 24.29
CA MET N 164 -0.30 -33.49 23.90
C MET N 164 -0.18 -31.98 24.11
N ALA N 165 0.29 -31.60 25.29
CA ALA N 165 0.46 -30.20 25.65
C ALA N 165 1.35 -29.49 24.64
N LYS N 166 2.36 -30.19 24.15
CA LYS N 166 3.26 -29.60 23.17
C LYS N 166 2.53 -29.43 21.83
N LYS N 167 1.76 -30.44 21.46
CA LYS N 167 1.01 -30.39 20.20
C LYS N 167 0.02 -29.24 20.25
N VAL N 168 -0.63 -29.06 21.39
CA VAL N 168 -1.60 -27.98 21.55
C VAL N 168 -0.91 -26.64 21.28
N GLU N 169 0.27 -26.45 21.86
CA GLU N 169 1.00 -25.20 21.69
C GLU N 169 1.45 -24.96 20.26
N GLU N 170 1.99 -26.01 19.64
CA GLU N 170 2.48 -25.91 18.26
C GLU N 170 1.41 -25.61 17.24
N GLU N 171 0.25 -26.25 17.38
CA GLU N 171 -0.84 -26.08 16.43
C GLU N 171 -1.91 -25.07 16.81
N GLY N 172 -1.83 -24.52 18.01
CA GLY N 172 -2.82 -23.54 18.44
C GLY N 172 -4.17 -24.21 18.66
N LEU N 173 -4.13 -25.44 19.15
CA LEU N 173 -5.36 -26.20 19.40
C LEU N 173 -6.16 -25.54 20.51
N GLU N 174 -7.49 -25.62 20.41
CA GLU N 174 -8.39 -25.02 21.39
C GLU N 174 -9.51 -25.97 21.83
N VAL N 175 -10.24 -25.58 22.87
CA VAL N 175 -11.34 -26.38 23.38
C VAL N 175 -12.57 -25.50 23.52
N ILE N 176 -13.73 -26.11 23.72
CA ILE N 176 -14.99 -25.38 23.88
C ILE N 176 -15.15 -24.91 25.33
N LYS N 177 -15.63 -23.68 25.51
CA LYS N 177 -15.81 -23.14 26.85
C LYS N 177 -14.61 -23.40 27.77
N PRO N 178 -13.44 -22.88 27.41
CA PRO N 178 -12.24 -23.10 28.25
C PRO N 178 -12.38 -22.51 29.65
N GLU N 179 -13.08 -21.40 29.76
CA GLU N 179 -13.27 -20.70 31.04
C GLU N 179 -13.90 -21.54 32.14
N LEU N 180 -14.49 -22.67 31.78
CA LEU N 180 -15.14 -23.54 32.77
C LEU N 180 -14.15 -24.41 33.55
N GLY N 181 -12.96 -24.59 32.99
CA GLY N 181 -11.92 -25.37 33.65
C GLY N 181 -12.13 -26.87 33.79
N THR N 182 -12.93 -27.47 32.93
CA THR N 182 -13.16 -28.91 33.00
C THR N 182 -12.06 -29.61 32.24
N LYS N 183 -11.37 -28.84 31.39
CA LYS N 183 -10.25 -29.35 30.60
C LYS N 183 -10.58 -30.52 29.67
N PRO N 184 -11.24 -30.22 28.54
CA PRO N 184 -11.62 -31.24 27.56
C PRO N 184 -10.37 -31.87 26.95
N ARG N 185 -10.45 -33.13 26.54
CA ARG N 185 -9.32 -33.79 25.91
C ARG N 185 -9.63 -33.91 24.41
N VAL N 186 -10.69 -33.22 24.01
CA VAL N 186 -11.10 -33.19 22.62
C VAL N 186 -10.76 -31.77 22.20
N TYR N 187 -9.77 -31.63 21.34
CA TYR N 187 -9.36 -30.32 20.89
C TYR N 187 -9.83 -29.97 19.49
N TYR N 188 -9.92 -28.68 19.22
CA TYR N 188 -10.36 -28.19 17.92
C TYR N 188 -9.29 -27.35 17.23
N LYS N 189 -9.04 -27.68 15.98
CA LYS N 189 -8.07 -26.98 15.14
C LYS N 189 -8.86 -26.04 14.23
N ASN N 190 -8.46 -24.78 14.15
CA ASN N 190 -9.17 -23.80 13.31
C ASN N 190 -10.57 -23.50 13.83
N LEU N 191 -10.72 -23.53 15.16
CA LEU N 191 -12.00 -23.30 15.81
C LEU N 191 -12.56 -21.91 15.50
N TYR N 192 -11.69 -20.96 15.17
CA TYR N 192 -12.12 -19.60 14.85
C TYR N 192 -13.12 -19.59 13.70
N ARG N 193 -13.07 -20.61 12.85
CA ARG N 193 -14.00 -20.70 11.72
C ARG N 193 -15.43 -20.80 12.25
N PHE N 194 -15.59 -21.46 13.39
CA PHE N 194 -16.90 -21.65 13.98
C PHE N 194 -17.26 -20.60 15.05
N GLU N 195 -16.28 -20.24 15.89
CA GLU N 195 -16.53 -19.29 16.97
C GLU N 195 -16.33 -17.81 16.68
N LYS N 196 -15.52 -17.48 15.68
CA LYS N 196 -15.28 -16.08 15.38
C LYS N 196 -16.04 -15.58 14.16
N ASN N 197 -15.77 -14.34 13.77
CA ASN N 197 -16.43 -13.72 12.64
C ASN N 197 -15.43 -12.98 11.76
N TYR N 198 -15.91 -12.45 10.63
CA TYR N 198 -15.03 -11.76 9.71
C TYR N 198 -15.68 -10.55 9.02
N VAL N 199 -14.84 -9.80 8.31
CA VAL N 199 -15.30 -8.65 7.53
C VAL N 199 -14.72 -8.94 6.14
N THR N 200 -15.50 -8.70 5.10
CA THR N 200 -15.04 -8.98 3.75
C THR N 200 -15.59 -7.93 2.80
N ALA N 201 -15.12 -7.94 1.55
CA ALA N 201 -15.57 -6.99 0.54
C ALA N 201 -14.86 -7.25 -0.79
N GLY N 202 -15.30 -6.50 -1.81
CA GLY N 202 -14.71 -6.61 -3.14
C GLY N 202 -14.41 -5.19 -3.62
N ILE N 203 -13.17 -4.95 -4.03
CA ILE N 203 -12.80 -3.61 -4.50
C ILE N 203 -12.84 -3.47 -6.01
N LEU N 204 -13.52 -2.43 -6.49
CA LEU N 204 -13.60 -2.16 -7.92
C LEU N 204 -12.90 -0.85 -8.23
N VAL N 205 -12.15 -0.83 -9.31
CA VAL N 205 -11.47 0.38 -9.76
C VAL N 205 -11.87 0.58 -11.21
N GLN N 206 -12.53 1.71 -11.49
CA GLN N 206 -12.99 2.00 -12.84
C GLN N 206 -13.87 0.88 -13.39
N GLY N 207 -14.75 0.35 -12.55
CA GLY N 207 -15.66 -0.68 -12.98
C GLY N 207 -15.20 -2.13 -13.04
N ASP N 208 -13.95 -2.40 -12.71
CA ASP N 208 -13.46 -3.77 -12.76
C ASP N 208 -12.81 -4.21 -11.47
N CYS N 209 -12.92 -5.51 -11.18
CA CYS N 209 -12.31 -6.06 -9.98
C CYS N 209 -10.83 -5.66 -9.98
N PHE N 210 -10.37 -5.11 -8.86
CA PHE N 210 -8.97 -4.69 -8.77
C PHE N 210 -8.13 -5.62 -7.91
N GLU N 211 -7.12 -6.22 -8.53
CA GLU N 211 -6.21 -7.13 -7.83
C GLU N 211 -4.97 -6.37 -7.35
N GLY N 212 -4.60 -6.58 -6.09
CA GLY N 212 -3.42 -5.92 -5.57
C GLY N 212 -3.70 -4.73 -4.68
N ALA N 213 -4.97 -4.37 -4.52
CA ALA N 213 -5.31 -3.24 -3.66
C ALA N 213 -4.79 -3.64 -2.27
N LYS N 214 -4.28 -2.68 -1.53
CA LYS N 214 -3.75 -2.96 -0.19
C LYS N 214 -4.81 -2.71 0.87
N VAL N 215 -5.15 -3.76 1.60
CA VAL N 215 -6.17 -3.65 2.64
C VAL N 215 -5.61 -3.81 4.05
N VAL N 216 -5.87 -2.82 4.90
CA VAL N 216 -5.41 -2.85 6.28
C VAL N 216 -6.59 -2.82 7.25
N LEU N 217 -6.51 -3.63 8.30
CA LEU N 217 -7.55 -3.72 9.31
C LEU N 217 -7.05 -3.16 10.64
N LYS N 218 -7.78 -2.21 11.20
CA LYS N 218 -7.38 -1.60 12.46
C LYS N 218 -8.46 -1.63 13.52
N SER N 219 -8.03 -1.63 14.78
CA SER N 219 -8.92 -1.60 15.93
C SER N 219 -8.20 -0.73 16.97
N GLY N 220 -8.86 0.33 17.40
CA GLY N 220 -8.27 1.22 18.38
C GLY N 220 -7.36 2.24 17.70
N GLY N 221 -6.78 1.84 16.58
CA GLY N 221 -5.90 2.73 15.85
C GLY N 221 -4.64 2.03 15.37
N LYS N 222 -4.43 0.79 15.80
CA LYS N 222 -3.25 0.03 15.41
C LYS N 222 -3.59 -1.21 14.59
N GLU N 223 -2.85 -1.40 13.51
CA GLU N 223 -3.05 -2.53 12.60
C GLU N 223 -3.25 -3.85 13.31
N VAL N 224 -4.26 -4.60 12.87
CA VAL N 224 -4.58 -5.89 13.44
C VAL N 224 -4.29 -6.99 12.42
N ALA N 225 -4.44 -6.63 11.14
CA ALA N 225 -4.20 -7.56 10.05
C ALA N 225 -4.11 -6.80 8.72
N SER N 226 -3.52 -7.44 7.72
CA SER N 226 -3.38 -6.81 6.41
C SER N 226 -3.42 -7.87 5.32
N ALA N 227 -3.70 -7.44 4.10
CA ALA N 227 -3.76 -8.36 2.99
C ALA N 227 -3.93 -7.60 1.70
N GLU N 228 -3.76 -8.31 0.60
CA GLU N 228 -3.94 -7.72 -0.72
C GLU N 228 -5.08 -8.47 -1.40
N THR N 229 -5.93 -7.72 -2.09
CA THR N 229 -7.09 -8.28 -2.77
C THR N 229 -6.69 -9.23 -3.90
N ASN N 230 -7.47 -10.29 -4.11
CA ASN N 230 -7.19 -11.26 -5.18
C ASN N 230 -7.75 -10.76 -6.52
N PHE N 231 -7.82 -11.63 -7.53
CA PHE N 231 -8.31 -11.19 -8.83
C PHE N 231 -9.80 -10.86 -8.89
N PHE N 232 -10.51 -11.10 -7.79
CA PHE N 232 -11.93 -10.76 -7.74
C PHE N 232 -12.04 -9.47 -6.95
N GLY N 233 -10.87 -8.93 -6.57
CA GLY N 233 -10.81 -7.70 -5.80
C GLY N 233 -11.29 -7.87 -4.38
N GLU N 234 -11.21 -9.09 -3.86
CA GLU N 234 -11.69 -9.35 -2.51
C GLU N 234 -10.63 -9.66 -1.47
N PHE N 235 -10.99 -9.37 -0.22
CA PHE N 235 -10.12 -9.65 0.91
C PHE N 235 -11.04 -10.25 1.98
N LYS N 236 -10.47 -10.95 2.94
CA LYS N 236 -11.28 -11.56 3.98
C LYS N 236 -10.49 -11.70 5.28
N PHE N 237 -10.82 -10.85 6.25
CA PHE N 237 -10.17 -10.86 7.57
C PHE N 237 -10.99 -11.68 8.56
N ASP N 238 -10.63 -12.95 8.73
CA ASP N 238 -11.34 -13.86 9.64
C ASP N 238 -10.76 -13.84 11.05
N ALA N 239 -11.34 -14.66 11.93
CA ALA N 239 -10.91 -14.79 13.33
C ALA N 239 -10.85 -13.47 14.09
N LEU N 240 -11.93 -12.72 14.07
CA LEU N 240 -12.02 -11.43 14.77
C LEU N 240 -12.98 -11.54 15.94
N ASP N 241 -12.61 -10.93 17.06
CA ASP N 241 -13.47 -10.94 18.23
C ASP N 241 -14.42 -9.75 18.07
N ASN N 242 -15.52 -9.76 18.81
CA ASN N 242 -16.47 -8.66 18.73
C ASN N 242 -15.83 -7.33 19.12
N GLY N 243 -16.33 -6.26 18.51
CA GLY N 243 -15.81 -4.95 18.78
C GLY N 243 -15.92 -4.10 17.52
N GLU N 244 -15.30 -2.93 17.54
CA GLU N 244 -15.35 -2.04 16.41
C GLU N 244 -14.00 -2.00 15.70
N TYR N 245 -14.04 -2.01 14.37
CA TYR N 245 -12.85 -1.99 13.54
C TYR N 245 -12.95 -0.93 12.45
N THR N 246 -11.79 -0.56 11.92
CA THR N 246 -11.69 0.41 10.85
C THR N 246 -10.95 -0.26 9.71
N VAL N 247 -11.49 -0.19 8.51
CA VAL N 247 -10.84 -0.81 7.36
C VAL N 247 -10.27 0.28 6.45
N GLU N 248 -9.01 0.13 6.07
CA GLU N 248 -8.39 1.10 5.20
C GLU N 248 -7.92 0.45 3.92
N ILE N 249 -8.38 1.02 2.81
CA ILE N 249 -8.04 0.50 1.49
C ILE N 249 -7.33 1.52 0.62
N ASP N 250 -6.30 1.05 -0.08
CA ASP N 250 -5.52 1.88 -0.98
C ASP N 250 -5.36 1.15 -2.32
N ALA N 251 -5.95 1.70 -3.37
CA ALA N 251 -5.88 1.08 -4.69
C ALA N 251 -5.84 2.12 -5.80
N ASP N 252 -4.91 1.93 -6.72
CA ASP N 252 -4.74 2.80 -7.88
C ASP N 252 -4.66 4.29 -7.51
N GLY N 253 -3.95 4.60 -6.43
CA GLY N 253 -3.82 5.99 -6.05
C GLY N 253 -5.00 6.57 -5.28
N LYS N 254 -6.03 5.77 -5.08
CA LYS N 254 -7.20 6.23 -4.33
C LYS N 254 -7.24 5.53 -3.00
N SER N 255 -7.74 6.21 -1.99
CA SER N 255 -7.82 5.61 -0.66
C SER N 255 -9.28 5.56 -0.21
N TYR N 256 -9.57 4.59 0.65
CA TYR N 256 -10.91 4.40 1.18
C TYR N 256 -10.83 3.90 2.61
N SER N 257 -11.78 4.29 3.43
CA SER N 257 -11.81 3.84 4.82
C SER N 257 -13.24 3.92 5.33
N ASP N 258 -13.59 3.00 6.22
CA ASP N 258 -14.92 2.95 6.80
C ASP N 258 -14.84 2.09 8.06
N THR N 259 -15.84 2.24 8.94
CA THR N 259 -15.87 1.49 10.18
C THR N 259 -16.81 0.28 10.06
N VAL N 260 -16.60 -0.72 10.90
CA VAL N 260 -17.42 -1.92 10.89
C VAL N 260 -17.57 -2.50 12.28
N VAL N 261 -18.79 -2.90 12.64
CA VAL N 261 -19.06 -3.49 13.95
C VAL N 261 -19.23 -4.99 13.85
N ILE N 262 -18.51 -5.71 14.71
CA ILE N 262 -18.56 -7.16 14.76
C ILE N 262 -19.25 -7.56 16.07
N ASP N 263 -20.48 -8.07 15.95
CA ASP N 263 -21.25 -8.49 17.11
C ASP N 263 -21.82 -9.87 16.88
N ASP N 264 -20.95 -10.87 16.96
CA ASP N 264 -21.32 -12.27 16.75
C ASP N 264 -21.84 -12.49 15.33
N LYS N 265 -21.44 -11.60 14.43
CA LYS N 265 -21.85 -11.69 13.04
C LYS N 265 -20.69 -11.32 12.13
N SER N 266 -20.69 -11.84 10.92
CA SER N 266 -19.64 -11.51 9.97
C SER N 266 -20.24 -10.48 9.04
N VAL N 267 -19.43 -9.54 8.59
CA VAL N 267 -19.92 -8.48 7.73
C VAL N 267 -19.36 -8.44 6.32
N ASP N 268 -20.24 -8.11 5.39
CA ASP N 268 -19.89 -7.99 3.98
C ASP N 268 -20.16 -6.54 3.64
N LEU N 269 -19.10 -5.81 3.31
CA LEU N 269 -19.24 -4.40 2.96
C LEU N 269 -19.64 -4.25 1.50
N GLY N 270 -19.75 -5.36 0.79
CA GLY N 270 -20.14 -5.32 -0.60
C GLY N 270 -19.09 -4.73 -1.51
N PHE N 271 -19.50 -4.31 -2.70
CA PHE N 271 -18.59 -3.72 -3.66
C PHE N 271 -18.17 -2.31 -3.25
N ILE N 272 -16.87 -2.09 -3.15
CA ILE N 272 -16.33 -0.79 -2.81
C ILE N 272 -15.80 -0.21 -4.11
N LYS N 273 -16.47 0.83 -4.60
CA LYS N 273 -16.10 1.44 -5.87
C LYS N 273 -15.07 2.54 -5.76
N LEU N 274 -13.91 2.32 -6.36
CA LEU N 274 -12.83 3.30 -6.36
C LEU N 274 -12.50 3.74 -7.79
N MET O 1 -109.05 30.07 -19.68
CA MET O 1 -110.21 29.24 -19.25
C MET O 1 -110.56 28.14 -20.27
N GLY O 2 -109.85 28.10 -21.38
CA GLY O 2 -110.15 27.09 -22.39
C GLY O 2 -109.07 26.79 -23.41
N GLU O 3 -109.45 26.02 -24.44
CA GLU O 3 -108.56 25.60 -25.51
C GLU O 3 -108.62 26.52 -26.73
N VAL O 4 -107.74 26.27 -27.68
CA VAL O 4 -107.67 27.04 -28.92
C VAL O 4 -108.57 26.39 -29.94
N VAL O 5 -109.48 27.17 -30.52
CA VAL O 5 -110.40 26.63 -31.51
C VAL O 5 -110.15 27.28 -32.87
N ARG O 6 -110.15 26.48 -33.91
CA ARG O 6 -109.95 27.00 -35.27
C ARG O 6 -111.32 27.24 -35.89
N LEU O 7 -111.63 28.51 -36.13
CA LEU O 7 -112.90 28.87 -36.73
C LEU O 7 -112.67 29.38 -38.17
N THR O 8 -113.74 29.81 -38.81
CA THR O 8 -113.63 30.31 -40.18
C THR O 8 -114.31 31.66 -40.35
N ASN O 9 -113.73 32.48 -41.22
CA ASN O 9 -114.29 33.79 -41.54
C ASN O 9 -113.58 34.24 -42.81
N SER O 10 -113.93 35.41 -43.32
CA SER O 10 -113.30 35.88 -44.54
C SER O 10 -113.15 37.38 -44.52
N SER O 11 -112.79 37.94 -45.67
CA SER O 11 -112.60 39.38 -45.78
C SER O 11 -112.35 39.80 -47.21
N THR O 12 -112.28 41.11 -47.43
CA THR O 12 -112.03 41.69 -48.73
C THR O 12 -110.63 41.34 -49.20
N GLY O 13 -109.90 40.58 -48.39
CA GLY O 13 -108.55 40.19 -48.74
C GLY O 13 -108.33 38.68 -48.79
N GLY O 14 -109.40 37.90 -48.65
CA GLY O 14 -109.27 36.46 -48.69
C GLY O 14 -109.81 35.75 -47.46
N PRO O 15 -110.11 34.44 -47.56
CA PRO O 15 -110.64 33.64 -46.44
C PRO O 15 -109.57 33.39 -45.39
N VAL O 16 -109.98 33.22 -44.14
CA VAL O 16 -109.01 32.97 -43.08
C VAL O 16 -109.47 31.97 -42.03
N PHE O 17 -108.49 31.29 -41.44
CA PHE O 17 -108.72 30.35 -40.35
C PHE O 17 -108.41 31.22 -39.15
N VAL O 18 -109.39 31.45 -38.29
CA VAL O 18 -109.17 32.29 -37.12
C VAL O 18 -109.04 31.42 -35.88
N TYR O 19 -107.90 31.53 -35.19
CA TYR O 19 -107.68 30.75 -33.98
C TYR O 19 -108.14 31.59 -32.80
N VAL O 20 -109.06 31.04 -32.03
CA VAL O 20 -109.63 31.73 -30.88
C VAL O 20 -109.45 31.01 -29.55
N LYS O 21 -109.19 31.79 -28.50
CA LYS O 21 -109.01 31.24 -27.17
C LYS O 21 -109.55 32.19 -26.11
N ASP O 22 -110.41 31.67 -25.26
CA ASP O 22 -111.02 32.46 -24.20
C ASP O 22 -111.65 33.75 -24.70
N GLY O 23 -112.40 33.64 -25.79
CA GLY O 23 -113.09 34.79 -26.35
C GLY O 23 -112.19 35.83 -27.00
N LYS O 24 -110.94 35.45 -27.26
CA LYS O 24 -109.99 36.36 -27.87
C LYS O 24 -109.37 35.78 -29.14
N ILE O 25 -109.22 36.61 -30.17
CA ILE O 25 -108.61 36.16 -31.42
C ILE O 25 -107.11 36.12 -31.20
N ILE O 26 -106.49 34.99 -31.52
CA ILE O 26 -105.06 34.81 -31.35
C ILE O 26 -104.28 35.04 -32.64
N ARG O 27 -104.83 34.57 -33.76
CA ARG O 27 -104.16 34.74 -35.05
C ARG O 27 -105.08 34.43 -36.21
N MET O 28 -104.81 35.05 -37.34
CA MET O 28 -105.57 34.83 -38.57
C MET O 28 -104.55 34.40 -39.63
N THR O 29 -104.84 33.30 -40.32
CA THR O 29 -103.92 32.78 -41.33
C THR O 29 -104.66 32.30 -42.58
N PRO O 30 -103.92 32.08 -43.69
CA PRO O 30 -104.50 31.61 -44.95
C PRO O 30 -105.06 30.22 -44.73
N MET O 31 -105.85 29.73 -45.68
CA MET O 31 -106.43 28.41 -45.53
C MET O 31 -105.71 27.29 -46.25
N ASP O 32 -105.48 26.20 -45.52
CA ASP O 32 -104.88 25.01 -46.04
C ASP O 32 -105.94 23.98 -46.43
N PHE O 33 -105.80 23.32 -47.54
CA PHE O 33 -106.81 22.34 -47.94
C PHE O 33 -106.50 20.98 -47.34
N ASP O 34 -107.54 20.22 -47.02
CA ASP O 34 -107.39 18.88 -46.49
C ASP O 34 -107.91 17.96 -47.58
N ASP O 35 -106.98 17.40 -48.36
CA ASP O 35 -107.31 16.52 -49.47
C ASP O 35 -108.22 15.35 -49.14
N ALA O 36 -108.40 15.08 -47.85
CA ALA O 36 -109.27 13.98 -47.42
C ALA O 36 -110.74 14.40 -47.45
N VAL O 37 -110.98 15.71 -47.43
CA VAL O 37 -112.34 16.23 -47.42
C VAL O 37 -112.63 17.29 -48.49
N ASP O 38 -111.59 18.00 -48.94
CA ASP O 38 -111.79 19.04 -49.95
C ASP O 38 -111.50 18.51 -51.34
N ALA O 39 -112.44 18.75 -52.26
CA ALA O 39 -112.34 18.29 -53.65
C ALA O 39 -111.03 18.59 -54.35
N PRO O 40 -110.63 17.72 -55.29
CA PRO O 40 -109.40 17.87 -56.07
C PRO O 40 -109.47 19.13 -56.93
N SER O 41 -108.32 19.67 -57.29
CA SER O 41 -108.26 20.89 -58.09
C SER O 41 -108.41 20.60 -59.58
N TRP O 42 -108.39 21.67 -60.37
CA TRP O 42 -108.50 21.57 -61.81
C TRP O 42 -107.10 21.40 -62.36
N LYS O 43 -107.01 20.88 -63.59
CA LYS O 43 -105.71 20.69 -64.24
C LYS O 43 -105.77 21.25 -65.66
N ILE O 44 -104.66 21.81 -66.12
CA ILE O 44 -104.57 22.37 -67.46
C ILE O 44 -103.32 21.88 -68.16
N GLU O 45 -103.50 21.17 -69.27
CA GLU O 45 -102.36 20.71 -70.03
C GLU O 45 -102.12 21.75 -71.12
N ALA O 46 -100.88 22.18 -71.27
CA ALA O 46 -100.54 23.18 -72.27
C ALA O 46 -99.06 23.15 -72.64
N ARG O 47 -98.78 23.11 -73.93
CA ARG O 47 -97.42 23.08 -74.44
C ARG O 47 -96.54 22.06 -73.70
N GLY O 48 -97.04 20.83 -73.62
CA GLY O 48 -96.28 19.77 -72.98
C GLY O 48 -96.20 19.75 -71.47
N LYS O 49 -96.87 20.68 -70.79
CA LYS O 49 -96.83 20.73 -69.33
C LYS O 49 -98.22 20.62 -68.69
N THR O 50 -98.26 20.22 -67.42
CA THR O 50 -99.51 20.11 -66.67
C THR O 50 -99.52 21.15 -65.56
N PHE O 51 -100.46 22.09 -65.64
CA PHE O 51 -100.56 23.14 -64.63
C PHE O 51 -101.70 22.95 -63.66
N THR O 52 -101.35 22.80 -62.39
CA THR O 52 -102.36 22.63 -61.33
C THR O 52 -102.00 23.60 -60.21
N PRO O 53 -103.00 24.30 -59.66
CA PRO O 53 -102.84 25.28 -58.59
C PRO O 53 -102.52 24.72 -57.22
N PRO O 54 -101.97 25.55 -56.32
CA PRO O 54 -101.62 25.12 -54.98
C PRO O 54 -102.89 24.73 -54.22
N ARG O 55 -102.77 23.75 -53.33
CA ARG O 55 -103.89 23.29 -52.52
C ARG O 55 -103.99 24.20 -51.30
N LYS O 56 -104.15 25.50 -51.56
CA LYS O 56 -104.20 26.48 -50.49
C LYS O 56 -104.70 27.83 -51.03
N THR O 57 -105.12 28.71 -50.14
CA THR O 57 -105.60 30.02 -50.55
C THR O 57 -104.54 31.05 -50.17
N SER O 58 -104.82 32.32 -50.44
CA SER O 58 -103.87 33.39 -50.13
C SER O 58 -104.62 34.57 -49.56
N ILE O 59 -103.90 35.44 -48.85
CA ILE O 59 -104.51 36.62 -48.26
C ILE O 59 -103.70 37.87 -48.57
N ALA O 60 -104.37 39.01 -48.53
CA ALA O 60 -103.72 40.29 -48.79
C ALA O 60 -103.09 40.79 -47.49
N PRO O 61 -102.19 41.78 -47.60
CA PRO O 61 -101.52 42.35 -46.42
C PRO O 61 -102.51 42.85 -45.37
N TYR O 62 -103.45 43.70 -45.81
CA TYR O 62 -104.44 44.28 -44.91
C TYR O 62 -105.29 43.24 -44.19
N THR O 63 -105.22 42.00 -44.67
CA THR O 63 -105.95 40.93 -44.04
C THR O 63 -104.99 40.19 -43.13
N ALA O 64 -103.73 40.11 -43.54
CA ALA O 64 -102.71 39.46 -42.73
C ALA O 64 -102.65 40.16 -41.37
N GLY O 65 -102.81 41.49 -41.39
CA GLY O 65 -102.78 42.24 -40.15
C GLY O 65 -104.13 42.79 -39.69
N PHE O 66 -105.22 42.19 -40.15
CA PHE O 66 -106.55 42.67 -39.79
C PHE O 66 -106.87 42.71 -38.30
N LYS O 67 -106.30 41.79 -37.52
CA LYS O 67 -106.57 41.74 -36.08
C LYS O 67 -106.26 43.08 -35.41
N SER O 68 -105.27 43.81 -35.92
CA SER O 68 -104.90 45.10 -35.38
C SER O 68 -105.99 46.13 -35.62
N MET O 69 -106.90 45.82 -36.53
CA MET O 69 -108.02 46.72 -36.84
C MET O 69 -109.21 46.41 -35.93
N ILE O 70 -109.43 45.13 -35.68
CA ILE O 70 -110.54 44.68 -34.83
C ILE O 70 -110.39 45.27 -33.43
N TYR O 71 -109.18 45.18 -32.87
CA TYR O 71 -108.94 45.70 -31.54
C TYR O 71 -108.30 47.09 -31.53
N SER O 72 -108.48 47.83 -32.62
CA SER O 72 -107.94 49.18 -32.74
C SER O 72 -108.41 50.09 -31.60
N ASP O 73 -107.57 51.04 -31.20
CA ASP O 73 -107.94 51.99 -30.15
C ASP O 73 -108.70 53.18 -30.72
N LEU O 74 -108.86 53.22 -32.05
CA LEU O 74 -109.61 54.28 -32.70
C LEU O 74 -111.01 53.74 -33.01
N ARG O 75 -111.23 52.50 -32.57
CA ARG O 75 -112.50 51.80 -32.73
C ARG O 75 -113.56 52.55 -31.91
N ILE O 76 -114.68 52.92 -32.54
CA ILE O 76 -115.74 53.62 -31.81
C ILE O 76 -116.16 52.74 -30.63
N PRO O 77 -115.97 53.25 -29.39
CA PRO O 77 -116.30 52.54 -28.15
C PRO O 77 -117.78 52.38 -27.77
N TYR O 78 -118.59 53.39 -28.08
CA TYR O 78 -120.00 53.35 -27.71
C TYR O 78 -120.70 54.53 -28.38
N PRO O 79 -122.05 54.58 -28.32
CA PRO O 79 -122.76 55.69 -28.95
C PRO O 79 -122.25 57.03 -28.42
N MET O 80 -121.98 57.96 -29.35
CA MET O 80 -121.46 59.28 -28.99
C MET O 80 -122.39 60.38 -29.52
N LYS O 81 -122.38 61.49 -28.80
CA LYS O 81 -123.20 62.64 -29.15
C LYS O 81 -122.35 63.90 -29.11
N ARG O 82 -122.59 64.79 -30.07
CA ARG O 82 -121.85 66.04 -30.14
C ARG O 82 -122.36 66.97 -29.04
N LYS O 83 -121.45 67.39 -28.15
CA LYS O 83 -121.78 68.27 -27.05
C LYS O 83 -122.56 69.50 -27.47
N SER O 84 -122.05 70.24 -28.43
CA SER O 84 -122.68 71.47 -28.92
C SER O 84 -124.01 71.27 -29.66
N PHE O 85 -124.46 70.03 -29.78
CA PHE O 85 -125.71 69.73 -30.48
C PHE O 85 -126.88 69.44 -29.53
N ASP O 86 -127.83 70.37 -29.46
CA ASP O 86 -129.02 70.16 -28.63
C ASP O 86 -130.23 70.11 -29.55
N PRO O 87 -130.83 68.91 -29.71
CA PRO O 87 -131.99 68.65 -30.55
C PRO O 87 -133.17 69.61 -30.32
N ASN O 88 -133.33 70.05 -29.08
CA ASN O 88 -134.42 70.94 -28.74
C ASN O 88 -133.99 72.38 -28.52
N GLY O 89 -132.76 72.70 -28.92
CA GLY O 89 -132.25 74.04 -28.78
C GLY O 89 -131.31 74.35 -29.93
N GLU O 90 -130.28 75.14 -29.66
CA GLU O 90 -129.30 75.49 -30.66
C GLU O 90 -128.56 74.24 -31.12
N ARG O 91 -128.66 73.93 -32.41
CA ARG O 91 -128.00 72.76 -32.97
C ARG O 91 -126.59 73.10 -33.46
N ASN O 92 -126.29 74.38 -33.54
CA ASN O 92 -124.98 74.86 -33.97
C ASN O 92 -124.39 74.10 -35.15
N PRO O 93 -124.97 74.25 -36.35
CA PRO O 93 -124.45 73.54 -37.51
C PRO O 93 -122.99 73.97 -37.75
N GLN O 94 -122.69 75.22 -37.41
CA GLN O 94 -121.35 75.74 -37.62
C GLN O 94 -120.28 75.15 -36.71
N LEU O 95 -120.67 74.32 -35.75
CA LEU O 95 -119.69 73.72 -34.84
C LEU O 95 -119.41 72.25 -35.12
N ARG O 96 -119.83 71.77 -36.28
CA ARG O 96 -119.55 70.38 -36.65
C ARG O 96 -118.07 70.33 -37.02
N GLY O 97 -117.36 69.34 -36.50
CA GLY O 97 -115.94 69.21 -36.79
C GLY O 97 -115.09 70.29 -36.12
N ALA O 98 -115.70 71.05 -35.21
CA ALA O 98 -114.99 72.10 -34.51
C ALA O 98 -113.77 71.52 -33.79
N GLY O 99 -113.94 70.32 -33.22
CA GLY O 99 -112.85 69.66 -32.52
C GLY O 99 -111.69 69.36 -33.45
N LEU O 100 -112.03 69.10 -34.71
CA LEU O 100 -111.06 68.80 -35.73
C LEU O 100 -110.31 70.09 -36.03
N SER O 101 -111.05 71.20 -36.05
CA SER O 101 -110.46 72.50 -36.32
C SER O 101 -109.45 72.93 -35.26
N LYS O 102 -109.35 72.16 -34.18
CA LYS O 102 -108.39 72.46 -33.11
C LYS O 102 -107.62 71.20 -32.75
N GLN O 103 -107.55 70.28 -33.71
CA GLN O 103 -106.81 69.03 -33.56
C GLN O 103 -107.17 68.17 -32.34
N ASP O 104 -108.43 68.21 -31.92
CA ASP O 104 -108.87 67.40 -30.78
C ASP O 104 -110.28 66.86 -31.05
N PRO O 105 -110.40 65.98 -32.05
CA PRO O 105 -111.64 65.33 -32.48
C PRO O 105 -112.55 64.79 -31.40
N TRP O 106 -112.00 63.97 -30.50
CA TRP O 106 -112.80 63.36 -29.44
C TRP O 106 -113.42 64.33 -28.44
N SER O 107 -112.80 65.49 -28.24
CA SER O 107 -113.32 66.47 -27.28
C SER O 107 -114.68 67.04 -27.67
N ASP O 108 -115.13 66.76 -28.89
CA ASP O 108 -116.40 67.25 -29.38
C ASP O 108 -117.59 66.40 -28.90
N TYR O 109 -117.33 65.13 -28.61
CA TYR O 109 -118.41 64.23 -28.21
C TYR O 109 -118.45 63.74 -26.76
N GLU O 110 -119.66 63.37 -26.35
CA GLU O 110 -119.93 62.85 -25.02
C GLU O 110 -120.65 61.51 -25.19
N ARG O 111 -120.46 60.62 -24.23
CA ARG O 111 -121.06 59.30 -24.24
C ARG O 111 -122.53 59.28 -23.87
N ILE O 112 -123.32 58.50 -24.63
CA ILE O 112 -124.75 58.35 -24.36
C ILE O 112 -125.05 56.87 -24.59
N SER O 113 -126.21 56.42 -24.14
CA SER O 113 -126.60 55.03 -24.31
C SER O 113 -127.24 54.76 -25.68
N TRP O 114 -127.31 53.49 -26.06
CA TRP O 114 -127.92 53.13 -27.32
C TRP O 114 -129.37 53.60 -27.34
N ASP O 115 -130.04 53.42 -26.21
CA ASP O 115 -131.43 53.82 -26.08
C ASP O 115 -131.66 55.29 -26.41
N GLU O 116 -130.90 56.17 -25.77
CA GLU O 116 -131.05 57.59 -26.01
C GLU O 116 -130.60 58.01 -27.40
N ALA O 117 -129.54 57.36 -27.88
CA ALA O 117 -129.03 57.68 -29.21
C ALA O 117 -130.09 57.38 -30.27
N THR O 118 -130.60 56.16 -30.26
CA THR O 118 -131.62 55.75 -31.22
C THR O 118 -132.92 56.55 -31.07
N ASP O 119 -133.23 56.98 -29.85
CA ASP O 119 -134.43 57.80 -29.60
C ASP O 119 -134.29 59.15 -30.31
N ILE O 120 -133.11 59.74 -30.23
CA ILE O 120 -132.83 61.03 -30.86
C ILE O 120 -132.97 60.91 -32.38
N VAL O 121 -132.33 59.90 -32.96
CA VAL O 121 -132.40 59.70 -34.40
C VAL O 121 -133.84 59.49 -34.83
N VAL O 122 -134.55 58.60 -34.12
CA VAL O 122 -135.96 58.33 -34.42
C VAL O 122 -136.80 59.60 -34.37
N ALA O 123 -136.59 60.41 -33.33
CA ALA O 123 -137.34 61.66 -33.19
C ALA O 123 -137.12 62.58 -34.39
N GLU O 124 -135.89 62.59 -34.92
CA GLU O 124 -135.57 63.41 -36.08
C GLU O 124 -136.17 62.85 -37.35
N ILE O 125 -136.01 61.54 -37.54
CA ILE O 125 -136.54 60.85 -38.71
C ILE O 125 -138.02 61.17 -38.89
N ASN O 126 -138.79 60.90 -37.84
CA ASN O 126 -140.23 61.12 -37.90
C ASN O 126 -140.65 62.57 -38.01
N ARG O 127 -139.86 63.48 -37.44
CA ARG O 127 -140.20 64.89 -37.51
C ARG O 127 -140.08 65.40 -38.94
N ILE O 128 -138.99 65.01 -39.59
CA ILE O 128 -138.71 65.40 -40.96
C ILE O 128 -139.65 64.76 -41.97
N LYS O 129 -139.94 63.47 -41.81
CA LYS O 129 -140.86 62.80 -42.72
C LYS O 129 -142.21 63.50 -42.73
N HIS O 130 -142.73 63.84 -41.55
CA HIS O 130 -144.03 64.50 -41.48
C HIS O 130 -144.04 65.96 -41.91
N ALA O 131 -142.89 66.60 -41.92
CA ALA O 131 -142.83 67.99 -42.33
C ALA O 131 -142.35 68.18 -43.76
N TYR O 132 -141.42 67.34 -44.21
CA TYR O 132 -140.84 67.46 -45.56
C TYR O 132 -140.96 66.20 -46.42
N GLY O 133 -141.11 65.05 -45.78
CA GLY O 133 -141.22 63.80 -46.51
C GLY O 133 -139.97 62.97 -46.45
N PRO O 134 -140.05 61.66 -46.77
CA PRO O 134 -138.92 60.73 -46.76
C PRO O 134 -137.72 61.20 -47.59
N SER O 135 -137.99 61.91 -48.69
CA SER O 135 -136.94 62.40 -49.56
C SER O 135 -136.00 63.35 -48.84
N ALA O 136 -136.48 64.00 -47.79
CA ALA O 136 -135.67 64.94 -47.02
C ALA O 136 -134.52 64.26 -46.26
N ILE O 137 -134.55 62.92 -46.19
CA ILE O 137 -133.52 62.16 -45.48
C ILE O 137 -132.45 61.58 -46.41
N LEU O 138 -131.30 62.25 -46.50
CA LEU O 138 -130.19 61.80 -47.34
C LEU O 138 -129.41 60.68 -46.65
N SER O 139 -128.89 59.77 -47.46
CA SER O 139 -128.12 58.68 -46.91
C SER O 139 -127.22 58.02 -47.95
N THR O 140 -126.13 57.44 -47.46
CA THR O 140 -125.20 56.78 -48.36
C THR O 140 -124.05 56.12 -47.62
N PRO O 141 -123.71 54.89 -48.02
CA PRO O 141 -122.60 54.20 -47.37
C PRO O 141 -121.44 54.59 -48.28
N SER O 142 -120.82 53.60 -48.91
CA SER O 142 -119.75 53.85 -49.85
C SER O 142 -119.54 52.59 -50.66
N SER O 143 -118.62 52.66 -51.62
CA SER O 143 -118.36 51.54 -52.49
C SER O 143 -118.03 50.23 -51.78
N HIS O 144 -117.09 50.25 -50.83
CA HIS O 144 -116.74 49.01 -50.18
C HIS O 144 -117.26 48.75 -48.78
N HIS O 145 -117.08 47.52 -48.34
CA HIS O 145 -117.67 47.11 -47.08
C HIS O 145 -117.00 45.84 -46.52
N MET O 146 -117.20 45.60 -45.23
CA MET O 146 -116.67 44.41 -44.57
C MET O 146 -117.27 43.22 -45.32
N TRP O 147 -116.45 42.22 -45.61
CA TRP O 147 -116.91 41.03 -46.33
C TRP O 147 -118.03 40.34 -45.57
N GLY O 148 -119.04 39.88 -46.31
CA GLY O 148 -120.18 39.21 -45.72
C GLY O 148 -121.40 39.50 -46.57
N ASN O 149 -121.94 38.48 -47.22
CA ASN O 149 -123.08 38.65 -48.10
C ASN O 149 -124.37 39.22 -47.49
N VAL O 150 -124.79 38.69 -46.36
CA VAL O 150 -126.03 39.17 -45.74
C VAL O 150 -125.88 40.54 -45.07
N GLY O 151 -124.71 40.80 -44.50
CA GLY O 151 -124.48 42.07 -43.83
C GLY O 151 -124.01 43.18 -44.76
N TYR O 152 -123.75 42.84 -46.02
CA TYR O 152 -123.26 43.81 -46.99
C TYR O 152 -124.25 44.96 -47.23
N ARG O 153 -123.73 46.12 -47.60
CA ARG O 153 -124.58 47.29 -47.85
C ARG O 153 -125.74 47.02 -48.81
N HIS O 154 -125.52 46.18 -49.83
CA HIS O 154 -126.55 45.85 -50.82
C HIS O 154 -127.67 45.04 -50.19
N SER O 155 -127.36 44.38 -49.07
CA SER O 155 -128.33 43.53 -48.38
C SER O 155 -129.01 44.23 -47.21
N THR O 156 -128.37 44.16 -46.04
CA THR O 156 -128.88 44.75 -44.81
C THR O 156 -129.26 46.23 -44.92
N TYR O 157 -128.28 47.08 -45.24
CA TYR O 157 -128.51 48.52 -45.36
C TYR O 157 -129.73 48.85 -46.23
N PHE O 158 -129.79 48.26 -47.41
CA PHE O 158 -130.91 48.52 -48.33
C PHE O 158 -132.25 48.00 -47.79
N ARG O 159 -132.25 46.82 -47.17
CA ARG O 159 -133.50 46.29 -46.65
C ARG O 159 -134.11 47.21 -45.61
N PHE O 160 -133.27 47.85 -44.79
CA PHE O 160 -133.76 48.76 -43.77
C PHE O 160 -134.08 50.16 -44.31
N MET O 161 -133.15 50.76 -45.05
CA MET O 161 -133.36 52.10 -45.58
C MET O 161 -134.58 52.20 -46.49
N ASN O 162 -134.91 51.11 -47.19
CA ASN O 162 -136.06 51.11 -48.09
C ASN O 162 -137.39 51.18 -47.34
N MET O 163 -137.38 50.77 -46.07
CA MET O 163 -138.60 50.83 -45.27
C MET O 163 -138.63 52.10 -44.45
N MET O 164 -137.56 52.89 -44.54
CA MET O 164 -137.44 54.11 -43.76
C MET O 164 -137.59 55.42 -44.56
N GLY O 165 -136.61 55.73 -45.40
CA GLY O 165 -136.69 56.96 -46.18
C GLY O 165 -136.92 56.69 -47.66
N PHE O 166 -136.10 57.27 -48.54
CA PHE O 166 -134.99 58.17 -48.21
C PHE O 166 -134.37 58.58 -49.55
N THR O 167 -133.49 59.56 -49.52
CA THR O 167 -132.82 59.97 -50.75
C THR O 167 -131.42 59.36 -50.73
N TYR O 168 -131.11 58.59 -51.77
CA TYR O 168 -129.83 57.94 -51.88
C TYR O 168 -128.87 58.80 -52.67
N ALA O 169 -127.61 58.80 -52.25
CA ALA O 169 -126.56 59.51 -52.97
C ALA O 169 -125.99 58.30 -53.69
N ASP O 170 -126.49 58.06 -54.89
CA ASP O 170 -126.06 56.92 -55.68
C ASP O 170 -124.62 57.10 -56.07
N HIS O 171 -123.90 55.97 -56.14
CA HIS O 171 -122.48 55.99 -56.46
C HIS O 171 -122.15 56.07 -57.94
N ASN O 172 -121.18 56.91 -58.27
CA ASN O 172 -120.69 57.04 -59.63
C ASN O 172 -119.95 55.73 -59.86
N PRO O 173 -119.92 55.23 -61.10
CA PRO O 173 -119.22 53.97 -61.39
C PRO O 173 -117.70 54.14 -61.30
N ASP O 174 -117.21 54.54 -60.12
CA ASP O 174 -115.79 54.80 -59.88
C ASP O 174 -114.77 53.83 -60.48
N SER O 175 -114.92 52.54 -60.19
CA SER O 175 -113.98 51.56 -60.71
C SER O 175 -113.96 51.44 -62.24
N TRP O 176 -115.09 51.79 -62.88
CA TRP O 176 -115.23 51.68 -64.33
C TRP O 176 -115.20 52.96 -65.13
N GLU O 177 -115.37 54.09 -64.45
CA GLU O 177 -115.44 55.39 -65.11
C GLU O 177 -115.26 55.34 -66.63
N GLY O 178 -114.02 55.32 -67.09
CA GLY O 178 -113.78 55.30 -68.52
C GLY O 178 -114.56 54.26 -69.32
N TRP O 179 -114.59 53.02 -68.84
CA TRP O 179 -115.31 51.94 -69.53
C TRP O 179 -116.82 52.15 -69.49
N HIS O 180 -117.31 52.75 -68.42
CA HIS O 180 -118.72 52.99 -68.25
C HIS O 180 -119.27 54.15 -69.06
N TRP O 181 -118.63 55.32 -69.00
CA TRP O 181 -119.12 56.48 -69.76
C TRP O 181 -118.55 56.55 -71.18
N GLY O 182 -117.59 55.69 -71.49
CA GLY O 182 -117.00 55.71 -72.82
C GLY O 182 -117.04 54.41 -73.60
N GLY O 183 -116.28 53.42 -73.13
CA GLY O 183 -116.25 52.13 -73.80
C GLY O 183 -117.60 51.48 -74.05
N MET O 184 -118.54 51.69 -73.13
CA MET O 184 -119.88 51.12 -73.24
C MET O 184 -120.50 51.44 -74.59
N HIS O 185 -120.35 52.69 -75.02
CA HIS O 185 -120.91 53.16 -76.28
C HIS O 185 -120.18 52.52 -77.45
N MET O 186 -118.96 52.06 -77.22
CA MET O 186 -118.17 51.45 -78.28
C MET O 186 -118.37 49.94 -78.47
N TRP O 187 -118.58 49.19 -77.39
CA TRP O 187 -118.75 47.74 -77.52
C TRP O 187 -119.81 47.09 -76.63
N GLY O 188 -120.60 47.90 -75.93
CA GLY O 188 -121.63 47.36 -75.07
C GLY O 188 -121.16 46.97 -73.68
N PHE O 189 -121.53 45.76 -73.25
CA PHE O 189 -121.16 45.24 -71.94
C PHE O 189 -121.68 46.14 -70.81
N SER O 190 -122.85 46.72 -71.01
CA SER O 190 -123.43 47.58 -70.00
C SER O 190 -123.57 46.81 -68.68
N TRP O 191 -123.87 45.51 -68.77
CA TRP O 191 -124.06 44.69 -67.57
C TRP O 191 -122.76 44.51 -66.78
N ARG O 192 -121.62 44.77 -67.42
CA ARG O 192 -120.32 44.69 -66.77
C ARG O 192 -119.78 46.12 -66.76
N LEU O 193 -120.71 47.07 -66.86
CA LEU O 193 -120.41 48.49 -66.87
C LEU O 193 -119.23 48.88 -67.76
N GLY O 194 -119.16 48.26 -68.93
CA GLY O 194 -118.08 48.57 -69.86
C GLY O 194 -116.94 47.57 -69.91
N ASN O 195 -116.72 46.82 -68.82
CA ASN O 195 -115.64 45.83 -68.82
C ASN O 195 -115.96 44.62 -69.68
N PRO O 196 -114.92 43.92 -70.15
CA PRO O 196 -115.11 42.75 -70.98
C PRO O 196 -115.31 41.45 -70.22
N GLU O 197 -115.82 40.48 -70.95
CA GLU O 197 -116.07 39.12 -70.48
C GLU O 197 -114.68 38.50 -70.35
N GLN O 198 -114.52 37.47 -69.52
CA GLN O 198 -113.19 36.87 -69.35
C GLN O 198 -113.15 35.34 -69.18
N TYR O 199 -114.29 34.69 -69.30
CA TYR O 199 -114.36 33.23 -69.14
C TYR O 199 -113.31 32.40 -69.90
N ASP O 200 -112.87 31.33 -69.25
CA ASP O 200 -111.92 30.37 -69.81
C ASP O 200 -110.62 30.86 -70.47
N LEU O 201 -110.14 32.04 -70.11
CA LEU O 201 -108.92 32.59 -70.72
C LEU O 201 -107.60 32.02 -70.21
N LEU O 202 -107.58 31.47 -68.99
CA LEU O 202 -106.32 30.94 -68.46
C LEU O 202 -105.74 29.81 -69.33
N GLU O 203 -106.56 28.85 -69.72
CA GLU O 203 -106.06 27.76 -70.55
C GLU O 203 -105.65 28.27 -71.93
N ASP O 204 -106.43 29.20 -72.47
CA ASP O 204 -106.16 29.79 -73.78
C ASP O 204 -104.77 30.45 -73.77
N GLY O 205 -104.52 31.27 -72.77
CA GLY O 205 -103.24 31.96 -72.65
C GLY O 205 -102.07 31.03 -72.41
N LEU O 206 -102.22 30.08 -71.49
CA LEU O 206 -101.16 29.12 -71.21
C LEU O 206 -100.77 28.38 -72.48
N LYS O 207 -101.73 28.22 -73.38
CA LYS O 207 -101.51 27.52 -74.64
C LYS O 207 -101.03 28.37 -75.81
N HIS O 208 -101.45 29.64 -75.87
CA HIS O 208 -101.09 30.48 -77.01
C HIS O 208 -100.37 31.81 -76.75
N ALA O 209 -100.35 32.26 -75.50
CA ALA O 209 -99.69 33.53 -75.19
C ALA O 209 -98.21 33.53 -75.57
N GLU O 210 -97.75 34.65 -76.11
CA GLU O 210 -96.35 34.84 -76.48
C GLU O 210 -95.89 36.18 -75.89
N MET O 211 -96.88 37.00 -75.53
CA MET O 211 -96.61 38.30 -74.94
C MET O 211 -97.87 38.89 -74.31
N ILE O 212 -97.66 39.59 -73.19
CA ILE O 212 -98.75 40.24 -72.48
C ILE O 212 -98.37 41.70 -72.24
N VAL O 213 -99.28 42.59 -72.61
CA VAL O 213 -99.06 44.01 -72.42
C VAL O 213 -99.92 44.43 -71.23
N PHE O 214 -99.26 44.74 -70.12
CA PHE O 214 -99.95 45.16 -68.91
C PHE O 214 -100.04 46.68 -68.95
N TRP O 215 -101.20 47.18 -69.38
CA TRP O 215 -101.44 48.61 -69.50
C TRP O 215 -102.29 49.07 -68.30
N SER O 216 -101.75 50.00 -67.52
CA SER O 216 -102.44 50.51 -66.33
C SER O 216 -102.95 49.33 -65.51
N SER O 217 -102.08 48.35 -65.31
CA SER O 217 -102.44 47.14 -64.58
C SER O 217 -101.38 46.66 -63.59
N ASP O 218 -101.80 46.48 -62.34
CA ASP O 218 -100.90 46.01 -61.29
C ASP O 218 -101.54 44.81 -60.59
N PRO O 219 -101.59 43.66 -61.28
CA PRO O 219 -102.16 42.41 -60.75
C PRO O 219 -101.75 42.04 -59.33
N GLU O 220 -100.46 42.05 -59.03
CA GLU O 220 -100.01 41.71 -57.69
C GLU O 220 -100.64 42.60 -56.62
N THR O 221 -100.75 43.90 -56.91
CA THR O 221 -101.34 44.85 -55.96
C THR O 221 -102.86 44.79 -55.83
N ASN O 222 -103.56 44.87 -56.96
CA ASN O 222 -105.02 44.87 -56.97
C ASN O 222 -105.64 43.48 -57.01
N SER O 223 -104.98 42.54 -57.70
CA SER O 223 -105.46 41.16 -57.83
C SER O 223 -106.83 41.13 -58.47
N GLY O 224 -107.15 42.17 -59.22
CA GLY O 224 -108.48 42.27 -59.80
C GLY O 224 -109.23 42.90 -58.65
N ILE O 225 -109.58 42.06 -57.67
CA ILE O 225 -110.27 42.52 -56.46
C ILE O 225 -110.67 41.35 -55.57
N TYR O 226 -110.41 41.49 -54.27
CA TYR O 226 -110.77 40.49 -53.27
C TYR O 226 -110.05 39.14 -53.36
N ALA O 227 -108.97 39.05 -54.13
CA ALA O 227 -108.33 37.73 -54.28
C ALA O 227 -106.89 37.55 -53.84
N GLY O 228 -106.48 38.20 -52.75
CA GLY O 228 -105.11 38.07 -52.26
C GLY O 228 -104.08 37.99 -53.36
N PHE O 229 -103.33 36.90 -53.41
CA PHE O 229 -102.31 36.72 -54.45
C PHE O 229 -102.51 35.42 -55.23
N GLU O 230 -103.77 35.05 -55.42
CA GLU O 230 -104.14 33.84 -56.14
C GLU O 230 -103.48 33.67 -57.50
N SER O 231 -103.29 34.76 -58.23
CA SER O 231 -102.73 34.69 -59.58
C SER O 231 -101.22 34.84 -59.75
N ASN O 232 -100.49 34.98 -58.66
CA ASN O 232 -99.04 35.14 -58.77
C ASN O 232 -98.36 33.94 -59.41
N ILE O 233 -98.92 32.75 -59.20
CA ILE O 233 -98.31 31.54 -59.75
C ILE O 233 -98.64 31.35 -61.24
N ARG O 234 -99.71 31.98 -61.68
CA ARG O 234 -100.15 31.90 -63.07
C ARG O 234 -99.18 32.68 -63.95
N ARG O 235 -98.79 33.87 -63.50
CA ARG O 235 -97.86 34.70 -64.27
C ARG O 235 -96.48 34.05 -64.21
N GLN O 236 -96.26 33.23 -63.19
CA GLN O 236 -94.99 32.52 -63.04
C GLN O 236 -94.93 31.44 -64.12
N TRP O 237 -96.06 30.80 -64.39
CA TRP O 237 -96.14 29.77 -65.42
C TRP O 237 -95.93 30.34 -66.82
N LEU O 238 -96.52 31.51 -67.07
CA LEU O 238 -96.38 32.17 -68.37
C LEU O 238 -94.94 32.61 -68.54
N LYS O 239 -94.38 33.15 -67.47
CA LYS O 239 -93.00 33.62 -67.48
C LYS O 239 -92.05 32.49 -67.82
N ASP O 240 -92.21 31.35 -67.16
CA ASP O 240 -91.34 30.21 -67.43
C ASP O 240 -91.69 29.51 -68.73
N LEU O 241 -92.71 30.00 -69.43
CA LEU O 241 -93.08 29.43 -70.72
C LEU O 241 -92.44 30.31 -71.78
N GLY O 242 -91.77 31.36 -71.33
CA GLY O 242 -91.10 32.27 -72.24
C GLY O 242 -91.93 33.44 -72.72
N VAL O 243 -93.07 33.69 -72.05
CA VAL O 243 -93.94 34.79 -72.42
C VAL O 243 -93.36 36.13 -71.99
N ASP O 244 -93.41 37.12 -72.88
CA ASP O 244 -92.88 38.44 -72.57
C ASP O 244 -93.93 39.32 -71.90
N PHE O 245 -93.51 40.03 -70.85
CA PHE O 245 -94.40 40.92 -70.10
C PHE O 245 -93.98 42.37 -70.22
N VAL O 246 -94.82 43.18 -70.86
CA VAL O 246 -94.54 44.61 -71.02
C VAL O 246 -95.51 45.42 -70.15
N PHE O 247 -94.98 46.41 -69.43
CA PHE O 247 -95.78 47.26 -68.56
C PHE O 247 -95.80 48.73 -68.98
N ILE O 248 -96.99 49.32 -69.01
CA ILE O 248 -97.16 50.71 -69.35
C ILE O 248 -97.93 51.37 -68.20
N ASP O 249 -97.18 52.04 -67.33
CA ASP O 249 -97.73 52.67 -66.15
C ASP O 249 -96.79 53.82 -65.78
N PRO O 250 -97.32 55.03 -65.55
CA PRO O 250 -96.45 56.16 -65.20
C PRO O 250 -95.54 55.74 -64.03
N HIS O 251 -96.05 54.83 -63.21
CA HIS O 251 -95.32 54.32 -62.05
C HIS O 251 -94.96 52.86 -62.27
N MET O 252 -93.69 52.52 -62.02
CA MET O 252 -93.26 51.14 -62.16
C MET O 252 -93.91 50.43 -60.99
N ASN O 253 -95.12 49.94 -61.21
CA ASN O 253 -95.88 49.25 -60.18
C ASN O 253 -95.22 47.98 -59.63
N HIS O 254 -95.82 47.42 -58.60
CA HIS O 254 -95.29 46.24 -57.95
C HIS O 254 -95.24 44.97 -58.81
N THR O 255 -96.14 44.84 -59.78
CA THR O 255 -96.10 43.67 -60.63
C THR O 255 -94.92 43.86 -61.59
N ALA O 256 -94.75 45.08 -62.07
CA ALA O 256 -93.65 45.38 -62.98
C ALA O 256 -92.29 45.27 -62.29
N ARG O 257 -92.26 45.52 -60.99
CA ARG O 257 -91.00 45.44 -60.25
C ARG O 257 -90.54 44.00 -60.11
N LEU O 258 -91.48 43.06 -60.20
CA LEU O 258 -91.17 41.65 -60.05
C LEU O 258 -90.90 40.90 -61.36
N VAL O 259 -91.73 41.12 -62.38
CA VAL O 259 -91.57 40.38 -63.63
C VAL O 259 -91.50 41.15 -64.94
N ALA O 260 -91.39 42.47 -64.88
CA ALA O 260 -91.33 43.25 -66.12
C ALA O 260 -90.10 42.95 -66.97
N ASP O 261 -90.28 42.98 -68.29
CA ASP O 261 -89.19 42.78 -69.23
C ASP O 261 -88.89 44.15 -69.81
N LYS O 262 -89.87 45.03 -69.67
CA LYS O 262 -89.78 46.40 -70.15
C LYS O 262 -90.92 47.21 -69.53
N TRP O 263 -90.61 48.42 -69.09
CA TRP O 263 -91.58 49.29 -68.46
C TRP O 263 -91.62 50.66 -69.18
N PHE O 264 -92.81 51.18 -69.43
CA PHE O 264 -92.95 52.49 -70.07
C PHE O 264 -93.62 53.41 -69.07
N SER O 265 -93.16 54.65 -68.99
CA SER O 265 -93.76 55.59 -68.05
C SER O 265 -94.33 56.79 -68.76
N PRO O 266 -95.58 56.69 -69.22
CA PRO O 266 -96.24 57.80 -69.92
C PRO O 266 -96.64 58.90 -68.94
N LYS O 267 -96.65 60.14 -69.40
CA LYS O 267 -97.04 61.28 -68.57
C LYS O 267 -98.53 61.14 -68.29
N ILE O 268 -99.00 61.66 -67.16
CA ILE O 268 -100.42 61.53 -66.83
C ILE O 268 -101.29 62.04 -67.96
N GLY O 269 -102.40 61.34 -68.18
CA GLY O 269 -103.35 61.71 -69.21
C GLY O 269 -102.83 61.69 -70.64
N THR O 270 -101.87 60.82 -70.95
CA THR O 270 -101.33 60.75 -72.31
C THR O 270 -101.31 59.35 -72.89
N ASP O 271 -101.99 58.41 -72.23
CA ASP O 271 -102.04 57.02 -72.70
C ASP O 271 -102.60 56.80 -74.09
N HIS O 272 -103.69 57.50 -74.41
CA HIS O 272 -104.31 57.31 -75.70
C HIS O 272 -103.44 57.75 -76.87
N ALA O 273 -102.40 58.53 -76.58
CA ALA O 273 -101.48 58.97 -77.63
C ALA O 273 -100.71 57.74 -78.11
N LEU O 274 -100.25 56.92 -77.18
CA LEU O 274 -99.50 55.70 -77.49
C LEU O 274 -100.36 54.68 -78.25
N SER O 275 -101.62 54.53 -77.84
CA SER O 275 -102.50 53.60 -78.53
C SER O 275 -102.76 54.06 -79.97
N PHE O 276 -102.92 55.37 -80.17
CA PHE O 276 -103.14 55.89 -81.52
C PHE O 276 -101.89 55.65 -82.36
N ALA O 277 -100.72 55.86 -81.77
CA ALA O 277 -99.46 55.66 -82.49
C ALA O 277 -99.31 54.18 -82.83
N ILE O 278 -99.67 53.31 -81.89
CA ILE O 278 -99.56 51.87 -82.14
C ILE O 278 -100.51 51.51 -83.28
N ALA O 279 -101.66 52.18 -83.35
CA ALA O 279 -102.64 51.93 -84.41
C ALA O 279 -102.07 52.49 -85.70
N TYR O 280 -101.48 53.67 -85.61
CA TYR O 280 -100.87 54.30 -86.78
C TYR O 280 -99.90 53.31 -87.42
N THR O 281 -99.02 52.73 -86.61
CA THR O 281 -98.04 51.76 -87.13
C THR O 281 -98.72 50.55 -87.78
N TRP O 282 -99.78 50.06 -87.15
CA TRP O 282 -100.47 48.90 -87.70
C TRP O 282 -101.12 49.23 -89.04
N LEU O 283 -101.76 50.40 -89.13
CA LEU O 283 -102.41 50.82 -90.36
C LEU O 283 -101.40 51.04 -91.49
N LYS O 284 -100.25 51.61 -91.13
CA LYS O 284 -99.18 51.89 -92.08
C LYS O 284 -98.49 50.64 -92.61
N GLU O 285 -98.43 49.61 -91.79
CA GLU O 285 -97.76 48.36 -92.17
C GLU O 285 -98.69 47.17 -92.46
N ASP O 286 -99.99 47.40 -92.37
CA ASP O 286 -100.97 46.35 -92.61
C ASP O 286 -100.80 45.21 -91.63
N SER O 287 -100.35 45.53 -90.42
CA SER O 287 -100.12 44.49 -89.43
C SER O 287 -101.25 44.27 -88.43
N TYR O 288 -102.48 44.12 -88.93
CA TYR O 288 -103.62 43.84 -88.06
C TYR O 288 -104.55 42.87 -88.77
N ASP O 289 -105.60 42.45 -88.07
CA ASP O 289 -106.57 41.50 -88.62
C ASP O 289 -107.63 42.17 -89.48
N LYS O 290 -107.33 42.38 -90.76
CA LYS O 290 -108.29 43.02 -91.65
C LYS O 290 -109.60 42.26 -91.82
N GLU O 291 -109.55 40.93 -91.88
CA GLU O 291 -110.77 40.14 -92.04
C GLU O 291 -111.70 40.36 -90.86
N TYR O 292 -111.12 40.33 -89.66
CA TYR O 292 -111.87 40.51 -88.43
C TYR O 292 -112.56 41.87 -88.38
N VAL O 293 -111.78 42.91 -88.65
CA VAL O 293 -112.26 44.29 -88.61
C VAL O 293 -113.37 44.57 -89.63
N ALA O 294 -113.26 44.03 -90.84
CA ALA O 294 -114.27 44.26 -91.87
C ALA O 294 -115.61 43.68 -91.45
N ALA O 295 -115.57 42.61 -90.66
CA ALA O 295 -116.78 41.96 -90.21
C ALA O 295 -117.30 42.45 -88.86
N ASN O 296 -116.40 42.75 -87.93
CA ASN O 296 -116.82 43.15 -86.60
C ASN O 296 -116.59 44.59 -86.14
N ALA O 297 -116.38 45.51 -87.09
CA ALA O 297 -116.16 46.91 -86.74
C ALA O 297 -117.07 47.83 -87.54
N HIS O 298 -117.41 48.97 -86.95
CA HIS O 298 -118.26 49.96 -87.60
C HIS O 298 -117.58 51.33 -87.57
N GLY O 299 -117.69 52.07 -88.66
CA GLY O 299 -117.08 53.39 -88.74
C GLY O 299 -115.56 53.33 -88.74
N PHE O 300 -114.99 52.16 -89.01
CA PHE O 300 -113.55 51.99 -89.00
C PHE O 300 -112.79 52.76 -90.08
N GLU O 301 -113.35 52.84 -91.28
CA GLU O 301 -112.70 53.55 -92.38
C GLU O 301 -112.48 55.01 -92.02
N GLU O 302 -113.50 55.66 -91.47
CA GLU O 302 -113.38 57.07 -91.11
C GLU O 302 -112.45 57.24 -89.92
N TRP O 303 -112.40 56.25 -89.04
CA TRP O 303 -111.52 56.32 -87.87
C TRP O 303 -110.09 56.25 -88.37
N ALA O 304 -109.82 55.32 -89.27
CA ALA O 304 -108.49 55.15 -89.83
C ALA O 304 -108.02 56.46 -90.46
N ASP O 305 -108.90 57.13 -91.21
CA ASP O 305 -108.53 58.40 -91.81
C ASP O 305 -108.11 59.37 -90.74
N TYR O 306 -108.83 59.35 -89.62
CA TYR O 306 -108.52 60.25 -88.51
C TYR O 306 -107.11 59.95 -88.00
N VAL O 307 -106.84 58.67 -87.79
CA VAL O 307 -105.55 58.22 -87.30
C VAL O 307 -104.38 58.60 -88.20
N LEU O 308 -104.56 58.42 -89.52
CA LEU O 308 -103.54 58.74 -90.51
C LEU O 308 -103.28 60.24 -90.60
N GLY O 309 -104.17 61.04 -90.01
CA GLY O 309 -104.00 62.49 -90.02
C GLY O 309 -104.74 63.23 -91.12
N LYS O 310 -105.57 62.51 -91.88
CA LYS O 310 -106.31 63.11 -92.99
C LYS O 310 -107.43 64.09 -92.64
N THR O 311 -107.91 64.09 -91.40
CA THR O 311 -108.99 64.99 -91.04
C THR O 311 -108.61 66.16 -90.14
N ASP O 312 -107.53 66.01 -89.37
CA ASP O 312 -107.10 67.08 -88.48
C ASP O 312 -105.66 67.50 -88.80
N GLY O 313 -105.15 67.00 -89.92
CA GLY O 313 -103.79 67.33 -90.32
C GLY O 313 -102.72 66.92 -89.33
N THR O 314 -102.96 65.87 -88.56
CA THR O 314 -101.98 65.44 -87.57
C THR O 314 -101.82 63.92 -87.52
N PRO O 315 -100.88 63.36 -88.31
CA PRO O 315 -100.70 61.91 -88.28
C PRO O 315 -100.31 61.49 -86.86
N LYS O 316 -100.97 60.44 -86.35
CA LYS O 316 -100.67 59.98 -85.00
C LYS O 316 -99.44 59.07 -84.98
N THR O 317 -98.32 59.63 -85.41
CA THR O 317 -97.03 58.93 -85.47
C THR O 317 -96.43 58.72 -84.08
N CYS O 318 -95.46 57.82 -83.99
CA CYS O 318 -94.79 57.55 -82.72
C CYS O 318 -94.03 58.78 -82.23
N GLU O 319 -93.48 59.54 -83.16
CA GLU O 319 -92.75 60.75 -82.81
C GLU O 319 -93.74 61.69 -82.14
N TRP O 320 -94.95 61.74 -82.69
CA TRP O 320 -96.00 62.59 -82.12
C TRP O 320 -96.36 62.08 -80.73
N ALA O 321 -96.38 60.76 -80.57
CA ALA O 321 -96.71 60.14 -79.30
C ALA O 321 -95.64 60.46 -78.25
N GLU O 322 -94.38 60.39 -78.65
CA GLU O 322 -93.29 60.70 -77.74
C GLU O 322 -93.42 62.15 -77.25
N GLU O 323 -93.68 63.07 -78.18
CA GLU O 323 -93.82 64.48 -77.84
C GLU O 323 -94.93 64.71 -76.81
N GLU O 324 -95.96 63.88 -76.86
CA GLU O 324 -97.08 63.98 -75.94
C GLU O 324 -96.86 63.25 -74.62
N SER O 325 -96.33 62.03 -74.71
CA SER O 325 -96.14 61.17 -73.55
C SER O 325 -94.78 61.07 -72.88
N GLY O 326 -93.72 61.34 -73.60
CA GLY O 326 -92.39 61.23 -73.03
C GLY O 326 -91.76 59.87 -73.31
N VAL O 327 -92.56 58.92 -73.79
CA VAL O 327 -92.06 57.58 -74.11
C VAL O 327 -91.41 57.63 -75.49
N PRO O 328 -90.13 57.19 -75.58
CA PRO O 328 -89.36 57.16 -76.84
C PRO O 328 -90.14 56.58 -78.03
N ALA O 329 -90.10 57.28 -79.15
CA ALA O 329 -90.80 56.87 -80.36
C ALA O 329 -90.34 55.48 -80.84
N CYS O 330 -89.05 55.22 -80.73
CA CYS O 330 -88.51 53.94 -81.17
C CYS O 330 -89.09 52.74 -80.39
N GLU O 331 -89.32 52.92 -79.10
CA GLU O 331 -89.85 51.83 -78.28
C GLU O 331 -91.33 51.64 -78.55
N ILE O 332 -92.04 52.72 -78.81
CA ILE O 332 -93.48 52.63 -79.10
C ILE O 332 -93.65 51.82 -80.38
N ARG O 333 -92.78 52.09 -81.36
CA ARG O 333 -92.85 51.39 -82.64
C ARG O 333 -92.41 49.93 -82.51
N ALA O 334 -91.45 49.67 -81.63
CA ALA O 334 -90.96 48.31 -81.42
C ALA O 334 -92.08 47.46 -80.82
N LEU O 335 -92.81 48.03 -79.87
CA LEU O 335 -93.93 47.32 -79.23
C LEU O 335 -95.04 47.03 -80.26
N ALA O 336 -95.41 48.05 -81.04
CA ALA O 336 -96.44 47.91 -82.06
C ALA O 336 -96.15 46.74 -82.99
N ARG O 337 -94.90 46.63 -83.42
CA ARG O 337 -94.50 45.56 -84.33
C ARG O 337 -94.45 44.18 -83.69
N GLN O 338 -94.00 44.10 -82.44
CA GLN O 338 -93.93 42.81 -81.74
C GLN O 338 -95.37 42.35 -81.49
N TRP O 339 -96.21 43.29 -81.11
CA TRP O 339 -97.63 43.05 -80.82
C TRP O 339 -98.36 42.46 -82.02
N ALA O 340 -98.11 43.02 -83.20
CA ALA O 340 -98.78 42.55 -84.41
C ALA O 340 -98.38 41.13 -84.79
N LYS O 341 -97.09 40.83 -84.78
CA LYS O 341 -96.64 39.49 -85.16
C LYS O 341 -96.69 38.39 -84.11
N LYS O 342 -96.95 38.74 -82.85
CA LYS O 342 -97.01 37.74 -81.79
C LYS O 342 -98.40 37.57 -81.20
N ASN O 343 -98.69 36.39 -80.66
CA ASN O 343 -99.98 36.18 -80.03
C ASN O 343 -99.87 37.06 -78.79
N THR O 344 -100.53 38.21 -78.82
CA THR O 344 -100.47 39.15 -77.72
C THR O 344 -101.81 39.39 -77.01
N TYR O 345 -101.77 39.34 -75.69
CA TYR O 345 -102.95 39.60 -74.89
C TYR O 345 -102.79 40.99 -74.31
N LEU O 346 -103.90 41.72 -74.20
CA LEU O 346 -103.87 43.06 -73.65
C LEU O 346 -104.41 43.05 -72.24
N ALA O 347 -103.55 43.31 -71.27
CA ALA O 347 -103.97 43.34 -69.88
C ALA O 347 -104.25 44.79 -69.54
N ALA O 348 -105.47 45.22 -69.83
CA ALA O 348 -105.91 46.58 -69.55
C ALA O 348 -106.57 46.53 -68.19
N GLY O 349 -105.97 47.20 -67.21
CA GLY O 349 -106.51 47.18 -65.86
C GLY O 349 -106.11 45.87 -65.20
N GLY O 350 -106.29 45.77 -63.89
CA GLY O 350 -105.92 44.56 -63.18
C GLY O 350 -106.94 43.43 -63.24
N LEU O 351 -108.18 43.78 -63.55
CA LEU O 351 -109.28 42.82 -63.62
C LEU O 351 -109.51 42.23 -65.01
N GLY O 352 -109.33 43.08 -66.02
CA GLY O 352 -109.61 42.71 -67.39
C GLY O 352 -110.68 43.75 -67.51
N GLY O 353 -110.23 45.00 -67.59
CA GLY O 353 -111.10 46.14 -67.61
C GLY O 353 -110.57 46.89 -66.39
N TRP O 354 -111.18 48.01 -66.03
CA TRP O 354 -110.72 48.83 -64.90
C TRP O 354 -109.34 49.43 -65.22
N GLY O 355 -108.57 49.70 -64.18
CA GLY O 355 -107.27 50.32 -64.37
C GLY O 355 -107.38 51.77 -64.01
N GLY O 356 -106.41 52.25 -63.23
CA GLY O 356 -106.43 53.65 -62.81
C GLY O 356 -106.61 54.63 -63.94
N ALA O 357 -106.22 54.24 -65.14
CA ALA O 357 -106.33 55.11 -66.29
C ALA O 357 -107.77 55.44 -66.65
N CYS O 358 -108.69 54.49 -66.42
CA CYS O 358 -110.08 54.74 -66.77
C CYS O 358 -110.74 55.88 -65.99
N ARG O 359 -110.26 56.16 -64.78
CA ARG O 359 -110.84 57.25 -64.00
C ARG O 359 -109.86 58.43 -63.95
N ALA O 360 -109.83 59.16 -65.05
CA ALA O 360 -108.96 60.31 -65.21
C ALA O 360 -109.54 61.17 -66.32
N SER O 361 -108.98 62.35 -66.56
CA SER O 361 -109.50 63.21 -67.60
C SER O 361 -109.37 62.61 -69.00
N HIS O 362 -108.59 61.54 -69.14
CA HIS O 362 -108.42 60.89 -70.44
C HIS O 362 -108.95 59.46 -70.44
N GLY O 363 -109.64 59.10 -69.37
CA GLY O 363 -110.18 57.76 -69.23
C GLY O 363 -111.13 57.27 -70.31
N ILE O 364 -111.96 58.17 -70.85
CA ILE O 364 -112.88 57.75 -71.90
C ILE O 364 -112.11 57.26 -73.12
N GLU O 365 -111.20 58.09 -73.60
CA GLU O 365 -110.42 57.72 -74.78
C GLU O 365 -109.45 56.56 -74.52
N TRP O 366 -108.91 56.45 -73.30
CA TRP O 366 -107.98 55.36 -73.02
C TRP O 366 -108.72 54.02 -73.12
N ALA O 367 -109.95 54.01 -72.62
CA ALA O 367 -110.78 52.80 -72.65
C ALA O 367 -111.09 52.44 -74.09
N ARG O 368 -111.47 53.45 -74.88
CA ARG O 368 -111.79 53.19 -76.28
C ARG O 368 -110.51 52.77 -76.99
N GLY O 369 -109.39 53.35 -76.55
CA GLY O 369 -108.11 52.99 -77.15
C GLY O 369 -107.80 51.51 -76.94
N MET O 370 -107.95 51.04 -75.70
CA MET O 370 -107.69 49.65 -75.38
C MET O 370 -108.58 48.72 -76.21
N ILE O 371 -109.81 49.15 -76.41
CA ILE O 371 -110.77 48.38 -77.19
C ILE O 371 -110.38 48.44 -78.67
N ALA O 372 -109.84 49.57 -79.10
CA ALA O 372 -109.41 49.78 -80.49
C ALA O 372 -108.28 48.84 -80.88
N LEU O 373 -107.29 48.71 -80.00
CA LEU O 373 -106.16 47.83 -80.28
C LEU O 373 -106.56 46.35 -80.24
N ALA O 374 -107.35 45.96 -79.25
CA ALA O 374 -107.79 44.58 -79.13
C ALA O 374 -108.64 44.15 -80.34
N THR O 375 -109.45 45.07 -80.86
CA THR O 375 -110.29 44.77 -82.01
C THR O 375 -109.43 44.53 -83.25
N MET O 376 -108.53 45.47 -83.54
CA MET O 376 -107.65 45.36 -84.71
C MET O 376 -106.82 44.07 -84.74
N GLN O 377 -106.60 43.45 -83.58
CA GLN O 377 -105.83 42.21 -83.51
C GLN O 377 -106.72 40.97 -83.40
N GLY O 378 -108.03 41.18 -83.59
CA GLY O 378 -108.99 40.09 -83.55
C GLY O 378 -109.19 39.41 -82.20
N MET O 379 -109.52 40.21 -81.18
CA MET O 379 -109.72 39.65 -79.85
C MET O 379 -110.79 38.54 -79.88
N GLY O 380 -110.50 37.45 -79.17
CA GLY O 380 -111.44 36.35 -79.14
C GLY O 380 -110.88 35.09 -79.79
N LYS O 381 -110.08 35.27 -80.83
CA LYS O 381 -109.49 34.12 -81.51
C LYS O 381 -108.31 33.65 -80.66
N PRO O 382 -107.90 32.38 -80.80
CA PRO O 382 -106.77 31.84 -80.03
C PRO O 382 -105.50 32.69 -80.10
N GLY O 383 -104.93 33.00 -78.95
CA GLY O 383 -103.71 33.79 -78.89
C GLY O 383 -103.92 35.30 -78.92
N SER O 384 -105.16 35.74 -79.06
CA SER O 384 -105.42 37.17 -79.12
C SER O 384 -106.69 37.54 -78.37
N ASN O 385 -106.57 38.44 -77.41
CA ASN O 385 -107.72 38.84 -76.62
C ASN O 385 -107.34 39.86 -75.54
N MET O 386 -108.34 40.32 -74.81
CA MET O 386 -108.09 41.25 -73.72
C MET O 386 -108.09 40.36 -72.48
N TRP O 387 -106.95 40.29 -71.80
CA TRP O 387 -106.83 39.43 -70.61
C TRP O 387 -105.77 39.98 -69.67
N SER O 388 -106.14 40.18 -68.41
CA SER O 388 -105.22 40.74 -67.42
C SER O 388 -104.47 39.68 -66.60
N THR O 389 -104.74 38.41 -66.89
CA THR O 389 -104.13 37.27 -66.21
C THR O 389 -104.71 37.00 -64.80
N THR O 390 -105.71 37.77 -64.39
CA THR O 390 -106.32 37.55 -63.08
C THR O 390 -107.57 36.69 -63.16
N GLN O 391 -108.32 36.80 -64.24
CA GLN O 391 -109.52 35.99 -64.41
C GLN O 391 -109.32 34.93 -65.49
N GLY O 392 -110.30 34.05 -65.66
CA GLY O 392 -110.21 33.03 -66.69
C GLY O 392 -109.90 31.64 -66.18
N VAL O 393 -109.95 31.47 -64.86
CA VAL O 393 -109.68 30.18 -64.25
C VAL O 393 -110.83 29.22 -64.55
N PRO O 394 -110.51 27.98 -64.99
CA PRO O 394 -111.44 26.90 -65.36
C PRO O 394 -112.35 26.42 -64.23
N LEU O 395 -112.98 27.35 -63.52
CA LEU O 395 -113.86 26.97 -62.42
C LEU O 395 -115.21 26.53 -62.96
N ASP O 396 -115.99 25.86 -62.13
CA ASP O 396 -117.31 25.38 -62.54
C ASP O 396 -118.33 26.52 -62.58
N TYR O 397 -118.43 27.17 -63.73
CA TYR O 397 -119.36 28.29 -63.92
C TYR O 397 -120.83 27.89 -63.78
N GLU O 398 -121.10 26.59 -63.90
CA GLU O 398 -122.45 26.06 -63.78
C GLU O 398 -122.96 26.05 -62.33
N PHE O 399 -122.07 25.83 -61.38
CA PHE O 399 -122.44 25.81 -59.96
C PHE O 399 -122.85 27.23 -59.56
N TYR O 400 -124.01 27.36 -58.92
CA TYR O 400 -124.48 28.68 -58.52
C TYR O 400 -124.43 29.04 -57.03
N PHE O 401 -123.74 30.13 -56.74
CA PHE O 401 -123.68 30.69 -55.39
C PHE O 401 -123.62 32.20 -55.65
N PRO O 402 -124.54 32.96 -55.03
CA PRO O 402 -124.63 34.41 -55.20
C PRO O 402 -123.41 35.20 -54.76
N GLY O 403 -123.32 36.42 -55.27
CA GLY O 403 -122.24 37.33 -54.91
C GLY O 403 -122.94 38.30 -53.97
N TYR O 404 -122.22 39.25 -53.38
CA TYR O 404 -122.88 40.18 -52.47
C TYR O 404 -123.70 41.21 -53.24
N ALA O 405 -123.30 41.47 -54.48
CA ALA O 405 -124.01 42.46 -55.30
C ALA O 405 -125.40 41.97 -55.70
N GLU O 406 -125.70 40.71 -55.38
CA GLU O 406 -126.99 40.14 -55.73
C GLU O 406 -128.09 40.39 -54.69
N GLY O 407 -127.91 41.46 -53.91
CA GLY O 407 -128.90 41.88 -52.92
C GLY O 407 -129.12 41.18 -51.59
N GLY O 408 -128.53 40.01 -51.40
CA GLY O 408 -128.72 39.31 -50.15
C GLY O 408 -130.16 39.30 -49.65
N ILE O 409 -130.39 39.88 -48.48
CA ILE O 409 -131.73 39.89 -47.90
C ILE O 409 -132.58 41.11 -48.25
N SER O 410 -132.17 41.91 -49.21
CA SER O 410 -132.98 43.08 -49.56
C SER O 410 -133.93 42.77 -50.71
N GLY O 411 -133.42 42.10 -51.74
CA GLY O 411 -134.24 41.79 -52.89
C GLY O 411 -134.53 43.04 -53.72
N ASP O 412 -133.74 44.09 -53.50
CA ASP O 412 -133.87 45.35 -54.23
C ASP O 412 -133.39 45.13 -55.67
N CYS O 413 -134.31 44.79 -56.55
CA CYS O 413 -134.00 44.51 -57.94
C CYS O 413 -133.51 45.70 -58.76
N GLU O 414 -133.60 46.90 -58.20
CA GLU O 414 -133.16 48.08 -58.93
C GLU O 414 -131.85 48.68 -58.42
N ASN O 415 -131.44 48.29 -57.21
CA ASN O 415 -130.21 48.83 -56.66
C ASN O 415 -129.21 47.74 -56.31
N SER O 416 -129.45 46.56 -56.85
CA SER O 416 -128.57 45.40 -56.68
C SER O 416 -128.88 44.54 -57.89
N ALA O 417 -128.13 43.47 -58.09
CA ALA O 417 -128.36 42.60 -59.23
C ALA O 417 -129.24 41.40 -58.87
N ALA O 418 -130.03 41.55 -57.81
CA ALA O 418 -130.91 40.48 -57.35
C ALA O 418 -131.92 40.03 -58.40
N GLY O 419 -132.33 40.95 -59.26
CA GLY O 419 -133.32 40.64 -60.30
C GLY O 419 -132.89 39.62 -61.33
N PHE O 420 -131.59 39.36 -61.40
CA PHE O 420 -131.10 38.39 -62.37
C PHE O 420 -131.46 36.95 -62.03
N LYS O 421 -131.20 36.53 -60.80
CA LYS O 421 -131.47 35.16 -60.44
C LYS O 421 -131.77 34.93 -58.96
N PHE O 422 -130.98 35.56 -58.10
CA PHE O 422 -131.15 35.37 -56.67
C PHE O 422 -132.50 35.69 -56.06
N ALA O 423 -133.05 36.87 -56.34
CA ALA O 423 -134.34 37.23 -55.78
C ALA O 423 -135.36 36.12 -55.99
N TRP O 424 -135.35 35.53 -57.19
CA TRP O 424 -136.27 34.46 -57.54
C TRP O 424 -136.04 33.19 -56.73
N ARG O 425 -134.83 33.00 -56.25
CA ARG O 425 -134.48 31.83 -55.44
C ARG O 425 -134.68 32.11 -53.96
N MET O 426 -134.35 33.32 -53.54
CA MET O 426 -134.44 33.74 -52.14
C MET O 426 -135.85 34.03 -51.61
N PHE O 427 -136.73 34.53 -52.47
CA PHE O 427 -138.09 34.87 -52.04
C PHE O 427 -139.19 34.07 -52.72
N ASP O 428 -140.16 33.62 -51.92
CA ASP O 428 -141.27 32.80 -52.41
C ASP O 428 -142.65 33.44 -52.53
N GLY O 429 -142.75 34.73 -52.23
CA GLY O 429 -144.05 35.39 -52.32
C GLY O 429 -145.06 34.79 -51.36
N LYS O 430 -144.57 34.19 -50.28
CA LYS O 430 -145.46 33.58 -49.30
C LYS O 430 -145.08 33.85 -47.84
N THR O 431 -143.86 33.47 -47.47
CA THR O 431 -143.40 33.63 -46.09
C THR O 431 -142.29 34.65 -45.91
N THR O 432 -141.53 34.92 -46.95
CA THR O 432 -140.42 35.86 -46.90
C THR O 432 -140.54 36.84 -48.05
N PHE O 433 -140.42 38.14 -47.76
CA PHE O 433 -140.56 39.17 -48.80
C PHE O 433 -139.43 40.17 -48.97
N PRO O 434 -139.31 40.73 -50.18
CA PRO O 434 -138.28 41.72 -50.55
C PRO O 434 -138.56 43.05 -49.89
N SER O 435 -137.62 43.98 -50.02
CA SER O 435 -137.77 45.31 -49.47
C SER O 435 -137.53 46.32 -50.60
N PRO O 436 -138.56 46.64 -51.40
CA PRO O 436 -138.51 47.58 -52.53
C PRO O 436 -138.42 49.03 -52.09
N SER O 437 -137.93 49.90 -52.98
CA SER O 437 -137.81 51.33 -52.68
C SER O 437 -138.42 52.19 -53.78
N ASN O 438 -139.49 52.91 -53.47
CA ASN O 438 -140.14 53.78 -54.44
C ASN O 438 -139.51 55.18 -54.52
N LEU O 439 -138.33 55.34 -53.93
CA LEU O 439 -137.65 56.64 -53.95
C LEU O 439 -136.29 56.53 -54.62
N ASN O 440 -135.57 55.47 -54.29
CA ASN O 440 -134.25 55.23 -54.89
C ASN O 440 -134.51 54.59 -56.25
N THR O 441 -135.08 55.39 -57.14
CA THR O 441 -135.43 54.96 -58.50
C THR O 441 -135.40 56.20 -59.40
N SER O 442 -135.31 56.00 -60.71
CA SER O 442 -135.25 57.12 -61.63
C SER O 442 -136.37 58.13 -61.54
N ALA O 443 -137.58 57.68 -61.27
CA ALA O 443 -138.69 58.61 -61.18
C ALA O 443 -138.81 59.20 -59.79
N GLY O 444 -138.01 58.69 -58.85
CA GLY O 444 -138.02 59.20 -57.50
C GLY O 444 -136.98 60.30 -57.38
N GLN O 445 -136.10 60.20 -56.38
CA GLN O 445 -135.04 61.20 -56.20
C GLN O 445 -133.75 60.64 -55.63
N HIS O 446 -132.64 61.12 -56.17
CA HIS O 446 -131.31 60.71 -55.73
C HIS O 446 -130.36 61.82 -56.14
N ILE O 447 -129.20 61.85 -55.52
CA ILE O 447 -128.20 62.85 -55.89
C ILE O 447 -126.92 62.07 -56.16
N PRO O 448 -126.01 62.65 -56.95
CA PRO O 448 -124.74 61.98 -57.26
C PRO O 448 -123.80 62.02 -56.05
N ARG O 449 -123.15 60.92 -55.75
CA ARG O 449 -122.21 60.90 -54.63
C ARG O 449 -121.16 62.01 -54.79
N LEU O 450 -120.64 62.15 -56.00
CA LEU O 450 -119.62 63.14 -56.33
C LEU O 450 -120.04 64.60 -56.16
N LYS O 451 -121.33 64.86 -56.02
CA LYS O 451 -121.79 66.25 -55.89
C LYS O 451 -122.67 66.52 -54.67
N ILE O 452 -122.54 65.69 -53.65
CA ILE O 452 -123.30 65.87 -52.42
C ILE O 452 -123.07 67.28 -51.86
N PRO O 453 -121.80 67.72 -51.80
CA PRO O 453 -121.48 69.05 -51.28
C PRO O 453 -122.19 70.20 -52.01
N GLU O 454 -122.23 70.14 -53.34
CA GLU O 454 -122.88 71.19 -54.13
C GLU O 454 -124.39 71.17 -53.90
N CYS O 455 -124.94 69.99 -53.71
CA CYS O 455 -126.37 69.87 -53.48
C CYS O 455 -126.75 70.44 -52.13
N ILE O 456 -125.94 70.13 -51.10
CA ILE O 456 -126.22 70.62 -49.75
C ILE O 456 -126.08 72.13 -49.61
N MET O 457 -124.92 72.66 -49.99
CA MET O 457 -124.65 74.09 -49.87
C MET O 457 -125.29 74.93 -50.97
N GLY O 458 -125.45 74.35 -52.14
CA GLY O 458 -126.04 75.08 -53.26
C GLY O 458 -127.55 74.92 -53.30
N GLY O 459 -128.02 73.75 -52.89
CA GLY O 459 -129.45 73.52 -52.90
C GLY O 459 -130.00 73.22 -54.29
N LYS O 460 -129.13 73.01 -55.26
CA LYS O 460 -129.59 72.72 -56.60
C LYS O 460 -128.51 72.07 -57.47
N PHE O 461 -128.92 71.11 -58.30
CA PHE O 461 -127.97 70.45 -59.21
C PHE O 461 -128.69 69.77 -60.37
N GLN O 462 -127.95 69.48 -61.43
CA GLN O 462 -128.51 68.86 -62.62
C GLN O 462 -127.42 67.97 -63.22
N TRP O 463 -127.78 66.76 -63.66
CA TRP O 463 -126.77 65.84 -64.19
C TRP O 463 -127.30 64.71 -65.08
N SER O 464 -126.39 63.82 -65.48
CA SER O 464 -126.74 62.70 -66.35
C SER O 464 -126.53 61.34 -65.72
N GLY O 465 -127.54 60.48 -65.78
CA GLY O 465 -127.44 59.13 -65.25
C GLY O 465 -127.63 58.97 -63.77
N LYS O 466 -128.06 57.78 -63.37
CA LYS O 466 -128.27 57.47 -61.98
C LYS O 466 -127.33 56.35 -61.57
N GLY O 467 -126.36 56.68 -60.72
CA GLY O 467 -125.41 55.69 -60.24
C GLY O 467 -124.81 54.83 -61.33
N PHE O 468 -124.92 53.51 -61.15
CA PHE O 468 -124.41 52.53 -62.11
C PHE O 468 -125.47 52.26 -63.17
N ALA O 469 -125.39 52.95 -64.30
CA ALA O 469 -126.38 52.78 -65.37
C ALA O 469 -126.05 51.59 -66.25
N GLY O 470 -126.15 50.38 -65.69
CA GLY O 470 -125.84 49.19 -66.46
C GLY O 470 -126.98 48.55 -67.23
N GLY O 471 -128.18 49.12 -67.15
CA GLY O 471 -129.33 48.55 -67.84
C GLY O 471 -129.11 48.44 -69.34
N ASP O 472 -128.72 49.54 -69.96
CA ASP O 472 -128.48 49.59 -71.39
C ASP O 472 -127.45 50.70 -71.63
N ILE O 473 -126.89 50.72 -72.83
CA ILE O 473 -125.90 51.72 -73.19
C ILE O 473 -126.34 53.16 -72.95
N SER O 474 -127.60 53.48 -73.26
CA SER O 474 -128.07 54.86 -73.12
C SER O 474 -128.71 55.27 -71.82
N HIS O 475 -128.75 54.39 -70.84
CA HIS O 475 -129.34 54.76 -69.55
C HIS O 475 -128.59 55.91 -68.89
N GLN O 476 -127.27 55.92 -69.06
CA GLN O 476 -126.42 56.95 -68.48
C GLN O 476 -126.66 58.35 -69.04
N LEU O 477 -127.36 58.45 -70.18
CA LEU O 477 -127.62 59.74 -70.80
C LEU O 477 -128.87 60.41 -70.27
N HIS O 478 -129.69 59.67 -69.54
CA HIS O 478 -130.92 60.23 -69.00
C HIS O 478 -130.56 61.43 -68.12
N GLN O 479 -131.40 62.46 -68.17
CA GLN O 479 -131.18 63.70 -67.41
C GLN O 479 -131.94 63.76 -66.09
N TYR O 480 -131.24 64.15 -65.02
CA TYR O 480 -131.84 64.27 -63.68
C TYR O 480 -131.55 65.62 -62.99
N GLU O 481 -132.42 66.00 -62.05
CA GLU O 481 -132.27 67.25 -61.33
C GLU O 481 -132.53 67.09 -59.84
N TYR O 482 -132.04 68.06 -59.07
CA TYR O 482 -132.23 68.08 -57.63
C TYR O 482 -132.50 69.53 -57.25
N PRO O 483 -133.57 69.77 -56.46
CA PRO O 483 -134.46 68.73 -55.98
C PRO O 483 -135.30 68.14 -57.12
N ALA O 484 -135.56 66.83 -57.05
CA ALA O 484 -136.35 66.16 -58.07
C ALA O 484 -137.76 66.74 -58.03
N PRO O 485 -138.41 66.84 -59.20
CA PRO O 485 -139.77 67.39 -59.25
C PRO O 485 -140.69 66.86 -58.15
N GLY O 486 -141.25 67.77 -57.36
CA GLY O 486 -142.13 67.38 -56.29
C GLY O 486 -141.49 66.90 -54.99
N TYR O 487 -140.18 66.69 -54.99
CA TYR O 487 -139.51 66.24 -53.78
C TYR O 487 -138.85 67.34 -52.95
N SER O 488 -138.41 66.98 -51.75
CA SER O 488 -137.78 67.93 -50.85
C SER O 488 -136.26 67.94 -50.82
N LYS O 489 -135.70 69.09 -50.47
CA LYS O 489 -134.26 69.25 -50.34
C LYS O 489 -133.81 68.49 -49.08
N ILE O 490 -132.53 68.18 -49.01
CA ILE O 490 -132.00 67.45 -47.88
C ILE O 490 -132.06 68.25 -46.57
N LYS O 491 -132.41 67.57 -45.48
CA LYS O 491 -132.48 68.19 -44.17
C LYS O 491 -131.67 67.35 -43.18
N MET O 492 -131.55 66.07 -43.49
CA MET O 492 -130.84 65.12 -42.66
C MET O 492 -129.92 64.25 -43.49
N PHE O 493 -128.76 63.90 -42.93
CA PHE O 493 -127.80 63.07 -43.63
C PHE O 493 -127.36 61.90 -42.74
N TRP O 494 -127.75 60.70 -43.14
CA TRP O 494 -127.42 59.48 -42.41
C TRP O 494 -126.23 58.84 -43.11
N LYS O 495 -125.03 58.98 -42.54
CA LYS O 495 -123.84 58.38 -43.13
C LYS O 495 -123.51 57.01 -42.55
N TYR O 496 -123.06 56.13 -43.44
CA TYR O 496 -122.65 54.77 -43.11
C TYR O 496 -121.17 54.77 -43.50
N GLY O 497 -120.30 54.91 -42.50
CA GLY O 497 -118.87 54.99 -42.76
C GLY O 497 -118.55 56.45 -43.06
N GLY O 498 -117.28 56.81 -43.19
CA GLY O 498 -116.92 58.19 -43.47
C GLY O 498 -115.55 58.36 -44.11
N PRO O 499 -115.35 57.81 -45.32
CA PRO O 499 -114.07 57.88 -46.02
C PRO O 499 -113.96 58.87 -47.18
N HIS O 500 -115.05 59.57 -47.47
CA HIS O 500 -115.04 60.51 -48.58
C HIS O 500 -113.90 61.52 -48.65
N LEU O 501 -113.37 61.94 -47.49
CA LEU O 501 -112.28 62.91 -47.51
C LEU O 501 -111.00 62.33 -48.13
N GLY O 502 -110.86 61.01 -48.14
CA GLY O 502 -109.69 60.41 -48.73
C GLY O 502 -110.00 59.62 -49.99
N THR O 503 -111.27 59.60 -50.40
CA THR O 503 -111.65 58.80 -51.58
C THR O 503 -112.41 59.48 -52.72
N MET O 504 -112.81 60.73 -52.55
CA MET O 504 -113.55 61.42 -53.60
C MET O 504 -112.69 62.44 -54.34
N THR O 505 -113.27 63.56 -54.74
CA THR O 505 -112.53 64.59 -55.49
C THR O 505 -112.55 65.95 -54.80
N ALA O 506 -111.46 66.71 -54.92
CA ALA O 506 -111.34 68.05 -54.30
C ALA O 506 -112.09 68.00 -52.98
N THR O 507 -111.75 67.00 -52.16
CA THR O 507 -112.40 66.72 -50.89
C THR O 507 -112.60 67.79 -49.82
N ASN O 508 -111.92 68.93 -49.89
CA ASN O 508 -112.13 69.97 -48.88
C ASN O 508 -113.59 70.43 -48.85
N ARG O 509 -114.25 70.40 -50.00
CA ARG O 509 -115.67 70.79 -50.09
C ARG O 509 -116.53 69.82 -49.27
N TYR O 510 -116.10 68.56 -49.17
CA TYR O 510 -116.85 67.60 -48.39
C TYR O 510 -116.77 67.98 -46.91
N ALA O 511 -115.67 68.63 -46.52
CA ALA O 511 -115.51 69.04 -45.13
C ALA O 511 -116.33 70.29 -44.88
N LYS O 512 -116.47 71.14 -45.89
CA LYS O 512 -117.23 72.39 -45.75
C LYS O 512 -118.74 72.25 -45.68
N MET O 513 -119.28 71.20 -46.29
CA MET O 513 -120.73 71.01 -46.31
C MET O 513 -121.36 70.72 -44.96
N TYR O 514 -120.64 69.98 -44.11
CA TYR O 514 -121.14 69.59 -42.81
C TYR O 514 -121.63 70.74 -41.93
N THR O 515 -121.06 71.92 -42.10
CA THR O 515 -121.47 73.03 -41.26
C THR O 515 -122.51 73.95 -41.89
N HIS O 516 -123.07 73.55 -43.03
CA HIS O 516 -124.08 74.39 -43.67
C HIS O 516 -125.35 74.31 -42.83
N ASP O 517 -126.03 75.44 -42.66
CA ASP O 517 -127.24 75.53 -41.85
C ASP O 517 -128.48 74.77 -42.38
N SER O 518 -128.45 74.34 -43.64
CA SER O 518 -129.60 73.62 -44.19
C SER O 518 -129.59 72.18 -43.67
N LEU O 519 -128.44 71.76 -43.16
CA LEU O 519 -128.30 70.42 -42.61
C LEU O 519 -128.68 70.46 -41.14
N GLU O 520 -129.92 70.09 -40.83
CA GLU O 520 -130.40 70.11 -39.47
C GLU O 520 -129.89 68.93 -38.62
N PHE O 521 -129.54 67.83 -39.27
CA PHE O 521 -129.08 66.66 -38.53
C PHE O 521 -128.14 65.74 -39.29
N VAL O 522 -127.18 65.17 -38.58
CA VAL O 522 -126.20 64.26 -39.16
C VAL O 522 -125.94 63.07 -38.25
N VAL O 523 -125.97 61.87 -38.84
CA VAL O 523 -125.72 60.66 -38.09
C VAL O 523 -124.68 59.84 -38.82
N SER O 524 -123.76 59.25 -38.07
CA SER O 524 -122.71 58.43 -38.64
C SER O 524 -122.72 57.07 -37.97
N GLN O 525 -122.90 56.04 -38.78
CA GLN O 525 -122.94 54.65 -38.33
C GLN O 525 -121.67 54.02 -38.90
N SER O 526 -120.60 54.03 -38.12
CA SER O 526 -119.33 53.51 -38.59
C SER O 526 -118.63 52.62 -37.56
N ILE O 527 -117.46 52.10 -37.94
CA ILE O 527 -116.70 51.22 -37.07
C ILE O 527 -115.53 51.93 -36.36
N TRP O 528 -114.82 52.78 -37.09
CA TRP O 528 -113.67 53.50 -36.53
C TRP O 528 -113.91 55.00 -36.51
N PHE O 529 -113.40 55.65 -35.47
CA PHE O 529 -113.51 57.09 -35.29
C PHE O 529 -112.43 57.72 -36.17
N GLU O 530 -112.82 58.07 -37.40
CA GLU O 530 -111.90 58.65 -38.39
C GLU O 530 -112.63 59.35 -39.53
N GLY O 531 -111.87 59.96 -40.43
CA GLY O 531 -112.43 60.65 -41.58
C GLY O 531 -113.54 61.64 -41.30
N GLU O 532 -114.70 61.40 -41.89
CA GLU O 532 -115.86 62.28 -41.72
C GLU O 532 -116.62 62.10 -40.40
N VAL O 533 -116.44 60.96 -39.76
CA VAL O 533 -117.15 60.66 -38.51
C VAL O 533 -117.17 61.79 -37.47
N PRO O 534 -116.03 62.49 -37.27
CA PRO O 534 -115.99 63.58 -36.29
C PRO O 534 -116.75 64.84 -36.69
N PHE O 535 -117.63 64.71 -37.67
CA PHE O 535 -118.43 65.84 -38.10
C PHE O 535 -119.87 65.62 -37.67
N ALA O 536 -120.25 64.35 -37.51
CA ALA O 536 -121.61 63.99 -37.13
C ALA O 536 -122.08 64.58 -35.80
N ASP O 537 -123.39 64.50 -35.57
CA ASP O 537 -124.02 64.97 -34.34
C ASP O 537 -124.24 63.76 -33.45
N ILE O 538 -124.54 62.62 -34.09
CA ILE O 538 -124.77 61.35 -33.41
C ILE O 538 -123.91 60.27 -34.06
N ILE O 539 -123.17 59.52 -33.25
CA ILE O 539 -122.32 58.46 -33.77
C ILE O 539 -122.75 57.10 -33.25
N LEU O 540 -122.95 56.14 -34.16
CA LEU O 540 -123.39 54.80 -33.81
C LEU O 540 -122.35 53.73 -34.10
N PRO O 541 -121.89 53.03 -33.06
CA PRO O 541 -120.89 51.96 -33.07
C PRO O 541 -121.27 50.65 -33.77
N ALA O 542 -120.64 50.37 -34.90
CA ALA O 542 -120.89 49.14 -35.65
C ALA O 542 -119.67 48.23 -35.48
N CYS O 543 -119.87 46.92 -35.59
CA CYS O 543 -118.78 45.97 -35.43
C CYS O 543 -118.26 45.44 -36.77
N THR O 544 -117.18 44.66 -36.71
CA THR O 544 -116.58 44.05 -37.90
C THR O 544 -117.20 42.68 -38.12
N ASN O 545 -116.95 42.11 -39.29
CA ASN O 545 -117.49 40.79 -39.62
C ASN O 545 -117.00 39.66 -38.72
N PHE O 546 -115.90 39.86 -38.00
CA PHE O 546 -115.39 38.82 -37.10
C PHE O 546 -116.16 38.82 -35.80
N GLU O 547 -117.05 39.80 -35.65
CA GLU O 547 -117.87 39.94 -34.45
C GLU O 547 -119.35 39.60 -34.70
N ARG O 548 -119.64 38.96 -35.83
CA ARG O 548 -121.02 38.58 -36.16
C ARG O 548 -121.09 37.37 -37.09
N TRP O 549 -122.30 36.85 -37.33
CA TRP O 549 -122.48 35.70 -38.21
C TRP O 549 -122.80 36.10 -39.66
N ASP O 550 -122.16 35.43 -40.62
CA ASP O 550 -122.41 35.73 -42.03
C ASP O 550 -121.95 34.59 -42.94
N ILE O 551 -122.09 34.79 -44.25
CA ILE O 551 -121.70 33.78 -45.23
C ILE O 551 -121.20 34.47 -46.51
N SER O 552 -120.31 33.80 -47.23
CA SER O 552 -119.77 34.39 -48.46
C SER O 552 -118.86 33.48 -49.24
N GLU O 553 -118.42 33.96 -50.40
CA GLU O 553 -117.53 33.19 -51.26
C GLU O 553 -116.28 34.01 -51.55
N PHE O 554 -115.15 33.31 -51.63
CA PHE O 554 -113.88 33.96 -51.89
C PHE O 554 -113.98 34.86 -53.12
N ALA O 555 -113.75 36.15 -52.89
CA ALA O 555 -113.77 37.17 -53.94
C ALA O 555 -115.04 37.17 -54.80
N ASN O 556 -116.16 36.69 -54.27
CA ASN O 556 -117.38 36.65 -55.05
C ASN O 556 -118.26 37.89 -54.93
N CYS O 557 -118.21 38.73 -55.96
CA CYS O 557 -119.00 39.95 -56.02
C CYS O 557 -120.22 39.73 -56.91
N SER O 558 -119.97 39.14 -58.08
CA SER O 558 -121.03 38.86 -59.04
C SER O 558 -121.69 40.17 -59.47
N GLY O 559 -122.99 40.14 -59.71
CA GLY O 559 -123.68 41.34 -60.13
C GLY O 559 -123.06 41.99 -61.35
N TYR O 560 -122.59 43.23 -61.19
N TYR O 560 -122.59 43.23 -61.19
CA TYR O 560 -121.98 43.95 -62.30
CA TYR O 560 -121.98 43.95 -62.30
C TYR O 560 -120.60 43.41 -62.69
C TYR O 560 -120.60 43.41 -62.69
N ILE O 561 -120.22 42.29 -62.08
CA ILE O 561 -118.96 41.64 -62.39
C ILE O 561 -119.25 40.14 -62.33
N PRO O 562 -120.17 39.67 -63.18
CA PRO O 562 -120.58 38.26 -63.25
C PRO O 562 -119.47 37.23 -63.17
N ASP O 563 -119.65 36.30 -62.24
CA ASP O 563 -118.70 35.20 -62.05
C ASP O 563 -117.26 35.62 -61.78
N ASN O 564 -117.07 36.74 -61.10
CA ASN O 564 -115.72 37.20 -60.82
C ASN O 564 -114.97 36.28 -59.84
N TYR O 565 -115.63 35.22 -59.35
CA TYR O 565 -114.95 34.30 -58.45
C TYR O 565 -113.85 33.57 -59.21
N GLN O 566 -113.86 33.69 -60.53
CA GLN O 566 -112.85 33.05 -61.36
C GLN O 566 -111.49 33.74 -61.18
N LEU O 567 -111.45 34.70 -60.26
CA LEU O 567 -110.22 35.42 -59.93
C LEU O 567 -109.34 34.54 -59.06
N CYS O 568 -109.96 33.58 -58.38
CA CYS O 568 -109.28 32.65 -57.49
C CYS O 568 -108.96 31.31 -58.14
N ASN O 569 -108.10 30.53 -57.49
CA ASN O 569 -107.73 29.22 -58.01
C ASN O 569 -108.77 28.15 -57.68
N HIS O 570 -109.59 28.43 -56.68
CA HIS O 570 -110.64 27.52 -56.26
C HIS O 570 -111.82 28.35 -55.78
N ARG O 571 -113.00 27.75 -55.80
CA ARG O 571 -114.18 28.44 -55.31
C ARG O 571 -114.32 27.96 -53.88
N VAL O 572 -114.11 28.87 -52.94
CA VAL O 572 -114.23 28.51 -51.55
C VAL O 572 -115.37 29.26 -50.90
N ILE O 573 -116.34 28.51 -50.41
CA ILE O 573 -117.49 29.08 -49.75
C ILE O 573 -117.25 28.87 -48.26
N SER O 574 -117.37 29.93 -47.48
CA SER O 574 -117.11 29.77 -46.07
C SER O 574 -118.09 30.43 -45.14
N LEU O 575 -118.27 29.79 -43.99
CA LEU O 575 -119.16 30.31 -42.97
C LEU O 575 -118.31 31.36 -42.26
N GLN O 576 -118.84 32.58 -42.13
CA GLN O 576 -118.11 33.61 -41.43
C GLN O 576 -118.60 33.53 -40.00
N ALA O 577 -117.88 32.75 -39.20
CA ALA O 577 -118.25 32.55 -37.80
C ALA O 577 -117.99 33.76 -36.92
N LYS O 578 -118.91 34.01 -36.01
CA LYS O 578 -118.77 35.10 -35.05
C LYS O 578 -117.66 34.59 -34.15
N CYS O 579 -116.44 35.04 -34.41
CA CYS O 579 -115.26 34.62 -33.67
C CYS O 579 -115.20 35.19 -32.25
N ILE O 580 -115.68 36.42 -32.07
CA ILE O 580 -115.66 37.03 -30.75
C ILE O 580 -116.89 37.91 -30.55
N GLU O 581 -117.16 38.28 -29.30
CA GLU O 581 -118.30 39.14 -29.01
C GLU O 581 -117.95 40.55 -29.47
N PRO O 582 -118.96 41.36 -29.79
CA PRO O 582 -118.68 42.72 -30.23
C PRO O 582 -117.72 43.42 -29.29
N VAL O 583 -116.78 44.18 -29.85
CA VAL O 583 -115.80 44.92 -29.08
C VAL O 583 -116.46 46.19 -28.57
N GLY O 584 -116.18 46.53 -27.32
CA GLY O 584 -116.77 47.73 -26.75
C GLY O 584 -118.27 47.59 -26.63
N GLU O 585 -119.00 48.62 -27.05
CA GLU O 585 -120.46 48.60 -26.99
C GLU O 585 -121.04 48.70 -28.40
N SER O 586 -120.31 48.15 -29.37
CA SER O 586 -120.75 48.19 -30.76
C SER O 586 -121.61 46.97 -31.10
N MET O 587 -122.42 47.10 -32.14
CA MET O 587 -123.27 45.99 -32.57
C MET O 587 -123.33 45.96 -34.09
N SER O 588 -123.67 44.80 -34.63
CA SER O 588 -123.75 44.65 -36.07
C SER O 588 -124.77 45.60 -36.68
N ASP O 589 -124.53 45.99 -37.93
CA ASP O 589 -125.44 46.90 -38.61
C ASP O 589 -126.84 46.31 -38.63
N TYR O 590 -126.93 45.00 -38.84
CA TYR O 590 -128.24 44.35 -38.88
C TYR O 590 -128.99 44.53 -37.57
N GLU O 591 -128.29 44.37 -36.44
CA GLU O 591 -128.91 44.53 -35.13
C GLU O 591 -129.27 45.99 -34.85
N ILE O 592 -128.46 46.92 -35.37
CA ILE O 592 -128.76 48.33 -35.16
C ILE O 592 -130.07 48.67 -35.86
N TYR O 593 -130.22 48.16 -37.08
CA TYR O 593 -131.43 48.40 -37.85
C TYR O 593 -132.62 47.68 -37.24
N ARG O 594 -132.37 46.52 -36.63
CA ARG O 594 -133.46 45.78 -36.00
C ARG O 594 -133.98 46.61 -34.83
N LEU O 595 -133.06 47.29 -34.15
CA LEU O 595 -133.42 48.13 -33.01
C LEU O 595 -134.22 49.32 -33.52
N PHE O 596 -133.76 49.96 -34.59
CA PHE O 596 -134.48 51.10 -35.13
C PHE O 596 -135.85 50.63 -35.64
N ALA O 597 -135.86 49.47 -36.29
CA ALA O 597 -137.09 48.90 -36.82
C ALA O 597 -138.16 48.86 -35.71
N LYS O 598 -137.81 48.25 -34.59
CA LYS O 598 -138.74 48.17 -33.46
C LYS O 598 -139.16 49.57 -33.01
N LYS O 599 -138.22 50.51 -33.04
CA LYS O 599 -138.47 51.90 -32.64
C LYS O 599 -139.38 52.60 -33.64
N LEU O 600 -139.33 52.16 -34.90
CA LEU O 600 -140.15 52.77 -35.94
C LEU O 600 -141.45 52.00 -36.14
N ASN O 601 -141.59 50.89 -35.42
CA ASN O 601 -142.80 50.06 -35.46
C ASN O 601 -142.98 49.22 -36.74
N ILE O 602 -141.87 48.66 -37.22
CA ILE O 602 -141.84 47.82 -38.43
C ILE O 602 -140.83 46.70 -38.25
N GLU O 603 -140.57 46.32 -37.01
CA GLU O 603 -139.60 45.27 -36.70
C GLU O 603 -139.96 43.93 -37.35
N GLU O 604 -141.25 43.64 -37.47
CA GLU O 604 -141.68 42.39 -38.07
C GLU O 604 -141.43 42.33 -39.58
N MET O 605 -141.79 43.40 -40.29
CA MET O 605 -141.58 43.44 -41.74
C MET O 605 -140.10 43.42 -42.08
N PHE O 606 -139.30 44.11 -41.26
CA PHE O 606 -137.86 44.17 -41.47
C PHE O 606 -137.12 42.89 -41.11
N SER O 607 -137.29 42.42 -39.88
CA SER O 607 -136.58 41.24 -39.41
C SER O 607 -137.24 39.93 -39.79
N GLU O 608 -138.57 39.94 -39.90
CA GLU O 608 -139.31 38.74 -40.21
C GLU O 608 -139.03 37.70 -39.13
N GLY O 609 -138.65 38.19 -37.96
CA GLY O 609 -138.37 37.33 -36.83
C GLY O 609 -137.08 36.54 -36.91
N LYS O 610 -136.17 36.95 -37.79
CA LYS O 610 -134.91 36.24 -37.94
C LYS O 610 -133.71 37.06 -37.47
N ASP O 611 -132.68 36.36 -36.99
CA ASP O 611 -131.46 37.02 -36.59
C ASP O 611 -130.51 36.70 -37.73
N GLU O 612 -129.35 37.35 -37.72
CA GLU O 612 -128.37 37.14 -38.77
C GLU O 612 -128.15 35.69 -39.19
N LEU O 613 -127.96 34.81 -38.21
CA LEU O 613 -127.72 33.40 -38.50
C LEU O 613 -128.92 32.67 -39.12
N ALA O 614 -130.12 33.22 -38.95
CA ALA O 614 -131.30 32.58 -39.55
C ALA O 614 -131.42 33.03 -41.00
N TRP O 615 -130.96 34.25 -41.30
CA TRP O 615 -131.01 34.76 -42.67
C TRP O 615 -129.95 34.00 -43.48
N CYS O 616 -128.85 33.65 -42.83
CA CYS O 616 -127.77 32.92 -43.50
C CYS O 616 -128.23 31.54 -43.94
N GLU O 617 -129.05 30.89 -43.13
CA GLU O 617 -129.53 29.57 -43.48
C GLU O 617 -130.52 29.68 -44.62
N GLN O 618 -131.34 30.74 -44.61
CA GLN O 618 -132.30 30.93 -45.68
C GLN O 618 -131.50 31.26 -46.94
N TYR O 619 -130.46 32.05 -46.77
CA TYR O 619 -129.59 32.43 -47.89
C TYR O 619 -128.98 31.16 -48.47
N PHE O 620 -128.42 30.34 -47.59
CA PHE O 620 -127.79 29.08 -47.95
C PHE O 620 -128.69 28.19 -48.81
N ASN O 621 -129.94 28.02 -48.36
CA ASN O 621 -130.89 27.17 -49.10
C ASN O 621 -131.32 27.69 -50.45
N ALA O 622 -130.96 28.94 -50.75
CA ALA O 622 -131.31 29.55 -52.03
C ALA O 622 -130.18 29.41 -53.04
N THR O 623 -129.12 28.72 -52.62
CA THR O 623 -127.96 28.52 -53.49
C THR O 623 -127.94 27.07 -53.97
N ASP O 624 -126.81 26.63 -54.51
CA ASP O 624 -126.67 25.26 -54.98
C ASP O 624 -125.94 24.41 -53.93
N MET O 625 -125.63 25.01 -52.79
CA MET O 625 -124.93 24.28 -51.73
C MET O 625 -125.66 23.02 -51.24
N PRO O 626 -126.99 23.08 -51.11
CA PRO O 626 -127.73 21.89 -50.64
C PRO O 626 -127.43 20.64 -51.47
N LYS O 627 -127.03 20.81 -52.72
CA LYS O 627 -126.72 19.68 -53.59
C LYS O 627 -125.52 18.89 -53.09
N TYR O 628 -124.58 19.58 -52.45
CA TYR O 628 -123.38 18.93 -51.96
C TYR O 628 -123.41 18.63 -50.45
N MET O 629 -124.01 19.52 -49.68
CA MET O 629 -124.09 19.29 -48.24
C MET O 629 -125.19 20.14 -47.60
N THR O 630 -125.67 19.70 -46.45
CA THR O 630 -126.72 20.41 -45.73
C THR O 630 -126.16 21.61 -45.00
N TRP O 631 -127.04 22.46 -44.49
CA TRP O 631 -126.62 23.64 -43.76
C TRP O 631 -125.91 23.26 -42.46
N ASP O 632 -126.37 22.19 -41.82
CA ASP O 632 -125.78 21.72 -40.57
C ASP O 632 -124.36 21.19 -40.77
N GLU O 633 -124.14 20.49 -41.87
CA GLU O 633 -122.82 19.93 -42.19
C GLU O 633 -121.90 21.08 -42.56
N PHE O 634 -122.41 22.01 -43.35
CA PHE O 634 -121.64 23.18 -43.78
C PHE O 634 -121.22 23.99 -42.56
N PHE O 635 -122.18 24.32 -41.72
CA PHE O 635 -121.94 25.10 -40.51
C PHE O 635 -120.85 24.43 -39.69
N LYS O 636 -120.87 23.10 -39.67
CA LYS O 636 -119.89 22.36 -38.90
C LYS O 636 -118.51 22.38 -39.55
N LYS O 637 -118.46 22.17 -40.86
CA LYS O 637 -117.16 22.16 -41.55
C LYS O 637 -116.53 23.55 -41.62
N GLY O 638 -117.35 24.58 -41.70
CA GLY O 638 -116.84 25.93 -41.78
C GLY O 638 -116.60 26.46 -43.18
N TYR O 639 -116.04 25.62 -44.06
CA TYR O 639 -115.76 26.03 -45.43
C TYR O 639 -115.97 24.86 -46.39
N PHE O 640 -116.24 25.19 -47.65
CA PHE O 640 -116.48 24.18 -48.69
C PHE O 640 -115.79 24.54 -50.01
N VAL O 641 -114.98 23.61 -50.52
CA VAL O 641 -114.29 23.83 -51.78
C VAL O 641 -115.13 23.24 -52.90
N VAL O 642 -115.58 24.09 -53.81
CA VAL O 642 -116.39 23.63 -54.93
C VAL O 642 -115.62 22.66 -55.81
N PRO O 643 -116.21 21.50 -56.13
CA PRO O 643 -115.52 20.54 -56.98
C PRO O 643 -115.26 21.10 -58.38
N ASP O 644 -114.40 20.40 -59.12
CA ASP O 644 -114.05 20.78 -60.47
C ASP O 644 -115.06 20.13 -61.42
N ASN O 645 -115.25 20.74 -62.58
CA ASN O 645 -116.16 20.18 -63.58
C ASN O 645 -115.35 20.02 -64.87
N PRO O 646 -114.50 18.98 -64.92
CA PRO O 646 -113.61 18.65 -66.04
C PRO O 646 -114.23 18.61 -67.44
N ASN O 647 -115.40 17.98 -67.54
CA ASN O 647 -116.08 17.79 -68.82
C ASN O 647 -116.89 18.92 -69.47
N ARG O 648 -117.20 19.99 -68.74
CA ARG O 648 -118.00 21.05 -69.36
C ARG O 648 -117.22 21.67 -70.51
N LYS O 649 -117.93 22.02 -71.58
CA LYS O 649 -117.26 22.60 -72.74
C LYS O 649 -116.74 23.99 -72.38
N LYS O 650 -115.52 24.29 -72.82
CA LYS O 650 -114.91 25.58 -72.54
C LYS O 650 -115.39 26.61 -73.53
N THR O 651 -115.78 27.78 -73.03
CA THR O 651 -116.23 28.86 -73.89
C THR O 651 -115.41 30.10 -73.58
N VAL O 652 -114.35 30.31 -74.35
CA VAL O 652 -113.47 31.44 -74.16
C VAL O 652 -114.16 32.78 -74.43
N ALA O 653 -113.86 33.75 -73.59
CA ALA O 653 -114.45 35.07 -73.72
C ALA O 653 -114.35 35.65 -75.12
N LEU O 654 -115.49 36.08 -75.65
CA LEU O 654 -115.58 36.69 -76.98
C LEU O 654 -115.23 35.85 -78.21
N ARG O 655 -115.05 34.55 -78.06
CA ARG O 655 -114.72 33.76 -79.26
C ARG O 655 -115.94 33.66 -80.16
N TRP O 656 -117.13 33.61 -79.55
CA TRP O 656 -118.37 33.52 -80.30
C TRP O 656 -118.51 34.76 -81.19
N PHE O 657 -118.04 35.90 -80.66
CA PHE O 657 -118.09 37.16 -81.39
C PHE O 657 -117.07 37.15 -82.51
N ALA O 658 -115.86 36.71 -82.20
CA ALA O 658 -114.78 36.63 -83.16
C ALA O 658 -115.10 35.70 -84.32
N GLU O 659 -115.91 34.68 -84.06
CA GLU O 659 -116.29 33.71 -85.10
C GLU O 659 -117.66 33.98 -85.72
N GLY O 660 -118.30 35.07 -85.30
CA GLY O 660 -119.59 35.43 -85.86
C GLY O 660 -120.77 34.54 -85.53
N ARG O 661 -120.70 33.80 -84.42
CA ARG O 661 -121.81 32.93 -84.04
C ARG O 661 -122.55 33.40 -82.80
N GLU O 662 -123.50 32.60 -82.32
CA GLU O 662 -124.30 32.97 -81.14
C GLU O 662 -123.53 32.91 -79.81
N LYS O 663 -123.72 33.95 -78.99
CA LYS O 663 -123.08 34.04 -77.67
C LYS O 663 -123.26 32.69 -76.96
N ASP O 664 -122.16 32.11 -76.48
CA ASP O 664 -122.23 30.79 -75.85
C ASP O 664 -121.62 30.67 -74.44
N THR O 665 -121.21 31.80 -73.87
CA THR O 665 -120.60 31.82 -72.55
C THR O 665 -121.64 32.07 -71.46
N PRO O 666 -121.22 31.96 -70.19
CA PRO O 666 -122.14 32.19 -69.06
C PRO O 666 -122.48 33.66 -68.81
N ASP O 667 -121.87 34.58 -69.57
CA ASP O 667 -122.12 36.01 -69.34
C ASP O 667 -123.60 36.36 -69.23
N TRP O 668 -123.87 37.38 -68.44
CA TRP O 668 -125.22 37.85 -68.18
C TRP O 668 -125.72 38.78 -69.27
N GLY O 669 -125.06 38.75 -70.41
CA GLY O 669 -125.45 39.61 -71.51
C GLY O 669 -124.76 39.25 -72.81
N PRO O 670 -125.15 39.89 -73.92
CA PRO O 670 -126.21 40.91 -73.91
C PRO O 670 -127.60 40.28 -73.86
N ARG O 671 -128.59 41.11 -73.56
CA ARG O 671 -129.97 40.63 -73.51
C ARG O 671 -130.41 40.41 -74.95
N LEU O 672 -131.24 39.40 -75.16
CA LEU O 672 -131.73 39.06 -76.50
C LEU O 672 -132.20 40.24 -77.32
N ASN O 673 -132.94 41.16 -76.70
CA ASN O 673 -133.45 42.30 -77.44
C ASN O 673 -132.37 43.27 -77.95
N ASN O 674 -131.15 43.13 -77.43
CA ASN O 674 -130.02 43.97 -77.86
C ASN O 674 -129.16 43.19 -78.86
N GLN O 675 -129.74 42.13 -79.43
CA GLN O 675 -129.06 41.29 -80.41
C GLN O 675 -130.00 40.84 -81.53
N VAL O 676 -129.41 40.48 -82.66
CA VAL O 676 -130.17 39.94 -83.79
C VAL O 676 -129.83 38.46 -83.83
N CYS O 677 -130.82 37.62 -83.55
CA CYS O 677 -130.63 36.17 -83.54
C CYS O 677 -129.48 35.80 -82.62
N ARG O 678 -129.45 36.53 -81.49
CA ARG O 678 -128.45 36.40 -80.45
C ARG O 678 -127.01 36.33 -80.92
N LYS O 679 -126.69 37.20 -81.87
CA LYS O 679 -125.35 37.31 -82.42
C LYS O 679 -124.97 38.77 -82.28
N GLY O 680 -123.67 39.04 -82.25
CA GLY O 680 -123.19 40.41 -82.14
C GLY O 680 -123.19 41.00 -80.74
N LEU O 681 -122.60 42.19 -80.63
CA LEU O 681 -122.52 42.89 -79.35
C LEU O 681 -123.82 43.64 -79.06
N GLN O 682 -123.89 44.22 -77.86
CA GLN O 682 -125.06 44.97 -77.43
C GLN O 682 -125.29 46.24 -78.26
N THR O 683 -124.24 46.75 -78.89
CA THR O 683 -124.36 47.97 -79.71
C THR O 683 -125.40 47.79 -80.81
N THR O 684 -125.91 48.91 -81.33
CA THR O 684 -126.91 48.89 -82.40
C THR O 684 -126.50 48.01 -83.58
N THR O 685 -125.28 48.19 -84.07
CA THR O 685 -124.78 47.43 -85.20
C THR O 685 -124.34 46.03 -84.81
N GLY O 686 -124.13 45.82 -83.52
CA GLY O 686 -123.69 44.52 -83.05
C GLY O 686 -122.19 44.38 -83.27
N LYS O 687 -121.58 45.48 -83.71
CA LYS O 687 -120.14 45.53 -83.97
C LYS O 687 -119.43 46.51 -83.03
N VAL O 688 -118.10 46.54 -83.09
CA VAL O 688 -117.34 47.49 -82.27
C VAL O 688 -117.48 48.81 -83.01
N GLU O 689 -118.10 49.78 -82.35
CA GLU O 689 -118.34 51.07 -82.95
C GLU O 689 -117.32 52.15 -82.64
N PHE O 690 -116.45 52.42 -83.61
CA PHE O 690 -115.42 53.44 -83.48
C PHE O 690 -116.06 54.82 -83.52
N ILE O 691 -117.28 54.86 -84.03
CA ILE O 691 -118.10 56.07 -84.09
C ILE O 691 -119.38 55.55 -83.45
N ALA O 692 -119.52 55.78 -82.15
CA ALA O 692 -120.68 55.29 -81.39
C ALA O 692 -122.02 55.86 -81.83
N THR O 693 -122.93 54.97 -82.23
CA THR O 693 -124.26 55.39 -82.67
C THR O 693 -125.04 56.10 -81.56
N SER O 694 -124.98 55.56 -80.34
CA SER O 694 -125.68 56.17 -79.23
C SER O 694 -125.23 57.60 -79.02
N LEU O 695 -123.92 57.82 -79.01
CA LEU O 695 -123.39 59.17 -78.82
C LEU O 695 -123.75 60.07 -79.99
N LYS O 696 -123.72 59.52 -81.19
CA LYS O 696 -124.06 60.29 -82.37
C LYS O 696 -125.50 60.79 -82.25
N ASN O 697 -126.38 59.92 -81.72
CA ASN O 697 -127.79 60.29 -81.51
C ASN O 697 -127.79 61.40 -80.47
N PHE O 698 -127.10 61.13 -79.38
CA PHE O 698 -127.00 62.07 -78.27
C PHE O 698 -126.62 63.47 -78.77
N GLU O 699 -125.55 63.57 -79.55
CA GLU O 699 -125.15 64.89 -80.06
C GLU O 699 -126.12 65.48 -81.08
N GLU O 700 -126.74 64.64 -81.90
CA GLU O 700 -127.69 65.15 -82.88
C GLU O 700 -128.95 65.63 -82.17
N GLN O 701 -129.14 65.18 -80.93
CA GLN O 701 -130.28 65.59 -80.13
C GLN O 701 -129.97 66.92 -79.44
N GLY O 702 -128.78 67.46 -79.71
CA GLY O 702 -128.40 68.74 -79.13
C GLY O 702 -127.43 68.73 -77.96
N TYR O 703 -127.04 67.54 -77.47
CA TYR O 703 -126.13 67.46 -76.35
C TYR O 703 -124.66 67.47 -76.76
N ILE O 704 -124.15 68.67 -77.07
CA ILE O 704 -122.78 68.82 -77.52
C ILE O 704 -121.77 68.71 -76.37
N ASP O 705 -120.87 67.73 -76.48
CA ASP O 705 -119.86 67.49 -75.46
C ASP O 705 -118.48 67.24 -76.06
N GLU O 706 -117.70 68.29 -76.10
CA GLU O 706 -116.33 68.29 -76.64
C GLU O 706 -115.41 67.16 -76.14
N HIS O 707 -115.42 66.87 -74.84
CA HIS O 707 -114.55 65.84 -74.33
C HIS O 707 -115.12 64.43 -74.32
N ARG O 708 -116.11 64.20 -75.18
CA ARG O 708 -116.72 62.89 -75.29
C ARG O 708 -117.40 62.81 -76.66
N PRO O 709 -116.61 62.90 -77.73
CA PRO O 709 -117.11 62.85 -79.11
C PRO O 709 -117.59 61.45 -79.49
N SER O 710 -118.53 61.37 -80.42
CA SER O 710 -119.06 60.07 -80.84
C SER O 710 -117.94 59.17 -81.35
N MET O 711 -116.95 59.78 -82.00
CA MET O 711 -115.81 59.02 -82.53
C MET O 711 -114.64 59.07 -81.55
N HIS O 712 -114.00 57.93 -81.36
CA HIS O 712 -112.82 57.81 -80.51
C HIS O 712 -111.73 58.62 -81.19
N THR O 713 -111.29 59.67 -80.51
CA THR O 713 -110.27 60.53 -81.07
C THR O 713 -109.31 60.98 -79.98
N TYR O 714 -108.30 61.75 -80.34
CA TYR O 714 -107.35 62.22 -79.33
C TYR O 714 -107.80 63.52 -78.69
N VAL O 715 -108.71 63.40 -77.73
CA VAL O 715 -109.17 64.58 -77.03
C VAL O 715 -108.07 64.80 -76.00
N PRO O 716 -107.45 65.98 -75.98
CA PRO O 716 -106.39 66.28 -75.03
C PRO O 716 -106.93 66.24 -73.59
N ALA O 717 -106.24 65.52 -72.71
CA ALA O 717 -106.66 65.43 -71.30
C ALA O 717 -106.77 66.85 -70.71
N TRP O 718 -107.95 67.24 -70.24
CA TRP O 718 -108.09 68.60 -69.70
C TRP O 718 -107.26 68.91 -68.46
N GLU O 719 -106.74 67.88 -67.80
CA GLU O 719 -105.87 68.07 -66.64
C GLU O 719 -104.60 67.32 -66.97
N SER O 720 -103.84 67.87 -67.91
CA SER O 720 -102.58 67.27 -68.32
C SER O 720 -101.53 68.37 -68.36
N GLN O 721 -100.26 67.97 -68.38
CA GLN O 721 -99.16 68.91 -68.37
C GLN O 721 -99.06 69.87 -69.56
N LYS O 722 -99.17 69.37 -70.78
CA LYS O 722 -99.03 70.29 -71.92
C LYS O 722 -100.30 70.97 -72.43
N HIS O 723 -101.46 70.47 -72.02
CA HIS O 723 -102.73 71.03 -72.49
C HIS O 723 -103.52 71.84 -71.47
N SER O 724 -103.33 71.54 -70.19
CA SER O 724 -104.05 72.26 -69.15
C SER O 724 -103.42 73.62 -68.79
N PRO O 725 -104.24 74.70 -68.78
CA PRO O 725 -103.73 76.03 -68.45
C PRO O 725 -103.14 76.05 -67.03
N LEU O 726 -103.51 75.04 -66.25
CA LEU O 726 -103.07 74.88 -64.86
C LEU O 726 -101.60 74.44 -64.72
N ALA O 727 -101.08 73.77 -65.75
CA ALA O 727 -99.71 73.26 -65.72
C ALA O 727 -98.63 74.33 -65.61
N VAL O 728 -98.94 75.55 -66.02
CA VAL O 728 -97.99 76.65 -65.94
C VAL O 728 -97.69 76.94 -64.47
N LYS O 729 -98.71 76.80 -63.62
CA LYS O 729 -98.58 77.02 -62.18
C LYS O 729 -98.14 75.77 -61.43
N TYR O 730 -98.73 74.62 -61.80
CA TYR O 730 -98.46 73.34 -61.16
C TYR O 730 -97.96 72.35 -62.20
N PRO O 731 -96.66 72.42 -62.51
CA PRO O 731 -95.99 71.57 -63.50
C PRO O 731 -95.95 70.07 -63.30
N LEU O 732 -95.95 69.62 -62.05
CA LEU O 732 -95.90 68.18 -61.75
C LEU O 732 -97.19 67.40 -62.01
N GLY O 733 -97.06 66.23 -62.62
CA GLY O 733 -98.21 65.41 -62.91
C GLY O 733 -98.34 64.32 -61.87
N MET O 734 -99.48 64.28 -61.20
CA MET O 734 -99.71 63.28 -60.15
C MET O 734 -100.80 62.25 -60.45
N LEU O 735 -100.52 60.99 -60.11
CA LEU O 735 -101.49 59.91 -60.27
C LEU O 735 -101.62 59.30 -58.87
N SER O 736 -102.85 58.99 -58.44
CA SER O 736 -103.07 58.41 -57.11
C SER O 736 -103.91 57.14 -57.11
N PRO O 737 -103.30 56.01 -57.54
CA PRO O 737 -103.95 54.69 -57.60
C PRO O 737 -104.40 54.14 -56.24
N HIS O 738 -104.83 52.89 -56.23
CA HIS O 738 -105.30 52.26 -55.01
C HIS O 738 -104.17 51.82 -54.10
N PRO O 739 -104.29 52.09 -52.79
CA PRO O 739 -103.28 51.74 -51.78
C PRO O 739 -102.79 50.31 -51.84
N ARG O 740 -101.48 50.16 -51.77
CA ARG O 740 -100.82 48.86 -51.82
C ARG O 740 -101.08 48.02 -50.57
N PHE O 741 -101.00 48.63 -49.40
CA PHE O 741 -101.18 47.88 -48.16
C PHE O 741 -102.49 48.10 -47.43
N SER O 742 -103.55 48.40 -48.17
CA SER O 742 -104.84 48.64 -47.54
C SER O 742 -105.97 48.56 -48.57
N MET O 743 -107.13 48.08 -48.14
CA MET O 743 -108.29 48.01 -49.03
C MET O 743 -108.95 49.38 -48.84
N HIS O 744 -108.50 50.35 -49.62
CA HIS O 744 -109.01 51.71 -49.49
C HIS O 744 -108.81 52.11 -48.02
N THR O 745 -109.76 52.81 -47.41
CA THR O 745 -109.57 53.22 -46.01
C THR O 745 -109.52 52.10 -44.99
N MET O 746 -109.84 50.88 -45.40
CA MET O 746 -109.86 49.77 -44.47
C MET O 746 -108.50 49.10 -44.34
N GLY O 747 -107.66 49.67 -43.49
CA GLY O 747 -106.33 49.12 -43.27
C GLY O 747 -105.38 50.21 -42.80
N ASP O 748 -105.51 51.38 -43.38
CA ASP O 748 -104.67 52.52 -43.02
C ASP O 748 -105.19 53.13 -41.72
N GLY O 749 -104.31 53.85 -41.02
CA GLY O 749 -104.69 54.48 -39.77
C GLY O 749 -105.14 53.47 -38.72
N LYS O 750 -106.11 53.87 -37.91
CA LYS O 750 -106.66 53.01 -36.86
C LYS O 750 -105.57 52.41 -35.98
N ASN O 751 -104.37 52.97 -36.05
N ASN O 751 -104.37 52.97 -36.05
CA ASN O 751 -103.24 52.48 -35.28
CA ASN O 751 -103.24 52.48 -35.28
C ASN O 751 -103.02 50.98 -35.56
C ASN O 751 -103.02 50.98 -35.56
N SER O 752 -103.23 50.58 -36.81
CA SER O 752 -103.07 49.19 -37.20
C SER O 752 -101.59 48.87 -37.41
N TYR O 753 -101.29 47.58 -37.62
CA TYR O 753 -99.92 47.14 -37.84
C TYR O 753 -99.41 47.56 -39.22
N MET O 754 -100.34 47.77 -40.16
CA MET O 754 -99.95 48.16 -41.51
C MET O 754 -99.23 49.51 -41.53
N ASN O 755 -99.44 50.31 -40.49
CA ASN O 755 -98.81 51.62 -40.40
C ASN O 755 -97.31 51.55 -40.17
N TYR O 756 -96.83 50.34 -39.89
CA TYR O 756 -95.40 50.17 -39.65
C TYR O 756 -94.71 49.69 -40.92
N ILE O 757 -95.49 49.47 -41.97
CA ILE O 757 -94.93 49.03 -43.25
C ILE O 757 -94.09 50.15 -43.85
N LYS O 758 -92.85 49.82 -44.19
CA LYS O 758 -91.91 50.79 -44.75
C LYS O 758 -92.44 51.58 -45.94
N ASP O 759 -93.14 50.90 -46.85
CA ASP O 759 -93.65 51.60 -48.02
C ASP O 759 -95.10 52.08 -47.90
N HIS O 760 -95.61 52.19 -46.67
CA HIS O 760 -96.97 52.68 -46.44
C HIS O 760 -96.88 54.08 -45.84
N ARG O 761 -96.35 54.19 -44.63
CA ARG O 761 -96.17 55.48 -43.96
C ARG O 761 -94.75 55.59 -43.44
N VAL O 762 -94.27 56.82 -43.34
CA VAL O 762 -92.92 57.11 -42.87
C VAL O 762 -93.01 57.94 -41.60
N GLU O 763 -92.44 57.43 -40.51
CA GLU O 763 -92.49 58.16 -39.25
C GLU O 763 -91.43 59.26 -39.15
N VAL O 764 -91.88 60.44 -38.76
CA VAL O 764 -91.03 61.60 -38.62
C VAL O 764 -91.45 62.38 -37.38
N ASP O 765 -90.55 62.45 -36.41
CA ASP O 765 -90.83 63.15 -35.16
C ASP O 765 -92.09 62.62 -34.50
N GLY O 766 -92.18 61.30 -34.36
CA GLY O 766 -93.34 60.69 -33.72
C GLY O 766 -94.66 60.70 -34.47
N TYR O 767 -94.63 60.98 -35.78
CA TYR O 767 -95.85 61.00 -36.57
C TYR O 767 -95.64 60.25 -37.91
N LYS O 768 -96.53 59.31 -38.22
CA LYS O 768 -96.42 58.55 -39.47
C LYS O 768 -97.11 59.27 -40.63
N TYR O 769 -96.32 59.85 -41.53
CA TYR O 769 -96.85 60.59 -42.68
C TYR O 769 -97.08 59.73 -43.91
N TRP O 770 -98.07 60.12 -44.71
CA TRP O 770 -98.40 59.44 -45.95
C TRP O 770 -97.24 59.69 -46.91
N ILE O 771 -96.96 58.71 -47.77
CA ILE O 771 -95.85 58.81 -48.72
C ILE O 771 -96.19 59.37 -50.11
N MET O 772 -95.24 60.09 -50.68
CA MET O 772 -95.35 60.60 -52.05
C MET O 772 -94.04 60.27 -52.74
N ARG O 773 -94.14 59.61 -53.89
CA ARG O 773 -92.98 59.21 -54.66
C ARG O 773 -92.60 60.32 -55.64
N VAL O 774 -91.32 60.68 -55.62
CA VAL O 774 -90.79 61.76 -56.46
C VAL O 774 -89.53 61.29 -57.19
N ASN O 775 -89.42 61.62 -58.48
CA ASN O 775 -88.24 61.24 -59.24
C ASN O 775 -87.02 62.02 -58.75
N SER O 776 -85.87 61.34 -58.72
CA SER O 776 -84.61 61.94 -58.26
C SER O 776 -84.35 63.34 -58.79
N ILE O 777 -84.59 63.55 -60.08
CA ILE O 777 -84.38 64.84 -60.71
C ILE O 777 -85.31 65.95 -60.21
N ASP O 778 -86.55 65.61 -59.91
CA ASP O 778 -87.49 66.63 -59.43
C ASP O 778 -87.28 66.92 -57.94
N ALA O 779 -86.83 65.92 -57.20
CA ALA O 779 -86.58 66.11 -55.77
C ALA O 779 -85.37 67.06 -55.65
N GLU O 780 -84.32 66.72 -56.39
CA GLU O 780 -83.07 67.48 -56.41
C GLU O 780 -83.25 68.98 -56.71
N ALA O 781 -83.99 69.29 -57.77
CA ALA O 781 -84.23 70.67 -58.19
C ALA O 781 -85.01 71.50 -57.17
N ARG O 782 -85.57 70.84 -56.17
CA ARG O 782 -86.34 71.50 -55.12
C ARG O 782 -85.68 71.20 -53.79
N GLY O 783 -84.46 70.66 -53.86
CA GLY O 783 -83.71 70.32 -52.66
C GLY O 783 -84.45 69.38 -51.74
N ILE O 784 -85.12 68.39 -52.32
CA ILE O 784 -85.87 67.41 -51.54
C ILE O 784 -85.09 66.11 -51.42
N LYS O 785 -85.06 65.57 -50.20
CA LYS O 785 -84.35 64.34 -49.91
C LYS O 785 -85.29 63.30 -49.32
N ASN O 786 -84.89 62.04 -49.46
CA ASN O 786 -85.67 60.93 -48.94
C ASN O 786 -86.03 61.14 -47.48
N GLY O 787 -87.32 61.13 -47.18
CA GLY O 787 -87.75 61.29 -45.80
C GLY O 787 -88.22 62.69 -45.43
N ASP O 788 -87.84 63.70 -46.22
CA ASP O 788 -88.26 65.07 -45.92
C ASP O 788 -89.77 65.24 -45.97
N LEU O 789 -90.29 66.16 -45.16
CA LEU O 789 -91.70 66.46 -45.15
C LEU O 789 -91.96 67.49 -46.24
N ILE O 790 -92.70 67.08 -47.25
CA ILE O 790 -92.99 68.00 -48.35
C ILE O 790 -94.43 68.44 -48.34
N ARG O 791 -94.71 69.47 -49.12
CA ARG O 791 -96.05 70.01 -49.24
C ARG O 791 -96.52 69.90 -50.68
N ALA O 792 -97.54 69.08 -50.92
CA ALA O 792 -98.10 68.94 -52.26
C ALA O 792 -99.30 69.87 -52.28
N TYR O 793 -99.44 70.66 -53.33
CA TYR O 793 -100.54 71.60 -53.37
C TYR O 793 -100.94 72.12 -54.74
N ASN O 794 -102.09 72.79 -54.78
CA ASN O 794 -102.64 73.42 -55.97
C ASN O 794 -103.79 74.28 -55.49
N ASP O 795 -104.64 74.76 -56.40
CA ASP O 795 -105.75 75.63 -55.98
C ASP O 795 -106.73 75.01 -55.01
N ARG O 796 -106.76 73.68 -54.95
CA ARG O 796 -107.71 72.99 -54.09
C ARG O 796 -107.29 72.75 -52.64
N GLY O 797 -105.99 72.72 -52.39
CA GLY O 797 -105.53 72.48 -51.03
C GLY O 797 -104.05 72.14 -50.90
N SER O 798 -103.66 71.72 -49.70
CA SER O 798 -102.28 71.34 -49.41
C SER O 798 -102.28 70.07 -48.56
N VAL O 799 -101.35 69.18 -48.87
CA VAL O 799 -101.23 67.95 -48.12
C VAL O 799 -99.77 67.80 -47.74
N ILE O 800 -99.53 67.54 -46.46
CA ILE O 800 -98.17 67.34 -45.96
C ILE O 800 -97.86 65.87 -46.10
N LEU O 801 -96.74 65.56 -46.74
CA LEU O 801 -96.35 64.17 -46.97
C LEU O 801 -94.86 63.91 -46.76
N ALA O 802 -94.52 62.61 -46.66
CA ALA O 802 -93.14 62.19 -46.53
C ALA O 802 -92.68 61.78 -47.93
N ALA O 803 -91.69 62.49 -48.46
CA ALA O 803 -91.20 62.18 -49.79
C ALA O 803 -90.36 60.90 -49.86
N GLN O 804 -90.47 60.22 -51.00
CA GLN O 804 -89.70 59.00 -51.27
C GLN O 804 -89.11 59.26 -52.66
N VAL O 805 -87.81 59.53 -52.69
CA VAL O 805 -87.12 59.80 -53.96
C VAL O 805 -86.85 58.47 -54.65
N THR O 806 -87.17 58.40 -55.94
CA THR O 806 -87.00 57.16 -56.68
C THR O 806 -86.79 57.35 -58.18
N GLU O 807 -86.61 56.24 -58.88
CA GLU O 807 -86.41 56.24 -60.32
C GLU O 807 -87.62 55.58 -61.00
N CYS O 808 -88.58 55.16 -60.18
CA CYS O 808 -89.78 54.48 -60.65
C CYS O 808 -90.86 55.37 -61.26
N LEU O 809 -90.47 56.57 -61.66
CA LEU O 809 -91.39 57.54 -62.25
C LEU O 809 -90.61 58.38 -63.24
N GLN O 810 -91.25 58.75 -64.35
CA GLN O 810 -90.57 59.59 -65.32
C GLN O 810 -90.46 60.98 -64.69
N PRO O 811 -89.32 61.66 -64.89
CA PRO O 811 -89.13 63.00 -64.34
C PRO O 811 -90.34 63.90 -64.66
N GLY O 812 -90.93 64.47 -63.63
CA GLY O 812 -92.08 65.35 -63.84
C GLY O 812 -93.38 64.72 -63.37
N THR O 813 -93.30 63.44 -63.03
CA THR O 813 -94.46 62.69 -62.56
C THR O 813 -94.29 62.27 -61.10
N VAL O 814 -95.25 62.63 -60.26
CA VAL O 814 -95.22 62.24 -58.85
C VAL O 814 -96.32 61.21 -58.61
N HIS O 815 -96.24 60.48 -57.51
CA HIS O 815 -97.21 59.45 -57.23
C HIS O 815 -97.46 59.25 -55.73
N SER O 816 -98.74 59.19 -55.37
CA SER O 816 -99.15 58.99 -53.98
C SER O 816 -100.48 58.25 -54.02
N TYR O 817 -100.59 57.18 -53.22
CA TYR O 817 -101.83 56.40 -53.17
C TYR O 817 -102.98 57.20 -52.57
N GLU O 818 -104.20 56.85 -52.99
CA GLU O 818 -105.40 57.50 -52.47
C GLU O 818 -105.97 56.65 -51.33
N SER O 819 -107.17 56.99 -50.87
CA SER O 819 -107.84 56.23 -49.81
C SER O 819 -107.26 56.40 -48.41
N CYS O 820 -106.47 57.45 -48.19
CA CYS O 820 -105.92 57.68 -46.87
C CYS O 820 -107.10 57.68 -45.90
N ALA O 821 -106.97 56.96 -44.79
CA ALA O 821 -108.06 56.88 -43.81
C ALA O 821 -108.02 57.97 -42.74
N VAL O 822 -106.93 58.72 -42.70
CA VAL O 822 -106.79 59.75 -41.69
C VAL O 822 -106.91 61.16 -42.22
N TYR O 823 -107.86 61.92 -41.67
CA TYR O 823 -108.03 63.31 -42.05
C TYR O 823 -107.65 64.14 -40.82
N ASP O 824 -106.49 64.78 -40.90
CA ASP O 824 -105.97 65.59 -39.79
C ASP O 824 -105.52 66.97 -40.22
N PRO O 825 -106.46 67.92 -40.33
CA PRO O 825 -106.15 69.30 -40.73
C PRO O 825 -105.29 69.96 -39.67
N LEU O 826 -104.40 70.86 -40.09
CA LEU O 826 -103.53 71.57 -39.16
C LEU O 826 -104.21 72.84 -38.69
N GLY O 827 -105.23 73.27 -39.45
CA GLY O 827 -105.99 74.47 -39.12
C GLY O 827 -107.49 74.17 -39.20
N THR O 828 -108.28 75.14 -39.61
CA THR O 828 -109.73 74.92 -39.71
C THR O 828 -110.05 73.83 -40.73
N ALA O 829 -110.90 72.89 -40.34
CA ALA O 829 -111.28 71.77 -41.21
C ALA O 829 -111.83 72.27 -42.55
N GLY O 830 -111.33 71.69 -43.63
CA GLY O 830 -111.79 72.09 -44.96
C GLY O 830 -111.26 73.43 -45.42
N LYS O 831 -110.35 74.00 -44.64
CA LYS O 831 -109.76 75.30 -44.96
C LYS O 831 -108.23 75.35 -44.79
N SER O 832 -107.63 74.24 -44.42
CA SER O 832 -106.18 74.24 -44.21
C SER O 832 -105.52 72.97 -44.69
N ALA O 833 -104.20 72.92 -44.54
CA ALA O 833 -103.42 71.77 -44.95
C ALA O 833 -103.71 70.57 -44.06
N ASP O 834 -103.65 69.39 -44.67
CA ASP O 834 -103.90 68.14 -43.96
C ASP O 834 -102.62 67.35 -43.91
N ARG O 835 -102.29 66.80 -42.76
CA ARG O 835 -101.08 65.99 -42.67
C ARG O 835 -101.44 64.51 -42.57
N GLY O 836 -102.74 64.22 -42.66
CA GLY O 836 -103.17 62.84 -42.61
C GLY O 836 -102.74 62.16 -43.90
N GLY O 837 -102.74 62.94 -44.98
CA GLY O 837 -102.33 62.41 -46.27
C GLY O 837 -103.48 62.16 -47.22
N CYS O 838 -104.52 62.98 -47.13
CA CYS O 838 -105.67 62.82 -48.01
C CYS O 838 -105.38 63.45 -49.36
N ILE O 839 -104.70 62.68 -50.20
CA ILE O 839 -104.32 63.13 -51.53
C ILE O 839 -105.49 63.65 -52.38
N ASN O 840 -106.65 63.03 -52.24
CA ASN O 840 -107.79 63.47 -53.03
C ASN O 840 -108.22 64.91 -52.74
N ILE O 841 -107.54 65.54 -51.79
CA ILE O 841 -107.84 66.93 -51.49
C ILE O 841 -107.40 67.74 -52.70
N LEU O 842 -106.38 67.22 -53.38
CA LEU O 842 -105.77 67.85 -54.54
C LEU O 842 -106.35 67.46 -55.91
N THR O 843 -107.10 66.37 -55.97
CA THR O 843 -107.67 65.92 -57.25
C THR O 843 -108.86 66.75 -57.74
N PRO O 844 -109.03 66.85 -59.06
CA PRO O 844 -110.12 67.63 -59.67
C PRO O 844 -111.51 67.01 -59.50
N ASP O 845 -112.47 67.84 -59.10
CA ASP O 845 -113.85 67.41 -58.92
C ASP O 845 -114.68 67.58 -60.19
N ARG O 846 -114.05 68.14 -61.22
CA ARG O 846 -114.72 68.33 -62.50
C ARG O 846 -115.00 66.97 -63.15
N TYR O 847 -116.21 66.81 -63.67
CA TYR O 847 -116.60 65.56 -64.32
C TYR O 847 -115.69 65.29 -65.52
N ILE O 848 -115.53 64.02 -65.85
CA ILE O 848 -114.67 63.63 -66.99
C ILE O 848 -115.03 64.40 -68.27
N SER O 849 -116.31 64.71 -68.46
CA SER O 849 -116.75 65.49 -69.61
C SER O 849 -118.04 66.15 -69.17
N LYS O 850 -118.64 66.94 -70.05
CA LYS O 850 -119.87 67.63 -69.71
C LYS O 850 -121.02 66.70 -69.28
N TYR O 851 -121.09 65.52 -69.90
CA TYR O 851 -122.16 64.57 -69.57
C TYR O 851 -121.66 63.24 -69.00
N ALA O 852 -120.35 63.00 -69.11
CA ALA O 852 -119.79 61.77 -68.54
C ALA O 852 -119.51 62.11 -67.08
N CYS O 853 -120.57 62.10 -66.26
CA CYS O 853 -120.46 62.45 -64.85
C CYS O 853 -119.67 61.48 -63.97
N GLY O 854 -118.42 61.24 -64.33
CA GLY O 854 -117.57 60.35 -63.56
C GLY O 854 -116.41 61.12 -62.98
N MET O 855 -115.62 60.47 -62.13
CA MET O 855 -114.48 61.12 -61.48
C MET O 855 -113.21 61.01 -62.34
N ALA O 856 -112.42 62.08 -62.35
CA ALA O 856 -111.18 62.13 -63.14
C ALA O 856 -109.94 62.26 -62.25
N ASN O 857 -109.98 61.62 -61.10
CA ASN O 857 -108.90 61.67 -60.11
C ASN O 857 -107.45 61.46 -60.55
N ASN O 858 -107.17 60.40 -61.30
CA ASN O 858 -105.79 60.12 -61.68
C ASN O 858 -105.00 61.04 -62.59
N THR O 859 -105.50 62.26 -62.81
CA THR O 859 -104.76 63.25 -63.58
C THR O 859 -104.90 64.54 -62.77
N ALA O 860 -103.92 64.78 -61.90
CA ALA O 860 -103.92 65.96 -61.07
C ALA O 860 -102.60 66.71 -61.23
N LEU O 861 -102.71 68.03 -61.41
CA LEU O 861 -101.56 68.91 -61.56
C LEU O 861 -101.24 69.58 -60.22
N VAL O 862 -100.01 69.44 -59.74
CA VAL O 862 -99.62 70.07 -58.47
C VAL O 862 -98.19 70.59 -58.49
N GLU O 863 -97.78 71.12 -57.34
CA GLU O 863 -96.43 71.62 -57.13
C GLU O 863 -96.02 71.06 -55.77
N ILE O 864 -94.72 70.93 -55.53
CA ILE O 864 -94.27 70.42 -54.24
C ILE O 864 -93.03 71.18 -53.79
N GLU O 865 -92.96 71.43 -52.49
CA GLU O 865 -91.84 72.13 -51.90
C GLU O 865 -91.60 71.56 -50.51
N LYS O 866 -90.40 71.77 -49.97
CA LYS O 866 -90.12 71.28 -48.63
C LYS O 866 -91.10 72.01 -47.72
N TRP O 867 -91.71 71.29 -46.78
CA TRP O 867 -92.67 71.94 -45.89
C TRP O 867 -92.00 72.79 -44.83
N ASP O 868 -92.31 74.08 -44.85
CA ASP O 868 -91.75 75.04 -43.90
C ASP O 868 -92.38 74.89 -42.51
N GLY O 869 -93.63 74.43 -42.47
CA GLY O 869 -94.30 74.27 -41.20
C GLY O 869 -95.62 75.01 -41.05
N ASP O 870 -95.90 75.92 -41.99
CA ASP O 870 -97.14 76.70 -41.97
C ASP O 870 -98.34 75.77 -42.11
N LYS O 871 -99.49 76.17 -41.56
CA LYS O 871 -100.69 75.33 -41.65
C LYS O 871 -101.49 75.61 -42.92
N TYR O 872 -101.16 76.70 -43.60
CA TYR O 872 -101.82 77.10 -44.84
C TYR O 872 -103.34 77.09 -44.81
N GLU O 873 -103.92 77.96 -44.00
CA GLU O 873 -105.37 78.05 -43.91
C GLU O 873 -105.79 79.15 -44.89
N ILE O 874 -105.92 78.76 -46.16
CA ILE O 874 -106.27 79.70 -47.21
C ILE O 874 -107.31 79.16 -48.20
N TYR O 875 -107.86 77.98 -47.91
CA TYR O 875 -108.83 77.39 -48.81
C TYR O 875 -110.28 77.59 -48.40
N MET P 1 -80.49 14.36 -35.27
CA MET P 1 -80.58 15.81 -34.91
C MET P 1 -80.98 16.64 -36.13
N GLU P 2 -82.08 16.23 -36.76
CA GLU P 2 -82.61 16.89 -37.95
C GLU P 2 -82.94 18.37 -37.66
N GLN P 3 -82.20 19.27 -38.29
CA GLN P 3 -82.37 20.71 -38.09
C GLN P 3 -83.33 21.45 -39.02
N TYR P 4 -83.54 22.72 -38.72
CA TYR P 4 -84.42 23.57 -39.51
C TYR P 4 -83.60 24.50 -40.41
N TYR P 5 -84.10 24.72 -41.61
CA TYR P 5 -83.42 25.60 -42.56
C TYR P 5 -84.48 26.40 -43.32
N MET P 6 -84.08 27.58 -43.80
CA MET P 6 -84.99 28.42 -44.54
C MET P 6 -84.28 29.01 -45.76
N VAL P 7 -84.88 28.83 -46.94
CA VAL P 7 -84.31 29.34 -48.18
C VAL P 7 -85.27 30.41 -48.72
N ILE P 8 -84.75 31.62 -48.87
CA ILE P 8 -85.52 32.76 -49.36
C ILE P 8 -85.08 33.17 -50.75
N ASP P 9 -86.00 33.13 -51.72
CA ASP P 9 -85.71 33.51 -53.11
C ASP P 9 -85.97 35.00 -53.28
N VAL P 10 -84.90 35.77 -53.43
CA VAL P 10 -84.99 37.22 -53.58
C VAL P 10 -85.66 37.67 -54.87
N ALA P 11 -85.46 36.91 -55.95
CA ALA P 11 -86.05 37.25 -57.23
C ALA P 11 -87.56 37.21 -57.16
N LYS P 12 -88.06 36.64 -56.07
CA LYS P 12 -89.49 36.51 -55.88
C LYS P 12 -90.16 37.42 -54.87
N CYS P 13 -89.43 38.31 -54.19
CA CYS P 13 -90.07 39.21 -53.23
C CYS P 13 -90.76 40.38 -53.92
N GLN P 14 -91.95 40.73 -53.45
CA GLN P 14 -92.67 41.86 -54.00
C GLN P 14 -92.96 42.88 -52.90
N ASP P 15 -92.41 42.61 -51.71
CA ASP P 15 -92.54 43.51 -50.56
C ASP P 15 -94.00 43.85 -50.22
N CYS P 16 -94.88 42.83 -50.23
CA CYS P 16 -96.29 43.07 -49.90
C CYS P 16 -96.42 43.03 -48.38
N ASN P 17 -95.35 42.60 -47.72
CA ASN P 17 -95.32 42.57 -46.26
C ASN P 17 -96.19 41.56 -45.54
N ASN P 18 -96.56 40.47 -46.22
CA ASN P 18 -97.38 39.46 -45.57
C ASN P 18 -96.65 38.84 -44.35
N CYS P 19 -95.30 38.79 -44.40
CA CYS P 19 -94.48 38.24 -43.32
C CYS P 19 -94.61 39.06 -42.08
N PHE P 20 -94.08 40.27 -42.22
CA PHE P 20 -94.06 41.26 -41.15
C PHE P 20 -95.41 41.21 -40.47
N MET P 21 -96.46 41.30 -41.27
CA MET P 21 -97.80 41.27 -40.72
C MET P 21 -98.05 39.94 -40.00
N GLY P 22 -97.29 38.92 -40.38
CA GLY P 22 -97.39 37.62 -39.76
C GLY P 22 -96.86 37.59 -38.34
N CYS P 23 -95.66 38.13 -38.10
CA CYS P 23 -95.10 38.15 -36.75
C CYS P 23 -95.96 38.96 -35.81
N MET P 24 -96.23 40.19 -36.20
CA MET P 24 -97.05 41.07 -35.37
C MET P 24 -98.32 40.36 -34.95
N ASP P 25 -99.01 39.76 -35.92
CA ASP P 25 -100.24 39.03 -35.64
C ASP P 25 -99.95 37.95 -34.60
N GLU P 26 -98.77 37.35 -34.74
CA GLU P 26 -98.33 36.26 -33.87
C GLU P 26 -97.64 36.69 -32.56
N HIS P 27 -97.07 37.89 -32.53
CA HIS P 27 -96.31 38.32 -31.35
C HIS P 27 -96.66 39.66 -30.68
N GLU P 28 -97.38 40.54 -31.36
CA GLU P 28 -97.69 41.85 -30.78
C GLU P 28 -98.74 41.80 -29.66
N LEU P 29 -99.76 40.95 -29.81
CA LEU P 29 -100.81 40.86 -28.78
C LEU P 29 -100.76 39.54 -28.04
N ASN P 30 -99.81 38.69 -28.41
CA ASN P 30 -99.68 37.39 -27.75
C ASN P 30 -98.36 37.23 -27.03
N GLU P 31 -98.43 36.57 -25.87
CA GLU P 31 -97.25 36.28 -25.08
C GLU P 31 -97.07 34.77 -25.13
N TRP P 32 -95.85 34.34 -25.39
CA TRP P 32 -95.57 32.92 -25.47
C TRP P 32 -94.55 32.53 -24.41
N PRO P 33 -95.04 32.12 -23.23
CA PRO P 33 -94.25 31.70 -22.07
C PRO P 33 -93.04 30.82 -22.40
N GLY P 34 -91.85 31.31 -22.06
CA GLY P 34 -90.63 30.56 -22.34
C GLY P 34 -89.94 30.94 -23.62
N TYR P 35 -90.69 31.54 -24.57
CA TYR P 35 -90.09 31.93 -25.83
C TYR P 35 -89.89 33.43 -25.94
N THR P 36 -90.94 34.18 -25.64
CA THR P 36 -90.89 35.63 -25.72
C THR P 36 -92.19 36.26 -25.22
N ALA P 37 -92.10 37.54 -24.85
CA ALA P 37 -93.26 38.28 -24.39
C ALA P 37 -93.78 39.00 -25.63
N SER P 38 -94.85 39.78 -25.49
CA SER P 38 -95.38 40.48 -26.64
C SER P 38 -94.35 41.40 -27.27
N MET P 39 -94.31 41.39 -28.60
CA MET P 39 -93.41 42.20 -29.41
C MET P 39 -93.73 43.68 -29.27
N GLN P 40 -92.75 44.55 -29.53
CA GLN P 40 -92.97 45.98 -29.44
C GLN P 40 -93.27 46.57 -30.82
N ARG P 41 -94.21 47.51 -30.86
CA ARG P 41 -94.60 48.18 -32.10
C ARG P 41 -93.44 48.99 -32.65
N GLY P 42 -93.18 48.85 -33.95
CA GLY P 42 -92.08 49.55 -34.57
C GLY P 42 -90.94 48.60 -34.82
N HIS P 43 -90.84 47.56 -34.00
CA HIS P 43 -89.80 46.55 -34.15
C HIS P 43 -89.97 45.81 -35.45
N ARG P 44 -88.92 45.13 -35.89
CA ARG P 44 -88.96 44.38 -37.13
C ARG P 44 -88.16 43.09 -37.04
N TRP P 45 -88.71 42.09 -36.33
CA TRP P 45 -88.03 40.80 -36.21
C TRP P 45 -87.88 40.26 -37.63
N MET P 46 -88.77 40.73 -38.50
CA MET P 46 -88.76 40.37 -39.92
C MET P 46 -88.56 41.72 -40.59
N ASN P 47 -87.32 42.00 -40.97
CA ASN P 47 -87.00 43.27 -41.61
C ASN P 47 -86.83 43.06 -43.10
N ILE P 48 -87.66 43.71 -43.90
CA ILE P 48 -87.57 43.56 -45.34
C ILE P 48 -86.79 44.72 -45.93
N GLU P 49 -85.57 44.44 -46.37
CA GLU P 49 -84.70 45.44 -46.97
C GLU P 49 -85.08 45.68 -48.43
N ARG P 50 -85.17 46.95 -48.80
CA ARG P 50 -85.53 47.33 -50.15
C ARG P 50 -84.34 48.03 -50.80
N ARG P 51 -84.07 47.71 -52.06
CA ARG P 51 -82.97 48.36 -52.76
C ARG P 51 -83.28 48.64 -54.22
N GLU P 52 -83.17 49.90 -54.61
CA GLU P 52 -83.38 50.31 -56.00
C GLU P 52 -82.01 50.34 -56.68
N ARG P 53 -82.00 50.05 -57.98
CA ARG P 53 -80.76 50.05 -58.76
C ARG P 53 -80.94 50.72 -60.11
N GLY P 54 -79.86 51.29 -60.63
CA GLY P 54 -79.91 51.93 -61.92
C GLY P 54 -80.54 53.31 -61.87
N THR P 55 -80.79 53.85 -63.05
CA THR P 55 -81.39 55.16 -63.17
C THR P 55 -82.45 55.14 -64.26
N TYR P 56 -83.59 55.76 -64.00
CA TYR P 56 -84.67 55.84 -64.98
C TYR P 56 -84.06 56.10 -66.36
N PRO P 57 -84.57 55.46 -67.41
CA PRO P 57 -85.68 54.50 -67.44
C PRO P 57 -85.30 53.02 -67.36
N ARG P 58 -84.01 52.72 -67.18
CA ARG P 58 -83.61 51.32 -67.12
C ARG P 58 -83.23 50.90 -65.71
N ASN P 59 -84.07 51.30 -64.77
CA ASN P 59 -83.88 51.02 -63.37
C ASN P 59 -84.70 49.80 -62.98
N ASP P 60 -84.47 49.30 -61.77
CA ASP P 60 -85.20 48.16 -61.26
C ASP P 60 -85.14 48.19 -59.73
N ILE P 61 -85.70 47.18 -59.08
CA ILE P 61 -85.68 47.14 -57.63
C ILE P 61 -85.90 45.71 -57.13
N ASN P 62 -85.27 45.39 -56.01
CA ASN P 62 -85.38 44.06 -55.42
C ASN P 62 -85.45 44.17 -53.89
N TYR P 63 -85.99 43.13 -53.26
CA TYR P 63 -86.12 43.15 -51.81
C TYR P 63 -85.52 41.90 -51.16
N ARG P 64 -85.07 42.06 -49.92
CA ARG P 64 -84.48 40.95 -49.19
C ARG P 64 -85.13 40.76 -47.83
N PRO P 65 -86.02 39.76 -47.72
CA PRO P 65 -86.69 39.49 -46.44
C PRO P 65 -85.59 39.08 -45.46
N THR P 66 -85.43 39.85 -44.39
CA THR P 66 -84.40 39.54 -43.43
C THR P 66 -84.87 39.27 -42.01
N PRO P 67 -85.02 37.99 -41.65
CA PRO P 67 -85.45 37.63 -40.29
C PRO P 67 -84.16 37.50 -39.47
N CYS P 68 -84.12 36.53 -38.57
CA CYS P 68 -82.90 36.32 -37.79
C CYS P 68 -82.22 35.09 -38.38
N MET P 69 -80.93 35.22 -38.66
CA MET P 69 -80.11 34.17 -39.27
C MET P 69 -79.95 32.85 -38.50
N HIS P 70 -80.23 32.84 -37.19
CA HIS P 70 -80.08 31.64 -36.36
C HIS P 70 -78.85 30.86 -36.80
N CYS P 71 -77.79 31.59 -37.12
CA CYS P 71 -76.56 30.96 -37.59
C CYS P 71 -76.06 29.86 -36.65
N GLU P 72 -75.65 28.75 -37.25
CA GLU P 72 -75.15 27.58 -36.53
C GLU P 72 -74.00 27.96 -35.60
N ASN P 73 -73.42 29.11 -35.89
CA ASN P 73 -72.30 29.62 -35.12
C ASN P 73 -72.65 31.03 -34.63
N ALA P 74 -73.73 31.10 -33.85
CA ALA P 74 -74.26 32.35 -33.31
C ALA P 74 -73.33 33.12 -32.37
N PRO P 75 -72.90 34.32 -32.79
CA PRO P 75 -72.02 35.19 -32.01
C PRO P 75 -72.62 35.65 -30.68
N CYS P 76 -73.92 35.96 -30.67
CA CYS P 76 -74.54 36.42 -29.44
C CYS P 76 -74.87 35.28 -28.48
N VAL P 77 -74.65 34.06 -28.93
CA VAL P 77 -74.86 32.92 -28.05
C VAL P 77 -73.52 32.80 -27.33
N ALA P 78 -72.45 32.77 -28.11
CA ALA P 78 -71.09 32.68 -27.58
C ALA P 78 -70.80 33.85 -26.64
N LYS P 79 -71.33 35.02 -26.97
CA LYS P 79 -71.13 36.20 -26.15
C LYS P 79 -72.44 36.61 -25.48
N GLY P 80 -73.28 35.62 -25.18
CA GLY P 80 -74.56 35.90 -24.55
C GLY P 80 -74.54 35.78 -23.03
N ASN P 81 -73.60 34.98 -22.52
CA ASN P 81 -73.47 34.78 -21.07
C ASN P 81 -74.62 33.90 -20.56
N GLY P 82 -75.15 33.06 -21.45
CA GLY P 82 -76.24 32.18 -21.08
C GLY P 82 -77.61 32.76 -21.41
N ALA P 83 -77.66 34.06 -21.69
CA ALA P 83 -78.92 34.75 -22.01
C ALA P 83 -79.47 34.32 -23.37
N VAL P 84 -78.62 33.73 -24.19
CA VAL P 84 -79.03 33.27 -25.51
C VAL P 84 -78.49 31.85 -25.71
N TYR P 85 -79.35 30.92 -26.12
CA TYR P 85 -78.90 29.55 -26.32
C TYR P 85 -79.21 29.04 -27.71
N GLN P 86 -78.78 27.82 -27.98
CA GLN P 86 -78.98 27.18 -29.27
C GLN P 86 -79.53 25.77 -29.03
N ARG P 87 -80.60 25.43 -29.74
CA ARG P 87 -81.23 24.12 -29.60
C ARG P 87 -80.61 23.12 -30.56
N GLU P 88 -80.96 21.85 -30.40
CA GLU P 88 -80.44 20.79 -31.26
C GLU P 88 -81.00 20.88 -32.69
N ASP P 89 -82.10 21.59 -32.86
CA ASP P 89 -82.72 21.75 -34.18
C ASP P 89 -82.25 23.00 -34.91
N GLY P 90 -81.28 23.70 -34.32
CA GLY P 90 -80.73 24.89 -34.93
C GLY P 90 -81.33 26.23 -34.53
N ILE P 91 -82.49 26.21 -33.88
CA ILE P 91 -83.14 27.46 -33.49
C ILE P 91 -82.40 28.21 -32.38
N VAL P 92 -82.07 29.48 -32.64
CA VAL P 92 -81.39 30.33 -31.67
C VAL P 92 -82.42 31.20 -30.99
N LEU P 93 -82.56 31.07 -29.68
CA LEU P 93 -83.55 31.83 -28.92
C LEU P 93 -83.01 32.57 -27.71
N ILE P 94 -83.59 33.74 -27.45
CA ILE P 94 -83.19 34.54 -26.30
C ILE P 94 -84.03 34.07 -25.12
N ASP P 95 -83.40 33.87 -23.96
CA ASP P 95 -84.13 33.46 -22.78
C ASP P 95 -84.85 34.71 -22.30
N PRO P 96 -86.19 34.71 -22.37
CA PRO P 96 -87.02 35.86 -21.94
C PRO P 96 -86.70 36.40 -20.55
N GLU P 97 -86.28 35.53 -19.63
CA GLU P 97 -85.96 35.96 -18.27
C GLU P 97 -84.49 36.27 -18.04
N LYS P 98 -83.62 35.29 -18.30
CA LYS P 98 -82.18 35.48 -18.11
C LYS P 98 -81.66 36.71 -18.84
N ALA P 99 -82.36 37.10 -19.91
CA ALA P 99 -81.94 38.25 -20.72
C ALA P 99 -82.43 39.61 -20.22
N LYS P 100 -83.48 39.62 -19.39
CA LYS P 100 -84.03 40.86 -18.88
C LYS P 100 -83.02 41.81 -18.24
N GLY P 101 -83.06 43.08 -18.66
CA GLY P 101 -82.17 44.10 -18.13
C GLY P 101 -80.84 44.28 -18.83
N LYS P 102 -80.59 43.49 -19.87
CA LYS P 102 -79.33 43.56 -20.61
C LYS P 102 -79.42 44.04 -22.06
N LYS P 103 -79.28 45.34 -22.27
CA LYS P 103 -79.35 45.92 -23.62
C LYS P 103 -78.14 45.47 -24.45
N GLU P 104 -77.06 45.12 -23.75
CA GLU P 104 -75.82 44.69 -24.37
C GLU P 104 -75.96 43.62 -25.47
N LEU P 105 -76.87 42.67 -25.26
CA LEU P 105 -77.07 41.60 -26.23
C LEU P 105 -77.28 42.11 -27.66
N LEU P 106 -77.84 43.31 -27.79
CA LEU P 106 -78.10 43.88 -29.11
C LEU P 106 -76.81 44.09 -29.90
N ASP P 107 -75.74 44.42 -29.19
CA ASP P 107 -74.45 44.69 -29.81
C ASP P 107 -73.68 43.41 -30.16
N THR P 108 -74.08 42.29 -29.59
CA THR P 108 -73.39 41.02 -29.87
C THR P 108 -73.94 40.37 -31.13
N CYS P 109 -74.79 41.10 -31.85
CA CYS P 109 -75.37 40.55 -33.08
C CYS P 109 -74.83 41.27 -34.32
N PRO P 110 -74.12 40.54 -35.18
CA PRO P 110 -73.52 41.06 -36.43
C PRO P 110 -74.52 41.63 -37.45
N TYR P 111 -75.68 41.00 -37.58
CA TYR P 111 -76.69 41.46 -38.53
C TYR P 111 -77.65 42.52 -37.99
N GLY P 112 -77.76 42.58 -36.66
CA GLY P 112 -78.64 43.54 -36.03
C GLY P 112 -80.11 43.16 -36.14
N VAL P 113 -80.42 41.90 -35.84
CA VAL P 113 -81.79 41.41 -35.94
C VAL P 113 -82.59 41.50 -34.64
N MET P 114 -81.95 41.84 -33.53
CA MET P 114 -82.69 41.94 -32.27
C MET P 114 -82.96 43.38 -31.83
N TYR P 115 -84.18 43.62 -31.35
CA TYR P 115 -84.60 44.94 -30.91
C TYR P 115 -84.85 44.99 -29.41
N TRP P 116 -84.78 46.18 -28.84
CA TRP P 116 -85.00 46.37 -27.41
C TRP P 116 -86.40 46.85 -27.07
N ASN P 117 -87.13 46.02 -26.32
CA ASN P 117 -88.49 46.33 -25.90
C ASN P 117 -88.41 47.12 -24.59
N GLU P 118 -88.71 48.42 -24.67
CA GLU P 118 -88.66 49.30 -23.49
C GLU P 118 -89.49 48.76 -22.34
N GLU P 119 -90.76 48.54 -22.59
CA GLU P 119 -91.69 48.06 -21.58
C GLU P 119 -91.31 46.73 -20.92
N GLU P 120 -90.91 45.74 -21.73
CA GLU P 120 -90.51 44.45 -21.19
C GLU P 120 -89.09 44.47 -20.66
N ASN P 121 -88.37 45.55 -20.97
CA ASN P 121 -86.99 45.73 -20.55
C ASN P 121 -86.16 44.48 -20.82
N VAL P 122 -86.15 44.07 -22.09
CA VAL P 122 -85.40 42.91 -22.52
C VAL P 122 -85.18 42.95 -24.03
N ALA P 123 -84.16 42.27 -24.49
CA ALA P 123 -83.86 42.22 -25.92
C ALA P 123 -84.78 41.20 -26.57
N GLN P 124 -85.47 41.62 -27.64
CA GLN P 124 -86.36 40.71 -28.33
C GLN P 124 -85.97 40.59 -29.78
N LYS P 125 -86.23 39.42 -30.35
CA LYS P 125 -85.93 39.19 -31.75
C LYS P 125 -86.66 37.97 -32.28
N CYS P 126 -86.24 37.56 -33.46
CA CYS P 126 -86.82 36.43 -34.17
C CYS P 126 -86.65 35.07 -33.50
N THR P 127 -87.75 34.34 -33.32
CA THR P 127 -87.73 33.03 -32.67
C THR P 127 -88.01 31.86 -33.61
N MET P 128 -88.32 32.18 -34.87
CA MET P 128 -88.65 31.15 -35.85
C MET P 128 -89.86 30.37 -35.35
N CYS P 129 -90.77 31.10 -34.71
CA CYS P 129 -92.00 30.56 -34.10
C CYS P 129 -91.81 29.14 -33.60
N ALA P 130 -90.75 28.96 -32.81
CA ALA P 130 -90.43 27.67 -32.21
C ALA P 130 -91.62 27.19 -31.37
N HIS P 131 -92.44 28.13 -30.91
CA HIS P 131 -93.61 27.76 -30.11
C HIS P 131 -94.62 27.07 -31.02
N LEU P 132 -94.63 27.47 -32.29
CA LEU P 132 -95.54 26.89 -33.27
C LEU P 132 -94.92 25.58 -33.78
N LEU P 133 -93.62 25.63 -34.03
CA LEU P 133 -92.91 24.45 -34.51
C LEU P 133 -92.94 23.33 -33.46
N ASP P 134 -92.94 23.72 -32.19
CA ASP P 134 -92.98 22.74 -31.10
C ASP P 134 -94.40 22.26 -30.79
N ASP P 135 -95.38 22.78 -31.52
CA ASP P 135 -96.78 22.38 -31.30
C ASP P 135 -97.27 21.54 -32.48
N GLU P 136 -97.67 20.30 -32.19
CA GLU P 136 -98.17 19.39 -33.21
C GLU P 136 -99.53 19.83 -33.76
N SER P 137 -100.23 20.66 -32.99
CA SER P 137 -101.54 21.15 -33.39
C SER P 137 -101.44 22.22 -34.49
N TRP P 138 -100.22 22.68 -34.76
CA TRP P 138 -99.99 23.67 -35.80
C TRP P 138 -99.66 22.88 -37.07
N ALA P 139 -100.71 22.43 -37.75
CA ALA P 139 -100.59 21.63 -38.97
C ALA P 139 -99.59 22.13 -40.00
N PRO P 140 -99.48 23.46 -40.18
CA PRO P 140 -98.54 24.01 -41.17
C PRO P 140 -97.09 23.57 -40.94
N LYS P 141 -96.67 23.54 -39.68
CA LYS P 141 -95.30 23.16 -39.35
C LYS P 141 -94.28 24.04 -40.06
N MET P 142 -94.42 25.35 -39.92
CA MET P 142 -93.50 26.29 -40.53
C MET P 142 -93.79 27.65 -39.91
N PRO P 143 -92.80 28.57 -39.93
CA PRO P 143 -92.95 29.91 -39.36
C PRO P 143 -94.11 30.70 -40.00
N ARG P 144 -94.50 31.78 -39.35
CA ARG P 144 -95.60 32.60 -39.85
C ARG P 144 -95.34 33.31 -41.18
N CYS P 145 -94.16 33.88 -41.39
CA CYS P 145 -93.93 34.57 -42.66
C CYS P 145 -94.00 33.59 -43.81
N ALA P 146 -93.29 32.48 -43.66
CA ALA P 146 -93.27 31.46 -44.70
C ALA P 146 -94.70 31.02 -45.02
N HIS P 147 -95.56 30.97 -44.00
CA HIS P 147 -96.92 30.52 -44.22
C HIS P 147 -97.82 31.59 -44.84
N ASN P 148 -97.55 32.86 -44.51
CA ASN P 148 -98.32 33.98 -45.03
C ASN P 148 -97.96 34.33 -46.47
N CYS P 149 -96.87 33.79 -46.99
CA CYS P 149 -96.45 34.09 -48.37
C CYS P 149 -97.40 33.67 -49.46
N GLY P 150 -97.71 34.61 -50.34
CA GLY P 150 -98.57 34.32 -51.46
C GLY P 150 -97.71 34.43 -52.70
N SER P 151 -96.39 34.54 -52.50
CA SER P 151 -95.46 34.68 -53.61
C SER P 151 -94.43 33.56 -53.77
N PHE P 152 -94.54 32.51 -52.96
CA PHE P 152 -93.63 31.37 -53.03
C PHE P 152 -92.16 31.75 -52.88
N VAL P 153 -91.88 32.68 -51.99
CA VAL P 153 -90.52 33.13 -51.75
C VAL P 153 -89.78 32.21 -50.78
N TYR P 154 -90.50 31.74 -49.77
CA TYR P 154 -89.92 30.87 -48.75
C TYR P 154 -89.96 29.39 -49.06
N GLU P 155 -89.03 28.68 -48.45
CA GLU P 155 -88.90 27.24 -48.60
C GLU P 155 -88.35 26.75 -47.26
N PHE P 156 -89.26 26.51 -46.32
CA PHE P 156 -88.91 26.06 -44.98
C PHE P 156 -88.83 24.54 -44.91
N LEU P 157 -87.70 24.02 -44.45
CA LEU P 157 -87.54 22.58 -44.35
C LEU P 157 -86.65 22.13 -43.19
N LYS P 158 -87.08 21.06 -42.54
CA LYS P 158 -86.34 20.49 -41.41
C LYS P 158 -85.69 19.20 -41.93
N THR P 159 -84.46 19.32 -42.42
CA THR P 159 -83.73 18.19 -42.96
C THR P 159 -82.36 18.05 -42.29
N THR P 160 -81.47 17.29 -42.91
CA THR P 160 -80.12 17.08 -42.37
C THR P 160 -79.16 18.07 -43.02
N PRO P 161 -77.95 18.24 -42.44
CA PRO P 161 -76.97 19.16 -43.02
C PRO P 161 -76.52 18.70 -44.40
N GLU P 162 -76.42 17.39 -44.58
CA GLU P 162 -76.00 16.81 -45.85
C GLU P 162 -76.98 17.16 -46.96
N ALA P 163 -78.27 17.05 -46.66
CA ALA P 163 -79.32 17.36 -47.62
C ALA P 163 -79.29 18.86 -47.92
N MET P 164 -79.25 19.66 -46.86
CA MET P 164 -79.20 21.10 -46.99
C MET P 164 -77.94 21.52 -47.76
N ALA P 165 -76.81 20.96 -47.36
CA ALA P 165 -75.54 21.26 -48.01
C ALA P 165 -75.64 21.00 -49.50
N LYS P 166 -76.20 19.84 -49.85
CA LYS P 166 -76.35 19.47 -51.25
C LYS P 166 -77.17 20.53 -51.98
N LYS P 167 -78.31 20.89 -51.40
CA LYS P 167 -79.20 21.89 -51.98
C LYS P 167 -78.51 23.23 -52.20
N VAL P 168 -77.52 23.52 -51.37
CA VAL P 168 -76.78 24.78 -51.48
C VAL P 168 -75.97 24.77 -52.76
N GLU P 169 -75.21 23.70 -52.98
CA GLU P 169 -74.40 23.56 -54.16
C GLU P 169 -75.23 23.49 -55.43
N GLU P 170 -76.37 22.80 -55.38
CA GLU P 170 -77.24 22.66 -56.54
C GLU P 170 -77.87 23.98 -56.96
N GLU P 171 -78.55 24.64 -56.01
CA GLU P 171 -79.22 25.91 -56.27
C GLU P 171 -78.39 27.17 -55.99
N GLY P 172 -77.08 27.00 -55.83
CA GLY P 172 -76.21 28.15 -55.57
C GLY P 172 -76.71 29.14 -54.54
N LEU P 173 -77.27 28.62 -53.44
CA LEU P 173 -77.78 29.47 -52.38
C LEU P 173 -76.64 30.23 -51.72
N GLU P 174 -76.97 31.29 -51.00
CA GLU P 174 -75.98 32.11 -50.33
C GLU P 174 -76.53 32.69 -49.03
N VAL P 175 -75.63 33.09 -48.13
CA VAL P 175 -76.06 33.68 -46.87
C VAL P 175 -75.52 35.10 -46.78
N ILE P 176 -76.18 35.94 -45.98
CA ILE P 176 -75.76 37.33 -45.81
C ILE P 176 -74.42 37.38 -45.09
N LYS P 177 -73.57 38.32 -45.51
CA LYS P 177 -72.24 38.51 -44.93
C LYS P 177 -71.51 37.20 -44.61
N PRO P 178 -71.12 36.44 -45.65
CA PRO P 178 -70.41 35.17 -45.44
C PRO P 178 -69.09 35.32 -44.67
N GLU P 179 -68.42 36.45 -44.86
CA GLU P 179 -67.14 36.74 -44.21
C GLU P 179 -67.16 36.54 -42.70
N LEU P 180 -68.30 36.81 -42.08
CA LEU P 180 -68.44 36.66 -40.64
C LEU P 180 -68.29 35.22 -40.16
N GLY P 181 -68.50 34.27 -41.07
CA GLY P 181 -68.36 32.87 -40.72
C GLY P 181 -69.29 32.32 -39.65
N THR P 182 -70.42 32.98 -39.45
CA THR P 182 -71.39 32.53 -38.45
C THR P 182 -72.24 31.37 -38.95
N LYS P 183 -72.17 31.11 -40.26
CA LYS P 183 -72.91 30.03 -40.91
C LYS P 183 -74.41 30.06 -40.61
N PRO P 184 -75.14 31.05 -41.16
CA PRO P 184 -76.59 31.17 -40.96
C PRO P 184 -77.36 29.99 -41.53
N ARG P 185 -78.49 29.67 -40.93
CA ARG P 185 -79.30 28.57 -41.44
C ARG P 185 -80.37 29.12 -42.37
N VAL P 186 -80.25 30.40 -42.70
CA VAL P 186 -81.17 31.06 -43.60
C VAL P 186 -80.39 31.35 -44.88
N TYR P 187 -80.78 30.69 -45.98
CA TYR P 187 -80.08 30.91 -47.24
C TYR P 187 -80.91 31.71 -48.23
N TYR P 188 -80.23 32.41 -49.14
CA TYR P 188 -80.88 33.22 -50.15
C TYR P 188 -80.62 32.73 -51.57
N LYS P 189 -81.68 32.70 -52.37
CA LYS P 189 -81.59 32.26 -53.76
C LYS P 189 -81.60 33.53 -54.60
N ASN P 190 -80.81 33.55 -55.67
CA ASN P 190 -80.72 34.71 -56.55
C ASN P 190 -80.43 35.99 -55.76
N LEU P 191 -79.43 35.93 -54.89
CA LEU P 191 -79.04 37.06 -54.05
C LEU P 191 -78.31 38.17 -54.78
N TYR P 192 -77.78 37.85 -55.95
CA TYR P 192 -77.07 38.83 -56.76
C TYR P 192 -77.95 40.05 -57.07
N ARG P 193 -79.26 39.83 -57.12
CA ARG P 193 -80.20 40.92 -57.42
C ARG P 193 -80.10 42.06 -56.41
N PHE P 194 -79.88 41.71 -55.16
CA PHE P 194 -79.79 42.68 -54.08
C PHE P 194 -78.39 43.20 -53.78
N GLU P 195 -77.38 42.36 -53.89
CA GLU P 195 -76.01 42.76 -53.58
C GLU P 195 -75.13 43.17 -54.75
N LYS P 196 -75.40 42.65 -55.93
CA LYS P 196 -74.58 42.98 -57.10
C LYS P 196 -75.22 44.06 -57.94
N ASN P 197 -74.66 44.26 -59.13
CA ASN P 197 -75.14 45.29 -60.05
C ASN P 197 -75.14 44.80 -61.49
N TYR P 198 -75.56 45.67 -62.40
CA TYR P 198 -75.61 45.31 -63.80
C TYR P 198 -75.35 46.51 -64.68
N VAL P 199 -75.35 46.25 -65.99
CA VAL P 199 -75.14 47.27 -67.00
C VAL P 199 -76.14 46.94 -68.11
N THR P 200 -76.89 47.95 -68.55
CA THR P 200 -77.87 47.76 -69.61
C THR P 200 -77.80 48.91 -70.60
N ALA P 201 -78.47 48.74 -71.75
CA ALA P 201 -78.50 49.75 -72.79
C ALA P 201 -79.45 49.37 -73.91
N GLY P 202 -79.78 50.35 -74.74
CA GLY P 202 -80.67 50.11 -75.86
C GLY P 202 -79.96 50.39 -77.17
N ILE P 203 -79.82 49.35 -77.99
CA ILE P 203 -79.15 49.47 -79.29
C ILE P 203 -80.12 49.89 -80.40
N LEU P 204 -79.82 51.02 -81.03
CA LEU P 204 -80.65 51.52 -82.12
C LEU P 204 -79.85 51.49 -83.41
N VAL P 205 -80.51 51.07 -84.49
CA VAL P 205 -79.87 51.01 -85.80
C VAL P 205 -80.76 51.82 -86.72
N GLN P 206 -80.30 53.01 -87.07
CA GLN P 206 -81.06 53.91 -87.92
C GLN P 206 -82.34 54.37 -87.23
N GLY P 207 -82.22 54.63 -85.93
CA GLY P 207 -83.35 55.10 -85.15
C GLY P 207 -84.39 54.10 -84.70
N ASP P 208 -84.14 52.82 -84.91
CA ASP P 208 -85.09 51.78 -84.48
C ASP P 208 -84.43 50.73 -83.61
N CYS P 209 -85.15 50.28 -82.58
CA CYS P 209 -84.63 49.25 -81.68
C CYS P 209 -84.17 48.06 -82.52
N PHE P 210 -82.93 47.61 -82.29
CA PHE P 210 -82.39 46.50 -83.05
C PHE P 210 -82.33 45.16 -82.30
N GLU P 211 -82.91 44.14 -82.91
CA GLU P 211 -82.94 42.81 -82.31
C GLU P 211 -81.86 41.92 -82.93
N GLY P 212 -81.32 41.01 -82.13
CA GLY P 212 -80.31 40.10 -82.64
C GLY P 212 -78.89 40.61 -82.66
N ALA P 213 -78.66 41.81 -82.11
CA ALA P 213 -77.32 42.38 -82.05
C ALA P 213 -76.50 41.61 -81.02
N LYS P 214 -75.28 41.24 -81.37
CA LYS P 214 -74.42 40.48 -80.45
C LYS P 214 -73.62 41.38 -79.52
N VAL P 215 -73.83 41.20 -78.22
CA VAL P 215 -73.16 42.00 -77.21
C VAL P 215 -72.33 41.13 -76.27
N VAL P 216 -71.09 41.57 -76.00
CA VAL P 216 -70.18 40.84 -75.12
C VAL P 216 -69.60 41.71 -74.01
N LEU P 217 -69.54 41.16 -72.80
CA LEU P 217 -69.01 41.86 -71.63
C LEU P 217 -67.62 41.35 -71.25
N LYS P 218 -66.60 42.18 -71.46
CA LYS P 218 -65.24 41.78 -71.15
C LYS P 218 -64.63 42.53 -69.98
N SER P 219 -63.80 41.82 -69.22
CA SER P 219 -63.10 42.41 -68.07
C SER P 219 -61.66 41.92 -68.14
N GLY P 220 -60.72 42.85 -68.00
CA GLY P 220 -59.32 42.48 -68.08
C GLY P 220 -58.94 42.20 -69.52
N GLY P 221 -59.92 41.72 -70.30
CA GLY P 221 -59.67 41.41 -71.69
C GLY P 221 -60.39 40.14 -72.14
N LYS P 222 -60.99 39.43 -71.20
CA LYS P 222 -61.71 38.21 -71.54
C LYS P 222 -63.23 38.31 -71.33
N GLU P 223 -63.97 37.59 -72.18
CA GLU P 223 -65.41 37.58 -72.14
C GLU P 223 -65.90 37.18 -70.75
N VAL P 224 -66.86 37.94 -70.23
CA VAL P 224 -67.44 37.69 -68.93
C VAL P 224 -68.86 37.17 -69.12
N ALA P 225 -69.47 37.61 -70.21
CA ALA P 225 -70.84 37.21 -70.55
C ALA P 225 -71.20 37.79 -71.92
N SER P 226 -72.18 37.17 -72.56
CA SER P 226 -72.65 37.64 -73.86
C SER P 226 -74.15 37.43 -73.95
N ALA P 227 -74.79 38.15 -74.87
CA ALA P 227 -76.23 38.05 -75.06
C ALA P 227 -76.65 38.82 -76.30
N GLU P 228 -77.79 38.46 -76.85
CA GLU P 228 -78.34 39.13 -78.03
C GLU P 228 -79.45 40.04 -77.54
N THR P 229 -79.59 41.19 -78.18
CA THR P 229 -80.62 42.16 -77.79
C THR P 229 -82.02 41.64 -78.12
N ASN P 230 -83.01 42.07 -77.32
CA ASN P 230 -84.39 41.66 -77.55
C ASN P 230 -85.00 42.63 -78.57
N PHE P 231 -86.28 42.48 -78.89
CA PHE P 231 -86.91 43.38 -79.88
C PHE P 231 -86.94 44.85 -79.47
N PHE P 232 -86.48 45.15 -78.26
CA PHE P 232 -86.41 46.53 -77.78
C PHE P 232 -84.95 46.97 -77.91
N GLY P 233 -84.13 46.07 -78.46
CA GLY P 233 -82.73 46.36 -78.66
C GLY P 233 -81.91 46.43 -77.38
N GLU P 234 -82.51 46.00 -76.28
CA GLU P 234 -81.82 46.04 -75.00
C GLU P 234 -81.13 44.73 -74.61
N PHE P 235 -80.28 44.82 -73.61
CA PHE P 235 -79.56 43.68 -73.06
C PHE P 235 -79.34 43.99 -71.59
N LYS P 236 -79.02 42.99 -70.79
CA LYS P 236 -78.79 43.23 -69.37
C LYS P 236 -77.90 42.18 -68.71
N PHE P 237 -76.71 42.61 -68.32
CA PHE P 237 -75.76 41.72 -67.65
C PHE P 237 -75.80 42.01 -66.16
N ASP P 238 -76.37 41.09 -65.39
CA ASP P 238 -76.49 41.26 -63.95
C ASP P 238 -75.48 40.38 -63.21
N ALA P 239 -75.45 40.53 -61.89
CA ALA P 239 -74.55 39.75 -61.04
C ALA P 239 -73.10 40.16 -61.29
N LEU P 240 -72.86 41.47 -61.36
CA LEU P 240 -71.52 41.98 -61.61
C LEU P 240 -70.83 42.45 -60.34
N ASP P 241 -69.54 42.19 -60.24
CA ASP P 241 -68.77 42.61 -59.10
C ASP P 241 -68.28 43.99 -59.50
N ASN P 242 -67.79 44.76 -58.55
CA ASN P 242 -67.30 46.07 -58.91
C ASN P 242 -66.05 45.94 -59.74
N GLY P 243 -65.79 46.94 -60.57
CA GLY P 243 -64.61 46.89 -61.42
C GLY P 243 -64.89 47.50 -62.78
N GLU P 244 -63.86 47.50 -63.62
CA GLU P 244 -63.97 48.06 -64.95
C GLU P 244 -64.20 46.97 -65.98
N TYR P 245 -65.23 47.16 -66.80
CA TYR P 245 -65.55 46.20 -67.85
C TYR P 245 -65.52 46.91 -69.18
N THR P 246 -65.66 46.12 -70.24
CA THR P 246 -65.68 46.64 -71.60
C THR P 246 -66.85 46.00 -72.31
N VAL P 247 -67.66 46.83 -72.97
CA VAL P 247 -68.83 46.35 -73.68
C VAL P 247 -68.57 46.38 -75.18
N GLU P 248 -68.82 45.26 -75.84
CA GLU P 248 -68.61 45.17 -77.29
C GLU P 248 -69.91 44.78 -78.01
N ILE P 249 -70.38 45.67 -78.87
CA ILE P 249 -71.60 45.44 -79.61
C ILE P 249 -71.36 45.24 -81.11
N ASP P 250 -72.00 44.21 -81.65
CA ASP P 250 -71.91 43.88 -83.07
C ASP P 250 -73.32 43.77 -83.65
N ALA P 251 -73.63 44.63 -84.61
CA ALA P 251 -74.95 44.66 -85.26
C ALA P 251 -74.87 45.18 -86.69
N ASP P 252 -75.36 44.38 -87.64
CA ASP P 252 -75.34 44.77 -89.05
C ASP P 252 -73.93 45.09 -89.55
N GLY P 253 -72.97 44.26 -89.16
CA GLY P 253 -71.60 44.49 -89.57
C GLY P 253 -71.01 45.71 -88.90
N LYS P 254 -71.87 46.45 -88.20
CA LYS P 254 -71.46 47.66 -87.48
C LYS P 254 -71.15 47.29 -86.04
N SER P 255 -70.02 47.79 -85.54
CA SER P 255 -69.60 47.49 -84.18
C SER P 255 -69.50 48.71 -83.28
N TYR P 256 -69.52 48.46 -81.98
CA TYR P 256 -69.43 49.52 -80.98
C TYR P 256 -68.81 48.98 -79.69
N SER P 257 -67.95 49.77 -79.06
CA SER P 257 -67.33 49.36 -77.82
C SER P 257 -67.24 50.56 -76.90
N ASP P 258 -67.14 50.29 -75.61
CA ASP P 258 -67.05 51.35 -74.62
C ASP P 258 -66.67 50.70 -73.29
N THR P 259 -66.08 51.47 -72.39
CA THR P 259 -65.69 50.94 -71.09
C THR P 259 -66.68 51.42 -70.04
N VAL P 260 -67.09 50.53 -69.14
CA VAL P 260 -68.02 50.88 -68.09
C VAL P 260 -67.43 50.56 -66.73
N VAL P 261 -67.75 51.37 -65.73
CA VAL P 261 -67.24 51.15 -64.39
C VAL P 261 -68.34 50.83 -63.39
N ILE P 262 -68.26 49.65 -62.79
CA ILE P 262 -69.25 49.24 -61.80
C ILE P 262 -68.71 49.52 -60.40
N ASP P 263 -69.26 50.52 -59.74
CA ASP P 263 -68.83 50.86 -58.40
C ASP P 263 -70.01 50.96 -57.42
N ASP P 264 -70.61 49.81 -57.12
CA ASP P 264 -71.75 49.72 -56.20
C ASP P 264 -73.01 50.36 -56.78
N LYS P 265 -73.08 50.40 -58.10
CA LYS P 265 -74.22 50.98 -58.78
C LYS P 265 -74.41 50.22 -60.08
N SER P 266 -75.59 50.35 -60.68
CA SER P 266 -75.86 49.70 -61.94
C SER P 266 -75.88 50.81 -62.97
N VAL P 267 -75.35 50.54 -64.15
CA VAL P 267 -75.26 51.56 -65.16
C VAL P 267 -76.15 51.36 -66.38
N ASP P 268 -76.72 52.47 -66.82
CA ASP P 268 -77.59 52.51 -67.98
C ASP P 268 -76.86 53.35 -69.00
N LEU P 269 -76.33 52.68 -70.03
CA LEU P 269 -75.58 53.36 -71.08
C LEU P 269 -76.51 54.16 -71.97
N GLY P 270 -77.81 54.01 -71.76
CA GLY P 270 -78.79 54.72 -72.55
C GLY P 270 -78.97 54.16 -73.95
N PHE P 271 -79.27 55.03 -74.91
CA PHE P 271 -79.46 54.63 -76.30
C PHE P 271 -78.15 54.66 -77.08
N ILE P 272 -77.71 53.50 -77.53
CA ILE P 272 -76.49 53.43 -78.32
C ILE P 272 -76.93 53.43 -79.79
N LYS P 273 -76.85 54.60 -80.43
CA LYS P 273 -77.25 54.77 -81.81
C LYS P 273 -76.18 54.34 -82.82
N LEU P 274 -76.50 53.30 -83.59
CA LEU P 274 -75.61 52.76 -84.61
C LEU P 274 -76.16 52.89 -86.03
N MET Q 1 33.81 46.43 -4.46
CA MET Q 1 33.43 47.82 -4.84
C MET Q 1 31.97 47.87 -5.30
N GLY Q 2 31.35 46.69 -5.40
CA GLY Q 2 29.96 46.61 -5.83
C GLY Q 2 29.25 45.41 -5.22
N GLU Q 3 27.93 45.38 -5.37
CA GLU Q 3 27.15 44.28 -4.83
C GLU Q 3 27.24 43.04 -5.72
N VAL Q 4 26.73 41.92 -5.22
CA VAL Q 4 26.73 40.68 -5.97
C VAL Q 4 25.54 40.66 -6.91
N VAL Q 5 25.78 40.26 -8.15
CA VAL Q 5 24.73 40.18 -9.15
C VAL Q 5 24.60 38.74 -9.64
N ARG Q 6 23.36 38.31 -9.89
CA ARG Q 6 23.12 36.96 -10.37
C ARG Q 6 22.96 37.01 -11.89
N LEU Q 7 23.81 36.26 -12.60
CA LEU Q 7 23.75 36.21 -14.05
C LEU Q 7 23.37 34.81 -14.49
N THR Q 8 23.18 34.65 -15.79
CA THR Q 8 22.83 33.35 -16.36
C THR Q 8 23.87 32.97 -17.39
N ASN Q 9 24.05 31.67 -17.57
CA ASN Q 9 24.96 31.14 -18.58
C ASN Q 9 24.70 29.64 -18.61
N SER Q 10 25.43 28.91 -19.45
CA SER Q 10 25.19 27.48 -19.53
C SER Q 10 26.47 26.73 -19.86
N SER Q 11 26.34 25.43 -20.17
CA SER Q 11 27.50 24.60 -20.47
C SER Q 11 27.07 23.24 -20.97
N THR Q 12 28.03 22.34 -21.14
CA THR Q 12 27.77 20.99 -21.59
C THR Q 12 27.32 20.12 -20.43
N GLY Q 13 27.21 20.73 -19.25
CA GLY Q 13 26.80 20.02 -18.06
C GLY Q 13 25.53 20.61 -17.48
N GLY Q 14 24.87 21.47 -18.25
CA GLY Q 14 23.64 22.10 -17.81
C GLY Q 14 23.69 23.61 -17.66
N PRO Q 15 22.54 24.29 -17.53
CA PRO Q 15 22.48 25.74 -17.39
C PRO Q 15 22.86 26.10 -15.95
N VAL Q 16 23.31 27.34 -15.74
CA VAL Q 16 23.69 27.77 -14.40
C VAL Q 16 23.45 29.24 -14.12
N PHE Q 17 23.26 29.52 -12.84
CA PHE Q 17 23.12 30.89 -12.36
C PHE Q 17 24.58 31.18 -11.96
N VAL Q 18 25.13 32.29 -12.44
CA VAL Q 18 26.50 32.65 -12.12
C VAL Q 18 26.47 33.92 -11.28
N TYR Q 19 27.06 33.86 -10.08
CA TYR Q 19 27.10 35.03 -9.20
C TYR Q 19 28.40 35.79 -9.45
N VAL Q 20 28.27 37.08 -9.76
CA VAL Q 20 29.42 37.91 -10.04
C VAL Q 20 29.53 39.15 -9.17
N LYS Q 21 30.76 39.51 -8.82
CA LYS Q 21 31.02 40.70 -8.02
C LYS Q 21 32.39 41.25 -8.36
N ASP Q 22 32.43 42.52 -8.72
CA ASP Q 22 33.69 43.20 -9.08
C ASP Q 22 34.43 42.54 -10.24
N GLY Q 23 33.68 42.09 -11.24
CA GLY Q 23 34.29 41.45 -12.39
C GLY Q 23 34.88 40.09 -12.12
N LYS Q 24 34.38 39.43 -11.07
CA LYS Q 24 34.88 38.11 -10.72
C LYS Q 24 33.76 37.14 -10.40
N ILE Q 25 33.83 35.94 -10.95
CA ILE Q 25 32.81 34.93 -10.69
C ILE Q 25 32.97 34.42 -9.26
N ILE Q 26 31.90 34.45 -8.48
CA ILE Q 26 31.95 33.96 -7.10
C ILE Q 26 31.55 32.49 -6.99
N ARG Q 27 30.52 32.10 -7.73
CA ARG Q 27 30.04 30.71 -7.69
C ARG Q 27 29.09 30.42 -8.85
N MET Q 28 28.91 29.13 -9.14
CA MET Q 28 28.01 28.70 -10.20
C MET Q 28 27.14 27.60 -9.62
N THR Q 29 25.83 27.72 -9.80
CA THR Q 29 24.92 26.75 -9.23
C THR Q 29 23.83 26.31 -10.20
N PRO Q 30 23.12 25.22 -9.87
CA PRO Q 30 22.04 24.76 -10.74
C PRO Q 30 20.99 25.87 -10.69
N MET Q 31 19.92 25.73 -11.47
CA MET Q 31 18.87 26.75 -11.47
C MET Q 31 17.59 26.35 -10.77
N ASP Q 32 17.10 27.26 -9.96
CA ASP Q 32 15.84 27.14 -9.31
C ASP Q 32 14.77 27.95 -10.00
N PHE Q 33 13.62 27.43 -10.27
CA PHE Q 33 12.61 28.21 -10.98
C PHE Q 33 11.80 29.07 -10.01
N ASP Q 34 11.30 30.19 -10.53
CA ASP Q 34 10.47 31.13 -9.79
C ASP Q 34 9.07 30.93 -10.39
N ASP Q 35 8.22 30.19 -9.67
CA ASP Q 35 6.89 29.89 -10.16
C ASP Q 35 6.01 31.10 -10.48
N ALA Q 36 6.46 32.28 -10.05
CA ALA Q 36 5.71 33.50 -10.32
C ALA Q 36 5.86 33.96 -11.76
N VAL Q 37 6.94 33.54 -12.42
CA VAL Q 37 7.17 33.95 -13.79
C VAL Q 37 7.52 32.80 -14.75
N ASP Q 38 7.83 31.62 -14.19
CA ASP Q 38 8.19 30.47 -15.00
C ASP Q 38 7.01 29.50 -15.11
N ALA Q 39 6.59 29.21 -16.33
CA ALA Q 39 5.48 28.31 -16.62
C ALA Q 39 5.47 26.98 -15.87
N PRO Q 40 4.26 26.45 -15.60
CA PRO Q 40 4.03 25.18 -14.89
C PRO Q 40 4.65 23.99 -15.63
N SER Q 41 4.96 22.93 -14.88
CA SER Q 41 5.55 21.74 -15.46
C SER Q 41 4.50 20.77 -15.97
N TRP Q 42 4.96 19.76 -16.69
CA TRP Q 42 4.08 18.73 -17.22
C TRP Q 42 3.79 17.73 -16.10
N LYS Q 43 2.76 16.92 -16.31
CA LYS Q 43 2.39 15.90 -15.33
C LYS Q 43 2.04 14.65 -16.10
N ILE Q 44 2.41 13.50 -15.57
CA ILE Q 44 2.09 12.24 -16.22
C ILE Q 44 1.37 11.33 -15.25
N GLU Q 45 0.12 10.99 -15.56
CA GLU Q 45 -0.64 10.09 -14.72
C GLU Q 45 -0.46 8.66 -15.21
N ALA Q 46 -0.03 7.77 -14.30
CA ALA Q 46 0.18 6.37 -14.65
C ALA Q 46 0.07 5.51 -13.40
N ARG Q 47 -0.52 4.33 -13.58
CA ARG Q 47 -0.74 3.36 -12.50
C ARG Q 47 -1.15 4.03 -11.19
N GLY Q 48 -2.12 4.93 -11.29
CA GLY Q 48 -2.63 5.61 -10.10
C GLY Q 48 -1.82 6.76 -9.55
N LYS Q 49 -0.54 6.84 -9.89
CA LYS Q 49 0.29 7.91 -9.37
C LYS Q 49 0.42 9.08 -10.33
N THR Q 50 0.73 10.25 -9.78
CA THR Q 50 0.92 11.46 -10.57
C THR Q 50 2.40 11.76 -10.57
N PHE Q 51 2.97 11.94 -11.74
CA PHE Q 51 4.41 12.23 -11.83
C PHE Q 51 4.65 13.59 -12.45
N THR Q 52 5.40 14.40 -11.73
CA THR Q 52 5.76 15.72 -12.22
C THR Q 52 7.18 15.98 -11.75
N PRO Q 53 8.03 16.52 -12.63
CA PRO Q 53 9.45 16.83 -12.35
C PRO Q 53 9.70 17.91 -11.30
N PRO Q 54 10.96 18.02 -10.83
CA PRO Q 54 11.37 19.01 -9.83
C PRO Q 54 11.39 20.37 -10.54
N ARG Q 55 11.05 21.44 -9.82
CA ARG Q 55 11.04 22.78 -10.40
C ARG Q 55 12.45 23.34 -10.35
N LYS Q 56 13.38 22.66 -11.00
CA LYS Q 56 14.78 23.05 -10.97
C LYS Q 56 15.57 22.23 -11.98
N THR Q 57 16.74 22.73 -12.36
CA THR Q 57 17.60 22.02 -13.30
C THR Q 57 18.70 21.35 -12.50
N SER Q 58 19.54 20.59 -13.20
CA SER Q 58 20.65 19.88 -12.58
C SER Q 58 21.88 20.10 -13.44
N ILE Q 59 23.04 19.83 -12.86
CA ILE Q 59 24.30 20.02 -13.56
C ILE Q 59 25.18 18.81 -13.34
N ALA Q 60 26.15 18.62 -14.24
CA ALA Q 60 27.08 17.50 -14.11
C ALA Q 60 28.25 17.93 -13.23
N PRO Q 61 29.05 16.96 -12.74
CA PRO Q 61 30.21 17.23 -11.89
C PRO Q 61 31.18 18.25 -12.49
N TYR Q 62 31.52 18.05 -13.76
CA TYR Q 62 32.45 18.95 -14.42
C TYR Q 62 31.95 20.38 -14.56
N THR Q 63 30.64 20.60 -14.44
CA THR Q 63 30.12 21.96 -14.52
C THR Q 63 30.14 22.59 -13.13
N ALA Q 64 29.91 21.77 -12.10
CA ALA Q 64 29.91 22.24 -10.73
C ALA Q 64 31.26 22.87 -10.36
N GLY Q 65 32.33 22.45 -11.02
CA GLY Q 65 33.64 22.99 -10.73
C GLY Q 65 34.28 23.72 -11.90
N PHE Q 66 33.48 24.00 -12.92
CA PHE Q 66 33.96 24.67 -14.12
C PHE Q 66 34.70 25.97 -13.86
N LYS Q 67 34.51 26.58 -12.70
CA LYS Q 67 35.19 27.83 -12.41
C LYS Q 67 36.71 27.64 -12.40
N SER Q 68 37.14 26.48 -11.91
CA SER Q 68 38.56 26.17 -11.85
C SER Q 68 39.16 26.05 -13.24
N MET Q 69 38.31 25.91 -14.26
CA MET Q 69 38.80 25.82 -15.64
C MET Q 69 38.86 27.19 -16.29
N ILE Q 70 38.01 28.10 -15.85
CA ILE Q 70 38.01 29.45 -16.38
C ILE Q 70 39.26 30.17 -15.86
N TYR Q 71 39.48 30.07 -14.56
CA TYR Q 71 40.63 30.70 -13.95
C TYR Q 71 41.77 29.70 -13.78
N SER Q 72 41.96 28.89 -14.82
CA SER Q 72 43.01 27.88 -14.81
C SER Q 72 44.36 28.50 -15.09
N ASP Q 73 45.40 27.96 -14.46
CA ASP Q 73 46.75 28.48 -14.67
C ASP Q 73 47.39 27.81 -15.89
N LEU Q 74 46.67 26.87 -16.50
CA LEU Q 74 47.14 26.19 -17.70
C LEU Q 74 46.43 26.85 -18.87
N ARG Q 75 45.68 27.89 -18.55
CA ARG Q 75 44.94 28.65 -19.54
C ARG Q 75 46.00 29.28 -20.46
N ILE Q 76 45.65 29.53 -21.71
CA ILE Q 76 46.60 30.13 -22.65
C ILE Q 76 46.67 31.65 -22.41
N PRO Q 77 47.79 32.12 -21.87
CA PRO Q 77 48.16 33.50 -21.52
C PRO Q 77 47.96 34.58 -22.57
N TYR Q 78 48.49 34.33 -23.75
CA TYR Q 78 48.47 35.30 -24.85
C TYR Q 78 49.00 34.61 -26.11
N PRO Q 79 49.04 35.34 -27.25
CA PRO Q 79 49.56 34.71 -28.47
C PRO Q 79 50.96 34.18 -28.17
N MET Q 80 51.23 32.97 -28.62
CA MET Q 80 52.53 32.35 -28.39
C MET Q 80 53.17 31.86 -29.68
N LYS Q 81 54.50 31.87 -29.71
CA LYS Q 81 55.23 31.43 -30.90
C LYS Q 81 56.34 30.43 -30.55
N ARG Q 82 56.55 29.44 -31.41
CA ARG Q 82 57.60 28.46 -31.18
C ARG Q 82 58.91 29.17 -31.48
N LYS Q 83 59.82 29.15 -30.52
CA LYS Q 83 61.11 29.80 -30.66
C LYS Q 83 61.91 29.30 -31.84
N SER Q 84 61.85 27.99 -32.09
CA SER Q 84 62.60 27.38 -33.18
C SER Q 84 61.93 27.52 -34.54
N PHE Q 85 60.84 28.27 -34.60
CA PHE Q 85 60.11 28.46 -35.85
C PHE Q 85 60.31 29.83 -36.49
N ASP Q 86 60.98 29.85 -37.64
CA ASP Q 86 61.19 31.11 -38.32
C ASP Q 86 60.56 31.05 -39.72
N PRO Q 87 59.48 31.82 -39.92
CA PRO Q 87 58.76 31.88 -41.21
C PRO Q 87 59.69 32.08 -42.41
N ASN Q 88 60.54 33.11 -42.33
CA ASN Q 88 61.45 33.41 -43.43
C ASN Q 88 62.85 32.84 -43.23
N GLY Q 89 62.94 31.66 -42.62
CA GLY Q 89 64.22 31.03 -42.40
C GLY Q 89 64.01 29.54 -42.16
N GLU Q 90 64.68 29.02 -41.14
CA GLU Q 90 64.52 27.60 -40.81
C GLU Q 90 63.21 27.44 -40.05
N ARG Q 91 62.35 26.55 -40.53
CA ARG Q 91 61.08 26.31 -39.86
C ARG Q 91 61.24 25.22 -38.82
N ASN Q 92 62.31 24.44 -38.95
CA ASN Q 92 62.62 23.36 -38.02
C ASN Q 92 61.42 22.49 -37.64
N PRO Q 93 60.81 21.82 -38.62
CA PRO Q 93 59.65 20.96 -38.37
C PRO Q 93 59.95 19.86 -37.36
N GLN Q 94 61.15 19.31 -37.44
CA GLN Q 94 61.55 18.24 -36.56
C GLN Q 94 61.62 18.64 -35.08
N LEU Q 95 61.39 19.92 -34.80
CA LEU Q 95 61.46 20.41 -33.43
C LEU Q 95 60.12 20.72 -32.78
N ARG Q 96 59.03 20.38 -33.47
CA ARG Q 96 57.71 20.59 -32.89
C ARG Q 96 57.59 19.52 -31.81
N GLY Q 97 57.19 19.95 -30.61
CA GLY Q 97 57.07 19.02 -29.51
C GLY Q 97 58.39 18.71 -28.84
N ALA Q 98 59.43 19.49 -29.15
CA ALA Q 98 60.73 19.26 -28.53
C ALA Q 98 60.61 19.48 -27.02
N GLY Q 99 59.90 20.54 -26.64
CA GLY Q 99 59.72 20.84 -25.23
C GLY Q 99 59.06 19.67 -24.52
N LEU Q 100 58.07 19.09 -25.16
CA LEU Q 100 57.35 17.94 -24.63
C LEU Q 100 58.33 16.77 -24.45
N SER Q 101 59.19 16.59 -25.43
CA SER Q 101 60.16 15.50 -25.42
C SER Q 101 61.19 15.61 -24.31
N LYS Q 102 61.32 16.79 -23.72
CA LYS Q 102 62.27 16.99 -22.64
C LYS Q 102 61.54 17.39 -21.37
N GLN Q 103 60.26 17.02 -21.30
CA GLN Q 103 59.40 17.29 -20.16
C GLN Q 103 59.29 18.74 -19.74
N ASP Q 104 59.36 19.64 -20.72
CA ASP Q 104 59.22 21.06 -20.46
C ASP Q 104 58.58 21.73 -21.67
N PRO Q 105 57.25 21.61 -21.79
CA PRO Q 105 56.43 22.17 -22.88
C PRO Q 105 56.47 23.67 -23.06
N TRP Q 106 56.39 24.42 -21.96
CA TRP Q 106 56.39 25.88 -22.06
C TRP Q 106 57.68 26.53 -22.54
N SER Q 107 58.82 25.89 -22.29
CA SER Q 107 60.11 26.45 -22.70
C SER Q 107 60.20 26.64 -24.22
N ASP Q 108 59.43 25.86 -24.98
CA ASP Q 108 59.43 25.95 -26.44
C ASP Q 108 58.85 27.24 -26.98
N TYR Q 109 58.04 27.93 -26.18
CA TYR Q 109 57.38 29.13 -26.66
C TYR Q 109 57.78 30.48 -26.08
N GLU Q 110 57.44 31.52 -26.83
CA GLU Q 110 57.73 32.89 -26.46
C GLU Q 110 56.47 33.71 -26.73
N ARG Q 111 56.30 34.80 -25.99
CA ARG Q 111 55.15 35.65 -26.13
C ARG Q 111 55.24 36.57 -27.34
N ILE Q 112 54.11 36.83 -27.99
CA ILE Q 112 54.04 37.74 -29.13
C ILE Q 112 52.68 38.42 -29.09
N SER Q 113 52.53 39.52 -29.81
CA SER Q 113 51.27 40.25 -29.81
C SER Q 113 50.23 39.62 -30.74
N TRP Q 114 48.99 40.05 -30.60
CA TRP Q 114 47.91 39.55 -31.44
C TRP Q 114 48.17 40.02 -32.86
N ASP Q 115 48.71 41.22 -32.98
CA ASP Q 115 49.01 41.79 -34.27
C ASP Q 115 50.04 40.97 -35.03
N GLU Q 116 51.16 40.67 -34.38
CA GLU Q 116 52.21 39.90 -35.03
C GLU Q 116 51.77 38.46 -35.30
N ALA Q 117 51.08 37.88 -34.33
CA ALA Q 117 50.60 36.51 -34.45
C ALA Q 117 49.72 36.36 -35.69
N THR Q 118 48.77 37.28 -35.89
CA THR Q 118 47.89 37.20 -37.05
C THR Q 118 48.57 37.50 -38.38
N ASP Q 119 49.47 38.48 -38.40
CA ASP Q 119 50.19 38.80 -39.62
C ASP Q 119 50.96 37.58 -40.08
N ILE Q 120 51.48 36.82 -39.12
CA ILE Q 120 52.24 35.60 -39.42
C ILE Q 120 51.30 34.57 -40.05
N VAL Q 121 50.17 34.34 -39.40
CA VAL Q 121 49.19 33.38 -39.90
C VAL Q 121 48.66 33.82 -41.27
N VAL Q 122 48.37 35.12 -41.43
CA VAL Q 122 47.86 35.62 -42.70
C VAL Q 122 48.87 35.43 -43.83
N ALA Q 123 50.15 35.62 -43.52
CA ALA Q 123 51.21 35.47 -44.51
C ALA Q 123 51.29 34.04 -45.00
N GLU Q 124 51.20 33.09 -44.09
CA GLU Q 124 51.26 31.68 -44.46
C GLU Q 124 50.02 31.26 -45.23
N ILE Q 125 48.87 31.84 -44.87
CA ILE Q 125 47.61 31.53 -45.55
C ILE Q 125 47.63 32.02 -47.00
N ASN Q 126 48.01 33.28 -47.19
CA ASN Q 126 48.06 33.85 -48.53
C ASN Q 126 49.14 33.24 -49.41
N ARG Q 127 50.29 32.96 -48.82
CA ARG Q 127 51.36 32.35 -49.58
C ARG Q 127 50.86 31.01 -50.12
N ILE Q 128 50.43 30.15 -49.22
CA ILE Q 128 49.94 28.82 -49.58
C ILE Q 128 48.76 28.80 -50.56
N LYS Q 129 47.81 29.70 -50.39
CA LYS Q 129 46.66 29.73 -51.29
C LYS Q 129 47.07 30.05 -52.72
N HIS Q 130 48.02 30.97 -52.88
CA HIS Q 130 48.49 31.33 -54.21
C HIS Q 130 49.43 30.30 -54.81
N ALA Q 131 49.99 29.44 -53.98
CA ALA Q 131 50.92 28.42 -54.45
C ALA Q 131 50.28 27.05 -54.63
N TYR Q 132 49.35 26.68 -53.76
CA TYR Q 132 48.73 25.36 -53.86
C TYR Q 132 47.21 25.40 -53.85
N GLY Q 133 46.65 26.50 -53.35
CA GLY Q 133 45.21 26.63 -53.29
C GLY Q 133 44.70 26.43 -51.88
N PRO Q 134 43.43 26.76 -51.61
CA PRO Q 134 42.76 26.63 -50.32
C PRO Q 134 42.85 25.22 -49.74
N SER Q 135 42.68 24.22 -50.59
CA SER Q 135 42.72 22.83 -50.15
C SER Q 135 44.03 22.48 -49.45
N ALA Q 136 45.08 23.27 -49.69
CA ALA Q 136 46.36 23.01 -49.05
C ALA Q 136 46.28 23.35 -47.56
N ILE Q 137 45.26 24.09 -47.18
CA ILE Q 137 45.06 24.47 -45.78
C ILE Q 137 44.13 23.50 -45.07
N LEU Q 138 44.71 22.62 -44.26
CA LEU Q 138 43.96 21.66 -43.48
C LEU Q 138 43.52 22.31 -42.16
N SER Q 139 42.38 21.87 -41.64
CA SER Q 139 41.86 22.41 -40.39
C SER Q 139 40.79 21.50 -39.82
N THR Q 140 40.71 21.47 -38.50
CA THR Q 140 39.70 20.66 -37.84
C THR Q 140 39.61 20.94 -36.36
N PRO Q 141 38.38 21.11 -35.86
CA PRO Q 141 38.18 21.36 -34.44
C PRO Q 141 37.97 19.94 -33.98
N SER Q 142 37.02 19.70 -33.10
CA SER Q 142 36.74 18.33 -32.73
C SER Q 142 35.26 18.13 -32.52
N SER Q 143 34.88 16.97 -32.04
CA SER Q 143 33.47 16.69 -31.84
C SER Q 143 32.77 17.71 -30.96
N HIS Q 144 33.26 17.94 -29.75
CA HIS Q 144 32.58 18.88 -28.87
C HIS Q 144 33.16 20.27 -28.70
N HIS Q 145 32.36 21.15 -28.12
CA HIS Q 145 32.73 22.54 -28.00
C HIS Q 145 32.09 23.19 -26.76
N MET Q 146 32.59 24.36 -26.36
CA MET Q 146 32.02 25.09 -25.22
C MET Q 146 30.59 25.39 -25.59
N TRP Q 147 29.68 25.33 -24.63
CA TRP Q 147 28.27 25.57 -24.90
C TRP Q 147 28.03 27.00 -25.38
N GLY Q 148 27.08 27.13 -26.31
CA GLY Q 148 26.75 28.44 -26.88
C GLY Q 148 26.42 28.24 -28.35
N ASN Q 149 25.21 28.57 -28.75
CA ASN Q 149 24.82 28.36 -30.15
C ASN Q 149 25.54 29.20 -31.19
N VAL Q 150 25.59 30.51 -30.98
CA VAL Q 150 26.23 31.38 -31.96
C VAL Q 150 27.74 31.15 -32.12
N GLY Q 151 28.42 30.78 -31.04
CA GLY Q 151 29.84 30.54 -31.13
C GLY Q 151 30.26 29.09 -31.34
N TYR Q 152 29.30 28.19 -31.47
CA TYR Q 152 29.62 26.79 -31.66
C TYR Q 152 30.33 26.58 -32.99
N ARG Q 153 31.15 25.54 -33.07
CA ARG Q 153 31.90 25.27 -34.30
C ARG Q 153 31.08 25.19 -35.59
N HIS Q 154 29.84 24.72 -35.50
CA HIS Q 154 28.97 24.63 -36.67
C HIS Q 154 28.54 26.02 -37.16
N SER Q 155 28.74 27.02 -36.30
CA SER Q 155 28.35 28.39 -36.59
C SER Q 155 29.50 29.35 -36.88
N THR Q 156 30.21 29.78 -35.84
CA THR Q 156 31.32 30.71 -36.00
C THR Q 156 32.49 30.10 -36.76
N TYR Q 157 32.91 28.89 -36.38
CA TYR Q 157 34.01 28.23 -37.05
C TYR Q 157 33.75 28.09 -38.54
N PHE Q 158 32.66 27.43 -38.90
CA PHE Q 158 32.31 27.20 -40.30
C PHE Q 158 32.10 28.49 -41.08
N ARG Q 159 31.47 29.49 -40.49
CA ARG Q 159 31.23 30.73 -41.20
C ARG Q 159 32.54 31.38 -41.66
N PHE Q 160 33.58 31.27 -40.84
CA PHE Q 160 34.86 31.85 -41.20
C PHE Q 160 35.68 30.97 -42.15
N MET Q 161 35.99 29.76 -41.72
CA MET Q 161 36.78 28.85 -42.53
C MET Q 161 36.25 28.70 -43.97
N ASN Q 162 34.93 28.64 -44.10
CA ASN Q 162 34.33 28.50 -45.41
C ASN Q 162 34.70 29.67 -46.31
N MET Q 163 35.00 30.81 -45.69
CA MET Q 163 35.36 32.02 -46.38
C MET Q 163 36.87 32.16 -46.57
N MET Q 164 37.63 31.19 -46.08
CA MET Q 164 39.08 31.25 -46.15
C MET Q 164 39.78 30.08 -46.84
N GLY Q 165 39.46 28.85 -46.43
CA GLY Q 165 40.09 27.68 -47.02
C GLY Q 165 39.06 26.81 -47.73
N PHE Q 166 39.09 25.49 -47.56
CA PHE Q 166 40.06 24.76 -46.73
C PHE Q 166 39.72 23.28 -46.80
N THR Q 167 40.66 22.42 -46.39
CA THR Q 167 40.40 20.98 -46.40
C THR Q 167 40.03 20.60 -44.96
N TYR Q 168 38.82 20.10 -44.81
CA TYR Q 168 38.30 19.71 -43.51
C TYR Q 168 38.62 18.25 -43.23
N ALA Q 169 39.02 17.96 -42.00
CA ALA Q 169 39.30 16.59 -41.59
C ALA Q 169 37.95 16.19 -40.97
N ASP Q 170 36.98 15.86 -41.81
CA ASP Q 170 35.65 15.51 -41.35
C ASP Q 170 35.66 14.45 -40.25
N HIS Q 171 34.84 14.65 -39.23
CA HIS Q 171 34.79 13.71 -38.12
C HIS Q 171 34.06 12.41 -38.44
N ASN Q 172 34.60 11.30 -37.95
CA ASN Q 172 33.95 10.01 -38.13
C ASN Q 172 32.78 10.04 -37.14
N PRO Q 173 31.74 9.23 -37.39
CA PRO Q 173 30.62 9.27 -36.44
C PRO Q 173 30.99 8.51 -35.16
N ASP Q 174 31.98 9.02 -34.42
CA ASP Q 174 32.44 8.36 -33.20
C ASP Q 174 31.33 7.84 -32.28
N SER Q 175 30.38 8.70 -31.95
CA SER Q 175 29.28 8.34 -31.06
C SER Q 175 28.36 7.24 -31.59
N TRP Q 176 28.14 7.22 -32.90
CA TRP Q 176 27.24 6.28 -33.54
C TRP Q 176 27.86 5.03 -34.18
N GLU Q 177 29.16 5.07 -34.47
CA GLU Q 177 29.84 3.96 -35.15
C GLU Q 177 29.00 2.74 -35.56
N GLY Q 178 28.83 1.78 -34.66
CA GLY Q 178 28.05 0.60 -34.97
C GLY Q 178 26.67 0.85 -35.57
N TRP Q 179 25.96 1.82 -35.02
CA TRP Q 179 24.63 2.17 -35.50
C TRP Q 179 24.70 2.78 -36.89
N HIS Q 180 25.75 3.55 -37.14
CA HIS Q 180 25.95 4.23 -38.41
C HIS Q 180 26.47 3.32 -39.54
N TRP Q 181 27.54 2.58 -39.26
CA TRP Q 181 28.10 1.73 -40.30
C TRP Q 181 27.46 0.34 -40.38
N GLY Q 182 26.55 0.03 -39.46
CA GLY Q 182 25.95 -1.30 -39.50
C GLY Q 182 24.44 -1.35 -39.34
N GLY Q 183 23.95 -0.76 -38.25
CA GLY Q 183 22.52 -0.76 -37.98
C GLY Q 183 21.70 0.01 -39.00
N MET Q 184 22.30 1.05 -39.56
CA MET Q 184 21.64 1.88 -40.55
C MET Q 184 21.17 1.02 -41.73
N HIS Q 185 21.97 0.04 -42.10
CA HIS Q 185 21.64 -0.84 -43.22
C HIS Q 185 20.50 -1.78 -42.83
N MET Q 186 20.29 -1.96 -41.54
CA MET Q 186 19.24 -2.85 -41.05
C MET Q 186 17.88 -2.16 -40.85
N TRP Q 187 17.86 -0.89 -40.44
CA TRP Q 187 16.57 -0.21 -40.25
C TRP Q 187 16.53 1.25 -40.66
N GLY Q 188 17.58 1.72 -41.31
CA GLY Q 188 17.62 3.10 -41.75
C GLY Q 188 18.02 4.11 -40.69
N PHE Q 189 17.16 5.09 -40.44
CA PHE Q 189 17.42 6.13 -39.43
C PHE Q 189 18.74 6.84 -39.72
N SER Q 190 19.04 7.07 -40.99
CA SER Q 190 20.28 7.74 -41.37
C SER Q 190 20.33 9.18 -40.87
N TRP Q 191 19.18 9.82 -40.74
CA TRP Q 191 19.12 11.19 -40.27
C TRP Q 191 19.44 11.26 -38.77
N ARG Q 192 19.60 10.10 -38.16
CA ARG Q 192 19.97 10.00 -36.74
C ARG Q 192 21.20 9.10 -36.68
N LEU Q 193 21.87 8.99 -37.83
CA LEU Q 193 23.08 8.18 -37.99
C LEU Q 193 22.90 6.77 -37.44
N GLY Q 194 21.68 6.23 -37.59
CA GLY Q 194 21.41 4.88 -37.13
C GLY Q 194 20.66 4.74 -35.83
N ASN Q 195 20.65 5.79 -35.00
CA ASN Q 195 19.94 5.76 -33.72
C ASN Q 195 18.43 5.80 -33.90
N PRO Q 196 17.68 5.18 -32.97
CA PRO Q 196 16.23 5.20 -33.10
C PRO Q 196 15.56 6.48 -32.57
N GLU Q 197 14.28 6.58 -32.88
CA GLU Q 197 13.41 7.67 -32.49
C GLU Q 197 13.10 7.44 -31.00
N GLN Q 198 12.73 8.48 -30.26
CA GLN Q 198 12.44 8.28 -28.83
C GLN Q 198 11.26 9.07 -28.26
N TYR Q 199 10.56 9.81 -29.12
CA TYR Q 199 9.44 10.61 -28.68
C TYR Q 199 8.39 9.91 -27.80
N ASP Q 200 7.88 10.65 -26.81
CA ASP Q 200 6.84 10.20 -25.88
C ASP Q 200 6.99 8.84 -25.18
N LEU Q 201 8.21 8.38 -24.97
CA LEU Q 201 8.44 7.10 -24.31
C LEU Q 201 8.39 7.10 -22.78
N LEU Q 202 8.61 8.24 -22.14
CA LEU Q 202 8.57 8.26 -20.68
C LEU Q 202 7.18 7.86 -20.20
N GLU Q 203 6.15 8.52 -20.71
CA GLU Q 203 4.79 8.19 -20.31
C GLU Q 203 4.51 6.73 -20.62
N ASP Q 204 4.95 6.27 -21.78
CA ASP Q 204 4.74 4.89 -22.18
C ASP Q 204 5.35 3.91 -21.19
N GLY Q 205 6.61 4.15 -20.82
CA GLY Q 205 7.29 3.29 -19.88
C GLY Q 205 6.70 3.34 -18.48
N LEU Q 206 6.35 4.55 -18.01
CA LEU Q 206 5.75 4.71 -16.69
C LEU Q 206 4.45 3.93 -16.57
N LYS Q 207 3.78 3.72 -17.70
CA LYS Q 207 2.52 3.01 -17.72
C LYS Q 207 2.66 1.51 -17.92
N HIS Q 208 3.56 1.10 -18.79
CA HIS Q 208 3.71 -0.31 -19.13
C HIS Q 208 4.97 -1.10 -18.81
N ALA Q 209 6.08 -0.42 -18.52
CA ALA Q 209 7.32 -1.13 -18.25
C ALA Q 209 7.28 -2.02 -17.00
N GLU Q 210 7.83 -3.21 -17.14
CA GLU Q 210 7.91 -4.18 -16.05
C GLU Q 210 9.39 -4.53 -15.84
N MET Q 211 10.19 -4.29 -16.87
CA MET Q 211 11.62 -4.56 -16.83
C MET Q 211 12.35 -3.75 -17.91
N ILE Q 212 13.52 -3.24 -17.55
CA ILE Q 212 14.34 -2.47 -18.47
C ILE Q 212 15.73 -3.08 -18.51
N VAL Q 213 16.20 -3.37 -19.72
CA VAL Q 213 17.52 -3.95 -19.93
C VAL Q 213 18.50 -2.87 -20.38
N PHE Q 214 19.40 -2.49 -19.49
CA PHE Q 214 20.43 -1.49 -19.79
C PHE Q 214 21.62 -2.24 -20.35
N TRP Q 215 21.81 -2.14 -21.67
CA TRP Q 215 22.90 -2.84 -22.35
C TRP Q 215 23.89 -1.78 -22.84
N SER Q 216 25.11 -1.81 -22.32
CA SER Q 216 26.13 -0.84 -22.68
C SER Q 216 25.58 0.56 -22.41
N SER Q 217 24.88 0.70 -21.29
CA SER Q 217 24.25 1.97 -20.92
C SER Q 217 24.59 2.39 -19.48
N ASP Q 218 24.95 3.68 -19.33
CA ASP Q 218 25.26 4.26 -18.02
C ASP Q 218 24.61 5.63 -18.03
N PRO Q 219 23.28 5.68 -17.83
CA PRO Q 219 22.48 6.91 -17.82
C PRO Q 219 22.97 7.98 -16.84
N GLU Q 220 23.31 7.59 -15.62
CA GLU Q 220 23.75 8.57 -14.63
C GLU Q 220 25.03 9.27 -15.09
N THR Q 221 25.97 8.49 -15.61
CA THR Q 221 27.25 9.02 -16.08
C THR Q 221 27.13 9.89 -17.32
N ASN Q 222 26.58 9.33 -18.39
CA ASN Q 222 26.46 10.05 -19.67
C ASN Q 222 25.26 10.98 -19.78
N SER Q 223 24.17 10.65 -19.07
CA SER Q 223 22.94 11.45 -19.12
C SER Q 223 22.45 11.54 -20.55
N GLY Q 224 22.87 10.60 -21.39
CA GLY Q 224 22.52 10.67 -22.80
C GLY Q 224 23.62 11.59 -23.29
N ILE Q 225 23.48 12.89 -23.00
CA ILE Q 225 24.46 13.91 -23.32
C ILE Q 225 23.94 15.30 -23.00
N TYR Q 226 24.74 16.09 -22.26
CA TYR Q 226 24.42 17.45 -21.87
C TYR Q 226 23.32 17.61 -20.81
N ALA Q 227 22.75 16.51 -20.34
CA ALA Q 227 21.64 16.62 -19.39
C ALA Q 227 21.89 16.48 -17.87
N GLY Q 228 23.07 16.86 -17.41
CA GLY Q 228 23.37 16.80 -15.98
C GLY Q 228 22.86 15.54 -15.28
N PHE Q 229 21.75 15.67 -14.57
CA PHE Q 229 21.16 14.53 -13.88
C PHE Q 229 19.63 14.56 -13.94
N GLU Q 230 19.10 15.08 -15.03
CA GLU Q 230 17.66 15.21 -15.23
C GLU Q 230 16.84 13.93 -15.10
N SER Q 231 17.37 12.81 -15.59
CA SER Q 231 16.62 11.56 -15.55
C SER Q 231 16.79 10.70 -14.31
N ASN Q 232 17.55 11.17 -13.33
CA ASN Q 232 17.74 10.37 -12.12
C ASN Q 232 16.44 10.04 -11.41
N ILE Q 233 15.53 11.01 -11.36
CA ILE Q 233 14.25 10.81 -10.71
C ILE Q 233 13.32 9.89 -11.51
N ARG Q 234 13.48 9.87 -12.83
CA ARG Q 234 12.63 9.01 -13.66
C ARG Q 234 12.87 7.54 -13.32
N ARG Q 235 14.13 7.16 -13.20
CA ARG Q 235 14.44 5.78 -12.86
C ARG Q 235 14.04 5.50 -11.40
N GLN Q 236 13.94 6.55 -10.60
CA GLN Q 236 13.52 6.39 -9.21
C GLN Q 236 12.04 6.02 -9.23
N TRP Q 237 11.29 6.69 -10.11
CA TRP Q 237 9.86 6.44 -10.29
C TRP Q 237 9.61 5.02 -10.77
N LEU Q 238 10.33 4.63 -11.82
CA LEU Q 238 10.18 3.28 -12.39
C LEU Q 238 10.53 2.24 -11.34
N LYS Q 239 11.56 2.54 -10.56
CA LYS Q 239 12.03 1.65 -9.50
C LYS Q 239 10.93 1.45 -8.45
N ASP Q 240 10.35 2.55 -7.99
CA ASP Q 240 9.31 2.48 -6.99
C ASP Q 240 8.00 1.91 -7.55
N LEU Q 241 7.96 1.68 -8.86
CA LEU Q 241 6.80 1.11 -9.52
C LEU Q 241 7.00 -0.40 -9.66
N GLY Q 242 8.15 -0.89 -9.19
CA GLY Q 242 8.43 -2.31 -9.27
C GLY Q 242 9.17 -2.78 -10.51
N VAL Q 243 9.55 -1.86 -11.38
CA VAL Q 243 10.27 -2.19 -12.62
C VAL Q 243 11.67 -2.72 -12.31
N ASP Q 244 12.03 -3.86 -12.91
CA ASP Q 244 13.35 -4.45 -12.68
C ASP Q 244 14.43 -3.93 -13.63
N PHE Q 245 15.62 -3.67 -13.07
CA PHE Q 245 16.75 -3.14 -13.84
C PHE Q 245 17.88 -4.14 -14.03
N VAL Q 246 18.12 -4.54 -15.27
CA VAL Q 246 19.20 -5.47 -15.57
C VAL Q 246 20.32 -4.74 -16.31
N PHE Q 247 21.56 -4.92 -15.85
CA PHE Q 247 22.71 -4.27 -16.49
C PHE Q 247 23.70 -5.26 -17.09
N ILE Q 248 24.03 -5.04 -18.36
CA ILE Q 248 24.98 -5.88 -19.09
C ILE Q 248 26.06 -4.89 -19.50
N ASP Q 249 27.23 -5.03 -18.88
CA ASP Q 249 28.34 -4.12 -19.12
C ASP Q 249 29.60 -4.76 -18.53
N PRO Q 250 30.72 -4.81 -19.28
CA PRO Q 250 31.94 -5.41 -18.71
C PRO Q 250 32.27 -4.75 -17.38
N HIS Q 251 31.84 -3.50 -17.24
CA HIS Q 251 32.08 -2.75 -16.03
C HIS Q 251 30.76 -2.44 -15.34
N MET Q 252 30.70 -2.75 -14.05
CA MET Q 252 29.51 -2.46 -13.26
C MET Q 252 29.48 -0.94 -13.15
N ASN Q 253 28.97 -0.29 -14.21
CA ASN Q 253 28.91 1.16 -14.29
C ASN Q 253 28.25 1.85 -13.10
N HIS Q 254 28.29 3.17 -13.11
CA HIS Q 254 27.73 3.97 -12.04
C HIS Q 254 26.22 3.88 -11.87
N THR Q 255 25.51 3.61 -12.96
CA THR Q 255 24.07 3.48 -12.87
C THR Q 255 23.74 2.14 -12.23
N ALA Q 256 24.47 1.10 -12.62
CA ALA Q 256 24.27 -0.23 -12.07
C ALA Q 256 24.56 -0.23 -10.56
N ARG Q 257 25.69 0.40 -10.19
CA ARG Q 257 26.10 0.46 -8.78
C ARG Q 257 25.01 1.11 -7.93
N LEU Q 258 24.17 1.93 -8.55
CA LEU Q 258 23.11 2.63 -7.84
C LEU Q 258 21.76 1.91 -7.76
N VAL Q 259 21.36 1.24 -8.86
CA VAL Q 259 20.06 0.58 -8.90
C VAL Q 259 19.97 -0.74 -9.65
N ALA Q 260 21.05 -1.51 -9.70
CA ALA Q 260 21.01 -2.77 -10.44
C ALA Q 260 20.38 -3.91 -9.66
N ASP Q 261 19.51 -4.65 -10.34
CA ASP Q 261 18.88 -5.81 -9.72
C ASP Q 261 19.73 -7.00 -10.12
N LYS Q 262 20.44 -6.85 -11.22
CA LYS Q 262 21.33 -7.88 -11.73
C LYS Q 262 22.28 -7.23 -12.73
N TRP Q 263 23.52 -7.70 -12.74
CA TRP Q 263 24.54 -7.16 -13.63
C TRP Q 263 25.31 -8.31 -14.28
N PHE Q 264 25.45 -8.26 -15.60
CA PHE Q 264 26.22 -9.26 -16.36
C PHE Q 264 27.50 -8.58 -16.78
N SER Q 265 28.63 -9.30 -16.72
CA SER Q 265 29.91 -8.71 -17.13
C SER Q 265 30.50 -9.50 -18.29
N PRO Q 266 30.14 -9.13 -19.52
CA PRO Q 266 30.68 -9.87 -20.67
C PRO Q 266 32.10 -9.42 -21.06
N LYS Q 267 32.91 -10.39 -21.49
CA LYS Q 267 34.26 -10.10 -21.94
C LYS Q 267 34.14 -9.11 -23.10
N ILE Q 268 35.13 -8.23 -23.25
CA ILE Q 268 35.06 -7.26 -24.33
C ILE Q 268 34.87 -7.95 -25.68
N GLY Q 269 34.02 -7.35 -26.52
CA GLY Q 269 33.73 -7.87 -27.84
C GLY Q 269 32.95 -9.17 -27.93
N THR Q 270 32.10 -9.46 -26.95
CA THR Q 270 31.33 -10.71 -26.99
C THR Q 270 29.83 -10.52 -26.75
N ASP Q 271 29.39 -9.28 -26.73
CA ASP Q 271 27.98 -8.96 -26.52
C ASP Q 271 27.01 -9.62 -27.50
N HIS Q 272 27.37 -9.67 -28.77
CA HIS Q 272 26.47 -10.26 -29.75
C HIS Q 272 26.29 -11.76 -29.53
N ALA Q 273 27.20 -12.36 -28.76
CA ALA Q 273 27.08 -13.78 -28.45
C ALA Q 273 25.84 -13.91 -27.57
N LEU Q 274 25.63 -12.93 -26.69
CA LEU Q 274 24.46 -12.97 -25.80
C LEU Q 274 23.18 -12.68 -26.56
N SER Q 275 23.20 -11.68 -27.44
CA SER Q 275 22.00 -11.37 -28.20
C SER Q 275 21.61 -12.58 -29.07
N PHE Q 276 22.60 -13.34 -29.54
CA PHE Q 276 22.32 -14.52 -30.34
C PHE Q 276 21.75 -15.67 -29.50
N ALA Q 277 22.19 -15.79 -28.25
CA ALA Q 277 21.69 -16.85 -27.39
C ALA Q 277 20.28 -16.51 -26.90
N ILE Q 278 19.98 -15.23 -26.82
CA ILE Q 278 18.65 -14.80 -26.38
C ILE Q 278 17.65 -15.01 -27.53
N ALA Q 279 18.07 -14.73 -28.75
CA ALA Q 279 17.19 -14.92 -29.89
C ALA Q 279 16.98 -16.43 -30.05
N TYR Q 280 18.04 -17.20 -29.85
CA TYR Q 280 17.97 -18.66 -29.96
C TYR Q 280 16.88 -19.24 -29.07
N THR Q 281 16.78 -18.71 -27.85
CA THR Q 281 15.80 -19.17 -26.88
C THR Q 281 14.37 -18.79 -27.31
N TRP Q 282 14.20 -17.56 -27.76
CA TRP Q 282 12.89 -17.12 -28.21
C TRP Q 282 12.43 -17.96 -29.39
N LEU Q 283 13.38 -18.35 -30.25
CA LEU Q 283 13.07 -19.17 -31.41
C LEU Q 283 12.70 -20.60 -31.00
N LYS Q 284 13.50 -21.20 -30.13
CA LYS Q 284 13.24 -22.55 -29.67
C LYS Q 284 11.96 -22.64 -28.84
N GLU Q 285 11.63 -21.57 -28.13
CA GLU Q 285 10.45 -21.55 -27.28
C GLU Q 285 9.26 -20.75 -27.82
N ASP Q 286 9.37 -20.30 -29.07
CA ASP Q 286 8.29 -19.53 -29.69
C ASP Q 286 7.85 -18.38 -28.80
N SER Q 287 8.81 -17.75 -28.12
CA SER Q 287 8.50 -16.66 -27.22
C SER Q 287 8.85 -15.29 -27.78
N TYR Q 288 8.16 -14.89 -28.85
CA TYR Q 288 8.37 -13.58 -29.47
C TYR Q 288 7.17 -13.21 -30.35
N ASP Q 289 7.14 -11.99 -30.85
CA ASP Q 289 6.02 -11.51 -31.66
C ASP Q 289 6.07 -11.95 -33.13
N LYS Q 290 5.60 -13.17 -33.41
CA LYS Q 290 5.60 -13.73 -34.76
C LYS Q 290 4.88 -12.89 -35.81
N GLU Q 291 3.74 -12.30 -35.46
CA GLU Q 291 2.96 -11.50 -36.40
C GLU Q 291 3.71 -10.23 -36.76
N TYR Q 292 4.37 -9.64 -35.77
CA TYR Q 292 5.15 -8.43 -35.97
C TYR Q 292 6.29 -8.73 -36.93
N VAL Q 293 7.02 -9.80 -36.64
CA VAL Q 293 8.15 -10.19 -37.48
C VAL Q 293 7.70 -10.57 -38.89
N ALA Q 294 6.62 -11.33 -39.00
CA ALA Q 294 6.12 -11.74 -40.30
C ALA Q 294 5.74 -10.52 -41.14
N ALA Q 295 5.38 -9.44 -40.46
CA ALA Q 295 4.98 -8.22 -41.15
C ALA Q 295 6.07 -7.17 -41.30
N ASN Q 296 6.94 -7.05 -40.30
CA ASN Q 296 7.97 -6.02 -40.37
C ASN Q 296 9.43 -6.44 -40.57
N ALA Q 297 9.69 -7.73 -40.71
CA ALA Q 297 11.06 -8.20 -40.91
C ALA Q 297 11.32 -8.70 -42.34
N HIS Q 298 12.60 -8.71 -42.73
CA HIS Q 298 13.02 -9.16 -44.05
C HIS Q 298 14.23 -10.08 -43.88
N GLY Q 299 14.20 -11.23 -44.53
CA GLY Q 299 15.29 -12.19 -44.43
C GLY Q 299 15.31 -12.88 -43.08
N PHE Q 300 14.19 -12.84 -42.37
CA PHE Q 300 14.13 -13.46 -41.05
C PHE Q 300 14.24 -14.98 -41.09
N GLU Q 301 13.60 -15.62 -42.07
CA GLU Q 301 13.67 -17.08 -42.16
C GLU Q 301 15.12 -17.56 -42.24
N GLU Q 302 15.88 -16.96 -43.16
CA GLU Q 302 17.28 -17.32 -43.34
C GLU Q 302 18.10 -17.02 -42.08
N TRP Q 303 17.85 -15.87 -41.46
CA TRP Q 303 18.56 -15.50 -40.26
C TRP Q 303 18.31 -16.53 -39.16
N ALA Q 304 17.04 -16.87 -38.99
CA ALA Q 304 16.64 -17.85 -37.98
C ALA Q 304 17.40 -19.17 -38.17
N ASP Q 305 17.53 -19.63 -39.42
CA ASP Q 305 18.26 -20.88 -39.69
C ASP Q 305 19.70 -20.80 -39.19
N TYR Q 306 20.29 -19.61 -39.28
CA TYR Q 306 21.66 -19.39 -38.84
C TYR Q 306 21.75 -19.39 -37.32
N VAL Q 307 20.84 -18.68 -36.65
CA VAL Q 307 20.83 -18.63 -35.19
C VAL Q 307 20.68 -20.06 -34.65
N LEU Q 308 19.86 -20.85 -35.34
CA LEU Q 308 19.62 -22.24 -34.95
C LEU Q 308 20.77 -23.17 -35.30
N GLY Q 309 21.76 -22.64 -36.02
CA GLY Q 309 22.93 -23.43 -36.37
C GLY Q 309 22.82 -24.36 -37.57
N LYS Q 310 21.74 -24.25 -38.33
CA LYS Q 310 21.57 -25.12 -39.49
C LYS Q 310 22.57 -24.85 -40.61
N THR Q 311 22.76 -23.59 -40.96
CA THR Q 311 23.68 -23.26 -42.03
C THR Q 311 25.17 -23.28 -41.69
N ASP Q 312 25.54 -22.91 -40.47
CA ASP Q 312 26.96 -22.92 -40.09
C ASP Q 312 27.34 -24.14 -39.22
N GLY Q 313 26.34 -24.91 -38.81
CA GLY Q 313 26.61 -26.09 -38.01
C GLY Q 313 26.80 -25.87 -36.51
N THR Q 314 26.46 -24.68 -36.02
CA THR Q 314 26.61 -24.37 -34.61
C THR Q 314 25.44 -23.59 -34.01
N PRO Q 315 24.54 -24.28 -33.29
CA PRO Q 315 23.39 -23.60 -32.68
C PRO Q 315 23.90 -22.57 -31.67
N LYS Q 316 23.33 -21.37 -31.70
CA LYS Q 316 23.73 -20.28 -30.80
C LYS Q 316 23.11 -20.41 -29.42
N THR Q 317 23.44 -21.50 -28.73
CA THR Q 317 22.90 -21.76 -27.40
C THR Q 317 23.48 -20.85 -26.31
N CYS Q 318 22.79 -20.83 -25.17
CA CYS Q 318 23.22 -20.03 -24.05
C CYS Q 318 24.56 -20.53 -23.53
N GLU Q 319 24.79 -21.83 -23.67
CA GLU Q 319 26.05 -22.42 -23.25
C GLU Q 319 27.17 -21.98 -24.18
N TRP Q 320 26.84 -21.85 -25.47
CA TRP Q 320 27.81 -21.42 -26.47
C TRP Q 320 28.21 -19.98 -26.18
N ALA Q 321 27.23 -19.16 -25.80
CA ALA Q 321 27.47 -17.76 -25.51
C ALA Q 321 28.25 -17.61 -24.21
N GLU Q 322 28.08 -18.57 -23.31
CA GLU Q 322 28.82 -18.52 -22.06
C GLU Q 322 30.30 -18.72 -22.35
N GLU Q 323 30.60 -19.76 -23.10
CA GLU Q 323 31.99 -20.06 -23.44
C GLU Q 323 32.68 -18.89 -24.14
N GLU Q 324 31.90 -17.99 -24.75
CA GLU Q 324 32.44 -16.84 -25.45
C GLU Q 324 32.62 -15.59 -24.55
N SER Q 325 31.61 -15.30 -23.74
CA SER Q 325 31.59 -14.12 -22.89
C SER Q 325 31.92 -14.30 -21.41
N GLY Q 326 31.76 -15.51 -20.90
CA GLY Q 326 32.04 -15.73 -19.49
C GLY Q 326 30.80 -15.55 -18.64
N VAL Q 327 29.69 -15.18 -19.30
CA VAL Q 327 28.42 -14.99 -18.62
C VAL Q 327 27.68 -16.32 -18.49
N PRO Q 328 27.32 -16.72 -17.25
CA PRO Q 328 26.61 -17.98 -17.01
C PRO Q 328 25.44 -18.20 -17.96
N ALA Q 329 25.43 -19.35 -18.62
CA ALA Q 329 24.38 -19.70 -19.57
C ALA Q 329 22.98 -19.66 -18.94
N CYS Q 330 22.88 -20.14 -17.70
CA CYS Q 330 21.60 -20.17 -17.01
C CYS Q 330 21.03 -18.77 -16.79
N GLU Q 331 21.91 -17.78 -16.55
CA GLU Q 331 21.42 -16.42 -16.35
C GLU Q 331 21.01 -15.80 -17.69
N ILE Q 332 21.73 -16.16 -18.75
CA ILE Q 332 21.40 -15.66 -20.07
C ILE Q 332 19.99 -16.15 -20.43
N ARG Q 333 19.73 -17.43 -20.17
CA ARG Q 333 18.43 -18.02 -20.46
C ARG Q 333 17.33 -17.41 -19.60
N ALA Q 334 17.61 -17.27 -18.30
CA ALA Q 334 16.63 -16.69 -17.38
C ALA Q 334 16.17 -15.32 -17.87
N LEU Q 335 17.12 -14.47 -18.28
CA LEU Q 335 16.79 -13.14 -18.77
C LEU Q 335 16.05 -13.21 -20.10
N ALA Q 336 16.39 -14.22 -20.92
CA ALA Q 336 15.73 -14.39 -22.22
C ALA Q 336 14.24 -14.68 -22.01
N ARG Q 337 13.95 -15.63 -21.14
CA ARG Q 337 12.56 -15.99 -20.88
C ARG Q 337 11.80 -14.83 -20.22
N GLN Q 338 12.43 -14.21 -19.22
CA GLN Q 338 11.81 -13.10 -18.52
C GLN Q 338 11.57 -11.93 -19.47
N TRP Q 339 12.53 -11.69 -20.36
CA TRP Q 339 12.43 -10.61 -21.33
C TRP Q 339 11.20 -10.86 -22.22
N ALA Q 340 11.06 -12.10 -22.68
CA ALA Q 340 9.93 -12.46 -23.55
C ALA Q 340 8.58 -12.27 -22.86
N LYS Q 341 8.46 -12.70 -21.61
CA LYS Q 341 7.17 -12.59 -20.93
C LYS Q 341 6.79 -11.29 -20.25
N LYS Q 342 7.73 -10.35 -20.12
CA LYS Q 342 7.42 -9.09 -19.48
C LYS Q 342 7.45 -7.93 -20.47
N ASN Q 343 6.87 -6.81 -20.06
CA ASN Q 343 6.88 -5.60 -20.86
C ASN Q 343 8.27 -5.03 -20.68
N THR Q 344 9.19 -5.49 -21.53
CA THR Q 344 10.59 -5.08 -21.46
C THR Q 344 11.06 -4.05 -22.49
N TYR Q 345 11.74 -3.03 -21.99
CA TYR Q 345 12.32 -2.00 -22.84
C TYR Q 345 13.82 -2.22 -22.91
N LEU Q 346 14.40 -2.05 -24.10
CA LEU Q 346 15.84 -2.23 -24.28
C LEU Q 346 16.56 -0.90 -24.25
N ALA Q 347 17.33 -0.69 -23.19
CA ALA Q 347 18.11 0.54 -23.05
C ALA Q 347 19.47 0.25 -23.67
N ALA Q 348 19.53 0.32 -25.00
CA ALA Q 348 20.76 0.10 -25.76
C ALA Q 348 21.51 1.43 -25.79
N GLY Q 349 22.58 1.53 -25.01
CA GLY Q 349 23.32 2.79 -24.97
C GLY Q 349 22.63 3.71 -23.97
N GLY Q 350 23.24 4.86 -23.71
CA GLY Q 350 22.66 5.78 -22.74
C GLY Q 350 21.66 6.77 -23.29
N LEU Q 351 21.68 6.99 -24.59
CA LEU Q 351 20.77 7.94 -25.23
C LEU Q 351 19.51 7.32 -25.80
N GLY Q 352 19.64 6.09 -26.25
CA GLY Q 352 18.57 5.39 -26.93
C GLY Q 352 19.34 5.30 -28.23
N GLY Q 353 20.34 4.43 -28.20
CA GLY Q 353 21.24 4.26 -29.31
C GLY Q 353 22.61 4.55 -28.70
N TRP Q 354 23.65 4.66 -29.52
CA TRP Q 354 25.01 4.89 -29.04
C TRP Q 354 25.42 3.73 -28.14
N GLY Q 355 26.21 4.04 -27.12
CA GLY Q 355 26.70 3.01 -26.22
C GLY Q 355 28.15 2.71 -26.58
N GLY Q 356 29.00 2.54 -25.58
CA GLY Q 356 30.39 2.23 -25.85
C GLY Q 356 30.57 0.99 -26.71
N ALA Q 357 29.62 0.06 -26.63
CA ALA Q 357 29.70 -1.17 -27.41
C ALA Q 357 29.66 -0.94 -28.91
N CYS Q 358 29.07 0.16 -29.35
CA CYS Q 358 28.96 0.44 -30.79
C CYS Q 358 30.27 0.89 -31.42
N ARG Q 359 31.18 1.46 -30.64
CA ARG Q 359 32.47 1.86 -31.20
C ARG Q 359 33.57 0.92 -30.69
N ALA Q 360 33.50 -0.32 -31.17
CA ALA Q 360 34.43 -1.36 -30.81
C ALA Q 360 34.50 -2.32 -32.01
N SER Q 361 35.38 -3.31 -31.95
CA SER Q 361 35.53 -4.23 -33.05
C SER Q 361 34.31 -5.12 -33.32
N HIS Q 362 33.32 -5.08 -32.43
CA HIS Q 362 32.11 -5.88 -32.61
C HIS Q 362 30.88 -4.96 -32.65
N GLY Q 363 31.14 -3.66 -32.71
CA GLY Q 363 30.08 -2.66 -32.72
C GLY Q 363 29.01 -2.79 -33.79
N ILE Q 364 29.38 -3.34 -34.96
CA ILE Q 364 28.40 -3.48 -36.01
C ILE Q 364 27.38 -4.56 -35.63
N GLU Q 365 27.88 -5.72 -35.22
CA GLU Q 365 26.98 -6.79 -34.84
C GLU Q 365 26.21 -6.50 -33.54
N TRP Q 366 26.77 -5.64 -32.68
CA TRP Q 366 26.05 -5.32 -31.45
C TRP Q 366 24.86 -4.45 -31.81
N ALA Q 367 25.09 -3.41 -32.62
CA ALA Q 367 24.01 -2.52 -33.02
C ALA Q 367 22.91 -3.30 -33.74
N ARG Q 368 23.31 -4.21 -34.63
CA ARG Q 368 22.34 -5.02 -35.38
C ARG Q 368 21.65 -6.00 -34.44
N GLY Q 369 22.41 -6.51 -33.46
CA GLY Q 369 21.85 -7.45 -32.51
C GLY Q 369 20.77 -6.80 -31.65
N MET Q 370 21.00 -5.56 -31.25
CA MET Q 370 20.02 -4.86 -30.42
C MET Q 370 18.74 -4.68 -31.23
N ILE Q 371 18.91 -4.28 -32.50
CA ILE Q 371 17.78 -4.08 -33.38
C ILE Q 371 17.01 -5.39 -33.53
N ALA Q 372 17.76 -6.49 -33.70
CA ALA Q 372 17.18 -7.82 -33.85
C ALA Q 372 16.29 -8.18 -32.66
N LEU Q 373 16.86 -8.06 -31.47
CA LEU Q 373 16.14 -8.37 -30.24
C LEU Q 373 14.91 -7.50 -30.05
N ALA Q 374 15.08 -6.18 -30.15
CA ALA Q 374 13.97 -5.26 -29.98
C ALA Q 374 12.88 -5.55 -31.00
N THR Q 375 13.29 -5.93 -32.21
CA THR Q 375 12.34 -6.24 -33.28
C THR Q 375 11.53 -7.50 -32.92
N MET Q 376 12.22 -8.58 -32.59
CA MET Q 376 11.54 -9.81 -32.23
C MET Q 376 10.47 -9.60 -31.18
N GLN Q 377 10.60 -8.55 -30.36
CA GLN Q 377 9.60 -8.29 -29.33
C GLN Q 377 8.59 -7.23 -29.74
N GLY Q 378 8.59 -6.88 -31.01
CA GLY Q 378 7.65 -5.90 -31.54
C GLY Q 378 7.79 -4.49 -31.00
N MET Q 379 8.98 -3.91 -31.15
CA MET Q 379 9.21 -2.55 -30.67
C MET Q 379 8.16 -1.63 -31.30
N GLY Q 380 7.70 -0.65 -30.52
CA GLY Q 380 6.71 0.27 -31.03
C GLY Q 380 5.36 0.10 -30.33
N LYS Q 381 5.08 -1.12 -29.91
CA LYS Q 381 3.83 -1.37 -29.21
C LYS Q 381 4.02 -1.04 -27.73
N PRO Q 382 2.91 -0.80 -27.02
CA PRO Q 382 2.99 -0.47 -25.58
C PRO Q 382 3.72 -1.55 -24.81
N GLY Q 383 4.60 -1.15 -23.90
CA GLY Q 383 5.33 -2.12 -23.10
C GLY Q 383 6.53 -2.74 -23.79
N SER Q 384 6.73 -2.44 -25.07
CA SER Q 384 7.85 -3.00 -25.83
C SER Q 384 8.45 -1.98 -26.78
N ASN Q 385 9.71 -1.63 -26.52
CA ASN Q 385 10.41 -0.65 -27.36
C ASN Q 385 11.86 -0.53 -26.92
N MET Q 386 12.60 0.30 -27.65
CA MET Q 386 13.99 0.58 -27.34
C MET Q 386 13.92 1.92 -26.61
N TRP Q 387 14.31 1.93 -25.33
CA TRP Q 387 14.27 3.16 -24.53
C TRP Q 387 15.31 3.07 -23.43
N SER Q 388 16.17 4.08 -23.36
CA SER Q 388 17.23 4.12 -22.36
C SER Q 388 16.87 4.99 -21.15
N THR Q 389 15.58 5.32 -21.04
CA THR Q 389 15.04 6.13 -19.96
C THR Q 389 15.58 7.56 -19.87
N THR Q 390 16.31 8.01 -20.89
CA THR Q 390 16.82 9.38 -20.84
C THR Q 390 16.04 10.36 -21.70
N GLN Q 391 15.49 9.89 -22.82
CA GLN Q 391 14.69 10.77 -23.66
C GLN Q 391 13.23 10.33 -23.52
N GLY Q 392 12.33 10.98 -24.25
CA GLY Q 392 10.92 10.60 -24.17
C GLY Q 392 10.06 11.49 -23.29
N VAL Q 393 10.69 12.46 -22.64
CA VAL Q 393 9.98 13.39 -21.76
C VAL Q 393 8.97 14.19 -22.57
N PRO Q 394 7.75 14.37 -22.03
CA PRO Q 394 6.59 15.09 -22.60
C PRO Q 394 6.75 16.59 -22.82
N LEU Q 395 7.87 17.03 -23.38
CA LEU Q 395 8.06 18.46 -23.62
C LEU Q 395 7.33 18.86 -24.91
N ASP Q 396 7.01 20.14 -25.04
CA ASP Q 396 6.31 20.65 -26.22
C ASP Q 396 7.15 20.56 -27.49
N TYR Q 397 7.03 19.44 -28.19
CA TYR Q 397 7.76 19.19 -29.43
C TYR Q 397 7.39 20.18 -30.54
N GLU Q 398 6.27 20.89 -30.35
CA GLU Q 398 5.82 21.86 -31.35
C GLU Q 398 6.56 23.19 -31.28
N PHE Q 399 7.16 23.48 -30.13
CA PHE Q 399 7.89 24.72 -29.98
C PHE Q 399 9.24 24.57 -30.68
N TYR Q 400 9.62 25.56 -31.48
CA TYR Q 400 10.88 25.49 -32.21
C TYR Q 400 12.01 26.41 -31.73
N PHE Q 401 13.13 25.80 -31.37
CA PHE Q 401 14.34 26.52 -30.99
C PHE Q 401 15.48 25.64 -31.46
N PRO Q 402 16.36 26.20 -32.31
CA PRO Q 402 17.53 25.54 -32.90
C PRO Q 402 18.55 24.97 -31.94
N GLY Q 403 19.06 23.79 -32.28
CA GLY Q 403 20.09 23.15 -31.49
C GLY Q 403 21.37 23.68 -32.11
N TYR Q 404 22.53 23.43 -31.51
CA TYR Q 404 23.78 23.96 -32.07
C TYR Q 404 24.13 23.39 -33.45
N ALA Q 405 23.76 22.14 -33.69
CA ALA Q 405 24.06 21.50 -34.97
C ALA Q 405 23.31 22.08 -36.17
N GLU Q 406 22.46 23.09 -35.93
CA GLU Q 406 21.70 23.68 -37.02
C GLU Q 406 22.38 24.88 -37.69
N GLY Q 407 23.71 24.94 -37.54
CA GLY Q 407 24.50 25.98 -38.18
C GLY Q 407 24.60 27.41 -37.69
N GLY Q 408 23.72 27.82 -36.78
CA GLY Q 408 23.79 29.18 -36.29
C GLY Q 408 23.99 30.23 -37.37
N ILE Q 409 25.11 30.95 -37.32
CA ILE Q 409 25.35 32.00 -38.31
C ILE Q 409 26.09 31.57 -39.59
N SER Q 410 26.36 30.29 -39.76
CA SER Q 410 27.05 29.85 -40.97
C SER Q 410 26.10 29.54 -42.12
N GLY Q 411 24.96 28.91 -41.82
CA GLY Q 411 24.03 28.57 -42.87
C GLY Q 411 24.63 27.52 -43.79
N ASP Q 412 25.66 26.84 -43.29
CA ASP Q 412 26.33 25.79 -44.06
C ASP Q 412 25.40 24.59 -44.18
N CYS Q 413 24.59 24.57 -45.25
CA CYS Q 413 23.62 23.51 -45.48
C CYS Q 413 24.19 22.11 -45.71
N GLU Q 414 25.50 22.00 -45.94
CA GLU Q 414 26.08 20.68 -46.18
C GLU Q 414 26.84 20.10 -44.98
N ASN Q 415 27.26 20.95 -44.06
CA ASN Q 415 28.02 20.45 -42.91
C ASN Q 415 27.31 20.67 -41.58
N SER Q 416 26.10 21.20 -41.65
CA SER Q 416 25.27 21.42 -40.47
C SER Q 416 23.84 21.05 -40.88
N ALA Q 417 22.91 21.11 -39.94
CA ALA Q 417 21.51 20.76 -40.22
C ALA Q 417 20.66 21.98 -40.53
N ALA Q 418 21.32 23.11 -40.80
CA ALA Q 418 20.62 24.34 -41.11
C ALA Q 418 19.66 24.19 -42.28
N GLY Q 419 19.93 23.24 -43.16
CA GLY Q 419 19.09 23.04 -44.32
C GLY Q 419 17.70 22.50 -44.02
N PHE Q 420 17.50 22.00 -42.81
CA PHE Q 420 16.20 21.45 -42.43
C PHE Q 420 15.18 22.51 -42.07
N LYS Q 421 15.60 23.59 -41.43
CA LYS Q 421 14.65 24.62 -41.03
C LYS Q 421 15.26 25.97 -40.67
N PHE Q 422 16.29 25.98 -39.82
CA PHE Q 422 16.89 27.23 -39.38
C PHE Q 422 17.41 28.18 -40.45
N ALA Q 423 18.14 27.66 -41.43
CA ALA Q 423 18.68 28.49 -42.49
C ALA Q 423 17.59 29.37 -43.11
N TRP Q 424 16.45 28.76 -43.38
CA TRP Q 424 15.32 29.47 -43.99
C TRP Q 424 14.76 30.56 -43.08
N ARG Q 425 14.94 30.38 -41.77
CA ARG Q 425 14.44 31.37 -40.82
C ARG Q 425 15.46 32.47 -40.57
N MET Q 426 16.72 32.07 -40.48
CA MET Q 426 17.81 32.98 -40.21
C MET Q 426 18.19 33.94 -41.34
N PHE Q 427 18.12 33.47 -42.58
CA PHE Q 427 18.50 34.32 -43.71
C PHE Q 427 17.36 34.68 -44.66
N ASP Q 428 17.37 35.92 -45.14
CA ASP Q 428 16.33 36.43 -46.02
C ASP Q 428 16.75 36.69 -47.46
N GLY Q 429 18.00 36.37 -47.79
CA GLY Q 429 18.48 36.60 -49.14
C GLY Q 429 18.45 38.05 -49.56
N LYS Q 430 18.28 38.97 -48.61
CA LYS Q 430 18.22 40.39 -48.92
C LYS Q 430 19.26 41.22 -48.17
N THR Q 431 19.37 41.00 -46.85
CA THR Q 431 20.31 41.77 -46.03
C THR Q 431 21.32 40.95 -45.23
N THR Q 432 21.07 39.65 -45.06
CA THR Q 432 21.97 38.77 -44.31
C THR Q 432 22.14 37.47 -45.10
N PHE Q 433 23.37 37.01 -45.26
CA PHE Q 433 23.61 35.79 -46.04
C PHE Q 433 24.46 34.70 -45.38
N PRO Q 434 24.30 33.44 -45.85
CA PRO Q 434 25.01 32.27 -45.35
C PRO Q 434 26.46 32.25 -45.85
N SER Q 435 27.22 31.27 -45.40
CA SER Q 435 28.61 31.13 -45.79
C SER Q 435 28.82 29.68 -46.23
N PRO Q 436 28.63 29.39 -47.53
CA PRO Q 436 28.78 28.06 -48.13
C PRO Q 436 30.24 27.68 -48.32
N SER Q 437 30.49 26.40 -48.50
CA SER Q 437 31.83 25.89 -48.73
C SER Q 437 31.87 25.10 -50.01
N ASN Q 438 32.70 25.52 -50.96
CA ASN Q 438 32.81 24.83 -52.24
C ASN Q 438 33.93 23.78 -52.19
N LEU Q 439 34.50 23.57 -51.00
CA LEU Q 439 35.57 22.60 -50.81
C LEU Q 439 35.18 21.47 -49.85
N ASN Q 440 34.43 21.82 -48.80
CA ASN Q 440 34.00 20.83 -47.83
C ASN Q 440 32.72 20.19 -48.32
N THR Q 441 32.83 19.53 -49.47
CA THR Q 441 31.70 18.88 -50.10
C THR Q 441 32.22 17.58 -50.72
N SER Q 442 31.34 16.63 -51.00
CA SER Q 442 31.77 15.35 -51.57
C SER Q 442 32.63 15.41 -52.83
N ALA Q 443 32.37 16.38 -53.70
CA ALA Q 443 33.13 16.51 -54.93
C ALA Q 443 34.35 17.40 -54.74
N GLY Q 444 34.61 17.79 -53.48
CA GLY Q 444 35.75 18.62 -53.16
C GLY Q 444 36.80 17.76 -52.49
N GLN Q 445 37.40 18.25 -51.41
CA GLN Q 445 38.41 17.48 -50.69
C GLN Q 445 38.27 17.54 -49.18
N HIS Q 446 38.38 16.37 -48.55
CA HIS Q 446 38.29 16.25 -47.11
C HIS Q 446 39.12 15.02 -46.76
N ILE Q 447 39.47 14.88 -45.49
CA ILE Q 447 40.23 13.71 -45.09
C ILE Q 447 39.64 13.19 -43.80
N PRO Q 448 39.73 11.88 -43.58
CA PRO Q 448 39.18 11.25 -42.37
C PRO Q 448 39.96 11.69 -41.13
N ARG Q 449 39.25 12.15 -40.10
CA ARG Q 449 39.91 12.57 -38.87
C ARG Q 449 40.76 11.45 -38.27
N LEU Q 450 40.31 10.21 -38.42
CA LEU Q 450 41.04 9.06 -37.88
C LEU Q 450 42.27 8.70 -38.69
N LYS Q 451 42.42 9.34 -39.85
CA LYS Q 451 43.56 9.03 -40.69
C LYS Q 451 44.41 10.23 -41.09
N ILE Q 452 44.29 11.31 -40.32
CA ILE Q 452 45.07 12.51 -40.58
C ILE Q 452 46.56 12.15 -40.59
N PRO Q 453 47.04 11.38 -39.59
CA PRO Q 453 48.46 10.99 -39.52
C PRO Q 453 48.93 10.27 -40.79
N GLU Q 454 48.12 9.34 -41.27
CA GLU Q 454 48.44 8.59 -42.47
C GLU Q 454 48.46 9.53 -43.69
N CYS Q 455 47.55 10.50 -43.72
CA CYS Q 455 47.50 11.44 -44.83
C CYS Q 455 48.69 12.40 -44.87
N ILE Q 456 49.10 12.89 -43.71
CA ILE Q 456 50.23 13.82 -43.65
C ILE Q 456 51.58 13.15 -43.86
N MET Q 457 51.80 12.02 -43.19
CA MET Q 457 53.07 11.32 -43.29
C MET Q 457 53.18 10.43 -44.52
N GLY Q 458 52.08 9.82 -44.93
CA GLY Q 458 52.09 8.97 -46.10
C GLY Q 458 51.82 9.74 -47.39
N GLY Q 459 51.06 10.83 -47.26
CA GLY Q 459 50.72 11.65 -48.41
C GLY Q 459 49.69 11.02 -49.33
N LYS Q 460 48.96 10.02 -48.84
CA LYS Q 460 47.96 9.34 -49.67
C LYS Q 460 47.06 8.42 -48.87
N PHE Q 461 45.78 8.38 -49.20
CA PHE Q 461 44.83 7.50 -48.51
C PHE Q 461 43.53 7.31 -49.29
N GLN Q 462 42.85 6.21 -49.05
CA GLN Q 462 41.61 5.90 -49.75
C GLN Q 462 40.62 5.33 -48.73
N TRP Q 463 39.38 5.84 -48.74
CA TRP Q 463 38.40 5.38 -47.76
C TRP Q 463 36.91 5.43 -48.20
N SER Q 464 36.03 5.07 -47.27
CA SER Q 464 34.60 5.07 -47.56
C SER Q 464 33.83 6.09 -46.73
N GLY Q 465 32.99 6.87 -47.39
CA GLY Q 465 32.17 7.86 -46.71
C GLY Q 465 32.87 9.14 -46.33
N LYS Q 466 32.08 10.21 -46.20
CA LYS Q 466 32.58 11.53 -45.82
C LYS Q 466 31.92 11.96 -44.50
N GLY Q 467 32.68 11.95 -43.41
CA GLY Q 467 32.16 12.35 -42.12
C GLY Q 467 30.90 11.61 -41.71
N PHE Q 468 29.89 12.35 -41.25
CA PHE Q 468 28.62 11.72 -40.86
C PHE Q 468 27.82 11.52 -42.14
N ALA Q 469 27.73 10.28 -42.60
CA ALA Q 469 26.98 10.01 -43.82
C ALA Q 469 25.52 9.82 -43.49
N GLY Q 470 24.80 10.91 -43.22
CA GLY Q 470 23.40 10.79 -42.86
C GLY Q 470 22.34 11.05 -43.92
N GLY Q 471 22.75 11.41 -45.13
CA GLY Q 471 21.80 11.68 -46.19
C GLY Q 471 20.93 10.49 -46.56
N ASP Q 472 21.56 9.33 -46.73
CA ASP Q 472 20.83 8.12 -47.08
C ASP Q 472 21.68 6.95 -46.64
N ILE Q 473 21.07 5.77 -46.56
CA ILE Q 473 21.78 4.57 -46.12
C ILE Q 473 23.09 4.30 -46.84
N SER Q 474 23.10 4.47 -48.17
CA SER Q 474 24.29 4.18 -48.96
C SER Q 474 25.31 5.30 -49.17
N HIS Q 475 25.09 6.46 -48.55
CA HIS Q 475 26.04 7.56 -48.73
C HIS Q 475 27.41 7.21 -48.17
N GLN Q 476 27.44 6.44 -47.07
CA GLN Q 476 28.68 6.02 -46.44
C GLN Q 476 29.48 5.06 -47.31
N LEU Q 477 28.83 4.50 -48.32
CA LEU Q 477 29.50 3.55 -49.20
C LEU Q 477 30.26 4.21 -50.35
N HIS Q 478 30.11 5.53 -50.48
CA HIS Q 478 30.78 6.25 -51.54
C HIS Q 478 32.29 6.27 -51.30
N GLN Q 479 33.06 6.10 -52.37
CA GLN Q 479 34.51 6.05 -52.27
C GLN Q 479 35.23 7.39 -52.45
N TYR Q 480 36.16 7.67 -51.54
CA TYR Q 480 36.95 8.89 -51.56
C TYR Q 480 38.46 8.61 -51.52
N GLU Q 481 39.27 9.62 -51.85
CA GLU Q 481 40.72 9.45 -51.84
C GLU Q 481 41.42 10.77 -51.51
N TYR Q 482 42.68 10.67 -51.07
CA TYR Q 482 43.50 11.83 -50.74
C TYR Q 482 44.89 11.64 -51.35
N PRO Q 483 45.36 12.63 -52.12
CA PRO Q 483 44.62 13.88 -52.39
C PRO Q 483 43.48 13.67 -53.37
N ALA Q 484 42.43 14.46 -53.20
CA ALA Q 484 41.27 14.39 -54.08
C ALA Q 484 41.74 14.90 -55.45
N PRO Q 485 41.21 14.30 -56.55
CA PRO Q 485 41.54 14.64 -57.94
C PRO Q 485 41.59 16.14 -58.24
N GLY Q 486 42.77 16.61 -58.59
CA GLY Q 486 42.96 18.01 -58.89
C GLY Q 486 43.31 18.89 -57.69
N TYR Q 487 43.17 18.34 -56.48
CA TYR Q 487 43.48 19.12 -55.29
C TYR Q 487 44.89 18.91 -54.75
N SER Q 488 45.32 19.83 -53.90
CA SER Q 488 46.66 19.77 -53.32
C SER Q 488 46.77 19.02 -52.00
N LYS Q 489 47.98 18.59 -51.70
CA LYS Q 489 48.25 17.92 -50.44
C LYS Q 489 48.27 19.00 -49.35
N ILE Q 490 48.22 18.57 -48.10
CA ILE Q 490 48.23 19.50 -46.98
C ILE Q 490 49.60 20.14 -46.77
N LYS Q 491 49.61 21.46 -46.58
CA LYS Q 491 50.85 22.20 -46.34
C LYS Q 491 50.77 22.87 -44.96
N MET Q 492 49.57 23.33 -44.62
CA MET Q 492 49.32 24.01 -43.36
C MET Q 492 48.23 23.29 -42.56
N PHE Q 493 48.35 23.32 -41.23
CA PHE Q 493 47.37 22.68 -40.37
C PHE Q 493 46.89 23.67 -39.31
N TRP Q 494 45.61 24.02 -39.40
CA TRP Q 494 45.01 24.96 -38.45
C TRP Q 494 44.10 24.19 -37.50
N LYS Q 495 44.60 23.91 -36.30
CA LYS Q 495 43.83 23.19 -35.31
C LYS Q 495 43.07 24.08 -34.35
N TYR Q 496 41.88 23.63 -34.01
CA TYR Q 496 40.98 24.31 -33.11
C TYR Q 496 40.90 23.28 -31.98
N GLY Q 497 41.68 23.49 -30.93
CA GLY Q 497 41.71 22.55 -29.83
C GLY Q 497 42.87 21.59 -30.05
N GLY Q 498 43.07 20.64 -29.14
CA GLY Q 498 44.15 19.68 -29.28
C GLY Q 498 43.95 18.48 -28.36
N PRO Q 499 42.85 17.74 -28.54
CA PRO Q 499 42.55 16.58 -27.70
C PRO Q 499 42.81 15.19 -28.28
N HIS Q 500 43.06 15.13 -29.58
CA HIS Q 500 43.25 13.85 -30.27
C HIS Q 500 44.16 12.82 -29.65
N LEU Q 501 45.17 13.25 -28.90
CA LEU Q 501 46.06 12.28 -28.30
C LEU Q 501 45.31 11.41 -27.27
N GLY Q 502 44.30 12.01 -26.65
CA GLY Q 502 43.52 11.27 -25.67
C GLY Q 502 42.17 10.78 -26.17
N THR Q 503 41.75 11.19 -27.36
CA THR Q 503 40.45 10.77 -27.87
C THR Q 503 40.36 9.94 -29.16
N MET Q 504 41.45 9.81 -29.90
CA MET Q 504 41.40 9.02 -31.14
C MET Q 504 41.88 7.59 -30.93
N THR Q 505 42.55 6.99 -31.93
CA THR Q 505 43.02 5.63 -31.83
C THR Q 505 44.52 5.51 -32.04
N ALA Q 506 45.17 4.59 -31.31
CA ALA Q 506 46.63 4.37 -31.38
C ALA Q 506 47.30 5.71 -31.61
N THR Q 507 46.98 6.66 -30.74
CA THR Q 507 47.41 8.04 -30.81
C THR Q 507 48.88 8.48 -30.88
N ASN Q 508 49.84 7.58 -30.65
CA ASN Q 508 51.23 8.02 -30.77
C ASN Q 508 51.42 8.59 -32.18
N ARG Q 509 50.72 8.00 -33.15
CA ARG Q 509 50.84 8.45 -34.54
C ARG Q 509 50.45 9.91 -34.72
N TYR Q 510 49.55 10.42 -33.88
CA TYR Q 510 49.16 11.82 -33.98
C TYR Q 510 50.27 12.74 -33.47
N ALA Q 511 51.15 12.18 -32.66
CA ALA Q 511 52.28 12.94 -32.11
C ALA Q 511 53.40 12.95 -33.15
N LYS Q 512 53.58 11.83 -33.83
CA LYS Q 512 54.62 11.69 -34.84
C LYS Q 512 54.40 12.53 -36.09
N MET Q 513 53.14 12.84 -36.40
CA MET Q 513 52.81 13.61 -37.61
C MET Q 513 53.20 15.08 -37.59
N TYR Q 514 53.34 15.66 -36.40
CA TYR Q 514 53.68 17.08 -36.34
C TYR Q 514 55.09 17.42 -36.78
N THR Q 515 56.00 16.46 -36.67
CA THR Q 515 57.39 16.70 -37.04
C THR Q 515 57.72 16.32 -38.47
N HIS Q 516 56.71 15.87 -39.22
CA HIS Q 516 56.93 15.49 -40.62
C HIS Q 516 57.19 16.77 -41.41
N ASP Q 517 58.21 16.73 -42.28
CA ASP Q 517 58.59 17.92 -43.04
C ASP Q 517 57.66 18.38 -44.16
N SER Q 518 56.54 17.69 -44.36
CA SER Q 518 55.60 18.12 -45.38
C SER Q 518 54.74 19.22 -44.76
N LEU Q 519 54.70 19.25 -43.42
CA LEU Q 519 53.93 20.22 -42.67
C LEU Q 519 54.73 21.50 -42.48
N GLU Q 520 54.43 22.52 -43.28
CA GLU Q 520 55.15 23.79 -43.24
C GLU Q 520 54.73 24.75 -42.14
N PHE Q 521 53.49 24.62 -41.68
CA PHE Q 521 52.99 25.53 -40.66
C PHE Q 521 51.88 24.86 -39.86
N VAL Q 522 51.84 25.16 -38.57
CA VAL Q 522 50.84 24.61 -37.67
C VAL Q 522 50.33 25.68 -36.72
N VAL Q 523 49.03 25.92 -36.76
CA VAL Q 523 48.41 26.91 -35.88
C VAL Q 523 47.45 26.17 -34.95
N SER Q 524 47.49 26.50 -33.66
CA SER Q 524 46.59 25.90 -32.70
C SER Q 524 45.80 27.05 -32.08
N GLN Q 525 44.48 27.02 -32.24
CA GLN Q 525 43.60 28.04 -31.71
C GLN Q 525 42.85 27.37 -30.58
N SER Q 526 43.31 27.60 -29.35
CA SER Q 526 42.70 26.95 -28.21
C SER Q 526 42.57 27.78 -26.93
N ILE Q 527 42.01 27.13 -25.91
CA ILE Q 527 41.79 27.77 -24.63
C ILE Q 527 42.87 27.42 -23.61
N TRP Q 528 43.19 26.14 -23.50
CA TRP Q 528 44.18 25.67 -22.55
C TRP Q 528 45.41 25.09 -23.22
N PHE Q 529 46.57 25.32 -22.60
CA PHE Q 529 47.85 24.84 -23.09
C PHE Q 529 47.95 23.38 -22.69
N GLU Q 530 47.53 22.48 -23.57
CA GLU Q 530 47.55 21.06 -23.25
C GLU Q 530 47.48 20.17 -24.48
N GLY Q 531 47.49 18.87 -24.24
CA GLY Q 531 47.39 17.90 -25.31
C GLY Q 531 48.27 18.11 -26.53
N GLU Q 532 47.66 18.56 -27.63
CA GLU Q 532 48.37 18.78 -28.90
C GLU Q 532 48.88 20.19 -29.08
N VAL Q 533 48.36 21.12 -28.30
CA VAL Q 533 48.77 22.52 -28.38
C VAL Q 533 50.28 22.72 -28.41
N PRO Q 534 51.03 21.99 -27.54
CA PRO Q 534 52.49 22.14 -27.50
C PRO Q 534 53.26 21.72 -28.75
N PHE Q 535 52.55 21.34 -29.81
CA PHE Q 535 53.21 20.95 -31.07
C PHE Q 535 53.12 22.06 -32.13
N ALA Q 536 52.33 23.09 -31.87
CA ALA Q 536 52.11 24.16 -32.85
C ALA Q 536 53.22 25.20 -32.99
N ASP Q 537 53.16 25.95 -34.10
CA ASP Q 537 54.14 26.99 -34.38
C ASP Q 537 53.64 28.33 -33.84
N ILE Q 538 52.32 28.52 -33.89
CA ILE Q 538 51.68 29.72 -33.40
C ILE Q 538 50.48 29.26 -32.56
N ILE Q 539 50.23 29.94 -31.44
CA ILE Q 539 49.11 29.58 -30.58
C ILE Q 539 48.22 30.78 -30.30
N LEU Q 540 46.93 30.64 -30.63
CA LEU Q 540 45.94 31.71 -30.43
C LEU Q 540 45.03 31.38 -29.25
N PRO Q 541 44.99 32.26 -28.23
CA PRO Q 541 44.19 32.13 -27.01
C PRO Q 541 42.71 32.45 -27.15
N ALA Q 542 41.86 31.42 -27.09
CA ALA Q 542 40.42 31.60 -27.19
C ALA Q 542 39.84 31.62 -25.75
N CYS Q 543 38.67 32.21 -25.57
CA CYS Q 543 38.07 32.27 -24.24
C CYS Q 543 36.88 31.32 -24.10
N THR Q 544 36.49 31.02 -22.86
CA THR Q 544 35.35 30.13 -22.60
C THR Q 544 34.06 30.91 -22.85
N ASN Q 545 32.92 30.24 -22.76
CA ASN Q 545 31.62 30.89 -22.98
C ASN Q 545 31.17 31.81 -21.84
N PHE Q 546 31.91 31.85 -20.73
CA PHE Q 546 31.55 32.73 -19.63
C PHE Q 546 32.18 34.12 -19.82
N GLU Q 547 33.05 34.23 -20.83
CA GLU Q 547 33.74 35.49 -21.13
C GLU Q 547 33.22 36.13 -22.42
N ARG Q 548 32.11 35.63 -22.94
CA ARG Q 548 31.54 36.17 -24.17
C ARG Q 548 30.03 35.99 -24.16
N TRP Q 549 29.35 36.67 -25.08
CA TRP Q 549 27.89 36.57 -25.17
C TRP Q 549 27.51 35.39 -26.05
N ASP Q 550 26.33 34.83 -25.79
CA ASP Q 550 25.83 33.71 -26.57
C ASP Q 550 24.44 33.32 -26.10
N ILE Q 551 23.81 32.39 -26.80
CA ILE Q 551 22.47 31.94 -26.46
C ILE Q 551 22.36 30.45 -26.73
N SER Q 552 21.47 29.78 -26.01
CA SER Q 552 21.30 28.34 -26.18
C SER Q 552 20.11 27.76 -25.43
N GLU Q 553 19.86 26.48 -25.67
CA GLU Q 553 18.80 25.75 -25.00
C GLU Q 553 19.43 24.54 -24.32
N PHE Q 554 18.97 24.25 -23.11
CA PHE Q 554 19.48 23.13 -22.31
C PHE Q 554 19.55 21.82 -23.11
N ALA Q 555 20.77 21.34 -23.32
CA ALA Q 555 21.04 20.09 -24.04
C ALA Q 555 20.56 20.02 -25.48
N ASN Q 556 20.19 21.16 -26.06
CA ASN Q 556 19.70 21.16 -27.43
C ASN Q 556 20.78 21.07 -28.50
N CYS Q 557 20.88 19.91 -29.12
CA CYS Q 557 21.84 19.66 -30.17
C CYS Q 557 21.14 19.66 -31.52
N SER Q 558 20.03 18.94 -31.57
CA SER Q 558 19.23 18.80 -32.79
C SER Q 558 20.09 18.21 -33.90
N GLY Q 559 19.77 18.54 -35.15
CA GLY Q 559 20.54 18.00 -36.26
C GLY Q 559 20.43 16.49 -36.34
N TYR Q 560 21.57 15.81 -36.19
N TYR Q 560 21.57 15.81 -36.19
CA TYR Q 560 21.61 14.35 -36.25
CA TYR Q 560 21.61 14.35 -36.25
C TYR Q 560 20.92 13.69 -35.05
C TYR Q 560 20.92 13.69 -35.05
N ILE Q 561 20.37 14.51 -34.15
CA ILE Q 561 19.64 14.01 -32.99
C ILE Q 561 18.48 14.98 -32.77
N PRO Q 562 17.53 15.01 -33.72
CA PRO Q 562 16.35 15.88 -33.67
C PRO Q 562 15.63 15.90 -32.33
N ASP Q 563 15.34 17.09 -31.82
CA ASP Q 563 14.61 17.27 -30.57
C ASP Q 563 15.19 16.53 -29.36
N ASN Q 564 16.51 16.47 -29.25
CA ASN Q 564 17.14 15.76 -28.13
C ASN Q 564 17.02 16.50 -26.79
N TYR Q 565 16.34 17.65 -26.79
CA TYR Q 565 16.13 18.41 -25.55
C TYR Q 565 15.14 17.65 -24.66
N GLN Q 566 14.54 16.61 -25.21
CA GLN Q 566 13.59 15.79 -24.45
C GLN Q 566 14.32 14.97 -23.39
N LEU Q 567 15.64 15.18 -23.32
CA LEU Q 567 16.49 14.52 -22.34
C LEU Q 567 16.29 15.22 -21.01
N CYS Q 568 15.75 16.43 -21.08
CA CYS Q 568 15.52 17.25 -19.90
C CYS Q 568 14.08 17.27 -19.41
N ASN Q 569 13.91 17.62 -18.15
CA ASN Q 569 12.59 17.71 -17.54
C ASN Q 569 11.90 18.98 -18.00
N HIS Q 570 12.68 19.97 -18.41
CA HIS Q 570 12.11 21.23 -18.87
C HIS Q 570 12.92 21.80 -20.02
N ARG Q 571 12.24 22.34 -21.02
CA ARG Q 571 12.94 22.97 -22.12
C ARG Q 571 13.38 24.32 -21.58
N VAL Q 572 14.67 24.46 -21.27
CA VAL Q 572 15.15 25.72 -20.73
C VAL Q 572 15.99 26.51 -21.72
N ILE Q 573 15.54 27.70 -22.05
CA ILE Q 573 16.26 28.56 -22.99
C ILE Q 573 16.85 29.73 -22.22
N SER Q 574 18.16 29.92 -22.33
CA SER Q 574 18.81 30.99 -21.60
C SER Q 574 19.85 31.78 -22.37
N LEU Q 575 19.98 33.05 -22.01
CA LEU Q 575 20.96 33.92 -22.63
C LEU Q 575 22.26 33.65 -21.88
N GLN Q 576 23.33 33.39 -22.62
CA GLN Q 576 24.61 33.16 -21.97
C GLN Q 576 25.28 34.52 -21.87
N ALA Q 577 25.17 35.11 -20.68
CA ALA Q 577 25.72 36.42 -20.41
C ALA Q 577 27.23 36.43 -20.26
N LYS Q 578 27.83 37.53 -20.68
CA LYS Q 578 29.27 37.71 -20.56
C LYS Q 578 29.48 38.06 -19.09
N CYS Q 579 29.82 37.05 -18.30
CA CYS Q 579 29.99 37.26 -16.86
C CYS Q 579 31.25 38.04 -16.50
N ILE Q 580 32.38 37.64 -17.06
CA ILE Q 580 33.64 38.32 -16.76
C ILE Q 580 34.36 38.68 -18.06
N GLU Q 581 35.37 39.54 -17.93
CA GLU Q 581 36.18 39.95 -19.08
C GLU Q 581 37.09 38.79 -19.42
N PRO Q 582 37.38 38.60 -20.72
CA PRO Q 582 38.26 37.52 -21.16
C PRO Q 582 39.47 37.38 -20.23
N VAL Q 583 39.82 36.15 -19.90
CA VAL Q 583 40.96 35.92 -19.00
C VAL Q 583 42.29 36.11 -19.73
N GLY Q 584 43.12 37.01 -19.21
CA GLY Q 584 44.40 37.28 -19.84
C GLY Q 584 44.17 38.02 -21.14
N GLU Q 585 44.93 37.64 -22.17
CA GLU Q 585 44.81 38.28 -23.47
C GLU Q 585 43.99 37.44 -24.44
N SER Q 586 43.16 36.55 -23.90
CA SER Q 586 42.33 35.70 -24.75
C SER Q 586 41.14 36.47 -25.29
N MET Q 587 40.51 35.91 -26.31
CA MET Q 587 39.33 36.54 -26.89
C MET Q 587 38.44 35.48 -27.50
N SER Q 588 37.18 35.82 -27.77
CA SER Q 588 36.25 34.86 -28.33
C SER Q 588 36.70 34.44 -29.72
N ASP Q 589 36.33 33.22 -30.12
CA ASP Q 589 36.71 32.71 -31.44
C ASP Q 589 36.15 33.65 -32.52
N TYR Q 590 34.95 34.18 -32.28
CA TYR Q 590 34.33 35.09 -33.25
C TYR Q 590 35.15 36.35 -33.45
N GLU Q 591 35.69 36.90 -32.37
CA GLU Q 591 36.48 38.13 -32.46
C GLU Q 591 37.86 37.82 -33.05
N ILE Q 592 38.33 36.59 -32.87
CA ILE Q 592 39.61 36.22 -33.43
C ILE Q 592 39.41 36.18 -34.94
N TYR Q 593 38.35 35.51 -35.37
CA TYR Q 593 38.01 35.38 -36.77
C TYR Q 593 37.69 36.72 -37.41
N ARG Q 594 37.09 37.62 -36.65
CA ARG Q 594 36.75 38.93 -37.17
C ARG Q 594 38.04 39.71 -37.45
N LEU Q 595 39.07 39.44 -36.65
CA LEU Q 595 40.35 40.12 -36.82
C LEU Q 595 41.01 39.60 -38.10
N PHE Q 596 40.92 38.29 -38.32
CA PHE Q 596 41.48 37.70 -39.52
C PHE Q 596 40.70 38.24 -40.71
N ALA Q 597 39.38 38.27 -40.58
CA ALA Q 597 38.50 38.76 -41.63
C ALA Q 597 38.96 40.16 -42.08
N LYS Q 598 39.37 40.98 -41.11
CA LYS Q 598 39.82 42.33 -41.43
C LYS Q 598 41.16 42.31 -42.16
N LYS Q 599 42.00 41.36 -41.76
CA LYS Q 599 43.33 41.18 -42.34
C LYS Q 599 43.28 40.52 -43.71
N LEU Q 600 42.22 39.75 -43.97
CA LEU Q 600 42.06 39.07 -45.25
C LEU Q 600 41.15 39.87 -46.18
N ASN Q 601 40.77 41.06 -45.75
CA ASN Q 601 39.93 41.97 -46.53
C ASN Q 601 38.51 41.45 -46.79
N ILE Q 602 37.97 40.69 -45.83
CA ILE Q 602 36.63 40.12 -45.95
C ILE Q 602 35.75 40.39 -44.72
N GLU Q 603 36.17 41.32 -43.88
CA GLU Q 603 35.39 41.63 -42.67
C GLU Q 603 33.92 41.92 -42.93
N GLU Q 604 33.64 42.74 -43.95
CA GLU Q 604 32.28 43.11 -44.28
C GLU Q 604 31.39 41.88 -44.52
N MET Q 605 31.91 40.92 -45.27
CA MET Q 605 31.16 39.71 -45.59
C MET Q 605 31.02 38.74 -44.41
N PHE Q 606 32.05 38.67 -43.58
CA PHE Q 606 32.00 37.77 -42.44
C PHE Q 606 31.15 38.25 -41.26
N SER Q 607 31.38 39.48 -40.81
CA SER Q 607 30.64 40.01 -39.65
C SER Q 607 29.35 40.76 -39.95
N GLU Q 608 29.15 41.16 -41.21
CA GLU Q 608 27.96 41.92 -41.56
C GLU Q 608 27.80 43.11 -40.62
N GLY Q 609 28.93 43.56 -40.06
CA GLY Q 609 28.94 44.69 -39.16
C GLY Q 609 28.41 44.41 -37.77
N LYS Q 610 28.34 43.14 -37.39
CA LYS Q 610 27.79 42.77 -36.09
C LYS Q 610 28.78 42.12 -35.14
N ASP Q 611 28.55 42.32 -33.84
CA ASP Q 611 29.37 41.66 -32.83
C ASP Q 611 28.53 40.47 -32.39
N GLU Q 612 29.08 39.64 -31.51
CA GLU Q 612 28.35 38.46 -31.06
C GLU Q 612 26.93 38.71 -30.57
N LEU Q 613 26.74 39.82 -29.87
CA LEU Q 613 25.43 40.16 -29.33
C LEU Q 613 24.41 40.52 -30.41
N ALA Q 614 24.88 41.17 -31.47
CA ALA Q 614 23.99 41.55 -32.56
C ALA Q 614 23.52 40.28 -33.27
N TRP Q 615 24.42 39.31 -33.43
CA TRP Q 615 24.06 38.04 -34.08
C TRP Q 615 23.10 37.28 -33.19
N CYS Q 616 23.33 37.33 -31.89
CA CYS Q 616 22.44 36.64 -30.94
C CYS Q 616 21.01 37.11 -31.13
N GLU Q 617 20.81 38.42 -31.20
CA GLU Q 617 19.47 38.99 -31.39
C GLU Q 617 18.84 38.48 -32.68
N GLN Q 618 19.62 38.49 -33.75
CA GLN Q 618 19.11 38.02 -35.04
C GLN Q 618 18.69 36.57 -34.86
N TYR Q 619 19.60 35.78 -34.30
CA TYR Q 619 19.38 34.37 -34.02
C TYR Q 619 18.09 34.19 -33.20
N PHE Q 620 17.82 35.15 -32.32
CA PHE Q 620 16.65 35.10 -31.46
C PHE Q 620 15.35 35.21 -32.24
N ASN Q 621 15.26 36.26 -33.06
CA ASN Q 621 14.06 36.49 -33.84
C ASN Q 621 13.82 35.44 -34.93
N ALA Q 622 14.78 34.55 -35.12
CA ALA Q 622 14.64 33.50 -36.12
C ALA Q 622 14.06 32.23 -35.49
N THR Q 623 13.78 32.29 -34.20
CA THR Q 623 13.19 31.15 -33.50
C THR Q 623 11.75 31.49 -33.14
N ASP Q 624 11.09 30.61 -32.38
CA ASP Q 624 9.71 30.85 -31.98
C ASP Q 624 9.62 31.69 -30.71
N MET Q 625 10.78 32.05 -30.14
CA MET Q 625 10.81 32.84 -28.91
C MET Q 625 9.99 34.14 -28.95
N PRO Q 626 9.97 34.82 -30.10
CA PRO Q 626 9.20 36.07 -30.18
C PRO Q 626 7.72 35.91 -29.80
N LYS Q 627 7.20 34.69 -29.91
CA LYS Q 627 5.82 34.43 -29.55
C LYS Q 627 5.57 34.56 -28.06
N TYR Q 628 6.62 34.44 -27.24
CA TYR Q 628 6.46 34.55 -25.80
C TYR Q 628 7.07 35.81 -25.20
N MET Q 629 8.06 36.37 -25.88
CA MET Q 629 8.70 37.58 -25.39
C MET Q 629 9.70 38.18 -26.37
N THR Q 630 9.89 39.49 -26.26
CA THR Q 630 10.82 40.20 -27.12
C THR Q 630 12.26 39.99 -26.65
N TRP Q 631 13.19 40.31 -27.54
CA TRP Q 631 14.61 40.18 -27.26
C TRP Q 631 14.99 40.91 -25.97
N ASP Q 632 14.52 42.14 -25.81
CA ASP Q 632 14.84 42.91 -24.60
C ASP Q 632 14.33 42.27 -23.32
N GLU Q 633 13.10 41.76 -23.34
CA GLU Q 633 12.55 41.12 -22.17
C GLU Q 633 13.36 39.86 -21.86
N PHE Q 634 13.63 39.07 -22.89
CA PHE Q 634 14.41 37.84 -22.71
C PHE Q 634 15.81 38.16 -22.21
N PHE Q 635 16.39 39.23 -22.73
CA PHE Q 635 17.73 39.65 -22.34
C PHE Q 635 17.76 39.97 -20.86
N LYS Q 636 16.75 40.70 -20.39
CA LYS Q 636 16.66 41.09 -18.99
C LYS Q 636 16.32 39.94 -18.05
N LYS Q 637 15.50 39.00 -18.51
CA LYS Q 637 15.13 37.88 -17.64
C LYS Q 637 16.28 36.88 -17.50
N GLY Q 638 16.99 36.63 -18.61
CA GLY Q 638 18.12 35.72 -18.56
C GLY Q 638 17.82 34.28 -18.94
N TYR Q 639 16.62 33.81 -18.62
CA TYR Q 639 16.24 32.45 -18.97
C TYR Q 639 14.76 32.36 -19.22
N PHE Q 640 14.33 31.27 -19.82
CA PHE Q 640 12.93 31.08 -20.11
C PHE Q 640 12.56 29.60 -20.10
N VAL Q 641 11.47 29.28 -19.42
CA VAL Q 641 11.00 27.90 -19.35
C VAL Q 641 9.83 27.78 -20.32
N VAL Q 642 10.06 27.05 -21.40
CA VAL Q 642 9.02 26.86 -22.41
C VAL Q 642 7.80 26.22 -21.75
N PRO Q 643 6.62 26.85 -21.91
CA PRO Q 643 5.37 26.34 -21.33
C PRO Q 643 5.04 24.92 -21.76
N ASP Q 644 4.22 24.25 -20.97
CA ASP Q 644 3.79 22.89 -21.28
C ASP Q 644 2.74 22.97 -22.39
N ASN Q 645 2.55 21.87 -23.10
CA ASN Q 645 1.57 21.80 -24.19
C ASN Q 645 0.74 20.54 -23.96
N PRO Q 646 -0.22 20.61 -23.01
CA PRO Q 646 -1.15 19.56 -22.59
C PRO Q 646 -2.03 18.91 -23.65
N ASN Q 647 -2.29 19.62 -24.74
CA ASN Q 647 -3.17 19.10 -25.77
C ASN Q 647 -2.56 18.39 -26.97
N ARG Q 648 -1.28 18.62 -27.26
CA ARG Q 648 -0.67 17.96 -28.41
C ARG Q 648 -0.89 16.46 -28.28
N LYS Q 649 -1.17 15.78 -29.39
CA LYS Q 649 -1.39 14.35 -29.31
C LYS Q 649 -0.02 13.70 -29.13
N LYS Q 650 0.03 12.63 -28.34
CA LYS Q 650 1.29 11.94 -28.10
C LYS Q 650 1.56 10.87 -29.15
N THR Q 651 2.75 10.91 -29.72
CA THR Q 651 3.16 9.96 -30.75
C THR Q 651 4.38 9.20 -30.25
N VAL Q 652 4.16 7.98 -29.76
CA VAL Q 652 5.25 7.18 -29.24
C VAL Q 652 6.17 6.66 -30.34
N ALA Q 653 7.46 6.67 -30.05
CA ALA Q 653 8.49 6.22 -30.99
C ALA Q 653 8.20 4.88 -31.66
N LEU Q 654 8.23 4.87 -32.98
CA LEU Q 654 8.01 3.67 -33.78
C LEU Q 654 6.65 2.98 -33.69
N ARG Q 655 5.74 3.49 -32.87
CA ARG Q 655 4.44 2.85 -32.76
C ARG Q 655 3.78 2.82 -34.14
N TRP Q 656 3.93 3.88 -34.90
CA TRP Q 656 3.35 3.97 -36.25
C TRP Q 656 3.86 2.82 -37.12
N PHE Q 657 5.12 2.46 -36.91
CA PHE Q 657 5.73 1.36 -37.65
C PHE Q 657 5.20 0.03 -37.15
N ALA Q 658 5.00 -0.07 -35.83
CA ALA Q 658 4.47 -1.28 -35.23
C ALA Q 658 3.06 -1.58 -35.72
N GLU Q 659 2.28 -0.51 -35.89
CA GLU Q 659 0.90 -0.64 -36.34
C GLU Q 659 0.73 -0.54 -37.87
N GLY Q 660 1.86 -0.49 -38.57
CA GLY Q 660 1.83 -0.42 -40.01
C GLY Q 660 1.13 0.75 -40.68
N ARG Q 661 1.24 1.94 -40.09
CA ARG Q 661 0.60 3.11 -40.66
C ARG Q 661 1.62 4.23 -40.89
N GLU Q 662 1.13 5.34 -41.45
CA GLU Q 662 1.95 6.49 -41.75
C GLU Q 662 2.70 7.08 -40.55
N LYS Q 663 3.96 7.41 -40.78
CA LYS Q 663 4.84 8.00 -39.77
C LYS Q 663 4.13 9.25 -39.26
N ASP Q 664 3.94 9.36 -37.95
CA ASP Q 664 3.23 10.50 -37.36
C ASP Q 664 3.98 11.28 -36.30
N THR Q 665 5.26 10.99 -36.12
CA THR Q 665 6.05 11.68 -35.11
C THR Q 665 6.72 12.92 -35.68
N PRO Q 666 7.41 13.70 -34.82
CA PRO Q 666 8.09 14.92 -35.27
C PRO Q 666 9.46 14.63 -35.86
N ASP Q 667 9.84 13.36 -35.96
CA ASP Q 667 11.15 13.00 -36.49
C ASP Q 667 11.43 13.59 -37.87
N TRP Q 668 12.71 13.81 -38.14
CA TRP Q 668 13.16 14.41 -39.39
C TRP Q 668 13.18 13.46 -40.58
N GLY Q 669 12.74 12.23 -40.37
CA GLY Q 669 12.71 11.25 -41.43
C GLY Q 669 11.83 10.06 -41.07
N PRO Q 670 11.70 9.07 -41.97
CA PRO Q 670 12.34 9.03 -43.28
C PRO Q 670 11.76 10.04 -44.26
N ARG Q 671 12.53 10.36 -45.30
CA ARG Q 671 12.09 11.32 -46.31
C ARG Q 671 11.06 10.63 -47.18
N LEU Q 672 10.10 11.40 -47.70
CA LEU Q 672 9.03 10.85 -48.52
C LEU Q 672 9.48 9.86 -49.60
N ASN Q 673 10.58 10.18 -50.27
CA ASN Q 673 11.11 9.33 -51.32
C ASN Q 673 11.69 7.99 -50.82
N ASN Q 674 11.91 7.88 -49.52
CA ASN Q 674 12.44 6.62 -48.99
C ASN Q 674 11.33 5.75 -48.43
N GLN Q 675 10.08 6.15 -48.71
CA GLN Q 675 8.92 5.40 -48.27
C GLN Q 675 7.90 5.28 -49.41
N VAL Q 676 7.00 4.30 -49.25
CA VAL Q 676 5.92 4.10 -50.21
C VAL Q 676 4.67 4.56 -49.46
N CYS Q 677 4.15 5.73 -49.82
CA CYS Q 677 2.96 6.30 -49.19
C CYS Q 677 3.22 6.51 -47.69
N ARG Q 678 4.34 7.17 -47.42
CA ARG Q 678 4.85 7.48 -46.08
C ARG Q 678 4.66 6.43 -45.01
N LYS Q 679 4.91 5.17 -45.39
CA LYS Q 679 4.82 4.06 -44.47
C LYS Q 679 6.13 3.28 -44.52
N GLY Q 680 6.43 2.58 -43.43
CA GLY Q 680 7.64 1.78 -43.36
C GLY Q 680 8.94 2.52 -43.11
N LEU Q 681 9.97 1.75 -42.78
CA LEU Q 681 11.31 2.29 -42.52
C LEU Q 681 11.96 2.75 -43.81
N GLN Q 682 13.03 3.52 -43.66
CA GLN Q 682 13.80 4.06 -44.78
C GLN Q 682 14.46 2.98 -45.66
N THR Q 683 14.50 1.75 -45.19
CA THR Q 683 15.11 0.68 -45.99
C THR Q 683 14.30 0.40 -47.25
N THR Q 684 14.91 -0.27 -48.22
CA THR Q 684 14.24 -0.58 -49.48
C THR Q 684 12.90 -1.26 -49.29
N THR Q 685 12.86 -2.29 -48.45
CA THR Q 685 11.63 -3.03 -48.19
C THR Q 685 10.74 -2.34 -47.16
N GLY Q 686 11.28 -1.29 -46.54
CA GLY Q 686 10.54 -0.57 -45.52
C GLY Q 686 10.51 -1.37 -44.23
N LYS Q 687 11.18 -2.52 -44.24
CA LYS Q 687 11.23 -3.41 -43.09
C LYS Q 687 12.61 -3.53 -42.45
N VAL Q 688 12.64 -4.11 -41.24
CA VAL Q 688 13.88 -4.35 -40.56
C VAL Q 688 14.49 -5.47 -41.38
N GLU Q 689 15.63 -5.16 -42.01
CA GLU Q 689 16.32 -6.11 -42.89
C GLU Q 689 17.46 -6.90 -42.25
N PHE Q 690 17.17 -8.12 -41.81
CA PHE Q 690 18.16 -9.00 -41.19
C PHE Q 690 19.25 -9.36 -42.20
N ILE Q 691 18.93 -9.15 -43.48
CA ILE Q 691 19.86 -9.34 -44.58
C ILE Q 691 19.68 -8.00 -45.28
N ALA Q 692 20.61 -7.08 -45.03
CA ALA Q 692 20.54 -5.73 -45.59
C ALA Q 692 20.65 -5.74 -47.11
N THR Q 693 19.72 -5.08 -47.79
CA THR Q 693 19.75 -5.01 -49.24
C THR Q 693 20.87 -4.09 -49.72
N SER Q 694 21.10 -3.00 -48.99
CA SER Q 694 22.17 -2.06 -49.35
C SER Q 694 23.53 -2.78 -49.37
N LEU Q 695 23.84 -3.51 -48.30
CA LEU Q 695 25.10 -4.24 -48.21
C LEU Q 695 25.18 -5.37 -49.24
N LYS Q 696 24.05 -6.04 -49.49
CA LYS Q 696 24.04 -7.13 -50.47
C LYS Q 696 24.37 -6.56 -51.85
N ASN Q 697 23.89 -5.36 -52.14
CA ASN Q 697 24.19 -4.72 -53.41
C ASN Q 697 25.68 -4.37 -53.43
N PHE Q 698 26.14 -3.81 -52.32
CA PHE Q 698 27.53 -3.40 -52.14
C PHE Q 698 28.46 -4.57 -52.40
N GLU Q 699 28.20 -5.71 -51.78
CA GLU Q 699 29.06 -6.88 -51.96
C GLU Q 699 28.96 -7.51 -53.35
N GLU Q 700 27.79 -7.47 -53.97
CA GLU Q 700 27.66 -8.04 -55.30
C GLU Q 700 28.28 -7.09 -56.31
N GLN Q 701 28.60 -5.88 -55.84
CA GLN Q 701 29.23 -4.88 -56.68
C GLN Q 701 30.75 -5.05 -56.67
N GLY Q 702 31.23 -5.97 -55.83
CA GLY Q 702 32.66 -6.24 -55.75
C GLY Q 702 33.33 -5.91 -54.42
N TYR Q 703 32.68 -5.06 -53.63
CA TYR Q 703 33.25 -4.67 -52.34
C TYR Q 703 33.11 -5.73 -51.24
N ILE Q 704 33.95 -6.75 -51.30
CA ILE Q 704 33.93 -7.85 -50.33
C ILE Q 704 34.48 -7.41 -48.97
N ASP Q 705 33.73 -7.68 -47.89
CA ASP Q 705 34.11 -7.28 -46.53
C ASP Q 705 33.59 -8.31 -45.50
N GLU Q 706 34.44 -9.28 -45.17
CA GLU Q 706 34.10 -10.34 -44.22
C GLU Q 706 33.59 -9.84 -42.86
N HIS Q 707 34.10 -8.70 -42.41
CA HIS Q 707 33.70 -8.17 -41.11
C HIS Q 707 32.45 -7.28 -41.14
N ARG Q 708 31.81 -7.20 -42.30
CA ARG Q 708 30.58 -6.45 -42.40
C ARG Q 708 29.68 -7.19 -43.38
N PRO Q 709 29.36 -8.45 -43.07
CA PRO Q 709 28.49 -9.27 -43.92
C PRO Q 709 27.09 -8.66 -44.05
N SER Q 710 26.42 -8.92 -45.17
CA SER Q 710 25.08 -8.39 -45.40
C SER Q 710 24.06 -8.95 -44.42
N MET Q 711 24.33 -10.14 -43.87
CA MET Q 711 23.43 -10.74 -42.91
C MET Q 711 24.03 -10.70 -41.51
N HIS Q 712 23.31 -10.08 -40.59
CA HIS Q 712 23.75 -9.99 -39.20
C HIS Q 712 24.04 -11.39 -38.68
N THR Q 713 25.32 -11.69 -38.51
CA THR Q 713 25.76 -12.99 -38.03
C THR Q 713 26.76 -12.84 -36.89
N TYR Q 714 27.32 -13.94 -36.42
CA TYR Q 714 28.28 -13.86 -35.33
C TYR Q 714 29.72 -13.73 -35.82
N VAL Q 715 30.09 -12.51 -36.16
CA VAL Q 715 31.44 -12.21 -36.63
C VAL Q 715 32.30 -12.06 -35.38
N PRO Q 716 33.28 -12.96 -35.17
CA PRO Q 716 34.15 -12.85 -33.99
C PRO Q 716 34.90 -11.52 -34.03
N ALA Q 717 34.91 -10.77 -32.92
CA ALA Q 717 35.60 -9.48 -32.86
C ALA Q 717 37.06 -9.66 -33.23
N TRP Q 718 37.59 -8.79 -34.10
CA TRP Q 718 38.98 -8.97 -34.49
C TRP Q 718 39.96 -8.67 -33.36
N GLU Q 719 39.55 -7.90 -32.37
CA GLU Q 719 40.42 -7.66 -31.23
C GLU Q 719 39.71 -8.13 -29.96
N SER Q 720 39.60 -9.45 -29.82
CA SER Q 720 38.98 -10.06 -28.66
C SER Q 720 40.01 -11.00 -28.05
N GLN Q 721 39.81 -11.38 -26.80
CA GLN Q 721 40.77 -12.24 -26.12
C GLN Q 721 40.93 -13.64 -26.69
N LYS Q 722 39.91 -14.17 -27.36
CA LYS Q 722 40.04 -15.50 -27.91
C LYS Q 722 40.06 -15.60 -29.43
N HIS Q 723 39.91 -14.47 -30.12
CA HIS Q 723 39.91 -14.51 -31.58
C HIS Q 723 41.10 -13.75 -32.21
N SER Q 724 41.89 -13.11 -31.37
CA SER Q 724 43.05 -12.36 -31.85
C SER Q 724 44.38 -12.98 -31.39
N PRO Q 725 45.34 -13.15 -32.31
CA PRO Q 725 46.63 -13.74 -31.96
C PRO Q 725 47.32 -12.91 -30.88
N LEU Q 726 47.04 -11.60 -30.91
CA LEU Q 726 47.60 -10.64 -29.97
C LEU Q 726 47.40 -11.00 -28.51
N ALA Q 727 46.31 -11.71 -28.22
CA ALA Q 727 45.98 -12.10 -26.86
C ALA Q 727 47.05 -12.95 -26.18
N VAL Q 728 47.94 -13.56 -26.96
CA VAL Q 728 48.99 -14.38 -26.37
C VAL Q 728 49.93 -13.51 -25.53
N LYS Q 729 50.21 -12.31 -26.02
CA LYS Q 729 51.08 -11.39 -25.29
C LYS Q 729 50.26 -10.48 -24.41
N TYR Q 730 49.08 -10.09 -24.90
CA TYR Q 730 48.19 -9.19 -24.18
C TYR Q 730 46.86 -9.85 -23.89
N PRO Q 731 46.81 -10.68 -22.83
CA PRO Q 731 45.62 -11.43 -22.41
C PRO Q 731 44.51 -10.67 -21.71
N LEU Q 732 44.69 -9.37 -21.51
CA LEU Q 732 43.68 -8.59 -20.82
C LEU Q 732 42.85 -7.75 -21.77
N GLY Q 733 41.53 -7.82 -21.62
CA GLY Q 733 40.64 -7.05 -22.46
C GLY Q 733 40.30 -5.72 -21.81
N MET Q 734 40.50 -4.62 -22.53
CA MET Q 734 40.24 -3.30 -22.00
C MET Q 734 39.17 -2.50 -22.73
N LEU Q 735 38.31 -1.84 -21.96
CA LEU Q 735 37.30 -0.98 -22.55
C LEU Q 735 37.61 0.38 -21.95
N SER Q 736 37.41 1.43 -22.72
CA SER Q 736 37.72 2.76 -22.24
C SER Q 736 36.64 3.76 -22.61
N PRO Q 737 35.51 3.72 -21.87
CA PRO Q 737 34.36 4.60 -22.07
C PRO Q 737 34.65 6.07 -21.76
N HIS Q 738 33.59 6.86 -21.77
CA HIS Q 738 33.70 8.29 -21.51
C HIS Q 738 33.92 8.58 -20.03
N PRO Q 739 34.76 9.58 -19.73
CA PRO Q 739 35.08 9.98 -18.35
C PRO Q 739 33.87 10.43 -17.51
N ARG Q 740 33.78 9.86 -16.33
CA ARG Q 740 32.71 10.14 -15.38
C ARG Q 740 32.74 11.59 -14.88
N PHE Q 741 33.92 12.11 -14.59
CA PHE Q 741 33.98 13.48 -14.08
C PHE Q 741 34.46 14.57 -15.03
N SER Q 742 34.20 14.37 -16.32
CA SER Q 742 34.59 15.36 -17.31
C SER Q 742 33.91 15.13 -18.65
N MET Q 743 33.65 16.22 -19.37
CA MET Q 743 33.06 16.14 -20.71
C MET Q 743 34.29 15.92 -21.57
N HIS Q 744 34.62 14.65 -21.82
CA HIS Q 744 35.82 14.31 -22.57
C HIS Q 744 37.03 15.01 -21.95
N THR Q 745 37.73 15.83 -22.71
CA THR Q 745 38.92 16.53 -22.20
C THR Q 745 38.59 17.77 -21.42
N MET Q 746 37.36 18.25 -21.58
CA MET Q 746 36.94 19.45 -20.90
C MET Q 746 36.49 19.20 -19.48
N GLY Q 747 37.47 19.20 -18.57
CA GLY Q 747 37.20 18.95 -17.17
C GLY Q 747 38.47 18.39 -16.55
N ASP Q 748 39.09 17.46 -17.26
CA ASP Q 748 40.32 16.84 -16.79
C ASP Q 748 41.55 17.76 -16.91
N GLY Q 749 42.58 17.46 -16.13
CA GLY Q 749 43.80 18.26 -16.14
C GLY Q 749 43.52 19.73 -15.85
N LYS Q 750 44.25 20.61 -16.53
CA LYS Q 750 44.09 22.05 -16.38
C LYS Q 750 44.18 22.55 -14.94
N ASN Q 751 44.55 21.67 -14.02
N ASN Q 751 44.55 21.67 -14.02
CA ASN Q 751 44.66 22.03 -12.61
CA ASN Q 751 44.66 22.03 -12.61
C ASN Q 751 43.27 22.34 -12.06
C ASN Q 751 43.27 22.34 -12.06
N SER Q 752 42.27 21.67 -12.63
CA SER Q 752 40.88 21.87 -12.20
C SER Q 752 40.53 21.16 -10.90
N TYR Q 753 39.38 21.50 -10.32
CA TYR Q 753 38.96 20.91 -9.07
C TYR Q 753 38.67 19.41 -9.21
N MET Q 754 38.10 19.02 -10.35
CA MET Q 754 37.77 17.62 -10.58
C MET Q 754 38.96 16.68 -10.38
N ASN Q 755 40.17 17.21 -10.49
CA ASN Q 755 41.37 16.40 -10.31
C ASN Q 755 41.56 15.93 -8.87
N TYR Q 756 40.75 16.47 -7.96
CA TYR Q 756 40.82 16.07 -6.55
C TYR Q 756 39.74 15.04 -6.20
N ILE Q 757 39.03 14.58 -7.22
CA ILE Q 757 37.99 13.56 -7.04
C ILE Q 757 38.66 12.21 -6.87
N LYS Q 758 38.29 11.49 -5.81
CA LYS Q 758 38.90 10.20 -5.53
C LYS Q 758 38.92 9.21 -6.68
N ASP Q 759 37.81 9.10 -7.40
CA ASP Q 759 37.75 8.14 -8.50
C ASP Q 759 38.12 8.74 -9.86
N HIS Q 760 38.79 9.89 -9.86
CA HIS Q 760 39.23 10.54 -11.10
C HIS Q 760 40.72 10.32 -11.34
N ARG Q 761 41.54 10.89 -10.46
CA ARG Q 761 42.99 10.74 -10.55
C ARG Q 761 43.51 10.39 -9.16
N VAL Q 762 44.69 9.79 -9.10
CA VAL Q 762 45.29 9.41 -7.84
C VAL Q 762 46.68 10.03 -7.70
N GLU Q 763 46.83 10.89 -6.70
CA GLU Q 763 48.09 11.56 -6.43
C GLU Q 763 49.08 10.57 -5.82
N VAL Q 764 50.25 10.45 -6.44
CA VAL Q 764 51.29 9.57 -5.95
C VAL Q 764 52.60 10.30 -6.10
N ASP Q 765 53.19 10.68 -4.97
CA ASP Q 765 54.45 11.41 -4.94
C ASP Q 765 54.39 12.71 -5.73
N GLY Q 766 53.34 13.48 -5.51
CA GLY Q 766 53.19 14.77 -6.18
C GLY Q 766 52.53 14.83 -7.55
N TYR Q 767 52.26 13.68 -8.16
CA TYR Q 767 51.63 13.66 -9.47
C TYR Q 767 50.31 12.89 -9.41
N LYS Q 768 49.25 13.46 -9.98
CA LYS Q 768 47.94 12.82 -10.00
C LYS Q 768 47.79 11.90 -11.22
N TYR Q 769 47.96 10.60 -11.01
CA TYR Q 769 47.86 9.64 -12.10
C TYR Q 769 46.45 9.23 -12.50
N TRP Q 770 46.29 8.91 -13.78
CA TRP Q 770 45.01 8.47 -14.34
C TRP Q 770 44.75 7.07 -13.82
N ILE Q 771 43.48 6.72 -13.71
CA ILE Q 771 43.09 5.43 -13.15
C ILE Q 771 42.77 4.29 -14.12
N MET Q 772 43.15 3.08 -13.72
CA MET Q 772 42.82 1.87 -14.45
C MET Q 772 42.31 0.90 -13.39
N ARG Q 773 41.12 0.37 -13.60
CA ARG Q 773 40.47 -0.55 -12.68
C ARG Q 773 40.80 -1.98 -13.05
N VAL Q 774 41.20 -2.77 -12.05
CA VAL Q 774 41.59 -4.15 -12.26
C VAL Q 774 40.95 -5.09 -11.25
N ASN Q 775 40.41 -6.20 -11.73
CA ASN Q 775 39.80 -7.17 -10.84
C ASN Q 775 40.87 -7.73 -9.91
N SER Q 776 40.51 -7.90 -8.64
CA SER Q 776 41.44 -8.41 -7.63
C SER Q 776 42.30 -9.59 -8.04
N ILE Q 777 41.69 -10.60 -8.66
CA ILE Q 777 42.41 -11.79 -9.10
C ILE Q 777 43.56 -11.49 -10.08
N ASP Q 778 43.28 -10.64 -11.06
CA ASP Q 778 44.29 -10.27 -12.06
C ASP Q 778 45.38 -9.43 -11.42
N ALA Q 779 44.96 -8.58 -10.49
CA ALA Q 779 45.89 -7.72 -9.77
C ALA Q 779 46.82 -8.58 -8.93
N GLU Q 780 46.26 -9.54 -8.21
CA GLU Q 780 47.05 -10.39 -7.35
C GLU Q 780 48.07 -11.22 -8.13
N ALA Q 781 47.64 -11.80 -9.24
CA ALA Q 781 48.54 -12.61 -10.06
C ALA Q 781 49.76 -11.82 -10.54
N ARG Q 782 49.65 -10.49 -10.53
CA ARG Q 782 50.75 -9.64 -10.97
C ARG Q 782 51.39 -8.86 -9.82
N GLY Q 783 50.98 -9.16 -8.59
CA GLY Q 783 51.55 -8.47 -7.45
C GLY Q 783 51.18 -6.99 -7.42
N ILE Q 784 50.04 -6.64 -8.00
CA ILE Q 784 49.59 -5.25 -8.02
C ILE Q 784 48.64 -4.99 -6.87
N LYS Q 785 48.86 -3.87 -6.19
CA LYS Q 785 48.02 -3.49 -5.06
C LYS Q 785 47.32 -2.17 -5.31
N ASN Q 786 46.16 -2.02 -4.68
CA ASN Q 786 45.36 -0.82 -4.81
C ASN Q 786 46.26 0.40 -4.61
N GLY Q 787 46.35 1.24 -5.64
CA GLY Q 787 47.16 2.44 -5.54
C GLY Q 787 48.55 2.35 -6.14
N ASP Q 788 48.94 1.18 -6.63
CA ASP Q 788 50.27 1.06 -7.22
C ASP Q 788 50.29 1.70 -8.60
N LEU Q 789 51.47 2.06 -9.05
CA LEU Q 789 51.61 2.66 -10.37
C LEU Q 789 51.88 1.50 -11.31
N ILE Q 790 51.05 1.38 -12.34
CA ILE Q 790 51.23 0.29 -13.26
C ILE Q 790 51.48 0.78 -14.67
N ARG Q 791 52.01 -0.14 -15.47
CA ARG Q 791 52.29 0.15 -16.86
C ARG Q 791 51.29 -0.65 -17.70
N ALA Q 792 50.49 0.05 -18.50
CA ALA Q 792 49.53 -0.62 -19.37
C ALA Q 792 50.17 -0.52 -20.75
N TYR Q 793 50.35 -1.65 -21.43
CA TYR Q 793 51.02 -1.63 -22.72
C TYR Q 793 50.61 -2.72 -23.73
N ASN Q 794 50.95 -2.46 -24.99
CA ASN Q 794 50.74 -3.39 -26.10
C ASN Q 794 51.73 -2.98 -27.19
N ASP Q 795 51.50 -3.37 -28.43
CA ASP Q 795 52.44 -2.99 -29.49
C ASP Q 795 52.41 -1.51 -29.85
N ARG Q 796 51.34 -0.82 -29.45
CA ARG Q 796 51.16 0.60 -29.77
C ARG Q 796 51.78 1.60 -28.79
N GLY Q 797 52.13 1.15 -27.60
CA GLY Q 797 52.74 2.04 -26.62
C GLY Q 797 52.65 1.56 -25.19
N SER Q 798 52.95 2.47 -24.27
CA SER Q 798 52.90 2.19 -22.84
C SER Q 798 52.25 3.41 -22.22
N VAL Q 799 51.50 3.18 -21.14
CA VAL Q 799 50.83 4.26 -20.43
C VAL Q 799 50.95 3.94 -18.95
N ILE Q 800 51.33 4.96 -18.16
CA ILE Q 800 51.48 4.77 -16.72
C ILE Q 800 50.23 5.23 -15.98
N LEU Q 801 49.69 4.32 -15.18
CA LEU Q 801 48.47 4.57 -14.42
C LEU Q 801 48.52 4.13 -12.96
N ALA Q 802 47.53 4.60 -12.19
CA ALA Q 802 47.40 4.21 -10.79
C ALA Q 802 46.40 3.05 -10.78
N ALA Q 803 46.75 1.96 -10.12
CA ALA Q 803 45.86 0.80 -10.06
C ALA Q 803 44.75 0.92 -9.02
N GLN Q 804 43.56 0.48 -9.41
CA GLN Q 804 42.41 0.47 -8.50
C GLN Q 804 41.84 -0.93 -8.57
N VAL Q 805 42.15 -1.74 -7.56
CA VAL Q 805 41.65 -3.11 -7.52
C VAL Q 805 40.17 -3.04 -7.12
N THR Q 806 39.34 -3.82 -7.80
CA THR Q 806 37.90 -3.80 -7.56
C THR Q 806 37.26 -5.16 -7.92
N GLU Q 807 35.94 -5.24 -7.82
CA GLU Q 807 35.24 -6.47 -8.17
C GLU Q 807 34.26 -6.13 -9.28
N CYS Q 808 34.27 -4.87 -9.69
CA CYS Q 808 33.38 -4.37 -10.72
C CYS Q 808 33.76 -4.72 -12.17
N LEU Q 809 34.46 -5.84 -12.34
CA LEU Q 809 34.86 -6.29 -13.67
C LEU Q 809 35.13 -7.79 -13.56
N GLN Q 810 34.73 -8.53 -14.59
CA GLN Q 810 34.95 -9.98 -14.62
C GLN Q 810 36.46 -10.17 -14.71
N PRO Q 811 36.99 -11.17 -13.98
CA PRO Q 811 38.43 -11.41 -14.04
C PRO Q 811 38.89 -11.47 -15.51
N GLY Q 812 40.02 -10.82 -15.80
CA GLY Q 812 40.56 -10.80 -17.14
C GLY Q 812 40.22 -9.52 -17.90
N THR Q 813 39.39 -8.68 -17.31
CA THR Q 813 38.96 -7.43 -17.91
C THR Q 813 39.46 -6.23 -17.11
N VAL Q 814 39.95 -5.20 -17.80
CA VAL Q 814 40.43 -4.00 -17.12
C VAL Q 814 39.70 -2.81 -17.70
N HIS Q 815 39.58 -1.75 -16.91
CA HIS Q 815 38.86 -0.56 -17.33
C HIS Q 815 39.60 0.75 -17.04
N SER Q 816 39.50 1.68 -17.99
CA SER Q 816 40.13 2.99 -17.86
C SER Q 816 39.45 3.92 -18.86
N TYR Q 817 38.91 5.02 -18.33
CA TYR Q 817 38.20 5.98 -19.17
C TYR Q 817 39.11 6.63 -20.21
N GLU Q 818 38.50 7.12 -21.28
CA GLU Q 818 39.24 7.79 -22.35
C GLU Q 818 39.09 9.29 -22.16
N SER Q 819 39.59 10.07 -23.13
CA SER Q 819 39.50 11.52 -23.10
C SER Q 819 40.46 12.25 -22.14
N CYS Q 820 41.56 11.60 -21.76
CA CYS Q 820 42.53 12.26 -20.89
C CYS Q 820 42.99 13.54 -21.60
N ALA Q 821 43.00 14.65 -20.87
CA ALA Q 821 43.39 15.93 -21.47
C ALA Q 821 44.89 16.19 -21.33
N VAL Q 822 45.56 15.34 -20.57
CA VAL Q 822 46.98 15.51 -20.32
C VAL Q 822 47.89 14.56 -21.10
N TYR Q 823 48.76 15.13 -21.91
CA TYR Q 823 49.73 14.33 -22.66
C TYR Q 823 51.08 14.70 -22.06
N ASP Q 824 51.69 13.74 -21.37
CA ASP Q 824 52.97 14.00 -20.71
C ASP Q 824 53.96 12.86 -20.88
N PRO Q 825 54.66 12.83 -22.03
CA PRO Q 825 55.66 11.82 -22.37
C PRO Q 825 56.79 11.75 -21.37
N LEU Q 826 57.23 10.54 -21.03
CA LEU Q 826 58.34 10.40 -20.11
C LEU Q 826 59.63 10.48 -20.92
N GLY Q 827 59.48 10.30 -22.24
CA GLY Q 827 60.61 10.37 -23.15
C GLY Q 827 60.28 11.22 -24.38
N THR Q 828 60.88 10.90 -25.52
CA THR Q 828 60.63 11.64 -26.75
C THR Q 828 59.16 11.56 -27.10
N ALA Q 829 58.56 12.69 -27.46
CA ALA Q 829 57.15 12.70 -27.82
C ALA Q 829 56.84 11.63 -28.86
N GLY Q 830 55.68 10.98 -28.70
CA GLY Q 830 55.24 9.95 -29.62
C GLY Q 830 56.02 8.64 -29.72
N LYS Q 831 57.03 8.46 -28.86
CA LYS Q 831 57.85 7.25 -28.91
C LYS Q 831 58.11 6.65 -27.53
N SER Q 832 57.54 7.26 -26.51
CA SER Q 832 57.75 6.81 -25.15
C SER Q 832 56.47 6.71 -24.32
N ALA Q 833 56.60 6.09 -23.14
CA ALA Q 833 55.47 5.94 -22.24
C ALA Q 833 54.95 7.30 -21.84
N ASP Q 834 53.63 7.40 -21.69
CA ASP Q 834 52.95 8.63 -21.28
C ASP Q 834 52.45 8.41 -19.87
N ARG Q 835 52.62 9.40 -19.00
CA ARG Q 835 52.14 9.26 -17.65
C ARG Q 835 50.93 10.17 -17.40
N GLY Q 836 50.55 10.92 -18.43
CA GLY Q 836 49.37 11.77 -18.30
C GLY Q 836 48.15 10.87 -18.19
N GLY Q 837 48.14 9.79 -18.98
CA GLY Q 837 47.03 8.85 -18.95
C GLY Q 837 46.24 8.66 -20.23
N CYS Q 838 46.84 8.94 -21.38
CA CYS Q 838 46.16 8.79 -22.66
C CYS Q 838 46.02 7.34 -23.09
N ILE Q 839 44.99 6.69 -22.56
CA ILE Q 839 44.71 5.28 -22.86
C ILE Q 839 44.50 5.02 -24.35
N ASN Q 840 44.04 6.03 -25.09
CA ASN Q 840 43.83 5.82 -26.49
C ASN Q 840 45.10 5.62 -27.30
N ILE Q 841 46.21 5.50 -26.58
CA ILE Q 841 47.50 5.25 -27.19
C ILE Q 841 47.54 3.74 -27.43
N LEU Q 842 46.73 3.02 -26.66
CA LEU Q 842 46.69 1.56 -26.76
C LEU Q 842 45.54 1.01 -27.62
N THR Q 843 44.58 1.85 -27.96
CA THR Q 843 43.44 1.42 -28.77
C THR Q 843 43.80 1.17 -30.24
N PRO Q 844 43.22 0.13 -30.85
CA PRO Q 844 43.47 -0.22 -32.25
C PRO Q 844 42.98 0.83 -33.24
N ASP Q 845 43.83 1.16 -34.20
CA ASP Q 845 43.46 2.15 -35.20
C ASP Q 845 42.86 1.51 -36.45
N ARG Q 846 42.86 0.18 -36.48
CA ARG Q 846 42.26 -0.53 -37.61
C ARG Q 846 40.76 -0.22 -37.61
N TYR Q 847 40.23 0.15 -38.77
CA TYR Q 847 38.81 0.45 -38.93
C TYR Q 847 37.97 -0.75 -38.48
N ILE Q 848 36.71 -0.51 -38.11
CA ILE Q 848 35.82 -1.58 -37.67
C ILE Q 848 35.72 -2.69 -38.72
N SER Q 849 35.66 -2.32 -40.00
CA SER Q 849 35.62 -3.30 -41.08
C SER Q 849 36.39 -2.69 -42.25
N LYS Q 850 36.60 -3.45 -43.31
CA LYS Q 850 37.33 -2.94 -44.47
C LYS Q 850 36.70 -1.67 -45.04
N TYR Q 851 35.37 -1.59 -45.05
CA TYR Q 851 34.71 -0.41 -45.59
C TYR Q 851 33.96 0.42 -44.54
N ALA Q 852 33.79 -0.16 -43.35
CA ALA Q 852 33.16 0.53 -42.23
C ALA Q 852 34.28 1.31 -41.53
N CYS Q 853 34.50 2.54 -41.98
CA CYS Q 853 35.57 3.39 -41.48
C CYS Q 853 35.30 4.11 -40.16
N GLY Q 854 35.07 3.34 -39.11
CA GLY Q 854 34.80 3.89 -37.80
C GLY Q 854 35.82 3.40 -36.79
N MET Q 855 35.85 4.01 -35.61
CA MET Q 855 36.80 3.62 -34.56
C MET Q 855 36.29 2.43 -33.76
N ALA Q 856 37.21 1.54 -33.36
CA ALA Q 856 36.86 0.35 -32.59
C ALA Q 856 37.56 0.34 -31.24
N ASN Q 857 37.75 1.51 -30.67
CA ASN Q 857 38.44 1.70 -29.39
C ASN Q 857 38.09 0.76 -28.24
N ASN Q 858 36.80 0.60 -27.95
CA ASN Q 858 36.39 -0.20 -26.81
C ASN Q 858 36.67 -1.72 -26.78
N THR Q 859 37.49 -2.19 -27.71
CA THR Q 859 37.96 -3.57 -27.72
C THR Q 859 39.46 -3.42 -27.91
N ALA Q 860 40.21 -3.54 -26.82
CA ALA Q 860 41.65 -3.40 -26.88
C ALA Q 860 42.36 -4.40 -25.99
N LEU Q 861 43.33 -5.11 -26.55
CA LEU Q 861 44.09 -6.09 -25.78
C LEU Q 861 45.36 -5.44 -25.22
N VAL Q 862 45.58 -5.61 -23.92
CA VAL Q 862 46.75 -5.04 -23.27
C VAL Q 862 47.30 -6.02 -22.23
N GLU Q 863 48.41 -5.62 -21.62
CA GLU Q 863 49.03 -6.39 -20.56
C GLU Q 863 49.46 -5.33 -19.56
N ILE Q 864 49.44 -5.65 -18.28
CA ILE Q 864 49.85 -4.69 -17.28
C ILE Q 864 50.81 -5.34 -16.30
N GLU Q 865 51.63 -4.53 -15.65
CA GLU Q 865 52.62 -4.97 -14.67
C GLU Q 865 52.95 -3.75 -13.81
N LYS Q 866 53.50 -3.99 -12.64
CA LYS Q 866 53.90 -2.87 -11.79
C LYS Q 866 54.92 -2.11 -12.62
N TRP Q 867 54.85 -0.79 -12.61
CA TRP Q 867 55.80 0.03 -13.37
C TRP Q 867 57.15 0.05 -12.70
N ASP Q 868 58.21 -0.20 -13.48
CA ASP Q 868 59.57 -0.22 -12.96
C ASP Q 868 60.29 1.12 -13.05
N GLY Q 869 59.57 2.16 -13.48
CA GLY Q 869 60.18 3.46 -13.59
C GLY Q 869 60.84 3.78 -14.92
N ASP Q 870 61.00 2.78 -15.79
CA ASP Q 870 61.63 3.00 -17.09
C ASP Q 870 60.73 3.93 -17.91
N LYS Q 871 61.28 4.53 -18.96
CA LYS Q 871 60.48 5.42 -19.79
C LYS Q 871 59.99 4.77 -21.07
N TYR Q 872 60.53 3.58 -21.38
CA TYR Q 872 60.16 2.82 -22.57
C TYR Q 872 60.13 3.61 -23.87
N GLU Q 873 61.27 4.13 -24.28
CA GLU Q 873 61.31 4.87 -25.52
C GLU Q 873 61.56 3.85 -26.62
N ILE Q 874 60.53 3.04 -26.89
CA ILE Q 874 60.62 2.00 -27.89
C ILE Q 874 59.48 2.03 -28.91
N TYR Q 875 58.85 3.19 -29.08
CA TYR Q 875 57.73 3.28 -30.02
C TYR Q 875 57.94 4.25 -31.17
N MET R 1 14.41 27.84 20.22
CA MET R 1 15.76 27.75 19.60
C MET R 1 15.77 26.69 18.50
N GLU R 2 15.59 27.14 17.26
CA GLU R 2 15.56 26.25 16.10
C GLU R 2 16.98 25.96 15.60
N GLN R 3 17.26 24.68 15.40
CA GLN R 3 18.59 24.24 14.95
C GLN R 3 18.59 23.64 13.55
N TYR R 4 19.77 23.55 12.96
CA TYR R 4 19.92 22.98 11.63
C TYR R 4 20.27 21.52 11.75
N TYR R 5 19.76 20.72 10.81
CA TYR R 5 20.05 19.29 10.78
C TYR R 5 20.17 18.89 9.33
N MET R 6 20.88 17.80 9.09
CA MET R 6 21.04 17.30 7.74
C MET R 6 20.90 15.78 7.75
N VAL R 7 20.17 15.26 6.77
CA VAL R 7 19.97 13.82 6.65
C VAL R 7 20.50 13.39 5.29
N ILE R 8 21.35 12.36 5.31
CA ILE R 8 21.97 11.85 4.10
C ILE R 8 21.52 10.42 3.82
N ASP R 9 21.01 10.19 2.60
CA ASP R 9 20.55 8.87 2.20
C ASP R 9 21.60 8.09 1.42
N VAL R 10 22.35 7.25 2.13
CA VAL R 10 23.39 6.43 1.53
C VAL R 10 22.94 5.64 0.29
N ALA R 11 21.69 5.17 0.31
CA ALA R 11 21.18 4.40 -0.84
C ALA R 11 21.12 5.22 -2.12
N LYS R 12 21.10 6.53 -2.00
CA LYS R 12 21.03 7.38 -3.17
C LYS R 12 22.34 8.03 -3.65
N CYS R 13 23.47 7.80 -2.95
CA CYS R 13 24.73 8.39 -3.42
C CYS R 13 25.23 7.64 -4.63
N GLN R 14 25.70 8.38 -5.64
CA GLN R 14 26.26 7.73 -6.81
C GLN R 14 27.71 8.19 -7.03
N ASP R 15 28.22 8.93 -6.05
CA ASP R 15 29.60 9.44 -6.06
C ASP R 15 29.96 10.31 -7.27
N CYS R 16 29.02 11.12 -7.76
CA CYS R 16 29.29 12.00 -8.92
C CYS R 16 30.11 13.21 -8.47
N ASN R 17 30.20 13.40 -7.16
CA ASN R 17 30.95 14.50 -6.58
C ASN R 17 30.47 15.92 -6.82
N ASN R 18 29.16 16.10 -6.97
CA ASN R 18 28.63 17.44 -7.13
C ASN R 18 28.84 18.26 -5.84
N CYS R 19 28.81 17.59 -4.67
CA CYS R 19 29.02 18.28 -3.38
C CYS R 19 30.40 18.86 -3.34
N PHE R 20 31.33 17.90 -3.30
CA PHE R 20 32.74 18.17 -3.21
C PHE R 20 33.04 19.35 -4.11
N MET R 21 32.70 19.22 -5.39
CA MET R 21 32.94 20.30 -6.33
C MET R 21 32.21 21.55 -5.87
N GLY R 22 31.14 21.33 -5.12
CA GLY R 22 30.36 22.43 -4.58
C GLY R 22 31.14 23.22 -3.56
N CYS R 23 31.79 22.57 -2.58
CA CYS R 23 32.56 23.36 -1.61
C CYS R 23 33.59 24.17 -2.31
N MET R 24 34.48 23.46 -3.00
CA MET R 24 35.58 24.08 -3.70
C MET R 24 35.14 25.29 -4.49
N ASP R 25 33.99 25.19 -5.15
CA ASP R 25 33.51 26.32 -5.92
C ASP R 25 33.18 27.47 -4.98
N GLU R 26 32.80 27.13 -3.75
CA GLU R 26 32.46 28.11 -2.74
C GLU R 26 33.65 28.61 -1.94
N HIS R 27 34.56 27.70 -1.59
CA HIS R 27 35.71 28.04 -0.74
C HIS R 27 37.16 28.09 -1.30
N GLU R 28 37.42 27.48 -2.45
CA GLU R 28 38.79 27.47 -2.95
C GLU R 28 39.34 28.83 -3.41
N LEU R 29 38.53 29.59 -4.15
CA LEU R 29 38.92 30.90 -4.66
C LEU R 29 38.25 32.06 -3.92
N ASN R 30 37.50 31.75 -2.86
CA ASN R 30 36.82 32.80 -2.12
C ASN R 30 37.24 32.81 -0.66
N GLU R 31 37.05 33.95 -0.03
CA GLU R 31 37.36 34.12 1.39
C GLU R 31 36.09 34.67 2.03
N TRP R 32 35.78 34.20 3.22
CA TRP R 32 34.58 34.67 3.90
C TRP R 32 34.91 35.16 5.31
N PRO R 33 35.20 36.46 5.44
CA PRO R 33 35.53 37.10 6.73
C PRO R 33 34.54 36.76 7.84
N GLY R 34 35.06 36.24 8.94
CA GLY R 34 34.22 35.86 10.05
C GLY R 34 33.86 34.40 9.96
N TYR R 35 34.11 33.79 8.81
CA TYR R 35 33.77 32.38 8.66
C TYR R 35 34.96 31.49 8.36
N THR R 36 35.68 31.80 7.27
CA THR R 36 36.83 30.99 6.87
C THR R 36 37.69 31.60 5.76
N ALA R 37 38.97 31.30 5.77
CA ALA R 37 39.89 31.78 4.75
C ALA R 37 39.70 30.76 3.61
N SER R 38 40.26 31.04 2.44
CA SER R 38 40.11 30.14 1.31
C SER R 38 40.58 28.72 1.63
N MET R 39 39.92 27.75 1.03
CA MET R 39 40.21 26.34 1.22
C MET R 39 41.51 25.90 0.52
N GLN R 40 42.20 24.93 1.10
CA GLN R 40 43.42 24.42 0.51
C GLN R 40 43.09 23.29 -0.46
N ARG R 41 43.69 23.32 -1.65
CA ARG R 41 43.47 22.28 -2.63
C ARG R 41 43.93 20.93 -2.10
N GLY R 42 43.03 19.96 -2.09
CA GLY R 42 43.36 18.64 -1.60
C GLY R 42 42.58 18.29 -0.36
N HIS R 43 42.03 19.32 0.29
CA HIS R 43 41.24 19.12 1.51
C HIS R 43 39.86 18.55 1.18
N ARG R 44 39.33 17.76 2.10
CA ARG R 44 38.01 17.17 1.90
C ARG R 44 37.03 17.59 2.99
N TRP R 45 36.64 18.86 2.99
CA TRP R 45 35.66 19.32 3.97
C TRP R 45 34.48 18.39 3.80
N MET R 46 34.23 17.99 2.56
CA MET R 46 33.16 17.04 2.24
C MET R 46 33.93 15.80 1.80
N ASN R 47 33.97 14.79 2.67
CA ASN R 47 34.68 13.56 2.37
C ASN R 47 33.72 12.42 2.01
N ILE R 48 33.61 12.12 0.72
CA ILE R 48 32.71 11.06 0.26
C ILE R 48 33.43 9.71 0.33
N GLU R 49 33.11 8.92 1.36
CA GLU R 49 33.75 7.62 1.54
C GLU R 49 33.21 6.58 0.57
N ARG R 50 34.10 5.74 0.07
CA ARG R 50 33.74 4.70 -0.88
C ARG R 50 34.06 3.33 -0.31
N ARG R 51 33.12 2.39 -0.41
CA ARG R 51 33.33 1.04 0.09
C ARG R 51 32.66 -0.05 -0.74
N GLU R 52 33.44 -1.02 -1.17
CA GLU R 52 32.94 -2.15 -1.95
C GLU R 52 32.71 -3.35 -1.04
N ARG R 53 31.64 -4.09 -1.31
CA ARG R 53 31.32 -5.26 -0.51
C ARG R 53 31.20 -6.51 -1.39
N GLY R 54 31.67 -7.64 -0.88
CA GLY R 54 31.59 -8.88 -1.61
C GLY R 54 32.62 -9.12 -2.71
N THR R 55 32.40 -10.19 -3.45
CA THR R 55 33.28 -10.59 -4.54
C THR R 55 32.50 -10.79 -5.83
N TYR R 56 33.08 -10.42 -6.96
CA TYR R 56 32.45 -10.60 -8.26
C TYR R 56 31.97 -12.03 -8.34
N PRO R 57 30.80 -12.28 -8.96
CA PRO R 57 29.88 -11.34 -9.62
C PRO R 57 28.72 -10.81 -8.78
N ARG R 58 28.68 -11.15 -7.49
CA ARG R 58 27.59 -10.67 -6.66
C ARG R 58 28.11 -9.67 -5.62
N ASN R 59 28.77 -8.65 -6.14
CA ASN R 59 29.37 -7.60 -5.35
C ASN R 59 28.58 -6.30 -5.49
N ASP R 60 28.87 -5.34 -4.63
CA ASP R 60 28.22 -4.03 -4.72
C ASP R 60 29.11 -2.95 -4.15
N ILE R 61 28.59 -1.74 -4.08
CA ILE R 61 29.36 -0.63 -3.54
C ILE R 61 28.43 0.50 -3.13
N ASN R 62 28.76 1.16 -2.03
CA ASN R 62 27.95 2.26 -1.53
C ASN R 62 28.83 3.44 -1.12
N TYR R 63 28.24 4.61 -1.01
CA TYR R 63 29.00 5.80 -0.68
C TYR R 63 28.40 6.55 0.49
N ARG R 64 29.25 7.24 1.24
CA ARG R 64 28.80 7.98 2.40
C ARG R 64 29.28 9.43 2.40
N PRO R 65 28.43 10.36 1.95
CA PRO R 65 28.90 11.74 1.97
C PRO R 65 29.20 12.07 3.44
N THR R 66 30.43 12.50 3.73
CA THR R 66 30.82 12.80 5.10
C THR R 66 31.37 14.21 5.34
N PRO R 67 30.50 15.15 5.75
CA PRO R 67 30.96 16.52 6.01
C PRO R 67 31.30 16.60 7.51
N CYS R 68 31.18 17.78 8.09
CA CYS R 68 31.45 17.92 9.52
C CYS R 68 30.18 17.49 10.23
N MET R 69 30.32 16.81 11.36
CA MET R 69 29.15 16.34 12.11
C MET R 69 28.46 17.44 12.91
N HIS R 70 29.19 18.50 13.23
CA HIS R 70 28.65 19.63 14.00
C HIS R 70 27.89 19.11 15.21
N CYS R 71 28.43 18.07 15.84
CA CYS R 71 27.77 17.44 16.98
C CYS R 71 27.46 18.38 18.14
N GLU R 72 26.33 18.11 18.78
CA GLU R 72 25.82 18.90 19.90
C GLU R 72 26.75 18.94 21.12
N ASN R 73 27.57 17.89 21.28
CA ASN R 73 28.52 17.78 22.37
C ASN R 73 29.91 17.75 21.73
N ALA R 74 30.24 18.82 21.02
CA ALA R 74 31.51 18.92 20.30
C ALA R 74 32.81 18.84 21.10
N PRO R 75 33.61 17.80 20.87
CA PRO R 75 34.89 17.59 21.57
C PRO R 75 35.89 18.72 21.30
N CYS R 76 35.93 19.25 20.08
CA CYS R 76 36.88 20.31 19.82
C CYS R 76 36.48 21.64 20.41
N VAL R 77 35.20 21.80 20.68
CA VAL R 77 34.77 23.05 21.28
C VAL R 77 35.23 22.95 22.74
N ALA R 78 35.01 21.78 23.33
CA ALA R 78 35.39 21.53 24.72
C ALA R 78 36.88 21.67 24.96
N LYS R 79 37.67 21.24 23.98
CA LYS R 79 39.11 21.30 24.10
C LYS R 79 39.76 22.15 23.03
N GLY R 80 39.02 23.17 22.59
CA GLY R 80 39.51 24.08 21.57
C GLY R 80 40.15 25.31 22.16
N ASN R 81 39.89 25.56 23.45
CA ASN R 81 40.47 26.70 24.13
C ASN R 81 39.96 28.02 23.54
N GLY R 82 38.71 28.04 23.12
CA GLY R 82 38.14 29.26 22.55
C GLY R 82 38.39 29.42 21.06
N ALA R 83 39.11 28.48 20.46
CA ALA R 83 39.42 28.53 19.04
C ALA R 83 38.27 28.00 18.18
N VAL R 84 37.41 27.19 18.79
CA VAL R 84 36.26 26.62 18.10
C VAL R 84 35.01 26.94 18.94
N TYR R 85 33.96 27.45 18.31
CA TYR R 85 32.77 27.73 19.09
C TYR R 85 31.51 27.10 18.49
N GLN R 86 30.46 27.04 19.30
CA GLN R 86 29.19 26.46 18.89
C GLN R 86 28.14 27.56 18.86
N ARG R 87 27.33 27.60 17.81
CA ARG R 87 26.29 28.62 17.73
C ARG R 87 24.97 28.09 18.24
N GLU R 88 24.02 29.00 18.44
CA GLU R 88 22.70 28.62 18.93
C GLU R 88 21.96 27.72 17.96
N ASP R 89 22.18 27.92 16.66
CA ASP R 89 21.51 27.11 15.66
C ASP R 89 22.23 25.78 15.41
N GLY R 90 23.19 25.46 16.27
CA GLY R 90 23.90 24.20 16.14
C GLY R 90 25.19 24.15 15.33
N ILE R 91 25.40 25.13 14.46
CA ILE R 91 26.62 25.12 13.66
C ILE R 91 27.86 25.31 14.50
N VAL R 92 28.83 24.40 14.32
CA VAL R 92 30.11 24.46 15.03
C VAL R 92 31.11 25.13 14.10
N LEU R 93 31.64 26.27 14.52
CA LEU R 93 32.59 27.01 13.70
C LEU R 93 33.96 27.25 14.31
N ILE R 94 34.99 27.14 13.48
CA ILE R 94 36.36 27.40 13.89
C ILE R 94 36.61 28.90 13.69
N ASP R 95 37.08 29.58 14.74
CA ASP R 95 37.39 31.00 14.63
C ASP R 95 38.63 31.06 13.73
N PRO R 96 38.48 31.62 12.51
CA PRO R 96 39.57 31.74 11.54
C PRO R 96 40.86 32.37 12.10
N GLU R 97 40.69 33.35 12.98
CA GLU R 97 41.86 34.02 13.55
C GLU R 97 42.40 33.34 14.81
N LYS R 98 41.57 33.20 15.84
CA LYS R 98 42.00 32.57 17.09
C LYS R 98 42.66 31.21 16.89
N ALA R 99 42.31 30.53 15.80
CA ALA R 99 42.85 29.20 15.55
C ALA R 99 44.14 29.18 14.73
N LYS R 100 44.65 30.34 14.34
CA LYS R 100 45.88 30.37 13.56
C LYS R 100 47.07 29.88 14.39
N GLY R 101 47.88 29.01 13.79
CA GLY R 101 49.05 28.49 14.48
C GLY R 101 48.81 27.25 15.33
N LYS R 102 47.56 26.79 15.40
CA LYS R 102 47.26 25.63 16.23
C LYS R 102 46.92 24.32 15.50
N LYS R 103 47.96 23.54 15.18
CA LYS R 103 47.78 22.26 14.49
C LYS R 103 47.15 21.20 15.38
N GLU R 104 47.24 21.40 16.70
CA GLU R 104 46.70 20.43 17.65
C GLU R 104 45.19 20.30 17.60
N LEU R 105 44.53 21.30 17.03
CA LEU R 105 43.07 21.28 16.93
C LEU R 105 42.57 20.08 16.14
N LEU R 106 43.38 19.62 15.19
CA LEU R 106 42.99 18.49 14.36
C LEU R 106 42.79 17.23 15.19
N ASP R 107 43.54 17.13 16.28
CA ASP R 107 43.47 15.95 17.14
C ASP R 107 42.26 15.95 18.09
N THR R 108 41.58 17.08 18.20
CA THR R 108 40.42 17.15 19.08
C THR R 108 39.19 16.55 18.42
N CYS R 109 39.33 16.20 17.14
CA CYS R 109 38.21 15.63 16.39
C CYS R 109 38.20 14.10 16.33
N PRO R 110 37.11 13.48 16.79
CA PRO R 110 37.07 12.01 16.75
C PRO R 110 36.76 11.58 15.32
N TYR R 111 36.19 12.49 14.53
CA TYR R 111 35.83 12.17 13.15
C TYR R 111 36.88 12.47 12.08
N GLY R 112 37.79 13.40 12.36
CA GLY R 112 38.82 13.73 11.40
C GLY R 112 38.32 14.54 10.23
N VAL R 113 37.47 15.51 10.49
CA VAL R 113 36.92 16.33 9.43
C VAL R 113 37.67 17.64 9.21
N MET R 114 38.63 17.96 10.08
CA MET R 114 39.37 19.19 9.88
C MET R 114 40.73 18.98 9.23
N TYR R 115 41.10 19.91 8.35
CA TYR R 115 42.35 19.82 7.63
C TYR R 115 43.27 21.00 7.89
N TRP R 116 44.58 20.76 7.83
CA TRP R 116 45.54 21.83 8.06
C TRP R 116 45.91 22.57 6.79
N ASN R 117 45.60 23.86 6.76
CA ASN R 117 45.92 24.69 5.60
C ASN R 117 47.35 25.24 5.81
N GLU R 118 48.28 24.81 4.95
CA GLU R 118 49.68 25.23 5.05
C GLU R 118 49.88 26.73 4.87
N GLU R 119 49.26 27.30 3.83
CA GLU R 119 49.40 28.72 3.55
C GLU R 119 48.82 29.61 4.64
N GLU R 120 47.62 29.26 5.12
CA GLU R 120 46.96 30.05 6.16
C GLU R 120 47.39 29.64 7.57
N ASN R 121 48.19 28.59 7.69
CA ASN R 121 48.62 28.13 9.01
C ASN R 121 47.43 28.08 9.97
N VAL R 122 46.45 27.23 9.65
CA VAL R 122 45.27 27.12 10.50
C VAL R 122 44.44 25.90 10.11
N ALA R 123 43.63 25.44 11.06
CA ALA R 123 42.77 24.30 10.84
C ALA R 123 41.51 24.77 10.13
N GLN R 124 41.08 23.98 9.16
CA GLN R 124 39.88 24.32 8.42
C GLN R 124 38.98 23.11 8.32
N LYS R 125 37.70 23.37 8.13
CA LYS R 125 36.74 22.29 7.99
C LYS R 125 35.37 22.84 7.67
N CYS R 126 34.44 21.91 7.50
CA CYS R 126 33.06 22.22 7.21
C CYS R 126 32.45 23.36 7.99
N THR R 127 31.88 24.33 7.30
CA THR R 127 31.24 25.47 7.95
C THR R 127 29.73 25.42 7.75
N MET R 128 29.28 24.46 6.95
CA MET R 128 27.87 24.30 6.63
C MET R 128 27.42 25.62 6.01
N CYS R 129 28.31 26.20 5.20
CA CYS R 129 28.12 27.51 4.57
C CYS R 129 27.25 28.42 5.41
N ALA R 130 27.70 28.63 6.65
CA ALA R 130 26.99 29.52 7.57
C ALA R 130 26.88 30.90 6.94
N HIS R 131 27.92 31.31 6.21
CA HIS R 131 27.90 32.63 5.57
C HIS R 131 26.74 32.72 4.58
N LEU R 132 26.34 31.58 4.03
CA LEU R 132 25.23 31.55 3.11
C LEU R 132 23.94 31.45 3.91
N LEU R 133 23.96 30.61 4.94
CA LEU R 133 22.78 30.43 5.78
C LEU R 133 22.43 31.73 6.49
N ASP R 134 23.43 32.58 6.71
CA ASP R 134 23.21 33.86 7.38
C ASP R 134 22.84 34.98 6.41
N ASP R 135 22.64 34.64 5.14
CA ASP R 135 22.30 35.66 4.16
C ASP R 135 20.98 35.36 3.45
N GLU R 136 20.02 36.26 3.62
CA GLU R 136 18.70 36.13 2.99
C GLU R 136 18.82 36.03 1.47
N SER R 137 19.72 36.82 0.91
CA SER R 137 19.94 36.86 -0.54
C SER R 137 20.14 35.47 -1.14
N TRP R 138 20.68 34.54 -0.34
CA TRP R 138 20.88 33.18 -0.80
C TRP R 138 19.51 32.53 -0.67
N ALA R 139 18.74 32.57 -1.75
CA ALA R 139 17.40 32.02 -1.81
C ALA R 139 17.27 30.53 -1.51
N PRO R 140 18.22 29.70 -1.97
CA PRO R 140 18.10 28.27 -1.68
C PRO R 140 18.03 27.94 -0.19
N LYS R 141 18.60 28.82 0.62
CA LYS R 141 18.62 28.64 2.07
C LYS R 141 19.13 27.27 2.52
N MET R 142 20.09 26.73 1.78
CA MET R 142 20.69 25.44 2.11
C MET R 142 22.15 25.48 1.68
N PRO R 143 22.98 24.57 2.23
CA PRO R 143 24.40 24.52 1.88
C PRO R 143 24.60 24.19 0.40
N ARG R 144 25.85 24.33 -0.06
CA ARG R 144 26.17 24.04 -1.45
C ARG R 144 26.01 22.56 -1.84
N CYS R 145 26.48 21.62 -1.02
CA CYS R 145 26.32 20.20 -1.41
C CYS R 145 24.88 19.90 -1.68
N ALA R 146 24.08 20.07 -0.63
CA ALA R 146 22.65 19.79 -0.68
C ALA R 146 21.99 20.38 -1.90
N HIS R 147 22.42 21.58 -2.28
CA HIS R 147 21.86 22.28 -3.43
C HIS R 147 22.40 21.74 -4.76
N ASN R 148 23.64 21.30 -4.77
CA ASN R 148 24.26 20.77 -5.98
C ASN R 148 23.81 19.34 -6.29
N CYS R 149 23.31 18.62 -5.28
CA CYS R 149 22.85 17.25 -5.53
C CYS R 149 21.90 17.16 -6.69
N GLY R 150 22.05 16.10 -7.45
CA GLY R 150 21.16 15.85 -8.57
C GLY R 150 20.54 14.49 -8.33
N SER R 151 20.87 13.87 -7.19
CA SER R 151 20.37 12.54 -6.84
C SER R 151 19.47 12.46 -5.60
N PHE R 152 19.03 13.60 -5.09
CA PHE R 152 18.14 13.64 -3.93
C PHE R 152 18.65 12.87 -2.72
N VAL R 153 19.90 13.14 -2.35
CA VAL R 153 20.54 12.49 -1.22
C VAL R 153 20.37 13.31 0.06
N TYR R 154 20.38 14.64 -0.08
CA TYR R 154 20.29 15.53 1.06
C TYR R 154 18.94 16.10 1.46
N GLU R 155 18.74 16.22 2.77
CA GLU R 155 17.54 16.80 3.35
C GLU R 155 18.07 17.76 4.41
N PHE R 156 18.08 19.05 4.06
CA PHE R 156 18.56 20.06 4.97
C PHE R 156 17.36 20.77 5.59
N LEU R 157 17.28 20.75 6.91
CA LEU R 157 16.17 21.38 7.60
C LEU R 157 16.57 22.16 8.86
N LYS R 158 15.67 23.04 9.30
CA LYS R 158 15.89 23.83 10.50
C LYS R 158 14.63 23.66 11.34
N THR R 159 14.74 22.88 12.41
CA THR R 159 13.58 22.63 13.26
C THR R 159 13.95 22.49 14.74
N THR R 160 12.96 22.08 15.54
CA THR R 160 13.16 21.91 16.97
C THR R 160 13.78 20.55 17.22
N PRO R 161 14.47 20.39 18.36
CA PRO R 161 15.11 19.13 18.72
C PRO R 161 14.06 18.02 18.82
N GLU R 162 12.84 18.41 19.18
CA GLU R 162 11.73 17.47 19.32
C GLU R 162 11.31 16.90 17.98
N ALA R 163 11.10 17.78 17.00
CA ALA R 163 10.69 17.36 15.67
C ALA R 163 11.75 16.48 15.00
N MET R 164 13.03 16.75 15.29
CA MET R 164 14.11 15.97 14.71
C MET R 164 14.15 14.60 15.37
N ALA R 165 13.88 14.57 16.67
CA ALA R 165 13.89 13.31 17.41
C ALA R 165 12.80 12.40 16.85
N LYS R 166 11.68 13.01 16.46
CA LYS R 166 10.56 12.26 15.90
C LYS R 166 10.93 11.68 14.53
N LYS R 167 11.60 12.48 13.71
CA LYS R 167 12.02 12.07 12.38
C LYS R 167 13.08 10.96 12.46
N VAL R 168 13.93 11.03 13.48
CA VAL R 168 14.97 10.02 13.67
C VAL R 168 14.33 8.67 13.98
N GLU R 169 13.31 8.67 14.83
CA GLU R 169 12.65 7.42 15.18
C GLU R 169 11.81 6.86 14.03
N GLU R 170 11.05 7.72 13.37
CA GLU R 170 10.20 7.28 12.26
C GLU R 170 10.97 6.68 11.10
N GLU R 171 12.07 7.32 10.73
CA GLU R 171 12.87 6.86 9.60
C GLU R 171 14.04 5.94 9.92
N GLY R 172 14.27 5.67 11.21
CA GLY R 172 15.38 4.81 11.59
C GLY R 172 16.74 5.42 11.29
N LEU R 173 16.83 6.74 11.39
CA LEU R 173 18.07 7.46 11.11
C LEU R 173 19.18 7.10 12.09
N GLU R 174 20.42 7.18 11.61
CA GLU R 174 21.58 6.85 12.42
C GLU R 174 22.74 7.85 12.27
N VAL R 175 23.71 7.74 13.18
CA VAL R 175 24.88 8.62 13.14
C VAL R 175 26.14 7.77 13.14
N ILE R 176 27.27 8.40 12.84
CA ILE R 176 28.55 7.72 12.82
C ILE R 176 29.10 7.70 14.24
N LYS R 177 29.64 6.57 14.67
CA LYS R 177 30.21 6.44 16.00
C LYS R 177 29.29 6.96 17.11
N PRO R 178 28.12 6.33 17.25
CA PRO R 178 27.15 6.72 18.28
C PRO R 178 27.76 6.57 19.68
N GLU R 179 28.63 5.57 19.82
CA GLU R 179 29.28 5.27 21.08
C GLU R 179 30.05 6.42 21.75
N LEU R 180 30.55 7.37 20.96
CA LEU R 180 31.31 8.49 21.50
C LEU R 180 30.52 9.52 22.29
N GLY R 181 29.23 9.63 21.99
CA GLY R 181 28.37 10.56 22.70
C GLY R 181 28.40 12.02 22.27
N THR R 182 29.01 12.32 21.13
CA THR R 182 29.10 13.70 20.65
C THR R 182 27.77 14.19 20.06
N LYS R 183 26.92 13.24 19.68
CA LYS R 183 25.61 13.56 19.12
C LYS R 183 25.66 14.40 17.84
N PRO R 184 26.10 13.80 16.73
CA PRO R 184 26.18 14.49 15.44
C PRO R 184 24.79 14.98 15.04
N ARG R 185 24.74 16.08 14.28
CA ARG R 185 23.46 16.59 13.81
C ARG R 185 23.35 16.31 12.32
N VAL R 186 24.16 15.37 11.86
CA VAL R 186 24.16 14.95 10.47
C VAL R 186 23.76 13.48 10.55
N TYR R 187 22.56 13.17 10.08
CA TYR R 187 22.08 11.79 10.15
C TYR R 187 22.17 11.05 8.82
N TYR R 188 22.23 9.73 8.93
CA TYR R 188 22.33 8.88 7.75
C TYR R 188 21.18 7.89 7.64
N LYS R 189 20.56 7.87 6.45
CA LYS R 189 19.46 6.98 6.13
C LYS R 189 20.10 5.80 5.40
N ASN R 190 19.64 4.58 5.67
CA ASN R 190 20.20 3.40 5.01
C ASN R 190 21.69 3.20 5.27
N LEU R 191 22.17 3.66 6.43
CA LEU R 191 23.59 3.53 6.78
C LEU R 191 24.11 2.10 6.80
N TYR R 192 23.20 1.13 6.82
CA TYR R 192 23.60 -0.29 6.83
C TYR R 192 24.31 -0.65 5.53
N ARG R 193 23.98 0.06 4.45
CA ARG R 193 24.60 -0.19 3.15
C ARG R 193 26.11 -0.02 3.28
N PHE R 194 26.50 0.95 4.08
CA PHE R 194 27.90 1.26 4.28
C PHE R 194 28.54 0.50 5.45
N GLU R 195 27.83 0.42 6.58
CA GLU R 195 28.40 -0.23 7.76
C GLU R 195 28.18 -1.73 7.96
N LYS R 196 27.18 -2.30 7.31
CA LYS R 196 26.93 -3.72 7.48
C LYS R 196 27.31 -4.53 6.25
N ASN R 197 26.99 -5.82 6.30
CA ASN R 197 27.29 -6.71 5.21
C ASN R 197 26.09 -7.57 4.86
N TYR R 198 26.27 -8.46 3.89
CA TYR R 198 25.19 -9.33 3.45
C TYR R 198 25.71 -10.67 2.99
N VAL R 199 24.79 -11.60 2.77
CA VAL R 199 25.12 -12.92 2.26
C VAL R 199 24.14 -13.15 1.13
N THR R 200 24.65 -13.62 0.00
CA THR R 200 23.81 -13.84 -1.15
C THR R 200 24.21 -15.13 -1.87
N ALA R 201 23.42 -15.50 -2.88
CA ALA R 201 23.69 -16.71 -3.64
C ALA R 201 22.72 -16.83 -4.80
N GLY R 202 22.89 -17.89 -5.57
CA GLY R 202 22.02 -18.13 -6.71
C GLY R 202 21.63 -19.59 -6.73
N ILE R 203 20.33 -19.86 -6.63
CA ILE R 203 19.87 -21.24 -6.62
C ILE R 203 19.47 -21.73 -8.02
N LEU R 204 20.04 -22.86 -8.42
CA LEU R 204 19.70 -23.44 -9.71
C LEU R 204 18.99 -24.77 -9.52
N VAL R 205 17.93 -24.98 -10.29
CA VAL R 205 17.20 -26.24 -10.21
C VAL R 205 17.30 -26.90 -11.58
N GLN R 206 17.84 -28.12 -11.58
CA GLN R 206 18.05 -28.86 -12.81
C GLN R 206 18.63 -28.00 -13.93
N GLY R 207 19.66 -27.23 -13.58
CA GLY R 207 20.34 -26.40 -14.56
C GLY R 207 19.81 -25.00 -14.82
N ASP R 208 18.66 -24.64 -14.27
CA ASP R 208 18.14 -23.31 -14.52
C ASP R 208 17.86 -22.50 -13.25
N CYS R 209 17.89 -21.17 -13.39
CA CYS R 209 17.66 -20.29 -12.26
C CYS R 209 16.25 -20.59 -11.72
N PHE R 210 16.17 -20.83 -10.42
CA PHE R 210 14.89 -21.15 -9.80
C PHE R 210 14.24 -19.98 -9.06
N GLU R 211 13.06 -19.59 -9.51
CA GLU R 211 12.32 -18.48 -8.94
C GLU R 211 11.32 -18.97 -7.89
N GLY R 212 11.27 -18.29 -6.76
CA GLY R 212 10.34 -18.70 -5.72
C GLY R 212 10.88 -19.67 -4.67
N ALA R 213 12.14 -20.06 -4.79
CA ALA R 213 12.72 -20.95 -3.78
C ALA R 213 12.57 -20.18 -2.47
N LYS R 214 12.33 -20.89 -1.38
CA LYS R 214 12.17 -20.22 -0.09
C LYS R 214 13.48 -20.23 0.69
N VAL R 215 13.98 -19.03 0.99
CA VAL R 215 15.24 -18.89 1.70
C VAL R 215 15.06 -18.32 3.11
N VAL R 216 15.71 -18.96 4.08
CA VAL R 216 15.64 -18.56 5.48
C VAL R 216 17.04 -18.32 6.07
N LEU R 217 17.19 -17.22 6.79
CA LEU R 217 18.46 -16.88 7.43
C LEU R 217 18.34 -17.01 8.94
N LYS R 218 19.25 -17.79 9.54
CA LYS R 218 19.20 -17.99 10.99
C LYS R 218 20.50 -17.70 11.72
N SER R 219 20.35 -17.33 13.00
CA SER R 219 21.47 -17.06 13.88
C SER R 219 21.07 -17.61 15.24
N GLY R 220 21.89 -18.50 15.77
CA GLY R 220 21.58 -19.10 17.06
C GLY R 220 20.52 -20.17 16.92
N GLY R 221 19.89 -20.23 15.76
CA GLY R 221 18.86 -21.23 15.52
C GLY R 221 17.50 -20.62 15.30
N LYS R 222 17.38 -19.29 15.42
CA LYS R 222 16.11 -18.64 15.21
C LYS R 222 16.13 -17.70 14.01
N GLU R 223 15.11 -17.79 13.18
CA GLU R 223 15.00 -16.99 11.97
C GLU R 223 15.29 -15.49 12.19
N VAL R 224 16.17 -14.97 11.34
CA VAL R 224 16.58 -13.57 11.39
C VAL R 224 16.04 -12.81 10.17
N ALA R 225 15.77 -13.54 9.10
CA ALA R 225 15.25 -12.96 7.87
C ALA R 225 14.82 -14.05 6.91
N SER R 226 13.99 -13.68 5.95
CA SER R 226 13.51 -14.65 4.96
C SER R 226 13.09 -13.96 3.68
N ALA R 227 13.12 -14.70 2.58
CA ALA R 227 12.75 -14.15 1.29
C ALA R 227 12.63 -15.24 0.24
N GLU R 228 12.06 -14.89 -0.91
CA GLU R 228 11.93 -15.85 -2.00
C GLU R 228 12.83 -15.39 -3.14
N THR R 229 13.54 -16.33 -3.75
CA THR R 229 14.44 -16.01 -4.85
C THR R 229 13.72 -15.41 -6.04
N ASN R 230 14.39 -14.48 -6.73
CA ASN R 230 13.82 -13.83 -7.90
C ASN R 230 14.03 -14.71 -9.14
N PHE R 231 13.74 -14.19 -10.33
CA PHE R 231 13.87 -15.00 -11.53
C PHE R 231 15.30 -15.34 -11.97
N PHE R 232 16.30 -14.82 -11.25
CA PHE R 232 17.68 -15.15 -11.53
C PHE R 232 18.06 -16.17 -10.45
N GLY R 233 17.09 -16.45 -9.59
CA GLY R 233 17.27 -17.40 -8.50
C GLY R 233 18.09 -16.86 -7.33
N GLU R 234 18.22 -15.54 -7.24
CA GLU R 234 19.00 -14.94 -6.17
C GLU R 234 18.21 -14.34 -5.02
N PHE R 235 18.89 -14.23 -3.89
CA PHE R 235 18.32 -13.64 -2.68
C PHE R 235 19.42 -12.82 -2.03
N LYS R 236 19.05 -11.75 -1.32
CA LYS R 236 20.06 -10.92 -0.68
C LYS R 236 19.69 -10.41 0.71
N PHE R 237 20.39 -10.94 1.72
CA PHE R 237 20.17 -10.56 3.11
C PHE R 237 21.22 -9.54 3.55
N ASP R 238 20.85 -8.26 3.57
CA ASP R 238 21.77 -7.19 3.97
C ASP R 238 21.64 -6.83 5.47
N ALA R 239 22.29 -5.74 5.87
CA ALA R 239 22.28 -5.23 7.24
C ALA R 239 22.62 -6.26 8.30
N LEU R 240 23.56 -7.15 8.00
CA LEU R 240 23.96 -8.18 8.95
C LEU R 240 25.17 -7.78 9.79
N ASP R 241 25.09 -8.08 11.09
CA ASP R 241 26.18 -7.80 12.02
C ASP R 241 27.16 -8.98 11.92
N ASN R 242 28.40 -8.78 12.34
CA ASN R 242 29.37 -9.87 12.28
C ASN R 242 28.87 -11.03 13.13
N GLY R 243 29.32 -12.23 12.79
CA GLY R 243 28.91 -13.41 13.52
C GLY R 243 28.64 -14.57 12.59
N GLU R 244 28.10 -15.64 13.15
CA GLU R 244 27.79 -16.84 12.37
C GLU R 244 26.30 -16.98 12.12
N TYR R 245 25.96 -17.29 10.87
CA TYR R 245 24.57 -17.48 10.49
C TYR R 245 24.42 -18.77 9.70
N THR R 246 23.20 -19.25 9.59
CA THR R 246 22.92 -20.45 8.81
C THR R 246 21.92 -20.07 7.73
N VAL R 247 22.14 -20.58 6.52
CA VAL R 247 21.22 -20.31 5.42
C VAL R 247 20.48 -21.60 5.07
N GLU R 248 19.17 -21.53 5.03
CA GLU R 248 18.37 -22.70 4.69
C GLU R 248 17.56 -22.42 3.43
N ILE R 249 17.63 -23.36 2.49
CA ILE R 249 16.92 -23.23 1.24
C ILE R 249 16.05 -24.44 0.95
N ASP R 250 14.79 -24.17 0.64
CA ASP R 250 13.85 -25.22 0.30
C ASP R 250 13.27 -24.87 -1.07
N ALA R 251 13.51 -25.73 -2.05
CA ALA R 251 13.01 -25.47 -3.39
C ALA R 251 12.78 -26.74 -4.18
N ASP R 252 11.68 -26.76 -4.93
CA ASP R 252 11.29 -27.88 -5.77
C ASP R 252 11.35 -29.24 -5.06
N GLY R 253 11.05 -29.22 -3.75
CA GLY R 253 11.06 -30.44 -2.97
C GLY R 253 12.42 -30.86 -2.41
N LYS R 254 13.45 -30.08 -2.70
CA LYS R 254 14.79 -30.38 -2.20
C LYS R 254 15.24 -29.35 -1.18
N SER R 255 16.08 -29.79 -0.24
CA SER R 255 16.57 -28.90 0.80
C SER R 255 18.07 -28.68 0.70
N TYR R 256 18.52 -27.61 1.34
CA TYR R 256 19.94 -27.25 1.36
C TYR R 256 20.18 -26.31 2.55
N SER R 257 21.32 -26.47 3.19
CA SER R 257 21.68 -25.60 4.32
C SER R 257 23.19 -25.49 4.44
N ASP R 258 23.65 -24.30 4.74
CA ASP R 258 25.08 -24.07 4.89
C ASP R 258 25.30 -22.91 5.86
N THR R 259 26.46 -22.91 6.51
CA THR R 259 26.80 -21.86 7.46
C THR R 259 27.60 -20.78 6.77
N VAL R 260 27.62 -19.60 7.37
CA VAL R 260 28.36 -18.49 6.81
C VAL R 260 28.85 -17.55 7.91
N VAL R 261 30.13 -17.20 7.82
CA VAL R 261 30.74 -16.30 8.80
C VAL R 261 30.82 -14.90 8.24
N ILE R 262 30.18 -13.96 8.93
CA ILE R 262 30.18 -12.56 8.53
C ILE R 262 31.20 -11.83 9.42
N ASP R 263 32.29 -11.38 8.82
CA ASP R 263 33.31 -10.65 9.57
C ASP R 263 33.77 -9.43 8.79
N ASP R 264 33.01 -8.34 8.89
CA ASP R 264 33.32 -7.11 8.18
C ASP R 264 33.52 -7.39 6.70
N LYS R 265 32.80 -8.39 6.21
CA LYS R 265 32.85 -8.79 4.81
C LYS R 265 31.52 -9.37 4.37
N SER R 266 31.17 -9.15 3.12
CA SER R 266 29.93 -9.70 2.58
C SER R 266 30.29 -10.98 1.82
N VAL R 267 29.45 -12.00 1.95
CA VAL R 267 29.71 -13.30 1.32
C VAL R 267 28.79 -13.69 0.16
N ASP R 268 29.39 -14.26 -0.88
CA ASP R 268 28.63 -14.76 -2.03
C ASP R 268 28.85 -16.25 -2.08
N LEU R 269 27.80 -17.02 -1.84
CA LEU R 269 27.90 -18.47 -1.84
C LEU R 269 27.90 -19.02 -3.27
N GLY R 270 27.69 -18.14 -4.23
CA GLY R 270 27.67 -18.56 -5.62
C GLY R 270 26.45 -19.37 -6.00
N PHE R 271 26.60 -20.17 -7.05
CA PHE R 271 25.51 -21.01 -7.53
C PHE R 271 25.29 -22.23 -6.64
N ILE R 272 24.03 -22.41 -6.23
CA ILE R 272 23.67 -23.55 -5.42
C ILE R 272 22.79 -24.43 -6.30
N LYS R 273 23.36 -25.56 -6.71
CA LYS R 273 22.67 -26.50 -7.58
C LYS R 273 21.86 -27.53 -6.82
N LEU R 274 20.54 -27.47 -6.97
CA LEU R 274 19.66 -28.41 -6.28
C LEU R 274 19.16 -29.50 -7.24
N MET S 1 -27.33 39.85 -66.42
CA MET S 1 -28.20 39.82 -67.63
C MET S 1 -29.55 40.52 -67.41
N GLY S 2 -30.08 40.45 -66.18
CA GLY S 2 -31.37 41.06 -65.89
C GLY S 2 -31.57 41.59 -64.48
N GLU S 3 -32.84 41.76 -64.11
CA GLU S 3 -33.20 42.29 -62.80
C GLU S 3 -33.39 41.21 -61.74
N VAL S 4 -33.62 41.65 -60.51
CA VAL S 4 -33.84 40.73 -59.39
C VAL S 4 -35.33 40.52 -59.22
N VAL S 5 -35.72 39.26 -59.03
CA VAL S 5 -37.13 38.91 -58.84
C VAL S 5 -37.34 38.27 -57.47
N ARG S 6 -38.50 38.55 -56.89
CA ARG S 6 -38.85 37.98 -55.59
C ARG S 6 -39.79 36.80 -55.81
N LEU S 7 -39.32 35.60 -55.53
CA LEU S 7 -40.14 34.41 -55.68
C LEU S 7 -40.48 33.83 -54.32
N THR S 8 -41.20 32.72 -54.33
CA THR S 8 -41.57 32.07 -53.08
C THR S 8 -41.20 30.60 -53.08
N ASN S 9 -40.93 30.10 -51.88
CA ASN S 9 -40.61 28.70 -51.67
C ASN S 9 -40.69 28.49 -50.16
N SER S 10 -40.33 27.30 -49.69
CA SER S 10 -40.41 27.05 -48.27
C SER S 10 -39.42 25.97 -47.87
N SER S 11 -39.41 25.64 -46.59
CA SER S 11 -38.52 24.63 -46.08
C SER S 11 -39.13 24.07 -44.82
N THR S 12 -38.40 23.16 -44.19
CA THR S 12 -38.85 22.55 -42.95
C THR S 12 -38.53 23.56 -41.85
N GLY S 13 -38.21 24.77 -42.28
CA GLY S 13 -37.89 25.85 -41.36
C GLY S 13 -38.80 27.04 -41.58
N GLY S 14 -39.77 26.89 -42.48
CA GLY S 14 -40.70 27.97 -42.75
C GLY S 14 -40.68 28.49 -44.17
N PRO S 15 -41.70 29.27 -44.57
CA PRO S 15 -41.75 29.83 -45.93
C PRO S 15 -40.70 30.93 -46.07
N VAL S 16 -40.21 31.14 -47.28
CA VAL S 16 -39.22 32.18 -47.52
C VAL S 16 -39.48 32.91 -48.81
N PHE S 17 -38.97 34.14 -48.88
CA PHE S 17 -39.06 34.93 -50.09
C PHE S 17 -37.69 34.73 -50.68
N VAL S 18 -37.64 34.28 -51.94
CA VAL S 18 -36.36 34.04 -52.58
C VAL S 18 -36.07 35.07 -53.66
N TYR S 19 -34.95 35.77 -53.51
CA TYR S 19 -34.56 36.78 -54.49
C TYR S 19 -33.61 36.15 -55.49
N VAL S 20 -34.02 36.18 -56.75
CA VAL S 20 -33.24 35.59 -57.83
C VAL S 20 -32.87 36.60 -58.91
N LYS S 21 -31.65 36.46 -59.42
CA LYS S 21 -31.15 37.34 -60.47
C LYS S 21 -30.18 36.58 -61.37
N ASP S 22 -30.48 36.55 -62.66
CA ASP S 22 -29.63 35.87 -63.61
C ASP S 22 -29.46 34.38 -63.31
N GLY S 23 -30.48 33.77 -62.72
CA GLY S 23 -30.43 32.35 -62.40
C GLY S 23 -29.68 31.95 -61.14
N LYS S 24 -29.39 32.92 -60.28
CA LYS S 24 -28.66 32.64 -59.05
C LYS S 24 -29.40 33.23 -57.87
N ILE S 25 -29.48 32.46 -56.79
CA ILE S 25 -30.17 32.93 -55.61
C ILE S 25 -29.27 33.88 -54.86
N ILE S 26 -29.81 35.05 -54.52
CA ILE S 26 -29.06 36.07 -53.81
C ILE S 26 -29.35 36.02 -52.32
N ARG S 27 -30.62 35.86 -51.95
CA ARG S 27 -30.99 35.81 -50.54
C ARG S 27 -32.36 35.19 -50.29
N MET S 28 -32.57 34.75 -49.06
CA MET S 28 -33.83 34.13 -48.63
C MET S 28 -34.20 34.82 -47.31
N THR S 29 -35.48 35.11 -47.14
CA THR S 29 -35.90 35.80 -45.93
C THR S 29 -37.32 35.44 -45.54
N PRO S 30 -37.70 35.77 -44.29
CA PRO S 30 -39.04 35.52 -43.76
C PRO S 30 -40.02 36.30 -44.63
N MET S 31 -41.31 36.01 -44.49
CA MET S 31 -42.32 36.68 -45.29
C MET S 31 -43.08 37.79 -44.57
N ASP S 32 -42.93 39.00 -45.08
CA ASP S 32 -43.66 40.14 -44.60
C ASP S 32 -45.03 40.24 -45.25
N PHE S 33 -46.08 40.38 -44.49
CA PHE S 33 -47.41 40.42 -45.08
C PHE S 33 -47.72 41.80 -45.68
N ASP S 34 -48.53 41.79 -46.74
CA ASP S 34 -48.95 43.02 -47.39
C ASP S 34 -50.43 43.18 -47.09
N ASP S 35 -50.73 43.94 -46.04
CA ASP S 35 -52.10 44.15 -45.59
C ASP S 35 -53.07 44.63 -46.66
N ALA S 36 -52.58 44.87 -47.88
CA ALA S 36 -53.45 45.32 -48.95
C ALA S 36 -54.02 44.14 -49.73
N VAL S 37 -53.47 42.94 -49.50
CA VAL S 37 -53.95 41.74 -50.19
C VAL S 37 -54.01 40.54 -49.26
N ASP S 38 -53.38 40.66 -48.08
CA ASP S 38 -53.36 39.57 -47.11
C ASP S 38 -54.33 39.77 -45.95
N ALA S 39 -55.25 38.83 -45.81
CA ALA S 39 -56.29 38.84 -44.78
C ALA S 39 -55.77 39.22 -43.39
N PRO S 40 -56.59 39.93 -42.61
CA PRO S 40 -56.19 40.33 -41.25
C PRO S 40 -55.87 39.09 -40.42
N SER S 41 -55.37 39.31 -39.22
CA SER S 41 -55.02 38.21 -38.34
C SER S 41 -56.06 38.06 -37.23
N TRP S 42 -56.06 36.89 -36.58
CA TRP S 42 -56.98 36.64 -35.48
C TRP S 42 -56.62 37.55 -34.30
N LYS S 43 -57.56 37.66 -33.35
CA LYS S 43 -57.37 38.48 -32.16
C LYS S 43 -57.89 37.71 -30.94
N ILE S 44 -57.24 37.86 -29.80
CA ILE S 44 -57.68 37.18 -28.59
C ILE S 44 -57.76 38.14 -27.41
N GLU S 45 -58.97 38.37 -26.91
CA GLU S 45 -59.15 39.26 -25.78
C GLU S 45 -59.07 38.45 -24.49
N ALA S 46 -58.06 38.71 -23.68
CA ALA S 46 -57.91 37.96 -22.43
C ALA S 46 -57.36 38.81 -21.29
N ARG S 47 -57.97 38.64 -20.13
CA ARG S 47 -57.54 39.35 -18.94
C ARG S 47 -57.25 40.84 -19.20
N GLY S 48 -58.24 41.54 -19.72
CA GLY S 48 -58.10 42.96 -19.98
C GLY S 48 -57.12 43.39 -21.05
N LYS S 49 -56.72 42.48 -21.93
CA LYS S 49 -55.78 42.82 -22.99
C LYS S 49 -56.18 42.18 -24.30
N THR S 50 -55.61 42.68 -25.39
CA THR S 50 -55.90 42.14 -26.72
C THR S 50 -54.59 41.71 -27.37
N PHE S 51 -54.52 40.43 -27.72
CA PHE S 51 -53.33 39.88 -28.33
C PHE S 51 -53.59 39.53 -29.79
N THR S 52 -52.65 39.89 -30.64
CA THR S 52 -52.74 39.62 -32.07
C THR S 52 -51.31 39.41 -32.53
N PRO S 53 -51.09 38.45 -33.43
CA PRO S 53 -49.74 38.17 -33.93
C PRO S 53 -49.17 39.18 -34.92
N PRO S 54 -47.84 39.19 -35.08
CA PRO S 54 -47.14 40.10 -35.99
C PRO S 54 -47.49 39.76 -37.43
N ARG S 55 -47.58 40.77 -38.28
CA ARG S 55 -47.91 40.58 -39.68
C ARG S 55 -46.69 40.04 -40.40
N LYS S 56 -46.14 38.94 -39.89
CA LYS S 56 -44.94 38.36 -40.48
C LYS S 56 -44.78 36.88 -40.11
N THR S 57 -43.93 36.17 -40.85
CA THR S 57 -43.67 34.78 -40.55
C THR S 57 -42.25 34.72 -39.99
N SER S 58 -41.77 33.53 -39.69
CA SER S 58 -40.44 33.39 -39.12
C SER S 58 -39.77 32.14 -39.67
N ILE S 59 -38.46 32.07 -39.50
CA ILE S 59 -37.71 30.92 -39.98
C ILE S 59 -36.69 30.50 -38.93
N ALA S 60 -36.23 29.27 -39.04
CA ALA S 60 -35.25 28.72 -38.11
C ALA S 60 -33.85 28.97 -38.69
N PRO S 61 -32.80 28.80 -37.88
CA PRO S 61 -31.43 29.02 -38.34
C PRO S 61 -31.06 28.26 -39.63
N TYR S 62 -31.36 26.96 -39.68
CA TYR S 62 -31.02 26.17 -40.85
C TYR S 62 -31.62 26.63 -42.16
N THR S 63 -32.71 27.37 -42.10
CA THR S 63 -33.35 27.88 -43.31
C THR S 63 -32.68 29.21 -43.67
N ALA S 64 -32.25 29.94 -42.65
CA ALA S 64 -31.60 31.24 -42.85
C ALA S 64 -30.32 31.10 -43.67
N GLY S 65 -29.64 29.97 -43.55
CA GLY S 65 -28.42 29.75 -44.30
C GLY S 65 -28.56 28.58 -45.25
N PHE S 66 -29.78 28.28 -45.66
CA PHE S 66 -30.02 27.15 -46.54
C PHE S 66 -29.29 27.25 -47.89
N LYS S 67 -29.16 28.48 -48.39
CA LYS S 67 -28.49 28.71 -49.67
C LYS S 67 -27.13 28.02 -49.71
N SER S 68 -26.42 28.03 -48.58
CA SER S 68 -25.12 27.40 -48.50
C SER S 68 -25.24 25.88 -48.67
N MET S 69 -26.45 25.36 -48.61
CA MET S 69 -26.66 23.93 -48.77
C MET S 69 -26.98 23.61 -50.22
N ILE S 70 -27.72 24.51 -50.87
CA ILE S 70 -28.08 24.33 -52.27
C ILE S 70 -26.84 24.31 -53.15
N TYR S 71 -25.89 25.19 -52.84
CA TYR S 71 -24.64 25.31 -53.61
C TYR S 71 -23.45 24.66 -52.92
N SER S 72 -23.71 23.65 -52.09
CA SER S 72 -22.66 22.96 -51.36
C SER S 72 -21.70 22.21 -52.28
N ASP S 73 -20.42 22.24 -51.96
CA ASP S 73 -19.42 21.53 -52.75
C ASP S 73 -19.57 20.03 -52.51
N LEU S 74 -20.31 19.66 -51.47
CA LEU S 74 -20.56 18.26 -51.14
C LEU S 74 -21.84 17.78 -51.80
N ARG S 75 -22.42 18.66 -52.61
CA ARG S 75 -23.63 18.34 -53.36
C ARG S 75 -23.19 17.25 -54.36
N ILE S 76 -23.99 16.21 -54.53
CA ILE S 76 -23.61 15.14 -55.47
C ILE S 76 -23.59 15.74 -56.87
N PRO S 77 -22.41 15.77 -57.50
CA PRO S 77 -22.13 16.31 -58.83
C PRO S 77 -22.84 15.70 -60.02
N TYR S 78 -22.89 14.37 -60.05
CA TYR S 78 -23.49 13.65 -61.17
C TYR S 78 -23.58 12.18 -60.80
N PRO S 79 -24.19 11.34 -61.66
CA PRO S 79 -24.30 9.91 -61.37
C PRO S 79 -22.93 9.32 -61.09
N MET S 80 -22.85 8.54 -60.01
CA MET S 80 -21.60 7.94 -59.63
C MET S 80 -21.68 6.41 -59.51
N LYS S 81 -20.55 5.77 -59.73
CA LYS S 81 -20.45 4.31 -59.65
C LYS S 81 -19.22 3.98 -58.82
N ARG S 82 -19.25 2.85 -58.11
CA ARG S 82 -18.10 2.43 -57.30
C ARG S 82 -17.16 1.67 -58.25
N LYS S 83 -15.93 2.16 -58.39
CA LYS S 83 -14.94 1.54 -59.26
C LYS S 83 -14.78 0.04 -59.08
N SER S 84 -14.72 -0.41 -57.83
CA SER S 84 -14.55 -1.84 -57.56
C SER S 84 -15.80 -2.70 -57.77
N PHE S 85 -16.89 -2.09 -58.21
CA PHE S 85 -18.13 -2.81 -58.44
C PHE S 85 -18.40 -3.13 -59.93
N ASP S 86 -18.49 -4.40 -60.25
CA ASP S 86 -18.76 -4.83 -61.62
C ASP S 86 -19.99 -5.74 -61.63
N PRO S 87 -21.09 -5.26 -62.21
CA PRO S 87 -22.37 -5.99 -62.31
C PRO S 87 -22.21 -7.38 -62.93
N ASN S 88 -21.30 -7.50 -63.90
CA ASN S 88 -21.10 -8.76 -64.58
C ASN S 88 -19.81 -9.51 -64.24
N GLY S 89 -19.21 -9.17 -63.11
CA GLY S 89 -17.98 -9.83 -62.69
C GLY S 89 -17.90 -9.83 -61.18
N GLU S 90 -16.77 -9.39 -60.65
CA GLU S 90 -16.58 -9.31 -59.20
C GLU S 90 -17.28 -8.07 -58.69
N ARG S 91 -18.21 -8.27 -57.76
CA ARG S 91 -18.95 -7.14 -57.20
C ARG S 91 -18.24 -6.59 -55.97
N ASN S 92 -17.32 -7.37 -55.44
CA ASN S 92 -16.54 -7.00 -54.26
C ASN S 92 -17.37 -6.29 -53.20
N PRO S 93 -18.32 -6.99 -52.59
CA PRO S 93 -19.18 -6.40 -51.55
C PRO S 93 -18.34 -5.89 -50.38
N GLN S 94 -17.26 -6.59 -50.10
CA GLN S 94 -16.39 -6.23 -48.98
C GLN S 94 -15.63 -4.93 -49.18
N LEU S 95 -15.77 -4.30 -50.35
CA LEU S 95 -15.07 -3.05 -50.61
C LEU S 95 -15.95 -1.81 -50.47
N ARG S 96 -17.23 -2.00 -50.17
CA ARG S 96 -18.11 -0.85 -50.01
C ARG S 96 -17.58 -0.06 -48.81
N GLY S 97 -17.41 1.23 -49.00
CA GLY S 97 -16.90 2.08 -47.93
C GLY S 97 -15.40 1.91 -47.71
N ALA S 98 -14.71 1.34 -48.70
CA ALA S 98 -13.27 1.14 -48.58
C ALA S 98 -12.55 2.49 -48.56
N GLY S 99 -13.05 3.43 -49.36
CA GLY S 99 -12.46 4.75 -49.41
C GLY S 99 -12.69 5.50 -48.12
N LEU S 100 -13.80 5.20 -47.48
CA LEU S 100 -14.14 5.83 -46.21
C LEU S 100 -13.16 5.29 -45.19
N SER S 101 -12.92 3.98 -45.23
CA SER S 101 -12.00 3.32 -44.31
C SER S 101 -10.57 3.81 -44.51
N LYS S 102 -10.36 4.65 -45.50
CA LYS S 102 -9.02 5.17 -45.76
C LYS S 102 -9.07 6.70 -45.86
N GLN S 103 -10.12 7.27 -45.28
CA GLN S 103 -10.31 8.71 -45.24
C GLN S 103 -10.34 9.41 -46.59
N ASP S 104 -10.85 8.74 -47.62
CA ASP S 104 -10.96 9.35 -48.94
C ASP S 104 -12.14 8.76 -49.71
N PRO S 105 -13.36 9.07 -49.26
CA PRO S 105 -14.60 8.59 -49.87
C PRO S 105 -14.66 8.79 -51.38
N TRP S 106 -14.56 10.04 -51.82
CA TRP S 106 -14.63 10.37 -53.25
C TRP S 106 -13.82 9.46 -54.15
N SER S 107 -12.67 8.99 -53.66
CA SER S 107 -11.79 8.14 -54.45
C SER S 107 -12.37 6.78 -54.83
N ASP S 108 -13.47 6.38 -54.19
CA ASP S 108 -14.09 5.09 -54.50
C ASP S 108 -14.96 5.11 -55.74
N TYR S 109 -15.38 6.29 -56.16
CA TYR S 109 -16.27 6.41 -57.30
C TYR S 109 -15.73 7.06 -58.58
N GLU S 110 -16.39 6.73 -59.68
CA GLU S 110 -16.05 7.28 -60.99
C GLU S 110 -17.36 7.79 -61.56
N ARG S 111 -17.27 8.71 -62.51
CA ARG S 111 -18.44 9.31 -63.13
C ARG S 111 -19.05 8.46 -64.24
N ILE S 112 -20.38 8.44 -64.29
CA ILE S 112 -21.13 7.70 -65.30
C ILE S 112 -22.37 8.54 -65.65
N SER S 113 -22.94 8.30 -66.83
CA SER S 113 -24.11 9.03 -67.30
C SER S 113 -25.41 8.54 -66.67
N TRP S 114 -26.46 9.35 -66.79
CA TRP S 114 -27.77 8.99 -66.25
C TRP S 114 -28.28 7.74 -66.93
N ASP S 115 -28.09 7.69 -68.26
CA ASP S 115 -28.53 6.56 -69.07
C ASP S 115 -27.88 5.24 -68.65
N GLU S 116 -26.58 5.26 -68.36
CA GLU S 116 -25.88 4.04 -67.96
C GLU S 116 -26.16 3.67 -66.49
N ALA S 117 -26.34 4.68 -65.64
CA ALA S 117 -26.62 4.44 -64.23
C ALA S 117 -27.95 3.70 -64.09
N THR S 118 -28.98 4.27 -64.70
CA THR S 118 -30.32 3.70 -64.68
C THR S 118 -30.43 2.34 -65.41
N ASP S 119 -29.56 2.10 -66.38
CA ASP S 119 -29.60 0.83 -67.09
C ASP S 119 -29.07 -0.26 -66.16
N ILE S 120 -28.10 0.12 -65.32
CA ILE S 120 -27.52 -0.80 -64.38
C ILE S 120 -28.54 -1.18 -63.31
N VAL S 121 -29.19 -0.19 -62.71
CA VAL S 121 -30.19 -0.43 -61.68
C VAL S 121 -31.37 -1.25 -62.19
N VAL S 122 -31.84 -0.93 -63.39
CA VAL S 122 -32.94 -1.64 -64.02
C VAL S 122 -32.54 -3.11 -64.21
N ALA S 123 -31.34 -3.33 -64.72
CA ALA S 123 -30.85 -4.69 -64.94
C ALA S 123 -30.88 -5.48 -63.64
N GLU S 124 -30.44 -4.87 -62.54
CA GLU S 124 -30.44 -5.54 -61.24
C GLU S 124 -31.86 -5.80 -60.75
N ILE S 125 -32.74 -4.82 -60.95
CA ILE S 125 -34.13 -4.95 -60.53
C ILE S 125 -34.84 -6.12 -61.23
N ASN S 126 -34.80 -6.15 -62.56
CA ASN S 126 -35.47 -7.21 -63.30
C ASN S 126 -34.83 -8.56 -63.05
N ARG S 127 -33.53 -8.58 -62.80
CA ARG S 127 -32.83 -9.83 -62.53
C ARG S 127 -33.31 -10.39 -61.20
N ILE S 128 -33.41 -9.52 -60.21
CA ILE S 128 -33.84 -9.91 -58.89
C ILE S 128 -35.32 -10.30 -58.83
N LYS S 129 -36.18 -9.51 -59.49
CA LYS S 129 -37.61 -9.80 -59.52
C LYS S 129 -37.94 -11.17 -60.13
N HIS S 130 -37.25 -11.55 -61.21
CA HIS S 130 -37.50 -12.84 -61.86
C HIS S 130 -36.84 -14.03 -61.16
N ALA S 131 -35.81 -13.75 -60.38
CA ALA S 131 -35.13 -14.82 -59.67
C ALA S 131 -35.63 -15.00 -58.23
N TYR S 132 -35.97 -13.89 -57.57
CA TYR S 132 -36.43 -13.94 -56.17
C TYR S 132 -37.76 -13.25 -55.88
N GLY S 133 -38.13 -12.27 -56.68
CA GLY S 133 -39.37 -11.56 -56.46
C GLY S 133 -39.14 -10.15 -55.95
N PRO S 134 -40.13 -9.26 -56.07
CA PRO S 134 -40.01 -7.87 -55.61
C PRO S 134 -39.58 -7.77 -54.15
N SER S 135 -40.12 -8.65 -53.30
CA SER S 135 -39.79 -8.62 -51.88
C SER S 135 -38.28 -8.66 -51.64
N ALA S 136 -37.50 -9.09 -52.63
CA ALA S 136 -36.05 -9.14 -52.45
C ALA S 136 -35.38 -7.78 -52.64
N ILE S 137 -36.16 -6.78 -53.05
CA ILE S 137 -35.67 -5.42 -53.25
C ILE S 137 -36.05 -4.60 -52.02
N LEU S 138 -35.06 -4.31 -51.17
CA LEU S 138 -35.29 -3.52 -49.97
C LEU S 138 -35.13 -2.04 -50.26
N SER S 139 -35.98 -1.23 -49.65
CA SER S 139 -35.92 0.20 -49.87
C SER S 139 -36.44 0.99 -48.68
N THR S 140 -35.78 2.11 -48.40
CA THR S 140 -36.20 2.97 -47.30
C THR S 140 -35.60 4.37 -47.36
N PRO S 141 -36.44 5.38 -47.09
CA PRO S 141 -35.97 6.76 -47.10
C PRO S 141 -35.78 7.03 -45.61
N SER S 142 -36.31 8.14 -45.14
CA SER S 142 -36.21 8.42 -43.72
C SER S 142 -37.32 9.33 -43.24
N SER S 143 -37.34 9.54 -41.93
CA SER S 143 -38.36 10.37 -41.32
C SER S 143 -38.59 11.71 -42.00
N HIS S 144 -37.52 12.47 -42.22
CA HIS S 144 -37.72 13.77 -42.83
C HIS S 144 -37.29 13.96 -44.26
N HIS S 145 -37.78 15.05 -44.85
CA HIS S 145 -37.54 15.30 -46.26
C HIS S 145 -37.69 16.79 -46.62
N MET S 146 -37.11 17.18 -47.74
CA MET S 146 -37.21 18.57 -48.22
C MET S 146 -38.69 18.90 -48.29
N TRP S 147 -39.05 20.10 -47.84
CA TRP S 147 -40.46 20.54 -47.86
C TRP S 147 -40.98 20.46 -49.29
N GLY S 148 -42.28 20.23 -49.42
CA GLY S 148 -42.91 20.12 -50.72
C GLY S 148 -43.84 18.90 -50.70
N ASN S 149 -45.14 19.15 -50.62
CA ASN S 149 -46.11 18.07 -50.55
C ASN S 149 -46.06 17.03 -51.69
N VAL S 150 -46.19 17.48 -52.93
CA VAL S 150 -46.17 16.55 -54.06
C VAL S 150 -44.89 15.73 -54.18
N GLY S 151 -43.75 16.32 -53.84
CA GLY S 151 -42.49 15.61 -53.94
C GLY S 151 -42.04 14.90 -52.68
N TYR S 152 -42.83 14.99 -51.60
CA TYR S 152 -42.47 14.35 -50.34
C TYR S 152 -42.39 12.83 -50.50
N ARG S 153 -41.77 12.17 -49.51
CA ARG S 153 -41.60 10.73 -49.53
C ARG S 153 -42.89 9.92 -49.40
N HIS S 154 -44.00 10.58 -49.06
CA HIS S 154 -45.29 9.90 -48.93
C HIS S 154 -45.99 9.96 -50.26
N SER S 155 -45.57 10.90 -51.11
CA SER S 155 -46.19 11.11 -52.40
C SER S 155 -45.44 10.46 -53.57
N THR S 156 -44.31 11.05 -53.94
CA THR S 156 -43.50 10.58 -55.07
C THR S 156 -42.81 9.25 -54.81
N TYR S 157 -42.07 9.14 -53.71
CA TYR S 157 -41.38 7.90 -53.40
C TYR S 157 -42.36 6.74 -53.49
N PHE S 158 -43.40 6.78 -52.68
CA PHE S 158 -44.39 5.72 -52.65
C PHE S 158 -45.06 5.43 -53.99
N ARG S 159 -45.52 6.46 -54.69
CA ARG S 159 -46.16 6.21 -55.98
C ARG S 159 -45.29 5.33 -56.86
N PHE S 160 -44.01 5.64 -56.93
CA PHE S 160 -43.10 4.85 -57.75
C PHE S 160 -42.77 3.48 -57.15
N MET S 161 -42.25 3.46 -55.93
CA MET S 161 -41.86 2.21 -55.29
C MET S 161 -42.99 1.18 -55.27
N ASN S 162 -44.23 1.65 -55.15
CA ASN S 162 -45.38 0.75 -55.12
C ASN S 162 -45.60 0.04 -56.46
N MET S 163 -45.03 0.58 -57.53
CA MET S 163 -45.17 -0.01 -58.87
C MET S 163 -43.93 -0.80 -59.29
N MET S 164 -42.91 -0.84 -58.43
CA MET S 164 -41.67 -1.53 -58.76
C MET S 164 -41.40 -2.79 -57.91
N GLY S 165 -41.30 -2.60 -56.59
CA GLY S 165 -41.05 -3.73 -55.69
C GLY S 165 -42.22 -3.88 -54.75
N PHE S 166 -41.99 -3.97 -53.44
CA PHE S 166 -40.68 -3.93 -52.81
C PHE S 166 -40.88 -4.22 -51.32
N THR S 167 -39.78 -4.50 -50.61
CA THR S 167 -39.85 -4.73 -49.17
C THR S 167 -39.47 -3.42 -48.49
N TYR S 168 -40.42 -2.81 -47.82
CA TYR S 168 -40.18 -1.55 -47.14
C TYR S 168 -39.59 -1.75 -45.74
N ALA S 169 -38.70 -0.85 -45.35
CA ALA S 169 -38.12 -0.89 -44.01
C ALA S 169 -38.95 0.17 -43.30
N ASP S 170 -40.12 -0.22 -42.83
CA ASP S 170 -41.00 0.73 -42.16
C ASP S 170 -40.32 1.38 -40.96
N HIS S 171 -40.64 2.64 -40.73
CA HIS S 171 -40.02 3.39 -39.65
C HIS S 171 -40.66 3.19 -38.30
N ASN S 172 -39.83 3.19 -37.27
CA ASN S 172 -40.30 3.06 -35.90
C ASN S 172 -40.82 4.46 -35.61
N PRO S 173 -41.85 4.59 -34.77
CA PRO S 173 -42.38 5.92 -34.46
C PRO S 173 -41.44 6.71 -33.55
N ASP S 174 -40.23 6.98 -34.06
CA ASP S 174 -39.18 7.69 -33.34
C ASP S 174 -39.62 8.88 -32.49
N SER S 175 -40.31 9.83 -33.11
CA SER S 175 -40.78 11.01 -32.42
C SER S 175 -41.72 10.70 -31.24
N TRP S 176 -42.55 9.65 -31.40
CA TRP S 176 -43.54 9.26 -30.39
C TRP S 176 -43.20 8.07 -29.47
N GLU S 177 -42.12 7.35 -29.74
CA GLU S 177 -41.79 6.15 -28.99
C GLU S 177 -42.57 5.94 -27.69
N GLY S 178 -42.18 6.63 -26.62
CA GLY S 178 -42.85 6.47 -25.34
C GLY S 178 -44.37 6.59 -25.33
N TRP S 179 -44.91 7.58 -26.03
CA TRP S 179 -46.35 7.77 -26.07
C TRP S 179 -47.00 6.74 -26.98
N HIS S 180 -46.22 6.20 -27.90
CA HIS S 180 -46.73 5.22 -28.86
C HIS S 180 -46.86 3.81 -28.29
N TRP S 181 -45.78 3.29 -27.72
CA TRP S 181 -45.79 1.95 -27.16
C TRP S 181 -46.20 1.96 -25.68
N GLY S 182 -46.43 3.13 -25.13
CA GLY S 182 -46.80 3.22 -23.73
C GLY S 182 -48.09 3.99 -23.45
N GLY S 183 -48.07 5.29 -23.73
CA GLY S 183 -49.24 6.11 -23.49
C GLY S 183 -50.49 5.72 -24.26
N MET S 184 -50.33 5.12 -25.44
CA MET S 184 -51.47 4.72 -26.24
C MET S 184 -52.41 3.75 -25.50
N HIS S 185 -51.83 2.90 -24.67
CA HIS S 185 -52.60 1.92 -23.90
C HIS S 185 -53.29 2.56 -22.71
N MET S 186 -52.79 3.71 -22.30
CA MET S 186 -53.35 4.41 -21.15
C MET S 186 -54.48 5.37 -21.51
N TRP S 187 -54.39 6.04 -22.66
CA TRP S 187 -55.46 6.98 -23.03
C TRP S 187 -55.86 6.98 -24.50
N GLY S 188 -55.31 6.05 -25.27
CA GLY S 188 -55.66 5.97 -26.69
C GLY S 188 -54.91 6.90 -27.62
N PHE S 189 -55.64 7.74 -28.34
CA PHE S 189 -55.04 8.67 -29.29
C PHE S 189 -54.08 7.95 -30.25
N SER S 190 -54.42 6.75 -30.68
CA SER S 190 -53.54 6.02 -31.58
C SER S 190 -53.35 6.77 -32.91
N TRP S 191 -54.39 7.47 -33.35
CA TRP S 191 -54.32 8.22 -34.60
C TRP S 191 -53.29 9.36 -34.48
N ARG S 192 -52.90 9.67 -33.25
CA ARG S 192 -51.89 10.70 -32.99
C ARG S 192 -50.67 10.00 -32.42
N LEU S 193 -50.72 8.67 -32.54
CA LEU S 193 -49.64 7.79 -32.07
C LEU S 193 -49.30 8.03 -30.60
N GLY S 194 -50.31 8.33 -29.80
CA GLY S 194 -50.12 8.56 -28.38
C GLY S 194 -50.13 9.99 -27.87
N ASN S 195 -50.01 10.97 -28.78
CA ASN S 195 -50.00 12.36 -28.37
C ASN S 195 -51.42 12.89 -28.21
N PRO S 196 -51.58 13.97 -27.44
CA PRO S 196 -52.88 14.58 -27.20
C PRO S 196 -53.34 15.59 -28.26
N GLU S 197 -54.62 15.92 -28.14
CA GLU S 197 -55.33 16.87 -28.97
C GLU S 197 -54.80 18.22 -28.47
N GLN S 198 -54.84 19.29 -29.28
CA GLN S 198 -54.33 20.58 -28.81
C GLN S 198 -55.09 21.82 -29.27
N TYR S 199 -56.27 21.63 -29.86
CA TYR S 199 -57.05 22.77 -30.36
C TYR S 199 -57.45 23.85 -29.36
N ASP S 200 -57.64 25.05 -29.90
CA ASP S 200 -58.07 26.21 -29.12
C ASP S 200 -57.47 26.35 -27.73
N LEU S 201 -56.23 25.94 -27.55
CA LEU S 201 -55.60 26.05 -26.23
C LEU S 201 -54.87 27.36 -25.98
N LEU S 202 -54.56 28.12 -27.02
CA LEU S 202 -53.84 29.38 -26.81
C LEU S 202 -54.70 30.37 -26.02
N GLU S 203 -55.93 30.56 -26.46
CA GLU S 203 -56.85 31.47 -25.79
C GLU S 203 -57.14 31.01 -24.37
N ASP S 204 -57.39 29.71 -24.20
CA ASP S 204 -57.67 29.16 -22.88
C ASP S 204 -56.53 29.47 -21.93
N GLY S 205 -55.31 29.22 -22.37
CA GLY S 205 -54.14 29.47 -21.54
C GLY S 205 -53.93 30.94 -21.24
N LEU S 206 -54.19 31.81 -22.21
CA LEU S 206 -54.02 33.24 -22.01
C LEU S 206 -55.00 33.77 -20.97
N LYS S 207 -56.14 33.11 -20.84
CA LYS S 207 -57.17 33.52 -19.89
C LYS S 207 -57.03 32.88 -18.51
N HIS S 208 -56.45 31.68 -18.45
CA HIS S 208 -56.37 30.99 -17.17
C HIS S 208 -55.02 30.51 -16.67
N ALA S 209 -54.00 30.50 -17.53
CA ALA S 209 -52.70 30.01 -17.12
C ALA S 209 -52.03 30.87 -16.04
N GLU S 210 -51.64 30.23 -14.96
CA GLU S 210 -50.95 30.88 -13.85
C GLU S 210 -49.55 30.29 -13.83
N MET S 211 -49.44 29.07 -14.35
CA MET S 211 -48.15 28.39 -14.41
C MET S 211 -48.08 27.35 -15.53
N ILE S 212 -46.88 27.15 -16.05
CA ILE S 212 -46.66 26.18 -17.11
C ILE S 212 -45.39 25.39 -16.81
N VAL S 213 -45.50 24.07 -16.81
CA VAL S 213 -44.37 23.21 -16.54
C VAL S 213 -43.85 22.58 -17.83
N PHE S 214 -42.68 23.03 -18.25
CA PHE S 214 -42.03 22.54 -19.46
C PHE S 214 -41.19 21.33 -19.08
N TRP S 215 -41.72 20.15 -19.35
CA TRP S 215 -41.05 18.91 -19.02
C TRP S 215 -40.51 18.29 -20.32
N SER S 216 -39.19 18.21 -20.44
CA SER S 216 -38.54 17.64 -21.62
C SER S 216 -39.05 18.42 -22.82
N SER S 217 -39.20 19.73 -22.63
CA SER S 217 -39.72 20.61 -23.68
C SER S 217 -38.83 21.82 -23.92
N ASP S 218 -38.46 22.03 -25.19
CA ASP S 218 -37.63 23.17 -25.59
C ASP S 218 -38.30 23.82 -26.81
N PRO S 219 -39.46 24.47 -26.60
CA PRO S 219 -40.24 25.14 -27.64
C PRO S 219 -39.41 25.99 -28.61
N GLU S 220 -38.45 26.75 -28.10
CA GLU S 220 -37.63 27.59 -28.97
C GLU S 220 -36.82 26.77 -29.97
N THR S 221 -36.16 25.73 -29.47
CA THR S 221 -35.34 24.85 -30.31
C THR S 221 -36.14 24.09 -31.36
N ASN S 222 -37.18 23.40 -30.90
CA ASN S 222 -38.01 22.57 -31.77
C ASN S 222 -39.23 23.23 -32.40
N SER S 223 -39.83 24.19 -31.70
CA SER S 223 -41.02 24.89 -32.18
C SER S 223 -42.11 23.89 -32.54
N GLY S 224 -42.07 22.72 -31.89
CA GLY S 224 -43.04 21.68 -32.21
C GLY S 224 -42.38 21.01 -33.39
N ILE S 225 -42.53 21.60 -34.57
CA ILE S 225 -41.90 21.10 -35.77
C ILE S 225 -42.26 21.95 -36.99
N TYR S 226 -41.25 22.31 -37.78
CA TYR S 226 -41.45 23.09 -39.00
C TYR S 226 -41.95 24.52 -38.78
N ALA S 227 -41.96 25.02 -37.55
CA ALA S 227 -42.51 26.36 -37.33
C ALA S 227 -41.56 27.49 -36.87
N GLY S 228 -40.35 27.52 -37.43
CA GLY S 228 -39.39 28.55 -37.07
C GLY S 228 -39.44 29.01 -35.63
N PHE S 229 -39.93 30.23 -35.42
CA PHE S 229 -40.03 30.78 -34.08
C PHE S 229 -41.40 31.43 -33.88
N GLU S 230 -42.43 30.82 -34.45
CA GLU S 230 -43.78 31.36 -34.34
C GLU S 230 -44.25 31.54 -32.89
N SER S 231 -44.02 30.55 -32.04
CA SER S 231 -44.47 30.60 -30.64
C SER S 231 -43.77 31.56 -29.69
N ASN S 232 -42.62 32.09 -30.09
CA ASN S 232 -41.88 33.01 -29.24
C ASN S 232 -42.66 34.18 -28.61
N ILE S 233 -43.52 34.81 -29.40
CA ILE S 233 -44.30 35.94 -28.89
C ILE S 233 -45.37 35.53 -27.88
N ARG S 234 -45.88 34.31 -28.02
CA ARG S 234 -46.92 33.82 -27.13
C ARG S 234 -46.41 33.64 -25.70
N ARG S 235 -45.23 33.06 -25.54
CA ARG S 235 -44.69 32.90 -24.20
C ARG S 235 -44.30 34.25 -23.61
N GLN S 236 -44.09 35.23 -24.49
CA GLN S 236 -43.75 36.58 -24.05
C GLN S 236 -45.00 37.17 -23.43
N TRP S 237 -46.15 36.91 -24.06
CA TRP S 237 -47.41 37.42 -23.54
C TRP S 237 -47.68 36.82 -22.16
N LEU S 238 -47.57 35.49 -22.06
CA LEU S 238 -47.81 34.80 -20.80
C LEU S 238 -46.89 35.33 -19.72
N LYS S 239 -45.60 35.42 -20.03
CA LYS S 239 -44.61 35.92 -19.09
C LYS S 239 -45.01 37.30 -18.56
N ASP S 240 -45.65 38.10 -19.42
CA ASP S 240 -46.08 39.44 -19.04
C ASP S 240 -47.43 39.44 -18.33
N LEU S 241 -48.08 38.28 -18.28
CA LEU S 241 -49.36 38.16 -17.59
C LEU S 241 -49.10 37.61 -16.19
N GLY S 242 -47.81 37.38 -15.90
CA GLY S 242 -47.42 36.88 -14.59
C GLY S 242 -47.35 35.38 -14.44
N VAL S 243 -47.35 34.65 -15.56
CA VAL S 243 -47.29 33.19 -15.53
C VAL S 243 -45.88 32.69 -15.23
N ASP S 244 -45.76 31.72 -14.32
CA ASP S 244 -44.45 31.16 -13.97
C ASP S 244 -44.10 30.02 -14.91
N PHE S 245 -42.85 30.00 -15.36
CA PHE S 245 -42.35 28.97 -16.26
C PHE S 245 -41.36 28.09 -15.51
N VAL S 246 -41.65 26.79 -15.43
CA VAL S 246 -40.75 25.87 -14.75
C VAL S 246 -40.26 24.85 -15.78
N PHE S 247 -38.94 24.65 -15.85
CA PHE S 247 -38.36 23.71 -16.79
C PHE S 247 -37.65 22.54 -16.14
N ILE S 248 -38.02 21.33 -16.55
CA ILE S 248 -37.43 20.10 -16.05
C ILE S 248 -36.77 19.44 -17.27
N ASP S 249 -35.45 19.58 -17.35
CA ASP S 249 -34.70 19.06 -18.47
C ASP S 249 -33.26 18.81 -17.99
N PRO S 250 -32.73 17.62 -18.24
CA PRO S 250 -31.35 17.38 -17.78
C PRO S 250 -30.49 18.56 -18.20
N HIS S 251 -30.72 19.05 -19.41
CA HIS S 251 -29.98 20.17 -19.95
C HIS S 251 -30.81 21.44 -19.86
N MET S 252 -30.21 22.51 -19.39
CA MET S 252 -30.92 23.78 -19.30
C MET S 252 -31.05 24.24 -20.76
N ASN S 253 -32.10 23.77 -21.42
CA ASN S 253 -32.34 24.09 -22.82
C ASN S 253 -32.47 25.57 -23.16
N HIS S 254 -32.46 25.86 -24.45
CA HIS S 254 -32.54 27.23 -24.92
C HIS S 254 -33.76 28.02 -24.49
N THR S 255 -34.90 27.35 -24.33
CA THR S 255 -36.10 28.05 -23.90
C THR S 255 -35.91 28.47 -22.44
N ALA S 256 -35.35 27.56 -21.65
CA ALA S 256 -35.11 27.84 -20.23
C ALA S 256 -34.09 28.98 -20.07
N ARG S 257 -33.01 28.93 -20.85
CA ARG S 257 -31.98 29.97 -20.77
C ARG S 257 -32.60 31.33 -21.05
N LEU S 258 -33.74 31.34 -21.76
CA LEU S 258 -34.40 32.58 -22.12
C LEU S 258 -35.48 33.07 -21.15
N VAL S 259 -36.39 32.18 -20.73
CA VAL S 259 -37.48 32.57 -19.86
C VAL S 259 -37.67 31.79 -18.55
N ALA S 260 -36.78 30.88 -18.22
CA ALA S 260 -36.94 30.10 -16.99
C ALA S 260 -37.08 30.92 -15.72
N ASP S 261 -37.98 30.48 -14.84
CA ASP S 261 -38.17 31.11 -13.55
C ASP S 261 -37.52 30.11 -12.59
N LYS S 262 -37.46 28.85 -13.03
CA LYS S 262 -36.85 27.78 -12.26
C LYS S 262 -36.55 26.59 -13.17
N TRP S 263 -35.41 25.95 -12.93
CA TRP S 263 -34.98 24.80 -13.73
C TRP S 263 -34.53 23.60 -12.89
N PHE S 264 -35.05 22.42 -13.26
CA PHE S 264 -34.69 21.16 -12.60
C PHE S 264 -33.88 20.35 -13.60
N SER S 265 -32.82 19.68 -13.13
CA SER S 265 -32.00 18.88 -14.01
C SER S 265 -31.93 17.44 -13.53
N PRO S 266 -32.92 16.62 -13.91
CA PRO S 266 -32.91 15.22 -13.48
C PRO S 266 -31.87 14.38 -14.19
N LYS S 267 -31.40 13.33 -13.52
CA LYS S 267 -30.44 12.43 -14.12
C LYS S 267 -31.17 11.68 -15.23
N ILE S 268 -30.42 11.21 -16.23
CA ILE S 268 -31.04 10.49 -17.34
C ILE S 268 -31.88 9.31 -16.91
N GLY S 269 -33.09 9.24 -17.48
CA GLY S 269 -34.01 8.16 -17.17
C GLY S 269 -34.61 8.13 -15.78
N THR S 270 -34.75 9.30 -15.15
CA THR S 270 -35.31 9.35 -13.81
C THR S 270 -36.49 10.31 -13.65
N ASP S 271 -37.06 10.77 -14.77
CA ASP S 271 -38.19 11.70 -14.73
C ASP S 271 -39.44 11.11 -14.06
N HIS S 272 -39.78 9.88 -14.41
CA HIS S 272 -40.95 9.23 -13.84
C HIS S 272 -40.87 9.11 -12.32
N ALA S 273 -39.68 9.24 -11.76
CA ALA S 273 -39.53 9.18 -10.31
C ALA S 273 -40.09 10.48 -9.74
N LEU S 274 -39.91 11.58 -10.48
CA LEU S 274 -40.41 12.87 -10.03
C LEU S 274 -41.93 12.94 -10.18
N SER S 275 -42.46 12.42 -11.28
CA SER S 275 -43.89 12.44 -11.50
C SER S 275 -44.60 11.63 -10.42
N PHE S 276 -43.97 10.53 -9.98
CA PHE S 276 -44.54 9.71 -8.92
C PHE S 276 -44.50 10.47 -7.59
N ALA S 277 -43.39 11.13 -7.31
CA ALA S 277 -43.24 11.88 -6.06
C ALA S 277 -44.24 13.03 -5.99
N ILE S 278 -44.52 13.63 -7.16
CA ILE S 278 -45.49 14.71 -7.23
C ILE S 278 -46.86 14.08 -6.97
N ALA S 279 -47.11 12.94 -7.60
CA ALA S 279 -48.38 12.25 -7.43
C ALA S 279 -48.54 11.85 -5.96
N TYR S 280 -47.43 11.42 -5.34
CA TYR S 280 -47.44 11.03 -3.94
C TYR S 280 -47.89 12.20 -3.06
N THR S 281 -47.34 13.38 -3.31
CA THR S 281 -47.68 14.57 -2.57
C THR S 281 -49.17 14.87 -2.67
N TRP S 282 -49.71 14.74 -3.88
CA TRP S 282 -51.13 15.03 -4.11
C TRP S 282 -52.08 14.07 -3.40
N LEU S 283 -51.72 12.79 -3.34
CA LEU S 283 -52.55 11.80 -2.68
C LEU S 283 -52.47 12.03 -1.17
N LYS S 284 -51.26 12.34 -0.70
CA LYS S 284 -51.02 12.58 0.71
C LYS S 284 -51.66 13.87 1.22
N GLU S 285 -52.05 14.75 0.30
CA GLU S 285 -52.65 16.02 0.69
C GLU S 285 -54.02 16.28 0.10
N ASP S 286 -54.54 15.30 -0.64
CA ASP S 286 -55.86 15.41 -1.28
C ASP S 286 -55.94 16.64 -2.16
N SER S 287 -54.81 17.06 -2.72
CA SER S 287 -54.79 18.23 -3.56
C SER S 287 -54.94 17.94 -5.05
N TYR S 288 -55.99 17.19 -5.40
CA TYR S 288 -56.25 16.89 -6.81
C TYR S 288 -57.75 16.84 -7.08
N ASP S 289 -58.12 16.80 -8.36
CA ASP S 289 -59.52 16.75 -8.75
C ASP S 289 -60.10 15.34 -8.56
N LYS S 290 -60.52 15.03 -7.34
CA LYS S 290 -61.06 13.71 -7.02
C LYS S 290 -62.30 13.35 -7.83
N GLU S 291 -63.19 14.32 -8.02
CA GLU S 291 -64.42 14.08 -8.78
C GLU S 291 -64.09 13.69 -10.22
N TYR S 292 -63.11 14.38 -10.78
CA TYR S 292 -62.67 14.13 -12.15
C TYR S 292 -62.11 12.73 -12.32
N VAL S 293 -61.30 12.30 -11.35
CA VAL S 293 -60.69 10.99 -11.40
C VAL S 293 -61.67 9.84 -11.17
N ALA S 294 -62.64 10.04 -10.27
CA ALA S 294 -63.62 9.02 -9.98
C ALA S 294 -64.44 8.71 -11.22
N ALA S 295 -64.63 9.74 -12.04
CA ALA S 295 -65.42 9.61 -13.26
C ALA S 295 -64.61 9.24 -14.51
N ASN S 296 -63.36 9.68 -14.58
CA ASN S 296 -62.55 9.43 -15.77
C ASN S 296 -61.33 8.53 -15.66
N ALA S 297 -61.12 7.89 -14.52
CA ALA S 297 -59.96 7.03 -14.38
C ALA S 297 -60.34 5.59 -14.08
N HIS S 298 -59.55 4.66 -14.63
CA HIS S 298 -59.78 3.24 -14.43
C HIS S 298 -58.57 2.66 -13.71
N GLY S 299 -58.81 1.84 -12.70
CA GLY S 299 -57.73 1.22 -11.95
C GLY S 299 -56.96 2.20 -11.09
N PHE S 300 -57.53 3.36 -10.83
CA PHE S 300 -56.83 4.36 -10.02
C PHE S 300 -56.57 3.95 -8.58
N GLU S 301 -57.51 3.22 -7.99
CA GLU S 301 -57.38 2.80 -6.60
C GLU S 301 -56.15 1.92 -6.40
N GLU S 302 -55.91 1.03 -7.33
CA GLU S 302 -54.75 0.14 -7.23
C GLU S 302 -53.47 0.91 -7.51
N TRP S 303 -53.54 1.88 -8.42
CA TRP S 303 -52.37 2.69 -8.75
C TRP S 303 -51.97 3.52 -7.55
N ALA S 304 -52.95 4.03 -6.82
CA ALA S 304 -52.69 4.84 -5.65
C ALA S 304 -51.98 4.03 -4.56
N ASP S 305 -52.46 2.83 -4.29
CA ASP S 305 -51.84 1.98 -3.27
C ASP S 305 -50.40 1.73 -3.66
N TYR S 306 -50.14 1.70 -4.96
CA TYR S 306 -48.81 1.46 -5.47
C TYR S 306 -47.93 2.67 -5.18
N VAL S 307 -48.43 3.85 -5.51
CA VAL S 307 -47.71 5.09 -5.30
C VAL S 307 -47.42 5.33 -3.82
N LEU S 308 -48.34 4.92 -2.97
CA LEU S 308 -48.19 5.08 -1.53
C LEU S 308 -47.25 4.05 -0.92
N GLY S 309 -46.84 3.10 -1.75
CA GLY S 309 -45.93 2.05 -1.30
C GLY S 309 -46.57 0.83 -0.66
N LYS S 310 -47.88 0.69 -0.81
CA LYS S 310 -48.61 -0.43 -0.21
C LYS S 310 -48.32 -1.79 -0.81
N THR S 311 -47.87 -1.83 -2.06
CA THR S 311 -47.60 -3.11 -2.70
C THR S 311 -46.12 -3.48 -2.81
N ASP S 312 -45.25 -2.51 -3.10
CA ASP S 312 -43.83 -2.80 -3.23
C ASP S 312 -43.04 -2.35 -2.01
N GLY S 313 -43.74 -1.82 -1.00
CA GLY S 313 -43.09 -1.37 0.21
C GLY S 313 -42.20 -0.16 0.01
N THR S 314 -42.44 0.59 -1.05
CA THR S 314 -41.64 1.76 -1.37
C THR S 314 -42.49 3.00 -1.67
N PRO S 315 -42.77 3.83 -0.64
CA PRO S 315 -43.58 5.03 -0.88
C PRO S 315 -42.83 5.96 -1.85
N LYS S 316 -43.55 6.57 -2.77
CA LYS S 316 -42.92 7.44 -3.74
C LYS S 316 -42.75 8.86 -3.23
N THR S 317 -41.97 9.00 -2.16
CA THR S 317 -41.72 10.30 -1.53
C THR S 317 -40.75 11.14 -2.35
N CYS S 318 -40.74 12.43 -2.07
CA CYS S 318 -39.83 13.34 -2.77
C CYS S 318 -38.39 13.01 -2.39
N GLU S 319 -38.19 12.54 -1.16
CA GLU S 319 -36.86 12.15 -0.69
C GLU S 319 -36.41 10.97 -1.55
N TRP S 320 -37.33 10.05 -1.79
CA TRP S 320 -37.06 8.89 -2.61
C TRP S 320 -36.75 9.32 -4.04
N ALA S 321 -37.48 10.33 -4.52
CA ALA S 321 -37.27 10.83 -5.88
C ALA S 321 -35.94 11.57 -6.01
N GLU S 322 -35.49 12.18 -4.91
CA GLU S 322 -34.23 12.91 -4.93
C GLU S 322 -33.09 11.90 -5.09
N GLU S 323 -33.22 10.79 -4.38
CA GLU S 323 -32.22 9.74 -4.40
C GLU S 323 -32.07 9.19 -5.82
N GLU S 324 -33.16 9.15 -6.56
CA GLU S 324 -33.15 8.65 -7.93
C GLU S 324 -32.73 9.69 -8.97
N SER S 325 -33.29 10.89 -8.86
CA SER S 325 -33.05 11.95 -9.84
C SER S 325 -31.93 12.96 -9.59
N GLY S 326 -31.63 13.23 -8.32
CA GLY S 326 -30.61 14.21 -8.02
C GLY S 326 -31.24 15.58 -7.81
N VAL S 327 -32.55 15.67 -8.04
CA VAL S 327 -33.30 16.91 -7.87
C VAL S 327 -33.78 17.00 -6.42
N PRO S 328 -33.45 18.10 -5.73
CA PRO S 328 -33.83 18.34 -4.32
C PRO S 328 -35.29 18.01 -4.00
N ALA S 329 -35.48 17.28 -2.90
CA ALA S 329 -36.80 16.87 -2.44
C ALA S 329 -37.72 18.06 -2.18
N CYS S 330 -37.19 19.09 -1.51
CA CYS S 330 -37.98 20.27 -1.20
C CYS S 330 -38.49 21.01 -2.42
N GLU S 331 -37.69 21.05 -3.49
CA GLU S 331 -38.11 21.74 -4.70
C GLU S 331 -39.19 20.91 -5.41
N ILE S 332 -39.05 19.59 -5.36
CA ILE S 332 -40.02 18.70 -6.00
C ILE S 332 -41.38 18.86 -5.35
N ARG S 333 -41.39 18.87 -4.03
CA ARG S 333 -42.63 19.02 -3.27
C ARG S 333 -43.19 20.43 -3.43
N ALA S 334 -42.31 21.42 -3.49
CA ALA S 334 -42.73 22.81 -3.65
C ALA S 334 -43.49 22.96 -4.96
N LEU S 335 -42.99 22.30 -6.00
CA LEU S 335 -43.63 22.33 -7.30
C LEU S 335 -44.97 21.61 -7.24
N ALA S 336 -44.99 20.44 -6.63
CA ALA S 336 -46.21 19.65 -6.51
C ALA S 336 -47.34 20.47 -5.88
N ARG S 337 -47.02 21.23 -4.84
CA ARG S 337 -48.04 22.03 -4.17
C ARG S 337 -48.52 23.20 -5.01
N GLN S 338 -47.56 23.93 -5.57
CA GLN S 338 -47.88 25.09 -6.42
C GLN S 338 -48.74 24.62 -7.59
N TRP S 339 -48.34 23.49 -8.17
CA TRP S 339 -49.03 22.87 -9.30
C TRP S 339 -50.49 22.57 -8.95
N ALA S 340 -50.71 22.08 -7.74
CA ALA S 340 -52.05 21.74 -7.29
C ALA S 340 -52.98 22.93 -7.06
N LYS S 341 -52.46 24.03 -6.51
CA LYS S 341 -53.33 25.17 -6.23
C LYS S 341 -53.42 26.23 -7.32
N LYS S 342 -52.59 26.13 -8.34
CA LYS S 342 -52.62 27.12 -9.42
C LYS S 342 -53.13 26.50 -10.72
N ASN S 343 -53.63 27.33 -11.63
CA ASN S 343 -54.06 26.83 -12.92
C ASN S 343 -52.75 26.50 -13.62
N THR S 344 -52.45 25.21 -13.72
CA THR S 344 -51.20 24.77 -14.32
C THR S 344 -51.38 23.91 -15.56
N TYR S 345 -50.64 24.24 -16.61
CA TYR S 345 -50.68 23.48 -17.84
C TYR S 345 -49.39 22.67 -17.95
N LEU S 346 -49.51 21.40 -18.24
CA LEU S 346 -48.34 20.54 -18.37
C LEU S 346 -47.81 20.62 -19.79
N ALA S 347 -46.58 21.14 -19.92
CA ALA S 347 -45.94 21.27 -21.23
C ALA S 347 -44.99 20.10 -21.45
N ALA S 348 -45.55 18.92 -21.66
CA ALA S 348 -44.74 17.72 -21.90
C ALA S 348 -44.34 17.68 -23.36
N GLY S 349 -43.04 17.77 -23.63
CA GLY S 349 -42.57 17.75 -25.01
C GLY S 349 -42.74 19.12 -25.63
N GLY S 350 -42.11 19.34 -26.78
CA GLY S 350 -42.21 20.63 -27.42
C GLY S 350 -43.47 20.80 -28.24
N LEU S 351 -44.08 19.70 -28.65
CA LEU S 351 -45.29 19.74 -29.47
C LEU S 351 -46.60 19.68 -28.70
N GLY S 352 -46.52 19.14 -27.49
CA GLY S 352 -47.73 18.94 -26.71
C GLY S 352 -47.82 17.46 -27.01
N GLY S 353 -46.80 16.77 -26.52
CA GLY S 353 -46.63 15.35 -26.75
C GLY S 353 -45.15 15.29 -27.10
N TRP S 354 -44.70 14.18 -27.66
CA TRP S 354 -43.29 14.05 -28.00
C TRP S 354 -42.41 14.36 -26.77
N GLY S 355 -41.21 14.85 -27.03
CA GLY S 355 -40.29 15.14 -25.94
C GLY S 355 -39.17 14.12 -25.99
N GLY S 356 -37.94 14.57 -25.89
CA GLY S 356 -36.82 13.66 -25.94
C GLY S 356 -36.94 12.57 -24.88
N ALA S 357 -37.69 12.85 -23.82
CA ALA S 357 -37.85 11.87 -22.76
C ALA S 357 -38.63 10.64 -23.21
N CYS S 358 -39.48 10.80 -24.22
CA CYS S 358 -40.29 9.68 -24.67
C CYS S 358 -39.50 8.64 -25.45
N ARG S 359 -38.31 8.98 -25.92
CA ARG S 359 -37.50 8.02 -26.64
C ARG S 359 -36.20 7.76 -25.90
N ALA S 360 -36.35 7.07 -24.77
CA ALA S 360 -35.26 6.70 -23.88
C ALA S 360 -35.70 5.42 -23.16
N SER S 361 -34.77 4.76 -22.47
CA SER S 361 -35.12 3.52 -21.78
C SER S 361 -36.29 3.63 -20.81
N HIS S 362 -36.71 4.85 -20.50
CA HIS S 362 -37.82 5.06 -19.57
C HIS S 362 -38.99 5.80 -20.21
N GLY S 363 -38.91 5.96 -21.53
CA GLY S 363 -39.93 6.66 -22.27
C GLY S 363 -41.36 6.22 -22.04
N ILE S 364 -41.58 4.92 -21.86
CA ILE S 364 -42.91 4.42 -21.63
C ILE S 364 -43.47 4.97 -20.32
N GLU S 365 -42.69 4.91 -19.25
CA GLU S 365 -43.17 5.41 -17.98
C GLU S 365 -43.21 6.94 -17.89
N TRP S 366 -42.35 7.63 -18.63
CA TRP S 366 -42.39 9.09 -18.58
C TRP S 366 -43.71 9.55 -19.20
N ALA S 367 -44.04 9.00 -20.37
CA ALA S 367 -45.28 9.38 -21.03
C ALA S 367 -46.47 9.06 -20.14
N ARG S 368 -46.52 7.85 -19.59
CA ARG S 368 -47.64 7.48 -18.74
C ARG S 368 -47.71 8.36 -17.48
N GLY S 369 -46.56 8.87 -17.04
CA GLY S 369 -46.51 9.73 -15.87
C GLY S 369 -47.08 11.11 -16.18
N MET S 370 -46.78 11.62 -17.36
CA MET S 370 -47.28 12.93 -17.75
C MET S 370 -48.81 12.88 -17.84
N ILE S 371 -49.32 11.74 -18.28
CA ILE S 371 -50.76 11.56 -18.41
C ILE S 371 -51.39 11.44 -17.03
N ALA S 372 -50.74 10.70 -16.14
CA ALA S 372 -51.27 10.52 -14.79
C ALA S 372 -51.47 11.88 -14.14
N LEU S 373 -50.39 12.68 -14.13
CA LEU S 373 -50.41 14.01 -13.54
C LEU S 373 -51.46 14.93 -14.16
N ALA S 374 -51.48 14.99 -15.49
CA ALA S 374 -52.45 15.83 -16.18
C ALA S 374 -53.87 15.39 -15.80
N THR S 375 -54.09 14.09 -15.82
CA THR S 375 -55.39 13.53 -15.47
C THR S 375 -55.81 13.86 -14.04
N MET S 376 -54.87 13.74 -13.10
CA MET S 376 -55.18 14.04 -11.70
C MET S 376 -55.60 15.49 -11.48
N GLN S 377 -55.09 16.39 -12.31
CA GLN S 377 -55.44 17.81 -12.20
C GLN S 377 -56.64 18.15 -13.09
N GLY S 378 -57.25 17.12 -13.65
CA GLY S 378 -58.41 17.31 -14.50
C GLY S 378 -58.21 18.01 -15.83
N MET S 379 -57.27 17.52 -16.64
CA MET S 379 -56.99 18.09 -17.95
C MET S 379 -58.30 18.24 -18.74
N GLY S 380 -58.47 19.36 -19.41
CA GLY S 380 -59.67 19.57 -20.19
C GLY S 380 -60.50 20.71 -19.64
N LYS S 381 -60.45 20.90 -18.32
CA LYS S 381 -61.21 21.96 -17.68
C LYS S 381 -60.40 23.26 -17.78
N PRO S 382 -61.10 24.40 -17.84
CA PRO S 382 -60.43 25.71 -17.93
C PRO S 382 -59.29 25.90 -16.94
N GLY S 383 -58.10 26.23 -17.44
CA GLY S 383 -56.97 26.44 -16.56
C GLY S 383 -56.19 25.20 -16.17
N SER S 384 -56.54 24.07 -16.76
CA SER S 384 -55.87 22.81 -16.46
C SER S 384 -55.88 21.92 -17.70
N ASN S 385 -54.69 21.61 -18.23
CA ASN S 385 -54.62 20.78 -19.43
C ASN S 385 -53.17 20.52 -19.81
N MET S 386 -52.96 19.64 -20.78
CA MET S 386 -51.62 19.36 -21.27
C MET S 386 -51.46 20.29 -22.48
N TRP S 387 -50.52 21.22 -22.40
CA TRP S 387 -50.31 22.17 -23.48
C TRP S 387 -48.87 22.68 -23.44
N SER S 388 -48.20 22.65 -24.58
CA SER S 388 -46.81 23.09 -24.61
C SER S 388 -46.58 24.51 -25.10
N THR S 389 -47.67 25.26 -25.28
CA THR S 389 -47.63 26.64 -25.74
C THR S 389 -47.18 26.80 -27.19
N THR S 390 -47.11 25.70 -27.93
CA THR S 390 -46.72 25.78 -29.32
C THR S 390 -47.91 25.60 -30.25
N GLN S 391 -48.92 24.87 -29.78
CA GLN S 391 -50.12 24.66 -30.58
C GLN S 391 -51.29 25.35 -29.88
N GLY S 392 -52.45 25.34 -30.52
CA GLY S 392 -53.61 25.96 -29.93
C GLY S 392 -53.98 27.30 -30.56
N VAL S 393 -53.25 27.71 -31.59
CA VAL S 393 -53.56 28.96 -32.24
C VAL S 393 -54.96 28.83 -32.85
N PRO S 394 -55.82 29.85 -32.66
CA PRO S 394 -57.20 29.88 -33.16
C PRO S 394 -57.38 30.09 -34.66
N LEU S 395 -56.71 29.26 -35.45
CA LEU S 395 -56.80 29.32 -36.90
C LEU S 395 -58.07 28.60 -37.32
N ASP S 396 -58.53 28.88 -38.54
CA ASP S 396 -59.75 28.26 -39.04
C ASP S 396 -59.53 26.77 -39.29
N TYR S 397 -59.95 25.95 -38.33
CA TYR S 397 -59.81 24.51 -38.44
C TYR S 397 -60.78 23.95 -39.49
N GLU S 398 -61.71 24.79 -39.93
CA GLU S 398 -62.70 24.38 -40.92
C GLU S 398 -62.12 24.38 -42.33
N PHE S 399 -61.08 25.19 -42.56
CA PHE S 399 -60.44 25.27 -43.88
C PHE S 399 -59.60 24.01 -44.11
N TYR S 400 -59.77 23.39 -45.28
CA TYR S 400 -59.04 22.16 -45.56
C TYR S 400 -57.92 22.22 -46.58
N PHE S 401 -56.69 22.03 -46.09
CA PHE S 401 -55.54 21.96 -46.97
C PHE S 401 -54.73 20.76 -46.46
N PRO S 402 -54.37 19.84 -47.37
CA PRO S 402 -53.62 18.62 -47.06
C PRO S 402 -52.20 18.81 -46.53
N GLY S 403 -51.81 17.94 -45.60
CA GLY S 403 -50.47 17.96 -45.06
C GLY S 403 -49.71 16.95 -45.91
N TYR S 404 -48.38 17.03 -45.93
CA TYR S 404 -47.59 16.10 -46.75
C TYR S 404 -47.83 14.63 -46.39
N ALA S 405 -48.20 14.39 -45.15
CA ALA S 405 -48.44 13.03 -44.67
C ALA S 405 -49.71 12.43 -45.23
N GLU S 406 -50.53 13.26 -45.89
CA GLU S 406 -51.77 12.75 -46.45
C GLU S 406 -51.61 12.08 -47.82
N GLY S 407 -50.36 11.76 -48.16
CA GLY S 407 -50.06 11.03 -49.39
C GLY S 407 -49.86 11.69 -50.74
N GLY S 408 -50.13 12.98 -50.85
CA GLY S 408 -49.93 13.65 -52.13
C GLY S 408 -50.47 12.93 -53.36
N ILE S 409 -49.57 12.47 -54.23
CA ILE S 409 -49.97 11.79 -55.46
C ILE S 409 -49.84 10.27 -55.43
N SER S 410 -49.72 9.68 -54.25
CA SER S 410 -49.61 8.22 -54.17
C SER S 410 -50.95 7.58 -53.81
N GLY S 411 -51.73 8.26 -52.98
CA GLY S 411 -53.01 7.71 -52.57
C GLY S 411 -52.84 6.38 -51.88
N ASP S 412 -51.70 6.19 -51.22
CA ASP S 412 -51.42 4.96 -50.50
C ASP S 412 -52.11 5.07 -49.14
N CYS S 413 -53.31 4.51 -49.03
CA CYS S 413 -54.09 4.57 -47.80
C CYS S 413 -53.48 3.80 -46.62
N GLU S 414 -52.62 2.83 -46.91
CA GLU S 414 -52.02 2.03 -45.85
C GLU S 414 -50.74 2.61 -45.27
N ASN S 415 -50.02 3.40 -46.06
CA ASN S 415 -48.78 3.97 -45.57
C ASN S 415 -48.77 5.49 -45.48
N SER S 416 -49.95 6.08 -45.51
CA SER S 416 -50.11 7.53 -45.40
C SER S 416 -51.51 7.78 -44.86
N ALA S 417 -51.82 9.04 -44.57
CA ALA S 417 -53.13 9.38 -44.05
C ALA S 417 -54.10 9.73 -45.18
N ALA S 418 -53.77 9.28 -46.39
CA ALA S 418 -54.60 9.56 -47.56
C ALA S 418 -56.02 9.01 -47.46
N GLY S 419 -56.18 7.91 -46.72
CA GLY S 419 -57.49 7.30 -46.59
C GLY S 419 -58.51 8.12 -45.81
N PHE S 420 -58.04 9.09 -45.04
CA PHE S 420 -58.96 9.91 -44.26
C PHE S 420 -59.79 10.84 -45.13
N LYS S 421 -59.14 11.72 -45.88
CA LYS S 421 -59.89 12.66 -46.68
C LYS S 421 -59.35 12.95 -48.08
N PHE S 422 -58.04 13.18 -48.18
CA PHE S 422 -57.42 13.51 -49.45
C PHE S 422 -57.62 12.55 -50.61
N ALA S 423 -57.27 11.29 -50.42
CA ALA S 423 -57.41 10.31 -51.47
C ALA S 423 -58.74 10.50 -52.20
N TRP S 424 -59.80 10.64 -51.43
CA TRP S 424 -61.13 10.82 -51.97
C TRP S 424 -61.28 12.06 -52.84
N ARG S 425 -60.56 13.12 -52.49
CA ARG S 425 -60.62 14.36 -53.25
C ARG S 425 -59.68 14.35 -54.45
N MET S 426 -58.51 13.74 -54.29
CA MET S 426 -57.49 13.70 -55.34
C MET S 426 -57.81 12.74 -56.48
N PHE S 427 -58.52 11.66 -56.20
CA PHE S 427 -58.83 10.69 -57.25
C PHE S 427 -60.31 10.56 -57.56
N ASP S 428 -60.61 10.29 -58.83
CA ASP S 428 -61.98 10.18 -59.31
C ASP S 428 -62.37 8.84 -59.90
N GLY S 429 -61.46 7.87 -59.83
CA GLY S 429 -61.75 6.55 -60.36
C GLY S 429 -62.17 6.58 -61.82
N LYS S 430 -61.70 7.58 -62.55
CA LYS S 430 -62.04 7.71 -63.97
C LYS S 430 -60.87 8.10 -64.84
N THR S 431 -60.08 9.07 -64.38
CA THR S 431 -58.95 9.56 -65.16
C THR S 431 -57.62 9.62 -64.41
N THR S 432 -57.67 9.58 -63.09
CA THR S 432 -56.45 9.63 -62.28
C THR S 432 -56.53 8.55 -61.22
N PHE S 433 -55.47 7.75 -61.08
CA PHE S 433 -55.49 6.65 -60.11
C PHE S 433 -54.32 6.58 -59.12
N PRO S 434 -54.59 6.08 -57.91
CA PRO S 434 -53.58 5.94 -56.86
C PRO S 434 -52.63 4.77 -57.14
N SER S 435 -51.54 4.71 -56.38
CA SER S 435 -50.56 3.64 -56.53
C SER S 435 -50.52 2.78 -55.26
N PRO S 436 -51.36 1.74 -55.19
CA PRO S 436 -51.46 0.80 -54.07
C PRO S 436 -50.29 -0.17 -53.99
N SER S 437 -50.05 -0.71 -52.80
CA SER S 437 -48.96 -1.66 -52.60
C SER S 437 -49.45 -2.94 -51.96
N ASN S 438 -49.27 -4.06 -52.65
CA ASN S 438 -49.72 -5.35 -52.12
C ASN S 438 -48.59 -6.04 -51.34
N LEU S 439 -47.45 -5.35 -51.16
CA LEU S 439 -46.34 -5.93 -50.41
C LEU S 439 -46.08 -5.16 -49.12
N ASN S 440 -46.17 -3.84 -49.17
CA ASN S 440 -45.95 -3.04 -47.97
C ASN S 440 -47.26 -2.98 -47.19
N THR S 441 -47.66 -4.15 -46.70
CA THR S 441 -48.91 -4.32 -45.94
C THR S 441 -48.63 -5.42 -44.89
N SER S 442 -49.41 -5.46 -43.81
CA SER S 442 -49.22 -6.45 -42.74
C SER S 442 -49.08 -7.91 -43.17
N ALA S 443 -49.79 -8.30 -44.23
CA ALA S 443 -49.73 -9.68 -44.69
C ALA S 443 -48.62 -9.90 -45.73
N GLY S 444 -47.93 -8.82 -46.08
CA GLY S 444 -46.84 -8.91 -47.04
C GLY S 444 -45.52 -9.04 -46.30
N GLN S 445 -44.54 -8.23 -46.66
CA GLN S 445 -43.24 -8.26 -45.97
C GLN S 445 -42.61 -6.88 -45.80
N HIS S 446 -42.19 -6.59 -44.58
CA HIS S 446 -41.51 -5.34 -44.27
C HIS S 446 -40.52 -5.69 -43.18
N ILE S 447 -39.58 -4.79 -42.91
CA ILE S 447 -38.62 -5.01 -41.83
C ILE S 447 -38.55 -3.72 -41.01
N PRO S 448 -38.12 -3.84 -39.74
CA PRO S 448 -38.01 -2.67 -38.85
C PRO S 448 -36.80 -1.84 -39.24
N ARG S 449 -36.95 -0.53 -39.37
CA ARG S 449 -35.80 0.32 -39.71
C ARG S 449 -34.70 0.18 -38.67
N LEU S 450 -35.09 0.08 -37.40
CA LEU S 450 -34.10 -0.06 -36.32
C LEU S 450 -33.31 -1.37 -36.37
N LYS S 451 -33.75 -2.32 -37.19
CA LYS S 451 -33.03 -3.58 -37.28
C LYS S 451 -32.66 -4.05 -38.68
N ILE S 452 -32.48 -3.11 -39.61
CA ILE S 452 -32.09 -3.45 -40.97
C ILE S 452 -30.79 -4.26 -40.95
N PRO S 453 -29.78 -3.81 -40.17
CA PRO S 453 -28.49 -4.49 -40.06
C PRO S 453 -28.60 -5.97 -39.69
N GLU S 454 -29.38 -6.26 -38.65
CA GLU S 454 -29.55 -7.64 -38.20
C GLU S 454 -30.26 -8.49 -39.26
N CYS S 455 -31.25 -7.91 -39.94
CA CYS S 455 -31.95 -8.65 -40.97
C CYS S 455 -30.99 -8.98 -42.11
N ILE S 456 -30.19 -8.00 -42.52
CA ILE S 456 -29.23 -8.20 -43.61
C ILE S 456 -28.10 -9.17 -43.25
N MET S 457 -27.51 -8.96 -42.09
CA MET S 457 -26.40 -9.80 -41.66
C MET S 457 -26.81 -11.13 -41.05
N GLY S 458 -27.95 -11.14 -40.36
CA GLY S 458 -28.41 -12.36 -39.73
C GLY S 458 -29.36 -13.17 -40.59
N GLY S 459 -30.03 -12.49 -41.53
CA GLY S 459 -30.97 -13.18 -42.40
C GLY S 459 -32.25 -13.63 -41.71
N LYS S 460 -32.49 -13.12 -40.51
CA LYS S 460 -33.70 -13.48 -39.77
C LYS S 460 -33.99 -12.54 -38.61
N PHE S 461 -35.27 -12.30 -38.37
CA PHE S 461 -35.69 -11.44 -37.25
C PHE S 461 -37.18 -11.57 -37.02
N GLN S 462 -37.59 -11.37 -35.77
CA GLN S 462 -38.98 -11.47 -35.36
C GLN S 462 -39.21 -10.26 -34.47
N TRP S 463 -40.37 -9.62 -34.60
CA TRP S 463 -40.65 -8.42 -33.83
C TRP S 463 -42.15 -8.09 -33.75
N SER S 464 -42.47 -7.01 -33.05
CA SER S 464 -43.86 -6.58 -32.87
C SER S 464 -44.21 -5.30 -33.62
N GLY S 465 -45.41 -5.29 -34.20
CA GLY S 465 -45.88 -4.13 -34.92
C GLY S 465 -45.22 -3.79 -36.24
N LYS S 466 -45.94 -3.04 -37.07
CA LYS S 466 -45.43 -2.60 -38.37
C LYS S 466 -45.41 -1.09 -38.37
N GLY S 467 -44.22 -0.50 -38.37
CA GLY S 467 -44.07 0.94 -38.39
C GLY S 467 -44.97 1.73 -37.44
N PHE S 468 -45.63 2.75 -37.97
CA PHE S 468 -46.55 3.57 -37.17
C PHE S 468 -47.87 2.81 -37.08
N ALA S 469 -48.10 2.15 -35.95
CA ALA S 469 -49.33 1.36 -35.77
C ALA S 469 -50.48 2.19 -35.18
N GLY S 470 -50.90 3.21 -35.91
CA GLY S 470 -51.96 4.09 -35.42
C GLY S 470 -53.40 3.65 -35.65
N GLY S 471 -53.61 2.52 -36.30
CA GLY S 471 -54.97 2.07 -36.55
C GLY S 471 -55.77 1.90 -35.27
N ASP S 472 -55.19 1.18 -34.30
CA ASP S 472 -55.85 0.93 -33.02
C ASP S 472 -54.76 0.66 -31.99
N ILE S 473 -55.11 0.81 -30.71
CA ILE S 473 -54.16 0.60 -29.62
C ILE S 473 -53.35 -0.70 -29.68
N SER S 474 -54.00 -1.81 -30.05
CA SER S 474 -53.32 -3.09 -30.09
C SER S 474 -52.65 -3.50 -31.41
N HIS S 475 -52.77 -2.68 -32.45
CA HIS S 475 -52.14 -3.02 -33.73
C HIS S 475 -50.64 -3.25 -33.57
N GLN S 476 -50.04 -2.54 -32.62
CA GLN S 476 -48.61 -2.64 -32.35
C GLN S 476 -48.20 -3.94 -31.69
N LEU S 477 -49.18 -4.71 -31.21
CA LEU S 477 -48.89 -5.97 -30.54
C LEU S 477 -48.81 -7.15 -31.50
N HIS S 478 -49.25 -6.94 -32.73
CA HIS S 478 -49.22 -7.98 -33.74
C HIS S 478 -47.77 -8.40 -34.00
N GLN S 479 -47.57 -9.70 -34.23
CA GLN S 479 -46.25 -10.28 -34.45
C GLN S 479 -45.85 -10.47 -35.91
N TYR S 480 -44.60 -10.12 -36.22
CA TYR S 480 -44.08 -10.23 -37.57
C TYR S 480 -42.72 -10.96 -37.57
N GLU S 481 -42.31 -11.43 -38.74
CA GLU S 481 -41.05 -12.15 -38.91
C GLU S 481 -40.42 -11.89 -40.28
N TYR S 482 -39.11 -12.08 -40.35
CA TYR S 482 -38.34 -11.91 -41.58
C TYR S 482 -37.46 -13.14 -41.73
N PRO S 483 -37.51 -13.77 -42.91
CA PRO S 483 -38.36 -13.29 -44.00
C PRO S 483 -39.83 -13.69 -43.74
N ALA S 484 -40.77 -12.87 -44.21
CA ALA S 484 -42.18 -13.17 -44.04
C ALA S 484 -42.49 -14.45 -44.81
N PRO S 485 -43.47 -15.24 -44.34
CA PRO S 485 -43.87 -16.51 -44.96
C PRO S 485 -44.09 -16.46 -46.47
N GLY S 486 -43.30 -17.25 -47.20
CA GLY S 486 -43.41 -17.29 -48.65
C GLY S 486 -42.58 -16.25 -49.40
N TYR S 487 -42.16 -15.19 -48.71
CA TYR S 487 -41.36 -14.13 -49.34
C TYR S 487 -39.85 -14.40 -49.29
N SER S 488 -39.10 -13.60 -50.04
CA SER S 488 -37.64 -13.78 -50.11
C SER S 488 -36.82 -12.82 -49.27
N LYS S 489 -35.58 -13.23 -48.99
CA LYS S 489 -34.64 -12.40 -48.24
C LYS S 489 -34.19 -11.27 -49.14
N ILE S 490 -33.66 -10.21 -48.55
CA ILE S 490 -33.20 -9.06 -49.31
C ILE S 490 -31.95 -9.34 -50.16
N LYS S 491 -31.98 -8.90 -51.41
CA LYS S 491 -30.86 -9.11 -52.31
C LYS S 491 -30.27 -7.78 -52.76
N MET S 492 -31.12 -6.75 -52.75
CA MET S 492 -30.70 -5.42 -53.18
C MET S 492 -31.22 -4.38 -52.18
N PHE S 493 -30.54 -3.24 -52.08
CA PHE S 493 -30.95 -2.18 -51.16
C PHE S 493 -30.92 -0.83 -51.85
N TRP S 494 -32.09 -0.22 -52.02
CA TRP S 494 -32.22 1.07 -52.66
C TRP S 494 -32.45 2.16 -51.60
N LYS S 495 -31.40 2.84 -51.18
CA LYS S 495 -31.56 3.89 -50.18
C LYS S 495 -31.90 5.24 -50.78
N TYR S 496 -32.66 6.00 -50.02
CA TYR S 496 -33.09 7.34 -50.40
C TYR S 496 -32.55 8.14 -49.22
N GLY S 497 -31.43 8.82 -49.43
CA GLY S 497 -30.80 9.57 -48.35
C GLY S 497 -29.91 8.58 -47.60
N GLY S 498 -29.05 9.06 -46.70
CA GLY S 498 -28.19 8.16 -45.96
C GLY S 498 -27.75 8.77 -44.64
N PRO S 499 -28.70 9.02 -43.73
CA PRO S 499 -28.46 9.64 -42.42
C PRO S 499 -28.35 8.72 -41.21
N HIS S 500 -28.73 7.45 -41.38
CA HIS S 500 -28.75 6.49 -40.29
C HIS S 500 -27.55 6.36 -39.38
N LEU S 501 -26.35 6.66 -39.88
CA LEU S 501 -25.17 6.56 -39.04
C LEU S 501 -25.24 7.58 -37.91
N GLY S 502 -25.94 8.69 -38.15
CA GLY S 502 -26.05 9.70 -37.13
C GLY S 502 -27.45 9.89 -36.57
N THR S 503 -28.38 9.02 -36.93
CA THR S 503 -29.74 9.20 -36.42
C THR S 503 -30.40 7.98 -35.81
N MET S 504 -29.81 6.80 -36.00
CA MET S 504 -30.36 5.58 -35.43
C MET S 504 -29.70 5.19 -34.11
N THR S 505 -29.56 3.89 -33.84
CA THR S 505 -28.98 3.43 -32.57
C THR S 505 -27.74 2.56 -32.75
N ALA S 506 -26.76 2.74 -31.88
CA ALA S 506 -25.50 1.98 -31.96
C ALA S 506 -25.17 1.80 -33.44
N THR S 507 -25.21 2.90 -34.15
CA THR S 507 -25.00 2.97 -35.59
C THR S 507 -23.78 2.32 -36.27
N ASN S 508 -22.80 1.84 -35.51
CA ASN S 508 -21.66 1.20 -36.18
C ASN S 508 -22.12 0.00 -37.00
N ARG S 509 -23.15 -0.69 -36.53
CA ARG S 509 -23.69 -1.87 -37.21
C ARG S 509 -24.29 -1.53 -38.60
N TYR S 510 -24.76 -0.28 -38.77
CA TYR S 510 -25.31 0.13 -40.06
C TYR S 510 -24.17 0.25 -41.07
N ALA S 511 -22.96 0.47 -40.55
CA ALA S 511 -21.78 0.58 -41.42
C ALA S 511 -21.34 -0.80 -41.87
N LYS S 512 -21.31 -1.73 -40.92
CA LYS S 512 -20.88 -3.11 -41.17
C LYS S 512 -21.76 -3.91 -42.13
N MET S 513 -23.06 -3.65 -42.11
CA MET S 513 -23.98 -4.38 -42.95
C MET S 513 -23.72 -4.25 -44.44
N TYR S 514 -23.24 -3.10 -44.87
CA TYR S 514 -23.00 -2.89 -46.28
C TYR S 514 -22.00 -3.84 -46.93
N THR S 515 -21.06 -4.36 -46.15
CA THR S 515 -20.06 -5.26 -46.69
C THR S 515 -20.47 -6.73 -46.67
N HIS S 516 -21.74 -6.98 -46.35
CA HIS S 516 -22.23 -8.35 -46.30
C HIS S 516 -22.40 -8.93 -47.71
N ASP S 517 -21.90 -10.15 -47.92
CA ASP S 517 -21.97 -10.78 -49.23
C ASP S 517 -23.38 -11.12 -49.70
N SER S 518 -24.36 -10.98 -48.83
CA SER S 518 -25.74 -11.28 -49.23
C SER S 518 -26.33 -10.08 -49.97
N LEU S 519 -25.70 -8.91 -49.81
CA LEU S 519 -26.18 -7.70 -50.50
C LEU S 519 -25.54 -7.55 -51.87
N GLU S 520 -26.17 -8.16 -52.86
CA GLU S 520 -25.67 -8.14 -54.22
C GLU S 520 -25.60 -6.75 -54.83
N PHE S 521 -26.45 -5.84 -54.37
CA PHE S 521 -26.45 -4.50 -54.94
C PHE S 521 -26.96 -3.40 -54.00
N VAL S 522 -26.41 -2.21 -54.16
CA VAL S 522 -26.81 -1.07 -53.33
C VAL S 522 -26.88 0.22 -54.13
N VAL S 523 -28.05 0.85 -54.14
CA VAL S 523 -28.27 2.12 -54.84
C VAL S 523 -28.59 3.19 -53.81
N SER S 524 -28.05 4.39 -54.00
CA SER S 524 -28.31 5.50 -53.10
C SER S 524 -28.79 6.69 -53.95
N GLN S 525 -29.97 7.19 -53.63
CA GLN S 525 -30.57 8.32 -54.34
C GLN S 525 -30.64 9.45 -53.32
N SER S 526 -29.63 10.31 -53.33
CA SER S 526 -29.56 11.40 -52.37
C SER S 526 -29.19 12.75 -52.97
N ILE S 527 -28.99 13.73 -52.10
CA ILE S 527 -28.65 15.07 -52.52
C ILE S 527 -27.19 15.43 -52.25
N TRP S 528 -26.72 15.10 -51.04
CA TRP S 528 -25.35 15.39 -50.64
C TRP S 528 -24.54 14.12 -50.46
N PHE S 529 -23.26 14.18 -50.83
CA PHE S 529 -22.35 13.05 -50.70
C PHE S 529 -21.90 13.03 -49.23
N GLU S 530 -22.62 12.32 -48.38
CA GLU S 530 -22.30 12.27 -46.95
C GLU S 530 -22.85 11.02 -46.27
N GLY S 531 -22.51 10.88 -44.99
CA GLY S 531 -22.98 9.75 -44.20
C GLY S 531 -22.85 8.39 -44.84
N GLU S 532 -24.00 7.80 -45.18
CA GLU S 532 -24.06 6.47 -45.80
C GLU S 532 -23.80 6.40 -47.31
N VAL S 533 -23.97 7.51 -48.02
CA VAL S 533 -23.80 7.51 -49.48
C VAL S 533 -22.52 6.85 -49.99
N PRO S 534 -21.37 7.04 -49.31
CA PRO S 534 -20.11 6.44 -49.74
C PRO S 534 -20.00 4.91 -49.63
N PHE S 535 -21.12 4.23 -49.40
CA PHE S 535 -21.12 2.76 -49.31
C PHE S 535 -21.83 2.15 -50.54
N ALA S 536 -22.57 2.98 -51.27
CA ALA S 536 -23.34 2.53 -52.44
C ALA S 536 -22.53 2.06 -53.66
N ASP S 537 -23.20 1.32 -54.55
CA ASP S 537 -22.58 0.83 -55.79
C ASP S 537 -22.91 1.86 -56.87
N ILE S 538 -24.08 2.48 -56.75
CA ILE S 538 -24.53 3.51 -57.67
C ILE S 538 -25.16 4.65 -56.89
N ILE S 539 -24.78 5.87 -57.22
CA ILE S 539 -25.31 7.06 -56.55
C ILE S 539 -26.05 7.94 -57.57
N LEU S 540 -27.30 8.27 -57.25
CA LEU S 540 -28.14 9.11 -58.11
C LEU S 540 -28.37 10.47 -57.47
N PRO S 541 -27.97 11.56 -58.16
CA PRO S 541 -28.10 12.95 -57.70
C PRO S 541 -29.50 13.54 -57.73
N ALA S 542 -29.99 13.96 -56.57
CA ALA S 542 -31.31 14.57 -56.49
C ALA S 542 -31.13 16.04 -56.12
N CYS S 543 -32.09 16.88 -56.49
CA CYS S 543 -32.01 18.32 -56.21
C CYS S 543 -32.87 18.76 -55.03
N THR S 544 -32.58 19.94 -54.47
CA THR S 544 -33.35 20.46 -53.34
C THR S 544 -34.68 20.97 -53.86
N ASN S 545 -35.57 21.39 -52.96
CA ASN S 545 -36.87 21.88 -53.36
C ASN S 545 -36.86 23.27 -54.00
N PHE S 546 -35.69 23.90 -54.06
CA PHE S 546 -35.58 25.20 -54.69
C PHE S 546 -35.28 25.01 -56.17
N GLU S 547 -35.10 23.77 -56.57
CA GLU S 547 -34.77 23.45 -57.95
C GLU S 547 -35.87 22.69 -58.68
N ARG S 548 -37.08 22.71 -58.12
CA ARG S 548 -38.23 22.04 -58.71
C ARG S 548 -39.53 22.71 -58.29
N TRP S 549 -40.64 22.32 -58.92
CA TRP S 549 -41.93 22.90 -58.59
C TRP S 549 -42.68 22.07 -57.55
N ASP S 550 -43.38 22.75 -56.65
CA ASP S 550 -44.16 22.08 -55.64
C ASP S 550 -45.09 23.06 -54.94
N ILE S 551 -45.89 22.54 -54.00
CA ILE S 551 -46.84 23.36 -53.26
C ILE S 551 -46.96 22.79 -51.84
N SER S 552 -47.18 23.67 -50.87
CA SER S 552 -47.30 23.25 -49.47
C SER S 552 -47.84 24.35 -48.57
N GLU S 553 -47.96 24.03 -47.28
CA GLU S 553 -48.42 24.97 -46.28
C GLU S 553 -47.44 24.98 -45.12
N PHE S 554 -47.27 26.14 -44.50
CA PHE S 554 -46.37 26.33 -43.36
C PHE S 554 -46.62 25.27 -42.28
N ALA S 555 -45.58 24.49 -41.98
CA ALA S 555 -45.62 23.46 -40.95
C ALA S 555 -46.75 22.42 -41.06
N ASN S 556 -47.56 22.49 -42.12
CA ASN S 556 -48.65 21.54 -42.25
C ASN S 556 -48.17 20.12 -42.52
N CYS S 557 -48.19 19.28 -41.50
CA CYS S 557 -47.80 17.88 -41.62
C CYS S 557 -49.06 17.02 -41.75
N SER S 558 -50.00 17.24 -40.83
CA SER S 558 -51.27 16.52 -40.80
C SER S 558 -51.11 15.01 -40.60
N GLY S 559 -52.14 14.26 -40.95
CA GLY S 559 -52.07 12.82 -40.81
C GLY S 559 -52.01 12.40 -39.36
N TYR S 560 -50.88 11.86 -38.94
N TYR S 560 -50.88 11.86 -38.94
CA TYR S 560 -50.71 11.42 -37.57
CA TYR S 560 -50.71 11.42 -37.57
C TYR S 560 -50.50 12.60 -36.62
C TYR S 560 -50.50 12.60 -36.62
N ILE S 561 -50.65 13.81 -37.15
CA ILE S 561 -50.52 15.05 -36.37
C ILE S 561 -51.53 16.01 -37.00
N PRO S 562 -52.82 15.62 -36.98
CA PRO S 562 -53.92 16.41 -37.54
C PRO S 562 -53.91 17.90 -37.20
N ASP S 563 -54.18 18.72 -38.20
CA ASP S 563 -54.26 20.16 -38.05
C ASP S 563 -53.09 20.78 -37.30
N ASN S 564 -51.88 20.24 -37.49
CA ASN S 564 -50.73 20.78 -36.78
C ASN S 564 -50.25 22.12 -37.33
N TYR S 565 -50.98 22.67 -38.29
CA TYR S 565 -50.61 23.97 -38.83
C TYR S 565 -50.89 25.01 -37.76
N GLN S 566 -51.61 24.61 -36.70
CA GLN S 566 -51.94 25.50 -35.61
C GLN S 566 -50.71 25.88 -34.80
N LEU S 567 -49.55 25.39 -35.26
CA LEU S 567 -48.28 25.71 -34.60
C LEU S 567 -47.88 27.14 -34.96
N CYS S 568 -48.30 27.59 -36.14
CA CYS S 568 -47.98 28.92 -36.64
C CYS S 568 -49.03 29.97 -36.30
N ASN S 569 -48.63 31.25 -36.37
CA ASN S 569 -49.55 32.35 -36.09
C ASN S 569 -50.54 32.58 -37.23
N HIS S 570 -50.22 32.08 -38.42
CA HIS S 570 -51.10 32.19 -39.58
C HIS S 570 -50.95 30.98 -40.49
N ARG S 571 -52.02 30.62 -41.18
CA ARG S 571 -51.95 29.51 -42.13
C ARG S 571 -51.47 30.13 -43.43
N VAL S 572 -50.24 29.79 -43.82
CA VAL S 572 -49.65 30.31 -45.05
C VAL S 572 -49.50 29.19 -46.06
N ILE S 573 -50.22 29.31 -47.17
CA ILE S 573 -50.17 28.33 -48.24
C ILE S 573 -49.31 28.93 -49.33
N SER S 574 -48.19 28.28 -49.64
CA SER S 574 -47.30 28.84 -50.64
C SER S 574 -46.86 27.91 -51.77
N LEU S 575 -46.64 28.52 -52.93
CA LEU S 575 -46.20 27.83 -54.13
C LEU S 575 -44.68 27.80 -54.05
N GLN S 576 -44.08 26.61 -54.14
CA GLN S 576 -42.64 26.50 -54.08
C GLN S 576 -42.11 26.56 -55.50
N ALA S 577 -41.83 27.78 -55.96
CA ALA S 577 -41.34 27.99 -57.30
C ALA S 577 -39.94 27.42 -57.51
N LYS S 578 -39.66 27.03 -58.75
CA LYS S 578 -38.35 26.51 -59.11
C LYS S 578 -37.50 27.76 -59.27
N CYS S 579 -36.81 28.14 -58.22
CA CYS S 579 -35.99 29.34 -58.22
C CYS S 579 -34.76 29.31 -59.12
N ILE S 580 -34.20 28.12 -59.33
CA ILE S 580 -33.03 27.99 -60.18
C ILE S 580 -33.05 26.65 -60.92
N GLU S 581 -32.07 26.43 -61.80
CA GLU S 581 -31.99 25.19 -62.55
C GLU S 581 -31.24 24.17 -61.69
N PRO S 582 -31.63 22.89 -61.78
CA PRO S 582 -30.97 21.85 -60.99
C PRO S 582 -29.44 22.00 -60.99
N VAL S 583 -28.86 22.08 -59.81
CA VAL S 583 -27.42 22.21 -59.68
C VAL S 583 -26.72 20.94 -60.14
N GLY S 584 -25.57 21.11 -60.78
CA GLY S 584 -24.82 19.97 -61.28
C GLY S 584 -25.63 19.23 -62.33
N GLU S 585 -25.51 17.91 -62.34
CA GLU S 585 -26.22 17.09 -63.28
C GLU S 585 -27.33 16.32 -62.53
N SER S 586 -27.79 16.90 -61.42
CA SER S 586 -28.82 16.30 -60.60
C SER S 586 -30.23 16.66 -61.09
N MET S 587 -31.22 15.89 -60.63
CA MET S 587 -32.60 16.14 -61.02
C MET S 587 -33.54 15.80 -59.89
N SER S 588 -34.80 16.20 -60.04
CA SER S 588 -35.80 15.95 -59.02
C SER S 588 -36.12 14.47 -58.91
N ASP S 589 -36.41 14.03 -57.69
CA ASP S 589 -36.75 12.63 -57.45
C ASP S 589 -37.89 12.21 -58.38
N TYR S 590 -38.79 13.13 -58.68
CA TYR S 590 -39.89 12.79 -59.57
C TYR S 590 -39.40 12.43 -60.97
N GLU S 591 -38.53 13.27 -61.53
CA GLU S 591 -37.99 13.01 -62.86
C GLU S 591 -37.09 11.77 -62.85
N ILE S 592 -36.42 11.53 -61.72
CA ILE S 592 -35.56 10.35 -61.63
C ILE S 592 -36.45 9.13 -61.76
N TYR S 593 -37.56 9.16 -61.04
CA TYR S 593 -38.52 8.06 -61.07
C TYR S 593 -39.22 7.97 -62.41
N ARG S 594 -39.57 9.12 -62.97
CA ARG S 594 -40.23 9.13 -64.27
C ARG S 594 -39.34 8.45 -65.30
N LEU S 595 -38.03 8.64 -65.17
CA LEU S 595 -37.06 8.04 -66.08
C LEU S 595 -36.98 6.53 -65.89
N PHE S 596 -37.07 6.07 -64.64
CA PHE S 596 -37.03 4.63 -64.36
C PHE S 596 -38.31 3.96 -64.88
N ALA S 597 -39.45 4.62 -64.68
CA ALA S 597 -40.73 4.09 -65.12
C ALA S 597 -40.70 3.87 -66.63
N LYS S 598 -40.04 4.79 -67.34
CA LYS S 598 -39.93 4.69 -68.78
C LYS S 598 -39.16 3.43 -69.16
N LYS S 599 -38.07 3.14 -68.43
CA LYS S 599 -37.27 1.96 -68.72
C LYS S 599 -37.87 0.67 -68.17
N LEU S 600 -38.79 0.80 -67.21
CA LEU S 600 -39.46 -0.37 -66.64
C LEU S 600 -40.78 -0.62 -67.35
N ASN S 601 -41.01 0.15 -68.41
CA ASN S 601 -42.20 0.03 -69.24
C ASN S 601 -43.51 0.34 -68.51
N ILE S 602 -43.46 1.34 -67.63
CA ILE S 602 -44.64 1.74 -66.86
C ILE S 602 -44.75 3.26 -66.72
N GLU S 603 -44.17 4.00 -67.65
CA GLU S 603 -44.22 5.46 -67.57
C GLU S 603 -45.63 6.04 -67.57
N GLU S 604 -46.52 5.47 -68.37
CA GLU S 604 -47.88 5.97 -68.45
C GLU S 604 -48.61 5.78 -67.11
N MET S 605 -48.45 4.60 -66.52
CA MET S 605 -49.10 4.31 -65.26
C MET S 605 -48.56 5.19 -64.13
N PHE S 606 -47.28 5.48 -64.16
CA PHE S 606 -46.69 6.30 -63.10
C PHE S 606 -46.89 7.81 -63.23
N SER S 607 -46.71 8.36 -64.43
CA SER S 607 -46.84 9.80 -64.59
C SER S 607 -48.20 10.31 -65.04
N GLU S 608 -48.96 9.46 -65.74
CA GLU S 608 -50.26 9.86 -66.25
C GLU S 608 -50.03 11.09 -67.14
N GLY S 609 -48.92 11.10 -67.86
CA GLY S 609 -48.58 12.21 -68.74
C GLY S 609 -48.32 13.55 -68.06
N LYS S 610 -48.22 13.57 -66.74
CA LYS S 610 -48.01 14.81 -66.02
C LYS S 610 -46.60 15.01 -65.50
N ASP S 611 -46.17 16.27 -65.46
CA ASP S 611 -44.87 16.61 -64.92
C ASP S 611 -45.18 17.15 -63.53
N GLU S 612 -44.14 17.55 -62.79
CA GLU S 612 -44.33 18.06 -61.44
C GLU S 612 -45.35 19.19 -61.32
N LEU S 613 -45.19 20.24 -62.11
CA LEU S 613 -46.10 21.38 -62.04
C LEU S 613 -47.56 20.99 -62.30
N ALA S 614 -47.76 19.97 -63.14
CA ALA S 614 -49.10 19.48 -63.47
C ALA S 614 -49.78 18.85 -62.27
N TRP S 615 -49.05 18.01 -61.54
CA TRP S 615 -49.61 17.36 -60.36
C TRP S 615 -49.97 18.41 -59.31
N CYS S 616 -49.14 19.44 -59.18
CA CYS S 616 -49.39 20.51 -58.21
C CYS S 616 -50.74 21.17 -58.44
N GLU S 617 -51.09 21.40 -59.70
CA GLU S 617 -52.36 22.02 -60.04
C GLU S 617 -53.50 21.04 -59.75
N GLN S 618 -53.31 19.76 -60.08
CA GLN S 618 -54.35 18.78 -59.79
C GLN S 618 -54.48 18.69 -58.27
N TYR S 619 -53.35 18.80 -57.58
CA TYR S 619 -53.31 18.75 -56.12
C TYR S 619 -54.06 19.95 -55.57
N PHE S 620 -53.73 21.12 -56.10
CA PHE S 620 -54.34 22.38 -55.70
C PHE S 620 -55.85 22.31 -55.76
N ASN S 621 -56.38 21.78 -56.85
CA ASN S 621 -57.84 21.70 -57.02
C ASN S 621 -58.53 20.67 -56.15
N ALA S 622 -57.75 19.88 -55.40
CA ALA S 622 -58.33 18.86 -54.55
C ALA S 622 -58.38 19.39 -53.12
N THR S 623 -57.98 20.65 -52.94
CA THR S 623 -58.00 21.27 -51.62
C THR S 623 -59.16 22.26 -51.56
N ASP S 624 -59.12 23.18 -50.59
CA ASP S 624 -60.17 24.19 -50.45
C ASP S 624 -59.79 25.54 -51.04
N MET S 625 -58.57 25.63 -51.54
CA MET S 625 -58.09 26.87 -52.14
C MET S 625 -59.03 27.46 -53.19
N PRO S 626 -59.55 26.63 -54.10
CA PRO S 626 -60.46 27.12 -55.15
C PRO S 626 -61.54 28.06 -54.64
N LYS S 627 -61.86 28.00 -53.36
CA LYS S 627 -62.87 28.86 -52.78
C LYS S 627 -62.41 30.31 -52.68
N TYR S 628 -61.10 30.52 -52.58
CA TYR S 628 -60.56 31.86 -52.47
C TYR S 628 -59.92 32.36 -53.77
N MET S 629 -59.21 31.48 -54.48
CA MET S 629 -58.57 31.86 -55.73
C MET S 629 -58.31 30.67 -56.64
N THR S 630 -58.07 30.94 -57.93
CA THR S 630 -57.80 29.89 -58.91
C THR S 630 -56.33 29.52 -58.93
N TRP S 631 -55.98 28.50 -59.72
CA TRP S 631 -54.60 28.08 -59.84
C TRP S 631 -53.73 29.20 -60.39
N ASP S 632 -54.18 29.79 -61.51
CA ASP S 632 -53.44 30.87 -62.14
C ASP S 632 -53.24 32.06 -61.21
N GLU S 633 -54.29 32.42 -60.46
CA GLU S 633 -54.19 33.55 -59.54
C GLU S 633 -53.19 33.24 -58.44
N PHE S 634 -53.28 32.02 -57.90
CA PHE S 634 -52.39 31.58 -56.83
C PHE S 634 -50.97 31.43 -57.35
N PHE S 635 -50.83 30.96 -58.58
CA PHE S 635 -49.51 30.78 -59.17
C PHE S 635 -48.81 32.11 -59.36
N LYS S 636 -49.60 33.17 -59.52
CA LYS S 636 -49.05 34.50 -59.72
C LYS S 636 -48.69 35.19 -58.41
N LYS S 637 -49.49 34.97 -57.36
CA LYS S 637 -49.21 35.60 -56.08
C LYS S 637 -48.05 34.93 -55.36
N GLY S 638 -47.94 33.62 -55.52
CA GLY S 638 -46.84 32.90 -54.88
C GLY S 638 -47.15 32.39 -53.48
N TYR S 639 -48.08 33.04 -52.79
CA TYR S 639 -48.46 32.63 -51.43
C TYR S 639 -49.86 33.12 -51.09
N PHE S 640 -50.42 32.60 -50.01
CA PHE S 640 -51.77 32.96 -49.58
C PHE S 640 -51.99 32.81 -48.07
N VAL S 641 -52.49 33.87 -47.45
CA VAL S 641 -52.79 33.86 -46.03
C VAL S 641 -54.27 33.53 -45.86
N VAL S 642 -54.57 32.36 -45.32
CA VAL S 642 -55.96 31.96 -45.11
C VAL S 642 -56.65 32.92 -44.15
N PRO S 643 -57.86 33.37 -44.48
CA PRO S 643 -58.64 34.29 -43.65
C PRO S 643 -58.99 33.71 -42.28
N ASP S 644 -59.24 34.61 -41.32
CA ASP S 644 -59.59 34.21 -39.96
C ASP S 644 -61.08 33.89 -39.87
N ASN S 645 -61.45 32.97 -38.97
CA ASN S 645 -62.86 32.63 -38.76
C ASN S 645 -63.20 33.05 -37.33
N PRO S 646 -63.31 34.37 -37.10
CA PRO S 646 -63.63 34.97 -35.80
C PRO S 646 -64.76 34.28 -35.04
N ASN S 647 -65.77 33.83 -35.78
CA ASN S 647 -66.91 33.22 -35.14
C ASN S 647 -66.99 31.71 -34.98
N ARG S 648 -66.06 30.94 -35.55
CA ARG S 648 -66.15 29.49 -35.40
C ARG S 648 -66.17 29.15 -33.90
N LYS S 649 -67.00 28.19 -33.50
CA LYS S 649 -67.09 27.85 -32.10
C LYS S 649 -65.81 27.19 -31.60
N LYS S 650 -65.33 27.68 -30.46
CA LYS S 650 -64.10 27.17 -29.86
C LYS S 650 -64.34 25.84 -29.16
N THR S 651 -63.50 24.86 -29.49
CA THR S 651 -63.57 23.54 -28.89
C THR S 651 -62.21 23.17 -28.30
N VAL S 652 -61.98 23.63 -27.07
CA VAL S 652 -60.74 23.36 -26.36
C VAL S 652 -60.46 21.87 -26.20
N ALA S 653 -59.21 21.49 -26.45
CA ALA S 653 -58.79 20.11 -26.36
C ALA S 653 -59.22 19.42 -25.07
N LEU S 654 -59.80 18.23 -25.24
CA LEU S 654 -60.25 17.39 -24.14
C LEU S 654 -61.34 17.94 -23.22
N ARG S 655 -61.90 19.10 -23.52
CA ARG S 655 -62.93 19.60 -22.62
C ARG S 655 -64.15 18.68 -22.67
N TRP S 656 -64.44 18.13 -23.84
CA TRP S 656 -65.58 17.22 -23.97
C TRP S 656 -65.40 16.04 -23.03
N PHE S 657 -64.16 15.57 -22.89
CA PHE S 657 -63.85 14.45 -22.02
C PHE S 657 -64.00 14.81 -20.56
N ALA S 658 -63.52 15.98 -20.18
CA ALA S 658 -63.59 16.44 -18.80
C ALA S 658 -65.05 16.71 -18.38
N GLU S 659 -65.88 17.10 -19.35
CA GLU S 659 -67.27 17.42 -19.09
C GLU S 659 -68.21 16.23 -19.34
N GLY S 660 -67.63 15.08 -19.64
CA GLY S 660 -68.42 13.88 -19.88
C GLY S 660 -69.39 13.88 -21.04
N ARG S 661 -69.10 14.64 -22.09
CA ARG S 661 -69.99 14.68 -23.24
C ARG S 661 -69.32 14.20 -24.53
N GLU S 662 -70.08 14.22 -25.63
CA GLU S 662 -69.58 13.77 -26.93
C GLU S 662 -68.41 14.59 -27.44
N LYS S 663 -67.44 13.91 -28.04
CA LYS S 663 -66.27 14.57 -28.60
C LYS S 663 -66.76 15.61 -29.61
N ASP S 664 -66.17 16.81 -29.59
CA ASP S 664 -66.63 17.87 -30.48
C ASP S 664 -65.55 18.68 -31.19
N THR S 665 -64.31 18.21 -31.15
CA THR S 665 -63.22 18.93 -31.80
C THR S 665 -62.98 18.38 -33.21
N PRO S 666 -62.09 19.03 -33.99
CA PRO S 666 -61.83 18.54 -35.35
C PRO S 666 -60.91 17.32 -35.38
N ASP S 667 -60.54 16.80 -34.21
CA ASP S 667 -59.65 15.65 -34.13
C ASP S 667 -60.11 14.49 -35.01
N TRP S 668 -59.15 13.76 -35.56
CA TRP S 668 -59.43 12.63 -36.44
C TRP S 668 -59.85 11.37 -35.72
N GLY S 669 -60.03 11.48 -34.40
CA GLY S 669 -60.45 10.34 -33.60
C GLY S 669 -61.06 10.76 -32.28
N PRO S 670 -61.52 9.81 -31.46
CA PRO S 670 -61.48 8.37 -31.77
C PRO S 670 -62.57 7.96 -32.73
N ARG S 671 -62.46 6.74 -33.24
CA ARG S 671 -63.46 6.22 -34.16
C ARG S 671 -64.69 5.78 -33.38
N LEU S 672 -65.84 5.92 -34.03
CA LEU S 672 -67.12 5.58 -33.41
C LEU S 672 -67.17 4.18 -32.81
N ASN S 673 -66.51 3.23 -33.45
CA ASN S 673 -66.53 1.86 -32.95
C ASN S 673 -65.69 1.70 -31.67
N ASN S 674 -64.82 2.68 -31.40
CA ASN S 674 -63.99 2.64 -30.19
C ASN S 674 -64.59 3.54 -29.10
N GLN S 675 -65.88 3.81 -29.22
CA GLN S 675 -66.58 4.64 -28.25
C GLN S 675 -67.99 4.11 -28.00
N VAL S 676 -68.58 4.56 -26.90
CA VAL S 676 -69.95 4.20 -26.56
C VAL S 676 -70.70 5.52 -26.69
N CYS S 677 -71.53 5.62 -27.73
CA CYS S 677 -72.29 6.84 -28.01
C CYS S 677 -71.35 8.03 -28.08
N ARG S 678 -70.24 7.82 -28.78
CA ARG S 678 -69.19 8.82 -28.96
C ARG S 678 -68.79 9.65 -27.75
N LYS S 679 -68.60 8.95 -26.63
CA LYS S 679 -68.19 9.58 -25.38
C LYS S 679 -67.01 8.78 -24.86
N GLY S 680 -66.08 9.44 -24.20
CA GLY S 680 -64.93 8.72 -23.66
C GLY S 680 -63.79 8.56 -24.64
N LEU S 681 -62.66 8.07 -24.14
CA LEU S 681 -61.47 7.87 -24.96
C LEU S 681 -61.53 6.55 -25.74
N GLN S 682 -60.61 6.39 -26.67
CA GLN S 682 -60.50 5.19 -27.52
C GLN S 682 -60.35 3.89 -26.73
N THR S 683 -59.83 4.00 -25.51
CA THR S 683 -59.62 2.84 -24.64
C THR S 683 -60.93 2.07 -24.41
N THR S 684 -60.81 0.79 -24.05
CA THR S 684 -62.00 -0.03 -23.81
C THR S 684 -62.95 0.65 -22.82
N THR S 685 -62.48 0.90 -21.59
CA THR S 685 -63.31 1.55 -20.58
C THR S 685 -63.73 2.96 -21.00
N GLY S 686 -62.95 3.57 -21.88
CA GLY S 686 -63.24 4.92 -22.32
C GLY S 686 -62.64 5.91 -21.34
N LYS S 687 -61.82 5.39 -20.43
CA LYS S 687 -61.18 6.20 -19.41
C LYS S 687 -59.65 6.12 -19.44
N VAL S 688 -59.01 7.05 -18.73
CA VAL S 688 -57.56 7.03 -18.63
C VAL S 688 -57.34 5.75 -17.83
N GLU S 689 -56.68 4.77 -18.42
CA GLU S 689 -56.46 3.50 -17.75
C GLU S 689 -55.07 3.33 -17.12
N PHE S 690 -54.99 3.58 -15.82
CA PHE S 690 -53.73 3.44 -15.10
C PHE S 690 -53.27 1.99 -15.15
N ILE S 691 -54.20 1.11 -15.49
CA ILE S 691 -53.93 -0.33 -15.64
C ILE S 691 -54.51 -0.62 -17.02
N ALA S 692 -53.67 -0.57 -18.04
CA ALA S 692 -54.11 -0.78 -19.42
C ALA S 692 -54.79 -2.12 -19.70
N THR S 693 -56.04 -2.06 -20.14
CA THR S 693 -56.77 -3.28 -20.47
C THR S 693 -56.08 -4.02 -21.61
N SER S 694 -55.64 -3.26 -22.61
CA SER S 694 -54.96 -3.86 -23.76
C SER S 694 -53.70 -4.63 -23.31
N LEU S 695 -52.85 -3.96 -22.55
CA LEU S 695 -51.62 -4.60 -22.10
C LEU S 695 -51.93 -5.77 -21.17
N LYS S 696 -53.03 -5.69 -20.43
CA LYS S 696 -53.40 -6.77 -19.52
C LYS S 696 -53.81 -8.01 -20.31
N ASN S 697 -54.45 -7.81 -21.45
CA ASN S 697 -54.87 -8.93 -22.30
C ASN S 697 -53.61 -9.60 -22.82
N PHE S 698 -52.68 -8.75 -23.28
CA PHE S 698 -51.40 -9.17 -23.84
C PHE S 698 -50.64 -10.10 -22.91
N GLU S 699 -50.41 -9.68 -21.66
CA GLU S 699 -49.69 -10.52 -20.72
C GLU S 699 -50.44 -11.79 -20.37
N GLU S 700 -51.76 -11.70 -20.20
CA GLU S 700 -52.55 -12.86 -19.89
C GLU S 700 -52.53 -13.83 -21.07
N GLN S 701 -52.12 -13.32 -22.23
CA GLN S 701 -52.02 -14.16 -23.43
C GLN S 701 -50.62 -14.77 -23.47
N GLY S 702 -49.82 -14.49 -22.44
CA GLY S 702 -48.49 -15.07 -22.37
C GLY S 702 -47.29 -14.21 -22.79
N TYR S 703 -47.52 -12.95 -23.15
CA TYR S 703 -46.40 -12.10 -23.55
C TYR S 703 -45.88 -11.26 -22.38
N ILE S 704 -45.14 -11.90 -21.48
CA ILE S 704 -44.61 -11.24 -20.30
C ILE S 704 -43.48 -10.25 -20.63
N ASP S 705 -43.72 -8.98 -20.36
CA ASP S 705 -42.74 -7.95 -20.65
C ASP S 705 -42.52 -7.03 -19.45
N GLU S 706 -41.56 -7.42 -18.64
CA GLU S 706 -41.18 -6.70 -17.43
C GLU S 706 -41.01 -5.18 -17.58
N HIS S 707 -40.42 -4.73 -18.69
CA HIS S 707 -40.22 -3.30 -18.87
C HIS S 707 -41.40 -2.56 -19.51
N ARG S 708 -42.56 -3.19 -19.48
CA ARG S 708 -43.78 -2.58 -20.01
C ARG S 708 -44.97 -3.24 -19.31
N PRO S 709 -45.12 -3.00 -18.00
CA PRO S 709 -46.23 -3.57 -17.22
C PRO S 709 -47.55 -2.91 -17.57
N SER S 710 -48.65 -3.64 -17.43
CA SER S 710 -49.97 -3.08 -17.73
C SER S 710 -50.25 -1.89 -16.82
N MET S 711 -49.77 -1.94 -15.58
CA MET S 711 -49.97 -0.81 -14.68
C MET S 711 -48.75 0.12 -14.75
N HIS S 712 -49.01 1.43 -14.77
CA HIS S 712 -47.96 2.42 -14.81
C HIS S 712 -47.27 2.37 -13.46
N THR S 713 -46.00 1.98 -13.46
CA THR S 713 -45.25 1.86 -12.23
C THR S 713 -43.84 2.38 -12.43
N TYR S 714 -43.01 2.28 -11.40
CA TYR S 714 -41.65 2.75 -11.53
C TYR S 714 -40.72 1.65 -11.99
N VAL S 715 -40.60 1.53 -13.31
CA VAL S 715 -39.70 0.54 -13.88
C VAL S 715 -38.37 1.28 -14.04
N PRO S 716 -37.33 0.83 -13.31
CA PRO S 716 -36.01 1.45 -13.38
C PRO S 716 -35.50 1.42 -14.82
N ALA S 717 -35.07 2.56 -15.33
CA ALA S 717 -34.56 2.62 -16.70
C ALA S 717 -33.43 1.61 -16.85
N TRP S 718 -33.45 0.80 -17.90
CA TRP S 718 -32.38 -0.19 -18.05
C TRP S 718 -31.04 0.39 -18.47
N GLU S 719 -31.01 1.66 -18.85
CA GLU S 719 -29.74 2.32 -19.17
C GLU S 719 -29.67 3.65 -18.42
N SER S 720 -29.58 3.55 -17.10
CA SER S 720 -29.51 4.70 -16.20
C SER S 720 -28.36 4.51 -15.23
N GLN S 721 -27.95 5.58 -14.56
CA GLN S 721 -26.83 5.53 -13.62
C GLN S 721 -26.87 4.63 -12.38
N LYS S 722 -28.03 4.46 -11.75
CA LYS S 722 -28.03 3.62 -10.56
C LYS S 722 -28.60 2.23 -10.71
N HIS S 723 -29.18 1.92 -11.88
CA HIS S 723 -29.77 0.60 -12.06
C HIS S 723 -29.08 -0.32 -13.07
N SER S 724 -28.44 0.27 -14.07
CA SER S 724 -27.75 -0.50 -15.10
C SER S 724 -26.34 -0.96 -14.73
N PRO S 725 -26.03 -2.24 -15.00
CA PRO S 725 -24.72 -2.84 -14.71
C PRO S 725 -23.60 -2.09 -15.43
N LEU S 726 -23.97 -1.47 -16.54
CA LEU S 726 -23.08 -0.72 -17.40
C LEU S 726 -22.56 0.56 -16.74
N ALA S 727 -23.32 1.07 -15.77
CA ALA S 727 -22.96 2.30 -15.07
C ALA S 727 -21.64 2.25 -14.28
N VAL S 728 -21.25 1.04 -13.87
CA VAL S 728 -20.01 0.88 -13.12
C VAL S 728 -18.83 1.22 -14.05
N LYS S 729 -18.92 0.79 -15.29
CA LYS S 729 -17.87 1.04 -16.28
C LYS S 729 -18.00 2.43 -16.91
N TYR S 730 -19.23 2.84 -17.21
CA TYR S 730 -19.51 4.12 -17.85
C TYR S 730 -20.47 4.94 -16.96
N PRO S 731 -19.90 5.69 -16.00
CA PRO S 731 -20.62 6.53 -15.03
C PRO S 731 -21.34 7.78 -15.53
N LEU S 732 -21.01 8.26 -16.71
CA LEU S 732 -21.66 9.47 -17.22
C LEU S 732 -22.92 9.15 -18.00
N GLY S 733 -23.97 9.92 -17.71
CA GLY S 733 -25.24 9.74 -18.38
C GLY S 733 -25.35 10.76 -19.49
N MET S 734 -25.68 10.29 -20.69
CA MET S 734 -25.79 11.16 -21.85
C MET S 734 -27.17 11.18 -22.50
N LEU S 735 -27.65 12.39 -22.78
CA LEU S 735 -28.92 12.58 -23.48
C LEU S 735 -28.49 13.24 -24.80
N SER S 736 -29.18 12.95 -25.88
CA SER S 736 -28.81 13.49 -27.19
C SER S 736 -30.00 13.90 -28.05
N PRO S 737 -30.62 15.06 -27.74
CA PRO S 737 -31.77 15.62 -28.43
C PRO S 737 -31.52 16.08 -29.87
N HIS S 738 -32.52 16.74 -30.44
CA HIS S 738 -32.44 17.22 -31.80
C HIS S 738 -31.51 18.43 -31.89
N PRO S 739 -30.70 18.50 -32.95
CA PRO S 739 -29.75 19.60 -33.18
C PRO S 739 -30.41 20.96 -33.25
N ARG S 740 -29.85 21.90 -32.49
CA ARG S 740 -30.35 23.26 -32.42
C ARG S 740 -30.26 24.07 -33.72
N PHE S 741 -29.15 23.93 -34.44
CA PHE S 741 -28.97 24.69 -35.67
C PHE S 741 -29.14 23.91 -36.97
N SER S 742 -29.92 22.84 -36.93
CA SER S 742 -30.14 22.03 -38.12
C SER S 742 -31.38 21.19 -37.95
N MET S 743 -31.99 20.81 -39.07
CA MET S 743 -33.17 19.96 -39.04
C MET S 743 -32.56 18.56 -39.24
N HIS S 744 -32.14 17.96 -38.14
CA HIS S 744 -31.49 16.65 -38.16
C HIS S 744 -30.23 16.73 -39.01
N THR S 745 -30.11 15.91 -40.06
CA THR S 745 -28.90 16.00 -40.89
C THR S 745 -28.91 17.18 -41.86
N MET S 746 -30.10 17.64 -42.21
CA MET S 746 -30.24 18.75 -43.17
C MET S 746 -29.90 20.12 -42.60
N GLY S 747 -28.60 20.41 -42.57
CA GLY S 747 -28.10 21.67 -42.05
C GLY S 747 -26.64 21.54 -41.66
N ASP S 748 -26.32 20.53 -40.86
CA ASP S 748 -24.95 20.30 -40.44
C ASP S 748 -24.15 19.80 -41.65
N GLY S 749 -22.83 19.93 -41.58
CA GLY S 749 -21.96 19.48 -42.66
C GLY S 749 -22.23 20.17 -43.99
N LYS S 750 -21.90 19.49 -45.09
CA LYS S 750 -22.13 20.04 -46.41
C LYS S 750 -21.38 21.35 -46.60
N ASN S 751 -20.42 21.62 -45.72
N ASN S 751 -20.42 21.62 -45.72
CA ASN S 751 -19.64 22.84 -45.80
CA ASN S 751 -19.64 22.84 -45.80
C ASN S 751 -20.58 24.05 -45.80
C ASN S 751 -20.58 24.05 -45.80
N SER S 752 -21.69 23.92 -45.08
CA SER S 752 -22.68 25.00 -44.98
C SER S 752 -22.27 26.11 -44.01
N TYR S 753 -23.06 27.18 -43.95
CA TYR S 753 -22.77 28.31 -43.06
C TYR S 753 -23.00 27.94 -41.59
N MET S 754 -23.94 27.03 -41.35
CA MET S 754 -24.25 26.61 -40.00
C MET S 754 -23.00 26.13 -39.26
N ASN S 755 -22.05 25.59 -40.00
CA ASN S 755 -20.82 25.09 -39.41
C ASN S 755 -19.97 26.14 -38.69
N TYR S 756 -20.22 27.42 -38.95
CA TYR S 756 -19.45 28.48 -38.31
C TYR S 756 -20.10 29.03 -37.06
N ILE S 757 -21.28 28.51 -36.72
CA ILE S 757 -21.98 28.95 -35.52
C ILE S 757 -21.25 28.42 -34.28
N LYS S 758 -20.85 29.33 -33.40
CA LYS S 758 -20.12 28.97 -32.18
C LYS S 758 -20.62 27.75 -31.41
N ASP S 759 -21.91 27.69 -31.12
CA ASP S 759 -22.45 26.57 -30.35
C ASP S 759 -22.91 25.38 -31.19
N HIS S 760 -22.38 25.26 -32.40
CA HIS S 760 -22.71 24.14 -33.28
C HIS S 760 -21.49 23.23 -33.41
N ARG S 761 -20.42 23.78 -33.96
CA ARG S 761 -19.16 23.05 -34.13
C ARG S 761 -18.00 23.97 -33.76
N VAL S 762 -16.96 23.39 -33.18
CA VAL S 762 -15.78 24.14 -32.77
C VAL S 762 -14.57 23.71 -33.59
N GLU S 763 -13.93 24.67 -34.25
CA GLU S 763 -12.78 24.35 -35.07
C GLU S 763 -11.49 24.21 -34.27
N VAL S 764 -10.78 23.12 -34.53
CA VAL S 764 -9.53 22.83 -33.86
C VAL S 764 -8.56 22.25 -34.88
N ASP S 765 -7.49 22.98 -35.14
CA ASP S 765 -6.46 22.56 -36.09
C ASP S 765 -7.06 22.24 -37.46
N GLY S 766 -7.85 23.18 -37.99
CA GLY S 766 -8.43 22.99 -39.31
C GLY S 766 -9.69 22.13 -39.44
N TYR S 767 -10.08 21.42 -38.40
CA TYR S 767 -11.26 20.57 -38.45
C TYR S 767 -12.34 21.04 -37.46
N LYS S 768 -13.57 21.18 -37.93
CA LYS S 768 -14.67 21.61 -37.06
C LYS S 768 -15.31 20.41 -36.41
N TYR S 769 -15.08 20.24 -35.11
CA TYR S 769 -15.61 19.13 -34.35
C TYR S 769 -16.97 19.36 -33.71
N TRP S 770 -17.74 18.28 -33.60
CA TRP S 770 -19.08 18.30 -33.00
C TRP S 770 -18.90 18.62 -31.51
N ILE S 771 -19.94 19.19 -30.90
CA ILE S 771 -19.89 19.58 -29.50
C ILE S 771 -20.54 18.68 -28.47
N MET S 772 -19.88 18.56 -27.31
CA MET S 772 -20.43 17.82 -26.18
C MET S 772 -20.27 18.73 -24.97
N ARG S 773 -21.37 18.96 -24.27
CA ARG S 773 -21.37 19.82 -23.09
C ARG S 773 -21.05 18.99 -21.86
N VAL S 774 -20.20 19.52 -21.00
CA VAL S 774 -19.79 18.82 -19.79
C VAL S 774 -19.81 19.76 -18.59
N ASN S 775 -20.34 19.27 -17.47
CA ASN S 775 -20.40 20.09 -16.27
C ASN S 775 -18.98 20.31 -15.77
N SER S 776 -18.70 21.55 -15.37
CA SER S 776 -17.39 21.95 -14.88
C SER S 776 -16.74 20.93 -13.95
N ILE S 777 -17.52 20.42 -13.01
CA ILE S 777 -17.02 19.45 -12.04
C ILE S 777 -16.55 18.15 -12.68
N ASP S 778 -17.30 17.65 -13.66
CA ASP S 778 -16.91 16.42 -14.34
C ASP S 778 -15.71 16.65 -15.24
N ALA S 779 -15.59 17.86 -15.76
CA ALA S 779 -14.48 18.23 -16.62
C ALA S 779 -13.21 18.31 -15.79
N GLU S 780 -13.26 19.12 -14.73
CA GLU S 780 -12.14 19.30 -13.83
C GLU S 780 -11.56 17.95 -13.40
N ALA S 781 -12.43 17.06 -12.91
CA ALA S 781 -12.01 15.74 -12.46
C ALA S 781 -11.27 14.93 -13.53
N ARG S 782 -11.47 15.29 -14.79
CA ARG S 782 -10.82 14.60 -15.91
C ARG S 782 -9.80 15.48 -16.62
N GLY S 783 -9.42 16.59 -15.99
CA GLY S 783 -8.46 17.50 -16.58
C GLY S 783 -8.86 17.98 -17.96
N ILE S 784 -10.15 18.17 -18.17
CA ILE S 784 -10.67 18.63 -19.45
C ILE S 784 -11.04 20.10 -19.40
N LYS S 785 -10.46 20.89 -20.29
CA LYS S 785 -10.75 22.32 -20.34
C LYS S 785 -11.60 22.64 -21.57
N ASN S 786 -12.27 23.78 -21.54
CA ASN S 786 -13.14 24.17 -22.65
C ASN S 786 -12.39 24.25 -23.98
N GLY S 787 -12.94 23.61 -24.99
CA GLY S 787 -12.32 23.63 -26.30
C GLY S 787 -11.51 22.38 -26.60
N ASP S 788 -11.15 21.63 -25.55
CA ASP S 788 -10.36 20.41 -25.71
C ASP S 788 -11.09 19.31 -26.48
N LEU S 789 -10.31 18.52 -27.22
CA LEU S 789 -10.89 17.41 -27.96
C LEU S 789 -11.01 16.24 -27.01
N ILE S 790 -12.23 15.75 -26.83
CA ILE S 790 -12.46 14.62 -25.93
C ILE S 790 -12.92 13.39 -26.70
N ARG S 791 -12.82 12.24 -26.05
CA ARG S 791 -13.23 10.99 -26.63
C ARG S 791 -14.36 10.38 -25.80
N ALA S 792 -15.57 10.34 -26.37
CA ALA S 792 -16.73 9.76 -25.68
C ALA S 792 -16.81 8.30 -26.11
N TYR S 793 -17.04 7.40 -25.16
CA TYR S 793 -17.08 5.99 -25.51
C TYR S 793 -17.78 5.06 -24.52
N ASN S 794 -18.03 3.84 -25.01
CA ASN S 794 -18.62 2.74 -24.24
C ASN S 794 -18.32 1.49 -25.08
N ASP S 795 -19.04 0.40 -24.89
CA ASP S 795 -18.76 -0.81 -25.67
C ASP S 795 -19.12 -0.71 -27.15
N ARG S 796 -20.02 0.21 -27.48
CA ARG S 796 -20.47 0.38 -28.86
C ARG S 796 -19.58 1.17 -29.79
N GLY S 797 -18.64 1.93 -29.26
CA GLY S 797 -17.75 2.70 -30.11
C GLY S 797 -17.10 3.88 -29.45
N SER S 798 -16.44 4.72 -30.25
CA SER S 798 -15.76 5.92 -29.76
C SER S 798 -16.05 7.10 -30.67
N VAL S 799 -16.27 8.26 -30.06
CA VAL S 799 -16.55 9.48 -30.82
C VAL S 799 -15.67 10.61 -30.31
N ILE S 800 -15.06 11.37 -31.23
CA ILE S 800 -14.21 12.49 -30.85
C ILE S 800 -15.02 13.80 -30.93
N LEU S 801 -15.04 14.53 -29.82
CA LEU S 801 -15.80 15.76 -29.75
C LEU S 801 -15.04 16.93 -29.14
N ALA S 802 -15.57 18.12 -29.36
CA ALA S 802 -15.00 19.34 -28.81
C ALA S 802 -15.77 19.55 -27.52
N ALA S 803 -15.07 19.62 -26.41
CA ALA S 803 -15.71 19.81 -25.13
C ALA S 803 -16.15 21.24 -24.91
N GLN S 804 -17.30 21.41 -24.27
CA GLN S 804 -17.83 22.72 -23.93
C GLN S 804 -18.23 22.62 -22.45
N VAL S 805 -17.45 23.27 -21.59
CA VAL S 805 -17.72 23.26 -20.16
C VAL S 805 -18.83 24.25 -19.83
N THR S 806 -19.91 23.76 -19.22
CA THR S 806 -21.04 24.60 -18.87
C THR S 806 -21.54 24.28 -17.47
N GLU S 807 -22.55 25.02 -17.03
CA GLU S 807 -23.14 24.82 -15.72
C GLU S 807 -24.55 24.32 -15.95
N CYS S 808 -24.96 24.32 -17.21
CA CYS S 808 -26.31 23.91 -17.61
C CYS S 808 -26.61 22.41 -17.56
N LEU S 809 -25.89 21.69 -16.71
CA LEU S 809 -26.08 20.26 -16.58
C LEU S 809 -25.75 19.84 -15.14
N GLN S 810 -26.47 18.87 -14.60
CA GLN S 810 -26.17 18.41 -13.26
C GLN S 810 -24.91 17.56 -13.35
N PRO S 811 -24.01 17.69 -12.37
CA PRO S 811 -22.77 16.90 -12.39
C PRO S 811 -23.09 15.43 -12.65
N GLY S 812 -22.39 14.83 -13.59
CA GLY S 812 -22.60 13.42 -13.92
C GLY S 812 -23.44 13.23 -15.18
N THR S 813 -23.89 14.35 -15.75
CA THR S 813 -24.72 14.34 -16.94
C THR S 813 -24.04 15.08 -18.09
N VAL S 814 -23.99 14.44 -19.27
CA VAL S 814 -23.38 15.06 -20.45
C VAL S 814 -24.40 15.24 -21.57
N HIS S 815 -24.23 16.26 -22.40
CA HIS S 815 -25.18 16.55 -23.47
C HIS S 815 -24.50 16.73 -24.81
N SER S 816 -25.06 16.09 -25.84
CA SER S 816 -24.51 16.20 -27.19
C SER S 816 -25.59 15.86 -28.21
N TYR S 817 -25.94 16.82 -29.05
CA TYR S 817 -26.96 16.64 -30.06
C TYR S 817 -26.74 15.47 -31.04
N GLU S 818 -27.84 14.87 -31.49
CA GLU S 818 -27.78 13.77 -32.47
C GLU S 818 -27.96 14.38 -33.85
N SER S 819 -28.21 13.53 -34.84
CA SER S 819 -28.44 13.98 -36.21
C SER S 819 -27.21 14.51 -36.94
N CYS S 820 -26.03 14.27 -36.38
CA CYS S 820 -24.79 14.71 -37.02
C CYS S 820 -24.83 14.18 -38.47
N ALA S 821 -24.46 15.03 -39.42
CA ALA S 821 -24.50 14.64 -40.83
C ALA S 821 -23.21 14.01 -41.38
N VAL S 822 -22.12 14.16 -40.65
CA VAL S 822 -20.83 13.67 -41.12
C VAL S 822 -20.29 12.37 -40.52
N TYR S 823 -20.05 11.38 -41.37
CA TYR S 823 -19.48 10.13 -40.89
C TYR S 823 -18.06 10.09 -41.42
N ASP S 824 -17.10 10.25 -40.51
CA ASP S 824 -15.69 10.28 -40.86
C ASP S 824 -14.83 9.50 -39.86
N PRO S 825 -14.74 8.17 -40.04
CA PRO S 825 -13.97 7.26 -39.18
C PRO S 825 -12.48 7.54 -39.31
N LEU S 826 -11.75 7.36 -38.23
CA LEU S 826 -10.32 7.59 -38.25
C LEU S 826 -9.61 6.35 -38.80
N GLY S 827 -10.35 5.24 -38.84
CA GLY S 827 -9.82 3.99 -39.36
C GLY S 827 -10.83 3.29 -40.27
N THR S 828 -11.01 1.99 -40.05
CA THR S 828 -11.95 1.22 -40.85
C THR S 828 -13.41 1.54 -40.51
N ALA S 829 -14.22 1.72 -41.55
CA ALA S 829 -15.64 2.03 -41.37
C ALA S 829 -16.32 1.03 -40.45
N GLY S 830 -17.07 1.55 -39.48
CA GLY S 830 -17.79 0.71 -38.54
C GLY S 830 -16.96 -0.04 -37.51
N LYS S 831 -15.64 0.15 -37.54
CA LYS S 831 -14.76 -0.54 -36.60
C LYS S 831 -13.81 0.40 -35.86
N SER S 832 -13.97 1.71 -36.05
CA SER S 832 -13.07 2.66 -35.40
C SER S 832 -13.77 3.91 -34.89
N ALA S 833 -13.01 4.73 -34.18
CA ALA S 833 -13.53 5.98 -33.63
C ALA S 833 -13.96 6.93 -34.74
N ASP S 834 -14.97 7.74 -34.46
CA ASP S 834 -15.45 8.70 -35.44
C ASP S 834 -15.21 10.12 -34.95
N ARG S 835 -14.89 11.03 -35.88
CA ARG S 835 -14.67 12.41 -35.50
C ARG S 835 -15.69 13.30 -36.19
N GLY S 836 -16.53 12.69 -37.02
CA GLY S 836 -17.55 13.46 -37.70
C GLY S 836 -18.45 14.03 -36.63
N GLY S 837 -18.81 13.19 -35.66
CA GLY S 837 -19.65 13.65 -34.57
C GLY S 837 -20.93 12.85 -34.41
N CYS S 838 -20.95 11.62 -34.93
CA CYS S 838 -22.13 10.75 -34.83
C CYS S 838 -22.29 10.13 -33.43
N ILE S 839 -22.94 10.86 -32.55
CA ILE S 839 -23.18 10.40 -31.18
C ILE S 839 -24.03 9.14 -31.09
N ASN S 840 -24.90 8.90 -32.08
CA ASN S 840 -25.74 7.72 -32.04
C ASN S 840 -24.95 6.43 -32.14
N ILE S 841 -23.64 6.57 -32.29
CA ILE S 841 -22.77 5.41 -32.33
C ILE S 841 -22.71 4.84 -30.90
N LEU S 842 -22.93 5.72 -29.93
CA LEU S 842 -22.86 5.38 -28.51
C LEU S 842 -24.19 5.03 -27.86
N THR S 843 -25.29 5.30 -28.55
CA THR S 843 -26.60 5.00 -27.98
C THR S 843 -27.02 3.54 -28.12
N PRO S 844 -27.83 3.04 -27.17
CA PRO S 844 -28.33 1.67 -27.13
C PRO S 844 -29.28 1.30 -28.28
N ASP S 845 -29.01 0.16 -28.91
CA ASP S 845 -29.84 -0.33 -30.01
C ASP S 845 -30.91 -1.28 -29.49
N ARG S 846 -30.86 -1.55 -28.19
CA ARG S 846 -31.82 -2.43 -27.53
C ARG S 846 -33.20 -1.75 -27.51
N TYR S 847 -34.24 -2.51 -27.84
CA TYR S 847 -35.60 -1.98 -27.84
C TYR S 847 -36.03 -1.49 -26.44
N ILE S 848 -36.88 -0.47 -26.41
CA ILE S 848 -37.38 0.08 -25.16
C ILE S 848 -37.85 -1.03 -24.21
N SER S 849 -38.64 -1.97 -24.74
CA SER S 849 -39.10 -3.09 -23.95
C SER S 849 -39.01 -4.30 -24.85
N LYS S 850 -39.26 -5.49 -24.30
CA LYS S 850 -39.20 -6.69 -25.10
C LYS S 850 -40.16 -6.64 -26.29
N TYR S 851 -41.34 -6.05 -26.08
CA TYR S 851 -42.33 -5.95 -27.16
C TYR S 851 -42.55 -4.52 -27.63
N ALA S 852 -42.11 -3.55 -26.85
CA ALA S 852 -42.21 -2.16 -27.26
C ALA S 852 -40.96 -1.96 -28.12
N CYS S 853 -41.10 -2.26 -29.41
CA CYS S 853 -39.99 -2.18 -30.35
C CYS S 853 -39.62 -0.77 -30.82
N GLY S 854 -39.36 0.12 -29.88
CA GLY S 854 -38.99 1.48 -30.23
C GLY S 854 -37.57 1.79 -29.83
N MET S 855 -37.06 2.96 -30.21
CA MET S 855 -35.70 3.35 -29.90
C MET S 855 -35.62 4.01 -28.52
N ALA S 856 -34.54 3.72 -27.79
CA ALA S 856 -34.33 4.25 -26.45
C ALA S 856 -33.07 5.11 -26.37
N ASN S 857 -32.84 5.87 -27.45
CA ASN S 857 -31.67 6.71 -27.58
C ASN S 857 -31.25 7.66 -26.45
N ASN S 858 -32.14 8.52 -25.97
CA ASN S 858 -31.75 9.50 -24.96
C ASN S 858 -31.37 9.07 -23.54
N THR S 859 -31.03 7.80 -23.39
CA THR S 859 -30.53 7.25 -22.13
C THR S 859 -29.32 6.39 -22.51
N ALA S 860 -28.15 7.01 -22.58
CA ALA S 860 -26.94 6.29 -22.92
C ALA S 860 -25.85 6.55 -21.88
N LEU S 861 -25.19 5.48 -21.44
CA LEU S 861 -24.13 5.59 -20.44
C LEU S 861 -22.76 5.62 -21.11
N VAL S 862 -21.92 6.58 -20.72
CA VAL S 862 -20.60 6.68 -21.33
C VAL S 862 -19.53 7.18 -20.37
N GLU S 863 -18.30 7.19 -20.88
CA GLU S 863 -17.15 7.66 -20.14
C GLU S 863 -16.43 8.58 -21.12
N ILE S 864 -15.89 9.68 -20.63
CA ILE S 864 -15.16 10.59 -21.50
C ILE S 864 -13.76 10.87 -20.97
N GLU S 865 -12.87 11.29 -21.87
CA GLU S 865 -11.48 11.60 -21.52
C GLU S 865 -10.89 12.44 -22.64
N LYS S 866 -9.79 13.12 -22.35
CA LYS S 866 -9.11 13.92 -23.37
C LYS S 866 -8.62 12.93 -24.42
N TRP S 867 -8.89 13.23 -25.68
CA TRP S 867 -8.48 12.36 -26.77
C TRP S 867 -6.97 12.37 -27.00
N ASP S 868 -6.39 11.18 -26.97
CA ASP S 868 -4.94 11.02 -27.13
C ASP S 868 -4.51 10.94 -28.59
N GLY S 869 -5.48 10.90 -29.50
CA GLY S 869 -5.14 10.85 -30.91
C GLY S 869 -5.17 9.46 -31.53
N ASP S 870 -5.44 8.44 -30.73
CA ASP S 870 -5.50 7.08 -31.26
C ASP S 870 -6.76 6.95 -32.12
N LYS S 871 -6.77 6.00 -33.06
CA LYS S 871 -7.92 5.81 -33.93
C LYS S 871 -8.91 4.79 -33.37
N TYR S 872 -8.48 4.06 -32.35
CA TYR S 872 -9.29 3.03 -31.70
C TYR S 872 -10.03 2.09 -32.64
N GLU S 873 -9.28 1.28 -33.38
CA GLU S 873 -9.89 0.32 -34.29
C GLU S 873 -10.12 -0.97 -33.51
N ILE S 874 -11.17 -0.98 -32.70
CA ILE S 874 -11.49 -2.12 -31.85
C ILE S 874 -12.97 -2.52 -31.88
N TYR S 875 -13.75 -1.89 -32.74
CA TYR S 875 -15.17 -2.20 -32.80
C TYR S 875 -15.56 -3.03 -34.01
N MET T 1 -30.68 66.28 -40.64
CA MET T 1 -29.81 65.12 -40.98
C MET T 1 -30.23 63.90 -40.15
N GLU T 2 -31.29 63.23 -40.60
CA GLU T 2 -31.83 62.07 -39.92
C GLU T 2 -30.88 60.87 -40.08
N GLN T 3 -30.40 60.35 -38.96
CA GLN T 3 -29.47 59.22 -38.98
C GLN T 3 -30.09 57.87 -38.66
N TYR T 4 -29.26 56.84 -38.73
CA TYR T 4 -29.67 55.46 -38.45
C TYR T 4 -29.22 55.02 -37.06
N TYR T 5 -30.06 54.24 -36.39
CA TYR T 5 -29.75 53.71 -35.05
C TYR T 5 -30.30 52.30 -34.85
N MET T 6 -29.66 51.56 -33.94
CA MET T 6 -30.06 50.19 -33.63
C MET T 6 -30.02 49.93 -32.13
N VAL T 7 -31.12 49.42 -31.59
CA VAL T 7 -31.21 49.10 -30.17
C VAL T 7 -31.39 47.58 -30.00
N ILE T 8 -30.53 46.97 -29.20
CA ILE T 8 -30.57 45.53 -28.98
C ILE T 8 -30.89 45.19 -27.53
N ASP T 9 -31.89 44.32 -27.33
CA ASP T 9 -32.29 43.90 -25.98
C ASP T 9 -31.65 42.54 -25.66
N VAL T 10 -30.61 42.58 -24.83
CA VAL T 10 -29.88 41.38 -24.42
C VAL T 10 -30.77 40.34 -23.77
N ALA T 11 -31.78 40.79 -23.04
CA ALA T 11 -32.70 39.90 -22.35
C ALA T 11 -33.53 39.07 -23.31
N LYS T 12 -33.53 39.44 -24.58
CA LYS T 12 -34.29 38.69 -25.56
C LYS T 12 -33.49 37.77 -26.48
N CYS T 13 -32.16 37.76 -26.36
CA CYS T 13 -31.37 36.87 -27.22
C CYS T 13 -31.38 35.43 -26.75
N GLN T 14 -31.51 34.51 -27.70
CA GLN T 14 -31.49 33.09 -27.38
C GLN T 14 -30.38 32.40 -28.18
N ASP T 15 -29.58 33.19 -28.90
CA ASP T 15 -28.45 32.67 -29.67
C ASP T 15 -28.82 31.63 -30.74
N CYS T 16 -29.85 31.90 -31.55
CA CYS T 16 -30.22 30.94 -32.60
C CYS T 16 -29.40 31.24 -33.85
N ASN T 17 -28.73 32.40 -33.85
CA ASN T 17 -27.89 32.81 -34.97
C ASN T 17 -28.59 33.08 -36.29
N ASN T 18 -29.78 33.63 -36.24
CA ASN T 18 -30.50 33.97 -37.47
C ASN T 18 -29.80 35.18 -38.10
N CYS T 19 -29.20 36.04 -37.28
CA CYS T 19 -28.49 37.23 -37.76
C CYS T 19 -27.33 36.80 -38.62
N PHE T 20 -26.42 36.12 -37.94
CA PHE T 20 -25.18 35.60 -38.50
C PHE T 20 -25.46 34.89 -39.82
N MET T 21 -26.52 34.10 -39.86
CA MET T 21 -26.85 33.41 -41.11
C MET T 21 -27.42 34.44 -42.09
N GLY T 22 -27.64 35.65 -41.58
CA GLY T 22 -28.15 36.75 -42.40
C GLY T 22 -27.02 37.35 -43.21
N CYS T 23 -25.96 37.85 -42.56
CA CYS T 23 -24.84 38.43 -43.30
C CYS T 23 -24.27 37.41 -44.25
N MET T 24 -23.97 36.23 -43.72
CA MET T 24 -23.40 35.14 -44.49
C MET T 24 -24.23 34.92 -45.74
N ASP T 25 -25.55 34.94 -45.59
CA ASP T 25 -26.45 34.74 -46.71
C ASP T 25 -26.33 35.92 -47.67
N GLU T 26 -26.18 37.11 -47.08
CA GLU T 26 -26.09 38.37 -47.81
C GLU T 26 -24.73 38.72 -48.42
N HIS T 27 -23.64 38.36 -47.74
CA HIS T 27 -22.29 38.70 -48.20
C HIS T 27 -21.34 37.59 -48.63
N GLU T 28 -21.56 36.36 -48.19
CA GLU T 28 -20.66 35.26 -48.52
C GLU T 28 -20.56 34.92 -50.01
N LEU T 29 -21.68 34.93 -50.72
CA LEU T 29 -21.67 34.62 -52.14
C LEU T 29 -22.02 35.82 -53.01
N ASN T 30 -22.28 36.96 -52.38
CA ASN T 30 -22.62 38.15 -53.14
C ASN T 30 -21.53 39.21 -53.03
N GLU T 31 -21.46 40.07 -54.03
CA GLU T 31 -20.51 41.16 -54.08
C GLU T 31 -21.36 42.40 -54.31
N TRP T 32 -21.11 43.44 -53.52
CA TRP T 32 -21.87 44.66 -53.66
C TRP T 32 -20.92 45.81 -53.96
N PRO T 33 -20.70 46.09 -55.25
CA PRO T 33 -19.81 47.15 -55.73
C PRO T 33 -19.99 48.45 -54.97
N GLY T 34 -18.89 48.94 -54.38
CA GLY T 34 -18.94 50.19 -53.65
C GLY T 34 -19.19 50.06 -52.16
N TYR T 35 -19.44 48.84 -51.70
CA TYR T 35 -19.69 48.62 -50.29
C TYR T 35 -18.76 47.60 -49.69
N THR T 36 -18.66 46.44 -50.35
CA THR T 36 -17.77 45.37 -49.90
C THR T 36 -17.77 44.18 -50.85
N ALA T 37 -16.67 43.45 -50.87
CA ALA T 37 -16.57 42.26 -51.71
C ALA T 37 -17.23 41.16 -50.88
N SER T 38 -17.25 39.94 -51.39
CA SER T 38 -17.86 38.83 -50.67
C SER T 38 -17.14 38.54 -49.35
N MET T 39 -17.92 38.18 -48.33
CA MET T 39 -17.39 37.87 -47.01
C MET T 39 -16.49 36.62 -47.03
N GLN T 40 -15.59 36.53 -46.05
CA GLN T 40 -14.69 35.39 -45.96
C GLN T 40 -15.23 34.41 -44.93
N ARG T 41 -15.34 33.14 -45.31
CA ARG T 41 -15.85 32.12 -44.40
C ARG T 41 -15.05 32.15 -43.10
N GLY T 42 -15.75 32.22 -41.97
CA GLY T 42 -15.08 32.26 -40.70
C GLY T 42 -15.21 33.60 -40.01
N HIS T 43 -15.26 34.67 -40.79
CA HIS T 43 -15.38 36.02 -40.22
C HIS T 43 -16.73 36.21 -39.54
N ARG T 44 -16.73 37.03 -38.50
CA ARG T 44 -17.94 37.31 -37.74
C ARG T 44 -18.26 38.80 -37.68
N TRP T 45 -18.69 39.37 -38.80
CA TRP T 45 -19.06 40.78 -38.84
C TRP T 45 -20.13 40.95 -37.76
N MET T 46 -20.96 39.91 -37.63
CA MET T 46 -22.02 39.86 -36.63
C MET T 46 -21.48 38.88 -35.58
N ASN T 47 -20.99 39.42 -34.47
CA ASN T 47 -20.43 38.58 -33.42
C ASN T 47 -21.35 38.46 -32.20
N ILE T 48 -21.96 37.30 -32.05
CA ILE T 48 -22.85 37.08 -30.91
C ILE T 48 -22.02 36.55 -29.74
N GLU T 49 -21.86 37.37 -28.70
CA GLU T 49 -21.07 36.97 -27.54
C GLU T 49 -21.91 36.16 -26.56
N ARG T 50 -21.29 35.15 -25.95
CA ARG T 50 -21.97 34.26 -25.02
C ARG T 50 -21.34 34.33 -23.64
N ARG T 51 -22.15 34.54 -22.60
CA ARG T 51 -21.61 34.58 -21.26
C ARG T 51 -22.46 33.88 -20.19
N GLU T 52 -21.87 32.87 -19.57
CA GLU T 52 -22.52 32.11 -18.51
C GLU T 52 -22.16 32.70 -17.14
N ARG T 53 -23.12 32.74 -16.23
CA ARG T 53 -22.92 33.28 -14.89
C ARG T 53 -23.40 32.28 -13.83
N GLY T 54 -22.86 32.41 -12.62
CA GLY T 54 -23.27 31.54 -11.54
C GLY T 54 -22.71 30.13 -11.62
N THR T 55 -23.28 29.25 -10.81
CA THR T 55 -22.85 27.86 -10.77
C THR T 55 -24.08 26.98 -10.58
N TYR T 56 -24.06 25.80 -11.20
CA TYR T 56 -25.17 24.85 -11.07
C TYR T 56 -25.51 24.70 -9.59
N PRO T 57 -26.82 24.65 -9.24
CA PRO T 57 -27.99 24.74 -10.12
C PRO T 57 -28.66 26.11 -10.24
N ARG T 58 -28.02 27.17 -9.74
CA ARG T 58 -28.62 28.50 -9.84
C ARG T 58 -27.85 29.41 -10.79
N ASN T 59 -27.52 28.85 -11.95
CA ASN T 59 -26.77 29.54 -12.99
C ASN T 59 -27.69 30.04 -14.09
N ASP T 60 -27.18 30.96 -14.90
CA ASP T 60 -27.93 31.45 -16.05
C ASP T 60 -26.95 31.82 -17.15
N ILE T 61 -27.47 32.23 -18.30
CA ILE T 61 -26.63 32.60 -19.43
C ILE T 61 -27.34 33.63 -20.30
N ASN T 62 -26.58 34.59 -20.81
CA ASN T 62 -27.13 35.63 -21.66
C ASN T 62 -26.21 35.84 -22.87
N TYR T 63 -26.74 36.45 -23.92
CA TYR T 63 -25.95 36.69 -25.11
C TYR T 63 -25.97 38.16 -25.56
N ARG T 64 -24.95 38.56 -26.30
CA ARG T 64 -24.88 39.93 -26.78
C ARG T 64 -24.54 40.01 -28.26
N PRO T 65 -25.55 40.21 -29.12
CA PRO T 65 -25.28 40.32 -30.56
C PRO T 65 -24.36 41.54 -30.71
N THR T 66 -23.18 41.34 -31.27
CA THR T 66 -22.25 42.45 -31.41
C THR T 66 -21.76 42.73 -32.84
N PRO T 67 -22.48 43.58 -33.58
CA PRO T 67 -22.03 43.87 -34.94
C PRO T 67 -21.01 44.99 -34.75
N CYS T 68 -20.74 45.75 -35.79
CA CYS T 68 -19.80 46.85 -35.66
C CYS T 68 -20.60 48.05 -35.13
N MET T 69 -20.03 48.76 -34.15
CA MET T 69 -20.68 49.90 -33.50
C MET T 69 -21.02 51.15 -34.34
N HIS T 70 -20.27 51.40 -35.41
CA HIS T 70 -20.49 52.58 -36.26
C HIS T 70 -20.54 53.84 -35.39
N CYS T 71 -19.72 53.88 -34.35
CA CYS T 71 -19.67 55.00 -33.41
C CYS T 71 -19.40 56.36 -34.10
N GLU T 72 -20.05 57.40 -33.58
CA GLU T 72 -19.94 58.75 -34.11
C GLU T 72 -18.52 59.34 -34.11
N ASN T 73 -17.65 58.78 -33.27
CA ASN T 73 -16.26 59.23 -33.19
C ASN T 73 -15.37 58.01 -33.43
N ALA T 74 -15.61 57.37 -34.57
CA ALA T 74 -14.89 56.18 -34.98
C ALA T 74 -13.37 56.38 -35.01
N PRO T 75 -12.65 55.59 -34.22
CA PRO T 75 -11.18 55.66 -34.14
C PRO T 75 -10.47 55.28 -35.44
N CYS T 76 -11.00 54.31 -36.17
CA CYS T 76 -10.38 53.89 -37.42
C CYS T 76 -10.67 54.83 -38.59
N VAL T 77 -11.49 55.84 -38.33
CA VAL T 77 -11.81 56.83 -39.34
C VAL T 77 -10.82 57.99 -39.14
N ALA T 78 -10.47 58.23 -37.88
CA ALA T 78 -9.54 59.29 -37.53
C ALA T 78 -8.11 58.81 -37.73
N LYS T 79 -7.95 57.56 -38.14
CA LYS T 79 -6.63 56.97 -38.35
C LYS T 79 -6.59 56.03 -39.54
N GLY T 80 -7.62 56.07 -40.38
CA GLY T 80 -7.67 55.20 -41.53
C GLY T 80 -7.01 55.79 -42.76
N ASN T 81 -6.90 57.12 -42.79
CA ASN T 81 -6.29 57.83 -43.91
C ASN T 81 -7.08 57.61 -45.21
N GLY T 82 -8.37 57.96 -45.18
CA GLY T 82 -9.20 57.79 -46.36
C GLY T 82 -9.76 56.39 -46.54
N ALA T 83 -9.09 55.39 -45.95
CA ALA T 83 -9.52 54.00 -46.05
C ALA T 83 -10.94 53.74 -45.53
N VAL T 84 -11.28 54.39 -44.42
CA VAL T 84 -12.62 54.26 -43.82
C VAL T 84 -13.25 55.65 -43.73
N TYR T 85 -14.51 55.75 -44.13
CA TYR T 85 -15.21 57.03 -44.09
C TYR T 85 -16.54 56.92 -43.38
N GLN T 86 -17.03 58.05 -42.88
CA GLN T 86 -18.31 58.10 -42.17
C GLN T 86 -19.33 58.87 -43.00
N ARG T 87 -20.47 58.24 -43.26
CA ARG T 87 -21.53 58.87 -44.03
C ARG T 87 -22.32 59.83 -43.15
N GLU T 88 -23.15 60.64 -43.78
CA GLU T 88 -23.97 61.61 -43.06
C GLU T 88 -25.03 60.90 -42.23
N ASP T 89 -25.45 59.72 -42.69
CA ASP T 89 -26.47 58.95 -41.98
C ASP T 89 -25.86 58.21 -40.79
N GLY T 90 -24.54 58.26 -40.68
CA GLY T 90 -23.85 57.62 -39.57
C GLY T 90 -23.12 56.33 -39.88
N ILE T 91 -23.47 55.69 -41.00
CA ILE T 91 -22.83 54.43 -41.37
C ILE T 91 -21.33 54.55 -41.65
N VAL T 92 -20.54 53.76 -40.93
CA VAL T 92 -19.10 53.75 -41.10
C VAL T 92 -18.74 52.64 -42.08
N LEU T 93 -18.05 53.01 -43.17
CA LEU T 93 -17.68 52.04 -44.19
C LEU T 93 -16.21 52.06 -44.55
N ILE T 94 -15.68 50.88 -44.87
CA ILE T 94 -14.28 50.73 -45.26
C ILE T 94 -14.25 50.73 -46.79
N ASP T 95 -13.61 51.72 -47.38
CA ASP T 95 -13.53 51.79 -48.84
C ASP T 95 -12.81 50.51 -49.30
N PRO T 96 -13.55 49.58 -49.93
CA PRO T 96 -13.03 48.31 -50.43
C PRO T 96 -11.78 48.39 -51.30
N GLU T 97 -11.57 49.56 -51.92
CA GLU T 97 -10.42 49.74 -52.79
C GLU T 97 -9.26 50.51 -52.14
N LYS T 98 -9.57 51.50 -51.30
CA LYS T 98 -8.54 52.29 -50.63
C LYS T 98 -7.93 51.58 -49.42
N ALA T 99 -8.47 50.42 -49.08
CA ALA T 99 -7.99 49.65 -47.93
C ALA T 99 -7.13 48.46 -48.32
N LYS T 100 -7.21 48.05 -49.58
CA LYS T 100 -6.44 46.90 -50.06
C LYS T 100 -4.98 46.92 -49.63
N GLY T 101 -4.57 45.82 -48.99
CA GLY T 101 -3.20 45.68 -48.53
C GLY T 101 -2.89 46.52 -47.30
N LYS T 102 -3.88 46.71 -46.44
CA LYS T 102 -3.66 47.50 -45.23
C LYS T 102 -4.16 46.79 -43.97
N LYS T 103 -3.38 45.83 -43.49
CA LYS T 103 -3.73 45.06 -42.30
C LYS T 103 -3.86 45.95 -41.07
N GLU T 104 -2.96 46.94 -40.97
CA GLU T 104 -2.95 47.87 -39.84
C GLU T 104 -4.33 48.44 -39.55
N LEU T 105 -5.17 48.52 -40.58
CA LEU T 105 -6.52 49.04 -40.43
C LEU T 105 -7.25 48.32 -39.30
N LEU T 106 -6.87 47.06 -39.06
CA LEU T 106 -7.49 46.26 -38.01
C LEU T 106 -7.10 46.70 -36.60
N ASP T 107 -5.97 47.39 -36.48
CA ASP T 107 -5.46 47.86 -35.18
C ASP T 107 -6.07 49.19 -34.78
N THR T 108 -7.03 49.67 -35.56
CA THR T 108 -7.67 50.93 -35.28
C THR T 108 -9.08 50.73 -34.73
N CYS T 109 -9.44 49.48 -34.41
CA CYS T 109 -10.76 49.18 -33.87
C CYS T 109 -10.68 48.60 -32.47
N PRO T 110 -11.18 49.35 -31.47
CA PRO T 110 -11.16 48.90 -30.07
C PRO T 110 -12.06 47.68 -29.88
N TYR T 111 -13.23 47.72 -30.52
CA TYR T 111 -14.18 46.63 -30.42
C TYR T 111 -13.74 45.43 -31.25
N GLY T 112 -12.75 45.63 -32.11
CA GLY T 112 -12.25 44.57 -32.95
C GLY T 112 -13.36 43.89 -33.72
N VAL T 113 -14.14 44.69 -34.44
CA VAL T 113 -15.27 44.17 -35.22
C VAL T 113 -14.92 43.86 -36.67
N MET T 114 -13.75 44.30 -37.13
CA MET T 114 -13.36 44.03 -38.52
C MET T 114 -12.40 42.86 -38.66
N TYR T 115 -12.49 42.19 -39.80
CA TYR T 115 -11.65 41.04 -40.10
C TYR T 115 -10.91 41.24 -41.43
N TRP T 116 -9.88 40.42 -41.65
CA TRP T 116 -9.07 40.51 -42.86
C TRP T 116 -9.32 39.37 -43.84
N ASN T 117 -9.73 39.71 -45.06
CA ASN T 117 -10.00 38.71 -46.10
C ASN T 117 -8.72 38.44 -46.89
N GLU T 118 -8.18 37.23 -46.74
CA GLU T 118 -6.95 36.82 -47.41
C GLU T 118 -6.99 37.03 -48.92
N GLU T 119 -7.90 36.34 -49.58
CA GLU T 119 -8.07 36.41 -51.03
C GLU T 119 -8.19 37.84 -51.54
N GLU T 120 -9.06 38.63 -50.89
CA GLU T 120 -9.28 40.02 -51.29
C GLU T 120 -8.19 40.98 -50.80
N ASN T 121 -7.30 40.49 -49.95
CA ASN T 121 -6.22 41.32 -49.40
C ASN T 121 -6.77 42.67 -48.91
N VAL T 122 -7.82 42.60 -48.10
CA VAL T 122 -8.44 43.81 -47.57
C VAL T 122 -9.19 43.57 -46.25
N ALA T 123 -9.26 44.61 -45.42
CA ALA T 123 -9.96 44.53 -44.14
C ALA T 123 -11.46 44.75 -44.32
N GLN T 124 -12.25 43.79 -43.87
CA GLN T 124 -13.70 43.87 -43.98
C GLN T 124 -14.37 43.89 -42.62
N LYS T 125 -15.63 44.31 -42.60
CA LYS T 125 -16.41 44.33 -41.38
C LYS T 125 -17.85 44.71 -41.66
N CYS T 126 -18.64 44.78 -40.60
CA CYS T 126 -20.04 45.13 -40.71
C CYS T 126 -20.29 46.37 -41.57
N THR T 127 -21.30 46.31 -42.44
CA THR T 127 -21.62 47.43 -43.32
C THR T 127 -23.05 47.94 -43.08
N MET T 128 -23.76 47.24 -42.21
CA MET T 128 -25.14 47.57 -41.90
C MET T 128 -25.94 47.53 -43.21
N CYS T 129 -25.43 46.72 -44.14
CA CYS T 129 -26.01 46.55 -45.48
C CYS T 129 -26.54 47.85 -46.05
N ALA T 130 -25.68 48.86 -46.02
CA ALA T 130 -26.01 50.16 -46.54
C ALA T 130 -26.49 49.96 -47.97
N HIS T 131 -25.94 48.94 -48.63
CA HIS T 131 -26.31 48.63 -50.01
C HIS T 131 -27.82 48.33 -50.12
N LEU T 132 -28.39 47.80 -49.03
CA LEU T 132 -29.82 47.48 -48.99
C LEU T 132 -30.59 48.70 -48.50
N LEU T 133 -30.01 49.38 -47.51
CA LEU T 133 -30.63 50.56 -46.94
C LEU T 133 -30.80 51.63 -48.02
N ASP T 134 -29.84 51.70 -48.93
CA ASP T 134 -29.87 52.69 -50.01
C ASP T 134 -30.79 52.25 -51.16
N ASP T 135 -31.40 51.08 -51.01
CA ASP T 135 -32.28 50.56 -52.04
C ASP T 135 -33.73 50.52 -51.55
N GLU T 136 -34.62 51.21 -52.27
CA GLU T 136 -36.03 51.24 -51.92
C GLU T 136 -36.70 49.90 -52.21
N SER T 137 -36.07 49.11 -53.08
CA SER T 137 -36.60 47.79 -53.45
C SER T 137 -36.69 46.92 -52.21
N TRP T 138 -35.72 47.07 -51.31
CA TRP T 138 -35.69 46.31 -50.08
C TRP T 138 -36.75 46.91 -49.15
N ALA T 139 -37.95 46.32 -49.17
CA ALA T 139 -39.07 46.80 -48.36
C ALA T 139 -38.77 46.87 -46.86
N PRO T 140 -38.22 45.80 -46.27
CA PRO T 140 -37.91 45.79 -44.83
C PRO T 140 -37.22 47.07 -44.34
N LYS T 141 -36.44 47.69 -45.21
CA LYS T 141 -35.72 48.92 -44.87
C LYS T 141 -34.98 48.79 -43.54
N MET T 142 -34.40 47.61 -43.32
CA MET T 142 -33.66 47.33 -42.10
C MET T 142 -32.58 46.29 -42.42
N PRO T 143 -31.59 46.15 -41.53
CA PRO T 143 -30.48 45.20 -41.70
C PRO T 143 -30.96 43.74 -41.76
N ARG T 144 -30.10 42.86 -42.27
CA ARG T 144 -30.46 41.45 -42.37
C ARG T 144 -30.75 40.79 -41.03
N CYS T 145 -29.94 41.07 -40.01
CA CYS T 145 -30.18 40.45 -38.70
C CYS T 145 -31.50 40.88 -38.12
N ALA T 146 -31.67 42.19 -37.98
CA ALA T 146 -32.90 42.74 -37.42
C ALA T 146 -34.14 42.20 -38.14
N HIS T 147 -34.00 41.90 -39.42
CA HIS T 147 -35.12 41.40 -40.20
C HIS T 147 -35.24 39.88 -40.13
N ASN T 148 -34.13 39.21 -39.83
CA ASN T 148 -34.12 37.76 -39.70
C ASN T 148 -34.43 37.33 -38.28
N CYS T 149 -34.72 38.29 -37.40
CA CYS T 149 -35.05 37.95 -36.00
C CYS T 149 -36.42 37.36 -35.79
N GLY T 150 -36.49 36.40 -34.88
CA GLY T 150 -37.76 35.78 -34.56
C GLY T 150 -37.99 35.98 -33.08
N SER T 151 -37.02 36.61 -32.42
CA SER T 151 -37.09 36.84 -30.98
C SER T 151 -37.29 38.30 -30.57
N PHE T 152 -37.61 39.16 -31.53
CA PHE T 152 -37.84 40.58 -31.25
C PHE T 152 -36.73 41.23 -30.43
N VAL T 153 -35.48 41.00 -30.84
CA VAL T 153 -34.35 41.58 -30.13
C VAL T 153 -34.01 42.96 -30.66
N TYR T 154 -33.96 43.08 -31.99
CA TYR T 154 -33.60 44.33 -32.65
C TYR T 154 -34.69 45.37 -32.77
N GLU T 155 -34.26 46.62 -32.72
CA GLU T 155 -35.13 47.76 -32.86
C GLU T 155 -34.39 48.76 -33.75
N PHE T 156 -34.69 48.73 -35.04
CA PHE T 156 -34.02 49.62 -35.98
C PHE T 156 -34.88 50.86 -36.25
N LEU T 157 -34.22 52.00 -36.32
CA LEU T 157 -34.91 53.26 -36.56
C LEU T 157 -33.99 54.33 -37.13
N LYS T 158 -34.56 55.18 -37.99
CA LYS T 158 -33.82 56.26 -38.62
C LYS T 158 -34.44 57.57 -38.15
N THR T 159 -33.85 58.18 -37.13
CA THR T 159 -34.36 59.43 -36.58
C THR T 159 -33.25 60.46 -36.34
N THR T 160 -33.55 61.44 -35.49
CA THR T 160 -32.58 62.50 -35.18
C THR T 160 -31.89 62.25 -33.84
N PRO T 161 -30.69 62.81 -33.67
CA PRO T 161 -29.93 62.65 -32.43
C PRO T 161 -30.73 63.06 -31.18
N GLU T 162 -31.64 64.01 -31.35
CA GLU T 162 -32.46 64.48 -30.23
C GLU T 162 -33.51 63.45 -29.85
N ALA T 163 -33.97 62.69 -30.83
CA ALA T 163 -34.97 61.66 -30.58
C ALA T 163 -34.31 60.46 -29.90
N MET T 164 -33.07 60.18 -30.30
CA MET T 164 -32.31 59.07 -29.75
C MET T 164 -31.99 59.37 -28.29
N ALA T 165 -31.32 60.51 -28.06
CA ALA T 165 -30.94 60.94 -26.72
C ALA T 165 -32.10 60.76 -25.76
N LYS T 166 -33.27 61.24 -26.16
CA LYS T 166 -34.46 61.13 -25.33
C LYS T 166 -34.79 59.66 -25.08
N LYS T 167 -34.82 58.88 -26.16
CA LYS T 167 -35.12 57.45 -26.06
C LYS T 167 -34.14 56.76 -25.12
N VAL T 168 -32.85 57.08 -25.25
CA VAL T 168 -31.82 56.49 -24.40
C VAL T 168 -32.08 56.76 -22.92
N GLU T 169 -32.45 58.00 -22.61
CA GLU T 169 -32.71 58.39 -21.23
C GLU T 169 -33.97 57.71 -20.67
N GLU T 170 -34.95 57.48 -21.52
CA GLU T 170 -36.20 56.85 -21.10
C GLU T 170 -36.11 55.35 -20.89
N GLU T 171 -35.33 54.68 -21.73
CA GLU T 171 -35.20 53.23 -21.64
C GLU T 171 -33.89 52.75 -21.02
N GLY T 172 -33.08 53.68 -20.52
CA GLY T 172 -31.82 53.30 -19.92
C GLY T 172 -30.90 52.53 -20.84
N LEU T 173 -30.87 52.91 -22.11
CA LEU T 173 -30.02 52.25 -23.10
C LEU T 173 -28.54 52.52 -22.79
N GLU T 174 -27.67 51.57 -23.10
CA GLU T 174 -26.24 51.72 -22.85
C GLU T 174 -25.43 51.32 -24.08
N VAL T 175 -24.11 51.42 -23.95
CA VAL T 175 -23.20 51.06 -25.05
C VAL T 175 -22.02 50.27 -24.48
N ILE T 176 -21.29 49.60 -25.38
CA ILE T 176 -20.11 48.83 -24.99
C ILE T 176 -18.88 49.74 -24.93
N LYS T 177 -18.13 49.63 -23.84
CA LYS T 177 -16.92 50.43 -23.65
C LYS T 177 -17.18 51.92 -23.86
N PRO T 178 -18.04 52.52 -23.02
CA PRO T 178 -18.38 53.96 -23.10
C PRO T 178 -17.20 54.85 -22.70
N GLU T 179 -16.36 54.34 -21.81
CA GLU T 179 -15.20 55.08 -21.32
C GLU T 179 -14.32 55.53 -22.47
N LEU T 180 -14.39 54.81 -23.60
CA LEU T 180 -13.60 55.15 -24.77
C LEU T 180 -14.09 56.45 -25.40
N GLY T 181 -15.34 56.81 -25.15
CA GLY T 181 -15.90 58.03 -25.69
C GLY T 181 -16.08 58.04 -27.20
N THR T 182 -16.24 56.85 -27.78
CA THR T 182 -16.42 56.74 -29.23
C THR T 182 -17.88 56.95 -29.65
N LYS T 183 -18.79 56.88 -28.68
CA LYS T 183 -20.22 57.07 -28.92
C LYS T 183 -20.84 56.19 -30.02
N PRO T 184 -21.00 54.88 -29.76
CA PRO T 184 -21.59 53.97 -30.74
C PRO T 184 -23.04 54.37 -31.05
N ARG T 185 -23.57 53.89 -32.17
CA ARG T 185 -24.95 54.19 -32.56
C ARG T 185 -25.80 52.92 -32.42
N VAL T 186 -25.19 51.92 -31.80
CA VAL T 186 -25.87 50.64 -31.56
C VAL T 186 -26.00 50.56 -30.04
N TYR T 187 -27.20 50.76 -29.53
CA TYR T 187 -27.40 50.72 -28.09
C TYR T 187 -27.87 49.37 -27.56
N TYR T 188 -27.74 49.18 -26.25
CA TYR T 188 -28.13 47.93 -25.62
C TYR T 188 -29.12 48.13 -24.49
N LYS T 189 -30.16 47.29 -24.49
CA LYS T 189 -31.20 47.32 -23.48
C LYS T 189 -30.96 46.12 -22.58
N ASN T 190 -31.09 46.33 -21.27
CA ASN T 190 -30.87 45.26 -20.30
C ASN T 190 -29.47 44.70 -20.50
N LEU T 191 -28.48 45.58 -20.54
CA LEU T 191 -27.10 45.16 -20.74
C LEU T 191 -26.47 44.55 -19.50
N TYR T 192 -27.10 44.79 -18.34
CA TYR T 192 -26.59 44.24 -17.08
C TYR T 192 -26.59 42.71 -17.11
N ARG T 193 -27.49 42.12 -17.90
CA ARG T 193 -27.58 40.67 -18.01
C ARG T 193 -26.24 40.08 -18.46
N PHE T 194 -25.55 40.83 -19.30
CA PHE T 194 -24.26 40.39 -19.83
C PHE T 194 -23.09 40.93 -19.05
N GLU T 195 -23.14 42.22 -18.73
CA GLU T 195 -22.06 42.90 -18.02
C GLU T 195 -22.04 42.84 -16.49
N LYS T 196 -23.18 42.66 -15.85
CA LYS T 196 -23.20 42.62 -14.39
C LYS T 196 -23.31 41.23 -13.80
N ASN T 197 -23.46 41.18 -12.48
CA ASN T 197 -23.57 39.93 -11.77
C ASN T 197 -24.67 39.99 -10.72
N TYR T 198 -25.02 38.82 -10.18
CA TYR T 198 -26.07 38.71 -9.18
C TYR T 198 -25.70 37.79 -8.01
N VAL T 199 -26.55 37.82 -6.98
CA VAL T 199 -26.40 36.96 -5.83
C VAL T 199 -27.76 36.31 -5.67
N THR T 200 -27.79 34.98 -5.66
CA THR T 200 -29.06 34.27 -5.56
C THR T 200 -29.01 33.22 -4.46
N ALA T 201 -30.16 32.67 -4.09
CA ALA T 201 -30.20 31.65 -3.05
C ALA T 201 -31.60 31.07 -2.82
N GLY T 202 -31.65 29.97 -2.07
CA GLY T 202 -32.91 29.34 -1.75
C GLY T 202 -33.10 29.26 -0.24
N ILE T 203 -34.22 29.80 0.24
CA ILE T 203 -34.52 29.79 1.67
C ILE T 203 -35.46 28.64 2.01
N LEU T 204 -35.10 27.87 3.03
CA LEU T 204 -35.93 26.76 3.47
C LEU T 204 -36.21 26.93 4.97
N VAL T 205 -37.43 26.60 5.39
CA VAL T 205 -37.82 26.68 6.79
C VAL T 205 -38.29 25.29 7.20
N GLN T 206 -37.51 24.66 8.08
CA GLN T 206 -37.81 23.32 8.55
C GLN T 206 -37.80 22.31 7.42
N GLY T 207 -36.88 22.48 6.48
CA GLY T 207 -36.76 21.55 5.37
C GLY T 207 -37.54 21.80 4.09
N ASP T 208 -38.39 22.83 4.07
CA ASP T 208 -39.16 23.14 2.87
C ASP T 208 -39.00 24.56 2.40
N CYS T 209 -39.10 24.76 1.08
CA CYS T 209 -38.97 26.07 0.49
C CYS T 209 -39.96 27.00 1.19
N PHE T 210 -39.52 28.20 1.52
CA PHE T 210 -40.37 29.16 2.22
C PHE T 210 -40.70 30.38 1.36
N GLU T 211 -41.98 30.57 1.11
CA GLU T 211 -42.43 31.71 0.31
C GLU T 211 -42.82 32.87 1.22
N GLY T 212 -42.49 34.08 0.80
CA GLY T 212 -42.84 35.25 1.57
C GLY T 212 -41.77 35.81 2.48
N ALA T 213 -40.60 35.19 2.49
CA ALA T 213 -39.51 35.68 3.33
C ALA T 213 -39.05 37.00 2.71
N LYS T 214 -38.73 37.98 3.56
CA LYS T 214 -38.28 39.29 3.09
C LYS T 214 -36.76 39.34 3.05
N VAL T 215 -36.24 39.59 1.86
CA VAL T 215 -34.80 39.65 1.66
C VAL T 215 -34.37 41.08 1.32
N VAL T 216 -33.26 41.50 1.91
CA VAL T 216 -32.73 42.83 1.67
C VAL T 216 -31.23 42.78 1.42
N LEU T 217 -30.78 43.51 0.40
CA LEU T 217 -29.37 43.58 0.04
C LEU T 217 -28.85 44.97 0.42
N LYS T 218 -27.71 45.00 1.11
CA LYS T 218 -27.10 46.25 1.54
C LYS T 218 -25.63 46.32 1.18
N SER T 219 -25.17 47.52 0.84
CA SER T 219 -23.77 47.75 0.51
C SER T 219 -23.32 48.88 1.43
N GLY T 220 -22.23 48.65 2.15
CA GLY T 220 -21.74 49.66 3.07
C GLY T 220 -22.58 49.72 4.34
N GLY T 221 -23.91 49.68 4.17
CA GLY T 221 -24.79 49.72 5.32
C GLY T 221 -26.17 50.23 4.96
N LYS T 222 -26.38 50.53 3.69
CA LYS T 222 -27.67 51.02 3.22
C LYS T 222 -28.29 50.10 2.18
N GLU T 223 -29.60 49.89 2.29
CA GLU T 223 -30.31 49.03 1.36
C GLU T 223 -30.05 49.38 -0.10
N VAL T 224 -29.72 48.36 -0.88
CA VAL T 224 -29.44 48.52 -2.29
C VAL T 224 -30.52 47.81 -3.11
N ALA T 225 -31.23 46.90 -2.45
CA ALA T 225 -32.30 46.13 -3.08
C ALA T 225 -33.01 45.25 -2.08
N SER T 226 -34.28 44.95 -2.33
CA SER T 226 -35.07 44.11 -1.44
C SER T 226 -36.09 43.33 -2.25
N ALA T 227 -36.57 42.21 -1.68
CA ALA T 227 -37.56 41.39 -2.37
C ALA T 227 -38.09 40.30 -1.44
N GLU T 228 -39.14 39.63 -1.91
CA GLU T 228 -39.74 38.52 -1.17
C GLU T 228 -39.54 37.24 -1.98
N THR T 229 -39.17 36.17 -1.28
CA THR T 229 -38.91 34.89 -1.92
C THR T 229 -40.15 34.28 -2.58
N ASN T 230 -39.95 33.59 -3.70
CA ASN T 230 -41.04 32.94 -4.42
C ASN T 230 -41.34 31.59 -3.78
N PHE T 231 -42.24 30.82 -4.40
CA PHE T 231 -42.60 29.53 -3.83
C PHE T 231 -41.49 28.48 -3.81
N PHE T 232 -40.33 28.83 -4.39
CA PHE T 232 -39.18 27.94 -4.35
C PHE T 232 -38.23 28.50 -3.31
N GLY T 233 -38.66 29.57 -2.65
CA GLY T 233 -37.86 30.20 -1.62
C GLY T 233 -36.65 30.95 -2.16
N GLU T 234 -36.62 31.19 -3.45
CA GLU T 234 -35.49 31.88 -4.05
C GLU T 234 -35.67 33.38 -4.26
N PHE T 235 -34.54 34.05 -4.43
CA PHE T 235 -34.50 35.49 -4.67
C PHE T 235 -33.28 35.70 -5.56
N LYS T 236 -33.33 36.73 -6.40
CA LYS T 236 -32.22 37.01 -7.29
C LYS T 236 -32.01 38.52 -7.45
N PHE T 237 -30.85 38.99 -6.99
CA PHE T 237 -30.49 40.40 -7.08
C PHE T 237 -29.47 40.54 -8.20
N ASP T 238 -29.93 40.99 -9.37
CA ASP T 238 -29.04 41.13 -10.52
C ASP T 238 -28.58 42.58 -10.69
N ALA T 239 -27.96 42.86 -11.82
CA ALA T 239 -27.47 44.19 -12.14
C ALA T 239 -26.64 44.74 -11.00
N LEU T 240 -25.79 43.89 -10.43
CA LEU T 240 -24.92 44.31 -9.33
C LEU T 240 -23.53 44.61 -9.86
N ASP T 241 -22.92 45.65 -9.29
CA ASP T 241 -21.56 46.03 -9.67
C ASP T 241 -20.64 45.32 -8.68
N ASN T 242 -19.36 45.25 -9.01
CA ASN T 242 -18.41 44.59 -8.14
C ASN T 242 -18.29 45.33 -6.81
N GLY T 243 -17.99 44.59 -5.75
CA GLY T 243 -17.85 45.17 -4.43
C GLY T 243 -18.37 44.20 -3.39
N GLU T 244 -18.41 44.63 -2.13
CA GLU T 244 -18.88 43.77 -1.04
C GLU T 244 -20.27 44.17 -0.59
N TYR T 245 -21.13 43.16 -0.41
CA TYR T 245 -22.50 43.38 0.02
C TYR T 245 -22.85 42.52 1.22
N THR T 246 -24.02 42.78 1.78
CA THR T 246 -24.52 42.02 2.91
C THR T 246 -25.97 41.63 2.60
N VAL T 247 -26.31 40.39 2.89
CA VAL T 247 -27.66 39.92 2.64
C VAL T 247 -28.31 39.57 3.97
N GLU T 248 -29.48 40.17 4.22
CA GLU T 248 -30.21 39.95 5.46
C GLU T 248 -31.59 39.39 5.17
N ILE T 249 -31.81 38.17 5.64
CA ILE T 249 -33.07 37.47 5.43
C ILE T 249 -33.93 37.43 6.69
N ASP T 250 -35.24 37.60 6.49
CA ASP T 250 -36.20 37.59 7.58
C ASP T 250 -37.40 36.71 7.25
N ALA T 251 -37.46 35.53 7.86
CA ALA T 251 -38.56 34.59 7.62
C ALA T 251 -39.00 33.94 8.93
N ASP T 252 -40.30 34.00 9.21
CA ASP T 252 -40.85 33.43 10.43
C ASP T 252 -40.23 34.09 11.66
N GLY T 253 -39.94 35.38 11.55
CA GLY T 253 -39.34 36.09 12.67
C GLY T 253 -37.90 35.66 12.84
N LYS T 254 -37.51 34.56 12.20
CA LYS T 254 -36.15 34.07 12.27
C LYS T 254 -35.36 34.83 11.21
N SER T 255 -34.14 35.25 11.56
CA SER T 255 -33.33 36.01 10.62
C SER T 255 -31.98 35.37 10.31
N TYR T 256 -31.47 35.68 9.13
CA TYR T 256 -30.19 35.17 8.67
C TYR T 256 -29.47 36.30 7.94
N SER T 257 -28.16 36.38 8.08
CA SER T 257 -27.40 37.42 7.40
C SER T 257 -26.00 36.97 7.11
N ASP T 258 -25.48 37.40 5.97
CA ASP T 258 -24.13 37.06 5.56
C ASP T 258 -23.64 38.09 4.57
N THR T 259 -22.33 38.15 4.38
CA THR T 259 -21.73 39.10 3.47
C THR T 259 -21.33 38.38 2.19
N VAL T 260 -21.62 38.99 1.05
CA VAL T 260 -21.30 38.40 -0.24
C VAL T 260 -20.47 39.34 -1.12
N VAL T 261 -19.31 38.87 -1.55
CA VAL T 261 -18.44 39.68 -2.39
C VAL T 261 -18.64 39.37 -3.87
N ILE T 262 -18.95 40.40 -4.65
CA ILE T 262 -19.15 40.25 -6.08
C ILE T 262 -17.89 40.72 -6.81
N ASP T 263 -17.25 39.82 -7.55
CA ASP T 263 -16.05 40.18 -8.30
C ASP T 263 -16.07 39.59 -9.71
N ASP T 264 -16.87 40.21 -10.57
CA ASP T 264 -17.00 39.76 -11.95
C ASP T 264 -17.49 38.32 -12.02
N LYS T 265 -18.41 38.00 -11.11
CA LYS T 265 -19.01 36.68 -11.02
C LYS T 265 -20.31 36.81 -10.25
N SER T 266 -21.24 35.90 -10.51
CA SER T 266 -22.52 35.90 -9.82
C SER T 266 -22.42 34.79 -8.76
N VAL T 267 -23.01 35.02 -7.59
CA VAL T 267 -22.92 34.05 -6.51
C VAL T 267 -24.19 33.32 -6.11
N ASP T 268 -24.05 32.03 -5.81
CA ASP T 268 -25.16 31.20 -5.38
C ASP T 268 -24.89 30.74 -3.96
N LEU T 269 -25.54 31.38 -2.99
CA LEU T 269 -25.38 31.06 -1.59
C LEU T 269 -25.95 29.69 -1.27
N GLY T 270 -26.50 29.04 -2.29
CA GLY T 270 -27.07 27.72 -2.11
C GLY T 270 -28.31 27.72 -1.23
N PHE T 271 -28.49 26.63 -0.49
CA PHE T 271 -29.62 26.49 0.40
C PHE T 271 -29.40 27.13 1.77
N ILE T 272 -30.21 28.13 2.09
CA ILE T 272 -30.13 28.82 3.37
C ILE T 272 -31.23 28.26 4.27
N LYS T 273 -30.86 27.46 5.25
CA LYS T 273 -31.85 26.85 6.15
C LYS T 273 -32.14 27.71 7.37
N LEU T 274 -33.41 27.76 7.75
CA LEU T 274 -33.86 28.53 8.89
C LEU T 274 -34.85 27.76 9.77
N MET U 1 18.65 -81.25 -55.18
CA MET U 1 19.02 -81.64 -56.57
C MET U 1 20.43 -82.25 -56.64
N GLY U 2 21.33 -81.75 -55.80
CA GLY U 2 22.70 -82.24 -55.81
C GLY U 2 23.38 -82.41 -54.45
N GLU U 3 24.71 -82.39 -54.47
CA GLU U 3 25.51 -82.56 -53.26
C GLU U 3 25.90 -81.23 -52.62
N VAL U 4 26.38 -81.30 -51.38
CA VAL U 4 26.81 -80.09 -50.69
C VAL U 4 28.27 -79.86 -51.04
N VAL U 5 28.62 -78.61 -51.27
CA VAL U 5 29.99 -78.27 -51.62
C VAL U 5 30.59 -77.26 -50.63
N ARG U 6 31.84 -77.48 -50.25
CA ARG U 6 32.53 -76.58 -49.33
C ARG U 6 33.36 -75.55 -50.09
N LEU U 7 32.85 -74.33 -50.17
CA LEU U 7 33.55 -73.24 -50.85
C LEU U 7 34.25 -72.35 -49.84
N THR U 8 34.89 -71.30 -50.32
CA THR U 8 35.57 -70.37 -49.41
C THR U 8 35.18 -68.94 -49.70
N ASN U 9 35.28 -68.12 -48.67
CA ASN U 9 35.02 -66.70 -48.77
C ASN U 9 35.54 -66.06 -47.50
N SER U 10 35.25 -64.79 -47.29
CA SER U 10 35.75 -64.12 -46.10
C SER U 10 34.84 -62.99 -45.70
N SER U 11 35.21 -62.28 -44.64
CA SER U 11 34.42 -61.18 -44.15
C SER U 11 35.26 -60.26 -43.28
N THR U 12 34.67 -59.14 -42.88
CA THR U 12 35.35 -58.20 -42.01
C THR U 12 35.48 -58.88 -40.63
N GLY U 13 35.06 -60.14 -40.57
CA GLY U 13 35.12 -60.89 -39.33
C GLY U 13 35.92 -62.17 -39.48
N GLY U 14 36.75 -62.23 -40.51
CA GLY U 14 37.56 -63.41 -40.71
C GLY U 14 37.10 -64.28 -41.86
N PRO U 15 37.94 -65.23 -42.30
CA PRO U 15 37.67 -66.16 -43.40
C PRO U 15 36.68 -67.24 -42.98
N VAL U 16 35.94 -67.76 -43.94
CA VAL U 16 34.99 -68.81 -43.66
C VAL U 16 34.89 -69.87 -44.75
N PHE U 17 34.48 -71.06 -44.34
CA PHE U 17 34.24 -72.16 -45.26
C PHE U 17 32.74 -72.05 -45.44
N VAL U 18 32.30 -71.94 -46.68
CA VAL U 18 30.88 -71.83 -46.96
C VAL U 18 30.34 -73.12 -47.57
N TYR U 19 29.38 -73.75 -46.91
CA TYR U 19 28.78 -74.98 -47.40
C TYR U 19 27.54 -74.64 -48.21
N VAL U 20 27.56 -75.04 -49.47
CA VAL U 20 26.46 -74.75 -50.38
C VAL U 20 25.80 -76.01 -50.97
N LYS U 21 24.50 -75.91 -51.23
CA LYS U 21 23.72 -76.98 -51.80
C LYS U 21 22.57 -76.39 -52.61
N ASP U 22 22.38 -76.88 -53.82
CA ASP U 22 21.33 -76.41 -54.71
C ASP U 22 21.26 -74.89 -54.81
N GLY U 23 22.42 -74.26 -54.89
CA GLY U 23 22.48 -72.81 -55.01
C GLY U 23 22.14 -72.02 -53.76
N LYS U 24 22.13 -72.68 -52.61
CA LYS U 24 21.80 -72.02 -51.36
C LYS U 24 22.87 -72.26 -50.31
N ILE U 25 23.07 -71.28 -49.44
CA ILE U 25 24.06 -71.41 -48.38
C ILE U 25 23.46 -72.14 -47.19
N ILE U 26 24.14 -73.19 -46.75
CA ILE U 26 23.68 -73.99 -45.62
C ILE U 26 24.27 -73.48 -44.30
N ARG U 27 25.58 -73.20 -44.29
CA ARG U 27 26.24 -72.72 -43.09
C ARG U 27 27.58 -72.04 -43.40
N MET U 28 28.11 -71.32 -42.41
CA MET U 28 29.40 -70.64 -42.52
C MET U 28 30.16 -70.96 -41.25
N THR U 29 31.39 -71.43 -41.38
CA THR U 29 32.17 -71.81 -40.21
C THR U 29 33.61 -71.34 -40.27
N PRO U 30 34.30 -71.36 -39.12
CA PRO U 30 35.70 -70.94 -39.09
C PRO U 30 36.45 -71.97 -39.94
N MET U 31 37.67 -71.64 -40.35
CA MET U 31 38.44 -72.57 -41.17
C MET U 31 39.43 -73.46 -40.41
N ASP U 32 39.42 -74.73 -40.75
CA ASP U 32 40.35 -75.68 -40.21
C ASP U 32 41.49 -75.94 -41.17
N PHE U 33 42.71 -75.98 -40.71
CA PHE U 33 43.84 -76.20 -41.60
C PHE U 33 44.08 -77.70 -41.76
N ASP U 34 44.46 -78.11 -42.96
CA ASP U 34 44.75 -79.51 -43.26
C ASP U 34 46.28 -79.61 -43.24
N ASP U 35 46.83 -80.22 -42.18
CA ASP U 35 48.29 -80.32 -42.06
C ASP U 35 48.99 -80.94 -43.27
N ALA U 36 48.26 -81.71 -44.06
CA ALA U 36 48.85 -82.35 -45.23
C ALA U 36 49.18 -81.38 -46.37
N VAL U 37 48.47 -80.25 -46.42
CA VAL U 37 48.71 -79.28 -47.48
C VAL U 37 48.84 -77.83 -47.01
N ASP U 38 48.76 -77.61 -45.71
CA ASP U 38 48.88 -76.26 -45.16
C ASP U 38 50.16 -76.10 -44.37
N ALA U 39 51.00 -75.15 -44.80
CA ALA U 39 52.28 -74.87 -44.16
C ALA U 39 52.16 -74.81 -42.64
N PRO U 40 53.17 -75.37 -41.94
CA PRO U 40 53.22 -75.41 -40.46
C PRO U 40 53.19 -74.01 -39.82
N SER U 41 52.77 -73.96 -38.56
CA SER U 41 52.69 -72.69 -37.84
C SER U 41 54.03 -72.26 -37.23
N TRP U 42 54.10 -71.00 -36.83
CA TRP U 42 55.31 -70.47 -36.20
C TRP U 42 55.35 -70.94 -34.74
N LYS U 43 56.51 -70.83 -34.12
CA LYS U 43 56.69 -71.22 -32.71
C LYS U 43 57.48 -70.13 -32.01
N ILE U 44 57.28 -69.97 -30.71
CA ILE U 44 58.01 -68.98 -29.93
C ILE U 44 58.48 -69.59 -28.63
N GLU U 45 59.79 -69.45 -28.37
CA GLU U 45 60.37 -69.98 -27.15
C GLU U 45 60.55 -68.84 -26.17
N ALA U 46 59.91 -68.94 -25.00
CA ALA U 46 60.01 -67.90 -24.00
C ALA U 46 59.76 -68.43 -22.59
N ARG U 47 60.57 -67.94 -21.65
CA ARG U 47 60.47 -68.33 -20.25
C ARG U 47 60.19 -69.81 -20.00
N GLY U 48 61.02 -70.67 -20.61
CA GLY U 48 60.89 -72.10 -20.43
C GLY U 48 59.80 -72.84 -21.17
N LYS U 49 58.96 -72.15 -21.92
CA LYS U 49 57.87 -72.80 -22.64
C LYS U 49 57.93 -72.55 -24.14
N THR U 50 57.10 -73.25 -24.89
CA THR U 50 57.05 -73.10 -26.34
C THR U 50 55.63 -72.76 -26.77
N PHE U 51 55.45 -71.57 -27.32
CA PHE U 51 54.13 -71.12 -27.74
C PHE U 51 53.94 -71.22 -29.25
N THR U 52 52.82 -71.84 -29.64
CA THR U 52 52.48 -72.02 -31.04
C THR U 52 50.95 -71.88 -31.11
N PRO U 53 50.42 -71.30 -32.20
CA PRO U 53 48.97 -71.11 -32.38
C PRO U 53 48.19 -72.34 -32.84
N PRO U 54 46.88 -72.37 -32.56
CA PRO U 54 46.02 -73.49 -32.95
C PRO U 54 45.96 -73.56 -34.48
N ARG U 55 45.80 -74.76 -35.02
CA ARG U 55 45.73 -74.94 -36.47
C ARG U 55 44.35 -74.59 -37.01
N LYS U 56 43.89 -73.38 -36.70
CA LYS U 56 42.56 -72.95 -37.11
C LYS U 56 42.42 -71.42 -37.05
N THR U 57 41.35 -70.90 -37.65
CA THR U 57 41.08 -69.48 -37.62
C THR U 57 39.88 -69.23 -36.73
N SER U 58 39.50 -67.97 -36.55
CA SER U 58 38.35 -67.65 -35.71
C SER U 58 37.52 -66.56 -36.39
N ILE U 59 36.28 -66.42 -35.95
CA ILE U 59 35.40 -65.42 -36.53
C ILE U 59 34.69 -64.56 -35.50
N ALA U 60 34.10 -63.46 -35.97
CA ALA U 60 33.37 -62.56 -35.08
C ALA U 60 31.88 -62.88 -35.15
N PRO U 61 31.13 -62.52 -34.08
CA PRO U 61 29.69 -62.75 -33.97
C PRO U 61 28.90 -62.38 -35.23
N TYR U 62 29.16 -61.20 -35.77
CA TYR U 62 28.46 -60.73 -36.97
C TYR U 62 28.75 -61.55 -38.21
N THR U 63 29.89 -62.22 -38.25
CA THR U 63 30.21 -63.06 -39.38
C THR U 63 29.52 -64.41 -39.18
N ALA U 64 29.57 -64.91 -37.94
CA ALA U 64 28.93 -66.19 -37.61
C ALA U 64 27.44 -66.19 -37.93
N GLY U 65 26.81 -65.00 -37.88
CA GLY U 65 25.40 -64.92 -38.19
C GLY U 65 25.13 -64.17 -39.49
N PHE U 66 26.18 -64.00 -40.30
CA PHE U 66 26.06 -63.26 -41.56
C PHE U 66 25.01 -63.76 -42.56
N LYS U 67 24.78 -65.06 -42.62
CA LYS U 67 23.80 -65.60 -43.57
C LYS U 67 22.43 -64.89 -43.45
N SER U 68 22.08 -64.49 -42.23
CA SER U 68 20.81 -63.80 -41.98
C SER U 68 20.79 -62.39 -42.57
N MET U 69 21.95 -61.89 -42.98
CA MET U 69 22.01 -60.57 -43.58
C MET U 69 21.94 -60.71 -45.09
N ILE U 70 22.53 -61.80 -45.58
CA ILE U 70 22.54 -62.10 -47.01
C ILE U 70 21.10 -62.28 -47.50
N TYR U 71 20.33 -63.06 -46.74
CA TYR U 71 18.94 -63.32 -47.07
C TYR U 71 17.95 -62.46 -46.29
N SER U 72 18.43 -61.35 -45.73
CA SER U 72 17.59 -60.43 -44.96
C SER U 72 16.40 -59.93 -45.77
N ASP U 73 15.23 -59.84 -45.14
CA ASP U 73 14.05 -59.35 -45.83
C ASP U 73 14.08 -57.83 -45.95
N LEU U 74 15.06 -57.19 -45.33
CA LEU U 74 15.21 -55.74 -45.38
C LEU U 74 16.18 -55.37 -46.50
N ARG U 75 16.66 -56.40 -47.18
CA ARG U 75 17.57 -56.23 -48.29
C ARG U 75 16.87 -55.47 -49.42
N ILE U 76 17.63 -54.74 -50.22
CA ILE U 76 17.03 -54.00 -51.33
C ILE U 76 16.76 -55.05 -52.42
N PRO U 77 15.48 -55.26 -52.76
CA PRO U 77 15.03 -56.23 -53.76
C PRO U 77 15.33 -55.91 -55.22
N TYR U 78 15.14 -54.65 -55.59
CA TYR U 78 15.34 -54.22 -56.96
C TYR U 78 15.43 -52.70 -57.01
N PRO U 79 15.87 -52.15 -58.15
CA PRO U 79 15.95 -50.68 -58.22
C PRO U 79 14.64 -50.08 -57.74
N MET U 80 14.73 -48.98 -56.99
CA MET U 80 13.55 -48.31 -56.46
C MET U 80 13.58 -46.83 -56.80
N LYS U 81 12.41 -46.21 -56.77
CA LYS U 81 12.31 -44.79 -57.07
C LYS U 81 11.26 -44.10 -56.19
N ARG U 82 11.55 -42.84 -55.83
CA ARG U 82 10.65 -42.06 -55.00
C ARG U 82 9.49 -41.59 -55.87
N LYS U 83 8.26 -42.01 -55.50
CA LYS U 83 7.06 -41.66 -56.25
C LYS U 83 6.94 -40.16 -56.48
N SER U 84 7.08 -39.38 -55.41
CA SER U 84 6.98 -37.93 -55.47
C SER U 84 8.10 -37.25 -56.26
N PHE U 85 9.08 -38.03 -56.71
CA PHE U 85 10.19 -37.46 -57.48
C PHE U 85 10.03 -37.51 -58.99
N ASP U 86 9.82 -36.35 -59.62
CA ASP U 86 9.69 -36.27 -61.07
C ASP U 86 10.83 -35.45 -61.67
N PRO U 87 11.77 -36.12 -62.36
CA PRO U 87 12.91 -35.46 -62.98
C PRO U 87 12.53 -34.35 -63.96
N ASN U 88 11.42 -34.54 -64.68
CA ASN U 88 10.98 -33.55 -65.66
C ASN U 88 9.94 -32.59 -65.13
N GLY U 89 9.62 -32.71 -63.85
CA GLY U 89 8.64 -31.83 -63.25
C GLY U 89 9.03 -31.44 -61.84
N GLU U 90 8.12 -31.67 -60.90
CA GLU U 90 8.38 -31.36 -59.50
C GLU U 90 9.27 -32.42 -58.87
N ARG U 91 10.41 -31.99 -58.33
CA ARG U 91 11.34 -32.92 -57.70
C ARG U 91 10.99 -33.12 -56.24
N ASN U 92 10.22 -32.17 -55.70
CA ASN U 92 9.78 -32.20 -54.31
C ASN U 92 10.87 -32.59 -53.31
N PRO U 93 11.93 -31.77 -53.20
CA PRO U 93 13.02 -32.06 -52.27
C PRO U 93 12.49 -32.15 -50.85
N GLN U 94 11.45 -31.39 -50.58
CA GLN U 94 10.81 -31.34 -49.28
C GLN U 94 10.13 -32.66 -48.91
N LEU U 95 9.97 -33.54 -49.89
CA LEU U 95 9.31 -34.82 -49.62
C LEU U 95 10.24 -36.00 -49.38
N ARG U 96 11.54 -35.77 -49.49
CA ARG U 96 12.50 -36.84 -49.26
C ARG U 96 12.41 -37.29 -47.80
N GLY U 97 12.21 -38.58 -47.58
CA GLY U 97 12.11 -39.08 -46.22
C GLY U 97 10.72 -38.94 -45.62
N ALA U 98 9.78 -38.37 -46.38
CA ALA U 98 8.41 -38.20 -45.90
C ALA U 98 7.82 -39.51 -45.38
N GLY U 99 8.08 -40.60 -46.10
CA GLY U 99 7.56 -41.88 -45.68
C GLY U 99 8.09 -42.21 -44.30
N LEU U 100 9.33 -41.81 -44.06
CA LEU U 100 9.98 -42.05 -42.78
C LEU U 100 9.31 -41.20 -41.70
N SER U 101 8.92 -39.99 -42.06
CA SER U 101 8.27 -39.09 -41.11
C SER U 101 6.89 -39.59 -40.69
N LYS U 102 6.28 -40.42 -41.51
CA LYS U 102 4.96 -40.96 -41.19
C LYS U 102 5.10 -42.41 -40.75
N GLN U 103 6.34 -42.82 -40.48
CA GLN U 103 6.67 -44.16 -40.01
C GLN U 103 6.46 -45.30 -41.01
N ASP U 104 6.46 -44.99 -42.31
CA ASP U 104 6.28 -46.04 -43.32
C ASP U 104 7.19 -45.76 -44.53
N PRO U 105 8.50 -46.06 -44.38
CA PRO U 105 9.56 -45.89 -45.38
C PRO U 105 9.29 -46.46 -46.77
N TRP U 106 9.04 -47.76 -46.86
CA TRP U 106 8.79 -48.41 -48.14
C TRP U 106 7.70 -47.78 -49.00
N SER U 107 6.70 -47.17 -48.36
CA SER U 107 5.59 -46.55 -49.09
C SER U 107 5.95 -45.31 -49.89
N ASP U 108 7.21 -44.90 -49.83
CA ASP U 108 7.65 -43.72 -50.56
C ASP U 108 8.19 -44.11 -51.93
N TYR U 109 8.54 -45.39 -52.08
CA TYR U 109 9.12 -45.86 -53.33
C TYR U 109 8.29 -46.83 -54.15
N GLU U 110 8.56 -46.82 -55.46
CA GLU U 110 7.89 -47.70 -56.40
C GLU U 110 9.00 -48.45 -57.15
N ARG U 111 8.67 -49.61 -57.69
CA ARG U 111 9.64 -50.43 -58.41
C ARG U 111 9.97 -49.91 -59.81
N ILE U 112 11.23 -50.10 -60.22
CA ILE U 112 11.69 -49.70 -61.55
C ILE U 112 12.77 -50.65 -62.05
N SER U 113 13.02 -50.60 -63.35
CA SER U 113 14.02 -51.47 -63.97
C SER U 113 15.42 -50.86 -63.92
N TRP U 114 16.43 -51.72 -63.95
CA TRP U 114 17.80 -51.26 -63.93
C TRP U 114 18.00 -50.29 -65.09
N ASP U 115 17.51 -50.69 -66.27
CA ASP U 115 17.64 -49.87 -67.46
C ASP U 115 17.08 -48.47 -67.25
N GLU U 116 15.89 -48.38 -66.64
CA GLU U 116 15.28 -47.07 -66.39
C GLU U 116 15.95 -46.29 -65.25
N ALA U 117 16.37 -47.02 -64.21
CA ALA U 117 17.02 -46.37 -63.08
C ALA U 117 18.28 -45.66 -63.55
N THR U 118 19.15 -46.42 -64.22
CA THR U 118 20.40 -45.91 -64.74
C THR U 118 20.22 -44.79 -65.77
N ASP U 119 19.17 -44.86 -66.59
CA ASP U 119 18.93 -43.81 -67.58
C ASP U 119 18.69 -42.49 -66.85
N ILE U 120 17.92 -42.55 -65.77
CA ILE U 120 17.62 -41.38 -64.98
C ILE U 120 18.90 -40.77 -64.37
N VAL U 121 19.72 -41.61 -63.75
CA VAL U 121 20.96 -41.14 -63.13
C VAL U 121 21.88 -40.50 -64.18
N VAL U 122 22.11 -41.22 -65.27
CA VAL U 122 22.96 -40.74 -66.35
C VAL U 122 22.45 -39.38 -66.83
N ALA U 123 21.14 -39.26 -67.00
CA ALA U 123 20.55 -38.01 -67.45
C ALA U 123 20.91 -36.87 -66.47
N GLU U 124 20.90 -37.15 -65.18
CA GLU U 124 21.23 -36.12 -64.21
C GLU U 124 22.71 -35.76 -64.32
N ILE U 125 23.55 -36.78 -64.38
CA ILE U 125 24.98 -36.58 -64.49
C ILE U 125 25.38 -35.64 -65.64
N ASN U 126 25.07 -36.02 -66.87
CA ASN U 126 25.43 -35.20 -68.03
C ASN U 126 24.74 -33.84 -68.04
N ARG U 127 23.60 -33.71 -67.38
CA ARG U 127 22.91 -32.43 -67.35
C ARG U 127 23.72 -31.49 -66.43
N ILE U 128 24.08 -32.01 -65.26
CA ILE U 128 24.84 -31.24 -64.28
C ILE U 128 26.26 -30.93 -64.75
N LYS U 129 26.92 -31.92 -65.36
CA LYS U 129 28.28 -31.68 -65.84
C LYS U 129 28.32 -30.53 -66.85
N HIS U 130 27.47 -30.57 -67.87
CA HIS U 130 27.46 -29.49 -68.86
C HIS U 130 26.92 -28.18 -68.30
N ALA U 131 26.27 -28.25 -67.14
CA ALA U 131 25.70 -27.05 -66.55
C ALA U 131 26.60 -26.43 -65.48
N TYR U 132 27.14 -27.26 -64.59
CA TYR U 132 27.95 -26.77 -63.50
C TYR U 132 29.36 -27.37 -63.43
N GLY U 133 29.51 -28.56 -64.01
CA GLY U 133 30.80 -29.23 -64.00
C GLY U 133 30.81 -30.46 -63.11
N PRO U 134 31.79 -31.35 -63.27
CA PRO U 134 31.93 -32.58 -62.48
C PRO U 134 31.87 -32.35 -60.97
N SER U 135 32.40 -31.21 -60.51
CA SER U 135 32.42 -30.89 -59.08
C SER U 135 31.05 -30.74 -58.44
N ALA U 136 30.02 -30.44 -59.24
CA ALA U 136 28.67 -30.28 -58.69
C ALA U 136 28.05 -31.62 -58.27
N ILE U 137 28.74 -32.72 -58.57
CA ILE U 137 28.26 -34.06 -58.22
C ILE U 137 28.95 -34.58 -56.96
N LEU U 138 28.26 -34.48 -55.82
CA LEU U 138 28.80 -34.93 -54.54
C LEU U 138 28.67 -36.44 -54.40
N SER U 139 29.66 -37.07 -53.80
CA SER U 139 29.63 -38.52 -53.61
C SER U 139 30.53 -38.96 -52.47
N THR U 140 30.12 -40.01 -51.78
CA THR U 140 30.89 -40.53 -50.68
C THR U 140 30.35 -41.85 -50.14
N PRO U 141 31.24 -42.82 -49.94
CA PRO U 141 30.81 -44.11 -49.40
C PRO U 141 31.04 -43.92 -47.91
N SER U 142 31.43 -44.97 -47.22
CA SER U 142 31.71 -44.83 -45.80
C SER U 142 33.08 -45.42 -45.49
N SER U 143 33.43 -45.51 -44.22
CA SER U 143 34.74 -46.03 -43.85
C SER U 143 34.90 -47.52 -44.14
N HIS U 144 33.89 -48.32 -43.82
CA HIS U 144 34.00 -49.74 -44.06
C HIS U 144 33.17 -50.31 -45.18
N HIS U 145 33.58 -51.49 -45.62
CA HIS U 145 32.97 -52.12 -46.77
C HIS U 145 33.01 -53.64 -46.65
N MET U 146 32.21 -54.33 -47.47
CA MET U 146 32.21 -55.79 -47.45
C MET U 146 33.65 -56.19 -47.76
N TRP U 147 34.12 -57.30 -47.19
CA TRP U 147 35.48 -57.77 -47.42
C TRP U 147 35.67 -58.16 -48.89
N GLY U 148 36.85 -57.85 -49.43
CA GLY U 148 37.15 -58.15 -50.82
C GLY U 148 37.97 -57.03 -51.44
N ASN U 149 39.25 -57.30 -51.66
CA ASN U 149 40.18 -56.32 -52.21
C ASN U 149 39.80 -55.66 -53.53
N VAL U 150 39.46 -56.47 -54.54
CA VAL U 150 39.11 -55.91 -55.83
C VAL U 150 37.80 -55.11 -55.82
N GLY U 151 36.85 -55.53 -54.99
CA GLY U 151 35.58 -54.84 -54.92
C GLY U 151 35.54 -53.67 -53.95
N TYR U 152 36.48 -53.63 -53.00
CA TYR U 152 36.54 -52.57 -51.99
C TYR U 152 36.43 -51.15 -52.55
N ARG U 153 35.88 -50.24 -51.75
CA ARG U 153 35.70 -48.84 -52.15
C ARG U 153 36.96 -48.13 -52.65
N HIS U 154 38.14 -48.58 -52.22
CA HIS U 154 39.41 -47.98 -52.65
C HIS U 154 39.74 -48.42 -54.07
N SER U 155 39.14 -49.54 -54.47
CA SER U 155 39.38 -50.12 -55.79
C SER U 155 38.29 -49.74 -56.81
N THR U 156 37.21 -50.52 -56.79
CA THR U 156 36.08 -50.32 -57.70
C THR U 156 35.52 -48.89 -57.69
N TYR U 157 34.96 -48.51 -56.54
CA TYR U 157 34.38 -47.20 -56.37
C TYR U 157 35.24 -46.12 -57.02
N PHE U 158 36.49 -45.99 -56.57
CA PHE U 158 37.39 -44.98 -57.11
C PHE U 158 37.65 -45.09 -58.61
N ARG U 159 37.87 -46.30 -59.10
CA ARG U 159 38.14 -46.43 -60.54
C ARG U 159 37.02 -45.82 -61.37
N PHE U 160 35.78 -46.06 -60.97
CA PHE U 160 34.64 -45.51 -61.70
C PHE U 160 34.40 -44.01 -61.46
N MET U 161 34.21 -43.63 -60.19
CA MET U 161 33.94 -42.23 -59.86
C MET U 161 34.99 -41.28 -60.42
N ASN U 162 36.24 -41.74 -60.44
CA ASN U 162 37.34 -40.93 -60.97
C ASN U 162 37.17 -40.65 -62.46
N MET U 163 36.52 -41.58 -63.15
CA MET U 163 36.28 -41.41 -64.58
C MET U 163 34.99 -40.65 -64.83
N MET U 164 34.20 -40.46 -63.77
CA MET U 164 32.92 -39.79 -63.89
C MET U 164 32.84 -38.37 -63.35
N GLY U 165 33.16 -38.18 -62.07
CA GLY U 165 33.07 -36.85 -61.48
C GLY U 165 34.40 -36.28 -61.05
N PHE U 166 34.49 -35.74 -59.84
CA PHE U 166 33.39 -35.65 -58.87
C PHE U 166 33.96 -34.99 -57.61
N THR U 167 33.09 -34.46 -56.77
CA THR U 167 33.55 -33.88 -55.52
C THR U 167 33.38 -34.93 -54.44
N TYR U 168 34.50 -35.31 -53.83
CA TYR U 168 34.48 -36.33 -52.78
C TYR U 168 34.28 -35.71 -51.41
N ALA U 169 33.55 -36.43 -50.55
CA ALA U 169 33.34 -35.99 -49.17
C ALA U 169 34.38 -36.84 -48.42
N ASP U 170 35.63 -36.39 -48.52
CA ASP U 170 36.75 -37.11 -47.91
C ASP U 170 36.48 -37.42 -46.46
N HIS U 171 36.96 -38.58 -46.03
CA HIS U 171 36.75 -39.02 -44.67
C HIS U 171 37.70 -38.44 -43.63
N ASN U 172 37.13 -38.08 -42.48
CA ASN U 172 37.91 -37.57 -41.37
C ASN U 172 38.61 -38.82 -40.84
N PRO U 173 39.79 -38.67 -40.23
CA PRO U 173 40.47 -39.85 -39.70
C PRO U 173 39.79 -40.38 -38.42
N ASP U 174 38.52 -40.73 -38.54
CA ASP U 174 37.71 -41.22 -37.41
C ASP U 174 38.36 -42.15 -36.39
N SER U 175 38.99 -43.22 -36.86
CA SER U 175 39.62 -44.19 -35.98
C SER U 175 40.84 -43.65 -35.24
N TRP U 176 41.55 -42.72 -35.87
CA TRP U 176 42.77 -42.15 -35.31
C TRP U 176 42.67 -40.77 -34.69
N GLU U 177 41.55 -40.08 -34.90
CA GLU U 177 41.38 -38.70 -34.43
C GLU U 177 42.49 -38.17 -33.53
N GLY U 178 42.48 -38.54 -32.25
CA GLY U 178 43.49 -38.07 -31.33
C GLY U 178 44.93 -38.24 -31.79
N TRP U 179 45.26 -39.43 -32.28
CA TRP U 179 46.61 -39.71 -32.74
C TRP U 179 46.94 -39.01 -34.03
N HIS U 180 45.92 -38.65 -34.79
CA HIS U 180 46.12 -37.99 -36.08
C HIS U 180 46.37 -36.49 -35.94
N TRP U 181 45.42 -35.78 -35.35
CA TRP U 181 45.55 -34.34 -35.18
C TRP U 181 46.36 -33.97 -33.94
N GLY U 182 46.70 -34.96 -33.12
CA GLY U 182 47.45 -34.70 -31.90
C GLY U 182 48.82 -35.37 -31.77
N GLY U 183 48.83 -36.68 -31.55
CA GLY U 183 50.08 -37.40 -31.38
C GLY U 183 51.08 -37.33 -32.52
N MET U 184 50.59 -37.07 -33.73
CA MET U 184 51.41 -36.98 -34.93
C MET U 184 52.43 -35.84 -34.82
N HIS U 185 52.04 -34.76 -34.15
CA HIS U 185 52.91 -33.60 -33.97
C HIS U 185 53.94 -33.88 -32.91
N MET U 186 53.64 -34.85 -32.05
CA MET U 186 54.53 -35.19 -30.96
C MET U 186 55.57 -36.24 -31.33
N TRP U 187 55.18 -37.26 -32.11
CA TRP U 187 56.16 -38.28 -32.48
C TRP U 187 56.16 -38.72 -33.93
N GLY U 188 55.44 -38.01 -34.78
CA GLY U 188 55.41 -38.38 -36.19
C GLY U 188 54.47 -39.52 -36.57
N PHE U 189 55.01 -40.51 -37.29
CA PHE U 189 54.22 -41.65 -37.76
C PHE U 189 53.04 -41.19 -38.60
N SER U 190 53.24 -40.19 -39.46
CA SER U 190 52.16 -39.70 -40.29
C SER U 190 51.59 -40.77 -41.24
N TRP U 191 52.44 -41.67 -41.72
CA TRP U 191 52.00 -42.74 -42.62
C TRP U 191 51.10 -43.76 -41.91
N ARG U 192 51.01 -43.64 -40.59
CA ARG U 192 50.18 -44.51 -39.77
C ARG U 192 49.13 -43.65 -39.07
N LEU U 193 48.99 -42.42 -39.58
CA LEU U 193 48.05 -41.44 -39.04
C LEU U 193 48.18 -41.25 -37.52
N GLY U 194 49.40 -41.41 -37.02
CA GLY U 194 49.63 -41.21 -35.59
C GLY U 194 49.92 -42.46 -34.79
N ASN U 195 49.46 -43.62 -35.27
CA ASN U 195 49.67 -44.88 -34.57
C ASN U 195 51.08 -45.40 -34.74
N PRO U 196 51.59 -46.12 -33.72
CA PRO U 196 52.93 -46.72 -33.68
C PRO U 196 53.04 -48.03 -34.44
N GLU U 197 54.26 -48.43 -34.79
CA GLU U 197 54.48 -49.69 -35.48
C GLU U 197 54.43 -50.74 -34.38
N GLN U 198 54.27 -52.01 -34.73
CA GLN U 198 54.18 -53.06 -33.71
C GLN U 198 54.92 -54.35 -34.03
N TYR U 199 55.66 -54.36 -35.13
CA TYR U 199 56.41 -55.55 -35.54
C TYR U 199 57.12 -56.30 -34.40
N ASP U 200 57.06 -57.62 -34.46
CA ASP U 200 57.70 -58.53 -33.51
C ASP U 200 57.52 -58.28 -32.03
N LEU U 201 56.42 -57.65 -31.64
CA LEU U 201 56.19 -57.38 -30.22
C LEU U 201 55.70 -58.59 -29.43
N LEU U 202 55.07 -59.56 -30.11
CA LEU U 202 54.56 -60.74 -29.42
C LEU U 202 55.62 -61.50 -28.66
N GLU U 203 56.70 -61.87 -29.34
CA GLU U 203 57.79 -62.60 -28.70
C GLU U 203 58.47 -61.78 -27.62
N ASP U 204 58.62 -60.47 -27.88
CA ASP U 204 59.24 -59.57 -26.91
C ASP U 204 58.43 -59.61 -25.64
N GLY U 205 57.10 -59.53 -25.79
CA GLY U 205 56.22 -59.56 -24.64
C GLY U 205 56.25 -60.86 -23.85
N LEU U 206 56.18 -61.98 -24.56
CA LEU U 206 56.20 -63.28 -23.90
C LEU U 206 57.47 -63.50 -23.07
N LYS U 207 58.54 -62.85 -23.46
CA LYS U 207 59.82 -62.96 -22.78
C LYS U 207 60.09 -61.98 -21.64
N HIS U 208 59.54 -60.76 -21.75
CA HIS U 208 59.81 -59.73 -20.74
C HIS U 208 58.63 -59.08 -20.02
N ALA U 209 57.44 -59.17 -20.61
CA ALA U 209 56.27 -58.56 -20.00
C ALA U 209 55.98 -59.06 -18.59
N GLU U 210 55.78 -58.11 -17.67
CA GLU U 210 55.45 -58.44 -16.30
C GLU U 210 54.07 -57.88 -15.97
N MET U 211 53.66 -56.88 -16.75
CA MET U 211 52.36 -56.24 -16.59
C MET U 211 51.98 -55.47 -17.84
N ILE U 212 50.68 -55.40 -18.13
CA ILE U 212 50.19 -54.67 -19.29
C ILE U 212 49.03 -53.78 -18.90
N VAL U 213 49.12 -52.50 -19.26
CA VAL U 213 48.06 -51.54 -18.95
C VAL U 213 47.20 -51.31 -20.18
N PHE U 214 45.97 -51.80 -20.11
CA PHE U 214 45.03 -51.65 -21.20
C PHE U 214 44.26 -50.35 -20.97
N TRP U 215 44.66 -49.30 -21.66
CA TRP U 215 44.01 -48.00 -21.53
C TRP U 215 43.12 -47.81 -22.77
N SER U 216 41.81 -47.66 -22.53
CA SER U 216 40.85 -47.49 -23.63
C SER U 216 41.05 -48.62 -24.64
N SER U 217 41.26 -49.83 -24.12
CA SER U 217 41.53 -50.99 -24.98
C SER U 217 40.65 -52.21 -24.70
N ASP U 218 39.87 -52.63 -25.70
CA ASP U 218 39.01 -53.81 -25.58
C ASP U 218 39.38 -54.82 -26.67
N PRO U 219 40.54 -55.47 -26.54
CA PRO U 219 41.02 -56.46 -27.50
C PRO U 219 39.97 -57.46 -27.97
N GLU U 220 39.28 -58.10 -27.02
CA GLU U 220 38.27 -59.09 -27.35
C GLU U 220 37.14 -58.56 -28.24
N THR U 221 36.67 -57.35 -27.95
CA THR U 221 35.59 -56.76 -28.72
C THR U 221 36.03 -56.35 -30.12
N ASN U 222 37.04 -55.48 -30.16
CA ASN U 222 37.59 -54.94 -31.40
C ASN U 222 38.58 -55.83 -32.15
N SER U 223 39.45 -56.51 -31.41
CA SER U 223 40.48 -57.39 -31.99
C SER U 223 41.41 -56.58 -32.88
N GLY U 224 41.45 -55.27 -32.64
CA GLY U 224 42.24 -54.41 -33.49
C GLY U 224 41.27 -54.07 -34.60
N ILE U 225 41.10 -55.01 -35.53
CA ILE U 225 40.14 -54.84 -36.63
C ILE U 225 40.24 -55.99 -37.63
N TYR U 226 39.11 -56.59 -37.96
CA TYR U 226 39.04 -57.69 -38.93
C TYR U 226 39.70 -58.99 -38.44
N ALA U 227 40.02 -59.10 -37.16
CA ALA U 227 40.72 -60.29 -36.68
C ALA U 227 39.95 -61.34 -35.86
N GLY U 228 38.63 -61.28 -35.86
CA GLY U 228 37.85 -62.26 -35.11
C GLY U 228 38.30 -62.33 -33.65
N PHE U 229 38.81 -63.50 -33.24
CA PHE U 229 39.28 -63.69 -31.87
C PHE U 229 40.68 -64.33 -31.89
N GLU U 230 41.49 -63.90 -32.85
CA GLU U 230 42.85 -64.44 -33.01
C GLU U 230 43.81 -64.26 -31.84
N SER U 231 43.71 -63.11 -31.15
CA SER U 231 44.62 -62.81 -30.04
C SER U 231 44.26 -63.35 -28.63
N ASN U 232 43.11 -64.00 -28.50
CA ASN U 232 42.67 -64.55 -27.20
C ASN U 232 43.64 -65.51 -26.51
N ILE U 233 44.19 -66.47 -27.25
CA ILE U 233 45.09 -67.42 -26.64
C ILE U 233 46.42 -66.79 -26.22
N ARG U 234 46.79 -65.70 -26.88
CA ARG U 234 48.04 -65.02 -26.56
C ARG U 234 47.95 -64.37 -25.19
N ARG U 235 46.78 -63.80 -24.88
CA ARG U 235 46.58 -63.18 -23.58
C ARG U 235 46.43 -64.25 -22.52
N GLN U 236 46.00 -65.43 -22.94
CA GLN U 236 45.85 -66.56 -22.04
C GLN U 236 47.25 -67.00 -21.64
N TRP U 237 48.17 -67.01 -22.61
CA TRP U 237 49.55 -67.38 -22.33
C TRP U 237 50.18 -66.39 -21.34
N LEU U 238 50.11 -65.11 -21.66
CA LEU U 238 50.68 -64.09 -20.77
C LEU U 238 50.09 -64.23 -19.37
N LYS U 239 48.78 -64.38 -19.32
CA LYS U 239 48.08 -64.51 -18.04
C LYS U 239 48.63 -65.68 -17.21
N ASP U 240 48.93 -66.80 -17.87
CA ASP U 240 49.45 -67.96 -17.16
C ASP U 240 50.93 -67.84 -16.81
N LEU U 241 51.58 -66.80 -17.33
CA LEU U 241 52.99 -66.55 -17.05
C LEU U 241 53.08 -65.63 -15.83
N GLY U 242 51.92 -65.21 -15.33
CA GLY U 242 51.89 -64.34 -14.17
C GLY U 242 51.90 -62.86 -14.52
N VAL U 243 51.46 -62.51 -15.73
CA VAL U 243 51.45 -61.11 -16.14
C VAL U 243 50.14 -60.46 -15.72
N ASP U 244 50.27 -59.32 -15.03
CA ASP U 244 49.12 -58.58 -14.53
C ASP U 244 48.44 -57.74 -15.61
N PHE U 245 47.10 -57.70 -15.57
CA PHE U 245 46.30 -56.96 -16.53
C PHE U 245 45.49 -55.86 -15.83
N VAL U 246 45.83 -54.61 -16.10
CA VAL U 246 45.10 -53.48 -15.52
C VAL U 246 44.30 -52.79 -16.63
N PHE U 247 43.03 -52.51 -16.36
CA PHE U 247 42.18 -51.87 -17.35
C PHE U 247 41.67 -50.50 -16.92
N ILE U 248 41.84 -49.52 -17.80
CA ILE U 248 41.36 -48.17 -17.54
C ILE U 248 40.35 -47.87 -18.64
N ASP U 249 39.08 -47.94 -18.27
CA ASP U 249 37.98 -47.73 -19.20
C ASP U 249 36.74 -47.36 -18.39
N PRO U 250 36.06 -46.26 -18.72
CA PRO U 250 34.85 -45.85 -17.99
C PRO U 250 33.88 -47.02 -17.85
N HIS U 251 33.85 -47.86 -18.89
CA HIS U 251 32.99 -49.03 -18.90
C HIS U 251 33.87 -50.28 -18.72
N MET U 252 33.50 -51.14 -17.77
CA MET U 252 34.28 -52.36 -17.58
C MET U 252 34.00 -53.18 -18.83
N ASN U 253 34.86 -53.05 -19.82
CA ASN U 253 34.68 -53.73 -21.08
C ASN U 253 34.83 -55.25 -21.06
N HIS U 254 34.46 -55.86 -22.18
CA HIS U 254 34.48 -57.31 -22.31
C HIS U 254 35.82 -58.00 -22.05
N THR U 255 36.92 -57.35 -22.43
CA THR U 255 38.21 -57.96 -22.19
C THR U 255 38.47 -57.93 -20.68
N ALA U 256 38.04 -56.85 -20.04
CA ALA U 256 38.21 -56.71 -18.59
C ALA U 256 37.33 -57.71 -17.86
N ARG U 257 36.08 -57.84 -18.30
CA ARG U 257 35.15 -58.76 -17.66
C ARG U 257 35.76 -60.16 -17.67
N LEU U 258 36.63 -60.42 -18.64
CA LEU U 258 37.25 -61.73 -18.77
C LEU U 258 38.58 -61.95 -18.04
N VAL U 259 39.52 -61.00 -18.15
CA VAL U 259 40.83 -61.18 -17.53
C VAL U 259 41.43 -60.00 -16.76
N ALA U 260 40.60 -59.12 -16.22
CA ALA U 260 41.13 -57.98 -15.49
C ALA U 260 41.55 -58.29 -14.06
N ASP U 261 42.70 -57.76 -13.65
CA ASP U 261 43.18 -57.96 -12.29
C ASP U 261 42.75 -56.71 -11.54
N LYS U 262 42.52 -55.64 -12.29
CA LYS U 262 42.09 -54.36 -11.75
C LYS U 262 41.50 -53.50 -12.87
N TRP U 263 40.42 -52.79 -12.55
CA TRP U 263 39.73 -51.92 -13.49
C TRP U 263 39.45 -50.54 -12.91
N PHE U 264 39.78 -49.49 -13.66
CA PHE U 264 39.56 -48.10 -13.25
C PHE U 264 38.45 -47.54 -14.14
N SER U 265 37.56 -46.74 -13.57
CA SER U 265 36.49 -46.15 -14.37
C SER U 265 36.48 -44.62 -14.31
N PRO U 266 37.34 -43.97 -15.10
CA PRO U 266 37.40 -42.50 -15.12
C PRO U 266 36.21 -41.89 -15.85
N LYS U 267 35.78 -40.72 -15.38
CA LYS U 267 34.67 -40.00 -15.99
C LYS U 267 35.09 -39.63 -17.42
N ILE U 268 34.13 -39.44 -18.31
CA ILE U 268 34.43 -39.10 -19.69
C ILE U 268 35.31 -37.86 -19.83
N GLY U 269 36.30 -37.93 -20.72
CA GLY U 269 37.19 -36.81 -20.96
C GLY U 269 38.11 -36.42 -19.82
N THR U 270 38.53 -37.38 -19.00
CA THR U 270 39.43 -37.07 -17.90
C THR U 270 40.67 -37.95 -17.84
N ASP U 271 40.88 -38.77 -18.87
CA ASP U 271 42.03 -39.66 -18.90
C ASP U 271 43.38 -38.97 -18.75
N HIS U 272 43.58 -37.88 -19.48
CA HIS U 272 44.86 -37.18 -19.40
C HIS U 272 45.16 -36.67 -17.99
N ALA U 273 44.14 -36.68 -17.13
CA ALA U 273 44.34 -36.26 -15.76
C ALA U 273 45.15 -37.37 -15.07
N LEU U 274 44.85 -38.63 -15.39
CA LEU U 274 45.57 -39.75 -14.81
C LEU U 274 46.99 -39.85 -15.35
N SER U 275 47.15 -39.62 -16.65
CA SER U 275 48.48 -39.70 -17.26
C SER U 275 49.42 -38.65 -16.64
N PHE U 276 48.93 -37.42 -16.45
CA PHE U 276 49.76 -36.37 -15.86
C PHE U 276 50.12 -36.70 -14.41
N ALA U 277 49.17 -37.27 -13.67
CA ALA U 277 49.35 -37.66 -12.28
C ALA U 277 50.34 -38.81 -12.18
N ILE U 278 50.40 -39.63 -13.23
CA ILE U 278 51.31 -40.75 -13.25
C ILE U 278 52.71 -40.20 -13.53
N ALA U 279 52.80 -39.26 -14.47
CA ALA U 279 54.08 -38.64 -14.79
C ALA U 279 54.54 -37.88 -13.55
N TYR U 280 53.62 -37.14 -12.93
CA TYR U 280 53.93 -36.38 -11.73
C TYR U 280 54.64 -37.30 -10.73
N THR U 281 54.03 -38.44 -10.48
CA THR U 281 54.56 -39.43 -9.55
C THR U 281 55.97 -39.88 -9.94
N TRP U 282 56.19 -40.08 -11.24
CA TRP U 282 57.48 -40.52 -11.74
C TRP U 282 58.57 -39.48 -11.60
N LEU U 283 58.22 -38.22 -11.80
CA LEU U 283 59.17 -37.13 -11.68
C LEU U 283 59.60 -36.95 -10.23
N LYS U 284 58.61 -37.00 -9.34
CA LYS U 284 58.84 -36.84 -7.91
C LYS U 284 59.71 -37.94 -7.29
N GLU U 285 59.64 -39.14 -7.84
CA GLU U 285 60.38 -40.28 -7.32
C GLU U 285 61.53 -40.76 -8.21
N ASP U 286 61.85 -39.98 -9.25
CA ASP U 286 62.91 -40.32 -10.19
C ASP U 286 62.71 -41.74 -10.71
N SER U 287 61.46 -42.14 -10.87
CA SER U 287 61.17 -43.49 -11.33
C SER U 287 60.85 -43.63 -12.83
N TYR U 288 61.81 -43.26 -13.67
CA TYR U 288 61.65 -43.39 -15.11
C TYR U 288 63.02 -43.45 -15.79
N ASP U 289 63.04 -43.65 -17.11
CA ASP U 289 64.31 -43.77 -17.82
C ASP U 289 64.86 -42.40 -18.21
N LYS U 290 65.65 -41.81 -17.31
CA LYS U 290 66.23 -40.49 -17.53
C LYS U 290 67.22 -40.42 -18.69
N GLU U 291 68.02 -41.46 -18.87
CA GLU U 291 69.00 -41.48 -19.97
C GLU U 291 68.24 -41.42 -21.30
N TYR U 292 67.26 -42.30 -21.42
CA TYR U 292 66.43 -42.39 -22.61
C TYR U 292 65.79 -41.04 -22.93
N VAL U 293 65.20 -40.41 -21.92
CA VAL U 293 64.56 -39.11 -22.09
C VAL U 293 65.53 -38.00 -22.49
N ALA U 294 66.69 -37.95 -21.85
CA ALA U 294 67.67 -36.93 -22.17
C ALA U 294 68.06 -37.05 -23.64
N ALA U 295 68.12 -38.28 -24.12
CA ALA U 295 68.50 -38.56 -25.51
C ALA U 295 67.36 -38.50 -26.55
N ASN U 296 66.20 -39.05 -26.22
CA ASN U 296 65.11 -39.10 -27.19
C ASN U 296 63.88 -38.24 -26.94
N ALA U 297 64.05 -37.09 -26.31
CA ALA U 297 62.92 -36.21 -26.05
C ALA U 297 63.30 -34.74 -26.18
N HIS U 298 62.35 -33.94 -26.67
CA HIS U 298 62.58 -32.51 -26.85
C HIS U 298 61.52 -31.72 -26.08
N GLY U 299 61.96 -30.65 -25.40
CA GLY U 299 61.03 -29.82 -24.64
C GLY U 299 60.59 -30.44 -23.32
N PHE U 300 61.23 -31.54 -22.93
CA PHE U 300 60.86 -32.24 -21.70
C PHE U 300 60.98 -31.40 -20.44
N GLU U 301 62.08 -30.66 -20.33
CA GLU U 301 62.33 -29.82 -19.15
C GLU U 301 61.19 -28.87 -18.86
N GLU U 302 60.68 -28.20 -19.90
CA GLU U 302 59.60 -27.25 -19.72
C GLU U 302 58.30 -28.01 -19.44
N TRP U 303 58.16 -29.19 -20.03
CA TRP U 303 56.96 -29.96 -19.82
C TRP U 303 56.92 -30.43 -18.37
N ALA U 304 58.06 -30.87 -17.84
CA ALA U 304 58.13 -31.33 -16.46
C ALA U 304 57.73 -30.20 -15.51
N ASP U 305 58.23 -29.00 -15.74
CA ASP U 305 57.88 -27.87 -14.88
C ASP U 305 56.38 -27.67 -14.89
N TYR U 306 55.75 -27.94 -16.03
CA TYR U 306 54.30 -27.78 -16.13
C TYR U 306 53.61 -28.82 -15.26
N VAL U 307 54.04 -30.06 -15.40
CA VAL U 307 53.48 -31.18 -14.64
C VAL U 307 53.61 -30.96 -13.13
N LEU U 308 54.69 -30.32 -12.70
CA LEU U 308 54.91 -30.06 -11.28
C LEU U 308 54.17 -28.83 -10.79
N GLY U 309 53.50 -28.12 -11.69
CA GLY U 309 52.73 -26.95 -11.31
C GLY U 309 53.46 -25.62 -11.29
N LYS U 310 54.73 -25.63 -11.69
CA LYS U 310 55.53 -24.42 -11.70
C LYS U 310 55.01 -23.32 -12.58
N THR U 311 54.27 -23.67 -13.63
CA THR U 311 53.77 -22.67 -14.56
C THR U 311 52.30 -22.27 -14.38
N ASP U 312 51.44 -23.22 -14.05
CA ASP U 312 50.02 -22.91 -13.88
C ASP U 312 49.56 -22.88 -12.42
N GLY U 313 50.50 -23.12 -11.51
CA GLY U 313 50.20 -23.13 -10.08
C GLY U 313 49.35 -24.31 -9.64
N THR U 314 49.33 -25.36 -10.46
CA THR U 314 48.55 -26.55 -10.15
C THR U 314 49.33 -27.85 -10.33
N PRO U 315 49.92 -28.38 -9.25
CA PRO U 315 50.68 -29.63 -9.37
C PRO U 315 49.70 -30.74 -9.75
N LYS U 316 50.03 -31.52 -10.78
CA LYS U 316 49.15 -32.58 -11.22
C LYS U 316 49.28 -33.83 -10.35
N THR U 317 49.02 -33.67 -9.06
CA THR U 317 49.11 -34.77 -8.10
C THR U 317 48.01 -35.80 -8.37
N CYS U 318 48.05 -36.91 -7.66
CA CYS U 318 47.03 -37.95 -7.81
C CYS U 318 45.70 -37.49 -7.19
N GLU U 319 45.78 -36.68 -6.14
CA GLU U 319 44.57 -36.17 -5.50
C GLU U 319 43.86 -35.29 -6.54
N TRP U 320 44.63 -34.45 -7.21
CA TRP U 320 44.10 -33.58 -8.24
C TRP U 320 43.42 -34.40 -9.35
N ALA U 321 44.04 -35.53 -9.72
CA ALA U 321 43.49 -36.38 -10.78
C ALA U 321 42.20 -37.08 -10.34
N GLU U 322 42.13 -37.40 -9.05
CA GLU U 322 40.95 -38.06 -8.48
C GLU U 322 39.77 -37.09 -8.53
N GLU U 323 40.05 -35.82 -8.23
CA GLU U 323 39.03 -34.79 -8.24
C GLU U 323 38.46 -34.65 -9.64
N GLU U 324 39.33 -34.81 -10.64
CA GLU U 324 38.94 -34.70 -12.04
C GLU U 324 38.29 -35.98 -12.57
N SER U 325 38.91 -37.13 -12.28
CA SER U 325 38.43 -38.41 -12.79
C SER U 325 37.49 -39.23 -11.94
N GLY U 326 37.54 -39.04 -10.62
CA GLY U 326 36.69 -39.82 -9.74
C GLY U 326 37.39 -41.10 -9.35
N VAL U 327 38.55 -41.36 -9.97
CA VAL U 327 39.35 -42.54 -9.67
C VAL U 327 40.20 -42.23 -8.43
N PRO U 328 40.22 -43.14 -7.44
CA PRO U 328 40.98 -42.99 -6.19
C PRO U 328 42.46 -42.65 -6.37
N ALA U 329 42.92 -41.61 -5.67
CA ALA U 329 44.31 -41.15 -5.73
C ALA U 329 45.31 -42.23 -5.35
N CYS U 330 44.98 -43.00 -4.32
CA CYS U 330 45.85 -44.06 -3.85
C CYS U 330 46.05 -45.14 -4.92
N GLU U 331 45.01 -45.42 -5.70
CA GLU U 331 45.12 -46.43 -6.75
C GLU U 331 45.91 -45.90 -7.94
N ILE U 332 45.70 -44.64 -8.29
CA ILE U 332 46.45 -44.06 -9.40
C ILE U 332 47.94 -44.11 -9.09
N ARG U 333 48.30 -43.85 -7.83
CA ARG U 333 49.69 -43.86 -7.41
C ARG U 333 50.27 -45.27 -7.31
N ALA U 334 49.46 -46.22 -6.88
CA ALA U 334 49.92 -47.60 -6.75
C ALA U 334 50.30 -48.11 -8.15
N LEU U 335 49.48 -47.75 -9.13
CA LEU U 335 49.70 -48.13 -10.52
C LEU U 335 50.95 -47.46 -11.07
N ALA U 336 51.06 -46.15 -10.83
CA ALA U 336 52.22 -45.40 -11.29
C ALA U 336 53.53 -46.07 -10.82
N ARG U 337 53.62 -46.34 -9.52
CA ARG U 337 54.80 -46.97 -8.96
C ARG U 337 55.09 -48.36 -9.53
N GLN U 338 54.07 -49.20 -9.63
CA GLN U 338 54.22 -50.55 -10.15
C GLN U 338 54.72 -50.52 -11.60
N TRP U 339 54.17 -49.58 -12.36
CA TRP U 339 54.49 -49.37 -13.78
C TRP U 339 55.99 -49.04 -13.94
N ALA U 340 56.54 -48.28 -13.01
CA ALA U 340 57.94 -47.88 -13.08
C ALA U 340 58.94 -49.02 -12.81
N LYS U 341 58.71 -49.79 -11.75
CA LYS U 341 59.63 -50.88 -11.40
C LYS U 341 59.38 -52.21 -12.09
N LYS U 342 58.33 -52.28 -12.91
CA LYS U 342 57.99 -53.51 -13.61
C LYS U 342 58.03 -53.35 -15.14
N ASN U 343 58.42 -54.41 -15.84
CA ASN U 343 58.44 -54.38 -17.30
C ASN U 343 56.99 -54.20 -17.69
N THR U 344 56.61 -52.98 -18.01
CA THR U 344 55.24 -52.68 -18.36
C THR U 344 55.03 -52.24 -19.81
N TYR U 345 54.04 -52.84 -20.45
CA TYR U 345 53.68 -52.49 -21.82
C TYR U 345 52.42 -51.67 -21.74
N LEU U 346 52.32 -50.63 -22.57
CA LEU U 346 51.14 -49.79 -22.56
C LEU U 346 50.24 -50.20 -23.72
N ALA U 347 49.04 -50.67 -23.39
CA ALA U 347 48.09 -51.09 -24.41
C ALA U 347 47.06 -50.00 -24.65
N ALA U 348 47.49 -48.92 -25.30
CA ALA U 348 46.58 -47.83 -25.61
C ALA U 348 45.80 -48.21 -26.86
N GLY U 349 44.48 -48.26 -26.75
CA GLY U 349 43.65 -48.64 -27.89
C GLY U 349 43.70 -50.14 -28.08
N GLY U 350 42.80 -50.65 -28.91
CA GLY U 350 42.78 -52.09 -29.15
C GLY U 350 43.81 -52.57 -30.15
N LEU U 351 44.22 -51.67 -31.04
CA LEU U 351 45.18 -52.00 -32.09
C LEU U 351 46.63 -51.75 -31.74
N GLY U 352 46.86 -50.75 -30.91
CA GLY U 352 48.21 -50.33 -30.58
C GLY U 352 48.02 -49.00 -31.27
N GLY U 353 47.37 -48.11 -30.55
CA GLY U 353 47.01 -46.81 -31.08
C GLY U 353 45.49 -46.91 -31.12
N TRP U 354 44.81 -45.94 -31.72
CA TRP U 354 43.36 -45.98 -31.75
C TRP U 354 42.84 -45.90 -30.31
N GLY U 355 41.64 -46.44 -30.07
CA GLY U 355 41.06 -46.39 -28.74
C GLY U 355 39.97 -45.34 -28.73
N GLY U 356 38.85 -45.66 -28.09
CA GLY U 356 37.73 -44.75 -28.03
C GLY U 356 38.09 -43.39 -27.49
N ALA U 357 39.00 -43.36 -26.51
CA ALA U 357 39.44 -42.10 -25.90
C ALA U 357 40.00 -41.14 -26.93
N CYS U 358 40.60 -41.66 -28.00
CA CYS U 358 41.20 -40.80 -29.02
C CYS U 358 40.19 -39.97 -29.82
N ARG U 359 38.93 -40.39 -29.82
CA ARG U 359 37.92 -39.65 -30.56
C ARG U 359 36.89 -39.10 -29.58
N ALA U 360 37.36 -38.14 -28.79
CA ALA U 360 36.57 -37.46 -27.78
C ALA U 360 37.17 -36.07 -27.61
N SER U 361 36.45 -35.17 -26.96
CA SER U 361 36.93 -33.80 -26.79
C SER U 361 38.33 -33.69 -26.16
N HIS U 362 38.81 -34.74 -25.53
CA HIS U 362 40.13 -34.73 -24.91
C HIS U 362 41.08 -35.70 -25.62
N GLY U 363 40.68 -36.14 -26.82
CA GLY U 363 41.47 -37.07 -27.59
C GLY U 363 42.90 -36.68 -27.91
N ILE U 364 43.14 -35.41 -28.19
CA ILE U 364 44.50 -34.99 -28.48
C ILE U 364 45.39 -35.17 -27.26
N GLU U 365 44.92 -34.71 -26.11
CA GLU U 365 45.71 -34.85 -24.90
C GLU U 365 45.84 -36.29 -24.42
N TRP U 366 44.87 -37.15 -24.76
CA TRP U 366 44.96 -38.53 -24.34
C TRP U 366 46.06 -39.24 -25.13
N ALA U 367 46.03 -39.08 -26.45
CA ALA U 367 47.05 -39.68 -27.30
C ALA U 367 48.45 -39.18 -26.88
N ARG U 368 48.62 -37.87 -26.82
CA ARG U 368 49.90 -37.29 -26.43
C ARG U 368 50.28 -37.75 -25.03
N GLY U 369 49.29 -37.96 -24.17
CA GLY U 369 49.57 -38.43 -22.82
C GLY U 369 50.09 -39.86 -22.87
N MET U 370 49.57 -40.67 -23.78
CA MET U 370 50.01 -42.05 -23.91
C MET U 370 51.44 -42.09 -24.42
N ILE U 371 51.76 -41.17 -25.32
CA ILE U 371 53.11 -41.10 -25.87
C ILE U 371 54.10 -40.66 -24.79
N ALA U 372 53.69 -39.71 -23.95
CA ALA U 372 54.54 -39.20 -22.88
C ALA U 372 54.93 -40.31 -21.91
N LEU U 373 53.93 -41.05 -21.42
CA LEU U 373 54.16 -42.12 -20.46
C LEU U 373 55.07 -43.21 -21.02
N ALA U 374 54.77 -43.66 -22.24
CA ALA U 374 55.57 -44.71 -22.86
C ALA U 374 56.99 -44.22 -23.14
N THR U 375 57.14 -42.92 -23.38
CA THR U 375 58.44 -42.36 -23.66
C THR U 375 59.27 -42.32 -22.38
N MET U 376 58.71 -41.76 -21.32
CA MET U 376 59.41 -41.70 -20.03
C MET U 376 59.88 -43.07 -19.60
N GLN U 377 59.15 -44.11 -20.01
CA GLN U 377 59.51 -45.49 -19.64
C GLN U 377 60.39 -46.20 -20.65
N GLY U 378 60.92 -45.46 -21.61
CA GLY U 378 61.82 -46.04 -22.61
C GLY U 378 61.25 -46.99 -23.64
N MET U 379 60.10 -46.66 -24.21
CA MET U 379 59.48 -47.51 -25.20
C MET U 379 60.48 -47.98 -26.25
N GLY U 380 60.44 -49.28 -26.55
CA GLY U 380 61.36 -49.82 -27.53
C GLY U 380 62.40 -50.73 -26.93
N LYS U 381 62.76 -50.52 -25.67
CA LYS U 381 63.75 -51.36 -25.02
C LYS U 381 63.06 -52.61 -24.51
N PRO U 382 63.78 -53.74 -24.48
CA PRO U 382 63.20 -55.00 -24.01
C PRO U 382 62.37 -54.84 -22.74
N GLY U 383 61.14 -55.33 -22.78
CA GLY U 383 60.26 -55.26 -21.62
C GLY U 383 59.48 -53.97 -21.40
N SER U 384 59.65 -52.99 -22.30
CA SER U 384 58.94 -51.72 -22.19
C SER U 384 58.60 -51.19 -23.58
N ASN U 385 57.33 -50.93 -23.82
CA ASN U 385 56.92 -50.44 -25.13
C ASN U 385 55.42 -50.25 -25.16
N MET U 386 54.90 -49.84 -26.31
CA MET U 386 53.48 -49.68 -26.48
C MET U 386 53.03 -50.89 -27.29
N TRP U 387 52.19 -51.73 -26.69
CA TRP U 387 51.73 -52.94 -27.34
C TRP U 387 50.40 -53.34 -26.72
N SER U 388 49.38 -53.54 -27.54
CA SER U 388 48.06 -53.91 -27.05
C SER U 388 47.74 -55.40 -27.17
N THR U 389 48.76 -56.20 -27.38
CA THR U 389 48.64 -57.67 -27.52
C THR U 389 47.92 -58.15 -28.78
N THR U 390 47.47 -57.23 -29.61
CA THR U 390 46.78 -57.62 -30.83
C THR U 390 47.71 -57.81 -32.05
N GLN U 391 48.82 -57.06 -32.09
CA GLN U 391 49.77 -57.19 -33.19
C GLN U 391 51.09 -57.75 -32.68
N GLY U 392 52.07 -57.86 -33.56
CA GLY U 392 53.38 -58.36 -33.15
C GLY U 392 53.69 -59.80 -33.53
N VAL U 393 52.72 -60.50 -34.09
CA VAL U 393 52.90 -61.90 -34.50
C VAL U 393 54.09 -62.11 -35.42
N PRO U 394 54.88 -63.18 -35.17
CA PRO U 394 56.07 -63.56 -35.95
C PRO U 394 55.77 -63.98 -37.40
N LEU U 395 54.83 -63.29 -38.03
CA LEU U 395 54.47 -63.63 -39.41
C LEU U 395 55.55 -63.17 -40.38
N ASP U 396 55.58 -63.77 -41.57
CA ASP U 396 56.58 -63.42 -42.57
C ASP U 396 56.33 -62.05 -43.19
N TYR U 397 56.96 -61.03 -42.62
CA TYR U 397 56.83 -59.66 -43.09
C TYR U 397 57.45 -59.44 -44.46
N GLU U 398 58.23 -60.43 -44.91
CA GLU U 398 58.89 -60.36 -46.20
C GLU U 398 57.98 -60.73 -47.37
N PHE U 399 57.05 -61.64 -47.14
CA PHE U 399 56.12 -62.07 -48.18
C PHE U 399 55.17 -60.92 -48.49
N TYR U 400 55.00 -60.59 -49.76
CA TYR U 400 54.11 -59.48 -50.10
C TYR U 400 52.74 -59.79 -50.70
N PHE U 401 51.71 -59.30 -50.03
CA PHE U 401 50.34 -59.43 -50.51
C PHE U 401 49.66 -58.12 -50.09
N PRO U 402 49.06 -57.42 -51.06
CA PRO U 402 48.36 -56.15 -50.89
C PRO U 402 47.12 -56.19 -50.02
N GLY U 403 46.94 -55.12 -49.26
CA GLY U 403 45.76 -54.99 -48.42
C GLY U 403 44.79 -54.21 -49.30
N TYR U 404 43.53 -54.12 -48.89
CA TYR U 404 42.54 -53.40 -49.69
C TYR U 404 42.84 -51.91 -49.80
N ALA U 405 43.58 -51.38 -48.84
CA ALA U 405 43.90 -49.95 -48.84
C ALA U 405 44.95 -49.56 -49.87
N GLU U 406 45.47 -50.53 -50.61
CA GLU U 406 46.50 -50.24 -51.61
C GLU U 406 45.96 -49.98 -53.02
N GLY U 407 44.66 -49.72 -53.11
CA GLY U 407 44.05 -49.37 -54.39
C GLY U 407 43.42 -50.41 -55.32
N GLY U 408 43.75 -51.68 -55.12
CA GLY U 408 43.19 -52.72 -55.98
C GLY U 408 43.31 -52.39 -57.46
N ILE U 409 42.19 -52.08 -58.10
CA ILE U 409 42.21 -51.78 -59.52
C ILE U 409 42.02 -50.30 -59.87
N SER U 410 42.18 -49.41 -58.90
CA SER U 410 42.03 -47.99 -59.17
C SER U 410 43.39 -47.37 -59.49
N GLY U 411 44.42 -47.80 -58.75
CA GLY U 411 45.74 -47.26 -58.97
C GLY U 411 45.78 -45.81 -58.55
N ASP U 412 44.70 -45.34 -57.93
CA ASP U 412 44.60 -43.96 -57.46
C ASP U 412 45.70 -43.73 -56.41
N CYS U 413 46.82 -43.17 -56.84
CA CYS U 413 47.95 -42.92 -55.95
C CYS U 413 47.73 -41.88 -54.84
N GLU U 414 46.87 -40.89 -55.09
CA GLU U 414 46.64 -39.86 -54.08
C GLU U 414 45.54 -40.14 -53.07
N ASN U 415 44.75 -41.18 -53.31
CA ASN U 415 43.66 -41.51 -52.38
C ASN U 415 43.74 -42.92 -51.80
N SER U 416 44.83 -43.61 -52.08
CA SER U 416 45.04 -44.97 -51.56
C SER U 416 46.53 -45.15 -51.36
N ALA U 417 46.91 -46.27 -50.76
CA ALA U 417 48.32 -46.57 -50.52
C ALA U 417 48.94 -47.25 -51.74
N ALA U 418 48.32 -47.04 -52.90
CA ALA U 418 48.79 -47.63 -54.14
C ALA U 418 50.18 -47.18 -54.55
N GLY U 419 50.46 -45.89 -54.36
CA GLY U 419 51.76 -45.35 -54.74
C GLY U 419 52.96 -45.98 -54.05
N PHE U 420 52.74 -46.66 -52.95
CA PHE U 420 53.84 -47.26 -52.22
C PHE U 420 54.51 -48.40 -52.98
N LYS U 421 53.72 -49.39 -53.39
CA LYS U 421 54.28 -50.55 -54.08
C LYS U 421 53.34 -51.23 -55.08
N PHE U 422 52.11 -51.51 -54.65
CA PHE U 422 51.16 -52.20 -55.50
C PHE U 422 50.98 -51.62 -56.90
N ALA U 423 50.64 -50.34 -56.99
CA ALA U 423 50.44 -49.71 -58.27
C ALA U 423 51.53 -50.11 -59.27
N TRP U 424 52.78 -50.17 -58.78
CA TRP U 424 53.92 -50.50 -59.62
C TRP U 424 53.89 -51.95 -60.14
N ARG U 425 53.24 -52.84 -59.40
CA ARG U 425 53.15 -54.22 -59.83
C ARG U 425 51.92 -54.49 -60.70
N MET U 426 50.81 -53.88 -60.31
CA MET U 426 49.53 -54.04 -61.00
C MET U 426 49.45 -53.43 -62.40
N PHE U 427 50.10 -52.29 -62.61
CA PHE U 427 50.05 -51.66 -63.91
C PHE U 427 51.40 -51.63 -64.61
N ASP U 428 51.36 -51.64 -65.94
CA ASP U 428 52.57 -51.65 -66.75
C ASP U 428 52.62 -50.56 -67.81
N GLY U 429 51.69 -49.61 -67.75
CA GLY U 429 51.66 -48.53 -68.73
C GLY U 429 51.69 -49.04 -70.16
N LYS U 430 51.23 -50.27 -70.34
CA LYS U 430 51.20 -50.89 -71.67
C LYS U 430 49.84 -51.51 -72.01
N THR U 431 49.39 -52.42 -71.16
CA THR U 431 48.13 -53.13 -71.38
C THR U 431 47.06 -52.93 -70.31
N THR U 432 47.39 -52.21 -69.24
CA THR U 432 46.42 -51.98 -68.17
C THR U 432 46.81 -50.68 -67.47
N PHE U 433 45.88 -49.72 -67.44
CA PHE U 433 46.15 -48.42 -66.85
C PHE U 433 45.33 -48.02 -65.61
N PRO U 434 45.90 -47.12 -64.79
CA PRO U 434 45.24 -46.63 -63.56
C PRO U 434 44.08 -45.69 -63.90
N SER U 435 43.38 -45.25 -62.86
CA SER U 435 42.26 -44.35 -63.00
C SER U 435 42.48 -43.21 -61.99
N PRO U 436 43.16 -42.13 -62.42
CA PRO U 436 43.44 -40.98 -61.56
C PRO U 436 42.30 -39.99 -61.49
N SER U 437 42.34 -39.13 -60.48
CA SER U 437 41.32 -38.10 -60.33
C SER U 437 41.99 -36.73 -60.28
N ASN U 438 41.52 -35.79 -61.09
CA ASN U 438 42.11 -34.45 -61.07
C ASN U 438 41.22 -33.51 -60.24
N LEU U 439 40.23 -34.06 -59.56
CA LEU U 439 39.34 -33.23 -58.73
C LEU U 439 39.48 -33.59 -57.25
N ASN U 440 39.61 -34.87 -56.95
CA ASN U 440 39.74 -35.32 -55.58
C ASN U 440 41.21 -35.21 -55.18
N THR U 441 41.67 -33.97 -55.09
CA THR U 441 43.05 -33.65 -54.74
C THR U 441 43.08 -32.28 -54.07
N SER U 442 44.15 -31.98 -53.36
CA SER U 442 44.26 -30.70 -52.64
C SER U 442 44.00 -29.45 -53.48
N ALA U 443 44.36 -29.49 -54.77
CA ALA U 443 44.16 -28.33 -55.63
C ALA U 443 42.79 -28.35 -56.31
N GLY U 444 42.03 -29.42 -56.07
CA GLY U 444 40.71 -29.52 -56.67
C GLY U 444 39.63 -29.15 -55.68
N GLN U 445 38.64 -30.01 -55.49
CA GLN U 445 37.59 -29.74 -54.53
C GLN U 445 37.10 -30.99 -53.84
N HIS U 446 36.93 -30.87 -52.54
CA HIS U 446 36.43 -31.97 -51.70
C HIS U 446 35.82 -31.30 -50.47
N ILE U 447 34.89 -31.98 -49.82
CA ILE U 447 34.31 -31.42 -48.61
C ILE U 447 34.53 -32.45 -47.51
N PRO U 448 34.46 -32.02 -46.25
CA PRO U 448 34.66 -32.93 -45.12
C PRO U 448 33.40 -33.76 -44.85
N ARG U 449 33.57 -35.04 -44.54
CA ARG U 449 32.44 -35.91 -44.25
C ARG U 449 31.66 -35.41 -43.04
N LEU U 450 32.36 -34.90 -42.03
CA LEU U 450 31.72 -34.41 -40.82
C LEU U 450 30.91 -33.12 -41.02
N LYS U 451 31.09 -32.47 -42.16
CA LYS U 451 30.39 -31.22 -42.42
C LYS U 451 29.60 -31.16 -43.72
N ILE U 452 29.22 -32.33 -44.23
CA ILE U 452 28.42 -32.39 -45.44
C ILE U 452 27.12 -31.59 -45.26
N PRO U 453 26.45 -31.77 -44.11
CA PRO U 453 25.19 -31.05 -43.85
C PRO U 453 25.30 -29.53 -43.98
N GLU U 454 26.33 -28.96 -43.36
CA GLU U 454 26.54 -27.51 -43.39
C GLU U 454 26.90 -27.05 -44.79
N CYS U 455 27.60 -27.90 -45.52
CA CYS U 455 27.96 -27.54 -46.88
C CYS U 455 26.74 -27.45 -47.77
N ILE U 456 25.83 -28.43 -47.64
CA ILE U 456 24.61 -28.45 -48.43
C ILE U 456 23.63 -27.36 -48.01
N MET U 457 23.32 -27.29 -46.73
CA MET U 457 22.37 -26.29 -46.23
C MET U 457 22.94 -24.88 -46.11
N GLY U 458 24.24 -24.79 -45.84
CA GLY U 458 24.87 -23.49 -45.69
C GLY U 458 25.48 -22.99 -46.99
N GLY U 459 25.87 -23.93 -47.85
CA GLY U 459 26.45 -23.56 -49.13
C GLY U 459 27.86 -22.99 -49.01
N LYS U 460 28.47 -23.16 -47.84
CA LYS U 460 29.80 -22.64 -47.60
C LYS U 460 30.41 -23.18 -46.30
N PHE U 461 31.72 -23.37 -46.31
CA PHE U 461 32.44 -23.86 -45.13
C PHE U 461 33.94 -23.68 -45.35
N GLN U 462 34.70 -23.67 -44.27
CA GLN U 462 36.15 -23.49 -44.30
C GLN U 462 36.71 -24.46 -43.27
N TRP U 463 37.85 -25.07 -43.56
CA TRP U 463 38.40 -26.02 -42.62
C TRP U 463 39.88 -26.32 -42.81
N SER U 464 40.39 -27.29 -42.06
CA SER U 464 41.79 -27.68 -42.13
C SER U 464 41.99 -29.14 -42.55
N GLY U 465 42.94 -29.35 -43.46
CA GLY U 465 43.26 -30.69 -43.92
C GLY U 465 42.28 -31.37 -44.85
N LYS U 466 42.79 -32.33 -45.61
CA LYS U 466 41.98 -33.09 -46.55
C LYS U 466 41.97 -34.58 -46.17
N GLY U 467 40.87 -35.03 -45.57
CA GLY U 467 40.74 -36.42 -45.18
C GLY U 467 41.86 -36.95 -44.31
N PHE U 468 42.47 -38.03 -44.77
CA PHE U 468 43.59 -38.66 -44.06
C PHE U 468 44.87 -37.94 -44.51
N ALA U 469 45.33 -36.99 -43.70
CA ALA U 469 46.54 -36.24 -44.03
C ALA U 469 47.80 -36.94 -43.53
N GLY U 470 48.12 -38.08 -44.14
CA GLY U 470 49.30 -38.85 -43.74
C GLY U 470 50.58 -38.57 -44.48
N GLY U 471 50.57 -37.60 -45.40
CA GLY U 471 51.77 -37.28 -46.14
C GLY U 471 52.88 -36.85 -45.20
N ASP U 472 52.63 -35.79 -44.43
CA ASP U 472 53.59 -35.29 -43.47
C ASP U 472 52.83 -34.69 -42.29
N ILE U 473 53.52 -34.50 -41.18
CA ILE U 473 52.90 -33.96 -39.97
C ILE U 473 52.11 -32.67 -40.18
N SER U 474 52.62 -31.77 -41.01
CA SER U 474 51.93 -30.50 -41.23
C SER U 474 50.90 -30.48 -42.36
N HIS U 475 50.67 -31.60 -43.03
CA HIS U 475 49.69 -31.60 -44.13
C HIS U 475 48.28 -31.27 -43.65
N GLN U 476 47.95 -31.72 -42.45
CA GLN U 476 46.63 -31.47 -41.87
C GLN U 476 46.38 -29.99 -41.55
N LEU U 477 47.43 -29.17 -41.59
CA LEU U 477 47.29 -27.76 -41.25
C LEU U 477 46.92 -26.90 -42.44
N HIS U 478 46.93 -27.50 -43.62
CA HIS U 478 46.59 -26.78 -44.84
C HIS U 478 45.12 -26.35 -44.82
N GLN U 479 44.87 -25.15 -45.35
CA GLN U 479 43.53 -24.57 -45.37
C GLN U 479 42.68 -24.81 -46.63
N TYR U 480 41.45 -25.25 -46.43
CA TYR U 480 40.53 -25.51 -47.54
C TYR U 480 39.20 -24.78 -47.33
N GLU U 481 38.56 -24.45 -48.45
CA GLU U 481 37.30 -23.71 -48.44
C GLU U 481 36.32 -24.34 -49.44
N TYR U 482 35.04 -24.23 -49.14
CA TYR U 482 34.00 -24.74 -50.01
C TYR U 482 33.01 -23.63 -50.30
N PRO U 483 32.68 -23.42 -51.57
CA PRO U 483 33.22 -24.23 -52.67
C PRO U 483 34.68 -23.85 -52.95
N ALA U 484 35.45 -24.80 -53.47
CA ALA U 484 36.84 -24.54 -53.79
C ALA U 484 36.90 -23.48 -54.89
N PRO U 485 37.96 -22.65 -54.89
CA PRO U 485 38.08 -21.62 -55.90
C PRO U 485 37.82 -22.11 -57.32
N GLY U 486 36.87 -21.47 -58.01
CA GLY U 486 36.55 -21.85 -59.38
C GLY U 486 35.57 -22.99 -59.55
N TYR U 487 35.47 -23.87 -58.56
CA TYR U 487 34.56 -25.00 -58.65
C TYR U 487 33.11 -24.63 -58.31
N SER U 488 32.21 -25.60 -58.47
CA SER U 488 30.78 -25.36 -58.22
C SER U 488 30.24 -26.00 -56.95
N LYS U 489 29.11 -25.47 -56.47
CA LYS U 489 28.46 -26.01 -55.29
C LYS U 489 27.76 -27.31 -55.68
N ILE U 490 27.46 -28.14 -54.69
CA ILE U 490 26.81 -29.43 -54.93
C ILE U 490 25.37 -29.32 -55.44
N LYS U 491 25.05 -30.15 -56.43
CA LYS U 491 23.71 -30.18 -57.01
C LYS U 491 23.16 -31.60 -56.89
N MET U 492 24.07 -32.57 -56.95
CA MET U 492 23.70 -33.97 -56.89
C MET U 492 24.46 -34.68 -55.77
N PHE U 493 23.90 -35.75 -55.25
CA PHE U 493 24.57 -36.49 -54.19
C PHE U 493 24.41 -37.98 -54.44
N TRP U 494 25.52 -38.62 -54.82
CA TRP U 494 25.51 -40.05 -55.07
C TRP U 494 26.08 -40.70 -53.81
N LYS U 495 25.22 -41.31 -52.99
CA LYS U 495 25.69 -41.97 -51.79
C LYS U 495 25.87 -43.46 -52.01
N TYR U 496 26.89 -44.00 -51.34
CA TYR U 496 27.24 -45.42 -51.40
C TYR U 496 27.08 -45.84 -49.95
N GLY U 497 25.97 -46.51 -49.64
CA GLY U 497 25.69 -46.90 -48.27
C GLY U 497 24.91 -45.75 -47.64
N GLY U 498 24.41 -45.91 -46.41
CA GLY U 498 23.66 -44.84 -45.77
C GLY U 498 23.63 -45.02 -44.26
N PRO U 499 24.79 -44.99 -43.59
CA PRO U 499 24.81 -45.18 -42.14
C PRO U 499 25.13 -43.95 -41.29
N HIS U 500 25.29 -42.80 -41.93
CA HIS U 500 25.66 -41.60 -41.18
C HIS U 500 24.76 -41.14 -40.07
N LEU U 501 23.52 -41.61 -40.05
CA LEU U 501 22.60 -41.22 -39.00
C LEU U 501 23.03 -41.86 -37.69
N GLY U 502 23.66 -43.02 -37.78
CA GLY U 502 24.12 -43.70 -36.58
C GLY U 502 25.63 -43.72 -36.37
N THR U 503 26.40 -43.13 -37.30
CA THR U 503 27.86 -43.15 -37.17
C THR U 503 28.61 -41.82 -37.07
N MET U 504 27.98 -40.71 -37.46
CA MET U 504 28.65 -39.42 -37.38
C MET U 504 28.38 -38.67 -36.06
N THR U 505 28.22 -37.35 -36.12
CA THR U 505 27.97 -36.55 -34.92
C THR U 505 26.74 -35.67 -35.06
N ALA U 506 26.06 -35.42 -33.93
CA ALA U 506 24.83 -34.61 -33.89
C ALA U 506 24.03 -34.89 -35.18
N THR U 507 23.92 -36.18 -35.48
CA THR U 507 23.28 -36.70 -36.68
C THR U 507 21.91 -36.24 -37.17
N ASN U 508 21.12 -35.58 -36.34
CA ASN U 508 19.81 -35.12 -36.82
C ASN U 508 20.00 -34.18 -37.98
N ARG U 509 21.18 -33.57 -38.06
CA ARG U 509 21.47 -32.62 -39.13
C ARG U 509 21.66 -33.35 -40.48
N TYR U 510 22.11 -34.60 -40.44
CA TYR U 510 22.30 -35.36 -41.68
C TYR U 510 20.93 -35.72 -42.25
N ALA U 511 19.93 -35.75 -41.38
CA ALA U 511 18.57 -36.05 -41.82
C ALA U 511 17.95 -34.80 -42.44
N LYS U 512 18.22 -33.64 -41.85
CA LYS U 512 17.66 -32.37 -42.31
C LYS U 512 18.18 -31.89 -43.66
N MET U 513 19.38 -32.32 -44.05
CA MET U 513 19.98 -31.87 -45.30
C MET U 513 19.32 -32.40 -46.56
N TYR U 514 18.86 -33.65 -46.52
CA TYR U 514 18.23 -34.26 -47.68
C TYR U 514 17.04 -33.52 -48.27
N THR U 515 16.40 -32.64 -47.50
CA THR U 515 15.25 -31.92 -48.01
C THR U 515 15.56 -30.49 -48.49
N HIS U 516 16.84 -30.14 -48.50
CA HIS U 516 17.24 -28.81 -48.94
C HIS U 516 17.02 -28.74 -50.46
N ASP U 517 16.45 -27.62 -50.93
CA ASP U 517 16.15 -27.51 -52.35
C ASP U 517 17.32 -27.24 -53.27
N SER U 518 18.53 -27.15 -52.72
CA SER U 518 19.70 -26.93 -53.55
C SER U 518 20.12 -28.32 -54.05
N LEU U 519 19.63 -29.35 -53.37
CA LEU U 519 19.92 -30.74 -53.73
C LEU U 519 18.94 -31.22 -54.80
N GLU U 520 19.32 -31.09 -56.06
CA GLU U 520 18.44 -31.47 -57.17
C GLU U 520 18.21 -32.96 -57.35
N PHE U 521 19.12 -33.79 -56.86
CA PHE U 521 18.98 -35.22 -57.05
C PHE U 521 19.81 -36.04 -56.06
N VAL U 522 19.26 -37.17 -55.63
CA VAL U 522 19.94 -38.03 -54.67
C VAL U 522 19.84 -39.52 -54.99
N VAL U 523 20.99 -40.16 -55.20
CA VAL U 523 21.04 -41.58 -55.50
C VAL U 523 21.72 -42.34 -54.36
N SER U 524 21.22 -43.53 -54.08
CA SER U 524 21.77 -44.35 -53.02
C SER U 524 22.09 -45.71 -53.60
N GLN U 525 23.35 -46.11 -53.51
CA GLN U 525 23.79 -47.40 -54.01
C GLN U 525 24.18 -48.21 -52.78
N SER U 526 23.22 -48.94 -52.22
CA SER U 526 23.44 -49.72 -51.02
C SER U 526 22.94 -51.15 -51.14
N ILE U 527 23.09 -51.91 -50.06
CA ILE U 527 22.65 -53.29 -50.07
C ILE U 527 21.35 -53.48 -49.31
N TRP U 528 21.21 -52.79 -48.18
CA TRP U 528 20.02 -52.90 -47.34
C TRP U 528 19.18 -51.61 -47.29
N PHE U 529 17.85 -51.77 -47.28
CA PHE U 529 16.97 -50.61 -47.20
C PHE U 529 16.92 -50.17 -45.74
N GLU U 530 17.79 -49.22 -45.37
CA GLU U 530 17.87 -48.74 -43.98
C GLU U 530 18.66 -47.45 -43.88
N GLY U 531 18.74 -46.92 -42.66
CA GLY U 531 19.48 -45.69 -42.40
C GLY U 531 19.13 -44.49 -43.25
N GLU U 532 20.06 -44.07 -44.10
CA GLU U 532 19.86 -42.91 -44.97
C GLU U 532 19.21 -43.26 -46.30
N VAL U 533 19.21 -44.55 -46.64
CA VAL U 533 18.65 -45.01 -47.92
C VAL U 533 17.28 -44.45 -48.29
N PRO U 534 16.34 -44.36 -47.32
CA PRO U 534 14.98 -43.84 -47.54
C PRO U 534 14.80 -42.34 -47.72
N PHE U 535 15.88 -41.63 -48.10
CA PHE U 535 15.80 -40.21 -48.36
C PHE U 535 16.18 -39.97 -49.83
N ALA U 536 16.66 -41.02 -50.49
CA ALA U 536 17.09 -40.94 -51.88
C ALA U 536 15.98 -40.89 -52.91
N ASP U 537 16.30 -40.34 -54.09
CA ASP U 537 15.34 -40.25 -55.17
C ASP U 537 15.36 -41.58 -55.95
N ILE U 538 16.56 -42.14 -56.12
CA ILE U 538 16.76 -43.40 -56.82
C ILE U 538 17.64 -44.30 -55.97
N ILE U 539 17.31 -45.60 -55.91
CA ILE U 539 18.07 -46.55 -55.12
C ILE U 539 18.50 -47.73 -55.97
N LEU U 540 19.79 -48.08 -55.91
CA LEU U 540 20.35 -49.18 -56.69
C LEU U 540 20.80 -50.31 -55.76
N PRO U 541 20.24 -51.51 -55.96
CA PRO U 541 20.54 -52.71 -55.17
C PRO U 541 21.92 -53.31 -55.41
N ALA U 542 22.75 -53.31 -54.36
CA ALA U 542 24.08 -53.88 -54.44
C ALA U 542 24.03 -55.21 -53.71
N CYS U 543 24.93 -56.14 -54.04
CA CYS U 543 24.95 -57.45 -53.40
C CYS U 543 26.09 -57.57 -52.40
N THR U 544 26.11 -58.67 -51.65
CA THR U 544 27.19 -58.91 -50.68
C THR U 544 28.34 -59.60 -51.41
N ASN U 545 29.48 -59.73 -50.71
CA ASN U 545 30.65 -60.37 -51.28
C ASN U 545 30.46 -61.87 -51.48
N PHE U 546 29.39 -62.42 -50.92
CA PHE U 546 29.14 -63.85 -51.08
C PHE U 546 28.41 -64.13 -52.38
N GLU U 547 28.06 -63.07 -53.09
CA GLU U 547 27.35 -63.17 -54.35
C GLU U 547 28.18 -62.70 -55.53
N ARG U 548 29.49 -62.68 -55.35
CA ARG U 548 30.40 -62.24 -56.41
C ARG U 548 31.79 -62.82 -56.17
N TRP U 549 32.67 -62.67 -57.15
CA TRP U 549 34.03 -63.18 -57.02
C TRP U 549 35.01 -62.11 -56.52
N ASP U 550 35.92 -62.52 -55.64
CA ASP U 550 36.93 -61.60 -55.12
C ASP U 550 38.09 -62.34 -54.48
N ILE U 551 39.03 -61.58 -53.95
CA ILE U 551 40.21 -62.16 -53.32
C ILE U 551 40.69 -61.25 -52.21
N SER U 552 41.16 -61.85 -51.11
CA SER U 552 41.61 -61.06 -49.96
C SER U 552 42.46 -61.88 -48.99
N GLU U 553 43.05 -61.19 -48.01
CA GLU U 553 43.86 -61.85 -47.00
C GLU U 553 43.22 -61.56 -45.65
N PHE U 554 43.27 -62.55 -44.75
CA PHE U 554 42.68 -62.41 -43.43
C PHE U 554 43.14 -61.12 -42.73
N ALA U 555 42.22 -60.17 -42.60
CA ALA U 555 42.48 -58.90 -41.93
C ALA U 555 43.58 -58.04 -42.56
N ASN U 556 43.82 -58.17 -43.87
CA ASN U 556 44.86 -57.38 -44.50
C ASN U 556 44.37 -56.04 -45.04
N CYS U 557 44.68 -54.98 -44.28
CA CYS U 557 44.30 -53.62 -44.64
C CYS U 557 45.47 -52.92 -45.32
N SER U 558 46.62 -52.90 -44.64
CA SER U 558 47.83 -52.27 -45.15
C SER U 558 47.58 -50.76 -45.24
N GLY U 559 48.30 -50.08 -46.12
CA GLY U 559 48.11 -48.64 -46.28
C GLY U 559 48.48 -47.88 -45.03
N TYR U 560 47.50 -47.18 -44.45
N TYR U 560 47.50 -47.18 -44.45
CA TYR U 560 47.73 -46.40 -43.24
CA TYR U 560 47.73 -46.40 -43.24
C TYR U 560 47.94 -47.30 -42.03
C TYR U 560 47.94 -47.30 -42.03
N ILE U 561 47.95 -48.61 -42.28
CA ILE U 561 48.20 -49.59 -41.22
C ILE U 561 49.00 -50.72 -41.87
N PRO U 562 50.27 -50.43 -42.25
CA PRO U 562 51.16 -51.40 -42.89
C PRO U 562 51.30 -52.73 -42.15
N ASP U 563 51.22 -53.81 -42.92
CA ASP U 563 51.36 -55.16 -42.39
C ASP U 563 50.47 -55.44 -41.18
N ASN U 564 49.22 -54.99 -41.20
CA ASN U 564 48.34 -55.23 -40.07
C ASN U 564 47.83 -56.66 -39.99
N TYR U 565 48.18 -57.47 -40.98
CA TYR U 565 47.79 -58.87 -40.98
C TYR U 565 48.48 -59.56 -39.80
N GLN U 566 49.39 -58.85 -39.14
CA GLN U 566 50.10 -59.42 -37.99
C GLN U 566 49.18 -59.48 -36.78
N LEU U 567 47.90 -59.18 -37.01
CA LEU U 567 46.87 -59.24 -35.97
C LEU U 567 46.43 -60.69 -35.80
N CYS U 568 46.51 -61.45 -36.90
CA CYS U 568 46.10 -62.85 -36.94
C CYS U 568 47.24 -63.80 -36.60
N ASN U 569 46.90 -65.07 -36.33
CA ASN U 569 47.90 -66.08 -36.00
C ASN U 569 48.57 -66.68 -37.23
N HIS U 570 47.99 -66.45 -38.40
CA HIS U 570 48.54 -66.95 -39.66
C HIS U 570 48.12 -66.00 -40.77
N ARG U 571 48.92 -65.95 -41.82
CA ARG U 571 48.55 -65.11 -42.95
C ARG U 571 47.76 -66.02 -43.89
N VAL U 572 46.45 -65.84 -43.89
CA VAL U 572 45.59 -66.66 -44.72
C VAL U 572 45.07 -65.86 -45.91
N ILE U 573 45.42 -66.34 -47.10
CA ILE U 573 45.00 -65.72 -48.34
C ILE U 573 43.92 -66.63 -48.90
N SER U 574 42.75 -66.08 -49.17
CA SER U 574 41.69 -66.91 -49.68
C SER U 574 40.88 -66.29 -50.81
N LEU U 575 40.30 -67.17 -51.62
CA LEU U 575 39.47 -66.78 -52.75
C LEU U 575 38.04 -66.62 -52.25
N GLN U 576 37.43 -65.48 -52.57
CA GLN U 576 36.06 -65.25 -52.17
C GLN U 576 35.17 -65.70 -53.31
N ALA U 577 34.97 -67.00 -53.39
CA ALA U 577 34.17 -67.62 -54.44
C ALA U 577 32.70 -67.22 -54.38
N LYS U 578 32.13 -66.89 -55.53
CA LYS U 578 30.73 -66.53 -55.64
C LYS U 578 29.94 -67.76 -55.21
N CYS U 579 29.54 -67.80 -53.94
CA CYS U 579 28.81 -68.92 -53.37
C CYS U 579 27.40 -69.11 -53.91
N ILE U 580 26.68 -68.01 -54.09
CA ILE U 580 25.31 -68.06 -54.60
C ILE U 580 25.09 -66.95 -55.61
N GLU U 581 23.92 -66.97 -56.25
CA GLU U 581 23.57 -65.95 -57.22
C GLU U 581 23.07 -64.73 -56.47
N PRO U 582 23.31 -63.52 -57.00
CA PRO U 582 22.83 -62.33 -56.30
C PRO U 582 21.35 -62.48 -55.93
N VAL U 583 21.01 -62.00 -54.74
CA VAL U 583 19.65 -62.06 -54.22
C VAL U 583 18.79 -60.95 -54.83
N GLY U 584 17.53 -61.26 -55.10
CA GLY U 584 16.65 -60.27 -55.68
C GLY U 584 17.20 -59.83 -57.03
N GLU U 585 17.13 -58.54 -57.31
CA GLU U 585 17.64 -58.02 -58.57
C GLU U 585 18.94 -57.24 -58.37
N SER U 586 19.62 -57.53 -57.26
CA SER U 586 20.86 -56.86 -56.95
C SER U 586 22.01 -57.38 -57.79
N MET U 587 23.01 -56.53 -58.00
CA MET U 587 24.19 -56.90 -58.77
C MET U 587 25.41 -56.22 -58.16
N SER U 588 26.59 -56.83 -58.35
CA SER U 588 27.83 -56.30 -57.79
C SER U 588 28.10 -54.84 -58.14
N ASP U 589 28.75 -54.13 -57.22
CA ASP U 589 29.07 -52.72 -57.44
C ASP U 589 29.87 -52.57 -58.73
N TYR U 590 30.74 -53.54 -59.01
CA TYR U 590 31.54 -53.49 -60.22
C TYR U 590 30.64 -53.61 -61.46
N GLU U 591 29.66 -54.50 -61.43
CA GLU U 591 28.74 -54.67 -62.56
C GLU U 591 27.86 -53.43 -62.73
N ILE U 592 27.51 -52.79 -61.62
CA ILE U 592 26.68 -51.59 -61.67
C ILE U 592 27.47 -50.49 -62.38
N TYR U 593 28.74 -50.35 -62.02
CA TYR U 593 29.60 -49.33 -62.62
C TYR U 593 29.92 -49.69 -64.07
N ARG U 594 29.93 -50.98 -64.37
CA ARG U 594 30.20 -51.40 -65.72
C ARG U 594 29.03 -51.01 -66.63
N LEU U 595 27.82 -51.10 -66.09
CA LEU U 595 26.62 -50.74 -66.84
C LEU U 595 26.61 -49.21 -67.03
N PHE U 596 27.00 -48.48 -65.98
CA PHE U 596 27.07 -47.02 -66.05
C PHE U 596 28.14 -46.60 -67.06
N ALA U 597 29.28 -47.28 -67.03
CA ALA U 597 30.37 -46.97 -67.95
C ALA U 597 29.87 -47.06 -69.39
N LYS U 598 29.09 -48.09 -69.68
CA LYS U 598 28.56 -48.29 -71.02
C LYS U 598 27.66 -47.13 -71.47
N LYS U 599 26.83 -46.62 -70.57
CA LYS U 599 25.94 -45.51 -70.92
C LYS U 599 26.65 -44.16 -70.86
N LEU U 600 27.76 -44.10 -70.13
CA LEU U 600 28.51 -42.84 -70.05
C LEU U 600 29.54 -42.86 -71.16
N ASN U 601 29.53 -43.93 -71.95
CA ASN U 601 30.40 -44.13 -73.10
C ASN U 601 31.88 -44.30 -72.80
N ILE U 602 32.18 -45.08 -71.76
CA ILE U 602 33.57 -45.34 -71.36
C ILE U 602 33.76 -46.74 -70.83
N GLU U 603 32.99 -47.69 -71.35
CA GLU U 603 33.09 -49.08 -70.90
C GLU U 603 34.48 -49.68 -71.14
N GLU U 604 35.12 -49.34 -72.24
CA GLU U 604 36.44 -49.87 -72.53
C GLU U 604 37.47 -49.39 -71.52
N MET U 605 37.53 -48.08 -71.31
CA MET U 605 38.48 -47.49 -70.37
C MET U 605 38.29 -48.02 -68.95
N PHE U 606 37.03 -48.21 -68.56
CA PHE U 606 36.72 -48.69 -67.23
C PHE U 606 36.99 -50.18 -66.97
N SER U 607 36.35 -51.07 -67.75
CA SER U 607 36.51 -52.51 -67.55
C SER U 607 37.72 -53.13 -68.23
N GLU U 608 38.17 -52.52 -69.33
CA GLU U 608 39.30 -53.05 -70.08
C GLU U 608 38.99 -54.47 -70.56
N GLY U 609 37.71 -54.75 -70.80
CA GLY U 609 37.29 -56.07 -71.26
C GLY U 609 37.37 -57.16 -70.21
N LYS U 610 37.46 -56.77 -68.95
CA LYS U 610 37.56 -57.75 -67.87
C LYS U 610 36.35 -57.76 -66.95
N ASP U 611 36.02 -58.94 -66.43
CA ASP U 611 34.92 -59.03 -65.48
C ASP U 611 35.64 -59.15 -64.14
N GLU U 612 34.89 -59.23 -63.05
CA GLU U 612 35.48 -59.34 -61.72
C GLU U 612 36.53 -60.44 -61.59
N LEU U 613 36.23 -61.62 -62.11
CA LEU U 613 37.18 -62.73 -62.00
C LEU U 613 38.49 -62.47 -62.74
N ALA U 614 38.40 -61.85 -63.92
CA ALA U 614 39.58 -61.56 -64.70
C ALA U 614 40.45 -60.53 -63.98
N TRP U 615 39.82 -59.65 -63.21
CA TRP U 615 40.56 -58.65 -62.45
C TRP U 615 41.27 -59.33 -61.29
N CYS U 616 40.59 -60.27 -60.63
CA CYS U 616 41.18 -60.99 -59.51
C CYS U 616 42.42 -61.76 -59.90
N GLU U 617 42.46 -62.23 -61.14
CA GLU U 617 43.61 -62.99 -61.62
C GLU U 617 44.78 -62.05 -61.88
N GLN U 618 44.54 -60.96 -62.59
CA GLN U 618 45.59 -59.99 -62.87
C GLN U 618 46.07 -59.47 -61.51
N TYR U 619 45.12 -59.23 -60.62
CA TYR U 619 45.44 -58.76 -59.28
C TYR U 619 46.36 -59.79 -58.60
N PHE U 620 46.01 -61.06 -58.74
CA PHE U 620 46.77 -62.16 -58.15
C PHE U 620 48.22 -62.16 -58.63
N ASN U 621 48.42 -61.98 -59.93
CA ASN U 621 49.77 -62.00 -60.49
C ASN U 621 50.60 -60.78 -60.13
N ALA U 622 50.01 -59.82 -59.43
CA ALA U 622 50.75 -58.63 -59.04
C ALA U 622 51.25 -58.76 -57.60
N THR U 623 51.02 -59.94 -57.01
CA THR U 623 51.43 -60.23 -55.64
C THR U 623 52.54 -61.28 -55.67
N ASP U 624 52.94 -61.76 -54.49
CA ASP U 624 54.00 -62.77 -54.39
C ASP U 624 53.49 -64.21 -54.43
N MET U 625 52.17 -64.38 -54.53
CA MET U 625 51.57 -65.71 -54.56
C MET U 625 52.11 -66.61 -55.67
N PRO U 626 52.46 -66.05 -56.84
CA PRO U 626 52.98 -66.90 -57.92
C PRO U 626 54.22 -67.67 -57.52
N LYS U 627 54.89 -67.21 -56.47
CA LYS U 627 56.10 -67.86 -56.00
C LYS U 627 55.77 -69.18 -55.31
N TYR U 628 54.50 -69.34 -54.91
CA TYR U 628 54.07 -70.56 -54.25
C TYR U 628 53.14 -71.40 -55.12
N MET U 629 52.16 -70.76 -55.76
CA MET U 629 51.25 -71.49 -56.61
C MET U 629 50.70 -70.62 -57.73
N THR U 630 50.06 -71.25 -58.70
CA THR U 630 49.49 -70.52 -59.83
C THR U 630 48.05 -70.13 -59.52
N TRP U 631 47.47 -69.28 -60.34
CA TRP U 631 46.10 -68.84 -60.16
C TRP U 631 45.11 -70.01 -60.24
N ASP U 632 45.40 -70.97 -61.11
CA ASP U 632 44.55 -72.14 -61.28
C ASP U 632 44.60 -73.03 -60.05
N GLU U 633 45.81 -73.26 -59.54
CA GLU U 633 45.96 -74.09 -58.35
C GLU U 633 45.26 -73.40 -57.19
N PHE U 634 45.49 -72.10 -57.07
CA PHE U 634 44.89 -71.28 -56.01
C PHE U 634 43.37 -71.29 -56.09
N PHE U 635 42.85 -71.07 -57.29
CA PHE U 635 41.41 -71.02 -57.51
C PHE U 635 40.76 -72.35 -57.17
N LYS U 636 41.58 -73.40 -57.15
CA LYS U 636 41.10 -74.73 -56.86
C LYS U 636 41.15 -75.04 -55.38
N LYS U 637 42.24 -74.66 -54.72
CA LYS U 637 42.38 -74.94 -53.30
C LYS U 637 41.41 -74.09 -52.49
N GLY U 638 41.19 -72.84 -52.92
CA GLY U 638 40.29 -71.96 -52.21
C GLY U 638 41.00 -70.99 -51.28
N TYR U 639 41.98 -71.48 -50.53
CA TYR U 639 42.73 -70.63 -49.61
C TYR U 639 44.16 -71.10 -49.51
N PHE U 640 45.05 -70.20 -49.12
CA PHE U 640 46.46 -70.50 -48.96
C PHE U 640 46.99 -69.99 -47.63
N VAL U 641 47.76 -70.83 -46.95
CA VAL U 641 48.35 -70.48 -45.67
C VAL U 641 49.82 -70.17 -45.88
N VAL U 642 50.17 -68.88 -45.81
CA VAL U 642 51.56 -68.45 -46.00
C VAL U 642 52.50 -69.13 -45.00
N PRO U 643 53.59 -69.72 -45.50
CA PRO U 643 54.61 -70.41 -44.71
C PRO U 643 55.33 -69.52 -43.70
N ASP U 644 56.00 -70.18 -42.76
CA ASP U 644 56.75 -69.50 -41.71
C ASP U 644 58.18 -69.22 -42.17
N ASN U 645 58.69 -68.03 -41.81
CA ASN U 645 60.06 -67.63 -42.15
C ASN U 645 60.80 -67.56 -40.81
N PRO U 646 61.22 -68.73 -40.27
CA PRO U 646 61.93 -68.87 -39.00
C PRO U 646 63.23 -68.09 -38.88
N ASN U 647 64.04 -68.11 -39.93
CA ASN U 647 65.34 -67.45 -39.92
C ASN U 647 65.40 -65.93 -40.01
N ARG U 648 64.34 -65.30 -40.52
CA ARG U 648 64.35 -63.84 -40.63
C ARG U 648 64.66 -63.20 -39.28
N LYS U 649 65.55 -62.20 -39.28
CA LYS U 649 65.90 -61.53 -38.04
C LYS U 649 64.75 -60.67 -37.52
N LYS U 650 64.57 -60.69 -36.20
CA LYS U 650 63.51 -59.94 -35.55
C LYS U 650 63.85 -58.48 -35.28
N THR U 651 62.97 -57.59 -35.72
CA THR U 651 63.14 -56.15 -35.53
C THR U 651 61.96 -55.62 -34.74
N VAL U 652 62.07 -55.67 -33.42
CA VAL U 652 61.00 -55.19 -32.55
C VAL U 652 60.67 -53.72 -32.77
N ALA U 653 59.40 -53.37 -32.59
CA ALA U 653 58.93 -52.00 -32.77
C ALA U 653 59.76 -50.98 -31.98
N LEU U 654 60.07 -49.88 -32.66
CA LEU U 654 60.84 -48.78 -32.07
C LEU U 654 62.14 -49.11 -31.35
N ARG U 655 62.66 -50.33 -31.49
CA ARG U 655 63.90 -50.65 -30.79
C ARG U 655 65.07 -49.86 -31.38
N TRP U 656 65.04 -49.64 -32.69
CA TRP U 656 66.09 -48.88 -33.34
C TRP U 656 66.12 -47.45 -32.78
N PHE U 657 64.95 -46.91 -32.46
CA PHE U 657 64.85 -45.55 -31.93
C PHE U 657 65.37 -45.48 -30.49
N ALA U 658 65.14 -46.54 -29.72
CA ALA U 658 65.59 -46.58 -28.34
C ALA U 658 67.10 -46.76 -28.27
N GLU U 659 67.66 -47.46 -29.25
CA GLU U 659 69.09 -47.71 -29.29
C GLU U 659 69.82 -46.69 -30.16
N GLY U 660 69.09 -45.65 -30.56
CA GLY U 660 69.66 -44.58 -31.36
C GLY U 660 70.32 -44.97 -32.68
N ARG U 661 69.82 -46.00 -33.35
CA ARG U 661 70.41 -46.38 -34.63
C ARG U 661 69.42 -46.22 -35.77
N GLU U 662 69.84 -46.62 -36.97
CA GLU U 662 68.99 -46.49 -38.16
C GLU U 662 67.77 -47.39 -38.15
N LYS U 663 66.65 -46.85 -38.63
CA LYS U 663 65.40 -47.59 -38.71
C LYS U 663 65.68 -48.93 -39.41
N ASP U 664 65.20 -50.02 -38.85
CA ASP U 664 65.46 -51.32 -39.43
C ASP U 664 64.25 -52.23 -39.57
N THR U 665 63.07 -51.68 -39.32
CA THR U 665 61.84 -52.47 -39.42
C THR U 665 61.21 -52.28 -40.79
N PRO U 666 60.17 -53.08 -41.09
CA PRO U 666 59.47 -52.99 -42.38
C PRO U 666 58.49 -51.82 -42.49
N ASP U 667 58.46 -50.96 -41.48
CA ASP U 667 57.50 -49.84 -41.50
C ASP U 667 57.65 -49.00 -42.76
N TRP U 668 56.53 -48.43 -43.22
CA TRP U 668 56.54 -47.62 -44.44
C TRP U 668 57.08 -46.22 -44.20
N GLY U 669 57.67 -46.00 -43.04
CA GLY U 669 58.21 -44.71 -42.73
C GLY U 669 59.15 -44.80 -41.55
N PRO U 670 59.79 -43.68 -41.17
CA PRO U 670 59.63 -42.40 -41.86
C PRO U 670 60.39 -42.31 -43.17
N ARG U 671 59.97 -41.38 -44.03
CA ARG U 671 60.62 -41.18 -45.31
C ARG U 671 61.99 -40.54 -45.10
N LEU U 672 62.96 -40.96 -45.90
CA LEU U 672 64.34 -40.48 -45.79
C LEU U 672 64.50 -38.98 -45.60
N ASN U 673 63.70 -38.19 -46.30
CA ASN U 673 63.82 -36.75 -46.19
C ASN U 673 63.32 -36.21 -44.84
N ASN U 674 62.75 -37.09 -44.02
CA ASN U 674 62.24 -36.69 -42.70
C ASN U 674 63.12 -37.24 -41.59
N GLN U 675 64.37 -37.53 -41.94
CA GLN U 675 65.35 -38.06 -40.99
C GLN U 675 66.72 -37.50 -41.31
N VAL U 676 67.65 -37.73 -40.40
CA VAL U 676 69.04 -37.32 -40.60
C VAL U 676 69.82 -38.63 -40.58
N CYS U 677 70.35 -39.00 -41.74
CA CYS U 677 71.12 -40.24 -41.89
C CYS U 677 70.25 -41.38 -41.35
N ARG U 678 68.98 -41.34 -41.79
CA ARG U 678 67.92 -42.27 -41.43
C ARG U 678 67.88 -42.78 -40.00
N LYS U 679 67.90 -41.83 -39.07
CA LYS U 679 67.82 -42.10 -37.65
C LYS U 679 66.79 -41.14 -37.07
N GLY U 680 66.14 -41.56 -35.99
CA GLY U 680 65.15 -40.70 -35.35
C GLY U 680 63.75 -40.75 -35.92
N LEU U 681 62.84 -40.06 -35.24
CA LEU U 681 61.45 -39.99 -35.66
C LEU U 681 61.27 -38.96 -36.79
N GLN U 682 60.08 -38.96 -37.37
CA GLN U 682 59.72 -38.06 -38.46
C GLN U 682 59.72 -36.58 -38.07
N THR U 683 59.63 -36.33 -36.77
CA THR U 683 59.60 -34.97 -36.24
C THR U 683 60.87 -34.21 -36.64
N THR U 684 60.77 -32.89 -36.65
CA THR U 684 61.90 -32.05 -37.00
C THR U 684 63.14 -32.45 -36.19
N THR U 685 63.02 -32.46 -34.87
CA THR U 685 64.14 -32.81 -34.02
C THR U 685 64.52 -34.27 -34.13
N GLY U 686 63.55 -35.12 -34.44
CA GLY U 686 63.80 -36.54 -34.54
C GLY U 686 63.58 -37.21 -33.20
N LYS U 687 62.98 -36.46 -32.28
CA LYS U 687 62.71 -36.94 -30.92
C LYS U 687 61.22 -36.82 -30.58
N VAL U 688 60.88 -37.25 -29.37
CA VAL U 688 59.51 -37.15 -28.87
C VAL U 688 59.35 -35.72 -28.40
N GLU U 689 58.62 -34.94 -29.19
CA GLU U 689 58.43 -33.52 -28.91
C GLU U 689 57.27 -33.13 -27.99
N PHE U 690 57.57 -32.96 -26.71
CA PHE U 690 56.55 -32.55 -25.75
C PHE U 690 56.05 -31.15 -26.11
N ILE U 691 56.84 -30.41 -26.87
CA ILE U 691 56.45 -29.10 -27.35
C ILE U 691 56.67 -29.19 -28.86
N ALA U 692 55.61 -29.55 -29.59
CA ALA U 692 55.69 -29.73 -31.04
C ALA U 692 56.12 -28.50 -31.80
N THR U 693 57.19 -28.65 -32.58
CA THR U 693 57.70 -27.55 -33.38
C THR U 693 56.69 -27.22 -34.49
N SER U 694 56.03 -28.25 -35.00
CA SER U 694 55.05 -28.05 -36.06
C SER U 694 53.94 -27.11 -35.56
N LEU U 695 53.35 -27.45 -34.42
CA LEU U 695 52.27 -26.64 -33.85
C LEU U 695 52.79 -25.30 -33.37
N LYS U 696 54.03 -25.28 -32.90
CA LYS U 696 54.64 -24.04 -32.43
C LYS U 696 54.74 -23.10 -33.64
N ASN U 697 55.10 -23.67 -34.79
CA ASN U 697 55.20 -22.89 -36.02
C ASN U 697 53.80 -22.41 -36.34
N PHE U 698 52.86 -23.35 -36.32
CA PHE U 698 51.46 -23.07 -36.61
C PHE U 698 50.92 -21.89 -35.80
N GLU U 699 51.09 -21.92 -34.48
CA GLU U 699 50.59 -20.83 -33.65
C GLU U 699 51.34 -19.51 -33.86
N GLU U 700 52.62 -19.59 -34.21
CA GLU U 700 53.38 -18.37 -34.42
C GLU U 700 52.97 -17.76 -35.76
N GLN U 701 52.36 -18.57 -36.62
CA GLN U 701 51.90 -18.09 -37.93
C GLN U 701 50.54 -17.43 -37.78
N GLY U 702 50.04 -17.38 -36.55
CA GLY U 702 48.76 -16.73 -36.26
C GLY U 702 47.57 -17.63 -35.98
N TYR U 703 47.72 -18.95 -36.12
CA TYR U 703 46.63 -19.88 -35.89
C TYR U 703 46.51 -20.34 -34.43
N ILE U 704 46.13 -19.41 -33.56
CA ILE U 704 45.97 -19.70 -32.15
C ILE U 704 44.78 -20.64 -31.94
N ASP U 705 45.03 -21.76 -31.27
CA ASP U 705 44.00 -22.77 -31.01
C ASP U 705 44.15 -23.27 -29.58
N GLU U 706 43.36 -22.70 -28.69
CA GLU U 706 43.38 -23.05 -27.27
C GLU U 706 43.27 -24.54 -26.97
N HIS U 707 42.38 -25.23 -27.67
CA HIS U 707 42.22 -26.66 -27.42
C HIS U 707 43.18 -27.57 -28.16
N ARG U 708 44.36 -27.04 -28.48
CA ARG U 708 45.41 -27.79 -29.15
C ARG U 708 46.70 -26.98 -29.09
N PRO U 709 47.28 -26.87 -27.88
CA PRO U 709 48.52 -26.13 -27.65
C PRO U 709 49.73 -26.92 -28.11
N SER U 710 50.77 -26.21 -28.56
CA SER U 710 51.99 -26.88 -29.02
C SER U 710 52.51 -27.81 -27.94
N MET U 711 52.39 -27.39 -26.68
CA MET U 711 52.84 -28.23 -25.57
C MET U 711 51.68 -29.07 -25.04
N HIS U 712 51.97 -30.34 -24.80
CA HIS U 712 51.01 -31.29 -24.26
C HIS U 712 50.71 -30.86 -22.82
N THR U 713 49.47 -30.44 -22.58
CA THR U 713 49.06 -29.98 -21.26
C THR U 713 47.64 -30.44 -20.95
N TYR U 714 47.22 -30.21 -19.70
CA TYR U 714 45.87 -30.59 -19.31
C TYR U 714 44.84 -29.57 -19.77
N VAL U 715 44.38 -29.73 -21.01
CA VAL U 715 43.33 -28.86 -21.55
C VAL U 715 42.05 -29.55 -21.08
N PRO U 716 41.18 -28.83 -20.37
CA PRO U 716 39.93 -29.44 -19.90
C PRO U 716 39.03 -29.79 -21.09
N ALA U 717 38.62 -31.04 -21.19
CA ALA U 717 37.74 -31.47 -22.29
C ALA U 717 36.53 -30.56 -22.35
N TRP U 718 36.31 -29.92 -23.49
CA TRP U 718 35.18 -29.00 -23.61
C TRP U 718 33.78 -29.60 -23.39
N GLU U 719 33.67 -30.92 -23.43
CA GLU U 719 32.39 -31.58 -23.15
C GLU U 719 32.64 -32.63 -22.07
N SER U 720 32.84 -32.14 -20.85
CA SER U 720 33.08 -32.98 -19.69
C SER U 720 32.12 -32.52 -18.61
N GLN U 721 31.94 -33.33 -17.59
CA GLN U 721 31.01 -33.02 -16.50
C GLN U 721 31.33 -31.84 -15.59
N LYS U 722 32.60 -31.54 -15.36
CA LYS U 722 32.90 -30.42 -14.46
C LYS U 722 33.45 -29.17 -15.13
N HIS U 723 33.53 -29.16 -16.45
CA HIS U 723 34.07 -28.00 -17.15
C HIS U 723 33.15 -27.42 -18.22
N SER U 724 32.25 -28.26 -18.74
CA SER U 724 31.32 -27.79 -19.77
C SER U 724 30.09 -27.12 -19.16
N PRO U 725 29.70 -25.95 -19.68
CA PRO U 725 28.53 -25.24 -19.17
C PRO U 725 27.25 -26.06 -19.40
N LEU U 726 27.38 -27.09 -20.24
CA LEU U 726 26.27 -27.97 -20.60
C LEU U 726 25.93 -28.95 -19.46
N ALA U 727 26.96 -29.39 -18.74
CA ALA U 727 26.81 -30.34 -17.64
C ALA U 727 25.76 -29.94 -16.59
N VAL U 728 25.53 -28.64 -16.44
CA VAL U 728 24.55 -28.16 -15.48
C VAL U 728 23.19 -28.73 -15.86
N LYS U 729 22.91 -28.79 -17.15
CA LYS U 729 21.63 -29.32 -17.63
C LYS U 729 21.64 -30.84 -17.76
N TYR U 730 22.75 -31.36 -18.28
CA TYR U 730 22.90 -32.80 -18.52
C TYR U 730 24.11 -33.32 -17.77
N PRO U 731 23.93 -33.75 -16.52
CA PRO U 731 25.00 -34.27 -15.66
C PRO U 731 25.60 -35.64 -15.97
N LEU U 732 24.95 -36.44 -16.81
CA LEU U 732 25.49 -37.76 -17.13
C LEU U 732 26.49 -37.75 -18.28
N GLY U 733 27.61 -38.44 -18.07
CA GLY U 733 28.65 -38.52 -19.08
C GLY U 733 28.50 -39.81 -19.86
N MET U 734 28.28 -39.68 -21.17
CA MET U 734 28.12 -40.85 -22.03
C MET U 734 29.28 -41.05 -23.00
N LEU U 735 29.72 -42.29 -23.14
CA LEU U 735 30.77 -42.68 -24.07
C LEU U 735 30.06 -43.71 -24.96
N SER U 736 30.38 -43.71 -26.26
CA SER U 736 29.70 -44.63 -27.17
C SER U 736 30.61 -45.37 -28.16
N PRO U 737 31.36 -46.37 -27.68
CA PRO U 737 32.30 -47.20 -28.44
C PRO U 737 31.64 -48.01 -29.55
N HIS U 738 32.46 -48.80 -30.25
CA HIS U 738 31.99 -49.64 -31.35
C HIS U 738 31.15 -50.82 -30.87
N PRO U 739 30.08 -51.15 -31.60
CA PRO U 739 29.18 -52.25 -31.25
C PRO U 739 29.86 -53.59 -31.07
N ARG U 740 29.58 -54.22 -29.94
CA ARG U 740 30.15 -55.52 -29.59
C ARG U 740 29.73 -56.65 -30.52
N PHE U 741 28.47 -56.67 -30.94
CA PHE U 741 28.00 -57.76 -31.80
C PHE U 741 27.70 -57.35 -33.23
N SER U 742 28.52 -56.46 -33.77
CA SER U 742 28.34 -56.00 -35.13
C SER U 742 29.55 -55.19 -35.59
N MET U 743 29.77 -55.17 -36.90
CA MET U 743 30.87 -54.39 -37.49
C MET U 743 30.19 -53.10 -37.91
N HIS U 744 30.05 -52.20 -36.95
CA HIS U 744 29.38 -50.93 -37.15
C HIS U 744 27.94 -51.23 -37.56
N THR U 745 27.46 -50.66 -38.67
CA THR U 745 26.07 -50.91 -39.08
C THR U 745 25.88 -52.26 -39.76
N MET U 746 26.98 -52.92 -40.14
CA MET U 746 26.89 -54.20 -40.81
C MET U 746 26.77 -55.35 -39.82
N GLY U 747 25.54 -55.66 -39.46
CA GLY U 747 25.28 -56.73 -38.51
C GLY U 747 24.03 -56.42 -37.71
N ASP U 748 23.81 -55.13 -37.43
CA ASP U 748 22.65 -54.68 -36.68
C ASP U 748 21.46 -54.51 -37.63
N GLY U 749 20.26 -54.53 -37.06
CA GLY U 749 19.05 -54.38 -37.86
C GLY U 749 18.96 -55.46 -38.92
N LYS U 750 18.38 -55.10 -40.06
CA LYS U 750 18.21 -56.02 -41.19
C LYS U 750 17.55 -57.33 -40.77
N ASN U 751 16.85 -57.29 -39.65
N ASN U 751 16.85 -57.29 -39.65
CA ASN U 751 16.16 -58.48 -39.14
CA ASN U 751 16.16 -58.48 -39.14
C ASN U 751 17.10 -59.67 -39.13
C ASN U 751 17.10 -59.67 -39.13
N SER U 752 18.36 -59.44 -38.76
CA SER U 752 19.37 -60.50 -38.71
C SER U 752 19.32 -61.22 -37.38
N TYR U 753 20.12 -62.28 -37.27
CA TYR U 753 20.17 -63.07 -36.04
C TYR U 753 20.76 -62.35 -34.84
N MET U 754 21.71 -61.45 -35.09
CA MET U 754 22.36 -60.71 -34.00
C MET U 754 21.34 -59.99 -33.11
N ASN U 755 20.23 -59.55 -33.70
CA ASN U 755 19.21 -58.85 -32.93
C ASN U 755 18.64 -59.64 -31.77
N TYR U 756 18.85 -60.95 -31.76
CA TYR U 756 18.35 -61.82 -30.69
C TYR U 756 19.38 -62.02 -29.58
N ILE U 757 20.56 -61.43 -29.74
CA ILE U 757 21.61 -61.54 -28.72
C ILE U 757 21.17 -60.68 -27.53
N LYS U 758 21.09 -61.28 -26.35
CA LYS U 758 20.65 -60.58 -25.15
C LYS U 758 21.26 -59.21 -24.88
N ASP U 759 22.57 -59.08 -25.06
CA ASP U 759 23.23 -57.81 -24.79
C ASP U 759 23.43 -56.93 -26.02
N HIS U 760 22.54 -57.07 -27.01
CA HIS U 760 22.61 -56.24 -28.21
C HIS U 760 21.35 -55.37 -28.26
N ARG U 761 20.20 -56.01 -28.28
CA ARG U 761 18.92 -55.31 -28.30
C ARG U 761 17.96 -56.03 -27.36
N VAL U 762 17.06 -55.28 -26.74
CA VAL U 762 16.11 -55.87 -25.82
C VAL U 762 14.69 -55.68 -26.34
N GLU U 763 13.94 -56.77 -26.41
CA GLU U 763 12.56 -56.73 -26.92
C GLU U 763 11.56 -56.28 -25.88
N VAL U 764 10.70 -55.34 -26.28
CA VAL U 764 9.67 -54.77 -25.42
C VAL U 764 8.45 -54.42 -26.30
N ASP U 765 7.33 -55.12 -26.05
CA ASP U 765 6.12 -54.88 -26.82
C ASP U 765 6.35 -55.09 -28.32
N GLY U 766 7.04 -56.16 -28.67
CA GLY U 766 7.29 -56.45 -30.06
C GLY U 766 8.39 -55.67 -30.75
N TYR U 767 9.01 -54.73 -30.05
CA TYR U 767 10.09 -53.93 -30.64
C TYR U 767 11.41 -54.18 -29.93
N LYS U 768 12.47 -54.36 -30.69
CA LYS U 768 13.79 -54.62 -30.13
C LYS U 768 14.56 -53.30 -29.98
N TYR U 769 14.61 -52.79 -28.76
CA TYR U 769 15.30 -51.53 -28.49
C TYR U 769 16.80 -51.64 -28.22
N TRP U 770 17.52 -50.60 -28.62
CA TRP U 770 18.96 -50.51 -28.44
C TRP U 770 19.21 -50.34 -26.94
N ILE U 771 20.34 -50.84 -26.47
CA ILE U 771 20.69 -50.79 -25.06
C ILE U 771 21.56 -49.63 -24.62
N MET U 772 21.34 -49.20 -23.37
CA MET U 772 22.13 -48.17 -22.71
C MET U 772 22.35 -48.67 -21.29
N ARG U 773 23.61 -48.80 -20.90
CA ARG U 773 23.95 -49.28 -19.58
C ARG U 773 23.97 -48.11 -18.60
N VAL U 774 23.43 -48.34 -17.41
CA VAL U 774 23.35 -47.31 -16.38
C VAL U 774 23.69 -47.86 -15.00
N ASN U 775 24.47 -47.09 -14.25
CA ASN U 775 24.85 -47.51 -12.91
C ASN U 775 23.60 -47.53 -12.03
N SER U 776 23.47 -48.57 -11.21
CA SER U 776 22.31 -48.73 -10.32
C SER U 776 21.93 -47.49 -9.54
N ILE U 777 22.92 -46.74 -9.09
CA ILE U 777 22.68 -45.52 -8.32
C ILE U 777 22.01 -44.43 -9.15
N ASP U 778 22.47 -44.26 -10.39
CA ASP U 778 21.89 -43.26 -11.27
C ASP U 778 20.49 -43.67 -11.67
N ALA U 779 20.28 -44.98 -11.79
CA ALA U 779 18.99 -45.54 -12.18
C ALA U 779 17.97 -45.47 -11.05
N GLU U 780 18.44 -45.74 -9.83
CA GLU U 780 17.56 -45.71 -8.66
C GLU U 780 17.06 -44.27 -8.45
N ALA U 781 17.96 -43.30 -8.61
CA ALA U 781 17.63 -41.88 -8.42
C ALA U 781 16.64 -41.33 -9.44
N ARG U 782 16.33 -42.13 -10.46
CA ARG U 782 15.39 -41.73 -11.50
C ARG U 782 14.26 -42.75 -11.60
N GLY U 783 14.18 -43.65 -10.65
CA GLY U 783 13.13 -44.67 -10.66
C GLY U 783 13.20 -45.51 -11.92
N ILE U 784 14.42 -45.83 -12.34
CA ILE U 784 14.65 -46.61 -13.54
C ILE U 784 15.11 -48.01 -13.23
N LYS U 785 14.37 -48.99 -13.74
CA LYS U 785 14.71 -50.39 -13.50
C LYS U 785 15.15 -51.09 -14.78
N ASN U 786 15.87 -52.20 -14.60
CA ASN U 786 16.36 -52.97 -15.71
C ASN U 786 15.25 -53.39 -16.66
N GLY U 787 15.41 -53.04 -17.94
CA GLY U 787 14.43 -53.40 -18.94
C GLY U 787 13.48 -52.29 -19.35
N ASP U 788 13.37 -51.24 -18.53
CA ASP U 788 12.48 -50.12 -18.83
C ASP U 788 12.94 -49.33 -20.04
N LEU U 789 11.99 -48.72 -20.75
CA LEU U 789 12.37 -47.91 -21.89
C LEU U 789 12.71 -46.53 -21.38
N ILE U 790 13.90 -46.05 -21.71
CA ILE U 790 14.31 -44.73 -21.26
C ILE U 790 14.56 -43.79 -22.41
N ARG U 791 14.58 -42.50 -22.08
CA ARG U 791 14.81 -41.47 -23.08
C ARG U 791 16.10 -40.70 -22.77
N ALA U 792 17.10 -40.87 -23.62
CA ALA U 792 18.38 -40.17 -23.47
C ALA U 792 18.27 -38.90 -24.29
N TYR U 793 18.71 -37.77 -23.75
CA TYR U 793 18.57 -36.53 -24.49
C TYR U 793 19.46 -35.36 -24.06
N ASN U 794 19.42 -34.32 -24.90
CA ASN U 794 20.13 -33.05 -24.68
C ASN U 794 19.61 -32.07 -25.74
N ASP U 795 20.35 -31.02 -26.05
CA ASP U 795 19.88 -30.05 -27.05
C ASP U 795 19.85 -30.61 -28.48
N ARG U 796 20.55 -31.72 -28.71
CA ARG U 796 20.61 -32.30 -30.05
C ARG U 796 19.47 -33.24 -30.45
N GLY U 797 18.85 -33.91 -29.48
CA GLY U 797 17.76 -34.81 -29.81
C GLY U 797 17.37 -35.76 -28.71
N SER U 798 16.62 -36.80 -29.07
CA SER U 798 16.18 -37.79 -28.12
C SER U 798 16.30 -39.19 -28.72
N VAL U 799 16.68 -40.14 -27.88
CA VAL U 799 16.83 -41.52 -28.30
C VAL U 799 16.18 -42.42 -27.27
N ILE U 800 15.26 -43.28 -27.74
CA ILE U 800 14.56 -44.20 -26.86
C ILE U 800 15.38 -45.49 -26.80
N LEU U 801 15.70 -45.92 -25.57
CA LEU U 801 16.50 -47.12 -25.37
C LEU U 801 15.99 -48.01 -24.23
N ALA U 802 16.48 -49.25 -24.20
CA ALA U 802 16.11 -50.19 -23.16
C ALA U 802 17.24 -50.11 -22.13
N ALA U 803 16.90 -49.93 -20.86
CA ALA U 803 17.91 -49.78 -19.83
C ALA U 803 18.48 -51.08 -19.29
N GLN U 804 19.80 -51.09 -19.13
CA GLN U 804 20.51 -52.22 -18.57
C GLN U 804 21.23 -51.68 -17.35
N VAL U 805 20.63 -51.89 -16.18
CA VAL U 805 21.21 -51.43 -14.92
C VAL U 805 22.40 -52.32 -14.60
N THR U 806 23.57 -51.70 -14.41
CA THR U 806 24.80 -52.44 -14.14
C THR U 806 25.73 -51.81 -13.13
N GLU U 807 26.82 -52.50 -12.84
CA GLU U 807 27.84 -52.04 -11.91
C GLU U 807 29.12 -51.70 -12.68
N CYS U 808 29.12 -52.00 -13.98
CA CYS U 808 30.28 -51.76 -14.84
C CYS U 808 30.41 -50.31 -15.32
N LEU U 809 30.10 -49.36 -14.45
CA LEU U 809 30.18 -47.96 -14.79
C LEU U 809 30.15 -47.12 -13.51
N GLN U 810 31.09 -46.20 -13.38
CA GLN U 810 31.13 -45.34 -12.20
C GLN U 810 29.84 -44.51 -12.19
N PRO U 811 29.25 -44.30 -11.00
CA PRO U 811 28.02 -43.51 -10.94
C PRO U 811 28.20 -42.19 -11.68
N GLY U 812 27.24 -41.85 -12.54
CA GLY U 812 27.32 -40.61 -13.29
C GLY U 812 27.75 -40.80 -14.73
N THR U 813 28.04 -42.05 -15.09
CA THR U 813 28.47 -42.37 -16.45
C THR U 813 27.55 -43.40 -17.09
N VAL U 814 27.11 -43.13 -18.31
CA VAL U 814 26.25 -44.06 -19.04
C VAL U 814 27.00 -44.54 -20.28
N HIS U 815 26.67 -45.72 -20.77
CA HIS U 815 27.31 -46.31 -21.94
C HIS U 815 26.29 -46.87 -22.94
N SER U 816 26.56 -46.67 -24.22
CA SER U 816 25.70 -47.16 -25.28
C SER U 816 26.43 -47.12 -26.60
N TYR U 817 26.66 -48.30 -27.16
CA TYR U 817 27.36 -48.44 -28.43
C TYR U 817 26.79 -47.58 -29.56
N GLU U 818 27.66 -47.19 -30.48
CA GLU U 818 27.27 -46.39 -31.64
C GLU U 818 27.08 -47.36 -32.79
N SER U 819 26.95 -46.83 -34.01
CA SER U 819 26.79 -47.64 -35.21
C SER U 819 25.45 -48.37 -35.30
N CYS U 820 24.40 -47.79 -34.74
CA CYS U 820 23.08 -48.40 -34.79
C CYS U 820 22.66 -48.31 -36.26
N ALA U 821 22.17 -49.43 -36.80
CA ALA U 821 21.76 -49.49 -38.22
C ALA U 821 20.35 -48.98 -38.50
N VAL U 822 19.52 -48.96 -37.46
CA VAL U 822 18.13 -48.54 -37.62
C VAL U 822 17.84 -47.10 -37.22
N TYR U 823 17.29 -46.34 -38.17
CA TYR U 823 16.88 -44.98 -37.88
C TYR U 823 15.37 -44.96 -38.07
N ASP U 824 14.66 -44.87 -36.95
CA ASP U 824 13.20 -44.89 -36.96
C ASP U 824 12.63 -43.79 -36.07
N PRO U 825 12.40 -42.60 -36.65
CA PRO U 825 11.86 -41.44 -35.92
C PRO U 825 10.42 -41.69 -35.53
N LEU U 826 10.03 -41.21 -34.36
CA LEU U 826 8.67 -41.37 -33.89
C LEU U 826 7.81 -40.31 -34.55
N GLY U 827 8.47 -39.28 -35.07
CA GLY U 827 7.77 -38.20 -35.74
C GLY U 827 8.50 -37.80 -37.01
N THR U 828 8.53 -36.50 -37.28
CA THR U 828 9.20 -36.01 -38.47
C THR U 828 10.68 -36.35 -38.36
N ALA U 829 11.23 -36.89 -39.45
CA ALA U 829 12.64 -37.26 -39.50
C ALA U 829 13.54 -36.06 -39.24
N GLY U 830 14.54 -36.25 -38.39
CA GLY U 830 15.46 -35.17 -38.08
C GLY U 830 14.90 -34.09 -37.17
N LYS U 831 13.66 -34.28 -36.72
CA LYS U 831 13.01 -33.30 -35.85
C LYS U 831 12.33 -33.93 -34.63
N SER U 832 12.50 -35.22 -34.44
CA SER U 832 11.86 -35.93 -33.33
C SER U 832 12.72 -37.04 -32.74
N ALA U 833 12.20 -37.67 -31.69
CA ALA U 833 12.90 -38.76 -31.03
C ALA U 833 13.02 -40.00 -31.88
N ASP U 834 14.20 -40.60 -31.86
CA ASP U 834 14.44 -41.82 -32.62
C ASP U 834 14.37 -43.02 -31.68
N ARG U 835 13.80 -44.13 -32.15
CA ARG U 835 13.75 -45.32 -31.30
C ARG U 835 14.57 -46.44 -31.92
N GLY U 836 15.21 -46.12 -33.05
CA GLY U 836 16.05 -47.11 -33.70
C GLY U 836 17.24 -47.40 -32.81
N GLY U 837 17.76 -46.34 -32.20
CA GLY U 837 18.89 -46.48 -31.30
C GLY U 837 20.12 -45.70 -31.72
N CYS U 838 19.95 -44.71 -32.60
CA CYS U 838 21.06 -43.89 -33.09
C CYS U 838 21.61 -42.92 -32.05
N ILE U 839 22.51 -43.41 -31.19
CA ILE U 839 23.11 -42.58 -30.15
C ILE U 839 23.84 -41.33 -30.66
N ASN U 840 24.44 -41.42 -31.84
CA ASN U 840 25.16 -40.27 -32.37
C ASN U 840 24.28 -39.06 -32.65
N ILE U 841 23.00 -39.19 -32.34
CA ILE U 841 22.09 -38.06 -32.51
C ILE U 841 22.47 -37.10 -31.37
N LEU U 842 22.94 -37.67 -30.26
CA LEU U 842 23.31 -36.92 -29.06
C LEU U 842 24.76 -36.44 -28.97
N THR U 843 25.66 -37.09 -29.67
CA THR U 843 27.08 -36.72 -29.61
C THR U 843 27.39 -35.36 -30.20
N PRO U 844 28.43 -34.69 -29.68
CA PRO U 844 28.83 -33.37 -30.16
C PRO U 844 29.44 -33.38 -31.57
N ASP U 845 29.04 -32.40 -32.38
CA ASP U 845 29.54 -32.29 -33.74
C ASP U 845 30.61 -31.21 -33.87
N ARG U 846 30.91 -30.55 -32.75
CA ARG U 846 31.93 -29.53 -32.72
C ARG U 846 33.27 -30.24 -32.89
N TYR U 847 34.16 -29.67 -33.70
CA TYR U 847 35.48 -30.29 -33.92
C TYR U 847 36.28 -30.41 -32.61
N ILE U 848 37.14 -31.41 -32.52
CA ILE U 848 37.96 -31.62 -31.35
C ILE U 848 38.67 -30.35 -30.89
N SER U 849 39.06 -29.51 -31.85
CA SER U 849 39.68 -28.22 -31.54
C SER U 849 39.37 -27.30 -32.71
N LYS U 850 39.76 -26.03 -32.62
CA LYS U 850 39.47 -25.10 -33.69
C LYS U 850 40.00 -25.54 -35.06
N TYR U 851 41.18 -26.12 -35.09
CA TYR U 851 41.78 -26.57 -36.35
C TYR U 851 41.95 -28.07 -36.48
N ALA U 852 41.82 -28.81 -35.38
CA ALA U 852 41.91 -30.26 -35.46
C ALA U 852 40.48 -30.70 -35.81
N CYS U 853 40.20 -30.73 -37.11
CA CYS U 853 38.89 -31.08 -37.63
C CYS U 853 38.52 -32.56 -37.56
N GLY U 854 38.47 -33.08 -36.34
CA GLY U 854 38.12 -34.47 -36.12
C GLY U 854 36.88 -34.60 -35.25
N MET U 855 36.32 -35.80 -35.16
CA MET U 855 35.12 -36.03 -34.36
C MET U 855 35.46 -36.30 -32.91
N ALA U 856 34.66 -35.76 -31.99
CA ALA U 856 34.88 -35.92 -30.55
C ALA U 856 33.68 -36.58 -29.87
N ASN U 857 33.17 -37.63 -30.51
CA ASN U 857 31.99 -38.37 -30.04
C ASN U 857 31.99 -38.94 -28.63
N ASN U 858 33.04 -39.66 -28.24
CA ASN U 858 33.03 -40.30 -26.94
C ASN U 858 33.01 -39.48 -25.65
N THR U 859 32.63 -38.21 -25.75
CA THR U 859 32.44 -37.35 -24.59
C THR U 859 31.15 -36.61 -24.89
N ALA U 860 30.04 -37.12 -24.36
CA ALA U 860 28.76 -36.50 -24.60
C ALA U 860 27.97 -36.39 -23.31
N LEU U 861 27.46 -35.18 -23.04
CA LEU U 861 26.67 -34.95 -21.84
C LEU U 861 25.18 -35.14 -22.17
N VAL U 862 24.48 -35.87 -21.30
CA VAL U 862 23.06 -36.11 -21.51
C VAL U 862 22.35 -36.28 -20.19
N GLU U 863 21.05 -36.47 -20.26
CA GLU U 863 20.21 -36.70 -19.09
C GLU U 863 19.33 -37.84 -19.57
N ILE U 864 18.79 -38.61 -18.62
CA ILE U 864 17.91 -39.70 -18.98
C ILE U 864 16.78 -39.78 -17.97
N GLU U 865 15.65 -40.28 -18.43
CA GLU U 865 14.46 -40.43 -17.60
C GLU U 865 13.65 -41.56 -18.20
N LYS U 866 12.62 -42.03 -17.49
CA LYS U 866 11.79 -43.08 -18.05
C LYS U 866 11.01 -42.41 -19.18
N TRP U 867 10.97 -43.06 -20.34
CA TRP U 867 10.25 -42.49 -21.47
C TRP U 867 8.76 -42.43 -21.20
N ASP U 868 8.19 -41.24 -21.39
CA ASP U 868 6.77 -41.01 -21.16
C ASP U 868 5.91 -41.43 -22.36
N GLY U 869 6.57 -41.76 -23.46
CA GLY U 869 5.83 -42.17 -24.64
C GLY U 869 5.61 -41.06 -25.64
N ASP U 870 6.06 -39.84 -25.31
CA ASP U 870 5.89 -38.72 -26.23
C ASP U 870 6.91 -38.86 -27.36
N LYS U 871 6.60 -38.30 -28.52
CA LYS U 871 7.49 -38.39 -29.67
C LYS U 871 8.51 -37.27 -29.72
N TYR U 872 8.40 -36.32 -28.80
CA TYR U 872 9.31 -35.18 -28.72
C TYR U 872 9.72 -34.59 -30.07
N GLU U 873 8.75 -34.03 -30.80
CA GLU U 873 9.06 -33.44 -32.09
C GLU U 873 9.46 -31.98 -31.83
N ILE U 874 10.61 -31.79 -31.20
CA ILE U 874 11.08 -30.46 -30.85
C ILE U 874 12.46 -30.06 -31.38
N TYR U 875 13.04 -30.86 -32.26
CA TYR U 875 14.36 -30.54 -32.80
C TYR U 875 14.36 -30.00 -34.22
N MET V 1 30.04 -98.85 -26.65
CA MET V 1 28.88 -97.94 -26.44
C MET V 1 29.37 -96.61 -25.87
N GLU V 2 30.40 -96.07 -26.51
CA GLU V 2 31.01 -94.81 -26.11
C GLU V 2 29.93 -93.71 -26.14
N GLN V 3 30.08 -92.71 -25.28
CA GLN V 3 29.10 -91.62 -25.23
C GLN V 3 29.71 -90.23 -25.41
N TYR V 4 28.88 -89.31 -25.89
CA TYR V 4 29.28 -87.92 -26.11
C TYR V 4 29.16 -87.08 -24.86
N TYR V 5 30.19 -86.30 -24.55
CA TYR V 5 30.19 -85.41 -23.39
C TYR V 5 30.71 -84.04 -23.79
N MET V 6 30.29 -83.02 -23.06
CA MET V 6 30.71 -81.66 -23.34
C MET V 6 31.11 -80.97 -22.05
N VAL V 7 32.27 -80.31 -22.07
CA VAL V 7 32.74 -79.60 -20.89
C VAL V 7 32.82 -78.12 -21.24
N ILE V 8 32.24 -77.29 -20.39
CA ILE V 8 32.22 -75.85 -20.60
C ILE V 8 32.92 -75.10 -19.46
N ASP V 9 34.00 -74.39 -19.77
CA ASP V 9 34.73 -73.62 -18.77
C ASP V 9 34.12 -72.23 -18.63
N VAL V 10 33.43 -72.00 -17.52
CA VAL V 10 32.78 -70.72 -17.25
C VAL V 10 33.76 -69.55 -17.15
N ALA V 11 34.95 -69.81 -16.63
CA ALA V 11 35.95 -68.76 -16.49
C ALA V 11 36.39 -68.21 -17.83
N LYS V 12 36.08 -68.93 -18.91
CA LYS V 12 36.47 -68.48 -20.23
C LYS V 12 35.38 -67.86 -21.11
N CYS V 13 34.11 -67.93 -20.69
CA CYS V 13 33.07 -67.32 -21.52
C CYS V 13 33.16 -65.81 -21.50
N GLN V 14 32.98 -65.20 -22.67
CA GLN V 14 33.01 -63.75 -22.76
C GLN V 14 31.71 -63.22 -23.36
N ASP V 15 30.75 -64.12 -23.57
CA ASP V 15 29.43 -63.77 -24.08
C ASP V 15 29.41 -63.07 -25.44
N CYS V 16 30.29 -63.48 -26.34
CA CYS V 16 30.35 -62.86 -27.66
C CYS V 16 29.25 -63.48 -28.53
N ASN V 17 28.69 -64.58 -28.02
CA ASN V 17 27.60 -65.28 -28.70
C ASN V 17 27.87 -66.00 -30.02
N ASN V 18 29.08 -66.54 -30.18
CA ASN V 18 29.37 -67.28 -31.42
C ASN V 18 28.50 -68.56 -31.43
N CYS V 19 28.21 -69.12 -30.26
CA CYS V 19 27.38 -70.33 -30.15
C CYS V 19 26.06 -70.10 -30.82
N PHE V 20 25.27 -69.31 -30.09
CA PHE V 20 23.92 -68.92 -30.44
C PHE V 20 23.80 -68.59 -31.91
N MET V 21 24.79 -67.88 -32.43
CA MET V 21 24.77 -67.52 -33.83
C MET V 21 25.09 -68.77 -34.65
N GLY V 22 25.63 -69.78 -33.97
CA GLY V 22 25.94 -71.05 -34.59
C GLY V 22 24.68 -71.87 -34.79
N CYS V 23 23.86 -72.05 -33.75
CA CYS V 23 22.62 -72.81 -33.90
C CYS V 23 21.75 -72.16 -34.93
N MET V 24 21.50 -70.87 -34.73
CA MET V 24 20.67 -70.12 -35.64
C MET V 24 21.14 -70.40 -37.06
N ASP V 25 22.44 -70.27 -37.27
CA ASP V 25 23.03 -70.51 -38.58
C ASP V 25 22.75 -71.91 -39.10
N GLU V 26 22.68 -72.88 -38.19
CA GLU V 26 22.46 -74.27 -38.56
C GLU V 26 20.99 -74.70 -38.62
N HIS V 27 20.16 -74.08 -37.79
CA HIS V 27 18.75 -74.46 -37.70
C HIS V 27 17.68 -73.45 -38.13
N GLU V 28 18.00 -72.17 -38.18
CA GLU V 28 16.99 -71.19 -38.55
C GLU V 28 16.46 -71.35 -39.97
N LEU V 29 17.36 -71.52 -40.94
CA LEU V 29 16.94 -71.69 -42.35
C LEU V 29 17.09 -73.11 -42.88
N ASN V 30 17.40 -74.07 -42.01
CA ASN V 30 17.55 -75.44 -42.47
C ASN V 30 16.58 -76.38 -41.75
N GLU V 31 16.26 -77.49 -42.42
CA GLU V 31 15.39 -78.52 -41.87
C GLU V 31 16.21 -79.78 -41.92
N TRP V 32 16.24 -80.54 -40.83
CA TRP V 32 17.02 -81.78 -40.80
C TRP V 32 16.09 -82.95 -40.49
N PRO V 33 15.51 -83.56 -41.54
CA PRO V 33 14.59 -84.69 -41.48
C PRO V 33 14.97 -85.78 -40.48
N GLY V 34 14.10 -85.98 -39.49
CA GLY V 34 14.35 -87.00 -38.49
C GLY V 34 14.93 -86.48 -37.19
N TYR V 35 15.44 -85.24 -37.21
CA TYR V 35 16.03 -84.65 -36.01
C TYR V 35 15.23 -83.44 -35.54
N THR V 36 15.11 -82.44 -36.40
CA THR V 36 14.39 -81.23 -36.06
C THR V 36 14.04 -80.42 -37.31
N ALA V 37 12.94 -79.67 -37.22
CA ALA V 37 12.50 -78.81 -38.31
C ALA V 37 13.23 -77.49 -38.08
N SER V 38 12.95 -76.50 -38.93
CA SER V 38 13.60 -75.21 -38.80
C SER V 38 13.27 -74.53 -37.47
N MET V 39 14.30 -74.03 -36.81
CA MET V 39 14.19 -73.34 -35.53
C MET V 39 13.34 -72.07 -35.66
N GLN V 40 12.77 -71.61 -34.56
CA GLN V 40 11.95 -70.40 -34.56
C GLN V 40 12.71 -69.20 -33.97
N ARG V 41 12.61 -68.06 -34.65
CA ARG V 41 13.27 -66.83 -34.20
C ARG V 41 12.86 -66.43 -32.80
N GLY V 42 13.84 -66.18 -31.95
CA GLY V 42 13.57 -65.79 -30.58
C GLY V 42 13.87 -66.92 -29.61
N HIS V 43 13.96 -68.14 -30.13
CA HIS V 43 14.24 -69.33 -29.31
C HIS V 43 15.71 -69.40 -28.92
N ARG V 44 15.98 -69.97 -27.74
CA ARG V 44 17.34 -70.10 -27.26
C ARG V 44 17.73 -71.52 -26.87
N TRP V 45 17.85 -72.41 -27.86
CA TRP V 45 18.25 -73.79 -27.58
C TRP V 45 19.58 -73.67 -26.84
N MET V 46 20.34 -72.65 -27.23
CA MET V 46 21.62 -72.33 -26.63
C MET V 46 21.34 -71.07 -25.83
N ASN V 47 21.22 -71.22 -24.52
CA ASN V 47 20.90 -70.08 -23.66
C ASN V 47 22.12 -69.68 -22.84
N ILE V 48 22.63 -68.46 -23.07
CA ILE V 48 23.79 -68.00 -22.32
C ILE V 48 23.36 -67.09 -21.16
N GLU V 49 23.46 -67.61 -19.93
CA GLU V 49 23.07 -66.84 -18.75
C GLU V 49 24.17 -65.86 -18.33
N ARG V 50 23.75 -64.68 -17.91
CA ARG V 50 24.67 -63.62 -17.49
C ARG V 50 24.43 -63.28 -16.03
N ARG V 51 25.50 -63.16 -15.26
CA ARG V 51 25.34 -62.81 -13.85
C ARG V 51 26.40 -61.87 -13.29
N GLU V 52 25.97 -60.66 -12.96
CA GLU V 52 26.84 -59.66 -12.36
C GLU V 52 26.91 -59.92 -10.86
N ARG V 53 28.05 -59.61 -10.25
CA ARG V 53 28.23 -59.80 -8.81
C ARG V 53 28.94 -58.61 -8.16
N GLY V 54 28.66 -58.39 -6.88
CA GLY V 54 29.27 -57.29 -6.16
C GLY V 54 28.74 -55.93 -6.56
N THR V 55 29.39 -54.88 -6.10
CA THR V 55 28.97 -53.52 -6.42
C THR V 55 30.17 -52.68 -6.82
N TYR V 56 29.95 -51.70 -7.70
CA TYR V 56 31.02 -50.81 -8.16
C TYR V 56 31.78 -50.33 -6.93
N PRO V 57 33.12 -50.23 -7.02
CA PRO V 57 33.99 -50.53 -8.16
C PRO V 57 34.68 -51.90 -8.10
N ARG V 58 34.20 -52.78 -7.24
CA ARG V 58 34.81 -54.10 -7.11
C ARG V 58 33.88 -55.22 -7.54
N ASN V 59 33.25 -55.03 -8.70
CA ASN V 59 32.30 -55.98 -9.26
C ASN V 59 32.93 -56.79 -10.38
N ASP V 60 32.29 -57.92 -10.71
CA ASP V 60 32.76 -58.76 -11.80
C ASP V 60 31.54 -59.37 -12.49
N ILE V 61 31.78 -60.16 -13.53
CA ILE V 61 30.66 -60.76 -14.23
C ILE V 61 31.08 -62.06 -14.90
N ASN V 62 30.20 -63.05 -14.87
CA ASN V 62 30.51 -64.33 -15.47
C ASN V 62 29.32 -64.82 -16.28
N TYR V 63 29.60 -65.66 -17.27
CA TYR V 63 28.54 -66.17 -18.13
C TYR V 63 28.52 -67.69 -18.16
N ARG V 64 27.35 -68.26 -18.41
CA ARG V 64 27.21 -69.71 -18.44
C ARG V 64 26.42 -70.20 -19.66
N PRO V 65 27.11 -70.67 -20.69
CA PRO V 65 26.45 -71.17 -21.90
C PRO V 65 25.62 -72.39 -21.49
N THR V 66 24.30 -72.32 -21.71
CA THR V 66 23.46 -73.43 -21.30
C THR V 66 22.66 -74.11 -22.40
N PRO V 67 23.23 -75.16 -23.00
CA PRO V 67 22.50 -75.85 -24.07
C PRO V 67 21.60 -76.84 -23.32
N CYS V 68 21.14 -77.87 -24.01
CA CYS V 68 20.31 -78.86 -23.33
C CYS V 68 21.28 -79.83 -22.68
N MET V 69 20.96 -80.27 -21.46
CA MET V 69 21.84 -81.16 -20.70
C MET V 69 21.97 -82.62 -21.14
N HIS V 70 21.03 -83.12 -21.93
CA HIS V 70 21.05 -84.52 -22.38
C HIS V 70 21.42 -85.42 -21.21
N CYS V 71 20.79 -85.20 -20.07
CA CYS V 71 21.06 -85.97 -18.87
C CYS V 71 20.72 -87.46 -19.01
N GLU V 72 21.53 -88.30 -18.39
CA GLU V 72 21.38 -89.76 -18.45
C GLU V 72 20.02 -90.27 -17.96
N ASN V 73 19.41 -89.51 -17.06
CA ASN V 73 18.12 -89.86 -16.48
C ASN V 73 17.14 -88.74 -16.87
N ALA V 74 16.92 -88.59 -18.17
CA ALA V 74 16.04 -87.56 -18.71
C ALA V 74 14.57 -87.63 -18.28
N PRO V 75 14.07 -86.57 -17.62
CA PRO V 75 12.69 -86.46 -17.14
C PRO V 75 11.66 -86.48 -18.27
N CYS V 76 11.87 -85.63 -19.28
CA CYS V 76 10.94 -85.55 -20.40
C CYS V 76 11.00 -86.77 -21.32
N VAL V 77 11.92 -87.68 -21.04
CA VAL V 77 12.03 -88.89 -21.84
C VAL V 77 11.21 -89.95 -21.10
N ALA V 78 10.96 -89.69 -19.82
CA ALA V 78 10.19 -90.60 -18.96
C ALA V 78 8.72 -90.22 -19.00
N LYS V 79 8.46 -88.93 -19.18
CA LYS V 79 7.10 -88.42 -19.21
C LYS V 79 6.75 -87.93 -20.61
N GLY V 80 7.62 -88.22 -21.57
CA GLY V 80 7.41 -87.79 -22.95
C GLY V 80 6.43 -88.68 -23.68
N ASN V 81 6.30 -89.93 -23.22
CA ASN V 81 5.40 -90.91 -23.81
C ASN V 81 5.84 -91.34 -25.21
N GLY V 82 7.15 -91.35 -25.45
CA GLY V 82 7.67 -91.73 -26.75
C GLY V 82 8.01 -90.54 -27.64
N ALA V 83 7.49 -89.37 -27.30
CA ALA V 83 7.75 -88.16 -28.07
C ALA V 83 9.20 -87.70 -27.93
N VAL V 84 9.92 -88.31 -26.98
CA VAL V 84 11.32 -87.99 -26.73
C VAL V 84 12.06 -89.30 -26.42
N TYR V 85 13.12 -89.60 -27.17
CA TYR V 85 13.88 -90.83 -26.96
C TYR V 85 15.34 -90.57 -26.61
N GLN V 86 16.02 -91.62 -26.15
CA GLN V 86 17.43 -91.53 -25.78
C GLN V 86 18.26 -92.47 -26.66
N ARG V 87 19.33 -91.97 -27.24
CA ARG V 87 20.18 -92.78 -28.10
C ARG V 87 21.32 -93.40 -27.31
N GLU V 88 21.94 -94.43 -27.86
CA GLU V 88 23.05 -95.12 -27.19
C GLU V 88 24.25 -94.23 -26.88
N ASP V 89 24.40 -93.16 -27.66
CA ASP V 89 25.51 -92.24 -27.45
C ASP V 89 25.16 -91.17 -26.42
N GLY V 90 24.00 -91.34 -25.79
CA GLY V 90 23.57 -90.40 -24.77
C GLY V 90 22.69 -89.25 -25.24
N ILE V 91 22.72 -88.95 -26.52
CA ILE V 91 21.94 -87.85 -27.08
C ILE V 91 20.43 -88.02 -26.94
N VAL V 92 19.78 -87.04 -26.33
CA VAL V 92 18.34 -87.05 -26.14
C VAL V 92 17.72 -86.22 -27.27
N LEU V 93 16.82 -86.83 -28.04
CA LEU V 93 16.18 -86.14 -29.17
C LEU V 93 14.67 -86.25 -29.21
N ILE V 94 14.00 -85.12 -29.44
CA ILE V 94 12.55 -85.09 -29.54
C ILE V 94 12.19 -85.64 -30.91
N ASP V 95 11.11 -86.41 -31.01
CA ASP V 95 10.69 -86.95 -32.30
C ASP V 95 9.89 -85.86 -33.01
N PRO V 96 10.45 -85.30 -34.10
CA PRO V 96 9.83 -84.23 -34.89
C PRO V 96 8.35 -84.43 -35.20
N GLU V 97 7.97 -85.66 -35.56
CA GLU V 97 6.59 -85.97 -35.91
C GLU V 97 5.75 -86.38 -34.71
N LYS V 98 6.28 -87.28 -33.88
CA LYS V 98 5.56 -87.76 -32.71
C LYS V 98 5.20 -86.66 -31.70
N ALA V 99 6.11 -85.71 -31.50
CA ALA V 99 5.89 -84.63 -30.54
C ALA V 99 5.01 -83.47 -31.03
N LYS V 100 4.49 -83.58 -32.26
CA LYS V 100 3.64 -82.51 -32.82
C LYS V 100 2.31 -82.32 -32.09
N GLY V 101 2.00 -81.07 -31.78
CA GLY V 101 0.75 -80.75 -31.10
C GLY V 101 0.75 -80.85 -29.59
N LYS V 102 1.87 -81.31 -29.02
CA LYS V 102 1.97 -81.48 -27.57
C LYS V 102 2.78 -80.41 -26.84
N LYS V 103 2.13 -79.33 -26.43
CA LYS V 103 2.82 -78.25 -25.72
C LYS V 103 3.24 -78.71 -24.32
N GLU V 104 2.68 -79.83 -23.87
CA GLU V 104 2.96 -80.36 -22.55
C GLU V 104 4.39 -80.82 -22.28
N LEU V 105 5.12 -81.20 -23.33
CA LEU V 105 6.50 -81.66 -23.16
C LEU V 105 7.40 -80.57 -22.57
N LEU V 106 6.98 -79.32 -22.69
CA LEU V 106 7.76 -78.20 -22.18
C LEU V 106 7.73 -78.11 -20.66
N ASP V 107 6.78 -78.82 -20.04
CA ASP V 107 6.64 -78.80 -18.58
C ASP V 107 7.40 -79.94 -17.91
N THR V 108 7.98 -80.82 -18.72
CA THR V 108 8.72 -81.96 -18.19
C THR V 108 10.20 -81.67 -18.00
N CYS V 109 10.67 -80.54 -18.53
CA CYS V 109 12.08 -80.17 -18.42
C CYS V 109 12.42 -79.39 -17.16
N PRO V 110 13.27 -79.97 -16.30
CA PRO V 110 13.70 -79.32 -15.05
C PRO V 110 14.61 -78.13 -15.34
N TYR V 111 15.09 -78.05 -16.57
CA TYR V 111 15.98 -76.98 -16.99
C TYR V 111 15.26 -75.97 -17.89
N GLY V 112 14.10 -76.38 -18.43
CA GLY V 112 13.32 -75.50 -19.29
C GLY V 112 14.10 -75.02 -20.51
N VAL V 113 14.76 -75.96 -21.18
CA VAL V 113 15.56 -75.65 -22.36
C VAL V 113 14.78 -75.74 -23.67
N MET V 114 13.62 -76.39 -23.66
CA MET V 114 12.85 -76.53 -24.89
C MET V 114 11.80 -75.44 -25.15
N TYR V 115 11.60 -75.15 -26.42
CA TYR V 115 10.65 -74.12 -26.84
C TYR V 115 9.56 -74.67 -27.75
N TRP V 116 8.45 -73.93 -27.82
CA TRP V 116 7.32 -74.33 -28.65
C TRP V 116 7.29 -73.56 -29.97
N ASN V 117 7.54 -74.25 -31.08
CA ASN V 117 7.51 -73.62 -32.39
C ASN V 117 6.05 -73.50 -32.83
N GLU V 118 5.54 -72.28 -32.85
CA GLU V 118 4.15 -72.01 -33.22
C GLU V 118 3.79 -72.59 -34.58
N GLU V 119 4.43 -72.09 -35.63
CA GLU V 119 4.16 -72.52 -36.99
C GLU V 119 4.30 -74.04 -37.18
N GLU V 120 5.30 -74.62 -36.54
CA GLU V 120 5.53 -76.06 -36.64
C GLU V 120 4.60 -76.86 -35.72
N ASN V 121 4.00 -76.16 -34.76
CA ASN V 121 3.11 -76.79 -33.78
C ASN V 121 3.79 -77.99 -33.14
N VAL V 122 4.99 -77.77 -32.64
CA VAL V 122 5.76 -78.83 -32.00
C VAL V 122 6.81 -78.20 -31.10
N ALA V 123 7.23 -78.96 -30.09
CA ALA V 123 8.26 -78.47 -29.18
C ALA V 123 9.63 -78.79 -29.78
N GLN V 124 10.52 -77.82 -29.73
CA GLN V 124 11.87 -77.99 -30.26
C GLN V 124 12.87 -77.61 -29.18
N LYS V 125 14.08 -78.14 -29.31
CA LYS V 125 15.13 -77.84 -28.36
C LYS V 125 16.48 -78.26 -28.92
N CYS V 126 17.46 -78.36 -28.04
CA CYS V 126 18.82 -78.74 -28.43
C CYS V 126 18.93 -80.19 -28.90
N THR V 127 19.67 -80.41 -29.98
CA THR V 127 19.86 -81.75 -30.54
C THR V 127 21.32 -82.14 -30.58
N MET V 128 22.20 -81.21 -30.18
CA MET V 128 23.63 -81.46 -30.21
C MET V 128 24.03 -81.75 -31.66
N CYS V 129 23.27 -81.17 -32.58
CA CYS V 129 23.42 -81.36 -34.04
C CYS V 129 23.76 -82.80 -34.33
N ALA V 130 22.92 -83.69 -33.80
CA ALA V 130 23.13 -85.11 -34.00
C ALA V 130 23.31 -85.37 -35.50
N HIS V 131 22.61 -84.59 -36.32
CA HIS V 131 22.70 -84.73 -37.76
C HIS V 131 24.12 -84.50 -38.28
N LEU V 132 24.88 -83.64 -37.59
CA LEU V 132 26.26 -83.35 -37.97
C LEU V 132 27.18 -84.44 -37.42
N LEU V 133 26.92 -84.87 -36.19
CA LEU V 133 27.73 -85.91 -35.57
C LEU V 133 27.53 -87.25 -36.25
N ASP V 134 26.35 -87.48 -36.81
CA ASP V 134 26.06 -88.74 -37.50
C ASP V 134 26.60 -88.73 -38.93
N ASP V 135 27.38 -87.71 -39.26
CA ASP V 135 27.92 -87.59 -40.61
C ASP V 135 29.45 -87.48 -40.65
N GLU V 136 30.07 -88.32 -41.48
CA GLU V 136 31.52 -88.33 -41.63
C GLU V 136 32.00 -87.06 -42.33
N SER V 137 31.21 -86.61 -43.31
CA SER V 137 31.55 -85.40 -44.07
C SER V 137 31.88 -84.22 -43.17
N TRP V 138 31.24 -84.16 -42.00
CA TRP V 138 31.48 -83.08 -41.05
C TRP V 138 32.80 -83.34 -40.34
N ALA V 139 33.88 -82.89 -40.96
CA ALA V 139 35.22 -83.08 -40.42
C ALA V 139 35.37 -82.63 -38.97
N PRO V 140 34.84 -81.45 -38.61
CA PRO V 140 34.94 -80.97 -37.23
C PRO V 140 34.49 -81.96 -36.16
N LYS V 141 33.60 -82.89 -36.54
CA LYS V 141 33.09 -83.90 -35.62
C LYS V 141 32.78 -83.36 -34.22
N MET V 142 32.17 -82.19 -34.17
CA MET V 142 31.80 -81.55 -32.91
C MET V 142 30.64 -80.61 -33.22
N PRO V 143 29.80 -80.31 -32.21
CA PRO V 143 28.66 -79.41 -32.38
C PRO V 143 29.07 -78.06 -32.94
N ARG V 144 28.10 -77.30 -33.41
CA ARG V 144 28.36 -75.99 -33.97
C ARG V 144 28.92 -74.99 -32.96
N CYS V 145 28.24 -74.78 -31.83
CA CYS V 145 28.78 -73.80 -30.89
C CYS V 145 30.17 -74.13 -30.40
N ALA V 146 30.45 -75.42 -30.20
CA ALA V 146 31.76 -75.83 -29.74
C ALA V 146 32.78 -75.45 -30.79
N HIS V 147 32.41 -75.67 -32.05
CA HIS V 147 33.28 -75.38 -33.17
C HIS V 147 33.42 -73.87 -33.43
N ASN V 148 32.36 -73.12 -33.15
CA ASN V 148 32.37 -71.69 -33.36
C ASN V 148 33.12 -70.91 -32.27
N CYS V 149 33.49 -71.56 -31.16
CA CYS V 149 34.22 -70.85 -30.10
C CYS V 149 35.54 -70.33 -30.55
N GLY V 150 35.87 -69.13 -30.08
CA GLY V 150 37.15 -68.52 -30.38
C GLY V 150 37.79 -68.24 -29.02
N SER V 151 37.12 -68.65 -27.95
CA SER V 151 37.61 -68.44 -26.60
C SER V 151 37.95 -69.74 -25.85
N PHE V 152 38.00 -70.85 -26.57
CA PHE V 152 38.33 -72.17 -26.02
C PHE V 152 37.53 -72.55 -24.77
N VAL V 153 36.22 -72.37 -24.84
CA VAL V 153 35.35 -72.69 -23.71
C VAL V 153 34.91 -74.16 -23.74
N TYR V 154 34.58 -74.66 -24.92
CA TYR V 154 34.11 -76.04 -25.05
C TYR V 154 35.20 -77.07 -25.23
N GLU V 155 34.86 -78.29 -24.81
CA GLU V 155 35.74 -79.44 -24.90
C GLU V 155 34.85 -80.63 -25.20
N PHE V 156 34.53 -80.81 -26.48
CA PHE V 156 33.65 -81.89 -26.92
C PHE V 156 34.41 -83.22 -27.04
N LEU V 157 33.88 -84.26 -26.42
CA LEU V 157 34.52 -85.56 -26.48
C LEU V 157 33.56 -86.74 -26.50
N LYS V 158 34.11 -87.92 -26.76
CA LYS V 158 33.32 -89.15 -26.83
C LYS V 158 34.16 -90.28 -26.28
N THR V 159 33.87 -90.66 -25.02
CA THR V 159 34.58 -91.74 -24.36
C THR V 159 33.61 -92.53 -23.48
N THR V 160 34.12 -93.47 -22.70
CA THR V 160 33.27 -94.26 -21.83
C THR V 160 32.97 -93.52 -20.54
N PRO V 161 31.85 -93.84 -19.88
CA PRO V 161 31.47 -93.19 -18.63
C PRO V 161 32.56 -93.34 -17.57
N GLU V 162 33.29 -94.46 -17.63
CA GLU V 162 34.37 -94.71 -16.70
C GLU V 162 35.41 -93.62 -16.87
N ALA V 163 35.67 -93.28 -18.13
CA ALA V 163 36.64 -92.25 -18.48
C ALA V 163 36.15 -90.86 -18.09
N MET V 164 34.92 -90.54 -18.50
CA MET V 164 34.35 -89.24 -18.18
C MET V 164 34.29 -89.04 -16.66
N ALA V 165 33.80 -90.05 -15.95
CA ALA V 165 33.68 -89.98 -14.49
C ALA V 165 35.03 -89.67 -13.85
N LYS V 166 36.10 -90.23 -14.41
CA LYS V 166 37.44 -90.00 -13.90
C LYS V 166 37.87 -88.55 -14.13
N LYS V 167 37.60 -88.05 -15.34
CA LYS V 167 37.95 -86.70 -15.73
C LYS V 167 37.26 -85.70 -14.80
N VAL V 168 36.00 -85.99 -14.49
CA VAL V 168 35.20 -85.14 -13.62
C VAL V 168 35.86 -84.96 -12.26
N GLU V 169 36.42 -86.05 -11.73
CA GLU V 169 37.07 -86.02 -10.43
C GLU V 169 38.39 -85.25 -10.40
N GLU V 170 39.22 -85.44 -11.42
CA GLU V 170 40.50 -84.74 -11.48
C GLU V 170 40.35 -83.24 -11.71
N GLU V 171 39.41 -82.87 -12.58
CA GLU V 171 39.18 -81.48 -12.91
C GLU V 171 37.99 -80.84 -12.20
N GLY V 172 37.55 -81.48 -11.12
CA GLY V 172 36.42 -80.96 -10.36
C GLY V 172 35.28 -80.41 -11.19
N LEU V 173 34.78 -81.22 -12.12
CA LEU V 173 33.67 -80.80 -12.97
C LEU V 173 32.37 -80.86 -12.20
N GLU V 174 31.39 -80.07 -12.62
CA GLU V 174 30.10 -80.05 -11.95
C GLU V 174 28.94 -79.90 -12.94
N VAL V 175 27.70 -80.00 -12.45
CA VAL V 175 26.52 -79.86 -13.28
C VAL V 175 25.50 -78.95 -12.61
N ILE V 176 24.57 -78.44 -13.41
CA ILE V 176 23.52 -77.54 -12.92
C ILE V 176 22.38 -78.32 -12.28
N LYS V 177 21.82 -77.78 -11.20
CA LYS V 177 20.72 -78.42 -10.49
C LYS V 177 20.99 -79.90 -10.23
N PRO V 178 22.13 -80.22 -9.59
CA PRO V 178 22.49 -81.60 -9.29
C PRO V 178 21.45 -82.32 -8.45
N GLU V 179 20.85 -81.59 -7.51
CA GLU V 179 19.83 -82.15 -6.63
C GLU V 179 18.72 -82.87 -7.41
N LEU V 180 18.59 -82.53 -8.69
CA LEU V 180 17.57 -83.14 -9.52
C LEU V 180 18.00 -84.58 -9.86
N GLY V 181 19.31 -84.79 -9.86
CA GLY V 181 19.84 -86.11 -10.15
C GLY V 181 19.44 -86.66 -11.52
N THR V 182 19.46 -85.79 -12.53
CA THR V 182 19.12 -86.20 -13.89
C THR V 182 20.39 -86.64 -14.59
N LYS V 183 21.53 -86.24 -14.01
CA LYS V 183 22.85 -86.57 -14.51
C LYS V 183 23.15 -86.10 -15.92
N PRO V 184 23.18 -84.77 -16.14
CA PRO V 184 23.45 -84.17 -17.46
C PRO V 184 24.81 -84.62 -17.99
N ARG V 185 24.98 -84.61 -19.31
CA ARG V 185 26.25 -84.99 -19.91
C ARG V 185 27.01 -83.74 -20.34
N VAL V 186 26.58 -82.60 -19.80
CA VAL V 186 27.20 -81.31 -20.06
C VAL V 186 27.71 -80.80 -18.71
N TYR V 187 29.03 -80.84 -18.53
CA TYR V 187 29.62 -80.41 -17.29
C TYR V 187 30.14 -78.98 -17.32
N TYR V 188 30.45 -78.46 -16.13
CA TYR V 188 30.94 -77.10 -15.99
C TYR V 188 32.21 -77.00 -15.17
N LYS V 189 33.19 -76.32 -15.76
CA LYS V 189 34.48 -76.07 -15.15
C LYS V 189 34.38 -74.66 -14.56
N ASN V 190 34.84 -74.49 -13.33
CA ASN V 190 34.78 -73.19 -12.66
C ASN V 190 33.36 -72.67 -12.60
N LEU V 191 32.44 -73.50 -12.15
CA LEU V 191 31.03 -73.11 -12.05
C LEU V 191 30.84 -72.14 -10.89
N TYR V 192 31.74 -72.19 -9.91
CA TYR V 192 31.66 -71.31 -8.75
C TYR V 192 31.58 -69.84 -9.22
N ARG V 193 32.18 -69.57 -10.38
CA ARG V 193 32.17 -68.22 -10.94
C ARG V 193 30.75 -67.72 -11.15
N PHE V 194 29.85 -68.64 -11.52
CA PHE V 194 28.47 -68.30 -11.79
C PHE V 194 27.50 -68.57 -10.64
N GLU V 195 27.80 -69.55 -9.81
CA GLU V 195 26.90 -69.89 -8.71
C GLU V 195 27.30 -69.39 -7.33
N LYS V 196 28.60 -69.28 -7.08
CA LYS V 196 29.08 -68.84 -5.78
C LYS V 196 29.26 -67.34 -5.65
N ASN V 197 29.82 -66.94 -4.50
CA ASN V 197 30.04 -65.53 -4.21
C ASN V 197 31.42 -65.31 -3.62
N TYR V 198 31.76 -64.04 -3.40
CA TYR V 198 33.06 -63.69 -2.87
C TYR V 198 32.98 -62.42 -2.03
N VAL V 199 34.12 -62.09 -1.41
CA VAL V 199 34.26 -60.89 -0.58
C VAL V 199 35.61 -60.30 -0.96
N THR V 200 35.65 -58.98 -1.15
CA THR V 200 36.88 -58.31 -1.53
C THR V 200 37.00 -56.96 -0.84
N ALA V 201 38.19 -56.35 -0.89
CA ALA V 201 38.39 -55.04 -0.26
C ALA V 201 39.79 -54.52 -0.54
N GLY V 202 40.01 -53.25 -0.25
CA GLY V 202 41.31 -52.63 -0.46
C GLY V 202 41.90 -52.19 0.88
N ILE V 203 43.13 -52.62 1.16
CA ILE V 203 43.79 -52.27 2.42
C ILE V 203 44.77 -51.11 2.22
N LEU V 204 44.54 -50.02 2.96
CA LEU V 204 45.39 -48.85 2.90
C LEU V 204 46.09 -48.54 4.21
N VAL V 205 47.40 -48.39 4.16
CA VAL V 205 48.18 -48.04 5.32
C VAL V 205 48.65 -46.61 5.06
N GLN V 206 48.26 -45.70 5.93
CA GLN V 206 48.61 -44.29 5.80
C GLN V 206 48.15 -43.74 4.45
N GLY V 207 46.93 -44.07 4.06
CA GLY V 207 46.37 -43.59 2.82
C GLY V 207 46.90 -44.14 1.51
N ASP V 208 47.66 -45.23 1.54
CA ASP V 208 48.20 -45.84 0.33
C ASP V 208 48.02 -47.36 0.27
N CYS V 209 47.73 -47.86 -0.92
CA CYS V 209 47.53 -49.30 -1.14
C CYS V 209 48.70 -50.08 -0.55
N PHE V 210 48.41 -50.98 0.37
CA PHE V 210 49.45 -51.77 1.03
C PHE V 210 49.57 -53.17 0.47
N GLU V 211 50.75 -53.50 -0.03
CA GLU V 211 51.00 -54.83 -0.60
C GLU V 211 51.64 -55.76 0.43
N GLY V 212 51.24 -57.02 0.43
CA GLY V 212 51.79 -57.98 1.36
C GLY V 212 51.01 -58.16 2.64
N ALA V 213 49.90 -57.43 2.78
CA ALA V 213 49.09 -57.58 3.98
C ALA V 213 48.59 -59.02 3.99
N LYS V 214 48.57 -59.64 5.16
CA LYS V 214 48.11 -61.01 5.29
C LYS V 214 46.62 -61.04 5.66
N VAL V 215 45.80 -61.64 4.80
CA VAL V 215 44.37 -61.72 5.05
C VAL V 215 43.94 -63.17 5.21
N VAL V 216 43.03 -63.40 6.15
CA VAL V 216 42.55 -64.74 6.43
C VAL V 216 41.03 -64.73 6.56
N LEU V 217 40.37 -65.73 5.98
CA LEU V 217 38.92 -65.82 6.07
C LEU V 217 38.55 -67.02 6.93
N LYS V 218 37.57 -66.83 7.80
CA LYS V 218 37.14 -67.90 8.70
C LYS V 218 35.62 -67.98 8.82
N SER V 219 35.15 -69.17 9.13
CA SER V 219 33.72 -69.42 9.34
C SER V 219 33.63 -70.25 10.61
N GLY V 220 32.72 -69.88 11.50
CA GLY V 220 32.59 -70.61 12.73
C GLY V 220 33.77 -70.28 13.63
N GLY V 221 34.98 -70.57 13.15
CA GLY V 221 36.17 -70.28 13.93
C GLY V 221 37.46 -70.71 13.26
N LYS V 222 37.37 -71.67 12.34
CA LYS V 222 38.57 -72.16 11.64
C LYS V 222 38.77 -71.49 10.28
N GLU V 223 40.04 -71.37 9.90
CA GLU V 223 40.41 -70.75 8.62
C GLU V 223 39.81 -71.45 7.42
N VAL V 224 39.27 -70.65 6.50
CA VAL V 224 38.65 -71.17 5.28
C VAL V 224 39.52 -70.84 4.06
N ALA V 225 40.14 -69.67 4.11
CA ALA V 225 40.99 -69.21 3.03
C ALA V 225 41.93 -68.14 3.55
N SER V 226 42.98 -67.86 2.78
CA SER V 226 43.96 -66.86 3.16
C SER V 226 44.70 -66.38 1.93
N ALA V 227 45.27 -65.18 2.01
CA ALA V 227 46.02 -64.62 0.91
C ALA V 227 46.77 -63.38 1.37
N GLU V 228 47.40 -62.70 0.43
CA GLU V 228 48.13 -61.47 0.72
C GLU V 228 47.74 -60.44 -0.32
N THR V 229 47.52 -59.22 0.12
CA THR V 229 47.13 -58.14 -0.77
C THR V 229 48.15 -57.92 -1.88
N ASN V 230 47.67 -57.56 -3.06
CA ASN V 230 48.54 -57.29 -4.21
C ASN V 230 48.97 -55.82 -4.11
N PHE V 231 49.63 -55.29 -5.14
CA PHE V 231 50.09 -53.91 -5.07
C PHE V 231 48.98 -52.87 -4.99
N PHE V 232 47.73 -53.31 -5.11
CA PHE V 232 46.60 -52.40 -4.99
C PHE V 232 46.05 -52.60 -3.57
N GLY V 233 46.67 -53.55 -2.86
CA GLY V 233 46.24 -53.87 -1.50
C GLY V 233 44.93 -54.63 -1.46
N GLU V 234 44.56 -55.28 -2.56
CA GLU V 234 43.30 -56.02 -2.61
C GLU V 234 43.42 -57.52 -2.50
N PHE V 235 42.35 -58.14 -2.02
CA PHE V 235 42.27 -59.59 -1.86
C PHE V 235 40.87 -59.96 -2.31
N LYS V 236 40.69 -61.19 -2.78
CA LYS V 236 39.38 -61.63 -3.24
C LYS V 236 39.18 -63.13 -3.01
N PHE V 237 38.33 -63.46 -2.04
CA PHE V 237 38.04 -64.85 -1.70
C PHE V 237 36.79 -65.27 -2.45
N ASP V 238 36.95 -66.09 -3.49
CA ASP V 238 35.80 -66.53 -4.29
C ASP V 238 35.39 -67.96 -3.94
N ALA V 239 34.37 -68.45 -4.63
CA ALA V 239 33.87 -69.80 -4.41
C ALA V 239 33.38 -70.02 -2.98
N LEU V 240 32.64 -69.04 -2.46
CA LEU V 240 32.10 -69.09 -1.11
C LEU V 240 30.61 -69.41 -1.11
N ASP V 241 30.18 -70.22 -0.15
CA ASP V 241 28.78 -70.55 -0.03
C ASP V 241 28.18 -69.49 0.88
N ASN V 242 26.87 -69.53 1.06
CA ASN V 242 26.22 -68.56 1.92
C ASN V 242 26.62 -68.81 3.37
N GLY V 243 26.38 -67.83 4.24
CA GLY V 243 26.74 -68.01 5.63
C GLY V 243 27.53 -66.83 6.18
N GLU V 244 27.89 -66.92 7.46
CA GLU V 244 28.63 -65.87 8.11
C GLU V 244 30.13 -66.17 8.21
N TYR V 245 30.95 -65.25 7.70
CA TYR V 245 32.39 -65.42 7.74
C TYR V 245 33.02 -64.28 8.53
N THR V 246 34.31 -64.44 8.84
CA THR V 246 35.04 -63.41 9.55
C THR V 246 36.33 -63.15 8.77
N VAL V 247 36.63 -61.88 8.55
CA VAL V 247 37.84 -61.53 7.82
C VAL V 247 38.82 -60.88 8.78
N GLU V 248 40.04 -61.39 8.79
CA GLU V 248 41.08 -60.88 9.65
C GLU V 248 42.24 -60.39 8.78
N ILE V 249 42.73 -59.20 9.12
CA ILE V 249 43.81 -58.60 8.36
C ILE V 249 44.97 -58.18 9.26
N ASP V 250 46.18 -58.27 8.73
CA ASP V 250 47.37 -57.91 9.47
C ASP V 250 48.41 -57.32 8.53
N ALA V 251 48.71 -56.03 8.72
CA ALA V 251 49.69 -55.34 7.88
C ALA V 251 50.52 -54.43 8.75
N ASP V 252 51.84 -54.56 8.67
CA ASP V 252 52.75 -53.73 9.46
C ASP V 252 52.63 -54.05 10.95
N GLY V 253 51.90 -55.11 11.28
CA GLY V 253 51.72 -55.46 12.67
C GLY V 253 50.43 -54.89 13.20
N LYS V 254 49.78 -54.07 12.39
CA LYS V 254 48.49 -53.48 12.75
C LYS V 254 47.39 -54.42 12.29
N SER V 255 46.58 -54.91 13.22
CA SER V 255 45.52 -55.85 12.87
C SER V 255 44.15 -55.20 12.69
N TYR V 256 43.31 -55.87 11.92
CA TYR V 256 41.96 -55.39 11.65
C TYR V 256 41.09 -56.61 11.36
N SER V 257 39.88 -56.63 11.93
CA SER V 257 38.99 -57.76 11.67
C SER V 257 37.55 -57.30 11.59
N ASP V 258 36.72 -58.10 10.92
CA ASP V 258 35.32 -57.77 10.77
C ASP V 258 34.51 -58.99 10.35
N THR V 259 33.22 -58.97 10.65
CA THR V 259 32.33 -60.08 10.31
C THR V 259 31.66 -59.72 9.00
N VAL V 260 31.48 -60.71 8.14
CA VAL V 260 30.85 -60.46 6.84
C VAL V 260 29.89 -61.58 6.48
N VAL V 261 28.70 -61.20 6.02
CA VAL V 261 27.68 -62.17 5.66
C VAL V 261 27.48 -62.33 4.16
N ILE V 262 27.40 -63.57 3.70
CA ILE V 262 27.20 -63.87 2.29
C ILE V 262 25.81 -64.50 2.09
N ASP V 263 24.89 -63.75 1.51
CA ASP V 263 23.55 -64.26 1.28
C ASP V 263 23.15 -64.11 -0.20
N ASP V 264 23.73 -64.98 -1.02
CA ASP V 264 23.48 -65.01 -2.46
C ASP V 264 24.00 -63.76 -3.18
N LYS V 265 24.94 -63.07 -2.53
CA LYS V 265 25.54 -61.87 -3.07
C LYS V 265 27.01 -61.78 -2.69
N SER V 266 27.79 -61.06 -3.48
CA SER V 266 29.21 -60.87 -3.20
C SER V 266 29.35 -59.52 -2.51
N VAL V 267 30.28 -59.42 -1.58
CA VAL V 267 30.48 -58.20 -0.82
C VAL V 267 31.80 -57.48 -0.99
N ASP V 268 31.74 -56.16 -1.05
CA ASP V 268 32.92 -55.32 -1.15
C ASP V 268 32.97 -54.49 0.12
N LEU V 269 33.94 -54.79 0.99
CA LEU V 269 34.09 -54.08 2.25
C LEU V 269 34.65 -52.67 2.07
N GLY V 270 34.97 -52.31 0.83
CA GLY V 270 35.51 -50.98 0.56
C GLY V 270 36.98 -50.78 0.90
N PHE V 271 37.34 -49.56 1.30
CA PHE V 271 38.71 -49.22 1.67
C PHE V 271 38.92 -49.38 3.17
N ILE V 272 39.77 -50.33 3.56
CA ILE V 272 40.06 -50.54 4.98
C ILE V 272 41.32 -49.73 5.31
N LYS V 273 41.17 -48.73 6.16
CA LYS V 273 42.31 -47.88 6.50
C LYS V 273 43.02 -48.32 7.78
N LEU V 274 44.29 -48.66 7.62
CA LEU V 274 45.13 -49.10 8.73
C LEU V 274 46.27 -48.12 9.01
N MET W 1 45.75 -77.06 44.78
CA MET W 1 45.04 -76.98 46.09
C MET W 1 45.67 -75.95 47.02
N GLY W 2 46.62 -75.16 46.51
CA GLY W 2 47.26 -74.15 47.34
C GLY W 2 48.24 -73.23 46.66
N GLU W 3 48.79 -72.31 47.43
CA GLU W 3 49.76 -71.33 46.93
C GLU W 3 51.19 -71.87 46.97
N VAL W 4 52.12 -71.09 46.41
CA VAL W 4 53.53 -71.47 46.37
C VAL W 4 54.31 -70.78 47.49
N VAL W 5 54.91 -71.58 48.37
CA VAL W 5 55.67 -71.06 49.50
C VAL W 5 57.18 -71.22 49.27
N ARG W 6 57.96 -70.25 49.73
CA ARG W 6 59.41 -70.33 49.57
C ARG W 6 60.07 -70.82 50.87
N LEU W 7 60.45 -72.10 50.88
CA LEU W 7 61.10 -72.71 52.05
C LEU W 7 62.61 -72.68 51.92
N THR W 8 63.30 -73.20 52.93
CA THR W 8 64.76 -73.25 52.91
C THR W 8 65.28 -74.63 53.29
N ASN W 9 66.42 -74.99 52.68
CA ASN W 9 67.09 -76.25 52.95
C ASN W 9 68.51 -76.12 52.40
N SER W 10 69.25 -77.23 52.33
CA SER W 10 70.60 -77.15 51.81
C SER W 10 71.08 -78.48 51.27
N SER W 11 72.35 -78.52 50.87
CA SER W 11 72.92 -79.74 50.31
C SER W 11 74.43 -79.72 50.43
N THR W 12 75.05 -80.77 49.92
CA THR W 12 76.50 -80.88 49.92
C THR W 12 76.95 -80.02 48.74
N GLY W 13 76.01 -79.26 48.19
CA GLY W 13 76.31 -78.39 47.06
C GLY W 13 75.98 -76.94 47.30
N GLY W 14 75.47 -76.61 48.49
CA GLY W 14 75.14 -75.24 48.80
C GLY W 14 73.71 -74.99 49.29
N PRO W 15 73.45 -73.83 49.91
CA PRO W 15 72.14 -73.42 50.45
C PRO W 15 71.13 -73.26 49.33
N VAL W 16 69.87 -73.58 49.58
CA VAL W 16 68.86 -73.46 48.53
C VAL W 16 67.50 -72.96 48.99
N PHE W 17 66.90 -72.11 48.15
CA PHE W 17 65.56 -71.58 48.38
C PHE W 17 64.68 -72.57 47.62
N VAL W 18 63.89 -73.35 48.35
CA VAL W 18 63.02 -74.36 47.76
C VAL W 18 61.56 -73.91 47.67
N TYR W 19 60.97 -74.08 46.49
CA TYR W 19 59.57 -73.70 46.28
C TYR W 19 58.70 -74.94 46.25
N VAL W 20 57.70 -74.97 47.13
CA VAL W 20 56.80 -76.11 47.24
C VAL W 20 55.34 -75.73 47.04
N LYS W 21 54.59 -76.63 46.43
CA LYS W 21 53.18 -76.41 46.19
C LYS W 21 52.39 -77.70 46.30
N ASP W 22 51.47 -77.73 47.27
CA ASP W 22 50.62 -78.89 47.50
C ASP W 22 51.41 -80.18 47.74
N GLY W 23 52.38 -80.11 48.66
CA GLY W 23 53.18 -81.27 48.99
C GLY W 23 54.13 -81.72 47.90
N LYS W 24 54.54 -80.78 47.04
CA LYS W 24 55.45 -81.12 45.95
C LYS W 24 56.47 -80.00 45.76
N ILE W 25 57.67 -80.37 45.33
CA ILE W 25 58.73 -79.40 45.09
C ILE W 25 58.68 -78.93 43.64
N ILE W 26 58.63 -77.61 43.45
CA ILE W 26 58.57 -77.01 42.12
C ILE W 26 59.97 -76.76 41.56
N ARG W 27 60.85 -76.26 42.43
CA ARG W 27 62.21 -75.97 42.00
C ARG W 27 63.10 -75.65 43.19
N MET W 28 64.40 -75.59 42.93
CA MET W 28 65.40 -75.26 43.96
C MET W 28 66.34 -74.26 43.32
N THR W 29 66.69 -73.20 44.05
CA THR W 29 67.57 -72.18 43.50
C THR W 29 68.55 -71.62 44.53
N PRO W 30 69.52 -70.81 44.07
CA PRO W 30 70.51 -70.20 44.97
C PRO W 30 69.77 -69.28 45.94
N MET W 31 70.51 -68.57 46.78
CA MET W 31 69.90 -67.68 47.75
C MET W 31 70.25 -66.20 47.54
N ASP W 32 69.21 -65.38 47.45
CA ASP W 32 69.35 -63.97 47.33
C ASP W 32 69.36 -63.29 48.68
N PHE W 33 70.19 -62.32 48.90
CA PHE W 33 70.23 -61.66 50.20
C PHE W 33 69.31 -60.44 50.22
N ASP W 34 68.47 -60.35 51.25
CA ASP W 34 67.55 -59.24 51.44
C ASP W 34 68.30 -58.19 52.26
N ASP W 35 68.98 -57.29 51.58
CA ASP W 35 69.76 -56.24 52.24
C ASP W 35 69.01 -55.52 53.35
N ALA W 36 67.70 -55.72 53.40
CA ALA W 36 66.89 -55.05 54.42
C ALA W 36 66.88 -55.84 55.74
N VAL W 37 67.24 -57.12 55.67
CA VAL W 37 67.27 -57.96 56.87
C VAL W 37 68.52 -58.82 56.98
N ASP W 38 69.43 -58.68 56.01
CA ASP W 38 70.67 -59.45 56.02
C ASP W 38 71.92 -58.58 56.10
N ALA W 39 72.73 -58.84 57.12
CA ALA W 39 73.96 -58.09 57.39
C ALA W 39 74.82 -57.85 56.16
N PRO W 40 75.39 -56.63 56.04
CA PRO W 40 76.24 -56.27 54.91
C PRO W 40 77.46 -57.18 54.83
N SER W 41 78.08 -57.25 53.66
CA SER W 41 79.23 -58.12 53.45
C SER W 41 80.57 -57.47 53.75
N TRP W 42 81.61 -58.29 53.82
CA TRP W 42 82.95 -57.81 54.09
C TRP W 42 83.53 -57.02 52.93
N LYS W 43 84.63 -56.33 53.19
CA LYS W 43 85.32 -55.53 52.19
C LYS W 43 86.81 -55.74 52.33
N ILE W 44 87.54 -55.54 51.24
CA ILE W 44 88.99 -55.68 51.25
C ILE W 44 89.61 -54.60 50.37
N GLU W 45 90.44 -53.76 50.97
CA GLU W 45 91.10 -52.70 50.22
C GLU W 45 92.51 -53.18 49.88
N ALA W 46 92.73 -53.47 48.61
CA ALA W 46 94.04 -53.93 48.15
C ALA W 46 94.39 -53.36 46.78
N ARG W 47 95.65 -52.99 46.63
CA ARG W 47 96.17 -52.44 45.39
C ARG W 47 95.29 -51.40 44.70
N GLY W 48 94.86 -50.40 45.46
CA GLY W 48 94.04 -49.34 44.91
C GLY W 48 92.64 -49.72 44.48
N LYS W 49 92.15 -50.88 44.94
CA LYS W 49 90.81 -51.32 44.59
C LYS W 49 90.07 -51.87 45.80
N THR W 50 88.74 -51.78 45.77
CA THR W 50 87.91 -52.29 46.84
C THR W 50 87.26 -53.57 46.34
N PHE W 51 87.30 -54.62 47.16
CA PHE W 51 86.70 -55.88 46.76
C PHE W 51 85.60 -56.29 47.73
N THR W 52 84.42 -56.57 47.19
CA THR W 52 83.28 -56.99 48.00
C THR W 52 82.60 -58.11 47.22
N PRO W 53 82.14 -59.16 47.92
CA PRO W 53 81.47 -60.30 47.30
C PRO W 53 80.03 -60.08 46.86
N PRO W 54 79.50 -61.00 46.03
CA PRO W 54 78.12 -60.92 45.53
C PRO W 54 77.14 -61.15 46.66
N ARG W 55 76.09 -60.33 46.70
CA ARG W 55 75.04 -60.46 47.71
C ARG W 55 74.21 -61.70 47.38
N LYS W 56 74.89 -62.83 47.24
CA LYS W 56 74.20 -64.07 46.89
C LYS W 56 75.08 -65.28 47.16
N THR W 57 74.47 -66.47 47.21
CA THR W 57 75.19 -67.71 47.41
C THR W 57 75.15 -68.45 46.09
N SER W 58 75.95 -69.52 45.97
CA SER W 58 75.96 -70.28 44.73
C SER W 58 75.74 -71.76 45.02
N ILE W 59 75.43 -72.52 43.97
CA ILE W 59 75.20 -73.94 44.11
C ILE W 59 76.00 -74.70 43.07
N ALA W 60 76.11 -76.02 43.27
CA ALA W 60 76.86 -76.85 42.33
C ALA W 60 75.91 -77.59 41.40
N PRO W 61 76.42 -78.09 40.27
CA PRO W 61 75.63 -78.82 39.27
C PRO W 61 74.70 -79.88 39.86
N TYR W 62 75.28 -80.83 40.60
CA TYR W 62 74.52 -81.92 41.20
C TYR W 62 73.40 -81.47 42.13
N THR W 63 73.49 -80.24 42.62
CA THR W 63 72.47 -79.68 43.51
C THR W 63 71.42 -78.98 42.66
N ALA W 64 71.89 -78.29 41.63
CA ALA W 64 71.01 -77.58 40.71
C ALA W 64 69.93 -78.50 40.16
N GLY W 65 70.24 -79.78 40.06
CA GLY W 65 69.27 -80.74 39.56
C GLY W 65 68.96 -81.82 40.58
N PHE W 66 69.19 -81.50 41.86
CA PHE W 66 68.96 -82.46 42.93
C PHE W 66 67.54 -83.01 42.96
N LYS W 67 66.57 -82.20 42.54
CA LYS W 67 65.18 -82.63 42.56
C LYS W 67 64.98 -83.95 41.84
N SER W 68 65.78 -84.20 40.80
CA SER W 68 65.67 -85.45 40.05
C SER W 68 66.18 -86.65 40.84
N MET W 69 66.83 -86.38 41.97
CA MET W 69 67.33 -87.47 42.81
C MET W 69 66.27 -87.84 43.84
N ILE W 70 65.57 -86.82 44.34
CA ILE W 70 64.51 -87.02 45.33
C ILE W 70 63.37 -87.84 44.75
N TYR W 71 62.94 -87.48 43.55
CA TYR W 71 61.83 -88.16 42.88
C TYR W 71 62.31 -89.25 41.92
N SER W 72 63.58 -89.65 42.07
CA SER W 72 64.18 -90.69 41.23
C SER W 72 63.37 -91.98 41.35
N ASP W 73 63.30 -92.74 40.26
CA ASP W 73 62.56 -94.00 40.28
C ASP W 73 63.42 -95.16 40.77
N LEU W 74 64.69 -94.88 41.05
CA LEU W 74 65.60 -95.91 41.55
C LEU W 74 65.59 -95.81 43.07
N ARG W 75 64.85 -94.82 43.54
CA ARG W 75 64.68 -94.55 44.97
C ARG W 75 64.08 -95.81 45.58
N ILE W 76 64.70 -96.36 46.63
CA ILE W 76 64.16 -97.55 47.26
C ILE W 76 62.75 -97.18 47.69
N PRO W 77 61.73 -97.89 47.18
CA PRO W 77 60.32 -97.64 47.48
C PRO W 77 59.83 -98.10 48.85
N TYR W 78 60.42 -99.17 49.38
CA TYR W 78 59.99 -99.68 50.66
C TYR W 78 60.86 -100.83 51.13
N PRO W 79 60.68 -101.28 52.38
CA PRO W 79 61.48 -102.39 52.89
C PRO W 79 61.45 -103.57 51.92
N MET W 80 62.63 -104.05 51.56
CA MET W 80 62.74 -105.18 50.64
C MET W 80 63.44 -106.33 51.35
N LYS W 81 63.30 -107.53 50.80
CA LYS W 81 63.92 -108.72 51.37
C LYS W 81 64.35 -109.69 50.27
N ARG W 82 65.51 -110.30 50.44
CA ARG W 82 66.03 -111.25 49.47
C ARG W 82 65.18 -112.50 49.58
N LYS W 83 64.50 -112.85 48.49
CA LYS W 83 63.64 -114.02 48.44
C LYS W 83 64.37 -115.30 48.80
N SER W 84 65.62 -115.42 48.34
CA SER W 84 66.42 -116.61 48.60
C SER W 84 67.00 -116.68 50.02
N PHE W 85 66.72 -115.65 50.82
CA PHE W 85 67.22 -115.59 52.19
C PHE W 85 66.16 -115.97 53.22
N ASP W 86 66.33 -117.10 53.88
CA ASP W 86 65.39 -117.52 54.91
C ASP W 86 66.09 -117.55 56.27
N PRO W 87 65.87 -116.52 57.09
CA PRO W 87 66.46 -116.37 58.43
C PRO W 87 66.52 -117.65 59.24
N ASN W 88 65.44 -118.41 59.23
CA ASN W 88 65.39 -119.67 59.98
C ASN W 88 65.53 -120.91 59.11
N GLY W 89 66.25 -120.77 57.99
CA GLY W 89 66.46 -121.90 57.11
C GLY W 89 67.65 -121.63 56.22
N GLU W 90 67.54 -122.00 54.95
CA GLU W 90 68.64 -121.77 54.01
C GLU W 90 68.82 -120.28 53.80
N ARG W 91 70.01 -119.78 54.11
CA ARG W 91 70.29 -118.36 53.95
C ARG W 91 70.88 -118.10 52.57
N ASN W 92 71.43 -119.15 51.96
CA ASN W 92 72.02 -119.05 50.64
C ASN W 92 72.88 -117.79 50.46
N PRO W 93 74.02 -117.72 51.17
CA PRO W 93 74.91 -116.57 51.09
C PRO W 93 75.47 -116.43 49.68
N GLN W 94 75.53 -117.56 48.97
CA GLN W 94 76.05 -117.60 47.61
C GLN W 94 75.14 -116.96 46.57
N LEU W 95 73.93 -116.59 46.98
CA LEU W 95 73.01 -115.99 46.03
C LEU W 95 72.83 -114.48 46.16
N ARG W 96 73.61 -113.86 47.04
CA ARG W 96 73.52 -112.42 47.19
C ARG W 96 74.06 -111.87 45.88
N GLY W 97 73.38 -110.91 45.29
CA GLY W 97 73.84 -110.36 44.03
C GLY W 97 73.48 -111.20 42.80
N ALA W 98 72.92 -112.38 43.01
CA ALA W 98 72.53 -113.24 41.89
C ALA W 98 71.81 -112.45 40.81
N GLY W 99 70.73 -111.78 41.20
CA GLY W 99 69.96 -110.99 40.26
C GLY W 99 70.81 -109.98 39.52
N LEU W 100 71.90 -109.54 40.17
CA LEU W 100 72.80 -108.57 39.56
C LEU W 100 73.69 -109.29 38.54
N SER W 101 73.84 -110.60 38.72
CA SER W 101 74.65 -111.40 37.81
C SER W 101 73.87 -111.72 36.53
N LYS W 102 72.55 -111.75 36.64
CA LYS W 102 71.72 -112.04 35.47
C LYS W 102 71.14 -110.72 34.98
N GLN W 103 71.84 -109.64 35.28
CA GLN W 103 71.46 -108.29 34.86
C GLN W 103 69.99 -107.97 35.15
N ASP W 104 69.53 -108.34 36.34
CA ASP W 104 68.14 -108.11 36.74
C ASP W 104 68.09 -108.03 38.27
N PRO W 105 68.69 -106.98 38.85
CA PRO W 105 68.78 -106.69 40.28
C PRO W 105 67.49 -106.76 41.09
N TRP W 106 66.47 -106.03 40.64
CA TRP W 106 65.21 -105.99 41.36
C TRP W 106 64.56 -107.35 41.60
N SER W 107 64.62 -108.24 40.61
CA SER W 107 64.00 -109.56 40.72
C SER W 107 64.42 -110.33 41.97
N ASP W 108 65.52 -109.94 42.58
CA ASP W 108 66.01 -110.62 43.78
C ASP W 108 65.22 -110.30 45.05
N TYR W 109 64.45 -109.22 45.04
CA TYR W 109 63.73 -108.82 46.25
C TYR W 109 62.21 -108.76 46.23
N GLU W 110 61.62 -109.09 47.37
CA GLU W 110 60.17 -109.07 47.58
C GLU W 110 59.90 -107.96 48.60
N ARG W 111 58.64 -107.53 48.70
CA ARG W 111 58.28 -106.46 49.64
C ARG W 111 57.90 -106.96 51.03
N ILE W 112 58.16 -106.13 52.04
CA ILE W 112 57.80 -106.46 53.41
C ILE W 112 57.55 -105.17 54.18
N SER W 113 56.93 -105.27 55.35
CA SER W 113 56.64 -104.09 56.15
C SER W 113 57.82 -103.72 57.03
N TRP W 114 57.79 -102.50 57.56
CA TRP W 114 58.84 -102.04 58.44
C TRP W 114 58.85 -102.94 59.67
N ASP W 115 57.66 -103.33 60.12
CA ASP W 115 57.50 -104.17 61.30
C ASP W 115 58.19 -105.52 61.15
N GLU W 116 58.04 -106.15 59.99
CA GLU W 116 58.68 -107.45 59.77
C GLU W 116 60.17 -107.29 59.47
N ALA W 117 60.51 -106.20 58.79
CA ALA W 117 61.90 -105.92 58.44
C ALA W 117 62.72 -105.71 59.71
N THR W 118 62.27 -104.79 60.57
CA THR W 118 62.99 -104.52 61.80
C THR W 118 62.97 -105.70 62.77
N ASP W 119 61.94 -106.53 62.70
CA ASP W 119 61.85 -107.69 63.58
C ASP W 119 62.96 -108.70 63.23
N ILE W 120 63.24 -108.82 61.93
CA ILE W 120 64.26 -109.73 61.44
C ILE W 120 65.68 -109.29 61.83
N VAL W 121 65.95 -107.99 61.69
CA VAL W 121 67.26 -107.44 62.03
C VAL W 121 67.50 -107.55 63.54
N VAL W 122 66.48 -107.24 64.33
CA VAL W 122 66.59 -107.33 65.79
C VAL W 122 66.88 -108.76 66.20
N ALA W 123 66.21 -109.71 65.57
CA ALA W 123 66.42 -111.12 65.88
C ALA W 123 67.88 -111.50 65.59
N GLU W 124 68.40 -111.03 64.47
CA GLU W 124 69.78 -111.33 64.09
C GLU W 124 70.74 -110.66 65.09
N ILE W 125 70.56 -109.35 65.26
CA ILE W 125 71.37 -108.56 66.16
C ILE W 125 71.50 -109.19 67.55
N ASN W 126 70.38 -109.60 68.14
CA ASN W 126 70.41 -110.20 69.48
C ASN W 126 70.95 -111.61 69.50
N ARG W 127 70.69 -112.37 68.45
CA ARG W 127 71.18 -113.75 68.38
C ARG W 127 72.70 -113.74 68.36
N ILE W 128 73.26 -112.80 67.61
CA ILE W 128 74.70 -112.67 67.47
C ILE W 128 75.38 -112.12 68.73
N LYS W 129 74.79 -111.09 69.34
CA LYS W 129 75.37 -110.50 70.54
C LYS W 129 75.49 -111.50 71.67
N HIS W 130 74.53 -112.42 71.78
CA HIS W 130 74.54 -113.43 72.83
C HIS W 130 75.40 -114.65 72.50
N ALA W 131 75.80 -114.77 71.24
CA ALA W 131 76.63 -115.90 70.85
C ALA W 131 78.07 -115.50 70.55
N TYR W 132 78.27 -114.27 70.08
CA TYR W 132 79.61 -113.79 69.72
C TYR W 132 79.95 -112.41 70.28
N GLY W 133 78.94 -111.68 70.76
CA GLY W 133 79.18 -110.36 71.30
C GLY W 133 78.99 -109.28 70.26
N PRO W 134 78.90 -108.00 70.67
CA PRO W 134 78.72 -106.85 69.80
C PRO W 134 79.74 -106.71 68.67
N SER W 135 80.96 -107.18 68.91
CA SER W 135 82.02 -107.07 67.90
C SER W 135 81.74 -107.91 66.66
N ALA W 136 80.77 -108.82 66.76
CA ALA W 136 80.43 -109.67 65.62
C ALA W 136 79.60 -108.89 64.58
N ILE W 137 79.07 -107.75 64.99
CA ILE W 137 78.26 -106.90 64.10
C ILE W 137 79.10 -105.82 63.43
N LEU W 138 79.50 -106.07 62.18
CA LEU W 138 80.28 -105.12 61.42
C LEU W 138 79.34 -104.09 60.81
N SER W 139 79.75 -102.83 60.79
CA SER W 139 78.91 -101.80 60.23
C SER W 139 79.76 -100.64 59.77
N THR W 140 79.26 -99.90 58.79
CA THR W 140 80.00 -98.76 58.27
C THR W 140 79.25 -97.98 57.20
N PRO W 141 79.23 -96.64 57.32
CA PRO W 141 78.55 -95.79 56.34
C PRO W 141 79.62 -95.47 55.32
N SER W 142 79.74 -94.22 54.94
CA SER W 142 80.77 -93.83 53.99
C SER W 142 81.22 -92.43 54.28
N SER W 143 82.23 -91.98 53.54
CA SER W 143 82.78 -90.66 53.75
C SER W 143 81.78 -89.52 53.71
N HIS W 144 80.87 -89.53 52.74
CA HIS W 144 79.92 -88.44 52.66
C HIS W 144 78.47 -88.74 52.96
N HIS W 145 77.71 -87.68 53.19
CA HIS W 145 76.33 -87.85 53.60
C HIS W 145 75.43 -86.68 53.19
N MET W 146 74.12 -86.93 53.17
CA MET W 146 73.16 -85.87 52.84
C MET W 146 73.46 -84.76 53.84
N TRP W 147 73.41 -83.50 53.41
CA TRP W 147 73.68 -82.38 54.31
C TRP W 147 72.69 -82.37 55.47
N GLY W 148 73.13 -81.87 56.62
CA GLY W 148 72.27 -81.82 57.79
C GLY W 148 73.08 -82.26 58.99
N ASN W 149 73.44 -81.31 59.85
CA ASN W 149 74.24 -81.61 61.03
C ASN W 149 73.67 -82.66 61.98
N VAL W 150 72.44 -82.49 62.43
CA VAL W 150 71.86 -83.46 63.33
C VAL W 150 71.69 -84.83 62.69
N GLY W 151 71.30 -84.85 61.43
CA GLY W 151 71.10 -86.12 60.76
C GLY W 151 72.38 -86.74 60.22
N TYR W 152 73.47 -85.98 60.21
CA TYR W 152 74.73 -86.49 59.68
C TYR W 152 75.21 -87.77 60.39
N ARG W 153 76.01 -88.56 59.69
CA ARG W 153 76.53 -89.82 60.23
C ARG W 153 77.31 -89.71 61.54
N HIS W 154 77.92 -88.55 61.80
CA HIS W 154 78.67 -88.33 63.03
C HIS W 154 77.71 -88.20 64.22
N SER W 155 76.50 -87.73 63.93
CA SER W 155 75.48 -87.52 64.95
C SER W 155 74.56 -88.70 65.21
N THR W 156 73.58 -88.89 64.32
CA THR W 156 72.60 -89.96 64.46
C THR W 156 73.12 -91.40 64.35
N TYR W 157 73.90 -91.69 63.31
CA TYR W 157 74.43 -93.03 63.11
C TYR W 157 75.21 -93.47 64.34
N PHE W 158 76.17 -92.66 64.76
CA PHE W 158 76.99 -92.98 65.93
C PHE W 158 76.19 -93.09 67.22
N ARG W 159 75.31 -92.11 67.48
CA ARG W 159 74.50 -92.16 68.69
C ARG W 159 73.77 -93.49 68.83
N PHE W 160 73.28 -94.02 67.71
CA PHE W 160 72.57 -95.29 67.72
C PHE W 160 73.48 -96.52 67.74
N MET W 161 74.46 -96.55 66.83
CA MET W 161 75.32 -97.72 66.75
C MET W 161 76.13 -97.92 68.02
N ASN W 162 76.44 -96.82 68.69
CA ASN W 162 77.21 -96.87 69.93
C ASN W 162 76.48 -97.59 71.04
N MET W 163 75.15 -97.55 71.00
CA MET W 163 74.33 -98.23 72.00
C MET W 163 73.91 -99.62 71.56
N MET W 164 74.23 -99.96 70.31
CA MET W 164 73.84 -101.25 69.76
C MET W 164 74.96 -102.29 69.63
N GLY W 165 76.06 -101.91 68.97
CA GLY W 165 77.17 -102.83 68.78
C GLY W 165 78.47 -102.25 69.30
N PHE W 166 79.55 -102.32 68.53
CA PHE W 166 79.59 -102.89 67.18
C PHE W 166 81.03 -102.72 66.69
N THR W 167 81.43 -103.48 65.68
CA THR W 167 82.78 -103.36 65.12
C THR W 167 82.70 -102.38 63.95
N TYR W 168 83.37 -101.25 64.09
CA TYR W 168 83.38 -100.23 63.06
C TYR W 168 84.46 -100.48 62.01
N ALA W 169 84.13 -100.18 60.76
CA ALA W 169 85.09 -100.30 59.67
C ALA W 169 85.50 -98.87 59.47
N ASP W 170 86.42 -98.40 60.32
CA ASP W 170 86.88 -97.03 60.25
C ASP W 170 87.38 -96.67 58.86
N HIS W 171 87.32 -95.38 58.53
CA HIS W 171 87.75 -94.92 57.22
C HIS W 171 89.20 -94.46 57.12
N ASN W 172 89.81 -94.80 55.98
CA ASN W 172 91.17 -94.39 55.69
C ASN W 172 91.02 -92.91 55.38
N PRO W 173 92.03 -92.09 55.71
CA PRO W 173 91.88 -90.66 55.42
C PRO W 173 92.02 -90.40 53.92
N ASP W 174 91.08 -90.96 53.15
CA ASP W 174 91.05 -90.83 51.69
C ASP W 174 91.44 -89.47 51.12
N SER W 175 90.74 -88.42 51.54
CA SER W 175 91.01 -87.07 51.04
C SER W 175 92.41 -86.53 51.35
N TRP W 176 93.00 -87.00 52.45
CA TRP W 176 94.31 -86.53 52.88
C TRP W 176 95.48 -87.45 52.57
N GLU W 177 95.21 -88.75 52.48
CA GLU W 177 96.22 -89.78 52.22
C GLU W 177 97.69 -89.34 52.29
N GLY W 178 98.16 -88.68 51.24
CA GLY W 178 99.54 -88.23 51.19
C GLY W 178 99.94 -87.29 52.31
N TRP W 179 99.08 -86.33 52.63
CA TRP W 179 99.36 -85.38 53.69
C TRP W 179 99.21 -86.05 55.05
N HIS W 180 98.44 -87.13 55.10
CA HIS W 180 98.22 -87.84 56.35
C HIS W 180 99.34 -88.79 56.71
N TRP W 181 99.60 -89.77 55.84
CA TRP W 181 100.66 -90.74 56.09
C TRP W 181 102.05 -90.23 55.70
N GLY W 182 102.10 -89.02 55.14
CA GLY W 182 103.39 -88.46 54.74
C GLY W 182 103.70 -87.08 55.25
N GLY W 183 103.04 -86.07 54.70
CA GLY W 183 103.27 -84.70 55.11
C GLY W 183 103.20 -84.43 56.59
N MET W 184 102.36 -85.17 57.29
CA MET W 184 102.18 -85.00 58.74
C MET W 184 103.50 -85.09 59.49
N HIS W 185 104.35 -86.02 59.07
CA HIS W 185 105.65 -86.23 59.70
C HIS W 185 106.64 -85.11 59.35
N MET W 186 106.29 -84.29 58.37
CA MET W 186 107.18 -83.22 57.94
C MET W 186 106.89 -81.89 58.64
N TRP W 187 105.62 -81.61 58.90
CA TRP W 187 105.25 -80.36 59.56
C TRP W 187 104.08 -80.48 60.54
N GLY W 188 103.74 -81.71 60.91
CA GLY W 188 102.66 -81.91 61.85
C GLY W 188 101.27 -81.65 61.30
N PHE W 189 100.53 -80.74 61.94
CA PHE W 189 99.16 -80.43 61.55
C PHE W 189 98.31 -81.70 61.61
N SER W 190 98.57 -82.56 62.59
CA SER W 190 97.80 -83.80 62.73
C SER W 190 96.30 -83.54 62.82
N TRP W 191 95.92 -82.42 63.43
CA TRP W 191 94.50 -82.08 63.60
C TRP W 191 93.80 -81.63 62.31
N ARG W 192 94.57 -81.48 61.23
CA ARG W 192 94.01 -81.10 59.94
C ARG W 192 94.41 -82.25 59.04
N LEU W 193 94.78 -83.34 59.69
CA LEU W 193 95.20 -84.57 59.02
C LEU W 193 96.30 -84.33 57.98
N GLY W 194 97.08 -83.27 58.20
CA GLY W 194 98.17 -82.98 57.28
C GLY W 194 98.05 -81.72 56.44
N ASN W 195 96.83 -81.25 56.21
CA ASN W 195 96.65 -80.03 55.42
C ASN W 195 97.09 -78.83 56.23
N PRO W 196 97.38 -77.71 55.55
CA PRO W 196 97.80 -76.51 56.27
C PRO W 196 96.67 -75.60 56.71
N GLU W 197 97.03 -74.68 57.57
CA GLU W 197 96.15 -73.66 58.12
C GLU W 197 95.86 -72.72 56.92
N GLN W 198 94.78 -71.96 56.95
CA GLN W 198 94.47 -71.07 55.82
C GLN W 198 93.88 -69.70 56.14
N TYR W 199 93.71 -69.40 57.42
CA TYR W 199 93.12 -68.12 57.84
C TYR W 199 93.63 -66.85 57.18
N ASP W 200 92.72 -65.90 56.97
CA ASP W 200 93.03 -64.59 56.40
C ASP W 200 93.96 -64.53 55.18
N LEU W 201 93.95 -65.57 54.35
CA LEU W 201 94.81 -65.57 53.17
C LEU W 201 94.27 -64.77 51.98
N LEU W 202 92.94 -64.60 51.89
CA LEU W 202 92.36 -63.87 50.77
C LEU W 202 92.91 -62.46 50.65
N GLU W 203 92.88 -61.70 51.73
CA GLU W 203 93.39 -60.33 51.70
C GLU W 203 94.89 -60.28 51.46
N ASP W 204 95.60 -61.32 51.89
CA ASP W 204 97.04 -61.37 51.70
C ASP W 204 97.33 -61.49 50.20
N GLY W 205 96.65 -62.43 49.56
CA GLY W 205 96.84 -62.65 48.13
C GLY W 205 96.45 -61.44 47.31
N LEU W 206 95.29 -60.86 47.59
CA LEU W 206 94.84 -59.69 46.85
C LEU W 206 95.87 -58.58 46.90
N LYS W 207 96.60 -58.52 48.02
CA LYS W 207 97.61 -57.50 48.24
C LYS W 207 99.00 -57.81 47.70
N HIS W 208 99.41 -59.08 47.77
CA HIS W 208 100.76 -59.45 47.33
C HIS W 208 100.90 -60.53 46.26
N ALA W 209 99.81 -61.16 45.83
CA ALA W 209 99.91 -62.20 44.82
C ALA W 209 100.43 -61.68 43.47
N GLU W 210 101.45 -62.35 42.95
CA GLU W 210 102.02 -61.99 41.66
C GLU W 210 101.93 -63.22 40.77
N MET W 211 101.69 -64.37 41.40
CA MET W 211 101.58 -65.63 40.70
C MET W 211 101.06 -66.75 41.61
N ILE W 212 100.30 -67.67 41.02
CA ILE W 212 99.73 -68.79 41.76
C ILE W 212 99.98 -70.09 41.00
N VAL W 213 100.51 -71.09 41.69
CA VAL W 213 100.77 -72.37 41.06
C VAL W 213 99.74 -73.38 41.51
N PHE W 214 98.81 -73.69 40.62
CA PHE W 214 97.75 -74.66 40.90
C PHE W 214 98.26 -76.06 40.58
N TRP W 215 98.78 -76.74 41.61
CA TRP W 215 99.32 -78.09 41.47
C TRP W 215 98.27 -79.10 41.96
N SER W 216 97.80 -79.96 41.04
CA SER W 216 96.79 -80.96 41.38
C SER W 216 95.59 -80.27 42.03
N SER W 217 95.25 -79.11 41.50
CA SER W 217 94.16 -78.30 42.04
C SER W 217 93.15 -77.85 40.98
N ASP W 218 91.87 -78.09 41.26
CA ASP W 218 90.76 -77.71 40.37
C ASP W 218 89.69 -76.99 41.20
N PRO W 219 89.93 -75.72 41.56
CA PRO W 219 89.01 -74.89 42.35
C PRO W 219 87.56 -74.89 41.89
N GLU W 220 87.33 -74.73 40.58
CA GLU W 220 85.97 -74.71 40.06
C GLU W 220 85.22 -76.01 40.29
N THR W 221 85.86 -77.13 39.98
CA THR W 221 85.24 -78.43 40.15
C THR W 221 84.97 -78.77 41.62
N ASN W 222 86.03 -78.86 42.41
CA ASN W 222 85.94 -79.21 43.82
C ASN W 222 85.48 -78.11 44.77
N SER W 223 85.89 -76.87 44.48
CA SER W 223 85.54 -75.70 45.30
C SER W 223 86.07 -75.90 46.71
N GLY W 224 87.04 -76.80 46.83
CA GLY W 224 87.57 -77.12 48.14
C GLY W 224 86.62 -78.22 48.54
N ILE W 225 85.41 -77.84 48.93
CA ILE W 225 84.38 -78.81 49.29
C ILE W 225 83.12 -78.12 49.78
N TYR W 226 81.97 -78.59 49.29
CA TYR W 226 80.67 -78.06 49.70
C TYR W 226 80.41 -76.59 49.38
N ALA W 227 81.28 -75.93 48.62
CA ALA W 227 81.08 -74.50 48.38
C ALA W 227 80.64 -74.01 47.00
N GLY W 228 79.94 -74.87 46.24
CA GLY W 228 79.46 -74.48 44.93
C GLY W 228 80.46 -73.74 44.05
N PHE W 229 80.26 -72.43 43.91
CA PHE W 229 81.17 -71.62 43.11
C PHE W 229 81.40 -70.30 43.81
N GLU W 230 81.73 -70.36 45.08
CA GLU W 230 81.96 -69.16 45.87
C GLU W 230 83.24 -68.41 45.51
N SER W 231 84.29 -69.15 45.19
CA SER W 231 85.59 -68.57 44.87
C SER W 231 85.83 -68.10 43.43
N ASN W 232 84.86 -68.35 42.55
CA ASN W 232 84.99 -67.96 41.15
C ASN W 232 85.40 -66.50 40.94
N ILE W 233 84.64 -65.57 41.52
CA ILE W 233 84.94 -64.16 41.37
C ILE W 233 86.27 -63.75 42.00
N ARG W 234 86.69 -64.44 43.05
CA ARG W 234 87.95 -64.13 43.72
C ARG W 234 89.11 -64.31 42.76
N ARG W 235 89.13 -65.43 42.04
CA ARG W 235 90.20 -65.68 41.08
C ARG W 235 90.04 -64.71 39.92
N GLN W 236 88.82 -64.23 39.73
CA GLN W 236 88.55 -63.27 38.67
C GLN W 236 89.28 -61.98 39.04
N TRP W 237 89.23 -61.63 40.33
CA TRP W 237 89.90 -60.43 40.81
C TRP W 237 91.40 -60.54 40.62
N LEU W 238 91.98 -61.62 41.14
CA LEU W 238 93.42 -61.83 41.02
C LEU W 238 93.80 -61.70 39.55
N LYS W 239 93.09 -62.42 38.70
CA LYS W 239 93.32 -62.39 37.26
C LYS W 239 93.32 -60.97 36.74
N ASP W 240 92.36 -60.17 37.20
CA ASP W 240 92.25 -58.78 36.78
C ASP W 240 93.28 -57.87 37.46
N LEU W 241 94.14 -58.45 38.29
CA LEU W 241 95.18 -57.69 38.98
C LEU W 241 96.55 -57.94 38.34
N GLY W 242 96.64 -58.98 37.51
CA GLY W 242 97.90 -59.29 36.86
C GLY W 242 98.56 -60.54 37.39
N VAL W 243 97.84 -61.30 38.19
CA VAL W 243 98.38 -62.54 38.75
C VAL W 243 98.33 -63.65 37.71
N ASP W 244 99.47 -64.27 37.45
CA ASP W 244 99.57 -65.37 36.49
C ASP W 244 99.18 -66.67 37.16
N PHE W 245 98.53 -67.53 36.37
CA PHE W 245 98.07 -68.82 36.85
C PHE W 245 98.73 -69.95 36.08
N VAL W 246 99.40 -70.84 36.79
CA VAL W 246 100.07 -71.99 36.18
C VAL W 246 99.43 -73.25 36.75
N PHE W 247 98.98 -74.14 35.88
CA PHE W 247 98.33 -75.38 36.31
C PHE W 247 99.16 -76.63 35.98
N ILE W 248 99.46 -77.43 37.01
CA ILE W 248 100.21 -78.68 36.86
C ILE W 248 99.25 -79.82 37.15
N ASP W 249 98.67 -80.40 36.09
CA ASP W 249 97.70 -81.48 36.21
C ASP W 249 97.79 -82.36 34.96
N PRO W 250 97.81 -83.70 35.12
CA PRO W 250 97.90 -84.57 33.95
C PRO W 250 96.76 -84.23 32.97
N HIS W 251 95.61 -83.90 33.56
CA HIS W 251 94.43 -83.53 32.80
C HIS W 251 94.24 -82.03 32.94
N MET W 252 94.06 -81.35 31.80
CA MET W 252 93.83 -79.92 31.83
C MET W 252 92.46 -79.75 32.49
N ASN W 253 92.46 -79.53 33.80
CA ASN W 253 91.21 -79.40 34.53
C ASN W 253 90.35 -78.20 34.15
N HIS W 254 89.11 -78.24 34.60
CA HIS W 254 88.11 -77.22 34.30
C HIS W 254 88.50 -75.81 34.75
N THR W 255 89.32 -75.70 35.79
CA THR W 255 89.76 -74.40 36.25
C THR W 255 90.86 -73.93 35.31
N ALA W 256 91.68 -74.87 34.85
CA ALA W 256 92.77 -74.55 33.93
C ALA W 256 92.18 -74.18 32.57
N ARG W 257 91.09 -74.83 32.21
CA ARG W 257 90.41 -74.58 30.95
C ARG W 257 89.73 -73.21 30.95
N LEU W 258 89.67 -72.58 32.12
CA LEU W 258 89.01 -71.29 32.24
C LEU W 258 89.96 -70.10 32.37
N VAL W 259 90.99 -70.23 33.20
CA VAL W 259 91.90 -69.12 33.40
C VAL W 259 93.40 -69.40 33.32
N ALA W 260 93.79 -70.54 32.77
CA ALA W 260 95.20 -70.89 32.65
C ALA W 260 96.02 -69.95 31.78
N ASP W 261 97.29 -69.79 32.14
CA ASP W 261 98.22 -68.95 31.39
C ASP W 261 99.24 -69.93 30.85
N LYS W 262 99.21 -71.14 31.43
CA LYS W 262 100.11 -72.21 31.04
C LYS W 262 99.67 -73.49 31.74
N TRP W 263 99.87 -74.62 31.10
CA TRP W 263 99.47 -75.90 31.66
C TRP W 263 100.51 -76.98 31.42
N PHE W 264 100.79 -77.75 32.49
CA PHE W 264 101.74 -78.85 32.45
C PHE W 264 100.91 -80.13 32.59
N SER W 265 101.35 -81.19 31.93
CA SER W 265 100.64 -82.46 32.03
C SER W 265 101.64 -83.56 32.33
N PRO W 266 102.02 -83.73 33.61
CA PRO W 266 102.97 -84.77 33.99
C PRO W 266 102.39 -86.19 33.95
N LYS W 267 103.22 -87.15 33.58
CA LYS W 267 102.80 -88.54 33.56
C LYS W 267 102.42 -88.88 34.99
N ILE W 268 101.51 -89.83 35.17
CA ILE W 268 101.09 -90.22 36.50
C ILE W 268 102.27 -90.68 37.37
N GLY W 269 102.14 -90.48 38.67
CA GLY W 269 103.19 -90.88 39.60
C GLY W 269 104.53 -90.20 39.37
N THR W 270 104.53 -89.01 38.78
CA THR W 270 105.78 -88.30 38.52
C THR W 270 105.82 -86.86 38.99
N ASP W 271 104.87 -86.44 39.81
CA ASP W 271 104.88 -85.05 40.27
C ASP W 271 106.08 -84.66 41.14
N HIS W 272 106.61 -85.58 41.93
CA HIS W 272 107.73 -85.22 42.79
C HIS W 272 109.04 -84.99 42.04
N ALA W 273 109.12 -85.47 40.81
CA ALA W 273 110.32 -85.26 40.01
C ALA W 273 110.41 -83.78 39.67
N LEU W 274 109.25 -83.14 39.56
CA LEU W 274 109.19 -81.72 39.24
C LEU W 274 109.54 -80.84 40.45
N SER W 275 109.07 -81.23 41.63
CA SER W 275 109.37 -80.43 42.83
C SER W 275 110.86 -80.51 43.12
N PHE W 276 111.43 -81.70 42.93
CA PHE W 276 112.86 -81.89 43.16
C PHE W 276 113.65 -81.04 42.16
N ALA W 277 113.20 -81.04 40.91
CA ALA W 277 113.87 -80.28 39.86
C ALA W 277 113.79 -78.79 40.17
N ILE W 278 112.65 -78.35 40.66
CA ILE W 278 112.47 -76.94 41.00
C ILE W 278 113.38 -76.61 42.19
N ALA W 279 113.48 -77.54 43.14
CA ALA W 279 114.33 -77.32 44.30
C ALA W 279 115.79 -77.28 43.84
N TYR W 280 116.13 -78.18 42.91
CA TYR W 280 117.48 -78.25 42.36
C TYR W 280 117.84 -76.91 41.72
N THR W 281 116.89 -76.30 41.02
CA THR W 281 117.15 -75.02 40.38
C THR W 281 117.43 -73.94 41.44
N TRP W 282 116.64 -73.96 42.50
CA TRP W 282 116.80 -72.99 43.57
C TRP W 282 118.11 -73.16 44.30
N LEU W 283 118.52 -74.40 44.51
CA LEU W 283 119.78 -74.67 45.20
C LEU W 283 120.99 -74.29 44.35
N LYS W 284 120.90 -74.57 43.06
CA LYS W 284 121.98 -74.25 42.14
C LYS W 284 122.15 -72.76 41.93
N GLU W 285 121.09 -72.00 42.16
CA GLU W 285 121.13 -70.56 41.94
C GLU W 285 120.97 -69.69 43.19
N ASP W 286 120.88 -70.34 44.35
CA ASP W 286 120.72 -69.62 45.61
C ASP W 286 119.51 -68.69 45.49
N SER W 287 118.41 -69.21 44.94
CA SER W 287 117.21 -68.40 44.78
C SER W 287 116.08 -68.84 45.71
N TYR W 288 116.36 -68.81 47.02
CA TYR W 288 115.34 -69.17 48.02
C TYR W 288 115.60 -68.39 49.31
N ASP W 289 114.70 -68.53 50.27
CA ASP W 289 114.86 -67.80 51.54
C ASP W 289 115.76 -68.56 52.50
N LYS W 290 117.06 -68.37 52.35
CA LYS W 290 118.03 -69.04 53.20
C LYS W 290 117.86 -68.80 54.70
N GLU W 291 117.59 -67.55 55.09
CA GLU W 291 117.42 -67.22 56.51
C GLU W 291 116.29 -68.04 57.12
N TYR W 292 115.15 -68.03 56.44
CA TYR W 292 113.98 -68.76 56.88
C TYR W 292 114.31 -70.25 57.03
N VAL W 293 114.93 -70.83 56.00
CA VAL W 293 115.29 -72.24 56.02
C VAL W 293 116.24 -72.60 57.17
N ALA W 294 117.18 -71.71 57.46
CA ALA W 294 118.14 -71.98 58.52
C ALA W 294 117.45 -71.94 59.89
N ALA W 295 116.35 -71.20 59.97
CA ALA W 295 115.60 -71.08 61.22
C ALA W 295 114.45 -72.07 61.39
N ASN W 296 113.70 -72.31 60.32
CA ASN W 296 112.53 -73.18 60.39
C ASN W 296 112.60 -74.55 59.71
N ALA W 297 113.80 -75.00 59.34
CA ALA W 297 113.93 -76.30 58.68
C ALA W 297 114.94 -77.20 59.38
N HIS W 298 114.66 -78.50 59.38
CA HIS W 298 115.55 -79.48 60.01
C HIS W 298 115.96 -80.56 59.01
N GLY W 299 117.24 -80.91 59.02
CA GLY W 299 117.75 -81.92 58.10
C GLY W 299 117.85 -81.39 56.68
N PHE W 300 117.84 -80.07 56.53
CA PHE W 300 117.93 -79.48 55.21
C PHE W 300 119.27 -79.76 54.52
N GLU W 301 120.37 -79.68 55.26
CA GLU W 301 121.68 -79.93 54.68
C GLU W 301 121.76 -81.28 53.97
N GLU W 302 121.39 -82.36 54.68
CA GLU W 302 121.45 -83.68 54.07
C GLU W 302 120.51 -83.81 52.89
N TRP W 303 119.33 -83.22 53.01
CA TRP W 303 118.34 -83.28 51.94
C TRP W 303 118.93 -82.60 50.70
N ALA W 304 119.42 -81.38 50.89
CA ALA W 304 120.02 -80.64 49.79
C ALA W 304 121.08 -81.49 49.08
N ASP W 305 121.92 -82.19 49.84
CA ASP W 305 122.94 -83.02 49.20
C ASP W 305 122.29 -84.14 48.39
N TYR W 306 121.12 -84.57 48.84
CA TYR W 306 120.40 -85.63 48.14
C TYR W 306 119.88 -85.10 46.81
N VAL W 307 119.43 -83.86 46.82
CA VAL W 307 118.90 -83.22 45.62
C VAL W 307 120.00 -82.97 44.59
N LEU W 308 121.15 -82.52 45.06
CA LEU W 308 122.28 -82.23 44.19
C LEU W 308 122.93 -83.50 43.64
N GLY W 309 122.42 -84.66 44.08
CA GLY W 309 122.94 -85.93 43.62
C GLY W 309 124.19 -86.45 44.31
N LYS W 310 124.56 -85.85 45.44
CA LYS W 310 125.76 -86.26 46.16
C LYS W 310 125.72 -87.62 46.83
N THR W 311 124.53 -88.14 47.12
CA THR W 311 124.46 -89.44 47.79
C THR W 311 123.91 -90.59 46.95
N ASP W 312 123.23 -90.28 45.85
CA ASP W 312 122.69 -91.35 45.01
C ASP W 312 123.32 -91.34 43.61
N GLY W 313 124.12 -90.31 43.32
CA GLY W 313 124.76 -90.20 42.03
C GLY W 313 123.81 -89.74 40.93
N THR W 314 122.70 -89.11 41.32
CA THR W 314 121.71 -88.65 40.37
C THR W 314 121.22 -87.23 40.65
N PRO W 315 121.83 -86.22 40.00
CA PRO W 315 121.38 -84.85 40.24
C PRO W 315 119.93 -84.72 39.78
N LYS W 316 119.08 -84.09 40.57
CA LYS W 316 117.68 -83.94 40.21
C LYS W 316 117.50 -82.74 39.29
N THR W 317 118.06 -82.85 38.08
CA THR W 317 117.99 -81.80 37.08
C THR W 317 116.63 -81.70 36.40
N CYS W 318 116.43 -80.59 35.69
CA CYS W 318 115.18 -80.38 34.95
C CYS W 318 115.17 -81.37 33.78
N GLU W 319 116.35 -81.65 33.23
CA GLU W 319 116.46 -82.61 32.12
C GLU W 319 116.11 -83.99 32.66
N TRP W 320 116.44 -84.23 33.92
CA TRP W 320 116.15 -85.51 34.55
C TRP W 320 114.65 -85.62 34.81
N ALA W 321 114.05 -84.52 35.26
CA ALA W 321 112.63 -84.51 35.56
C ALA W 321 111.82 -84.75 34.28
N GLU W 322 112.29 -84.18 33.16
CA GLU W 322 111.61 -84.34 31.89
C GLU W 322 111.52 -85.81 31.51
N GLU W 323 112.58 -86.55 31.81
CA GLU W 323 112.64 -87.97 31.49
C GLU W 323 111.65 -88.75 32.33
N GLU W 324 111.30 -88.22 33.49
CA GLU W 324 110.35 -88.90 34.36
C GLU W 324 108.90 -88.53 34.05
N SER W 325 108.61 -87.24 34.03
CA SER W 325 107.26 -86.73 33.81
C SER W 325 106.82 -86.45 32.38
N GLY W 326 107.78 -86.20 31.49
CA GLY W 326 107.43 -85.89 30.12
C GLY W 326 107.27 -84.38 29.93
N VAL W 327 107.45 -83.61 31.00
CA VAL W 327 107.32 -82.16 30.92
C VAL W 327 108.66 -81.55 30.51
N PRO W 328 108.66 -80.68 29.49
CA PRO W 328 109.89 -80.04 28.99
C PRO W 328 110.75 -79.40 30.08
N ALA W 329 112.02 -79.82 30.13
CA ALA W 329 112.98 -79.31 31.10
C ALA W 329 113.07 -77.78 31.06
N CYS W 330 112.93 -77.20 29.88
CA CYS W 330 113.01 -75.76 29.75
C CYS W 330 111.81 -75.06 30.39
N GLU W 331 110.70 -75.80 30.53
CA GLU W 331 109.50 -75.24 31.14
C GLU W 331 109.54 -75.42 32.65
N ILE W 332 110.22 -76.47 33.10
CA ILE W 332 110.36 -76.72 34.53
C ILE W 332 111.22 -75.61 35.12
N ARG W 333 112.37 -75.38 34.50
CA ARG W 333 113.31 -74.36 34.95
C ARG W 333 112.73 -72.96 34.86
N ALA W 334 111.97 -72.68 33.80
CA ALA W 334 111.37 -71.36 33.64
C ALA W 334 110.47 -71.05 34.83
N LEU W 335 109.68 -72.05 35.21
CA LEU W 335 108.75 -71.92 36.33
C LEU W 335 109.49 -71.65 37.63
N ALA W 336 110.53 -72.45 37.88
CA ALA W 336 111.34 -72.31 39.08
C ALA W 336 111.88 -70.91 39.26
N ARG W 337 112.52 -70.38 38.22
CA ARG W 337 113.10 -69.04 38.29
C ARG W 337 112.04 -67.97 38.49
N GLN W 338 110.89 -68.13 37.87
CA GLN W 338 109.81 -67.16 38.02
C GLN W 338 109.27 -67.26 39.45
N TRP W 339 109.11 -68.49 39.91
CA TRP W 339 108.60 -68.78 41.26
C TRP W 339 109.44 -68.11 42.35
N ALA W 340 110.76 -68.15 42.18
CA ALA W 340 111.64 -67.56 43.17
C ALA W 340 111.61 -66.04 43.22
N LYS W 341 111.55 -65.39 42.06
CA LYS W 341 111.55 -63.93 42.05
C LYS W 341 110.22 -63.21 42.27
N LYS W 342 109.10 -63.93 42.11
CA LYS W 342 107.78 -63.31 42.29
C LYS W 342 107.10 -63.76 43.58
N ASN W 343 106.19 -62.93 44.08
CA ASN W 343 105.44 -63.31 45.28
C ASN W 343 104.52 -64.41 44.82
N THR W 344 104.95 -65.66 44.99
CA THR W 344 104.18 -66.80 44.54
C THR W 344 103.53 -67.67 45.62
N TYR W 345 102.25 -67.93 45.44
CA TYR W 345 101.48 -68.78 46.35
C TYR W 345 101.35 -70.16 45.72
N LEU W 346 101.52 -71.21 46.52
CA LEU W 346 101.40 -72.57 45.99
C LEU W 346 100.03 -73.17 46.27
N ALA W 347 99.24 -73.36 45.22
CA ALA W 347 97.92 -73.93 45.37
C ALA W 347 97.97 -75.44 45.18
N ALA W 348 98.35 -76.15 46.25
CA ALA W 348 98.41 -77.62 46.21
C ALA W 348 97.04 -78.15 46.61
N GLY W 349 96.41 -78.91 45.73
CA GLY W 349 95.09 -79.44 46.03
C GLY W 349 94.05 -78.34 45.88
N GLY W 350 92.77 -78.69 45.99
CA GLY W 350 91.74 -77.68 45.85
C GLY W 350 91.36 -76.90 47.10
N LEU W 351 91.53 -77.54 48.25
CA LEU W 351 91.19 -76.94 49.53
C LEU W 351 92.31 -76.08 50.10
N GLY W 352 93.54 -76.52 49.84
CA GLY W 352 94.72 -75.88 50.40
C GLY W 352 95.13 -77.12 51.16
N GLY W 353 95.79 -78.02 50.43
CA GLY W 353 96.17 -79.30 50.98
C GLY W 353 95.31 -80.21 50.12
N TRP W 354 95.20 -81.48 50.47
CA TRP W 354 94.41 -82.41 49.67
C TRP W 354 95.02 -82.48 48.27
N GLY W 355 94.22 -82.88 47.28
CA GLY W 355 94.72 -83.00 45.92
C GLY W 355 94.66 -84.45 45.51
N GLY W 356 94.23 -84.70 44.28
CA GLY W 356 94.13 -86.07 43.81
C GLY W 356 95.50 -86.72 43.83
N ALA W 357 96.52 -85.90 43.69
CA ALA W 357 97.90 -86.37 43.70
C ALA W 357 98.25 -87.03 45.03
N CYS W 358 97.69 -86.54 46.14
CA CYS W 358 98.01 -87.12 47.43
C CYS W 358 97.53 -88.55 47.64
N ARG W 359 96.53 -88.99 46.88
CA ARG W 359 96.04 -90.36 47.03
C ARG W 359 96.40 -91.21 45.80
N ALA W 360 97.70 -91.36 45.61
CA ALA W 360 98.26 -92.13 44.51
C ALA W 360 99.52 -92.79 45.07
N SER W 361 100.14 -93.68 44.30
CA SER W 361 101.33 -94.37 44.78
C SER W 361 102.50 -93.45 45.14
N HIS W 362 102.46 -92.20 44.66
CA HIS W 362 103.51 -91.24 44.96
C HIS W 362 102.99 -90.11 45.86
N GLY W 363 101.79 -90.31 46.41
CA GLY W 363 101.17 -89.32 47.27
C GLY W 363 102.04 -88.75 48.36
N ILE W 364 102.64 -89.63 49.16
CA ILE W 364 103.51 -89.21 50.25
C ILE W 364 104.55 -88.20 49.79
N GLU W 365 105.41 -88.60 48.87
CA GLU W 365 106.45 -87.69 48.38
C GLU W 365 105.87 -86.44 47.71
N TRP W 366 104.69 -86.56 47.12
CA TRP W 366 104.10 -85.37 46.49
C TRP W 366 103.81 -84.31 47.55
N ALA W 367 103.09 -84.70 48.60
CA ALA W 367 102.77 -83.78 49.68
C ALA W 367 104.05 -83.20 50.29
N ARG W 368 105.03 -84.05 50.55
CA ARG W 368 106.29 -83.56 51.14
C ARG W 368 107.00 -82.60 50.19
N GLY W 369 106.97 -82.92 48.89
CA GLY W 369 107.60 -82.05 47.92
C GLY W 369 106.93 -80.68 47.92
N MET W 370 105.60 -80.69 48.06
CA MET W 370 104.83 -79.46 48.09
C MET W 370 105.21 -78.63 49.33
N ILE W 371 105.46 -79.32 50.44
CA ILE W 371 105.82 -78.65 51.68
C ILE W 371 107.24 -78.06 51.58
N ALA W 372 108.16 -78.84 51.01
CA ALA W 372 109.55 -78.39 50.84
C ALA W 372 109.61 -77.07 50.05
N LEU W 373 108.92 -77.04 48.91
CA LEU W 373 108.91 -75.85 48.08
C LEU W 373 108.32 -74.64 48.80
N ALA W 374 107.19 -74.84 49.48
CA ALA W 374 106.57 -73.75 50.20
C ALA W 374 107.52 -73.28 51.30
N THR W 375 108.24 -74.24 51.90
CA THR W 375 109.20 -73.95 52.95
C THR W 375 110.40 -73.15 52.44
N MET W 376 110.96 -73.59 51.32
CA MET W 376 112.12 -72.91 50.74
C MET W 376 111.81 -71.47 50.34
N GLN W 377 110.53 -71.20 50.06
CA GLN W 377 110.12 -69.85 49.69
C GLN W 377 109.68 -69.02 50.89
N GLY W 378 109.72 -69.63 52.07
CA GLY W 378 109.34 -68.93 53.29
C GLY W 378 107.85 -68.72 53.50
N MET W 379 107.08 -69.80 53.46
CA MET W 379 105.63 -69.70 53.65
C MET W 379 105.29 -69.01 54.98
N GLY W 380 104.32 -68.11 54.91
CA GLY W 380 103.92 -67.39 56.10
C GLY W 380 104.16 -65.90 55.98
N LYS W 381 105.25 -65.52 55.32
CA LYS W 381 105.55 -64.11 55.14
C LYS W 381 104.65 -63.54 54.04
N PRO W 382 104.55 -62.20 53.96
CA PRO W 382 103.72 -61.53 52.95
C PRO W 382 104.06 -61.91 51.52
N GLY W 383 103.06 -62.35 50.77
CA GLY W 383 103.28 -62.72 49.38
C GLY W 383 103.87 -64.10 49.14
N SER W 384 104.02 -64.89 50.19
CA SER W 384 104.57 -66.24 50.04
C SER W 384 103.89 -67.19 51.00
N ASN W 385 103.19 -68.19 50.46
CA ASN W 385 102.48 -69.14 51.29
C ASN W 385 101.86 -70.26 50.47
N MET W 386 101.13 -71.14 51.14
CA MET W 386 100.46 -72.22 50.45
C MET W 386 98.99 -71.83 50.50
N TRP W 387 98.46 -71.38 49.37
CA TRP W 387 97.05 -70.95 49.30
C TRP W 387 96.42 -71.42 47.99
N SER W 388 95.22 -72.00 48.08
CA SER W 388 94.54 -72.52 46.90
C SER W 388 93.42 -71.63 46.38
N THR W 389 93.37 -70.39 46.86
CA THR W 389 92.35 -69.41 46.46
C THR W 389 90.93 -69.78 46.89
N THR W 390 90.74 -70.97 47.45
CA THR W 390 89.42 -71.41 47.90
C THR W 390 89.07 -70.96 49.33
N GLN W 391 90.06 -70.95 50.21
CA GLN W 391 89.83 -70.53 51.60
C GLN W 391 90.50 -69.18 51.87
N GLY W 392 90.32 -68.67 53.09
CA GLY W 392 90.93 -67.41 53.46
C GLY W 392 90.04 -66.19 53.53
N VAL W 393 88.74 -66.35 53.29
CA VAL W 393 87.79 -65.23 53.32
C VAL W 393 87.73 -64.59 54.71
N PRO W 394 87.70 -63.24 54.77
CA PRO W 394 87.65 -62.43 55.99
C PRO W 394 86.37 -62.57 56.82
N LEU W 395 85.96 -63.80 57.11
CA LEU W 395 84.74 -64.02 57.89
C LEU W 395 85.03 -63.84 59.38
N ASP W 396 83.98 -63.88 60.19
CA ASP W 396 84.13 -63.73 61.63
C ASP W 396 84.48 -65.07 62.28
N TYR W 397 85.77 -65.29 62.47
CA TYR W 397 86.29 -66.52 63.07
C TYR W 397 85.90 -66.62 64.55
N GLU W 398 85.52 -65.50 65.13
CA GLU W 398 85.14 -65.44 66.54
C GLU W 398 83.73 -65.97 66.76
N PHE W 399 82.88 -65.88 65.74
CA PHE W 399 81.51 -66.38 65.85
C PHE W 399 81.57 -67.91 65.80
N TYR W 400 80.82 -68.59 66.66
CA TYR W 400 80.86 -70.04 66.67
C TYR W 400 79.58 -70.81 66.32
N PHE W 401 79.69 -71.68 65.32
CA PHE W 401 78.60 -72.55 64.91
C PHE W 401 79.26 -73.88 64.54
N PRO W 402 78.80 -74.99 65.13
CA PRO W 402 79.34 -76.33 64.88
C PRO W 402 79.30 -76.82 63.44
N GLY W 403 80.20 -77.75 63.13
CA GLY W 403 80.24 -78.37 61.82
C GLY W 403 79.70 -79.77 62.04
N TYR W 404 79.45 -80.53 60.98
CA TYR W 404 78.91 -81.87 61.17
C TYR W 404 79.92 -82.81 61.83
N ALA W 405 81.20 -82.55 61.59
CA ALA W 405 82.26 -83.37 62.14
C ALA W 405 82.32 -83.27 63.67
N GLU W 406 81.69 -82.24 64.22
CA GLU W 406 81.70 -82.05 65.66
C GLU W 406 80.76 -82.95 66.47
N GLY W 407 80.12 -83.91 65.80
CA GLY W 407 79.28 -84.87 66.51
C GLY W 407 77.79 -84.73 66.70
N GLY W 408 77.24 -83.54 66.48
CA GLY W 408 75.80 -83.38 66.64
C GLY W 408 75.21 -83.90 67.93
N ILE W 409 74.35 -84.91 67.83
CA ILE W 409 73.67 -85.47 69.01
C ILE W 409 74.28 -86.74 69.59
N SER W 410 75.51 -87.09 69.20
CA SER W 410 76.10 -88.30 69.74
C SER W 410 77.14 -88.03 70.82
N GLY W 411 77.86 -86.93 70.68
CA GLY W 411 78.88 -86.59 71.67
C GLY W 411 80.02 -87.60 71.73
N ASP W 412 80.20 -88.39 70.67
CA ASP W 412 81.27 -89.39 70.60
C ASP W 412 82.58 -88.59 70.47
N CYS W 413 83.26 -88.37 71.58
CA CYS W 413 84.49 -87.59 71.59
C CYS W 413 85.69 -88.24 70.90
N GLU W 414 85.61 -89.55 70.65
CA GLU W 414 86.72 -90.25 70.00
C GLU W 414 86.56 -90.39 68.49
N ASN W 415 85.32 -90.39 67.99
CA ASN W 415 85.11 -90.55 66.56
C ASN W 415 84.59 -89.30 65.86
N SER W 416 84.45 -88.23 66.61
CA SER W 416 84.00 -86.94 66.05
C SER W 416 84.86 -85.87 66.70
N ALA W 417 84.68 -84.61 66.28
CA ALA W 417 85.46 -83.51 66.84
C ALA W 417 84.75 -82.90 68.03
N ALA W 418 83.71 -83.59 68.50
CA ALA W 418 82.90 -83.14 69.64
C ALA W 418 83.72 -82.78 70.87
N GLY W 419 84.73 -83.59 71.17
CA GLY W 419 85.56 -83.36 72.33
C GLY W 419 86.28 -82.02 72.32
N PHE W 420 86.17 -81.28 71.23
CA PHE W 420 86.86 -80.00 71.16
C PHE W 420 86.12 -78.87 71.84
N LYS W 421 84.85 -78.70 71.50
CA LYS W 421 84.08 -77.60 72.07
C LYS W 421 82.58 -77.87 72.12
N PHE W 422 82.03 -78.47 71.08
CA PHE W 422 80.60 -78.71 71.02
C PHE W 422 80.04 -79.59 72.15
N ALA W 423 80.59 -80.79 72.31
CA ALA W 423 80.12 -81.69 73.35
C ALA W 423 79.88 -80.94 74.66
N TRP W 424 80.80 -80.03 74.98
CA TRP W 424 80.73 -79.24 76.20
C TRP W 424 79.55 -78.26 76.22
N ARG W 425 79.12 -77.82 75.03
CA ARG W 425 77.99 -76.90 74.92
C ARG W 425 76.66 -77.64 74.83
N MET W 426 76.67 -78.79 74.16
CA MET W 426 75.47 -79.59 73.93
C MET W 426 74.94 -80.38 75.12
N PHE W 427 75.84 -81.01 75.88
CA PHE W 427 75.41 -81.82 77.02
C PHE W 427 75.72 -81.16 78.35
N ASP W 428 74.84 -81.39 79.32
CA ASP W 428 74.97 -80.79 80.64
C ASP W 428 75.21 -81.75 81.81
N GLY W 429 75.28 -83.04 81.53
CA GLY W 429 75.49 -84.00 82.60
C GLY W 429 74.35 -83.95 83.60
N LYS W 430 73.17 -83.57 83.13
CA LYS W 430 72.00 -83.48 83.99
C LYS W 430 70.72 -84.00 83.33
N THR W 431 70.38 -83.44 82.17
CA THR W 431 69.17 -83.84 81.46
C THR W 431 69.44 -84.53 80.12
N THR W 432 70.50 -84.11 79.43
CA THR W 432 70.83 -84.71 78.15
C THR W 432 72.20 -85.37 78.26
N PHE W 433 72.34 -86.56 77.66
CA PHE W 433 73.60 -87.29 77.75
C PHE W 433 74.15 -87.83 76.42
N PRO W 434 75.49 -87.99 76.34
CA PRO W 434 76.18 -88.49 75.15
C PRO W 434 76.05 -90.01 74.96
N SER W 435 76.52 -90.50 73.81
CA SER W 435 76.48 -91.92 73.50
C SER W 435 77.89 -92.38 73.11
N PRO W 436 78.69 -92.80 74.11
CA PRO W 436 80.06 -93.28 73.93
C PRO W 436 80.15 -94.71 73.42
N SER W 437 81.28 -95.05 72.83
CA SER W 437 81.51 -96.40 72.33
C SER W 437 82.73 -97.01 73.02
N ASN W 438 82.59 -98.23 73.53
CA ASN W 438 83.71 -98.89 74.19
C ASN W 438 84.26 -100.00 73.29
N LEU W 439 83.87 -99.96 72.02
CA LEU W 439 84.34 -100.94 71.03
C LEU W 439 85.07 -100.26 69.89
N ASN W 440 84.52 -99.13 69.45
CA ASN W 440 85.10 -98.34 68.38
C ASN W 440 86.17 -97.46 69.03
N THR W 441 87.24 -98.10 69.48
CA THR W 441 88.34 -97.43 70.16
C THR W 441 89.58 -98.31 69.98
N SER W 442 90.78 -97.71 69.99
CA SER W 442 92.01 -98.47 69.80
C SER W 442 92.08 -99.80 70.56
N ALA W 443 91.65 -99.78 71.82
CA ALA W 443 91.68 -100.98 72.65
C ALA W 443 90.54 -101.94 72.34
N GLY W 444 89.56 -101.47 71.58
CA GLY W 444 88.44 -102.32 71.22
C GLY W 444 88.72 -103.06 69.92
N GLN W 445 87.83 -102.95 68.95
CA GLN W 445 88.05 -103.61 67.67
C GLN W 445 87.42 -102.88 66.50
N HIS W 446 88.19 -102.73 65.44
CA HIS W 446 87.70 -102.08 64.23
C HIS W 446 88.46 -102.73 63.08
N ILE W 447 88.09 -102.37 61.86
CA ILE W 447 88.78 -102.90 60.69
C ILE W 447 88.91 -101.77 59.68
N PRO W 448 89.92 -101.85 58.82
CA PRO W 448 90.12 -100.81 57.80
C PRO W 448 89.10 -100.93 56.67
N ARG W 449 88.51 -99.81 56.28
CA ARG W 449 87.53 -99.81 55.20
C ARG W 449 88.13 -100.46 53.95
N LEU W 450 89.31 -99.99 53.57
CA LEU W 450 90.03 -100.48 52.40
C LEU W 450 90.28 -101.99 52.39
N LYS W 451 90.20 -102.62 53.56
CA LYS W 451 90.46 -104.05 53.64
C LYS W 451 89.34 -104.92 54.19
N ILE W 452 88.10 -104.43 54.13
CA ILE W 452 86.97 -105.21 54.61
C ILE W 452 86.89 -106.58 53.90
N PRO W 453 87.05 -106.59 52.57
CA PRO W 453 87.00 -107.84 51.79
C PRO W 453 87.91 -108.93 52.32
N GLU W 454 89.17 -108.56 52.55
CA GLU W 454 90.16 -109.51 53.04
C GLU W 454 89.82 -109.99 54.43
N CYS W 455 89.24 -109.12 55.26
CA CYS W 455 88.87 -109.52 56.60
C CYS W 455 87.74 -110.54 56.62
N ILE W 456 86.75 -110.35 55.74
CA ILE W 456 85.61 -111.27 55.68
C ILE W 456 86.00 -112.61 55.09
N MET W 457 86.58 -112.58 53.89
CA MET W 457 86.99 -113.79 53.19
C MET W 457 88.19 -114.46 53.83
N GLY W 458 89.18 -113.65 54.21
CA GLY W 458 90.38 -114.18 54.83
C GLY W 458 90.17 -114.49 56.30
N GLY W 459 89.42 -113.63 56.99
CA GLY W 459 89.16 -113.83 58.40
C GLY W 459 90.33 -113.43 59.27
N LYS W 460 91.18 -112.55 58.75
CA LYS W 460 92.35 -112.10 59.49
C LYS W 460 93.09 -110.98 58.75
N PHE W 461 93.69 -110.08 59.51
CA PHE W 461 94.43 -108.97 58.91
C PHE W 461 95.22 -108.21 59.98
N GLN W 462 96.28 -107.54 59.55
CA GLN W 462 97.13 -106.77 60.47
C GLN W 462 97.44 -105.46 59.76
N TRP W 463 97.43 -104.36 60.50
CA TRP W 463 97.69 -103.07 59.87
C TRP W 463 98.15 -101.97 60.82
N SER W 464 98.34 -100.77 60.28
CA SER W 464 98.78 -99.61 61.05
C SER W 464 97.68 -98.54 61.12
N GLY W 465 97.66 -97.81 62.22
CA GLY W 465 96.68 -96.74 62.40
C GLY W 465 95.22 -97.13 62.48
N LYS W 466 94.41 -96.23 63.03
CA LYS W 466 92.98 -96.44 63.14
C LYS W 466 92.28 -95.24 62.52
N GLY W 467 91.60 -95.49 61.40
CA GLY W 467 90.89 -94.42 60.71
C GLY W 467 91.74 -93.20 60.53
N PHE W 468 91.20 -92.04 60.91
CA PHE W 468 91.90 -90.75 60.80
C PHE W 468 92.74 -90.55 62.06
N ALA W 469 94.02 -90.86 61.97
CA ALA W 469 94.91 -90.71 63.12
C ALA W 469 95.36 -89.26 63.28
N GLY W 470 94.47 -88.41 63.77
CA GLY W 470 94.81 -87.01 63.91
C GLY W 470 95.18 -86.51 65.28
N GLY W 471 95.23 -87.41 66.26
CA GLY W 471 95.57 -87.00 67.61
C GLY W 471 96.98 -86.46 67.75
N ASP W 472 97.93 -87.16 67.15
CA ASP W 472 99.34 -86.79 67.17
C ASP W 472 100.01 -87.40 65.95
N ILE W 473 101.22 -86.96 65.65
CA ILE W 473 101.93 -87.46 64.47
C ILE W 473 102.11 -88.97 64.44
N SER W 474 102.55 -89.57 65.53
CA SER W 474 102.81 -90.99 65.57
C SER W 474 101.65 -91.92 65.85
N HIS W 475 100.46 -91.37 66.08
CA HIS W 475 99.32 -92.24 66.35
C HIS W 475 99.07 -93.24 65.22
N GLN W 476 99.27 -92.79 63.98
CA GLN W 476 99.07 -93.64 62.81
C GLN W 476 100.06 -94.79 62.71
N LEU W 477 101.04 -94.81 63.59
CA LEU W 477 102.06 -95.85 63.56
C LEU W 477 101.68 -97.03 64.45
N HIS W 478 100.69 -96.82 65.30
CA HIS W 478 100.26 -97.87 66.21
C HIS W 478 99.77 -99.07 65.43
N GLN W 479 100.11 -100.26 65.92
CA GLN W 479 99.76 -101.49 65.24
C GLN W 479 98.46 -102.16 65.70
N TYR W 480 97.69 -102.64 64.72
CA TYR W 480 96.42 -103.30 64.99
C TYR W 480 96.31 -104.60 64.23
N GLU W 481 95.40 -105.45 64.68
CA GLU W 481 95.17 -106.76 64.06
C GLU W 481 93.69 -107.11 64.12
N TYR W 482 93.26 -108.00 63.24
CA TYR W 482 91.87 -108.44 63.20
C TYR W 482 91.88 -109.97 63.08
N PRO W 483 91.08 -110.65 63.92
CA PRO W 483 90.23 -110.04 64.94
C PRO W 483 91.06 -109.52 66.10
N ALA W 484 90.63 -108.42 66.70
CA ALA W 484 91.33 -107.83 67.83
C ALA W 484 91.35 -108.86 68.97
N PRO W 485 92.41 -108.83 69.79
CA PRO W 485 92.56 -109.76 70.92
C PRO W 485 91.32 -109.93 71.80
N GLY W 486 90.81 -111.16 71.85
CA GLY W 486 89.65 -111.45 72.66
C GLY W 486 88.29 -111.13 72.03
N TYR W 487 88.29 -110.42 70.92
CA TYR W 487 87.03 -110.08 70.26
C TYR W 487 86.60 -111.13 69.23
N SER W 488 85.41 -110.95 68.70
CA SER W 488 84.87 -111.92 67.74
C SER W 488 84.98 -111.53 66.27
N LYS W 489 85.02 -112.56 65.41
CA LYS W 489 85.08 -112.36 63.96
C LYS W 489 83.70 -111.89 63.51
N ILE W 490 83.65 -111.12 62.42
CA ILE W 490 82.40 -110.60 61.90
C ILE W 490 81.43 -111.70 61.45
N LYS W 491 80.14 -111.50 61.74
CA LYS W 491 79.11 -112.46 61.35
C LYS W 491 78.00 -111.74 60.60
N MET W 492 77.81 -110.47 60.96
CA MET W 492 76.78 -109.63 60.37
C MET W 492 77.36 -108.34 59.82
N PHE W 493 76.74 -107.80 58.78
CA PHE W 493 77.21 -106.55 58.18
C PHE W 493 76.04 -105.58 57.99
N TRP W 494 76.18 -104.39 58.56
CA TRP W 494 75.14 -103.37 58.46
C TRP W 494 75.66 -102.18 57.66
N LYS W 495 75.41 -102.20 56.35
CA LYS W 495 75.85 -101.12 55.48
C LYS W 495 74.89 -99.94 55.50
N TYR W 496 75.47 -98.75 55.45
CA TYR W 496 74.71 -97.51 55.45
C TYR W 496 75.13 -96.89 54.13
N GLY W 497 74.39 -97.22 53.07
CA GLY W 497 74.73 -96.74 51.74
C GLY W 497 75.48 -97.88 51.08
N GLY W 498 75.92 -97.71 49.83
CA GLY W 498 76.65 -98.78 49.17
C GLY W 498 77.35 -98.31 47.90
N PRO W 499 78.33 -97.40 48.03
CA PRO W 499 79.11 -96.83 46.91
C PRO W 499 80.52 -97.37 46.70
N HIS W 500 80.95 -98.28 47.57
CA HIS W 500 82.32 -98.81 47.51
C HIS W 500 82.80 -99.37 46.18
N LEU W 501 81.95 -100.12 45.49
CA LEU W 501 82.36 -100.67 44.20
C LEU W 501 82.91 -99.60 43.27
N GLY W 502 82.41 -98.38 43.40
CA GLY W 502 82.91 -97.31 42.55
C GLY W 502 83.69 -96.25 43.30
N THR W 503 84.01 -96.52 44.57
CA THR W 503 84.73 -95.54 45.37
C THR W 503 86.00 -96.06 46.06
N MET W 504 86.08 -97.36 46.26
CA MET W 504 87.25 -97.92 46.91
C MET W 504 88.34 -98.31 45.91
N THR W 505 89.00 -99.44 46.13
CA THR W 505 90.09 -99.88 45.23
C THR W 505 89.94 -101.32 44.77
N ALA W 506 90.28 -101.61 43.51
CA ALA W 506 90.17 -102.96 42.92
C ALA W 506 88.90 -103.62 43.46
N THR W 507 87.81 -102.86 43.37
CA THR W 507 86.50 -103.21 43.87
C THR W 507 85.79 -104.54 43.55
N ASN W 508 86.33 -105.32 42.62
CA ASN W 508 85.68 -106.60 42.34
C ASN W 508 85.77 -107.48 43.58
N ARG W 509 86.62 -107.07 44.51
CA ARG W 509 86.79 -107.84 45.76
C ARG W 509 85.68 -107.49 46.74
N TYR W 510 85.16 -106.27 46.66
CA TYR W 510 84.07 -105.88 47.55
C TYR W 510 82.81 -106.65 47.17
N ALA W 511 82.65 -106.88 45.86
CA ALA W 511 81.50 -107.61 45.36
C ALA W 511 81.58 -109.09 45.74
N LYS W 512 82.79 -109.64 45.68
CA LYS W 512 82.99 -111.05 46.00
C LYS W 512 82.76 -111.41 47.47
N MET W 513 83.04 -110.49 48.37
CA MET W 513 82.89 -110.76 49.81
C MET W 513 81.46 -111.06 50.24
N TYR W 514 80.51 -110.40 49.61
CA TYR W 514 79.09 -110.58 49.96
C TYR W 514 78.60 -112.01 49.90
N THR W 515 79.23 -112.83 49.06
CA THR W 515 78.81 -114.22 48.95
C THR W 515 79.62 -115.19 49.81
N HIS W 516 80.48 -114.67 50.69
CA HIS W 516 81.26 -115.56 51.55
C HIS W 516 80.35 -116.07 52.67
N ASP W 517 80.34 -117.39 52.85
CA ASP W 517 79.47 -118.01 53.85
C ASP W 517 79.74 -117.64 55.30
N SER W 518 80.72 -116.78 55.56
CA SER W 518 81.00 -116.38 56.93
C SER W 518 80.02 -115.26 57.26
N LEU W 519 79.50 -114.62 56.21
CA LEU W 519 78.54 -113.53 56.36
C LEU W 519 77.14 -114.11 56.51
N GLU W 520 76.72 -114.33 57.74
CA GLU W 520 75.40 -114.89 58.02
C GLU W 520 74.25 -113.94 57.74
N PHE W 521 74.52 -112.63 57.78
CA PHE W 521 73.46 -111.67 57.55
C PHE W 521 73.96 -110.31 57.06
N VAL W 522 73.22 -109.69 56.15
CA VAL W 522 73.58 -108.38 55.59
C VAL W 522 72.39 -107.44 55.52
N VAL W 523 72.58 -106.21 56.00
CA VAL W 523 71.53 -105.20 55.99
C VAL W 523 72.01 -103.92 55.35
N SER W 524 71.18 -103.34 54.49
CA SER W 524 71.52 -102.11 53.81
C SER W 524 70.48 -101.01 54.07
N GLN W 525 70.93 -99.95 54.73
CA GLN W 525 70.11 -98.80 55.06
C GLN W 525 70.53 -97.72 54.07
N SER W 526 69.94 -97.72 52.88
CA SER W 526 70.30 -96.76 51.85
C SER W 526 69.10 -95.97 51.37
N ILE W 527 69.36 -95.04 50.45
CA ILE W 527 68.32 -94.20 49.89
C ILE W 527 67.93 -94.63 48.48
N TRP W 528 68.91 -95.07 47.70
CA TRP W 528 68.69 -95.49 46.33
C TRP W 528 69.11 -96.94 46.07
N PHE W 529 68.44 -97.59 45.12
CA PHE W 529 68.74 -98.97 44.75
C PHE W 529 69.86 -98.92 43.71
N GLU W 530 71.09 -99.05 44.17
CA GLU W 530 72.26 -98.99 43.30
C GLU W 530 73.49 -99.53 44.03
N GLY W 531 74.60 -99.65 43.30
CA GLY W 531 75.84 -100.14 43.87
C GLY W 531 75.82 -101.46 44.63
N GLU W 532 76.12 -101.40 45.93
CA GLU W 532 76.15 -102.59 46.78
C GLU W 532 74.83 -103.00 47.39
N VAL W 533 73.84 -102.11 47.33
CA VAL W 533 72.53 -102.40 47.91
C VAL W 533 71.92 -103.72 47.44
N PRO W 534 72.10 -104.08 46.16
CA PRO W 534 71.55 -105.32 45.62
C PRO W 534 72.23 -106.63 46.08
N PHE W 535 73.07 -106.54 47.11
CA PHE W 535 73.73 -107.74 47.62
C PHE W 535 73.15 -108.09 48.98
N ALA W 536 72.55 -107.08 49.61
CA ALA W 536 71.96 -107.22 50.94
C ALA W 536 70.84 -108.26 51.04
N ASP W 537 70.54 -108.69 52.26
CA ASP W 537 69.47 -109.66 52.53
C ASP W 537 68.20 -108.92 52.96
N ILE W 538 68.38 -107.70 53.47
CA ILE W 538 67.30 -106.83 53.92
C ILE W 538 67.69 -105.38 53.66
N ILE W 539 66.80 -104.65 53.01
CA ILE W 539 67.05 -103.25 52.68
C ILE W 539 66.08 -102.35 53.42
N LEU W 540 66.57 -101.20 53.87
CA LEU W 540 65.76 -100.23 54.61
C LEU W 540 65.81 -98.88 53.91
N PRO W 541 64.65 -98.36 53.50
CA PRO W 541 64.49 -97.08 52.80
C PRO W 541 64.65 -95.83 53.66
N ALA W 542 65.63 -95.00 53.33
CA ALA W 542 65.87 -93.75 54.05
C ALA W 542 65.51 -92.60 53.12
N CYS W 543 65.31 -91.41 53.67
CA CYS W 543 64.93 -90.24 52.87
C CYS W 543 66.06 -89.22 52.75
N THR W 544 65.89 -88.27 51.85
CA THR W 544 66.87 -87.21 51.63
C THR W 544 66.62 -86.09 52.62
N ASN W 545 67.60 -85.23 52.82
CA ASN W 545 67.45 -84.12 53.77
C ASN W 545 66.32 -83.14 53.44
N PHE W 546 65.62 -83.36 52.33
CA PHE W 546 64.50 -82.48 51.98
C PHE W 546 63.20 -83.06 52.51
N GLU W 547 63.28 -84.29 53.00
CA GLU W 547 62.14 -85.00 53.54
C GLU W 547 62.18 -85.13 55.07
N ARG W 548 62.99 -84.29 55.72
CA ARG W 548 63.11 -84.29 57.17
C ARG W 548 63.60 -82.94 57.68
N TRP W 549 63.61 -82.77 59.00
CA TRP W 549 64.03 -81.51 59.60
C TRP W 549 65.50 -81.55 60.04
N ASP W 550 66.22 -80.47 59.77
CA ASP W 550 67.60 -80.39 60.17
C ASP W 550 68.08 -78.95 60.19
N ILE W 551 69.36 -78.77 60.49
CA ILE W 551 69.96 -77.45 60.55
C ILE W 551 71.43 -77.60 60.19
N SER W 552 72.03 -76.56 59.63
CA SER W 552 73.44 -76.62 59.24
C SER W 552 73.94 -75.27 58.75
N GLU W 553 75.24 -75.21 58.45
CA GLU W 553 75.86 -73.99 57.94
C GLU W 553 76.52 -74.28 56.60
N PHE W 554 76.51 -73.27 55.74
CA PHE W 554 77.09 -73.39 54.40
C PHE W 554 78.51 -73.93 54.42
N ALA W 555 78.68 -75.13 53.86
CA ALA W 555 79.98 -75.77 53.76
C ALA W 555 80.70 -76.03 55.08
N ASN W 556 80.05 -75.75 56.20
CA ASN W 556 80.69 -75.93 57.50
C ASN W 556 80.91 -77.38 57.92
N CYS W 557 82.12 -77.88 57.68
CA CYS W 557 82.48 -79.24 58.06
C CYS W 557 83.09 -79.25 59.46
N SER W 558 84.13 -78.43 59.62
CA SER W 558 84.87 -78.31 60.88
C SER W 558 85.50 -79.63 61.30
N GLY W 559 85.97 -79.70 62.54
CA GLY W 559 86.59 -80.92 63.03
C GLY W 559 88.00 -81.01 62.48
N TYR W 560 88.23 -81.98 61.59
N TYR W 560 88.23 -81.98 61.59
CA TYR W 560 89.54 -82.16 60.99
CA TYR W 560 89.54 -82.16 60.99
C TYR W 560 89.80 -81.12 59.90
C TYR W 560 89.80 -81.12 59.90
N ILE W 561 88.89 -80.15 59.80
CA ILE W 561 89.02 -79.06 58.83
C ILE W 561 88.45 -77.84 59.54
N PRO W 562 89.06 -77.43 60.67
CA PRO W 562 88.59 -76.28 61.42
C PRO W 562 88.27 -75.04 60.59
N ASP W 563 87.12 -74.44 60.88
CA ASP W 563 86.67 -73.22 60.22
C ASP W 563 86.70 -73.24 58.69
N ASN W 564 86.37 -74.36 58.07
CA ASN W 564 86.39 -74.40 56.61
C ASN W 564 85.24 -73.65 55.96
N TYR W 565 84.31 -73.14 56.76
CA TYR W 565 83.21 -72.37 56.22
C TYR W 565 83.81 -71.17 55.50
N GLN W 566 85.10 -70.95 55.72
CA GLN W 566 85.78 -69.83 55.09
C GLN W 566 85.92 -70.05 53.59
N LEU W 567 85.37 -71.15 53.10
CA LEU W 567 85.39 -71.47 51.68
C LEU W 567 84.37 -70.60 50.96
N CYS W 568 83.36 -70.17 51.71
CA CYS W 568 82.29 -69.34 51.17
C CYS W 568 82.57 -67.86 51.35
N ASN W 569 81.69 -67.04 50.78
CA ASN W 569 81.83 -65.60 50.86
C ASN W 569 81.04 -65.02 52.03
N HIS W 570 80.13 -65.83 52.56
CA HIS W 570 79.30 -65.43 53.70
C HIS W 570 79.01 -66.65 54.56
N ARG W 571 78.97 -66.45 55.88
CA ARG W 571 78.64 -67.55 56.78
C ARG W 571 77.12 -67.62 56.76
N VAL W 572 76.58 -68.69 56.17
CA VAL W 572 75.14 -68.86 56.07
C VAL W 572 74.58 -70.04 56.84
N ILE W 573 73.75 -69.73 57.81
CA ILE W 573 73.13 -70.73 58.65
C ILE W 573 71.65 -70.80 58.27
N SER W 574 71.22 -71.94 57.75
CA SER W 574 69.82 -72.05 57.35
C SER W 574 69.12 -73.28 57.88
N LEU W 575 67.85 -73.11 58.20
CA LEU W 575 67.04 -74.20 58.70
C LEU W 575 66.74 -75.11 57.51
N GLN W 576 66.89 -76.41 57.71
CA GLN W 576 66.59 -77.35 56.63
C GLN W 576 65.18 -77.86 56.90
N ALA W 577 64.21 -77.07 56.47
CA ALA W 577 62.80 -77.37 56.66
C ALA W 577 62.33 -78.61 55.90
N LYS W 578 61.50 -79.40 56.56
CA LYS W 578 60.96 -80.59 55.94
C LYS W 578 60.09 -80.03 54.81
N CYS W 579 60.63 -80.02 53.60
CA CYS W 579 59.92 -79.49 52.45
C CYS W 579 58.73 -80.34 52.02
N ILE W 580 58.99 -81.60 51.71
CA ILE W 580 57.94 -82.51 51.30
C ILE W 580 57.88 -83.74 52.21
N GLU W 581 56.83 -84.54 52.07
CA GLU W 581 56.69 -85.74 52.88
C GLU W 581 57.66 -86.78 52.34
N PRO W 582 58.05 -87.75 53.19
CA PRO W 582 58.97 -88.78 52.74
C PRO W 582 58.43 -89.46 51.50
N VAL W 583 59.30 -89.69 50.52
CA VAL W 583 58.90 -90.34 49.28
C VAL W 583 58.77 -91.85 49.51
N GLY W 584 57.72 -92.44 48.95
CA GLY W 584 57.51 -93.86 49.09
C GLY W 584 57.16 -94.26 50.50
N GLU W 585 57.80 -95.31 50.99
CA GLU W 585 57.56 -95.79 52.35
C GLU W 585 58.85 -95.68 53.14
N SER W 586 59.65 -94.68 52.81
CA SER W 586 60.92 -94.44 53.47
C SER W 586 60.76 -93.48 54.64
N MET W 587 61.79 -93.40 55.47
CA MET W 587 61.77 -92.52 56.63
C MET W 587 63.20 -92.11 56.97
N SER W 588 63.33 -91.04 57.75
CA SER W 588 64.62 -90.53 58.16
C SER W 588 65.41 -91.57 58.95
N ASP W 589 66.73 -91.51 58.85
CA ASP W 589 67.59 -92.45 59.57
C ASP W 589 67.30 -92.35 61.07
N TYR W 590 67.13 -91.14 61.59
CA TYR W 590 66.85 -90.98 63.01
C TYR W 590 65.59 -91.76 63.38
N GLU W 591 64.53 -91.62 62.59
CA GLU W 591 63.28 -92.32 62.88
C GLU W 591 63.42 -93.82 62.72
N ILE W 592 64.29 -94.26 61.83
CA ILE W 592 64.50 -95.69 61.63
C ILE W 592 65.13 -96.22 62.90
N TYR W 593 66.22 -95.54 63.31
CA TYR W 593 66.96 -95.91 64.51
C TYR W 593 66.10 -95.84 65.77
N ARG W 594 65.17 -94.90 65.81
CA ARG W 594 64.29 -94.77 66.96
C ARG W 594 63.35 -95.98 67.04
N LEU W 595 63.07 -96.58 65.89
CA LEU W 595 62.21 -97.75 65.84
C LEU W 595 62.96 -98.97 66.37
N PHE W 596 64.25 -99.06 66.01
CA PHE W 596 65.09 -100.16 66.48
C PHE W 596 65.32 -99.96 67.97
N ALA W 597 65.66 -98.73 68.34
CA ALA W 597 65.90 -98.41 69.74
C ALA W 597 64.74 -98.98 70.56
N LYS W 598 63.52 -98.68 70.10
CA LYS W 598 62.32 -99.13 70.78
C LYS W 598 62.24 -100.66 70.89
N LYS W 599 62.59 -101.36 69.81
CA LYS W 599 62.55 -102.82 69.83
C LYS W 599 63.76 -103.46 70.51
N LEU W 600 64.81 -102.67 70.72
CA LEU W 600 66.00 -103.18 71.40
C LEU W 600 65.87 -102.77 72.87
N ASN W 601 64.79 -102.06 73.16
CA ASN W 601 64.47 -101.61 74.52
C ASN W 601 65.44 -100.56 75.06
N ILE W 602 65.66 -99.51 74.26
CA ILE W 602 66.55 -98.43 74.64
C ILE W 602 66.09 -97.12 74.02
N GLU W 603 64.79 -97.01 73.76
CA GLU W 603 64.25 -95.79 73.15
C GLU W 603 64.50 -94.51 73.94
N GLU W 604 64.28 -94.57 75.26
CA GLU W 604 64.49 -93.39 76.09
C GLU W 604 65.94 -92.94 76.04
N MET W 605 66.85 -93.89 76.22
CA MET W 605 68.28 -93.58 76.19
C MET W 605 68.67 -92.96 74.86
N PHE W 606 68.18 -93.54 73.76
CA PHE W 606 68.51 -93.02 72.44
C PHE W 606 67.80 -91.71 72.09
N SER W 607 66.49 -91.70 72.17
CA SER W 607 65.72 -90.51 71.80
C SER W 607 65.62 -89.44 72.87
N GLU W 608 65.66 -89.85 74.14
CA GLU W 608 65.53 -88.90 75.25
C GLU W 608 64.18 -88.20 75.07
N GLY W 609 63.24 -88.92 74.46
CA GLY W 609 61.91 -88.39 74.22
C GLY W 609 61.82 -87.25 73.23
N LYS W 610 62.86 -87.04 72.41
CA LYS W 610 62.86 -85.95 71.44
C LYS W 610 62.85 -86.46 70.00
N ASP W 611 62.29 -85.66 69.10
CA ASP W 611 62.27 -86.01 67.68
C ASP W 611 63.30 -85.12 66.99
N GLU W 612 63.40 -85.24 65.68
CA GLU W 612 64.38 -84.47 64.92
C GLU W 612 64.30 -82.96 65.13
N LEU W 613 63.10 -82.42 65.30
CA LEU W 613 62.95 -80.98 65.47
C LEU W 613 63.30 -80.49 66.87
N ALA W 614 63.15 -81.37 67.86
CA ALA W 614 63.47 -81.00 69.23
C ALA W 614 64.98 -81.01 69.34
N TRP W 615 65.61 -82.03 68.77
CA TRP W 615 67.06 -82.13 68.80
C TRP W 615 67.66 -80.90 68.14
N CYS W 616 67.03 -80.42 67.07
CA CYS W 616 67.50 -79.25 66.36
C CYS W 616 67.50 -78.01 67.23
N GLU W 617 66.44 -77.83 68.02
CA GLU W 617 66.36 -76.67 68.90
C GLU W 617 67.43 -76.74 69.98
N GLN W 618 67.62 -77.93 70.56
CA GLN W 618 68.63 -78.10 71.60
C GLN W 618 69.99 -77.75 70.98
N TYR W 619 70.24 -78.28 69.78
CA TYR W 619 71.47 -78.05 69.04
C TYR W 619 71.66 -76.54 68.81
N PHE W 620 70.61 -75.90 68.30
CA PHE W 620 70.62 -74.47 68.02
C PHE W 620 71.05 -73.67 69.26
N ASN W 621 70.47 -74.04 70.40
CA ASN W 621 70.79 -73.33 71.64
C ASN W 621 72.20 -73.56 72.15
N ALA W 622 72.85 -74.60 71.63
CA ALA W 622 74.22 -74.90 72.04
C ALA W 622 75.24 -74.17 71.14
N THR W 623 74.76 -73.29 70.29
CA THR W 623 75.64 -72.52 69.41
C THR W 623 75.58 -71.07 69.83
N ASP W 624 76.21 -70.19 69.04
CA ASP W 624 76.23 -68.76 69.32
C ASP W 624 75.04 -68.02 68.68
N MET W 625 74.19 -68.75 67.96
CA MET W 625 73.03 -68.14 67.31
C MET W 625 72.11 -67.35 68.26
N PRO W 626 71.82 -67.90 69.45
CA PRO W 626 70.96 -67.23 70.42
C PRO W 626 71.33 -65.76 70.63
N LYS W 627 72.57 -65.41 70.32
CA LYS W 627 73.04 -64.05 70.47
C LYS W 627 72.36 -63.09 69.51
N TYR W 628 71.90 -63.61 68.38
CA TYR W 628 71.24 -62.77 67.38
C TYR W 628 69.73 -62.99 67.24
N MET W 629 69.26 -64.21 67.48
CA MET W 629 67.83 -64.50 67.39
C MET W 629 67.45 -65.81 68.06
N THR W 630 66.20 -65.91 68.50
CA THR W 630 65.70 -67.11 69.18
C THR W 630 65.40 -68.21 68.18
N TRP W 631 65.11 -69.39 68.71
CA TRP W 631 64.78 -70.54 67.87
C TRP W 631 63.57 -70.23 66.99
N ASP W 632 62.50 -69.73 67.60
CA ASP W 632 61.29 -69.38 66.88
C ASP W 632 61.60 -68.45 65.71
N GLU W 633 62.22 -67.32 66.02
CA GLU W 633 62.57 -66.34 65.00
C GLU W 633 63.33 -66.98 63.85
N PHE W 634 64.41 -67.67 64.18
CA PHE W 634 65.25 -68.36 63.19
C PHE W 634 64.41 -69.34 62.37
N PHE W 635 63.60 -70.12 63.05
CA PHE W 635 62.74 -71.11 62.40
C PHE W 635 61.80 -70.44 61.42
N LYS W 636 61.42 -69.21 61.73
CA LYS W 636 60.52 -68.47 60.87
C LYS W 636 61.27 -67.90 59.66
N LYS W 637 62.38 -67.22 59.91
CA LYS W 637 63.16 -66.63 58.83
C LYS W 637 63.77 -67.65 57.87
N GLY W 638 64.03 -68.86 58.37
CA GLY W 638 64.59 -69.89 57.52
C GLY W 638 66.09 -69.87 57.29
N TYR W 639 66.72 -68.70 57.38
CA TYR W 639 68.16 -68.62 57.18
C TYR W 639 68.75 -67.38 57.85
N PHE W 640 70.03 -67.44 58.18
CA PHE W 640 70.72 -66.34 58.82
C PHE W 640 72.09 -66.09 58.21
N VAL W 641 72.39 -64.82 57.96
CA VAL W 641 73.67 -64.43 57.40
C VAL W 641 74.45 -63.80 58.56
N VAL W 642 75.55 -64.44 58.96
CA VAL W 642 76.34 -63.93 60.07
C VAL W 642 77.03 -62.62 59.71
N PRO W 643 76.88 -61.60 60.57
CA PRO W 643 77.49 -60.28 60.36
C PRO W 643 79.00 -60.34 60.14
N ASP W 644 79.56 -59.20 59.69
CA ASP W 644 80.98 -59.08 59.44
C ASP W 644 81.65 -58.56 60.71
N ASN W 645 82.93 -58.89 60.88
CA ASN W 645 83.69 -58.43 62.04
C ASN W 645 84.93 -57.70 61.52
N PRO W 646 84.73 -56.48 61.01
CA PRO W 646 85.77 -55.62 60.45
C PRO W 646 86.95 -55.30 61.35
N ASN W 647 86.74 -55.36 62.66
CA ASN W 647 87.80 -54.98 63.58
C ASN W 647 88.72 -56.05 64.17
N ARG W 648 88.32 -57.32 64.14
CA ARG W 648 89.19 -58.35 64.70
C ARG W 648 90.53 -58.26 63.99
N LYS W 649 91.61 -58.58 64.70
CA LYS W 649 92.93 -58.51 64.07
C LYS W 649 93.05 -59.65 63.07
N LYS W 650 93.81 -59.41 62.01
CA LYS W 650 94.02 -60.42 60.97
C LYS W 650 95.29 -61.20 61.28
N THR W 651 95.18 -62.52 61.27
CA THR W 651 96.30 -63.40 61.52
C THR W 651 96.40 -64.37 60.35
N VAL W 652 97.37 -64.13 59.49
CA VAL W 652 97.54 -64.96 58.30
C VAL W 652 98.23 -66.29 58.58
N ALA W 653 97.66 -67.34 58.02
CA ALA W 653 98.16 -68.69 58.16
C ALA W 653 99.68 -68.82 58.17
N LEU W 654 100.20 -69.39 59.26
CA LEU W 654 101.62 -69.63 59.42
C LEU W 654 102.54 -68.43 59.52
N ARG W 655 101.99 -67.22 59.65
CA ARG W 655 102.85 -66.06 59.74
C ARG W 655 103.56 -66.03 61.09
N TRP W 656 102.90 -66.59 62.11
CA TRP W 656 103.48 -66.64 63.44
C TRP W 656 104.73 -67.52 63.35
N PHE W 657 104.66 -68.52 62.48
CA PHE W 657 105.77 -69.45 62.28
C PHE W 657 106.92 -68.77 61.54
N ALA W 658 106.61 -68.13 60.41
CA ALA W 658 107.63 -67.44 59.61
C ALA W 658 108.36 -66.39 60.43
N GLU W 659 107.62 -65.70 61.30
CA GLU W 659 108.22 -64.68 62.13
C GLU W 659 108.74 -65.27 63.45
N GLY W 660 108.70 -66.59 63.56
CA GLY W 660 109.18 -67.28 64.75
C GLY W 660 108.64 -66.81 66.09
N ARG W 661 107.31 -66.72 66.20
CA ARG W 661 106.67 -66.31 67.44
C ARG W 661 105.52 -67.25 67.82
N GLU W 662 104.77 -66.89 68.86
CA GLU W 662 103.68 -67.73 69.32
C GLU W 662 102.48 -67.81 68.37
N LYS W 663 101.94 -69.01 68.22
CA LYS W 663 100.78 -69.25 67.37
C LYS W 663 99.67 -68.27 67.77
N ASP W 664 99.12 -67.56 66.80
CA ASP W 664 98.08 -66.57 67.11
C ASP W 664 96.83 -66.64 66.22
N THR W 665 96.64 -67.77 65.55
CA THR W 665 95.47 -67.92 64.68
C THR W 665 94.40 -68.75 65.38
N PRO W 666 93.21 -68.86 64.76
CA PRO W 666 92.12 -69.65 65.37
C PRO W 666 92.30 -71.16 65.22
N ASP W 667 93.41 -71.58 64.63
CA ASP W 667 93.62 -73.01 64.41
C ASP W 667 93.49 -73.83 65.68
N TRP W 668 93.05 -75.06 65.50
CA TRP W 668 92.84 -76.00 66.60
C TRP W 668 94.13 -76.70 67.01
N GLY W 669 95.26 -76.15 66.59
CA GLY W 669 96.52 -76.77 66.96
C GLY W 669 97.71 -75.91 66.61
N PRO W 670 98.93 -76.32 66.98
CA PRO W 670 99.16 -77.56 67.72
C PRO W 670 98.86 -77.42 69.22
N ARG W 671 98.73 -78.56 69.90
CA ARG W 671 98.47 -78.53 71.32
C ARG W 671 99.71 -78.09 72.07
N LEU W 672 99.50 -77.38 73.17
CA LEU W 672 100.58 -76.85 73.99
C LEU W 672 101.71 -77.83 74.29
N ASN W 673 101.36 -79.11 74.48
CA ASN W 673 102.37 -80.10 74.80
C ASN W 673 103.26 -80.49 73.60
N ASN W 674 102.86 -80.09 72.40
CA ASN W 674 103.64 -80.39 71.21
C ASN W 674 104.41 -79.17 70.74
N GLN W 675 104.54 -78.21 71.65
CA GLN W 675 105.26 -76.96 71.39
C GLN W 675 106.10 -76.58 72.61
N VAL W 676 107.11 -75.74 72.37
CA VAL W 676 107.95 -75.25 73.44
C VAL W 676 107.56 -73.77 73.56
N CYS W 677 106.96 -73.40 74.70
CA CYS W 677 106.50 -72.03 74.93
C CYS W 677 105.62 -71.60 73.76
N ARG W 678 104.72 -72.53 73.40
CA ARG W 678 103.78 -72.41 72.30
C ARG W 678 104.29 -71.74 71.03
N LYS W 679 105.50 -72.13 70.64
CA LYS W 679 106.14 -71.66 69.42
C LYS W 679 106.53 -72.88 68.59
N GLY W 680 106.52 -72.71 67.27
CA GLY W 680 106.90 -73.82 66.41
C GLY W 680 105.78 -74.77 66.03
N LEU W 681 106.11 -75.69 65.13
CA LEU W 681 105.15 -76.67 64.67
C LEU W 681 105.02 -77.81 65.67
N GLN W 682 104.12 -78.74 65.36
CA GLN W 682 103.85 -79.91 66.20
C GLN W 682 105.01 -80.92 66.22
N THR W 683 105.88 -80.84 65.22
CA THR W 683 107.03 -81.74 65.14
C THR W 683 107.95 -81.56 66.35
N THR W 684 108.70 -82.61 66.67
CA THR W 684 109.61 -82.59 67.81
C THR W 684 110.49 -81.34 67.84
N THR W 685 111.16 -81.04 66.73
CA THR W 685 112.04 -79.88 66.68
C THR W 685 111.30 -78.55 66.50
N GLY W 686 110.01 -78.62 66.18
CA GLY W 686 109.23 -77.41 65.96
C GLY W 686 109.46 -76.84 64.57
N LYS W 687 110.25 -77.55 63.77
CA LYS W 687 110.57 -77.11 62.41
C LYS W 687 110.09 -78.08 61.32
N VAL W 688 110.09 -77.60 60.08
CA VAL W 688 109.72 -78.45 58.94
C VAL W 688 110.86 -79.44 58.86
N GLU W 689 110.56 -80.72 59.06
CA GLU W 689 111.60 -81.74 59.05
C GLU W 689 111.72 -82.56 57.76
N PHE W 690 112.75 -82.25 56.97
CA PHE W 690 112.99 -82.97 55.73
C PHE W 690 113.42 -84.40 56.02
N ILE W 691 113.82 -84.62 57.26
CA ILE W 691 114.20 -85.94 57.74
C ILE W 691 113.34 -86.06 58.99
N ALA W 692 112.16 -86.67 58.81
CA ALA W 692 111.20 -86.83 59.88
C ALA W 692 111.67 -87.64 61.08
N THR W 693 111.78 -86.98 62.24
CA THR W 693 112.21 -87.67 63.46
C THR W 693 111.25 -88.79 63.82
N SER W 694 109.96 -88.57 63.63
CA SER W 694 108.97 -89.60 63.93
C SER W 694 109.26 -90.86 63.12
N LEU W 695 109.36 -90.71 61.80
CA LEU W 695 109.64 -91.87 60.93
C LEU W 695 111.01 -92.46 61.18
N LYS W 696 111.95 -91.64 61.62
CA LYS W 696 113.30 -92.14 61.89
C LYS W 696 113.25 -93.04 63.13
N ASN W 697 112.40 -92.69 64.10
CA ASN W 697 112.27 -93.51 65.30
C ASN W 697 111.68 -94.84 64.86
N PHE W 698 110.71 -94.74 63.95
CA PHE W 698 110.01 -95.91 63.42
C PHE W 698 110.96 -96.90 62.74
N GLU W 699 111.80 -96.41 61.82
CA GLU W 699 112.72 -97.31 61.13
C GLU W 699 113.78 -97.91 62.06
N GLU W 700 114.23 -97.15 63.05
CA GLU W 700 115.23 -97.66 63.98
C GLU W 700 114.59 -98.65 64.96
N GLN W 701 113.27 -98.61 65.06
CA GLN W 701 112.54 -99.54 65.93
C GLN W 701 112.31 -100.86 65.19
N GLY W 702 112.71 -100.91 63.93
CA GLY W 702 112.58 -102.13 63.16
C GLY W 702 111.56 -102.12 62.04
N TYR W 703 110.84 -101.02 61.87
CA TYR W 703 109.84 -100.95 60.82
C TYR W 703 110.38 -100.34 59.55
N ILE W 704 111.12 -101.14 58.78
CA ILE W 704 111.71 -100.69 57.53
C ILE W 704 110.65 -100.65 56.43
N ASP W 705 110.55 -99.50 55.78
CA ASP W 705 109.57 -99.31 54.72
C ASP W 705 110.19 -98.55 53.55
N GLU W 706 110.70 -99.30 52.59
CA GLU W 706 111.32 -98.71 51.42
C GLU W 706 110.51 -97.58 50.78
N HIS W 707 109.19 -97.73 50.71
CA HIS W 707 108.37 -96.69 50.09
C HIS W 707 107.92 -95.54 50.97
N ARG W 708 108.54 -95.40 52.14
CA ARG W 708 108.22 -94.29 53.04
C ARG W 708 109.41 -94.02 53.95
N PRO W 709 110.51 -93.49 53.38
CA PRO W 709 111.71 -93.17 54.14
C PRO W 709 111.55 -91.91 54.99
N SER W 710 112.34 -91.82 56.05
CA SER W 710 112.28 -90.66 56.95
C SER W 710 112.64 -89.39 56.21
N MET W 711 113.59 -89.50 55.29
CA MET W 711 113.99 -88.33 54.51
C MET W 711 113.13 -88.28 53.25
N HIS W 712 112.70 -87.09 52.88
CA HIS W 712 111.91 -86.89 51.69
C HIS W 712 112.83 -87.14 50.51
N THR W 713 112.51 -88.15 49.70
CA THR W 713 113.34 -88.50 48.57
C THR W 713 112.50 -88.85 47.36
N TYR W 714 113.15 -89.15 46.25
CA TYR W 714 112.41 -89.54 45.06
C TYR W 714 112.23 -91.04 45.04
N VAL W 715 111.13 -91.49 45.62
CA VAL W 715 110.81 -92.90 45.65
C VAL W 715 109.95 -93.10 44.41
N PRO W 716 110.42 -93.92 43.45
CA PRO W 716 109.62 -94.13 42.24
C PRO W 716 108.26 -94.70 42.62
N ALA W 717 107.20 -94.11 42.07
CA ALA W 717 105.86 -94.58 42.34
C ALA W 717 105.82 -96.02 41.88
N TRP W 718 105.41 -96.93 42.77
CA TRP W 718 105.37 -98.34 42.41
C TRP W 718 104.40 -98.69 41.28
N GLU W 719 103.47 -97.78 41.01
CA GLU W 719 102.51 -97.99 39.92
C GLU W 719 102.71 -96.82 38.98
N SER W 720 103.81 -96.85 38.24
CA SER W 720 104.13 -95.79 37.28
C SER W 720 104.47 -96.45 35.94
N GLN W 721 104.57 -95.64 34.89
CA GLN W 721 104.85 -96.17 33.57
C GLN W 721 106.26 -96.69 33.38
N LYS W 722 107.27 -95.95 33.83
CA LYS W 722 108.64 -96.40 33.64
C LYS W 722 109.27 -97.18 34.80
N HIS W 723 108.56 -97.28 35.91
CA HIS W 723 109.10 -97.99 37.06
C HIS W 723 108.40 -99.30 37.41
N SER W 724 107.10 -99.37 37.19
CA SER W 724 106.32 -100.58 37.50
C SER W 724 106.46 -101.68 36.44
N PRO W 725 106.63 -102.93 36.89
CA PRO W 725 106.76 -104.11 36.02
C PRO W 725 105.46 -104.33 35.23
N LEU W 726 104.40 -103.80 35.77
CA LEU W 726 103.06 -103.91 35.21
C LEU W 726 102.88 -103.07 33.95
N ALA W 727 103.68 -102.01 33.83
CA ALA W 727 103.59 -101.09 32.69
C ALA W 727 104.01 -101.68 31.33
N VAL W 728 104.45 -102.94 31.33
CA VAL W 728 104.86 -103.57 30.08
C VAL W 728 103.63 -104.12 29.34
N LYS W 729 102.56 -104.32 30.09
CA LYS W 729 101.31 -104.82 29.54
C LYS W 729 100.34 -103.67 29.43
N TYR W 730 100.31 -102.84 30.47
CA TYR W 730 99.40 -101.71 30.55
C TYR W 730 100.15 -100.39 30.53
N PRO W 731 100.55 -99.94 29.32
CA PRO W 731 101.30 -98.71 29.03
C PRO W 731 100.61 -97.38 29.31
N LEU W 732 99.30 -97.39 29.50
CA LEU W 732 98.57 -96.15 29.75
C LEU W 732 98.41 -95.79 31.23
N GLY W 733 98.77 -94.56 31.56
CA GLY W 733 98.67 -94.10 32.93
C GLY W 733 97.34 -93.43 33.18
N MET W 734 96.50 -94.04 34.01
CA MET W 734 95.19 -93.48 34.31
C MET W 734 95.06 -92.80 35.67
N LEU W 735 94.45 -91.61 35.66
CA LEU W 735 94.19 -90.89 36.90
C LEU W 735 92.67 -90.76 36.92
N SER W 736 92.07 -90.98 38.09
CA SER W 736 90.62 -90.93 38.23
C SER W 736 90.12 -90.04 39.35
N PRO W 737 90.11 -88.72 39.12
CA PRO W 737 89.68 -87.70 40.07
C PRO W 737 88.19 -87.72 40.40
N HIS W 738 87.77 -86.74 41.21
CA HIS W 738 86.38 -86.62 41.62
C HIS W 738 85.46 -86.13 40.51
N PRO W 739 84.23 -86.68 40.44
CA PRO W 739 83.22 -86.34 39.44
C PRO W 739 82.82 -84.86 39.41
N ARG W 740 83.01 -84.25 38.24
CA ARG W 740 82.69 -82.85 38.01
C ARG W 740 81.22 -82.49 38.22
N PHE W 741 80.31 -83.32 37.73
CA PHE W 741 78.88 -83.04 37.85
C PHE W 741 78.18 -83.91 38.88
N SER W 742 78.88 -84.25 39.95
CA SER W 742 78.29 -85.09 40.98
C SER W 742 79.15 -85.11 42.24
N MET W 743 78.50 -85.20 43.40
CA MET W 743 79.21 -85.26 44.67
C MET W 743 79.43 -86.75 44.88
N HIS W 744 80.49 -87.26 44.26
CA HIS W 744 80.79 -88.68 44.33
C HIS W 744 79.61 -89.46 43.75
N THR W 745 79.12 -90.48 44.44
CA THR W 745 78.00 -91.25 43.92
C THR W 745 76.67 -90.51 44.08
N MET W 746 76.71 -89.34 44.70
CA MET W 746 75.49 -88.57 44.93
C MET W 746 75.17 -87.61 43.79
N GLY W 747 74.81 -88.19 42.66
CA GLY W 747 74.48 -87.41 41.49
C GLY W 747 74.31 -88.34 40.30
N ASP W 748 75.34 -89.14 40.05
CA ASP W 748 75.33 -90.09 38.94
C ASP W 748 74.16 -91.07 39.06
N GLY W 749 73.83 -91.73 37.95
CA GLY W 749 72.74 -92.69 37.92
C GLY W 749 71.44 -92.19 38.51
N LYS W 750 70.66 -93.11 39.07
CA LYS W 750 69.38 -92.75 39.70
C LYS W 750 68.43 -92.09 38.70
N ASN W 751 68.81 -92.15 37.42
N ASN W 751 68.81 -92.15 37.42
CA ASN W 751 68.02 -91.55 36.35
CA ASN W 751 68.02 -91.55 36.35
C ASN W 751 67.78 -90.07 36.61
C ASN W 751 67.78 -90.07 36.61
N SER W 752 68.78 -89.41 37.21
CA SER W 752 68.70 -87.98 37.51
C SER W 752 68.89 -87.15 36.25
N TYR W 753 68.88 -85.83 36.40
CA TYR W 753 69.06 -84.94 35.25
C TYR W 753 70.52 -84.82 34.81
N MET W 754 71.45 -84.91 35.76
CA MET W 754 72.87 -84.80 35.46
C MET W 754 73.34 -85.83 34.45
N ASN W 755 72.58 -86.91 34.30
CA ASN W 755 72.89 -87.98 33.36
C ASN W 755 72.68 -87.56 31.90
N TYR W 756 72.33 -86.30 31.66
CA TYR W 756 72.12 -85.81 30.31
C TYR W 756 73.20 -84.81 29.96
N ILE W 757 74.01 -84.49 30.97
CA ILE W 757 75.11 -83.54 30.79
C ILE W 757 76.07 -84.16 29.78
N LYS W 758 76.39 -83.43 28.72
CA LYS W 758 77.29 -83.93 27.68
C LYS W 758 78.56 -84.59 28.19
N ASP W 759 79.31 -83.85 29.01
CA ASP W 759 80.58 -84.35 29.53
C ASP W 759 80.49 -85.19 30.81
N HIS W 760 79.34 -85.83 31.04
CA HIS W 760 79.18 -86.69 32.21
C HIS W 760 78.96 -88.15 31.79
N ARG W 761 78.10 -88.34 30.80
CA ARG W 761 77.80 -89.67 30.27
C ARG W 761 77.36 -89.55 28.82
N VAL W 762 77.92 -90.39 27.95
CA VAL W 762 77.56 -90.38 26.54
C VAL W 762 76.65 -91.56 26.27
N GLU W 763 75.51 -91.28 25.63
CA GLU W 763 74.55 -92.32 25.32
C GLU W 763 74.88 -93.01 24.01
N VAL W 764 74.74 -94.32 23.99
CA VAL W 764 75.01 -95.13 22.81
C VAL W 764 74.11 -96.36 22.87
N ASP W 765 73.14 -96.44 21.97
CA ASP W 765 72.21 -97.56 21.94
C ASP W 765 71.29 -97.57 23.15
N GLY W 766 70.84 -96.38 23.54
CA GLY W 766 69.93 -96.29 24.68
C GLY W 766 70.53 -96.44 26.07
N TYR W 767 71.84 -96.65 26.14
CA TYR W 767 72.51 -96.78 27.44
C TYR W 767 73.57 -95.70 27.56
N LYS W 768 73.45 -94.86 28.59
CA LYS W 768 74.41 -93.77 28.79
C LYS W 768 75.67 -94.29 29.49
N TYR W 769 76.78 -94.29 28.75
CA TYR W 769 78.05 -94.79 29.29
C TYR W 769 78.94 -93.77 29.97
N TRP W 770 79.77 -94.25 30.87
CA TRP W 770 80.73 -93.43 31.60
C TRP W 770 81.83 -93.02 30.63
N ILE W 771 82.26 -91.77 30.72
CA ILE W 771 83.30 -91.23 29.84
C ILE W 771 84.75 -91.41 30.25
N MET W 772 85.58 -91.82 29.31
CA MET W 772 87.03 -91.93 29.55
C MET W 772 87.67 -91.07 28.48
N ARG W 773 88.51 -90.14 28.93
CA ARG W 773 89.20 -89.23 28.04
C ARG W 773 90.49 -89.85 27.53
N VAL W 774 90.77 -89.64 26.24
CA VAL W 774 91.95 -90.18 25.60
C VAL W 774 92.55 -89.18 24.62
N ASN W 775 93.88 -89.06 24.64
CA ASN W 775 94.58 -88.16 23.74
C ASN W 775 94.54 -88.74 22.35
N SER W 776 94.21 -87.89 21.38
CA SER W 776 94.10 -88.27 19.96
C SER W 776 95.11 -89.32 19.50
N ILE W 777 96.39 -89.03 19.71
CA ILE W 777 97.48 -89.91 19.32
C ILE W 777 97.29 -91.36 19.76
N ASP W 778 96.80 -91.55 20.99
CA ASP W 778 96.58 -92.88 21.54
C ASP W 778 95.29 -93.48 20.99
N ALA W 779 94.34 -92.60 20.66
CA ALA W 779 93.07 -93.03 20.11
C ALA W 779 93.32 -93.57 18.71
N GLU W 780 93.75 -92.66 17.84
CA GLU W 780 94.06 -93.00 16.45
C GLU W 780 94.86 -94.30 16.42
N ALA W 781 95.94 -94.33 17.21
CA ALA W 781 96.81 -95.50 17.29
C ALA W 781 96.08 -96.80 17.59
N ARG W 782 94.93 -96.70 18.25
CA ARG W 782 94.16 -97.89 18.61
C ARG W 782 92.89 -98.01 17.77
N GLY W 783 92.77 -97.13 16.77
CA GLY W 783 91.60 -97.14 15.92
C GLY W 783 90.38 -96.78 16.75
N ILE W 784 90.51 -95.70 17.53
CA ILE W 784 89.41 -95.25 18.37
C ILE W 784 88.97 -93.84 17.99
N LYS W 785 87.66 -93.67 17.82
CA LYS W 785 87.11 -92.37 17.46
C LYS W 785 86.21 -91.85 18.58
N ASN W 786 86.23 -90.55 18.78
CA ASN W 786 85.44 -89.90 19.81
C ASN W 786 83.99 -90.34 19.78
N GLY W 787 83.62 -91.22 20.70
CA GLY W 787 82.25 -91.70 20.77
C GLY W 787 82.12 -93.21 20.79
N ASP W 788 83.22 -93.91 20.52
CA ASP W 788 83.20 -95.37 20.51
C ASP W 788 83.24 -95.99 21.90
N LEU W 789 82.64 -97.18 22.00
CA LEU W 789 82.63 -97.91 23.26
C LEU W 789 83.97 -98.63 23.38
N ILE W 790 84.76 -98.19 24.34
CA ILE W 790 86.06 -98.79 24.57
C ILE W 790 86.01 -99.62 25.84
N ARG W 791 87.01 -100.46 26.00
CA ARG W 791 87.12 -101.31 27.18
C ARG W 791 88.47 -101.03 27.85
N ALA W 792 88.42 -100.60 29.11
CA ALA W 792 89.63 -100.32 29.89
C ALA W 792 89.83 -101.51 30.81
N TYR W 793 91.05 -102.02 30.91
CA TYR W 793 91.29 -103.19 31.76
C TYR W 793 92.73 -103.36 32.23
N ASN W 794 92.90 -104.39 33.05
CA ASN W 794 94.17 -104.80 33.61
C ASN W 794 93.87 -106.09 34.34
N ASP W 795 94.80 -106.59 35.13
CA ASP W 795 94.59 -107.86 35.83
C ASP W 795 93.43 -107.84 36.83
N ARG W 796 93.02 -106.64 37.24
CA ARG W 796 91.95 -106.49 38.22
C ARG W 796 90.53 -106.54 37.69
N GLY W 797 90.34 -106.20 36.41
CA GLY W 797 89.02 -106.23 35.81
C GLY W 797 88.92 -105.44 34.51
N SER W 798 87.70 -105.30 34.00
CA SER W 798 87.46 -104.56 32.76
C SER W 798 86.28 -103.60 32.95
N VAL W 799 86.31 -102.48 32.23
CA VAL W 799 85.25 -101.50 32.32
C VAL W 799 84.93 -100.93 30.93
N ILE W 800 83.65 -100.95 30.57
CA ILE W 800 83.21 -100.44 29.27
C ILE W 800 82.87 -98.95 29.40
N LEU W 801 83.45 -98.15 28.52
CA LEU W 801 83.24 -96.70 28.53
C LEU W 801 83.09 -96.10 27.13
N ALA W 802 82.69 -94.83 27.09
CA ALA W 802 82.54 -94.10 25.84
C ALA W 802 83.75 -93.18 25.75
N ALA W 803 84.66 -93.49 24.84
CA ALA W 803 85.87 -92.69 24.67
C ALA W 803 85.61 -91.25 24.25
N GLN W 804 86.35 -90.32 24.84
CA GLN W 804 86.25 -88.92 24.49
C GLN W 804 87.64 -88.49 24.09
N VAL W 805 87.89 -88.44 22.78
CA VAL W 805 89.20 -88.06 22.28
C VAL W 805 89.41 -86.57 22.55
N THR W 806 90.58 -86.22 23.06
CA THR W 806 90.89 -84.83 23.39
C THR W 806 92.39 -84.52 23.36
N GLU W 807 92.71 -83.25 23.60
CA GLU W 807 94.10 -82.78 23.63
C GLU W 807 94.49 -82.42 25.06
N CYS W 808 93.49 -82.38 25.94
CA CYS W 808 93.69 -82.01 27.34
C CYS W 808 94.44 -83.05 28.21
N LEU W 809 95.22 -83.91 27.55
CA LEU W 809 95.98 -84.94 28.25
C LEU W 809 97.28 -85.18 27.48
N GLN W 810 98.31 -85.70 28.16
CA GLN W 810 99.56 -85.97 27.46
C GLN W 810 99.49 -87.39 26.89
N PRO W 811 99.92 -87.57 25.62
CA PRO W 811 99.89 -88.88 24.99
C PRO W 811 100.41 -89.96 25.95
N GLY W 812 99.60 -90.98 26.20
CA GLY W 812 99.99 -92.04 27.10
C GLY W 812 99.21 -91.98 28.41
N THR W 813 98.50 -90.88 28.60
CA THR W 813 97.72 -90.66 29.82
C THR W 813 96.20 -90.61 29.58
N VAL W 814 95.46 -91.46 30.28
CA VAL W 814 94.01 -91.50 30.15
C VAL W 814 93.38 -90.97 31.44
N HIS W 815 92.20 -90.35 31.33
CA HIS W 815 91.51 -89.76 32.47
C HIS W 815 90.02 -90.10 32.55
N SER W 816 89.62 -90.76 33.64
CA SER W 816 88.21 -91.12 33.83
C SER W 816 87.79 -90.93 35.29
N TYR W 817 86.81 -90.08 35.51
CA TYR W 817 86.31 -89.80 36.85
C TYR W 817 85.88 -91.05 37.63
N GLU W 818 85.94 -90.98 38.96
CA GLU W 818 85.54 -92.10 39.80
C GLU W 818 84.21 -91.77 40.46
N SER W 819 83.81 -92.59 41.42
CA SER W 819 82.56 -92.38 42.17
C SER W 819 81.32 -92.80 41.40
N CYS W 820 81.49 -93.45 40.25
CA CYS W 820 80.35 -93.90 39.46
C CYS W 820 79.33 -94.54 40.39
N ALA W 821 78.08 -94.07 40.32
CA ALA W 821 77.03 -94.60 41.16
C ALA W 821 76.42 -95.89 40.61
N VAL W 822 76.73 -96.23 39.37
CA VAL W 822 76.15 -97.42 38.76
C VAL W 822 77.06 -98.63 38.63
N TYR W 823 76.66 -99.74 39.23
CA TYR W 823 77.41 -100.98 39.12
C TYR W 823 76.51 -101.92 38.34
N ASP W 824 76.93 -102.23 37.11
CA ASP W 824 76.16 -103.09 36.22
C ASP W 824 77.07 -104.00 35.42
N PRO W 825 77.38 -105.18 35.98
CA PRO W 825 78.26 -106.17 35.34
C PRO W 825 77.55 -106.88 34.19
N LEU W 826 78.26 -107.11 33.10
CA LEU W 826 77.68 -107.79 31.95
C LEU W 826 77.61 -109.30 32.21
N GLY W 827 78.26 -109.73 33.28
CA GLY W 827 78.26 -111.14 33.65
C GLY W 827 78.12 -111.30 35.16
N THR W 828 78.67 -112.39 35.70
CA THR W 828 78.62 -112.66 37.14
C THR W 828 79.18 -111.50 37.95
N ALA W 829 78.43 -111.06 38.96
CA ALA W 829 78.85 -109.95 39.80
C ALA W 829 80.28 -110.15 40.30
N GLY W 830 81.08 -109.09 40.23
CA GLY W 830 82.45 -109.12 40.68
C GLY W 830 83.34 -110.12 39.97
N LYS W 831 82.92 -110.57 38.78
CA LYS W 831 83.70 -111.54 38.02
C LYS W 831 83.69 -111.25 36.51
N SER W 832 83.17 -110.10 36.13
CA SER W 832 83.09 -109.75 34.72
C SER W 832 83.12 -108.26 34.52
N ALA W 833 83.18 -107.86 33.26
CA ALA W 833 83.23 -106.45 32.89
C ALA W 833 81.97 -105.71 33.32
N ASP W 834 82.14 -104.47 33.73
CA ASP W 834 81.03 -103.63 34.17
C ASP W 834 80.83 -102.58 33.09
N ARG W 835 79.59 -102.13 32.92
CA ARG W 835 79.32 -101.09 31.94
C ARG W 835 78.76 -99.87 32.68
N GLY W 836 78.61 -100.02 33.99
CA GLY W 836 78.12 -98.93 34.79
C GLY W 836 79.12 -97.79 34.72
N GLY W 837 80.39 -98.15 34.82
CA GLY W 837 81.45 -97.16 34.78
C GLY W 837 82.25 -97.09 36.07
N CYS W 838 82.31 -98.19 36.80
CA CYS W 838 83.06 -98.22 38.06
C CYS W 838 84.57 -98.29 37.83
N ILE W 839 85.14 -97.14 37.48
CA ILE W 839 86.56 -97.03 37.21
C ILE W 839 87.46 -97.56 38.32
N ASN W 840 86.98 -97.56 39.56
CA ASN W 840 87.80 -98.06 40.67
C ASN W 840 87.96 -99.57 40.68
N ILE W 841 87.41 -100.23 39.67
CA ILE W 841 87.55 -101.67 39.54
C ILE W 841 89.00 -101.95 39.09
N LEU W 842 89.57 -100.98 38.39
CA LEU W 842 90.93 -101.06 37.83
C LEU W 842 92.06 -100.52 38.74
N THR W 843 91.71 -99.59 39.62
CA THR W 843 92.68 -98.98 40.54
C THR W 843 93.34 -99.99 41.49
N PRO W 844 94.59 -99.75 41.87
CA PRO W 844 95.33 -100.65 42.78
C PRO W 844 94.85 -100.59 44.24
N ASP W 845 94.77 -101.75 44.87
CA ASP W 845 94.34 -101.85 46.26
C ASP W 845 95.53 -101.96 47.22
N ARG W 846 96.72 -102.02 46.65
CA ARG W 846 97.94 -102.09 47.45
C ARG W 846 98.14 -100.76 48.18
N TYR W 847 98.42 -100.84 49.47
CA TYR W 847 98.65 -99.66 50.31
C TYR W 847 99.74 -98.76 49.75
N ILE W 848 99.61 -97.45 49.99
CA ILE W 848 100.60 -96.48 49.50
C ILE W 848 102.02 -96.89 49.87
N SER W 849 102.16 -97.58 51.00
CA SER W 849 103.47 -98.06 51.45
C SER W 849 103.18 -99.24 52.35
N LYS W 850 104.23 -99.87 52.88
CA LYS W 850 104.03 -101.01 53.76
C LYS W 850 103.23 -100.67 55.02
N TYR W 851 103.50 -99.50 55.59
CA TYR W 851 102.83 -99.06 56.81
C TYR W 851 101.91 -97.87 56.64
N ALA W 852 102.01 -97.19 55.50
CA ALA W 852 101.13 -96.06 55.22
C ALA W 852 99.90 -96.70 54.57
N CYS W 853 98.95 -97.09 55.40
CA CYS W 853 97.74 -97.77 54.96
C CYS W 853 96.65 -96.89 54.35
N GLY W 854 96.99 -96.24 53.25
CA GLY W 854 96.05 -95.36 52.57
C GLY W 854 95.87 -95.84 51.14
N MET W 855 94.95 -95.21 50.42
CA MET W 855 94.67 -95.61 49.04
C MET W 855 95.51 -94.84 48.02
N ALA W 856 95.96 -95.55 46.99
CA ALA W 856 96.78 -94.96 45.92
C ALA W 856 96.08 -95.00 44.56
N ASN W 857 94.76 -94.85 44.56
CA ASN W 857 93.95 -94.90 43.35
C ASN W 857 94.41 -94.11 42.12
N ASN W 858 94.85 -92.88 42.31
CA ASN W 858 95.24 -92.04 41.19
C ASN W 858 96.49 -92.41 40.37
N THR W 859 96.98 -93.63 40.56
CA THR W 859 98.09 -94.14 39.77
C THR W 859 97.67 -95.56 39.41
N ALA W 860 97.11 -95.71 38.23
CA ALA W 860 96.67 -96.99 37.76
C ALA W 860 97.07 -97.17 36.31
N LEU W 861 97.66 -98.33 36.03
CA LEU W 861 98.10 -98.67 34.69
C LEU W 861 97.07 -99.56 34.02
N VAL W 862 96.61 -99.14 32.84
CA VAL W 862 95.61 -99.89 32.09
C VAL W 862 95.92 -99.92 30.60
N GLU W 863 95.09 -100.66 29.86
CA GLU W 863 95.21 -100.76 28.42
C GLU W 863 93.79 -100.60 27.92
N ILE W 864 93.60 -99.84 26.84
CA ILE W 864 92.27 -99.63 26.29
C ILE W 864 92.18 -100.08 24.83
N GLU W 865 91.02 -100.66 24.47
CA GLU W 865 90.78 -101.14 23.12
C GLU W 865 89.30 -100.96 22.79
N LYS W 866 88.98 -100.90 21.49
CA LYS W 866 87.59 -100.77 21.08
C LYS W 866 86.91 -102.03 21.61
N TRP W 867 85.76 -101.87 22.25
CA TRP W 867 85.08 -103.03 22.79
C TRP W 867 84.48 -103.94 21.73
N ASP W 868 84.85 -105.22 21.77
CA ASP W 868 84.36 -106.21 20.81
C ASP W 868 82.95 -106.69 21.15
N GLY W 869 82.51 -106.41 22.38
CA GLY W 869 81.18 -106.83 22.79
C GLY W 869 81.18 -108.01 23.72
N ASP W 870 82.36 -108.49 24.11
CA ASP W 870 82.44 -109.63 25.02
C ASP W 870 82.18 -109.16 26.45
N LYS W 871 81.71 -110.06 27.31
CA LYS W 871 81.43 -109.70 28.70
C LYS W 871 82.63 -109.92 29.60
N TYR W 872 83.64 -110.62 29.08
CA TYR W 872 84.87 -110.92 29.79
C TYR W 872 84.72 -111.39 31.23
N GLU W 873 84.19 -112.59 31.43
CA GLU W 873 84.08 -113.10 32.78
C GLU W 873 85.34 -113.89 33.08
N ILE W 874 86.43 -113.15 33.29
CA ILE W 874 87.74 -113.74 33.57
C ILE W 874 88.36 -113.25 34.87
N TYR W 875 87.53 -112.79 35.81
CA TYR W 875 88.04 -112.27 37.06
C TYR W 875 87.50 -113.01 38.29
N MET X 1 57.82 -49.23 24.34
CA MET X 1 57.88 -50.72 24.44
C MET X 1 59.29 -51.17 24.80
N GLU X 2 59.47 -51.61 26.04
CA GLU X 2 60.77 -52.08 26.52
C GLU X 2 60.87 -53.60 26.33
N GLN X 3 61.98 -54.06 25.77
CA GLN X 3 62.19 -55.48 25.50
C GLN X 3 63.29 -56.13 26.35
N TYR X 4 63.45 -57.45 26.18
CA TYR X 4 64.46 -58.20 26.92
C TYR X 4 65.64 -58.65 26.06
N TYR X 5 66.85 -58.58 26.62
CA TYR X 5 68.06 -59.01 25.92
C TYR X 5 68.95 -59.78 26.87
N MET X 6 69.82 -60.62 26.32
CA MET X 6 70.72 -61.43 27.14
C MET X 6 72.12 -61.50 26.53
N VAL X 7 73.12 -61.10 27.30
CA VAL X 7 74.51 -61.12 26.85
C VAL X 7 75.29 -62.26 27.51
N ILE X 8 75.69 -63.24 26.71
CA ILE X 8 76.43 -64.39 27.20
C ILE X 8 77.94 -64.26 26.94
N ASP X 9 78.74 -64.19 28.00
CA ASP X 9 80.19 -64.08 27.87
C ASP X 9 80.82 -65.46 27.74
N VAL X 10 81.25 -65.80 26.53
CA VAL X 10 81.87 -67.11 26.27
C VAL X 10 83.16 -67.30 27.05
N ALA X 11 83.89 -66.21 27.27
CA ALA X 11 85.15 -66.25 27.99
C ALA X 11 84.98 -66.79 29.41
N LYS X 12 83.80 -66.57 29.97
CA LYS X 12 83.53 -67.01 31.33
C LYS X 12 82.85 -68.37 31.50
N CYS X 13 82.51 -69.06 30.42
CA CYS X 13 81.87 -70.36 30.61
C CYS X 13 82.85 -71.43 31.02
N GLN X 14 82.42 -72.31 31.90
CA GLN X 14 83.28 -73.40 32.35
C GLN X 14 82.58 -74.73 32.16
N ASP X 15 81.45 -74.69 31.46
CA ASP X 15 80.66 -75.88 31.16
C ASP X 15 80.38 -76.77 32.36
N CYS X 16 79.74 -76.22 33.38
CA CYS X 16 79.41 -77.00 34.57
C CYS X 16 77.97 -77.44 34.42
N ASN X 17 77.21 -76.69 33.62
CA ASN X 17 75.81 -76.96 33.31
C ASN X 17 74.76 -76.55 34.34
N ASN X 18 74.98 -75.41 34.99
CA ASN X 18 74.01 -74.92 35.97
C ASN X 18 72.78 -74.43 35.21
N CYS X 19 72.94 -74.09 33.92
CA CYS X 19 71.83 -73.62 33.09
C CYS X 19 70.93 -74.81 32.85
N PHE X 20 71.50 -75.74 32.09
CA PHE X 20 70.85 -76.96 31.69
C PHE X 20 70.02 -77.51 32.85
N MET X 21 70.69 -77.74 33.98
CA MET X 21 70.01 -78.25 35.17
C MET X 21 68.91 -77.27 35.55
N GLY X 22 69.18 -75.98 35.33
CA GLY X 22 68.20 -74.96 35.62
C GLY X 22 66.90 -75.24 34.89
N CYS X 23 66.90 -75.20 33.56
CA CYS X 23 65.66 -75.48 32.81
C CYS X 23 64.99 -76.74 33.31
N MET X 24 65.67 -77.88 33.15
CA MET X 24 65.11 -79.15 33.56
C MET X 24 64.42 -79.12 34.93
N ASP X 25 65.04 -78.43 35.88
CA ASP X 25 64.46 -78.34 37.23
C ASP X 25 63.14 -77.59 37.17
N GLU X 26 63.03 -76.69 36.20
CA GLU X 26 61.82 -75.88 36.02
C GLU X 26 60.81 -76.45 35.04
N HIS X 27 61.28 -77.20 34.04
CA HIS X 27 60.40 -77.74 33.01
C HIS X 27 60.11 -79.25 32.93
N GLU X 28 61.13 -80.07 33.19
CA GLU X 28 60.95 -81.52 33.10
C GLU X 28 59.81 -82.11 33.94
N LEU X 29 59.58 -81.57 35.13
CA LEU X 29 58.52 -82.10 36.00
C LEU X 29 57.31 -81.17 36.16
N ASN X 30 57.43 -79.93 35.69
CA ASN X 30 56.33 -78.97 35.81
C ASN X 30 55.72 -78.62 34.45
N GLU X 31 54.47 -78.18 34.49
CA GLU X 31 53.74 -77.77 33.29
C GLU X 31 53.28 -76.34 33.51
N TRP X 32 53.58 -75.47 32.55
CA TRP X 32 53.20 -74.07 32.69
C TRP X 32 52.24 -73.64 31.59
N PRO X 33 50.94 -73.91 31.78
CA PRO X 33 49.86 -73.57 30.84
C PRO X 33 50.05 -72.22 30.18
N GLY X 34 49.73 -72.16 28.89
CA GLY X 34 49.87 -70.92 28.14
C GLY X 34 51.32 -70.69 27.73
N TYR X 35 52.23 -71.52 28.21
CA TYR X 35 53.63 -71.40 27.89
C TYR X 35 54.25 -72.69 27.36
N THR X 36 53.99 -73.80 28.04
CA THR X 36 54.55 -75.08 27.61
C THR X 36 54.23 -76.27 28.51
N ALA X 37 54.22 -77.46 27.92
CA ALA X 37 53.98 -78.70 28.66
C ALA X 37 55.33 -79.09 29.25
N SER X 38 55.40 -80.21 29.96
CA SER X 38 56.66 -80.63 30.57
C SER X 38 57.72 -80.98 29.52
N MET X 39 58.88 -80.34 29.64
CA MET X 39 60.02 -80.57 28.75
C MET X 39 60.33 -82.07 28.65
N GLN X 40 61.00 -82.47 27.57
CA GLN X 40 61.35 -83.86 27.39
C GLN X 40 62.81 -84.14 27.73
N ARG X 41 63.03 -85.24 28.46
CA ARG X 41 64.37 -85.66 28.86
C ARG X 41 65.25 -85.93 27.65
N GLY X 42 66.28 -85.10 27.48
CA GLY X 42 67.18 -85.24 26.35
C GLY X 42 67.19 -83.98 25.51
N HIS X 43 66.20 -83.13 25.71
CA HIS X 43 66.10 -81.88 24.96
C HIS X 43 66.99 -80.82 25.60
N ARG X 44 67.61 -80.01 24.74
CA ARG X 44 68.51 -78.97 25.20
C ARG X 44 68.07 -77.55 24.86
N TRP X 45 67.01 -77.07 25.52
CA TRP X 45 66.53 -75.71 25.30
C TRP X 45 67.75 -74.84 25.58
N MET X 46 68.66 -75.42 26.35
CA MET X 46 69.91 -74.79 26.71
C MET X 46 70.93 -75.75 26.15
N ASN X 47 71.63 -75.34 25.09
CA ASN X 47 72.63 -76.18 24.47
C ASN X 47 74.00 -75.55 24.62
N ILE X 48 74.85 -76.16 25.45
CA ILE X 48 76.19 -75.66 25.67
C ILE X 48 77.12 -76.31 24.68
N GLU X 49 77.57 -75.55 23.69
CA GLU X 49 78.46 -76.06 22.66
C GLU X 49 79.92 -76.10 23.11
N ARG X 50 80.51 -77.29 23.07
CA ARG X 50 81.90 -77.47 23.48
C ARG X 50 82.78 -77.56 22.24
N ARG X 51 83.90 -76.84 22.24
CA ARG X 51 84.82 -76.90 21.11
C ARG X 51 86.28 -76.73 21.51
N GLU X 52 87.11 -77.70 21.13
CA GLU X 52 88.54 -77.65 21.43
C GLU X 52 89.32 -77.05 20.25
N ARG X 53 90.46 -76.46 20.54
CA ARG X 53 91.28 -75.85 19.49
C ARG X 53 92.76 -76.26 19.62
N GLY X 54 93.52 -76.03 18.56
CA GLY X 54 94.93 -76.38 18.57
C GLY X 54 95.19 -77.81 18.99
N THR X 55 96.43 -78.09 19.38
CA THR X 55 96.82 -79.44 19.80
C THR X 55 97.72 -79.42 21.03
N TYR X 56 97.86 -80.59 21.67
CA TYR X 56 98.72 -80.70 22.85
C TYR X 56 100.11 -80.29 22.39
N PRO X 57 100.89 -79.60 23.25
CA PRO X 57 100.55 -79.17 24.61
C PRO X 57 100.03 -77.74 24.69
N ARG X 58 99.94 -77.07 23.55
CA ARG X 58 99.47 -75.69 23.53
C ARG X 58 98.04 -75.54 23.02
N ASN X 59 97.15 -76.40 23.50
CA ASN X 59 95.75 -76.38 23.09
C ASN X 59 94.88 -75.57 24.05
N ASP X 60 93.57 -75.55 23.79
CA ASP X 60 92.63 -74.82 24.64
C ASP X 60 91.22 -75.26 24.32
N ILE X 61 90.24 -74.64 24.98
CA ILE X 61 88.83 -74.97 24.75
C ILE X 61 87.91 -73.88 25.31
N ASN X 62 86.75 -73.73 24.68
CA ASN X 62 85.77 -72.74 25.11
C ASN X 62 84.37 -73.33 24.89
N TYR X 63 83.38 -72.74 25.54
CA TYR X 63 82.01 -73.23 25.41
C TYR X 63 81.08 -72.11 25.03
N ARG X 64 79.93 -72.46 24.48
CA ARG X 64 78.95 -71.46 24.07
C ARG X 64 77.53 -71.80 24.50
N PRO X 65 77.05 -71.15 25.58
CA PRO X 65 75.69 -71.41 26.06
C PRO X 65 74.74 -70.97 24.95
N THR X 66 74.04 -71.91 24.35
CA THR X 66 73.14 -71.57 23.26
C THR X 66 71.65 -71.82 23.48
N PRO X 67 70.94 -70.82 24.02
CA PRO X 67 69.51 -70.95 24.27
C PRO X 67 68.87 -70.51 22.95
N CYS X 68 67.55 -70.35 22.91
CA CYS X 68 66.93 -69.90 21.67
C CYS X 68 67.24 -68.40 21.54
N MET X 69 67.54 -67.97 20.33
CA MET X 69 67.91 -66.56 20.07
C MET X 69 66.79 -65.51 20.17
N HIS X 70 65.54 -65.94 20.04
CA HIS X 70 64.42 -65.00 20.10
C HIS X 70 64.70 -63.80 19.21
N CYS X 71 65.37 -64.02 18.08
CA CYS X 71 65.73 -62.94 17.15
C CYS X 71 64.52 -62.18 16.63
N GLU X 72 64.63 -60.86 16.61
CA GLU X 72 63.58 -59.95 16.16
C GLU X 72 62.81 -60.38 14.92
N ASN X 73 63.53 -60.87 13.92
CA ASN X 73 62.91 -61.32 12.67
C ASN X 73 62.87 -62.85 12.69
N ALA X 74 62.17 -63.38 13.67
CA ALA X 74 62.00 -64.82 13.87
C ALA X 74 61.40 -65.53 12.67
N PRO X 75 62.23 -66.29 11.91
CA PRO X 75 61.77 -67.02 10.73
C PRO X 75 60.73 -68.12 11.01
N CYS X 76 60.82 -68.77 12.17
CA CYS X 76 59.87 -69.84 12.51
C CYS X 76 58.58 -69.28 13.10
N VAL X 77 58.44 -67.95 12.99
CA VAL X 77 57.24 -67.26 13.46
C VAL X 77 56.48 -66.88 12.19
N ALA X 78 57.23 -66.68 11.12
CA ALA X 78 56.65 -66.33 9.82
C ALA X 78 55.98 -67.56 9.24
N LYS X 79 56.81 -68.51 8.79
CA LYS X 79 56.28 -69.73 8.20
C LYS X 79 55.68 -70.63 9.27
N GLY X 80 55.57 -70.10 10.47
CA GLY X 80 55.00 -70.84 11.58
C GLY X 80 53.53 -71.13 11.35
N ASN X 81 52.79 -70.08 10.97
CA ASN X 81 51.35 -70.18 10.70
C ASN X 81 50.53 -70.20 11.99
N GLY X 82 50.66 -69.14 12.78
CA GLY X 82 49.91 -69.04 14.03
C GLY X 82 50.44 -69.83 15.22
N ALA X 83 51.06 -70.98 14.95
CA ALA X 83 51.59 -71.82 16.03
C ALA X 83 52.58 -71.07 16.93
N VAL X 84 53.44 -70.26 16.32
CA VAL X 84 54.43 -69.49 17.07
C VAL X 84 54.21 -67.99 16.91
N TYR X 85 54.29 -67.26 18.01
CA TYR X 85 54.11 -65.81 17.98
C TYR X 85 55.29 -65.08 18.59
N GLN X 86 55.23 -63.75 18.51
CA GLN X 86 56.26 -62.88 19.04
C GLN X 86 55.53 -61.90 19.95
N ARG X 87 56.20 -61.41 20.97
CA ARG X 87 55.60 -60.48 21.91
C ARG X 87 56.20 -59.09 21.75
N GLU X 88 55.74 -58.16 22.59
CA GLU X 88 56.24 -56.79 22.55
C GLU X 88 57.60 -56.67 23.24
N ASP X 89 57.87 -57.60 24.15
CA ASP X 89 59.14 -57.61 24.89
C ASP X 89 60.22 -58.31 24.09
N GLY X 90 59.84 -58.85 22.93
CA GLY X 90 60.79 -59.53 22.07
C GLY X 90 60.86 -61.03 22.27
N ILE X 91 60.15 -61.53 23.28
CA ILE X 91 60.16 -62.97 23.58
C ILE X 91 59.35 -63.79 22.58
N VAL X 92 60.03 -64.72 21.91
CA VAL X 92 59.38 -65.59 20.93
C VAL X 92 58.91 -66.85 21.66
N LEU X 93 57.65 -67.21 21.45
CA LEU X 93 57.10 -68.39 22.09
C LEU X 93 56.22 -69.17 21.13
N ILE X 94 56.10 -70.47 21.37
CA ILE X 94 55.27 -71.33 20.53
C ILE X 94 53.94 -71.50 21.24
N ASP X 95 52.96 -72.06 20.56
CA ASP X 95 51.66 -72.30 21.19
C ASP X 95 51.57 -73.78 21.51
N PRO X 96 51.45 -74.11 22.80
CA PRO X 96 51.36 -75.49 23.30
C PRO X 96 50.25 -76.35 22.67
N GLU X 97 49.18 -75.70 22.25
CA GLU X 97 48.05 -76.42 21.66
C GLU X 97 47.95 -76.29 20.14
N LYS X 98 48.41 -75.15 19.61
CA LYS X 98 48.37 -74.91 18.16
C LYS X 98 49.36 -75.77 17.38
N ALA X 99 50.55 -75.96 17.95
CA ALA X 99 51.60 -76.73 17.30
C ALA X 99 51.43 -78.24 17.39
N LYS X 100 50.65 -78.70 18.37
CA LYS X 100 50.41 -80.13 18.54
C LYS X 100 50.16 -80.90 17.24
N GLY X 101 50.92 -81.97 17.05
CA GLY X 101 50.78 -82.80 15.85
C GLY X 101 51.62 -82.35 14.67
N LYS X 102 52.28 -81.20 14.79
CA LYS X 102 53.11 -80.67 13.71
C LYS X 102 54.62 -80.79 13.95
N LYS X 103 55.28 -81.61 13.14
CA LYS X 103 56.73 -81.80 13.25
C LYS X 103 57.49 -80.79 12.42
N GLU X 104 56.82 -80.21 11.43
CA GLU X 104 57.43 -79.22 10.53
C GLU X 104 58.12 -78.08 11.26
N LEU X 105 57.49 -77.60 12.33
CA LEU X 105 58.03 -76.49 13.11
C LEU X 105 59.53 -76.54 13.33
N LEU X 106 60.05 -77.73 13.66
CA LEU X 106 61.48 -77.89 13.91
C LEU X 106 62.32 -77.39 12.74
N ASP X 107 61.97 -77.86 11.54
CA ASP X 107 62.69 -77.50 10.33
C ASP X 107 62.69 -76.02 9.97
N THR X 108 61.85 -75.24 10.64
CA THR X 108 61.76 -73.80 10.35
C THR X 108 62.68 -72.91 11.18
N CYS X 109 63.48 -73.51 12.07
CA CYS X 109 64.39 -72.73 12.91
C CYS X 109 65.83 -72.92 12.46
N PRO X 110 66.48 -71.84 11.99
CA PRO X 110 67.87 -71.86 11.52
C PRO X 110 68.88 -72.32 12.58
N TYR X 111 68.58 -72.06 13.84
CA TYR X 111 69.48 -72.42 14.93
C TYR X 111 69.21 -73.80 15.51
N GLY X 112 68.09 -74.40 15.12
CA GLY X 112 67.75 -75.73 15.62
C GLY X 112 67.75 -75.81 17.14
N VAL X 113 67.13 -74.83 17.79
CA VAL X 113 67.05 -74.80 19.25
C VAL X 113 65.74 -75.40 19.73
N MET X 114 64.92 -75.87 18.80
CA MET X 114 63.63 -76.46 19.13
C MET X 114 63.63 -77.98 18.88
N TYR X 115 63.07 -78.72 19.83
CA TYR X 115 63.02 -80.19 19.74
C TYR X 115 61.59 -80.72 19.70
N TRP X 116 61.45 -82.02 19.45
CA TRP X 116 60.14 -82.65 19.36
C TRP X 116 59.81 -83.59 20.52
N ASN X 117 58.67 -83.34 21.16
CA ASN X 117 58.22 -84.14 22.28
C ASN X 117 57.42 -85.36 21.82
N GLU X 118 57.96 -86.55 22.04
CA GLU X 118 57.28 -87.79 21.65
C GLU X 118 55.92 -87.97 22.31
N GLU X 119 55.86 -87.77 23.62
CA GLU X 119 54.61 -87.92 24.38
C GLU X 119 53.64 -86.76 24.16
N GLU X 120 54.16 -85.54 24.15
CA GLU X 120 53.33 -84.35 23.96
C GLU X 120 53.10 -84.06 22.47
N ASN X 121 53.73 -84.85 21.61
CA ASN X 121 53.60 -84.68 20.16
C ASN X 121 53.52 -83.19 19.83
N VAL X 122 54.60 -82.47 20.12
CA VAL X 122 54.68 -81.05 19.87
C VAL X 122 56.14 -80.60 19.97
N ALA X 123 56.43 -79.42 19.42
CA ALA X 123 57.78 -78.88 19.45
C ALA X 123 57.98 -77.89 20.59
N GLN X 124 58.77 -78.30 21.57
CA GLN X 124 59.07 -77.44 22.72
C GLN X 124 60.46 -76.84 22.59
N LYS X 125 60.60 -75.59 23.01
CA LYS X 125 61.90 -74.94 22.94
C LYS X 125 62.06 -73.89 24.03
N CYS X 126 63.23 -73.27 24.04
CA CYS X 126 63.56 -72.26 25.03
C CYS X 126 62.55 -71.10 25.09
N THR X 127 61.72 -71.11 26.15
CA THR X 127 60.68 -70.09 26.35
C THR X 127 61.12 -68.87 27.14
N MET X 128 62.43 -68.75 27.42
CA MET X 128 62.96 -67.64 28.21
C MET X 128 62.09 -67.45 29.48
N CYS X 129 61.55 -68.57 29.95
CA CYS X 129 60.65 -68.64 31.12
C CYS X 129 59.91 -67.34 31.38
N ALA X 130 59.17 -66.89 30.36
CA ALA X 130 58.39 -65.67 30.46
C ALA X 130 57.42 -65.85 31.62
N HIS X 131 57.05 -67.11 31.89
CA HIS X 131 56.13 -67.39 32.99
C HIS X 131 56.70 -66.82 34.27
N LEU X 132 58.04 -66.82 34.38
CA LEU X 132 58.72 -66.27 35.56
C LEU X 132 58.70 -64.76 35.47
N LEU X 133 59.21 -64.23 34.35
CA LEU X 133 59.25 -62.80 34.13
C LEU X 133 57.87 -62.17 34.32
N ASP X 134 56.84 -62.83 33.80
CA ASP X 134 55.48 -62.32 33.91
C ASP X 134 54.99 -62.31 35.37
N ASP X 135 55.63 -63.12 36.21
CA ASP X 135 55.25 -63.21 37.62
C ASP X 135 56.12 -62.32 38.50
N GLU X 136 55.48 -61.40 39.23
CA GLU X 136 56.19 -60.49 40.12
C GLU X 136 56.80 -61.23 41.31
N SER X 137 56.21 -62.37 41.66
CA SER X 137 56.69 -63.18 42.78
C SER X 137 58.11 -63.69 42.56
N TRP X 138 58.59 -63.59 41.32
CA TRP X 138 59.94 -64.05 41.00
C TRP X 138 60.94 -62.92 41.18
N ALA X 139 61.30 -62.65 42.43
CA ALA X 139 62.25 -61.59 42.77
C ALA X 139 63.44 -61.47 41.81
N PRO X 140 64.00 -62.61 41.37
CA PRO X 140 65.14 -62.57 40.44
C PRO X 140 64.93 -61.74 39.17
N LYS X 141 63.77 -61.92 38.54
CA LYS X 141 63.47 -61.20 37.30
C LYS X 141 64.49 -61.52 36.21
N MET X 142 64.78 -62.81 36.03
CA MET X 142 65.74 -63.24 35.04
C MET X 142 65.55 -64.73 34.77
N PRO X 143 66.00 -65.22 33.61
CA PRO X 143 65.88 -66.63 33.22
C PRO X 143 66.49 -67.55 34.27
N ARG X 144 66.06 -68.81 34.32
CA ARG X 144 66.61 -69.73 35.30
C ARG X 144 68.11 -69.88 35.18
N CYS X 145 68.60 -70.26 34.00
CA CYS X 145 70.06 -70.43 33.84
C CYS X 145 70.85 -69.21 34.28
N ALA X 146 70.42 -68.02 33.87
CA ALA X 146 71.11 -66.81 34.26
C ALA X 146 71.20 -66.72 35.78
N HIS X 147 70.11 -67.12 36.46
CA HIS X 147 70.06 -67.07 37.91
C HIS X 147 70.91 -68.16 38.56
N ASN X 148 70.98 -69.32 37.90
CA ASN X 148 71.76 -70.43 38.43
C ASN X 148 73.26 -70.31 38.18
N CYS X 149 73.68 -69.22 37.52
CA CYS X 149 75.10 -69.04 37.24
C CYS X 149 75.95 -68.74 38.43
N GLY X 150 77.16 -69.26 38.39
CA GLY X 150 78.12 -69.03 39.45
C GLY X 150 79.33 -68.34 38.83
N SER X 151 79.44 -68.42 37.50
CA SER X 151 80.57 -67.84 36.79
C SER X 151 80.38 -66.43 36.24
N PHE X 152 79.23 -65.84 36.48
CA PHE X 152 78.96 -64.47 36.02
C PHE X 152 79.03 -64.32 34.50
N VAL X 153 78.36 -65.24 33.79
CA VAL X 153 78.33 -65.24 32.34
C VAL X 153 77.18 -64.38 31.79
N TYR X 154 75.99 -64.59 32.33
CA TYR X 154 74.79 -63.89 31.90
C TYR X 154 74.63 -62.47 32.42
N GLU X 155 74.09 -61.61 31.58
CA GLU X 155 73.86 -60.20 31.91
C GLU X 155 72.48 -59.79 31.40
N PHE X 156 71.45 -60.48 31.88
CA PHE X 156 70.07 -60.23 31.49
C PHE X 156 69.65 -58.78 31.76
N LEU X 157 68.67 -58.31 30.99
CA LEU X 157 68.18 -56.94 31.14
C LEU X 157 66.99 -56.59 30.26
N LYS X 158 66.25 -55.56 30.66
CA LYS X 158 65.08 -55.11 29.92
C LYS X 158 65.26 -53.62 29.62
N THR X 159 65.53 -53.29 28.36
CA THR X 159 65.73 -51.90 27.96
C THR X 159 65.24 -51.63 26.54
N THR X 160 65.53 -50.42 26.07
CA THR X 160 65.14 -50.01 24.72
C THR X 160 66.22 -50.47 23.75
N PRO X 161 65.85 -50.68 22.47
CA PRO X 161 66.81 -51.11 21.46
C PRO X 161 67.94 -50.09 21.26
N GLU X 162 67.63 -48.83 21.56
CA GLU X 162 68.61 -47.76 21.43
C GLU X 162 69.78 -47.98 22.37
N ALA X 163 69.47 -48.44 23.58
CA ALA X 163 70.50 -48.72 24.58
C ALA X 163 71.27 -49.96 24.18
N MET X 164 70.54 -51.05 23.92
CA MET X 164 71.15 -52.31 23.52
C MET X 164 72.10 -52.09 22.35
N ALA X 165 71.60 -51.42 21.30
CA ALA X 165 72.41 -51.13 20.12
C ALA X 165 73.72 -50.45 20.52
N LYS X 166 73.61 -49.43 21.35
CA LYS X 166 74.78 -48.67 21.84
C LYS X 166 75.75 -49.62 22.54
N LYS X 167 75.21 -50.47 23.40
CA LYS X 167 76.01 -51.44 24.15
C LYS X 167 76.73 -52.36 23.18
N VAL X 168 75.99 -52.88 22.20
CA VAL X 168 76.55 -53.79 21.20
C VAL X 168 77.74 -53.21 20.46
N GLU X 169 77.95 -51.90 20.56
CA GLU X 169 79.07 -51.26 19.88
C GLU X 169 80.23 -50.92 20.82
N GLU X 170 79.93 -50.77 22.10
CA GLU X 170 80.97 -50.46 23.07
C GLU X 170 81.63 -51.72 23.62
N GLU X 171 80.86 -52.80 23.70
CA GLU X 171 81.38 -54.06 24.21
C GLU X 171 81.54 -55.12 23.11
N GLY X 172 81.58 -54.66 21.86
CA GLY X 172 81.74 -55.55 20.73
C GLY X 172 80.89 -56.82 20.76
N LEU X 173 79.64 -56.69 21.19
CA LEU X 173 78.75 -57.83 21.25
C LEU X 173 78.45 -58.34 19.85
N GLU X 174 78.28 -59.65 19.72
CA GLU X 174 78.00 -60.25 18.42
C GLU X 174 76.88 -61.27 18.56
N VAL X 175 76.47 -61.85 17.44
CA VAL X 175 75.40 -62.86 17.45
C VAL X 175 75.83 -64.06 16.63
N ILE X 176 75.00 -65.09 16.63
CA ILE X 176 75.31 -66.31 15.89
C ILE X 176 74.65 -66.31 14.51
N LYS X 177 75.46 -66.52 13.48
CA LYS X 177 74.98 -66.53 12.10
C LYS X 177 74.31 -65.19 11.78
N PRO X 178 75.03 -64.07 11.96
CA PRO X 178 74.54 -62.71 11.70
C PRO X 178 74.09 -62.50 10.26
N GLU X 179 74.63 -63.31 9.34
CA GLU X 179 74.29 -63.20 7.93
C GLU X 179 72.79 -63.40 7.73
N LEU X 180 72.23 -64.42 8.37
CA LEU X 180 70.80 -64.72 8.26
C LEU X 180 69.95 -63.47 8.45
N GLY X 181 70.51 -62.46 9.09
CA GLY X 181 69.80 -61.21 9.31
C GLY X 181 68.62 -61.28 10.27
N THR X 182 68.42 -62.45 10.89
CA THR X 182 67.31 -62.63 11.82
C THR X 182 67.42 -61.65 12.99
N LYS X 183 68.65 -61.32 13.36
CA LYS X 183 68.91 -60.38 14.45
C LYS X 183 68.48 -60.91 15.83
N PRO X 184 69.22 -61.88 16.38
CA PRO X 184 68.89 -62.45 17.69
C PRO X 184 69.00 -61.44 18.82
N ARG X 185 68.20 -61.62 19.86
CA ARG X 185 68.26 -60.70 21.00
C ARG X 185 69.16 -61.31 22.07
N VAL X 186 69.90 -62.34 21.69
CA VAL X 186 70.84 -63.01 22.57
C VAL X 186 72.23 -62.72 22.01
N TYR X 187 72.93 -61.79 22.63
CA TYR X 187 74.26 -61.41 22.19
C TYR X 187 75.38 -62.17 22.91
N TYR X 188 76.54 -62.24 22.25
CA TYR X 188 77.70 -62.93 22.78
C TYR X 188 78.90 -62.00 22.91
N LYS X 189 79.68 -62.22 23.96
CA LYS X 189 80.87 -61.43 24.23
C LYS X 189 82.08 -62.35 24.08
N ASN X 190 83.17 -61.84 23.52
CA ASN X 190 84.37 -62.64 23.32
C ASN X 190 84.02 -63.94 22.59
N LEU X 191 83.07 -63.86 21.67
CA LEU X 191 82.62 -65.01 20.89
C LEU X 191 83.74 -65.55 20.00
N TYR X 192 84.78 -64.76 19.79
CA TYR X 192 85.90 -65.17 18.95
C TYR X 192 86.58 -66.44 19.49
N ARG X 193 86.44 -66.66 20.79
CA ARG X 193 87.03 -67.83 21.44
C ARG X 193 86.46 -69.10 20.83
N PHE X 194 85.15 -69.10 20.62
CA PHE X 194 84.45 -70.26 20.09
C PHE X 194 84.39 -70.37 18.57
N GLU X 195 84.45 -69.24 17.87
CA GLU X 195 84.35 -69.25 16.41
C GLU X 195 85.65 -69.07 15.63
N LYS X 196 86.54 -68.21 16.13
CA LYS X 196 87.80 -67.98 15.45
C LYS X 196 88.85 -69.02 15.80
N ASN X 197 90.10 -68.71 15.45
CA ASN X 197 91.22 -69.59 15.72
C ASN X 197 92.46 -68.78 16.06
N TYR X 198 93.54 -69.47 16.42
CA TYR X 198 94.77 -68.79 16.80
C TYR X 198 96.04 -69.55 16.44
N VAL X 199 97.17 -68.86 16.60
CA VAL X 199 98.48 -69.44 16.34
C VAL X 199 99.32 -69.18 17.59
N THR X 200 100.20 -70.12 17.92
CA THR X 200 101.05 -69.98 19.11
C THR X 200 102.27 -70.92 19.08
N ALA X 201 103.29 -70.57 19.85
CA ALA X 201 104.51 -71.37 19.95
C ALA X 201 105.36 -70.84 21.09
N GLY X 202 106.47 -71.52 21.37
CA GLY X 202 107.35 -71.09 22.45
C GLY X 202 108.75 -70.80 21.94
N ILE X 203 109.24 -69.58 22.20
CA ILE X 203 110.57 -69.19 21.76
C ILE X 203 111.63 -69.54 22.79
N LEU X 204 112.64 -70.28 22.36
CA LEU X 204 113.75 -70.67 23.22
C LEU X 204 115.04 -70.07 22.67
N VAL X 205 115.90 -69.59 23.57
CA VAL X 205 117.18 -69.02 23.17
C VAL X 205 118.27 -69.78 23.91
N GLN X 206 118.95 -70.67 23.16
CA GLN X 206 120.03 -71.47 23.71
C GLN X 206 119.55 -72.50 24.74
N GLY X 207 118.37 -73.07 24.53
CA GLY X 207 117.88 -74.10 25.43
C GLY X 207 116.83 -73.72 26.46
N ASP X 208 116.77 -72.45 26.84
CA ASP X 208 115.79 -72.02 27.83
C ASP X 208 114.80 -70.99 27.30
N CYS X 209 113.58 -71.06 27.83
CA CYS X 209 112.51 -70.15 27.43
C CYS X 209 113.03 -68.72 27.45
N PHE X 210 112.69 -67.96 26.41
CA PHE X 210 113.14 -66.58 26.31
C PHE X 210 111.99 -65.59 26.49
N GLU X 211 112.18 -64.63 27.39
CA GLU X 211 111.16 -63.62 27.67
C GLU X 211 111.46 -62.28 27.02
N GLY X 212 110.42 -61.61 26.54
CA GLY X 212 110.61 -60.32 25.91
C GLY X 212 110.82 -60.34 24.40
N ALA X 213 110.83 -61.53 23.81
CA ALA X 213 111.04 -61.65 22.37
C ALA X 213 109.88 -60.95 21.66
N LYS X 214 110.21 -60.20 20.60
CA LYS X 214 109.19 -59.50 19.85
C LYS X 214 108.60 -60.38 18.75
N VAL X 215 107.29 -60.56 18.78
CA VAL X 215 106.61 -61.37 17.78
C VAL X 215 105.60 -60.51 17.04
N VAL X 216 105.76 -60.43 15.73
CA VAL X 216 104.86 -59.66 14.91
C VAL X 216 104.13 -60.57 13.93
N LEU X 217 102.83 -60.34 13.76
CA LEU X 217 102.03 -61.14 12.85
C LEU X 217 101.59 -60.28 11.67
N LYS X 218 101.78 -60.81 10.47
CA LYS X 218 101.43 -60.10 9.24
C LYS X 218 100.67 -60.98 8.25
N SER X 219 99.62 -60.42 7.66
CA SER X 219 98.83 -61.13 6.66
C SER X 219 99.05 -60.36 5.37
N GLY X 220 99.46 -61.07 4.32
CA GLY X 220 99.72 -60.40 3.05
C GLY X 220 101.08 -59.74 3.09
N GLY X 221 101.28 -58.83 4.04
CA GLY X 221 102.54 -58.15 4.16
C GLY X 221 102.58 -57.11 5.26
N LYS X 222 101.42 -56.80 5.84
CA LYS X 222 101.33 -55.81 6.90
C LYS X 222 101.01 -56.39 8.28
N GLU X 223 101.42 -55.67 9.32
CA GLU X 223 101.20 -56.09 10.70
C GLU X 223 99.73 -56.24 11.08
N VAL X 224 99.39 -57.41 11.60
CA VAL X 224 98.03 -57.73 12.01
C VAL X 224 97.96 -57.83 13.54
N ALA X 225 99.09 -58.22 14.15
CA ALA X 225 99.17 -58.37 15.59
C ALA X 225 100.62 -58.44 16.05
N SER X 226 100.88 -57.93 17.25
CA SER X 226 102.23 -57.95 17.82
C SER X 226 102.17 -58.29 19.30
N ALA X 227 103.25 -58.86 19.81
CA ALA X 227 103.32 -59.24 21.22
C ALA X 227 104.74 -59.63 21.60
N GLU X 228 104.97 -59.68 22.91
CA GLU X 228 106.28 -60.06 23.45
C GLU X 228 106.04 -61.34 24.26
N THR X 229 107.01 -62.25 24.23
CA THR X 229 106.89 -63.52 24.95
C THR X 229 106.96 -63.39 26.46
N ASN X 230 106.16 -64.21 27.15
CA ASN X 230 106.14 -64.23 28.62
C ASN X 230 107.34 -65.04 29.08
N PHE X 231 107.47 -65.27 30.39
CA PHE X 231 108.62 -66.03 30.87
C PHE X 231 108.68 -67.47 30.36
N PHE X 232 107.58 -67.96 29.80
CA PHE X 232 107.57 -69.31 29.24
C PHE X 232 107.91 -69.16 27.75
N GLY X 233 108.38 -67.96 27.40
CA GLY X 233 108.76 -67.64 26.04
C GLY X 233 107.67 -67.86 25.01
N GLU X 234 106.41 -67.83 25.44
CA GLU X 234 105.30 -68.06 24.52
C GLU X 234 104.53 -66.81 24.13
N PHE X 235 103.70 -66.95 23.10
CA PHE X 235 102.88 -65.86 22.59
C PHE X 235 101.62 -66.47 22.01
N LYS X 236 100.54 -65.68 21.94
CA LYS X 236 99.29 -66.18 21.38
C LYS X 236 98.48 -65.10 20.67
N PHE X 237 98.24 -65.33 19.37
CA PHE X 237 97.46 -64.42 18.54
C PHE X 237 96.12 -65.10 18.29
N ASP X 238 95.07 -64.63 18.98
CA ASP X 238 93.76 -65.23 18.84
C ASP X 238 92.80 -64.39 18.01
N ALA X 239 91.59 -64.90 17.80
CA ALA X 239 90.57 -64.20 17.03
C ALA X 239 91.03 -64.08 15.58
N LEU X 240 91.56 -65.16 15.04
CA LEU X 240 92.05 -65.15 13.66
C LEU X 240 91.03 -65.64 12.64
N ASP X 241 90.97 -64.92 11.52
CA ASP X 241 90.09 -65.29 10.43
C ASP X 241 90.89 -66.32 9.65
N ASN X 242 90.22 -67.22 8.94
CA ASN X 242 90.95 -68.20 8.15
C ASN X 242 91.85 -67.44 7.18
N GLY X 243 92.93 -68.08 6.75
CA GLY X 243 93.84 -67.40 5.84
C GLY X 243 95.28 -67.64 6.21
N GLU X 244 96.18 -67.25 5.32
CA GLU X 244 97.61 -67.43 5.54
C GLU X 244 98.24 -66.17 6.10
N TYR X 245 99.02 -66.32 7.16
CA TYR X 245 99.71 -65.19 7.77
C TYR X 245 101.20 -65.47 7.83
N THR X 246 101.94 -64.54 8.42
CA THR X 246 103.38 -64.68 8.57
C THR X 246 103.77 -64.25 9.98
N VAL X 247 104.78 -64.89 10.54
CA VAL X 247 105.24 -64.53 11.89
C VAL X 247 106.70 -64.15 11.84
N GLU X 248 107.03 -63.00 12.42
CA GLU X 248 108.41 -62.53 12.46
C GLU X 248 108.82 -62.36 13.93
N ILE X 249 109.81 -63.13 14.35
CA ILE X 249 110.30 -63.10 15.73
C ILE X 249 111.74 -62.63 15.88
N ASP X 250 111.92 -61.49 16.56
CA ASP X 250 113.25 -60.95 16.79
C ASP X 250 113.54 -61.02 18.28
N ALA X 251 114.69 -61.60 18.62
CA ALA X 251 115.08 -61.72 20.02
C ALA X 251 116.57 -61.97 20.12
N ASP X 252 117.25 -61.15 20.92
CA ASP X 252 118.70 -61.29 21.10
C ASP X 252 119.39 -61.00 19.77
N GLY X 253 118.78 -60.11 18.98
CA GLY X 253 119.35 -59.76 17.69
C GLY X 253 119.28 -60.92 16.72
N LYS X 254 118.54 -61.96 17.10
CA LYS X 254 118.38 -63.14 16.27
C LYS X 254 116.92 -63.26 15.83
N SER X 255 116.67 -62.91 14.58
CA SER X 255 115.33 -62.95 14.01
C SER X 255 114.95 -64.33 13.47
N TYR X 256 113.64 -64.52 13.26
CA TYR X 256 113.10 -65.78 12.75
C TYR X 256 111.76 -65.47 12.09
N SER X 257 111.39 -66.28 11.10
CA SER X 257 110.11 -66.09 10.40
C SER X 257 109.64 -67.37 9.73
N ASP X 258 108.33 -67.45 9.50
CA ASP X 258 107.70 -68.60 8.85
C ASP X 258 106.26 -68.25 8.48
N THR X 259 105.64 -69.07 7.63
CA THR X 259 104.27 -68.83 7.19
C THR X 259 103.31 -69.80 7.88
N VAL X 260 102.19 -69.26 8.34
CA VAL X 260 101.19 -70.07 9.03
C VAL X 260 99.83 -70.03 8.33
N VAL X 261 99.19 -71.19 8.23
CA VAL X 261 97.88 -71.31 7.58
C VAL X 261 96.80 -71.62 8.62
N ILE X 262 95.69 -70.87 8.54
CA ILE X 262 94.57 -71.06 9.47
C ILE X 262 93.33 -71.55 8.73
N ASP X 263 93.15 -72.88 8.69
CA ASP X 263 92.01 -73.47 8.00
C ASP X 263 90.99 -74.03 9.00
N ASP X 264 90.26 -73.13 9.66
CA ASP X 264 89.26 -73.50 10.66
C ASP X 264 89.88 -74.19 11.87
N LYS X 265 91.20 -74.04 12.02
CA LYS X 265 91.94 -74.65 13.12
C LYS X 265 92.98 -73.71 13.72
N SER X 266 93.43 -74.02 14.93
CA SER X 266 94.46 -73.24 15.62
C SER X 266 95.76 -74.00 15.50
N VAL X 267 96.89 -73.27 15.42
CA VAL X 267 98.19 -73.93 15.24
C VAL X 267 99.23 -73.72 16.33
N ASP X 268 99.97 -74.80 16.62
CA ASP X 268 101.06 -74.80 17.60
C ASP X 268 102.35 -74.98 16.83
N LEU X 269 103.09 -73.89 16.63
CA LEU X 269 104.35 -73.97 15.91
C LEU X 269 105.39 -74.73 16.73
N GLY X 270 105.00 -75.17 17.92
CA GLY X 270 105.89 -75.91 18.79
C GLY X 270 107.01 -75.07 19.39
N PHE X 271 108.21 -75.63 19.42
CA PHE X 271 109.38 -74.94 19.96
C PHE X 271 110.24 -74.32 18.87
N ILE X 272 110.32 -72.99 18.88
CA ILE X 272 111.12 -72.26 17.91
C ILE X 272 112.50 -71.99 18.54
N LYS X 273 113.44 -72.90 18.30
CA LYS X 273 114.77 -72.76 18.88
C LYS X 273 115.64 -71.71 18.21
N LEU X 274 116.28 -70.88 19.03
CA LEU X 274 117.16 -69.80 18.56
C LEU X 274 118.42 -69.73 19.43
#